data_9P9H
#
_entry.id   9P9H
#
loop_
_entity.id
_entity.type
_entity.pdbx_description
1 polymer 'Transcription factor BTF3'
2 polymer '28S rRNA'
3 polymer '5S rRNA'
4 polymer '5.8S rRNA'
5 polymer '60S ribosomal protein L8'
6 polymer 'Large ribosomal subunit protein uL3'
7 polymer '60S ribosomal protein L4'
8 polymer 'Large ribosomal subunit protein uL18'
9 polymer 'Large ribosomal subunit protein eL6'
10 polymer '60S ribosomal protein L7'
11 polymer '60S ribosomal protein L7a'
12 polymer '60S ribosomal protein L9'
13 polymer 'Ribosomal protein uL16-like'
14 polymer '60S ribosomal protein L11'
15 polymer 'Large ribosomal subunit protein eL13'
16 polymer '60S ribosomal protein L14'
17 polymer '60S ribosomal protein L15'
18 polymer '60S ribosomal protein L13a'
19 polymer '60S ribosomal protein L17'
20 polymer '60S ribosomal protein L18'
21 polymer '60S ribosomal protein L19'
22 polymer '60S ribosomal protein L18a'
23 polymer '60S ribosomal protein L21'
24 polymer 'Heparin-binding protein HBp15'
25 polymer '60S ribosomal protein L23'
26 polymer 'Ribosomal protein L24'
27 polymer '60S ribosomal protein L23a'
28 polymer '60S ribosomal protein L26'
29 polymer '60S ribosomal protein L27'
30 polymer '60S ribosomal protein L27a'
31 polymer 'Large ribosomal subunit protein eL29'
32 polymer '60S ribosomal protein L30'
33 polymer '60S ribosomal protein L31'
34 polymer '60S ribosomal protein L32'
35 polymer '60S ribosomal protein L35a'
36 polymer '60S ribosomal protein L34'
37 polymer '60S ribosomal protein L35'
38 polymer '60S ribosomal protein L36'
39 polymer '60S ribosomal protein L37'
40 polymer '60S ribosomal protein L38'
41 polymer '60S ribosomal protein L39'
42 polymer 'Large ribosomal subunit protein eL40'
43 polymer '60S ribosomal protein L41'
44 polymer '60S ribosomal protein L36a'
45 polymer '60S ribosomal protein L37a'
46 polymer '60S ribosomal protein L28'
47 polymer '60S acidic ribosomal protein P0'
48 polymer 'Large ribosomal subunit protein uL11'
49 polymer 'Small ribosomal subunit protein uS3'
50 polymer '40S ribosomal protein S5'
51 polymer '40S ribosomal protein S10'
52 polymer 'Small ribosomal subunit protein eS12'
53 polymer 'Small ribosomal subunit protein uS19'
54 polymer 'Small ribosomal subunit protein uS9'
55 polymer 'Small ribosomal subunit protein eS17'
56 polymer '40S ribosomal protein S18'
57 polymer '40S ribosomal protein S19'
58 polymer '40S ribosomal protein S20'
59 polymer 'Small ribosomal subunit protein eS25'
60 polymer '40S ribosomal protein S28'
61 polymer '40S ribosomal protein S29'
62 polymer 'Ubiquitin-40S ribosomal protein S27a'
63 polymer 'Receptor of activated protein C kinase 1'
64 polymer '40S ribosomal protein SA'
65 polymer '40S ribosomal protein S3a'
66 polymer '40S ribosomal protein S2'
67 polymer 'Small ribosomal subunit protein eS4, X isoform'
68 polymer '40S ribosomal protein S6'
69 polymer 'Small ribosomal subunit protein eS7'
70 polymer '40S ribosomal protein S8'
71 polymer '40S ribosomal protein S9'
72 polymer '40S ribosomal protein S11'
73 polymer '40S ribosomal protein S13'
74 polymer 'Small ribosomal subunit protein uS11'
75 polymer 'Small ribosomal subunit protein eS21'
76 polymer '40S ribosomal protein S15a'
77 polymer '40S ribosomal protein S23'
78 polymer '40S ribosomal protein S24'
79 polymer '40S ribosomal protein S26'
80 polymer 'Small ribosomal subunit protein eS27'
81 polymer 'Small ribosomal subunit protein eS30'
82 polymer '18S rRNA'
83 polymer 'Elongation factor 2'
84 polymer 'E site tRNA'
85 polymer 'Coiled-coil domain-containing protein 124'
86 non-polymer 'MAGNESIUM ION'
87 non-polymer SPERMINE
88 non-polymer SPERMIDINE
89 non-polymer 'ZINC ION'
#
loop_
_entity_poly.entity_id
_entity_poly.type
_entity_poly.pdbx_seq_one_letter_code
_entity_poly.pdbx_strand_id
1 'polypeptide(L)' IMNQEKLAKLQAQVRIGGKGTARRKKKVVHR CI
2 'polyribonucleotide'
;CGCGACCUCAGAUCAGACGUGGCGACCCGCUGAAUUUAAGCAUAUUAGUCAGCGGAGGAGAAGAAACUAACCAGGAUUCC
CUCAGUAACGGCGAGUGAACAGGGAAGAGCCCAGCGCCGAAUCCCCGCCCCGCGGCGGGGCGCGGGACAUGUGGCGUACG
GAAGACCCGCUCCCCGGCGCCGCUCGUGGGGGGCCCAAGUCCUUCUGAUCGAGGCCCAGCCCGUGGACGGUGUGAGGCCG
GUAGCGGCCCCCGGCGCGCCGGGCCCGGGUCUUCCCGGAGUCGGGUUGCUUGGGAAUGCAGCCCAAAGCGGGUGGUAAAC
UCCAUCUAAGGCUAAAUACCGGCACGAGACCGAUAGUCAACAAGUACCGUAAGGGAAAGUUGAAAAGAACUUUGAAG
(A2M)G(A2M)GAGUUCAAGAGGGCGUGAAACCGUUAAGAGGUAAACGGGUGGGGUCCGCGCAGUCCGCCCGGAGGAUUC
AACCCGGCGGCGGGUCCGGCCGUGUCGGCGGCCCGGCGGAUCUUUCCCGCGCGGGGGACCGUCCCCCGACCGGCGACCGG
CCGCCGCCGGGCGCAUUUCCACCGCGGCGGUGCGCCGCGACCGGCUCCGGGACGGCUGGGAAGGCCCGGCGGGGAAGGUG
GCUCGGGGGCCCCCGAGUGUUACAGCCCCCCCGGCAGCAGCACUCGCCGAAUCCCGGGGCCGAGGGAGCGAGACCCGUCG
CCGCGCUCUCCCCCCUCGGGGGGGCCGGGCCACCCCUCCCACGGCGCGACCGCUCGGGGCGGACUGUCCCCAGUGCGCCC
CGGGCGGGUCGCGCCGUCGGGCCCGGGGGAGGUUCUCUCGGGGCCACGCGCGCGUCCCCCGAAGAGGGGGACGGCGGAGC
GAGCGCACGGGGUCGGCGGCGACGUCGGCUACCCACCCGACCC(OMG)UCUUG(1MA)(A2M)AC(A2M)CGGACCAAGG
AGU(OMC)UAACACGUGCGCGAGUCGGGGGCUCGCACGAAAGCCGCCGUGGCGCAAUGAAGGUGAAGGCCGGCGCGCUCG
CCGGCCGAGGUGGGAUCCCGAGGCCUCUCCAGUCCGCCGAGGGCGCACCACCGGCCCGUCUCGCCCGCCGCGCCGGGGAG
GUGGAGCACGAGCGCACGUGUUAGGACCC(OMG)A(A2M)AGAUGGUGA(A2M)C(PSU)AUGCCUGGGCAGGGCGAAGC
CAGAGGAAACUCUGGUGGAGGUCCG(PSU)AGCGGUCCUGACGUGCAAAUCGGUCGUCCGACCUGGGUAUAG(OMG)GGC
GAAAGACUAAUCGAACCAUCUAGUAGCUGGUUCCCUCCGAAGUUUCCC(PSU)CAGGA(PSU)AGCUGGCGCUCUCGCAG
ACCCGACGCACCCCCGCCACGCAGUUUUAUCCGGUAAAGCGAA(PSU)GAUUAGAGGUCUUGGGGCCGAAACGAUCUCAA
CCUA(PSU)(PSU)CUCAAACUU(PSU)AAAUGGGUAAGAAGCCCGGCUCGCUGGCGUGGAGCCGGGCGUGGAAUGCGAG
UGCCUAGUGGGCCAC(PSU)U(PSU)UGGUAAGC(A2M)GAACUGGCGCUGCGGGAUGAACCGAACGCCGGGUUAAGGCG
CCCGAUGCCGACGCUCAUCAGACCCCAGAAAAGGUGUUGGUUGAUAUAGACAGCAGGACGGUGGCCAUGGAAGUCGGAAU
CCGCUAAGGAGUGUGUAACAACUCACCUGCCGAAUCAACUAGCCCUGAAAAUGGAUGGCGCUGGAGCGUCGGGCCCAUAC
CCGGCCGUCGCCGGCAGUCGAGAGUGGACGGGAGCGGCGGCCGGAGCCCCGCGGACGCUACGCCGCGACGAGUAGGAGGG
CCGCUGCGGUGAGCCUUGAAGCCUAGGGCGCGGGCCCGGGUGGAGCCGCCGCAGGUGCAGAU(OMC)UUGGUGGUAGU
(A2M)(OMG)(OMC)AAAUAUUCAAACGAGAACUUUGAAGGCCGAAGUGG(A2M)GAAGGGUUCCAUGUGAACAG(OMC)
A(OMG)UUGAACAUGGGUCAGUCGGUCCUGAGAGAUGGGCGAGCGCCGUUCCGAAGGGACGGGCGAUGGCCUCCGUUGCC
CUCGGCCGAUCGAAAGGGAGUCGGGUUCAGAUCCCCGAAUCCGGAGUGGCGGAGAUGGGCGCCGCGAGGCGUCCAGUGCG
GUAACGCGACCGAUCCCGGAGAAGCCGGCGGGAGCCCCGGGGAGAGUUCUCUU(PSU)UCUUUGUGAAGGGCAGGGCGCC
CUGGAAUGGGUUCGCCCCGAGAGAGGGGCCCGUGCCUUGGAAAGCGUCGCGGUUCCGGCGGCGUCCGGUGAGCUCUCGCU
GGCCCUUGAAAAUCCGGGGGAGAGGGUGUAAAUCUCGCGCCGGGCCGUACCC(A2M)UAUCCGCAGCAGGUCU(OMC)CA
AGGUGAAC(A2M)GCCUCUGG(OMC)AUGUUGGAACAA(OMU)G(PSU)AGGUAAGGGAAGUCGGCAAGC(OMC)GGAUC
CGUAACUUC(OMG)GGAUAAGGAUUGGCUCUAAGGGCUGGGUCGGUCGCGGCCGGCGCCUAGCAGCCGACUUAGAACUGG
UGCGGACCAGG(OMG)GAAUCCGAC(PSU)G(PSU)UUAAUUAAAACAAAGCAUCGCGAAGGCCCGCGGCGGGUGUUGAC
GCGAUGUGAUU(PSU)CUGCC(OMC)AGUGCUCUGAAUGUCA(A2M)AGUGAAGAAAUUCAAUGAAGCGCGG(OMG)UAA
ACGGCGGGAGUAACUAUGACUCUCUUAAGGUAGC(5MC)AA(A2M)UGCCUC(OMG)UCAUCUAAUUAGUGA(OMC)GCG
CAUGAA(UY1)GGA(PSU)GA(A2M)CGAG(A2M)UUCCCACUGU(OMC)CC(PSU)ACCUAC(PSU)A(PSU)CCAGCG
AAACCAC(A2M)G(OMC)CAAGGGAACGGGCU(PSU)GG(OMC)GGAAUCAGCGG(OMG)GAAAGAAGACCCUGUUGAGC
(PSU)UGAC(OMU)CUAGUCUGGCACGGUGAAGAGACAUGAGAACUCUGAUCGUUUUUUCACUGACCCGGUGAGGCGGGG
GGGCGAGCCCCGAGGGGCUCUCGCUUCUGGCGCCAAGCGCCCGGCCGCGCGCCGGCCGGGCGCGACCCGCUCCGGGGACA
GUGCCAGGUGGGGAGUUUGACUG(OMG)GGCGGUACACCUGUCAAACGGUA(6MZ)CGCAGG(OMU)(OMG)UCCUAAGG
CGAGCUCAGGGAGGACAGAAACCUCCCGUGGAGCAGAAGGGCAAAAGCUCGCUUGA(PSU)CU(PSU)GA(PSU)UUUCA
G(OMU)ACGAA(PSU)ACAGACCGUGAAAGCGGGGCCUCACGAUCCUUCUGACCUU(PSU)UGGGUUU(PSU)AAGCAGG
A(OMG)GUGUCAGAAAAGUUACCACAG(OMG)GAUAACUGGC(PSU)UGUGGCGGCCAAGCGUUCAUAGCGACG(PSU)C
GCUUUUUGA(PSU)CCUU(5MC)GAUGUCGG(OMC)(PSU)CUUCCUAUCAUUG(PSU)GAAGCAGAAUUCACCAAGCGU
(PSU)(OMG)GAU(OMU)(OMG)(PSU)UCACCCACUAAUAGGGAACG(PSU)G(A2M)GCUGGG(UR3)U(PSU)AGA
(OMC)CGUCGUGAGACAGGU(PSU)AGUUUUACCCUACUGAUG(A2M)UGUG(PSU)UG(PSU)UGCCAUGGUA(A2M)U
CCUGCUCAGUACGAGAGGAACCGCAG(OMG)U(OMU)CA(OMG)ACAU(PSU)UGGUGUA(PSU)(OMG)UGCUUGGCUG
AGGAGCCAAUGGGGCGAAGCUACCA(PSU)CUGUGGGAUUAUGAC(PSU)GAACGCCUCUAAGUCAGAAUCCCGCCCAGG
CGGAACGAUACGGCAGCGCCGCGGAGCCUCGGUUGGCCUCGGAUAGCCGGUCCCCCGCCGGGGUCCGGUGCGGAGUGCCC
UUCGUCCUGGGAAACGGGGCGCGGCCGGAGAGGCGGCCGCCCCCUCGCCCGUCACGCACCGCACGUUCGUGGGGAACCUG
GCGCUAAACCA(PSU)(PSU)CGUAGACGACCUGCUUCUGGGUCGGGG(PSU)UUCGUACG(PSU)AGCAGAGCAGCUCC
CUCGCUGCGAUCUAUUGAAAGUCAGCCCUCGACACAAGGGUUUGU
;
L5
3 'polyribonucleotide'
;GUCUACGGCCAUACCACCCUGAACGCGCCCGAUCUCGUCUGAUCUCGGAAGCUAAGCAGGGUCGGGCCUGGUUAGUACUU
GGAUGGGAGACCGCCUGGGAAUACCGGGUGCUGUAGGCUU
;
L7
4 'polyribonucleotide'
;CGACUCUUAGCGGUGGAUCACUCGGCUCGUGCGUCGAUGAAGAACGCAGCUAGC(PSU)GCGAGAAUUAAUG(PSU)GAA
UU(OMG)CAGGACACAUUGAUCAUCGACACUUCGAACGCACUUGCGGCCCCGGGUUCCUCCCGGGGCUACGCCUGUCUGA
GCGUCGCU
;
L8
5 'polypeptide(L)'
;GRVIRGQRKGAGSVFRAHVKHRKGAARLRAVDFAERHGYIKGIVKDIIHDPGRGAPLAKVVFRDPYRFKKRTELFIAAEG
IHTGQFVYCGKKAQLNIGNVLPVGTMPEGTIVCCLEEKPGDRGKLARASGNYATVISHNPETKKTRVKLPSGSKKVISSA
NRAVVGVVAGGGRIDKPILKAGRAYHKYKAKRNCWPRVRGVAMNPVEHPFGGGNHQHIGKPSTIRRDAPAGRKVGLIAAR
RTGRLRGT
;
LA
6 'polypeptide(L)'
;SHRKFSAPRHGSLGFLPRKRSSRHRGKVKSFPKDDPSKPVHLTAFLGYKAGMTHIVREVDRPGSKVNKKEVVEAVTIVET
PPMVVVGIVGYVETPRGLRTFKTVFAEHISDECKRRFYKNWHKSKKKAFTKYCKKWQDEDGKKQLEKDFSSMKKYCQVIR
VIAHTQMRLLPLRQKKAHLMEIQVNGGTVAEKLDWARERLEQQVPVNQVFGQDEMIDVIGVTKGKGYKGVTSRWHTKKLP
RKTHRGLRKVACIGAWHPARVAFSVARAGQKGYHHRTEINKKIYKIGQGYLIKDGKLIKNNASTDYDLSDKSINPLGGFV
HYGEVTNDFVMLKGCVVGTKKRVLTLRKSLLVQTKRRALEKIDLKFIDTTSKFGHGRFQTMEEKKAFMGPLKKDRIAKEE
GA
;
LB
7 'polypeptide(L)'
;MACARPLISVYSEKGESSGKNVTLPAVFKAPIRPDIVNFVHTNLRKNNRQPYAVSELAGHQTSAESWGTGRAVARIPRVR
GGGTHRSGQGAFGNMCRGGRMFAPTKTWRRWHRRVNTTQKRYAICSALAASALPALVMSKGHRIEEVPELPLVVEDKVEG
YKKTKEAVLLLKKLKAWNDIKKVYASQRMRAGKGKMRNRRRIQRRGPCIIYNEDNGIIKAFRNIPGITLLNVSKLNILKL
APGGHVGRFCIWTESAFRKLDELYGTWRKAASLKSNYNLPMHKMINTDLSRILKSPEIQRALRAPRKKIHRRVLKKNPLK
NLRIMLKLNPYAKTMRRNTILRQARNHKLRVDKAAAAAAALQAKSDEK
;
LC
8 'polypeptide(L)'
;GFVKVVKNKAYFKRYQVKFRRRREGKTDYYARKRLVIQDKNKYNTPKYRMIVRVTNRDIICQIAYARIEGDMIVCAAYAH
ELPKYGVKVGLTNYAAAYCTGLLLARRLLNRFGMDKIYEGQVEVTGDEYNVESIDGQPGAFTCYLDAGLARTTTGNKVFG
ALKGAVDGGLSIPHSTKRFPGYDSESKEFNAEVHRKHIMGQNVADYMRYLMEEDEDAYKKQFSQYIKNSVTPDMMEEMYK
KAHAAIRENPVYEKKPKKEVKKKRWNRPKMSLAQKKDRVAQKKASFLRAQERA
;
LD
9 'polypeptide(L)'
;KGKPHCSRNPVLVRGIGRYSRSAMYSRKAMYKRKYSAAKSKVEKKKKEKVLATVTKPVGGDKNGGTRVVKLRKMPRYYPT
EDVPRKLLSHGKKPFSQHVRKLRASITPGTILIILTGRHRGKRVVFLKQLASGLLLVTGPLVLNRVPLRRTHQKFVIATS
TKIDISNVKIPKHLTDAYFKKKKLRKPRHQEGEIFDTEKEKYEITEQRKIDQKAVDSQILPKIKAIPQLQGYLRSVFALT
NGIYPHKLVF
;
LE
10 'polypeptide(L)'
;NFAELKIKRLRKKFAQKMLRKARRKLIYEKAKHYHKEYRQMYRTEIRMARMARKAGNFYVPAEPKLAFVIRIRGINGVSP
KVRKVLQLLRLRQIFNGTFVKLNKASINMLRIVEPYIAWGYPNLKSVNELIYKRGYGKINKKRIALTDNALIARSLGKYG
IICMEDLIHEIYTVGKRFKEANNFLWPFKLSSPRGGMKKKTTHFVEGGDAGNREDQINRLIRRMN
;
LF
11 'polypeptide(L)'
;KVVNPLFEKRPKNFGIGQDIQPKRDLTRFVKWPRYIRLQRQRAILYKRLKVPPAINQFTQALDRQTATQLLKLAHKYRPE
TKQEKKQRLLARAEKKAAGKGDVPTKRPPVLRAGVNTVTTLVENKKAQLVVIAHDVDPIELVVFLPALCRKMGVPYCIIK
GKARLGRLVHRKTCTTVAFTQVNSEDKGALAKLVEAIRTNYNDRYDEIRRHWGGNVLGPKSVARIAKLEKAKAKELATKL
G
;
LG
12 'polypeptide(L)'
;MKTILSNQTVDIPENVDITLKGRTVIVKGPRGTLRRDFNHINVELSLLGKKKKRLRVDKWWGNRKELATVRTICSHVQNM
IKGVTLGFRYKMRSVYAHFPINVVIQENGSLVEIRNFLGEKYIRRVRMRPGVACSVSQAQKDELILEGNDIELVSNSAAL
IQQATTVKNKDIRKFLDGIYVSEKGTVQQA
;
LH
13 'polypeptide(L)'
;GRRPARCYRYCKNKPYPKSRFCRGVPDAKIRIFDLGRKKAKVDEFPLGGHMVSDEYEQLSSEALEAARICANKYMVKSCG
RDGFHMRVRLHPFHVIRINKMLSCAGADRLQTGMRGAFGKPQGTVARVHIGQVIMSIRTKLQNEEHVIEALRRAKFKFPG
RQKIHISKKWGFTKFNADEFEDMVAKKCLIPDGCGVKYVPSHGPLDKWRVLHS
;
LI
14 'polypeptide(L)'
;QDQGEKENPMRELRIRKLCLNICVGESGDRLTRAAKVLEQLTGQTPVFSKARYTVRSFGIRRNEKIAVHCTVRGAKAEEI
LEKGLKVREYELRKNNFSDTGNFGFGIQEHIDLGIKYDPSIGIYGLDFYVVLGRPGFSIADKKRRTGCIGAKHRISKEEA
MRWFQQKYDGIILPGK
;
LJ
15 'polypeptide(L)'
;APSRNGMVLKPHFHKDWQRRVATWFNQPARKIRRRKARQAKARRIAPRPASGPIRPIVRCPTVRYHTKVRAGRGFSLEEL
RVAGIHKKVARTIGISVDPRRRNKSTESLQANVQRLKEYRSKLILFPRKPSAPKKGDSSAEELKLATQLTGPVMPVRNVY
KKEKARVITEEEKNFKAFASLRMARANARLFGIRAKRAKEAAEQDVEKKK
;
LL
16 'polypeptide(L)'
;VFRRFVEVGRVAYVSFGPHAGKLVAIVDVIDQNRALVDGPCTQVRRQAMPFKCMQLTDFILKFPHSAHQKYVRQAWQKAD
INTKWAATRWAKKIEARERKAKMTDFDRFKVMKAKKMRNRIIKNEVKKLQKAALLKASP
;
LM
17 'polypeptide(L)'
;GAYKYIQELWRKKQSDVMRFLLRVRCWQYRQLSALHRAPRPTRPDKARRLGYKAKQGYVIYRIRVRRGGRKRPVPKGATY
GKPVHHGVNQLKFARSLQSVAEERAGRHCGALRVLNSYWVGEDSTYKFFEVILIDPFHKAIRRNPDTQWITKPVHKHREM
RGLTSAGRKSRGLGKGHKFHHTIGGSRRAAWRRRNTLQLHRYR
;
LN
18 'polypeptide(L)'
;EVQVLVLDGRGHLLGRLAAIVAKQVLLGRKVVVVRCEGINISGNFYRNKLKYLAFLRKRMNTNPSRGPYHFRAPSRIFWR
TVRGMLPHKTKRGQAALDRLKVFDGIPPPYDKKKRMVVPAALKVVRLKPTRKFAYLGRLAHEVGWKYQAVTATLEEKRKE
KAKIHYRKKKQLMRLRKQAEKNVEKKIDKYTEVLKTHGLLV
;
LO
19 'polypeptide(L)'
;VRYSLDPENPTKSCKSRGSNLRVHFKNTRETAQAIKGMHIRKATKYLKDVTLQKQCVPFRRYNGGVGRCAQAKQWGWTQG
RWPKKSAEFLLHMLKNAESNAELKGLDVDSLVIEHIQVNKAPKMRRRTYRAHGRINPYMSSPCHIEMILTEKE
;
LP
20 'polypeptide(L)'
;GVDIRHNKDRKVRRKEPKSQDIYLRLLVKLYRFLARRTNSTFNQVVLKRLFMSRTNRPPLSLSRMIRKMKLPGRENKTAV
VVGTITDDVRVQEVPKLKVCALRVTSRARSRILRAGGKILTFDQLALDSPKGCGTVLLSGPRKGREVYRHFGKAPGTPHS
HTKPYVRSKGRKFERARGRRASRGYKN
;
LQ
21 'polypeptide(L)'
;SMLRLQKRLASSVLRCGKKKVWLDPNETNEIANANSRQQIRKLIKDGLIIRKPVTVHSRARCRKNTLARRKGRHMGIGKR
KGTANARMPEKVTWMRRMRILRRLLRRYRESKKIDRHMYHSLYLKVKGNVFKNKRILMEHIHKLKADKARKKLLADQAEA
RRSKTKEARKRREERLQAKKEEIIKTL
;
LR
22 'polypeptide(L)'
;KASGTLREYKVVGRCLPTPKCHTPPLYRMRIFAPNHVVAKSRFWYFVSQLKKMKKSSGEIVYCGQVFEKSPLRVKNFGIW
LRYDSRSGTHNMYREYRDLTTAGAVTQCYRDMGARHRARAHSIQIMKVEEIAASKCRRPAVKQFHDSKIKFPLPHRVLRR
QHKPRFTTKRPNTFF
;
LS
23 'polypeptide(L)'
;TNTKGKRRGTRYMFSRPFRKHGVVPLATYMRIYKKGDIVDIKGMGTVQKGMPHKCYHGKTGRVYNVTQHAVGIVVNKQVK
GKILAKRINVRIEHIKHSKSRDSFLKRVKENDQKKKEAKEKGTWVQLKRQPAPPREAHFVRTNGKEPELLEPIPYEFMA
;
LT
24 'polypeptide(L)'
;QVLKFTLDCTHPVEDGIMDAANFEQFLQERIKVNGKAGNLGGGVVTIERSKSKITVTSEVPFSKRYLKYLTKKYLKKNNL
RDWLRVVANSKESYELRYFQI
;
LU
25 'polypeptide(L)'
;SGAKFRISLGLPVGAVINCADNTGAKNLYIISVKGIKGRLNRLPAAGVGDMVMATVKKGKPELRKKVHPAVVIRQRKSYR
RKDGVFLYFEDNAGVIVNNKGEMKGSAITGPVAKECADLWPRIASNAGSIA
;
LV
26 'polypeptide(L)'
;MKVELCSFSGYKIYPGHGRRYARTDGKVFQFLNAKCESAFLSKRNPRQINWTVLYRRKHKKGQSEEIQKKRTRRAVKFQR
AITGASLADIMAKRNQKPEVRKAQREQAIRAAKEAKKAKQASKK
;
LW
27 'polypeptide(L)'
;KKKIRTSPTFRRPKTLRLRRQPKYPRKSAPRRNKLDHYAIIKFPLTTESAMKKIEDNNTLVFIVDVKANKHQIKQAVKKL
YDIDVAKVNTLIRPDGEKKAYVRLAPDYDALDVANKIGII
;
LX
28 'polypeptide(L)'
;MKFNPFVTSDRSKNRKRHFNAPSHIRRKIMSSPLSKELRQKYNVRSMPIRKDDEVQVVRGHYKGQQIGKVVQVYRKKYVI
YIERVQREKANGTTVHVGIHPSKVVITRLKLDKDRKKILERKAKSRQVGKEKGK
;
LY
29 'polypeptide(L)'
;GKFMKPGKVVLVLAGRYSGRKAVIVKNIDDGTSDRPYSHALVAGIDRYPRKVTAAMGKKKIAKRSKIKSFVKVYNYNHLM
PTRYSVDIPLDKTVVNKDVFRDPALKRKARREAKVKFEERYKTGKNKWFFQKLRF
;
LZ
30 'polypeptide(L)'
;PSRLRKTRKLRGHVSHGHGRIGKHRKHPGGRGNAGGLHHHRINFDKYHPGYFGKVGMKHYHLKRNQSFCPTVNLDKLWTL
VSEQTRVNAAKNKTGAAPIIDVVRSGYYKVLGKGKLPKQPVIVKAKFFSRRAEEKIKSVGGACVLVA
;
La
31 'polypeptide(L)'
;AKSKNHTTHNQSRKWHRNGIKKPRSQRYESLKGVDPKFLRNMRFAKKHNKKGLKKMQANNAKAMSARAEAIKALVKPKEV
KPKIPKGVSRKLDRLAYIAHPKLGKRARARIAKGLRLCRPK
;
Lb
32 'polypeptide(L)'
;KSLESINSRLQLVMKSGKYVLGYKQTLKMIRQGKAKLVILANNCPALRKSEIEYYAMLAKTGVHHYSGNNIELGTACGKY
YRVCTLAIIDPGDSDIIR
;
Lc
33 'polypeptide(L)'
;NEVVTREYTINIHKRIHGVGFKKRAPRALKEIRKFAMKEMGTPDVRIDTRLNKAVWAKGIRNVPYRIRVRLSRKRNEDED
SPNKLYTLVTYVPVTTFKNLQTVNVDE
;
Ld
34 'polypeptide(L)'
;AALRPLVKPKIVKKRTKKFIRHQSDRYVKIKRNWRKPRGIDNRVRRRFKGQILMPNIGYGSNKKTKHMLPSGFRKFLVHN
VKELEVLLMCNKSYCAEIAHNVSSKNRKAIVERAAQLAIRVTNPNARL
;
Le
35 'polypeptide(L)'
;SGRLWSKAIFAGYKRGLRNQREHTALLKIEGVYARDETEFYLGKRCAYVYKAKNNTVTPGGKPNKTRVIWGKVTRAHGNS
GMVRAKFRSNLPAKAIGHRIRVMLYPSRI
;
Lf
36 'polypeptide(L)'
;VQRLTYRRRLSYNTASNKTRLSRTPGNRIVYLYTKKVGKAPKSACGVCPGRLRGVRAVRPKVLMRLSKTKKHVSRAYGGS
MCAKCVRDRIKRAFLIEEQKIVVKVLKAQAQSQK
;
Lg
37 'polypeptide(L)'
;AKIKARDLRGKKKEELLKQLDDLKVELSQLRVAKVTGGAASKLSKIRVVRKSIARVLTVINQTQKENLRKFYKGKKYKPL
DLRPKKTRAMRRRLNKHEENLKTKKQQRKERLYPLRKYAVKA
;
Lh
38 'polypeptide(L)'
;ALRYPMAVGLNKGHKVTKNVSKPRHSRRRGRLTKHTKFVRDMIREVCGFAPYERRAMELLKVSKDKRALKFIKKRVGTHI
RAKRKREELSNVLAAMRKAAAK
;
Li
39 'polypeptide(L)'
;TKGTSSFGKRRNKTHTLCRRCGSKAYHLQKSTCGKCGYPAKRKRKYNWSAKAKRRNTTGTGRMRHLKIVYRRFRHGFREG
TTPKPK
;
Lj
40 'polypeptide(L)' PRKIEEIKDFLLTARRKDAKSVKIKKNKDNVKFKVRCSRYLYTLVITDKEKAEKLKQSLPPGLAVKELK Lk
41 'polypeptide(L)' SSHKTFRIKRFLAKKQKQNRPIPQWIRMKTGNKIRYNSKRRHWRRTKLGL Ll
42 'polypeptide(L)' IIEPSLRQLAQKYNCDKMICRKCYARLHPRAVNCRKKKCGHTNNLRPKKKVK Lm
43 'polypeptide(L)' MRAKWRKKRMRRLKRKRRKMRQRS Ln
44 'polypeptide(L)'
;VNVPKTRRTFCKKCGKHQPHKVTQYKKGKDSLYAQGKRRYDRKQSGYGGQTKPIFRKKAKTTKKIVLRLECVEPNCRSKR
MLAIKRCKHFELGGDKKRKGQVIQF
;
Lo
45 'polypeptide(L)'
;AKRTKKVGIVGKYGTRYGASLRKMVKKIEISQHAKYTCSFCGKTKMKRRAVGIWHCGSCMKTVAGGAWTYNTTSAVTVKS
AIRRLKELKDQ
;
Lp
46 'polypeptide(L)'
;SAHLQWMVVRNCSSFLIKRNKQTYSTEPNNLKARNSFRYNGLIHRKTVGVEPAADGKGVVVVIKRRSGQRKPATSYVRTT
INKNARATLSSIRHMIRKNKYRPDLRMAAIRRASAILRSQKPVMV
;
Lr
47 'polypeptide(L)'
;DRATWKSNYFLKIIQLLDDYPKCFIVGADNVGSKQMQQIRMSLRGKAVVLMGKNTMMRKAIRGHLENNPALEKLLPHIRG
NVGFVFTKEDLTEIRDMLLANKVPAAARAGAIAPCEVTVPAQNTGLGPEKTSFFQALGITTKISRGTIEILSDVQLIKTG
DKVGASEATLLNMLNISPFSFGLVIQQVFDNGSIYN
;
Ls
48 'polypeptide(L)'
;PNEIKVVYLRCTGGEVGATSALAPKIGPLGLSPKKVGDDIAKATGDWKGLRITVKLTIQNRQAQIEVVPSASALIIKALK
EPPRDRKKQKNIKHSGNITFDEIVNIARQMRHRSLARELSGTIKEILGTAQSVGCNVDGRHPHDIIDDINSGAVECP
;
Lt
49 'polypeptide(L)'
;MAVQISKKRKFVADGIFKAELNEFLTRELAEDGYSGVEVRVTPTRTEIIILATRTQNVLGEKGRRIRELTAVVQKRFGFP
EGSVELYAEKVATRGLCAIAQAESLRYKLLGGLAVRRACYGVLRFIMESGAKGCEVVVSGKLRGQRAKSMKFVDGLMIHS
GDPVNYYVDTAVRHVLLRQGVLGIKVKIMLPWDPTGKIGPKKPLPDHVSIVEPKDEILPTTPISEQK
;
SD
50 'polypeptide(L)'
;DIKLFGKWSTDDVQINDISLQDYIAVKEKYAKYLPHSAGRYAAKRFRKAQCPIVERLTNSMMMHGRNNGKKLMTVRIVKH
AFEIIHLLTGENPLQVLVNAIINSGPREDSTRIGRAGTVRRQAVDVSPLRRVNQAIWLLCTGAREAAFRNIKTIAECLAD
ELINAAKGSSNSYAIKKKDELERVAKSNR
;
SF
51 'polypeptide(L)'
;MLMPKKNRIAIYELLFKEGVMVAKKDVHMPKHPELADKNVPNLHVMKAMQSLKSRGYVKEQFAWRHFYWYLTNEGIQYLR
DYLHLPPEIVPATLRRSR
;
SK
52 'polypeptide(L)'
;VMDVNTALQEVLKTALIHDGLARGIREAAKALDKRQAHLCVLASNCDEPMYVKLVEALCAEHQINLIKVDDNKKLGEWVG
LCKIDREGKPRKVVGCSCVVVKDYGKESQAKDVIEEYFKCKK
;
SM
53 'polypeptide(L)'
;TYRGVDLDQLLDMSYEQLMQLYSARQRRRLNRGLRRKQHSLLKRLRKAKKEAPPMEKPEVVKTHLRDMIILPEMVGSMVG
VYNGKTFNQVEIKPEMIGHYLGEFSITYKPVKHGRPGIGAT
;
SP
54 'polypeptide(L)'
;SKGPLQSVQVFGRKKTATAVAHCKRGNGLIKVNGRPLEMIEPRTLQYKLLEPVLLLGKERFAGVDIRVRVKGGGHVAQIY
AIRQSISKALVAYYQKYVDEASKKEIKDILIQYDRTLLVADPRRCESKKFGGPGARARYQKSYR
;
SQ
55 'polypeptide(L)'
;MGRVRTKTVKKAARVIIEKYYTRLGNDFHTNKRVCEEIAIIPSKKLRNKIAGYVTHLMKRIQRGPVRGISIKLQEEERER
RDNYVPEVSALDQEIIEVDPDTKEMLKLLDFGSLSNLQVTQPTVGMNFKTPRGPV
;
SR
56 'polypeptide(L)'
;MSLVIPEKFQHILRVLNTNIDGRRKIAFAITAIKGVGRRYAHVVLRKADIDLTKRAGELTEDEVERVITIMQNPRQYKIP
DWFLNRQKDVKDGKYSQVLANGLDNKLREDLERLKKIRAHRGLRHFWGLRVRGQHTKTTGRRGRT
;
SS
57 'polypeptide(L)'
;PGVTVKDVNQQEFVRALAAFLKKSGKLKVPEWVDTVKLAKHKELAPYDENWFYTRAASTARHLYLRGGAGVGSMTKIYGG
RQRNGVMPSHFSRGSKSVARRVLQALEGLKMVEKDQDGGRKLTPQGQRDLDRIAGQVAAANKK
;
ST
58 'polypeptide(L)'
;AIHRIRITLTSRNVKSLEKVCADLIRGAKEKNLKVKGPVRMPTKTLRITTRKTPCGEGSKTWDRFQMRIHKRLIDLHSPS
EIVKQITSISIEPGVEVEVTIADA
;
SU
59 'polypeptide(L)' RDKLNNLVLFDKATYDKLCKEVPNYKLITPAVVSERLKIRGSLARAALQELLSKGLIKLVSKHRAQVIYTRNTKG SZ
60 'polypeptide(L)' RVQPIKLARVTKVLGRTGSQGQCTQVRVEFMDDTSRSIIRNVKGPVREGDVLTLLESEREARRL Sc
61 'polypeptide(L)' GHQQLYWSHPRKFGQGSRSCRVCSNRHGLIRKYGLNMCRQCFRQYAKDIGFIKLD Sd
62 'polypeptide(L)' YTTPKKNKHKRKKVKLAVLKYYKVDENGKISRLRRECPSDECGAGVFMASHFDRHYCGKCCLTYCFN Sf
63 'polypeptide(L)'
;TEQMTLRGTLKGHNGWVTQIATTPQFPDMILSASRDKTIIMWKLTRDETNYGIPQRALRGHSHFVSDVVISSDGQFALSG
SWDGTLRLWDLTTGTTTRRFVGHTKDVLSVAFSSDNRQIVSGSRDKTIKLWNTLGVCKYTVQDESHSEWVSCVRFSPNSS
NPIIVSCGWDKLVKVWNLANCKLKTNHIGHTGYLNTVTVSPDGSLCASGGKDGQAMLWDLNEGKHLYTLDGGDIINALCF
SPNRYWLCAATGPSIKIWDLEGKIIVDELKQEVISTSSKAEPPQCTSLAWSADGQTLFAGYTDNLVRVWQVTI
;
Sg
64 'polypeptide(L)'
;GALDVLQMKEEDVLKFLAAGTHLGGTNLDFQMEQYIYKRKSDGIYIINLKRTWEKLLLAARAIVAIENPADVSVISSRNT
GQRAVLKFAAATGATPIAGRFTPGTFTNQIQAAFREPRLLVVTDPRADHQPLTEASYVNLPTIALCNTDSPLRYVDIAIP
CNNKGAHSVGLMWWMLAREVLRMRGTISREHPWEVMPDLYFYRDPEEIEKEEQAAAEKAVT
;
SA
65 'polypeptide(L)'
;VVDPFSKKDWYDVKAPAMFNIRNIGKTLVTRTQGTKIASDGLKGRVFEVSLADLQNDEVAFRKFKLITEDVQGKNCLTNF
HGMDLTRDKMCSMVKKWQTMIEAHVDVKTTDGYLLRLFCVGFTKKRNNQIRKTSYAQHQQVRQIRKKMMEIMTREVQTND
LKEVVNKLIPDSIGKDIEKACQSIYPLHDVFVRKVKMLKKPKFELGKLMELHGE
;
SB
66 'polypeptide(L)'
;EWMPVTKLGRLVKDMKIKSLEEIYLFSLPIKESEIIDFFLGASLKDEVLKIMPVQKQTRAGQRTRFKAFVAIGDYNGHVG
LGVKCSKEVATAIRGAIILAKLSIVPVRRGYWGNKIGKPHTVPCKVTGRCGSVLVRLIPAPRGTGIVSAPVPKKLLMMAG
IDDCYTSARGCTATLGNFAKATFDAISKTYSYLTPDLWKETVFTKSPYQEFTDHLVKTHTRV
;
SC
67 'polypeptide(L)'
;ARGPKKHLKRVAAPKHWMLDKLTGVFAPRPSTGPHKLRECLPLIIFLRNRLKYALTGDEVKKICMQRFIKIDGKVRTDIT
YPAGFMDVISIDKTGENFRLIYDTKGRFAVHRITPEEAKYKLCKVRKIFVGTKGIPHLVTHDARTIRYPDPLIKVNDTIQ
IDLETGKITDFIKFDTGNLCMVTGGANLGRIGVITNRERHPGSFDVVHVKDANGNSFATRLSNIFVIGKGNKPWISLPRG
KGIRLTIAEERDKRLAAKQSSG
;
SE
68 'polypeptide(L)'
;MKLNISFPATGCQKLIEVDDERKLRTFYEKRMATEVAADALGEEWKGYVVRISGGNDKQGFPMKQGVLTHGRVRLLLSKG
HSCYRPRRTGERKRKSVRGCIVDANLSVLNLVIVKKGEKDIPGLTDTTVPRRLGPKRASRIRKLFNLSKEDDVRQYVVRK
PLNKEGKKPRTKAPKIQRLVTPRVLQHKRRRIALKKQRTKKNKEEAAEYAKLLAKRMKEAKEKRQEQIAKRRRLSSL
;
SG
69 'polypeptide(L)'
;SAKIVKPNGEKPDEFESGISQALLELEMNSDLKAQLRELNITAAKEIEVGGGRKAIIIFVPVPQLKSFQKIQVRLVRELE
KKFSGKHVVFIAQRRILPKPTRKSRTKNKQKRPRSRTLTAVHDAILEDLVFPSEIVGKRIRVKLDGSRLIKVHLDKAQQN
NVEHKVETFSGVYKKLTGKDVNFEFPEFQ
;
SH
70 'polypeptide(L)'
;GISRDNWHKRRKTGGKRKPYHKKRKYELGRPAANTKIGPRRIHTVRVRGGNKKYRALRLDVGNFSWGSECCTRKTRIIDV
VYNASNNELVRTKTLVKNCIVLIDSTPYRQWYESHYALPLGRKKGAKLTPEEEEILNKKRSKKIQKKYDERKKNAKISSL
LEEQFQQGKLLACIASRPGQCGRADGYVLEGKELEFYLRKIKARKG
;
SI
71 'polypeptide(L)'
;PVARSWVCRKTYVTPRRPFEKSRLDQELKLIGEYGLRNKREVWRVKFTLAKIRKAARELLTLDEKDPRRLFEGNALLRRL
VRIGVLDEGKMKLDYILGLKIEDFLERRLQTQVFKLGLAKSIHHARVLIRQRHIRVRKQVVNIPSFIVRLDSQKHIDFSL
RSPYGGGRPGRVKRKNAKKGQGGAG
;
SJ
72 'polypeptide(L)'
;ADIQTERAYQKQPTIFQNKKRVLLGETGKEKLPRYYKNIGLGFKTPKEAIEGTYIDKKCPFTGNVSIRGRILSGVVTKMK
MQRTIVIRRDYLHYIRKYNRFEKRHKNMSVHLSPCFRDVQIGDIVTVGECRPLSKTVRFNVLKVTKAAGTKKQ
;
SL
73 'polypeptide(L)'
;GRMHAPGKGLSQSALPYRRSVPTWLKLTSDDVKEQIYKLAKKGLTPSQIGVILRDSHGVAQVRFVTGNKILRILKSKGLA
PDLPEDLYHLIKKAVAVRKHLERNRKDKDAKFRLILIESRIHRLARYYKTKRVLPPNWKYESSTASALVA
;
SN
74 'polypeptide(L)'
;EQVISLGPQVAEGENVFGVCHIFASFNDTFVHVTDLSGKETICRVTGGMKVKADRDESSPYAAMLAAQDVAQRCKELGIT
ALHIKLRATGGNRTKTPGPGAQSALRALARSGMKIGRIEDVTPIPSDSTRRKGGRRGRRL
;
SO
75 'polypeptide(L)'
;MQNDAGEFVDLYVPRKCSASNRIIGAKDHASIQMNVAEVDKVTGRFNGQFKTYAICGAIRRMGESDDSILRLAKADGIVS
KNF
;
SV
76 'polypeptide(L)'
;VRMNVLADALKSINNAEKRGKRQVLIRPCSKVIVRFLTVMMKHGYIGEFEIIDDHRAGKIVVNLTGRLNKCGVISPRFDV
QLKDLEKWQNNLLPSRQFGFIVLTTSAGIMDHEEARRKHTGGKILGFFF
;
SW
77 'polypeptide(L)'
;GKCRGLRTARKLRSHRRDQKWHDKQYKKAHLGTALKANPFGGASHAKGIVLEKVGVEAKQPNSAIRKCVRVQLIKNGKKI
TAFVPNDGCLNFIEENDEVLVAGFGRKGHAVGDIPGVRFKVVKVANVSLLALYKGKKERPR
;
SX
78 'polypeptide(L)'
;NDTVTIRTRKFMTNRLLQRKQMVIDVLHPGKATVPKTEIREKLAKMYKTTPDVIFVFGFRTHFGGGKTTGFGMIYDSLDY
AKKNEPKHRLARHGLYEKKKTSRKQRKERKNRMKKVRGTAKANVGAGKKPK
;
SY
79 'polypeptide(L)'
;TKKRRNNGRAKKGRGHVQPIRCTNCARCVPKDKAIKKFVIRNIVEAAAVRDISEASVFDAYVLPKLYVKLHYCVSCAIHS
KVVRNRSREARKDRTPPPRFRP
;
Sa
80 'polypeptide(L)'
;PLAKDLLHPSPEEEKRKHKKKRLVQSPNSYFMDVKCPGCYKITTVFSHAQTVVLCVGCSTVLCQPTGGKARLTEGCSFRR
KQH
;
Sb
81 'polypeptide(L)' VHGSLARAGKVRGQTPKVAKQEKKKKKTGRAKRRMQYNRRFVNVVPTFGKKKGPNANS Se
82 'polyribonucleotide'
;UACCUGGUUGAUCCUGCCAGUAGCAU(A2M)UGCUUGUCUCAAAGAUUAAGCCAUGCAUGUCUAAGUACGCACGGCCGGU
ACAGUGAAACUGCGAA(PSU)GGCUC(A2M)UUAAA(PSU)CAG(PSU)UAUGGU(OMU)CCUU(OMU)GGUCGCUCGCU
CCUCUCCCACUUGGAUAACUGUGGUA(A2M)UUCUAG(A2M)GCUAA(OMU)A(OMC)AUGCCGACGGGCGCUGACCCCC
UUCGCGGGGGGGAUGCGUGCAUUUAUCAGUGGUGACUCUAGAUAACCUCGGGCCGAUCGCACGCCCCCCGUGGCGGCGAC
GACCCAUUCGAACGUC(OMU)GCCCUAUCAACUUUCGAUGGUAGUCGCCGUGCCUACCAUGGUGACCACGGG(PSU)GAC
GGGGAAUCAGGGUUCGAU(OMU)CCGGAGA(OMG)GGAGCCUGAGAAACGGCUACCACAU(OMC)CAAGG(A2M)AGGCA
GCAGGCGCGC(A2M)AAUUACCCACUCCCGACCCGGGGA(OMG)GUAGUGA(OMC)GAAAAAUAACAAUACAGGACUCUU
UCGAGGCCCUGUAAUUGGAAUGAGUCCACUUUAA(A2M)UCCUUUAACGAGGAUCCAUUGGAG(OMG)GCAAGUCUGGUG
CCAGCAGCCGCGG(OMU)AAUUCCAGCUCCAAUA(OMG)CGUA(PSU)A(PSU)UAAAGUUGCUGCAGUU(A2M)AAAAG
CUCGUAG(PSU)U(OMG)GA(PSU)CUUGGGAGCGGGCGUCCCCGCCCUCUCGGCCGGGGCCCGAAGCG(OMU)U(PSU)
ACUUUGAAAAAA(PSU)UAGAGUGUUCAAAGCAGGCCCGAGCCGCCUGGAUACCGCAGCUAGGAA(PSU)AA(PSU)
(OMG)GAAUAGGACCGCGGUUCUAUUUUGUUGGUUUUCGGAACUGAGGCCAUGAUUAAGAGGGACGGCCGGGGGCAUUCG
UAUUGCGCCGCUAGAGGUGAAAU(PSU)CUUGGACCGGCGCAAGACGGACCAGAGCGAAAGCAUU(PSU)GCCAAGAAUG
UUUUCAUUAAUCAAGA(A2M)CGAAAGUCGGAGG(PSU)(PSU)CGAAGACGA(PSU)CAGAUACCGUCGUAGUUCCGAC
CA(PSU)AAACGAUGCCGACCGGCGAUGCGGCGGCGUUAUUCCCAUGACCCGCCGGGCAGCUUCCGGGAAACCAAAGUCU
UUGGGUUCCGGGGGGAGUA(PSU)GG(PSU)UGCAAAGCUGAAACUUAAAGGAAUUGACGGAAGGGCACCACCAGGAGUG
GAGCC(PSU)GCGGCUUAAUU(PSU)GAC(B8N)CAACACGGGAAACCUCACCCGGC(OMC)CGGACACGGACAGGA
(OMU)UGACAGAUUGAUAGCUCUUUCUCGAUUCCGUGGGUGG(OMU)G(OMG)UGCAUGGC(4AC)GUUCUUAGUUGGUG
GAGCGAUUUGUCUGG(PSU)UAAUUCCGAUAACGA(A2M)CGAGACU(OMC)UGGCAUGCUAACUAGUUACGCGACCCCC
GAGCGGUCGGCGUCCCCCAACU(OMU)CUUAGAGGGACAAGUGGCGUUCAGCCACCCGAGAUUGAGCAAUAACA(OMG)G
UCUGUGAUGCCCUUAGAUGUCCGGGGCUGCACGCGCGCUACACUGACUGGCUCAGCGUGUGCCUACCCUACGCCGGCAGG
CGCGGGUAACCCGUUGAACCCCAUUCGUGAUGGGGAUCGGGGAUUGCAAUUAUUCCCCAUGAACGAG(G7M)AAUUCCCA
GUAAGUGCGGGUCAUAAGCUUGCGUUGAUUAAGUCCCUGCCCUUUGUACACACCG(OMC)CCGUCGCUACUACCGAUUGG
AUGGUUUAGUGAGGCCCUCGGAUCGGCCCCGCCGGGGUCGGCCCACGGCCCUGGCGGAGCGCUGAGAAGACGGUCGAACU
UGACUAUCUAGAGGAAGUAAAAGUCGUA(6MZ)CAAGGUUUC(4AC)GUAGGUG(MA6)(MA6)CCUGCGGAAGGAUCAU
UA
;
S2
83 'polypeptide(L)'
;NFTVDQIRAIMDKKANIRNMSVIAHVDHGKSTLTDSLVCKAGIIASARAGETRFTDTRKDEQERCITIKSTAISLFYELS
ENDLNFIKQSKDGAGFLINLIDSPGHVDFSSEVTAALRVTDGALVVVDCVSGVCVQTETVLRQAIAERIKPVLMMNKMDR
ALLELQLEPEELYQTFQRIVENVNVIISTYGEGESGPMGNIMIDPVLGTVGFGSGLHGWAFTLKQFAEMYVAKFAAKGEG
QLGPAERAKKVEDMMKKLWGDRYFDPANGKFSKSATSPEGKKLPRTFCQLILDPIFKVFDAIMNFKKEETAKLIEKLDIK
LDSEDKDKEGKPLLKAVMRRWLPAGDALLQMITIHLPSPVTAQKYRCELLYEGPPDDEAAMGIKSCDPKGPLMMYISKMV
PTSDKGRFYAFGRVFSGLVSTGLKVRIMGPNYTPGKKEDLYLKPIQRTILMMGRYVEPIEDVPCGNIVGLVGVDQFLVKT
GTITTFEHAHNMRVMKFSVSPVVRVAVEAKNPADLPKLVEGLKRLAKSDPMVQCIIEESGEHIIAGAGELHLEICLKDLE
EDHACIPIKKSDPVVSYRETVSEESNVLCLSKSPNKHNRLYMKARPFPDGLAEDIDKGEVSARQELKQRARYLAEKYEWD
VAEARKIWCFGPDGTGPNILTDITKGVQYLNEIKDSVVAGFQWATKEGALCEENMRGVRFDVHDVTLHADAIHRGGGQII
PTARRCLYASVLTAQPRLMEPIYLVEIQCPEQVVGGIYGVLNRKRGHVFEESQVAGTPMFVVKAYLPVNESFGFTADLRS
NTGGQAFPQCVFDHWQILPGDPFDNSSRPSQVVAETRKRKGLKEGIPALDNFLDKL
;
CB
84 'polyribonucleotide' GCCCGGAUAGCUCAGC(N)UGUAGAGCAUCAGACUUUUAAUCUGAGGGUCCAGGGUUCAAGUCCCUGUUCGGGCGCCA Et
85 'polypeptide(L)' NTKSAAARARRAEAKAAADAKKQKELEDAYWKDDDKHVMRKEQRKEEKEKRRLDQLERKKETQRLLEEEDSKL CE
#
loop_
_chem_comp.id
_chem_comp.type
_chem_comp.name
_chem_comp.formula
1MA RNA linking 6-HYDRO-1-METHYLADENOSINE-5'-MONOPHOSPHATE 'C11 H16 N5 O7 P'
4AC RNA linking N(4)-ACETYLCYTIDINE-5'-MONOPHOSPHATE 'C11 H16 N3 O9 P'
5MC RNA linking 5-METHYLCYTIDINE-5'-MONOPHOSPHATE 'C10 H16 N3 O8 P'
6MZ RNA linking N6-METHYLADENOSINE-5'-MONOPHOSPHATE 'C11 H16 N5 O7 P'
A RNA linking ADENOSINE-5'-MONOPHOSPHATE 'C10 H14 N5 O7 P'
A2M RNA linking '2'-O-methyladenosine 5'-(dihydrogen phosphate)' 'C11 H16 N5 O7 P'
B8N RNA linking '(2~{R})-2-azanyl-4-[5-[(2~{S},3~{R},4~{S},5~{R})-3,4-bis(oxidanyl)-5-(phosphonooxymethyl)oxolan-2-yl]-3-methyl-2,6-bis(oxidanylidene)pyrimidin-1-yl]butanoic acid' 'C14 H22 N3 O11 P'
C RNA linking CYTIDINE-5'-MONOPHOSPHATE 'C9 H14 N3 O8 P'
G RNA linking GUANOSINE-5'-MONOPHOSPHATE 'C10 H14 N5 O8 P'
G7M RNA linking N7-METHYL-GUANOSINE-5'-MONOPHOSPHATE 'C11 H17 N5 O8 P 1'
MA6 RNA linking 6N-DIMETHYLADENOSINE-5'-MONOPHOSHATE 'C12 H18 N5 O7 P'
MG non-polymer 'MAGNESIUM ION' 'Mg 2'
N RNA linking 'ANY 5'-MONOPHOSPHATE NUCLEOTIDE' 'C5 H11 O7 P'
OMC RNA linking O2'-METHYLYCYTIDINE-5'-MONOPHOSPHATE 'C10 H16 N3 O8 P'
OMG RNA linking O2'-METHYLGUANOSINE-5'-MONOPHOSPHATE 'C11 H16 N5 O8 P'
OMU RNA linking 'O2'-METHYLURIDINE 5'-MONOPHOSPHATE' 'C10 H15 N2 O9 P'
PSU RNA linking PSEUDOURIDINE-5'-MONOPHOSPHATE 'C9 H13 N2 O9 P'
SPD non-polymer SPERMIDINE 'C7 H19 N3'
SPM non-polymer SPERMINE 'C10 H26 N4'
U RNA linking URIDINE-5'-MONOPHOSPHATE 'C9 H13 N2 O9 P'
UR3 RNA linking 3-METHYLURIDINE-5'-MONOPHOSHATE 'C10 H15 N2 O9 P'
UY1 RNA linking 2'-O-methylpseudouridine-5'-monophosphate 'C10 H15 N2 O9 P'
ZN non-polymer 'ZINC ION' 'Zn 2'
#
# COMPACT_ATOMS: atom_id res chain seq x y z
N ILE A 1 107.13 6.93 50.48
CA ILE A 1 106.91 5.55 50.89
C ILE A 1 105.58 5.44 51.65
N MET A 2 105.11 4.22 51.85
CA MET A 2 103.82 3.97 52.47
C MET A 2 104.02 3.43 53.87
N ASN A 3 103.33 4.03 54.84
CA ASN A 3 103.21 3.46 56.17
C ASN A 3 101.72 3.28 56.49
N GLN A 4 101.45 2.78 57.70
CA GLN A 4 100.09 2.40 58.07
C GLN A 4 99.15 3.61 58.07
N GLU A 5 99.64 4.75 58.55
CA GLU A 5 98.82 5.96 58.57
C GLU A 5 98.50 6.42 57.15
N LYS A 6 99.48 6.37 56.25
CA LYS A 6 99.27 6.79 54.88
C LYS A 6 98.34 5.85 54.13
N LEU A 7 98.47 4.54 54.38
CA LEU A 7 97.63 3.57 53.68
C LEU A 7 96.16 3.69 54.07
N ALA A 8 95.88 3.85 55.38
CA ALA A 8 94.50 3.85 55.85
C ALA A 8 93.72 5.04 55.30
N LYS A 9 94.38 6.15 55.05
CA LYS A 9 93.72 7.31 54.46
C LYS A 9 93.75 7.27 52.95
N LEU A 10 94.73 6.58 52.36
CA LEU A 10 94.77 6.43 50.91
C LEU A 10 93.56 5.67 50.39
N GLN A 11 93.09 4.68 51.14
CA GLN A 11 91.91 3.93 50.75
C GLN A 11 90.72 4.85 50.51
N ALA A 12 90.64 5.95 51.26
CA ALA A 12 89.51 6.86 51.10
C ALA A 12 89.58 7.60 49.77
N GLN A 13 90.73 8.20 49.45
CA GLN A 13 90.77 9.10 48.29
C GLN A 13 90.66 8.33 46.97
N VAL A 14 91.14 7.09 46.92
CA VAL A 14 91.06 6.34 45.67
C VAL A 14 89.63 5.88 45.39
N ARG A 15 88.78 5.80 46.40
CA ARG A 15 87.38 5.42 46.23
C ARG A 15 86.57 6.68 45.99
N ILE A 16 86.06 6.84 44.77
CA ILE A 16 85.21 7.97 44.41
C ILE A 16 83.79 7.52 44.10
N GLY A 17 83.43 6.32 44.55
CA GLY A 17 82.09 5.82 44.29
C GLY A 17 81.91 4.46 44.96
N GLY A 18 80.71 3.94 44.81
CA GLY A 18 80.36 2.66 45.37
C GLY A 18 80.93 1.51 44.56
N LYS A 19 80.49 0.30 44.90
CA LYS A 19 80.95 -0.90 44.22
C LYS A 19 80.59 -0.86 42.75
N GLY A 20 81.56 -1.16 41.90
CA GLY A 20 81.35 -1.16 40.47
C GLY A 20 81.74 0.10 39.75
N THR A 21 82.45 1.01 40.40
CA THR A 21 82.93 2.23 39.77
C THR A 21 84.45 2.23 39.74
N ALA A 22 85.00 2.89 38.72
CA ALA A 22 86.45 2.92 38.55
C ALA A 22 87.12 3.68 39.69
N ARG A 23 88.32 3.23 40.05
CA ARG A 23 89.07 3.87 41.11
C ARG A 23 89.78 5.10 40.60
N ARG A 24 90.01 6.05 41.50
CA ARG A 24 90.79 7.24 41.18
C ARG A 24 92.25 6.86 40.94
N LYS A 25 92.83 7.43 39.89
CA LYS A 25 94.20 7.08 39.55
C LYS A 25 95.21 7.99 40.24
N LYS A 26 94.98 9.30 40.23
CA LYS A 26 95.95 10.23 40.79
C LYS A 26 95.25 11.53 41.16
N LYS A 27 95.90 12.29 42.04
CA LYS A 27 95.52 13.67 42.33
C LYS A 27 96.81 14.44 42.55
N VAL A 28 97.32 15.06 41.49
CA VAL A 28 98.63 15.69 41.50
C VAL A 28 98.44 17.20 41.40
N VAL A 29 99.11 17.93 42.27
CA VAL A 29 99.15 19.38 42.22
C VAL A 29 100.49 19.81 41.65
N HIS A 30 100.46 20.77 40.72
CA HIS A 30 101.67 21.31 40.12
C HIS A 30 101.41 22.77 39.77
N ARG A 31 102.31 23.64 40.19
CA ARG A 31 102.16 25.06 39.88
C ARG A 31 103.23 25.48 38.87
P A2M B 398 63.54 51.73 48.77
OP1 A2M B 398 62.77 52.67 47.90
O5' A2M B 398 62.90 51.55 50.46
C5' A2M B 398 61.65 51.10 50.58
C4' A2M B 398 61.52 50.35 51.89
O4' A2M B 398 62.65 49.54 52.07
C3' A2M B 398 61.47 51.29 53.06
O3' A2M B 398 60.25 51.94 53.03
C2' A2M B 398 61.87 50.38 54.20
O2' A2M B 398 60.88 49.44 54.53
C1' A2M B 398 63.00 49.68 53.44
CM' A2M B 398 61.36 48.60 55.54
N9 A2M B 398 64.29 50.29 53.55
C8 A2M B 398 65.04 51.11 52.70
N7 A2M B 398 66.23 51.47 53.22
C5 A2M B 398 66.23 50.84 54.45
C6 A2M B 398 67.14 50.78 55.49
N6 A2M B 398 68.35 51.44 55.42
N1 A2M B 398 66.91 50.10 56.62
C2 A2M B 398 65.73 49.46 56.69
N3 A2M B 398 64.74 49.40 55.79
C4 A2M B 398 65.05 50.12 54.68
OP2 A2M B 398 64.90 52.13 49.26
P A2M B 400 60.79 56.37 59.66
OP1 A2M B 400 59.44 56.95 59.89
O5' A2M B 400 61.88 56.39 61.08
C5' A2M B 400 61.56 55.56 62.07
C4' A2M B 400 62.64 55.64 63.11
O4' A2M B 400 63.77 54.92 62.65
C3' A2M B 400 63.07 57.06 63.31
O3' A2M B 400 62.11 57.63 64.12
C2' A2M B 400 64.49 56.92 63.81
O2' A2M B 400 64.57 56.52 65.14
C1' A2M B 400 64.88 55.75 62.89
CM' A2M B 400 65.89 56.19 65.47
N9 A2M B 400 65.48 56.06 61.62
C8 A2M B 400 64.96 56.11 60.33
N7 A2M B 400 65.88 56.44 59.41
C5 A2M B 400 67.03 56.60 60.16
C6 A2M B 400 68.33 56.92 59.85
N6 A2M B 400 68.72 57.18 58.54
N1 A2M B 400 69.31 57.02 60.77
C2 A2M B 400 68.91 56.76 62.04
N3 A2M B 400 67.72 56.44 62.53
C4 A2M B 400 66.81 56.36 61.53
OP2 A2M B 400 61.78 57.12 58.80
P OMG B 913 10.99 56.44 40.41
OP1 OMG B 913 10.80 57.94 40.50
OP2 OMG B 913 9.81 55.48 40.55
O5' OMG B 913 11.73 56.11 39.05
C5' OMG B 913 12.61 57.06 38.47
C4' OMG B 913 13.25 56.51 37.22
O4' OMG B 913 13.95 55.28 37.52
C3' OMG B 913 12.32 56.13 36.09
O3' OMG B 913 11.84 57.23 35.37
C2' OMG B 913 13.21 55.20 35.27
O2' OMG B 913 14.19 55.95 34.58
CM2 OMG B 913 14.98 55.18 33.71
C1' OMG B 913 13.91 54.43 36.39
N9 OMG B 913 13.17 53.21 36.75
C8 OMG B 913 12.41 53.00 37.87
N7 OMG B 913 11.91 51.80 37.89
C5 OMG B 913 12.37 51.21 36.74
C6 OMG B 913 12.15 49.91 36.23
O6 OMG B 913 11.49 49.01 36.71
N1 OMG B 913 12.81 49.73 35.02
C2 OMG B 913 13.58 50.66 34.40
N2 OMG B 913 14.13 50.31 33.25
N3 OMG B 913 13.77 51.86 34.88
C4 OMG B 913 13.16 52.07 36.03
P 1MA B 919 1.03 50.35 37.74
OP1 1MA B 919 1.05 51.40 38.83
OP2 1MA B 919 1.34 50.73 36.32
O5' 1MA B 919 2.02 49.19 38.16
C5' 1MA B 919 1.89 48.53 39.42
C4' 1MA B 919 3.20 47.95 39.87
O4' 1MA B 919 3.62 46.92 38.94
C3' 1MA B 919 4.36 48.94 39.97
O3' 1MA B 919 5.12 48.66 41.15
C2' 1MA B 919 5.21 48.62 38.74
O2' 1MA B 919 6.58 48.92 38.88
C1' 1MA B 919 4.98 47.12 38.60
N9 1MA B 919 5.16 46.61 37.24
C8 1MA B 919 5.45 47.32 36.12
N7 1MA B 919 5.55 46.57 35.07
C5 1MA B 919 5.33 45.32 35.53
C6 1MA B 919 5.31 44.08 34.81
N6 1MA B 919 5.53 43.98 33.57
N1 1MA B 919 5.03 43.01 35.67
CM1 1MA B 919 4.98 41.69 35.08
C2 1MA B 919 4.79 43.15 37.00
N3 1MA B 919 4.81 44.26 37.65
C4 1MA B 919 5.08 45.32 36.87
P A2M B 920 4.79 49.43 42.51
OP1 A2M B 920 3.34 49.39 42.83
O5' A2M B 920 5.87 48.69 43.73
C5' A2M B 920 7.19 48.92 43.59
C4' A2M B 920 7.96 47.69 43.99
O4' A2M B 920 7.27 47.05 45.02
C3' A2M B 920 8.07 46.73 42.84
O3' A2M B 920 9.11 47.17 42.06
C2' A2M B 920 8.16 45.38 43.54
O2' A2M B 920 9.42 45.08 44.03
C1' A2M B 920 7.23 45.68 44.70
CM' A2M B 920 9.65 43.70 44.02
N9 A2M B 920 5.85 45.27 44.66
C8 A2M B 920 4.65 45.97 44.76
N7 A2M B 920 3.57 45.19 44.69
C5 A2M B 920 4.11 43.92 44.54
C6 A2M B 920 3.56 42.68 44.41
N6 A2M B 920 2.19 42.49 44.41
N1 A2M B 920 4.29 41.56 44.28
C2 A2M B 920 5.63 41.76 44.28
N3 A2M B 920 6.33 42.88 44.39
C4 A2M B 920 5.51 43.94 44.53
OP2 A2M B 920 5.51 50.75 42.56
P A2M B 923 7.33 38.64 35.90
OP1 A2M B 923 6.72 39.66 36.81
O5' A2M B 923 8.73 39.72 35.53
C5' A2M B 923 9.63 39.27 34.64
C4' A2M B 923 9.68 40.23 33.46
O4' A2M B 923 8.59 41.09 33.56
C3' A2M B 923 10.94 41.08 33.46
O3' A2M B 923 11.93 40.29 32.91
C2' A2M B 923 10.47 42.30 32.69
O2' A2M B 923 10.42 42.10 31.31
C1' A2M B 923 9.06 42.37 33.25
CM' A2M B 923 9.80 43.16 30.66
N9 A2M B 923 8.84 43.21 34.39
C8 A2M B 923 8.54 42.93 35.72
N7 A2M B 923 8.41 44.04 36.47
C5 A2M B 923 8.64 45.06 35.56
C6 A2M B 923 8.67 46.43 35.66
N6 A2M B 923 8.43 47.07 36.86
N1 A2M B 923 8.92 47.23 34.61
C2 A2M B 923 9.15 46.60 33.45
N3 A2M B 923 9.17 45.29 33.18
C4 A2M B 923 8.90 44.57 34.28
OP2 A2M B 923 6.56 38.12 34.74
N1 OMC B 937 21.35 75.45 14.73
C2 OMC B 937 21.00 74.69 13.61
N3 OMC B 937 19.82 74.04 13.62
C4 OMC B 937 19.02 74.09 14.64
C5 OMC B 937 19.33 74.84 15.81
C6 OMC B 937 20.50 75.49 15.77
O2 OMC B 937 21.75 74.66 12.64
N4 OMC B 937 17.87 73.42 14.58
C1' OMC B 937 22.64 76.18 14.81
C2' OMC B 937 22.61 77.50 14.06
O2' OMC B 937 23.93 77.77 13.60
CM2 OMC B 937 24.45 76.82 12.71
C3' OMC B 937 22.24 78.47 15.18
C4' OMC B 937 23.02 77.90 16.36
O4' OMC B 937 22.91 76.47 16.16
O3' OMC B 937 22.50 79.82 14.90
C5' OMC B 937 22.49 78.26 17.72
O5' OMC B 937 21.12 77.89 17.84
P OMC B 937 20.46 77.68 19.27
OP1 OMC B 937 20.82 78.88 20.12
OP2 OMC B 937 19.01 77.30 19.07
P OMG B 1119 24.83 55.77 16.48
OP1 OMG B 1119 26.13 55.49 15.78
OP2 OMG B 1119 23.92 56.88 15.98
O5' OMG B 1119 23.98 54.44 16.50
C5' OMG B 1119 24.49 53.27 17.12
C4' OMG B 1119 23.44 52.19 17.21
O4' OMG B 1119 22.34 52.62 18.05
C3' OMG B 1119 22.77 51.82 15.90
O3' OMG B 1119 23.58 51.00 15.09
C2' OMG B 1119 21.49 51.16 16.39
O2' OMG B 1119 21.74 49.84 16.83
CM2 OMG B 1119 20.67 48.97 16.57
C1' OMG B 1119 21.15 52.03 17.60
N9 OMG B 1119 20.20 53.09 17.21
C8 OMG B 1119 20.49 54.38 16.84
N7 OMG B 1119 19.43 55.03 16.52
C5 OMG B 1119 18.40 54.14 16.67
C6 OMG B 1119 17.01 54.28 16.45
O6 OMG B 1119 16.40 55.27 16.09
N1 OMG B 1119 16.34 53.10 16.72
C2 OMG B 1119 16.91 51.94 17.15
N2 OMG B 1119 16.09 50.90 17.35
N3 OMG B 1119 18.18 51.81 17.34
C4 OMG B 1119 18.87 52.92 17.09
P A2M B 1121 24.39 46.19 10.30
OP1 A2M B 1121 25.78 46.00 10.78
O5' A2M B 1121 23.62 44.76 9.57
C5' A2M B 1121 22.90 44.00 10.40
C4' A2M B 1121 21.75 43.41 9.65
O4' A2M B 1121 20.64 44.23 9.76
C3' A2M B 1121 22.06 43.34 8.18
O3' A2M B 1121 23.01 42.35 8.02
C2' A2M B 1121 20.68 43.18 7.57
O2' A2M B 1121 20.28 41.85 7.42
C1' A2M B 1121 19.83 43.85 8.68
CM' A2M B 1121 19.81 41.64 6.13
N9 A2M B 1121 19.01 44.94 8.25
C8 A2M B 1121 17.65 45.04 8.03
N7 A2M B 1121 17.28 46.25 7.59
C5 A2M B 1121 18.47 46.94 7.52
C6 A2M B 1121 18.79 48.23 7.15
N6 A2M B 1121 17.84 49.13 6.74
N1 A2M B 1121 20.06 48.68 7.17
C2 A2M B 1121 20.98 47.79 7.57
N3 A2M B 1121 20.85 46.53 7.95
C4 A2M B 1121 19.56 46.15 7.92
OP2 A2M B 1121 24.13 47.06 9.10
P A2M B 1131 49.57 31.26 -0.20
OP1 A2M B 1131 50.46 32.36 -0.71
O5' A2M B 1131 49.30 32.06 1.40
C5' A2M B 1131 50.37 32.58 2.02
C4' A2M B 1131 50.87 31.66 3.15
O4' A2M B 1131 51.89 32.31 3.83
C3' A2M B 1131 49.79 31.36 4.17
O3' A2M B 1131 50.21 30.18 4.73
C2' A2M B 1131 49.83 32.57 5.05
O2' A2M B 1131 49.40 32.32 6.36
C1' A2M B 1131 51.35 32.77 5.05
CM' A2M B 1131 48.04 32.07 6.38
N9 A2M B 1131 51.83 34.09 5.25
C8 A2M B 1131 51.61 35.26 4.56
N7 A2M B 1131 52.27 36.30 5.05
C5 A2M B 1131 52.96 35.76 6.11
C6 A2M B 1131 53.83 36.29 7.04
N6 A2M B 1131 54.17 37.62 7.03
N1 A2M B 1131 54.39 35.54 8.00
C2 A2M B 1131 54.05 34.24 8.00
N3 A2M B 1131 53.24 33.57 7.19
C4 A2M B 1131 52.70 34.39 6.25
OP2 A2M B 1131 50.10 29.86 -0.16
N1 PSU B 1133 45.40 27.75 1.52
C2 PSU B 1133 44.96 28.62 0.56
N3 PSU B 1133 43.61 28.83 0.38
C4 PSU B 1133 42.72 28.16 1.17
C5 PSU B 1133 43.17 27.29 2.15
C6 PSU B 1133 44.53 27.10 2.30
O2 PSU B 1133 45.76 29.21 -0.15
O4 PSU B 1133 41.51 28.36 1.01
C1' PSU B 1133 42.23 26.54 3.04
C2' PSU B 1133 41.48 25.45 2.28
O2' PSU B 1133 40.21 25.28 2.87
C3' PSU B 1133 42.36 24.24 2.56
C4' PSU B 1133 42.79 24.47 3.98
O3' PSU B 1133 41.72 22.99 2.38
O4' PSU B 1133 42.99 25.91 4.05
C5' PSU B 1133 44.04 23.74 4.37
O5' PSU B 1133 44.78 24.45 5.33
P PSU B 1133 46.35 24.62 5.19
OP1 PSU B 1133 46.98 23.40 5.71
OP2 PSU B 1133 46.70 25.09 3.84
N1 PSU B 1179 51.90 0.69 8.71
C2 PSU B 1179 52.82 1.36 7.93
N3 PSU B 1179 54.00 1.78 8.46
C4 PSU B 1179 54.29 1.52 9.79
C5 PSU B 1179 53.36 0.87 10.58
C6 PSU B 1179 52.17 0.44 10.00
O2 PSU B 1179 52.56 1.57 6.75
O4 PSU B 1179 55.36 1.93 10.22
C1' PSU B 1179 53.56 0.53 12.03
C2' PSU B 1179 53.93 1.73 12.90
O2' PSU B 1179 54.71 1.26 13.98
C3' PSU B 1179 52.57 2.19 13.37
C4' PSU B 1179 51.82 0.89 13.55
O3' PSU B 1179 52.61 2.94 14.58
O4' PSU B 1179 52.33 0.03 12.50
C5' PSU B 1179 50.32 0.98 13.44
O5' PSU B 1179 49.71 -0.26 13.74
P PSU B 1179 48.14 -0.43 13.61
OP1 PSU B 1179 47.47 0.05 14.83
OP2 PSU B 1179 47.74 0.12 12.30
P OMG B 1222 31.82 41.95 -5.99
OP1 OMG B 1222 32.64 42.85 -6.90
OP2 OMG B 1222 31.12 42.53 -4.78
O5' OMG B 1222 30.73 41.21 -6.86
C5' OMG B 1222 31.00 40.82 -8.20
C4' OMG B 1222 30.50 39.44 -8.51
O4' OMG B 1222 30.10 38.78 -7.28
C3' OMG B 1222 29.30 39.38 -9.44
O3' OMG B 1222 29.33 38.15 -10.17
C2' OMG B 1222 28.14 39.34 -8.45
O2' OMG B 1222 26.95 38.74 -8.97
CM2 OMG B 1222 26.33 39.49 -9.98
C1' OMG B 1222 28.71 38.51 -7.31
N9 OMG B 1222 28.18 38.88 -5.99
C8 OMG B 1222 28.90 39.48 -4.99
N7 OMG B 1222 28.20 39.70 -3.94
C5 OMG B 1222 26.96 39.20 -4.24
C6 OMG B 1222 25.78 39.17 -3.45
O6 OMG B 1222 25.62 39.57 -2.31
N1 OMG B 1222 24.73 38.58 -4.15
C2 OMG B 1222 24.81 38.10 -5.42
N2 OMG B 1222 23.69 37.56 -5.92
N3 OMG B 1222 25.89 38.14 -6.14
C4 OMG B 1222 26.92 38.70 -5.52
N1 PSU B 1274 -6.46 52.25 5.12
C2 PSU B 1274 -7.68 52.12 5.74
N3 PSU B 1274 -7.77 52.22 7.10
C4 PSU B 1274 -6.63 52.43 7.84
C5 PSU B 1274 -5.41 52.56 7.21
C6 PSU B 1274 -5.33 52.48 5.84
O2 PSU B 1274 -8.68 51.93 5.07
O4 PSU B 1274 -6.71 52.52 9.07
C1' PSU B 1274 -4.17 52.81 8.02
C2' PSU B 1274 -3.09 51.79 7.69
O2' PSU B 1274 -3.27 50.59 8.38
C3' PSU B 1274 -1.84 52.57 8.11
C4' PSU B 1274 -2.18 54.01 7.75
O3' PSU B 1274 -1.67 52.46 9.51
O4' PSU B 1274 -3.63 54.05 7.66
C5' PSU B 1274 -1.57 54.50 6.47
O5' PSU B 1274 -1.19 53.43 5.63
P PSU B 1274 0.14 53.50 4.78
OP1 PSU B 1274 0.06 54.62 3.83
OP2 PSU B 1274 1.25 53.41 5.74
N1 PSU B 1280 -5.92 64.95 13.58
C2 PSU B 1280 -6.63 64.09 14.38
N3 PSU B 1280 -7.96 63.84 14.12
C4 PSU B 1280 -8.56 64.48 13.07
C5 PSU B 1280 -7.84 65.35 12.28
C6 PSU B 1280 -6.49 65.57 12.56
O2 PSU B 1280 -6.09 63.53 15.31
O4 PSU B 1280 -9.74 64.27 12.83
C1' PSU B 1280 -8.49 66.05 11.13
C2' PSU B 1280 -9.30 67.23 11.65
O2' PSU B 1280 -10.41 67.42 10.80
C3' PSU B 1280 -8.31 68.37 11.50
C4' PSU B 1280 -7.61 68.01 10.20
O3' PSU B 1280 -8.90 69.65 11.48
O4' PSU B 1280 -7.51 66.56 10.26
C5' PSU B 1280 -6.25 68.61 9.99
O5' PSU B 1280 -5.40 68.32 11.09
P PSU B 1280 -3.86 68.72 11.05
OP1 PSU B 1280 -3.81 70.12 10.59
OP2 PSU B 1280 -3.26 68.33 12.33
N1 PSU B 1341 -51.21 38.22 13.09
C2 PSU B 1341 -50.24 38.00 14.04
N3 PSU B 1341 -48.92 38.11 13.71
C4 PSU B 1341 -48.56 38.42 12.43
C5 PSU B 1341 -49.54 38.63 11.47
C6 PSU B 1341 -50.88 38.53 11.82
O2 PSU B 1341 -50.57 37.71 15.19
O4 PSU B 1341 -47.37 38.52 12.13
C1' PSU B 1341 -49.18 39.00 10.07
C2' PSU B 1341 -48.73 37.80 9.24
O2' PSU B 1341 -47.70 38.21 8.36
C3' PSU B 1341 -50.00 37.47 8.46
C4' PSU B 1341 -50.61 38.84 8.23
O3' PSU B 1341 -49.77 36.78 7.25
O4' PSU B 1341 -50.30 39.57 9.43
C5' PSU B 1341 -52.10 38.83 8.00
O5' PSU B 1341 -52.74 38.04 8.98
P PSU B 1341 -54.30 37.79 8.94
OP1 PSU B 1341 -54.63 37.37 7.56
OP2 PSU B 1341 -54.65 36.93 10.08
N1 PSU B 1378 -62.62 29.02 19.02
C2 PSU B 1378 -61.83 27.90 19.19
N3 PSU B 1378 -62.00 27.10 20.29
C4 PSU B 1378 -62.95 27.41 21.23
C5 PSU B 1378 -63.74 28.55 21.05
C6 PSU B 1378 -63.55 29.33 19.93
O2 PSU B 1378 -60.97 27.62 18.35
O4 PSU B 1378 -63.07 26.69 22.20
C1' PSU B 1378 -64.80 28.95 22.03
C2' PSU B 1378 -64.19 29.29 23.39
O2' PSU B 1378 -65.15 29.04 24.39
C3' PSU B 1378 -63.96 30.78 23.24
C4' PSU B 1378 -65.19 31.22 22.48
O3' PSU B 1378 -63.79 31.46 24.47
O4' PSU B 1378 -65.44 30.12 21.56
C5' PSU B 1378 -65.05 32.51 21.70
O5' PSU B 1378 -66.33 33.06 21.39
P PSU B 1378 -66.50 34.07 20.18
OP1 PSU B 1378 -66.85 35.40 20.72
OP2 PSU B 1378 -65.34 33.91 19.28
N1 PSU B 1379 -59.82 29.43 21.42
C2 PSU B 1379 -58.82 28.87 20.68
N3 PSU B 1379 -58.16 27.75 21.15
C4 PSU B 1379 -58.52 27.20 22.35
C5 PSU B 1379 -59.54 27.77 23.09
C6 PSU B 1379 -60.19 28.89 22.60
O2 PSU B 1379 -58.49 29.36 19.62
O4 PSU B 1379 -57.93 26.20 22.74
C1' PSU B 1379 -59.95 27.18 24.41
C2' PSU B 1379 -58.91 27.50 25.46
O2' PSU B 1379 -58.91 26.46 26.42
C3' PSU B 1379 -59.47 28.79 26.06
C4' PSU B 1379 -60.95 28.49 26.06
O3' PSU B 1379 -58.95 29.12 27.32
O4' PSU B 1379 -61.17 27.76 24.83
C5' PSU B 1379 -61.85 29.70 26.12
O5' PSU B 1379 -61.51 30.62 25.11
P PSU B 1379 -62.35 31.97 24.91
OP1 PSU B 1379 -62.48 32.64 26.22
OP2 PSU B 1379 -61.75 32.68 23.78
N1 PSU B 1389 -50.37 48.84 20.71
C2 PSU B 1389 -49.54 48.32 21.67
N3 PSU B 1389 -49.94 48.24 22.97
C4 PSU B 1389 -51.19 48.71 23.32
C5 PSU B 1389 -52.01 49.25 22.35
C6 PSU B 1389 -51.58 49.30 21.04
O2 PSU B 1389 -48.42 47.90 21.36
O4 PSU B 1389 -51.53 48.64 24.49
C1' PSU B 1389 -53.39 49.75 22.70
C2' PSU B 1389 -53.31 51.03 23.52
O2' PSU B 1389 -54.40 51.04 24.42
C3' PSU B 1389 -53.50 52.10 22.45
C4' PSU B 1389 -54.51 51.44 21.52
O3' PSU B 1389 -53.95 53.33 22.96
O4' PSU B 1389 -54.11 50.04 21.52
C5' PSU B 1389 -54.54 51.96 20.11
O5' PSU B 1389 -53.36 51.63 19.40
P PSU B 1389 -53.18 52.01 17.87
OP1 PSU B 1389 -53.86 53.30 17.62
OP2 PSU B 1389 -51.75 51.87 17.55
N1 PSU B 1457 -24.49 47.67 34.98
C2 PSU B 1457 -24.08 48.31 33.83
N3 PSU B 1457 -24.87 49.29 33.28
C4 PSU B 1457 -26.06 49.62 33.87
C5 PSU B 1457 -26.47 48.96 35.01
C6 PSU B 1457 -25.66 47.98 35.57
O2 PSU B 1457 -23.02 48.01 33.32
O4 PSU B 1457 -26.78 50.49 33.37
C1' PSU B 1457 -27.78 49.32 35.66
C2' PSU B 1457 -28.92 48.61 34.95
O2' PSU B 1457 -30.08 49.42 35.05
C3' PSU B 1457 -29.07 47.37 35.82
C4' PSU B 1457 -28.82 47.91 37.21
O3' PSU B 1457 -30.33 46.72 35.69
O4' PSU B 1457 -27.79 48.91 37.01
C5' PSU B 1457 -28.37 46.92 38.24
O5' PSU B 1457 -27.21 46.23 37.82
P PSU B 1457 -26.30 45.44 38.86
OP1 PSU B 1457 -27.20 44.58 39.66
OP2 PSU B 1457 -25.15 44.84 38.18
N1 PSU B 1459 -26.72 43.69 30.13
C2 PSU B 1459 -25.37 43.41 30.09
N3 PSU B 1459 -24.65 43.62 28.94
C4 PSU B 1459 -25.29 44.10 27.82
C5 PSU B 1459 -26.65 44.37 27.87
C6 PSU B 1459 -27.35 44.16 29.04
O2 PSU B 1459 -24.81 42.99 31.09
O4 PSU B 1459 -24.65 44.28 26.80
C1' PSU B 1459 -27.37 44.90 26.66
C2' PSU B 1459 -27.56 43.75 25.68
O2' PSU B 1459 -27.51 44.27 24.37
C3' PSU B 1459 -28.97 43.30 26.02
C4' PSU B 1459 -29.66 44.62 26.30
O3' PSU B 1459 -29.60 42.54 25.01
O4' PSU B 1459 -28.65 45.39 26.99
C5' PSU B 1459 -30.92 44.54 27.12
O5' PSU B 1459 -30.66 44.02 28.41
P PSU B 1459 -31.77 44.05 29.54
OP1 PSU B 1459 -33.04 43.56 28.95
OP2 PSU B 1459 -31.18 43.40 30.71
P A2M B 1468 -11.25 40.18 27.03
OP1 A2M B 1468 -9.90 40.77 26.82
O5' A2M B 1468 -12.36 40.30 25.62
C5' A2M B 1468 -11.89 39.80 24.47
C4' A2M B 1468 -13.01 39.72 23.45
O4' A2M B 1468 -13.95 38.76 23.86
C3' A2M B 1468 -13.77 41.00 23.31
O3' A2M B 1468 -12.94 41.93 22.74
C2' A2M B 1468 -14.98 40.51 22.57
O2' A2M B 1468 -14.70 40.08 21.28
C1' A2M B 1468 -15.19 39.29 23.47
CM' A2M B 1468 -15.82 40.22 20.45
N9 A2M B 1468 -15.96 39.55 24.65
C8 A2M B 1468 -15.64 39.66 25.99
N7 A2M B 1468 -16.70 39.92 26.76
C5 A2M B 1468 -17.73 39.98 25.85
C6 A2M B 1468 -19.08 40.20 25.96
N6 A2M B 1468 -19.68 40.44 27.18
N1 A2M B 1468 -19.90 40.20 24.91
C2 A2M B 1468 -19.32 39.96 23.71
N3 A2M B 1468 -18.05 39.73 23.42
C4 A2M B 1468 -17.30 39.75 24.54
OP2 A2M B 1468 -12.23 40.87 27.92
N1 OMC B 1812 25.92 55.71 29.54
C2 OMC B 1812 26.58 56.94 29.66
N3 OMC B 1812 26.74 57.46 30.88
C4 OMC B 1812 26.32 56.86 31.95
C5 OMC B 1812 25.64 55.62 31.89
C6 OMC B 1812 25.47 55.11 30.67
O2 OMC B 1812 26.99 57.53 28.66
N4 OMC B 1812 26.53 57.44 33.13
C1' OMC B 1812 25.65 55.02 28.26
C2' OMC B 1812 26.92 54.64 27.50
O2' OMC B 1812 26.64 54.61 26.11
CM2 OMC B 1812 25.87 55.67 25.60
C3' OMC B 1812 27.16 53.24 28.01
C4' OMC B 1812 25.75 52.69 28.19
O4' OMC B 1812 24.95 53.83 28.55
O3' OMC B 1812 27.93 52.45 27.11
C5' OMC B 1812 25.62 51.62 29.25
O5' OMC B 1812 26.38 50.48 28.92
P OMC B 1812 26.64 49.35 30.00
OP1 OMC B 1812 27.49 48.26 29.34
OP2 OMC B 1812 27.13 50.03 31.25
P A2M B 1824 39.29 26.96 47.20
OP1 A2M B 1824 38.87 25.66 47.79
O5' A2M B 1824 39.01 27.10 45.43
C5' A2M B 1824 37.80 26.73 44.99
C4' A2M B 1824 37.62 27.15 43.54
O4' A2M B 1824 37.79 28.53 43.48
C3' A2M B 1824 38.65 26.51 42.64
O3' A2M B 1824 38.22 25.22 42.39
C2' A2M B 1824 38.70 27.51 41.48
O2' A2M B 1824 37.61 27.41 40.62
C1' A2M B 1824 38.56 28.78 42.33
CM' A2M B 1824 37.95 26.72 39.45
N9 A2M B 1824 39.76 29.46 42.72
C8 A2M B 1824 40.35 29.69 43.95
N7 A2M B 1824 41.47 30.39 43.87
C5 A2M B 1824 41.62 30.61 42.53
C6 A2M B 1824 42.56 31.25 41.76
N6 A2M B 1824 43.65 31.86 42.34
N1 A2M B 1824 42.49 31.33 40.42
C2 A2M B 1824 41.42 30.73 39.88
N3 A2M B 1824 40.42 30.07 40.45
C4 A2M B 1824 40.57 30.05 41.79
OP2 A2M B 1824 40.74 27.29 47.08
P OMG B 1825 39.15 23.97 42.75
OP1 OMG B 1825 38.65 22.78 41.96
OP2 OMG B 1825 39.26 23.86 44.26
O5' OMG B 1825 40.58 24.37 42.20
C5' OMG B 1825 40.88 24.29 40.82
C4' OMG B 1825 41.81 25.39 40.40
O4' OMG B 1825 41.64 26.53 41.26
C3' OMG B 1825 43.30 25.08 40.50
O3' OMG B 1825 43.77 24.32 39.40
C2' OMG B 1825 43.92 26.46 40.60
O2' OMG B 1825 44.04 27.04 39.30
CM2 OMG B 1825 44.56 28.35 39.31
C1' OMG B 1825 42.86 27.23 41.37
N9 OMG B 1825 43.18 27.40 42.79
C8 OMG B 1825 42.50 26.87 43.85
N7 OMG B 1825 43.02 27.19 44.99
C5 OMG B 1825 44.08 27.99 44.68
C6 OMG B 1825 45.01 28.65 45.50
O6 OMG B 1825 45.07 28.66 46.72
N1 OMG B 1825 45.94 29.36 44.75
C2 OMG B 1825 45.97 29.44 43.40
N2 OMG B 1825 46.94 30.17 42.85
N3 OMG B 1825 45.10 28.83 42.63
C4 OMG B 1825 44.19 28.13 43.31
N1 OMC B 1826 48.35 26.35 42.07
C2 OMC B 1826 49.00 26.95 43.16
N3 OMC B 1826 48.44 26.84 44.37
C4 OMC B 1826 47.33 26.19 44.56
C5 OMC B 1826 46.64 25.57 43.49
C6 OMC B 1826 47.19 25.68 42.28
O2 OMC B 1826 50.04 27.56 42.97
N4 OMC B 1826 46.84 26.11 45.79
C1' OMC B 1826 48.91 26.45 40.70
C2' OMC B 1826 49.95 25.36 40.41
O2' OMC B 1826 50.90 25.88 39.50
CM2 OMC B 1826 52.02 26.45 40.12
C3' OMC B 1826 49.09 24.31 39.74
C4' OMC B 1826 48.13 25.15 38.92
O4' OMC B 1826 47.86 26.29 39.78
O3' OMC B 1826 49.83 23.39 38.95
C5' OMC B 1826 46.82 24.49 38.58
O5' OMC B 1826 46.22 23.91 39.73
P OMC B 1826 44.84 23.15 39.63
OP1 OMC B 1826 44.85 22.30 38.38
OP2 OMC B 1826 44.56 22.52 40.99
P A2M B 1862 75.17 18.91 18.02
OP1 A2M B 1862 76.48 19.64 18.06
O5' A2M B 1862 75.14 18.87 16.24
C5' A2M B 1862 74.38 19.78 15.64
C4' A2M B 1862 74.27 19.38 14.19
O4' A2M B 1862 73.52 18.20 14.10
C3' A2M B 1862 73.57 20.44 13.39
O3' A2M B 1862 74.48 21.48 13.22
C2' A2M B 1862 73.07 19.62 12.20
O2' A2M B 1862 74.07 19.28 11.29
C1' A2M B 1862 72.66 18.37 13.01
CM' A2M B 1862 73.64 19.48 9.98
N9 A2M B 1862 71.31 18.39 13.47
C8 A2M B 1862 70.73 18.52 14.74
N7 A2M B 1862 69.40 18.49 14.69
C5 A2M B 1862 69.12 18.34 13.35
C6 A2M B 1862 67.97 18.24 12.61
N6 A2M B 1862 66.73 18.28 13.21
N1 A2M B 1862 67.97 18.10 11.27
C2 A2M B 1862 69.18 18.05 10.70
N3 A2M B 1862 70.39 18.13 11.24
C4 A2M B 1862 70.29 18.28 12.58
OP2 A2M B 1862 73.97 19.52 18.66
N1 OMC B 1883 57.05 28.08 43.49
C2 OMC B 1883 58.19 27.34 43.84
N3 OMC B 1883 58.85 26.69 42.86
C4 OMC B 1883 58.46 26.74 41.62
C5 OMC B 1883 57.31 27.47 41.22
C6 OMC B 1883 56.65 28.11 42.19
O2 OMC B 1883 58.56 27.30 45.00
N4 OMC B 1883 59.17 26.07 40.72
C1' OMC B 1883 56.24 28.82 44.49
C2' OMC B 1883 56.94 30.07 45.00
O2' OMC B 1883 56.63 30.21 46.39
CM2 OMC B 1883 57.20 29.24 47.22
C3' OMC B 1883 56.24 31.16 44.21
C4' OMC B 1883 54.83 30.63 44.10
O4' OMC B 1883 55.03 29.21 43.89
O3' OMC B 1883 56.31 32.44 44.83
C5' OMC B 1883 53.97 31.20 43.00
O5' OMC B 1883 54.75 31.65 41.91
P OMC B 1883 54.41 33.00 41.15
OP1 OMC B 1883 53.74 33.92 42.14
OP2 OMC B 1883 55.68 33.46 40.47
P OMG B 1885 63.36 34.23 45.94
OP1 OMG B 1885 63.88 35.04 47.12
OP2 OMG B 1885 62.57 34.91 44.85
O5' OMG B 1885 64.58 33.49 45.26
C5' OMG B 1885 65.48 32.68 46.01
C4' OMG B 1885 66.37 31.86 45.10
O4' OMG B 1885 65.54 30.93 44.37
C3' OMG B 1885 67.11 32.66 44.04
O3' OMG B 1885 68.34 33.18 44.51
C2' OMG B 1885 67.28 31.65 42.91
O2' OMG B 1885 68.35 30.77 43.18
CM2 OMG B 1885 68.51 29.76 42.22
C1' OMG B 1885 65.99 30.85 43.03
N9 OMG B 1885 64.91 31.37 42.17
C8 OMG B 1885 64.02 32.37 42.43
N7 OMG B 1885 63.19 32.56 41.46
C5 OMG B 1885 63.54 31.64 40.52
C6 OMG B 1885 62.98 31.37 39.25
O6 OMG B 1885 62.05 31.92 38.70
N1 OMG B 1885 63.66 30.33 38.61
C2 OMG B 1885 64.72 29.65 39.13
N2 OMG B 1885 65.25 28.67 38.38
N3 OMG B 1885 65.23 29.90 40.31
C4 OMG B 1885 64.61 30.89 40.94
N1 PSU B 2093 89.40 -12.24 32.24
C2 PSU B 2093 89.38 -11.12 33.05
N3 PSU B 2093 88.30 -10.86 33.85
C4 PSU B 2093 87.23 -11.72 33.86
C5 PSU B 2093 87.25 -12.84 33.04
C6 PSU B 2093 88.35 -13.09 32.24
O2 PSU B 2093 90.34 -10.36 33.03
O4 PSU B 2093 86.26 -11.49 34.57
C1' PSU B 2093 86.11 -13.80 33.03
C2' PSU B 2093 84.88 -13.28 32.28
O2' PSU B 2093 83.72 -13.75 32.92
C3' PSU B 2093 85.05 -13.94 30.91
C4' PSU B 2093 85.66 -15.28 31.27
O3' PSU B 2093 83.83 -14.07 30.21
O4' PSU B 2093 86.52 -14.99 32.40
C5' PSU B 2093 86.45 -15.96 30.18
O5' PSU B 2093 87.22 -15.03 29.44
P PSU B 2093 88.65 -15.42 28.87
OP1 PSU B 2093 88.58 -16.79 28.33
OP2 PSU B 2093 89.08 -14.30 28.02
P A2M B 2248 64.34 20.19 16.69
OP1 A2M B 2248 65.74 20.26 17.19
O5' A2M B 2248 63.64 20.38 18.33
C5' A2M B 2248 62.33 20.61 18.37
C4' A2M B 2248 61.97 21.41 19.60
O4' A2M B 2248 62.16 22.78 19.35
C3' A2M B 2248 60.51 21.19 19.96
O3' A2M B 2248 60.47 20.12 20.84
C2' A2M B 2248 59.98 22.56 20.36
O2' A2M B 2248 59.96 22.89 21.77
C1' A2M B 2248 60.96 23.46 19.58
CM' A2M B 2248 61.22 23.10 22.35
N9 A2M B 2248 60.45 23.90 18.33
C8 A2M B 2248 59.39 23.48 17.54
N7 A2M B 2248 59.27 24.18 16.41
C5 A2M B 2248 60.31 25.07 16.47
C6 A2M B 2248 60.75 26.07 15.64
N6 A2M B 2248 60.11 26.34 14.44
N1 A2M B 2248 61.81 26.85 15.93
C2 A2M B 2248 62.42 26.58 17.10
N3 A2M B 2248 62.13 25.66 18.03
C4 A2M B 2248 61.05 24.94 17.65
OP2 A2M B 2248 63.89 18.98 15.94
N1 OMC B 2265 68.35 14.12 8.84
C2 OMC B 2265 69.00 14.44 10.05
N3 OMC B 2265 68.24 14.69 11.12
C4 OMC B 2265 66.93 14.66 11.07
C5 OMC B 2265 66.23 14.36 9.87
C6 OMC B 2265 66.99 14.11 8.81
O2 OMC B 2265 70.21 14.47 10.09
N4 OMC B 2265 66.25 14.92 12.19
C1' OMC B 2265 69.09 13.85 7.60
C2' OMC B 2265 69.76 12.47 7.60
O2' OMC B 2265 70.98 12.57 6.89
CM2 OMC B 2265 72.11 12.65 7.72
C3' OMC B 2265 68.75 11.64 6.82
C4' OMC B 2265 68.21 12.63 5.81
O4' OMC B 2265 68.18 13.88 6.52
O3' OMC B 2265 69.31 10.50 6.22
C5' OMC B 2265 66.84 12.32 5.27
O5' OMC B 2265 65.95 12.06 6.34
P OMC B 2265 64.38 11.99 6.08
OP1 OMC B 2265 64.14 10.89 5.06
OP2 OMC B 2265 63.66 11.94 7.41
P A2M B 2276 60.29 -0.89 16.00
OP1 A2M B 2276 59.94 0.08 17.09
O5' A2M B 2276 58.57 -1.41 15.79
C5' A2M B 2276 57.65 -0.44 15.86
C4' A2M B 2276 56.33 -1.03 16.34
O4' A2M B 2276 56.24 -2.35 15.89
C3' A2M B 2276 56.25 -1.06 17.86
O3' A2M B 2276 55.83 0.21 18.24
C2' A2M B 2276 55.34 -2.23 18.13
O2' A2M B 2276 53.99 -1.93 17.92
C1' A2M B 2276 55.82 -3.13 16.98
CM' A2M B 2276 53.18 -2.70 18.74
N9 A2M B 2276 56.85 -4.11 17.24
C8 A2M B 2276 58.11 -4.33 16.69
N7 A2M B 2276 58.74 -5.39 17.21
C5 A2M B 2276 57.84 -5.87 18.15
C6 A2M B 2276 57.85 -6.91 19.03
N6 A2M B 2276 58.93 -7.76 19.13
N1 A2M B 2276 56.82 -7.19 19.87
C2 A2M B 2276 55.77 -6.35 19.77
N3 A2M B 2276 55.58 -5.29 18.98
C4 A2M B 2276 56.66 -5.09 18.18
OP2 A2M B 2276 61.25 -1.99 16.29
N1 OMC B 2285 67.93 14.03 31.85
C2 OMC B 2285 67.45 12.99 32.65
N3 OMC B 2285 68.35 12.21 33.29
C4 OMC B 2285 69.63 12.42 33.17
C5 OMC B 2285 70.16 13.45 32.36
C6 OMC B 2285 69.26 14.22 31.73
O2 OMC B 2285 66.26 12.81 32.75
N4 OMC B 2285 70.46 11.60 33.82
C1' OMC B 2285 67.01 14.92 31.10
C2' OMC B 2285 66.35 15.98 32.00
O2' OMC B 2285 65.03 16.20 31.53
CM2 OMC B 2285 64.12 15.22 31.97
C3' OMC B 2285 67.23 17.19 31.73
C4' OMC B 2285 67.56 17.03 30.26
O4' OMC B 2285 67.76 15.60 30.12
O3' OMC B 2285 66.59 18.42 32.00
C5' OMC B 2285 68.78 17.77 29.78
O5' OMC B 2285 69.97 17.21 30.33
P OMC B 2285 71.39 17.55 29.70
OP1 OMC B 2285 71.53 19.05 29.63
OP2 OMC B 2285 72.43 16.71 30.43
N1 OMU B 2298 33.43 12.93 45.33
C2 OMU B 2298 34.48 13.80 44.69
N3 OMU B 2298 35.92 13.54 44.96
C4 OMU B 2298 36.31 12.43 45.81
C5 OMU B 2298 35.26 11.57 46.43
C6 OMU B 2298 33.83 11.83 46.17
O2 OMU B 2298 34.14 14.72 43.99
O4 OMU B 2298 37.40 12.22 46.00
C1' OMU B 2298 32.00 13.21 45.05
C2' OMU B 2298 31.61 12.67 43.69
O2' OMU B 2298 30.56 13.46 43.18
CM2 OMU B 2298 30.98 14.52 42.38
C3' OMU B 2298 31.11 11.28 44.07
C4' OMU B 2298 30.35 11.59 45.35
O3' OMU B 2298 30.34 10.65 43.07
O4' OMU B 2298 31.21 12.55 46.01
C5' OMU B 2298 30.08 10.42 46.25
O5' OMU B 2298 31.24 9.63 46.45
P OMU B 2298 31.29 8.51 47.57
OP1 OMU B 2298 30.08 7.65 47.42
OP2 OMU B 2298 32.67 7.90 47.57
N1 PSU B 2300 37.46 9.25 39.30
C2 PSU B 2300 38.59 8.75 39.90
N3 PSU B 2300 39.84 9.17 39.48
C4 PSU B 2300 39.95 10.07 38.45
C5 PSU B 2300 38.80 10.55 37.85
C6 PSU B 2300 37.57 10.13 38.29
O2 PSU B 2300 38.50 7.95 40.82
O4 PSU B 2300 41.05 10.43 38.07
C1' PSU B 2300 38.91 11.55 36.74
C2' PSU B 2300 39.23 10.87 35.41
O2' PSU B 2300 40.00 11.77 34.63
C3' PSU B 2300 37.84 10.70 34.82
C4' PSU B 2300 37.14 11.97 35.27
O3' PSU B 2300 37.84 10.53 33.42
O4' PSU B 2300 37.67 12.22 36.59
C5' PSU B 2300 35.63 11.88 35.34
O5' PSU B 2300 35.23 10.66 35.95
P PSU B 2300 33.78 10.51 36.56
OP1 PSU B 2300 32.82 10.73 35.47
OP2 PSU B 2300 33.70 9.28 37.38
N1 OMC B 2322 39.19 -12.65 21.61
C2 OMC B 2322 39.55 -11.60 20.74
N3 OMC B 2322 39.85 -10.40 21.27
C4 OMC B 2322 39.79 -10.19 22.56
C5 OMC B 2322 39.41 -11.21 23.47
C6 OMC B 2322 39.12 -12.41 22.94
O2 OMC B 2322 39.60 -11.80 19.54
N4 OMC B 2322 40.09 -8.97 23.00
C1' OMC B 2322 38.81 -14.00 21.16
C2' OMC B 2322 39.96 -14.84 20.62
O2' OMC B 2322 39.48 -15.56 19.49
CM2 OMC B 2322 39.17 -14.78 18.38
C3' OMC B 2322 40.25 -15.78 21.76
C4' OMC B 2322 38.88 -15.97 22.41
O4' OMC B 2322 38.24 -14.69 22.25
O3' OMC B 2322 40.83 -17.01 21.35
C5' OMC B 2322 38.90 -16.34 23.87
O5' OMC B 2322 39.54 -15.32 24.63
P OMC B 2322 39.48 -15.31 26.21
OP1 OMC B 2322 39.87 -16.69 26.69
OP2 OMC B 2322 40.24 -14.09 26.70
P OMG B 2337 38.37 -19.23 -10.95
OP1 OMG B 2337 38.49 -19.12 -12.46
OP2 OMG B 2337 39.08 -20.35 -10.22
O5' OMG B 2337 38.86 -17.85 -10.32
C5' OMG B 2337 39.32 -17.78 -8.98
C4' OMG B 2337 39.51 -16.34 -8.57
O4' OMG B 2337 38.44 -15.56 -9.15
C3' OMG B 2337 39.43 -16.04 -7.09
O3' OMG B 2337 40.65 -16.27 -6.41
C2' OMG B 2337 38.99 -14.58 -7.06
O2' OMG B 2337 40.13 -13.72 -7.15
CM2 OMG B 2337 40.42 -13.03 -5.97
C1' OMG B 2337 38.20 -14.44 -8.37
N9 OMG B 2337 36.74 -14.33 -8.14
C8 OMG B 2337 35.98 -13.25 -8.50
N7 OMG B 2337 34.73 -13.41 -8.21
C5 OMG B 2337 34.66 -14.66 -7.64
C6 OMG B 2337 33.54 -15.35 -7.13
O6 OMG B 2337 32.38 -15.00 -7.09
N1 OMG B 2337 33.91 -16.60 -6.64
C2 OMG B 2337 35.17 -17.10 -6.62
N2 OMG B 2337 35.34 -18.32 -6.11
N3 OMG B 2337 36.20 -16.45 -7.11
C4 OMG B 2337 35.90 -15.24 -7.59
P OMG B 2415 35.03 -11.43 14.83
OP1 OMG B 2415 35.94 -11.49 13.61
OP2 OMG B 2415 34.10 -10.25 15.00
O5' OMG B 2415 34.14 -12.75 14.85
C5' OMG B 2415 34.69 -14.00 14.48
C4' OMG B 2415 33.74 -15.13 14.78
O4' OMG B 2415 33.17 -14.97 16.10
C3' OMG B 2415 32.53 -15.24 13.88
O3' OMG B 2415 32.80 -15.80 12.61
C2' OMG B 2415 31.59 -16.08 14.73
O2' OMG B 2415 32.01 -17.43 14.75
CM2 OMG B 2415 31.10 -18.28 15.41
C1' OMG B 2415 31.85 -15.47 16.11
N9 OMG B 2415 30.92 -14.36 16.38
C8 OMG B 2415 31.20 -13.02 16.36
N7 OMG B 2415 30.14 -12.31 16.63
C5 OMG B 2415 29.15 -13.22 16.82
C6 OMG B 2415 27.77 -13.03 17.14
O6 OMG B 2415 27.18 -11.99 17.32
N1 OMG B 2415 27.12 -14.25 17.25
C2 OMG B 2415 27.68 -15.48 17.08
N2 OMG B 2415 26.88 -16.53 17.21
N3 OMG B 2415 28.94 -15.64 16.78
C4 OMG B 2415 29.61 -14.50 16.66
N1 PSU B 2425 35.57 3.01 -4.63
C2 PSU B 2425 36.05 4.01 -5.45
N3 PSU B 2425 37.39 4.15 -5.67
C4 PSU B 2425 38.26 3.31 -5.04
C5 PSU B 2425 37.78 2.30 -4.21
C6 PSU B 2425 36.41 2.17 -4.01
O2 PSU B 2425 35.29 4.78 -6.01
O4 PSU B 2425 39.46 3.45 -5.24
C1' PSU B 2425 38.74 1.39 -3.51
C2' PSU B 2425 39.38 2.26 -2.43
O2' PSU B 2425 40.72 1.87 -2.24
C3' PSU B 2425 38.53 1.90 -1.21
C4' PSU B 2425 38.30 0.41 -1.43
O3' PSU B 2425 39.18 2.18 0.02
O4' PSU B 2425 38.10 0.31 -2.87
C5' PSU B 2425 37.13 -0.18 -0.70
O5' PSU B 2425 35.96 0.58 -0.88
P PSU B 2425 34.58 0.09 -0.27
OP1 PSU B 2425 34.79 -0.32 1.12
OP2 PSU B 2425 33.64 1.17 -0.61
N1 PSU B 2427 34.98 8.63 0.65
C2 PSU B 2427 33.63 8.76 0.88
N3 PSU B 2427 32.95 9.87 0.45
C4 PSU B 2427 33.62 10.85 -0.23
C5 PSU B 2427 34.97 10.73 -0.46
C6 PSU B 2427 35.64 9.60 -0.03
O2 PSU B 2427 33.04 7.89 1.50
O4 PSU B 2427 33.01 11.84 -0.62
C1' PSU B 2427 35.72 11.77 -1.23
C2' PSU B 2427 35.95 13.08 -0.50
O2' PSU B 2427 35.88 14.13 -1.45
C3' PSU B 2427 37.37 12.91 0.00
C4' PSU B 2427 38.03 12.13 -1.13
O3' PSU B 2427 38.03 14.14 0.26
O4' PSU B 2427 36.98 11.25 -1.58
C5' PSU B 2427 39.23 11.33 -0.75
O5' PSU B 2427 38.91 10.39 0.25
P PSU B 2427 39.92 9.23 0.64
OP1 PSU B 2427 41.17 9.94 1.01
OP2 PSU B 2427 39.24 8.34 1.59
N1 PSU B 2483 21.01 -6.62 -16.35
C2 PSU B 2483 20.36 -5.60 -15.72
N3 PSU B 2483 19.06 -5.75 -15.27
C4 PSU B 2483 18.43 -6.95 -15.49
C5 PSU B 2483 19.08 -7.98 -16.15
C6 PSU B 2483 20.39 -7.80 -16.56
O2 PSU B 2483 20.94 -4.53 -15.52
O4 PSU B 2483 17.28 -7.09 -15.11
C1' PSU B 2483 18.39 -9.29 -16.36
C2' PSU B 2483 17.47 -9.36 -17.57
O2' PSU B 2483 16.34 -10.16 -17.23
C3' PSU B 2483 18.34 -10.09 -18.59
C4' PSU B 2483 19.15 -11.04 -17.72
O3' PSU B 2483 17.60 -10.77 -19.58
O4' PSU B 2483 19.38 -10.29 -16.51
C5' PSU B 2483 20.45 -11.48 -18.32
O5' PSU B 2483 21.11 -10.38 -18.92
P PSU B 2483 22.65 -10.46 -19.28
OP1 PSU B 2483 22.78 -11.49 -20.33
OP2 PSU B 2483 23.14 -9.09 -19.51
N1 OMC B 2489 5.69 13.40 -28.27
C2 OMC B 2489 6.40 12.21 -28.58
N3 OMC B 2489 7.63 12.05 -28.06
C4 OMC B 2489 8.18 12.94 -27.28
C5 OMC B 2489 7.51 14.14 -26.96
C6 OMC B 2489 6.28 14.31 -27.47
O2 OMC B 2489 5.96 11.32 -29.28
N4 OMC B 2489 9.40 12.71 -26.80
C1' OMC B 2489 4.33 13.85 -28.69
C2' OMC B 2489 3.77 13.23 -29.96
O2' OMC B 2489 4.26 13.86 -31.12
CM2 OMC B 2489 4.51 12.95 -32.17
C3' OMC B 2489 2.27 13.41 -29.74
C4' OMC B 2489 2.13 13.22 -28.23
O4' OMC B 2489 3.43 13.51 -27.67
O3' OMC B 2489 1.89 14.74 -30.08
C5' OMC B 2489 1.73 11.83 -27.82
O5' OMC B 2489 1.50 11.01 -28.95
P OMC B 2489 1.62 9.43 -28.85
OP1 OMC B 2489 0.84 8.82 -30.01
OP2 OMC B 2489 3.08 9.08 -28.66
P A2M B 2506 8.08 51.54 -37.84
OP1 A2M B 2506 7.89 52.94 -37.32
O5' A2M B 2506 9.83 51.80 -38.19
C5' A2M B 2506 10.55 52.43 -37.24
C4' A2M B 2506 12.04 52.25 -37.51
O4' A2M B 2506 12.34 50.88 -37.44
C3' A2M B 2506 12.43 52.73 -38.88
O3' A2M B 2506 12.47 54.12 -38.83
C2' A2M B 2506 13.70 51.94 -39.11
O2' A2M B 2506 14.78 52.38 -38.32
C1' A2M B 2506 13.18 50.62 -38.55
CM' A2M B 2506 15.97 51.80 -38.77
N9 A2M B 2506 12.48 49.76 -39.46
C8 A2M B 2506 11.14 49.45 -39.63
N7 A2M B 2506 10.91 48.58 -40.61
C5 A2M B 2506 12.19 48.32 -41.09
C6 A2M B 2506 12.67 47.53 -42.10
N6 A2M B 2506 11.84 46.75 -42.89
N1 A2M B 2506 13.98 47.44 -42.39
C2 A2M B 2506 14.79 48.19 -41.61
N3 A2M B 2506 14.50 49.02 -40.62
C4 A2M B 2506 13.17 49.04 -40.39
OP2 A2M B 2506 7.26 51.07 -39.00
P OMG B 2532 5.01 13.19 -36.71
OP1 OMG B 2532 4.49 11.78 -37.01
OP2 OMG B 2532 4.22 14.09 -35.77
O5' OMG B 2532 6.49 13.06 -36.17
C5' OMG B 2532 7.52 12.56 -37.00
C4' OMG B 2532 8.88 12.92 -36.48
O4' OMG B 2532 9.07 14.35 -36.53
C3' OMG B 2532 9.14 12.58 -35.02
O3' OMG B 2532 9.47 11.21 -34.83
C2' OMG B 2532 10.28 13.53 -34.67
O2' OMG B 2532 11.51 13.04 -35.20
CM2 OMG B 2532 12.64 13.72 -34.72
C1' OMG B 2532 9.89 14.76 -35.46
N9 OMG B 2532 9.14 15.74 -34.65
C8 OMG B 2532 7.81 16.05 -34.75
N7 OMG B 2532 7.45 16.97 -33.91
C5 OMG B 2532 8.60 17.28 -33.22
C6 OMG B 2532 8.82 18.22 -32.19
O6 OMG B 2532 8.04 18.97 -31.65
N1 OMG B 2532 10.16 18.20 -31.79
C2 OMG B 2532 11.14 17.40 -32.30
N2 OMG B 2532 12.36 17.53 -31.77
N3 OMG B 2532 10.92 16.55 -33.26
C4 OMG B 2532 9.65 16.53 -33.68
P 5MC B 2570 8.84 -8.39 -2.83
OP1 5MC B 2570 9.78 -9.11 -1.90
OP2 5MC B 2570 7.81 -9.15 -3.64
O5' 5MC B 2570 8.05 -7.30 -1.98
C5' 5MC B 2570 8.73 -6.42 -1.10
C4' 5MC B 2570 7.88 -5.23 -0.75
O4' 5MC B 2570 7.16 -4.80 -1.92
C3' 5MC B 2570 6.79 -5.48 0.27
O3' 5MC B 2570 7.28 -5.47 1.59
C2' 5MC B 2570 5.79 -4.37 -0.03
O2' 5MC B 2570 6.17 -3.18 0.63
C1' 5MC B 2570 5.97 -4.15 -1.54
N1 5MC B 2570 4.85 -4.72 -2.34
C2 5MC B 2570 3.58 -4.16 -2.32
O2 5MC B 2570 3.33 -3.18 -1.63
N3 5MC B 2570 2.64 -4.73 -3.09
C4 5MC B 2570 2.90 -5.77 -3.83
N4 5MC B 2570 1.91 -6.28 -4.56
C5 5MC B 2570 4.19 -6.38 -3.88
C6 5MC B 2570 5.11 -5.79 -3.11
CM5 5MC B 2570 4.48 -7.57 -4.73
P A2M B 2573 11.46 -0.78 6.27
OP1 A2M B 2573 12.70 -1.10 7.02
O5' A2M B 2573 11.93 0.94 6.08
C5' A2M B 2573 13.11 1.17 5.53
C4' A2M B 2573 13.20 2.66 5.24
O4' A2M B 2573 14.51 2.97 4.84
C3' A2M B 2573 12.23 3.05 4.12
O3' A2M B 2573 11.24 3.87 4.67
C2' A2M B 2573 13.14 3.60 3.03
O2' A2M B 2573 12.65 4.75 2.40
C1' A2M B 2573 14.32 3.98 3.92
CM' A2M B 2573 12.63 4.56 1.01
N9 A2M B 2573 15.51 4.28 3.20
C8 A2M B 2573 16.10 3.68 2.09
N7 A2M B 2573 17.20 4.32 1.69
C5 A2M B 2573 17.30 5.36 2.59
C6 A2M B 2573 18.19 6.40 2.74
N6 A2M B 2573 19.26 6.54 1.90
N1 A2M B 2573 18.09 7.32 3.71
C2 A2M B 2573 17.04 7.17 4.52
N3 A2M B 2573 16.07 6.24 4.52
C4 A2M B 2573 16.26 5.37 3.52
OP2 A2M B 2573 10.13 -1.00 6.91
P OMG B 2580 0.15 -3.60 12.15
OP1 OMG B 2580 0.24 -5.13 12.02
OP2 OMG B 2580 1.27 -2.74 11.61
O5' OMG B 2580 -1.21 -3.13 11.45
C5' OMG B 2580 -2.46 -3.67 11.85
C4' OMG B 2580 -3.26 -4.08 10.64
O4' OMG B 2580 -2.61 -3.60 9.45
C3' OMG B 2580 -3.40 -5.57 10.43
O3' OMG B 2580 -4.43 -6.13 11.22
C2' OMG B 2580 -3.65 -5.68 8.93
O2' OMG B 2580 -5.03 -5.45 8.65
CM2 OMG B 2580 -5.36 -5.69 7.31
C1' OMG B 2580 -2.85 -4.50 8.38
N9 OMG B 2580 -1.56 -4.88 7.80
C8 OMG B 2580 -0.36 -4.32 8.11
N7 OMG B 2580 0.63 -4.81 7.45
C5 OMG B 2580 0.06 -5.74 6.63
C6 OMG B 2580 0.65 -6.60 5.67
O6 OMG B 2580 1.82 -6.69 5.35
N1 OMG B 2580 -0.31 -7.40 5.05
C2 OMG B 2580 -1.65 -7.37 5.32
N2 OMG B 2580 -2.42 -8.22 4.62
N3 OMG B 2580 -2.19 -6.59 6.20
C4 OMG B 2580 -1.31 -5.79 6.82
N1 OMC B 2596 0.38 -10.76 1.36
C2 OMC B 2596 -0.10 -9.62 2.02
N3 OMC B 2596 0.77 -8.75 2.54
C4 OMC B 2596 2.06 -8.95 2.45
C5 OMC B 2596 2.60 -10.10 1.80
C6 OMC B 2596 1.71 -10.97 1.29
O2 OMC B 2596 -1.30 -9.43 2.11
N4 OMC B 2596 2.87 -8.06 2.99
C1' OMC B 2596 -0.48 -11.81 0.77
C2' OMC B 2596 -1.23 -11.36 -0.48
O2' OMC B 2596 -2.57 -11.79 -0.38
CM2 OMC B 2596 -3.43 -10.87 0.26
C3' OMC B 2596 -0.51 -12.13 -1.59
C4' OMC B 2596 -0.05 -13.38 -0.88
O4' OMC B 2596 0.31 -12.91 0.43
O3' OMC B 2596 -1.33 -12.43 -2.70
C5' OMC B 2596 1.12 -14.10 -1.50
O5' OMC B 2596 2.24 -13.25 -1.60
P OMC B 2596 3.65 -13.80 -2.07
OP1 OMC B 2596 3.45 -14.54 -3.38
OP2 OMC B 2596 4.66 -12.67 -1.99
C1' UY1 B 2606 12.93 10.65 -12.51
C2 UY1 B 2606 8.65 9.24 -12.11
C2' UY1 B 2606 13.82 10.26 -11.32
C3' UY1 B 2606 14.79 9.25 -11.96
C4 UY1 B 2606 10.36 11.13 -12.00
C4' UY1 B 2606 14.83 9.68 -13.40
C5 UY1 B 2606 11.44 10.15 -12.37
C5' UY1 B 2606 15.22 8.61 -14.39
C6 UY1 B 2606 11.11 8.72 -12.60
CM2 UY1 B 2606 13.67 12.40 -10.46
N1 UY1 B 2606 9.75 8.26 -12.48
N3 UY1 B 2606 8.97 10.67 -11.87
O2 UY1 B 2606 7.55 8.87 -12.00
O2' UY1 B 2606 14.52 11.43 -10.92
O3' UY1 B 2606 16.08 9.23 -11.37
O4 UY1 B 2606 10.63 12.24 -11.82
O4' UY1 B 2606 13.48 10.10 -13.67
O5' UY1 B 2606 15.29 9.15 -15.70
OP1 UY1 B 2606 16.44 10.05 -17.72
OP2 UY1 B 2606 17.42 10.38 -15.35
P UY1 B 2606 16.69 9.53 -16.34
N1 PSU B 2610 19.42 -5.37 -7.70
C2 PSU B 2610 20.60 -5.20 -8.37
N3 PSU B 2610 21.15 -6.26 -9.06
C4 PSU B 2610 20.50 -7.46 -9.09
C5 PSU B 2610 19.32 -7.62 -8.39
C6 PSU B 2610 18.78 -6.55 -7.71
O2 PSU B 2610 21.17 -4.12 -8.35
O4 PSU B 2610 21.01 -8.39 -9.72
C1' PSU B 2610 18.56 -8.91 -8.42
C2' PSU B 2610 19.21 -10.15 -7.80
O2' PSU B 2610 19.03 -11.24 -8.69
C3' PSU B 2610 18.38 -10.35 -6.53
C4' PSU B 2610 17.02 -9.79 -6.90
O3' PSU B 2610 18.29 -11.70 -6.12
O4' PSU B 2610 17.30 -8.71 -7.82
C5' PSU B 2610 16.21 -9.27 -5.74
O5' PSU B 2610 14.96 -8.77 -6.19
P PSU B 2610 14.30 -7.52 -5.47
OP1 PSU B 2610 13.51 -8.06 -4.37
OP2 PSU B 2610 15.34 -6.50 -5.23
P A2M B 2613 30.02 -12.80 -0.12
OP1 A2M B 2613 30.37 -13.86 0.86
O5' A2M B 2613 31.30 -11.61 -0.45
C5' A2M B 2613 32.43 -12.09 -0.98
C4' A2M B 2613 33.30 -10.94 -1.40
O4' A2M B 2613 32.80 -10.41 -2.59
C3' A2M B 2613 33.30 -9.83 -0.37
O3' A2M B 2613 34.14 -10.22 0.67
C2' A2M B 2613 33.66 -8.64 -1.22
O2' A2M B 2613 35.00 -8.60 -1.59
C1' A2M B 2613 32.81 -9.01 -2.42
CM' A2M B 2613 35.29 -7.41 -2.28
N9 A2M B 2613 31.45 -8.55 -2.41
C8 A2M B 2613 30.24 -9.20 -2.21
N7 A2M B 2613 29.20 -8.37 -2.28
C5 A2M B 2613 29.78 -7.15 -2.54
C6 A2M B 2613 29.29 -5.88 -2.74
N6 A2M B 2613 27.94 -5.61 -2.69
N1 A2M B 2613 30.09 -4.83 -2.99
C2 A2M B 2613 31.40 -5.10 -3.05
N3 A2M B 2613 32.04 -6.25 -2.88
C4 A2M B 2613 31.18 -7.25 -2.63
OP2 A2M B 2613 29.04 -11.73 0.27
P A2M B 2618 25.05 2.79 11.96
OP1 A2M B 2618 25.21 3.53 13.25
O5' A2M B 2618 23.36 2.38 11.52
C5' A2M B 2618 22.48 3.38 11.52
C4' A2M B 2618 21.13 2.89 11.03
O4' A2M B 2618 21.21 2.62 9.66
C3' A2M B 2618 20.68 1.63 11.70
O3' A2M B 2618 20.30 1.95 13.00
C2' A2M B 2618 19.65 1.14 10.72
O2' A2M B 2618 18.52 1.96 10.67
C1' A2M B 2618 20.53 1.40 9.47
CM' A2M B 2618 17.40 1.23 10.31
N9 A2M B 2618 21.49 0.40 9.17
C8 A2M B 2618 22.87 0.37 9.20
N7 A2M B 2618 23.39 -0.82 8.85
C5 A2M B 2618 22.28 -1.57 8.57
C6 A2M B 2618 22.08 -2.87 8.15
N6 A2M B 2618 23.14 -3.72 7.92
N1 A2M B 2618 20.86 -3.39 7.95
C2 A2M B 2618 19.83 -2.56 8.18
N3 A2M B 2618 19.83 -1.29 8.59
C4 A2M B 2618 21.09 -0.85 8.77
OP2 A2M B 2618 25.50 1.37 11.88
N1 OMC B 2629 23.09 -5.99 36.03
C2 OMC B 2629 23.17 -7.36 36.27
N3 OMC B 2629 24.39 -7.92 36.41
C4 OMC B 2629 25.48 -7.21 36.31
C5 OMC B 2629 25.45 -5.81 36.06
C6 OMC B 2629 24.23 -5.27 35.92
O2 OMC B 2629 22.15 -8.02 36.36
N4 OMC B 2629 26.65 -7.81 36.46
C1' OMC B 2629 21.81 -5.29 35.83
C2' OMC B 2629 21.03 -5.05 37.11
O2' OMC B 2629 19.65 -5.08 36.80
CM2 OMC B 2629 19.19 -6.32 36.31
C3' OMC B 2629 21.46 -3.63 37.45
C4' OMC B 2629 21.57 -2.97 36.09
O4' OMC B 2629 22.08 -4.02 35.25
O3' OMC B 2629 20.56 -2.96 38.32
C5' OMC B 2629 22.48 -1.78 36.01
O5' OMC B 2629 23.83 -2.16 36.23
P OMC B 2629 25.02 -1.12 36.06
OP1 OMC B 2629 24.56 0.20 36.66
OP2 OMC B 2629 26.28 -1.78 36.58
N1 PSU B 2632 27.46 -2.22 41.92
C2 PSU B 2632 28.60 -2.96 41.67
N3 PSU B 2632 29.07 -3.84 42.61
C4 PSU B 2632 28.42 -3.99 43.80
C5 PSU B 2632 27.27 -3.25 44.05
C6 PSU B 2632 26.81 -2.37 43.09
O2 PSU B 2632 29.17 -2.81 40.60
O4 PSU B 2632 28.86 -4.79 44.62
C1' PSU B 2632 26.52 -3.39 45.35
C2' PSU B 2632 27.32 -2.79 46.49
O2' PSU B 2632 26.92 -3.42 47.69
C3' PSU B 2632 26.83 -1.36 46.45
C4' PSU B 2632 25.35 -1.53 46.16
O3' PSU B 2632 27.09 -0.63 47.64
O4' PSU B 2632 25.31 -2.66 45.25
C5' PSU B 2632 24.67 -0.34 45.51
O5' PSU B 2632 23.28 -0.55 45.40
P PSU B 2632 22.59 -0.81 43.99
OP1 PSU B 2632 21.16 -0.72 44.32
OP2 PSU B 2632 23.17 0.07 42.98
N1 PSU B 2639 42.74 12.63 45.38
C2 PSU B 2639 41.42 12.34 45.61
N3 PSU B 2639 40.44 13.03 44.94
C4 PSU B 2639 40.78 14.00 44.04
C5 PSU B 2639 42.13 14.29 43.82
C6 PSU B 2639 43.09 13.58 44.51
O2 PSU B 2639 41.12 11.47 46.41
O4 PSU B 2639 39.91 14.61 43.44
C1' PSU B 2639 42.57 15.33 42.84
C2' PSU B 2639 42.17 16.77 43.18
O2' PSU B 2639 41.78 17.42 41.98
C3' PSU B 2639 43.50 17.34 43.67
C4' PSU B 2639 44.52 16.60 42.85
O3' PSU B 2639 43.60 18.74 43.53
O4' PSU B 2639 43.96 15.28 42.68
C5' PSU B 2639 45.91 16.49 43.43
O5' PSU B 2639 46.87 16.25 42.43
P PSU B 2639 48.18 15.44 42.73
OP1 PSU B 2639 49.36 16.32 42.59
OP2 PSU B 2639 47.97 14.70 43.99
N1 PSU B 2641 43.30 18.35 48.97
C2 PSU B 2641 44.40 17.82 49.58
N3 PSU B 2641 44.35 17.40 50.88
C4 PSU B 2641 43.17 17.48 51.56
C5 PSU B 2641 42.04 18.02 50.95
C6 PSU B 2641 42.13 18.44 49.63
O2 PSU B 2641 45.46 17.75 48.96
O4 PSU B 2641 43.13 17.10 52.73
C1' PSU B 2641 40.73 18.13 51.67
C2' PSU B 2641 40.76 19.17 52.77
O2' PSU B 2641 39.94 18.73 53.83
C3' PSU B 2641 40.10 20.36 52.09
C4' PSU B 2641 39.07 19.70 51.19
O3' PSU B 2641 39.53 21.29 52.97
O4' PSU B 2641 39.72 18.48 50.76
C5' PSU B 2641 38.65 20.51 50.00
O5' PSU B 2641 39.78 20.98 49.30
P PSU B 2641 39.63 21.84 47.98
OP1 PSU B 2641 38.66 22.91 48.24
OP2 PSU B 2641 41.01 22.14 47.56
P A2M B 2655 23.16 45.31 50.44
OP1 A2M B 2655 24.33 46.01 51.07
O5' A2M B 2655 22.24 44.19 51.51
C5' A2M B 2655 22.17 42.91 51.12
C4' A2M B 2655 20.75 42.43 51.32
O4' A2M B 2655 20.05 42.65 50.15
C3' A2M B 2655 20.69 40.95 51.64
O3' A2M B 2655 20.87 40.84 53.01
C2' A2M B 2655 19.35 40.56 51.09
O2' A2M B 2655 18.34 40.93 51.96
C1' A2M B 2655 19.32 41.50 49.87
CM' A2M B 2655 17.10 40.73 51.41
N9 A2M B 2655 19.76 41.00 48.61
C8 A2M B 2655 20.88 41.26 47.82
N7 A2M B 2655 20.89 40.56 46.67
C5 A2M B 2655 19.73 39.82 46.75
C6 A2M B 2655 19.13 38.89 45.92
N6 A2M B 2655 19.70 38.53 44.73
N1 A2M B 2655 17.96 38.29 46.23
C2 A2M B 2655 17.42 38.65 47.42
N3 A2M B 2655 17.86 39.51 48.32
C4 A2M B 2655 19.01 40.07 47.94
OP2 A2M B 2655 23.40 44.27 49.39
N1 OMC B 2657 13.03 32.58 57.24
C2 OMC B 2657 11.82 32.42 57.95
N3 OMC B 2657 11.07 33.50 58.19
C4 OMC B 2657 11.43 34.69 57.77
C5 OMC B 2657 12.64 34.91 57.05
C6 OMC B 2657 13.38 33.82 56.83
O2 OMC B 2657 11.49 31.31 58.34
N4 OMC B 2657 10.64 35.72 58.03
C1' OMC B 2657 13.91 31.44 56.93
C2' OMC B 2657 13.40 30.61 55.77
O2' OMC B 2657 13.84 29.27 55.94
CM2 OMC B 2657 12.79 28.34 55.98
C3' OMC B 2657 14.14 31.25 54.61
C4' OMC B 2657 15.49 31.55 55.21
O4' OMC B 2657 15.18 31.94 56.57
O3' OMC B 2657 14.20 30.46 53.44
C5' OMC B 2657 16.28 32.64 54.55
O5' OMC B 2657 15.51 33.82 54.44
P OMC B 2657 16.13 35.23 54.82
OP1 OMC B 2657 14.98 36.21 55.00
OP2 OMC B 2657 17.14 35.02 55.93
N1 PSU B 2672 1.55 38.82 57.76
C2 PSU B 2672 2.00 37.61 57.28
N3 PSU B 2672 1.18 36.51 57.28
C4 PSU B 2672 -0.10 36.62 57.75
C5 PSU B 2672 -0.55 37.84 58.23
C6 PSU B 2672 0.30 38.93 58.23
O2 PSU B 2672 3.15 37.51 56.85
O4 PSU B 2672 -0.84 35.66 57.76
C1' PSU B 2672 -1.96 37.94 58.75
C2' PSU B 2672 -1.98 37.49 60.21
O2' PSU B 2672 -3.24 36.89 60.45
C3' PSU B 2672 -1.88 38.82 60.92
C4' PSU B 2672 -2.73 39.72 60.05
O3' PSU B 2672 -2.30 38.77 62.27
O4' PSU B 2672 -2.43 39.27 58.71
C5' PSU B 2672 -2.43 41.19 60.16
O5' PSU B 2672 -1.03 41.45 60.04
P PSU B 2672 -0.49 42.92 59.84
OP1 PSU B 2672 -1.09 43.79 60.86
OP2 PSU B 2672 0.98 42.78 59.72
N1 OMC B 2675 9.00 33.67 65.46
C2 OMC B 2675 9.41 34.96 65.14
N3 OMC B 2675 9.41 35.90 66.10
C4 OMC B 2675 9.03 35.62 67.33
C5 OMC B 2675 8.60 34.31 67.70
C6 OMC B 2675 8.61 33.38 66.73
O2 OMC B 2675 9.77 35.20 64.00
N4 OMC B 2675 9.05 36.58 68.24
C1' OMC B 2675 9.00 32.59 64.45
C2' OMC B 2675 10.40 32.04 64.23
O2' OMC B 2675 10.50 31.57 62.89
CM2 OMC B 2675 11.21 32.45 62.06
C3' OMC B 2675 10.40 30.88 65.20
C4' OMC B 2675 8.99 30.33 65.07
O4' OMC B 2675 8.19 31.52 64.90
O3' OMC B 2675 11.41 29.91 64.96
C5' OMC B 2675 8.48 29.53 66.23
O5' OMC B 2675 7.28 28.86 65.92
P OMC B 2675 5.91 29.25 66.61
OP1 OMC B 2675 5.59 28.26 67.71
OP2 OMC B 2675 5.96 30.73 66.92
P OMG B 2687 14.26 23.79 41.65
OP1 OMG B 2687 13.52 23.56 40.36
OP2 OMG B 2687 15.71 24.26 41.61
O5' OMG B 2687 13.44 24.83 42.52
C5' OMG B 2687 13.43 26.20 42.18
C4' OMG B 2687 13.50 27.08 43.40
O4' OMG B 2687 14.36 26.48 44.41
C3' OMG B 2687 14.12 28.44 43.16
O3' OMG B 2687 13.23 29.31 42.53
C2' OMG B 2687 14.54 28.85 44.56
O2' OMG B 2687 13.40 29.25 45.31
CM2 OMG B 2687 13.70 30.25 46.25
C1' OMG B 2687 15.03 27.52 45.11
N9 OMG B 2687 16.49 27.35 44.91
C8 OMG B 2687 17.10 26.36 44.17
N7 OMG B 2687 18.39 26.48 44.20
C5 OMG B 2687 18.64 27.58 44.97
C6 OMG B 2687 19.86 28.18 45.34
O6 OMG B 2687 20.99 27.85 45.06
N1 OMG B 2687 19.63 29.30 46.15
C2 OMG B 2687 18.42 29.76 46.53
N2 OMG B 2687 18.40 30.85 47.31
N3 OMG B 2687 17.31 29.20 46.19
C4 OMG B 2687 17.46 28.13 45.41
N1 PSU B 2708 14.50 33.97 -7.40
C2 PSU B 2708 13.33 34.69 -7.39
N3 PSU B 2708 12.12 34.06 -7.52
C4 PSU B 2708 12.09 32.70 -7.68
C5 PSU B 2708 13.27 31.98 -7.69
C6 PSU B 2708 14.47 32.64 -7.54
O2 PSU B 2708 13.37 35.91 -7.25
O4 PSU B 2708 11.01 32.13 -7.79
C1' PSU B 2708 13.26 30.49 -7.82
C2' PSU B 2708 12.90 30.00 -9.23
O2' PSU B 2708 12.15 28.81 -9.09
C3' PSU B 2708 14.28 29.69 -9.80
C4' PSU B 2708 15.04 29.19 -8.59
O3' PSU B 2708 14.24 28.76 -10.86
O4' PSU B 2708 14.53 29.98 -7.50
C5' PSU B 2708 16.54 29.31 -8.66
O5' PSU B 2708 16.93 30.67 -8.70
P PSU B 2708 18.47 31.07 -8.64
OP1 PSU B 2708 19.21 30.36 -9.71
OP2 PSU B 2708 18.39 32.54 -8.62
N1 OMU B 2713 10.74 45.39 -15.02
C2 OMU B 2713 12.11 45.03 -14.53
N3 OMU B 2713 12.53 43.61 -14.44
C4 OMU B 2713 11.60 42.58 -14.84
C5 OMU B 2713 10.25 42.94 -15.35
C6 OMU B 2713 9.83 44.35 -15.42
O2 OMU B 2713 12.88 45.91 -14.20
O4 OMU B 2713 11.92 41.49 -14.78
C1' OMU B 2713 10.35 46.81 -15.11
C2' OMU B 2713 10.79 47.45 -16.41
O2' OMU B 2713 11.13 48.80 -16.14
CM2 OMU B 2713 12.32 48.94 -15.42
C3' OMU B 2713 9.51 47.38 -17.23
C4' OMU B 2713 8.45 47.64 -16.18
O3' OMU B 2713 9.46 48.29 -18.31
O4' OMU B 2713 8.94 46.90 -15.04
C5' OMU B 2713 7.07 47.18 -16.53
O5' OMU B 2713 7.08 45.86 -17.05
P OMU B 2713 5.73 45.05 -17.24
OP1 OMU B 2713 4.82 45.87 -18.08
OP2 OMU B 2713 6.10 43.65 -17.65
P OMG B 2883 -6.76 34.29 17.75
OP1 OMG B 2883 -7.31 33.30 16.74
OP2 OMG B 2883 -5.98 33.79 18.95
O5' OMG B 2883 -5.86 35.34 16.98
C5' OMG B 2883 -5.11 36.31 17.68
C4' OMG B 2883 -3.66 36.28 17.28
O4' OMG B 2883 -3.01 35.15 17.91
C3' OMG B 2883 -3.39 36.06 15.80
O3' OMG B 2883 -3.51 37.26 15.05
C2' OMG B 2883 -1.99 35.49 15.80
O2' OMG B 2883 -1.03 36.53 15.98
CM2 OMG B 2883 0.27 36.07 16.24
C1' OMG B 2883 -2.01 34.63 17.05
N9 OMG B 2883 -2.31 33.21 16.78
C8 OMG B 2883 -3.42 32.52 17.20
N7 OMG B 2883 -3.39 31.29 16.83
C5 OMG B 2883 -2.22 31.14 16.14
C6 OMG B 2883 -1.65 30.01 15.51
O6 OMG B 2883 -2.11 28.88 15.43
N1 OMG B 2883 -0.43 30.32 14.91
C2 OMG B 2883 0.17 31.54 14.94
N2 OMG B 2883 1.35 31.64 14.32
N3 OMG B 2883 -0.35 32.58 15.53
C4 OMG B 2883 -1.52 32.33 16.11
C2 6MZ B 2907 -22.18 41.03 19.30
C4 6MZ B 2907 -20.85 42.26 17.85
C5 6MZ B 2907 -21.91 42.91 17.42
O1P 6MZ B 2907 -19.57 46.84 14.05
O2P 6MZ B 2907 -16.86 47.10 13.63
N9 6MZ B 2907 -19.80 42.73 17.19
N3 6MZ B 2907 -20.97 41.32 18.79
N1 6MZ B 2907 -23.27 41.70 18.86
C6 6MZ B 2907 -23.15 42.62 17.95
N6 6MZ B 2907 -24.38 43.30 17.51
C9 6MZ B 2907 -25.62 42.92 18.16
N7 6MZ B 2907 -21.52 43.78 16.49
C8 6MZ B 2907 -20.20 43.67 16.35
O5' 6MZ B 2907 -17.94 45.08 14.96
C5' 6MZ B 2907 -16.66 44.69 15.43
C4' 6MZ B 2907 -16.73 43.32 16.07
O4' 6MZ B 2907 -17.57 43.41 17.27
C1' 6MZ B 2907 -18.40 42.29 17.35
C2' 6MZ B 2907 -17.99 41.31 16.27
O2' 6MZ B 2907 -16.97 40.47 16.79
C3' 6MZ B 2907 -17.40 42.24 15.23
O3' 6MZ B 2907 -16.50 41.62 14.34
P 6MZ B 2907 -18.14 46.45 14.19
O3P 6MZ B 2907 -18.27 45.72 12.84
N1 OMU B 2914 -25.16 44.86 -3.71
C2 OMU B 2914 -23.93 45.57 -3.22
N3 OMU B 2914 -22.95 44.87 -2.34
C4 OMU B 2914 -23.21 43.50 -1.96
C5 OMU B 2914 -24.43 42.79 -2.44
C6 OMU B 2914 -25.40 43.50 -3.31
O2 OMU B 2914 -23.72 46.73 -3.56
O4 OMU B 2914 -22.47 42.95 -1.29
C1' OMU B 2914 -26.13 45.56 -4.58
C2' OMU B 2914 -25.69 45.55 -6.04
O2' OMU B 2914 -26.12 46.77 -6.63
CM2 OMU B 2914 -25.47 47.90 -6.14
C3' OMU B 2914 -26.49 44.39 -6.60
C4' OMU B 2914 -27.79 44.49 -5.83
O3' OMU B 2914 -26.69 44.44 -8.00
O4' OMU B 2914 -27.36 44.86 -4.51
C5' OMU B 2914 -28.61 43.23 -5.78
O5' OMU B 2914 -27.84 42.14 -5.31
P OMU B 2914 -28.48 40.69 -5.19
OP1 OMU B 2914 -29.08 40.33 -6.51
OP2 OMU B 2914 -27.46 39.80 -4.54
P OMG B 2915 -25.71 43.63 -8.97
OP1 OMG B 2915 -26.51 43.24 -10.20
OP2 OMG B 2915 -25.00 42.56 -8.15
O5' OMG B 2915 -24.64 44.72 -9.40
C5' OMG B 2915 -25.05 46.00 -9.85
C4' OMG B 2915 -23.87 46.88 -10.22
O4' OMG B 2915 -23.11 47.17 -9.03
C3' OMG B 2915 -22.89 46.26 -11.20
O3' OMG B 2915 -22.24 47.31 -11.93
C2' OMG B 2915 -21.86 45.63 -10.27
O2' OMG B 2915 -20.61 45.36 -10.85
CM2 OMG B 2915 -20.57 44.06 -11.40
C1' OMG B 2915 -21.78 46.70 -9.19
N9 OMG B 2915 -21.30 46.22 -7.89
C8 OMG B 2915 -21.60 45.04 -7.25
N7 OMG B 2915 -20.98 44.95 -6.11
C5 OMG B 2915 -20.24 46.09 -6.01
C6 OMG B 2915 -19.36 46.55 -5.00
O6 OMG B 2915 -19.05 46.00 -3.96
N1 OMG B 2915 -18.83 47.79 -5.32
C2 OMG B 2915 -19.09 48.50 -6.44
N2 OMG B 2915 -18.48 49.68 -6.58
N3 OMG B 2915 -19.89 48.09 -7.38
C4 OMG B 2915 -20.43 46.89 -7.11
N1 PSU B 2980 -34.67 69.34 -18.65
C2 PSU B 2980 -35.23 70.58 -18.85
N3 PSU B 2980 -35.16 71.19 -20.07
C4 PSU B 2980 -34.52 70.57 -21.10
C5 PSU B 2980 -33.94 69.32 -20.91
C6 PSU B 2980 -34.03 68.72 -19.66
O2 PSU B 2980 -35.81 71.14 -17.92
O4 PSU B 2980 -34.45 71.11 -22.20
C1' PSU B 2980 -33.24 68.63 -22.04
C2' PSU B 2980 -31.81 69.15 -22.18
O2' PSU B 2980 -31.47 69.12 -23.56
C3' PSU B 2980 -31.04 68.09 -21.42
C4' PSU B 2980 -31.78 66.82 -21.76
O3' PSU B 2980 -29.66 68.03 -21.76
O4' PSU B 2980 -33.17 67.24 -21.81
C5' PSU B 2980 -31.65 65.69 -20.77
O5' PSU B 2980 -32.25 66.03 -19.53
P PSU B 2980 -31.90 65.24 -18.20
OP1 PSU B 2980 -30.43 65.13 -18.13
OP2 PSU B 2980 -32.64 65.87 -17.10
N1 PSU B 2983 -28.82 76.66 -11.84
C2 PSU B 2983 -29.81 76.95 -10.93
N3 PSU B 2983 -29.84 78.17 -10.31
C4 PSU B 2983 -28.86 79.10 -10.59
C5 PSU B 2983 -27.87 78.80 -11.50
C6 PSU B 2983 -27.86 77.56 -12.12
O2 PSU B 2983 -30.68 76.12 -10.69
O4 PSU B 2983 -28.88 80.19 -10.03
C1' PSU B 2983 -26.80 79.81 -11.82
C2' PSU B 2983 -25.67 79.81 -10.79
O2' PSU B 2983 -25.21 81.15 -10.66
C3' PSU B 2983 -24.63 78.96 -11.50
C4' PSU B 2983 -24.80 79.38 -12.94
O3' PSU B 2983 -23.31 79.17 -11.03
O4' PSU B 2983 -26.23 79.53 -13.08
C5' PSU B 2983 -24.28 78.41 -13.97
O5' PSU B 2983 -24.46 77.07 -13.54
P PSU B 2983 -24.29 75.88 -14.57
OP1 PSU B 2983 -22.84 75.69 -14.80
OP2 PSU B 2983 -25.12 74.75 -14.11
N1 PSU B 2986 -27.17 72.93 -1.43
C2 PSU B 2986 -27.51 71.72 -2.00
N3 PSU B 2986 -28.63 71.06 -1.58
C4 PSU B 2986 -29.42 71.61 -0.60
C5 PSU B 2986 -29.06 72.81 -0.01
C6 PSU B 2986 -27.93 73.47 -0.46
O2 PSU B 2986 -26.81 71.24 -2.89
O4 PSU B 2986 -30.42 71.01 -0.23
C1' PSU B 2986 -29.90 73.43 1.06
C2' PSU B 2986 -29.80 72.67 2.38
O2' PSU B 2986 -31.07 72.75 3.03
C3' PSU B 2986 -28.77 73.50 3.13
C4' PSU B 2986 -29.13 74.91 2.70
O3' PSU B 2986 -28.80 73.33 4.53
O4' PSU B 2986 -29.50 74.76 1.31
C5' PSU B 2986 -28.04 75.93 2.84
O5' PSU B 2986 -26.90 75.56 2.07
P PSU B 2986 -25.83 76.66 1.64
OP1 PSU B 2986 -25.19 77.21 2.85
OP2 PSU B 2986 -25.05 75.95 0.62
N1 OMU B 2993 -14.92 67.25 3.79
C2 OMU B 2993 -14.43 66.02 3.10
N3 OMU B 2993 -14.95 64.68 3.50
C4 OMU B 2993 -15.93 64.59 4.56
C5 OMU B 2993 -16.40 65.81 5.25
C6 OMU B 2993 -15.89 67.13 4.85
O2 OMU B 2993 -13.61 66.10 2.21
O4 OMU B 2993 -16.34 63.58 4.87
C1' OMU B 2993 -14.40 68.58 3.41
C2' OMU B 2993 -14.97 69.02 2.06
O2' OMU B 2993 -14.03 69.92 1.47
CM2 OMU B 2993 -12.88 69.31 1.00
C3' OMU B 2993 -16.20 69.78 2.51
C4' OMU B 2993 -15.70 70.49 3.75
O3' OMU B 2993 -16.72 70.67 1.54
O4' OMU B 2993 -14.82 69.53 4.37
C5' OMU B 2993 -16.74 70.93 4.74
O5' OMU B 2993 -16.13 71.52 5.87
P OMU B 2993 -16.94 72.47 6.85
OP1 OMU B 2993 -16.03 72.87 7.96
OP2 OMU B 2993 -17.63 73.53 6.03
N1 PSU B 2999 -32.72 68.46 -4.37
C2 PSU B 2999 -32.12 69.69 -4.23
N3 PSU B 2999 -32.43 70.50 -3.18
C4 PSU B 2999 -33.36 70.09 -2.25
C5 PSU B 2999 -33.97 68.86 -2.39
C6 PSU B 2999 -33.63 68.05 -3.47
O2 PSU B 2999 -31.30 70.05 -5.06
O4 PSU B 2999 -33.64 70.82 -1.31
C1' PSU B 2999 -34.98 68.39 -1.39
C2' PSU B 2999 -36.34 69.03 -1.64
O2' PSU B 2999 -36.99 69.17 -0.40
C3' PSU B 2999 -37.02 67.97 -2.49
C4' PSU B 2999 -36.52 66.69 -1.86
O3' PSU B 2999 -38.43 68.07 -2.51
O4' PSU B 2999 -35.15 66.99 -1.50
C5' PSU B 2999 -36.56 65.47 -2.75
O5' PSU B 2999 -36.00 65.76 -4.02
P PSU B 2999 -35.68 64.60 -5.04
OP1 PSU B 2999 -36.97 64.00 -5.47
OP2 PSU B 2999 -34.76 65.15 -6.05
N1 PSU B 3040 -2.28 81.64 -31.41
C2 PSU B 3040 -2.71 80.59 -32.19
N3 PSU B 3040 -2.00 79.41 -32.24
C4 PSU B 3040 -0.85 79.30 -31.49
C5 PSU B 3040 -0.42 80.35 -30.72
C6 PSU B 3040 -1.16 81.52 -30.69
O2 PSU B 3040 -3.74 80.69 -32.85
O4 PSU B 3040 -0.21 78.25 -31.53
C1' PSU B 3040 0.82 80.20 -29.91
C2' PSU B 3040 2.05 80.43 -30.79
O2' PSU B 3040 3.06 79.52 -30.39
C3' PSU B 3040 2.44 81.86 -30.42
C4' PSU B 3040 2.05 81.94 -28.96
O3' PSU B 3040 3.81 82.14 -30.63
O4' PSU B 3040 0.86 81.15 -28.87
C5' PSU B 3040 1.78 83.34 -28.44
O5' PSU B 3040 0.75 83.97 -29.19
P PSU B 3040 0.17 85.38 -28.74
OP1 PSU B 3040 1.29 86.29 -28.47
OP2 PSU B 3040 -0.89 85.75 -29.69
N1 PSU B 3048 -3.15 75.51 -35.41
C2 PSU B 3048 -2.56 76.31 -34.45
N3 PSU B 3048 -1.39 75.93 -33.86
C4 PSU B 3048 -0.79 74.75 -34.23
C5 PSU B 3048 -1.38 73.95 -35.19
C6 PSU B 3048 -2.57 74.36 -35.77
O2 PSU B 3048 -3.10 77.36 -34.13
O4 PSU B 3048 0.26 74.43 -33.69
C1' PSU B 3048 -0.75 72.65 -35.62
C2' PSU B 3048 -0.83 71.61 -34.51
O2' PSU B 3048 0.30 70.77 -34.62
C3' PSU B 3048 -2.08 70.86 -34.91
C4' PSU B 3048 -1.95 70.82 -36.42
O3' PSU B 3048 -2.19 69.58 -34.32
O4' PSU B 3048 -1.40 72.13 -36.75
C5' PSU B 3048 -3.22 70.59 -37.19
O5' PSU B 3048 -4.19 71.58 -36.91
P PSU B 3048 -5.42 71.81 -37.88
OP1 PSU B 3048 -6.14 70.53 -37.99
OP2 PSU B 3048 -6.14 73.02 -37.45
P OMG B 3057 -17.05 56.40 -18.39
OP1 OMG B 3057 -17.75 55.08 -18.15
OP2 OMG B 3057 -16.77 57.35 -17.23
O5' OMG B 3057 -15.67 56.10 -19.12
C5' OMG B 3057 -15.60 55.17 -20.18
C4' OMG B 3057 -14.18 54.99 -20.64
O4' OMG B 3057 -13.69 56.25 -21.17
C3' OMG B 3057 -13.17 54.65 -19.55
O3' OMG B 3057 -13.16 53.26 -19.24
C2' OMG B 3057 -11.86 55.16 -20.12
O2' OMG B 3057 -11.33 54.22 -21.05
CM2 OMG B 3057 -10.12 53.66 -20.61
C1' OMG B 3057 -12.32 56.39 -20.89
N9 OMG B 3057 -12.14 57.62 -20.09
C8 OMG B 3057 -13.09 58.30 -19.38
N7 OMG B 3057 -12.59 59.34 -18.79
C5 OMG B 3057 -11.27 59.33 -19.11
C6 OMG B 3057 -10.22 60.22 -18.77
O6 OMG B 3057 -10.27 61.21 -18.07
N1 OMG B 3057 -9.01 59.82 -19.33
C2 OMG B 3057 -8.83 58.74 -20.12
N2 OMG B 3057 -7.59 58.52 -20.57
N3 OMG B 3057 -9.79 57.92 -20.45
C4 OMG B 3057 -10.97 58.27 -19.93
P OMG B 3079 10.20 45.52 22.73
OP1 OMG B 3079 9.90 46.55 23.80
OP2 OMG B 3079 11.16 44.37 23.02
O5' OMG B 3079 8.83 44.89 22.25
C5' OMG B 3079 7.74 45.71 21.86
C4' OMG B 3079 6.59 44.86 21.39
O4' OMG B 3079 7.02 44.09 20.24
C3' OMG B 3079 6.11 43.82 22.39
O3' OMG B 3079 5.19 44.34 23.32
C2' OMG B 3079 5.54 42.73 21.50
O2' OMG B 3079 4.22 43.07 21.09
CM2 OMG B 3079 3.48 41.95 20.68
C1' OMG B 3079 6.45 42.80 20.28
N9 OMG B 3079 7.54 41.82 20.34
C8 OMG B 3079 8.82 42.01 20.78
N7 OMG B 3079 9.54 40.94 20.70
C5 OMG B 3079 8.70 39.99 20.18
C6 OMG B 3079 8.91 38.63 19.86
O6 OMG B 3079 9.93 37.98 19.98
N1 OMG B 3079 7.76 38.05 19.34
C2 OMG B 3079 6.58 38.67 19.15
N2 OMG B 3079 5.58 37.94 18.65
N3 OMG B 3079 6.37 39.93 19.44
C4 OMG B 3079 7.45 40.53 19.95
N1 PSU B 3090 -10.79 27.87 33.93
C2 PSU B 3090 -10.44 27.03 32.91
N3 PSU B 3090 -11.34 26.76 31.90
C4 PSU B 3090 -12.58 27.34 31.93
C5 PSU B 3090 -12.92 28.19 32.97
C6 PSU B 3090 -12.00 28.46 33.96
O2 PSU B 3090 -9.34 26.51 32.89
O4 PSU B 3090 -13.38 27.09 31.03
C1' PSU B 3090 -14.25 28.88 33.00
C2' PSU B 3090 -15.49 28.06 33.31
O2' PSU B 3090 -16.51 28.43 32.40
C3' PSU B 3090 -15.85 28.51 34.71
C4' PSU B 3090 -15.40 29.97 34.72
O3' PSU B 3090 -17.22 28.39 35.02
O4' PSU B 3090 -14.21 29.96 33.90
C5' PSU B 3090 -15.06 30.54 36.07
O5' PSU B 3090 -14.00 29.81 36.68
P PSU B 3090 -13.46 30.19 38.12
OP1 PSU B 3090 -14.62 30.46 39.00
OP2 PSU B 3090 -12.49 29.15 38.46
N1 PSU B 3118 -30.64 15.19 34.40
C2 PSU B 3118 -29.77 14.50 35.20
N3 PSU B 3118 -29.83 14.64 36.56
C4 PSU B 3118 -30.77 15.47 37.13
C5 PSU B 3118 -31.65 16.16 36.31
C6 PSU B 3118 -31.57 16.00 34.94
O2 PSU B 3118 -28.93 13.76 34.70
O4 PSU B 3118 -30.82 15.59 38.34
C1' PSU B 3118 -32.68 17.08 36.89
C2' PSU B 3118 -32.02 18.37 37.36
O2' PSU B 3118 -32.76 18.87 38.47
C3' PSU B 3118 -32.22 19.26 36.15
C4' PSU B 3118 -33.62 18.87 35.71
O3' PSU B 3118 -32.09 20.63 36.42
O4' PSU B 3118 -33.65 17.43 35.93
C5' PSU B 3118 -33.97 19.18 34.28
O5' PSU B 3118 -33.00 18.64 33.39
P PSU B 3118 -33.39 18.29 31.89
OP1 PSU B 3118 -33.79 19.51 31.18
OP2 PSU B 3118 -32.31 17.44 31.35
N1 PSU B 3129 -7.49 29.89 25.49
C2 PSU B 3129 -6.49 29.81 26.45
N3 PSU B 3129 -6.42 30.75 27.45
C4 PSU B 3129 -7.35 31.77 27.50
C5 PSU B 3129 -8.33 31.84 26.53
C6 PSU B 3129 -8.39 30.88 25.53
O2 PSU B 3129 -5.68 28.90 26.41
O4 PSU B 3129 -7.28 32.60 28.39
C1' PSU B 3129 -9.37 32.92 26.57
C2' PSU B 3129 -8.90 34.31 26.18
O2' PSU B 3129 -9.52 35.24 27.06
C3' PSU B 3129 -9.47 34.47 24.78
C4' PSU B 3129 -10.74 33.65 24.82
O3' PSU B 3129 -9.70 35.81 24.42
O4' PSU B 3129 -10.44 32.56 25.72
C5' PSU B 3129 -11.20 33.09 23.50
O5' PSU B 3129 -10.20 32.25 22.94
P PSU B 3129 -10.56 31.26 21.75
OP1 PSU B 3129 -11.09 32.07 20.65
OP2 PSU B 3129 -9.46 30.31 21.49
P 5MC B 3134 9.70 39.35 28.66
OP1 5MC B 3134 11.07 39.90 28.99
OP2 5MC B 3134 8.49 40.26 28.67
O5' 5MC B 3134 9.79 38.70 27.21
C5' 5MC B 3134 10.76 37.70 26.93
C4' 5MC B 3134 10.88 37.48 25.44
O4' 5MC B 3134 9.68 36.90 24.92
C3' 5MC B 3134 11.11 38.73 24.59
O3' 5MC B 3134 12.47 38.96 24.31
C2' 5MC B 3134 10.26 38.50 23.32
O2' 5MC B 3134 11.09 38.43 22.17
C1' 5MC B 3134 9.67 37.12 23.55
N1 5MC B 3134 8.27 36.99 23.04
C2 5MC B 3134 7.85 35.75 22.62
O2 5MC B 3134 8.62 34.81 22.68
N3 5MC B 3134 6.60 35.61 22.15
C4 5MC B 3134 5.80 36.64 22.08
N4 5MC B 3134 4.58 36.44 21.61
C5 5MC B 3134 6.18 37.94 22.49
C6 5MC B 3134 7.44 38.06 22.97
CM5 5MC B 3134 5.23 39.07 22.41
N1 OMC B 3143 15.12 8.14 35.43
C2 OMC B 3143 15.76 9.28 35.97
N3 OMC B 3143 15.04 10.40 36.06
C4 OMC B 3143 13.79 10.46 35.68
C5 OMC B 3143 13.13 9.35 35.13
C6 OMC B 3143 13.85 8.22 35.02
O2 OMC B 3143 16.91 9.23 36.33
N4 OMC B 3143 13.16 11.62 35.80
C1' OMC B 3143 15.81 6.84 35.27
C2' OMC B 3143 16.10 6.18 36.61
O2' OMC B 3143 17.35 5.51 36.51
CM2 OMC B 3143 18.43 6.38 36.71
C3' OMC B 3143 14.97 5.17 36.71
C4' OMC B 3143 14.76 4.76 35.27
O4' OMC B 3143 14.98 5.98 34.53
O3' OMC B 3143 15.27 4.06 37.54
C5' OMC B 3143 13.40 4.23 34.94
O5' OMC B 3143 12.39 5.13 35.37
P OMC B 3143 10.89 4.95 34.91
OP1 OMC B 3143 10.45 3.57 35.37
OP2 OMC B 3143 10.11 6.18 35.35
N1 PSU B 3144 13.26 8.59 38.69
C2 PSU B 3144 12.86 9.90 38.85
N3 PSU B 3144 13.64 10.79 39.53
C4 PSU B 3144 14.83 10.35 40.06
C5 PSU B 3144 15.22 9.04 39.91
C6 PSU B 3144 14.42 8.16 39.21
O2 PSU B 3144 11.80 10.28 38.37
O4 PSU B 3144 15.54 11.13 40.68
C1' PSU B 3144 16.53 8.55 40.46
C2' PSU B 3144 16.57 8.20 41.94
O2' PSU B 3144 17.83 8.59 42.45
C3' PSU B 3144 16.45 6.69 41.91
C4' PSU B 3144 17.17 6.31 40.63
O3' PSU B 3144 17.01 6.05 43.04
O4' PSU B 3144 16.91 7.41 39.73
C5' PSU B 3144 16.72 5.03 40.00
O5' PSU B 3144 15.31 5.00 39.87
P PSU B 3144 14.58 3.91 38.97
OP1 PSU B 3144 14.94 2.60 39.53
OP2 PSU B 3144 13.17 4.31 38.87
N1 PSU B 3158 -15.17 -4.50 58.27
C2 PSU B 3158 -15.70 -3.97 57.13
N3 PSU B 3158 -16.67 -3.00 57.20
C4 PSU B 3158 -17.12 -2.58 58.42
C5 PSU B 3158 -16.59 -3.13 59.57
C6 PSU B 3158 -15.61 -4.09 59.48
O2 PSU B 3158 -15.30 -4.34 56.04
O4 PSU B 3158 -17.99 -1.71 58.45
C1' PSU B 3158 -17.03 -2.70 60.95
C2' PSU B 3158 -18.51 -3.00 61.20
O2' PSU B 3158 -19.01 -2.02 62.09
C3' PSU B 3158 -18.43 -4.35 61.90
C4' PSU B 3158 -17.16 -4.21 62.72
O3' PSU B 3158 -19.56 -4.65 62.69
O4' PSU B 3158 -16.28 -3.42 61.89
C5' PSU B 3158 -16.49 -5.50 63.10
O5' PSU B 3158 -15.55 -5.29 64.15
P PSU B 3158 -14.34 -6.30 64.37
OP1 PSU B 3158 -14.62 -7.08 65.59
OP2 PSU B 3158 -14.08 -6.98 63.10
N1 PSU B 3180 3.19 -5.16 39.48
C2 PSU B 3180 3.03 -6.37 38.85
N3 PSU B 3180 3.87 -7.41 39.14
C4 PSU B 3180 4.85 -7.26 40.07
C5 PSU B 3180 5.01 -6.05 40.72
C6 PSU B 3180 4.16 -5.00 40.41
O2 PSU B 3180 2.15 -6.51 38.00
O4 PSU B 3180 5.59 -8.20 40.33
C1' PSU B 3180 6.09 -5.86 41.75
C2' PSU B 3180 7.43 -5.73 41.03
O2' PSU B 3180 8.43 -6.28 41.87
C3' PSU B 3180 7.57 -4.21 40.96
C4' PSU B 3180 6.99 -3.77 42.29
O3' PSU B 3180 8.90 -3.78 40.77
O4' PSU B 3180 5.88 -4.68 42.49
C5' PSU B 3180 6.50 -2.35 42.36
O5' PSU B 3180 5.56 -2.07 41.34
P PSU B 3180 4.19 -1.32 41.69
OP1 PSU B 3180 4.51 -0.06 42.37
OP2 PSU B 3180 3.38 -1.29 40.46
P OMG B 3181 9.51 -3.68 39.28
OP1 OMG B 3181 10.87 -3.00 39.38
OP2 OMG B 3181 8.45 -3.11 38.35
O5' OMG B 3181 9.77 -5.18 38.86
C5' OMG B 3181 10.72 -5.98 39.54
C4' OMG B 3181 10.96 -7.27 38.79
O4' OMG B 3181 9.78 -8.11 38.88
C3' OMG B 3181 11.19 -7.12 37.30
O3' OMG B 3181 12.53 -6.80 36.99
C2' OMG B 3181 10.74 -8.47 36.76
O2' OMG B 3181 11.74 -9.45 37.01
CM2 OMG B 3181 12.28 -10.01 35.84
C1' OMG B 3181 9.55 -8.75 37.66
N9 OMG B 3181 8.30 -8.22 37.08
C8 OMG B 3181 7.67 -7.06 37.43
N7 OMG B 3181 6.58 -6.87 36.75
C5 OMG B 3181 6.51 -7.94 35.92
C6 OMG B 3181 5.54 -8.28 34.94
O6 OMG B 3181 4.53 -7.67 34.62
N1 OMG B 3181 5.85 -9.48 34.33
C2 OMG B 3181 6.93 -10.27 34.60
N2 OMG B 3181 7.06 -11.39 33.89
N3 OMG B 3181 7.82 -9.95 35.49
C4 OMG B 3181 7.56 -8.80 36.11
N1 OMU B 3185 7.46 0.01 22.80
C2 OMU B 3185 6.59 0.45 23.95
N3 OMU B 3185 6.96 0.07 25.34
C4 OMU B 3185 8.16 -0.70 25.58
C5 OMU B 3185 9.02 -1.12 24.44
C6 OMU B 3185 8.64 -0.75 23.05
O2 OMU B 3185 5.59 1.09 23.73
O4 OMU B 3185 8.44 -0.98 26.64
C1' OMU B 3185 7.07 0.40 21.44
C2' OMU B 3185 7.76 1.70 21.00
O2' OMU B 3185 6.85 2.43 20.19
CM2 OMU B 3185 6.87 3.79 20.45
C3' OMU B 3185 8.91 1.18 20.17
C4' OMU B 3185 8.34 -0.06 19.52
O3' OMU B 3185 9.42 2.11 19.23
O4' OMU B 3185 7.48 -0.61 20.55
C5' OMU B 3185 9.34 -1.11 19.12
O5' OMU B 3185 10.26 -1.35 20.17
P OMU B 3185 11.05 -2.73 20.26
OP1 OMU B 3185 11.98 -2.79 19.09
OP2 OMU B 3185 11.58 -2.85 21.66
P OMG B 3186 10.91 2.66 19.36
OP1 OMG B 3186 11.13 3.70 18.28
OP2 OMG B 3186 11.85 1.47 19.46
O5' OMG B 3186 10.91 3.41 20.77
C5' OMG B 3186 12.13 3.68 21.44
C4' OMG B 3186 11.99 4.88 22.34
O4' OMG B 3186 11.84 6.07 21.53
C3' OMG B 3186 10.78 4.90 23.26
O3' OMG B 3186 10.99 4.15 24.45
C2' OMG B 3186 10.59 6.39 23.52
O2' OMG B 3186 11.50 6.85 24.50
CM2 OMG B 3186 10.90 7.61 25.51
C1' OMG B 3186 10.98 6.99 22.17
N9 OMG B 3186 9.83 7.23 21.30
C8 OMG B 3186 9.42 6.49 20.23
N7 OMG B 3186 8.35 6.97 19.66
C5 OMG B 3186 8.05 8.09 20.39
C6 OMG B 3186 7.00 9.01 20.25
O6 OMG B 3186 6.11 9.03 19.42
N1 OMG B 3186 7.06 10.01 21.22
C2 OMG B 3186 8.01 10.10 22.20
N2 OMG B 3186 7.91 11.13 23.04
N3 OMG B 3186 8.98 9.24 22.33
C4 OMG B 3186 8.96 8.26 21.41
N1 PSU B 3187 3.75 5.25 22.05
C2 PSU B 3187 3.12 6.37 21.54
N3 PSU B 3187 3.59 7.62 21.82
C4 PSU B 3187 4.70 7.77 22.62
C5 PSU B 3187 5.32 6.65 23.13
C6 PSU B 3187 4.83 5.39 22.83
O2 PSU B 3187 2.13 6.23 20.83
O4 PSU B 3187 5.14 8.89 22.87
C1' PSU B 3187 6.54 6.80 23.99
C2' PSU B 3187 6.20 6.91 25.47
O2' PSU B 3187 7.12 7.81 26.07
C3' PSU B 3187 6.44 5.49 25.96
C4' PSU B 3187 7.61 5.04 25.10
O3' PSU B 3187 6.75 5.43 27.34
O4' PSU B 3187 7.36 5.67 23.82
C5' PSU B 3187 7.78 3.56 24.92
O5' PSU B 3187 8.96 3.10 25.53
P PSU B 3187 10.25 2.74 24.66
OP1 PSU B 3187 11.09 1.89 25.51
OP2 PSU B 3187 9.85 2.26 23.33
N1 PSU B 3208 9.91 14.87 36.85
C2 PSU B 3208 10.15 13.54 37.11
N3 PSU B 3208 11.12 13.18 38.01
C4 PSU B 3208 11.84 14.14 38.65
C5 PSU B 3208 11.60 15.48 38.39
C6 PSU B 3208 10.60 15.83 37.48
O2 PSU B 3208 9.51 12.69 36.54
O4 PSU B 3208 12.71 13.84 39.45
C1' PSU B 3208 12.39 16.53 39.11
C2' PSU B 3208 13.71 16.81 38.38
O2' PSU B 3208 14.71 17.01 39.35
C3' PSU B 3208 13.39 18.11 37.66
C4' PSU B 3208 12.45 18.81 38.62
O3' PSU B 3208 14.55 18.87 37.38
O4' PSU B 3208 11.68 17.73 39.21
C5' PSU B 3208 11.50 19.82 38.00
O5' PSU B 3208 10.71 19.21 37.01
P PSU B 3208 9.36 19.87 36.50
OP1 PSU B 3208 9.72 21.26 36.16
OP2 PSU B 3208 8.74 19.00 35.50
P A2M B 3210 19.26 21.54 35.80
OP1 A2M B 3210 18.23 21.73 36.87
O5' A2M B 3210 20.97 21.85 36.30
C5' A2M B 3210 21.91 21.33 35.50
C4' A2M B 3210 23.27 21.94 35.80
O4' A2M B 3210 23.25 23.32 35.57
C3' A2M B 3210 23.70 21.78 37.24
O3' A2M B 3210 23.94 20.44 37.45
C2' A2M B 3210 24.86 22.73 37.27
O2' A2M B 3210 25.94 22.31 36.48
C1' A2M B 3210 24.11 23.86 36.54
CM' A2M B 3210 26.98 23.23 36.54
N9 A2M B 3210 23.36 24.70 37.41
C8 A2M B 3210 22.04 24.65 37.84
N7 A2M B 3210 21.73 25.65 38.68
C5 A2M B 3210 22.91 26.36 38.77
C6 A2M B 3210 23.29 27.49 39.45
N6 A2M B 3210 22.41 28.17 40.26
N1 A2M B 3210 24.53 27.99 39.38
C2 A2M B 3210 25.39 27.32 38.59
N3 A2M B 3210 25.20 26.23 37.87
C4 A2M B 3210 23.93 25.78 37.99
OP2 A2M B 3210 19.32 22.54 34.68
P UR3 B 3217 11.31 12.27 15.51
OP1 UR3 B 3217 10.75 11.81 14.23
OP2 UR3 B 3217 12.80 12.43 15.67
O5' UR3 B 3217 10.64 13.67 15.87
C5' UR3 B 3217 9.24 13.78 16.02
C4' UR3 B 3217 8.88 15.02 16.79
O4' UR3 B 3217 9.39 14.93 18.14
C1' UR3 B 3217 9.74 16.21 18.61
N1 UR3 B 3217 11.17 16.20 18.97
C6 UR3 B 3217 12.03 15.16 18.50
C2 UR3 B 3217 11.71 17.28 19.81
O2 UR3 B 3217 11.00 18.13 20.18
N3 UR3 B 3217 13.16 17.30 20.17
C3U UR3 B 3217 13.69 18.40 21.02
C4 UR3 B 3217 14.02 16.26 19.71
O4 UR3 B 3217 15.18 16.28 20.01
C5 UR3 B 3217 13.48 15.17 18.87
C2' UR3 B 3217 9.42 17.21 17.51
O2' UR3 B 3217 8.11 17.70 17.72
C3' UR3 B 3217 9.47 16.32 16.28
O3' UR3 B 3217 8.75 16.84 15.17
N1 PSU B 3219 20.04 21.00 14.81
C2 PSU B 3219 21.35 21.38 14.65
N3 PSU B 3219 21.66 22.50 13.93
C4 PSU B 3219 20.65 23.26 13.39
C5 PSU B 3219 19.33 22.87 13.56
C6 PSU B 3219 19.05 21.73 14.29
O2 PSU B 3219 22.25 20.70 15.14
O4 PSU B 3219 20.93 24.27 12.75
C1' PSU B 3219 18.21 23.68 12.97
C2' PSU B 3219 18.15 23.48 11.46
O2' PSU B 3219 17.60 24.65 10.88
C3' PSU B 3219 17.15 22.34 11.36
C4' PSU B 3219 16.15 22.71 12.43
O3' PSU B 3219 16.58 22.18 10.08
O4' PSU B 3219 16.97 23.26 13.49
C5' PSU B 3219 15.33 21.57 12.96
O5' PSU B 3219 16.16 20.51 13.39
P PSU B 3219 15.52 19.15 13.90
OP1 PSU B 3219 14.72 18.73 12.74
OP2 PSU B 3219 16.60 18.31 14.44
N1 OMC B 3223 16.21 10.31 1.63
C2 OMC B 3223 15.03 10.06 2.34
N3 OMC B 3223 14.46 11.08 3.02
C4 OMC B 3223 14.98 12.28 3.02
C5 OMC B 3223 16.17 12.57 2.31
C6 OMC B 3223 16.74 11.55 1.65
O2 OMC B 3223 14.54 8.95 2.34
N4 OMC B 3223 14.37 13.22 3.71
C1' OMC B 3223 16.92 9.27 0.86
C2' OMC B 3223 16.14 8.86 -0.40
O2' OMC B 3223 16.44 7.50 -0.67
CM2 OMC B 3223 15.57 6.61 -0.04
C3' OMC B 3223 16.80 9.75 -1.43
C4' OMC B 3223 18.25 9.72 -1.01
O4' OMC B 3223 18.17 9.77 0.44
O3' OMC B 3223 16.60 9.32 -2.76
C5' OMC B 3223 19.12 10.83 -1.52
O5' OMC B 3223 18.51 12.09 -1.32
P OMC B 3223 19.35 13.43 -1.51
OP1 OMC B 3223 19.84 13.46 -2.95
OP2 OMC B 3223 18.55 14.59 -0.94
N1 PSU B 3239 16.35 10.21 9.94
C2 PSU B 3239 16.80 11.43 9.50
N3 PSU B 3239 18.00 11.52 8.83
C4 PSU B 3239 18.73 10.40 8.59
C5 PSU B 3239 18.27 9.17 9.04
C6 PSU B 3239 17.06 9.10 9.71
O2 PSU B 3239 16.15 12.44 9.71
O4 PSU B 3239 19.80 10.47 7.99
C1' PSU B 3239 19.09 7.94 8.78
C2' PSU B 3239 20.14 7.78 9.87
O2' PSU B 3239 21.29 7.18 9.31
C3' PSU B 3239 19.45 6.82 10.82
C4' PSU B 3239 18.75 5.89 9.86
O3' PSU B 3239 20.34 6.13 11.69
O4' PSU B 3239 18.29 6.77 8.80
C5' PSU B 3239 17.58 5.12 10.41
O5' PSU B 3239 16.71 5.95 11.13
P PSU B 3239 15.31 5.41 11.65
OP1 PSU B 3239 15.58 4.16 12.38
OP2 PSU B 3239 14.60 6.53 12.29
P A2M B 3258 32.51 28.67 72.43
OP1 A2M B 3258 33.61 28.91 73.42
O5' A2M B 3258 31.38 30.02 72.17
C5' A2M B 3258 31.82 31.00 71.37
C4' A2M B 3258 30.64 31.84 70.91
O4' A2M B 3258 29.95 31.12 69.94
C3' A2M B 3258 29.70 32.10 72.06
O3' A2M B 3258 30.25 33.16 72.74
C2' A2M B 3258 28.37 32.27 71.35
O2' A2M B 3258 28.24 33.53 70.76
C1' A2M B 3258 28.60 31.21 70.26
CM' A2M B 3258 26.90 33.77 70.40
N9 A2M B 3258 28.13 29.89 70.52
C8 A2M B 3258 28.77 28.72 70.91
N7 A2M B 3258 27.93 27.68 71.03
C5 A2M B 3258 26.70 28.22 70.71
C6 A2M B 3258 25.43 27.71 70.62
N6 A2M B 3258 25.17 26.39 70.90
N1 A2M B 3258 24.36 28.47 70.26
C2 A2M B 3258 24.64 29.76 69.99
N3 A2M B 3258 25.80 30.42 70.01
C4 A2M B 3258 26.81 29.59 70.37
OP2 A2M B 3258 31.41 27.71 72.79
N1 PSU B 3263 33.33 28.73 88.02
C2 PSU B 3263 33.74 27.65 88.76
N3 PSU B 3263 35.02 27.15 88.61
C4 PSU B 3263 35.88 27.74 87.73
C5 PSU B 3263 35.47 28.83 86.98
C6 PSU B 3263 34.18 29.32 87.15
O2 PSU B 3263 32.96 27.12 89.54
O4 PSU B 3263 37.02 27.30 87.61
C1' PSU B 3263 36.39 29.53 86.04
C2' PSU B 3263 36.68 28.75 84.75
O2' PSU B 3263 38.00 29.06 84.34
C3' PSU B 3263 35.67 29.37 83.80
C4' PSU B 3263 35.62 30.83 84.24
O3' PSU B 3263 36.03 29.24 82.44
O4' PSU B 3263 35.81 30.76 85.68
C5' PSU B 3263 34.33 31.55 83.95
O5' PSU B 3263 33.23 30.85 84.48
P PSU B 3263 31.74 31.36 84.23
OP1 PSU B 3263 31.70 31.68 82.78
OP2 PSU B 3263 30.80 30.38 84.82
N1 PSU B 3266 30.53 18.08 84.77
C2 PSU B 3266 29.46 18.26 85.61
N3 PSU B 3266 29.20 17.36 86.62
C4 PSU B 3266 30.01 16.26 86.77
C5 PSU B 3266 31.09 16.08 85.91
C6 PSU B 3266 31.33 17.01 84.91
O2 PSU B 3266 28.75 19.25 85.47
O4 PSU B 3266 29.78 15.46 87.65
C1' PSU B 3266 32.00 14.90 86.06
C2' PSU B 3266 31.35 13.61 85.56
O2' PSU B 3266 31.81 12.54 86.36
C3' PSU B 3266 31.91 13.52 84.16
C4' PSU B 3266 33.32 14.03 84.35
O3' PSU B 3266 31.87 12.20 83.62
O4' PSU B 3266 33.18 15.09 85.31
C5' PSU B 3266 34.00 14.56 83.11
O5' PSU B 3266 33.21 15.57 82.50
P PSU B 3266 33.83 16.52 81.39
OP1 PSU B 3266 34.30 15.64 80.31
OP2 PSU B 3266 32.87 17.59 81.11
P A2M B 3277 6.73 0.90 66.04
OP1 A2M B 3277 5.90 2.05 66.49
O5' A2M B 3277 5.78 -0.50 65.34
C5' A2M B 3277 6.47 -1.40 64.63
C4' A2M B 3277 6.49 -0.97 63.17
O4' A2M B 3277 7.82 -0.97 62.71
C3' A2M B 3277 5.69 -1.90 62.29
O3' A2M B 3277 4.36 -1.56 62.45
C2' A2M B 3277 6.36 -1.65 60.95
O2' A2M B 3277 6.02 -0.42 60.40
C1' A2M B 3277 7.79 -1.62 61.48
CM' A2M B 3277 6.73 -0.18 59.21
N9 A2M B 3277 8.44 -2.90 61.62
C8 A2M B 3277 8.84 -3.62 62.73
N7 A2M B 3277 9.42 -4.79 62.40
C5 A2M B 3277 9.36 -4.80 61.02
C6 A2M B 3277 9.76 -5.68 60.06
N6 A2M B 3277 10.37 -6.88 60.37
N1 A2M B 3277 9.59 -5.46 58.74
C2 A2M B 3277 8.99 -4.28 58.43
N3 A2M B 3277 8.54 -3.31 59.22
C4 A2M B 3277 8.75 -3.63 60.52
OP2 A2M B 3277 7.40 0.02 67.06
P OMG B 3305 13.12 -17.92 58.47
OP1 OMG B 3305 14.63 -18.08 58.42
OP2 OMG B 3305 12.52 -16.66 59.08
O5' OMG B 3305 12.59 -18.05 56.98
C5' OMG B 3305 12.69 -16.98 56.07
C4' OMG B 3305 11.47 -16.89 55.19
O4' OMG B 3305 10.28 -17.16 55.96
C3' OMG B 3305 11.22 -15.53 54.58
O3' OMG B 3305 12.03 -15.30 53.44
C2' OMG B 3305 9.74 -15.56 54.29
O2' OMG B 3305 9.46 -16.32 53.13
CM2 OMG B 3305 8.40 -15.81 52.36
C1' OMG B 3305 9.22 -16.34 55.50
N9 OMG B 3305 8.82 -15.46 56.61
C8 OMG B 3305 9.27 -15.53 57.91
N7 OMG B 3305 8.75 -14.64 58.67
C5 OMG B 3305 7.91 -13.93 57.85
C6 OMG B 3305 7.07 -12.82 58.16
O6 OMG B 3305 6.91 -12.26 59.21
N1 OMG B 3305 6.37 -12.41 57.02
C2 OMG B 3305 6.47 -12.97 55.79
N2 OMG B 3305 5.73 -12.42 54.81
N3 OMG B 3305 7.24 -13.97 55.52
C4 OMG B 3305 7.93 -14.43 56.58
N1 OMU B 3307 9.82 -6.48 53.57
C2 OMU B 3307 9.52 -5.89 54.91
N3 OMU B 3307 10.00 -6.56 56.14
C4 OMU B 3307 10.75 -7.80 56.06
C5 OMU B 3307 11.05 -8.38 54.73
C6 OMU B 3307 10.57 -7.70 53.50
O2 OMU B 3307 8.89 -4.86 55.00
O4 OMU B 3307 11.10 -8.31 57.00
C1' OMU B 3307 9.34 -5.80 52.35
C2' OMU B 3307 10.23 -4.62 51.98
O2' OMU B 3307 9.45 -3.70 51.24
CM2 OMU B 3307 8.59 -2.94 52.03
C3' OMU B 3307 11.24 -5.31 51.08
C4' OMU B 3307 10.35 -6.26 50.29
O3' OMU B 3307 12.00 -4.43 50.28
O4' OMU B 3307 9.39 -6.71 51.27
C5' OMU B 3307 11.03 -7.44 49.67
O5' OMU B 3307 11.92 -8.04 50.60
P OMU B 3307 12.50 -9.49 50.34
OP1 OMU B 3307 13.27 -9.48 49.07
OP2 OMU B 3307 13.14 -9.94 51.62
P OMG B 3310 18.47 2.46 58.62
OP1 OMG B 3310 18.77 3.92 58.41
OP2 OMG B 3310 18.83 1.43 57.54
O5' OMG B 3310 19.14 1.98 59.98
C5' OMG B 3310 18.61 2.42 61.22
C4' OMG B 3310 19.11 1.56 62.34
O4' OMG B 3310 18.39 0.30 62.37
C3' OMG B 3310 20.56 1.13 62.23
O3' OMG B 3310 21.47 2.16 62.57
C2' OMG B 3310 20.60 -0.06 63.16
O2' OMG B 3310 20.57 0.34 64.52
CM2 OMG B 3310 21.06 -0.63 65.41
C1' OMG B 3310 19.26 -0.72 62.84
N9 OMG B 3310 19.39 -1.73 61.77
C8 OMG B 3310 19.25 -1.56 60.43
N7 OMG B 3310 19.44 -2.66 59.77
C5 OMG B 3310 19.72 -3.60 60.73
C6 OMG B 3310 20.03 -4.98 60.61
O6 OMG B 3310 20.09 -5.67 59.61
N1 OMG B 3310 20.26 -5.54 61.87
C2 OMG B 3310 20.21 -4.88 63.05
N2 OMG B 3310 20.47 -5.60 64.16
N3 OMG B 3310 19.94 -3.62 63.16
C4 OMG B 3310 19.70 -3.03 61.98
N1 PSU B 3315 31.73 -14.53 60.18
C2 PSU B 3315 30.77 -14.11 59.30
N3 PSU B 3315 30.02 -15.02 58.60
C4 PSU B 3315 30.23 -16.37 58.78
C5 PSU B 3315 31.21 -16.79 59.67
C6 PSU B 3315 31.95 -15.85 60.36
O2 PSU B 3315 30.57 -12.91 59.15
O4 PSU B 3315 29.56 -17.16 58.13
C1' PSU B 3315 31.50 -18.24 59.93
C2' PSU B 3315 32.04 -18.97 58.70
O2' PSU B 3315 31.51 -20.28 58.69
C3' PSU B 3315 33.54 -18.99 59.00
C4' PSU B 3315 33.58 -19.10 60.51
O3' PSU B 3315 34.20 -20.06 58.36
O4' PSU B 3315 32.45 -18.34 60.96
C5' PSU B 3315 34.84 -18.58 61.15
O5' PSU B 3315 35.04 -17.21 60.87
P PSU B 3315 36.12 -16.35 61.65
OP1 PSU B 3315 37.36 -17.14 61.60
OP2 PSU B 3315 36.09 -14.98 61.10
N1 PSU B 3323 56.79 -3.74 45.73
C2 PSU B 3323 56.65 -4.07 44.40
N3 PSU B 3323 55.51 -4.68 43.96
C4 PSU B 3323 54.50 -4.95 44.85
C5 PSU B 3323 54.65 -4.60 46.18
C6 PSU B 3323 55.81 -4.00 46.61
O2 PSU B 3323 57.56 -3.83 43.61
O4 PSU B 3323 53.48 -5.49 44.46
C1' PSU B 3323 53.53 -4.91 47.12
C2' PSU B 3323 54.01 -5.87 48.22
O2' PSU B 3323 53.06 -6.89 48.39
C3' PSU B 3323 54.06 -4.97 49.45
C4' PSU B 3323 52.95 -3.96 49.17
O3' PSU B 3323 53.86 -5.67 50.66
O4' PSU B 3323 53.00 -3.77 47.74
C5' PSU B 3323 53.10 -2.64 49.87
O5' PSU B 3323 53.19 -2.79 51.28
P PSU B 3323 52.15 -2.11 52.26
OP1 PSU B 3323 52.86 -1.14 53.11
OP2 PSU B 3323 51.01 -1.65 51.45
P OMG B 3324 55.11 -6.22 51.50
OP1 OMG B 3324 55.53 -5.14 52.47
OP2 OMG B 3324 56.12 -6.82 50.54
O5' OMG B 3324 54.49 -7.41 52.34
C5' OMG B 3324 55.31 -8.21 53.18
C4' OMG B 3324 54.72 -9.59 53.35
O4' OMG B 3324 53.33 -9.60 52.97
C3' OMG B 3324 55.33 -10.68 52.50
O3' OMG B 3324 56.58 -11.12 52.98
C2' OMG B 3324 54.24 -11.75 52.54
O2' OMG B 3324 54.32 -12.48 53.76
CM2 OMG B 3324 53.28 -13.41 53.92
C1' OMG B 3324 52.97 -10.90 52.57
N9 OMG B 3324 52.29 -10.83 51.27
C8 OMG B 3324 52.20 -9.74 50.46
N7 OMG B 3324 51.51 -9.99 49.38
C5 OMG B 3324 51.14 -11.30 49.49
C6 OMG B 3324 50.37 -12.11 48.62
O6 OMG B 3324 49.88 -11.83 47.55
N1 OMG B 3324 50.23 -13.39 49.13
C2 OMG B 3324 50.75 -13.83 50.31
N2 OMG B 3324 50.50 -15.10 50.63
N3 OMG B 3324 51.44 -13.08 51.11
C4 OMG B 3324 51.61 -11.84 50.66
N1 PSU B 3360 23.62 -11.71 57.80
C2 PSU B 3360 23.64 -10.39 58.19
N3 PSU B 3360 24.13 -10.04 59.42
C4 PSU B 3360 24.59 -11.00 60.27
C5 PSU B 3360 24.56 -12.33 59.88
C6 PSU B 3360 24.06 -12.66 58.63
O2 PSU B 3360 23.22 -9.52 57.44
O4 PSU B 3360 25.02 -10.69 61.37
C1' PSU B 3360 25.06 -13.42 60.79
C2' PSU B 3360 24.05 -13.71 61.90
O2' PSU B 3360 24.78 -14.13 63.04
C3' PSU B 3360 23.28 -14.88 61.31
C4' PSU B 3360 24.35 -15.65 60.57
O3' PSU B 3360 22.60 -15.66 62.27
O4' PSU B 3360 25.22 -14.61 60.04
C5' PSU B 3360 23.88 -16.53 59.45
O5' PSU B 3360 23.15 -15.79 58.49
P PSU B 3360 22.87 -16.40 57.05
OP1 PSU B 3360 22.17 -17.69 57.21
OP2 PSU B 3360 22.25 -15.33 56.24
N1 PSU B 3376 -30.14 2.06 77.55
C2 PSU B 3376 -29.99 3.35 77.14
N3 PSU B 3376 -29.83 4.37 78.05
C4 PSU B 3376 -29.82 4.08 79.40
C5 PSU B 3376 -29.98 2.77 79.81
C6 PSU B 3376 -30.14 1.77 78.87
O2 PSU B 3376 -29.98 3.61 75.95
O4 PSU B 3376 -29.68 4.97 80.22
C1' PSU B 3376 -29.97 2.43 81.27
C2' PSU B 3376 -31.31 2.76 81.92
O2' PSU B 3376 -31.08 3.10 83.26
C3' PSU B 3376 -32.02 1.41 81.82
C4' PSU B 3376 -30.89 0.44 82.10
O3' PSU B 3376 -33.10 1.29 82.72
O4' PSU B 3376 -29.75 1.04 81.44
C5' PSU B 3376 -31.09 -0.95 81.56
O5' PSU B 3376 -31.36 -0.93 80.18
P PSU B 3376 -31.15 -2.23 79.28
OP1 PSU B 3376 -31.85 -3.33 79.98
OP2 PSU B 3376 -31.47 -1.90 77.88
N1 PSU B 3578 49.70 16.83 72.21
C2 PSU B 3578 49.02 16.04 73.11
N3 PSU B 3578 49.68 15.09 73.85
C4 PSU B 3578 51.03 14.91 73.67
C5 PSU B 3578 51.71 15.70 72.77
C6 PSU B 3578 51.03 16.67 72.04
O2 PSU B 3578 47.81 16.21 73.26
O4 PSU B 3578 51.60 14.05 74.33
C1' PSU B 3578 53.19 15.54 72.56
C2' PSU B 3578 53.50 14.24 71.82
O2' PSU B 3578 54.72 13.73 72.31
C3' PSU B 3578 53.66 14.73 70.39
C4' PSU B 3578 54.31 16.08 70.59
O3' PSU B 3578 54.42 13.86 69.58
O4' PSU B 3578 53.69 16.60 71.79
C5' PSU B 3578 54.15 17.06 69.45
O5' PSU B 3578 52.79 17.25 69.11
P PSU B 3578 52.36 18.38 68.08
OP1 PSU B 3578 53.17 18.20 66.86
OP2 PSU B 3578 50.88 18.40 67.99
N1 PSU B 3579 49.21 13.60 70.57
C2 PSU B 3579 47.91 13.54 71.04
N3 PSU B 3579 47.54 12.55 71.92
C4 PSU B 3579 48.47 11.62 72.33
C5 PSU B 3579 49.77 11.69 71.85
C6 PSU B 3579 50.12 12.70 70.98
O2 PSU B 3579 47.09 14.37 70.68
O4 PSU B 3579 48.14 10.74 73.12
C1' PSU B 3579 50.80 10.69 72.30
C2' PSU B 3579 50.63 9.32 71.63
O2' PSU B 3579 50.99 8.34 72.58
C3' PSU B 3579 51.67 9.40 70.52
C4' PSU B 3579 52.79 10.21 71.16
O3' PSU B 3579 52.12 8.13 70.09
O4' PSU B 3579 52.09 11.18 71.99
C5' PSU B 3579 53.70 10.93 70.21
O5' PSU B 3579 52.97 11.82 69.38
P PSU B 3579 53.70 12.92 68.50
OP1 PSU B 3579 54.74 12.26 67.69
OP2 PSU B 3579 52.63 13.71 67.85
N1 PSU B 3607 52.91 -16.98 65.62
C2 PSU B 3607 53.13 -16.03 64.67
N3 PSU B 3607 52.10 -15.22 64.24
C4 PSU B 3607 50.85 -15.37 64.78
C5 PSU B 3607 50.64 -16.34 65.76
C6 PSU B 3607 51.69 -17.14 66.17
O2 PSU B 3607 54.25 -15.89 64.18
O4 PSU B 3607 49.95 -14.65 64.40
C1' PSU B 3607 49.28 -16.52 66.37
C2' PSU B 3607 48.27 -17.15 65.42
O2' PSU B 3607 46.99 -16.61 65.71
C3' PSU B 3607 48.35 -18.61 65.82
C4' PSU B 3607 48.52 -18.52 67.33
O3' PSU B 3607 47.21 -19.36 65.46
O4' PSU B 3607 49.36 -17.35 67.51
C5' PSU B 3607 49.16 -19.71 67.98
O5' PSU B 3607 50.42 -19.99 67.40
P PSU B 3607 51.46 -20.96 68.13
OP1 PSU B 3607 50.80 -22.26 68.33
OP2 PSU B 3607 52.73 -20.86 67.41
N1 PSU B 3616 73.50 -28.06 48.54
C2 PSU B 3616 72.49 -28.90 48.90
N3 PSU B 3616 72.64 -29.75 49.96
C4 PSU B 3616 73.81 -29.75 50.68
C5 PSU B 3616 74.84 -28.90 50.31
C6 PSU B 3616 74.65 -28.04 49.23
O2 PSU B 3616 71.44 -28.91 48.26
O4 PSU B 3616 73.95 -30.52 51.63
C1' PSU B 3616 76.12 -28.88 51.08
C2' PSU B 3616 77.00 -30.05 50.66
O2' PSU B 3616 77.78 -30.46 51.77
C3' PSU B 3616 77.88 -29.40 49.59
C4' PSU B 3616 78.11 -28.02 50.18
O3' PSU B 3616 79.09 -30.10 49.35
O4' PSU B 3616 76.85 -27.70 50.80
C5' PSU B 3616 78.48 -26.95 49.18
O5' PSU B 3616 77.49 -26.84 48.15
P PSU B 3616 77.47 -25.59 47.17
OP1 PSU B 3616 78.82 -25.42 46.63
OP2 PSU B 3616 76.31 -25.74 46.26
N1 PSU D 55 66.78 63.75 15.29
C2 PSU D 55 68.14 63.80 15.38
N3 PSU D 55 68.77 64.95 15.76
C4 PSU D 55 68.03 66.07 16.06
C5 PSU D 55 66.64 66.01 15.97
C6 PSU D 55 66.03 64.83 15.58
O2 PSU D 55 68.81 62.81 15.12
O4 PSU D 55 68.59 67.10 16.41
C1' PSU D 55 65.81 67.22 16.28
C2' PSU D 55 65.90 68.24 15.14
O2' PSU D 55 65.77 69.53 15.70
C3' PSU D 55 64.67 67.87 14.33
C4' PSU D 55 63.66 67.53 15.41
O3' PSU D 55 64.23 68.92 13.48
O4' PSU D 55 64.46 66.85 16.42
C5' PSU D 55 62.50 66.67 15.00
O5' PSU D 55 62.93 65.39 14.55
P PSU D 55 61.90 64.19 14.36
OP1 PSU D 55 60.72 64.76 13.67
OP2 PSU D 55 62.62 63.04 13.80
N1 PSU D 69 79.56 89.00 13.76
C2 PSU D 69 80.01 87.81 14.29
N3 PSU D 69 79.40 87.26 15.39
C4 PSU D 69 78.33 87.91 15.96
C5 PSU D 69 77.89 89.11 15.43
C6 PSU D 69 78.51 89.63 14.31
O2 PSU D 69 80.97 87.25 13.78
O4 PSU D 69 77.78 87.43 16.95
C1' PSU D 69 76.69 89.82 16.00
C2' PSU D 69 76.83 90.47 17.37
O2' PSU D 69 75.71 90.12 18.15
C3' PSU D 69 76.79 91.96 17.03
C4' PSU D 69 75.93 92.01 15.78
O3' PSU D 69 76.24 92.75 18.06
O4' PSU D 69 76.23 90.79 15.08
C5' PSU D 69 76.20 93.18 14.87
O5' PSU D 69 77.52 93.13 14.37
P PSU D 69 77.94 93.93 13.06
OP1 PSU D 69 77.71 95.37 13.30
OP2 PSU D 69 79.28 93.45 12.66
P OMG D 75 73.12 71.47 30.58
OP1 OMG D 75 72.06 70.42 30.31
OP2 OMG D 75 72.67 72.90 30.85
O5' OMG D 75 74.04 70.99 31.78
C5' OMG D 75 73.51 70.25 32.86
C4' OMG D 75 74.25 68.95 33.05
O4' OMG D 75 73.84 68.01 32.02
C3' OMG D 75 75.75 69.00 32.92
O3' OMG D 75 76.39 69.48 34.08
C2' OMG D 75 76.10 67.56 32.59
O2' OMG D 75 76.07 66.76 33.77
CM2 OMG D 75 76.14 65.37 33.54
C1' OMG D 75 74.92 67.15 31.72
N9 OMG D 75 75.21 67.26 30.28
C8 OMG D 75 74.70 68.19 29.40
N7 OMG D 75 75.13 68.01 28.19
C5 OMG D 75 75.95 66.92 28.27
C6 OMG D 75 76.70 66.27 27.26
O6 OMG D 75 76.79 66.54 26.08
N1 OMG D 75 77.40 65.18 27.79
C2 OMG D 75 77.39 64.79 29.10
N2 OMG D 75 78.14 63.73 29.40
N3 OMG D 75 76.70 65.39 30.01
C4 OMG D 75 76.01 66.44 29.55
N GLY E 1 23.10 32.46 -8.78
CA GLY E 1 23.78 33.74 -8.68
C GLY E 1 25.28 33.60 -8.75
N ARG E 2 25.76 32.40 -9.03
CA ARG E 2 27.17 32.10 -9.07
C ARG E 2 27.54 31.60 -10.46
N VAL E 3 28.71 32.02 -10.95
CA VAL E 3 29.19 31.58 -12.25
C VAL E 3 29.42 30.07 -12.20
N ILE E 4 28.85 29.37 -13.17
CA ILE E 4 28.79 27.92 -13.11
C ILE E 4 30.07 27.32 -13.69
N ARG E 5 30.27 26.05 -13.39
CA ARG E 5 31.31 25.28 -14.06
C ARG E 5 30.95 25.13 -15.52
N GLY E 6 31.94 25.27 -16.39
CA GLY E 6 31.67 25.31 -17.81
C GLY E 6 31.70 26.74 -18.28
N GLN E 7 31.10 27.63 -17.49
CA GLN E 7 31.36 29.05 -17.65
C GLN E 7 32.76 29.40 -17.15
N ARG E 8 33.18 28.78 -16.04
CA ARG E 8 34.52 29.03 -15.51
C ARG E 8 35.61 28.44 -16.39
N LYS E 9 35.28 27.57 -17.34
CA LYS E 9 36.30 26.91 -18.14
C LYS E 9 36.92 27.83 -19.17
N GLY E 10 36.19 28.84 -19.64
CA GLY E 10 36.74 29.73 -20.65
C GLY E 10 37.78 30.69 -20.13
N ALA E 11 37.75 31.00 -18.82
CA ALA E 11 38.76 31.87 -18.25
C ALA E 11 40.14 31.23 -18.28
N GLY E 12 40.21 29.91 -18.37
CA GLY E 12 41.46 29.21 -18.61
C GLY E 12 42.25 28.77 -17.41
N SER E 13 42.20 29.52 -16.31
CA SER E 13 43.15 29.45 -15.22
C SER E 13 43.51 28.02 -14.79
N VAL E 14 42.53 27.30 -14.29
CA VAL E 14 42.74 25.92 -13.84
C VAL E 14 42.43 24.93 -14.96
N PHE E 15 41.66 25.32 -15.97
CA PHE E 15 41.22 24.43 -17.02
C PHE E 15 42.07 24.50 -18.27
N ARG E 16 43.29 25.02 -18.18
CA ARG E 16 44.21 24.99 -19.31
C ARG E 16 44.74 23.58 -19.52
N ALA E 17 45.18 23.32 -20.76
CA ALA E 17 45.70 22.02 -21.10
C ALA E 17 47.05 21.78 -20.43
N HIS E 18 47.30 20.51 -20.10
CA HIS E 18 48.57 20.11 -19.48
C HIS E 18 49.54 19.76 -20.60
N VAL E 19 50.37 20.72 -20.98
CA VAL E 19 51.21 20.59 -22.16
C VAL E 19 52.69 20.56 -21.79
N LYS E 20 53.01 20.22 -20.54
CA LYS E 20 54.39 20.28 -20.09
C LYS E 20 55.26 19.24 -20.79
N HIS E 21 54.78 18.00 -20.87
CA HIS E 21 55.57 16.91 -21.39
C HIS E 21 55.19 16.50 -22.80
N ARG E 22 54.34 17.30 -23.45
CA ARG E 22 53.99 17.01 -24.84
C ARG E 22 55.18 17.27 -25.74
N LYS E 23 55.26 16.50 -26.82
CA LYS E 23 56.43 16.44 -27.68
C LYS E 23 56.42 17.47 -28.80
N GLY E 24 55.38 18.28 -28.91
CA GLY E 24 55.28 19.26 -29.96
C GLY E 24 54.01 19.08 -30.78
N ALA E 25 53.73 20.10 -31.58
CA ALA E 25 52.57 20.05 -32.45
C ALA E 25 52.81 19.11 -33.61
N ALA E 26 51.94 18.12 -33.76
CA ALA E 26 52.07 17.14 -34.83
C ALA E 26 51.50 17.71 -36.12
N ARG E 27 52.36 17.86 -37.12
CA ARG E 27 51.98 18.55 -38.35
C ARG E 27 52.70 17.95 -39.52
N LEU E 28 52.12 18.10 -40.71
CA LEU E 28 52.85 17.83 -41.93
C LEU E 28 53.90 18.91 -42.16
N ARG E 29 54.86 18.63 -43.02
CA ARG E 29 55.82 19.66 -43.37
C ARG E 29 55.17 20.70 -44.25
N ALA E 30 55.64 21.95 -44.11
CA ALA E 30 55.05 23.05 -44.86
C ALA E 30 55.25 22.85 -46.35
N VAL E 31 54.22 23.20 -47.13
CA VAL E 31 54.27 22.97 -48.56
C VAL E 31 55.29 23.90 -49.19
N ASP E 32 56.07 23.37 -50.13
CA ASP E 32 57.12 24.13 -50.79
C ASP E 32 57.25 23.61 -52.21
N PHE E 33 58.36 23.94 -52.86
CA PHE E 33 58.56 23.56 -54.25
C PHE E 33 58.60 22.05 -54.43
N ALA E 34 59.28 21.34 -53.53
CA ALA E 34 59.39 19.90 -53.64
C ALA E 34 58.03 19.23 -53.47
N GLU E 35 57.25 19.69 -52.50
CA GLU E 35 55.88 19.19 -52.34
C GLU E 35 55.05 19.47 -53.58
N ARG E 36 55.18 20.68 -54.12
CA ARG E 36 54.28 21.15 -55.16
C ARG E 36 54.57 20.54 -56.52
N HIS E 37 55.83 20.18 -56.79
CA HIS E 37 56.21 19.73 -58.12
C HIS E 37 56.78 18.33 -58.18
N GLY E 38 57.35 17.81 -57.11
CA GLY E 38 57.91 16.48 -57.15
C GLY E 38 57.65 15.72 -55.87
N TYR E 39 58.69 15.14 -55.29
CA TYR E 39 58.61 14.53 -53.98
C TYR E 39 59.94 14.74 -53.26
N ILE E 40 59.87 14.70 -51.94
CA ILE E 40 61.04 14.76 -51.08
C ILE E 40 61.01 13.55 -50.17
N LYS E 41 62.18 12.93 -49.97
CA LYS E 41 62.30 11.70 -49.20
C LYS E 41 62.76 12.03 -47.77
N GLY E 42 62.07 11.45 -46.80
CA GLY E 42 62.51 11.52 -45.43
C GLY E 42 62.57 10.13 -44.83
N ILE E 43 63.25 10.04 -43.69
CA ILE E 43 63.43 8.76 -43.01
C ILE E 43 62.76 8.84 -41.64
N VAL E 44 62.02 7.80 -41.28
CA VAL E 44 61.33 7.75 -39.99
C VAL E 44 62.38 7.40 -38.95
N LYS E 45 62.89 8.41 -38.25
CA LYS E 45 63.90 8.18 -37.24
C LYS E 45 63.32 7.63 -35.95
N ASP E 46 62.10 8.02 -35.58
CA ASP E 46 61.58 7.54 -34.31
C ASP E 46 60.06 7.46 -34.35
N ILE E 47 59.51 6.65 -33.45
CA ILE E 47 58.08 6.60 -33.17
C ILE E 47 57.92 6.71 -31.66
N ILE E 48 57.21 7.73 -31.20
CA ILE E 48 57.18 8.10 -29.80
C ILE E 48 55.74 8.26 -29.32
N HIS E 49 55.58 8.27 -28.01
CA HIS E 49 54.30 8.43 -27.35
C HIS E 49 54.14 9.88 -26.93
N ASP E 50 53.11 10.55 -27.43
CA ASP E 50 52.82 11.91 -27.03
C ASP E 50 51.81 11.89 -25.89
N PRO E 51 52.12 12.44 -24.72
CA PRO E 51 51.15 12.47 -23.63
C PRO E 51 49.90 13.25 -24.02
N GLY E 52 48.76 12.74 -23.59
CA GLY E 52 47.48 13.38 -23.83
C GLY E 52 46.77 12.92 -25.09
N ARG E 53 47.45 12.24 -26.00
CA ARG E 53 46.83 11.73 -27.20
C ARG E 53 47.12 10.25 -27.32
N GLY E 54 46.21 9.52 -27.97
CA GLY E 54 46.37 8.10 -28.12
C GLY E 54 47.18 7.72 -29.34
N ALA E 55 47.28 8.63 -30.29
CA ALA E 55 48.02 8.36 -31.51
C ALA E 55 49.52 8.48 -31.26
N PRO E 56 50.32 7.51 -31.67
CA PRO E 56 51.77 7.70 -31.65
C PRO E 56 52.19 8.75 -32.66
N LEU E 57 53.29 9.42 -32.35
CA LEU E 57 53.86 10.41 -33.25
C LEU E 57 55.09 9.82 -33.93
N ALA E 58 55.34 10.27 -35.15
CA ALA E 58 56.47 9.78 -35.94
C ALA E 58 57.43 10.94 -36.14
N LYS E 59 58.63 10.82 -35.59
CA LYS E 59 59.71 11.76 -35.82
C LYS E 59 60.40 11.38 -37.12
N VAL E 60 60.24 12.22 -38.14
CA VAL E 60 60.73 11.96 -39.49
C VAL E 60 61.70 13.07 -39.87
N VAL E 61 62.86 12.69 -40.40
CA VAL E 61 63.93 13.63 -40.74
C VAL E 61 63.99 13.76 -42.26
N PHE E 62 63.94 15.00 -42.73
CA PHE E 62 64.10 15.34 -44.14
C PHE E 62 65.39 16.12 -44.36
N ARG E 63 65.71 16.35 -45.62
CA ARG E 63 66.81 17.21 -46.02
C ARG E 63 66.27 18.56 -46.43
N ASP E 64 66.93 19.61 -46.00
CA ASP E 64 66.54 20.95 -46.44
C ASP E 64 66.97 21.14 -47.88
N PRO E 65 66.05 21.49 -48.79
CA PRO E 65 66.42 21.60 -50.20
C PRO E 65 67.26 22.83 -50.53
N TYR E 66 67.31 23.82 -49.65
CA TYR E 66 67.96 25.09 -49.97
C TYR E 66 69.22 25.36 -49.18
N ARG E 67 69.42 24.70 -48.05
CA ARG E 67 70.65 24.87 -47.30
C ARG E 67 71.04 23.56 -46.67
N PHE E 68 72.32 23.44 -46.34
CA PHE E 68 72.86 22.23 -45.75
C PHE E 68 72.40 22.08 -44.31
N LYS E 69 71.28 21.38 -44.11
CA LYS E 69 70.72 21.22 -42.78
C LYS E 69 69.74 20.06 -42.83
N LYS E 70 69.42 19.52 -41.66
CA LYS E 70 68.45 18.44 -41.53
C LYS E 70 67.19 18.99 -40.88
N ARG E 71 66.04 18.71 -41.47
CA ARG E 71 64.77 19.19 -40.97
C ARG E 71 64.02 18.02 -40.35
N THR E 72 63.65 18.17 -39.08
CA THR E 72 62.95 17.13 -38.34
C THR E 72 61.48 17.49 -38.24
N GLU E 73 60.61 16.58 -38.66
CA GLU E 73 59.17 16.75 -38.58
C GLU E 73 58.59 15.81 -37.54
N LEU E 74 57.34 16.07 -37.19
CA LEU E 74 56.62 15.35 -36.16
C LEU E 74 55.29 14.84 -36.69
N PHE E 75 55.36 14.07 -37.77
CA PHE E 75 54.16 13.54 -38.42
C PHE E 75 53.34 12.70 -37.44
N ILE E 76 52.05 12.64 -37.69
CA ILE E 76 51.19 11.69 -36.98
C ILE E 76 51.39 10.31 -37.62
N ALA E 77 51.73 9.33 -36.80
CA ALA E 77 52.13 8.02 -37.31
C ALA E 77 50.93 7.28 -37.85
N ALA E 78 50.91 7.03 -39.16
CA ALA E 78 49.95 6.11 -39.74
C ALA E 78 50.32 4.70 -39.38
N GLU E 79 49.32 3.85 -39.14
CA GLU E 79 49.59 2.51 -38.66
C GLU E 79 50.27 1.69 -39.75
N GLY E 80 51.34 1.00 -39.36
CA GLY E 80 52.13 0.21 -40.27
C GLY E 80 53.52 0.76 -40.53
N ILE E 81 53.76 2.02 -40.26
CA ILE E 81 55.07 2.60 -40.49
C ILE E 81 56.01 2.17 -39.38
N HIS E 82 57.30 2.12 -39.69
CA HIS E 82 58.31 1.65 -38.77
C HIS E 82 59.55 2.53 -38.90
N THR E 83 60.41 2.46 -37.89
CA THR E 83 61.64 3.22 -37.93
C THR E 83 62.57 2.67 -39.01
N GLY E 84 63.33 3.56 -39.63
CA GLY E 84 64.16 3.18 -40.74
C GLY E 84 63.43 3.10 -42.07
N GLN E 85 62.17 3.47 -42.10
CA GLN E 85 61.40 3.45 -43.33
C GLN E 85 61.50 4.80 -44.03
N PHE E 86 61.55 4.77 -45.35
CA PHE E 86 61.55 5.98 -46.16
C PHE E 86 60.11 6.36 -46.47
N VAL E 87 59.74 7.59 -46.13
CA VAL E 87 58.46 8.16 -46.53
C VAL E 87 58.74 9.24 -47.56
N TYR E 88 57.75 9.48 -48.42
CA TYR E 88 57.91 10.40 -49.53
C TYR E 88 56.75 11.37 -49.52
N CYS E 89 57.06 12.66 -49.63
CA CYS E 89 56.05 13.70 -49.51
C CYS E 89 56.10 14.57 -50.76
N GLY E 90 54.97 14.70 -51.44
CA GLY E 90 54.91 15.58 -52.59
C GLY E 90 53.85 15.12 -53.56
N LYS E 91 53.78 15.84 -54.68
CA LYS E 91 52.78 15.53 -55.70
C LYS E 91 53.08 14.21 -56.40
N LYS E 92 54.35 13.91 -56.64
CA LYS E 92 54.75 12.73 -57.37
C LYS E 92 55.01 11.53 -56.46
N ALA E 93 54.69 11.62 -55.19
CA ALA E 93 54.84 10.47 -54.29
C ALA E 93 53.83 9.39 -54.67
N GLN E 94 54.21 8.14 -54.38
CA GLN E 94 53.39 6.99 -54.71
C GLN E 94 52.44 6.66 -53.57
N LEU E 95 51.42 5.86 -53.88
CA LEU E 95 50.45 5.41 -52.88
C LEU E 95 51.06 4.35 -52.00
N ASN E 96 51.60 4.78 -50.86
CA ASN E 96 52.07 3.84 -49.86
C ASN E 96 51.74 4.39 -48.49
N ILE E 97 51.65 3.49 -47.51
CA ILE E 97 51.31 3.90 -46.15
C ILE E 97 52.41 4.81 -45.63
N GLY E 98 52.03 6.01 -45.22
CA GLY E 98 52.95 6.99 -44.69
C GLY E 98 53.34 8.09 -45.65
N ASN E 99 53.12 7.90 -46.95
CA ASN E 99 53.41 8.95 -47.91
C ASN E 99 52.40 10.08 -47.80
N VAL E 100 52.84 11.29 -48.12
CA VAL E 100 51.99 12.48 -48.11
C VAL E 100 51.91 13.00 -49.53
N LEU E 101 50.70 13.13 -50.04
CA LEU E 101 50.49 13.57 -51.41
C LEU E 101 49.10 14.19 -51.52
N PRO E 102 48.87 15.06 -52.50
CA PRO E 102 47.58 15.76 -52.58
C PRO E 102 46.44 14.80 -52.86
N VAL E 103 45.25 15.15 -52.37
CA VAL E 103 44.10 14.29 -52.54
C VAL E 103 43.71 14.18 -54.00
N GLY E 104 43.89 15.24 -54.79
CA GLY E 104 43.49 15.22 -56.18
C GLY E 104 44.24 14.19 -57.00
N THR E 105 45.43 13.82 -56.57
CA THR E 105 46.22 12.80 -57.25
C THR E 105 45.93 11.40 -56.75
N MET E 106 44.96 11.24 -55.86
CA MET E 106 44.64 9.95 -55.29
C MET E 106 43.40 9.36 -55.93
N PRO E 107 43.29 8.03 -55.98
CA PRO E 107 42.13 7.41 -56.62
C PRO E 107 40.82 7.63 -55.89
N GLU E 108 39.75 7.04 -56.39
CA GLU E 108 38.40 7.35 -55.96
C GLU E 108 37.97 6.59 -54.71
N GLY E 109 38.82 5.74 -54.15
CA GLY E 109 38.42 4.99 -52.99
C GLY E 109 39.46 4.92 -51.90
N THR E 110 40.57 5.64 -52.10
CA THR E 110 41.66 5.60 -51.15
C THR E 110 41.24 6.25 -49.83
N ILE E 111 41.95 5.91 -48.77
CA ILE E 111 41.66 6.53 -47.48
C ILE E 111 42.96 7.11 -46.93
N VAL E 112 42.78 8.13 -46.10
CA VAL E 112 43.85 9.05 -45.74
C VAL E 112 43.81 9.31 -44.24
N CYS E 113 44.93 9.83 -43.74
CA CYS E 113 45.17 9.91 -42.31
C CYS E 113 45.15 11.35 -41.79
N CYS E 114 46.01 12.22 -42.27
CA CYS E 114 46.17 13.56 -41.68
C CYS E 114 45.80 14.56 -42.77
N LEU E 115 44.52 14.82 -42.90
CA LEU E 115 44.00 15.60 -44.01
C LEU E 115 44.04 17.09 -43.69
N GLU E 116 44.32 17.89 -44.70
CA GLU E 116 44.33 19.34 -44.57
C GLU E 116 42.92 19.88 -44.79
N GLU E 117 42.48 20.76 -43.89
CA GLU E 117 41.19 21.41 -44.08
C GLU E 117 41.26 22.45 -45.18
N LYS E 118 42.38 23.14 -45.30
CA LYS E 118 42.60 24.16 -46.32
C LYS E 118 43.86 23.82 -47.10
N PRO E 119 43.96 24.23 -48.34
CA PRO E 119 45.14 23.90 -49.14
C PRO E 119 46.36 24.69 -48.72
N GLY E 120 47.14 24.16 -47.78
CA GLY E 120 48.39 24.77 -47.42
C GLY E 120 48.72 24.73 -45.94
N ASP E 121 47.71 24.65 -45.08
CA ASP E 121 47.98 24.42 -43.68
C ASP E 121 48.48 23.00 -43.49
N ARG E 122 48.80 22.63 -42.27
CA ARG E 122 49.22 21.26 -42.04
C ARG E 122 47.96 20.40 -41.81
N GLY E 123 48.14 19.15 -41.42
CA GLY E 123 47.00 18.27 -41.29
C GLY E 123 46.04 18.74 -40.20
N LYS E 124 44.75 18.60 -40.47
CA LYS E 124 43.72 18.99 -39.51
C LYS E 124 42.64 17.95 -39.26
N LEU E 125 42.42 17.01 -40.18
CA LEU E 125 41.31 16.09 -40.09
C LEU E 125 41.80 14.66 -39.91
N ALA E 126 40.99 13.85 -39.24
CA ALA E 126 41.25 12.43 -39.01
C ALA E 126 42.56 12.21 -38.26
N ARG E 127 42.85 13.08 -37.29
CA ARG E 127 44.10 13.01 -36.55
C ARG E 127 44.04 12.09 -35.34
N ALA E 128 42.86 11.89 -34.75
CA ALA E 128 42.74 11.04 -33.57
C ALA E 128 42.93 9.58 -33.92
N SER E 129 43.43 8.81 -32.96
CA SER E 129 43.90 7.45 -33.22
C SER E 129 42.79 6.56 -33.76
N GLY E 130 43.15 5.76 -34.76
CA GLY E 130 42.23 4.85 -35.40
C GLY E 130 41.36 5.47 -36.48
N ASN E 131 41.38 6.79 -36.63
CA ASN E 131 40.46 7.47 -37.52
C ASN E 131 41.07 7.67 -38.89
N TYR E 132 40.20 7.85 -39.89
CA TYR E 132 40.65 8.04 -41.25
C TYR E 132 39.54 8.74 -42.03
N ALA E 133 39.92 9.37 -43.12
CA ALA E 133 38.97 9.94 -44.06
C ALA E 133 39.04 9.17 -45.37
N THR E 134 38.02 9.28 -46.19
CA THR E 134 37.95 8.57 -47.45
C THR E 134 37.80 9.54 -48.60
N VAL E 135 38.63 9.40 -49.62
CA VAL E 135 38.49 10.23 -50.82
C VAL E 135 37.38 9.62 -51.68
N ILE E 136 36.24 10.30 -51.75
CA ILE E 136 35.11 9.80 -52.52
C ILE E 136 35.25 10.16 -53.99
N SER E 137 35.27 11.46 -54.29
CA SER E 137 35.12 11.85 -55.69
C SER E 137 36.00 13.06 -56.00
N HIS E 138 36.16 13.30 -57.30
CA HIS E 138 36.95 14.42 -57.80
C HIS E 138 36.16 15.14 -58.89
N ASN E 139 36.54 16.39 -59.13
CA ASN E 139 36.26 16.94 -60.45
C ASN E 139 37.46 17.77 -60.90
N PRO E 140 38.09 17.40 -62.01
CA PRO E 140 39.28 18.15 -62.46
C PRO E 140 39.03 19.62 -62.68
N GLU E 141 37.87 19.99 -63.20
CA GLU E 141 37.47 21.39 -63.23
C GLU E 141 37.03 21.80 -61.83
N THR E 142 37.33 23.05 -61.48
CA THR E 142 37.16 23.66 -60.16
C THR E 142 38.09 23.08 -59.11
N LYS E 143 38.85 22.03 -59.43
CA LYS E 143 39.91 21.49 -58.57
C LYS E 143 39.38 21.11 -57.19
N LYS E 144 38.28 20.38 -57.16
CA LYS E 144 37.61 20.03 -55.92
C LYS E 144 37.58 18.51 -55.73
N THR E 145 37.64 18.09 -54.48
CA THR E 145 37.59 16.69 -54.09
C THR E 145 36.59 16.55 -52.96
N ARG E 146 35.68 15.61 -53.09
CA ARG E 146 34.74 15.28 -52.03
C ARG E 146 35.28 14.12 -51.23
N VAL E 147 35.27 14.26 -49.90
CA VAL E 147 35.78 13.27 -48.97
C VAL E 147 34.76 13.02 -47.88
N LYS E 148 34.90 11.86 -47.23
CA LYS E 148 34.08 11.46 -46.10
C LYS E 148 34.92 11.51 -44.84
N LEU E 149 34.44 12.24 -43.84
CA LEU E 149 35.15 12.45 -42.59
C LEU E 149 34.81 11.34 -41.61
N PRO E 150 35.59 11.20 -40.53
CA PRO E 150 35.27 10.18 -39.51
C PRO E 150 33.89 10.29 -38.92
N SER E 151 33.32 11.50 -38.84
CA SER E 151 31.96 11.63 -38.33
C SER E 151 30.91 11.14 -39.32
N GLY E 152 31.31 10.81 -40.55
CA GLY E 152 30.37 10.43 -41.57
C GLY E 152 29.91 11.58 -42.44
N SER E 153 30.29 12.82 -42.11
CA SER E 153 29.91 13.95 -42.93
C SER E 153 30.72 13.95 -44.23
N LYS E 154 30.17 14.66 -45.22
CA LYS E 154 30.79 14.78 -46.53
C LYS E 154 31.30 16.20 -46.68
N LYS E 155 32.55 16.35 -47.10
CA LYS E 155 33.17 17.66 -47.19
C LYS E 155 33.84 17.83 -48.53
N VAL E 156 33.65 18.99 -49.14
CA VAL E 156 34.31 19.33 -50.39
C VAL E 156 35.51 20.22 -50.07
N ILE E 157 36.69 19.77 -50.48
CA ILE E 157 37.94 20.45 -50.19
C ILE E 157 38.69 20.65 -51.51
N SER E 158 39.74 21.45 -51.46
CA SER E 158 40.57 21.64 -52.64
C SER E 158 41.36 20.39 -52.94
N SER E 159 41.60 20.14 -54.23
CA SER E 159 42.38 18.98 -54.63
C SER E 159 43.85 19.09 -54.24
N ALA E 160 44.31 20.27 -53.83
CA ALA E 160 45.69 20.46 -53.42
C ALA E 160 45.93 20.13 -51.95
N ASN E 161 44.88 19.81 -51.20
CA ASN E 161 45.07 19.41 -49.81
C ASN E 161 45.84 18.11 -49.72
N ARG E 162 46.84 18.07 -48.86
CA ARG E 162 47.68 16.90 -48.68
C ARG E 162 47.18 16.05 -47.53
N ALA E 163 47.54 14.77 -47.57
CA ALA E 163 47.14 13.85 -46.52
C ALA E 163 48.09 12.67 -46.51
N VAL E 164 48.13 11.98 -45.38
CA VAL E 164 48.94 10.78 -45.22
C VAL E 164 48.09 9.58 -45.59
N VAL E 165 48.64 8.69 -46.40
CA VAL E 165 47.93 7.48 -46.80
C VAL E 165 47.92 6.50 -45.64
N GLY E 166 46.75 5.95 -45.35
CA GLY E 166 46.59 4.94 -44.33
C GLY E 166 45.73 5.43 -43.18
N VAL E 167 45.59 4.57 -42.19
CA VAL E 167 44.87 4.90 -40.98
C VAL E 167 45.90 5.26 -39.91
N VAL E 168 45.53 6.21 -39.05
CA VAL E 168 46.42 6.58 -37.94
C VAL E 168 46.51 5.45 -36.94
N ALA E 169 47.71 5.22 -36.44
CA ALA E 169 47.96 4.17 -35.46
C ALA E 169 47.24 4.48 -34.16
N GLY E 170 47.30 3.54 -33.23
CA GLY E 170 46.59 3.66 -31.99
C GLY E 170 45.33 2.84 -31.90
N GLY E 171 44.93 2.19 -33.00
CA GLY E 171 43.94 1.13 -32.99
C GLY E 171 42.65 1.40 -32.26
N GLY E 172 42.04 0.36 -31.71
CA GLY E 172 40.79 0.49 -31.00
C GLY E 172 40.99 0.78 -29.52
N ARG E 173 41.58 1.94 -29.23
CA ARG E 173 41.91 2.29 -27.85
C ARG E 173 40.68 2.35 -26.97
N ILE E 174 39.53 2.75 -27.53
CA ILE E 174 38.30 2.85 -26.75
C ILE E 174 37.64 1.50 -26.51
N ASP E 175 38.20 0.41 -27.03
CA ASP E 175 37.59 -0.90 -26.80
C ASP E 175 37.77 -1.35 -25.34
N LYS E 176 38.93 -1.08 -24.77
CA LYS E 176 39.22 -1.55 -23.42
C LYS E 176 38.44 -0.76 -22.39
N PRO E 177 37.66 -1.40 -21.54
CA PRO E 177 37.04 -0.67 -20.43
C PRO E 177 38.10 -0.12 -19.49
N ILE E 178 37.85 1.09 -18.99
CA ILE E 178 38.81 1.74 -18.12
C ILE E 178 38.88 1.03 -16.77
N LEU E 179 37.72 0.60 -16.25
CA LEU E 179 37.55 -0.26 -15.09
C LEU E 179 37.84 0.43 -13.76
N LYS E 180 38.48 1.59 -13.77
CA LYS E 180 38.94 2.15 -12.51
C LYS E 180 38.91 3.66 -12.57
N ALA E 181 38.36 4.26 -11.51
CA ALA E 181 38.44 5.70 -11.34
C ALA E 181 39.88 6.17 -11.34
N GLY E 182 40.80 5.35 -10.83
CA GLY E 182 42.20 5.72 -10.87
C GLY E 182 42.76 5.76 -12.29
N ARG E 183 42.37 4.79 -13.12
CA ARG E 183 42.82 4.80 -14.50
C ARG E 183 42.27 6.01 -15.24
N ALA E 184 41.01 6.37 -14.97
CA ALA E 184 40.45 7.58 -15.56
C ALA E 184 41.19 8.82 -15.06
N TYR E 185 41.57 8.83 -13.78
CA TYR E 185 42.31 9.95 -13.21
C TYR E 185 43.64 10.12 -13.91
N HIS E 186 44.36 9.02 -14.11
CA HIS E 186 45.64 9.09 -14.81
C HIS E 186 45.45 9.47 -16.27
N LYS E 187 44.35 9.06 -16.88
CA LYS E 187 44.08 9.43 -18.26
C LYS E 187 43.90 10.94 -18.40
N TYR E 188 43.11 11.54 -17.51
CA TYR E 188 42.80 12.95 -17.68
C TYR E 188 43.83 13.87 -17.03
N LYS E 189 44.68 13.34 -16.15
CA LYS E 189 45.75 14.15 -15.59
C LYS E 189 46.74 14.57 -16.66
N ALA E 190 46.91 13.75 -17.68
CA ALA E 190 47.78 14.10 -18.79
C ALA E 190 47.10 14.99 -19.82
N LYS E 191 45.81 15.29 -19.65
CA LYS E 191 45.07 16.08 -20.63
C LYS E 191 44.66 17.44 -20.09
N ARG E 192 43.83 17.49 -19.04
CA ARG E 192 43.33 18.76 -18.52
C ARG E 192 42.47 18.45 -17.30
N ASN E 193 42.04 19.52 -16.62
CA ASN E 193 41.26 19.39 -15.39
C ASN E 193 39.78 19.33 -15.77
N CYS E 194 39.32 18.13 -16.12
CA CYS E 194 37.92 17.97 -16.49
C CYS E 194 37.25 16.74 -15.91
N TRP E 195 37.98 15.83 -15.27
CA TRP E 195 37.45 14.47 -15.13
C TRP E 195 36.40 14.31 -14.05
N PRO E 196 36.67 14.57 -12.76
CA PRO E 196 35.63 14.26 -11.77
C PRO E 196 34.48 15.21 -11.97
N ARG E 197 33.40 14.68 -12.54
CA ARG E 197 32.31 15.49 -13.07
C ARG E 197 31.13 15.36 -12.13
N VAL E 198 30.76 16.45 -11.48
CA VAL E 198 29.64 16.47 -10.56
C VAL E 198 28.38 16.74 -11.35
N ARG E 199 27.35 15.93 -11.11
CA ARG E 199 26.07 16.15 -11.77
C ARG E 199 25.45 17.46 -11.31
N GLY E 200 24.82 18.16 -12.25
CA GLY E 200 24.19 19.43 -11.91
C GLY E 200 23.03 19.29 -10.95
N VAL E 201 22.29 18.18 -11.06
CA VAL E 201 21.18 17.92 -10.14
C VAL E 201 21.67 17.76 -8.71
N ALA E 202 22.92 17.36 -8.53
CA ALA E 202 23.51 17.21 -7.20
C ALA E 202 24.03 18.52 -6.64
N MET E 203 23.90 19.61 -7.36
CA MET E 203 24.37 20.92 -6.93
C MET E 203 23.24 21.71 -6.31
N ASN E 204 23.59 22.87 -5.78
CA ASN E 204 22.64 23.84 -5.28
C ASN E 204 22.19 24.75 -6.41
N PRO E 205 21.03 25.42 -6.28
CA PRO E 205 20.55 26.26 -7.38
C PRO E 205 21.45 27.43 -7.71
N VAL E 206 22.35 27.82 -6.82
CA VAL E 206 23.16 29.00 -7.06
C VAL E 206 24.22 28.74 -8.13
N GLU E 207 24.76 27.52 -8.21
CA GLU E 207 25.81 27.26 -9.19
C GLU E 207 25.38 26.37 -10.35
N HIS E 208 24.07 26.08 -10.48
CA HIS E 208 23.64 25.34 -11.65
C HIS E 208 22.17 25.56 -11.91
N PRO E 209 21.75 25.61 -13.19
CA PRO E 209 20.31 25.64 -13.48
C PRO E 209 19.56 24.44 -12.97
N PHE E 210 20.19 23.27 -12.92
CA PHE E 210 19.52 22.05 -12.51
C PHE E 210 19.61 21.79 -11.02
N GLY E 211 20.28 22.65 -10.27
CA GLY E 211 20.50 22.39 -8.87
C GLY E 211 19.25 22.63 -8.03
N GLY E 212 19.27 22.06 -6.83
CA GLY E 212 18.22 22.30 -5.87
C GLY E 212 17.10 21.29 -5.92
N GLY E 213 16.17 21.46 -5.01
CA GLY E 213 15.02 20.60 -4.88
C GLY E 213 15.21 19.55 -3.80
N ASN E 214 14.09 19.12 -3.22
CA ASN E 214 14.15 18.09 -2.19
C ASN E 214 14.38 16.70 -2.78
N HIS E 215 14.11 16.52 -4.07
CA HIS E 215 14.52 15.34 -4.80
C HIS E 215 15.46 15.77 -5.92
N GLN E 216 16.41 14.90 -6.25
CA GLN E 216 17.36 15.17 -7.34
C GLN E 216 16.62 14.99 -8.67
N HIS E 217 15.94 16.05 -9.08
CA HIS E 217 15.24 16.07 -10.36
C HIS E 217 15.62 17.36 -11.09
N ILE E 218 15.56 17.30 -12.41
CA ILE E 218 15.92 18.47 -13.20
C ILE E 218 14.87 19.57 -13.05
N GLY E 219 13.59 19.19 -13.14
CA GLY E 219 12.51 20.13 -12.92
C GLY E 219 12.13 20.98 -14.11
N LYS E 220 12.95 21.02 -15.15
CA LYS E 220 12.69 21.75 -16.37
C LYS E 220 13.19 20.88 -17.52
N PRO E 221 12.71 21.11 -18.73
CA PRO E 221 13.21 20.32 -19.87
C PRO E 221 14.72 20.47 -20.04
N SER E 222 15.41 19.33 -20.10
CA SER E 222 16.85 19.35 -20.21
C SER E 222 17.31 19.79 -21.59
N THR E 223 16.45 19.72 -22.60
CA THR E 223 16.79 20.28 -23.90
C THR E 223 16.70 21.79 -23.83
N ILE E 224 17.75 22.46 -24.29
CA ILE E 224 17.87 23.90 -24.18
C ILE E 224 18.14 24.49 -25.55
N ARG E 225 17.59 25.67 -25.81
CA ARG E 225 17.68 26.28 -27.12
C ARG E 225 19.12 26.68 -27.43
N ARG E 226 19.39 26.89 -28.72
CA ARG E 226 20.74 27.21 -29.14
C ARG E 226 21.18 28.58 -28.63
N ASP E 227 20.31 29.57 -28.71
CA ASP E 227 20.65 30.94 -28.33
C ASP E 227 20.44 31.21 -26.85
N ALA E 228 20.44 30.19 -26.02
CA ALA E 228 20.39 30.41 -24.59
C ALA E 228 21.67 31.10 -24.12
N PRO E 229 21.58 31.99 -23.14
CA PRO E 229 22.79 32.63 -22.63
C PRO E 229 23.69 31.65 -21.92
N ALA E 230 24.98 31.97 -21.91
CA ALA E 230 25.93 31.17 -21.15
C ALA E 230 25.60 31.25 -19.67
N GLY E 231 25.72 30.12 -19.00
CA GLY E 231 25.20 29.97 -17.66
C GLY E 231 23.82 29.35 -17.60
N ARG E 232 23.15 29.22 -18.73
CA ARG E 232 21.86 28.58 -18.83
C ARG E 232 21.87 27.37 -19.75
N LYS E 233 22.58 27.42 -20.87
CA LYS E 233 22.55 26.30 -21.81
C LYS E 233 23.41 25.17 -21.25
N VAL E 234 22.78 24.37 -20.39
CA VAL E 234 23.33 23.13 -19.90
C VAL E 234 22.33 22.04 -20.23
N GLY E 235 22.83 20.80 -20.26
CA GLY E 235 22.00 19.69 -20.65
C GLY E 235 22.16 19.38 -22.12
N LEU E 236 21.05 19.11 -22.81
CA LEU E 236 21.09 18.76 -24.22
C LEU E 236 20.92 20.04 -25.03
N ILE E 237 21.99 20.49 -25.65
CA ILE E 237 22.05 21.80 -26.28
C ILE E 237 21.53 21.68 -27.70
N ALA E 238 20.42 22.37 -27.99
CA ALA E 238 19.84 22.45 -29.34
C ALA E 238 19.60 21.06 -29.92
N ALA E 239 19.07 20.16 -29.09
CA ALA E 239 18.91 18.77 -29.48
C ALA E 239 17.81 18.63 -30.52
N ARG E 240 18.14 17.98 -31.64
CA ARG E 240 17.14 17.71 -32.65
C ARG E 240 16.18 16.62 -32.21
N ARG E 241 16.63 15.72 -31.34
CA ARG E 241 15.82 14.63 -30.83
C ARG E 241 16.47 14.14 -29.55
N THR E 242 15.70 13.37 -28.78
CA THR E 242 16.22 12.70 -27.60
C THR E 242 15.72 11.26 -27.63
N GLY E 243 16.29 10.44 -26.74
CA GLY E 243 15.77 9.10 -26.61
C GLY E 243 16.79 7.99 -26.73
N ARG E 244 16.59 7.10 -27.70
CA ARG E 244 17.35 5.87 -27.77
C ARG E 244 18.03 5.61 -29.10
N LEU E 245 17.69 6.36 -30.15
CA LEU E 245 18.25 6.18 -31.50
C LEU E 245 18.00 4.76 -32.01
N ARG E 246 16.73 4.48 -32.24
CA ARG E 246 16.30 3.19 -32.76
C ARG E 246 16.03 3.34 -34.26
N GLY E 247 17.00 2.92 -35.07
CA GLY E 247 16.81 2.94 -36.51
C GLY E 247 18.01 3.41 -37.30
N THR E 248 18.85 4.25 -36.70
CA THR E 248 20.04 4.76 -37.38
C THR E 248 21.09 5.25 -36.39
N SER F 1 3.72 15.32 38.97
CA SER F 1 2.96 14.09 38.81
C SER F 1 3.51 13.00 39.70
N HIS F 2 2.72 11.96 39.94
CA HIS F 2 3.12 10.88 40.81
C HIS F 2 4.28 10.10 40.21
N ARG F 3 5.10 9.52 41.07
CA ARG F 3 6.16 8.63 40.59
C ARG F 3 5.54 7.38 40.00
N LYS F 4 6.19 6.87 38.95
CA LYS F 4 5.54 5.90 38.07
C LYS F 4 5.31 4.56 38.77
N PHE F 5 6.27 4.13 39.59
CA PHE F 5 6.13 2.90 40.37
C PHE F 5 6.40 3.18 41.83
N SER F 6 5.71 2.44 42.68
CA SER F 6 5.88 2.61 44.13
C SER F 6 7.14 1.91 44.60
N ALA F 7 7.83 2.54 45.55
CA ALA F 7 9.01 1.96 46.15
C ALA F 7 9.10 2.47 47.57
N PRO F 8 9.42 1.60 48.53
CA PRO F 8 9.57 2.07 49.91
C PRO F 8 10.75 3.00 50.08
N ARG F 9 10.66 3.84 51.10
CA ARG F 9 11.66 4.86 51.37
C ARG F 9 12.98 4.24 51.81
N HIS F 10 14.08 4.84 51.37
CA HIS F 10 15.41 4.40 51.79
C HIS F 10 15.74 4.98 53.16
N GLY F 11 15.97 4.11 54.14
CA GLY F 11 16.38 4.55 55.45
C GLY F 11 15.20 4.93 56.33
N SER F 12 15.49 5.08 57.62
CA SER F 12 14.48 5.38 58.60
C SER F 12 14.60 6.83 59.07
N LEU F 13 13.46 7.50 59.20
CA LEU F 13 13.44 8.85 59.73
C LEU F 13 13.43 8.87 61.25
N GLY F 14 13.43 7.71 61.90
CA GLY F 14 13.49 7.65 63.35
C GLY F 14 14.87 7.85 63.91
N PHE F 15 15.88 7.97 63.06
CA PHE F 15 17.26 8.21 63.47
C PHE F 15 17.84 9.40 62.73
N LEU F 16 17.01 10.41 62.42
CA LEU F 16 17.45 11.47 61.52
C LEU F 16 18.68 12.26 61.94
N PRO F 17 18.88 12.64 63.19
CA PRO F 17 20.14 13.34 63.49
C PRO F 17 21.30 12.39 63.31
N ARG F 18 21.61 12.10 62.05
CA ARG F 18 22.61 11.11 61.68
C ARG F 18 24.00 11.70 61.86
N LYS F 19 24.30 11.99 63.12
CA LYS F 19 25.46 12.76 63.53
C LYS F 19 26.34 11.92 64.44
N ARG F 20 27.56 12.38 64.64
CA ARG F 20 28.44 11.76 65.63
C ARG F 20 27.80 11.89 67.01
N SER F 21 27.77 10.79 67.73
CA SER F 21 27.19 10.79 69.06
C SER F 21 27.97 11.74 69.97
N SER F 22 27.23 12.53 70.74
CA SER F 22 27.87 13.45 71.68
C SER F 22 28.52 12.74 72.84
N ARG F 23 28.28 11.44 73.01
CA ARG F 23 28.85 10.66 74.09
C ARG F 23 29.55 9.45 73.51
N HIS F 24 30.51 8.93 74.26
CA HIS F 24 31.22 7.72 73.89
C HIS F 24 30.73 6.49 74.63
N ARG F 25 30.12 6.67 75.81
CA ARG F 25 29.74 5.55 76.65
C ARG F 25 28.46 4.89 76.18
N GLY F 26 27.43 5.68 75.93
CA GLY F 26 26.13 5.12 75.62
C GLY F 26 25.24 5.13 76.84
N LYS F 27 24.32 6.07 76.91
CA LYS F 27 23.52 6.23 78.12
C LYS F 27 22.21 5.47 77.99
N VAL F 28 21.65 5.13 79.16
CA VAL F 28 20.54 4.19 79.21
C VAL F 28 19.27 4.81 78.63
N LYS F 29 18.93 6.02 79.06
CA LYS F 29 17.82 6.83 78.56
C LYS F 29 16.44 6.28 78.96
N SER F 30 16.40 5.06 79.50
CA SER F 30 15.16 4.51 80.04
C SER F 30 15.50 3.33 80.92
N PHE F 31 15.32 3.47 82.19
CA PHE F 31 15.53 2.33 83.06
C PHE F 31 14.24 1.54 83.20
N PRO F 32 14.31 0.26 83.57
CA PRO F 32 13.10 -0.52 83.74
C PRO F 32 12.19 0.09 84.80
N LYS F 33 10.89 -0.04 84.57
CA LYS F 33 9.91 0.48 85.51
C LYS F 33 10.06 -0.19 86.86
N ASP F 34 10.02 0.62 87.91
CA ASP F 34 10.29 0.16 89.26
C ASP F 34 8.99 -0.29 89.93
N ASP F 35 9.01 -1.48 90.51
CA ASP F 35 7.93 -1.95 91.36
C ASP F 35 8.48 -2.36 92.71
N PRO F 36 7.91 -1.88 93.81
CA PRO F 36 8.45 -2.22 95.14
C PRO F 36 8.33 -3.69 95.50
N SER F 37 7.49 -4.45 94.81
CA SER F 37 7.29 -5.85 95.17
C SER F 37 8.56 -6.67 94.97
N LYS F 38 9.32 -6.38 93.92
CA LYS F 38 10.53 -7.12 93.62
C LYS F 38 11.60 -6.83 94.67
N PRO F 39 12.59 -7.72 94.81
CA PRO F 39 13.72 -7.42 95.69
C PRO F 39 14.61 -6.34 95.09
N VAL F 40 15.44 -5.75 95.95
CA VAL F 40 16.32 -4.67 95.55
C VAL F 40 17.40 -5.19 94.62
N HIS F 41 17.57 -4.53 93.48
CA HIS F 41 18.53 -4.99 92.49
C HIS F 41 18.99 -3.82 91.62
N LEU F 42 20.08 -4.04 90.90
CA LEU F 42 20.58 -3.07 89.94
C LEU F 42 20.01 -3.34 88.56
N THR F 43 19.89 -2.28 87.76
CA THR F 43 19.26 -2.42 86.45
C THR F 43 20.21 -2.42 85.28
N ALA F 44 21.52 -2.23 85.49
CA ALA F 44 22.42 -2.11 84.36
C ALA F 44 23.85 -2.44 84.77
N PHE F 45 24.73 -2.48 83.77
CA PHE F 45 26.13 -2.85 83.97
C PHE F 45 26.94 -2.31 82.79
N LEU F 46 28.26 -2.25 82.96
CA LEU F 46 29.17 -1.79 81.92
C LEU F 46 30.14 -2.91 81.55
N GLY F 47 30.29 -3.15 80.26
CA GLY F 47 31.23 -4.13 79.75
C GLY F 47 32.04 -3.57 78.60
N TYR F 48 32.95 -4.40 78.09
CA TYR F 48 33.82 -4.01 76.99
C TYR F 48 33.81 -5.08 75.93
N LYS F 49 33.52 -4.70 74.69
CA LYS F 49 33.40 -5.65 73.60
C LYS F 49 34.76 -6.28 73.30
N ALA F 50 34.93 -7.55 73.68
CA ALA F 50 36.21 -8.22 73.48
C ALA F 50 36.33 -8.77 72.06
N GLY F 51 35.29 -9.43 71.57
CA GLY F 51 35.34 -10.02 70.25
C GLY F 51 34.19 -10.98 70.07
N MET F 52 34.23 -11.69 68.95
CA MET F 52 33.18 -12.61 68.56
C MET F 52 33.75 -14.01 68.37
N THR F 53 32.88 -15.00 68.51
CA THR F 53 33.21 -16.37 68.16
C THR F 53 31.90 -17.08 67.83
N HIS F 54 31.92 -18.40 67.77
CA HIS F 54 30.69 -19.14 67.56
C HIS F 54 30.68 -20.38 68.44
N ILE F 55 29.47 -20.86 68.69
CA ILE F 55 29.22 -21.95 69.61
C ILE F 55 28.36 -23.00 68.93
N VAL F 56 28.35 -24.19 69.50
CA VAL F 56 27.50 -25.29 69.06
C VAL F 56 26.56 -25.62 70.21
N ARG F 57 25.27 -25.68 69.93
CA ARG F 57 24.31 -26.03 70.96
C ARG F 57 23.14 -26.79 70.37
N GLU F 58 22.46 -27.54 71.23
CA GLU F 58 21.26 -28.28 70.85
C GLU F 58 20.04 -27.45 71.17
N VAL F 59 19.11 -27.39 70.24
CA VAL F 59 17.94 -26.52 70.33
C VAL F 59 16.77 -27.30 70.92
N ASP F 60 16.00 -26.63 71.78
CA ASP F 60 14.86 -27.24 72.45
C ASP F 60 13.60 -26.51 72.03
N ARG F 61 13.41 -26.37 70.72
CA ARG F 61 12.27 -25.66 70.15
C ARG F 61 11.32 -26.65 69.49
N PRO F 62 10.25 -27.08 70.15
CA PRO F 62 9.34 -28.05 69.55
C PRO F 62 8.63 -27.48 68.33
N GLY F 63 8.36 -28.35 67.36
CA GLY F 63 7.70 -27.95 66.14
C GLY F 63 8.61 -27.30 65.11
N SER F 64 9.90 -27.21 65.38
CA SER F 64 10.85 -26.56 64.49
C SER F 64 11.66 -27.61 63.73
N LYS F 65 12.22 -27.18 62.59
CA LYS F 65 13.09 -28.07 61.84
C LYS F 65 14.37 -28.38 62.61
N VAL F 66 14.77 -27.49 63.51
CA VAL F 66 15.99 -27.66 64.28
C VAL F 66 15.69 -28.15 65.70
N ASN F 67 14.54 -28.77 65.91
CA ASN F 67 14.22 -29.34 67.21
C ASN F 67 15.12 -30.52 67.50
N LYS F 68 15.75 -30.51 68.68
CA LYS F 68 16.69 -31.54 69.12
C LYS F 68 17.87 -31.68 68.17
N LYS F 69 18.18 -30.64 67.40
CA LYS F 69 19.27 -30.64 66.45
C LYS F 69 20.37 -29.72 66.93
N GLU F 70 21.55 -29.89 66.36
CA GLU F 70 22.70 -29.06 66.68
C GLU F 70 22.76 -27.86 65.74
N VAL F 71 23.03 -26.70 66.32
CA VAL F 71 23.19 -25.48 65.54
C VAL F 71 24.50 -24.81 65.94
N VAL F 72 25.03 -24.03 65.01
CA VAL F 72 26.19 -23.18 65.23
C VAL F 72 25.70 -21.75 65.24
N GLU F 73 26.01 -21.02 66.30
CA GLU F 73 25.50 -19.66 66.47
C GLU F 73 26.63 -18.71 66.83
N ALA F 74 26.63 -17.55 66.19
CA ALA F 74 27.61 -16.52 66.49
C ALA F 74 27.30 -15.86 67.82
N VAL F 75 28.34 -15.59 68.59
CA VAL F 75 28.22 -14.99 69.91
C VAL F 75 29.26 -13.90 70.05
N THR F 76 28.95 -12.93 70.92
CA THR F 76 29.85 -11.82 71.22
C THR F 76 30.28 -11.92 72.67
N ILE F 77 31.57 -11.73 72.92
CA ILE F 77 32.13 -11.76 74.26
C ILE F 77 32.25 -10.33 74.77
N VAL F 78 31.71 -10.08 75.95
CA VAL F 78 31.77 -8.75 76.58
C VAL F 78 32.43 -8.92 77.93
N GLU F 79 33.68 -8.49 78.04
CA GLU F 79 34.39 -8.59 79.31
C GLU F 79 33.78 -7.63 80.32
N THR F 80 33.41 -8.16 81.48
CA THR F 80 32.70 -7.42 82.51
C THR F 80 33.37 -7.62 83.86
N PRO F 81 34.47 -6.93 84.13
CA PRO F 81 35.02 -6.91 85.49
C PRO F 81 34.04 -6.22 86.43
N PRO F 82 34.07 -6.55 87.71
CA PRO F 82 33.06 -6.02 88.64
C PRO F 82 33.08 -4.51 88.72
N MET F 83 31.90 -3.91 88.78
CA MET F 83 31.77 -2.48 89.00
C MET F 83 32.12 -2.15 90.44
N VAL F 84 32.51 -0.90 90.68
CA VAL F 84 32.78 -0.42 92.03
C VAL F 84 31.81 0.73 92.31
N VAL F 85 31.09 0.64 93.42
CA VAL F 85 30.09 1.63 93.78
C VAL F 85 30.76 2.73 94.59
N VAL F 86 30.65 3.98 94.13
CA VAL F 86 31.31 5.11 94.76
C VAL F 86 30.36 6.23 95.13
N GLY F 87 29.08 6.12 94.79
CA GLY F 87 28.17 7.20 95.13
C GLY F 87 26.72 6.80 95.01
N ILE F 88 25.86 7.69 95.49
CA ILE F 88 24.42 7.53 95.43
C ILE F 88 23.80 8.86 95.02
N VAL F 89 22.97 8.84 93.98
CA VAL F 89 22.20 10.00 93.55
C VAL F 89 20.73 9.75 93.88
N GLY F 90 20.07 10.75 94.41
CA GLY F 90 18.63 10.73 94.59
C GLY F 90 17.97 11.64 93.56
N TYR F 91 16.80 11.24 93.09
CA TYR F 91 16.01 12.04 92.18
C TYR F 91 14.63 12.29 92.77
N VAL F 92 14.08 13.46 92.51
CA VAL F 92 12.75 13.80 92.97
C VAL F 92 11.89 14.14 91.75
N GLU F 93 10.63 13.70 91.79
CA GLU F 93 9.70 13.92 90.69
C GLU F 93 9.08 15.30 90.80
N THR F 94 9.13 16.06 89.72
CA THR F 94 8.63 17.43 89.64
C THR F 94 7.71 17.51 88.43
N PRO F 95 6.80 18.48 88.40
CA PRO F 95 6.04 18.71 87.16
C PRO F 95 6.89 19.14 85.98
N ARG F 96 8.20 19.26 86.14
CA ARG F 96 9.12 19.50 85.04
C ARG F 96 10.00 18.30 84.72
N GLY F 97 9.83 17.19 85.45
CA GLY F 97 10.58 15.98 85.21
C GLY F 97 11.28 15.51 86.47
N LEU F 98 12.14 14.52 86.31
CA LEU F 98 13.01 14.10 87.40
C LEU F 98 14.13 15.10 87.55
N ARG F 99 14.40 15.54 88.78
CA ARG F 99 15.55 16.39 89.00
C ARG F 99 16.42 15.84 90.12
N THR F 100 17.72 16.04 89.97
CA THR F 100 18.70 15.56 90.94
C THR F 100 18.51 16.30 92.25
N PHE F 101 18.30 15.55 93.32
CA PHE F 101 18.07 16.15 94.63
C PHE F 101 19.36 16.24 95.42
N LYS F 102 20.05 15.12 95.60
CA LYS F 102 21.28 15.11 96.37
C LYS F 102 22.17 13.96 95.91
N THR F 103 23.46 14.24 95.82
CA THR F 103 24.47 13.23 95.50
C THR F 103 25.41 13.08 96.68
N VAL F 104 25.62 11.85 97.12
CA VAL F 104 26.52 11.55 98.22
C VAL F 104 27.58 10.59 97.71
N PHE F 105 28.84 10.96 97.85
CA PHE F 105 29.94 10.15 97.37
C PHE F 105 30.63 9.45 98.53
N ALA F 106 31.10 8.24 98.27
CA ALA F 106 31.74 7.44 99.29
C ALA F 106 33.13 7.99 99.59
N GLU F 107 33.66 7.58 100.74
CA GLU F 107 35.06 7.79 101.03
C GLU F 107 35.90 6.85 100.17
N HIS F 108 37.19 7.17 100.05
CA HIS F 108 38.16 6.33 99.34
C HIS F 108 37.72 6.04 97.91
N ILE F 109 37.56 7.11 97.14
CA ILE F 109 37.28 6.97 95.72
C ILE F 109 38.56 6.51 95.03
N SER F 110 38.44 5.49 94.17
CA SER F 110 39.59 4.84 93.58
C SER F 110 40.36 5.80 92.66
N ASP F 111 41.62 5.46 92.43
CA ASP F 111 42.48 6.30 91.61
C ASP F 111 41.99 6.34 90.16
N GLU F 112 41.64 5.17 89.61
CA GLU F 112 41.15 5.13 88.23
C GLU F 112 39.82 5.86 88.10
N CYS F 113 39.00 5.81 89.15
CA CYS F 113 37.76 6.58 89.15
C CYS F 113 38.05 8.07 89.16
N LYS F 114 39.00 8.50 89.99
CA LYS F 114 39.36 9.91 90.05
C LYS F 114 39.96 10.40 88.75
N ARG F 115 40.54 9.51 87.95
CA ARG F 115 41.07 9.91 86.65
C ARG F 115 39.98 10.46 85.74
N ARG F 116 38.73 10.03 85.93
CA ARG F 116 37.64 10.47 85.07
C ARG F 116 37.39 11.96 85.19
N PHE F 117 37.72 12.55 86.33
CA PHE F 117 37.42 13.95 86.60
C PHE F 117 38.44 14.91 86.01
N TYR F 118 39.49 14.42 85.36
CA TYR F 118 40.57 15.25 84.89
C TYR F 118 40.79 15.05 83.40
N LYS F 119 40.91 16.16 82.68
CA LYS F 119 41.29 16.08 81.28
C LYS F 119 42.78 15.76 81.11
N ASN F 120 43.62 16.33 81.96
CA ASN F 120 45.06 16.06 81.94
C ASN F 120 45.44 15.55 83.32
N TRP F 121 45.39 14.22 83.48
CA TRP F 121 45.77 13.60 84.75
C TRP F 121 47.26 13.77 85.03
N HIS F 122 48.08 13.83 83.99
CA HIS F 122 49.53 13.91 84.16
C HIS F 122 49.94 15.19 84.87
N LYS F 123 49.32 16.31 84.52
CA LYS F 123 49.67 17.60 85.10
C LYS F 123 48.86 17.93 86.35
N SER F 124 47.88 17.11 86.70
CA SER F 124 46.99 17.42 87.81
C SER F 124 47.70 17.25 89.13
N LYS F 125 47.18 17.92 90.15
CA LYS F 125 47.62 17.73 91.53
C LYS F 125 46.82 16.67 92.26
N LYS F 126 45.87 16.02 91.57
CA LYS F 126 45.11 14.90 92.10
C LYS F 126 44.27 15.32 93.31
N LYS F 127 43.69 16.51 93.25
CA LYS F 127 43.03 17.11 94.40
C LYS F 127 41.54 16.79 94.49
N ALA F 128 40.97 16.08 93.50
CA ALA F 128 39.54 15.86 93.47
C ALA F 128 39.07 15.05 94.68
N PHE F 129 37.95 15.49 95.27
CA PHE F 129 37.29 14.86 96.41
C PHE F 129 38.17 14.79 97.65
N THR F 130 39.30 15.49 97.67
CA THR F 130 40.17 15.44 98.83
C THR F 130 39.56 16.15 100.03
N LYS F 131 38.94 17.31 99.81
CA LYS F 131 38.25 17.98 100.90
C LYS F 131 36.91 17.34 101.19
N TYR F 132 36.27 16.75 100.19
CA TYR F 132 34.99 16.09 100.41
C TYR F 132 35.15 14.86 101.28
N CYS F 133 36.19 14.07 101.05
CA CYS F 133 36.38 12.85 101.83
C CYS F 133 36.68 13.13 103.29
N LYS F 134 37.07 14.36 103.62
CA LYS F 134 37.34 14.71 105.01
C LYS F 134 36.06 14.81 105.83
N LYS F 135 34.91 14.97 105.19
CA LYS F 135 33.65 15.07 105.93
C LYS F 135 33.09 13.71 106.31
N TRP F 136 33.71 12.62 105.89
CA TRP F 136 33.32 11.30 106.36
C TRP F 136 33.95 10.96 107.70
N GLN F 137 34.79 11.84 108.25
CA GLN F 137 35.50 11.57 109.48
C GLN F 137 35.07 12.47 110.64
N ASP F 138 34.99 13.77 110.42
CA ASP F 138 34.59 14.66 111.50
C ASP F 138 33.10 14.53 111.78
N GLU F 139 32.70 14.94 113.00
CA GLU F 139 31.32 14.78 113.43
C GLU F 139 30.38 15.70 112.68
N ASP F 140 30.84 16.89 112.29
CA ASP F 140 29.98 17.82 111.57
C ASP F 140 29.64 17.26 110.20
N GLY F 141 30.66 16.81 109.45
CA GLY F 141 30.42 16.24 108.14
C GLY F 141 29.60 14.97 108.20
N LYS F 142 29.81 14.16 109.24
CA LYS F 142 29.02 12.94 109.38
C LYS F 142 27.55 13.27 109.63
N LYS F 143 27.27 14.28 110.46
CA LYS F 143 25.89 14.71 110.65
C LYS F 143 25.29 15.25 109.36
N GLN F 144 26.07 16.00 108.59
CA GLN F 144 25.57 16.52 107.32
C GLN F 144 25.26 15.37 106.36
N LEU F 145 26.10 14.34 106.33
CA LEU F 145 25.85 13.18 105.48
C LEU F 145 24.61 12.42 105.93
N GLU F 146 24.41 12.28 107.24
CA GLU F 146 23.21 11.61 107.72
C GLU F 146 21.96 12.41 107.38
N LYS F 147 22.03 13.74 107.47
CA LYS F 147 20.91 14.56 107.06
C LYS F 147 20.63 14.40 105.57
N ASP F 148 21.68 14.31 104.75
CA ASP F 148 21.48 14.09 103.32
C ASP F 148 20.82 12.76 103.06
N PHE F 149 21.25 11.71 103.76
CA PHE F 149 20.63 10.39 103.57
C PHE F 149 19.17 10.41 104.01
N SER F 150 18.86 11.07 105.13
CA SER F 150 17.48 11.16 105.59
C SER F 150 16.62 11.96 104.61
N SER F 151 17.18 13.03 104.04
CA SER F 151 16.45 13.80 103.04
C SER F 151 16.18 12.98 101.80
N MET F 152 17.16 12.19 101.36
CA MET F 152 16.92 11.28 100.25
C MET F 152 15.85 10.27 100.59
N LYS F 153 15.85 9.78 101.83
CA LYS F 153 14.86 8.79 102.25
C LYS F 153 13.45 9.36 102.23
N LYS F 154 13.29 10.61 102.67
CA LYS F 154 11.96 11.17 102.82
C LYS F 154 11.48 11.98 101.63
N TYR F 155 12.33 12.29 100.67
CA TYR F 155 11.94 13.13 99.56
C TYR F 155 12.13 12.51 98.18
N CYS F 156 13.16 11.70 97.99
CA CYS F 156 13.46 11.18 96.67
C CYS F 156 12.54 10.02 96.32
N GLN F 157 12.24 9.90 95.04
CA GLN F 157 11.41 8.84 94.51
C GLN F 157 12.23 7.69 93.94
N VAL F 158 13.21 7.99 93.12
CA VAL F 158 14.11 6.99 92.54
C VAL F 158 15.54 7.37 92.91
N ILE F 159 16.34 6.36 93.25
CA ILE F 159 17.74 6.61 93.53
C ILE F 159 18.58 5.76 92.58
N ARG F 160 19.79 6.24 92.33
CA ARG F 160 20.75 5.55 91.48
C ARG F 160 22.08 5.52 92.20
N VAL F 161 22.91 4.56 91.84
CA VAL F 161 24.26 4.45 92.38
C VAL F 161 25.24 4.83 91.29
N ILE F 162 26.27 5.58 91.68
CA ILE F 162 27.39 5.81 90.76
C ILE F 162 28.32 4.61 90.87
N ALA F 163 28.60 3.97 89.75
CA ALA F 163 29.52 2.85 89.70
C ALA F 163 30.51 3.09 88.59
N HIS F 164 31.76 2.69 88.81
CA HIS F 164 32.80 2.83 87.81
C HIS F 164 33.42 1.47 87.51
N THR F 165 33.95 1.37 86.29
CA THR F 165 34.64 0.17 85.87
C THR F 165 36.06 0.15 86.42
N GLN F 166 36.72 -1.00 86.31
CA GLN F 166 38.08 -1.18 86.79
C GLN F 166 39.01 -1.32 85.58
N MET F 167 39.69 -0.23 85.25
CA MET F 167 40.60 -0.21 84.11
C MET F 167 41.78 -1.15 84.31
N ARG F 168 42.29 -1.23 85.54
CA ARG F 168 43.51 -1.97 85.80
C ARG F 168 43.40 -3.45 85.47
N LEU F 169 42.18 -3.97 85.38
CA LEU F 169 41.95 -5.38 85.08
C LEU F 169 41.77 -5.64 83.59
N LEU F 170 41.79 -4.64 82.79
CA LEU F 170 41.58 -4.77 81.36
C LEU F 170 42.90 -4.65 80.61
N PRO F 171 43.02 -5.25 79.44
CA PRO F 171 44.29 -5.18 78.70
C PRO F 171 44.42 -3.93 77.86
N LEU F 172 43.56 -2.96 78.09
CA LEU F 172 43.50 -1.78 77.25
C LEU F 172 44.54 -0.75 77.66
N ARG F 173 44.83 0.17 76.74
CA ARG F 173 45.72 1.28 77.03
C ARG F 173 45.12 2.22 78.04
N GLN F 174 43.81 2.46 77.96
CA GLN F 174 43.17 3.47 78.78
C GLN F 174 43.16 3.09 80.25
N LYS F 175 43.55 4.03 81.10
CA LYS F 175 43.47 3.87 82.55
C LYS F 175 42.34 4.66 83.17
N LYS F 176 41.66 5.49 82.39
CA LYS F 176 40.56 6.31 82.89
C LYS F 176 39.31 5.47 82.99
N ALA F 177 38.76 5.33 84.19
CA ALA F 177 37.62 4.48 84.40
C ALA F 177 36.34 5.12 83.85
N HIS F 178 35.34 4.28 83.61
CA HIS F 178 34.05 4.74 83.13
C HIS F 178 33.07 4.78 84.29
N LEU F 179 32.46 5.94 84.48
CA LEU F 179 31.44 6.16 85.50
C LEU F 179 30.05 6.00 84.90
N MET F 180 29.10 5.64 85.75
CA MET F 180 27.74 5.40 85.29
C MET F 180 26.77 5.45 86.45
N GLU F 181 25.64 6.11 86.24
CA GLU F 181 24.51 6.01 87.16
C GLU F 181 23.70 4.77 86.80
N ILE F 182 23.60 3.82 87.72
CA ILE F 182 22.81 2.62 87.53
C ILE F 182 21.63 2.70 88.49
N GLN F 183 20.43 2.52 87.97
CA GLN F 183 19.24 2.65 88.79
C GLN F 183 19.05 1.41 89.67
N VAL F 184 18.62 1.66 90.90
CA VAL F 184 18.29 0.61 91.86
C VAL F 184 16.77 0.47 91.84
N ASN F 185 16.28 -0.73 91.56
CA ASN F 185 14.86 -0.99 91.48
C ASN F 185 14.48 -2.03 92.53
N GLY F 186 13.18 -2.11 92.79
CA GLY F 186 12.65 -3.19 93.60
C GLY F 186 12.62 -2.97 95.10
N GLY F 187 11.90 -1.97 95.56
CA GLY F 187 11.71 -1.80 96.98
C GLY F 187 11.35 -0.37 97.32
N THR F 188 11.18 -0.13 98.61
CA THR F 188 10.96 1.22 99.07
C THR F 188 12.25 2.03 98.96
N VAL F 189 12.10 3.35 99.01
CA VAL F 189 13.26 4.23 98.92
C VAL F 189 14.20 4.00 100.09
N ALA F 190 13.65 3.77 101.28
CA ALA F 190 14.48 3.48 102.42
C ALA F 190 15.27 2.19 102.23
N GLU F 191 14.61 1.15 101.72
CA GLU F 191 15.29 -0.13 101.53
C GLU F 191 16.39 -0.03 100.49
N LYS F 192 16.12 0.65 99.38
CA LYS F 192 17.14 0.76 98.34
C LYS F 192 18.27 1.68 98.77
N LEU F 193 17.98 2.70 99.59
CA LEU F 193 19.06 3.52 100.15
C LEU F 193 19.93 2.72 101.10
N ASP F 194 19.32 1.89 101.94
CA ASP F 194 20.12 1.03 102.82
C ASP F 194 20.98 0.08 102.02
N TRP F 195 20.40 -0.52 100.98
CA TRP F 195 21.15 -1.45 100.13
C TRP F 195 22.33 -0.76 99.46
N ALA F 196 22.09 0.42 98.88
CA ALA F 196 23.15 1.16 98.21
C ALA F 196 24.23 1.58 99.20
N ARG F 197 23.83 2.01 100.39
CA ARG F 197 24.79 2.47 101.38
C ARG F 197 25.66 1.31 101.86
N GLU F 198 25.09 0.11 101.97
CA GLU F 198 25.93 -1.04 102.28
C GLU F 198 26.84 -1.39 101.11
N ARG F 199 26.39 -1.14 99.88
CA ARG F 199 27.25 -1.44 98.73
C ARG F 199 28.25 -0.34 98.42
N LEU F 200 28.24 0.77 99.16
CA LEU F 200 29.25 1.80 98.94
C LEU F 200 30.65 1.25 99.15
N GLU F 201 31.58 1.68 98.29
CA GLU F 201 32.98 1.27 98.24
C GLU F 201 33.16 -0.20 97.86
N GLN F 202 32.10 -0.89 97.47
CA GLN F 202 32.15 -2.32 97.24
C GLN F 202 32.13 -2.65 95.76
N GLN F 203 32.40 -3.91 95.46
CA GLN F 203 32.43 -4.42 94.10
C GLN F 203 31.18 -5.25 93.84
N VAL F 204 30.49 -4.93 92.75
CA VAL F 204 29.32 -5.65 92.28
C VAL F 204 29.74 -6.44 91.04
N PRO F 205 29.80 -7.77 91.10
CA PRO F 205 30.10 -8.56 89.90
C PRO F 205 28.88 -8.66 89.00
N VAL F 206 29.14 -9.05 87.75
CA VAL F 206 28.10 -9.06 86.73
C VAL F 206 27.06 -10.15 86.98
N ASN F 207 27.40 -11.21 87.71
CA ASN F 207 26.44 -12.26 87.97
C ASN F 207 25.39 -11.86 89.00
N GLN F 208 25.65 -10.83 89.80
CA GLN F 208 24.63 -10.28 90.68
C GLN F 208 23.65 -9.38 89.96
N VAL F 209 24.02 -8.87 88.79
CA VAL F 209 23.13 -8.00 88.02
C VAL F 209 22.36 -8.78 86.98
N PHE F 210 23.03 -9.67 86.25
CA PHE F 210 22.40 -10.44 85.19
C PHE F 210 22.53 -11.93 85.49
N GLY F 211 21.64 -12.71 84.88
CA GLY F 211 21.64 -14.15 85.06
C GLY F 211 21.77 -14.88 83.74
N GLN F 212 21.85 -16.20 83.86
CA GLN F 212 21.94 -17.06 82.68
C GLN F 212 20.66 -16.92 81.85
N ASP F 213 20.81 -17.15 80.54
CA ASP F 213 19.79 -17.24 79.50
C ASP F 213 18.60 -16.29 79.70
N GLU F 214 18.90 -15.03 79.98
CA GLU F 214 17.90 -13.97 79.96
C GLU F 214 18.26 -13.00 78.84
N MET F 215 17.26 -12.27 78.37
CA MET F 215 17.44 -11.38 77.23
C MET F 215 17.51 -9.95 77.72
N ILE F 216 18.60 -9.28 77.38
CA ILE F 216 18.89 -7.93 77.87
C ILE F 216 18.98 -6.98 76.69
N ASP F 217 19.22 -5.71 76.96
CA ASP F 217 19.41 -4.69 75.94
C ASP F 217 20.84 -4.21 75.98
N VAL F 218 21.42 -3.96 74.82
CA VAL F 218 22.77 -3.48 74.69
C VAL F 218 22.74 -2.08 74.10
N ILE F 219 23.39 -1.15 74.78
CA ILE F 219 23.40 0.26 74.40
C ILE F 219 24.85 0.65 74.14
N GLY F 220 25.08 1.31 73.02
CA GLY F 220 26.45 1.68 72.72
C GLY F 220 26.53 2.51 71.47
N VAL F 221 27.74 2.92 71.14
CA VAL F 221 28.01 3.74 69.97
C VAL F 221 28.60 2.84 68.89
N THR F 222 28.05 2.93 67.69
CA THR F 222 28.47 2.04 66.61
C THR F 222 29.85 2.43 66.08
N LYS F 223 30.35 1.63 65.14
CA LYS F 223 31.65 1.89 64.56
C LYS F 223 31.60 3.11 63.65
N GLY F 224 32.58 4.01 63.80
CA GLY F 224 32.63 5.19 62.97
C GLY F 224 33.10 4.87 61.57
N LYS F 225 32.46 5.48 60.59
CA LYS F 225 32.82 5.30 59.19
C LYS F 225 33.24 6.60 58.52
N GLY F 226 33.30 7.70 59.24
CA GLY F 226 33.70 8.95 58.65
C GLY F 226 32.61 9.54 57.79
N TYR F 227 33.03 10.43 56.89
CA TYR F 227 32.11 11.15 56.02
C TYR F 227 31.77 10.25 54.85
N LYS F 228 30.49 9.96 54.65
CA LYS F 228 30.08 9.01 53.63
C LYS F 228 29.04 9.63 52.71
N GLY F 229 28.96 9.10 51.49
CA GLY F 229 28.00 9.56 50.51
C GLY F 229 26.64 8.92 50.69
N VAL F 230 25.74 9.27 49.77
CA VAL F 230 24.36 8.79 49.88
C VAL F 230 24.28 7.29 49.63
N THR F 231 25.11 6.77 48.74
CA THR F 231 25.02 5.35 48.39
C THR F 231 25.45 4.47 49.55
N SER F 232 26.46 4.89 50.30
CA SER F 232 26.88 4.12 51.46
C SER F 232 26.10 4.45 52.72
N ARG F 233 25.58 5.67 52.82
CA ARG F 233 24.92 6.15 54.02
C ARG F 233 23.45 5.78 54.07
N TRP F 234 22.73 5.98 52.96
CA TRP F 234 21.30 5.70 52.90
C TRP F 234 20.98 4.54 51.97
N HIS F 235 21.98 3.96 51.33
CA HIS F 235 21.81 2.79 50.48
C HIS F 235 20.82 3.05 49.35
N THR F 236 20.94 4.22 48.74
CA THR F 236 20.14 4.55 47.58
C THR F 236 20.69 3.84 46.34
N LYS F 237 19.88 3.82 45.29
CA LYS F 237 20.27 3.14 44.07
C LYS F 237 21.39 3.90 43.38
N LYS F 238 22.40 3.17 42.92
CA LYS F 238 23.46 3.78 42.13
C LYS F 238 22.94 4.19 40.76
N LEU F 239 23.34 5.37 40.31
CA LEU F 239 22.95 5.86 39.00
C LEU F 239 23.70 5.10 37.91
N PRO F 240 23.18 5.12 36.69
CA PRO F 240 23.83 4.35 35.61
C PRO F 240 25.22 4.87 35.29
N ARG F 241 25.97 4.01 34.58
CA ARG F 241 27.36 4.32 34.27
C ARG F 241 27.49 5.55 33.40
N LYS F 242 26.47 5.85 32.59
CA LYS F 242 26.51 6.96 31.64
C LYS F 242 26.31 8.31 32.30
N THR F 243 26.11 8.38 33.61
CA THR F 243 25.86 9.65 34.28
C THR F 243 27.09 10.54 34.23
N HIS F 244 26.87 11.83 33.98
CA HIS F 244 27.96 12.75 33.69
C HIS F 244 28.72 13.15 34.94
N ARG F 245 28.05 13.82 35.87
CA ARG F 245 28.74 14.44 37.00
C ARG F 245 28.87 13.52 38.19
N GLY F 246 28.51 12.25 38.06
CA GLY F 246 28.64 11.33 39.16
C GLY F 246 27.45 10.42 39.34
N LEU F 247 27.70 9.15 39.66
CA LEU F 247 26.65 8.17 39.77
C LEU F 247 26.35 7.73 41.19
N ARG F 248 27.19 8.08 42.16
CA ARG F 248 26.90 7.78 43.56
C ARG F 248 26.16 8.92 44.23
N LYS F 249 25.05 9.34 43.61
CA LYS F 249 24.28 10.48 44.06
C LYS F 249 22.80 10.14 44.05
N VAL F 250 22.03 10.99 44.72
CA VAL F 250 20.57 10.99 44.57
C VAL F 250 20.24 11.97 43.45
N ALA F 251 19.53 11.50 42.43
CA ALA F 251 19.33 12.31 41.24
C ALA F 251 18.47 13.53 41.51
N CYS F 252 17.32 13.35 42.14
CA CYS F 252 16.42 14.45 42.45
C CYS F 252 16.33 14.60 43.95
N ILE F 253 16.69 15.78 44.46
CA ILE F 253 16.63 16.05 45.88
C ILE F 253 15.40 16.88 46.25
N GLY F 254 14.39 16.88 45.40
CA GLY F 254 13.14 17.54 45.72
C GLY F 254 12.50 18.12 44.47
N ALA F 255 11.21 18.37 44.58
CA ALA F 255 10.46 19.00 43.50
C ALA F 255 10.72 20.49 43.49
N TRP F 256 10.17 21.17 42.47
CA TRP F 256 10.26 22.63 42.42
C TRP F 256 9.62 23.26 43.63
N HIS F 257 8.48 22.75 44.06
CA HIS F 257 7.89 23.20 45.30
C HIS F 257 7.73 22.01 46.24
N PRO F 258 7.98 22.18 47.54
CA PRO F 258 8.11 23.42 48.34
C PRO F 258 9.36 24.29 48.24
N ALA F 259 10.16 24.30 47.17
CA ALA F 259 11.23 25.28 46.93
C ALA F 259 12.30 25.24 48.00
N ARG F 260 12.42 24.10 48.69
CA ARG F 260 13.46 23.88 49.68
C ARG F 260 13.81 22.40 49.63
N VAL F 261 14.97 22.07 50.18
CA VAL F 261 15.34 20.67 50.32
C VAL F 261 14.73 20.16 51.62
N ALA F 262 13.94 19.11 51.54
CA ALA F 262 13.28 18.57 52.71
C ALA F 262 14.29 17.82 53.58
N PHE F 263 13.94 17.70 54.87
CA PHE F 263 14.76 16.96 55.83
C PHE F 263 14.75 15.46 55.56
N SER F 264 13.84 14.97 54.74
CA SER F 264 13.69 13.54 54.48
C SER F 264 14.46 13.07 53.26
N VAL F 265 15.24 13.94 52.64
CA VAL F 265 15.99 13.61 51.44
C VAL F 265 17.38 13.11 51.84
N ALA F 266 17.79 11.99 51.27
CA ALA F 266 19.06 11.37 51.60
C ALA F 266 20.22 12.23 51.15
N ARG F 267 21.11 12.59 52.08
CA ARG F 267 22.24 13.44 51.76
C ARG F 267 23.49 12.96 52.48
N ALA F 268 24.64 13.29 51.92
CA ALA F 268 25.91 12.79 52.39
C ALA F 268 26.30 13.43 53.72
N GLY F 269 27.14 12.73 54.47
CA GLY F 269 27.61 13.26 55.73
C GLY F 269 28.24 12.16 56.57
N GLN F 270 28.17 12.37 57.89
CA GLN F 270 28.72 11.39 58.83
C GLN F 270 27.95 10.08 58.75
N LYS F 271 28.69 8.98 58.75
CA LYS F 271 28.12 7.65 58.88
C LYS F 271 28.83 6.93 60.01
N GLY F 272 28.06 6.21 60.81
CA GLY F 272 28.62 5.50 61.93
C GLY F 272 28.85 6.41 63.12
N TYR F 273 29.34 5.80 64.20
CA TYR F 273 29.50 6.45 65.49
C TYR F 273 28.19 7.08 65.96
N HIS F 274 27.12 6.30 65.85
CA HIS F 274 25.80 6.70 66.28
C HIS F 274 25.42 5.93 67.54
N HIS F 275 24.72 6.60 68.45
CA HIS F 275 24.23 5.94 69.65
C HIS F 275 23.04 5.05 69.29
N ARG F 276 23.10 3.79 69.69
CA ARG F 276 22.07 2.82 69.35
C ARG F 276 21.76 1.95 70.56
N THR F 277 20.55 1.41 70.56
CA THR F 277 20.06 0.52 71.60
C THR F 277 19.40 -0.68 70.93
N GLU F 278 20.00 -1.85 71.08
CA GLU F 278 19.45 -3.08 70.55
C GLU F 278 18.87 -3.91 71.69
N ILE F 279 17.61 -4.29 71.59
CA ILE F 279 16.96 -5.04 72.63
C ILE F 279 16.99 -6.52 72.28
N ASN F 280 16.72 -7.35 73.29
CA ASN F 280 16.51 -8.79 73.12
C ASN F 280 17.77 -9.49 72.61
N LYS F 281 18.86 -9.31 73.36
CA LYS F 281 20.08 -10.07 73.17
C LYS F 281 20.19 -11.08 74.30
N LYS F 282 20.21 -12.35 73.96
CA LYS F 282 20.19 -13.41 74.97
C LYS F 282 21.57 -13.62 75.54
N ILE F 283 21.63 -13.89 76.85
CA ILE F 283 22.88 -14.18 77.53
C ILE F 283 23.11 -15.69 77.41
N TYR F 284 24.01 -16.10 76.53
CA TYR F 284 24.31 -17.52 76.46
C TYR F 284 25.19 -17.98 77.60
N LYS F 285 26.11 -17.15 78.08
CA LYS F 285 26.98 -17.60 79.15
C LYS F 285 27.41 -16.43 80.01
N ILE F 286 27.70 -16.71 81.27
CA ILE F 286 28.40 -15.76 82.13
C ILE F 286 29.66 -16.47 82.62
N GLY F 287 30.79 -16.12 82.01
CA GLY F 287 32.04 -16.74 82.39
C GLY F 287 32.53 -16.30 83.75
N GLN F 288 33.38 -17.12 84.34
CA GLN F 288 33.73 -16.95 85.75
C GLN F 288 35.05 -16.21 85.94
N GLY F 289 35.90 -16.14 84.93
CA GLY F 289 37.15 -15.42 85.05
C GLY F 289 38.26 -16.27 85.63
N TYR F 290 39.44 -15.68 85.67
CA TYR F 290 40.63 -16.40 86.10
C TYR F 290 40.74 -16.41 87.61
N LEU F 291 41.06 -17.56 88.18
CA LEU F 291 41.29 -17.70 89.61
C LEU F 291 42.67 -18.28 89.85
N ILE F 292 43.17 -18.05 91.06
CA ILE F 292 44.36 -18.74 91.56
C ILE F 292 44.06 -19.25 92.96
N LYS F 293 43.70 -20.51 93.09
CA LYS F 293 43.58 -21.14 94.39
C LYS F 293 44.88 -21.86 94.76
N ASP F 294 45.30 -22.79 93.92
CA ASP F 294 46.64 -23.36 93.96
C ASP F 294 47.35 -23.25 92.62
N GLY F 295 46.61 -23.46 91.53
CA GLY F 295 47.10 -23.12 90.20
C GLY F 295 46.07 -22.25 89.49
N LYS F 296 46.50 -21.69 88.37
CA LYS F 296 45.63 -20.80 87.62
C LYS F 296 44.53 -21.60 86.92
N LEU F 297 43.29 -21.16 87.06
CA LEU F 297 42.14 -21.84 86.50
C LEU F 297 41.61 -21.07 85.30
N ILE F 298 41.50 -21.76 84.17
CA ILE F 298 41.02 -21.14 82.93
C ILE F 298 39.93 -21.99 82.32
N LYS F 299 39.71 -23.19 82.87
CA LYS F 299 38.69 -24.08 82.31
C LYS F 299 37.29 -23.47 82.40
N ASN F 300 37.02 -22.71 83.46
CA ASN F 300 35.70 -22.17 83.75
C ASN F 300 35.25 -21.12 82.74
N ASN F 301 36.04 -20.87 81.69
CA ASN F 301 35.69 -19.89 80.68
C ASN F 301 35.13 -20.51 79.42
N ALA F 302 35.74 -21.59 78.93
CA ALA F 302 35.30 -22.19 77.68
C ALA F 302 34.97 -23.68 77.78
N SER F 303 35.30 -24.34 78.88
CA SER F 303 34.94 -25.74 79.01
C SER F 303 33.44 -25.85 79.24
N THR F 304 32.79 -26.74 78.50
CA THR F 304 31.37 -27.00 78.65
C THR F 304 31.16 -28.34 79.33
N ASP F 305 29.90 -28.72 79.49
CA ASP F 305 29.58 -30.00 80.11
C ASP F 305 29.83 -31.17 79.17
N TYR F 306 30.09 -30.92 77.89
CA TYR F 306 30.39 -31.97 76.93
C TYR F 306 31.79 -31.86 76.35
N ASP F 307 32.49 -30.75 76.58
CA ASP F 307 33.85 -30.56 76.08
C ASP F 307 34.88 -31.05 77.09
N LEU F 308 34.83 -30.53 78.31
CA LEU F 308 35.76 -30.89 79.39
C LEU F 308 37.21 -30.65 78.97
N SER F 309 37.42 -29.60 78.19
CA SER F 309 38.75 -29.23 77.72
C SER F 309 39.24 -28.02 78.49
N ASP F 310 40.45 -28.12 79.04
CA ASP F 310 41.02 -27.04 79.85
C ASP F 310 41.44 -25.91 78.92
N LYS F 311 40.47 -25.08 78.56
CA LYS F 311 40.73 -23.93 77.72
C LYS F 311 39.86 -22.76 78.16
N SER F 312 40.37 -21.55 77.94
CA SER F 312 39.67 -20.34 78.28
C SER F 312 38.97 -19.78 77.05
N ILE F 313 38.20 -18.71 77.25
CA ILE F 313 37.44 -18.12 76.16
C ILE F 313 38.34 -17.47 75.13
N ASN F 314 39.58 -17.19 75.48
CA ASN F 314 40.49 -16.50 74.57
C ASN F 314 40.79 -17.39 73.37
N PRO F 315 40.73 -16.86 72.15
CA PRO F 315 41.09 -17.66 70.98
C PRO F 315 42.59 -17.92 70.98
N LEU F 316 42.99 -18.81 70.08
CA LEU F 316 44.41 -19.12 69.94
C LEU F 316 45.13 -17.89 69.40
N GLY F 317 46.15 -17.43 70.11
CA GLY F 317 46.80 -16.20 69.76
C GLY F 317 46.15 -14.93 70.27
N GLY F 318 45.07 -15.06 71.04
CA GLY F 318 44.44 -13.91 71.68
C GLY F 318 43.36 -13.30 70.82
N PHE F 319 42.52 -12.49 71.46
CA PHE F 319 41.48 -11.75 70.76
C PHE F 319 42.12 -10.68 69.88
N VAL F 320 41.75 -10.64 68.61
CA VAL F 320 42.37 -9.72 67.68
C VAL F 320 41.93 -8.30 68.00
N HIS F 321 42.90 -7.39 68.09
CA HIS F 321 42.72 -5.97 68.35
C HIS F 321 42.12 -5.69 69.72
N TYR F 322 42.06 -6.67 70.61
CA TYR F 322 41.58 -6.42 71.96
C TYR F 322 42.62 -6.76 73.03
N GLY F 323 43.10 -7.98 73.07
CA GLY F 323 43.94 -8.43 74.16
C GLY F 323 43.43 -9.76 74.69
N GLU F 324 43.77 -10.04 75.94
CA GLU F 324 43.40 -11.29 76.60
C GLU F 324 42.32 -11.01 77.63
N VAL F 325 41.29 -11.85 77.64
CA VAL F 325 40.18 -11.70 78.58
C VAL F 325 40.47 -12.55 79.81
N THR F 326 40.56 -11.89 80.96
CA THR F 326 40.88 -12.56 82.20
C THR F 326 39.84 -12.37 83.29
N ASN F 327 38.85 -11.51 83.09
CA ASN F 327 37.83 -11.23 84.08
C ASN F 327 36.53 -11.94 83.71
N ASP F 328 35.47 -11.63 84.43
CA ASP F 328 34.15 -12.13 84.08
C ASP F 328 33.76 -11.61 82.70
N PHE F 329 33.05 -12.45 81.94
CA PHE F 329 32.58 -12.04 80.63
C PHE F 329 31.15 -12.50 80.44
N VAL F 330 30.45 -11.85 79.53
CA VAL F 330 29.09 -12.22 79.15
C VAL F 330 29.10 -12.64 77.70
N MET F 331 28.76 -13.89 77.44
CA MET F 331 28.58 -14.42 76.09
C MET F 331 27.14 -14.16 75.67
N LEU F 332 26.95 -13.11 74.86
CA LEU F 332 25.68 -12.74 74.28
C LEU F 332 25.50 -13.41 72.94
N LYS F 333 24.25 -13.46 72.48
CA LYS F 333 23.93 -14.08 71.20
C LYS F 333 23.90 -13.03 70.10
N GLY F 334 24.68 -13.24 69.05
CA GLY F 334 24.65 -12.39 67.88
C GLY F 334 25.70 -11.30 67.91
N CYS F 335 25.42 -10.24 67.17
CA CYS F 335 26.34 -9.12 67.02
C CYS F 335 25.92 -7.97 67.93
N VAL F 336 26.90 -7.14 68.27
CA VAL F 336 26.74 -6.02 69.19
C VAL F 336 27.40 -4.79 68.58
N VAL F 337 26.75 -3.64 68.72
CA VAL F 337 27.28 -2.41 68.14
C VAL F 337 28.66 -2.09 68.70
N GLY F 338 29.44 -1.35 67.92
CA GLY F 338 30.72 -0.83 68.37
C GLY F 338 31.89 -1.62 67.83
N THR F 339 33.07 -1.02 67.99
CA THR F 339 34.33 -1.65 67.60
C THR F 339 34.76 -2.63 68.68
N LYS F 340 35.95 -3.19 68.53
CA LYS F 340 36.56 -3.91 69.64
C LYS F 340 36.93 -2.93 70.74
N LYS F 341 37.03 -3.47 71.96
CA LYS F 341 37.28 -2.72 73.20
C LYS F 341 36.45 -1.44 73.31
N ARG F 342 35.24 -1.48 72.77
CA ARG F 342 34.29 -0.40 72.92
C ARG F 342 33.41 -0.68 74.13
N VAL F 343 33.18 0.35 74.93
CA VAL F 343 32.42 0.22 76.15
C VAL F 343 30.94 0.13 75.82
N LEU F 344 30.27 -0.85 76.41
CA LEU F 344 28.86 -1.12 76.17
C LEU F 344 28.10 -1.10 77.48
N THR F 345 26.86 -0.65 77.41
CA THR F 345 25.95 -0.68 78.54
C THR F 345 24.99 -1.84 78.37
N LEU F 346 24.91 -2.69 79.38
CA LEU F 346 23.95 -3.79 79.40
C LEU F 346 22.83 -3.41 80.34
N ARG F 347 21.60 -3.46 79.85
CA ARG F 347 20.45 -3.01 80.61
C ARG F 347 19.43 -4.14 80.69
N LYS F 348 18.75 -4.21 81.83
CA LYS F 348 17.62 -5.14 81.96
C LYS F 348 16.53 -4.78 80.96
N SER F 349 15.86 -5.81 80.46
CA SER F 349 14.82 -5.60 79.47
C SER F 349 13.67 -4.79 80.04
N LEU F 350 13.22 -3.79 79.27
CA LEU F 350 12.05 -3.02 79.66
C LEU F 350 10.75 -3.77 79.44
N LEU F 351 10.78 -4.88 78.71
CA LEU F 351 9.60 -5.62 78.33
C LEU F 351 9.45 -6.87 79.19
N VAL F 352 8.28 -7.50 79.07
CA VAL F 352 8.00 -8.76 79.74
C VAL F 352 8.30 -9.88 78.75
N GLN F 353 9.23 -10.76 79.12
CA GLN F 353 9.66 -11.84 78.23
C GLN F 353 8.74 -13.03 78.45
N THR F 354 7.84 -13.25 77.48
CA THR F 354 6.92 -14.38 77.52
C THR F 354 7.00 -15.28 76.30
N LYS F 355 7.64 -14.84 75.23
CA LYS F 355 7.75 -15.65 74.03
C LYS F 355 8.66 -16.85 74.28
N ARG F 356 8.52 -17.87 73.44
CA ARG F 356 9.31 -19.08 73.61
C ARG F 356 10.74 -18.90 73.12
N ARG F 357 11.01 -17.87 72.32
CA ARG F 357 12.38 -17.46 72.05
C ARG F 357 13.09 -17.09 73.34
N ALA F 358 12.44 -16.28 74.17
CA ALA F 358 12.93 -16.03 75.52
C ALA F 358 12.62 -17.23 76.40
N LEU F 359 13.08 -17.16 77.64
CA LEU F 359 12.83 -18.18 78.68
C LEU F 359 13.17 -19.59 78.19
N GLU F 360 14.05 -19.68 77.20
CA GLU F 360 14.51 -20.96 76.68
C GLU F 360 15.88 -21.26 77.28
N LYS F 361 16.02 -22.46 77.84
CA LYS F 361 17.27 -22.84 78.48
C LYS F 361 18.35 -23.04 77.43
N ILE F 362 19.52 -22.45 77.68
CA ILE F 362 20.66 -22.53 76.78
C ILE F 362 21.69 -23.45 77.41
N ASP F 363 22.04 -24.52 76.69
CA ASP F 363 23.04 -25.47 77.15
C ASP F 363 24.08 -25.63 76.06
N LEU F 364 25.25 -25.04 76.27
CA LEU F 364 26.31 -25.07 75.27
C LEU F 364 26.95 -26.45 75.21
N LYS F 365 27.28 -26.89 74.01
CA LYS F 365 28.06 -28.10 73.83
C LYS F 365 29.50 -27.83 73.44
N PHE F 366 29.77 -26.74 72.74
CA PHE F 366 31.11 -26.46 72.25
C PHE F 366 31.27 -24.96 72.05
N ILE F 367 32.43 -24.44 72.42
CA ILE F 367 32.78 -23.04 72.21
C ILE F 367 34.04 -23.01 71.36
N ASP F 368 33.98 -22.34 70.22
CA ASP F 368 35.11 -22.29 69.32
C ASP F 368 36.18 -21.37 69.84
N THR F 369 37.42 -21.85 69.86
CA THR F 369 38.56 -21.06 70.30
C THR F 369 39.71 -21.11 69.30
N THR F 370 39.39 -21.35 68.03
CA THR F 370 40.42 -21.28 66.99
C THR F 370 40.86 -19.84 66.81
N SER F 371 42.04 -19.68 66.21
CA SER F 371 42.59 -18.35 66.01
C SER F 371 41.73 -17.54 65.05
N LYS F 372 41.37 -16.34 65.47
CA LYS F 372 40.64 -15.42 64.62
C LYS F 372 41.57 -14.51 63.82
N PHE F 373 42.87 -14.59 64.07
CA PHE F 373 43.87 -13.83 63.33
C PHE F 373 44.32 -14.58 62.08
N GLY F 374 43.36 -15.00 61.27
CA GLY F 374 43.56 -15.84 60.12
C GLY F 374 42.57 -16.98 60.14
N HIS F 375 42.80 -17.96 59.28
CA HIS F 375 41.96 -19.15 59.26
C HIS F 375 42.51 -20.14 60.27
N GLY F 376 42.20 -19.87 61.54
CA GLY F 376 42.63 -20.77 62.60
C GLY F 376 42.00 -22.14 62.45
N ARG F 377 42.75 -23.18 62.81
CA ARG F 377 42.28 -24.54 62.62
C ARG F 377 42.58 -25.43 63.82
N PHE F 378 43.09 -24.90 64.91
CA PHE F 378 43.36 -25.66 66.12
C PHE F 378 42.68 -24.98 67.30
N GLN F 379 42.04 -25.78 68.15
CA GLN F 379 41.35 -25.21 69.29
C GLN F 379 42.34 -24.77 70.37
N THR F 380 43.37 -25.58 70.63
CA THR F 380 44.27 -25.33 71.74
C THR F 380 45.72 -25.50 71.31
N MET F 381 46.61 -24.90 72.11
CA MET F 381 48.04 -25.08 71.91
C MET F 381 48.42 -26.55 71.97
N GLU F 382 47.86 -27.28 72.94
CA GLU F 382 48.20 -28.68 73.11
C GLU F 382 47.75 -29.51 71.91
N GLU F 383 46.55 -29.22 71.39
CA GLU F 383 46.08 -29.91 70.20
C GLU F 383 46.96 -29.62 69.00
N LYS F 384 47.35 -28.36 68.83
CA LYS F 384 48.24 -28.01 67.71
C LYS F 384 49.58 -28.71 67.81
N LYS F 385 50.16 -28.75 69.01
CA LYS F 385 51.44 -29.42 69.21
C LYS F 385 51.32 -30.91 68.99
N ALA F 386 50.25 -31.52 69.48
CA ALA F 386 50.06 -32.95 69.29
C ALA F 386 49.87 -33.30 67.82
N PHE F 387 49.18 -32.43 67.07
CA PHE F 387 49.00 -32.70 65.65
C PHE F 387 50.30 -32.54 64.87
N MET F 388 51.02 -31.44 65.11
CA MET F 388 52.16 -31.15 64.26
C MET F 388 53.48 -31.76 64.73
N GLY F 389 53.51 -32.33 65.93
CA GLY F 389 54.73 -32.95 66.42
C GLY F 389 55.80 -31.92 66.71
N PRO F 390 57.03 -32.38 66.94
CA PRO F 390 58.13 -31.45 67.17
C PRO F 390 58.49 -30.69 65.90
N LEU F 391 59.01 -29.49 66.09
CA LEU F 391 59.41 -28.61 64.99
C LEU F 391 60.90 -28.29 65.11
N LYS F 392 61.41 -27.55 64.13
CA LYS F 392 62.83 -27.22 64.11
C LYS F 392 63.22 -26.31 65.27
N LYS F 393 62.38 -25.33 65.58
CA LYS F 393 62.69 -24.44 66.70
C LYS F 393 62.60 -25.18 68.03
N ASP F 394 61.66 -26.11 68.15
CA ASP F 394 61.61 -26.96 69.33
C ASP F 394 62.87 -27.82 69.44
N ARG F 395 63.35 -28.35 68.31
CA ARG F 395 64.56 -29.14 68.31
C ARG F 395 65.78 -28.34 68.74
N ILE F 396 65.92 -27.12 68.21
CA ILE F 396 67.07 -26.30 68.57
C ILE F 396 66.96 -25.75 69.98
N ALA F 397 65.74 -25.65 70.52
CA ALA F 397 65.60 -25.30 71.93
C ALA F 397 65.98 -26.47 72.84
N LYS F 398 65.52 -27.68 72.48
CA LYS F 398 65.83 -28.84 73.29
C LYS F 398 67.31 -29.21 73.22
N GLU F 399 67.97 -28.90 72.10
CA GLU F 399 69.41 -29.13 72.00
C GLU F 399 70.16 -28.28 73.01
N GLU F 400 69.75 -27.02 73.18
CA GLU F 400 70.39 -26.16 74.19
C GLU F 400 69.95 -26.52 75.60
N GLY F 401 68.71 -27.00 75.76
CA GLY F 401 68.25 -27.43 77.07
C GLY F 401 68.71 -28.80 77.50
N ALA F 402 69.38 -29.54 76.61
CA ALA F 402 69.94 -30.86 76.89
C ALA F 402 68.88 -31.85 77.41
N MET G 1 10.81 122.96 30.14
CA MET G 1 12.15 122.37 30.22
C MET G 1 12.68 121.97 28.86
N ALA G 2 11.87 121.21 28.11
CA ALA G 2 12.30 120.74 26.80
C ALA G 2 12.52 121.89 25.84
N CYS G 3 11.63 122.88 25.85
CA CYS G 3 11.77 124.04 24.99
C CYS G 3 12.75 125.07 25.53
N ALA G 4 13.18 124.93 26.78
CA ALA G 4 14.10 125.88 27.40
C ALA G 4 15.53 125.39 27.24
N ARG G 5 16.37 126.20 26.60
CA ARG G 5 17.77 125.86 26.36
C ARG G 5 18.67 126.88 27.03
N PRO G 6 19.31 126.53 28.15
CA PRO G 6 20.13 127.50 28.86
C PRO G 6 21.44 127.80 28.15
N LEU G 7 22.26 128.66 28.75
CA LEU G 7 23.57 129.00 28.22
C LEU G 7 24.64 128.35 29.08
N ILE G 8 25.55 127.62 28.45
CA ILE G 8 26.63 126.93 29.13
C ILE G 8 27.92 127.70 28.87
N SER G 9 28.62 128.05 29.93
CA SER G 9 29.87 128.77 29.80
C SER G 9 30.98 127.83 29.33
N VAL G 10 31.79 128.32 28.41
CA VAL G 10 32.96 127.60 27.94
C VAL G 10 34.11 127.90 28.89
N TYR G 11 34.71 126.86 29.44
CA TYR G 11 35.77 127.02 30.42
C TYR G 11 37.13 127.01 29.73
N SER G 12 38.00 127.92 30.16
CA SER G 12 39.34 127.99 29.59
C SER G 12 40.17 126.80 30.06
N GLU G 13 41.38 126.70 29.50
CA GLU G 13 42.28 125.62 29.87
C GLU G 13 42.73 125.71 31.32
N LYS G 14 42.57 126.87 31.95
CA LYS G 14 42.90 127.04 33.36
C LYS G 14 41.77 126.62 34.28
N GLY G 15 40.63 126.21 33.74
CA GLY G 15 39.54 125.69 34.52
C GLY G 15 38.43 126.67 34.82
N GLU G 16 38.68 127.96 34.68
CA GLU G 16 37.66 128.96 34.96
C GLU G 16 36.96 129.38 33.68
N SER G 17 35.85 130.09 33.85
CA SER G 17 35.04 130.50 32.71
C SER G 17 35.78 131.51 31.85
N SER G 18 35.64 131.38 30.54
CA SER G 18 36.27 132.27 29.59
C SER G 18 35.36 133.43 29.18
N GLY G 19 34.14 133.49 29.70
CA GLY G 19 33.19 134.50 29.32
C GLY G 19 32.37 134.18 28.09
N LYS G 20 32.72 133.12 27.37
CA LYS G 20 31.95 132.69 26.20
C LYS G 20 30.82 131.76 26.65
N ASN G 21 29.68 131.89 25.99
CA ASN G 21 28.52 131.06 26.30
C ASN G 21 27.98 130.43 25.03
N VAL G 22 27.59 129.17 25.13
CA VAL G 22 26.97 128.44 24.03
C VAL G 22 25.58 128.02 24.47
N THR G 23 24.59 128.29 23.63
CA THR G 23 23.25 127.80 23.90
C THR G 23 23.24 126.28 23.90
N LEU G 24 22.52 125.69 24.85
CA LEU G 24 22.48 124.24 24.97
C LEU G 24 21.93 123.64 23.68
N PRO G 25 22.64 122.73 23.04
CA PRO G 25 22.09 122.07 21.86
C PRO G 25 20.82 121.32 22.19
N ALA G 26 19.89 121.31 21.22
CA ALA G 26 18.59 120.69 21.46
C ALA G 26 18.67 119.20 21.67
N VAL G 27 19.80 118.57 21.29
CA VAL G 27 19.95 117.14 21.48
C VAL G 27 20.05 116.77 22.96
N PHE G 28 20.41 117.73 23.81
CA PHE G 28 20.49 117.45 25.25
C PHE G 28 19.12 117.48 25.90
N LYS G 29 18.08 117.89 25.19
CA LYS G 29 16.71 117.81 25.67
C LYS G 29 15.94 116.67 25.00
N ALA G 30 16.62 115.82 24.24
CA ALA G 30 15.98 114.70 23.59
C ALA G 30 15.50 113.69 24.63
N PRO G 31 14.51 112.86 24.30
CA PRO G 31 14.04 111.86 25.26
C PRO G 31 15.16 110.92 25.68
N ILE G 32 15.23 110.64 26.98
CA ILE G 32 16.18 109.69 27.51
C ILE G 32 15.48 108.34 27.57
N ARG G 33 16.00 107.38 26.82
CA ARG G 33 15.32 106.11 26.58
C ARG G 33 16.28 104.96 26.86
N PRO G 34 16.44 104.59 28.12
CA PRO G 34 17.37 103.51 28.46
C PRO G 34 17.04 102.18 27.82
N ASP G 35 15.77 101.87 27.59
CA ASP G 35 15.44 100.60 26.95
C ASP G 35 15.95 100.57 25.50
N ILE G 36 15.79 101.68 24.78
CA ILE G 36 16.28 101.73 23.40
C ILE G 36 17.79 101.76 23.38
N VAL G 37 18.41 102.47 24.33
CA VAL G 37 19.87 102.47 24.41
C VAL G 37 20.39 101.07 24.68
N ASN G 38 19.75 100.35 25.60
CA ASN G 38 20.17 98.98 25.89
C ASN G 38 19.98 98.08 24.68
N PHE G 39 18.86 98.22 23.97
CA PHE G 39 18.63 97.41 22.79
C PHE G 39 19.69 97.65 21.73
N VAL G 40 19.97 98.91 21.43
CA VAL G 40 20.94 99.25 20.39
C VAL G 40 22.33 98.80 20.82
N HIS G 41 22.69 99.00 22.08
CA HIS G 41 23.99 98.56 22.57
C HIS G 41 24.12 97.04 22.49
N THR G 42 23.07 96.32 22.88
CA THR G 42 23.09 94.86 22.81
C THR G 42 23.30 94.37 21.40
N ASN G 43 22.59 94.96 20.44
CA ASN G 43 22.69 94.49 19.08
C ASN G 43 23.94 94.99 18.36
N LEU G 44 24.56 96.07 18.81
CA LEU G 44 25.77 96.52 18.15
C LEU G 44 27.04 95.97 18.78
N ARG G 45 26.99 95.49 20.03
CA ARG G 45 28.16 94.82 20.58
C ARG G 45 28.42 93.47 19.94
N LYS G 46 27.46 92.93 19.21
CA LYS G 46 27.68 91.67 18.51
C LYS G 46 28.39 91.85 17.17
N ASN G 47 28.45 93.09 16.67
CA ASN G 47 28.96 93.30 15.32
C ASN G 47 30.47 93.28 15.24
N ASN G 48 31.17 93.46 16.36
CA ASN G 48 32.62 93.36 16.37
C ASN G 48 33.10 91.96 16.70
N ARG G 49 32.18 91.03 16.89
CA ARG G 49 32.56 89.68 17.31
C ARG G 49 33.28 88.94 16.19
N GLN G 50 34.14 88.02 16.58
CA GLN G 50 34.93 87.23 15.68
C GLN G 50 34.50 85.78 15.81
N PRO G 51 34.23 85.08 14.70
CA PRO G 51 33.58 83.77 14.80
C PRO G 51 34.46 82.72 15.44
N TYR G 52 33.81 81.78 16.12
CA TYR G 52 34.45 80.59 16.64
C TYR G 52 33.64 79.37 16.25
N ALA G 53 34.34 78.26 16.04
CA ALA G 53 33.70 76.99 15.75
C ALA G 53 34.68 75.89 16.07
N VAL G 54 34.18 74.69 16.25
CA VAL G 54 35.03 73.53 16.38
C VAL G 54 35.35 73.00 14.99
N SER G 55 36.35 72.15 14.91
CA SER G 55 36.68 71.52 13.64
C SER G 55 35.55 70.60 13.21
N GLU G 56 35.19 70.67 11.93
CA GLU G 56 34.13 69.81 11.42
C GLU G 56 34.56 68.35 11.38
N LEU G 57 35.86 68.08 11.41
CA LEU G 57 36.37 66.72 11.43
C LEU G 57 36.54 66.17 12.83
N ALA G 58 36.27 66.97 13.86
CA ALA G 58 36.57 66.56 15.23
C ALA G 58 35.67 65.41 15.64
N GLY G 59 36.28 64.31 16.06
CA GLY G 59 35.54 63.17 16.55
C GLY G 59 34.98 62.28 15.47
N HIS G 60 35.26 62.55 14.21
CA HIS G 60 34.66 61.82 13.09
C HIS G 60 35.72 61.37 12.10
N GLN G 61 36.90 61.03 12.60
CA GLN G 61 37.98 60.54 11.78
C GLN G 61 38.55 59.26 12.40
N THR G 62 37.64 58.33 12.65
CA THR G 62 37.87 57.13 13.43
C THR G 62 37.57 55.83 12.69
N SER G 63 36.63 55.84 11.74
CA SER G 63 36.18 54.65 11.03
C SER G 63 35.58 53.60 11.96
N ALA G 64 35.06 54.02 13.10
CA ALA G 64 34.44 53.12 14.05
C ALA G 64 33.09 52.64 13.56
N GLU G 65 32.66 51.48 14.06
CA GLU G 65 31.33 50.97 13.79
C GLU G 65 30.80 50.25 15.01
N SER G 66 29.49 50.05 15.04
CA SER G 66 28.85 49.37 16.15
C SER G 66 29.18 47.88 16.13
N TRP G 67 29.32 47.29 17.32
CA TRP G 67 29.61 45.88 17.44
C TRP G 67 28.38 45.00 17.23
N GLY G 68 27.20 45.58 17.21
CA GLY G 68 26.00 44.78 17.11
C GLY G 68 25.28 44.74 18.43
N THR G 69 24.55 43.66 18.71
CA THR G 69 23.76 43.58 19.92
C THR G 69 23.99 42.32 20.75
N GLY G 70 24.65 41.30 20.23
CA GLY G 70 24.78 40.09 20.99
C GLY G 70 26.13 39.91 21.66
N ARG G 71 26.72 41.00 22.15
CA ARG G 71 28.05 40.94 22.71
C ARG G 71 28.14 41.61 24.08
N ALA G 72 27.00 41.81 24.75
CA ALA G 72 26.91 42.29 26.12
C ALA G 72 27.51 43.68 26.32
N VAL G 73 27.58 44.48 25.26
CA VAL G 73 28.05 45.85 25.36
C VAL G 73 27.05 46.76 24.65
N ALA G 74 27.10 48.04 25.01
CA ALA G 74 26.19 49.01 24.42
C ALA G 74 26.43 49.15 22.93
N ARG G 75 25.38 49.53 22.21
CA ARG G 75 25.40 49.55 20.75
C ARG G 75 26.08 50.78 20.18
N ILE G 76 26.86 51.51 20.97
CA ILE G 76 27.64 52.65 20.49
C ILE G 76 28.69 52.15 19.51
N PRO G 77 29.07 52.93 18.50
CA PRO G 77 30.20 52.52 17.65
C PRO G 77 31.49 52.40 18.44
N ARG G 78 32.29 51.41 18.07
CA ARG G 78 33.56 51.13 18.73
C ARG G 78 34.69 51.24 17.72
N VAL G 79 35.84 51.74 18.18
CA VAL G 79 37.02 51.80 17.33
C VAL G 79 37.46 50.39 16.98
N ARG G 80 37.78 50.17 15.71
CA ARG G 80 38.16 48.85 15.24
C ARG G 80 39.64 48.57 15.52
N GLY G 81 40.05 47.36 15.20
CA GLY G 81 41.43 46.97 15.37
C GLY G 81 41.74 46.45 16.75
N GLY G 82 43.03 46.35 17.03
CA GLY G 82 43.50 45.88 18.32
C GLY G 82 44.89 46.44 18.59
N GLY G 83 45.47 45.99 19.69
CA GLY G 83 46.84 46.32 20.03
C GLY G 83 47.05 47.70 20.61
N THR G 84 46.00 48.44 20.88
CA THR G 84 46.13 49.76 21.49
C THR G 84 44.95 49.96 22.44
N HIS G 85 45.10 50.94 23.33
CA HIS G 85 44.02 51.24 24.27
C HIS G 85 42.77 51.69 23.55
N ARG G 86 42.94 52.39 22.42
CA ARG G 86 41.81 52.97 21.71
C ARG G 86 40.88 51.90 21.14
N SER G 87 41.36 50.69 20.91
CA SER G 87 40.57 49.67 20.26
C SER G 87 39.38 49.24 21.12
N GLY G 88 38.20 49.20 20.52
CA GLY G 88 37.01 48.81 21.23
C GLY G 88 36.40 49.89 22.08
N GLN G 89 36.86 51.14 21.96
CA GLN G 89 36.33 52.24 22.73
C GLN G 89 35.25 52.96 21.94
N GLY G 90 34.32 53.58 22.66
CA GLY G 90 33.22 54.27 22.00
C GLY G 90 33.68 55.46 21.18
N ALA G 91 32.93 55.75 20.12
CA ALA G 91 33.28 56.83 19.21
C ALA G 91 32.02 57.48 18.67
N PHE G 92 32.21 58.66 18.09
CA PHE G 92 31.22 59.41 17.32
C PHE G 92 30.09 60.01 18.14
N GLY G 93 30.00 59.68 19.42
CA GLY G 93 28.89 60.12 20.24
C GLY G 93 29.26 61.30 21.10
N ASN G 94 28.26 62.14 21.39
CA ASN G 94 28.49 63.25 22.29
C ASN G 94 28.78 62.79 23.71
N MET G 95 28.36 61.59 24.06
CA MET G 95 28.63 61.01 25.36
C MET G 95 29.95 60.25 25.42
N CYS G 96 30.62 60.06 24.29
CA CYS G 96 31.84 59.29 24.25
C CYS G 96 33.05 60.21 24.42
N ARG G 97 34.03 59.75 25.18
CA ARG G 97 35.28 60.47 25.30
C ARG G 97 36.03 60.43 23.97
N GLY G 98 36.44 61.58 23.48
CA GLY G 98 37.07 61.66 22.18
C GLY G 98 36.10 61.69 21.02
N GLY G 99 34.80 61.74 21.29
CA GLY G 99 33.81 61.78 20.24
C GLY G 99 33.48 63.18 19.80
N ARG G 100 32.44 63.29 19.00
CA ARG G 100 31.99 64.56 18.46
C ARG G 100 30.99 65.19 19.41
N MET G 101 31.13 66.50 19.64
CA MET G 101 30.21 67.21 20.51
C MET G 101 28.82 67.29 19.87
N PHE G 102 27.81 67.40 20.71
CA PHE G 102 26.45 67.54 20.19
C PHE G 102 26.30 68.86 19.47
N ALA G 103 25.77 68.82 18.25
CA ALA G 103 25.52 70.00 17.43
C ALA G 103 26.77 70.86 17.38
N PRO G 104 27.80 70.45 16.65
CA PRO G 104 29.06 71.20 16.66
C PRO G 104 28.85 72.64 16.23
N THR G 105 29.54 73.55 16.93
CA THR G 105 29.41 74.95 16.63
C THR G 105 29.94 75.24 15.23
N LYS G 106 29.27 76.13 14.54
CA LYS G 106 29.59 76.42 13.15
C LYS G 106 29.79 77.91 12.96
N THR G 107 30.58 78.25 11.95
CA THR G 107 30.95 79.64 11.74
C THR G 107 29.79 80.50 11.30
N TRP G 108 28.76 79.92 10.69
CA TRP G 108 27.61 80.70 10.25
C TRP G 108 26.54 80.75 11.34
N ARG G 109 26.93 81.35 12.47
CA ARG G 109 26.03 81.51 13.62
C ARG G 109 25.15 82.75 13.51
N ARG G 110 25.33 83.60 12.50
CA ARG G 110 24.73 84.93 12.47
C ARG G 110 25.20 85.76 13.66
N TRP G 111 26.49 86.07 13.65
CA TRP G 111 27.10 86.83 14.74
C TRP G 111 26.65 88.28 14.74
N HIS G 112 26.27 88.81 13.60
CA HIS G 112 26.03 90.24 13.47
C HIS G 112 24.54 90.54 13.44
N ARG G 113 24.19 91.69 13.98
CA ARG G 113 22.82 92.21 13.94
C ARG G 113 22.84 93.55 13.25
N ARG G 114 21.83 93.81 12.43
CA ARG G 114 21.68 95.11 11.80
C ARG G 114 20.58 95.87 12.53
N VAL G 115 20.86 97.12 12.89
CA VAL G 115 19.94 97.96 13.63
C VAL G 115 19.50 99.08 12.72
N ASN G 116 18.25 99.49 12.86
CA ASN G 116 17.74 100.61 12.07
C ASN G 116 18.53 101.88 12.37
N THR G 117 18.81 102.63 11.30
CA THR G 117 19.60 103.85 11.45
C THR G 117 18.88 104.85 12.33
N THR G 118 17.56 104.94 12.20
CA THR G 118 16.80 105.88 13.03
C THR G 118 16.90 105.49 14.50
N GLN G 119 16.86 104.19 14.81
CA GLN G 119 16.99 103.75 16.19
C GLN G 119 18.39 104.00 16.72
N LYS G 120 19.41 103.81 15.89
CA LYS G 120 20.78 104.10 16.33
C LYS G 120 20.95 105.58 16.64
N ARG G 121 20.41 106.45 15.77
CA ARG G 121 20.45 107.88 16.04
C ARG G 121 19.65 108.23 17.30
N TYR G 122 18.53 107.54 17.50
CA TYR G 122 17.71 107.77 18.68
C TYR G 122 18.50 107.46 19.94
N ALA G 123 19.23 106.34 19.92
CA ALA G 123 20.04 105.95 21.08
C ALA G 123 21.18 106.92 21.32
N ILE G 124 21.80 107.42 20.25
CA ILE G 124 22.83 108.45 20.42
C ILE G 124 22.24 109.69 21.08
N CYS G 125 21.06 110.10 20.65
CA CYS G 125 20.41 111.28 21.23
C CYS G 125 20.09 111.05 22.70
N SER G 126 19.61 109.85 23.05
CA SER G 126 19.31 109.54 24.44
C SER G 126 20.57 109.56 25.30
N ALA G 127 21.67 108.99 24.79
CA ALA G 127 22.92 108.99 25.54
C ALA G 127 23.43 110.41 25.76
N LEU G 128 23.37 111.25 24.72
CA LEU G 128 23.80 112.62 24.85
C LEU G 128 22.94 113.38 25.86
N ALA G 129 21.62 113.18 25.80
CA ALA G 129 20.73 113.86 26.73
C ALA G 129 20.99 113.42 28.17
N ALA G 130 21.29 112.14 28.36
CA ALA G 130 21.56 111.65 29.71
C ALA G 130 22.91 112.10 30.21
N SER G 131 23.85 112.37 29.31
CA SER G 131 25.18 112.79 29.75
C SER G 131 25.20 114.20 30.35
N ALA G 132 24.12 114.96 30.22
CA ALA G 132 24.05 116.31 30.77
C ALA G 132 23.27 116.37 32.08
N LEU G 133 22.88 115.23 32.64
CA LEU G 133 22.15 115.19 33.89
C LEU G 133 23.06 114.69 34.99
N PRO G 134 23.35 115.51 36.01
CA PRO G 134 24.33 115.09 37.03
C PRO G 134 23.96 113.84 37.78
N ALA G 135 22.67 113.58 37.99
CA ALA G 135 22.28 112.38 38.71
C ALA G 135 22.65 111.12 37.94
N LEU G 136 22.49 111.14 36.62
CA LEU G 136 22.78 109.95 35.82
C LEU G 136 24.28 109.70 35.70
N VAL G 137 25.08 110.77 35.56
CA VAL G 137 26.52 110.59 35.50
C VAL G 137 27.06 110.14 36.85
N MET G 138 26.53 110.71 37.93
CA MET G 138 26.90 110.24 39.25
C MET G 138 26.50 108.78 39.45
N SER G 139 25.34 108.39 38.93
CA SER G 139 24.91 107.00 39.03
C SER G 139 25.74 106.06 38.18
N LYS G 140 26.35 106.57 37.11
CA LYS G 140 27.40 105.82 36.44
C LYS G 140 28.70 105.83 37.23
N GLY G 141 28.84 106.73 38.19
CA GLY G 141 29.94 106.66 39.13
C GLY G 141 31.19 107.38 38.67
N HIS G 142 31.01 108.51 37.99
CA HIS G 142 32.09 109.20 37.32
C HIS G 142 32.75 110.27 38.17
N ARG G 143 32.36 110.38 39.45
CA ARG G 143 33.00 111.29 40.40
C ARG G 143 32.95 112.75 39.92
N ILE G 144 31.75 113.22 39.62
CA ILE G 144 31.51 114.62 39.28
C ILE G 144 30.95 115.30 40.53
N GLU G 145 31.84 115.78 41.36
CA GLU G 145 31.43 116.57 42.51
C GLU G 145 32.06 117.95 42.53
N GLU G 146 33.15 118.16 41.81
CA GLU G 146 33.81 119.46 41.75
C GLU G 146 33.88 119.97 40.32
N VAL G 147 33.23 119.30 39.39
CA VAL G 147 33.14 119.77 38.00
C VAL G 147 32.27 121.02 37.97
N PRO G 148 32.73 122.13 37.39
CA PRO G 148 31.96 123.37 37.46
C PRO G 148 30.61 123.31 36.78
N GLU G 149 30.50 122.56 35.69
CA GLU G 149 29.26 122.48 34.92
C GLU G 149 29.27 121.15 34.17
N LEU G 150 28.22 120.36 34.35
CA LEU G 150 28.25 119.01 33.79
C LEU G 150 28.32 118.99 32.26
N PRO G 151 27.52 119.75 31.51
CA PRO G 151 27.84 119.86 30.08
C PRO G 151 29.13 120.63 29.93
N LEU G 152 30.24 119.94 30.21
CA LEU G 152 31.53 120.58 30.37
C LEU G 152 32.13 120.87 29.01
N VAL G 153 32.32 122.15 28.71
CA VAL G 153 32.80 122.61 27.42
C VAL G 153 34.09 123.38 27.64
N VAL G 154 35.15 123.01 26.92
CA VAL G 154 36.42 123.70 27.01
C VAL G 154 36.73 124.36 25.68
N GLU G 155 37.67 125.29 25.72
CA GLU G 155 38.04 126.05 24.54
C GLU G 155 38.73 125.15 23.52
N ASP G 156 38.78 125.62 22.28
CA ASP G 156 39.36 124.85 21.19
C ASP G 156 40.87 124.70 21.29
N LYS G 157 41.53 125.41 22.22
CA LYS G 157 42.96 125.27 22.40
C LYS G 157 43.35 123.85 22.77
N VAL G 158 42.44 123.11 23.42
CA VAL G 158 42.71 121.74 23.84
C VAL G 158 42.95 120.84 22.64
N GLU G 159 42.30 121.13 21.51
CA GLU G 159 42.46 120.30 20.32
C GLU G 159 43.89 120.32 19.81
N GLY G 160 44.65 121.36 20.10
CA GLY G 160 46.03 121.48 19.70
C GLY G 160 47.05 121.02 20.71
N TYR G 161 46.64 120.35 21.78
CA TYR G 161 47.57 119.84 22.77
C TYR G 161 48.47 118.78 22.16
N LYS G 162 49.70 118.70 22.64
CA LYS G 162 50.66 117.76 22.09
C LYS G 162 51.23 116.80 23.13
N LYS G 163 51.49 117.27 24.34
CA LYS G 163 52.11 116.46 25.38
C LYS G 163 51.05 115.93 26.33
N THR G 164 51.40 114.84 27.02
CA THR G 164 50.51 114.23 27.99
C THR G 164 50.45 115.02 29.29
N LYS G 165 51.55 115.70 29.63
CA LYS G 165 51.59 116.48 30.86
C LYS G 165 50.53 117.58 30.85
N GLU G 166 50.37 118.26 29.71
CA GLU G 166 49.40 119.34 29.64
C GLU G 166 47.97 118.81 29.60
N ALA G 167 47.76 117.60 29.05
CA ALA G 167 46.44 116.98 29.18
C ALA G 167 46.12 116.64 30.62
N VAL G 168 47.09 116.12 31.36
CA VAL G 168 46.90 115.84 32.79
C VAL G 168 46.59 117.13 33.54
N LEU G 169 47.33 118.20 33.23
CA LEU G 169 47.08 119.48 33.87
C LEU G 169 45.69 120.00 33.57
N LEU G 170 45.24 119.85 32.32
CA LEU G 170 43.90 120.28 31.96
C LEU G 170 42.84 119.51 32.73
N LEU G 171 43.01 118.20 32.86
CA LEU G 171 42.04 117.41 33.63
C LEU G 171 42.04 117.84 35.10
N LYS G 172 43.23 118.09 35.65
CA LYS G 172 43.32 118.52 37.04
C LYS G 172 42.63 119.86 37.25
N LYS G 173 42.82 120.80 36.33
CA LYS G 173 42.19 122.11 36.46
C LYS G 173 40.69 122.04 36.20
N LEU G 174 40.25 121.10 35.38
CA LEU G 174 38.83 120.85 35.17
C LEU G 174 38.22 120.03 36.29
N LYS G 175 39.03 119.59 37.25
CA LYS G 175 38.57 118.78 38.38
C LYS G 175 37.99 117.46 37.91
N ALA G 176 38.48 116.98 36.77
CA ALA G 176 38.13 115.66 36.24
C ALA G 176 39.21 114.64 36.55
N TRP G 177 40.21 115.01 37.34
CA TRP G 177 41.29 114.08 37.65
C TRP G 177 40.86 113.00 38.64
N ASN G 178 39.80 113.24 39.40
CA ASN G 178 39.35 112.23 40.35
C ASN G 178 38.79 111.01 39.64
N ASP G 179 38.16 111.19 38.49
CA ASP G 179 37.71 110.05 37.70
C ASP G 179 38.89 109.21 37.22
N ILE G 180 39.96 109.87 36.81
CA ILE G 180 41.17 109.15 36.37
C ILE G 180 41.78 108.41 37.55
N LYS G 181 41.80 109.04 38.72
CA LYS G 181 42.32 108.36 39.91
C LYS G 181 41.45 107.16 40.27
N LYS G 182 40.14 107.27 40.07
CA LYS G 182 39.26 106.12 40.29
C LYS G 182 39.56 104.99 39.31
N VAL G 183 39.85 105.32 38.05
CA VAL G 183 40.26 104.31 37.09
C VAL G 183 41.55 103.63 37.53
N TYR G 184 42.52 104.43 37.99
CA TYR G 184 43.77 103.89 38.49
C TYR G 184 43.55 102.95 39.66
N ALA G 185 42.68 103.35 40.59
CA ALA G 185 42.35 102.48 41.72
C ALA G 185 41.64 101.21 41.26
N SER G 186 40.89 101.29 40.16
CA SER G 186 40.16 100.15 39.67
C SER G 186 40.98 99.22 38.79
N GLN G 187 42.20 99.58 38.44
CA GLN G 187 43.01 98.69 37.60
C GLN G 187 43.37 97.44 38.41
N ARG G 188 42.65 96.35 38.16
CA ARG G 188 42.97 95.08 38.80
C ARG G 188 43.00 93.95 37.78
N MET G 189 43.08 92.72 38.25
CA MET G 189 43.26 91.55 37.41
C MET G 189 41.91 90.89 37.18
N ARG G 190 41.61 90.55 35.92
CA ARG G 190 40.34 89.93 35.58
C ARG G 190 40.26 88.51 36.15
N ALA G 191 39.04 88.06 36.40
CA ALA G 191 38.79 86.71 36.89
C ALA G 191 38.33 85.82 35.75
N GLY G 192 39.01 84.68 35.58
CA GLY G 192 38.54 83.65 34.69
C GLY G 192 39.51 83.38 33.56
N LYS G 193 38.96 82.94 32.42
CA LYS G 193 39.74 82.47 31.28
C LYS G 193 40.24 83.62 30.40
N GLY G 194 39.72 84.84 30.57
CA GLY G 194 40.20 85.94 29.77
C GLY G 194 41.67 86.22 29.98
N LYS G 195 42.20 85.85 31.15
CA LYS G 195 43.62 85.96 31.40
C LYS G 195 44.42 85.10 30.42
N MET G 196 43.94 83.89 30.14
CA MET G 196 44.57 83.09 29.11
C MET G 196 44.12 83.46 27.70
N ARG G 197 43.12 84.32 27.57
CA ARG G 197 42.64 84.72 26.25
C ARG G 197 42.88 86.21 25.97
N ASN G 198 43.93 86.77 26.58
CA ASN G 198 44.49 88.09 26.30
C ASN G 198 43.67 89.23 26.85
N ARG G 199 42.59 88.96 27.56
CA ARG G 199 41.87 90.00 28.29
C ARG G 199 42.31 89.99 29.74
N ARG G 200 43.62 90.20 29.92
CA ARG G 200 44.26 89.97 31.20
C ARG G 200 43.90 91.04 32.22
N ARG G 201 43.79 92.29 31.80
CA ARG G 201 43.58 93.41 32.71
C ARG G 201 42.25 94.08 32.43
N ILE G 202 41.61 94.57 33.50
CA ILE G 202 40.35 95.29 33.40
C ILE G 202 40.47 96.56 34.24
N GLN G 203 39.66 97.56 33.88
CA GLN G 203 39.69 98.82 34.60
C GLN G 203 38.39 99.57 34.37
N ARG G 204 38.18 100.58 35.20
CA ARG G 204 37.03 101.47 35.11
C ARG G 204 37.09 102.29 33.83
N ARG G 205 35.91 102.61 33.29
CA ARG G 205 35.82 103.55 32.18
C ARG G 205 35.97 104.98 32.69
N GLY G 206 36.78 105.76 31.98
CA GLY G 206 36.99 107.14 32.33
C GLY G 206 36.12 108.08 31.52
N PRO G 207 36.44 109.37 31.55
CA PRO G 207 35.67 110.34 30.77
C PRO G 207 35.92 110.22 29.27
N CYS G 208 34.98 110.77 28.52
CA CYS G 208 35.00 110.78 27.07
C CYS G 208 35.26 112.20 26.60
N ILE G 209 36.43 112.42 26.01
CA ILE G 209 36.76 113.71 25.42
C ILE G 209 36.22 113.72 23.99
N ILE G 210 35.28 114.59 23.71
CA ILE G 210 34.69 114.70 22.38
C ILE G 210 35.28 115.92 21.70
N TYR G 211 35.88 115.70 20.54
CA TYR G 211 36.57 116.74 19.80
C TYR G 211 35.97 116.88 18.41
N ASN G 212 36.19 118.04 17.80
CA ASN G 212 35.78 118.23 16.42
C ASN G 212 36.91 117.95 15.45
N GLU G 213 38.09 118.51 15.69
CA GLU G 213 39.20 118.37 14.78
C GLU G 213 40.45 118.01 15.56
N ASP G 214 41.20 117.02 15.05
CA ASP G 214 42.43 116.59 15.70
C ASP G 214 43.57 117.49 15.25
N ASN G 215 44.25 118.10 16.22
CA ASN G 215 45.52 118.78 15.98
C ASN G 215 46.57 118.27 16.96
N GLY G 216 46.45 117.02 17.36
CA GLY G 216 47.32 116.42 18.35
C GLY G 216 46.63 116.01 19.63
N ILE G 217 45.31 116.23 19.75
CA ILE G 217 44.63 115.96 21.02
C ILE G 217 44.64 114.47 21.34
N ILE G 218 44.49 113.62 20.32
CA ILE G 218 44.52 112.17 20.57
C ILE G 218 45.88 111.75 21.12
N LYS G 219 46.95 112.25 20.53
CA LYS G 219 48.27 111.88 21.01
C LYS G 219 48.53 112.48 22.40
N ALA G 220 48.03 113.68 22.66
CA ALA G 220 48.21 114.29 23.98
C ALA G 220 47.53 113.46 25.05
N PHE G 221 46.28 113.08 24.82
CA PHE G 221 45.59 112.09 25.64
C PHE G 221 46.03 110.72 25.15
N ARG G 222 45.26 109.68 25.43
CA ARG G 222 45.38 108.29 24.99
C ARG G 222 46.44 107.51 25.76
N ASN G 223 47.28 108.16 26.56
CA ASN G 223 48.06 107.45 27.55
C ASN G 223 47.46 107.56 28.93
N ILE G 224 46.40 108.37 29.08
CA ILE G 224 45.64 108.43 30.32
C ILE G 224 44.69 107.24 30.32
N PRO G 225 44.76 106.35 31.31
CA PRO G 225 43.81 105.24 31.37
C PRO G 225 42.38 105.75 31.56
N GLY G 226 41.45 105.07 30.93
CA GLY G 226 40.04 105.41 31.01
C GLY G 226 39.58 106.46 30.02
N ILE G 227 40.45 107.41 29.68
CA ILE G 227 40.08 108.46 28.74
C ILE G 227 39.78 107.85 27.39
N THR G 228 38.60 108.17 26.85
CA THR G 228 38.23 107.75 25.50
C THR G 228 37.95 108.99 24.66
N LEU G 229 38.62 109.11 23.52
CA LEU G 229 38.40 110.26 22.65
C LEU G 229 37.44 109.88 21.54
N LEU G 230 36.58 110.84 21.17
CA LEU G 230 35.52 110.57 20.23
C LEU G 230 35.33 111.78 19.34
N ASN G 231 35.30 111.55 18.03
CA ASN G 231 35.00 112.62 17.09
C ASN G 231 33.50 112.93 17.12
N VAL G 232 33.17 114.22 17.07
CA VAL G 232 31.76 114.60 17.19
C VAL G 232 30.98 114.12 15.98
N SER G 233 31.61 114.03 14.81
CA SER G 233 30.92 113.59 13.61
C SER G 233 30.77 112.08 13.53
N LYS G 234 31.37 111.34 14.44
CA LYS G 234 31.39 109.88 14.41
C LYS G 234 31.08 109.32 15.79
N LEU G 235 30.01 109.82 16.42
CA LEU G 235 29.67 109.42 17.77
C LEU G 235 29.32 107.94 17.83
N ASN G 236 29.86 107.26 18.84
CA ASN G 236 29.70 105.81 18.99
C ASN G 236 28.89 105.54 20.24
N ILE G 237 27.78 104.81 20.09
CA ILE G 237 26.97 104.47 21.25
C ILE G 237 27.72 103.51 22.17
N LEU G 238 28.60 102.68 21.61
CA LEU G 238 29.40 101.77 22.41
C LEU G 238 30.38 102.50 23.32
N LYS G 239 30.72 103.74 23.00
CA LYS G 239 31.55 104.57 23.86
C LYS G 239 30.74 105.54 24.71
N LEU G 240 29.58 105.97 24.22
CA LEU G 240 28.75 106.89 24.99
C LEU G 240 28.00 106.19 26.13
N ALA G 241 27.59 104.95 25.93
CA ALA G 241 26.95 104.16 26.98
C ALA G 241 27.72 102.85 27.07
N PRO G 242 28.84 102.86 27.79
CA PRO G 242 29.80 101.73 27.70
C PRO G 242 29.21 100.37 28.07
N GLY G 243 28.36 100.30 29.07
CA GLY G 243 27.81 99.01 29.43
C GLY G 243 26.37 98.85 29.00
N GLY G 244 25.93 99.73 28.10
CA GLY G 244 24.53 99.87 27.83
C GLY G 244 23.80 100.79 28.77
N HIS G 245 24.50 101.38 29.72
CA HIS G 245 23.92 102.30 30.68
C HIS G 245 24.28 103.73 30.30
N VAL G 246 23.29 104.59 30.26
CA VAL G 246 23.51 105.98 29.89
C VAL G 246 24.14 106.73 31.04
N GLY G 247 24.90 107.77 30.72
CA GLY G 247 25.44 108.64 31.75
C GLY G 247 26.93 108.67 31.87
N ARG G 248 27.64 108.48 30.76
CA ARG G 248 29.09 108.60 30.80
C ARG G 248 29.49 110.07 30.86
N PHE G 249 30.47 110.37 31.70
CA PHE G 249 31.01 111.71 31.79
C PHE G 249 31.70 112.09 30.48
N CYS G 250 31.30 113.23 29.91
CA CYS G 250 31.83 113.69 28.64
C CYS G 250 32.34 115.13 28.78
N ILE G 251 33.50 115.38 28.19
CA ILE G 251 34.10 116.70 28.14
C ILE G 251 34.09 117.13 26.68
N TRP G 252 33.45 118.26 26.41
CA TRP G 252 33.24 118.71 25.04
C TRP G 252 34.22 119.82 24.70
N THR G 253 34.71 119.80 23.47
CA THR G 253 35.36 120.95 22.89
C THR G 253 34.30 121.91 22.39
N GLU G 254 34.64 123.21 22.35
CA GLU G 254 33.64 124.20 21.99
C GLU G 254 33.14 124.01 20.57
N SER G 255 34.03 123.71 19.64
CA SER G 255 33.63 123.53 18.25
C SER G 255 32.74 122.30 18.08
N ALA G 256 33.04 121.21 18.80
CA ALA G 256 32.15 120.05 18.77
C ALA G 256 30.79 120.37 19.36
N PHE G 257 30.77 121.12 20.48
CA PHE G 257 29.53 121.52 21.09
C PHE G 257 28.69 122.35 20.15
N ARG G 258 29.32 123.22 19.37
CA ARG G 258 28.60 124.04 18.41
C ARG G 258 28.12 123.19 17.23
N LYS G 259 28.91 122.20 16.82
CA LYS G 259 28.53 121.37 15.69
C LYS G 259 27.41 120.40 16.01
N LEU G 260 27.12 120.19 17.31
CA LEU G 260 26.03 119.29 17.68
C LEU G 260 24.69 119.68 17.04
N ASP G 261 24.39 120.97 16.99
CA ASP G 261 23.12 121.41 16.40
C ASP G 261 23.03 121.06 14.91
N GLU G 262 24.11 121.26 14.16
CA GLU G 262 24.09 120.86 12.76
C GLU G 262 24.08 119.35 12.61
N LEU G 263 24.65 118.62 13.56
CA LEU G 263 24.69 117.17 13.43
C LEU G 263 23.33 116.52 13.69
N TYR G 264 22.58 117.00 14.68
CA TYR G 264 21.32 116.37 15.01
C TYR G 264 20.09 117.26 14.88
N GLY G 265 20.27 118.55 14.61
CA GLY G 265 19.14 119.42 14.41
C GLY G 265 18.50 119.88 15.70
N THR G 266 17.66 120.90 15.57
CA THR G 266 16.80 121.35 16.63
C THR G 266 15.47 120.63 16.44
N TRP G 267 14.47 120.91 17.27
CA TRP G 267 13.13 120.47 16.91
C TRP G 267 12.50 121.37 15.88
N ARG G 268 13.08 122.53 15.62
CA ARG G 268 12.61 123.45 14.60
C ARG G 268 13.39 123.33 13.30
N LYS G 269 14.63 122.86 13.37
CA LYS G 269 15.48 122.65 12.21
C LYS G 269 15.78 121.17 12.03
N ALA G 270 15.67 120.69 10.81
CA ALA G 270 16.20 119.38 10.49
C ALA G 270 17.73 119.43 10.51
N ALA G 271 18.35 118.29 10.77
CA ALA G 271 19.80 118.23 10.81
C ALA G 271 20.38 118.56 9.44
N SER G 272 21.33 119.48 9.42
CA SER G 272 21.96 119.90 8.18
C SER G 272 23.09 118.99 7.74
N LEU G 273 23.53 118.08 8.61
CA LEU G 273 24.61 117.15 8.28
C LEU G 273 24.13 115.71 8.20
N LYS G 274 22.82 115.48 8.15
CA LYS G 274 22.26 114.14 8.02
C LYS G 274 21.16 114.05 6.97
N SER G 275 20.68 115.18 6.44
CA SER G 275 19.94 115.26 5.19
C SER G 275 18.54 114.67 5.25
N ASN G 276 18.22 113.92 6.29
CA ASN G 276 16.85 113.47 6.48
C ASN G 276 16.47 113.36 7.94
N TYR G 277 17.34 113.73 8.87
CA TYR G 277 17.13 113.43 10.27
C TYR G 277 16.61 114.65 11.03
N ASN G 278 15.70 114.41 11.95
CA ASN G 278 15.24 115.41 12.89
C ASN G 278 15.17 114.78 14.27
N LEU G 279 15.22 115.62 15.30
CA LEU G 279 15.20 115.12 16.66
C LEU G 279 13.88 114.42 16.94
N PRO G 280 13.91 113.34 17.72
CA PRO G 280 12.67 112.64 18.05
C PRO G 280 11.81 113.43 19.02
N MET G 281 10.53 113.07 19.06
CA MET G 281 9.53 113.82 19.81
C MET G 281 9.25 113.16 21.15
N HIS G 282 8.75 113.98 22.08
CA HIS G 282 8.35 113.52 23.39
C HIS G 282 6.89 113.09 23.37
N LYS G 283 6.60 111.95 23.98
CA LYS G 283 5.21 111.57 24.23
C LYS G 283 4.71 112.08 25.57
N MET G 284 5.59 112.72 26.35
CA MET G 284 5.21 113.32 27.63
C MET G 284 6.03 114.60 27.77
N ILE G 285 5.38 115.74 27.53
CA ILE G 285 6.09 117.01 27.55
C ILE G 285 6.58 117.33 28.95
N ASN G 286 5.69 117.24 29.93
CA ASN G 286 6.02 117.51 31.33
C ASN G 286 6.08 116.19 32.07
N THR G 287 7.27 115.79 32.48
CA THR G 287 7.46 114.56 33.22
C THR G 287 7.45 114.78 34.73
N ASP G 288 7.19 116.00 35.19
CA ASP G 288 7.16 116.30 36.61
C ASP G 288 5.83 115.82 37.18
N LEU G 289 5.80 114.55 37.56
CA LEU G 289 4.58 113.96 38.10
C LEU G 289 4.13 114.65 39.36
N SER G 290 5.07 115.07 40.21
CA SER G 290 4.71 115.72 41.45
C SER G 290 3.94 117.01 41.19
N ARG G 291 4.45 117.86 40.31
CA ARG G 291 3.78 119.12 40.03
C ARG G 291 2.48 118.91 39.26
N ILE G 292 2.44 117.91 38.37
CA ILE G 292 1.20 117.63 37.66
C ILE G 292 0.12 117.21 38.64
N LEU G 293 0.46 116.31 39.57
CA LEU G 293 -0.53 115.81 40.52
C LEU G 293 -0.92 116.87 41.53
N LYS G 294 0.00 117.76 41.90
CA LYS G 294 -0.30 118.80 42.86
C LYS G 294 -0.87 120.05 42.21
N SER G 295 -1.01 120.06 40.89
CA SER G 295 -1.62 121.20 40.23
C SER G 295 -3.08 121.34 40.68
N PRO G 296 -3.56 122.57 40.88
CA PRO G 296 -4.93 122.75 41.40
C PRO G 296 -6.02 122.19 40.51
N GLU G 297 -5.84 122.23 39.19
CA GLU G 297 -6.88 121.71 38.31
C GLU G 297 -7.00 120.20 38.38
N ILE G 298 -5.90 119.49 38.66
CA ILE G 298 -6.00 118.07 38.96
C ILE G 298 -6.69 117.86 40.29
N GLN G 299 -6.33 118.65 41.30
CA GLN G 299 -6.82 118.44 42.66
C GLN G 299 -8.32 118.71 42.77
N ARG G 300 -8.85 119.67 42.02
CA ARG G 300 -10.27 119.96 42.10
C ARG G 300 -11.13 118.80 41.60
N ALA G 301 -10.59 117.98 40.71
CA ALA G 301 -11.35 116.91 40.09
C ALA G 301 -11.35 115.63 40.91
N LEU G 302 -10.59 115.57 42.00
CA LEU G 302 -10.42 114.33 42.73
C LEU G 302 -11.46 114.19 43.83
N ARG G 303 -11.79 112.94 44.14
CA ARG G 303 -12.54 112.64 45.34
C ARG G 303 -11.59 112.57 46.54
N ALA G 304 -12.18 112.66 47.73
CA ALA G 304 -11.38 112.68 48.94
C ALA G 304 -10.70 111.32 49.17
N PRO G 305 -9.49 111.31 49.72
CA PRO G 305 -8.81 110.05 49.97
C PRO G 305 -9.52 109.23 51.03
N ARG G 306 -9.48 107.91 50.87
CA ARG G 306 -10.03 106.98 51.85
C ARG G 306 -8.85 106.40 52.61
N LYS G 307 -8.43 107.11 53.67
CA LYS G 307 -7.19 106.81 54.35
C LYS G 307 -7.37 105.99 55.62
N LYS G 308 -8.58 105.52 55.91
CA LYS G 308 -8.81 104.69 57.09
C LYS G 308 -8.70 103.21 56.71
N ILE G 309 -7.94 102.47 57.49
CA ILE G 309 -7.78 101.03 57.28
C ILE G 309 -8.88 100.31 58.02
N HIS G 310 -9.63 99.48 57.29
CA HIS G 310 -10.72 98.69 57.86
C HIS G 310 -10.25 97.23 57.93
N ARG G 311 -9.68 96.88 59.08
CA ARG G 311 -9.23 95.52 59.30
C ARG G 311 -10.42 94.62 59.62
N ARG G 312 -10.19 93.32 59.55
CA ARG G 312 -11.29 92.36 59.71
C ARG G 312 -11.83 92.43 61.12
N VAL G 313 -13.14 92.21 61.24
CA VAL G 313 -13.83 92.26 62.52
C VAL G 313 -13.97 90.82 63.02
N LEU G 314 -13.48 90.56 64.22
CA LEU G 314 -13.67 89.25 64.83
C LEU G 314 -15.14 89.05 65.14
N LYS G 315 -15.75 88.02 64.55
CA LYS G 315 -17.16 87.80 64.72
C LYS G 315 -17.45 87.26 66.11
N LYS G 316 -17.77 88.13 67.05
CA LYS G 316 -18.24 87.69 68.34
C LYS G 316 -19.67 87.16 68.22
N ASN G 317 -19.95 86.09 68.92
CA ASN G 317 -21.22 85.42 68.79
C ASN G 317 -22.31 86.19 69.52
N PRO G 318 -23.35 86.65 68.84
CA PRO G 318 -24.59 86.96 69.57
C PRO G 318 -25.18 85.65 70.05
N LEU G 319 -26.13 85.76 70.98
CA LEU G 319 -26.70 84.62 71.72
C LEU G 319 -25.69 84.15 72.77
N LYS G 320 -24.49 84.71 72.75
CA LYS G 320 -23.49 84.45 73.78
C LYS G 320 -22.95 85.78 74.32
N ASN G 321 -22.88 86.78 73.45
CA ASN G 321 -22.39 88.11 73.81
C ASN G 321 -23.57 89.07 73.85
N LEU G 322 -23.91 89.51 75.07
CA LEU G 322 -25.09 90.33 75.26
C LEU G 322 -25.01 91.64 74.50
N ARG G 323 -23.86 92.33 74.58
CA ARG G 323 -23.77 93.63 73.95
C ARG G 323 -23.72 93.53 72.43
N ILE G 324 -23.13 92.46 71.90
CA ILE G 324 -23.18 92.23 70.46
C ILE G 324 -24.62 92.00 70.01
N MET G 325 -25.37 91.20 70.77
CA MET G 325 -26.77 91.00 70.44
C MET G 325 -27.56 92.29 70.54
N LEU G 326 -27.23 93.14 71.52
CA LEU G 326 -27.95 94.40 71.64
C LEU G 326 -27.59 95.36 70.51
N LYS G 327 -26.35 95.29 70.03
CA LYS G 327 -25.96 96.09 68.88
C LYS G 327 -26.74 95.68 67.64
N LEU G 328 -26.94 94.37 67.45
CA LEU G 328 -27.68 93.92 66.29
C LEU G 328 -29.19 94.03 66.45
N ASN G 329 -29.69 94.03 67.68
CA ASN G 329 -31.12 94.00 67.97
C ASN G 329 -31.38 94.59 69.34
N PRO G 330 -31.64 95.91 69.44
CA PRO G 330 -31.81 96.51 70.77
C PRO G 330 -33.02 96.01 71.54
N TYR G 331 -34.02 95.43 70.87
CA TYR G 331 -35.19 94.92 71.57
C TYR G 331 -34.91 93.64 72.34
N ALA G 332 -33.78 92.99 72.06
CA ALA G 332 -33.42 91.78 72.79
C ALA G 332 -33.22 92.05 74.26
N LYS G 333 -32.78 93.25 74.63
CA LYS G 333 -32.60 93.58 76.04
C LYS G 333 -33.93 93.58 76.77
N THR G 334 -34.96 94.18 76.18
CA THR G 334 -36.25 94.22 76.84
C THR G 334 -36.91 92.85 76.84
N MET G 335 -36.73 92.07 75.76
CA MET G 335 -37.23 90.69 75.79
C MET G 335 -36.57 89.90 76.90
N ARG G 336 -35.25 90.02 77.05
CA ARG G 336 -34.53 89.27 78.05
C ARG G 336 -34.92 89.70 79.46
N ARG G 337 -35.06 91.02 79.66
CA ARG G 337 -35.47 91.51 80.97
C ARG G 337 -36.88 91.06 81.34
N ASN G 338 -37.80 91.11 80.36
CA ASN G 338 -39.14 90.62 80.61
C ASN G 338 -39.15 89.13 80.91
N THR G 339 -38.32 88.37 80.21
CA THR G 339 -38.23 86.92 80.47
C THR G 339 -37.71 86.65 81.87
N ILE G 340 -36.68 87.37 82.29
CA ILE G 340 -36.12 87.16 83.62
C ILE G 340 -37.14 87.52 84.70
N LEU G 341 -37.81 88.66 84.53
CA LEU G 341 -38.82 89.06 85.51
C LEU G 341 -39.97 88.07 85.57
N ARG G 342 -40.43 87.61 84.40
CA ARG G 342 -41.53 86.66 84.35
C ARG G 342 -41.14 85.34 85.00
N GLN G 343 -39.93 84.86 84.74
CA GLN G 343 -39.49 83.61 85.33
C GLN G 343 -39.35 83.72 86.84
N ALA G 344 -38.83 84.87 87.33
CA ALA G 344 -38.75 85.06 88.77
C ALA G 344 -40.14 85.09 89.40
N ARG G 345 -41.09 85.77 88.77
CA ARG G 345 -42.44 85.82 89.31
C ARG G 345 -43.09 84.45 89.33
N ASN G 346 -42.93 83.68 88.25
CA ASN G 346 -43.53 82.35 88.19
C ASN G 346 -42.88 81.42 89.21
N HIS G 347 -41.56 81.52 89.38
CA HIS G 347 -40.88 80.69 90.37
C HIS G 347 -41.35 81.03 91.77
N LYS G 348 -41.51 82.32 92.08
CA LYS G 348 -42.04 82.70 93.38
C LYS G 348 -43.45 82.19 93.58
N LEU G 349 -44.29 82.27 92.54
CA LEU G 349 -45.66 81.78 92.64
C LEU G 349 -45.69 80.29 92.92
N ARG G 350 -44.88 79.52 92.20
CA ARG G 350 -44.87 78.07 92.39
C ARG G 350 -44.32 77.70 93.76
N VAL G 351 -43.28 78.41 94.21
CA VAL G 351 -42.72 78.13 95.53
C VAL G 351 -43.74 78.42 96.62
N ASP G 352 -44.43 79.56 96.51
CA ASP G 352 -45.44 79.90 97.49
C ASP G 352 -46.61 78.91 97.47
N LYS G 353 -47.01 78.47 96.28
CA LYS G 353 -48.12 77.54 96.17
C LYS G 353 -47.76 76.18 96.76
N ALA G 354 -46.53 75.71 96.51
CA ALA G 354 -46.08 74.46 97.12
C ALA G 354 -45.96 74.59 98.63
N ALA G 355 -45.47 75.74 99.11
CA ALA G 355 -45.39 75.95 100.55
C ALA G 355 -46.77 75.98 101.19
N ALA G 356 -47.74 76.59 100.51
CA ALA G 356 -49.11 76.60 101.00
C ALA G 356 -49.69 75.19 101.02
N ALA G 357 -49.40 74.39 100.01
CA ALA G 357 -49.85 73.00 100.02
C ALA G 357 -49.23 72.22 101.18
N ALA G 358 -47.94 72.42 101.42
CA ALA G 358 -47.29 71.75 102.54
C ALA G 358 -47.87 72.21 103.88
N ALA G 359 -48.14 73.51 104.01
CA ALA G 359 -48.73 74.02 105.25
C ALA G 359 -50.14 73.48 105.45
N ALA G 360 -50.92 73.36 104.38
CA ALA G 360 -52.24 72.77 104.48
C ALA G 360 -52.16 71.30 104.88
N LEU G 361 -51.18 70.58 104.34
CA LEU G 361 -50.98 69.19 104.74
C LEU G 361 -50.61 69.10 106.22
N GLN G 362 -49.73 69.99 106.68
CA GLN G 362 -49.37 70.02 108.10
C GLN G 362 -50.58 70.33 108.98
N ALA G 363 -51.41 71.27 108.54
CA ALA G 363 -52.60 71.63 109.30
C ALA G 363 -53.60 70.47 109.35
N LYS G 364 -53.83 69.81 108.23
CA LYS G 364 -54.78 68.70 108.18
C LYS G 364 -54.22 67.42 108.79
N SER G 365 -52.92 67.36 109.07
CA SER G 365 -52.36 66.23 109.80
C SER G 365 -52.20 66.47 111.29
N ASP G 366 -51.98 67.73 111.70
CA ASP G 366 -51.79 68.08 113.11
C ASP G 366 -52.83 69.09 113.58
N GLU G 367 -54.05 69.01 113.04
CA GLU G 367 -55.08 69.97 113.39
C GLU G 367 -55.57 69.81 114.83
N LYS G 368 -55.36 68.64 115.44
CA LYS G 368 -55.77 68.35 116.81
C LYS G 368 -57.27 68.59 117.05
N GLY H 1 -72.54 27.44 5.57
CA GLY H 1 -71.43 28.28 5.14
C GLY H 1 -70.10 27.57 5.29
N PHE H 2 -69.38 27.39 4.18
CA PHE H 2 -68.12 26.68 4.15
C PHE H 2 -66.95 27.52 3.69
N VAL H 3 -67.19 28.77 3.33
CA VAL H 3 -66.14 29.71 2.99
C VAL H 3 -65.93 30.61 4.20
N LYS H 4 -64.68 31.00 4.44
CA LYS H 4 -64.38 31.98 5.48
C LYS H 4 -65.22 33.23 5.26
N VAL H 5 -65.91 33.66 6.30
CA VAL H 5 -66.68 34.90 6.24
C VAL H 5 -65.68 36.05 6.10
N VAL H 6 -65.66 36.68 4.93
CA VAL H 6 -64.71 37.76 4.70
C VAL H 6 -65.02 38.93 5.62
N LYS H 7 -66.29 39.30 5.74
CA LYS H 7 -66.68 40.43 6.56
C LYS H 7 -66.99 39.98 7.99
N ASN H 8 -65.97 39.41 8.63
CA ASN H 8 -66.06 38.99 10.02
C ASN H 8 -65.76 40.17 10.92
N LYS H 9 -65.55 39.89 12.21
CA LYS H 9 -65.30 40.97 13.17
C LYS H 9 -63.99 41.69 12.88
N ALA H 10 -62.94 40.95 12.53
CA ALA H 10 -61.64 41.56 12.31
C ALA H 10 -61.64 42.47 11.09
N TYR H 11 -62.43 42.12 10.07
CA TYR H 11 -62.53 42.95 8.89
C TYR H 11 -63.04 44.34 9.24
N PHE H 12 -64.08 44.41 10.06
CA PHE H 12 -64.60 45.71 10.46
C PHE H 12 -63.69 46.39 11.47
N LYS H 13 -62.97 45.60 12.28
CA LYS H 13 -62.03 46.21 13.22
C LYS H 13 -60.92 46.94 12.50
N ARG H 14 -60.42 46.37 11.41
CA ARG H 14 -59.34 46.99 10.66
C ARG H 14 -59.81 47.82 9.48
N TYR H 15 -61.11 47.88 9.22
CA TYR H 15 -61.61 48.65 8.10
C TYR H 15 -61.39 50.14 8.31
N GLN H 16 -60.84 50.81 7.30
CA GLN H 16 -60.69 52.25 7.31
C GLN H 16 -61.62 52.84 6.25
N VAL H 17 -62.62 53.60 6.70
CA VAL H 17 -63.54 54.22 5.76
C VAL H 17 -62.83 55.33 5.00
N LYS H 18 -63.32 55.60 3.79
CA LYS H 18 -62.83 56.74 3.03
C LYS H 18 -63.49 58.02 3.53
N PHE H 19 -63.16 59.14 2.91
CA PHE H 19 -63.79 60.39 3.25
C PHE H 19 -65.28 60.31 2.93
N ARG H 20 -66.08 61.11 3.65
CA ARG H 20 -67.52 60.99 3.52
C ARG H 20 -67.99 61.27 2.11
N ARG H 21 -67.46 62.32 1.48
CA ARG H 21 -67.88 62.63 0.13
C ARG H 21 -67.30 61.66 -0.89
N ARG H 22 -66.16 61.04 -0.59
CA ARG H 22 -65.68 59.96 -1.44
C ARG H 22 -66.59 58.75 -1.38
N ARG H 23 -67.06 58.40 -0.18
CA ARG H 23 -68.01 57.29 -0.07
C ARG H 23 -69.33 57.64 -0.76
N GLU H 24 -69.78 58.89 -0.62
CA GLU H 24 -70.95 59.35 -1.34
C GLU H 24 -70.73 59.45 -2.84
N GLY H 25 -69.48 59.41 -3.30
CA GLY H 25 -69.20 59.50 -4.72
C GLY H 25 -69.48 60.86 -5.30
N LYS H 26 -69.17 61.92 -4.57
CA LYS H 26 -69.39 63.28 -5.03
C LYS H 26 -68.13 64.06 -5.29
N THR H 27 -67.05 63.78 -4.55
CA THR H 27 -65.82 64.55 -4.62
C THR H 27 -64.67 63.66 -5.07
N ASP H 28 -63.94 64.12 -6.08
CA ASP H 28 -62.68 63.52 -6.48
C ASP H 28 -61.57 64.29 -5.79
N TYR H 29 -61.02 63.71 -4.72
CA TYR H 29 -60.06 64.44 -3.91
C TYR H 29 -58.71 64.59 -4.60
N TYR H 30 -58.37 63.66 -5.50
CA TYR H 30 -57.15 63.79 -6.28
C TYR H 30 -57.19 65.04 -7.13
N ALA H 31 -58.30 65.29 -7.80
CA ALA H 31 -58.44 66.51 -8.59
C ALA H 31 -58.65 67.72 -7.70
N ARG H 32 -59.33 67.55 -6.57
CA ARG H 32 -59.61 68.68 -5.69
C ARG H 32 -58.32 69.25 -5.11
N LYS H 33 -57.38 68.39 -4.72
CA LYS H 33 -56.13 68.90 -4.15
C LYS H 33 -55.38 69.76 -5.15
N ARG H 34 -55.34 69.33 -6.41
CA ARG H 34 -54.70 70.14 -7.43
C ARG H 34 -55.52 71.38 -7.79
N LEU H 35 -56.82 71.36 -7.51
CA LEU H 35 -57.69 72.41 -8.02
C LEU H 35 -57.92 73.54 -7.02
N VAL H 36 -57.93 73.27 -5.72
CA VAL H 36 -58.33 74.27 -4.73
C VAL H 36 -57.17 74.78 -3.89
N ILE H 37 -56.01 74.15 -3.94
CA ILE H 37 -54.92 74.49 -3.05
C ILE H 37 -54.09 75.61 -3.66
N GLN H 38 -53.90 76.68 -2.91
CA GLN H 38 -53.13 77.84 -3.35
C GLN H 38 -51.66 77.65 -3.00
N ASP H 39 -50.79 78.29 -3.78
CA ASP H 39 -49.37 78.30 -3.48
C ASP H 39 -49.13 78.93 -2.12
N LYS H 40 -48.14 78.41 -1.40
CA LYS H 40 -47.91 78.88 -0.05
C LYS H 40 -47.28 80.26 -0.01
N ASN H 41 -46.56 80.65 -1.06
CA ASN H 41 -46.01 81.99 -1.12
C ASN H 41 -47.02 83.01 -1.64
N LYS H 42 -48.24 82.58 -1.94
CA LYS H 42 -49.33 83.51 -2.22
C LYS H 42 -50.20 83.76 -0.98
N TYR H 43 -49.97 83.01 0.09
CA TYR H 43 -50.54 83.28 1.42
C TYR H 43 -52.06 83.22 1.34
N ASN H 44 -52.79 84.25 1.76
CA ASN H 44 -54.24 84.21 1.84
C ASN H 44 -54.93 84.67 0.57
N THR H 45 -54.22 84.68 -0.54
CA THR H 45 -54.84 85.02 -1.81
C THR H 45 -55.85 83.95 -2.17
N PRO H 46 -57.13 84.29 -2.37
CA PRO H 46 -58.11 83.26 -2.70
C PRO H 46 -57.86 82.67 -4.08
N LYS H 47 -58.19 81.39 -4.21
CA LYS H 47 -58.13 80.69 -5.49
C LYS H 47 -59.56 80.32 -5.87
N TYR H 48 -60.06 80.93 -6.94
CA TYR H 48 -61.46 80.82 -7.31
C TYR H 48 -61.66 79.73 -8.34
N ARG H 49 -62.65 78.87 -8.11
CA ARG H 49 -63.04 77.87 -9.09
C ARG H 49 -64.52 78.00 -9.37
N MET H 50 -64.86 77.80 -10.63
CA MET H 50 -66.24 77.83 -11.12
C MET H 50 -66.71 76.38 -11.18
N ILE H 51 -67.47 75.98 -10.17
CA ILE H 51 -68.04 74.64 -10.10
C ILE H 51 -69.23 74.56 -11.04
N VAL H 52 -69.22 73.60 -11.94
CA VAL H 52 -70.36 73.34 -12.81
C VAL H 52 -70.85 71.93 -12.54
N ARG H 53 -72.13 71.79 -12.22
CA ARG H 53 -72.73 70.50 -11.91
C ARG H 53 -74.04 70.39 -12.70
N VAL H 54 -74.08 69.48 -13.66
CA VAL H 54 -75.28 69.27 -14.45
C VAL H 54 -76.09 68.15 -13.80
N THR H 55 -77.32 68.48 -13.43
CA THR H 55 -78.22 67.58 -12.73
C THR H 55 -79.27 67.08 -13.72
N ASN H 56 -79.99 66.03 -13.33
CA ASN H 56 -81.01 65.44 -14.20
C ASN H 56 -82.05 66.47 -14.65
N ARG H 57 -82.33 67.48 -13.82
CA ARG H 57 -83.31 68.50 -14.18
C ARG H 57 -82.81 69.92 -13.94
N ASP H 58 -81.51 70.12 -13.73
CA ASP H 58 -81.00 71.43 -13.38
C ASP H 58 -79.54 71.54 -13.75
N ILE H 59 -79.05 72.77 -13.81
CA ILE H 59 -77.63 73.06 -13.91
C ILE H 59 -77.27 74.02 -12.80
N ILE H 60 -76.23 73.70 -12.06
CA ILE H 60 -75.76 74.53 -10.94
C ILE H 60 -74.40 75.07 -11.31
N CYS H 61 -74.27 76.39 -11.28
CA CYS H 61 -72.99 77.07 -11.49
C CYS H 61 -72.69 77.88 -10.24
N GLN H 62 -71.51 77.65 -9.67
CA GLN H 62 -71.09 78.34 -8.46
C GLN H 62 -69.66 78.82 -8.63
N ILE H 63 -69.29 79.83 -7.85
CA ILE H 63 -67.91 80.26 -7.77
C ILE H 63 -67.50 80.20 -6.31
N ALA H 64 -66.44 79.48 -6.02
CA ALA H 64 -66.04 79.22 -4.65
C ALA H 64 -64.53 79.28 -4.49
N TYR H 65 -64.10 79.60 -3.28
CA TYR H 65 -62.71 79.46 -2.89
C TYR H 65 -62.65 78.68 -1.59
N ALA H 66 -61.61 77.87 -1.45
CA ALA H 66 -61.52 76.95 -0.33
C ALA H 66 -61.02 77.64 0.93
N ARG H 67 -61.59 77.25 2.06
CA ARG H 67 -61.09 77.62 3.38
C ARG H 67 -61.07 76.38 4.25
N ILE H 68 -60.43 76.51 5.41
CA ILE H 68 -60.27 75.36 6.31
C ILE H 68 -61.62 74.90 6.82
N GLU H 69 -62.48 75.83 7.20
CA GLU H 69 -63.80 75.49 7.72
C GLU H 69 -64.77 75.04 6.64
N GLY H 70 -64.40 75.14 5.37
CA GLY H 70 -65.28 74.75 4.29
C GLY H 70 -65.17 75.70 3.12
N ASP H 71 -65.74 75.32 1.98
CA ASP H 71 -65.71 76.18 0.81
C ASP H 71 -66.59 77.40 1.00
N MET H 72 -66.10 78.55 0.55
CA MET H 72 -66.83 79.81 0.64
C MET H 72 -67.32 80.15 -0.75
N ILE H 73 -68.64 80.19 -0.93
CA ILE H 73 -69.25 80.45 -2.23
C ILE H 73 -69.60 81.92 -2.31
N VAL H 74 -69.09 82.59 -3.34
CA VAL H 74 -69.34 84.02 -3.51
C VAL H 74 -70.46 84.33 -4.50
N CYS H 75 -70.78 83.41 -5.40
CA CYS H 75 -71.81 83.64 -6.39
C CYS H 75 -72.32 82.31 -6.89
N ALA H 76 -73.64 82.19 -7.03
CA ALA H 76 -74.27 80.98 -7.53
C ALA H 76 -75.33 81.35 -8.54
N ALA H 77 -75.42 80.55 -9.61
CA ALA H 77 -76.46 80.69 -10.60
C ALA H 77 -77.04 79.32 -10.90
N TYR H 78 -78.33 79.28 -11.17
CA TYR H 78 -79.03 78.03 -11.40
C TYR H 78 -79.80 78.11 -12.71
N ALA H 79 -80.06 76.94 -13.29
CA ALA H 79 -80.89 76.90 -14.48
C ALA H 79 -82.38 76.97 -14.16
N HIS H 80 -82.77 76.76 -12.91
CA HIS H 80 -84.18 76.83 -12.56
C HIS H 80 -84.67 78.26 -12.38
N GLU H 81 -83.78 79.23 -12.31
CA GLU H 81 -84.17 80.63 -12.28
C GLU H 81 -84.17 81.24 -13.68
N LEU H 82 -83.86 80.47 -14.71
CA LEU H 82 -84.04 80.93 -16.07
C LEU H 82 -85.48 81.27 -16.43
N PRO H 83 -86.51 80.52 -16.03
CA PRO H 83 -87.89 80.92 -16.37
C PRO H 83 -88.30 82.30 -15.87
N LYS H 84 -87.50 82.95 -15.02
CA LYS H 84 -87.75 84.33 -14.65
C LYS H 84 -87.80 85.25 -15.87
N TYR H 85 -87.10 84.89 -16.93
CA TYR H 85 -86.98 85.74 -18.11
C TYR H 85 -86.55 84.91 -19.31
N GLY H 86 -87.26 85.08 -20.42
CA GLY H 86 -86.95 84.34 -21.63
C GLY H 86 -87.25 82.86 -21.54
N VAL H 87 -86.19 82.06 -21.52
CA VAL H 87 -86.34 80.61 -21.62
C VAL H 87 -86.97 80.07 -20.37
N LYS H 88 -87.93 79.15 -20.55
CA LYS H 88 -88.61 78.52 -19.42
C LYS H 88 -88.70 77.02 -19.53
N VAL H 89 -88.53 76.44 -20.73
CA VAL H 89 -88.63 75.01 -20.94
C VAL H 89 -87.35 74.58 -21.65
N GLY H 90 -87.08 73.28 -21.59
CA GLY H 90 -85.86 72.78 -22.20
C GLY H 90 -84.61 73.21 -21.48
N LEU H 91 -84.61 73.16 -20.16
CA LEU H 91 -83.44 73.48 -19.37
C LEU H 91 -82.45 72.32 -19.47
N THR H 92 -81.41 72.35 -18.63
CA THR H 92 -80.37 71.32 -18.53
C THR H 92 -79.81 70.88 -19.89
N ASN H 93 -79.90 71.74 -20.90
CA ASN H 93 -79.27 71.48 -22.20
C ASN H 93 -78.09 72.42 -22.37
N TYR H 94 -77.46 72.34 -23.55
CA TYR H 94 -76.24 73.13 -23.78
C TYR H 94 -76.55 74.62 -23.79
N ALA H 95 -77.68 75.01 -24.40
CA ALA H 95 -78.03 76.43 -24.42
C ALA H 95 -78.32 76.96 -23.02
N ALA H 96 -79.02 76.17 -22.21
CA ALA H 96 -79.27 76.60 -20.83
C ALA H 96 -77.98 76.62 -20.02
N ALA H 97 -77.04 75.73 -20.32
CA ALA H 97 -75.74 75.78 -19.66
C ALA H 97 -75.01 77.06 -20.01
N TYR H 98 -75.04 77.46 -21.28
CA TYR H 98 -74.46 78.74 -21.67
C TYR H 98 -75.15 79.88 -20.94
N CYS H 99 -76.48 79.84 -20.88
CA CYS H 99 -77.23 80.92 -20.24
C CYS H 99 -76.89 81.04 -18.77
N THR H 100 -76.79 79.91 -18.07
CA THR H 100 -76.53 79.98 -16.64
C THR H 100 -75.08 80.35 -16.35
N GLY H 101 -74.13 79.94 -17.21
CA GLY H 101 -72.78 80.43 -17.07
C GLY H 101 -72.68 81.93 -17.29
N LEU H 102 -73.39 82.44 -18.31
CA LEU H 102 -73.43 83.86 -18.55
C LEU H 102 -74.07 84.61 -17.39
N LEU H 103 -75.13 84.05 -16.83
CA LEU H 103 -75.80 84.67 -15.70
C LEU H 103 -74.89 84.72 -14.48
N LEU H 104 -74.15 83.63 -14.24
CA LEU H 104 -73.19 83.62 -13.14
C LEU H 104 -72.12 84.69 -13.34
N ALA H 105 -71.59 84.80 -14.57
CA ALA H 105 -70.55 85.78 -14.84
C ALA H 105 -71.07 87.19 -14.64
N ARG H 106 -72.25 87.50 -15.19
CA ARG H 106 -72.79 88.85 -15.07
C ARG H 106 -73.13 89.18 -13.62
N ARG H 107 -73.69 88.22 -12.88
CA ARG H 107 -74.03 88.46 -11.49
C ARG H 107 -72.79 88.71 -10.65
N LEU H 108 -71.74 87.91 -10.84
CA LEU H 108 -70.50 88.11 -10.09
C LEU H 108 -69.88 89.45 -10.44
N LEU H 109 -69.86 89.81 -11.72
CA LEU H 109 -69.28 91.09 -12.12
C LEU H 109 -70.08 92.25 -11.55
N ASN H 110 -71.40 92.11 -11.48
CA ASN H 110 -72.22 93.16 -10.90
C ASN H 110 -71.99 93.29 -9.41
N ARG H 111 -71.84 92.17 -8.70
CA ARG H 111 -71.55 92.23 -7.27
C ARG H 111 -70.19 92.87 -7.02
N PHE H 112 -69.20 92.57 -7.85
CA PHE H 112 -67.89 93.19 -7.68
C PHE H 112 -67.83 94.60 -8.24
N GLY H 113 -68.87 95.04 -8.94
CA GLY H 113 -68.86 96.40 -9.46
C GLY H 113 -68.09 96.59 -10.74
N MET H 114 -67.94 95.54 -11.55
CA MET H 114 -67.24 95.60 -12.82
C MET H 114 -68.22 95.24 -13.92
N ASP H 115 -69.00 96.22 -14.37
CA ASP H 115 -69.97 96.00 -15.43
C ASP H 115 -69.69 96.84 -16.66
N LYS H 116 -69.44 98.13 -16.48
CA LYS H 116 -69.05 98.97 -17.61
C LYS H 116 -67.73 98.48 -18.19
N ILE H 117 -66.80 98.12 -17.35
CA ILE H 117 -65.58 97.44 -17.77
C ILE H 117 -65.84 95.95 -17.78
N TYR H 118 -65.17 95.24 -18.68
CA TYR H 118 -65.36 93.81 -18.89
C TYR H 118 -66.82 93.49 -19.23
N GLU H 119 -67.29 94.10 -20.31
CA GLU H 119 -68.61 93.77 -20.82
C GLU H 119 -68.68 92.38 -21.42
N GLY H 120 -67.53 91.81 -21.77
CA GLY H 120 -67.51 90.51 -22.40
C GLY H 120 -67.90 90.58 -23.86
N GLN H 121 -68.15 89.41 -24.43
CA GLN H 121 -68.56 89.30 -25.83
C GLN H 121 -70.08 89.33 -25.88
N VAL H 122 -70.64 90.51 -26.14
CA VAL H 122 -72.09 90.67 -26.17
C VAL H 122 -72.69 89.98 -27.39
N GLU H 123 -72.07 90.19 -28.56
CA GLU H 123 -72.53 89.53 -29.77
C GLU H 123 -72.00 88.10 -29.78
N VAL H 124 -72.91 87.14 -29.62
CA VAL H 124 -72.50 85.75 -29.38
C VAL H 124 -72.07 85.11 -30.69
N THR H 125 -70.84 84.61 -30.72
CA THR H 125 -70.39 83.71 -31.76
C THR H 125 -69.56 82.61 -31.10
N GLY H 126 -69.43 81.49 -31.80
CA GLY H 126 -68.77 80.35 -31.20
C GLY H 126 -67.28 80.45 -31.11
N ASP H 127 -66.66 81.48 -31.69
CA ASP H 127 -65.22 81.59 -31.74
C ASP H 127 -64.65 81.81 -30.33
N GLU H 128 -63.36 81.51 -30.20
CA GLU H 128 -62.70 81.65 -28.91
C GLU H 128 -62.64 83.12 -28.51
N TYR H 129 -62.76 83.37 -27.21
CA TYR H 129 -62.71 84.73 -26.69
C TYR H 129 -62.10 84.67 -25.30
N ASN H 130 -61.15 85.57 -25.04
CA ASN H 130 -60.49 85.64 -23.75
C ASN H 130 -60.40 87.09 -23.33
N VAL H 131 -61.02 87.42 -22.21
CA VAL H 131 -61.03 88.81 -21.74
C VAL H 131 -59.62 89.19 -21.30
N GLU H 132 -59.25 90.44 -21.58
CA GLU H 132 -57.94 90.97 -21.23
C GLU H 132 -58.12 92.06 -20.18
N SER H 133 -57.30 92.02 -19.14
CA SER H 133 -57.37 93.03 -18.10
C SER H 133 -56.98 94.39 -18.67
N ILE H 134 -57.75 95.41 -18.32
CA ILE H 134 -57.52 96.77 -18.80
C ILE H 134 -56.65 97.51 -17.80
N ASP H 135 -55.55 98.08 -18.27
CA ASP H 135 -54.66 98.85 -17.40
C ASP H 135 -55.37 100.09 -16.86
N GLY H 136 -54.98 100.50 -15.66
CA GLY H 136 -55.65 101.59 -15.01
C GLY H 136 -57.03 101.25 -14.50
N GLN H 137 -57.41 99.98 -14.53
CA GLN H 137 -58.71 99.50 -14.10
C GLN H 137 -58.48 98.21 -13.33
N PRO H 138 -59.43 97.81 -12.48
CA PRO H 138 -59.25 96.54 -11.75
C PRO H 138 -59.13 95.36 -12.69
N GLY H 139 -58.34 94.38 -12.27
CA GLY H 139 -58.06 93.24 -13.13
C GLY H 139 -59.28 92.37 -13.34
N ALA H 140 -59.24 91.63 -14.44
CA ALA H 140 -60.32 90.71 -14.76
C ALA H 140 -60.37 89.58 -13.75
N PHE H 141 -61.57 89.13 -13.42
CA PHE H 141 -61.73 88.05 -12.47
C PHE H 141 -61.25 86.74 -13.09
N THR H 142 -60.36 86.05 -12.40
CA THR H 142 -59.76 84.83 -12.89
C THR H 142 -60.20 83.66 -12.01
N CYS H 143 -60.79 82.65 -12.63
CA CYS H 143 -61.20 81.44 -11.94
C CYS H 143 -60.95 80.25 -12.84
N TYR H 144 -60.94 79.06 -12.25
CA TYR H 144 -60.65 77.84 -12.97
C TYR H 144 -61.84 76.89 -12.92
N LEU H 145 -62.07 76.16 -14.02
CA LEU H 145 -63.25 75.32 -14.10
C LEU H 145 -63.13 74.10 -13.20
N ASP H 146 -64.23 73.76 -12.53
CA ASP H 146 -64.36 72.55 -11.73
C ASP H 146 -65.48 71.73 -12.34
N ALA H 147 -65.10 70.70 -13.09
CA ALA H 147 -66.03 69.80 -13.75
C ALA H 147 -66.42 68.61 -12.89
N GLY H 148 -65.77 68.40 -11.76
CA GLY H 148 -66.13 67.29 -10.89
C GLY H 148 -65.82 65.96 -11.53
N LEU H 149 -66.78 65.05 -11.47
CA LEU H 149 -66.61 63.72 -12.03
C LEU H 149 -67.12 63.60 -13.45
N ALA H 150 -67.55 64.69 -14.07
CA ALA H 150 -68.06 64.64 -15.42
C ALA H 150 -66.95 64.30 -16.41
N ARG H 151 -67.28 63.45 -17.37
CA ARG H 151 -66.31 63.09 -18.40
C ARG H 151 -66.18 64.23 -19.39
N THR H 152 -64.98 64.81 -19.46
CA THR H 152 -64.76 66.03 -20.23
C THR H 152 -64.39 65.69 -21.67
N THR H 153 -65.38 65.16 -22.39
CA THR H 153 -65.25 64.99 -23.83
C THR H 153 -65.82 66.21 -24.54
N THR H 154 -65.65 66.23 -25.86
CA THR H 154 -66.07 67.36 -26.65
C THR H 154 -67.59 67.49 -26.66
N GLY H 155 -68.08 68.68 -26.36
CA GLY H 155 -69.51 68.92 -26.33
C GLY H 155 -70.17 68.83 -24.97
N ASN H 156 -69.40 68.93 -23.89
CA ASN H 156 -69.96 68.79 -22.56
C ASN H 156 -70.61 70.09 -22.10
N LYS H 157 -71.70 69.95 -21.34
CA LYS H 157 -72.41 71.12 -20.88
C LYS H 157 -71.60 71.92 -19.86
N VAL H 158 -70.62 71.30 -19.21
CA VAL H 158 -69.72 72.08 -18.36
C VAL H 158 -68.91 73.06 -19.20
N PHE H 159 -68.51 72.64 -20.40
CA PHE H 159 -67.82 73.56 -21.29
C PHE H 159 -68.79 74.56 -21.90
N GLY H 160 -70.06 74.20 -22.05
CA GLY H 160 -71.06 75.20 -22.38
C GLY H 160 -71.15 76.29 -21.34
N ALA H 161 -71.17 75.90 -20.07
CA ALA H 161 -71.21 76.87 -18.98
C ALA H 161 -69.94 77.71 -18.94
N LEU H 162 -68.79 77.08 -19.21
CA LEU H 162 -67.54 77.83 -19.28
C LEU H 162 -67.58 78.87 -20.40
N LYS H 163 -68.12 78.49 -21.57
CA LYS H 163 -68.24 79.45 -22.66
C LYS H 163 -69.16 80.60 -22.28
N GLY H 164 -70.26 80.30 -21.61
CA GLY H 164 -71.14 81.35 -21.13
C GLY H 164 -70.43 82.31 -20.20
N ALA H 165 -69.64 81.78 -19.27
CA ALA H 165 -68.95 82.63 -18.31
C ALA H 165 -67.88 83.48 -18.98
N VAL H 166 -67.09 82.89 -19.89
CA VAL H 166 -66.02 83.66 -20.52
C VAL H 166 -66.61 84.70 -21.47
N ASP H 167 -67.80 84.44 -22.03
CA ASP H 167 -68.47 85.48 -22.80
C ASP H 167 -69.04 86.54 -21.88
N GLY H 168 -69.41 86.16 -20.66
CA GLY H 168 -69.85 87.14 -19.68
C GLY H 168 -68.74 88.04 -19.17
N GLY H 169 -67.50 87.57 -19.22
CA GLY H 169 -66.39 88.43 -18.87
C GLY H 169 -65.45 87.87 -17.82
N LEU H 170 -65.56 86.58 -17.56
CA LEU H 170 -64.70 85.92 -16.58
C LEU H 170 -63.49 85.32 -17.28
N SER H 171 -62.31 85.56 -16.71
CA SER H 171 -61.06 85.08 -17.32
C SER H 171 -60.83 83.65 -16.86
N ILE H 172 -61.29 82.70 -17.64
CA ILE H 172 -61.12 81.28 -17.35
C ILE H 172 -60.18 80.71 -18.40
N PRO H 173 -59.03 80.16 -18.00
CA PRO H 173 -58.13 79.52 -18.98
C PRO H 173 -58.79 78.29 -19.56
N HIS H 174 -58.72 78.17 -20.88
CA HIS H 174 -59.40 77.08 -21.58
C HIS H 174 -58.85 76.97 -22.99
N SER H 175 -59.34 75.97 -23.72
CA SER H 175 -59.08 75.82 -25.13
C SER H 175 -60.38 75.40 -25.81
N THR H 176 -60.39 75.46 -27.14
CA THR H 176 -61.58 75.15 -27.91
C THR H 176 -61.69 73.67 -28.27
N LYS H 177 -60.77 72.85 -27.77
CA LYS H 177 -60.78 71.43 -28.11
C LYS H 177 -62.02 70.71 -27.60
N ARG H 178 -62.67 71.23 -26.56
CA ARG H 178 -63.83 70.57 -25.98
C ARG H 178 -65.14 71.23 -26.32
N PHE H 179 -65.13 72.29 -27.11
CA PHE H 179 -66.38 72.87 -27.58
C PHE H 179 -66.97 72.03 -28.70
N PRO H 180 -68.30 72.04 -28.86
CA PRO H 180 -68.92 71.18 -29.88
C PRO H 180 -68.48 71.46 -31.30
N GLY H 181 -67.93 72.64 -31.59
CA GLY H 181 -67.48 72.91 -32.94
C GLY H 181 -66.19 72.22 -33.33
N TYR H 182 -65.47 71.64 -32.37
CA TYR H 182 -64.17 71.07 -32.65
C TYR H 182 -64.31 69.78 -33.45
N ASP H 183 -63.50 69.64 -34.50
CA ASP H 183 -63.47 68.44 -35.30
C ASP H 183 -62.26 67.61 -34.89
N SER H 184 -62.51 66.41 -34.36
CA SER H 184 -61.43 65.58 -33.84
C SER H 184 -60.55 65.01 -34.94
N GLU H 185 -61.01 65.05 -36.19
CA GLU H 185 -60.21 64.49 -37.28
C GLU H 185 -59.25 65.52 -37.84
N SER H 186 -59.75 66.67 -38.29
CA SER H 186 -58.90 67.71 -38.84
C SER H 186 -58.25 68.57 -37.77
N LYS H 187 -58.59 68.35 -36.49
CA LYS H 187 -58.08 69.14 -35.38
C LYS H 187 -58.36 70.63 -35.58
N GLU H 188 -59.53 70.94 -36.12
CA GLU H 188 -59.91 72.31 -36.43
C GLU H 188 -61.24 72.64 -35.76
N PHE H 189 -61.34 73.87 -35.27
CA PHE H 189 -62.53 74.34 -34.58
C PHE H 189 -63.42 75.10 -35.55
N ASN H 190 -64.68 74.67 -35.66
CA ASN H 190 -65.58 75.26 -36.64
C ASN H 190 -66.07 76.64 -36.21
N ALA H 191 -66.41 76.80 -34.93
CA ALA H 191 -66.91 78.02 -34.30
C ALA H 191 -68.26 78.47 -34.84
N GLU H 192 -68.89 77.70 -35.74
CA GLU H 192 -70.23 77.99 -36.22
C GLU H 192 -71.26 77.00 -35.72
N VAL H 193 -70.95 75.70 -35.81
CA VAL H 193 -71.82 74.73 -35.18
C VAL H 193 -71.78 74.87 -33.66
N HIS H 194 -70.70 75.41 -33.12
CA HIS H 194 -70.67 75.73 -31.70
C HIS H 194 -71.69 76.81 -31.36
N ARG H 195 -71.77 77.86 -32.19
CA ARG H 195 -72.78 78.88 -31.97
C ARG H 195 -74.19 78.33 -32.18
N LYS H 196 -74.33 77.38 -33.11
CA LYS H 196 -75.62 76.71 -33.28
C LYS H 196 -76.02 75.97 -32.01
N HIS H 197 -75.07 75.27 -31.39
CA HIS H 197 -75.35 74.60 -30.12
C HIS H 197 -75.68 75.61 -29.03
N ILE H 198 -74.97 76.74 -28.99
CA ILE H 198 -75.23 77.76 -28.00
C ILE H 198 -76.64 78.32 -28.15
N MET H 199 -77.08 78.52 -29.39
CA MET H 199 -78.42 79.00 -29.66
C MET H 199 -79.45 77.88 -29.68
N GLY H 200 -79.04 76.64 -29.44
CA GLY H 200 -79.99 75.55 -29.34
C GLY H 200 -80.51 75.06 -30.67
N GLN H 201 -79.77 75.25 -31.75
CA GLN H 201 -80.25 74.86 -33.06
C GLN H 201 -80.27 73.36 -33.25
N ASN H 202 -79.47 72.61 -32.50
CA ASN H 202 -79.55 71.16 -32.56
C ASN H 202 -80.89 70.66 -32.05
N VAL H 203 -81.39 71.27 -30.97
CA VAL H 203 -82.70 70.89 -30.45
C VAL H 203 -83.80 71.29 -31.41
N ALA H 204 -83.68 72.46 -32.04
CA ALA H 204 -84.66 72.87 -33.03
C ALA H 204 -84.67 71.92 -34.22
N ASP H 205 -83.48 71.50 -34.67
CA ASP H 205 -83.39 70.53 -35.75
C ASP H 205 -84.03 69.21 -35.36
N TYR H 206 -83.82 68.78 -34.11
CA TYR H 206 -84.46 67.55 -33.64
C TYR H 206 -85.98 67.69 -33.66
N MET H 207 -86.49 68.84 -33.22
CA MET H 207 -87.93 69.05 -33.21
C MET H 207 -88.51 68.96 -34.61
N ARG H 208 -87.94 69.74 -35.54
CA ARG H 208 -88.47 69.73 -36.90
C ARG H 208 -88.17 68.44 -37.65
N TYR H 209 -87.18 67.67 -37.19
CA TYR H 209 -86.91 66.35 -37.75
C TYR H 209 -87.94 65.33 -37.28
N LEU H 210 -88.33 65.41 -36.01
CA LEU H 210 -89.35 64.50 -35.50
C LEU H 210 -90.73 64.83 -36.07
N MET H 211 -90.99 66.12 -36.33
CA MET H 211 -92.27 66.51 -36.91
C MET H 211 -92.50 65.82 -38.25
N GLU H 212 -91.48 65.76 -39.10
CA GLU H 212 -91.66 65.25 -40.46
C GLU H 212 -91.65 63.74 -40.55
N GLU H 213 -91.36 63.03 -39.45
CA GLU H 213 -91.39 61.57 -39.48
C GLU H 213 -92.47 60.99 -38.57
N ASP H 214 -92.47 61.31 -37.28
CA ASP H 214 -93.40 60.65 -36.36
C ASP H 214 -93.94 61.71 -35.40
N GLU H 215 -95.18 62.15 -35.66
CA GLU H 215 -95.75 63.26 -34.92
C GLU H 215 -95.95 62.92 -33.45
N ASP H 216 -96.42 61.70 -33.17
CA ASP H 216 -96.63 61.29 -31.78
C ASP H 216 -95.31 61.12 -31.04
N ALA H 217 -94.26 60.67 -31.73
CA ALA H 217 -92.95 60.64 -31.10
C ALA H 217 -92.46 62.04 -30.78
N TYR H 218 -92.74 63.00 -31.67
CA TYR H 218 -92.43 64.39 -31.39
C TYR H 218 -93.18 64.89 -30.18
N LYS H 219 -94.45 64.53 -30.06
CA LYS H 219 -95.24 64.92 -28.88
C LYS H 219 -94.64 64.32 -27.61
N LYS H 220 -94.31 63.04 -27.65
CA LYS H 220 -93.76 62.37 -26.48
C LYS H 220 -92.43 62.98 -26.06
N GLN H 221 -91.57 63.29 -27.02
CA GLN H 221 -90.27 63.85 -26.69
C GLN H 221 -90.41 65.29 -26.18
N PHE H 222 -90.96 66.17 -27.00
CA PHE H 222 -91.11 67.57 -26.62
C PHE H 222 -92.53 67.88 -26.17
N SER H 223 -93.00 67.11 -25.17
CA SER H 223 -94.35 67.35 -24.64
C SER H 223 -94.46 68.72 -23.98
N GLN H 224 -93.50 69.07 -23.11
CA GLN H 224 -93.56 70.35 -22.43
C GLN H 224 -93.18 71.52 -23.33
N TYR H 225 -92.51 71.25 -24.45
CA TYR H 225 -92.28 72.31 -25.43
C TYR H 225 -93.60 72.75 -26.07
N ILE H 226 -94.54 71.82 -26.24
CA ILE H 226 -95.84 72.15 -26.81
C ILE H 226 -96.57 73.15 -25.91
N LYS H 227 -96.50 72.94 -24.60
CA LYS H 227 -97.07 73.90 -23.67
C LYS H 227 -96.36 75.23 -23.80
N ASN H 228 -97.16 76.31 -23.86
CA ASN H 228 -96.71 77.69 -24.08
C ASN H 228 -96.06 77.90 -25.43
N SER H 229 -96.10 76.90 -26.31
CA SER H 229 -95.81 77.03 -27.75
C SER H 229 -94.40 77.58 -27.99
N VAL H 230 -93.42 76.79 -27.56
CA VAL H 230 -92.03 77.04 -27.91
C VAL H 230 -91.74 76.31 -29.22
N THR H 231 -91.34 77.07 -30.24
CA THR H 231 -91.19 76.48 -31.56
C THR H 231 -89.77 76.68 -32.08
N PRO H 232 -89.31 75.79 -32.97
CA PRO H 232 -87.93 75.87 -33.47
C PRO H 232 -87.57 77.19 -34.12
N ASP H 233 -88.52 77.85 -34.79
CA ASP H 233 -88.20 79.12 -35.44
C ASP H 233 -87.87 80.19 -34.42
N MET H 234 -88.58 80.21 -33.29
CA MET H 234 -88.39 81.24 -32.28
C MET H 234 -87.41 80.83 -31.19
N MET H 235 -86.87 79.61 -31.23
CA MET H 235 -85.94 79.19 -30.19
C MET H 235 -84.70 80.07 -30.14
N GLU H 236 -84.12 80.40 -31.30
CA GLU H 236 -82.89 81.20 -31.32
C GLU H 236 -83.15 82.62 -30.83
N GLU H 237 -84.26 83.23 -31.25
CA GLU H 237 -84.60 84.55 -30.77
C GLU H 237 -84.89 84.54 -29.27
N MET H 238 -85.51 83.46 -28.79
CA MET H 238 -85.74 83.32 -27.35
C MET H 238 -84.42 83.29 -26.58
N TYR H 239 -83.45 82.54 -27.07
CA TYR H 239 -82.17 82.48 -26.39
C TYR H 239 -81.43 83.80 -26.47
N LYS H 240 -81.54 84.51 -27.60
CA LYS H 240 -80.90 85.82 -27.70
C LYS H 240 -81.50 86.82 -26.72
N LYS H 241 -82.83 86.86 -26.62
CA LYS H 241 -83.40 87.81 -25.67
C LYS H 241 -83.20 87.35 -24.23
N ALA H 242 -83.03 86.05 -24.00
CA ALA H 242 -82.62 85.60 -22.67
C ALA H 242 -81.24 86.12 -22.31
N HIS H 243 -80.30 86.06 -23.26
CA HIS H 243 -78.98 86.64 -23.02
C HIS H 243 -79.06 88.13 -22.75
N ALA H 244 -79.89 88.83 -23.54
CA ALA H 244 -80.04 90.27 -23.33
C ALA H 244 -80.62 90.58 -21.96
N ALA H 245 -81.61 89.79 -21.51
CA ALA H 245 -82.17 89.98 -20.18
C ALA H 245 -81.14 89.69 -19.09
N ILE H 246 -80.30 88.67 -19.31
CA ILE H 246 -79.23 88.38 -18.35
C ILE H 246 -78.30 89.57 -18.22
N ARG H 247 -77.89 90.13 -19.35
CA ARG H 247 -77.01 91.30 -19.32
C ARG H 247 -77.70 92.50 -18.68
N GLU H 248 -79.01 92.62 -18.88
CA GLU H 248 -79.72 93.79 -18.37
C GLU H 248 -79.90 93.74 -16.86
N ASN H 249 -80.25 92.57 -16.32
CA ASN H 249 -80.51 92.43 -14.89
C ASN H 249 -80.00 91.09 -14.38
N PRO H 250 -78.77 91.05 -13.86
CA PRO H 250 -78.24 89.79 -13.34
C PRO H 250 -78.44 89.64 -11.84
N VAL H 251 -78.98 90.66 -11.19
CA VAL H 251 -79.08 90.66 -9.74
C VAL H 251 -80.11 89.65 -9.28
N TYR H 252 -79.75 88.83 -8.31
CA TYR H 252 -80.65 87.84 -7.73
C TYR H 252 -81.28 88.39 -6.47
N GLU H 253 -82.60 88.27 -6.38
CA GLU H 253 -83.33 88.61 -5.17
C GLU H 253 -83.89 87.33 -4.56
N LYS H 254 -83.77 87.20 -3.25
CA LYS H 254 -84.23 85.98 -2.59
C LYS H 254 -85.73 86.05 -2.35
N LYS H 255 -86.31 84.88 -2.10
CA LYS H 255 -87.74 84.75 -1.88
C LYS H 255 -88.03 84.50 -0.41
N PRO H 256 -88.82 85.34 0.24
CA PRO H 256 -89.04 85.21 1.68
C PRO H 256 -90.16 84.22 2.02
N LYS H 257 -89.94 83.47 3.10
CA LYS H 257 -90.93 82.53 3.60
C LYS H 257 -90.63 82.26 5.06
N LYS H 258 -91.50 82.77 5.96
CA LYS H 258 -91.29 82.60 7.39
C LYS H 258 -92.52 82.11 8.14
N GLU H 259 -93.71 82.17 7.54
CA GLU H 259 -94.94 81.79 8.22
C GLU H 259 -95.15 80.27 8.18
N VAL H 260 -94.12 79.52 8.54
CA VAL H 260 -94.15 78.06 8.51
C VAL H 260 -94.19 77.55 9.93
N LYS H 261 -95.19 76.74 10.25
CA LYS H 261 -95.25 76.08 11.55
C LYS H 261 -94.13 75.04 11.65
N LYS H 262 -93.62 74.88 12.86
CA LYS H 262 -92.53 73.94 13.11
C LYS H 262 -93.11 72.53 13.24
N LYS H 263 -93.23 71.85 12.11
CA LYS H 263 -93.68 70.47 12.08
C LYS H 263 -92.50 69.56 11.77
N ARG H 264 -92.43 68.44 12.47
CA ARG H 264 -91.35 67.47 12.32
C ARG H 264 -91.87 66.27 11.53
N TRP H 265 -91.23 65.98 10.41
CA TRP H 265 -91.63 64.88 9.54
C TRP H 265 -90.82 63.62 9.74
N ASN H 266 -89.88 63.61 10.68
CA ASN H 266 -88.98 62.49 10.88
C ASN H 266 -89.20 61.93 12.29
N ARG H 267 -89.10 60.62 12.42
CA ARG H 267 -89.22 60.01 13.73
C ARG H 267 -88.00 60.36 14.57
N PRO H 268 -88.18 60.83 15.80
CA PRO H 268 -87.03 61.12 16.65
C PRO H 268 -86.35 59.84 17.12
N LYS H 269 -85.10 60.00 17.54
CA LYS H 269 -84.33 58.87 18.04
C LYS H 269 -84.89 58.40 19.37
N MET H 270 -85.07 57.09 19.52
CA MET H 270 -85.61 56.55 20.76
C MET H 270 -84.61 56.70 21.90
N SER H 271 -85.13 56.73 23.11
CA SER H 271 -84.32 56.88 24.30
C SER H 271 -83.87 55.53 24.82
N LEU H 272 -82.85 55.57 25.69
CA LEU H 272 -82.34 54.35 26.31
C LEU H 272 -83.40 53.67 27.15
N ALA H 273 -84.20 54.45 27.88
CA ALA H 273 -85.29 53.88 28.66
C ALA H 273 -86.29 53.18 27.76
N GLN H 274 -86.64 53.79 26.63
CA GLN H 274 -87.59 53.17 25.72
C GLN H 274 -87.03 51.88 25.12
N LYS H 275 -85.75 51.88 24.74
CA LYS H 275 -85.16 50.66 24.18
C LYS H 275 -85.11 49.54 25.23
N LYS H 276 -84.74 49.88 26.46
CA LYS H 276 -84.72 48.88 27.53
C LYS H 276 -86.11 48.34 27.81
N ASP H 277 -87.11 49.21 27.82
CA ASP H 277 -88.48 48.76 28.03
C ASP H 277 -88.94 47.87 26.89
N ARG H 278 -88.55 48.20 25.65
CA ARG H 278 -88.92 47.37 24.51
C ARG H 278 -88.30 45.97 24.63
N VAL H 279 -87.03 45.90 25.05
CA VAL H 279 -86.39 44.61 25.25
C VAL H 279 -87.10 43.82 26.35
N ALA H 280 -87.45 44.50 27.44
CA ALA H 280 -88.15 43.83 28.53
C ALA H 280 -89.51 43.30 28.09
N GLN H 281 -90.25 44.09 27.32
CA GLN H 281 -91.54 43.65 26.82
C GLN H 281 -91.39 42.45 25.89
N LYS H 282 -90.37 42.47 25.03
CA LYS H 282 -90.18 41.34 24.12
C LYS H 282 -89.84 40.07 24.90
N LYS H 283 -89.00 40.19 25.93
CA LYS H 283 -88.68 39.02 26.77
C LYS H 283 -89.93 38.49 27.47
N ALA H 284 -90.73 39.40 28.03
CA ALA H 284 -91.94 38.99 28.74
C ALA H 284 -92.91 38.31 27.80
N SER H 285 -93.09 38.86 26.61
CA SER H 285 -94.00 38.26 25.64
C SER H 285 -93.51 36.88 25.20
N PHE H 286 -92.20 36.72 25.01
CA PHE H 286 -91.70 35.41 24.61
C PHE H 286 -91.91 34.37 25.71
N LEU H 287 -91.64 34.74 26.95
CA LEU H 287 -91.88 33.81 28.06
C LEU H 287 -93.37 33.50 28.19
N ARG H 288 -94.22 34.49 27.96
CA ARG H 288 -95.66 34.27 27.98
C ARG H 288 -96.09 33.30 26.88
N ALA H 289 -95.52 33.46 25.69
CA ALA H 289 -95.85 32.54 24.60
C ALA H 289 -95.42 31.11 24.93
N GLN H 290 -94.25 30.95 25.54
CA GLN H 290 -93.84 29.61 25.95
C GLN H 290 -94.78 29.03 26.99
N GLU H 291 -95.11 29.80 28.04
CA GLU H 291 -95.95 29.25 29.09
C GLU H 291 -97.36 28.97 28.60
N ARG H 292 -97.84 29.67 27.57
CA ARG H 292 -99.07 29.25 26.92
C ARG H 292 -98.86 27.97 26.14
N ALA H 293 -97.71 27.84 25.46
CA ALA H 293 -97.35 26.66 24.69
C ALA H 293 -98.38 26.32 23.62
N LYS I 1 -22.67 121.68 91.90
CA LYS I 1 -22.59 120.22 91.99
C LYS I 1 -23.57 119.68 93.03
N GLY I 2 -23.91 118.39 92.90
CA GLY I 2 -24.82 117.75 93.82
C GLY I 2 -24.21 116.49 94.39
N LYS I 3 -24.87 115.96 95.42
CA LYS I 3 -24.40 114.74 96.07
C LYS I 3 -24.62 113.55 95.14
N PRO I 4 -23.63 112.68 94.99
CA PRO I 4 -23.84 111.47 94.18
C PRO I 4 -24.91 110.58 94.81
N HIS I 5 -25.69 109.94 93.96
CA HIS I 5 -26.78 109.07 94.36
C HIS I 5 -26.46 107.63 94.04
N CYS I 6 -27.24 106.72 94.61
CA CYS I 6 -27.12 105.32 94.24
C CYS I 6 -27.68 105.11 92.84
N SER I 7 -27.49 103.90 92.31
CA SER I 7 -27.71 103.64 90.90
C SER I 7 -29.18 103.74 90.51
N ARG I 8 -30.10 103.50 91.44
CA ARG I 8 -31.55 103.59 91.19
C ARG I 8 -32.05 102.63 90.12
N ASN I 9 -31.15 101.81 89.56
CA ASN I 9 -31.50 100.76 88.61
C ASN I 9 -30.87 99.49 89.15
N PRO I 10 -31.59 98.74 89.99
CA PRO I 10 -31.03 97.52 90.57
C PRO I 10 -30.65 96.53 89.49
N VAL I 11 -29.53 95.85 89.69
CA VAL I 11 -29.09 94.85 88.74
C VAL I 11 -29.76 93.53 89.08
N LEU I 12 -30.44 92.94 88.10
CA LEU I 12 -31.00 91.61 88.27
C LEU I 12 -30.20 90.54 87.55
N VAL I 13 -29.63 90.86 86.40
CA VAL I 13 -28.67 90.02 85.70
C VAL I 13 -27.59 90.94 85.16
N ARG I 14 -26.33 90.48 85.25
CA ARG I 14 -25.19 91.31 84.84
C ARG I 14 -25.38 91.84 83.43
N GLY I 15 -25.31 93.16 83.29
CA GLY I 15 -25.53 93.83 82.03
C GLY I 15 -26.95 94.25 81.75
N ILE I 16 -27.91 93.86 82.59
CA ILE I 16 -29.30 94.20 82.40
C ILE I 16 -29.84 94.82 83.68
N GLY I 17 -30.41 96.00 83.58
CA GLY I 17 -31.05 96.62 84.72
C GLY I 17 -32.48 96.16 84.88
N ARG I 18 -33.01 96.37 86.08
CA ARG I 18 -34.37 95.91 86.37
C ARG I 18 -35.41 96.79 85.69
N TYR I 19 -35.10 98.05 85.45
CA TYR I 19 -36.07 99.00 84.93
C TYR I 19 -35.73 99.41 83.51
N SER I 20 -36.76 99.70 82.73
CA SER I 20 -36.61 100.03 81.32
C SER I 20 -36.16 101.48 81.17
N ARG I 21 -36.07 101.93 79.92
CA ARG I 21 -35.60 103.28 79.64
C ARG I 21 -36.58 104.33 80.16
N SER I 22 -37.87 104.16 79.86
CA SER I 22 -38.87 105.12 80.32
C SER I 22 -39.05 105.04 81.83
N ALA I 23 -38.98 103.83 82.39
CA ALA I 23 -39.07 103.68 83.84
C ALA I 23 -37.93 104.40 84.53
N MET I 24 -36.72 104.27 84.01
CA MET I 24 -35.58 104.97 84.61
C MET I 24 -35.65 106.46 84.35
N TYR I 25 -36.24 106.88 83.22
CA TYR I 25 -36.48 108.29 82.98
C TYR I 25 -37.37 108.88 84.08
N SER I 26 -38.48 108.21 84.36
CA SER I 26 -39.39 108.70 85.40
C SER I 26 -38.76 108.62 86.78
N ARG I 27 -37.96 107.58 87.03
CA ARG I 27 -37.30 107.45 88.33
C ARG I 27 -36.26 108.54 88.54
N LYS I 28 -35.54 108.91 87.49
CA LYS I 28 -34.55 109.97 87.54
C LYS I 28 -35.16 111.36 87.48
N ALA I 29 -36.43 111.46 87.11
CA ALA I 29 -37.11 112.75 86.91
C ALA I 29 -36.38 113.60 85.88
N MET I 30 -36.02 112.96 84.76
CA MET I 30 -35.39 113.67 83.67
C MET I 30 -36.32 114.65 82.98
N TYR I 31 -37.63 114.60 83.27
CA TYR I 31 -38.56 115.54 82.68
C TYR I 31 -38.36 116.96 83.18
N LYS I 32 -37.75 117.14 84.36
CA LYS I 32 -37.47 118.46 84.88
C LYS I 32 -36.00 118.78 84.98
N ARG I 33 -35.12 117.80 84.81
CA ARG I 33 -33.67 118.05 84.81
C ARG I 33 -33.17 118.20 83.37
N LYS I 34 -33.70 119.22 82.70
CA LYS I 34 -33.42 119.47 81.29
C LYS I 34 -32.53 120.71 81.17
N TYR I 35 -31.45 120.57 80.42
CA TYR I 35 -30.43 121.61 80.30
C TYR I 35 -30.21 121.93 78.83
N SER I 36 -30.18 123.22 78.50
CA SER I 36 -30.01 123.68 77.12
C SER I 36 -28.70 124.41 76.91
N ALA I 37 -28.44 125.47 77.67
CA ALA I 37 -27.22 126.27 77.51
C ALA I 37 -26.70 126.60 78.91
N ALA I 38 -25.72 127.48 78.96
CA ALA I 38 -25.12 127.88 80.23
C ALA I 38 -26.08 128.73 81.05
N LYS I 49 -3.69 124.79 80.16
CA LYS I 49 -4.00 124.71 81.58
C LYS I 49 -2.72 124.74 82.41
N VAL I 50 -1.99 123.62 82.41
CA VAL I 50 -0.73 123.54 83.13
C VAL I 50 0.33 124.36 82.40
N LEU I 51 1.03 125.21 83.14
CA LEU I 51 2.04 126.08 82.55
C LEU I 51 3.22 125.24 82.07
N ALA I 52 3.42 125.20 80.75
CA ALA I 52 4.56 124.48 80.21
C ALA I 52 5.88 125.18 80.53
N THR I 53 5.91 126.50 80.47
CA THR I 53 7.10 127.28 80.73
C THR I 53 6.90 128.16 81.95
N VAL I 54 7.97 128.37 82.69
CA VAL I 54 7.97 129.20 83.89
C VAL I 54 9.02 130.29 83.72
N THR I 55 8.67 131.50 84.14
CA THR I 55 9.58 132.64 84.08
C THR I 55 10.36 132.72 85.38
N LYS I 56 11.69 132.75 85.27
CA LYS I 56 12.54 132.80 86.45
C LYS I 56 13.56 133.92 86.33
N PRO I 57 13.75 134.70 87.39
CA PRO I 57 14.82 135.71 87.37
C PRO I 57 16.19 135.06 87.34
N VAL I 58 16.93 135.27 86.24
CA VAL I 58 18.22 134.60 86.09
C VAL I 58 19.25 135.16 87.06
N GLY I 59 19.18 136.45 87.37
CA GLY I 59 20.16 137.06 88.23
C GLY I 59 21.42 137.45 87.47
N GLY I 60 22.26 138.24 88.14
CA GLY I 60 23.41 138.79 87.47
C GLY I 60 23.07 140.01 86.64
N ASP I 61 24.02 140.95 86.60
CA ASP I 61 23.81 142.18 85.86
C ASP I 61 23.77 141.91 84.36
N LYS I 62 22.99 142.73 83.65
CA LYS I 62 22.81 142.70 82.20
C LYS I 62 22.75 141.30 81.59
N ASN I 63 22.06 140.38 82.26
CA ASN I 63 21.65 139.11 81.67
C ASN I 63 20.24 139.17 81.13
N GLY I 64 19.75 140.35 80.76
CA GLY I 64 18.37 140.48 80.42
C GLY I 64 17.53 140.47 81.68
N GLY I 65 16.22 140.54 81.48
CA GLY I 65 15.32 140.54 82.61
C GLY I 65 15.27 139.19 83.31
N THR I 66 14.68 138.20 82.64
CA THR I 66 14.48 136.88 83.21
C THR I 66 14.75 135.84 82.14
N ARG I 67 14.36 134.60 82.42
CA ARG I 67 14.46 133.49 81.49
C ARG I 67 13.15 132.74 81.45
N VAL I 68 12.67 132.43 80.26
CA VAL I 68 11.45 131.64 80.09
C VAL I 68 11.91 130.19 79.93
N VAL I 69 12.01 129.49 81.05
CA VAL I 69 12.51 128.12 81.06
C VAL I 69 11.34 127.17 80.89
N LYS I 70 11.41 126.33 79.87
CA LYS I 70 10.33 125.36 79.65
C LYS I 70 10.61 124.07 80.42
N LEU I 71 9.55 123.43 80.85
CA LEU I 71 9.65 122.10 81.41
C LEU I 71 9.58 121.07 80.29
N ARG I 72 10.15 119.90 80.54
CA ARG I 72 10.19 118.79 79.58
C ARG I 72 10.85 119.23 78.27
N LYS I 73 12.15 119.46 78.36
CA LYS I 73 12.93 119.79 77.18
C LYS I 73 12.90 118.65 76.17
N MET I 74 13.13 119.00 74.91
CA MET I 74 13.07 118.02 73.83
C MET I 74 14.18 116.99 73.97
N PRO I 75 13.98 115.78 73.45
CA PRO I 75 14.98 114.72 73.64
C PRO I 75 16.33 115.08 73.05
N ARG I 76 17.38 114.66 73.75
CA ARG I 76 18.74 114.86 73.24
C ARG I 76 19.06 113.89 72.12
N TYR I 77 18.46 112.71 72.13
CA TYR I 77 18.80 111.63 71.22
C TYR I 77 17.53 110.96 70.73
N TYR I 78 17.54 110.56 69.45
CA TYR I 78 16.46 109.80 68.88
C TYR I 78 17.02 108.48 68.38
N PRO I 79 16.41 107.36 68.74
CA PRO I 79 16.86 106.07 68.19
C PRO I 79 16.60 106.01 66.69
N THR I 80 17.36 105.14 66.02
CA THR I 80 17.28 105.06 64.57
C THR I 80 15.90 104.64 64.08
N GLU I 81 15.13 103.93 64.90
CA GLU I 81 13.79 103.54 64.53
C GLU I 81 13.02 103.14 65.78
N ASP I 82 11.70 103.26 65.72
CA ASP I 82 10.80 103.04 66.84
C ASP I 82 9.79 101.95 66.51
N VAL I 83 8.93 101.68 67.47
CA VAL I 83 7.85 100.69 67.35
C VAL I 83 6.52 101.44 67.34
N PRO I 84 5.61 101.14 66.42
CA PRO I 84 4.31 101.80 66.43
C PRO I 84 3.53 101.48 67.69
N ARG I 85 2.68 102.41 68.11
CA ARG I 85 1.89 102.21 69.30
C ARG I 85 0.80 101.17 69.03
N LYS I 86 0.32 100.56 70.11
CA LYS I 86 -0.67 99.50 70.02
C LYS I 86 -2.05 100.07 69.73
N LEU I 87 -2.97 99.19 69.36
CA LEU I 87 -4.38 99.53 69.28
C LEU I 87 -4.97 99.50 70.69
N LEU I 88 -6.28 99.72 70.78
CA LEU I 88 -6.96 99.83 72.06
C LEU I 88 -7.87 98.61 72.27
N SER I 89 -7.92 98.14 73.51
CA SER I 89 -8.45 96.81 73.82
C SER I 89 -9.76 96.78 74.60
N HIS I 90 -10.21 97.94 75.10
CA HIS I 90 -11.46 98.12 75.86
C HIS I 90 -11.65 97.07 76.95
N GLY I 91 -10.57 96.62 77.56
CA GLY I 91 -10.68 95.69 78.66
C GLY I 91 -9.31 95.48 79.27
N LYS I 92 -8.99 94.23 79.60
CA LYS I 92 -7.65 93.83 80.04
C LYS I 92 -7.20 94.69 81.23
N LYS I 93 -7.97 94.61 82.30
CA LYS I 93 -7.68 95.38 83.50
C LYS I 93 -6.43 94.84 84.19
N PRO I 94 -5.72 95.68 84.94
CA PRO I 94 -4.55 95.20 85.67
C PRO I 94 -4.95 94.24 86.79
N PHE I 95 -3.96 93.50 87.29
CA PHE I 95 -4.24 92.46 88.27
C PHE I 95 -4.83 93.03 89.55
N SER I 96 -4.44 94.24 89.92
CA SER I 96 -4.95 94.84 91.14
C SER I 96 -6.45 95.15 91.04
N GLN I 97 -6.96 95.30 89.81
CA GLN I 97 -8.37 95.61 89.61
C GLN I 97 -9.19 94.40 89.24
N HIS I 98 -8.59 93.21 89.15
CA HIS I 98 -9.36 92.00 88.87
C HIS I 98 -10.29 91.68 90.02
N VAL I 99 -11.42 91.08 89.68
CA VAL I 99 -12.34 90.58 90.71
C VAL I 99 -11.77 89.29 91.26
N ARG I 100 -11.91 89.10 92.58
CA ARG I 100 -11.35 87.94 93.26
C ARG I 100 -12.47 86.95 93.55
N LYS I 101 -12.32 85.73 93.06
CA LYS I 101 -13.31 84.68 93.21
C LYS I 101 -12.84 83.66 94.23
N LEU I 102 -13.75 83.23 95.09
CA LEU I 102 -13.46 82.25 96.12
C LEU I 102 -14.40 81.08 95.97
N ARG I 103 -13.85 79.87 96.10
CA ARG I 103 -14.67 78.67 96.00
C ARG I 103 -15.67 78.61 97.15
N ALA I 104 -16.87 78.12 96.86
CA ALA I 104 -17.93 78.11 97.86
C ALA I 104 -17.63 77.18 99.02
N SER I 105 -16.73 76.22 98.83
CA SER I 105 -16.36 75.30 99.91
C SER I 105 -15.36 75.91 100.88
N ILE I 106 -14.83 77.09 100.59
CA ILE I 106 -13.83 77.74 101.44
C ILE I 106 -14.53 78.89 102.14
N THR I 107 -14.90 78.69 103.39
CA THR I 107 -15.47 79.70 104.26
C THR I 107 -14.55 79.88 105.48
N PRO I 108 -14.58 81.04 106.13
CA PRO I 108 -13.65 81.27 107.24
C PRO I 108 -13.82 80.25 108.35
N GLY I 109 -12.72 79.63 108.74
CA GLY I 109 -12.72 78.55 109.70
C GLY I 109 -12.62 77.17 109.11
N THR I 110 -12.64 77.05 107.78
CA THR I 110 -12.54 75.75 107.13
C THR I 110 -11.14 75.18 107.30
N ILE I 111 -11.07 73.86 107.51
CA ILE I 111 -9.79 73.18 107.52
C ILE I 111 -9.41 72.84 106.09
N LEU I 112 -8.28 73.37 105.65
CA LEU I 112 -7.77 73.13 104.31
C LEU I 112 -6.57 72.20 104.36
N ILE I 113 -6.26 71.60 103.22
CA ILE I 113 -5.11 70.73 103.07
C ILE I 113 -4.18 71.36 102.05
N ILE I 114 -2.94 71.63 102.45
CA ILE I 114 -1.96 72.23 101.55
C ILE I 114 -1.43 71.15 100.61
N LEU I 115 -1.36 71.48 99.32
CA LEU I 115 -0.91 70.52 98.33
C LEU I 115 0.49 70.77 97.80
N THR I 116 1.04 71.97 97.98
CA THR I 116 2.35 72.32 97.45
C THR I 116 3.18 73.02 98.51
N GLY I 117 4.49 73.07 98.27
CA GLY I 117 5.39 73.77 99.16
C GLY I 117 5.95 72.89 100.25
N ARG I 118 6.70 73.52 101.15
CA ARG I 118 7.31 72.79 102.25
C ARG I 118 6.29 72.31 103.27
N HIS I 119 5.10 72.90 103.29
CA HIS I 119 4.01 72.46 104.15
C HIS I 119 3.04 71.55 103.43
N ARG I 120 3.58 70.74 102.52
CA ARG I 120 2.79 69.85 101.71
C ARG I 120 2.04 68.84 102.55
N GLY I 121 0.74 68.70 102.31
CA GLY I 121 -0.06 67.71 102.99
C GLY I 121 -0.53 68.08 104.38
N LYS I 122 -0.20 69.28 104.86
CA LYS I 122 -0.59 69.68 106.20
C LYS I 122 -2.00 70.27 106.19
N ARG I 123 -2.67 70.13 107.32
CA ARG I 123 -4.03 70.64 107.50
C ARG I 123 -3.96 71.93 108.29
N VAL I 124 -4.50 73.00 107.70
CA VAL I 124 -4.41 74.34 108.26
C VAL I 124 -5.82 74.92 108.38
N VAL I 125 -5.90 76.08 109.02
CA VAL I 125 -7.17 76.76 109.27
C VAL I 125 -7.25 78.00 108.39
N PHE I 126 -8.33 78.15 107.66
CA PHE I 126 -8.53 79.30 106.79
C PHE I 126 -9.13 80.45 107.57
N LEU I 127 -8.59 81.65 107.36
CA LEU I 127 -9.05 82.84 108.07
C LEU I 127 -9.77 83.81 107.15
N LYS I 128 -9.12 84.28 106.09
CA LYS I 128 -9.74 85.25 105.20
C LYS I 128 -9.02 85.26 103.87
N GLN I 129 -9.74 85.66 102.84
CA GLN I 129 -9.13 85.94 101.55
C GLN I 129 -8.57 87.35 101.56
N LEU I 130 -7.39 87.53 100.97
CA LEU I 130 -6.73 88.81 100.96
C LEU I 130 -7.10 89.59 99.70
N ALA I 131 -6.46 90.74 99.50
CA ALA I 131 -6.82 91.61 98.38
C ALA I 131 -6.46 91.00 97.04
N SER I 132 -5.45 90.13 97.01
CA SER I 132 -5.03 89.48 95.77
C SER I 132 -5.72 88.15 95.54
N GLY I 133 -6.64 87.75 96.41
CA GLY I 133 -7.29 86.48 96.29
C GLY I 133 -6.57 85.34 96.97
N LEU I 134 -5.36 85.57 97.46
CA LEU I 134 -4.66 84.54 98.21
C LEU I 134 -5.31 84.36 99.58
N LEU I 135 -5.45 83.10 99.99
CA LEU I 135 -5.97 82.81 101.30
C LEU I 135 -4.90 83.05 102.35
N LEU I 136 -5.33 83.48 103.53
CA LEU I 136 -4.46 83.60 104.70
C LEU I 136 -4.81 82.46 105.64
N VAL I 137 -3.84 81.61 105.94
CA VAL I 137 -4.08 80.43 106.74
C VAL I 137 -3.10 80.41 107.90
N THR I 138 -3.53 79.79 108.99
CA THR I 138 -2.62 79.44 110.08
C THR I 138 -3.12 78.16 110.74
N GLY I 139 -2.61 77.03 110.26
CA GLY I 139 -2.69 75.83 111.03
C GLY I 139 -1.74 76.06 112.18
N PRO I 140 -2.28 76.23 113.39
CA PRO I 140 -1.56 76.95 114.44
C PRO I 140 -0.18 76.38 114.67
N LEU I 141 0.79 77.29 114.84
CA LEU I 141 2.20 76.90 114.81
C LEU I 141 2.54 75.89 115.90
N VAL I 142 1.80 75.89 117.00
CA VAL I 142 2.01 74.88 118.03
C VAL I 142 1.51 73.51 117.59
N LEU I 143 0.70 73.44 116.53
CA LEU I 143 0.11 72.18 116.10
C LEU I 143 0.88 71.54 114.96
N ASN I 144 1.10 72.27 113.87
CA ASN I 144 1.78 71.67 112.73
C ASN I 144 2.81 72.60 112.08
N ARG I 145 3.30 73.60 112.81
CA ARG I 145 4.40 74.45 112.38
C ARG I 145 4.08 75.23 111.10
N VAL I 146 2.83 75.67 110.97
CA VAL I 146 2.43 76.50 109.85
C VAL I 146 2.10 77.89 110.40
N PRO I 147 2.88 78.90 110.12
CA PRO I 147 2.62 80.24 110.66
C PRO I 147 1.47 80.90 109.91
N LEU I 148 1.22 82.16 110.27
CA LEU I 148 0.33 82.99 109.46
C LEU I 148 0.95 83.12 108.09
N ARG I 149 0.32 82.54 107.07
CA ARG I 149 1.01 82.39 105.80
C ARG I 149 -0.02 82.42 104.69
N ARG I 150 0.37 83.00 103.56
CA ARG I 150 -0.50 83.02 102.40
C ARG I 150 -0.45 81.68 101.67
N THR I 151 -1.52 81.41 100.92
CA THR I 151 -1.60 80.21 100.11
C THR I 151 -2.57 80.48 98.98
N HIS I 152 -2.55 79.63 97.97
CA HIS I 152 -3.40 79.79 96.80
C HIS I 152 -4.56 78.81 96.88
N GLN I 153 -5.77 79.32 96.64
CA GLN I 153 -6.96 78.49 96.74
C GLN I 153 -6.98 77.39 95.68
N LYS I 154 -6.25 77.57 94.59
CA LYS I 154 -6.19 76.53 93.58
C LYS I 154 -5.42 75.31 94.08
N PHE I 155 -4.46 75.52 94.98
CA PHE I 155 -3.56 74.47 95.44
C PHE I 155 -3.90 73.98 96.84
N VAL I 156 -5.17 74.07 97.23
CA VAL I 156 -5.62 73.55 98.51
C VAL I 156 -6.87 72.72 98.28
N ILE I 157 -7.16 71.86 99.25
CA ILE I 157 -8.38 71.08 99.28
C ILE I 157 -9.19 71.53 100.48
N ALA I 158 -10.43 71.96 100.24
CA ALA I 158 -11.31 72.41 101.30
C ALA I 158 -12.05 71.20 101.85
N THR I 159 -11.77 70.85 103.10
CA THR I 159 -12.46 69.75 103.74
C THR I 159 -13.84 70.21 104.22
N SER I 160 -14.61 69.28 104.79
CA SER I 160 -15.93 69.59 105.31
C SER I 160 -15.91 70.08 106.74
N THR I 161 -14.89 69.72 107.51
CA THR I 161 -14.83 70.14 108.91
C THR I 161 -14.48 71.62 109.01
N LYS I 162 -15.22 72.33 109.86
CA LYS I 162 -15.05 73.77 110.05
C LYS I 162 -15.13 74.10 111.52
N ILE I 163 -14.45 75.18 111.90
CA ILE I 163 -14.59 75.77 113.23
C ILE I 163 -15.16 77.16 113.07
N ASP I 164 -15.91 77.60 114.07
CA ASP I 164 -16.53 78.93 114.02
C ASP I 164 -15.50 79.96 114.45
N ILE I 165 -14.81 80.53 113.47
CA ILE I 165 -13.84 81.59 113.74
C ILE I 165 -14.47 82.97 113.57
N SER I 166 -15.80 83.06 113.63
CA SER I 166 -16.43 84.35 113.77
C SER I 166 -16.04 84.97 115.10
N ASN I 167 -16.28 86.28 115.23
CA ASN I 167 -15.96 87.12 116.37
C ASN I 167 -14.55 86.92 116.94
N VAL I 168 -13.59 86.58 116.08
CA VAL I 168 -12.18 86.68 116.42
C VAL I 168 -11.60 87.83 115.63
N LYS I 169 -10.56 88.45 116.17
CA LYS I 169 -10.01 89.67 115.60
C LYS I 169 -8.76 89.34 114.80
N ILE I 170 -8.90 89.31 113.49
CA ILE I 170 -7.75 89.26 112.60
C ILE I 170 -7.18 90.66 112.53
N PRO I 171 -5.89 90.86 112.80
CA PRO I 171 -5.32 92.21 112.77
C PRO I 171 -5.42 92.83 111.37
N LYS I 172 -5.61 94.14 111.34
CA LYS I 172 -5.84 94.84 110.08
C LYS I 172 -4.58 94.91 109.22
N HIS I 173 -3.41 95.00 109.85
CA HIS I 173 -2.18 95.12 109.08
C HIS I 173 -1.78 93.84 108.38
N LEU I 174 -2.45 92.73 108.66
CA LEU I 174 -2.15 91.46 107.99
C LEU I 174 -2.62 91.50 106.55
N THR I 175 -1.81 92.04 105.65
CA THR I 175 -2.21 92.27 104.28
C THR I 175 -1.20 91.65 103.33
N ASP I 176 -1.48 91.80 102.03
CA ASP I 176 -0.57 91.30 101.00
C ASP I 176 0.78 92.00 101.07
N ALA I 177 0.76 93.31 101.34
CA ALA I 177 2.02 94.03 101.53
C ALA I 177 2.75 93.52 102.77
N TYR I 178 2.01 93.10 103.78
CA TYR I 178 2.63 92.52 104.98
C TYR I 178 3.34 91.22 104.64
N PHE I 179 2.68 90.34 103.89
CA PHE I 179 3.23 89.02 103.64
C PHE I 179 4.13 88.95 102.42
N LYS I 180 4.28 90.04 101.69
CA LYS I 180 5.12 90.04 100.50
C LYS I 180 6.58 89.79 100.86
N LYS I 181 7.27 89.02 100.03
CA LYS I 181 8.65 88.69 100.28
C LYS I 181 9.54 89.91 100.19
N LYS I 182 10.64 89.89 100.94
CA LYS I 182 11.62 90.96 100.94
C LYS I 182 12.95 90.44 100.42
N LYS I 183 13.70 91.32 99.77
CA LYS I 183 14.97 90.97 99.18
C LYS I 183 16.02 92.01 99.52
N LEU I 184 17.29 91.60 99.49
CA LEU I 184 18.41 92.48 99.78
C LEU I 184 19.19 92.84 98.52
N ARG I 185 19.53 91.86 97.69
CA ARG I 185 20.29 92.10 96.48
C ARG I 185 19.45 92.82 95.43
N LYS I 186 20.11 93.66 94.62
CA LYS I 186 21.54 93.95 94.60
C LYS I 186 21.87 95.42 94.29
N PRO I 187 21.90 96.26 95.32
CA PRO I 187 22.47 97.59 95.16
C PRO I 187 23.97 97.56 95.40
N ARG I 188 24.62 98.67 95.03
CA ARG I 188 26.06 98.94 95.27
C ARG I 188 26.95 97.76 94.90
N HIS I 189 26.51 96.92 93.97
CA HIS I 189 27.25 95.71 93.60
C HIS I 189 26.83 95.29 92.20
N GLN I 190 27.80 95.19 91.29
CA GLN I 190 27.53 94.83 89.90
C GLN I 190 28.12 93.48 89.53
N GLU I 191 29.43 93.30 89.73
CA GLU I 191 30.11 92.07 89.37
C GLU I 191 30.42 91.29 90.64
N GLY I 192 30.09 89.99 90.64
CA GLY I 192 30.29 89.17 91.82
C GLY I 192 31.63 88.48 91.89
N GLU I 193 32.58 89.06 92.62
CA GLU I 193 33.82 88.39 92.97
C GLU I 193 33.88 87.97 94.43
N ILE I 194 33.16 88.67 95.30
CA ILE I 194 32.96 88.28 96.69
C ILE I 194 31.51 87.83 96.83
N PHE I 195 31.30 86.67 97.45
CA PHE I 195 29.96 86.10 97.54
C PHE I 195 29.04 87.00 98.35
N ASP I 196 27.88 87.32 97.76
CA ASP I 196 26.83 88.07 98.43
C ASP I 196 25.78 87.16 99.07
N THR I 197 26.18 85.95 99.47
CA THR I 197 25.27 84.97 100.05
C THR I 197 24.85 85.32 101.48
N GLU I 198 25.25 86.48 101.99
CA GLU I 198 24.81 86.92 103.31
C GLU I 198 23.33 87.28 103.28
N LYS I 199 22.74 87.32 104.48
CA LYS I 199 21.33 87.64 104.72
C LYS I 199 20.41 86.54 104.19
N GLU I 200 20.98 85.51 103.56
CA GLU I 200 20.18 84.42 103.01
C GLU I 200 19.40 83.70 104.09
N LYS I 201 19.82 83.80 105.34
CA LYS I 201 19.04 83.28 106.47
C LYS I 201 17.89 84.23 106.73
N TYR I 202 16.69 83.84 106.31
CA TYR I 202 15.51 84.64 106.59
C TYR I 202 15.26 84.73 108.08
N GLU I 203 14.85 85.91 108.53
CA GLU I 203 14.67 86.19 109.96
C GLU I 203 13.19 86.37 110.28
N ILE I 204 12.71 85.64 111.28
CA ILE I 204 11.34 85.80 111.74
C ILE I 204 11.25 87.08 112.55
N THR I 205 10.46 88.03 112.07
CA THR I 205 10.34 89.32 112.73
C THR I 205 9.57 89.19 114.04
N GLU I 206 9.95 90.02 115.01
CA GLU I 206 9.21 90.08 116.27
C GLU I 206 7.76 90.48 116.03
N GLN I 207 7.50 91.33 115.05
CA GLN I 207 6.12 91.67 114.70
C GLN I 207 5.37 90.43 114.23
N ARG I 208 6.02 89.60 113.41
CA ARG I 208 5.38 88.37 112.95
C ARG I 208 5.11 87.42 114.10
N LYS I 209 6.05 87.30 115.04
CA LYS I 209 5.83 86.45 116.20
C LYS I 209 4.67 86.97 117.05
N ILE I 210 4.59 88.29 117.22
CA ILE I 210 3.49 88.86 118.01
C ILE I 210 2.16 88.60 117.34
N ASP I 211 2.09 88.77 116.02
CA ASP I 211 0.85 88.51 115.30
C ASP I 211 0.46 87.04 115.39
N GLN I 212 1.44 86.14 115.25
CA GLN I 212 1.15 84.71 115.35
C GLN I 212 0.60 84.36 116.72
N LYS I 213 1.22 84.90 117.78
CA LYS I 213 0.72 84.65 119.12
C LYS I 213 -0.69 85.20 119.30
N ALA I 214 -0.94 86.41 118.79
CA ALA I 214 -2.24 87.03 118.96
C ALA I 214 -3.34 86.25 118.26
N VAL I 215 -3.06 85.75 117.05
CA VAL I 215 -4.07 84.98 116.34
C VAL I 215 -4.27 83.61 116.98
N ASP I 216 -3.18 82.93 117.32
CA ASP I 216 -3.29 81.58 117.85
C ASP I 216 -3.95 81.56 119.23
N SER I 217 -3.73 82.60 120.05
CA SER I 217 -4.30 82.63 121.38
C SER I 217 -5.82 82.61 121.36
N GLN I 218 -6.43 83.04 120.26
CA GLN I 218 -7.88 83.04 120.13
C GLN I 218 -8.40 82.03 119.13
N ILE I 219 -7.53 81.41 118.33
CA ILE I 219 -7.96 80.29 117.50
C ILE I 219 -7.87 78.97 118.24
N LEU I 220 -6.85 78.79 119.08
CA LEU I 220 -6.65 77.50 119.76
C LEU I 220 -7.81 77.08 120.67
N PRO I 221 -8.38 77.95 121.52
CA PRO I 221 -9.49 77.49 122.35
C PRO I 221 -10.68 76.95 121.57
N LYS I 222 -10.92 77.49 120.38
CA LYS I 222 -12.01 76.99 119.55
C LYS I 222 -11.65 75.66 118.90
N ILE I 223 -10.35 75.41 118.67
CA ILE I 223 -9.93 74.11 118.18
C ILE I 223 -10.06 73.05 119.26
N LYS I 224 -9.68 73.38 120.49
CA LYS I 224 -9.84 72.44 121.60
C LYS I 224 -11.29 72.21 121.96
N ALA I 225 -12.22 73.02 121.46
CA ALA I 225 -13.62 72.88 121.80
C ALA I 225 -14.24 71.61 121.23
N ILE I 226 -13.67 71.05 120.17
CA ILE I 226 -14.18 69.80 119.62
C ILE I 226 -13.12 68.71 119.76
N PRO I 227 -13.51 67.48 120.03
CA PRO I 227 -12.52 66.45 120.38
C PRO I 227 -11.59 66.11 119.23
N GLN I 228 -10.32 65.92 119.58
CA GLN I 228 -9.23 65.40 118.73
C GLN I 228 -9.14 66.07 117.36
N LEU I 229 -9.68 67.29 117.25
CA LEU I 229 -9.36 68.14 116.10
C LEU I 229 -7.90 68.56 116.12
N GLN I 230 -7.33 68.75 117.31
CA GLN I 230 -5.90 69.07 117.38
C GLN I 230 -5.06 67.92 116.86
N GLY I 231 -5.44 66.67 117.16
CA GLY I 231 -4.76 65.53 116.56
C GLY I 231 -4.94 65.48 115.07
N TYR I 232 -6.16 65.81 114.59
CA TYR I 232 -6.40 65.86 113.16
C TYR I 232 -5.49 66.88 112.49
N LEU I 233 -5.32 68.05 113.10
CA LEU I 233 -4.48 69.09 112.54
C LEU I 233 -3.00 68.74 112.64
N ARG I 234 -2.60 67.99 113.66
CA ARG I 234 -1.22 67.54 113.76
C ARG I 234 -0.90 66.52 112.68
N SER I 235 -1.85 65.67 112.32
CA SER I 235 -1.62 64.68 111.28
C SER I 235 -1.50 65.34 109.91
N VAL I 236 -0.86 64.64 108.98
CA VAL I 236 -0.73 65.09 107.61
C VAL I 236 -1.54 64.18 106.70
N PHE I 237 -1.91 64.70 105.55
CA PHE I 237 -2.74 63.97 104.59
C PHE I 237 -1.86 63.12 103.67
N ALA I 238 -2.37 61.95 103.32
CA ALA I 238 -1.63 61.02 102.47
C ALA I 238 -2.62 60.16 101.70
N LEU I 239 -2.14 59.58 100.61
CA LEU I 239 -2.94 58.68 99.80
C LEU I 239 -2.50 57.25 100.06
N THR I 240 -3.35 56.48 100.74
CA THR I 240 -3.19 55.05 100.92
C THR I 240 -3.45 54.33 99.59
N ASN I 241 -2.89 53.14 99.44
CA ASN I 241 -2.99 52.43 98.17
C ASN I 241 -4.42 52.00 97.86
N GLY I 242 -5.31 51.97 98.85
CA GLY I 242 -6.67 51.58 98.57
C GLY I 242 -7.60 52.73 98.26
N ILE I 243 -7.23 53.93 98.68
CA ILE I 243 -8.13 55.07 98.59
C ILE I 243 -7.82 55.88 97.33
N TYR I 244 -8.87 56.46 96.77
CA TYR I 244 -8.78 57.21 95.52
C TYR I 244 -9.43 58.58 95.72
N PRO I 245 -8.77 59.65 95.27
CA PRO I 245 -9.28 60.99 95.57
C PRO I 245 -10.66 61.29 95.01
N HIS I 246 -11.05 60.64 93.91
CA HIS I 246 -12.37 60.89 93.36
C HIS I 246 -13.48 60.21 94.15
N LYS I 247 -13.16 59.15 94.90
CA LYS I 247 -14.14 58.52 95.76
C LYS I 247 -14.14 59.08 97.18
N LEU I 248 -13.22 59.99 97.49
CA LEU I 248 -13.12 60.53 98.84
C LEU I 248 -14.03 61.73 99.00
N VAL I 249 -14.80 61.75 100.08
CA VAL I 249 -15.52 62.94 100.50
C VAL I 249 -14.63 63.71 101.46
N PHE I 250 -14.37 64.97 101.16
CA PHE I 250 -13.48 65.76 101.99
C PHE I 250 -14.29 66.65 102.92
N ASN J 1 -12.95 132.57 60.61
CA ASN J 1 -13.97 131.61 60.22
C ASN J 1 -13.90 130.35 61.09
N PHE J 2 -13.01 130.38 62.08
CA PHE J 2 -12.79 129.19 62.91
C PHE J 2 -14.02 128.86 63.74
N ALA J 3 -14.62 129.87 64.37
CA ALA J 3 -15.84 129.63 65.16
C ALA J 3 -16.97 129.12 64.28
N GLU J 4 -17.12 129.72 63.09
CA GLU J 4 -18.18 129.29 62.18
C GLU J 4 -17.98 127.85 61.72
N LEU J 5 -16.74 127.46 61.41
CA LEU J 5 -16.52 126.08 60.97
C LEU J 5 -16.69 125.10 62.12
N LYS J 6 -16.34 125.50 63.35
CA LYS J 6 -16.64 124.66 64.51
C LYS J 6 -18.15 124.47 64.65
N ILE J 7 -18.92 125.54 64.47
CA ILE J 7 -20.38 125.43 64.53
C ILE J 7 -20.88 124.49 63.44
N LYS J 8 -20.33 124.61 62.23
CA LYS J 8 -20.74 123.74 61.13
C LYS J 8 -20.49 122.27 61.45
N ARG J 9 -19.29 121.96 61.95
CA ARG J 9 -18.98 120.55 62.23
C ARG J 9 -19.81 120.02 63.39
N LEU J 10 -20.04 120.85 64.42
CA LEU J 10 -20.89 120.41 65.52
C LEU J 10 -22.32 120.14 65.06
N ARG J 11 -22.86 121.03 64.21
CA ARG J 11 -24.22 120.81 63.71
C ARG J 11 -24.30 119.56 62.87
N LYS J 12 -23.31 119.33 62.01
CA LYS J 12 -23.31 118.13 61.18
C LYS J 12 -23.24 116.86 62.03
N LYS J 13 -22.35 116.85 63.03
CA LYS J 13 -22.23 115.67 63.89
C LYS J 13 -23.50 115.45 64.70
N PHE J 14 -24.12 116.53 65.18
CA PHE J 14 -25.35 116.39 65.94
C PHE J 14 -26.49 115.86 65.08
N ALA J 15 -26.59 116.34 63.84
CA ALA J 15 -27.61 115.82 62.93
C ALA J 15 -27.39 114.35 62.64
N GLN J 16 -26.12 113.96 62.45
CA GLN J 16 -25.82 112.54 62.23
C GLN J 16 -26.19 111.70 63.45
N LYS J 17 -25.90 112.20 64.65
CA LYS J 17 -26.23 111.45 65.86
C LYS J 17 -27.73 111.30 66.02
N MET J 18 -28.49 112.36 65.72
CA MET J 18 -29.95 112.27 65.80
C MET J 18 -30.49 111.28 64.77
N LEU J 19 -29.90 111.26 63.57
CA LEU J 19 -30.34 110.30 62.57
C LEU J 19 -30.07 108.87 63.03
N ARG J 20 -28.91 108.61 63.62
CA ARG J 20 -28.62 107.29 64.16
C ARG J 20 -29.59 106.92 65.26
N LYS J 21 -29.91 107.88 66.13
CA LYS J 21 -30.85 107.59 67.21
C LYS J 21 -32.24 107.26 66.69
N ALA J 22 -32.69 108.00 65.68
CA ALA J 22 -34.00 107.71 65.08
C ALA J 22 -34.02 106.33 64.43
N ARG J 23 -32.95 105.99 63.71
CA ARG J 23 -32.89 104.68 63.07
C ARG J 23 -32.85 103.54 64.10
N ARG J 24 -32.13 103.75 65.20
CA ARG J 24 -32.09 102.73 66.25
C ARG J 24 -33.46 102.55 66.89
N LYS J 25 -34.17 103.65 67.12
CA LYS J 25 -35.53 103.53 67.67
C LYS J 25 -36.45 102.80 66.70
N LEU J 26 -36.30 103.08 65.41
CA LEU J 26 -37.09 102.36 64.40
C LEU J 26 -36.80 100.87 64.43
N ILE J 27 -35.53 100.51 64.53
CA ILE J 27 -35.14 99.09 64.56
C ILE J 27 -35.75 98.41 65.78
N TYR J 28 -35.68 99.07 66.94
CA TYR J 28 -36.24 98.52 68.17
C TYR J 28 -37.74 98.27 68.02
N GLU J 29 -38.46 99.26 67.49
CA GLU J 29 -39.91 99.10 67.38
C GLU J 29 -40.30 98.08 66.33
N LYS J 30 -39.53 97.97 65.24
CA LYS J 30 -39.79 96.93 64.26
C LYS J 30 -39.61 95.55 64.88
N ALA J 31 -38.58 95.37 65.70
CA ALA J 31 -38.39 94.08 66.36
C ALA J 31 -39.54 93.77 67.31
N LYS J 32 -40.03 94.78 68.03
CA LYS J 32 -41.17 94.57 68.91
C LYS J 32 -42.41 94.14 68.12
N HIS J 33 -42.66 94.81 66.99
CA HIS J 33 -43.80 94.45 66.16
C HIS J 33 -43.67 93.04 65.59
N TYR J 34 -42.44 92.65 65.21
CA TYR J 34 -42.22 91.30 64.72
C TYR J 34 -42.48 90.27 65.80
N HIS J 35 -42.09 90.57 67.04
CA HIS J 35 -42.40 89.68 68.15
C HIS J 35 -43.90 89.49 68.32
N LYS J 36 -44.65 90.59 68.23
CA LYS J 36 -46.10 90.50 68.31
C LYS J 36 -46.66 89.64 67.19
N GLU J 37 -46.17 89.83 65.96
CA GLU J 37 -46.64 89.04 64.84
C GLU J 37 -46.35 87.56 65.01
N TYR J 38 -45.14 87.23 65.48
CA TYR J 38 -44.77 85.84 65.68
C TYR J 38 -45.69 85.16 66.69
N ARG J 39 -45.91 85.82 67.83
CA ARG J 39 -46.77 85.18 68.82
C ARG J 39 -48.20 85.09 68.32
N GLN J 40 -48.65 86.06 67.51
CA GLN J 40 -50.00 85.97 66.94
C GLN J 40 -50.14 84.75 66.04
N MET J 41 -49.15 84.51 65.17
CA MET J 41 -49.23 83.35 64.28
C MET J 41 -49.18 82.05 65.07
N TYR J 42 -48.27 81.97 66.05
CA TYR J 42 -48.13 80.75 66.84
C TYR J 42 -49.40 80.43 67.59
N ARG J 43 -50.05 81.45 68.17
CA ARG J 43 -51.30 81.20 68.88
C ARG J 43 -52.45 80.92 67.92
N THR J 44 -52.42 81.52 66.72
CA THR J 44 -53.50 81.34 65.77
C THR J 44 -53.58 79.89 65.30
N GLU J 45 -52.44 79.26 65.06
CA GLU J 45 -52.47 77.86 64.64
C GLU J 45 -53.13 76.98 65.70
N ILE J 46 -52.75 77.19 66.97
CA ILE J 46 -53.32 76.43 68.07
C ILE J 46 -54.82 76.68 68.17
N ARG J 47 -55.23 77.94 68.04
CA ARG J 47 -56.65 78.28 68.17
C ARG J 47 -57.48 77.64 67.05
N MET J 48 -56.95 77.65 65.82
CA MET J 48 -57.67 77.02 64.71
C MET J 48 -57.82 75.52 64.94
N ALA J 49 -56.74 74.85 65.36
CA ALA J 49 -56.82 73.42 65.64
C ALA J 49 -57.83 73.15 66.74
N ARG J 50 -57.85 74.01 67.78
CA ARG J 50 -58.77 73.81 68.88
C ARG J 50 -60.22 73.96 68.45
N MET J 51 -60.53 74.96 67.63
CA MET J 51 -61.93 75.11 67.22
C MET J 51 -62.35 73.98 66.28
N ALA J 52 -61.45 73.49 65.44
CA ALA J 52 -61.78 72.33 64.62
C ALA J 52 -62.07 71.11 65.49
N ARG J 53 -61.23 70.87 66.52
CA ARG J 53 -61.48 69.72 67.39
C ARG J 53 -62.75 69.89 68.21
N LYS J 54 -63.07 71.11 68.61
CA LYS J 54 -64.34 71.36 69.29
C LYS J 54 -65.51 71.04 68.39
N ALA J 55 -65.44 71.45 67.13
CA ALA J 55 -66.51 71.13 66.18
C ALA J 55 -66.49 69.68 65.74
N GLY J 56 -65.43 68.93 66.04
CA GLY J 56 -65.32 67.57 65.61
C GLY J 56 -64.75 67.38 64.23
N ASN J 57 -64.24 68.43 63.62
CA ASN J 57 -63.64 68.39 62.29
C ASN J 57 -62.13 68.31 62.40
N PHE J 58 -61.45 68.44 61.28
CA PHE J 58 -60.00 68.44 61.21
C PHE J 58 -59.52 69.75 60.61
N TYR J 59 -58.55 70.38 61.27
CA TYR J 59 -57.89 71.57 60.74
C TYR J 59 -56.56 71.14 60.13
N VAL J 60 -56.46 71.24 58.82
CA VAL J 60 -55.23 70.93 58.10
C VAL J 60 -54.40 72.21 58.03
N PRO J 61 -53.22 72.26 58.64
CA PRO J 61 -52.41 73.48 58.58
C PRO J 61 -51.91 73.74 57.16
N ALA J 62 -51.58 75.00 56.91
CA ALA J 62 -51.02 75.37 55.63
C ALA J 62 -49.73 74.59 55.38
N GLU J 63 -49.54 74.16 54.14
CA GLU J 63 -48.32 73.46 53.78
C GLU J 63 -47.14 74.40 53.97
N PRO J 64 -46.05 73.95 54.57
CA PRO J 64 -44.94 74.86 54.88
C PRO J 64 -44.34 75.47 53.62
N LYS J 65 -44.03 76.76 53.71
CA LYS J 65 -43.51 77.50 52.58
C LYS J 65 -42.02 77.75 52.66
N LEU J 66 -41.38 77.40 53.77
CA LEU J 66 -39.95 77.56 53.94
C LEU J 66 -39.32 76.23 54.30
N ALA J 67 -38.18 75.93 53.69
CA ALA J 67 -37.43 74.73 54.00
C ALA J 67 -35.98 75.10 54.26
N PHE J 68 -35.33 74.30 55.09
CA PHE J 68 -33.88 74.34 55.24
C PHE J 68 -33.32 73.06 54.64
N VAL J 69 -32.34 73.22 53.75
CA VAL J 69 -31.73 72.10 53.04
C VAL J 69 -30.27 72.04 53.43
N ILE J 70 -29.81 70.85 53.84
CA ILE J 70 -28.43 70.63 54.22
C ILE J 70 -27.88 69.53 53.31
N ARG J 71 -26.77 69.82 52.64
CA ARG J 71 -26.12 68.80 51.84
C ARG J 71 -25.36 67.86 52.76
N ILE J 72 -25.63 66.56 52.66
CA ILE J 72 -25.04 65.59 53.57
C ILE J 72 -24.04 64.67 52.91
N ARG J 73 -23.99 64.61 51.59
CA ARG J 73 -23.01 63.77 50.90
C ARG J 73 -21.96 64.64 50.25
N GLY J 74 -20.78 64.06 50.05
CA GLY J 74 -19.65 64.78 49.53
C GLY J 74 -19.71 64.99 48.03
N ILE J 75 -18.57 65.38 47.47
CA ILE J 75 -18.48 65.85 46.09
C ILE J 75 -17.86 64.82 45.16
N ASN J 76 -17.73 63.57 45.59
CA ASN J 76 -17.09 62.54 44.79
C ASN J 76 -18.15 61.66 44.12
N GLY J 77 -18.01 61.48 42.80
CA GLY J 77 -18.87 60.59 42.06
C GLY J 77 -20.33 61.01 42.02
N VAL J 78 -20.59 62.26 41.64
CA VAL J 78 -21.94 62.81 41.60
C VAL J 78 -22.40 62.87 40.16
N SER J 79 -23.62 62.39 39.91
CA SER J 79 -24.17 62.44 38.56
C SER J 79 -24.39 63.88 38.12
N PRO J 80 -24.33 64.16 36.81
CA PRO J 80 -24.38 65.56 36.36
C PRO J 80 -25.63 66.31 36.74
N LYS J 81 -26.79 65.65 36.72
CA LYS J 81 -28.03 66.35 37.06
C LYS J 81 -28.07 66.71 38.54
N VAL J 82 -27.68 65.78 39.40
CA VAL J 82 -27.62 66.06 40.83
C VAL J 82 -26.61 67.16 41.12
N ARG J 83 -25.46 67.12 40.42
CA ARG J 83 -24.44 68.14 40.58
C ARG J 83 -24.97 69.51 40.19
N LYS J 84 -25.68 69.59 39.06
CA LYS J 84 -26.23 70.86 38.60
C LYS J 84 -27.28 71.39 39.58
N VAL J 85 -28.15 70.53 40.09
CA VAL J 85 -29.20 71.01 40.99
C VAL J 85 -28.60 71.45 42.32
N LEU J 86 -27.56 70.75 42.79
CA LEU J 86 -26.89 71.19 44.01
C LEU J 86 -26.21 72.54 43.81
N GLN J 87 -25.61 72.76 42.64
CA GLN J 87 -25.04 74.07 42.35
C GLN J 87 -26.11 75.14 42.32
N LEU J 88 -27.29 74.83 41.77
CA LEU J 88 -28.37 75.81 41.75
C LEU J 88 -28.94 76.06 43.13
N LEU J 89 -28.83 75.09 44.03
CA LEU J 89 -29.21 75.30 45.42
C LEU J 89 -28.08 75.90 46.25
N ARG J 90 -26.91 76.11 45.63
CA ARG J 90 -25.73 76.70 46.28
C ARG J 90 -25.16 75.80 47.36
N LEU J 91 -25.30 74.49 47.20
CA LEU J 91 -24.74 73.51 48.12
C LEU J 91 -23.59 72.82 47.39
N ARG J 92 -22.43 73.47 47.42
CA ARG J 92 -21.24 72.95 46.75
C ARG J 92 -20.29 72.26 47.71
N GLN J 93 -20.67 72.13 48.97
CA GLN J 93 -19.84 71.52 49.98
C GLN J 93 -20.73 70.74 50.92
N ILE J 94 -20.17 69.70 51.53
CA ILE J 94 -20.93 68.93 52.49
C ILE J 94 -21.17 69.77 53.74
N PHE J 95 -22.33 69.55 54.38
CA PHE J 95 -22.76 70.30 55.55
C PHE J 95 -22.84 71.79 55.24
N ASN J 96 -23.39 72.11 54.08
CA ASN J 96 -23.80 73.45 53.72
C ASN J 96 -25.32 73.51 53.75
N GLY J 97 -25.84 74.59 54.30
CA GLY J 97 -27.27 74.75 54.46
C GLY J 97 -27.76 75.98 53.71
N THR J 98 -28.99 75.89 53.23
CA THR J 98 -29.60 76.98 52.49
C THR J 98 -31.10 76.98 52.74
N PHE J 99 -31.67 78.16 52.90
CA PHE J 99 -33.11 78.31 52.97
C PHE J 99 -33.69 78.27 51.56
N VAL J 100 -34.77 77.52 51.38
CA VAL J 100 -35.40 77.33 50.09
C VAL J 100 -36.88 77.66 50.22
N LYS J 101 -37.37 78.54 49.37
CA LYS J 101 -38.80 78.83 49.30
C LYS J 101 -39.50 77.69 48.57
N LEU J 102 -40.49 77.09 49.21
CA LEU J 102 -41.09 75.86 48.72
C LEU J 102 -42.22 76.15 47.75
N ASN J 103 -42.14 75.54 46.57
CA ASN J 103 -43.20 75.53 45.58
C ASN J 103 -42.99 74.29 44.72
N LYS J 104 -43.73 74.19 43.62
CA LYS J 104 -43.66 72.99 42.79
C LYS J 104 -42.26 72.80 42.20
N ALA J 105 -41.69 73.88 41.66
CA ALA J 105 -40.38 73.78 41.01
C ALA J 105 -39.29 73.43 42.01
N SER J 106 -39.26 74.13 43.15
CA SER J 106 -38.24 73.86 44.16
C SER J 106 -38.39 72.48 44.75
N ILE J 107 -39.62 72.04 44.98
CA ILE J 107 -39.84 70.71 45.53
C ILE J 107 -39.39 69.63 44.56
N ASN J 108 -39.62 69.84 43.26
CA ASN J 108 -39.16 68.85 42.30
C ASN J 108 -37.64 68.82 42.22
N MET J 109 -36.99 69.97 42.34
CA MET J 109 -35.53 69.98 42.44
C MET J 109 -35.04 69.23 43.68
N LEU J 110 -35.72 69.43 44.81
CA LEU J 110 -35.35 68.71 46.03
C LEU J 110 -35.53 67.21 45.86
N ARG J 111 -36.58 66.80 45.15
CA ARG J 111 -36.76 65.39 44.84
C ARG J 111 -35.62 64.86 43.99
N ILE J 112 -35.12 65.67 43.06
CA ILE J 112 -33.98 65.24 42.24
C ILE J 112 -32.76 65.00 43.12
N VAL J 113 -32.48 65.90 44.04
CA VAL J 113 -31.27 65.77 44.84
C VAL J 113 -31.55 65.10 46.18
N GLU J 114 -32.65 64.37 46.26
CA GLU J 114 -33.06 63.73 47.51
C GLU J 114 -32.00 62.89 48.20
N PRO J 115 -31.27 61.99 47.54
CA PRO J 115 -30.27 61.19 48.28
C PRO J 115 -29.12 62.01 48.83
N TYR J 116 -28.85 63.19 48.30
CA TYR J 116 -27.69 63.96 48.70
C TYR J 116 -27.97 64.98 49.79
N ILE J 117 -29.23 65.19 50.16
CA ILE J 117 -29.59 66.25 51.08
C ILE J 117 -30.48 65.71 52.19
N ALA J 118 -30.50 66.45 53.29
CA ALA J 118 -31.50 66.32 54.33
C ALA J 118 -32.17 67.68 54.48
N TRP J 119 -33.48 67.72 54.33
CA TRP J 119 -34.17 68.99 54.38
C TRP J 119 -35.42 68.87 55.24
N GLY J 120 -35.90 70.02 55.67
CA GLY J 120 -37.08 70.03 56.50
C GLY J 120 -37.62 71.43 56.66
N TYR J 121 -38.49 71.59 57.65
CA TYR J 121 -39.17 72.86 57.87
C TYR J 121 -38.63 73.52 59.13
N PRO J 122 -37.75 74.51 59.01
CA PRO J 122 -37.18 75.14 60.21
C PRO J 122 -38.22 75.96 60.94
N ASN J 123 -38.02 76.09 62.25
CA ASN J 123 -38.87 76.93 63.06
C ASN J 123 -38.16 78.26 63.33
N LEU J 124 -38.86 79.14 64.06
CA LEU J 124 -38.36 80.48 64.31
C LEU J 124 -37.03 80.43 65.06
N LYS J 125 -36.92 79.53 66.04
CA LYS J 125 -35.67 79.40 66.78
C LYS J 125 -34.54 78.98 65.87
N SER J 126 -34.79 78.02 64.97
CA SER J 126 -33.75 77.58 64.05
C SER J 126 -33.30 78.69 63.14
N VAL J 127 -34.25 79.48 62.62
CA VAL J 127 -33.88 80.61 61.78
C VAL J 127 -33.04 81.61 62.56
N ASN J 128 -33.43 81.89 63.81
CA ASN J 128 -32.68 82.84 64.63
C ASN J 128 -31.26 82.35 64.88
N GLU J 129 -31.11 81.09 65.28
CA GLU J 129 -29.78 80.55 65.55
C GLU J 129 -28.92 80.58 64.30
N LEU J 130 -29.49 80.18 63.15
CA LEU J 130 -28.73 80.14 61.92
C LEU J 130 -28.27 81.52 61.49
N ILE J 131 -29.16 82.51 61.53
CA ILE J 131 -28.79 83.84 61.08
C ILE J 131 -27.82 84.50 62.04
N TYR J 132 -28.03 84.32 63.35
CA TYR J 132 -27.20 85.02 64.31
C TYR J 132 -25.83 84.40 64.47
N LYS J 133 -25.74 83.07 64.50
CA LYS J 133 -24.44 82.44 64.76
C LYS J 133 -23.62 82.30 63.49
N ARG J 134 -24.26 81.99 62.36
CA ARG J 134 -23.53 81.67 61.14
C ARG J 134 -23.95 82.53 59.96
N GLY J 135 -24.62 83.64 60.22
CA GLY J 135 -25.08 84.50 59.14
C GLY J 135 -23.97 85.33 58.53
N TYR J 136 -23.71 85.11 57.25
CA TYR J 136 -22.74 85.88 56.50
C TYR J 136 -23.41 86.43 55.26
N GLY J 137 -23.08 87.66 54.91
CA GLY J 137 -23.64 88.31 53.75
C GLY J 137 -22.72 88.19 52.55
N LYS J 138 -23.33 88.21 51.36
CA LYS J 138 -22.57 88.26 50.10
C LYS J 138 -22.53 89.72 49.65
N ILE J 139 -21.57 90.44 50.19
CA ILE J 139 -21.41 91.87 49.93
C ILE J 139 -20.23 92.04 48.99
N ASN J 140 -20.50 92.57 47.80
CA ASN J 140 -19.48 92.75 46.76
C ASN J 140 -18.75 91.44 46.47
N LYS J 141 -19.52 90.36 46.38
CA LYS J 141 -19.03 89.02 46.11
C LYS J 141 -18.06 88.52 47.18
N LYS J 142 -18.13 89.07 48.38
CA LYS J 142 -17.28 88.66 49.48
C LYS J 142 -18.15 88.12 50.62
N ARG J 143 -17.59 87.16 51.35
CA ARG J 143 -18.28 86.57 52.49
C ARG J 143 -17.97 87.41 53.72
N ILE J 144 -18.88 88.30 54.08
CA ILE J 144 -18.69 89.24 55.17
C ILE J 144 -19.61 88.87 56.32
N ALA J 145 -19.05 88.77 57.52
CA ALA J 145 -19.84 88.45 58.70
C ALA J 145 -20.80 89.57 59.03
N LEU J 146 -22.03 89.21 59.41
CA LEU J 146 -23.07 90.18 59.73
C LEU J 146 -22.87 90.68 61.16
N THR J 147 -21.83 91.50 61.32
CA THR J 147 -21.49 92.05 62.62
C THR J 147 -22.15 93.40 62.88
N ASP J 148 -22.72 94.04 61.88
CA ASP J 148 -23.35 95.34 62.01
C ASP J 148 -24.62 95.36 61.18
N ASN J 149 -25.58 96.19 61.60
CA ASN J 149 -26.80 96.34 60.83
C ASN J 149 -26.57 97.15 59.56
N ALA J 150 -25.54 97.99 59.53
CA ALA J 150 -25.26 98.78 58.34
C ALA J 150 -24.90 97.91 57.15
N LEU J 151 -24.28 96.76 57.40
CA LEU J 151 -23.96 95.83 56.32
C LEU J 151 -25.23 95.32 55.65
N ILE J 152 -26.26 95.02 56.44
CA ILE J 152 -27.53 94.61 55.84
C ILE J 152 -28.23 95.78 55.17
N ALA J 153 -28.18 96.96 55.81
CA ALA J 153 -28.92 98.10 55.30
C ALA J 153 -28.37 98.58 53.96
N ARG J 154 -27.04 98.55 53.79
CA ARG J 154 -26.45 99.05 52.57
C ARG J 154 -26.72 98.16 51.37
N SER J 155 -27.05 96.89 51.60
CA SER J 155 -27.29 95.96 50.51
C SER J 155 -28.76 95.64 50.29
N LEU J 156 -29.59 95.74 51.32
CA LEU J 156 -30.99 95.35 51.23
C LEU J 156 -31.95 96.43 51.67
N GLY J 157 -31.47 97.63 52.03
CA GLY J 157 -32.35 98.67 52.50
C GLY J 157 -33.33 99.16 51.46
N LYS J 158 -33.00 99.03 50.18
CA LYS J 158 -33.94 99.36 49.12
C LYS J 158 -35.16 98.46 49.12
N TYR J 159 -35.07 97.30 49.75
CA TYR J 159 -36.20 96.39 49.89
C TYR J 159 -36.88 96.52 51.24
N GLY J 160 -36.43 97.43 52.10
CA GLY J 160 -37.00 97.59 53.42
C GLY J 160 -36.33 96.77 54.49
N ILE J 161 -35.39 95.89 54.15
CA ILE J 161 -34.67 95.09 55.12
C ILE J 161 -33.44 95.87 55.57
N ILE J 162 -33.40 96.25 56.84
CA ILE J 162 -32.34 97.11 57.35
C ILE J 162 -31.70 96.58 58.62
N CYS J 163 -32.08 95.39 59.09
CA CYS J 163 -31.50 94.89 60.33
C CYS J 163 -31.57 93.37 60.33
N MET J 164 -30.91 92.79 61.33
CA MET J 164 -30.97 91.34 61.54
C MET J 164 -32.42 90.88 61.71
N GLU J 165 -33.22 91.65 62.42
CA GLU J 165 -34.61 91.27 62.65
C GLU J 165 -35.41 91.31 61.35
N ASP J 166 -35.19 92.31 60.51
CA ASP J 166 -35.87 92.35 59.21
C ASP J 166 -35.45 91.18 58.34
N LEU J 167 -34.16 90.85 58.35
CA LEU J 167 -33.70 89.70 57.57
C LEU J 167 -34.32 88.41 58.06
N ILE J 168 -34.38 88.23 59.38
CA ILE J 168 -34.98 87.03 59.96
C ILE J 168 -36.46 86.95 59.65
N HIS J 169 -37.15 88.08 59.71
CA HIS J 169 -38.57 88.11 59.38
C HIS J 169 -38.81 87.73 57.92
N GLU J 170 -38.00 88.30 57.02
CA GLU J 170 -38.17 87.99 55.59
C GLU J 170 -37.86 86.54 55.30
N ILE J 171 -36.88 85.96 55.99
CA ILE J 171 -36.58 84.56 55.77
C ILE J 171 -37.69 83.67 56.33
N TYR J 172 -38.17 83.98 57.54
CA TYR J 172 -39.13 83.12 58.20
C TYR J 172 -40.49 83.21 57.52
N THR J 173 -41.10 84.39 57.52
CA THR J 173 -42.31 84.59 56.75
C THR J 173 -41.87 84.95 55.35
N VAL J 174 -42.10 84.06 54.39
CA VAL J 174 -41.53 84.23 53.06
C VAL J 174 -42.16 85.44 52.42
N GLY J 175 -41.44 86.55 52.38
CA GLY J 175 -41.97 87.81 51.94
C GLY J 175 -41.81 88.02 50.45
N LYS J 176 -42.09 89.26 50.04
CA LYS J 176 -41.96 89.59 48.62
C LYS J 176 -40.52 89.53 48.16
N ARG J 177 -39.60 90.00 49.00
CA ARG J 177 -38.19 90.04 48.66
C ARG J 177 -37.41 88.89 49.27
N PHE J 178 -38.03 87.72 49.38
CA PHE J 178 -37.35 86.57 49.92
C PHE J 178 -36.17 86.16 49.05
N LYS J 179 -36.32 86.25 47.73
CA LYS J 179 -35.22 85.86 46.85
C LYS J 179 -33.99 86.72 47.09
N GLU J 180 -34.20 88.04 47.17
CA GLU J 180 -33.07 88.95 47.42
C GLU J 180 -32.47 88.72 48.80
N ALA J 181 -33.33 88.58 49.82
CA ALA J 181 -32.82 88.40 51.17
C ALA J 181 -32.07 87.09 51.32
N ASN J 182 -32.56 86.03 50.67
CA ASN J 182 -31.91 84.73 50.77
C ASN J 182 -30.62 84.69 49.98
N ASN J 183 -30.61 85.27 48.78
CA ASN J 183 -29.37 85.29 48.02
C ASN J 183 -28.33 86.22 48.64
N PHE J 184 -28.75 87.21 49.41
CA PHE J 184 -27.79 88.03 50.14
C PHE J 184 -27.01 87.20 51.14
N LEU J 185 -27.66 86.20 51.74
CA LEU J 185 -26.98 85.34 52.70
C LEU J 185 -26.05 84.37 52.00
N TRP J 186 -24.81 84.32 52.44
CA TRP J 186 -23.92 83.25 52.02
C TRP J 186 -24.47 81.93 52.54
N PRO J 187 -24.35 80.84 51.79
CA PRO J 187 -24.81 79.55 52.30
C PRO J 187 -24.12 79.18 53.60
N PHE J 188 -24.89 78.64 54.53
CA PHE J 188 -24.38 78.42 55.89
C PHE J 188 -23.41 77.26 55.89
N LYS J 189 -22.24 77.49 56.48
CA LYS J 189 -21.19 76.49 56.58
C LYS J 189 -21.32 75.85 57.95
N LEU J 190 -22.10 74.77 58.03
CA LEU J 190 -22.37 74.14 59.31
C LEU J 190 -21.30 73.11 59.65
N SER J 191 -21.17 72.84 60.95
CA SER J 191 -20.19 71.87 61.41
C SER J 191 -20.70 70.45 61.16
N SER J 192 -19.91 69.46 61.54
CA SER J 192 -20.40 68.11 61.52
C SER J 192 -21.46 67.92 62.60
N PRO J 193 -22.45 67.07 62.36
CA PRO J 193 -23.49 66.87 63.37
C PRO J 193 -22.95 66.23 64.64
N ARG J 194 -22.97 66.97 65.74
CA ARG J 194 -22.49 66.43 67.00
C ARG J 194 -23.42 65.34 67.48
N GLY J 195 -22.84 64.19 67.84
CA GLY J 195 -23.61 63.01 68.10
C GLY J 195 -23.78 62.08 66.93
N GLY J 196 -23.30 62.47 65.74
CA GLY J 196 -23.30 61.61 64.59
C GLY J 196 -24.66 61.56 63.89
N MET J 197 -24.65 60.93 62.73
CA MET J 197 -25.86 60.68 61.97
C MET J 197 -26.30 59.23 62.14
N LYS J 198 -27.51 58.93 61.68
CA LYS J 198 -28.00 57.56 61.69
C LYS J 198 -27.39 56.77 60.54
N LYS J 199 -27.69 57.19 59.31
CA LYS J 199 -27.14 56.54 58.13
C LYS J 199 -27.31 57.50 56.96
N LYS J 200 -26.21 58.07 56.47
CA LYS J 200 -26.34 59.10 55.46
C LYS J 200 -26.73 58.54 54.10
N THR J 201 -26.61 57.23 53.90
CA THR J 201 -26.81 56.63 52.59
C THR J 201 -28.25 56.24 52.31
N THR J 202 -29.13 56.29 53.30
CA THR J 202 -30.52 55.92 53.13
C THR J 202 -31.43 57.07 53.53
N HIS J 203 -32.72 56.90 53.23
CA HIS J 203 -33.71 57.93 53.51
C HIS J 203 -34.05 57.98 54.99
N PHE J 204 -34.58 59.12 55.42
CA PHE J 204 -34.93 59.30 56.82
C PHE J 204 -36.04 58.35 57.25
N VAL J 205 -37.02 58.11 56.39
CA VAL J 205 -38.14 57.25 56.76
C VAL J 205 -37.77 55.78 56.81
N GLU J 206 -36.58 55.41 56.35
CA GLU J 206 -36.08 54.05 56.48
C GLU J 206 -34.88 53.99 57.43
N GLY J 207 -34.85 54.89 58.42
CA GLY J 207 -33.83 54.85 59.44
C GLY J 207 -32.55 55.58 59.12
N GLY J 208 -32.50 56.33 58.02
CA GLY J 208 -31.28 57.02 57.66
C GLY J 208 -31.34 58.52 57.89
N ASP J 209 -30.70 59.29 57.01
CA ASP J 209 -30.67 60.74 57.15
C ASP J 209 -31.07 61.51 55.91
N ALA J 210 -31.04 60.91 54.72
CA ALA J 210 -31.36 61.64 53.52
C ALA J 210 -32.86 61.89 53.42
N GLY J 211 -33.22 62.87 52.60
CA GLY J 211 -34.61 63.12 52.31
C GLY J 211 -35.26 64.12 53.24
N ASN J 212 -36.58 64.15 53.16
CA ASN J 212 -37.40 65.12 53.89
C ASN J 212 -37.81 64.53 55.23
N ARG J 213 -37.18 65.01 56.29
CA ARG J 213 -37.73 64.87 57.63
C ARG J 213 -38.53 66.13 57.91
N GLU J 214 -39.75 65.96 58.41
CA GLU J 214 -40.71 67.06 58.39
C GLU J 214 -40.21 68.22 59.24
N ASP J 215 -40.12 68.01 60.56
CA ASP J 215 -39.67 69.05 61.47
C ASP J 215 -38.52 68.60 62.35
N GLN J 216 -37.97 67.41 62.10
CA GLN J 216 -36.76 66.97 62.78
C GLN J 216 -35.51 67.66 62.26
N ILE J 217 -35.66 68.47 61.21
CA ILE J 217 -34.56 69.29 60.74
C ILE J 217 -34.13 70.27 61.82
N ASN J 218 -35.03 70.61 62.74
CA ASN J 218 -34.63 71.49 63.84
C ASN J 218 -33.69 70.79 64.80
N ARG J 219 -33.98 69.53 65.13
CA ARG J 219 -33.04 68.73 65.92
C ARG J 219 -31.70 68.62 65.22
N LEU J 220 -31.75 68.36 63.91
CA LEU J 220 -30.51 68.27 63.14
C LEU J 220 -29.74 69.58 63.18
N ILE J 221 -30.43 70.71 63.09
CA ILE J 221 -29.78 72.01 63.13
C ILE J 221 -29.14 72.25 64.50
N ARG J 222 -29.86 71.93 65.58
CA ARG J 222 -29.30 72.12 66.92
C ARG J 222 -28.02 71.33 67.09
N ARG J 223 -27.99 70.08 66.62
CA ARG J 223 -26.73 69.35 66.69
C ARG J 223 -25.72 69.80 65.65
N MET J 224 -26.17 70.50 64.61
CA MET J 224 -25.35 70.77 63.44
C MET J 224 -24.53 72.05 63.60
N ASN J 225 -25.12 73.12 64.10
CA ASN J 225 -24.34 74.32 64.38
C ASN J 225 -24.14 74.51 65.89
N LYS K 1 96.68 20.37 -74.47
CA LYS K 1 97.79 19.45 -74.69
C LYS K 1 98.61 19.26 -73.41
N VAL K 2 98.76 20.34 -72.65
CA VAL K 2 99.46 20.30 -71.38
C VAL K 2 98.48 20.33 -70.20
N VAL K 3 97.20 20.15 -70.47
CA VAL K 3 96.18 20.21 -69.43
C VAL K 3 96.40 19.08 -68.43
N ASN K 4 96.28 19.41 -67.15
CA ASN K 4 96.46 18.44 -66.09
C ASN K 4 95.32 17.43 -66.14
N PRO K 5 95.61 16.12 -66.21
CA PRO K 5 94.52 15.13 -66.21
C PRO K 5 93.73 15.09 -64.92
N LEU K 6 94.25 15.67 -63.85
CA LEU K 6 93.51 15.70 -62.59
C LEU K 6 92.32 16.65 -62.64
N PHE K 7 92.31 17.62 -63.54
CA PHE K 7 91.20 18.55 -63.65
C PHE K 7 90.01 17.85 -64.29
N GLU K 8 88.82 18.06 -63.71
CA GLU K 8 87.60 17.49 -64.28
C GLU K 8 86.43 18.39 -63.97
N LYS K 9 85.38 18.26 -64.78
CA LYS K 9 84.12 18.92 -64.48
C LYS K 9 83.40 18.16 -63.38
N ARG K 10 82.80 18.89 -62.46
CA ARG K 10 82.03 18.32 -61.36
C ARG K 10 80.66 18.98 -61.34
N PRO K 11 79.82 18.66 -62.32
CA PRO K 11 78.53 19.34 -62.41
C PRO K 11 77.56 18.84 -61.36
N LYS K 12 76.84 19.76 -60.75
CA LYS K 12 75.80 19.44 -59.79
C LYS K 12 74.45 19.74 -60.42
N ASN K 13 73.59 18.73 -60.46
CA ASN K 13 72.25 18.92 -60.97
C ASN K 13 71.33 19.34 -59.83
N PHE K 14 70.49 20.33 -60.11
CA PHE K 14 69.63 20.94 -59.10
C PHE K 14 68.20 20.47 -59.20
N GLY K 15 67.99 19.21 -59.55
CA GLY K 15 66.66 18.65 -59.55
C GLY K 15 66.12 18.52 -58.14
N ILE K 16 64.83 18.21 -58.05
CA ILE K 16 64.19 18.07 -56.76
C ILE K 16 64.78 16.87 -56.05
N GLY K 17 65.14 17.06 -54.78
CA GLY K 17 65.73 16.00 -53.99
C GLY K 17 67.19 15.73 -54.23
N GLN K 18 67.79 16.38 -55.21
CA GLN K 18 69.20 16.22 -55.54
C GLN K 18 70.00 17.30 -54.81
N ASP K 19 71.21 17.59 -55.29
CA ASP K 19 72.06 18.64 -54.73
C ASP K 19 71.28 19.91 -54.45
N ILE K 20 71.63 20.57 -53.32
CA ILE K 20 70.79 21.66 -52.86
C ILE K 20 70.88 22.85 -53.81
N GLN K 21 69.85 23.69 -53.78
CA GLN K 21 69.68 24.73 -54.76
C GLN K 21 70.75 25.80 -54.62
N PRO K 22 71.17 26.40 -55.73
CA PRO K 22 72.14 27.50 -55.64
C PRO K 22 71.49 28.76 -55.10
N LYS K 23 72.33 29.64 -54.58
CA LYS K 23 71.83 30.92 -54.09
C LYS K 23 71.45 31.81 -55.26
N ARG K 24 70.19 31.78 -55.65
CA ARG K 24 69.71 32.53 -56.80
C ARG K 24 68.96 33.78 -56.34
N ASP K 25 68.49 34.55 -57.31
CA ASP K 25 67.81 35.81 -57.00
C ASP K 25 66.42 35.54 -56.43
N LEU K 26 66.13 36.15 -55.29
CA LEU K 26 64.84 36.00 -54.64
C LEU K 26 64.15 37.33 -54.38
N THR K 27 64.47 38.35 -55.18
CA THR K 27 63.90 39.68 -54.95
C THR K 27 62.39 39.67 -55.04
N ARG K 28 61.83 38.84 -55.92
CA ARG K 28 60.39 38.74 -56.04
C ARG K 28 59.74 38.10 -54.82
N PHE K 29 60.53 37.46 -53.96
CA PHE K 29 59.97 36.67 -52.88
C PHE K 29 60.49 37.14 -51.53
N VAL K 30 60.86 38.40 -51.43
CA VAL K 30 61.43 38.95 -50.21
C VAL K 30 60.29 39.43 -49.33
N LYS K 31 60.35 39.11 -48.04
CA LYS K 31 59.48 39.73 -47.06
C LYS K 31 59.92 41.18 -46.90
N TRP K 32 59.24 42.09 -47.58
CA TRP K 32 59.66 43.48 -47.63
C TRP K 32 59.17 44.23 -46.40
N PRO K 33 59.84 45.34 -46.07
CA PRO K 33 59.34 46.20 -44.99
C PRO K 33 57.99 46.79 -45.34
N ARG K 34 57.25 47.15 -44.28
CA ARG K 34 55.88 47.59 -44.45
C ARG K 34 55.77 48.85 -45.31
N TYR K 35 56.73 49.76 -45.21
CA TYR K 35 56.65 50.98 -46.01
C TYR K 35 56.88 50.69 -47.49
N ILE K 36 57.81 49.79 -47.80
CA ILE K 36 58.03 49.39 -49.19
C ILE K 36 56.79 48.70 -49.75
N ARG K 37 56.21 47.80 -48.95
CA ARG K 37 54.99 47.13 -49.39
C ARG K 37 53.86 48.14 -49.59
N LEU K 38 53.76 49.12 -48.71
CA LEU K 38 52.70 50.12 -48.80
C LEU K 38 52.83 50.94 -50.07
N GLN K 39 54.04 51.40 -50.37
CA GLN K 39 54.20 52.25 -51.55
C GLN K 39 54.00 51.45 -52.83
N ARG K 40 54.47 50.19 -52.87
CA ARG K 40 54.25 49.38 -54.05
C ARG K 40 52.77 49.06 -54.23
N GLN K 41 52.07 48.78 -53.14
CA GLN K 41 50.64 48.49 -53.25
C GLN K 41 49.84 49.73 -53.63
N ARG K 42 50.28 50.92 -53.21
CA ARG K 42 49.64 52.14 -53.66
C ARG K 42 49.83 52.32 -55.17
N ALA K 43 51.03 52.02 -55.66
CA ALA K 43 51.26 52.08 -57.10
C ALA K 43 50.35 51.11 -57.85
N ILE K 44 50.16 49.91 -57.29
CA ILE K 44 49.29 48.93 -57.94
C ILE K 44 47.83 49.37 -57.86
N LEU K 45 47.42 49.99 -56.75
CA LEU K 45 46.04 50.45 -56.61
C LEU K 45 45.73 51.54 -57.62
N TYR K 46 46.69 52.42 -57.88
CA TYR K 46 46.46 53.47 -58.87
C TYR K 46 46.28 52.93 -60.28
N LYS K 47 46.60 51.67 -60.52
CA LYS K 47 46.30 51.01 -61.78
C LYS K 47 45.05 50.14 -61.71
N ARG K 48 44.74 49.58 -60.54
CA ARG K 48 43.51 48.81 -60.39
C ARG K 48 42.29 49.71 -60.51
N LEU K 49 42.26 50.80 -59.76
CA LEU K 49 41.04 51.57 -59.62
C LEU K 49 40.80 52.43 -60.84
N LYS K 50 39.55 52.88 -60.99
CA LYS K 50 39.19 53.83 -62.03
C LYS K 50 39.60 55.22 -61.56
N VAL K 51 40.66 55.75 -62.16
CA VAL K 51 41.19 57.06 -61.78
C VAL K 51 40.39 58.12 -62.52
N PRO K 52 39.81 59.09 -61.83
CA PRO K 52 39.03 60.12 -62.52
C PRO K 52 39.92 60.95 -63.42
N PRO K 53 39.36 61.53 -64.49
CA PRO K 53 40.19 62.27 -65.43
C PRO K 53 40.95 63.43 -64.83
N ALA K 54 40.40 64.08 -63.80
CA ALA K 54 41.10 65.20 -63.18
C ALA K 54 42.43 64.78 -62.56
N ILE K 55 42.52 63.52 -62.13
CA ILE K 55 43.79 63.00 -61.64
C ILE K 55 44.58 62.31 -62.74
N ASN K 56 43.89 61.66 -63.68
CA ASN K 56 44.56 60.93 -64.73
C ASN K 56 45.24 61.84 -65.75
N GLN K 57 44.85 63.12 -65.81
CA GLN K 57 45.46 64.02 -66.78
C GLN K 57 46.94 64.23 -66.49
N PHE K 58 47.37 64.04 -65.24
CA PHE K 58 48.76 64.23 -64.89
C PHE K 58 49.64 63.05 -65.30
N THR K 59 49.04 61.94 -65.73
CA THR K 59 49.84 60.87 -66.32
C THR K 59 50.29 61.25 -67.73
N GLN K 60 49.61 62.18 -68.39
CA GLN K 60 50.06 62.72 -69.66
C GLN K 60 51.10 63.79 -69.39
N ALA K 61 52.36 63.38 -69.34
CA ALA K 61 53.46 64.32 -69.18
C ALA K 61 54.10 64.61 -70.54
N LEU K 62 54.90 65.66 -70.57
CA LEU K 62 55.63 66.00 -71.78
C LEU K 62 56.62 64.90 -72.13
N ASP K 63 56.81 64.69 -73.42
CA ASP K 63 57.83 63.74 -73.86
C ASP K 63 59.22 64.26 -73.51
N ARG K 64 60.20 63.36 -73.56
CA ARG K 64 61.54 63.70 -73.08
C ARG K 64 62.16 64.82 -73.90
N GLN K 65 61.99 64.79 -75.22
CA GLN K 65 62.57 65.82 -76.08
C GLN K 65 61.98 67.19 -75.77
N THR K 66 60.64 67.29 -75.75
CA THR K 66 59.99 68.56 -75.49
C THR K 66 60.31 69.08 -74.10
N ALA K 67 60.35 68.18 -73.11
CA ALA K 67 60.75 68.58 -71.77
C ALA K 67 62.18 69.10 -71.76
N THR K 68 63.05 68.51 -72.59
CA THR K 68 64.42 68.98 -72.66
C THR K 68 64.50 70.40 -73.21
N GLN K 69 63.78 70.68 -74.31
CA GLN K 69 63.80 72.05 -74.83
C GLN K 69 63.18 73.02 -73.83
N LEU K 70 62.11 72.60 -73.16
CA LEU K 70 61.45 73.49 -72.20
C LEU K 70 62.36 73.83 -71.03
N LEU K 71 63.06 72.84 -70.48
CA LEU K 71 63.96 73.10 -69.37
C LEU K 71 65.20 73.87 -69.83
N LYS K 72 65.66 73.63 -71.05
CA LYS K 72 66.78 74.40 -71.58
C LYS K 72 66.41 75.86 -71.73
N LEU K 73 65.19 76.15 -72.17
CA LEU K 73 64.73 77.54 -72.19
C LEU K 73 64.59 78.10 -70.79
N ALA K 74 64.01 77.32 -69.87
CA ALA K 74 63.75 77.81 -68.52
C ALA K 74 65.03 78.02 -67.71
N HIS K 75 66.13 77.40 -68.11
CA HIS K 75 67.38 77.61 -67.41
C HIS K 75 67.92 79.02 -67.58
N LYS K 76 67.51 79.73 -68.63
CA LYS K 76 67.95 81.11 -68.84
C LYS K 76 67.22 82.10 -67.94
N TYR K 77 66.18 81.69 -67.24
CA TYR K 77 65.37 82.59 -66.44
C TYR K 77 65.22 82.08 -65.02
N ARG K 78 66.22 81.38 -64.52
CA ARG K 78 66.16 80.89 -63.15
C ARG K 78 66.18 82.07 -62.18
N PRO K 79 65.44 82.00 -61.08
CA PRO K 79 65.49 83.07 -60.09
C PRO K 79 66.89 83.20 -59.51
N GLU K 80 67.26 84.43 -59.19
CA GLU K 80 68.60 84.70 -58.70
C GLU K 80 68.77 84.16 -57.28
N THR K 81 69.95 83.59 -57.02
CA THR K 81 70.24 82.94 -55.75
C THR K 81 70.60 83.99 -54.69
N LYS K 82 70.84 83.52 -53.47
CA LYS K 82 71.14 84.44 -52.37
C LYS K 82 72.47 85.15 -52.58
N GLN K 83 73.49 84.43 -53.05
CA GLN K 83 74.82 85.03 -53.21
C GLN K 83 74.80 86.11 -54.27
N GLU K 84 74.22 85.81 -55.44
CA GLU K 84 74.19 86.82 -56.49
C GLU K 84 73.17 87.91 -56.21
N LYS K 85 72.14 87.65 -55.40
CA LYS K 85 71.32 88.76 -54.91
C LYS K 85 72.13 89.69 -54.01
N LYS K 86 72.96 89.12 -53.14
CA LYS K 86 73.83 89.96 -52.32
C LYS K 86 74.78 90.78 -53.17
N GLN K 87 75.36 90.16 -54.20
CA GLN K 87 76.25 90.89 -55.10
C GLN K 87 75.53 92.02 -55.81
N ARG K 88 74.31 91.75 -56.30
CA ARG K 88 73.54 92.78 -56.98
C ARG K 88 73.17 93.91 -56.03
N LEU K 89 72.80 93.58 -54.79
CA LEU K 89 72.45 94.62 -53.82
C LEU K 89 73.67 95.47 -53.47
N LEU K 90 74.84 94.84 -53.32
CA LEU K 90 76.05 95.62 -53.06
C LEU K 90 76.39 96.52 -54.24
N ALA K 91 76.21 96.02 -55.47
CA ALA K 91 76.46 96.84 -56.65
C ALA K 91 75.50 98.03 -56.69
N ARG K 92 74.23 97.80 -56.36
CA ARG K 92 73.26 98.90 -56.32
C ARG K 92 73.62 99.92 -55.25
N ALA K 93 74.05 99.46 -54.08
CA ALA K 93 74.46 100.37 -53.03
C ALA K 93 75.66 101.21 -53.44
N GLU K 94 76.66 100.57 -54.06
CA GLU K 94 77.83 101.31 -54.52
C GLU K 94 77.47 102.30 -55.61
N LYS K 95 76.59 101.91 -56.53
CA LYS K 95 76.19 102.81 -57.61
C LYS K 95 75.41 104.01 -57.08
N LYS K 96 74.54 103.78 -56.09
CA LYS K 96 73.78 104.88 -55.51
C LYS K 96 74.70 105.80 -54.69
N ALA K 97 75.69 105.23 -54.01
CA ALA K 97 76.67 106.05 -53.32
C ALA K 97 77.45 106.91 -54.30
N ALA K 98 77.83 106.34 -55.44
CA ALA K 98 78.50 107.10 -56.50
C ALA K 98 78.28 106.36 -57.81
N GLY K 99 77.53 106.96 -58.72
CA GLY K 99 76.84 108.23 -58.56
C GLY K 99 75.55 108.32 -59.34
N LYS K 100 75.11 107.20 -59.91
CA LYS K 100 73.97 107.23 -60.83
C LYS K 100 72.67 107.53 -60.11
N GLY K 101 72.41 106.84 -58.99
CA GLY K 101 71.19 107.07 -58.24
C GLY K 101 70.27 105.87 -58.19
N ASP K 102 69.00 106.05 -58.58
CA ASP K 102 68.03 104.98 -58.56
C ASP K 102 68.41 103.87 -59.52
N VAL K 103 68.40 104.17 -60.82
CA VAL K 103 68.84 103.26 -61.88
C VAL K 103 68.11 101.92 -61.79
N PRO K 104 66.83 101.84 -62.14
CA PRO K 104 66.16 100.51 -62.16
C PRO K 104 66.83 99.53 -63.10
N THR K 105 67.32 100.01 -64.25
CA THR K 105 68.14 99.23 -65.19
C THR K 105 67.44 97.94 -65.63
N LYS K 106 66.14 98.04 -65.91
CA LYS K 106 65.38 96.98 -66.59
C LYS K 106 65.46 95.65 -65.84
N ARG K 107 64.75 95.63 -64.69
CA ARG K 107 64.55 94.41 -63.91
C ARG K 107 64.19 93.26 -64.84
N PRO K 108 65.03 92.23 -64.91
CA PRO K 108 64.92 91.26 -66.01
C PRO K 108 63.72 90.36 -65.82
N PRO K 109 63.18 89.79 -66.90
CA PRO K 109 62.14 88.77 -66.76
C PRO K 109 62.69 87.56 -66.02
N VAL K 110 61.84 86.96 -65.19
CA VAL K 110 62.24 85.84 -64.36
C VAL K 110 61.13 84.79 -64.42
N LEU K 111 61.50 83.56 -64.09
CA LEU K 111 60.55 82.46 -64.02
C LEU K 111 59.82 82.53 -62.69
N ARG K 112 58.49 82.64 -62.74
CA ARG K 112 57.69 82.74 -61.53
C ARG K 112 57.37 81.34 -61.02
N ALA K 113 57.46 81.16 -59.70
CA ALA K 113 57.32 79.85 -59.09
C ALA K 113 56.32 79.90 -57.95
N GLY K 114 55.77 78.73 -57.64
CA GLY K 114 54.81 78.61 -56.56
C GLY K 114 53.39 78.53 -57.07
N VAL K 115 52.58 77.63 -56.49
CA VAL K 115 51.25 77.40 -57.04
C VAL K 115 50.36 78.61 -56.85
N ASN K 116 50.50 79.33 -55.74
CA ASN K 116 49.67 80.52 -55.51
C ASN K 116 50.04 81.63 -56.48
N THR K 117 51.34 81.88 -56.66
CA THR K 117 51.78 82.90 -57.62
C THR K 117 51.33 82.56 -59.03
N VAL K 118 51.49 81.29 -59.43
CA VAL K 118 51.10 80.88 -60.76
C VAL K 118 49.60 81.00 -60.94
N THR K 119 48.82 80.64 -59.91
CA THR K 119 47.37 80.74 -60.01
C THR K 119 46.93 82.19 -60.17
N THR K 120 47.53 83.10 -59.41
CA THR K 120 47.19 84.51 -59.55
C THR K 120 47.57 85.02 -60.95
N LEU K 121 48.72 84.61 -61.46
CA LEU K 121 49.12 85.05 -62.80
C LEU K 121 48.16 84.52 -63.86
N VAL K 122 47.73 83.26 -63.73
CA VAL K 122 46.79 82.70 -64.69
C VAL K 122 45.45 83.42 -64.62
N GLU K 123 44.99 83.71 -63.41
CA GLU K 123 43.73 84.43 -63.25
C GLU K 123 43.82 85.84 -63.81
N ASN K 124 44.99 86.47 -63.75
CA ASN K 124 45.18 87.79 -64.33
C ASN K 124 45.59 87.75 -65.80
N LYS K 125 45.75 86.55 -66.37
CA LYS K 125 46.16 86.37 -67.76
C LYS K 125 47.52 86.98 -68.05
N LYS K 126 48.39 87.02 -67.03
CA LYS K 126 49.73 87.53 -67.22
C LYS K 126 50.73 86.47 -67.64
N ALA K 127 50.45 85.21 -67.34
CA ALA K 127 51.38 84.14 -67.66
C ALA K 127 51.29 83.77 -69.14
N GLN K 128 52.44 83.57 -69.76
CA GLN K 128 52.49 83.12 -71.14
C GLN K 128 52.52 81.60 -71.26
N LEU K 129 53.05 80.92 -70.26
CA LEU K 129 53.10 79.47 -70.26
C LEU K 129 53.10 78.98 -68.83
N VAL K 130 52.50 77.82 -68.58
CA VAL K 130 52.44 77.23 -67.25
C VAL K 130 53.00 75.82 -67.34
N VAL K 131 53.87 75.46 -66.40
CA VAL K 131 54.45 74.14 -66.32
C VAL K 131 54.09 73.55 -64.98
N ILE K 132 53.44 72.38 -64.99
CA ILE K 132 52.92 71.74 -63.79
C ILE K 132 53.61 70.40 -63.62
N ALA K 133 54.14 70.14 -62.42
CA ALA K 133 54.72 68.85 -62.13
C ALA K 133 53.65 67.77 -62.06
N HIS K 134 54.00 66.57 -62.51
CA HIS K 134 53.03 65.49 -62.55
C HIS K 134 52.91 64.73 -61.22
N ASP K 135 53.79 64.94 -60.26
CA ASP K 135 53.81 64.08 -59.08
C ASP K 135 53.63 64.84 -57.78
N VAL K 136 52.67 65.76 -57.72
CA VAL K 136 52.37 66.47 -56.48
C VAL K 136 51.62 65.51 -55.57
N ASP K 137 52.25 65.07 -54.48
CA ASP K 137 51.69 63.99 -53.68
C ASP K 137 50.38 64.36 -53.01
N PRO K 138 50.23 65.51 -52.33
CA PRO K 138 48.88 65.97 -52.00
C PRO K 138 48.21 66.55 -53.23
N ILE K 139 47.61 65.70 -54.05
CA ILE K 139 47.19 66.14 -55.36
C ILE K 139 45.82 66.80 -55.24
N GLU K 140 45.82 68.01 -54.71
CA GLU K 140 44.73 68.97 -54.80
C GLU K 140 45.26 70.35 -55.10
N LEU K 141 46.57 70.57 -54.93
CA LEU K 141 47.16 71.86 -55.17
C LEU K 141 47.15 72.24 -56.64
N VAL K 142 47.09 71.27 -57.54
CA VAL K 142 47.25 71.56 -58.96
C VAL K 142 46.17 70.91 -59.82
N VAL K 143 45.17 70.28 -59.21
CA VAL K 143 44.16 69.58 -60.00
C VAL K 143 43.31 70.57 -60.78
N PHE K 144 43.07 71.75 -60.21
CA PHE K 144 42.30 72.78 -60.90
C PHE K 144 43.11 73.51 -61.95
N LEU K 145 44.43 73.45 -61.89
CA LEU K 145 45.26 74.25 -62.78
C LEU K 145 45.09 73.93 -64.26
N PRO K 146 45.01 72.67 -64.72
CA PRO K 146 44.73 72.47 -66.15
C PRO K 146 43.42 73.11 -66.59
N ALA K 147 42.36 72.94 -65.81
CA ALA K 147 41.07 73.53 -66.16
C ALA K 147 41.12 75.05 -66.12
N LEU K 148 41.75 75.61 -65.09
CA LEU K 148 41.83 77.06 -64.96
C LEU K 148 42.65 77.66 -66.10
N CYS K 149 43.78 77.04 -66.45
CA CYS K 149 44.59 77.51 -67.55
C CYS K 149 43.83 77.40 -68.87
N ARG K 150 43.10 76.30 -69.06
CA ARG K 150 42.32 76.15 -70.28
C ARG K 150 41.25 77.22 -70.40
N LYS K 151 40.54 77.49 -69.30
CA LYS K 151 39.49 78.51 -69.34
C LYS K 151 40.07 79.89 -69.57
N MET K 152 41.19 80.20 -68.93
CA MET K 152 41.76 81.53 -69.07
C MET K 152 42.60 81.69 -70.33
N GLY K 153 42.82 80.61 -71.08
CA GLY K 153 43.48 80.70 -72.36
C GLY K 153 44.99 80.65 -72.33
N VAL K 154 45.60 80.38 -71.17
CA VAL K 154 47.06 80.31 -71.10
C VAL K 154 47.50 78.86 -71.34
N PRO K 155 48.47 78.63 -72.21
CA PRO K 155 48.95 77.27 -72.44
C PRO K 155 49.58 76.66 -71.20
N TYR K 156 49.30 75.38 -70.99
CA TYR K 156 49.82 74.65 -69.84
C TYR K 156 50.33 73.30 -70.29
N CYS K 157 51.44 72.88 -69.70
CA CYS K 157 52.00 71.57 -69.95
C CYS K 157 52.29 70.89 -68.61
N ILE K 158 52.35 69.57 -68.64
CA ILE K 158 52.67 68.75 -67.48
C ILE K 158 54.01 68.09 -67.72
N ILE K 159 54.91 68.22 -66.75
CA ILE K 159 56.27 67.73 -66.88
C ILE K 159 56.54 66.72 -65.77
N LYS K 160 57.45 65.78 -66.07
CA LYS K 160 57.81 64.74 -65.12
C LYS K 160 58.70 65.32 -64.04
N GLY K 161 58.29 65.19 -62.79
CA GLY K 161 59.15 65.50 -61.67
C GLY K 161 59.02 66.91 -61.13
N LYS K 162 58.60 67.03 -59.87
CA LYS K 162 58.69 68.29 -59.16
C LYS K 162 60.12 68.59 -58.74
N ALA K 163 60.98 67.57 -58.69
CA ALA K 163 62.37 67.79 -58.34
C ALA K 163 63.09 68.63 -59.39
N ARG K 164 62.74 68.45 -60.66
CA ARG K 164 63.35 69.25 -61.71
C ARG K 164 62.94 70.71 -61.61
N LEU K 165 61.67 70.98 -61.31
CA LEU K 165 61.24 72.35 -61.09
C LEU K 165 61.92 72.95 -59.86
N GLY K 166 62.08 72.14 -58.81
CA GLY K 166 62.82 72.60 -57.65
C GLY K 166 64.25 72.96 -57.98
N ARG K 167 64.92 72.15 -58.81
CA ARG K 167 66.27 72.49 -59.23
C ARG K 167 66.28 73.74 -60.09
N LEU K 168 65.21 73.98 -60.84
CA LEU K 168 65.10 75.23 -61.58
C LEU K 168 65.05 76.42 -60.63
N VAL K 169 64.34 76.30 -59.53
CA VAL K 169 64.16 77.43 -58.61
C VAL K 169 65.06 77.31 -57.38
N HIS K 170 66.12 76.50 -57.46
CA HIS K 170 67.10 76.35 -56.38
C HIS K 170 66.47 75.89 -55.07
N ARG K 171 65.48 75.01 -55.17
CA ARG K 171 64.84 74.45 -54.00
C ARG K 171 64.70 72.95 -54.19
N LYS K 172 64.08 72.29 -53.22
CA LYS K 172 63.92 70.84 -53.32
C LYS K 172 62.81 70.48 -54.30
N THR K 173 61.71 71.22 -54.27
CA THR K 173 60.49 70.83 -54.97
C THR K 173 59.70 72.09 -55.30
N CYS K 174 59.21 72.16 -56.53
CA CYS K 174 58.27 73.21 -56.94
C CYS K 174 57.12 72.56 -57.69
N THR K 175 55.89 72.88 -57.29
CA THR K 175 54.72 72.34 -57.98
C THR K 175 54.64 72.85 -59.40
N THR K 176 54.71 74.16 -59.59
CA THR K 176 54.51 74.77 -60.89
C THR K 176 55.48 75.92 -61.09
N VAL K 177 55.79 76.19 -62.35
CA VAL K 177 56.49 77.41 -62.73
C VAL K 177 55.71 78.07 -63.86
N ALA K 178 55.94 79.37 -64.01
CA ALA K 178 55.19 80.16 -64.98
C ALA K 178 56.14 81.03 -65.78
N PHE K 179 55.97 81.01 -67.10
CA PHE K 179 56.65 81.91 -68.01
C PHE K 179 55.74 83.10 -68.25
N THR K 180 56.15 84.25 -67.73
CA THR K 180 55.59 85.54 -68.11
C THR K 180 56.38 86.04 -69.33
N GLN K 181 56.32 87.34 -69.62
CA GLN K 181 57.06 87.91 -70.74
C GLN K 181 58.53 87.48 -70.72
N VAL K 182 59.11 87.39 -71.91
CA VAL K 182 60.40 86.76 -72.13
C VAL K 182 61.22 87.68 -73.02
N ASN K 183 62.54 87.48 -73.01
CA ASN K 183 63.40 88.31 -73.83
C ASN K 183 63.19 88.03 -75.32
N SER K 184 63.57 89.03 -76.13
CA SER K 184 63.30 88.99 -77.57
C SER K 184 64.00 87.82 -78.25
N GLU K 185 65.24 87.54 -77.85
CA GLU K 185 65.98 86.46 -78.48
C GLU K 185 65.40 85.09 -78.14
N ASP K 186 64.57 84.99 -77.10
CA ASP K 186 63.92 83.74 -76.74
C ASP K 186 62.44 83.73 -77.04
N LYS K 187 61.90 84.83 -77.60
CA LYS K 187 60.49 84.87 -77.96
C LYS K 187 60.14 83.78 -78.97
N GLY K 188 61.02 83.54 -79.95
CA GLY K 188 60.73 82.53 -80.96
C GLY K 188 60.70 81.12 -80.39
N ALA K 189 61.67 80.79 -79.53
CA ALA K 189 61.68 79.47 -78.90
C ALA K 189 60.46 79.30 -78.00
N LEU K 190 60.09 80.35 -77.26
CA LEU K 190 58.88 80.27 -76.46
C LEU K 190 57.65 80.08 -77.34
N ALA K 191 57.61 80.74 -78.49
CA ALA K 191 56.47 80.59 -79.39
C ALA K 191 56.37 79.16 -79.91
N LYS K 192 57.49 78.55 -80.26
CA LYS K 192 57.48 77.16 -80.72
C LYS K 192 56.98 76.24 -79.62
N LEU K 193 57.49 76.43 -78.40
CA LEU K 193 57.05 75.60 -77.29
C LEU K 193 55.56 75.79 -77.00
N VAL K 194 55.10 77.04 -77.05
CA VAL K 194 53.68 77.33 -76.81
C VAL K 194 52.82 76.67 -77.87
N GLU K 195 53.24 76.70 -79.13
CA GLU K 195 52.47 76.07 -80.19
C GLU K 195 52.34 74.57 -79.94
N ALA K 196 53.48 73.91 -79.65
CA ALA K 196 53.44 72.47 -79.40
C ALA K 196 52.58 72.13 -78.18
N ILE K 197 52.73 72.89 -77.11
CA ILE K 197 51.99 72.61 -75.88
C ILE K 197 50.51 72.88 -76.05
N ARG K 198 50.15 73.93 -76.78
CA ARG K 198 48.74 74.20 -77.06
C ARG K 198 48.13 73.09 -77.89
N THR K 199 48.88 72.56 -78.86
CA THR K 199 48.40 71.42 -79.62
C THR K 199 48.19 70.21 -78.72
N ASN K 200 49.13 69.94 -77.81
CA ASN K 200 49.06 68.71 -77.04
C ASN K 200 48.08 68.76 -75.88
N TYR K 201 47.85 69.94 -75.28
CA TYR K 201 47.11 70.00 -74.02
C TYR K 201 45.82 70.81 -74.12
N ASN K 202 45.89 72.07 -74.56
CA ASN K 202 44.72 72.93 -74.51
C ASN K 202 43.71 72.55 -75.57
N ASP K 203 44.17 72.15 -76.76
CA ASP K 203 43.26 71.92 -77.87
C ASP K 203 42.50 70.61 -77.75
N ARG K 204 42.94 69.68 -76.90
CA ARG K 204 42.26 68.41 -76.71
C ARG K 204 41.79 68.24 -75.27
N TYR K 205 41.59 69.36 -74.57
CA TYR K 205 41.05 69.32 -73.21
C TYR K 205 39.67 68.69 -73.14
N ASP K 206 38.91 68.73 -74.23
CA ASP K 206 37.55 68.22 -74.20
C ASP K 206 37.54 66.72 -73.92
N GLU K 207 38.46 65.97 -74.53
CA GLU K 207 38.57 64.55 -74.22
C GLU K 207 39.62 64.24 -73.16
N ILE K 208 40.48 65.19 -72.81
CA ILE K 208 41.24 65.05 -71.58
C ILE K 208 40.28 64.98 -70.39
N ARG K 209 39.20 65.77 -70.44
CA ARG K 209 38.18 65.74 -69.41
C ARG K 209 37.48 64.40 -69.28
N ARG K 210 37.49 63.58 -70.32
CA ARG K 210 36.76 62.32 -70.30
C ARG K 210 37.65 61.09 -70.24
N HIS K 211 38.96 61.25 -70.44
CA HIS K 211 39.87 60.11 -70.44
C HIS K 211 40.08 59.61 -69.01
N TRP K 212 39.32 58.59 -68.62
CA TRP K 212 39.53 57.94 -67.34
C TRP K 212 40.77 57.05 -67.38
N GLY K 213 41.38 56.85 -66.22
CA GLY K 213 42.58 56.06 -66.11
C GLY K 213 42.40 54.82 -65.25
N GLY K 214 43.48 54.06 -65.14
CA GLY K 214 43.46 52.85 -64.34
C GLY K 214 42.58 51.78 -64.95
N ASN K 215 41.89 51.04 -64.09
CA ASN K 215 40.97 49.96 -64.49
C ASN K 215 41.69 48.91 -65.32
N VAL K 216 42.89 48.54 -64.90
CA VAL K 216 43.68 47.50 -65.54
C VAL K 216 43.96 46.40 -64.53
N LEU K 217 43.66 45.17 -64.90
CA LEU K 217 43.88 44.05 -64.01
C LEU K 217 45.35 43.63 -64.01
N GLY K 218 45.69 42.74 -63.08
CA GLY K 218 47.05 42.26 -62.96
C GLY K 218 47.43 41.34 -64.09
N PRO K 219 48.73 41.14 -64.29
CA PRO K 219 49.17 40.24 -65.37
C PRO K 219 48.66 38.82 -65.21
N LYS K 220 48.58 38.31 -63.98
CA LYS K 220 48.05 36.97 -63.78
C LYS K 220 46.57 36.89 -64.16
N SER K 221 45.79 37.89 -63.76
CA SER K 221 44.37 37.90 -64.10
C SER K 221 44.16 38.04 -65.60
N VAL K 222 44.96 38.90 -66.25
CA VAL K 222 44.84 39.08 -67.69
C VAL K 222 45.23 37.80 -68.41
N ALA K 223 46.28 37.14 -67.95
CA ALA K 223 46.69 35.88 -68.58
C ALA K 223 45.64 34.81 -68.41
N ARG K 224 45.01 34.74 -67.24
CA ARG K 224 43.95 33.75 -67.03
C ARG K 224 42.74 34.02 -67.91
N ILE K 225 42.34 35.29 -68.02
CA ILE K 225 41.22 35.65 -68.88
C ILE K 225 41.54 35.34 -70.33
N ALA K 226 42.75 35.68 -70.78
CA ALA K 226 43.16 35.39 -72.15
C ALA K 226 43.22 33.90 -72.41
N LYS K 227 43.65 33.11 -71.42
CA LYS K 227 43.66 31.66 -71.57
C LYS K 227 42.25 31.12 -71.75
N LEU K 228 41.29 31.63 -70.96
CA LEU K 228 39.91 31.20 -71.14
C LEU K 228 39.36 31.60 -72.51
N GLU K 229 39.67 32.84 -72.94
CA GLU K 229 39.20 33.31 -74.24
C GLU K 229 39.79 32.48 -75.37
N LYS K 230 41.08 32.14 -75.28
CA LYS K 230 41.70 31.29 -76.30
C LYS K 230 41.13 29.88 -76.24
N ALA K 231 40.79 29.39 -75.05
CA ALA K 231 40.21 28.06 -74.92
C ALA K 231 38.86 27.99 -75.63
N LYS K 232 38.04 29.02 -75.48
CA LYS K 232 36.77 29.01 -76.21
C LYS K 232 36.96 29.35 -77.70
N ALA K 233 37.98 30.14 -78.03
CA ALA K 233 38.19 30.52 -79.43
C ALA K 233 38.72 29.37 -80.26
N LYS K 234 39.55 28.51 -79.68
CA LYS K 234 40.10 27.39 -80.44
C LYS K 234 39.01 26.41 -80.86
N GLU K 235 37.94 26.30 -80.06
CA GLU K 235 36.82 25.45 -80.46
C GLU K 235 35.80 26.19 -81.29
N LEU K 236 35.64 27.51 -81.10
CA LEU K 236 34.77 28.27 -81.99
C LEU K 236 35.32 28.33 -83.41
N ALA K 237 36.65 28.33 -83.55
CA ALA K 237 37.25 28.32 -84.89
C ALA K 237 36.94 27.02 -85.62
N THR K 238 36.98 25.89 -84.91
CA THR K 238 36.60 24.62 -85.51
C THR K 238 35.10 24.54 -85.75
N LYS K 239 34.31 25.18 -84.88
CA LYS K 239 32.87 25.25 -85.10
C LYS K 239 32.53 26.00 -86.39
N LEU K 240 33.20 27.12 -86.62
CA LEU K 240 32.93 27.91 -87.82
C LEU K 240 33.66 27.33 -89.03
N GLY K 241 33.03 27.44 -90.19
CA GLY K 241 33.63 26.96 -91.42
C GLY K 241 33.53 25.46 -91.62
N MET L 1 -40.01 27.97 73.67
CA MET L 1 -40.85 28.11 74.86
C MET L 1 -40.16 27.60 76.12
N LYS L 2 -40.23 28.39 77.18
CA LYS L 2 -39.75 28.00 78.49
C LYS L 2 -40.95 27.72 79.38
N THR L 3 -41.11 26.46 79.78
CA THR L 3 -42.16 26.08 80.71
C THR L 3 -41.80 26.55 82.10
N ILE L 4 -42.77 27.14 82.81
CA ILE L 4 -42.49 27.69 84.13
C ILE L 4 -42.04 26.60 85.08
N LEU L 5 -42.79 25.51 85.15
CA LEU L 5 -42.50 24.45 86.12
C LEU L 5 -42.88 23.11 85.53
N SER L 6 -41.97 22.16 85.61
CA SER L 6 -42.26 20.76 85.30
C SER L 6 -41.79 19.92 86.46
N ASN L 7 -42.72 19.25 87.13
CA ASN L 7 -42.40 18.47 88.32
C ASN L 7 -42.93 17.06 88.15
N GLN L 8 -42.31 16.14 88.89
CA GLN L 8 -42.78 14.77 88.92
C GLN L 8 -42.41 14.17 90.27
N THR L 9 -43.32 13.39 90.84
CA THR L 9 -43.19 12.87 92.19
C THR L 9 -43.08 11.36 92.15
N VAL L 10 -42.14 10.81 92.91
CA VAL L 10 -41.93 9.38 93.07
C VAL L 10 -42.26 9.00 94.51
N ASP L 11 -43.14 8.02 94.68
CA ASP L 11 -43.46 7.52 95.99
C ASP L 11 -42.39 6.53 96.45
N ILE L 12 -42.07 6.57 97.74
CA ILE L 12 -41.04 5.72 98.33
C ILE L 12 -41.72 4.71 99.24
N PRO L 13 -41.46 3.42 99.09
CA PRO L 13 -42.05 2.42 99.99
C PRO L 13 -41.54 2.58 101.41
N GLU L 14 -42.26 1.94 102.34
CA GLU L 14 -41.99 2.15 103.76
C GLU L 14 -40.70 1.48 104.21
N ASN L 15 -40.31 0.37 103.58
CA ASN L 15 -39.14 -0.37 104.02
C ASN L 15 -37.84 0.24 103.52
N VAL L 16 -37.89 1.27 102.70
CA VAL L 16 -36.71 1.86 102.09
C VAL L 16 -36.72 3.37 102.37
N ASP L 17 -35.54 3.92 102.64
CA ASP L 17 -35.44 5.35 102.87
C ASP L 17 -34.46 5.99 101.90
N ILE L 18 -34.64 7.29 101.67
CA ILE L 18 -33.88 8.04 100.69
C ILE L 18 -33.34 9.30 101.34
N THR L 19 -32.06 9.56 101.16
CA THR L 19 -31.40 10.74 101.70
C THR L 19 -30.82 11.55 100.55
N LEU L 20 -31.05 12.86 100.57
CA LEU L 20 -30.55 13.76 99.55
C LEU L 20 -29.37 14.54 100.10
N LYS L 21 -28.26 14.54 99.35
CA LYS L 21 -27.13 15.40 99.62
C LYS L 21 -26.95 16.26 98.37
N GLY L 22 -27.70 17.35 98.30
CA GLY L 22 -27.77 18.13 97.09
C GLY L 22 -28.53 17.37 96.02
N ARG L 23 -27.84 17.02 94.94
CA ARG L 23 -28.42 16.21 93.87
C ARG L 23 -27.90 14.79 93.90
N THR L 24 -27.36 14.35 95.04
CA THR L 24 -26.92 12.98 95.23
C THR L 24 -27.97 12.23 96.03
N VAL L 25 -28.54 11.20 95.44
CA VAL L 25 -29.59 10.40 96.07
C VAL L 25 -28.96 9.14 96.62
N ILE L 26 -29.20 8.88 97.91
CA ILE L 26 -28.74 7.67 98.57
C ILE L 26 -29.98 6.90 99.00
N VAL L 27 -30.17 5.72 98.42
CA VAL L 27 -31.34 4.90 98.65
C VAL L 27 -30.90 3.68 99.44
N LYS L 28 -31.36 3.57 100.68
CA LYS L 28 -31.01 2.45 101.54
C LYS L 28 -32.25 1.60 101.76
N GLY L 29 -32.16 0.33 101.37
CA GLY L 29 -33.25 -0.60 101.55
C GLY L 29 -32.77 -1.89 102.17
N PRO L 30 -33.63 -2.91 102.19
CA PRO L 30 -33.24 -4.19 102.79
C PRO L 30 -32.07 -4.87 102.10
N ARG L 31 -31.91 -4.71 100.79
CA ARG L 31 -30.88 -5.43 100.06
C ARG L 31 -29.54 -4.71 100.01
N GLY L 32 -29.50 -3.43 100.34
CA GLY L 32 -28.23 -2.72 100.28
C GLY L 32 -28.44 -1.22 100.21
N THR L 33 -27.47 -0.54 99.60
CA THR L 33 -27.52 0.90 99.43
C THR L 33 -27.05 1.27 98.03
N LEU L 34 -27.84 2.06 97.34
CA LEU L 34 -27.51 2.56 96.00
C LEU L 34 -27.36 4.07 96.07
N ARG L 35 -26.21 4.57 95.65
CA ARG L 35 -25.91 5.99 95.72
C ARG L 35 -25.60 6.50 94.32
N ARG L 36 -26.25 7.59 93.91
CA ARG L 36 -26.08 8.10 92.57
C ARG L 36 -26.30 9.60 92.57
N ASP L 37 -25.39 10.35 91.94
CA ASP L 37 -25.53 11.78 91.87
C ASP L 37 -26.00 12.23 90.49
N PHE L 38 -26.82 13.27 90.48
CA PHE L 38 -27.38 13.83 89.26
C PHE L 38 -26.92 15.27 89.07
N ASN L 39 -25.67 15.53 89.42
CA ASN L 39 -25.14 16.88 89.35
C ASN L 39 -25.02 17.39 87.93
N HIS L 40 -25.13 16.52 86.92
CA HIS L 40 -25.10 16.94 85.54
C HIS L 40 -26.44 17.47 85.07
N ILE L 41 -27.47 17.41 85.90
CA ILE L 41 -28.80 17.93 85.58
C ILE L 41 -29.17 18.98 86.61
N ASN L 42 -29.61 20.15 86.14
CA ASN L 42 -29.96 21.26 87.02
C ASN L 42 -31.44 21.17 87.37
N VAL L 43 -31.74 20.29 88.33
CA VAL L 43 -33.09 20.16 88.86
C VAL L 43 -33.03 20.35 90.36
N GLU L 44 -34.21 20.43 90.96
CA GLU L 44 -34.35 20.54 92.40
C GLU L 44 -35.02 19.28 92.93
N LEU L 45 -34.38 18.64 93.90
CA LEU L 45 -34.90 17.42 94.51
C LEU L 45 -35.35 17.75 95.91
N SER L 46 -36.56 17.30 96.27
CA SER L 46 -37.06 17.55 97.61
C SER L 46 -37.77 16.32 98.15
N LEU L 47 -37.60 16.07 99.44
CA LEU L 47 -38.39 15.06 100.14
C LEU L 47 -39.54 15.75 100.84
N LEU L 48 -40.75 15.23 100.64
CA LEU L 48 -41.95 15.98 101.01
C LEU L 48 -42.38 15.74 102.46
N GLY L 49 -42.71 14.50 102.79
CA GLY L 49 -43.33 14.26 104.08
C GLY L 49 -42.59 13.31 104.99
N LYS L 50 -42.98 13.28 106.26
CA LYS L 50 -42.50 12.30 107.22
C LYS L 50 -43.42 11.10 107.32
N LYS L 51 -44.40 11.01 106.43
CA LYS L 51 -45.48 10.03 106.49
C LYS L 51 -45.40 8.99 105.37
N LYS L 52 -45.29 9.43 104.12
CA LYS L 52 -45.33 8.55 102.96
C LYS L 52 -44.10 8.67 102.07
N LYS L 53 -43.22 9.64 102.31
CA LYS L 53 -41.94 9.75 101.63
C LYS L 53 -42.12 9.89 100.11
N ARG L 54 -42.64 11.06 99.74
CA ARG L 54 -42.62 11.46 98.33
C ARG L 54 -41.32 12.19 98.03
N LEU L 55 -40.78 11.95 96.84
CA LEU L 55 -39.61 12.66 96.35
C LEU L 55 -40.02 13.41 95.08
N ARG L 56 -39.93 14.73 95.11
CA ARG L 56 -40.34 15.56 93.99
C ARG L 56 -39.12 16.08 93.26
N VAL L 57 -39.14 15.96 91.94
CA VAL L 57 -38.15 16.52 91.04
C VAL L 57 -38.79 17.70 90.33
N ASP L 58 -38.16 18.87 90.43
CA ASP L 58 -38.67 20.10 89.86
C ASP L 58 -37.68 20.67 88.87
N LYS L 59 -38.17 21.14 87.74
CA LYS L 59 -37.37 21.88 86.77
C LYS L 59 -38.10 23.19 86.48
N TRP L 60 -37.38 24.30 86.66
CA TRP L 60 -37.94 25.62 86.45
C TRP L 60 -37.35 26.23 85.19
N TRP L 61 -38.21 26.80 84.35
CA TRP L 61 -37.80 27.54 83.15
C TRP L 61 -36.94 26.70 82.23
N GLY L 62 -37.35 25.46 82.01
CA GLY L 62 -36.61 24.55 81.15
C GLY L 62 -37.23 24.46 79.76
N ASN L 63 -36.37 24.34 78.75
CA ASN L 63 -36.86 24.08 77.40
C ASN L 63 -37.10 22.58 77.26
N ARG L 64 -37.40 22.15 76.03
CA ARG L 64 -37.87 20.77 75.81
C ARG L 64 -36.82 19.74 76.20
N LYS L 65 -35.56 19.99 75.84
CA LYS L 65 -34.50 19.01 76.08
C LYS L 65 -34.29 18.78 77.58
N GLU L 66 -34.33 19.84 78.37
CA GLU L 66 -34.15 19.67 79.81
C GLU L 66 -35.45 19.39 80.55
N LEU L 67 -36.60 19.51 79.89
CA LEU L 67 -37.80 18.92 80.45
C LEU L 67 -37.80 17.42 80.28
N ALA L 68 -37.08 16.93 79.26
CA ALA L 68 -36.98 15.49 79.08
C ALA L 68 -36.24 14.80 80.22
N THR L 69 -35.48 15.53 81.03
CA THR L 69 -34.64 14.92 82.06
C THR L 69 -35.37 14.63 83.36
N VAL L 70 -36.54 15.23 83.59
CA VAL L 70 -37.22 15.05 84.87
C VAL L 70 -37.68 13.60 85.04
N ARG L 71 -38.34 13.06 84.02
CA ARG L 71 -38.78 11.67 84.11
C ARG L 71 -37.60 10.71 84.03
N THR L 72 -36.50 11.11 83.40
CA THR L 72 -35.29 10.29 83.44
C THR L 72 -34.77 10.14 84.85
N ILE L 73 -34.67 11.26 85.58
CA ILE L 73 -34.23 11.20 86.97
C ILE L 73 -35.21 10.37 87.80
N CYS L 74 -36.50 10.57 87.59
CA CYS L 74 -37.49 9.84 88.37
C CYS L 74 -37.41 8.33 88.10
N SER L 75 -37.22 7.95 86.84
CA SER L 75 -37.09 6.53 86.51
C SER L 75 -35.81 5.94 87.09
N HIS L 76 -34.73 6.71 87.10
CA HIS L 76 -33.50 6.24 87.72
C HIS L 76 -33.68 6.01 89.21
N VAL L 77 -34.39 6.93 89.88
CA VAL L 77 -34.62 6.76 91.31
C VAL L 77 -35.54 5.57 91.58
N GLN L 78 -36.55 5.38 90.73
CA GLN L 78 -37.41 4.21 90.87
C GLN L 78 -36.62 2.91 90.66
N ASN L 79 -35.69 2.92 89.72
CA ASN L 79 -34.84 1.74 89.54
C ASN L 79 -33.95 1.50 90.75
N MET L 80 -33.47 2.57 91.38
CA MET L 80 -32.69 2.41 92.61
C MET L 80 -33.54 1.81 93.73
N ILE L 81 -34.78 2.28 93.88
CA ILE L 81 -35.69 1.72 94.88
C ILE L 81 -35.94 0.26 94.60
N LYS L 82 -36.20 -0.07 93.33
CA LYS L 82 -36.45 -1.45 92.93
C LYS L 82 -35.25 -2.32 93.21
N GLY L 83 -34.04 -1.81 92.96
CA GLY L 83 -32.85 -2.60 93.19
C GLY L 83 -32.59 -2.85 94.66
N VAL L 84 -32.79 -1.85 95.51
CA VAL L 84 -32.53 -2.07 96.93
C VAL L 84 -33.66 -2.82 97.62
N THR L 85 -34.84 -2.90 97.02
CA THR L 85 -35.92 -3.66 97.63
C THR L 85 -36.01 -5.09 97.10
N LEU L 86 -36.09 -5.26 95.78
CA LEU L 86 -36.23 -6.57 95.17
C LEU L 86 -34.99 -7.04 94.43
N GLY L 87 -34.12 -6.13 93.99
CA GLY L 87 -32.96 -6.50 93.23
C GLY L 87 -33.29 -6.73 91.77
N PHE L 88 -32.25 -6.90 90.97
CA PHE L 88 -32.39 -7.11 89.54
C PHE L 88 -31.73 -8.43 89.17
N ARG L 89 -32.44 -9.24 88.39
CA ARG L 89 -31.98 -10.54 87.95
C ARG L 89 -32.21 -10.66 86.45
N TYR L 90 -31.13 -10.84 85.71
CA TYR L 90 -31.20 -11.04 84.26
C TYR L 90 -30.90 -12.50 83.99
N LYS L 91 -31.82 -13.17 83.29
CA LYS L 91 -31.62 -14.54 82.87
C LYS L 91 -31.19 -14.53 81.41
N MET L 92 -30.04 -15.14 81.14
CA MET L 92 -29.50 -15.27 79.79
C MET L 92 -29.53 -16.74 79.39
N ARG L 93 -29.78 -17.00 78.12
CA ARG L 93 -29.74 -18.35 77.57
C ARG L 93 -28.63 -18.43 76.54
N SER L 94 -27.86 -19.51 76.58
CA SER L 94 -26.86 -19.78 75.57
C SER L 94 -27.46 -20.72 74.53
N VAL L 95 -27.53 -20.25 73.29
CA VAL L 95 -28.10 -21.01 72.18
C VAL L 95 -26.97 -21.41 71.26
N TYR L 96 -27.05 -22.63 70.74
CA TYR L 96 -26.02 -23.17 69.86
C TYR L 96 -26.64 -24.22 68.96
N ALA L 97 -26.05 -24.39 67.79
CA ALA L 97 -26.50 -25.39 66.84
C ALA L 97 -25.73 -26.70 66.96
N HIS L 98 -24.41 -26.64 66.96
CA HIS L 98 -23.58 -27.82 67.04
C HIS L 98 -22.68 -27.85 68.26
N PHE L 99 -21.90 -26.80 68.50
CA PHE L 99 -20.94 -26.79 69.59
C PHE L 99 -21.61 -26.25 70.85
N PRO L 100 -21.77 -27.06 71.90
CA PRO L 100 -22.31 -26.52 73.15
C PRO L 100 -21.37 -25.49 73.74
N ILE L 101 -21.97 -24.45 74.33
CA ILE L 101 -21.20 -23.36 74.93
C ILE L 101 -21.02 -23.68 76.41
N ASN L 102 -19.80 -23.99 76.80
CA ASN L 102 -19.49 -24.31 78.18
C ASN L 102 -19.14 -23.04 78.93
N VAL L 103 -19.88 -22.78 80.01
CA VAL L 103 -19.70 -21.58 80.81
C VAL L 103 -19.24 -22.00 82.20
N VAL L 104 -18.13 -21.44 82.65
CA VAL L 104 -17.56 -21.70 83.97
C VAL L 104 -17.56 -20.40 84.74
N ILE L 105 -18.14 -20.42 85.93
CA ILE L 105 -18.25 -19.23 86.77
C ILE L 105 -17.13 -19.27 87.79
N GLN L 106 -16.17 -18.35 87.64
CA GLN L 106 -15.04 -18.28 88.55
C GLN L 106 -15.41 -17.49 89.80
N GLU L 107 -14.40 -17.07 90.56
CA GLU L 107 -14.54 -16.73 91.97
C GLU L 107 -15.72 -15.79 92.23
N ASN L 108 -16.63 -16.24 93.11
CA ASN L 108 -17.72 -15.44 93.64
C ASN L 108 -18.62 -14.89 92.54
N GLY L 109 -18.64 -15.54 91.37
CA GLY L 109 -19.46 -15.07 90.28
C GLY L 109 -18.97 -13.85 89.56
N SER L 110 -17.75 -13.39 89.85
CA SER L 110 -17.23 -12.16 89.26
C SER L 110 -16.56 -12.37 87.91
N LEU L 111 -16.30 -13.61 87.51
CA LEU L 111 -15.65 -13.88 86.23
C LEU L 111 -16.40 -15.01 85.52
N VAL L 112 -16.56 -14.86 84.21
CA VAL L 112 -17.26 -15.83 83.40
C VAL L 112 -16.32 -16.30 82.29
N GLU L 113 -16.13 -17.61 82.17
CA GLU L 113 -15.32 -18.19 81.10
C GLU L 113 -16.23 -18.91 80.13
N ILE L 114 -16.18 -18.51 78.87
CA ILE L 114 -16.86 -19.18 77.78
C ILE L 114 -15.82 -20.00 77.02
N ARG L 115 -16.05 -21.29 76.87
CA ARG L 115 -15.02 -22.21 76.40
C ARG L 115 -15.15 -22.54 74.91
N ASN L 116 -16.30 -23.08 74.51
CA ASN L 116 -16.45 -23.72 73.21
C ASN L 116 -17.42 -22.98 72.32
N PHE L 117 -17.36 -21.65 72.32
CA PHE L 117 -18.26 -20.87 71.48
C PHE L 117 -17.90 -21.08 70.03
N LEU L 118 -18.81 -21.68 69.26
CA LEU L 118 -18.60 -22.00 67.85
C LEU L 118 -17.41 -22.92 67.65
N GLY L 119 -17.07 -23.71 68.68
CA GLY L 119 -16.04 -24.71 68.54
C GLY L 119 -14.62 -24.19 68.48
N GLU L 120 -14.40 -22.91 68.75
CA GLU L 120 -13.06 -22.37 68.68
C GLU L 120 -12.32 -22.57 69.99
N LYS L 121 -11.00 -22.58 69.90
CA LYS L 121 -10.15 -22.85 71.05
C LYS L 121 -9.94 -21.63 71.94
N TYR L 122 -10.40 -20.46 71.53
CA TYR L 122 -10.25 -19.27 72.36
C TYR L 122 -11.14 -19.35 73.58
N ILE L 123 -10.65 -18.81 74.69
CA ILE L 123 -11.39 -18.78 75.95
C ILE L 123 -11.78 -17.33 76.22
N ARG L 124 -13.07 -17.08 76.39
CA ARG L 124 -13.57 -15.74 76.66
C ARG L 124 -13.66 -15.53 78.17
N ARG L 125 -12.86 -14.61 78.70
CA ARG L 125 -12.92 -14.22 80.10
C ARG L 125 -13.62 -12.86 80.19
N VAL L 126 -14.80 -12.84 80.79
CA VAL L 126 -15.58 -11.62 80.93
C VAL L 126 -15.73 -11.35 82.42
N ARG L 127 -15.30 -10.16 82.85
CA ARG L 127 -15.36 -9.79 84.25
C ARG L 127 -16.60 -8.97 84.51
N MET L 128 -17.40 -9.39 85.48
CA MET L 128 -18.62 -8.68 85.83
C MET L 128 -18.29 -7.37 86.51
N ARG L 129 -19.23 -6.43 86.42
CA ARG L 129 -19.10 -5.19 87.16
C ARG L 129 -19.20 -5.47 88.65
N PRO L 130 -18.56 -4.65 89.49
CA PRO L 130 -18.64 -4.87 90.93
C PRO L 130 -20.07 -4.79 91.43
N GLY L 131 -20.41 -5.69 92.35
CA GLY L 131 -21.75 -5.79 92.86
C GLY L 131 -22.68 -6.68 92.05
N VAL L 132 -22.21 -7.24 90.93
CA VAL L 132 -22.99 -8.13 90.10
C VAL L 132 -22.41 -9.52 90.22
N ALA L 133 -23.27 -10.50 90.50
CA ALA L 133 -22.85 -11.88 90.65
C ALA L 133 -23.50 -12.73 89.55
N CYS L 134 -22.69 -13.51 88.87
CA CYS L 134 -23.16 -14.44 87.86
C CYS L 134 -23.19 -15.85 88.42
N SER L 135 -24.14 -16.65 87.93
CA SER L 135 -24.27 -18.03 88.37
C SER L 135 -24.87 -18.85 87.25
N VAL L 136 -24.71 -20.17 87.34
CA VAL L 136 -25.29 -21.10 86.40
C VAL L 136 -26.58 -21.62 87.00
N SER L 137 -27.68 -21.45 86.27
CA SER L 137 -28.99 -21.81 86.78
C SER L 137 -29.12 -23.31 86.96
N GLN L 138 -29.80 -23.71 88.04
CA GLN L 138 -30.08 -25.11 88.30
C GLN L 138 -31.44 -25.55 87.74
N ALA L 139 -32.24 -24.63 87.23
CA ALA L 139 -33.54 -24.98 86.67
C ALA L 139 -33.49 -25.24 85.18
N GLN L 140 -32.61 -24.55 84.46
CA GLN L 140 -32.48 -24.72 83.02
C GLN L 140 -31.07 -25.17 82.67
N LYS L 141 -30.97 -25.94 81.59
CA LYS L 141 -29.69 -26.59 81.27
C LYS L 141 -28.67 -25.58 80.75
N ASP L 142 -29.10 -24.56 80.01
CA ASP L 142 -28.21 -23.53 79.47
C ASP L 142 -28.76 -22.18 79.88
N GLU L 143 -28.38 -21.71 81.08
CA GLU L 143 -28.95 -20.48 81.59
C GLU L 143 -27.98 -19.86 82.58
N LEU L 144 -27.70 -18.58 82.38
CA LEU L 144 -26.90 -17.77 83.29
C LEU L 144 -27.83 -16.82 84.05
N ILE L 145 -27.57 -16.64 85.33
CA ILE L 145 -28.34 -15.74 86.18
C ILE L 145 -27.40 -14.66 86.67
N LEU L 146 -27.69 -13.40 86.33
CA LEU L 146 -26.92 -12.26 86.78
C LEU L 146 -27.77 -11.48 87.77
N GLU L 147 -27.31 -11.40 89.02
CA GLU L 147 -28.08 -10.76 90.07
C GLU L 147 -27.29 -9.61 90.67
N GLY L 148 -28.00 -8.53 90.95
CA GLY L 148 -27.36 -7.38 91.56
C GLY L 148 -28.37 -6.38 92.04
N ASN L 149 -27.86 -5.24 92.50
CA ASN L 149 -28.72 -4.16 92.96
C ASN L 149 -28.83 -3.02 91.97
N ASP L 150 -27.80 -2.77 91.18
CA ASP L 150 -27.78 -1.67 90.23
C ASP L 150 -28.18 -2.21 88.87
N ILE L 151 -29.28 -1.69 88.33
CA ILE L 151 -29.79 -2.19 87.05
C ILE L 151 -28.78 -1.94 85.94
N GLU L 152 -28.14 -0.77 85.94
CA GLU L 152 -27.18 -0.46 84.90
C GLU L 152 -25.98 -1.39 84.96
N LEU L 153 -25.49 -1.69 86.17
CA LEU L 153 -24.37 -2.60 86.30
C LEU L 153 -24.75 -4.01 85.86
N VAL L 154 -25.92 -4.50 86.28
CA VAL L 154 -26.35 -5.84 85.90
C VAL L 154 -26.53 -5.95 84.39
N SER L 155 -27.19 -4.96 83.80
CA SER L 155 -27.44 -5.00 82.36
C SER L 155 -26.16 -4.78 81.56
N ASN L 156 -25.22 -3.99 82.08
CA ASN L 156 -23.92 -3.85 81.42
C ASN L 156 -23.16 -5.15 81.45
N SER L 157 -23.20 -5.86 82.57
CA SER L 157 -22.55 -7.16 82.64
C SER L 157 -23.18 -8.15 81.67
N ALA L 158 -24.51 -8.14 81.58
CA ALA L 158 -25.20 -8.99 80.62
C ALA L 158 -24.82 -8.62 79.19
N ALA L 159 -24.69 -7.34 78.90
CA ALA L 159 -24.31 -6.89 77.57
C ALA L 159 -22.88 -7.31 77.25
N LEU L 160 -21.99 -7.28 78.24
CA LEU L 160 -20.63 -7.76 78.04
C LEU L 160 -20.62 -9.24 77.70
N ILE L 161 -21.42 -10.03 78.43
CA ILE L 161 -21.49 -11.46 78.13
C ILE L 161 -22.06 -11.69 76.73
N GLN L 162 -23.11 -10.95 76.38
CA GLN L 162 -23.73 -11.13 75.07
C GLN L 162 -22.79 -10.73 73.94
N GLN L 163 -22.06 -9.63 74.11
CA GLN L 163 -21.17 -9.15 73.06
C GLN L 163 -19.87 -9.93 72.98
N ALA L 164 -19.49 -10.64 74.04
CA ALA L 164 -18.30 -11.48 73.96
C ALA L 164 -18.50 -12.61 72.96
N THR L 165 -19.70 -13.21 72.95
CA THR L 165 -20.00 -14.31 72.04
C THR L 165 -20.66 -13.76 70.77
N THR L 166 -19.82 -13.16 69.94
CA THR L 166 -20.27 -12.56 68.68
C THR L 166 -19.69 -13.33 67.51
N VAL L 167 -20.56 -13.77 66.61
CA VAL L 167 -20.13 -14.49 65.41
C VAL L 167 -19.56 -13.49 64.42
N LYS L 168 -18.39 -13.77 63.89
CA LYS L 168 -17.71 -12.87 62.97
C LYS L 168 -17.40 -13.57 61.65
N ASN L 169 -17.45 -12.78 60.57
CA ASN L 169 -17.15 -13.23 59.22
C ASN L 169 -18.08 -14.32 58.74
N LYS L 170 -19.28 -14.39 59.31
CA LYS L 170 -20.30 -15.36 58.92
C LYS L 170 -21.64 -14.66 58.85
N ASP L 171 -22.59 -15.31 58.20
CA ASP L 171 -23.96 -14.82 58.17
C ASP L 171 -24.57 -14.98 59.57
N ILE L 172 -24.80 -13.87 60.26
CA ILE L 172 -25.36 -13.95 61.60
C ILE L 172 -26.83 -14.32 61.60
N ARG L 173 -27.52 -14.20 60.47
CA ARG L 173 -28.88 -14.67 60.38
C ARG L 173 -28.96 -16.19 60.35
N LYS L 174 -27.84 -16.85 60.05
CA LYS L 174 -27.74 -18.30 60.03
C LYS L 174 -27.00 -18.87 61.22
N PHE L 175 -25.87 -18.27 61.57
CA PHE L 175 -25.09 -18.66 62.75
C PHE L 175 -25.61 -17.89 63.95
N LEU L 176 -26.68 -18.40 64.53
CA LEU L 176 -27.37 -17.77 65.63
C LEU L 176 -26.75 -18.08 66.98
N ASP L 177 -25.53 -18.60 67.02
CA ASP L 177 -24.96 -19.07 68.26
C ASP L 177 -24.57 -17.91 69.16
N GLY L 178 -24.77 -18.06 70.45
CA GLY L 178 -24.35 -17.05 71.39
C GLY L 178 -25.21 -17.05 72.64
N ILE L 179 -24.85 -16.17 73.56
CA ILE L 179 -25.56 -16.00 74.82
C ILE L 179 -26.37 -14.71 74.73
N TYR L 180 -27.68 -14.83 74.95
CA TYR L 180 -28.59 -13.70 74.81
C TYR L 180 -29.42 -13.54 76.06
N VAL L 181 -29.73 -12.29 76.39
CA VAL L 181 -30.54 -11.96 77.55
C VAL L 181 -31.95 -12.46 77.30
N SER L 182 -32.37 -13.49 78.03
CA SER L 182 -33.70 -14.05 77.83
C SER L 182 -34.77 -13.23 78.52
N GLU L 183 -34.55 -12.90 79.80
CA GLU L 183 -35.54 -12.08 80.49
C GLU L 183 -34.87 -11.21 81.53
N LYS L 184 -35.60 -10.17 81.93
CA LYS L 184 -35.18 -9.24 82.97
C LYS L 184 -36.28 -9.21 84.03
N GLY L 185 -35.91 -9.40 85.28
CA GLY L 185 -36.86 -9.37 86.35
C GLY L 185 -36.20 -9.02 87.65
N THR L 186 -36.83 -9.42 88.74
CA THR L 186 -36.33 -9.13 90.08
C THR L 186 -36.01 -10.41 90.82
N VAL L 187 -35.39 -10.24 91.96
CA VAL L 187 -35.21 -11.29 92.95
C VAL L 187 -36.33 -11.16 93.96
N GLN L 188 -36.71 -12.27 94.58
CA GLN L 188 -37.67 -12.34 95.69
C GLN L 188 -39.11 -12.12 95.23
N GLN L 189 -39.30 -11.67 93.99
CA GLN L 189 -40.62 -11.57 93.34
C GLN L 189 -41.66 -10.84 94.20
N ALA L 190 -41.22 -9.89 95.00
CA ALA L 190 -42.13 -9.21 95.92
C ALA L 190 -42.48 -7.81 95.43
N GLY M 1 -26.04 13.27 23.81
CA GLY M 1 -25.31 14.37 23.21
C GLY M 1 -25.87 15.72 23.60
N ARG M 2 -26.78 15.72 24.56
CA ARG M 2 -27.38 16.94 25.05
C ARG M 2 -26.58 17.50 26.21
N ARG M 3 -26.41 18.81 26.23
CA ARG M 3 -25.73 19.47 27.32
C ARG M 3 -26.57 19.40 28.60
N PRO M 4 -25.94 19.51 29.76
CA PRO M 4 -26.72 19.61 30.99
C PRO M 4 -27.60 20.85 30.98
N ALA M 5 -28.77 20.75 31.62
CA ALA M 5 -29.74 21.84 31.59
C ALA M 5 -29.25 23.06 32.33
N ARG M 6 -28.21 22.94 33.16
CA ARG M 6 -27.66 24.10 33.84
C ARG M 6 -27.04 25.09 32.88
N CYS M 7 -26.68 24.66 31.67
CA CYS M 7 -26.13 25.56 30.68
C CYS M 7 -27.18 26.41 29.99
N TYR M 8 -28.46 26.04 30.13
CA TYR M 8 -29.55 26.80 29.53
C TYR M 8 -30.68 27.06 30.52
N ARG M 9 -30.38 27.03 31.82
CA ARG M 9 -31.41 27.22 32.83
C ARG M 9 -32.02 28.61 32.78
N TYR M 10 -31.21 29.64 32.58
CA TYR M 10 -31.64 31.01 32.78
C TYR M 10 -32.08 31.66 31.47
N CYS M 11 -33.02 32.61 31.59
CA CYS M 11 -33.52 33.36 30.45
C CYS M 11 -32.55 34.50 30.15
N LYS M 12 -31.43 34.14 29.53
CA LYS M 12 -30.39 35.12 29.28
C LYS M 12 -30.54 35.85 27.96
N ASN M 13 -31.03 35.17 26.92
CA ASN M 13 -31.17 35.79 25.61
C ASN M 13 -32.57 36.34 25.42
N LYS M 14 -32.74 37.11 24.34
CA LYS M 14 -34.05 37.49 23.89
C LYS M 14 -34.77 36.26 23.34
N PRO M 15 -36.10 36.25 23.33
CA PRO M 15 -36.82 35.10 22.77
C PRO M 15 -36.43 34.85 21.33
N TYR M 16 -36.23 33.58 21.01
CA TYR M 16 -35.66 33.15 19.74
C TYR M 16 -36.57 32.10 19.13
N PRO M 17 -37.73 32.50 18.63
CA PRO M 17 -38.69 31.52 18.14
C PRO M 17 -38.25 30.89 16.83
N LYS M 18 -38.79 29.70 16.57
CA LYS M 18 -38.59 29.06 15.28
C LYS M 18 -39.43 29.80 14.24
N SER M 19 -38.76 30.54 13.37
CA SER M 19 -39.43 31.41 12.41
C SER M 19 -38.72 31.31 11.08
N ARG M 20 -39.02 32.25 10.18
CA ARG M 20 -38.37 32.25 8.88
C ARG M 20 -36.91 32.70 8.94
N PHE M 21 -36.47 33.23 10.08
CA PHE M 21 -35.07 33.56 10.26
C PHE M 21 -34.29 32.43 10.91
N CYS M 22 -34.87 31.80 11.93
CA CYS M 22 -34.25 30.65 12.59
C CYS M 22 -34.76 29.39 11.92
N ARG M 23 -33.95 28.80 11.05
CA ARG M 23 -34.33 27.61 10.31
C ARG M 23 -33.46 26.44 10.74
N GLY M 24 -33.94 25.23 10.45
CA GLY M 24 -33.22 24.04 10.83
C GLY M 24 -33.39 23.64 12.27
N VAL M 25 -34.51 24.02 12.89
CA VAL M 25 -34.74 23.71 14.30
C VAL M 25 -35.23 22.26 14.40
N PRO M 26 -34.58 21.42 15.21
CA PRO M 26 -35.11 20.08 15.46
C PRO M 26 -36.42 20.15 16.22
N ASP M 27 -37.26 19.13 16.00
CA ASP M 27 -38.56 19.09 16.65
C ASP M 27 -38.42 18.95 18.16
N ALA M 28 -39.37 19.56 18.87
CA ALA M 28 -39.36 19.52 20.33
C ALA M 28 -39.62 18.11 20.84
N LYS M 29 -39.11 17.83 22.04
CA LYS M 29 -39.28 16.52 22.63
C LYS M 29 -40.73 16.25 22.99
N ILE M 30 -41.48 17.27 23.38
CA ILE M 30 -42.87 17.12 23.78
C ILE M 30 -43.77 17.51 22.62
N ARG M 31 -44.61 16.58 22.19
CA ARG M 31 -45.57 16.81 21.12
C ARG M 31 -47.01 16.73 21.58
N ILE M 32 -47.28 16.02 22.67
CA ILE M 32 -48.62 15.87 23.23
C ILE M 32 -48.69 16.71 24.49
N PHE M 33 -49.72 17.55 24.58
CA PHE M 33 -49.89 18.43 25.71
C PHE M 33 -51.13 18.13 26.55
N ASP M 34 -52.06 17.33 26.03
CA ASP M 34 -53.28 17.00 26.75
C ASP M 34 -53.42 15.49 26.84
N LEU M 35 -53.69 15.00 28.05
CA LEU M 35 -53.75 13.57 28.30
C LEU M 35 -54.93 13.27 29.20
N GLY M 36 -55.26 11.98 29.29
CA GLY M 36 -56.42 11.57 30.05
C GLY M 36 -57.67 11.73 29.21
N ARG M 37 -58.81 11.73 29.90
CA ARG M 37 -60.09 11.87 29.22
C ARG M 37 -60.27 13.35 28.87
N LYS M 38 -59.75 13.74 27.70
CA LYS M 38 -59.89 15.10 27.24
C LYS M 38 -61.31 15.43 26.83
N LYS M 39 -62.12 14.43 26.48
CA LYS M 39 -63.48 14.66 26.05
C LYS M 39 -64.46 14.77 27.21
N ALA M 40 -63.98 14.69 28.45
CA ALA M 40 -64.87 14.79 29.59
C ALA M 40 -65.50 16.17 29.65
N LYS M 41 -66.78 16.22 30.01
CA LYS M 41 -67.50 17.49 30.08
C LYS M 41 -67.01 18.30 31.27
N VAL M 42 -67.52 19.51 31.41
CA VAL M 42 -67.00 20.45 32.39
C VAL M 42 -67.37 20.01 33.80
N ASP M 43 -68.62 19.61 34.00
CA ASP M 43 -69.07 19.21 35.33
C ASP M 43 -68.48 17.88 35.77
N GLU M 44 -67.90 17.11 34.84
CA GLU M 44 -67.35 15.81 35.20
C GLU M 44 -66.15 15.94 36.12
N PHE M 45 -65.29 16.94 35.88
CA PHE M 45 -64.04 17.11 36.61
C PHE M 45 -64.05 18.49 37.26
N PRO M 46 -64.67 18.62 38.43
CA PRO M 46 -64.76 19.94 39.07
C PRO M 46 -63.47 20.41 39.71
N LEU M 47 -62.56 19.53 40.09
CA LEU M 47 -61.39 19.92 40.86
C LEU M 47 -60.21 20.19 39.92
N GLY M 48 -59.55 21.33 40.11
CA GLY M 48 -58.39 21.69 39.34
C GLY M 48 -57.17 21.97 40.19
N GLY M 49 -56.06 21.32 39.87
CA GLY M 49 -54.81 21.53 40.56
C GLY M 49 -53.72 21.94 39.61
N HIS M 50 -53.07 23.08 39.88
CA HIS M 50 -52.00 23.61 39.07
C HIS M 50 -50.66 23.41 39.75
N MET M 51 -49.62 23.38 38.92
CA MET M 51 -48.25 23.43 39.41
C MET M 51 -47.62 24.70 38.87
N VAL M 52 -47.11 25.53 39.77
CA VAL M 52 -46.78 26.91 39.50
C VAL M 52 -45.30 27.14 39.80
N SER M 53 -44.57 27.68 38.83
CA SER M 53 -43.16 27.95 39.05
C SER M 53 -42.98 29.16 39.96
N ASP M 54 -41.92 29.14 40.76
CA ASP M 54 -41.53 30.28 41.57
C ASP M 54 -40.29 30.98 41.05
N GLU M 55 -39.77 30.55 39.90
CA GLU M 55 -38.55 31.12 39.36
C GLU M 55 -38.78 31.53 37.91
N TYR M 56 -38.08 32.58 37.50
CA TYR M 56 -38.04 33.00 36.10
C TYR M 56 -36.88 32.25 35.46
N GLU M 57 -37.19 31.20 34.71
CA GLU M 57 -36.17 30.32 34.18
C GLU M 57 -36.68 29.68 32.89
N GLN M 58 -35.87 28.81 32.32
CA GLN M 58 -36.21 28.08 31.11
C GLN M 58 -36.34 26.60 31.41
N LEU M 59 -37.47 26.03 31.03
CA LEU M 59 -37.72 24.60 31.16
C LEU M 59 -37.59 23.96 29.79
N SER M 60 -36.81 22.90 29.70
CA SER M 60 -36.56 22.26 28.42
C SER M 60 -37.74 21.38 28.01
N SER M 61 -37.83 21.14 26.70
CA SER M 61 -38.90 20.30 26.17
C SER M 61 -38.77 18.87 26.68
N GLU M 62 -37.54 18.38 26.83
CA GLU M 62 -37.33 17.05 27.40
C GLU M 62 -37.81 17.00 28.84
N ALA M 63 -37.56 18.05 29.61
CA ALA M 63 -38.04 18.09 30.98
C ALA M 63 -39.56 18.10 31.04
N LEU M 64 -40.20 18.87 30.15
CA LEU M 64 -41.66 18.88 30.09
C LEU M 64 -42.20 17.50 29.74
N GLU M 65 -41.56 16.83 28.78
CA GLU M 65 -41.97 15.48 28.40
C GLU M 65 -41.84 14.52 29.57
N ALA M 66 -40.73 14.58 30.31
CA ALA M 66 -40.52 13.68 31.43
C ALA M 66 -41.54 13.92 32.53
N ALA M 67 -41.80 15.19 32.85
CA ALA M 67 -42.78 15.50 33.88
C ALA M 67 -44.17 15.05 33.47
N ARG M 68 -44.52 15.24 32.19
CA ARG M 68 -45.82 14.81 31.70
C ARG M 68 -45.96 13.29 31.80
N ILE M 69 -44.92 12.55 31.43
CA ILE M 69 -44.99 11.08 31.50
C ILE M 69 -45.13 10.62 32.94
N CYS M 70 -44.36 11.23 33.86
CA CYS M 70 -44.43 10.84 35.27
C CYS M 70 -45.81 11.08 35.85
N ALA M 71 -46.36 12.29 35.61
CA ALA M 71 -47.67 12.61 36.12
C ALA M 71 -48.75 11.73 35.51
N ASN M 72 -48.62 11.42 34.22
CA ASN M 72 -49.59 10.55 33.57
C ASN M 72 -49.56 9.16 34.17
N LYS M 73 -48.38 8.60 34.39
CA LYS M 73 -48.30 7.26 34.96
C LYS M 73 -48.90 7.22 36.34
N TYR M 74 -48.61 8.21 37.19
CA TYR M 74 -49.17 8.19 38.53
C TYR M 74 -50.70 8.38 38.49
N MET M 75 -51.19 9.26 37.63
CA MET M 75 -52.62 9.50 37.56
C MET M 75 -53.36 8.28 37.04
N VAL M 76 -52.80 7.59 36.05
CA VAL M 76 -53.42 6.37 35.55
C VAL M 76 -53.40 5.29 36.62
N LYS M 77 -52.31 5.19 37.37
CA LYS M 77 -52.24 4.18 38.43
C LYS M 77 -53.26 4.45 39.52
N SER M 78 -53.41 5.71 39.92
CA SER M 78 -54.24 6.03 41.08
C SER M 78 -55.72 6.21 40.71
N CYS M 79 -56.01 7.15 39.81
CA CYS M 79 -57.38 7.53 39.50
C CYS M 79 -57.96 6.78 38.30
N GLY M 80 -57.19 5.90 37.68
CA GLY M 80 -57.65 5.23 36.48
C GLY M 80 -57.42 6.06 35.24
N ARG M 81 -57.47 5.40 34.09
CA ARG M 81 -57.11 6.06 32.84
C ARG M 81 -58.15 7.07 32.37
N ASP M 82 -59.38 6.98 32.87
CA ASP M 82 -60.44 7.91 32.45
C ASP M 82 -60.90 8.82 33.58
N GLY M 83 -60.15 8.90 34.68
CA GLY M 83 -60.56 9.69 35.81
C GLY M 83 -59.87 11.02 35.97
N PHE M 84 -59.18 11.51 34.94
CA PHE M 84 -58.42 12.74 35.05
C PHE M 84 -58.21 13.30 33.66
N HIS M 85 -57.84 14.59 33.62
CA HIS M 85 -57.43 15.24 32.38
C HIS M 85 -56.29 16.19 32.70
N MET M 86 -55.18 16.04 31.99
CA MET M 86 -54.00 16.86 32.22
C MET M 86 -53.71 17.73 31.01
N ARG M 87 -53.28 18.96 31.28
CA ARG M 87 -52.93 19.92 30.26
C ARG M 87 -51.61 20.58 30.65
N VAL M 88 -50.62 20.45 29.77
CA VAL M 88 -49.34 21.14 29.96
C VAL M 88 -49.48 22.55 29.40
N ARG M 89 -49.27 23.55 30.26
CA ARG M 89 -49.50 24.94 29.90
C ARG M 89 -48.22 25.65 29.48
N LEU M 90 -47.21 24.92 29.04
CA LEU M 90 -45.96 25.50 28.56
C LEU M 90 -45.61 24.86 27.23
N HIS M 91 -45.25 25.69 26.26
CA HIS M 91 -44.86 25.22 24.95
C HIS M 91 -43.44 25.65 24.66
N PRO M 92 -42.57 24.75 24.24
CA PRO M 92 -41.17 25.11 24.03
C PRO M 92 -40.94 25.91 22.76
N PHE M 93 -41.16 27.22 22.85
CA PHE M 93 -41.06 28.08 21.68
C PHE M 93 -39.72 28.80 21.55
N HIS M 94 -38.82 28.67 22.52
CA HIS M 94 -37.57 29.40 22.50
C HIS M 94 -36.44 28.47 22.11
N VAL M 95 -35.76 28.77 21.01
CA VAL M 95 -34.70 27.92 20.50
C VAL M 95 -33.39 28.27 21.18
N ILE M 96 -32.74 27.28 21.78
CA ILE M 96 -31.43 27.43 22.38
C ILE M 96 -30.39 26.88 21.40
N ARG M 97 -29.28 27.60 21.30
CA ARG M 97 -28.24 27.37 20.32
C ARG M 97 -27.01 26.74 20.97
N ILE M 98 -26.14 26.18 20.13
CA ILE M 98 -24.89 25.59 20.58
C ILE M 98 -23.77 26.01 19.62
N ASN M 99 -22.65 26.45 20.18
CA ASN M 99 -21.45 26.72 19.41
C ASN M 99 -20.57 25.48 19.55
N LYS M 100 -20.70 24.57 18.60
CA LYS M 100 -20.09 23.26 18.72
C LYS M 100 -18.58 23.34 18.52
N MET M 101 -17.82 22.78 19.45
CA MET M 101 -16.38 22.68 19.37
C MET M 101 -16.00 21.23 19.11
N LEU M 102 -14.85 21.04 18.45
CA LEU M 102 -14.36 19.70 18.18
C LEU M 102 -13.80 19.09 19.46
N SER M 103 -14.29 17.92 19.81
CA SER M 103 -13.85 17.22 21.03
C SER M 103 -12.68 16.30 20.74
N CYS M 104 -11.66 16.82 20.07
CA CYS M 104 -10.46 16.07 19.75
C CYS M 104 -9.25 16.82 20.27
N ALA M 105 -8.09 16.16 20.27
CA ALA M 105 -6.87 16.74 20.79
C ALA M 105 -6.21 17.64 19.76
N GLY M 106 -6.91 18.70 19.38
CA GLY M 106 -6.39 19.65 18.43
C GLY M 106 -7.19 20.93 18.30
N ALA M 107 -6.49 22.07 18.44
CA ALA M 107 -7.05 23.37 18.15
C ALA M 107 -6.62 23.91 16.80
N ASP M 108 -5.59 23.33 16.19
CA ASP M 108 -5.19 23.69 14.85
C ASP M 108 -6.18 23.20 13.81
N ARG M 109 -6.95 22.16 14.12
CA ARG M 109 -7.94 21.63 13.19
C ARG M 109 -9.11 22.60 13.13
N LEU M 110 -8.88 23.74 12.46
CA LEU M 110 -9.88 24.75 12.12
C LEU M 110 -10.88 25.02 13.23
N GLN M 111 -10.42 25.02 14.48
CA GLN M 111 -11.34 25.25 15.59
C GLN M 111 -11.85 26.68 15.58
N THR M 112 -10.97 27.63 15.26
CA THR M 112 -11.23 29.07 15.17
C THR M 112 -11.61 29.69 16.50
N GLY M 113 -11.80 28.89 17.55
CA GLY M 113 -12.14 29.42 18.85
C GLY M 113 -13.47 30.15 18.84
N MET M 114 -13.43 31.43 19.21
CA MET M 114 -14.61 32.26 19.35
C MET M 114 -14.94 33.04 18.10
N ARG M 115 -14.25 32.80 17.00
CA ARG M 115 -14.54 33.49 15.75
C ARG M 115 -15.77 32.89 15.10
N GLY M 116 -16.72 33.74 14.70
CA GLY M 116 -17.96 33.29 14.10
C GLY M 116 -18.73 32.39 15.05
N ALA M 117 -18.85 32.82 16.30
CA ALA M 117 -19.30 31.96 17.37
C ALA M 117 -20.80 31.76 17.44
N PHE M 118 -21.58 32.44 16.60
CA PHE M 118 -23.04 32.27 16.63
C PHE M 118 -23.39 30.82 16.37
N GLY M 119 -24.21 30.26 17.25
CA GLY M 119 -24.43 28.83 17.26
C GLY M 119 -25.57 28.37 16.39
N LYS M 120 -25.62 27.10 16.20
CA LYS M 120 -26.63 26.32 15.51
C LYS M 120 -27.74 25.94 16.49
N PRO M 121 -28.97 25.77 16.02
CA PRO M 121 -30.07 25.43 16.94
C PRO M 121 -29.85 24.08 17.61
N GLN M 122 -29.66 24.11 18.92
CA GLN M 122 -29.54 22.90 19.73
C GLN M 122 -30.89 22.31 20.11
N GLY M 123 -31.79 23.12 20.63
CA GLY M 123 -33.05 22.57 21.09
C GLY M 123 -34.07 23.66 21.31
N THR M 124 -35.17 23.28 21.96
CA THR M 124 -36.23 24.21 22.31
C THR M 124 -36.57 24.09 23.77
N VAL M 125 -36.77 25.24 24.41
CA VAL M 125 -37.14 25.34 25.81
C VAL M 125 -38.33 26.27 25.92
N ALA M 126 -39.02 26.19 27.05
CA ALA M 126 -40.15 27.04 27.36
C ALA M 126 -39.74 28.01 28.46
N ARG M 127 -40.07 29.29 28.27
CA ARG M 127 -39.79 30.31 29.26
C ARG M 127 -40.95 30.40 30.24
N VAL M 128 -40.64 30.32 31.53
CA VAL M 128 -41.66 30.35 32.57
C VAL M 128 -41.34 31.49 33.52
N HIS M 129 -42.39 32.16 33.99
CA HIS M 129 -42.27 33.29 34.90
C HIS M 129 -42.70 32.88 36.29
N ILE M 130 -42.45 33.76 37.25
CA ILE M 130 -42.91 33.54 38.61
C ILE M 130 -44.43 33.65 38.62
N GLY M 131 -45.10 32.63 39.16
CA GLY M 131 -46.54 32.62 39.18
C GLY M 131 -47.19 32.00 37.96
N GLN M 132 -46.41 31.49 37.02
CA GLN M 132 -46.98 30.89 35.81
C GLN M 132 -47.23 29.41 36.03
N VAL M 133 -48.34 28.93 35.49
CA VAL M 133 -48.73 27.53 35.63
C VAL M 133 -47.95 26.69 34.61
N ILE M 134 -47.40 25.58 35.07
CA ILE M 134 -46.68 24.64 34.22
C ILE M 134 -47.56 23.49 33.78
N MET M 135 -48.24 22.86 34.73
CA MET M 135 -49.16 21.76 34.45
C MET M 135 -50.45 21.98 35.19
N SER M 136 -51.54 21.47 34.62
CA SER M 136 -52.84 21.53 35.25
C SER M 136 -53.51 20.16 35.15
N ILE M 137 -54.11 19.71 36.24
CA ILE M 137 -54.83 18.44 36.27
C ILE M 137 -56.22 18.70 36.81
N ARG M 138 -57.23 18.31 36.06
CA ARG M 138 -58.61 18.39 36.51
C ARG M 138 -59.18 16.99 36.67
N THR M 139 -59.92 16.78 37.75
CA THR M 139 -60.47 15.46 38.04
C THR M 139 -61.62 15.61 39.04
N LYS M 140 -62.10 14.48 39.54
CA LYS M 140 -63.12 14.45 40.56
C LYS M 140 -62.62 15.12 41.83
N LEU M 141 -63.56 15.58 42.65
CA LEU M 141 -63.19 16.29 43.86
C LEU M 141 -62.53 15.38 44.88
N GLN M 142 -62.76 14.07 44.81
CA GLN M 142 -62.20 13.14 45.78
C GLN M 142 -60.78 12.70 45.46
N ASN M 143 -60.22 13.13 44.33
CA ASN M 143 -58.86 12.77 43.94
C ASN M 143 -57.87 13.89 44.18
N GLU M 144 -58.15 14.77 45.14
CA GLU M 144 -57.30 15.91 45.41
C GLU M 144 -55.92 15.47 45.87
N GLU M 145 -55.85 14.49 46.77
CA GLU M 145 -54.56 14.02 47.25
C GLU M 145 -53.78 13.34 46.14
N HIS M 146 -54.46 12.64 45.25
CA HIS M 146 -53.78 12.00 44.13
C HIS M 146 -53.21 13.04 43.17
N VAL M 147 -53.97 14.11 42.93
CA VAL M 147 -53.46 15.19 42.08
C VAL M 147 -52.23 15.84 42.72
N ILE M 148 -52.30 16.10 44.02
CA ILE M 148 -51.17 16.71 44.71
C ILE M 148 -49.95 15.80 44.64
N GLU M 149 -50.14 14.50 44.83
CA GLU M 149 -49.00 13.58 44.76
C GLU M 149 -48.43 13.49 43.35
N ALA M 150 -49.29 13.48 42.33
CA ALA M 150 -48.80 13.42 40.95
C ALA M 150 -47.98 14.66 40.62
N LEU M 151 -48.47 15.84 41.02
CA LEU M 151 -47.73 17.06 40.74
C LEU M 151 -46.45 17.13 41.58
N ARG M 152 -46.48 16.62 42.80
CA ARG M 152 -45.27 16.55 43.62
C ARG M 152 -44.21 15.67 42.97
N ARG M 153 -44.63 14.53 42.43
CA ARG M 153 -43.70 13.67 41.71
C ARG M 153 -43.18 14.34 40.45
N ALA M 154 -44.05 15.05 39.73
CA ALA M 154 -43.62 15.73 38.51
C ALA M 154 -42.66 16.88 38.80
N LYS M 155 -42.70 17.44 40.01
CA LYS M 155 -41.80 18.53 40.36
C LYS M 155 -40.34 18.13 40.27
N PHE M 156 -40.02 16.86 40.51
CA PHE M 156 -38.64 16.41 40.56
C PHE M 156 -37.97 16.40 39.19
N LYS M 157 -38.71 16.60 38.12
CA LYS M 157 -38.15 16.61 36.78
C LYS M 157 -37.77 18.01 36.31
N PHE M 158 -37.86 19.01 37.18
CA PHE M 158 -37.64 20.38 36.78
C PHE M 158 -36.58 21.03 37.66
N PRO M 159 -35.84 22.00 37.12
CA PRO M 159 -34.70 22.56 37.87
C PRO M 159 -35.07 23.37 39.10
N GLY M 160 -35.96 24.33 38.94
CA GLY M 160 -36.20 25.33 39.95
C GLY M 160 -37.09 24.88 41.08
N ARG M 161 -37.87 25.82 41.60
CA ARG M 161 -38.80 25.59 42.69
C ARG M 161 -40.22 25.74 42.17
N GLN M 162 -41.09 24.80 42.53
CA GLN M 162 -42.47 24.82 42.09
C GLN M 162 -43.39 24.59 43.28
N LYS M 163 -44.58 25.15 43.18
CA LYS M 163 -45.61 25.05 44.20
C LYS M 163 -46.81 24.32 43.61
N ILE M 164 -47.53 23.60 44.46
CA ILE M 164 -48.75 22.91 44.05
C ILE M 164 -49.91 23.70 44.64
N HIS M 165 -50.86 24.09 43.79
CA HIS M 165 -51.93 24.98 44.19
C HIS M 165 -53.26 24.41 43.69
N ILE M 166 -54.20 24.19 44.60
CA ILE M 166 -55.53 23.77 44.23
C ILE M 166 -56.34 25.02 43.91
N SER M 167 -56.68 25.21 42.64
CA SER M 167 -57.29 26.46 42.21
C SER M 167 -58.74 26.55 42.69
N LYS M 168 -59.23 27.78 42.77
CA LYS M 168 -60.63 28.02 43.08
C LYS M 168 -61.53 27.95 41.86
N LYS M 169 -60.96 27.91 40.66
CA LYS M 169 -61.76 27.81 39.46
C LYS M 169 -62.34 26.41 39.31
N TRP M 170 -63.43 26.32 38.55
CA TRP M 170 -64.06 25.04 38.27
C TRP M 170 -63.36 24.42 37.07
N GLY M 171 -62.65 23.31 37.30
CA GLY M 171 -61.99 22.63 36.21
C GLY M 171 -60.96 23.51 35.53
N PHE M 172 -60.98 23.50 34.20
CA PHE M 172 -60.08 24.32 33.41
C PHE M 172 -60.71 25.63 33.00
N THR M 173 -61.91 25.94 33.48
CA THR M 173 -62.55 27.20 33.18
C THR M 173 -61.90 28.33 33.98
N LYS M 174 -62.34 29.56 33.69
CA LYS M 174 -61.84 30.73 34.41
C LYS M 174 -62.84 31.26 35.42
N PHE M 175 -63.85 30.47 35.77
CA PHE M 175 -64.91 30.90 36.65
C PHE M 175 -64.82 30.15 37.97
N ASN M 176 -65.12 30.84 39.07
CA ASN M 176 -64.99 30.28 40.40
C ASN M 176 -65.97 29.12 40.60
N ALA M 177 -65.53 28.14 41.38
CA ALA M 177 -66.33 26.94 41.59
C ALA M 177 -67.62 27.23 42.34
N ASP M 178 -67.60 28.20 43.26
CA ASP M 178 -68.79 28.50 44.04
C ASP M 178 -69.86 29.17 43.18
N GLU M 179 -69.46 30.00 42.23
CA GLU M 179 -70.39 30.69 41.34
C GLU M 179 -70.72 29.88 40.09
N PHE M 180 -69.99 28.81 39.82
CA PHE M 180 -70.17 28.07 38.58
C PHE M 180 -71.57 27.47 38.48
N GLU M 181 -72.04 26.87 39.57
CA GLU M 181 -73.33 26.17 39.52
C GLU M 181 -74.47 27.12 39.24
N ASP M 182 -74.55 28.24 39.97
CA ASP M 182 -75.68 29.12 39.74
C ASP M 182 -75.53 29.89 38.44
N MET M 183 -74.30 30.11 37.97
CA MET M 183 -74.13 30.72 36.65
C MET M 183 -74.66 29.80 35.55
N VAL M 184 -74.37 28.50 35.65
CA VAL M 184 -74.94 27.55 34.69
C VAL M 184 -76.45 27.47 34.85
N ALA M 185 -76.94 27.58 36.09
CA ALA M 185 -78.38 27.51 36.33
C ALA M 185 -79.11 28.68 35.66
N LYS M 186 -78.57 29.89 35.79
CA LYS M 186 -79.15 31.06 35.15
C LYS M 186 -78.65 31.25 33.72
N LYS M 187 -77.91 30.28 33.19
CA LYS M 187 -77.51 30.24 31.79
C LYS M 187 -76.59 31.39 31.41
N CYS M 188 -75.79 31.86 32.36
CA CYS M 188 -74.66 32.70 31.98
C CYS M 188 -73.53 31.87 31.39
N LEU M 189 -73.55 30.55 31.60
CA LEU M 189 -72.55 29.64 31.07
C LEU M 189 -73.25 28.51 30.34
N ILE M 190 -72.72 28.13 29.20
CA ILE M 190 -73.23 27.01 28.41
C ILE M 190 -72.10 26.02 28.21
N PRO M 191 -72.23 24.79 28.69
CA PRO M 191 -71.14 23.82 28.52
C PRO M 191 -70.95 23.44 27.05
N ASP M 192 -69.69 23.21 26.67
CA ASP M 192 -69.36 22.60 25.40
C ASP M 192 -67.97 21.97 25.50
N GLY M 193 -67.89 20.67 25.20
CA GLY M 193 -66.64 19.96 25.34
C GLY M 193 -66.12 20.04 26.76
N CYS M 194 -64.84 20.40 26.89
CA CYS M 194 -64.22 20.55 28.19
C CYS M 194 -64.32 21.97 28.73
N GLY M 195 -64.98 22.88 28.02
CA GLY M 195 -65.03 24.26 28.43
C GLY M 195 -66.46 24.77 28.51
N VAL M 196 -66.59 26.02 28.95
CA VAL M 196 -67.88 26.68 29.02
C VAL M 196 -67.81 27.94 28.17
N LYS M 197 -68.91 28.25 27.51
CA LYS M 197 -69.07 29.50 26.78
C LYS M 197 -69.83 30.48 27.66
N TYR M 198 -69.22 31.64 27.88
CA TYR M 198 -69.88 32.71 28.61
C TYR M 198 -70.87 33.41 27.69
N VAL M 199 -72.09 33.58 28.17
CA VAL M 199 -73.14 34.19 27.36
C VAL M 199 -73.48 35.54 27.98
N PRO M 200 -72.95 36.63 27.46
CA PRO M 200 -73.27 37.95 28.02
C PRO M 200 -74.69 38.36 27.69
N SER M 201 -75.19 39.32 28.46
CA SER M 201 -76.53 39.84 28.25
C SER M 201 -76.52 40.99 27.23
N HIS M 202 -75.90 40.75 26.08
CA HIS M 202 -75.99 41.70 24.98
C HIS M 202 -75.84 40.93 23.67
N GLY M 203 -76.34 41.53 22.60
CA GLY M 203 -76.40 40.87 21.32
C GLY M 203 -77.84 40.77 20.85
N PRO M 204 -78.07 40.06 19.76
CA PRO M 204 -79.44 39.88 19.27
C PRO M 204 -80.28 39.07 20.25
N LEU M 205 -81.57 39.39 20.29
CA LEU M 205 -82.48 38.63 21.13
C LEU M 205 -82.78 37.24 20.56
N ASP M 206 -82.44 36.98 19.30
CA ASP M 206 -82.62 35.64 18.78
C ASP M 206 -81.72 34.65 19.50
N LYS M 207 -80.49 35.06 19.81
CA LYS M 207 -79.60 34.22 20.60
C LYS M 207 -80.12 34.05 22.03
N TRP M 208 -80.89 35.01 22.52
CA TRP M 208 -81.47 34.87 23.85
C TRP M 208 -82.65 33.91 23.84
N ARG M 209 -83.48 33.97 22.80
CA ARG M 209 -84.66 33.13 22.74
C ARG M 209 -84.40 31.74 22.18
N VAL M 210 -83.23 31.49 21.58
CA VAL M 210 -82.87 30.09 21.34
C VAL M 210 -82.53 29.42 22.66
N LEU M 211 -81.90 30.15 23.58
CA LEU M 211 -81.90 29.74 24.97
C LEU M 211 -83.28 30.00 25.56
N HIS M 212 -83.49 29.48 26.77
CA HIS M 212 -84.80 29.56 27.43
C HIS M 212 -85.88 28.95 26.54
N SER M 213 -85.53 27.89 25.81
CA SER M 213 -86.46 27.26 24.89
C SER M 213 -86.10 25.80 24.67
N LYS N 6 -100.93 46.57 -6.95
CA LYS N 6 -100.31 45.90 -5.81
C LYS N 6 -98.79 45.89 -5.94
N GLU N 7 -98.30 45.56 -7.13
CA GLU N 7 -96.87 45.49 -7.40
C GLU N 7 -96.41 46.79 -8.05
N ASN N 8 -95.33 47.35 -7.53
CA ASN N 8 -94.79 48.58 -8.08
C ASN N 8 -94.22 48.32 -9.47
N PRO N 9 -94.59 49.12 -10.48
CA PRO N 9 -94.05 48.89 -11.83
C PRO N 9 -92.55 48.99 -11.92
N MET N 10 -91.89 49.64 -10.97
CA MET N 10 -90.45 49.77 -10.99
C MET N 10 -89.73 48.50 -10.53
N ARG N 11 -90.47 47.48 -10.12
CA ARG N 11 -89.89 46.22 -9.70
C ARG N 11 -89.95 45.13 -10.76
N GLU N 12 -90.43 45.46 -11.97
CA GLU N 12 -90.64 44.44 -12.98
C GLU N 12 -89.32 43.92 -13.52
N LEU N 13 -89.18 42.59 -13.56
CA LEU N 13 -87.98 41.98 -14.07
C LEU N 13 -87.88 42.17 -15.58
N ARG N 14 -86.65 42.25 -16.07
CA ARG N 14 -86.39 42.39 -17.49
C ARG N 14 -84.98 41.90 -17.77
N ILE N 15 -84.71 41.66 -19.04
CA ILE N 15 -83.38 41.19 -19.44
C ILE N 15 -82.45 42.40 -19.53
N ARG N 16 -81.32 42.33 -18.83
CA ARG N 16 -80.32 43.37 -18.96
C ARG N 16 -79.45 43.14 -20.19
N LYS N 17 -78.74 42.01 -20.22
CA LYS N 17 -77.92 41.63 -21.35
C LYS N 17 -78.00 40.13 -21.54
N LEU N 18 -77.56 39.67 -22.70
CA LEU N 18 -77.64 38.25 -23.01
C LEU N 18 -76.30 37.55 -23.10
N CYS N 19 -75.23 38.24 -23.54
CA CYS N 19 -73.85 37.78 -23.38
C CYS N 19 -73.60 36.43 -24.06
N LEU N 20 -73.64 36.46 -25.39
CA LEU N 20 -73.26 35.29 -26.18
C LEU N 20 -71.76 35.08 -26.12
N ASN N 21 -71.36 33.81 -26.00
CA ASN N 21 -69.93 33.48 -25.91
C ASN N 21 -69.62 32.19 -26.66
N ILE N 22 -68.59 32.22 -27.51
CA ILE N 22 -68.11 31.04 -28.21
C ILE N 22 -66.64 30.87 -27.88
N CYS N 23 -66.29 29.80 -27.18
CA CYS N 23 -64.92 29.55 -26.77
C CYS N 23 -64.29 28.51 -27.69
N VAL N 24 -63.78 29.00 -28.81
CA VAL N 24 -62.95 28.16 -29.68
C VAL N 24 -61.65 27.87 -28.95
N GLY N 25 -61.15 26.65 -29.08
CA GLY N 25 -59.94 26.27 -28.36
C GLY N 25 -58.72 27.08 -28.76
N GLU N 26 -58.55 27.32 -30.06
CA GLU N 26 -57.35 27.98 -30.55
C GLU N 26 -57.70 29.24 -31.34
N SER N 27 -56.68 29.88 -31.92
CA SER N 27 -56.84 31.10 -32.69
C SER N 27 -56.82 30.80 -34.18
N GLY N 28 -56.97 31.84 -34.99
CA GLY N 28 -56.83 31.73 -36.41
C GLY N 28 -58.13 31.64 -37.19
N ASP N 29 -58.17 30.73 -38.16
CA ASP N 29 -59.32 30.61 -39.05
C ASP N 29 -60.57 30.21 -38.28
N ARG N 30 -60.43 29.28 -37.33
CA ARG N 30 -61.59 28.83 -36.56
C ARG N 30 -62.17 29.99 -35.76
N LEU N 31 -61.31 30.78 -35.12
CA LEU N 31 -61.79 31.92 -34.34
C LEU N 31 -62.43 32.98 -35.24
N THR N 32 -61.85 33.21 -36.41
CA THR N 32 -62.44 34.17 -37.34
C THR N 32 -63.82 33.72 -37.81
N ARG N 33 -63.96 32.43 -38.10
CA ARG N 33 -65.27 31.91 -38.51
C ARG N 33 -66.28 32.00 -37.38
N ALA N 34 -65.87 31.72 -36.14
CA ALA N 34 -66.77 31.86 -35.01
C ALA N 34 -67.19 33.32 -34.82
N ALA N 35 -66.26 34.25 -35.01
CA ALA N 35 -66.60 35.67 -34.94
C ALA N 35 -67.61 36.03 -36.01
N LYS N 36 -67.46 35.47 -37.21
CA LYS N 36 -68.43 35.71 -38.27
C LYS N 36 -69.79 35.13 -37.90
N VAL N 37 -69.80 33.97 -37.23
CA VAL N 37 -71.05 33.38 -36.75
C VAL N 37 -71.76 34.35 -35.81
N LEU N 38 -71.03 34.85 -34.81
CA LEU N 38 -71.64 35.77 -33.85
C LEU N 38 -72.10 37.05 -34.52
N GLU N 39 -71.31 37.59 -35.43
CA GLU N 39 -71.68 38.82 -36.11
C GLU N 39 -72.93 38.65 -36.95
N GLN N 40 -73.05 37.52 -37.64
CA GLN N 40 -74.24 37.25 -38.42
C GLN N 40 -75.45 37.02 -37.52
N LEU N 41 -75.26 36.35 -36.38
CA LEU N 41 -76.39 36.09 -35.49
C LEU N 41 -76.91 37.38 -34.86
N THR N 42 -76.01 38.27 -34.45
CA THR N 42 -76.42 39.45 -33.68
C THR N 42 -76.58 40.70 -34.52
N GLY N 43 -76.13 40.70 -35.77
CA GLY N 43 -76.07 41.95 -36.52
C GLY N 43 -75.16 42.95 -35.85
N GLN N 44 -74.03 42.48 -35.31
CA GLN N 44 -73.26 43.26 -34.36
C GLN N 44 -71.87 42.66 -34.18
N THR N 45 -70.84 43.51 -34.23
CA THR N 45 -69.47 43.02 -34.20
C THR N 45 -69.11 42.46 -32.82
N PRO N 46 -68.56 41.25 -32.74
CA PRO N 46 -68.11 40.73 -31.46
C PRO N 46 -66.66 41.08 -31.15
N VAL N 47 -66.16 40.69 -29.99
CA VAL N 47 -64.78 40.95 -29.61
C VAL N 47 -64.12 39.64 -29.20
N PHE N 48 -62.80 39.62 -29.32
CA PHE N 48 -62.00 38.44 -29.04
C PHE N 48 -61.42 38.50 -27.64
N SER N 49 -61.42 37.35 -26.96
CA SER N 49 -60.91 37.22 -25.61
C SER N 49 -59.65 36.37 -25.65
N LYS N 50 -58.58 36.89 -25.04
CA LYS N 50 -57.28 36.26 -24.99
C LYS N 50 -57.18 35.33 -23.78
N ALA N 51 -56.21 34.44 -23.82
CA ALA N 51 -55.97 33.52 -22.72
C ALA N 51 -55.21 34.23 -21.60
N ARG N 52 -55.72 34.09 -20.38
CA ARG N 52 -55.05 34.71 -19.24
C ARG N 52 -53.72 34.06 -18.94
N TYR N 53 -53.66 32.74 -18.98
CA TYR N 53 -52.45 31.99 -18.68
C TYR N 53 -52.12 31.07 -19.85
N THR N 54 -50.96 30.42 -19.74
CA THR N 54 -50.52 29.43 -20.71
C THR N 54 -50.63 28.06 -20.07
N VAL N 55 -51.43 27.18 -20.67
CA VAL N 55 -51.57 25.81 -20.21
C VAL N 55 -51.22 24.88 -21.35
N ARG N 56 -50.44 23.84 -21.05
CA ARG N 56 -50.03 22.89 -22.07
C ARG N 56 -51.07 21.82 -22.34
N SER N 57 -51.97 21.57 -21.38
CA SER N 57 -53.01 20.58 -21.59
C SER N 57 -53.95 20.99 -22.71
N PHE N 58 -54.36 22.26 -22.74
CA PHE N 58 -55.25 22.75 -23.77
C PHE N 58 -54.52 23.32 -24.96
N GLY N 59 -53.19 23.40 -24.90
CA GLY N 59 -52.41 23.88 -26.03
C GLY N 59 -52.64 25.33 -26.38
N ILE N 60 -52.75 26.19 -25.37
CA ILE N 60 -52.95 27.62 -25.58
C ILE N 60 -51.84 28.38 -24.88
N ARG N 61 -51.56 29.57 -25.39
CA ARG N 61 -50.53 30.44 -24.85
C ARG N 61 -51.15 31.71 -24.29
N ARG N 62 -50.41 32.35 -23.39
CA ARG N 62 -50.88 33.61 -22.82
C ARG N 62 -50.98 34.68 -23.90
N ASN N 63 -52.00 35.53 -23.77
CA ASN N 63 -52.26 36.64 -24.69
C ASN N 63 -52.58 36.17 -26.09
N GLU N 64 -52.99 34.92 -26.25
CA GLU N 64 -53.43 34.39 -27.53
C GLU N 64 -54.94 34.46 -27.59
N LYS N 65 -55.46 35.01 -28.69
CA LYS N 65 -56.90 35.16 -28.85
C LYS N 65 -57.57 33.81 -28.89
N ILE N 66 -58.34 33.48 -27.85
CA ILE N 66 -58.94 32.17 -27.70
C ILE N 66 -60.41 32.18 -28.08
N ALA N 67 -61.19 33.04 -27.46
CA ALA N 67 -62.63 32.98 -27.61
C ALA N 67 -63.15 34.24 -28.29
N VAL N 68 -64.45 34.25 -28.57
CA VAL N 68 -65.14 35.41 -29.10
C VAL N 68 -66.44 35.56 -28.32
N HIS N 69 -66.87 36.81 -28.13
CA HIS N 69 -68.08 37.02 -27.34
C HIS N 69 -68.67 38.38 -27.68
N CYS N 70 -69.95 38.54 -27.34
CA CYS N 70 -70.63 39.81 -27.54
C CYS N 70 -71.83 39.88 -26.63
N THR N 71 -72.05 41.05 -26.04
CA THR N 71 -73.21 41.31 -25.19
C THR N 71 -74.29 41.97 -26.03
N VAL N 72 -75.51 41.48 -25.91
CA VAL N 72 -76.65 41.95 -26.69
C VAL N 72 -77.72 42.41 -25.70
N ARG N 73 -78.24 43.61 -25.92
CA ARG N 73 -79.22 44.22 -25.02
C ARG N 73 -80.46 44.63 -25.79
N GLY N 74 -81.62 44.51 -25.13
CA GLY N 74 -82.85 45.04 -25.65
C GLY N 74 -83.72 44.07 -26.42
N ALA N 75 -84.40 44.60 -27.44
CA ALA N 75 -85.31 43.78 -28.24
C ALA N 75 -84.56 42.67 -28.97
N LYS N 76 -83.36 42.98 -29.48
CA LYS N 76 -82.54 41.95 -30.10
C LYS N 76 -82.20 40.84 -29.12
N ALA N 77 -81.91 41.21 -27.87
CA ALA N 77 -81.66 40.21 -26.84
C ALA N 77 -82.90 39.35 -26.60
N GLU N 78 -84.08 39.98 -26.59
CA GLU N 78 -85.30 39.21 -26.41
C GLU N 78 -85.51 38.21 -27.54
N GLU N 79 -85.30 38.63 -28.79
CA GLU N 79 -85.48 37.71 -29.91
C GLU N 79 -84.45 36.58 -29.88
N ILE N 80 -83.20 36.89 -29.57
CA ILE N 80 -82.17 35.85 -29.55
C ILE N 80 -82.42 34.87 -28.43
N LEU N 81 -82.87 35.36 -27.27
CA LEU N 81 -83.22 34.45 -26.18
C LEU N 81 -84.42 33.59 -26.55
N GLU N 82 -85.38 34.16 -27.28
CA GLU N 82 -86.51 33.37 -27.75
C GLU N 82 -86.06 32.25 -28.66
N LYS N 83 -85.14 32.53 -29.57
CA LYS N 83 -84.62 31.49 -30.47
C LYS N 83 -83.86 30.42 -29.69
N GLY N 84 -83.03 30.84 -28.74
CA GLY N 84 -82.29 29.87 -27.95
C GLY N 84 -83.19 28.97 -27.13
N LEU N 85 -84.23 29.55 -26.52
CA LEU N 85 -85.16 28.73 -25.75
C LEU N 85 -86.01 27.85 -26.65
N LYS N 86 -86.28 28.29 -27.88
CA LYS N 86 -86.92 27.42 -28.86
C LYS N 86 -86.06 26.19 -29.13
N VAL N 87 -84.75 26.40 -29.29
CA VAL N 87 -83.86 25.26 -29.48
C VAL N 87 -83.86 24.36 -28.25
N ARG N 88 -83.80 24.97 -27.06
CA ARG N 88 -83.84 24.20 -25.82
C ARG N 88 -85.20 23.59 -25.51
N GLU N 89 -86.21 23.87 -26.34
CA GLU N 89 -87.57 23.36 -26.14
C GLU N 89 -88.17 23.88 -24.83
N TYR N 90 -87.75 25.09 -24.44
CA TYR N 90 -88.33 25.80 -23.28
C TYR N 90 -88.25 24.97 -22.00
N GLU N 91 -87.11 24.31 -21.78
CA GLU N 91 -86.88 23.61 -20.54
C GLU N 91 -85.47 23.88 -20.06
N LEU N 92 -85.33 24.08 -18.75
CA LEU N 92 -84.05 24.36 -18.13
C LEU N 92 -83.94 23.56 -16.84
N ARG N 93 -82.71 23.18 -16.50
CA ARG N 93 -82.47 22.46 -15.26
C ARG N 93 -82.51 23.41 -14.08
N LYS N 94 -82.84 22.85 -12.91
CA LYS N 94 -82.92 23.64 -11.68
C LYS N 94 -81.59 24.34 -11.39
N ASN N 95 -80.48 23.69 -11.69
CA ASN N 95 -79.17 24.26 -11.43
C ASN N 95 -78.71 25.24 -12.50
N ASN N 96 -79.51 25.46 -13.55
CA ASN N 96 -79.11 26.44 -14.55
C ASN N 96 -79.26 27.88 -14.06
N PHE N 97 -79.86 28.09 -12.90
CA PHE N 97 -80.10 29.42 -12.36
C PHE N 97 -79.11 29.71 -11.25
N SER N 98 -78.40 30.83 -11.37
CA SER N 98 -77.45 31.23 -10.35
C SER N 98 -78.17 31.86 -9.17
N ASP N 99 -77.48 31.91 -8.02
CA ASP N 99 -78.05 32.47 -6.81
C ASP N 99 -78.18 33.98 -6.86
N THR N 100 -77.60 34.64 -7.87
CA THR N 100 -77.69 36.09 -8.01
C THR N 100 -78.85 36.52 -8.90
N GLY N 101 -79.67 35.58 -9.37
CA GLY N 101 -80.86 35.93 -10.11
C GLY N 101 -80.72 36.01 -11.61
N ASN N 102 -79.79 35.28 -12.19
CA ASN N 102 -79.59 35.27 -13.63
C ASN N 102 -79.15 33.88 -14.06
N PHE N 103 -79.35 33.55 -15.34
CA PHE N 103 -79.20 32.16 -15.73
C PHE N 103 -78.63 32.07 -17.13
N GLY N 104 -78.46 30.84 -17.60
CA GLY N 104 -77.89 30.62 -18.91
C GLY N 104 -77.97 29.15 -19.30
N PHE N 105 -77.60 28.90 -20.55
CA PHE N 105 -77.61 27.55 -21.11
C PHE N 105 -76.65 27.52 -22.30
N GLY N 106 -76.61 26.39 -22.99
CA GLY N 106 -75.72 26.23 -24.11
C GLY N 106 -76.43 25.61 -25.30
N ILE N 107 -76.02 26.02 -26.48
CA ILE N 107 -76.55 25.52 -27.74
C ILE N 107 -75.43 24.81 -28.49
N GLN N 108 -75.69 23.57 -28.89
CA GLN N 108 -74.64 22.74 -29.45
C GLN N 108 -74.32 23.10 -30.90
N GLU N 109 -75.33 23.47 -31.68
CA GLU N 109 -75.14 23.85 -33.08
C GLU N 109 -75.82 25.18 -33.33
N HIS N 110 -75.09 26.13 -33.91
CA HIS N 110 -75.64 27.45 -34.11
C HIS N 110 -76.61 27.54 -35.27
N ILE N 111 -76.71 26.50 -36.10
CA ILE N 111 -77.53 26.61 -37.31
C ILE N 111 -78.97 26.18 -37.08
N ASP N 112 -79.31 25.69 -35.90
CA ASP N 112 -80.69 25.31 -35.62
C ASP N 112 -81.54 26.48 -35.13
N LEU N 113 -80.94 27.66 -34.94
CA LEU N 113 -81.67 28.85 -34.56
C LEU N 113 -81.45 29.92 -35.62
N GLY N 114 -82.37 30.00 -36.57
CA GLY N 114 -82.39 31.06 -37.55
C GLY N 114 -81.31 31.01 -38.61
N ILE N 115 -80.05 31.01 -38.18
CA ILE N 115 -78.93 31.13 -39.10
C ILE N 115 -78.83 29.86 -39.94
N LYS N 116 -78.76 30.03 -41.26
CA LYS N 116 -78.59 28.88 -42.14
C LYS N 116 -77.11 28.53 -42.29
N TYR N 117 -76.86 27.28 -42.65
CA TYR N 117 -75.50 26.79 -42.82
C TYR N 117 -74.83 27.46 -44.01
N ASP N 118 -73.52 27.65 -43.89
CA ASP N 118 -72.68 28.13 -44.97
C ASP N 118 -71.43 27.26 -44.99
N PRO N 119 -70.97 26.85 -46.18
CA PRO N 119 -69.79 25.96 -46.25
C PRO N 119 -68.54 26.56 -45.63
N SER N 120 -68.38 27.88 -45.69
CA SER N 120 -67.27 28.55 -45.03
C SER N 120 -67.53 28.82 -43.55
N ILE N 121 -68.59 28.24 -43.00
CA ILE N 121 -68.99 28.40 -41.62
C ILE N 121 -69.10 27.03 -40.98
N GLY N 122 -68.54 26.88 -39.79
CA GLY N 122 -68.53 25.60 -39.09
C GLY N 122 -69.86 25.24 -38.47
N ILE N 123 -69.79 24.46 -37.40
CA ILE N 123 -70.95 23.92 -36.70
C ILE N 123 -70.86 24.41 -35.26
N TYR N 124 -70.43 25.66 -35.10
CA TYR N 124 -70.07 26.20 -33.80
C TYR N 124 -71.23 26.14 -32.82
N GLY N 125 -70.93 25.72 -31.59
CA GLY N 125 -71.83 25.90 -30.48
C GLY N 125 -71.52 27.17 -29.72
N LEU N 126 -72.34 27.48 -28.73
CA LEU N 126 -72.23 28.76 -28.06
C LEU N 126 -72.95 28.71 -26.72
N ASP N 127 -72.67 29.71 -25.90
CA ASP N 127 -73.23 29.85 -24.56
C ASP N 127 -74.09 31.11 -24.50
N PHE N 128 -75.32 30.95 -24.03
CA PHE N 128 -76.21 32.04 -23.70
C PHE N 128 -76.15 32.23 -22.19
N TYR N 129 -76.02 33.48 -21.74
CA TYR N 129 -76.10 33.74 -20.31
C TYR N 129 -76.85 35.05 -20.10
N VAL N 130 -78.15 34.96 -19.88
CA VAL N 130 -78.98 36.12 -19.70
C VAL N 130 -78.87 36.62 -18.26
N VAL N 131 -78.78 37.94 -18.14
CA VAL N 131 -78.69 38.63 -16.85
C VAL N 131 -79.98 39.40 -16.65
N LEU N 132 -80.69 39.07 -15.58
CA LEU N 132 -81.95 39.73 -15.26
C LEU N 132 -81.69 40.98 -14.43
N GLY N 133 -82.61 41.93 -14.52
CA GLY N 133 -82.48 43.16 -13.78
C GLY N 133 -83.83 43.80 -13.53
N ARG N 134 -83.82 44.83 -12.70
CA ARG N 134 -84.97 45.68 -12.44
C ARG N 134 -84.62 47.11 -12.82
N PRO N 135 -85.61 47.95 -13.07
CA PRO N 135 -85.33 49.37 -13.28
C PRO N 135 -84.63 49.98 -12.07
N GLY N 136 -83.39 50.41 -12.25
CA GLY N 136 -82.59 50.94 -11.16
C GLY N 136 -81.31 50.18 -10.88
N PHE N 137 -81.00 49.13 -11.62
CA PHE N 137 -79.74 48.42 -11.38
C PHE N 137 -78.53 49.17 -11.90
N SER N 138 -78.73 50.23 -12.68
CA SER N 138 -77.62 50.96 -13.26
C SER N 138 -76.89 51.84 -12.26
N ILE N 139 -77.43 52.01 -11.05
CA ILE N 139 -76.75 52.84 -10.06
C ILE N 139 -75.46 52.18 -9.59
N ALA N 140 -75.37 50.85 -9.69
CA ALA N 140 -74.12 50.18 -9.37
C ALA N 140 -73.06 50.41 -10.44
N ASP N 141 -73.46 50.83 -11.63
CA ASP N 141 -72.56 51.02 -12.75
C ASP N 141 -72.30 52.48 -13.09
N LYS N 142 -73.09 53.40 -12.57
CA LYS N 142 -72.91 54.81 -12.90
C LYS N 142 -71.64 55.35 -12.27
N LYS N 143 -71.16 56.47 -12.80
CA LYS N 143 -69.90 57.04 -12.35
C LYS N 143 -70.08 57.88 -11.10
N ARG N 144 -71.02 58.81 -11.11
CA ARG N 144 -71.20 59.75 -10.03
C ARG N 144 -72.28 59.26 -9.08
N ARG N 145 -71.95 59.22 -7.79
CA ARG N 145 -72.87 58.77 -6.74
C ARG N 145 -73.37 57.36 -6.99
N THR N 146 -72.45 56.46 -7.28
CA THR N 146 -72.80 55.06 -7.43
C THR N 146 -73.14 54.44 -6.08
N GLY N 147 -73.90 53.36 -6.12
CA GLY N 147 -74.31 52.69 -4.90
C GLY N 147 -74.88 51.33 -5.18
N CYS N 148 -75.11 50.58 -4.10
CA CYS N 148 -75.68 49.24 -4.19
C CYS N 148 -77.20 49.33 -4.31
N ILE N 149 -77.80 48.24 -4.77
CA ILE N 149 -79.22 48.27 -5.10
C ILE N 149 -80.14 48.03 -3.91
N GLY N 150 -79.65 47.46 -2.83
CA GLY N 150 -80.56 47.19 -1.73
C GLY N 150 -81.10 45.77 -1.77
N ALA N 151 -81.46 45.27 -0.59
CA ALA N 151 -81.77 43.85 -0.46
C ALA N 151 -83.09 43.49 -1.13
N LYS N 152 -84.11 44.32 -0.96
CA LYS N 152 -85.42 44.01 -1.53
C LYS N 152 -85.43 44.13 -3.04
N HIS N 153 -84.59 45.01 -3.60
CA HIS N 153 -84.54 45.21 -5.03
C HIS N 153 -83.77 44.13 -5.77
N ARG N 154 -83.09 43.24 -5.05
CA ARG N 154 -82.31 42.20 -5.68
C ARG N 154 -83.23 41.16 -6.33
N ILE N 155 -82.61 40.24 -7.06
CA ILE N 155 -83.31 39.15 -7.73
C ILE N 155 -82.78 37.84 -7.18
N SER N 156 -83.67 36.97 -6.76
CA SER N 156 -83.29 35.67 -6.23
C SER N 156 -83.46 34.60 -7.30
N LYS N 157 -82.93 33.41 -7.00
CA LYS N 157 -83.07 32.28 -7.90
C LYS N 157 -84.53 31.91 -8.10
N GLU N 158 -85.32 31.95 -7.02
CA GLU N 158 -86.75 31.69 -7.13
C GLU N 158 -87.44 32.71 -8.00
N GLU N 159 -87.07 34.00 -7.86
CA GLU N 159 -87.67 35.04 -8.68
C GLU N 159 -87.31 34.84 -10.15
N ALA N 160 -86.07 34.45 -10.43
CA ALA N 160 -85.67 34.21 -11.82
C ALA N 160 -86.44 33.03 -12.41
N MET N 161 -86.59 31.95 -11.64
CA MET N 161 -87.35 30.80 -12.13
C MET N 161 -88.81 31.16 -12.36
N ARG N 162 -89.39 31.95 -11.46
CA ARG N 162 -90.76 32.42 -11.64
C ARG N 162 -90.89 33.24 -12.91
N TRP N 163 -89.96 34.18 -13.12
CA TRP N 163 -90.02 35.03 -14.30
C TRP N 163 -89.93 34.20 -15.57
N PHE N 164 -89.05 33.19 -15.57
CA PHE N 164 -88.96 32.29 -16.70
C PHE N 164 -90.28 31.57 -16.94
N GLN N 165 -90.92 31.09 -15.87
CA GLN N 165 -92.17 30.36 -16.02
C GLN N 165 -93.30 31.24 -16.54
N GLN N 166 -93.45 32.46 -16.01
CA GLN N 166 -94.56 33.27 -16.53
C GLN N 166 -94.26 33.89 -17.90
N LYS N 167 -93.01 34.18 -18.24
CA LYS N 167 -92.78 34.80 -19.53
C LYS N 167 -92.66 33.77 -20.63
N TYR N 168 -91.71 32.84 -20.51
CA TYR N 168 -91.41 31.91 -21.57
C TYR N 168 -92.06 30.55 -21.36
N ASP N 169 -93.11 30.50 -20.52
CA ASP N 169 -93.95 29.35 -20.18
C ASP N 169 -93.19 28.04 -20.20
N GLY N 170 -92.01 28.04 -19.57
CA GLY N 170 -91.09 26.93 -19.64
C GLY N 170 -91.24 25.96 -18.48
N ILE N 171 -90.38 24.93 -18.51
CA ILE N 171 -90.40 23.86 -17.53
C ILE N 171 -89.07 23.84 -16.81
N ILE N 172 -89.11 23.84 -15.49
CA ILE N 172 -87.92 23.76 -14.66
C ILE N 172 -87.75 22.30 -14.27
N LEU N 173 -86.82 21.62 -14.91
CA LEU N 173 -86.55 20.23 -14.58
C LEU N 173 -85.79 20.15 -13.25
N PRO N 174 -86.16 19.20 -12.39
CA PRO N 174 -85.48 19.05 -11.09
C PRO N 174 -84.17 18.25 -11.22
N GLY N 175 -83.23 18.80 -11.99
CA GLY N 175 -81.97 18.14 -12.21
C GLY N 175 -80.78 19.08 -12.14
N ALA O 1 5.32 66.84 8.87
CA ALA O 1 3.87 66.79 8.81
C ALA O 1 3.28 68.19 8.97
N PRO O 2 2.25 68.49 8.19
CA PRO O 2 1.56 69.77 8.34
C PRO O 2 0.86 69.85 9.69
N SER O 3 0.74 71.08 10.20
CA SER O 3 0.13 71.30 11.50
C SER O 3 -0.74 72.54 11.39
N ARG O 4 -2.06 72.33 11.35
CA ARG O 4 -3.07 73.39 11.32
C ARG O 4 -2.82 74.25 10.07
N ASN O 5 -3.18 75.51 10.13
CA ASN O 5 -2.97 76.42 9.01
C ASN O 5 -1.49 76.74 8.89
N GLY O 6 -1.05 76.95 7.65
CA GLY O 6 0.33 77.29 7.41
C GLY O 6 0.57 77.39 5.93
N MET O 7 1.78 77.85 5.60
CA MET O 7 2.19 77.98 4.21
C MET O 7 2.92 76.71 3.80
N VAL O 8 2.58 76.20 2.62
CA VAL O 8 3.31 75.05 2.07
C VAL O 8 4.70 75.52 1.69
N LEU O 9 5.69 75.06 2.45
CA LEU O 9 7.08 75.50 2.29
C LEU O 9 7.88 74.45 1.55
N LYS O 10 8.79 74.90 0.70
CA LYS O 10 9.65 74.02 -0.08
C LYS O 10 11.10 74.47 0.07
N PRO O 11 11.74 74.10 1.18
CA PRO O 11 13.16 74.43 1.35
C PRO O 11 14.02 73.68 0.33
N HIS O 12 14.99 74.38 -0.21
CA HIS O 12 15.95 73.76 -1.15
C HIS O 12 17.21 73.34 -0.41
N PHE O 13 17.03 72.47 0.58
CA PHE O 13 18.12 72.00 1.41
C PHE O 13 18.17 70.48 1.40
N HIS O 14 18.00 69.88 0.23
CA HIS O 14 18.09 68.43 0.06
C HIS O 14 19.36 68.01 -0.65
N LYS O 15 20.30 68.92 -0.85
CA LYS O 15 21.37 68.72 -1.82
C LYS O 15 22.75 68.92 -1.19
N ASP O 16 22.90 68.60 0.09
CA ASP O 16 24.17 68.68 0.80
C ASP O 16 24.77 70.09 0.74
N TRP O 17 23.98 71.05 1.25
CA TRP O 17 24.31 72.46 1.11
C TRP O 17 25.48 72.89 1.99
N GLN O 18 25.79 72.13 3.04
CA GLN O 18 26.79 72.57 4.00
C GLN O 18 28.22 72.44 3.49
N ARG O 19 28.45 71.70 2.40
CA ARG O 19 29.77 71.71 1.78
C ARG O 19 30.03 72.98 1.01
N ARG O 20 28.97 73.67 0.57
CA ARG O 20 29.10 74.90 -0.21
C ARG O 20 28.34 76.00 0.52
N VAL O 21 28.99 76.61 1.51
CA VAL O 21 28.44 77.75 2.23
C VAL O 21 29.47 78.86 2.16
N ALA O 22 29.06 80.00 1.61
CA ALA O 22 29.95 81.14 1.46
C ALA O 22 29.69 82.11 2.60
N THR O 23 30.60 82.14 3.57
CA THR O 23 30.54 83.15 4.61
C THR O 23 31.15 84.45 4.12
N TRP O 24 30.85 85.53 4.83
CA TRP O 24 31.25 86.87 4.42
C TRP O 24 32.09 87.56 5.48
N PHE O 25 32.85 86.80 6.25
CA PHE O 25 33.69 87.41 7.27
C PHE O 25 34.84 88.20 6.67
N ASN O 26 35.15 87.99 5.40
CA ASN O 26 36.17 88.76 4.71
C ASN O 26 35.60 89.94 3.94
N GLN O 27 34.33 90.28 4.17
CA GLN O 27 33.75 91.44 3.49
C GLN O 27 34.41 92.76 3.89
N PRO O 28 34.62 93.08 5.17
CA PRO O 28 35.35 94.32 5.48
C PRO O 28 36.76 94.34 4.94
N ALA O 29 37.45 93.19 4.97
CA ALA O 29 38.79 93.12 4.40
C ALA O 29 38.76 93.34 2.90
N ARG O 30 37.75 92.79 2.22
CA ARG O 30 37.61 93.00 0.79
C ARG O 30 37.34 94.46 0.46
N LYS O 31 36.51 95.13 1.27
CA LYS O 31 36.27 96.55 1.06
C LYS O 31 37.54 97.35 1.25
N ILE O 32 38.34 97.01 2.27
CA ILE O 32 39.61 97.68 2.50
C ILE O 32 40.55 97.48 1.32
N ARG O 33 40.64 96.25 0.82
CA ARG O 33 41.55 95.96 -0.29
C ARG O 33 41.11 96.68 -1.55
N ARG O 34 39.81 96.73 -1.81
CA ARG O 34 39.31 97.46 -2.97
C ARG O 34 39.58 98.95 -2.87
N ARG O 35 39.41 99.52 -1.67
CA ARG O 35 39.71 100.93 -1.48
C ARG O 35 41.19 101.22 -1.70
N LYS O 36 42.06 100.34 -1.18
CA LYS O 36 43.48 100.51 -1.38
C LYS O 36 43.85 100.43 -2.85
N ALA O 37 43.24 99.50 -3.58
CA ALA O 37 43.51 99.39 -5.01
C ALA O 37 43.04 100.62 -5.75
N ARG O 38 41.87 101.17 -5.38
CA ARG O 38 41.38 102.38 -6.01
C ARG O 38 42.35 103.54 -5.77
N GLN O 39 42.82 103.69 -4.54
CA GLN O 39 43.74 104.79 -4.23
C GLN O 39 45.07 104.61 -4.96
N ALA O 40 45.57 103.38 -5.03
CA ALA O 40 46.82 103.14 -5.74
C ALA O 40 46.68 103.43 -7.22
N LYS O 41 45.56 103.03 -7.83
CA LYS O 41 45.33 103.34 -9.24
C LYS O 41 45.21 104.85 -9.46
N ALA O 42 44.52 105.55 -8.57
CA ALA O 42 44.39 107.00 -8.71
C ALA O 42 45.74 107.68 -8.60
N ARG O 43 46.61 107.19 -7.71
CA ARG O 43 47.96 107.73 -7.64
C ARG O 43 48.75 107.42 -8.90
N ARG O 44 48.55 106.23 -9.46
CA ARG O 44 49.28 105.84 -10.66
C ARG O 44 48.94 106.72 -11.84
N ILE O 45 47.65 106.95 -12.09
CA ILE O 45 47.23 107.89 -13.12
C ILE O 45 46.96 109.22 -12.41
N ALA O 46 48.01 110.05 -12.30
CA ALA O 46 47.95 111.15 -11.35
C ALA O 46 46.99 112.25 -11.78
N PRO O 47 47.14 112.88 -12.97
CA PRO O 47 46.18 113.94 -13.31
C PRO O 47 44.94 113.42 -14.01
N ARG O 48 45.01 112.20 -14.53
CA ARG O 48 43.88 111.61 -15.23
C ARG O 48 42.76 111.32 -14.25
N PRO O 49 41.50 111.38 -14.70
CA PRO O 49 40.38 111.13 -13.78
C PRO O 49 40.43 109.73 -13.18
N ALA O 50 40.08 109.66 -11.91
CA ALA O 50 40.22 108.39 -11.18
C ALA O 50 39.25 107.34 -11.68
N SER O 51 38.02 107.73 -12.00
CA SER O 51 37.02 106.75 -12.43
C SER O 51 37.34 106.16 -13.79
N GLY O 52 37.99 106.93 -14.67
CA GLY O 52 38.39 106.43 -15.94
C GLY O 52 37.82 107.21 -17.10
N PRO O 53 37.62 106.53 -18.23
CA PRO O 53 37.17 107.24 -19.43
C PRO O 53 35.75 107.78 -19.29
N ILE O 54 35.47 108.84 -20.04
CA ILE O 54 34.11 109.32 -20.15
C ILE O 54 33.25 108.28 -20.84
N ARG O 55 32.01 108.14 -20.38
CA ARG O 55 31.08 107.18 -20.93
C ARG O 55 29.94 107.90 -21.63
N PRO O 56 29.32 107.29 -22.64
CA PRO O 56 28.25 107.94 -23.37
C PRO O 56 26.93 107.92 -22.62
N ILE O 57 26.05 108.81 -23.04
CA ILE O 57 24.66 108.84 -22.58
C ILE O 57 23.88 107.76 -23.31
N VAL O 58 23.20 106.90 -22.56
CA VAL O 58 22.62 105.67 -23.09
C VAL O 58 21.26 105.41 -22.46
N ARG O 59 20.24 105.21 -23.29
CA ARG O 59 18.91 104.92 -22.80
C ARG O 59 18.75 103.43 -22.52
N CYS O 60 18.07 103.12 -21.41
CA CYS O 60 17.94 101.73 -20.98
C CYS O 60 16.97 100.97 -21.89
N PRO O 61 17.24 99.69 -22.16
CA PRO O 61 16.50 98.99 -23.23
C PRO O 61 15.00 98.83 -23.06
N THR O 62 14.53 98.13 -22.03
CA THR O 62 13.18 97.58 -22.10
C THR O 62 12.13 98.65 -21.84
N VAL O 63 10.86 98.25 -21.89
CA VAL O 63 9.78 99.20 -21.68
C VAL O 63 9.68 99.60 -20.21
N ARG O 64 10.27 98.81 -19.31
CA ARG O 64 10.28 99.15 -17.89
C ARG O 64 11.20 100.33 -17.62
N TYR O 65 12.30 100.45 -18.37
CA TYR O 65 13.36 101.40 -18.01
C TYR O 65 13.66 102.40 -19.10
N HIS O 66 12.89 102.44 -20.19
CA HIS O 66 13.26 103.35 -21.27
C HIS O 66 13.07 104.81 -20.92
N THR O 67 12.37 105.12 -19.84
CA THR O 67 12.27 106.49 -19.37
C THR O 67 13.54 106.98 -18.68
N LYS O 68 14.39 106.06 -18.24
CA LYS O 68 15.63 106.40 -17.56
C LYS O 68 16.79 106.41 -18.55
N VAL O 69 17.87 107.05 -18.15
CA VAL O 69 19.07 107.12 -18.97
C VAL O 69 20.27 106.93 -18.04
N ARG O 70 21.32 106.32 -18.57
CA ARG O 70 22.46 105.91 -17.76
C ARG O 70 23.73 106.05 -18.60
N ALA O 71 24.83 105.52 -18.09
CA ALA O 71 26.10 105.56 -18.79
C ALA O 71 26.31 104.26 -19.55
N GLY O 72 26.82 104.37 -20.77
CA GLY O 72 27.05 103.24 -21.61
C GLY O 72 28.46 102.71 -21.51
N ARG O 73 28.83 101.84 -22.45
CA ARG O 73 30.16 101.26 -22.44
C ARG O 73 31.16 102.18 -23.12
N GLY O 74 30.84 102.66 -24.30
CA GLY O 74 31.73 103.56 -25.01
C GLY O 74 31.00 104.29 -26.10
N PHE O 75 31.61 105.37 -26.56
CA PHE O 75 31.01 106.16 -27.63
C PHE O 75 31.05 105.39 -28.95
N SER O 76 30.02 105.58 -29.75
CA SER O 76 29.94 104.86 -31.01
C SER O 76 30.81 105.52 -32.06
N LEU O 77 31.17 104.74 -33.07
CA LEU O 77 32.04 105.23 -34.13
C LEU O 77 31.37 106.33 -34.94
N GLU O 78 30.04 106.27 -35.10
CA GLU O 78 29.34 107.36 -35.76
C GLU O 78 29.45 108.65 -34.96
N GLU O 79 29.29 108.54 -33.63
CA GLU O 79 29.45 109.71 -32.77
C GLU O 79 30.85 110.30 -32.89
N LEU O 80 31.86 109.44 -32.85
CA LEU O 80 33.24 109.92 -32.98
C LEU O 80 33.49 110.54 -34.34
N ARG O 81 32.92 109.95 -35.39
CA ARG O 81 33.13 110.44 -36.74
C ARG O 81 32.53 111.81 -36.93
N VAL O 82 31.32 112.05 -36.42
CA VAL O 82 30.71 113.36 -36.57
C VAL O 82 31.22 114.35 -35.53
N ALA O 83 31.87 113.86 -34.48
CA ALA O 83 32.54 114.76 -33.54
C ALA O 83 33.99 115.04 -33.93
N GLY O 84 34.51 114.37 -34.95
CA GLY O 84 35.84 114.66 -35.43
C GLY O 84 36.97 114.10 -34.59
N ILE O 85 36.77 112.96 -33.93
CA ILE O 85 37.78 112.33 -33.11
C ILE O 85 38.11 110.97 -33.72
N HIS O 86 39.39 110.69 -33.89
CA HIS O 86 39.81 109.39 -34.39
C HIS O 86 39.50 108.30 -33.36
N LYS O 87 39.05 107.15 -33.85
CA LYS O 87 38.69 106.05 -32.98
C LYS O 87 39.90 105.40 -32.32
N LYS O 88 41.11 105.70 -32.79
CA LYS O 88 42.31 105.20 -32.14
C LYS O 88 42.99 106.25 -31.27
N VAL O 89 42.60 107.52 -31.41
CA VAL O 89 43.11 108.58 -30.54
C VAL O 89 42.18 108.82 -29.36
N ALA O 90 40.90 108.48 -29.48
CA ALA O 90 39.95 108.70 -28.39
C ALA O 90 40.36 107.94 -27.13
N ARG O 91 40.78 106.69 -27.28
CA ARG O 91 41.17 105.91 -26.12
C ARG O 91 42.44 106.45 -25.48
N THR O 92 43.37 106.98 -26.29
CA THR O 92 44.57 107.59 -25.73
C THR O 92 44.22 108.84 -24.93
N ILE O 93 43.27 109.65 -25.41
CA ILE O 93 42.96 110.89 -24.71
C ILE O 93 41.85 110.68 -23.69
N GLY O 94 41.43 109.43 -23.51
CA GLY O 94 40.56 109.08 -22.42
C GLY O 94 39.08 109.00 -22.75
N ILE O 95 38.73 108.59 -23.95
CA ILE O 95 37.35 108.49 -24.38
C ILE O 95 37.06 107.01 -24.65
N SER O 96 36.11 106.44 -23.91
CA SER O 96 35.74 105.06 -24.15
C SER O 96 34.99 104.95 -25.47
N VAL O 97 35.31 103.92 -26.25
CA VAL O 97 34.69 103.70 -27.55
C VAL O 97 34.06 102.32 -27.56
N ASP O 98 32.91 102.21 -28.23
CA ASP O 98 32.17 100.96 -28.36
C ASP O 98 31.92 100.74 -29.84
N PRO O 99 32.78 99.98 -30.51
CA PRO O 99 32.61 99.79 -31.96
C PRO O 99 31.34 99.06 -32.34
N ARG O 100 30.74 98.30 -31.43
CA ARG O 100 29.59 97.48 -31.78
C ARG O 100 28.26 98.16 -31.47
N ARG O 101 28.27 99.40 -30.98
CA ARG O 101 27.04 100.13 -30.72
C ARG O 101 26.66 100.99 -31.93
N ARG O 102 25.39 100.94 -32.30
CA ARG O 102 24.82 101.68 -33.42
C ARG O 102 23.95 102.83 -32.90
N ASN O 103 23.61 103.74 -33.80
CA ASN O 103 22.78 104.90 -33.48
C ASN O 103 21.50 104.82 -34.31
N LYS O 104 20.43 104.32 -33.69
CA LYS O 104 19.18 104.17 -34.42
C LYS O 104 18.51 105.52 -34.68
N SER O 105 18.55 106.41 -33.70
CA SER O 105 17.93 107.73 -33.82
C SER O 105 18.99 108.80 -33.82
N THR O 106 18.57 110.01 -34.19
CA THR O 106 19.49 111.14 -34.29
C THR O 106 19.61 111.92 -32.99
N GLU O 107 18.59 111.89 -32.12
CA GLU O 107 18.63 112.66 -30.89
C GLU O 107 19.72 112.14 -29.95
N SER O 108 19.81 110.82 -29.79
CA SER O 108 20.86 110.25 -28.96
C SER O 108 22.24 110.52 -29.55
N LEU O 109 22.34 110.44 -30.88
CA LEU O 109 23.57 110.78 -31.57
C LEU O 109 24.01 112.21 -31.24
N GLN O 110 23.10 113.16 -31.37
CA GLN O 110 23.46 114.55 -31.13
C GLN O 110 23.78 114.80 -29.65
N ALA O 111 23.05 114.15 -28.74
CA ALA O 111 23.36 114.31 -27.33
C ALA O 111 24.77 113.81 -27.03
N ASN O 112 25.13 112.65 -27.58
CA ASN O 112 26.46 112.12 -27.31
C ASN O 112 27.56 112.95 -27.98
N VAL O 113 27.29 113.55 -29.13
CA VAL O 113 28.35 114.36 -29.73
C VAL O 113 28.50 115.70 -29.01
N GLN O 114 27.42 116.28 -28.48
CA GLN O 114 27.62 117.44 -27.61
C GLN O 114 28.37 117.05 -26.34
N ARG O 115 28.11 115.85 -25.83
CA ARG O 115 28.89 115.36 -24.69
C ARG O 115 30.37 115.26 -25.03
N LEU O 116 30.69 114.72 -26.21
CA LEU O 116 32.09 114.62 -26.64
C LEU O 116 32.72 115.98 -26.82
N LYS O 117 32.00 116.94 -27.41
CA LYS O 117 32.55 118.27 -27.62
C LYS O 117 32.76 118.98 -26.30
N GLU O 118 31.85 118.81 -25.34
CA GLU O 118 32.04 119.41 -24.02
C GLU O 118 33.24 118.80 -23.30
N TYR O 119 33.40 117.49 -23.39
CA TYR O 119 34.58 116.85 -22.81
C TYR O 119 35.86 117.35 -23.44
N ARG O 120 35.86 117.49 -24.78
CA ARG O 120 37.05 117.96 -25.47
C ARG O 120 37.38 119.39 -25.08
N SER O 121 36.35 120.22 -24.87
CA SER O 121 36.58 121.57 -24.39
C SER O 121 37.18 121.56 -22.99
N LYS O 122 36.71 120.66 -22.12
CA LYS O 122 37.19 120.62 -20.75
C LYS O 122 38.49 119.83 -20.61
N LEU O 123 39.01 119.23 -21.68
CA LEU O 123 40.19 118.41 -21.59
C LEU O 123 41.46 119.26 -21.55
N ILE O 124 42.36 118.92 -20.62
CA ILE O 124 43.69 119.51 -20.56
C ILE O 124 44.67 118.45 -21.02
N LEU O 125 45.47 118.77 -22.03
CA LEU O 125 46.38 117.81 -22.63
C LEU O 125 47.82 118.21 -22.34
N PHE O 126 48.56 117.31 -21.70
CA PHE O 126 49.97 117.54 -21.40
C PHE O 126 50.83 117.13 -22.59
N PRO O 127 51.80 117.94 -22.99
CA PRO O 127 52.71 117.52 -24.06
C PRO O 127 53.57 116.35 -23.62
N ARG O 128 53.99 115.55 -24.60
CA ARG O 128 54.83 114.38 -24.29
C ARG O 128 56.13 114.80 -23.62
N LYS O 129 56.77 115.83 -24.17
CA LYS O 129 57.96 116.38 -23.54
C LYS O 129 57.58 117.69 -22.87
N PRO O 130 57.64 117.78 -21.54
CA PRO O 130 57.23 119.02 -20.86
C PRO O 130 58.02 120.24 -21.28
N SER O 131 59.28 120.07 -21.66
CA SER O 131 60.09 121.19 -22.11
C SER O 131 59.77 121.61 -23.53
N ALA O 132 59.03 120.80 -24.28
CA ALA O 132 58.71 121.08 -25.68
C ALA O 132 57.21 120.93 -25.90
N PRO O 133 56.44 121.97 -25.59
CA PRO O 133 54.99 121.91 -25.79
C PRO O 133 54.65 122.07 -27.27
N LYS O 134 54.27 120.96 -27.90
CA LYS O 134 54.07 120.97 -29.35
C LYS O 134 52.67 121.47 -29.72
N LYS O 135 51.64 120.72 -29.33
CA LYS O 135 50.28 121.11 -29.69
C LYS O 135 49.25 120.85 -28.59
N GLY O 136 49.67 120.42 -27.40
CA GLY O 136 48.70 120.06 -26.39
C GLY O 136 47.94 121.22 -25.77
N ASP O 137 48.60 121.98 -24.90
CA ASP O 137 47.97 123.06 -24.16
C ASP O 137 49.01 124.03 -23.67
N SER O 138 48.55 125.24 -23.35
CA SER O 138 49.43 126.23 -22.75
C SER O 138 49.79 125.82 -21.33
N SER O 139 51.00 126.16 -20.92
CA SER O 139 51.46 125.82 -19.57
C SER O 139 50.69 126.55 -18.50
N ALA O 140 50.09 127.70 -18.83
CA ALA O 140 49.35 128.47 -17.83
C ALA O 140 48.14 127.71 -17.33
N GLU O 141 47.42 127.03 -18.22
CA GLU O 141 46.21 126.33 -17.84
C GLU O 141 46.47 124.88 -17.43
N GLU O 142 47.72 124.46 -17.37
CA GLU O 142 48.05 123.13 -16.89
C GLU O 142 49.01 123.13 -15.71
N LEU O 143 49.56 124.28 -15.34
CA LEU O 143 50.40 124.35 -14.15
C LEU O 143 49.59 124.05 -12.89
N LYS O 144 48.58 124.87 -12.62
CA LYS O 144 47.78 124.71 -11.41
C LYS O 144 46.35 124.29 -11.68
N LEU O 145 45.85 124.46 -12.90
CA LEU O 145 44.48 124.07 -13.18
C LEU O 145 44.32 122.57 -13.39
N ALA O 146 45.41 121.83 -13.53
CA ALA O 146 45.33 120.38 -13.65
C ALA O 146 45.09 119.76 -12.29
N THR O 147 44.07 118.91 -12.21
CA THR O 147 43.66 118.30 -10.95
C THR O 147 42.95 117.01 -11.26
N GLN O 148 43.27 115.95 -10.52
CA GLN O 148 42.59 114.68 -10.70
C GLN O 148 41.11 114.83 -10.40
N LEU O 149 40.28 114.33 -11.30
CA LEU O 149 38.83 114.43 -11.16
C LEU O 149 38.30 113.23 -10.38
N THR O 150 37.51 113.51 -9.35
CA THR O 150 36.93 112.47 -8.52
C THR O 150 35.50 112.21 -8.97
N GLY O 151 35.14 110.94 -9.09
CA GLY O 151 33.82 110.56 -9.54
C GLY O 151 33.80 110.38 -11.05
N PRO O 152 32.66 109.94 -11.57
CA PRO O 152 32.55 109.75 -13.02
C PRO O 152 32.69 111.06 -13.76
N VAL O 153 33.31 111.00 -14.93
CA VAL O 153 33.50 112.18 -15.76
C VAL O 153 32.16 112.58 -16.36
N MET O 154 31.70 113.79 -16.03
CA MET O 154 30.44 114.32 -16.53
C MET O 154 29.30 113.34 -16.26
N PRO O 155 28.92 113.14 -14.99
CA PRO O 155 28.01 112.04 -14.67
C PRO O 155 26.66 112.17 -15.38
N VAL O 156 26.15 111.02 -15.82
CA VAL O 156 24.89 111.01 -16.58
C VAL O 156 23.73 111.27 -15.61
N ARG O 157 22.92 112.25 -15.95
CA ARG O 157 21.85 112.72 -15.09
C ARG O 157 20.54 112.71 -15.85
N ASN O 158 19.50 112.18 -15.22
CA ASN O 158 18.16 112.21 -15.81
C ASN O 158 17.60 113.62 -15.72
N VAL O 159 17.13 114.15 -16.85
CA VAL O 159 16.61 115.51 -16.93
C VAL O 159 15.12 115.45 -17.21
N TYR O 160 14.37 116.34 -16.57
CA TYR O 160 12.93 116.44 -16.74
C TYR O 160 12.58 117.82 -17.25
N LYS O 161 11.87 117.88 -18.37
CA LYS O 161 11.42 119.15 -18.91
C LYS O 161 10.11 119.54 -18.24
N LYS O 162 10.13 120.66 -17.52
CA LYS O 162 8.96 121.11 -16.79
C LYS O 162 8.01 121.83 -17.73
N GLU O 163 6.75 121.45 -17.70
CA GLU O 163 5.70 122.09 -18.49
C GLU O 163 4.93 123.05 -17.60
N LYS O 164 4.91 124.32 -18.00
CA LYS O 164 4.15 125.32 -17.25
C LYS O 164 2.66 125.07 -17.40
N ALA O 165 1.91 125.47 -16.37
CA ALA O 165 0.47 125.31 -16.40
C ALA O 165 -0.13 126.14 -17.52
N ARG O 166 -1.03 125.52 -18.28
CA ARG O 166 -1.62 126.16 -19.46
C ARG O 166 -3.13 125.95 -19.44
N VAL O 167 -3.81 126.73 -20.26
CA VAL O 167 -5.27 126.63 -20.38
C VAL O 167 -5.62 125.41 -21.22
N ILE O 168 -6.51 124.58 -20.69
CA ILE O 168 -6.96 123.40 -21.43
C ILE O 168 -7.89 123.83 -22.55
N THR O 169 -7.61 123.36 -23.76
CA THR O 169 -8.43 123.71 -24.90
C THR O 169 -9.57 122.71 -25.09
N GLU O 170 -10.53 123.11 -25.92
CA GLU O 170 -11.71 122.26 -26.14
C GLU O 170 -11.34 120.96 -26.83
N GLU O 171 -10.33 120.97 -27.70
CA GLU O 171 -9.92 119.73 -28.34
C GLU O 171 -9.35 118.75 -27.33
N GLU O 172 -8.53 119.23 -26.40
CA GLU O 172 -8.03 118.38 -25.33
C GLU O 172 -9.15 117.90 -24.42
N LYS O 173 -10.16 118.74 -24.21
CA LYS O 173 -11.30 118.30 -23.40
C LYS O 173 -12.13 117.24 -24.11
N ASN O 174 -12.23 117.31 -25.43
CA ASN O 174 -13.02 116.36 -26.18
C ASN O 174 -12.26 115.12 -26.60
N PHE O 175 -10.95 115.07 -26.39
CA PHE O 175 -10.21 113.84 -26.66
C PHE O 175 -10.67 112.73 -25.73
N LYS O 176 -10.85 111.53 -26.29
CA LYS O 176 -11.33 110.36 -25.55
C LYS O 176 -10.18 109.37 -25.42
N ALA O 177 -9.47 109.42 -24.29
CA ALA O 177 -8.26 108.63 -24.11
C ALA O 177 -8.58 107.14 -24.04
N PHE O 178 -9.58 106.76 -23.24
CA PHE O 178 -9.88 105.35 -23.08
C PHE O 178 -10.42 104.74 -24.37
N ALA O 179 -11.33 105.45 -25.05
CA ALA O 179 -11.85 104.97 -26.32
C ALA O 179 -10.75 104.87 -27.35
N SER O 180 -9.85 105.85 -27.37
CA SER O 180 -8.73 105.79 -28.32
C SER O 180 -7.84 104.59 -28.05
N LEU O 181 -7.54 104.31 -26.79
CA LEU O 181 -6.71 103.16 -26.46
C LEU O 181 -7.38 101.86 -26.87
N ARG O 182 -8.68 101.73 -26.56
CA ARG O 182 -9.39 100.51 -26.92
C ARG O 182 -9.44 100.33 -28.43
N MET O 183 -9.71 101.41 -29.17
CA MET O 183 -9.76 101.30 -30.62
C MET O 183 -8.40 101.01 -31.21
N ALA O 184 -7.33 101.57 -30.63
CA ALA O 184 -5.99 101.28 -31.12
C ALA O 184 -5.63 99.83 -30.91
N ARG O 185 -5.97 99.29 -29.74
CA ARG O 185 -5.74 97.86 -29.50
C ARG O 185 -6.52 97.01 -30.49
N ALA O 186 -7.78 97.36 -30.74
CA ALA O 186 -8.59 96.59 -31.69
C ALA O 186 -8.03 96.65 -33.09
N ASN O 187 -7.58 97.84 -33.52
CA ASN O 187 -7.03 97.99 -34.87
C ASN O 187 -5.74 97.21 -35.03
N ALA O 188 -4.86 97.27 -34.03
CA ALA O 188 -3.63 96.49 -34.10
C ALA O 188 -3.92 95.00 -34.06
N ARG O 189 -4.98 94.59 -33.37
CA ARG O 189 -5.32 93.17 -33.32
C ARG O 189 -5.89 92.68 -34.63
N LEU O 190 -6.75 93.47 -35.27
CA LEU O 190 -7.49 93.02 -36.44
C LEU O 190 -6.92 93.57 -37.74
N PHE O 191 -5.73 94.15 -37.73
CA PHE O 191 -5.18 94.71 -38.97
C PHE O 191 -4.95 93.64 -40.03
N GLY O 192 -4.41 92.49 -39.64
CA GLY O 192 -4.06 91.48 -40.62
C GLY O 192 -5.28 90.80 -41.23
N ILE O 193 -6.22 90.38 -40.38
CA ILE O 193 -7.39 89.68 -40.89
C ILE O 193 -8.26 90.62 -41.71
N ARG O 194 -8.27 91.92 -41.38
CA ARG O 194 -8.99 92.88 -42.20
C ARG O 194 -8.38 92.96 -43.59
N ALA O 195 -7.05 92.96 -43.67
CA ALA O 195 -6.37 92.99 -44.96
C ALA O 195 -6.68 91.74 -45.76
N LYS O 196 -6.70 90.57 -45.10
CA LYS O 196 -7.02 89.34 -45.80
C LYS O 196 -8.45 89.34 -46.33
N ARG O 197 -9.40 89.82 -45.52
CA ARG O 197 -10.79 89.89 -45.96
C ARG O 197 -10.96 90.88 -47.10
N ALA O 198 -10.26 92.01 -47.04
CA ALA O 198 -10.30 92.96 -48.15
C ALA O 198 -9.70 92.37 -49.41
N LYS O 199 -8.64 91.58 -49.27
CA LYS O 199 -8.06 90.91 -50.42
C LYS O 199 -9.03 89.93 -51.05
N GLU O 200 -9.72 89.14 -50.22
CA GLU O 200 -10.71 88.20 -50.74
C GLU O 200 -11.87 88.91 -51.41
N ALA O 201 -12.33 90.03 -50.82
CA ALA O 201 -13.39 90.81 -51.43
C ALA O 201 -12.96 91.38 -52.77
N ALA O 202 -11.70 91.83 -52.87
CA ALA O 202 -11.19 92.31 -54.14
C ALA O 202 -11.12 91.19 -55.17
N GLU O 203 -10.72 89.99 -54.74
CA GLU O 203 -10.71 88.85 -55.65
C GLU O 203 -12.10 88.57 -56.20
N GLN O 204 -13.11 88.61 -55.35
CA GLN O 204 -14.48 88.41 -55.84
C GLN O 204 -14.92 89.58 -56.72
N ASP O 205 -14.49 90.80 -56.41
CA ASP O 205 -14.94 91.97 -57.15
C ASP O 205 -14.38 91.99 -58.56
N VAL O 206 -13.13 91.55 -58.74
CA VAL O 206 -12.49 91.64 -60.05
C VAL O 206 -12.99 90.57 -61.00
N GLU O 207 -13.90 89.71 -60.51
CA GLU O 207 -14.47 88.67 -61.36
C GLU O 207 -15.97 88.49 -61.17
N LYS O 208 -16.64 89.40 -60.44
CA LYS O 208 -18.05 89.23 -60.12
C LYS O 208 -18.94 89.21 -61.36
N LYS O 209 -18.49 89.75 -62.49
CA LYS O 209 -19.29 89.83 -63.70
C LYS O 209 -18.72 88.90 -64.76
N LYS O 210 -19.42 87.80 -65.00
CA LYS O 210 -19.06 86.85 -66.05
C LYS O 210 -20.24 85.91 -66.34
N VAL P 1 -35.10 23.47 97.69
CA VAL P 1 -33.85 24.21 97.51
C VAL P 1 -34.13 25.70 97.55
N PHE P 2 -35.08 26.13 96.74
CA PHE P 2 -35.41 27.55 96.65
C PHE P 2 -36.31 27.96 97.80
N ARG P 3 -36.07 29.17 98.32
CA ARG P 3 -36.86 29.71 99.41
C ARG P 3 -37.57 31.00 99.08
N ARG P 4 -37.04 31.80 98.16
CA ARG P 4 -37.66 33.05 97.74
C ARG P 4 -38.19 32.88 96.32
N PHE P 5 -39.45 33.23 96.14
CA PHE P 5 -40.13 33.01 94.86
C PHE P 5 -40.69 34.32 94.34
N VAL P 6 -40.67 34.47 93.02
CA VAL P 6 -41.38 35.56 92.37
C VAL P 6 -42.86 35.20 92.37
N GLU P 7 -43.67 36.04 92.99
CA GLU P 7 -45.10 35.80 93.10
C GLU P 7 -45.79 37.10 93.45
N VAL P 8 -47.12 37.07 93.44
CA VAL P 8 -47.90 38.24 93.76
C VAL P 8 -47.73 38.58 95.24
N GLY P 9 -47.39 39.84 95.53
CA GLY P 9 -47.20 40.28 96.88
C GLY P 9 -45.80 40.15 97.40
N ARG P 10 -44.90 39.54 96.66
CA ARG P 10 -43.52 39.41 97.10
C ARG P 10 -42.84 40.77 97.05
N VAL P 11 -42.14 41.12 98.11
CA VAL P 11 -41.43 42.39 98.19
C VAL P 11 -40.01 42.19 97.68
N ALA P 12 -39.60 43.02 96.74
CA ALA P 12 -38.29 42.96 96.12
C ALA P 12 -37.54 44.26 96.33
N TYR P 13 -36.23 44.15 96.44
CA TYR P 13 -35.33 45.28 96.57
C TYR P 13 -34.72 45.60 95.21
N VAL P 14 -34.70 46.87 94.85
CA VAL P 14 -34.24 47.28 93.53
C VAL P 14 -32.74 47.51 93.58
N SER P 15 -31.99 46.73 92.79
CA SER P 15 -30.54 46.83 92.86
C SER P 15 -30.01 47.97 92.00
N PHE P 16 -30.54 48.15 90.81
CA PHE P 16 -30.07 49.19 89.92
C PHE P 16 -31.23 49.69 89.05
N GLY P 17 -30.95 50.72 88.27
CA GLY P 17 -31.97 51.35 87.46
C GLY P 17 -32.38 52.69 88.04
N PRO P 18 -33.43 53.28 87.48
CA PRO P 18 -33.90 54.58 88.00
C PRO P 18 -34.42 54.52 89.41
N HIS P 19 -34.81 53.35 89.91
CA HIS P 19 -35.42 53.21 91.23
C HIS P 19 -34.52 52.43 92.19
N ALA P 20 -33.21 52.49 92.00
CA ALA P 20 -32.29 51.70 92.79
C ALA P 20 -32.37 52.08 94.26
N GLY P 21 -32.24 51.07 95.13
CA GLY P 21 -32.26 51.29 96.56
C GLY P 21 -33.63 51.38 97.17
N LYS P 22 -34.68 50.96 96.47
CA LYS P 22 -36.04 51.08 96.96
C LYS P 22 -36.68 49.71 97.07
N LEU P 23 -37.73 49.65 97.87
CA LEU P 23 -38.52 48.44 98.03
C LEU P 23 -39.78 48.55 97.19
N VAL P 24 -40.16 47.44 96.57
CA VAL P 24 -41.36 47.38 95.74
C VAL P 24 -42.09 46.08 96.03
N ALA P 25 -43.36 46.04 95.63
CA ALA P 25 -44.16 44.84 95.72
C ALA P 25 -44.51 44.36 94.32
N ILE P 26 -44.44 43.05 94.10
CA ILE P 26 -44.75 42.46 92.81
C ILE P 26 -46.25 42.30 92.71
N VAL P 27 -46.87 43.03 91.79
CA VAL P 27 -48.30 42.97 91.58
C VAL P 27 -48.68 41.94 90.52
N ASP P 28 -47.90 41.84 89.45
CA ASP P 28 -48.23 40.87 88.42
C ASP P 28 -46.96 40.45 87.68
N VAL P 29 -47.08 39.42 86.86
CA VAL P 29 -45.97 38.87 86.10
C VAL P 29 -46.26 39.02 84.62
N ILE P 30 -45.30 39.54 83.86
CA ILE P 30 -45.38 39.66 82.42
C ILE P 30 -44.23 38.87 81.81
N ASP P 31 -44.56 37.97 80.90
CA ASP P 31 -43.67 37.32 79.93
C ASP P 31 -42.27 36.94 80.43
N GLN P 32 -42.18 36.40 81.64
CA GLN P 32 -40.99 35.70 82.13
C GLN P 32 -39.81 36.64 82.43
N ASN P 33 -39.91 37.88 81.99
CA ASN P 33 -38.82 38.83 82.16
C ASN P 33 -39.23 40.08 82.92
N ARG P 34 -40.52 40.40 82.96
CA ARG P 34 -40.94 41.64 83.57
C ARG P 34 -42.02 41.38 84.61
N ALA P 35 -42.24 42.37 85.46
CA ALA P 35 -43.28 42.28 86.46
C ALA P 35 -43.95 43.64 86.59
N LEU P 36 -45.26 43.62 86.75
CA LEU P 36 -45.99 44.79 87.18
C LEU P 36 -45.69 45.02 88.64
N VAL P 37 -45.15 46.20 88.94
CA VAL P 37 -44.42 46.50 90.16
C VAL P 37 -44.94 47.81 90.73
N ASP P 38 -45.08 47.85 92.06
CA ASP P 38 -45.74 48.96 92.75
C ASP P 38 -45.07 49.18 94.10
N GLY P 39 -44.46 50.35 94.29
CA GLY P 39 -44.13 50.79 95.62
C GLY P 39 -45.00 51.97 96.03
N PRO P 40 -46.05 51.70 96.80
CA PRO P 40 -46.97 52.78 97.17
C PRO P 40 -46.50 53.58 98.37
N CYS P 41 -45.70 52.95 99.23
CA CYS P 41 -45.15 53.63 100.39
C CYS P 41 -43.66 53.93 100.26
N THR P 42 -42.98 53.35 99.27
CA THR P 42 -41.60 53.65 98.99
C THR P 42 -41.43 54.52 97.76
N GLN P 43 -42.51 55.15 97.30
CA GLN P 43 -42.48 56.14 96.23
C GLN P 43 -42.00 55.55 94.91
N VAL P 44 -42.61 54.45 94.50
CA VAL P 44 -42.37 53.84 93.19
C VAL P 44 -43.74 53.61 92.58
N ARG P 45 -44.12 54.43 91.61
CA ARG P 45 -45.43 54.27 91.00
C ARG P 45 -45.47 52.98 90.18
N ARG P 46 -46.68 52.52 89.90
CA ARG P 46 -46.87 51.25 89.20
C ARG P 46 -46.25 51.31 87.82
N GLN P 47 -45.47 50.28 87.49
CA GLN P 47 -44.81 50.23 86.20
C GLN P 47 -44.26 48.84 85.95
N ALA P 48 -43.84 48.60 84.72
CA ALA P 48 -43.16 47.37 84.38
C ALA P 48 -41.72 47.43 84.87
N MET P 49 -41.19 46.28 85.26
CA MET P 49 -39.84 46.24 85.78
C MET P 49 -39.19 44.90 85.51
N PRO P 50 -37.98 44.87 84.97
CA PRO P 50 -37.32 43.59 84.68
C PRO P 50 -36.94 42.87 85.97
N PHE P 51 -36.87 41.54 85.86
CA PHE P 51 -36.46 40.72 87.00
C PHE P 51 -34.97 40.79 87.26
N LYS P 52 -34.18 41.29 86.32
CA LYS P 52 -32.74 41.32 86.49
C LYS P 52 -32.31 42.33 87.54
N CYS P 53 -33.06 43.42 87.70
CA CYS P 53 -32.75 44.43 88.69
C CYS P 53 -33.47 44.23 90.00
N MET P 54 -34.14 43.10 90.18
CA MET P 54 -34.84 42.79 91.41
C MET P 54 -34.02 41.84 92.26
N GLN P 55 -34.07 42.03 93.57
CA GLN P 55 -33.52 41.09 94.54
C GLN P 55 -34.61 40.80 95.56
N LEU P 56 -35.12 39.57 95.55
CA LEU P 56 -36.27 39.24 96.38
C LEU P 56 -35.92 39.25 97.85
N THR P 57 -36.84 39.74 98.66
CA THR P 57 -36.71 39.74 100.10
C THR P 57 -37.54 38.60 100.68
N ASP P 58 -37.67 38.58 102.01
CA ASP P 58 -38.43 37.55 102.70
C ASP P 58 -39.84 37.98 103.02
N PHE P 59 -40.25 39.17 102.61
CA PHE P 59 -41.58 39.70 102.92
C PHE P 59 -42.54 39.43 101.77
N ILE P 60 -43.71 38.90 102.11
CA ILE P 60 -44.75 38.62 101.13
C ILE P 60 -46.04 39.29 101.60
N LEU P 61 -46.65 40.07 100.73
CA LEU P 61 -47.90 40.74 101.02
C LEU P 61 -49.06 39.95 100.44
N LYS P 62 -50.21 40.07 101.09
CA LYS P 62 -51.40 39.30 100.71
C LYS P 62 -52.41 40.24 100.06
N PHE P 63 -52.32 40.38 98.74
CA PHE P 63 -53.34 41.05 97.96
C PHE P 63 -53.52 40.30 96.66
N PRO P 64 -54.71 40.36 96.06
CA PRO P 64 -54.93 39.71 94.77
C PRO P 64 -54.12 40.37 93.67
N HIS P 65 -53.86 39.60 92.62
CA HIS P 65 -53.06 40.10 91.51
C HIS P 65 -53.80 41.21 90.76
N SER P 66 -53.03 42.22 90.35
CA SER P 66 -53.56 43.37 89.62
C SER P 66 -54.64 44.11 90.41
N ALA P 67 -54.44 44.20 91.72
CA ALA P 67 -55.27 45.06 92.54
C ALA P 67 -54.77 46.50 92.43
N HIS P 68 -55.55 47.44 92.95
CA HIS P 68 -55.20 48.84 92.84
C HIS P 68 -54.24 49.29 93.94
N GLN P 69 -53.77 50.53 93.77
CA GLN P 69 -52.84 51.16 94.69
C GLN P 69 -53.38 51.17 96.10
N LYS P 70 -54.70 51.37 96.26
CA LYS P 70 -55.30 51.37 97.59
C LYS P 70 -55.00 50.09 98.33
N TYR P 71 -55.31 48.95 97.71
CA TYR P 71 -55.16 47.67 98.40
C TYR P 71 -53.70 47.32 98.58
N VAL P 72 -52.86 47.64 97.60
CA VAL P 72 -51.43 47.38 97.78
C VAL P 72 -50.87 48.21 98.93
N ARG P 73 -51.30 49.47 99.03
CA ARG P 73 -50.81 50.34 100.09
C ARG P 73 -51.31 49.90 101.46
N GLN P 74 -52.57 49.47 101.56
CA GLN P 74 -53.06 48.96 102.84
C GLN P 74 -52.31 47.70 103.25
N ALA P 75 -52.06 46.80 102.29
CA ALA P 75 -51.29 45.60 102.62
C ALA P 75 -49.87 45.96 103.06
N TRP P 76 -49.27 46.97 102.44
CA TRP P 76 -47.93 47.39 102.84
C TRP P 76 -47.93 48.02 104.23
N GLN P 77 -48.90 48.88 104.51
CA GLN P 77 -48.91 49.62 105.77
C GLN P 77 -49.26 48.72 106.94
N LYS P 78 -50.29 47.89 106.80
CA LYS P 78 -50.57 46.89 107.80
C LYS P 78 -49.45 45.85 107.77
N ALA P 79 -48.90 45.54 108.95
CA ALA P 79 -47.64 44.80 109.05
C ALA P 79 -46.56 45.53 108.26
N ASP P 80 -46.23 46.71 108.78
CA ASP P 80 -45.40 47.71 108.11
C ASP P 80 -44.11 47.13 107.56
N ILE P 81 -43.98 47.16 106.24
CA ILE P 81 -42.78 46.63 105.59
C ILE P 81 -41.59 47.53 105.83
N ASN P 82 -41.82 48.83 106.00
CA ASN P 82 -40.70 49.77 106.12
C ASN P 82 -39.90 49.54 107.40
N THR P 83 -40.59 49.45 108.55
CA THR P 83 -39.89 49.23 109.80
C THR P 83 -39.23 47.85 109.84
N LYS P 84 -39.93 46.83 109.35
CA LYS P 84 -39.37 45.48 109.34
C LYS P 84 -38.13 45.43 108.45
N TRP P 85 -38.19 46.07 107.28
CA TRP P 85 -37.04 46.12 106.40
C TRP P 85 -35.88 46.82 107.08
N ALA P 86 -36.14 47.98 107.70
CA ALA P 86 -35.08 48.69 108.40
C ALA P 86 -34.47 47.86 109.51
N ALA P 87 -35.28 47.00 110.14
CA ALA P 87 -34.77 46.12 111.18
C ALA P 87 -33.94 44.96 110.63
N THR P 88 -34.18 44.54 109.39
CA THR P 88 -33.42 43.44 108.83
C THR P 88 -31.93 43.77 108.71
N ARG P 89 -31.10 42.71 108.69
CA ARG P 89 -29.66 42.89 108.57
C ARG P 89 -29.26 43.39 107.19
N TRP P 90 -30.06 43.09 106.17
CA TRP P 90 -29.78 43.56 104.81
C TRP P 90 -29.80 45.07 104.73
N ALA P 91 -30.86 45.69 105.26
CA ALA P 91 -30.99 47.13 105.14
C ALA P 91 -29.94 47.85 105.97
N LYS P 92 -29.59 47.32 107.14
CA LYS P 92 -28.59 48.00 107.93
C LYS P 92 -27.18 47.80 107.38
N LYS P 93 -26.94 46.71 106.64
CA LYS P 93 -25.71 46.63 105.87
C LYS P 93 -25.68 47.67 104.76
N ILE P 94 -26.81 47.90 104.10
CA ILE P 94 -26.89 48.96 103.10
C ILE P 94 -26.60 50.31 103.74
N GLU P 95 -27.20 50.56 104.90
CA GLU P 95 -27.00 51.83 105.59
C GLU P 95 -25.55 51.99 106.02
N ALA P 96 -24.92 50.92 106.48
CA ALA P 96 -23.52 50.98 106.86
C ALA P 96 -22.63 51.30 105.66
N ARG P 97 -22.93 50.70 104.50
CA ARG P 97 -22.21 51.05 103.29
C ARG P 97 -22.36 52.53 102.96
N GLU P 98 -23.59 53.05 103.08
CA GLU P 98 -23.83 54.45 102.74
C GLU P 98 -23.09 55.39 103.67
N ARG P 99 -23.13 55.11 104.98
CA ARG P 99 -22.46 56.00 105.92
C ARG P 99 -20.95 55.84 105.90
N LYS P 100 -20.45 54.70 105.45
CA LYS P 100 -19.01 54.59 105.21
C LYS P 100 -18.61 55.40 103.99
N ALA P 101 -19.43 55.38 102.94
CA ALA P 101 -19.11 56.14 101.75
C ALA P 101 -19.15 57.64 102.01
N LYS P 102 -20.10 58.11 102.82
CA LYS P 102 -20.24 59.54 103.06
C LYS P 102 -19.36 60.03 104.21
N MET P 103 -18.32 59.29 104.56
CA MET P 103 -17.46 59.67 105.68
C MET P 103 -16.38 60.63 105.21
N THR P 104 -16.16 61.70 105.98
CA THR P 104 -15.23 62.75 105.60
C THR P 104 -13.82 62.43 106.07
N ASP P 105 -12.90 63.37 105.87
CA ASP P 105 -11.50 63.16 106.23
C ASP P 105 -11.30 63.15 107.73
N PHE P 106 -11.95 64.08 108.45
CA PHE P 106 -11.87 64.09 109.89
C PHE P 106 -12.48 62.82 110.48
N ASP P 107 -13.60 62.38 109.91
CA ASP P 107 -14.21 61.12 110.35
C ASP P 107 -13.29 59.94 110.08
N ARG P 108 -12.59 59.95 108.95
CA ARG P 108 -11.64 58.89 108.65
C ARG P 108 -10.51 58.87 109.67
N PHE P 109 -10.01 60.05 110.04
CA PHE P 109 -8.96 60.13 111.06
C PHE P 109 -9.44 59.59 112.40
N LYS P 110 -10.65 59.97 112.82
CA LYS P 110 -11.17 59.51 114.09
C LYS P 110 -11.41 57.99 114.07
N VAL P 111 -11.90 57.47 112.96
CA VAL P 111 -12.08 56.03 112.81
C VAL P 111 -10.73 55.33 112.87
N MET P 112 -9.70 55.91 112.25
CA MET P 112 -8.38 55.31 112.28
C MET P 112 -7.87 55.22 113.71
N LYS P 113 -8.06 56.28 114.50
CA LYS P 113 -7.61 56.27 115.89
C LYS P 113 -8.37 55.23 116.72
N ALA P 114 -9.70 55.23 116.60
CA ALA P 114 -10.51 54.30 117.38
C ALA P 114 -10.21 52.86 117.00
N LYS P 115 -10.05 52.58 115.71
CA LYS P 115 -9.74 51.23 115.26
C LYS P 115 -8.36 50.81 115.70
N LYS P 116 -7.40 51.74 115.70
CA LYS P 116 -6.06 51.46 116.23
C LYS P 116 -6.13 50.97 117.67
N MET P 117 -6.80 51.74 118.53
CA MET P 117 -6.86 51.36 119.94
C MET P 117 -7.64 50.07 120.13
N ARG P 118 -8.77 49.92 119.42
CA ARG P 118 -9.59 48.74 119.56
C ARG P 118 -8.83 47.48 119.14
N ASN P 119 -8.12 47.56 118.01
CA ASN P 119 -7.35 46.42 117.53
C ASN P 119 -6.22 46.08 118.50
N ARG P 120 -5.58 47.09 119.08
CA ARG P 120 -4.51 46.80 120.02
C ARG P 120 -5.04 46.09 121.27
N ILE P 121 -6.18 46.54 121.80
CA ILE P 121 -6.74 45.89 122.98
C ILE P 121 -7.15 44.46 122.65
N ILE P 122 -7.79 44.26 121.50
CA ILE P 122 -8.22 42.91 121.10
C ILE P 122 -7.01 42.00 120.91
N LYS P 123 -5.94 42.52 120.31
CA LYS P 123 -4.75 41.71 120.09
C LYS P 123 -4.08 41.33 121.41
N ASN P 124 -4.05 42.24 122.37
CA ASN P 124 -3.53 41.90 123.69
C ASN P 124 -4.36 40.80 124.34
N GLU P 125 -5.68 40.89 124.21
CA GLU P 125 -6.53 39.84 124.79
C GLU P 125 -6.34 38.51 124.08
N VAL P 126 -6.11 38.54 122.76
CA VAL P 126 -5.87 37.31 122.01
C VAL P 126 -4.57 36.66 122.47
N LYS P 127 -3.52 37.47 122.68
CA LYS P 127 -2.27 36.93 123.19
C LYS P 127 -2.46 36.32 124.58
N LYS P 128 -3.24 36.98 125.43
CA LYS P 128 -3.50 36.44 126.76
C LYS P 128 -4.24 35.11 126.67
N LEU P 129 -5.23 35.01 125.79
CA LEU P 129 -5.96 33.75 125.65
C LEU P 129 -5.08 32.66 125.07
N GLN P 130 -4.18 33.01 124.14
CA GLN P 130 -3.25 32.02 123.61
C GLN P 130 -2.34 31.48 124.70
N LYS P 131 -1.80 32.37 125.54
CA LYS P 131 -0.93 31.91 126.61
C LYS P 131 -1.70 31.12 127.65
N ALA P 132 -2.96 31.47 127.90
CA ALA P 132 -3.78 30.69 128.81
C ALA P 132 -4.06 29.30 128.26
N ALA P 133 -4.30 29.20 126.95
CA ALA P 133 -4.59 27.90 126.35
C ALA P 133 -3.33 27.06 126.16
N LEU P 134 -2.15 27.68 126.13
CA LEU P 134 -0.93 26.93 125.87
C LEU P 134 -0.52 26.05 127.04
N LEU P 135 -1.05 26.30 128.25
CA LEU P 135 -0.63 25.53 129.42
C LEU P 135 -1.41 24.23 129.55
N LYS P 136 -1.44 23.43 128.49
CA LYS P 136 -2.05 22.12 128.52
C LYS P 136 -0.96 21.07 128.62
N ALA P 137 -1.05 20.23 129.65
CA ALA P 137 -0.08 19.15 129.85
C ALA P 137 -0.80 17.99 130.53
N SER P 138 -1.26 17.02 129.74
CA SER P 138 -1.98 15.89 130.28
C SER P 138 -1.71 14.63 129.44
N PRO P 139 -1.08 13.60 130.01
CA PRO P 139 -0.84 12.33 129.33
C PRO P 139 -2.13 11.60 128.97
N GLY Q 1 46.30 82.55 -55.52
CA GLY Q 1 45.01 82.32 -54.90
C GLY Q 1 44.58 80.86 -54.94
N ALA Q 2 45.56 79.96 -54.87
CA ALA Q 2 45.26 78.55 -55.01
C ALA Q 2 44.55 77.98 -53.79
N TYR Q 3 44.74 78.62 -52.63
CA TYR Q 3 44.11 78.11 -51.42
C TYR Q 3 42.59 78.18 -51.50
N LYS Q 4 42.07 79.21 -52.15
CA LYS Q 4 40.62 79.30 -52.35
C LYS Q 4 40.09 78.14 -53.18
N TYR Q 5 40.82 77.80 -54.24
CA TYR Q 5 40.42 76.66 -55.07
C TYR Q 5 40.49 75.36 -54.28
N ILE Q 6 41.54 75.18 -53.47
CA ILE Q 6 41.66 73.95 -52.70
C ILE Q 6 40.55 73.84 -51.68
N GLN Q 7 40.17 74.96 -51.07
CA GLN Q 7 39.06 74.97 -50.11
C GLN Q 7 37.75 74.60 -50.79
N GLU Q 8 37.44 75.25 -51.91
CA GLU Q 8 36.21 74.93 -52.62
C GLU Q 8 36.22 73.49 -53.12
N LEU Q 9 37.39 72.96 -53.44
CA LEU Q 9 37.51 71.56 -53.84
C LEU Q 9 37.17 70.63 -52.68
N TRP Q 10 37.79 70.87 -51.52
CA TRP Q 10 37.53 70.04 -50.35
C TRP Q 10 36.13 70.19 -49.81
N ARG Q 11 35.40 71.21 -50.24
CA ARG Q 11 33.97 71.27 -49.92
C ARG Q 11 33.11 70.42 -50.84
N LYS Q 12 33.71 69.51 -51.61
CA LYS Q 12 33.02 68.68 -52.58
C LYS Q 12 33.39 67.21 -52.39
N LYS Q 13 33.29 66.74 -51.15
CA LYS Q 13 33.82 65.44 -50.78
C LYS Q 13 33.11 64.27 -51.45
N GLN Q 14 31.96 64.49 -52.07
CA GLN Q 14 31.25 63.43 -52.76
C GLN Q 14 31.45 63.46 -54.27
N SER Q 15 32.32 64.32 -54.78
CA SER Q 15 32.66 64.29 -56.19
C SER Q 15 33.48 63.05 -56.49
N ASP Q 16 33.65 62.75 -57.78
CA ASP Q 16 34.42 61.59 -58.18
C ASP Q 16 35.88 61.72 -57.74
N VAL Q 17 36.48 62.88 -57.99
CA VAL Q 17 37.89 63.08 -57.67
C VAL Q 17 38.13 63.00 -56.16
N MET Q 18 37.28 63.67 -55.38
CA MET Q 18 37.47 63.67 -53.94
C MET Q 18 37.13 62.32 -53.34
N ARG Q 19 36.14 61.62 -53.88
CA ARG Q 19 35.82 60.28 -53.40
C ARG Q 19 37.00 59.33 -53.64
N PHE Q 20 37.59 59.40 -54.84
CA PHE Q 20 38.75 58.56 -55.13
C PHE Q 20 39.90 58.88 -54.19
N LEU Q 21 40.20 60.17 -54.01
CA LEU Q 21 41.32 60.56 -53.16
C LEU Q 21 41.09 60.14 -51.71
N LEU Q 22 39.87 60.33 -51.21
CA LEU Q 22 39.58 59.95 -49.84
C LEU Q 22 39.68 58.45 -49.64
N ARG Q 23 39.20 57.65 -50.60
CA ARG Q 23 39.31 56.20 -50.46
C ARG Q 23 40.76 55.74 -50.47
N VAL Q 24 41.55 56.26 -51.41
CA VAL Q 24 42.95 55.84 -51.50
C VAL Q 24 43.72 56.25 -50.25
N ARG Q 25 43.52 57.47 -49.79
CA ARG Q 25 44.22 57.92 -48.59
C ARG Q 25 43.74 57.18 -47.35
N CYS Q 26 42.45 56.85 -47.27
CA CYS Q 26 41.97 56.09 -46.13
C CYS Q 26 42.60 54.70 -46.10
N TRP Q 27 42.74 54.06 -47.26
CA TRP Q 27 43.43 52.78 -47.31
C TRP Q 27 44.87 52.92 -46.85
N GLN Q 28 45.57 53.95 -47.34
CA GLN Q 28 46.97 54.12 -46.97
C GLN Q 28 47.12 54.37 -45.48
N TYR Q 29 46.27 55.21 -44.90
CA TYR Q 29 46.33 55.47 -43.46
C TYR Q 29 45.96 54.24 -42.66
N ARG Q 30 45.05 53.43 -43.18
CA ARG Q 30 44.71 52.17 -42.51
C ARG Q 30 45.90 51.24 -42.44
N GLN Q 31 46.75 51.26 -43.46
CA GLN Q 31 47.93 50.40 -43.43
C GLN Q 31 49.00 50.84 -42.44
N LEU Q 32 48.88 52.03 -41.84
CA LEU Q 32 49.91 52.56 -40.97
C LEU Q 32 49.53 52.37 -39.50
N SER Q 33 50.34 52.93 -38.61
CA SER Q 33 50.11 52.82 -37.18
C SER Q 33 49.03 53.78 -36.72
N ALA Q 34 48.55 53.56 -35.50
CA ALA Q 34 47.50 54.41 -34.95
C ALA Q 34 47.98 55.84 -34.74
N LEU Q 35 49.20 56.00 -34.24
CA LEU Q 35 49.82 57.31 -34.07
C LEU Q 35 51.06 57.34 -34.95
N HIS Q 36 51.14 58.32 -35.84
CA HIS Q 36 52.20 58.30 -36.84
C HIS Q 36 52.50 59.73 -37.28
N ARG Q 37 53.75 60.16 -37.20
CA ARG Q 37 54.07 61.51 -37.61
C ARG Q 37 53.97 61.66 -39.12
N ALA Q 38 53.29 62.71 -39.57
CA ALA Q 38 53.19 63.02 -40.98
C ALA Q 38 54.32 63.97 -41.38
N PRO Q 39 54.96 63.73 -42.53
CA PRO Q 39 56.03 64.62 -42.97
C PRO Q 39 55.56 66.04 -43.25
N ARG Q 40 54.32 66.20 -43.67
CA ARG Q 40 53.75 67.50 -43.99
C ARG Q 40 52.24 67.40 -43.85
N PRO Q 41 51.55 68.52 -43.69
CA PRO Q 41 50.09 68.47 -43.64
C PRO Q 41 49.51 67.94 -44.95
N THR Q 42 48.51 67.06 -44.83
CA THR Q 42 47.80 66.58 -46.00
C THR Q 42 46.96 67.68 -46.63
N ARG Q 43 46.40 68.57 -45.80
CA ARG Q 43 45.59 69.70 -46.26
C ARG Q 43 46.30 70.97 -45.78
N PRO Q 44 47.24 71.49 -46.57
CA PRO Q 44 47.96 72.70 -46.13
C PRO Q 44 47.07 73.91 -45.91
N ASP Q 45 46.04 74.09 -46.75
CA ASP Q 45 45.15 75.23 -46.55
C ASP Q 45 44.38 75.12 -45.25
N LYS Q 46 43.86 73.94 -44.95
CA LYS Q 46 43.13 73.74 -43.69
C LYS Q 46 44.06 73.91 -42.50
N ALA Q 47 45.29 73.39 -42.61
CA ALA Q 47 46.24 73.53 -41.51
C ALA Q 47 46.56 74.98 -41.24
N ARG Q 48 46.86 75.75 -42.29
CA ARG Q 48 47.21 77.15 -42.07
C ARG Q 48 45.99 77.98 -41.65
N ARG Q 49 44.80 77.56 -42.07
CA ARG Q 49 43.58 78.17 -41.57
C ARG Q 49 43.44 77.93 -40.06
N LEU Q 50 43.81 76.74 -39.61
CA LEU Q 50 43.73 76.39 -38.20
C LEU Q 50 44.90 76.92 -37.39
N GLY Q 51 45.94 77.45 -38.03
CA GLY Q 51 47.01 78.10 -37.32
C GLY Q 51 48.40 77.59 -37.62
N TYR Q 52 48.55 76.64 -38.54
CA TYR Q 52 49.85 76.09 -38.88
C TYR Q 52 50.62 77.06 -39.76
N LYS Q 53 51.94 77.11 -39.59
CA LYS Q 53 52.82 77.86 -40.45
C LYS Q 53 53.99 76.97 -40.84
N ALA Q 54 54.38 77.03 -42.12
CA ALA Q 54 55.43 76.17 -42.63
C ALA Q 54 56.79 76.69 -42.17
N LYS Q 55 57.10 76.43 -40.91
CA LYS Q 55 58.38 76.81 -40.34
C LYS Q 55 58.76 75.79 -39.28
N GLN Q 56 60.04 75.78 -38.92
CA GLN Q 56 60.54 74.84 -37.95
C GLN Q 56 59.88 75.05 -36.59
N GLY Q 57 59.46 73.95 -35.97
CA GLY Q 57 58.72 73.99 -34.73
C GLY Q 57 57.28 73.54 -34.86
N TYR Q 58 56.72 73.57 -36.06
CA TYR Q 58 55.40 73.03 -36.34
C TYR Q 58 55.54 71.62 -36.88
N VAL Q 59 54.84 70.67 -36.26
CA VAL Q 59 54.86 69.29 -36.73
C VAL Q 59 53.41 68.81 -36.85
N ILE Q 60 53.24 67.73 -37.61
CA ILE Q 60 51.93 67.16 -37.88
C ILE Q 60 51.95 65.70 -37.47
N TYR Q 61 50.92 65.28 -36.74
CA TYR Q 61 50.80 63.88 -36.32
C TYR Q 61 49.44 63.36 -36.76
N ARG Q 62 49.43 62.28 -37.53
CA ARG Q 62 48.21 61.62 -37.94
C ARG Q 62 47.79 60.61 -36.88
N ILE Q 63 46.53 60.71 -36.46
CA ILE Q 63 45.95 59.88 -35.41
C ILE Q 63 44.74 59.15 -35.97
N ARG Q 64 44.64 57.87 -35.64
CA ARG Q 64 43.54 57.02 -36.03
C ARG Q 64 42.77 56.62 -34.78
N VAL Q 65 41.49 56.95 -34.75
CA VAL Q 65 40.65 56.62 -33.61
C VAL Q 65 39.56 55.66 -34.07
N ARG Q 66 39.05 54.87 -33.13
CA ARG Q 66 37.98 53.93 -33.43
C ARG Q 66 36.63 54.62 -33.31
N ARG Q 67 35.76 54.35 -34.27
CA ARG Q 67 34.47 55.02 -34.35
C ARG Q 67 33.46 54.35 -33.43
N GLY Q 68 32.36 55.03 -33.21
CA GLY Q 68 31.24 54.49 -32.47
C GLY Q 68 31.11 55.12 -31.10
N GLY Q 69 30.14 54.58 -30.36
CA GLY Q 69 29.82 55.08 -29.04
C GLY Q 69 30.73 54.52 -27.97
N ARG Q 70 30.32 54.72 -26.73
CA ARG Q 70 31.11 54.34 -25.57
C ARG Q 70 30.35 53.26 -24.79
N LYS Q 71 30.75 52.00 -24.98
CA LYS Q 71 30.18 50.93 -24.18
C LYS Q 71 30.60 51.09 -22.72
N ARG Q 72 29.66 50.91 -21.81
CA ARG Q 72 29.97 51.02 -20.39
C ARG Q 72 30.86 49.87 -19.97
N PRO Q 73 32.02 50.13 -19.38
CA PRO Q 73 32.97 49.05 -19.09
C PRO Q 73 32.66 48.34 -17.78
N VAL Q 74 31.58 47.58 -17.77
CA VAL Q 74 31.16 46.84 -16.58
C VAL Q 74 31.22 45.35 -16.91
N PRO Q 75 31.55 44.49 -15.95
CA PRO Q 75 31.63 43.06 -16.24
C PRO Q 75 30.26 42.48 -16.54
N LYS Q 76 30.16 41.80 -17.68
CA LYS Q 76 28.95 41.12 -18.13
C LYS Q 76 27.75 42.05 -18.25
N GLY Q 77 27.98 43.35 -18.41
CA GLY Q 77 26.90 44.28 -18.56
C GLY Q 77 26.10 44.55 -17.31
N ALA Q 78 26.61 44.16 -16.14
CA ALA Q 78 25.90 44.36 -14.88
C ALA Q 78 26.28 45.72 -14.31
N THR Q 79 25.35 46.66 -14.38
CA THR Q 79 25.49 47.96 -13.74
C THR Q 79 24.54 47.94 -12.56
N TYR Q 80 25.03 47.45 -11.42
CA TYR Q 80 24.19 47.22 -10.25
C TYR Q 80 23.58 48.52 -9.74
N GLY Q 81 22.27 48.66 -9.86
CA GLY Q 81 21.61 49.86 -9.42
C GLY Q 81 20.21 49.93 -10.00
N LYS Q 82 19.67 51.14 -9.98
CA LYS Q 82 18.32 51.36 -10.45
C LYS Q 82 18.25 51.20 -11.97
N PRO Q 83 17.08 50.86 -12.51
CA PRO Q 83 16.99 50.58 -13.96
C PRO Q 83 17.34 51.75 -14.85
N VAL Q 84 17.28 52.99 -14.35
CA VAL Q 84 17.62 54.13 -15.18
C VAL Q 84 19.10 54.14 -15.55
N HIS Q 85 19.92 53.41 -14.79
CA HIS Q 85 21.35 53.32 -15.06
C HIS Q 85 21.75 51.96 -15.62
N HIS Q 86 20.79 51.14 -16.04
CA HIS Q 86 21.10 49.83 -16.60
C HIS Q 86 21.71 49.91 -17.99
N GLY Q 87 21.75 51.08 -18.60
CA GLY Q 87 22.25 51.22 -19.94
C GLY Q 87 23.70 50.82 -20.10
N VAL Q 88 23.96 49.94 -21.06
CA VAL Q 88 25.32 49.53 -21.41
C VAL Q 88 25.65 49.93 -22.84
N ASN Q 89 24.79 49.58 -23.79
CA ASN Q 89 24.96 50.00 -25.16
C ASN Q 89 24.16 51.27 -25.42
N GLN Q 90 24.34 51.82 -26.62
CA GLN Q 90 23.73 53.07 -27.05
C GLN Q 90 24.13 54.25 -26.17
N LEU Q 91 25.23 54.13 -25.43
CA LEU Q 91 25.76 55.25 -24.65
C LEU Q 91 26.78 56.01 -25.48
N LYS Q 92 26.94 57.28 -25.17
CA LYS Q 92 27.79 58.16 -25.97
C LYS Q 92 28.75 58.93 -25.09
N PHE Q 93 29.98 59.04 -25.56
CA PHE Q 93 31.01 59.81 -24.87
C PHE Q 93 30.74 61.30 -25.01
N ALA Q 94 31.04 62.05 -23.95
CA ALA Q 94 30.74 63.47 -23.94
C ALA Q 94 31.63 64.25 -24.90
N ARG Q 95 32.85 63.80 -25.12
CA ARG Q 95 33.80 64.47 -26.00
C ARG Q 95 33.84 63.79 -27.36
N SER Q 96 34.22 64.56 -28.36
CA SER Q 96 34.21 64.06 -29.73
C SER Q 96 35.47 63.26 -30.04
N LEU Q 97 35.38 62.48 -31.13
CA LEU Q 97 36.51 61.68 -31.56
C LEU Q 97 37.70 62.55 -31.96
N GLN Q 98 37.44 63.74 -32.49
CA GLN Q 98 38.52 64.67 -32.78
C GLN Q 98 39.25 65.08 -31.50
N SER Q 99 38.49 65.35 -30.44
CA SER Q 99 39.09 65.67 -29.15
C SER Q 99 39.90 64.49 -28.61
N VAL Q 100 39.39 63.28 -28.80
CA VAL Q 100 40.11 62.09 -28.34
C VAL Q 100 41.42 61.94 -29.09
N ALA Q 101 41.40 62.16 -30.40
CA ALA Q 101 42.63 62.07 -31.19
C ALA Q 101 43.63 63.13 -30.77
N GLU Q 102 43.16 64.35 -30.51
CA GLU Q 102 44.03 65.41 -30.01
C GLU Q 102 44.66 65.01 -28.68
N GLU Q 103 43.86 64.44 -27.78
CA GLU Q 103 44.37 64.02 -26.48
C GLU Q 103 45.43 62.94 -26.63
N ARG Q 104 45.21 61.98 -27.53
CA ARG Q 104 46.20 60.93 -27.73
C ARG Q 104 47.50 61.48 -28.30
N ALA Q 105 47.40 62.39 -29.28
CA ALA Q 105 48.60 63.01 -29.83
C ALA Q 105 49.38 63.77 -28.78
N GLY Q 106 48.68 64.54 -27.94
CA GLY Q 106 49.36 65.28 -26.90
C GLY Q 106 49.99 64.40 -25.84
N ARG Q 107 49.28 63.33 -25.45
CA ARG Q 107 49.81 62.43 -24.45
C ARG Q 107 51.06 61.72 -24.93
N HIS Q 108 51.10 61.36 -26.21
CA HIS Q 108 52.33 60.80 -26.74
C HIS Q 108 53.43 61.84 -26.80
N CYS Q 109 53.14 63.00 -27.39
CA CYS Q 109 54.13 64.08 -27.49
C CYS Q 109 53.89 65.11 -26.38
N GLY Q 110 54.05 64.65 -25.13
CA GLY Q 110 53.91 65.51 -23.98
C GLY Q 110 54.88 66.68 -23.92
N ALA Q 111 55.95 66.64 -24.71
CA ALA Q 111 56.86 67.78 -24.79
C ALA Q 111 56.40 68.84 -25.78
N LEU Q 112 55.36 68.58 -26.56
CA LEU Q 112 54.84 69.51 -27.53
C LEU Q 112 53.50 70.06 -27.06
N ARG Q 113 52.98 71.02 -27.81
CA ARG Q 113 51.71 71.66 -27.49
C ARG Q 113 50.74 71.48 -28.64
N VAL Q 114 49.57 70.92 -28.35
CA VAL Q 114 48.55 70.76 -29.38
C VAL Q 114 47.97 72.12 -29.74
N LEU Q 115 47.98 72.45 -31.02
CA LEU Q 115 47.38 73.71 -31.48
C LEU Q 115 45.95 73.48 -31.96
N ASN Q 116 45.77 72.64 -32.97
CA ASN Q 116 44.46 72.31 -33.51
C ASN Q 116 44.56 70.96 -34.22
N SER Q 117 43.50 70.57 -34.90
CA SER Q 117 43.48 69.33 -35.65
C SER Q 117 42.38 69.41 -36.69
N TYR Q 118 42.45 68.51 -37.66
CA TYR Q 118 41.44 68.49 -38.72
C TYR Q 118 41.23 67.08 -39.23
N TRP Q 119 40.09 66.89 -39.89
CA TRP Q 119 39.66 65.61 -40.40
C TRP Q 119 40.32 65.33 -41.74
N VAL Q 120 40.92 64.15 -41.91
CA VAL Q 120 41.55 63.80 -43.18
C VAL Q 120 40.92 62.59 -43.84
N GLY Q 121 40.00 61.90 -43.17
CA GLY Q 121 39.38 60.74 -43.76
C GLY Q 121 38.77 59.87 -42.70
N GLU Q 122 37.85 59.01 -43.14
CA GLU Q 122 37.18 58.11 -42.20
C GLU Q 122 36.80 56.83 -42.93
N ASP Q 123 36.70 55.77 -42.15
CA ASP Q 123 36.27 54.45 -42.59
C ASP Q 123 35.01 54.09 -41.81
N SER Q 124 34.55 52.85 -41.94
CA SER Q 124 33.44 52.42 -41.10
C SER Q 124 33.89 52.22 -39.67
N THR Q 125 35.16 51.90 -39.45
CA THR Q 125 35.67 51.60 -38.14
C THR Q 125 36.74 52.55 -37.64
N TYR Q 126 37.28 53.43 -38.49
CA TYR Q 126 38.31 54.37 -38.07
C TYR Q 126 37.99 55.76 -38.58
N LYS Q 127 38.33 56.76 -37.77
CA LYS Q 127 38.39 58.15 -38.20
C LYS Q 127 39.83 58.62 -38.11
N PHE Q 128 40.26 59.39 -39.11
CA PHE Q 128 41.63 59.85 -39.20
C PHE Q 128 41.69 61.36 -39.08
N PHE Q 129 42.50 61.83 -38.16
CA PHE Q 129 42.70 63.26 -37.95
C PHE Q 129 44.18 63.56 -38.04
N GLU Q 130 44.48 64.81 -38.37
CA GLU Q 130 45.85 65.30 -38.35
C GLU Q 130 45.90 66.43 -37.35
N VAL Q 131 46.82 66.31 -36.39
CA VAL Q 131 46.94 67.24 -35.27
C VAL Q 131 48.19 68.07 -35.49
N ILE Q 132 48.06 69.37 -35.34
CA ILE Q 132 49.18 70.30 -35.39
C ILE Q 132 49.78 70.41 -34.01
N LEU Q 133 51.08 70.18 -33.91
CA LEU Q 133 51.80 70.31 -32.65
C LEU Q 133 52.86 71.39 -32.83
N ILE Q 134 53.17 72.08 -31.74
CA ILE Q 134 54.18 73.12 -31.72
C ILE Q 134 55.22 72.74 -30.68
N ASP Q 135 56.49 72.82 -31.06
CA ASP Q 135 57.56 72.68 -30.09
C ASP Q 135 57.75 74.02 -29.40
N PRO Q 136 57.43 74.13 -28.11
CA PRO Q 136 57.46 75.44 -27.45
C PRO Q 136 58.86 75.93 -27.13
N PHE Q 137 59.89 75.12 -27.32
CA PHE Q 137 61.24 75.50 -26.98
C PHE Q 137 62.12 75.70 -28.20
N HIS Q 138 61.58 75.54 -29.40
CA HIS Q 138 62.34 75.90 -30.60
C HIS Q 138 62.46 77.41 -30.67
N LYS Q 139 63.61 77.89 -31.15
CA LYS Q 139 63.85 79.32 -31.18
C LYS Q 139 62.96 80.03 -32.18
N ALA Q 140 62.59 79.37 -33.28
CA ALA Q 140 61.68 79.98 -34.24
C ALA Q 140 60.33 80.26 -33.62
N ILE Q 141 59.83 79.34 -32.79
CA ILE Q 141 58.58 79.55 -32.07
C ILE Q 141 58.78 80.60 -30.98
N ARG Q 142 59.91 80.54 -30.30
CA ARG Q 142 60.11 81.26 -29.05
C ARG Q 142 60.50 82.72 -29.23
N ARG Q 143 61.19 83.06 -30.32
CA ARG Q 143 61.61 84.42 -30.60
C ARG Q 143 60.58 85.22 -31.36
N ASN Q 144 59.45 84.62 -31.70
CA ASN Q 144 58.45 85.26 -32.52
C ASN Q 144 57.26 85.63 -31.64
N PRO Q 145 56.89 86.90 -31.51
CA PRO Q 145 55.61 87.21 -30.88
C PRO Q 145 54.48 86.74 -31.76
N ASP Q 146 53.26 86.75 -31.20
CA ASP Q 146 52.05 86.15 -31.75
C ASP Q 146 52.14 84.63 -31.75
N THR Q 147 53.27 84.06 -31.33
CA THR Q 147 53.41 82.63 -31.12
C THR Q 147 53.93 82.32 -29.73
N GLN Q 148 54.50 83.31 -29.03
CA GLN Q 148 55.03 83.11 -27.69
C GLN Q 148 53.98 82.68 -26.68
N TRP Q 149 52.70 82.89 -26.99
CA TRP Q 149 51.65 82.54 -26.04
C TRP Q 149 51.62 81.04 -25.77
N ILE Q 150 51.87 80.22 -26.79
CA ILE Q 150 51.85 78.78 -26.63
C ILE Q 150 53.00 78.31 -25.75
N THR Q 151 54.03 79.13 -25.56
CA THR Q 151 55.17 78.77 -24.73
C THR Q 151 54.92 78.99 -23.24
N LYS Q 152 53.82 79.65 -22.88
CA LYS Q 152 53.55 79.92 -21.48
C LYS Q 152 53.19 78.63 -20.75
N PRO Q 153 53.54 78.53 -19.47
CA PRO Q 153 53.19 77.32 -18.70
C PRO Q 153 51.71 77.08 -18.56
N VAL Q 154 50.88 78.13 -18.66
CA VAL Q 154 49.44 77.95 -18.53
C VAL Q 154 48.86 77.25 -19.75
N HIS Q 155 49.61 77.19 -20.84
CA HIS Q 155 49.11 76.64 -22.10
C HIS Q 155 49.65 75.25 -22.40
N LYS Q 156 49.89 74.45 -21.37
CA LYS Q 156 50.35 73.08 -21.58
C LYS Q 156 49.18 72.11 -21.40
N HIS Q 157 49.10 71.13 -22.31
CA HIS Q 157 48.03 70.14 -22.33
C HIS Q 157 46.66 70.79 -22.44
N ARG Q 158 46.56 71.71 -23.40
CA ARG Q 158 45.27 72.32 -23.71
C ARG Q 158 44.26 71.29 -24.15
N GLU Q 159 44.71 70.29 -24.91
CA GLU Q 159 43.82 69.22 -25.36
C GLU Q 159 43.30 68.39 -24.21
N MET Q 160 44.00 68.36 -23.08
CA MET Q 160 43.54 67.60 -21.94
C MET Q 160 42.69 68.44 -21.00
N ARG Q 161 42.88 69.75 -20.99
CA ARG Q 161 41.98 70.62 -20.25
C ARG Q 161 40.82 71.12 -21.10
N GLY Q 162 40.70 70.63 -22.33
CA GLY Q 162 39.61 71.03 -23.20
C GLY Q 162 39.67 72.46 -23.70
N LEU Q 163 40.86 72.94 -24.04
CA LEU Q 163 41.05 74.31 -24.48
C LEU Q 163 41.29 74.46 -25.96
N THR Q 164 41.46 73.36 -26.70
CA THR Q 164 41.51 73.43 -28.14
C THR Q 164 40.11 73.61 -28.70
N SER Q 165 39.99 73.71 -30.02
CA SER Q 165 38.69 73.90 -30.63
C SER Q 165 37.82 72.67 -30.48
N ALA Q 166 38.38 71.49 -30.79
CA ALA Q 166 37.62 70.25 -30.71
C ALA Q 166 37.21 69.94 -29.28
N GLY Q 167 38.14 70.11 -28.33
CA GLY Q 167 37.80 69.91 -26.94
C GLY Q 167 36.89 70.97 -26.37
N ARG Q 168 36.92 72.17 -26.94
CA ARG Q 168 36.06 73.25 -26.46
C ARG Q 168 34.62 73.04 -26.90
N LYS Q 169 34.42 72.43 -28.07
CA LYS Q 169 33.07 72.28 -28.58
C LYS Q 169 32.16 71.48 -27.66
N SER Q 170 32.73 70.61 -26.82
CA SER Q 170 31.91 69.76 -25.96
C SER Q 170 31.60 70.38 -24.61
N ARG Q 171 32.15 71.53 -24.29
CA ARG Q 171 31.97 72.13 -22.98
C ARG Q 171 30.71 72.97 -22.87
N GLY Q 172 29.97 73.16 -23.97
CA GLY Q 172 28.76 73.93 -23.90
C GLY Q 172 28.95 75.42 -23.72
N LEU Q 173 30.11 75.94 -24.10
CA LEU Q 173 30.34 77.38 -23.99
C LEU Q 173 29.67 78.11 -25.14
N GLY Q 174 29.45 79.40 -24.92
CA GLY Q 174 28.84 80.24 -25.93
C GLY Q 174 28.12 81.39 -25.26
N LYS Q 175 27.56 82.26 -26.10
CA LYS Q 175 26.84 83.43 -25.65
C LYS Q 175 25.36 83.27 -25.96
N GLY Q 176 24.52 83.62 -25.01
CA GLY Q 176 23.12 83.74 -25.27
C GLY Q 176 22.27 82.71 -24.55
N HIS Q 177 21.03 82.59 -25.00
CA HIS Q 177 20.04 81.81 -24.27
C HIS Q 177 20.25 80.31 -24.41
N LYS Q 178 21.00 79.86 -25.40
CA LYS Q 178 21.22 78.44 -25.56
C LYS Q 178 22.29 77.90 -24.63
N PHE Q 179 23.08 78.78 -24.01
CA PHE Q 179 24.27 78.38 -23.27
C PHE Q 179 24.24 78.94 -21.86
N HIS Q 180 23.11 78.79 -21.18
CA HIS Q 180 23.01 79.20 -19.79
C HIS Q 180 23.66 78.22 -18.84
N HIS Q 181 24.02 77.03 -19.30
CA HIS Q 181 24.64 76.04 -18.41
C HIS Q 181 26.02 76.48 -17.97
N THR Q 182 26.69 77.33 -18.75
CA THR Q 182 28.10 77.63 -18.55
C THR Q 182 28.33 79.12 -18.28
N ILE Q 183 27.41 79.78 -17.60
CA ILE Q 183 27.64 81.17 -17.20
C ILE Q 183 28.55 81.17 -15.98
N GLY Q 184 29.72 81.77 -16.12
CA GLY Q 184 30.74 81.70 -15.11
C GLY Q 184 32.00 81.00 -15.54
N GLY Q 185 32.06 80.47 -16.77
CA GLY Q 185 33.25 79.84 -17.30
C GLY Q 185 33.05 78.39 -17.68
N SER Q 186 32.25 77.67 -16.93
CA SER Q 186 32.06 76.24 -17.17
C SER Q 186 30.80 75.77 -16.46
N ARG Q 187 30.42 74.52 -16.76
CA ARG Q 187 29.28 73.93 -16.08
C ARG Q 187 29.51 73.83 -14.58
N ARG Q 188 30.70 73.40 -14.18
CA ARG Q 188 31.00 73.27 -12.77
C ARG Q 188 31.01 74.63 -12.08
N ALA Q 189 31.53 75.66 -12.75
CA ALA Q 189 31.52 77.01 -12.17
C ALA Q 189 30.10 77.50 -11.98
N ALA Q 190 29.26 77.32 -13.00
CA ALA Q 190 27.86 77.74 -12.88
C ALA Q 190 27.15 76.95 -11.79
N TRP Q 191 27.42 75.66 -11.70
CA TRP Q 191 26.79 74.84 -10.67
C TRP Q 191 27.21 75.26 -9.27
N ARG Q 192 28.49 75.54 -9.07
CA ARG Q 192 28.95 76.00 -7.77
C ARG Q 192 28.31 77.34 -7.41
N ARG Q 193 28.24 78.25 -8.37
CA ARG Q 193 27.62 79.55 -8.08
C ARG Q 193 26.15 79.40 -7.75
N ARG Q 194 25.43 78.54 -8.48
CA ARG Q 194 24.00 78.40 -8.28
C ARG Q 194 23.64 77.51 -7.10
N ASN Q 195 24.57 76.72 -6.60
CA ASN Q 195 24.30 75.84 -5.47
C ASN Q 195 25.04 76.25 -4.21
N THR Q 196 25.80 77.33 -4.25
CA THR Q 196 26.42 77.87 -3.05
C THR Q 196 25.43 78.75 -2.32
N LEU Q 197 25.30 78.54 -1.01
CA LEU Q 197 24.43 79.34 -0.17
C LEU Q 197 25.23 80.52 0.37
N GLN Q 198 24.88 81.73 -0.05
CA GLN Q 198 25.55 82.93 0.40
C GLN Q 198 24.97 83.34 1.74
N LEU Q 199 25.76 83.19 2.80
CA LEU Q 199 25.37 83.60 4.14
C LEU Q 199 26.16 84.85 4.48
N HIS Q 200 25.52 86.01 4.35
CA HIS Q 200 26.20 87.27 4.59
C HIS Q 200 26.48 87.45 6.08
N ARG Q 201 27.10 88.57 6.41
CA ARG Q 201 27.30 88.87 7.82
C ARG Q 201 25.99 89.35 8.46
N TYR Q 202 25.21 90.10 7.70
CA TYR Q 202 23.94 90.64 8.17
C TYR Q 202 22.81 90.00 7.36
N ARG Q 203 22.07 89.10 7.99
CA ARG Q 203 20.87 88.55 7.39
C ARG Q 203 19.61 89.15 7.98
N GLU R 1 -1.06 47.35 88.84
CA GLU R 1 -0.54 47.77 90.13
C GLU R 1 0.96 47.50 90.23
N VAL R 2 1.53 47.77 91.41
CA VAL R 2 2.98 47.64 91.60
C VAL R 2 3.39 46.24 92.04
N GLN R 3 2.48 45.45 92.59
CA GLN R 3 2.79 44.09 93.02
C GLN R 3 2.39 43.10 91.94
N VAL R 4 2.63 41.82 92.21
CA VAL R 4 2.30 40.75 91.29
C VAL R 4 0.84 40.35 91.48
N LEU R 5 0.14 40.18 90.37
CA LEU R 5 -1.26 39.75 90.38
C LEU R 5 -1.29 38.25 90.14
N VAL R 6 -1.68 37.48 91.16
CA VAL R 6 -1.68 36.04 91.09
C VAL R 6 -3.10 35.56 90.84
N LEU R 7 -3.30 34.85 89.74
CA LEU R 7 -4.60 34.40 89.30
C LEU R 7 -4.68 32.89 89.33
N ASP R 8 -5.69 32.36 90.00
CA ASP R 8 -5.93 30.93 90.02
C ASP R 8 -6.62 30.52 88.73
N GLY R 9 -6.00 29.63 87.98
CA GLY R 9 -6.53 29.25 86.68
C GLY R 9 -7.70 28.30 86.72
N ARG R 10 -8.07 27.77 87.88
CA ARG R 10 -9.17 26.84 87.96
C ARG R 10 -10.50 27.53 87.72
N GLY R 11 -11.34 26.91 86.88
CA GLY R 11 -12.66 27.42 86.61
C GLY R 11 -12.71 28.58 85.65
N HIS R 12 -11.59 28.93 85.04
CA HIS R 12 -11.51 30.08 84.15
C HIS R 12 -11.51 29.63 82.70
N LEU R 13 -12.18 30.39 81.85
CA LEU R 13 -12.18 30.09 80.43
C LEU R 13 -10.91 30.62 79.78
N LEU R 14 -10.39 29.82 78.83
CA LEU R 14 -9.05 30.03 78.30
C LEU R 14 -8.91 31.40 77.65
N GLY R 15 -9.71 31.66 76.61
CA GLY R 15 -9.56 32.90 75.87
C GLY R 15 -9.93 34.12 76.67
N ARG R 16 -10.96 34.01 77.52
CA ARG R 16 -11.36 35.13 78.35
C ARG R 16 -10.23 35.54 79.30
N LEU R 17 -9.71 34.56 80.04
CA LEU R 17 -8.63 34.84 80.98
C LEU R 17 -7.39 35.32 80.24
N ALA R 18 -7.13 34.77 79.05
CA ALA R 18 -5.94 35.18 78.30
C ALA R 18 -6.06 36.61 77.80
N ALA R 19 -7.26 37.02 77.38
CA ALA R 19 -7.44 38.41 76.97
C ALA R 19 -7.23 39.37 78.13
N ILE R 20 -7.80 39.03 79.30
CA ILE R 20 -7.60 39.87 80.47
C ILE R 20 -6.11 39.96 80.83
N VAL R 21 -5.43 38.81 80.82
CA VAL R 21 -4.02 38.76 81.18
C VAL R 21 -3.17 39.55 80.18
N ALA R 22 -3.50 39.45 78.88
CA ALA R 22 -2.75 40.18 77.88
C ALA R 22 -2.88 41.68 78.07
N LYS R 23 -4.10 42.16 78.34
CA LYS R 23 -4.25 43.60 78.59
C LYS R 23 -3.49 44.02 79.84
N GLN R 24 -3.53 43.18 80.89
CA GLN R 24 -2.84 43.52 82.13
C GLN R 24 -1.33 43.63 81.92
N VAL R 25 -0.74 42.65 81.22
CA VAL R 25 0.71 42.68 81.04
C VAL R 25 1.11 43.79 80.07
N LEU R 26 0.23 44.14 79.12
CA LEU R 26 0.54 45.29 78.27
C LEU R 26 0.47 46.59 79.04
N LEU R 27 -0.36 46.66 80.08
CA LEU R 27 -0.39 47.83 80.94
C LEU R 27 0.74 47.83 81.97
N GLY R 28 1.77 47.03 81.77
CA GLY R 28 2.95 47.07 82.62
C GLY R 28 2.80 46.40 83.97
N ARG R 29 1.99 45.35 84.05
CA ARG R 29 1.69 44.68 85.31
C ARG R 29 2.24 43.26 85.30
N LYS R 30 2.83 42.85 86.41
CA LYS R 30 3.32 41.48 86.57
C LYS R 30 2.14 40.57 86.89
N VAL R 31 1.96 39.53 86.08
CA VAL R 31 0.85 38.60 86.23
C VAL R 31 1.40 37.19 86.33
N VAL R 32 0.95 36.44 87.33
CA VAL R 32 1.31 35.05 87.51
C VAL R 32 0.04 34.22 87.54
N VAL R 33 -0.09 33.30 86.58
CA VAL R 33 -1.24 32.41 86.52
C VAL R 33 -0.81 31.05 87.02
N VAL R 34 -1.51 30.54 88.03
CA VAL R 34 -1.18 29.24 88.60
C VAL R 34 -2.33 28.28 88.34
N ARG R 35 -2.02 27.00 88.47
CA ARG R 35 -2.97 25.91 88.25
C ARG R 35 -3.60 26.01 86.87
N CYS R 36 -2.75 26.06 85.85
CA CYS R 36 -3.21 26.15 84.48
C CYS R 36 -3.83 24.85 83.98
N GLU R 37 -3.71 23.76 84.74
CA GLU R 37 -4.40 22.53 84.37
C GLU R 37 -5.88 22.59 84.70
N GLY R 38 -6.31 23.54 85.52
CA GLY R 38 -7.70 23.71 85.84
C GLY R 38 -8.45 24.65 84.94
N ILE R 39 -7.80 25.18 83.90
CA ILE R 39 -8.46 26.08 82.96
C ILE R 39 -9.46 25.29 82.12
N ASN R 40 -10.62 25.88 81.89
CA ASN R 40 -11.67 25.25 81.11
C ASN R 40 -11.75 25.87 79.72
N ILE R 41 -12.20 25.06 78.75
CA ILE R 41 -12.48 25.53 77.41
C ILE R 41 -13.90 25.15 77.07
N SER R 42 -14.68 26.11 76.57
CA SER R 42 -16.06 25.84 76.20
C SER R 42 -16.11 24.93 74.98
N GLY R 43 -17.21 24.19 74.87
CA GLY R 43 -17.29 23.15 73.86
C GLY R 43 -16.82 21.82 74.39
N ASN R 44 -17.34 20.75 73.82
CA ASN R 44 -17.07 19.44 74.41
C ASN R 44 -15.63 18.99 74.13
N PHE R 45 -15.21 18.01 74.93
CA PHE R 45 -13.80 17.65 74.99
C PHE R 45 -13.31 17.12 73.65
N TYR R 46 -14.13 16.34 72.97
CA TYR R 46 -13.71 15.78 71.69
C TYR R 46 -13.45 16.88 70.67
N ARG R 47 -14.32 17.88 70.64
CA ARG R 47 -14.13 19.00 69.72
C ARG R 47 -12.87 19.77 70.05
N ASN R 48 -12.61 20.03 71.32
CA ASN R 48 -11.40 20.76 71.68
C ASN R 48 -10.14 19.95 71.39
N LYS R 49 -10.21 18.64 71.62
CA LYS R 49 -9.09 17.76 71.28
C LYS R 49 -8.84 17.76 69.78
N LEU R 50 -9.91 17.77 68.98
CA LEU R 50 -9.76 17.85 67.54
C LEU R 50 -9.08 19.15 67.12
N LYS R 51 -9.44 20.26 67.79
CA LYS R 51 -8.78 21.53 67.51
C LYS R 51 -7.28 21.43 67.77
N TYR R 52 -6.90 20.86 68.91
CA TYR R 52 -5.49 20.77 69.21
C TYR R 52 -4.78 19.79 68.30
N LEU R 53 -5.46 18.73 67.85
CA LEU R 53 -4.83 17.80 66.91
C LEU R 53 -4.60 18.44 65.56
N ALA R 54 -5.52 19.31 65.12
CA ALA R 54 -5.26 20.09 63.92
C ALA R 54 -4.07 21.01 64.10
N PHE R 55 -3.96 21.63 65.26
CA PHE R 55 -2.77 22.42 65.56
C PHE R 55 -1.50 21.57 65.50
N LEU R 56 -1.57 20.33 65.97
CA LEU R 56 -0.43 19.42 65.87
C LEU R 56 -0.11 19.13 64.41
N ARG R 57 -1.15 18.96 63.59
CA ARG R 57 -0.91 18.69 62.17
C ARG R 57 -0.19 19.84 61.49
N LYS R 58 -0.46 21.07 61.90
CA LYS R 58 0.21 22.21 61.26
C LYS R 58 1.69 22.19 61.63
N ARG R 59 2.54 21.71 60.72
CA ARG R 59 3.98 21.72 60.93
C ARG R 59 4.67 22.03 59.61
N MET R 60 5.91 22.47 59.70
CA MET R 60 6.67 22.82 58.50
C MET R 60 7.10 21.56 57.77
N ASN R 61 6.67 21.43 56.51
CA ASN R 61 6.88 20.21 55.75
C ASN R 61 8.36 19.98 55.47
N THR R 62 9.10 21.04 55.17
CA THR R 62 10.51 20.92 54.83
C THR R 62 11.36 20.54 56.03
N ASN R 63 11.11 21.15 57.18
CA ASN R 63 11.92 20.92 58.38
C ASN R 63 11.06 21.19 59.59
N PRO R 64 10.46 20.15 60.15
CA PRO R 64 9.58 20.36 61.32
C PRO R 64 10.28 20.90 62.54
N SER R 65 11.61 20.74 62.62
CA SER R 65 12.35 21.32 63.75
C SER R 65 12.32 22.84 63.73
N ARG R 66 12.05 23.45 62.58
CA ARG R 66 11.89 24.89 62.50
C ARG R 66 10.44 25.33 62.67
N GLY R 67 9.49 24.41 62.51
CA GLY R 67 8.09 24.75 62.35
C GLY R 67 7.45 25.22 63.62
N PRO R 68 6.12 25.24 63.64
CA PRO R 68 5.42 25.64 64.87
C PRO R 68 5.75 24.68 66.00
N TYR R 69 6.07 25.25 67.16
CA TYR R 69 6.40 24.46 68.33
C TYR R 69 5.12 24.23 69.12
N HIS R 70 4.70 22.98 69.17
CA HIS R 70 3.45 22.61 69.83
C HIS R 70 3.79 22.26 71.28
N PHE R 71 3.45 23.14 72.19
CA PHE R 71 3.74 22.93 73.60
C PHE R 71 2.60 22.17 74.24
N ARG R 72 2.94 21.18 75.07
CA ARG R 72 1.95 20.24 75.58
C ARG R 72 1.54 20.52 77.01
N ALA R 73 2.35 21.22 77.80
CA ALA R 73 1.95 21.55 79.16
C ALA R 73 0.81 22.56 79.14
N PRO R 74 -0.15 22.45 80.05
CA PRO R 74 -1.24 23.44 80.10
C PRO R 74 -0.76 24.87 80.32
N SER R 75 0.27 25.04 81.14
CA SER R 75 0.84 26.37 81.35
C SER R 75 1.38 26.93 80.04
N ARG R 76 2.07 26.11 79.26
CA ARG R 76 2.62 26.57 78.00
C ARG R 76 1.52 26.80 76.97
N ILE R 77 0.43 26.02 77.03
CA ILE R 77 -0.70 26.26 76.14
C ILE R 77 -1.32 27.61 76.42
N PHE R 78 -1.56 27.91 77.70
CA PHE R 78 -2.12 29.21 78.06
C PHE R 78 -1.16 30.33 77.71
N TRP R 79 0.14 30.10 77.89
CA TRP R 79 1.14 31.08 77.53
C TRP R 79 1.10 31.38 76.04
N ARG R 80 0.94 30.34 75.22
CA ARG R 80 0.86 30.55 73.78
C ARG R 80 -0.41 31.29 73.39
N THR R 81 -1.51 31.03 74.09
CA THR R 81 -2.74 31.79 73.84
C THR R 81 -2.55 33.28 74.15
N VAL R 82 -1.90 33.58 75.28
CA VAL R 82 -1.64 34.98 75.62
C VAL R 82 -0.69 35.60 74.60
N ARG R 83 0.31 34.84 74.15
CA ARG R 83 1.20 35.34 73.12
C ARG R 83 0.45 35.62 71.83
N GLY R 84 -0.58 34.82 71.55
CA GLY R 84 -1.42 35.08 70.40
C GLY R 84 -2.18 36.39 70.53
N MET R 85 -2.61 36.72 71.74
CA MET R 85 -3.25 38.02 71.93
C MET R 85 -2.28 39.17 72.15
N LEU R 86 -0.99 38.91 72.24
CA LEU R 86 0.00 39.97 72.39
C LEU R 86 0.70 40.27 71.07
N PRO R 87 1.21 41.50 70.90
CA PRO R 87 2.06 41.81 69.73
C PRO R 87 3.50 41.37 69.96
N HIS R 88 3.71 40.05 69.96
CA HIS R 88 4.93 39.47 70.49
C HIS R 88 6.15 39.68 69.60
N LYS R 89 5.99 40.25 68.42
CA LYS R 89 7.12 40.46 67.52
C LYS R 89 7.68 41.88 67.62
N THR R 90 7.26 42.64 68.62
CA THR R 90 7.83 43.95 68.91
C THR R 90 8.42 43.92 70.30
N LYS R 91 9.24 44.95 70.60
CA LYS R 91 9.88 45.02 71.91
C LYS R 91 8.86 45.20 73.02
N ARG R 92 7.82 46.01 72.77
CA ARG R 92 6.78 46.20 73.76
C ARG R 92 6.04 44.89 74.04
N GLY R 93 5.74 44.13 73.00
CA GLY R 93 5.07 42.85 73.19
C GLY R 93 5.94 41.85 73.89
N GLN R 94 7.25 41.85 73.61
CA GLN R 94 8.14 40.91 74.27
C GLN R 94 8.33 41.27 75.74
N ALA R 95 8.39 42.55 76.07
CA ALA R 95 8.43 42.94 77.48
C ALA R 95 7.13 42.55 78.19
N ALA R 96 5.99 42.76 77.53
CA ALA R 96 4.72 42.35 78.12
C ALA R 96 4.67 40.85 78.34
N LEU R 97 5.18 40.09 77.39
CA LEU R 97 5.22 38.63 77.53
C LEU R 97 6.14 38.20 78.66
N ASP R 98 7.27 38.90 78.82
CA ASP R 98 8.17 38.60 79.93
C ASP R 98 7.53 38.93 81.27
N ARG R 99 6.61 39.88 81.29
CA ARG R 99 5.92 40.15 82.56
C ARG R 99 4.91 39.06 82.94
N LEU R 100 4.82 37.92 82.26
CA LEU R 100 3.82 36.89 82.55
C LEU R 100 4.52 35.60 82.94
N LYS R 101 4.06 34.99 84.03
CA LYS R 101 4.54 33.68 84.46
C LYS R 101 3.37 32.73 84.58
N VAL R 102 3.55 31.51 84.10
CA VAL R 102 2.50 30.49 84.08
C VAL R 102 3.04 29.22 84.71
N PHE R 103 2.18 28.52 85.44
CA PHE R 103 2.59 27.31 86.15
C PHE R 103 1.48 26.28 86.10
N ASP R 104 1.88 25.01 86.12
CA ASP R 104 0.98 23.91 86.40
C ASP R 104 1.02 23.62 87.89
N GLY R 105 -0.14 23.49 88.51
CA GLY R 105 -0.16 23.42 89.95
C GLY R 105 0.18 24.77 90.52
N ILE R 106 0.47 24.78 91.82
CA ILE R 106 0.87 26.02 92.49
C ILE R 106 2.23 25.82 93.16
N PRO R 107 3.28 26.43 92.61
CA PRO R 107 4.63 26.21 93.13
C PRO R 107 4.87 26.93 94.44
N PRO R 108 5.95 26.61 95.15
CA PRO R 108 6.17 27.11 96.52
C PRO R 108 6.21 28.62 96.65
N PRO R 109 6.66 29.39 95.65
CA PRO R 109 6.56 30.85 95.83
C PRO R 109 5.13 31.35 96.00
N TYR R 110 4.15 30.66 95.43
CA TYR R 110 2.79 31.19 95.35
C TYR R 110 1.74 30.36 96.08
N ASP R 111 2.10 29.20 96.62
CA ASP R 111 1.10 28.41 97.34
C ASP R 111 0.82 28.96 98.73
N LYS R 112 1.65 29.88 99.22
CA LYS R 112 1.44 30.54 100.49
C LYS R 112 0.89 31.95 100.33
N LYS R 113 0.28 32.25 99.19
CA LYS R 113 -0.23 33.58 98.92
C LYS R 113 -1.66 33.47 98.41
N LYS R 114 -2.44 34.53 98.66
CA LYS R 114 -3.80 34.58 98.15
C LYS R 114 -3.79 34.68 96.63
N ARG R 115 -4.82 34.09 96.02
CA ARG R 115 -4.94 34.05 94.57
C ARG R 115 -6.20 34.77 94.13
N MET R 116 -6.08 35.64 93.15
CA MET R 116 -7.22 36.40 92.66
C MET R 116 -8.09 35.53 91.76
N VAL R 117 -9.25 36.05 91.41
CA VAL R 117 -10.19 35.42 90.50
C VAL R 117 -10.71 36.49 89.55
N VAL R 118 -10.83 36.15 88.27
CA VAL R 118 -11.39 37.06 87.28
C VAL R 118 -12.82 36.62 86.98
N PRO R 119 -13.83 37.29 87.53
CA PRO R 119 -15.22 36.87 87.26
C PRO R 119 -15.62 36.94 85.80
N ALA R 120 -15.09 37.89 85.04
CA ALA R 120 -15.43 37.99 83.62
C ALA R 120 -14.90 36.82 82.81
N ALA R 121 -14.02 35.99 83.38
CA ALA R 121 -13.49 34.83 82.69
C ALA R 121 -13.93 33.52 83.32
N LEU R 122 -14.78 33.56 84.34
CA LEU R 122 -15.17 32.36 85.06
C LEU R 122 -16.21 31.58 84.28
N LYS R 123 -16.07 30.25 84.30
CA LYS R 123 -16.99 29.40 83.56
C LYS R 123 -18.41 29.48 84.13
N VAL R 124 -18.53 29.60 85.45
CA VAL R 124 -19.83 29.52 86.10
C VAL R 124 -20.73 30.66 85.65
N VAL R 125 -20.15 31.84 85.41
CA VAL R 125 -20.95 32.98 84.98
C VAL R 125 -20.86 33.25 83.49
N ARG R 126 -19.82 32.76 82.81
CA ARG R 126 -19.69 33.00 81.39
C ARG R 126 -20.31 31.91 80.53
N LEU R 127 -20.68 30.78 81.12
CA LEU R 127 -21.12 29.64 80.35
C LEU R 127 -22.45 29.14 80.89
N LYS R 128 -23.36 28.77 79.99
CA LYS R 128 -24.63 28.22 80.40
C LYS R 128 -24.41 26.86 81.06
N PRO R 129 -25.18 26.53 82.10
CA PRO R 129 -24.93 25.27 82.83
C PRO R 129 -25.16 24.02 81.99
N THR R 130 -25.96 24.10 80.93
CA THR R 130 -26.22 22.94 80.10
C THR R 130 -25.13 22.67 79.08
N ARG R 131 -24.21 23.62 78.86
CA ARG R 131 -23.19 23.45 77.85
C ARG R 131 -22.07 22.55 78.33
N LYS R 132 -21.33 22.00 77.37
CA LYS R 132 -20.22 21.11 77.65
C LYS R 132 -18.91 21.87 77.56
N PHE R 133 -17.95 21.46 78.39
CA PHE R 133 -16.65 22.11 78.46
C PHE R 133 -15.56 21.06 78.60
N ALA R 134 -14.33 21.47 78.34
CA ALA R 134 -13.18 20.60 78.42
C ALA R 134 -12.20 21.12 79.47
N TYR R 135 -11.49 20.20 80.10
CA TYR R 135 -10.43 20.56 81.03
C TYR R 135 -9.10 20.63 80.29
N LEU R 136 -8.39 21.73 80.49
CA LEU R 136 -7.09 21.89 79.85
C LEU R 136 -6.11 20.84 80.31
N GLY R 137 -6.17 20.43 81.57
CA GLY R 137 -5.27 19.39 82.04
C GLY R 137 -5.50 18.06 81.33
N ARG R 138 -6.76 17.66 81.20
CA ARG R 138 -7.06 16.42 80.50
C ARG R 138 -6.69 16.50 79.03
N LEU R 139 -6.98 17.64 78.39
CA LEU R 139 -6.62 17.81 76.99
C LEU R 139 -5.11 17.71 76.80
N ALA R 140 -4.35 18.39 77.66
CA ALA R 140 -2.90 18.33 77.58
C ALA R 140 -2.39 16.92 77.81
N HIS R 141 -2.94 16.23 78.81
CA HIS R 141 -2.49 14.87 79.08
C HIS R 141 -2.74 13.95 77.90
N GLU R 142 -3.90 14.06 77.27
CA GLU R 142 -4.21 13.15 76.19
C GLU R 142 -3.65 13.63 74.85
N VAL R 143 -3.01 14.79 74.82
CA VAL R 143 -2.29 15.21 73.62
C VAL R 143 -0.78 15.13 73.79
N GLY R 144 -0.28 14.83 75.00
CA GLY R 144 1.14 14.57 75.12
C GLY R 144 1.83 15.02 76.39
N TRP R 145 1.13 15.76 77.25
CA TRP R 145 1.71 16.20 78.51
C TRP R 145 2.00 15.00 79.41
N LYS R 146 3.18 15.00 80.02
CA LYS R 146 3.69 13.82 80.71
C LYS R 146 3.57 13.90 82.22
N TYR R 147 3.13 15.02 82.78
CA TYR R 147 3.20 15.24 84.21
C TYR R 147 1.83 15.55 84.80
N GLN R 148 0.81 14.83 84.36
CA GLN R 148 -0.50 15.01 84.96
C GLN R 148 -0.58 14.33 86.32
N ALA R 149 0.04 13.14 86.45
CA ALA R 149 -0.09 12.38 87.68
C ALA R 149 0.72 13.01 88.80
N VAL R 150 1.97 13.38 88.52
CA VAL R 150 2.81 13.95 89.57
C VAL R 150 2.29 15.32 90.01
N THR R 151 1.75 16.09 89.07
CA THR R 151 1.13 17.37 89.44
C THR R 151 -0.08 17.15 90.32
N ALA R 152 -0.87 16.11 90.03
CA ALA R 152 -2.02 15.80 90.89
C ALA R 152 -1.57 15.40 92.28
N THR R 153 -0.52 14.59 92.39
CA THR R 153 -0.01 14.20 93.70
C THR R 153 0.48 15.40 94.50
N LEU R 154 1.24 16.27 93.85
CA LEU R 154 1.76 17.45 94.54
C LEU R 154 0.63 18.41 94.91
N GLU R 155 -0.40 18.49 94.08
CA GLU R 155 -1.55 19.33 94.40
C GLU R 155 -2.31 18.76 95.60
N GLU R 156 -2.41 17.44 95.70
CA GLU R 156 -3.04 16.85 96.87
C GLU R 156 -2.25 17.13 98.14
N LYS R 157 -0.92 17.04 98.08
CA LYS R 157 -0.11 17.39 99.24
C LYS R 157 -0.30 18.86 99.62
N ARG R 158 -0.30 19.74 98.63
CA ARG R 158 -0.50 21.16 98.90
C ARG R 158 -1.87 21.41 99.52
N LYS R 159 -2.88 20.68 99.06
CA LYS R 159 -4.22 20.85 99.62
C LYS R 159 -4.29 20.36 101.06
N GLU R 160 -3.56 19.30 101.39
CA GLU R 160 -3.50 18.86 102.79
C GLU R 160 -2.88 19.92 103.67
N LYS R 161 -1.75 20.49 103.23
CA LYS R 161 -1.10 21.53 104.02
C LYS R 161 -1.97 22.77 104.14
N ALA R 162 -2.70 23.11 103.07
CA ALA R 162 -3.59 24.26 103.12
C ALA R 162 -4.76 24.01 104.06
N LYS R 163 -5.25 22.77 104.11
CA LYS R 163 -6.30 22.44 105.07
C LYS R 163 -5.82 22.62 106.51
N ILE R 164 -4.59 22.20 106.78
CA ILE R 164 -4.03 22.40 108.13
C ILE R 164 -3.94 23.90 108.45
N HIS R 165 -3.44 24.68 107.49
CA HIS R 165 -3.32 26.12 107.71
C HIS R 165 -4.68 26.76 107.93
N TYR R 166 -5.69 26.31 107.20
CA TYR R 166 -7.02 26.89 107.32
C TYR R 166 -7.65 26.53 108.67
N ARG R 167 -7.41 25.31 109.16
CA ARG R 167 -7.91 24.96 110.48
C ARG R 167 -7.25 25.83 111.55
N LYS R 168 -5.95 26.09 111.40
CA LYS R 168 -5.28 26.99 112.34
C LYS R 168 -5.87 28.40 112.27
N LYS R 169 -6.14 28.89 111.06
CA LYS R 169 -6.73 30.23 110.93
C LYS R 169 -8.13 30.29 111.53
N LYS R 170 -8.93 29.24 111.34
CA LYS R 170 -10.25 29.22 111.94
C LYS R 170 -10.16 29.21 113.46
N GLN R 171 -9.21 28.46 114.01
CA GLN R 171 -9.04 28.47 115.46
C GLN R 171 -8.65 29.85 115.95
N LEU R 172 -7.75 30.52 115.22
CA LEU R 172 -7.36 31.88 115.59
C LEU R 172 -8.54 32.84 115.53
N MET R 173 -9.38 32.70 114.51
CA MET R 173 -10.51 33.61 114.37
C MET R 173 -11.56 33.36 115.45
N ARG R 174 -11.80 32.08 115.79
CA ARG R 174 -12.67 31.77 116.91
C ARG R 174 -12.15 32.38 118.19
N LEU R 175 -10.84 32.30 118.41
CA LEU R 175 -10.25 32.87 119.60
C LEU R 175 -10.35 34.39 119.60
N ARG R 176 -10.25 35.01 118.42
CA ARG R 176 -10.43 36.46 118.32
C ARG R 176 -11.87 36.87 118.64
N LYS R 177 -12.84 36.11 118.15
CA LYS R 177 -14.23 36.39 118.50
C LYS R 177 -14.46 36.24 120.00
N GLN R 178 -13.86 35.21 120.59
CA GLN R 178 -13.96 35.03 122.04
C GLN R 178 -13.32 36.21 122.78
N ALA R 179 -12.20 36.71 122.27
CA ALA R 179 -11.55 37.87 122.88
C ALA R 179 -12.41 39.11 122.78
N GLU R 180 -13.05 39.32 121.63
CA GLU R 180 -13.96 40.47 121.49
C GLU R 180 -15.14 40.35 122.44
N LYS R 181 -15.62 39.13 122.68
CA LYS R 181 -16.65 38.94 123.69
C LYS R 181 -16.11 39.22 125.09
N ASN R 182 -14.87 38.80 125.36
CA ASN R 182 -14.31 38.96 126.70
C ASN R 182 -14.12 40.42 127.06
N VAL R 183 -13.51 41.19 126.17
CA VAL R 183 -13.33 42.63 126.39
C VAL R 183 -14.32 43.37 125.51
N GLU R 184 -15.37 43.89 126.12
CA GLU R 184 -16.31 44.77 125.46
C GLU R 184 -16.60 46.03 126.25
N LYS R 185 -16.39 46.02 127.56
CA LYS R 185 -16.54 47.25 128.34
C LYS R 185 -15.49 48.28 127.95
N LYS R 186 -14.26 47.83 127.70
CA LYS R 186 -13.19 48.71 127.26
C LYS R 186 -13.13 48.86 125.74
N ILE R 187 -14.06 48.24 125.03
CA ILE R 187 -14.09 48.29 123.58
C ILE R 187 -15.28 49.08 123.03
N ASP R 188 -16.39 49.13 123.76
CA ASP R 188 -17.60 49.78 123.25
C ASP R 188 -17.40 51.25 122.93
N LYS R 189 -16.41 51.90 123.54
CA LYS R 189 -16.16 53.31 123.24
C LYS R 189 -15.70 53.51 121.80
N TYR R 190 -14.94 52.56 121.26
CA TYR R 190 -14.50 52.62 119.87
C TYR R 190 -15.41 51.85 118.93
N THR R 191 -16.09 50.82 119.44
CA THR R 191 -17.07 50.12 118.63
C THR R 191 -18.19 51.05 118.20
N GLU R 192 -18.60 51.96 119.08
CA GLU R 192 -19.63 52.92 118.72
C GLU R 192 -19.16 53.86 117.62
N VAL R 193 -17.88 54.28 117.66
CA VAL R 193 -17.35 55.12 116.61
C VAL R 193 -17.37 54.38 115.27
N LEU R 194 -16.91 53.13 115.29
CA LEU R 194 -16.88 52.34 114.07
C LEU R 194 -18.28 52.11 113.51
N LYS R 195 -19.23 51.78 114.39
CA LYS R 195 -20.62 51.58 113.96
C LYS R 195 -21.22 52.87 113.43
N THR R 196 -20.89 54.00 114.05
CA THR R 196 -21.41 55.28 113.61
C THR R 196 -20.93 55.61 112.21
N HIS R 197 -19.67 55.29 111.91
CA HIS R 197 -19.13 55.62 110.60
C HIS R 197 -19.16 54.45 109.62
N GLY R 198 -19.88 53.38 109.94
CA GLY R 198 -20.25 52.39 108.96
C GLY R 198 -19.39 51.16 108.95
N LEU R 199 -18.20 51.21 109.52
CA LEU R 199 -17.42 50.01 109.70
C LEU R 199 -18.06 49.15 110.76
N LEU R 200 -17.96 47.83 110.62
CA LEU R 200 -18.30 46.89 111.68
C LEU R 200 -19.78 47.05 112.08
N VAL R 201 -20.65 46.64 111.17
CA VAL R 201 -22.08 46.51 111.43
C VAL R 201 -22.35 45.87 112.79
N VAL S 1 58.06 61.40 58.89
CA VAL S 1 56.86 61.13 58.12
C VAL S 1 55.66 61.10 59.07
N ARG S 2 54.46 61.26 58.52
CA ARG S 2 53.25 61.32 59.32
C ARG S 2 52.76 59.90 59.61
N TYR S 3 52.89 59.48 60.86
CA TYR S 3 52.21 58.27 61.32
C TYR S 3 50.80 58.61 61.74
N SER S 4 49.90 57.65 61.63
CA SER S 4 48.64 57.76 62.33
C SER S 4 48.83 57.36 63.78
N LEU S 5 48.04 57.95 64.67
CA LEU S 5 48.14 57.71 66.10
C LEU S 5 49.54 58.05 66.62
N ASP S 6 49.85 59.34 66.60
CA ASP S 6 51.10 59.81 67.17
C ASP S 6 51.17 59.46 68.66
N PRO S 7 52.34 59.11 69.18
CA PRO S 7 52.43 58.61 70.55
C PRO S 7 52.11 59.70 71.57
N GLU S 8 51.60 59.26 72.72
CA GLU S 8 51.23 60.19 73.78
C GLU S 8 52.45 60.91 74.34
N ASN S 9 53.61 60.28 74.32
CA ASN S 9 54.86 60.91 74.72
C ASN S 9 55.98 60.41 73.79
N PRO S 10 56.42 61.22 72.85
CA PRO S 10 57.41 60.76 71.88
C PRO S 10 58.83 60.80 72.43
N THR S 11 59.00 60.37 73.68
CA THR S 11 60.30 60.16 74.28
C THR S 11 60.44 58.78 74.89
N LYS S 12 59.33 58.11 75.23
CA LYS S 12 59.32 56.72 75.64
C LYS S 12 58.92 55.81 74.49
N SER S 13 58.93 56.31 73.26
CA SER S 13 58.38 55.59 72.13
C SER S 13 59.39 55.55 70.99
N CYS S 14 59.29 54.50 70.18
CA CYS S 14 60.07 54.35 68.96
C CYS S 14 59.15 53.89 67.84
N LYS S 15 59.57 54.15 66.60
CA LYS S 15 58.72 53.95 65.44
C LYS S 15 59.41 53.06 64.44
N SER S 16 58.61 52.33 63.67
CA SER S 16 59.10 51.54 62.56
C SER S 16 58.09 51.59 61.42
N ARG S 17 58.60 51.53 60.19
CA ARG S 17 57.76 51.70 59.01
C ARG S 17 58.33 50.86 57.87
N GLY S 18 57.45 50.43 56.99
CA GLY S 18 57.83 49.78 55.75
C GLY S 18 56.79 50.03 54.68
N SER S 19 57.21 50.25 53.45
CA SER S 19 56.31 50.59 52.36
C SER S 19 56.47 49.61 51.21
N ASN S 20 55.34 49.30 50.55
CA ASN S 20 55.31 48.43 49.37
C ASN S 20 55.94 47.08 49.64
N LEU S 21 55.66 46.53 50.82
CA LEU S 21 56.21 45.24 51.20
C LEU S 21 55.47 44.12 50.50
N ARG S 22 56.22 43.18 49.94
CA ARG S 22 55.65 42.10 49.12
C ARG S 22 55.14 40.95 49.99
N VAL S 23 54.13 41.27 50.82
CA VAL S 23 53.39 40.27 51.57
C VAL S 23 51.91 40.54 51.39
N HIS S 24 51.12 39.51 51.65
CA HIS S 24 49.68 39.61 51.45
C HIS S 24 49.07 40.47 52.55
N PHE S 25 48.25 41.43 52.13
CA PHE S 25 47.71 42.41 53.06
C PHE S 25 46.80 41.76 54.09
N LYS S 26 45.99 40.79 53.67
CA LYS S 26 45.04 40.18 54.60
C LYS S 26 45.74 39.36 55.67
N ASN S 27 46.69 38.52 55.26
CA ASN S 27 47.47 37.75 56.22
C ASN S 27 48.24 38.67 57.16
N THR S 28 48.83 39.72 56.61
CA THR S 28 49.62 40.63 57.43
C THR S 28 48.74 41.38 58.42
N ARG S 29 47.54 41.79 58.00
CA ARG S 29 46.62 42.46 58.89
C ARG S 29 46.21 41.55 60.05
N GLU S 30 45.92 40.29 59.75
CA GLU S 30 45.57 39.36 60.81
C GLU S 30 46.73 39.16 61.78
N THR S 31 47.95 39.02 61.25
CA THR S 31 49.12 38.83 62.12
C THR S 31 49.39 40.05 62.98
N ALA S 32 49.22 41.24 62.41
CA ALA S 32 49.41 42.47 63.17
C ALA S 32 48.37 42.60 64.27
N GLN S 33 47.12 42.24 63.98
CA GLN S 33 46.09 42.24 65.01
C GLN S 33 46.43 41.25 66.11
N ALA S 34 47.03 40.12 65.74
CA ALA S 34 47.42 39.14 66.74
C ALA S 34 48.50 39.67 67.66
N ILE S 35 49.52 40.31 67.10
CA ILE S 35 50.65 40.77 67.92
C ILE S 35 50.42 42.13 68.54
N LYS S 36 49.31 42.79 68.25
CA LYS S 36 49.05 44.11 68.81
C LYS S 36 48.87 44.05 70.32
N GLY S 37 49.52 44.96 71.02
CA GLY S 37 49.42 45.04 72.46
C GLY S 37 50.40 44.15 73.20
N MET S 38 51.14 43.31 72.50
CA MET S 38 52.06 42.39 73.14
C MET S 38 53.32 43.13 73.61
N HIS S 39 53.95 42.58 74.63
CA HIS S 39 55.31 42.95 74.96
C HIS S 39 56.21 42.51 73.81
N ILE S 40 57.35 43.19 73.64
CA ILE S 40 58.15 42.95 72.45
C ILE S 40 58.77 41.56 72.46
N ARG S 41 59.19 41.06 73.64
CA ARG S 41 59.74 39.72 73.71
C ARG S 41 58.69 38.68 73.42
N LYS S 42 57.49 38.87 73.98
CA LYS S 42 56.38 37.96 73.73
C LYS S 42 56.02 37.95 72.24
N ALA S 43 56.00 39.12 71.62
CA ALA S 43 55.67 39.20 70.20
C ALA S 43 56.74 38.52 69.35
N THR S 44 58.01 38.70 69.70
CA THR S 44 59.08 38.05 68.95
C THR S 44 58.97 36.54 69.03
N LYS S 45 58.81 36.00 70.25
CA LYS S 45 58.72 34.55 70.37
C LYS S 45 57.43 34.02 69.76
N TYR S 46 56.35 34.82 69.79
CA TYR S 46 55.11 34.39 69.17
C TYR S 46 55.23 34.33 67.66
N LEU S 47 55.90 35.31 67.05
CA LEU S 47 56.11 35.28 65.61
C LEU S 47 57.02 34.13 65.20
N LYS S 48 58.04 33.84 66.02
CA LYS S 48 58.86 32.67 65.76
C LYS S 48 58.04 31.38 65.85
N ASP S 49 57.15 31.29 66.84
CA ASP S 49 56.28 30.13 66.95
C ASP S 49 55.31 30.02 65.78
N VAL S 50 54.85 31.16 65.26
CA VAL S 50 53.99 31.14 64.08
C VAL S 50 54.76 30.58 62.89
N THR S 51 56.02 30.99 62.73
CA THR S 51 56.85 30.43 61.68
C THR S 51 57.06 28.94 61.88
N LEU S 52 57.21 28.49 63.13
CA LEU S 52 57.41 27.08 63.41
C LEU S 52 56.11 26.29 63.51
N GLN S 53 54.97 26.94 63.30
CA GLN S 53 53.65 26.31 63.34
C GLN S 53 53.34 25.73 64.72
N LYS S 54 53.78 26.42 65.77
CA LYS S 54 53.42 26.05 67.13
C LYS S 54 52.39 26.98 67.75
N GLN S 55 52.22 28.18 67.22
CA GLN S 55 51.12 29.07 67.58
C GLN S 55 50.57 29.64 66.30
N CYS S 56 49.26 29.86 66.27
CA CYS S 56 48.61 30.34 65.06
C CYS S 56 48.21 31.81 65.23
N VAL S 57 47.92 32.45 64.11
CA VAL S 57 47.23 33.73 64.17
C VAL S 57 45.77 33.45 63.87
N PRO S 58 44.84 34.03 64.63
CA PRO S 58 43.41 33.83 64.33
C PRO S 58 42.99 34.73 63.17
N PHE S 59 42.37 34.12 62.16
CA PHE S 59 41.85 34.86 61.02
C PHE S 59 40.41 35.23 61.32
N ARG S 60 40.19 36.50 61.63
CA ARG S 60 38.89 36.93 62.15
C ARG S 60 38.04 37.65 61.10
N ARG S 61 38.61 38.59 60.37
CA ARG S 61 37.88 39.31 59.34
C ARG S 61 38.06 38.69 57.96
N TYR S 62 39.29 38.39 57.59
CA TYR S 62 39.57 37.78 56.29
C TYR S 62 39.70 36.28 56.45
N ASN S 63 38.56 35.65 56.77
CA ASN S 63 38.52 34.24 57.13
C ASN S 63 37.74 33.41 56.12
N GLY S 64 37.49 33.92 54.93
CA GLY S 64 36.72 33.18 53.95
C GLY S 64 37.47 31.97 53.41
N GLY S 65 37.00 30.78 53.78
CA GLY S 65 37.65 29.55 53.38
C GLY S 65 38.82 29.13 54.23
N VAL S 66 39.17 29.91 55.25
CA VAL S 66 40.29 29.55 56.12
C VAL S 66 39.89 28.37 56.98
N GLY S 67 40.75 27.37 57.02
CA GLY S 67 40.45 26.16 57.75
C GLY S 67 40.53 26.34 59.25
N ARG S 68 40.08 25.31 59.96
CA ARG S 68 40.05 25.30 61.41
C ARG S 68 41.30 24.60 61.94
N CYS S 69 41.75 25.06 63.11
CA CYS S 69 42.92 24.47 63.75
C CYS S 69 42.69 24.42 65.24
N ALA S 70 43.45 23.54 65.91
CA ALA S 70 43.31 23.40 67.35
C ALA S 70 43.92 24.59 68.08
N GLN S 71 44.95 25.21 67.50
CA GLN S 71 45.62 26.33 68.16
C GLN S 71 44.81 27.61 68.13
N ALA S 72 43.71 27.65 67.37
CA ALA S 72 42.85 28.83 67.37
C ALA S 72 42.05 28.96 68.64
N LYS S 73 41.96 27.91 69.46
CA LYS S 73 41.21 27.97 70.70
C LYS S 73 41.92 28.79 71.76
N GLN S 74 43.22 29.07 71.59
CA GLN S 74 43.91 29.96 72.52
C GLN S 74 43.28 31.34 72.48
N TRP S 75 42.99 31.83 71.29
CA TRP S 75 42.15 32.97 71.05
C TRP S 75 40.69 32.52 71.12
N GLY S 76 39.78 33.48 71.14
CA GLY S 76 38.39 33.10 71.19
C GLY S 76 37.82 32.80 69.82
N TRP S 77 38.52 31.96 69.05
CA TRP S 77 38.23 31.81 67.64
C TRP S 77 38.34 30.35 67.24
N THR S 78 38.10 30.09 65.96
CA THR S 78 38.03 28.74 65.43
C THR S 78 38.98 28.60 64.25
N GLN S 79 39.13 29.68 63.49
CA GLN S 79 39.92 29.67 62.26
C GLN S 79 41.26 30.35 62.49
N GLY S 80 42.34 29.65 62.20
CA GLY S 80 43.66 30.23 62.33
C GLY S 80 44.61 29.65 61.30
N ARG S 81 45.72 30.37 61.09
CA ARG S 81 46.71 29.94 60.12
C ARG S 81 48.09 30.35 60.61
N TRP S 82 49.09 30.12 59.77
CA TRP S 82 50.50 30.35 60.12
C TRP S 82 51.20 31.08 58.99
N PRO S 83 50.91 32.36 58.79
CA PRO S 83 51.52 33.07 57.66
C PRO S 83 53.00 33.31 57.88
N LYS S 84 53.82 32.49 57.24
CA LYS S 84 55.26 32.54 57.45
C LYS S 84 55.84 33.86 56.95
N LYS S 85 55.42 34.30 55.76
CA LYS S 85 55.98 35.52 55.20
C LYS S 85 55.59 36.75 56.01
N SER S 86 54.33 36.81 56.46
CA SER S 86 53.91 37.91 57.32
C SER S 86 54.67 37.89 58.64
N ALA S 87 54.87 36.71 59.21
CA ALA S 87 55.62 36.62 60.46
C ALA S 87 57.05 37.11 60.28
N GLU S 88 57.71 36.72 59.18
CA GLU S 88 59.09 37.16 58.96
C GLU S 88 59.18 38.65 58.71
N PHE S 89 58.23 39.21 57.95
CA PHE S 89 58.25 40.65 57.70
C PHE S 89 58.05 41.43 58.99
N LEU S 90 57.11 40.99 59.84
CA LEU S 90 56.91 41.66 61.11
C LEU S 90 58.10 41.46 62.03
N LEU S 91 58.81 40.34 61.93
CA LEU S 91 60.01 40.15 62.73
C LEU S 91 61.11 41.11 62.31
N HIS S 92 61.28 41.32 61.01
CA HIS S 92 62.26 42.29 60.53
C HIS S 92 61.90 43.68 61.01
N MET S 93 60.61 44.03 60.93
CA MET S 93 60.19 45.36 61.39
C MET S 93 60.40 45.51 62.89
N LEU S 94 60.20 44.44 63.66
CA LEU S 94 60.43 44.50 65.09
C LEU S 94 61.91 44.67 65.41
N LYS S 95 62.78 44.01 64.65
CA LYS S 95 64.22 44.21 64.85
C LYS S 95 64.61 45.66 64.52
N ASN S 96 64.05 46.21 63.45
CA ASN S 96 64.34 47.60 63.11
C ASN S 96 63.86 48.55 64.21
N ALA S 97 62.67 48.29 64.76
CA ALA S 97 62.14 49.14 65.81
C ALA S 97 62.96 49.01 67.09
N GLU S 98 63.44 47.81 67.40
CA GLU S 98 64.31 47.64 68.56
C GLU S 98 65.63 48.37 68.38
N SER S 99 66.17 48.36 67.16
CA SER S 99 67.38 49.14 66.90
C SER S 99 67.13 50.62 67.05
N ASN S 100 65.96 51.09 66.60
CA ASN S 100 65.61 52.49 66.81
C ASN S 100 65.49 52.83 68.29
N ALA S 101 64.94 51.91 69.07
CA ALA S 101 64.87 52.10 70.52
C ALA S 101 66.26 52.18 71.13
N GLU S 102 67.18 51.33 70.67
CA GLU S 102 68.56 51.40 71.12
C GLU S 102 69.19 52.75 70.78
N LEU S 103 68.93 53.24 69.57
CA LEU S 103 69.47 54.54 69.18
C LEU S 103 68.90 55.66 70.04
N LYS S 104 67.61 55.60 70.35
CA LYS S 104 67.02 56.59 71.24
C LYS S 104 67.39 56.36 72.70
N GLY S 105 68.05 55.26 73.02
CA GLY S 105 68.57 55.04 74.35
C GLY S 105 67.53 54.72 75.40
N LEU S 106 66.54 53.92 75.06
CA LEU S 106 65.52 53.46 76.01
C LEU S 106 65.49 51.94 75.98
N ASP S 107 65.51 51.32 77.17
CA ASP S 107 65.77 49.88 77.25
C ASP S 107 64.63 49.08 76.61
N VAL S 108 64.99 47.99 75.95
CA VAL S 108 64.09 47.30 75.05
C VAL S 108 63.44 46.10 75.73
N ASP S 109 63.57 46.00 77.04
CA ASP S 109 62.92 44.95 77.80
C ASP S 109 61.57 45.39 78.36
N SER S 110 61.14 46.61 78.05
CA SER S 110 59.87 47.12 78.52
C SER S 110 59.00 47.67 77.39
N LEU S 111 59.36 47.40 76.13
CA LEU S 111 58.57 47.91 75.02
C LEU S 111 57.35 47.05 74.77
N VAL S 112 56.25 47.73 74.48
CA VAL S 112 54.97 47.10 74.18
C VAL S 112 54.49 47.68 72.86
N ILE S 113 53.95 46.83 72.00
CA ILE S 113 53.44 47.28 70.71
C ILE S 113 52.12 47.99 70.95
N GLU S 114 52.13 49.32 71.07
CA GLU S 114 50.86 49.99 71.27
C GLU S 114 50.16 50.30 69.96
N HIS S 115 50.91 50.59 68.90
CA HIS S 115 50.27 50.90 67.64
C HIS S 115 50.85 50.00 66.57
N ILE S 116 49.98 49.36 65.79
CA ILE S 116 50.42 48.68 64.58
C ILE S 116 49.30 48.79 63.56
N GLN S 117 49.69 49.10 62.32
CA GLN S 117 48.72 49.38 61.28
C GLN S 117 49.23 48.82 59.97
N VAL S 118 48.36 48.14 59.24
CA VAL S 118 48.64 47.60 57.92
C VAL S 118 47.71 48.27 56.94
N ASN S 119 48.27 48.86 55.89
CA ASN S 119 47.53 49.57 54.86
C ASN S 119 47.83 48.92 53.52
N LYS S 120 46.86 49.00 52.61
CA LYS S 120 47.09 48.48 51.27
C LYS S 120 48.02 49.40 50.50
N ALA S 121 48.92 48.80 49.74
CA ALA S 121 49.84 49.51 48.85
C ALA S 121 49.31 49.48 47.43
N PRO S 122 49.87 50.27 46.53
CA PRO S 122 49.46 50.16 45.12
C PRO S 122 49.73 48.76 44.58
N LYS S 123 48.69 48.17 43.99
CA LYS S 123 48.79 46.82 43.49
C LYS S 123 49.70 46.76 42.27
N MET S 124 50.34 45.61 42.09
CA MET S 124 51.24 45.39 40.96
C MET S 124 50.65 44.36 40.02
N ARG S 125 50.73 44.65 38.72
CA ARG S 125 50.01 43.95 37.69
C ARG S 125 50.84 42.82 37.11
N ARG S 126 50.25 41.63 37.07
CA ARG S 126 50.75 40.51 36.29
C ARG S 126 49.59 39.93 35.52
N ARG S 127 49.89 38.93 34.70
CA ARG S 127 48.97 38.51 33.67
C ARG S 127 48.77 37.00 33.72
N THR S 128 47.52 36.56 33.58
CA THR S 128 47.23 35.14 33.49
C THR S 128 46.33 34.88 32.29
N TYR S 129 46.37 33.64 31.80
CA TYR S 129 45.76 33.26 30.54
C TYR S 129 44.64 32.26 30.79
N ARG S 130 43.48 32.50 30.18
CA ARG S 130 42.28 31.74 30.45
C ARG S 130 41.83 31.01 29.19
N ALA S 131 40.64 30.41 29.27
CA ALA S 131 40.27 29.32 28.38
C ALA S 131 40.17 29.76 26.93
N HIS S 132 39.47 30.85 26.66
CA HIS S 132 39.10 31.08 25.26
C HIS S 132 39.81 32.30 24.68
N GLY S 133 41.11 32.37 24.89
CA GLY S 133 41.87 33.51 24.40
C GLY S 133 41.71 34.73 25.26
N ARG S 134 41.41 34.55 26.54
CA ARG S 134 41.14 35.66 27.44
C ARG S 134 42.32 35.88 28.38
N ILE S 135 42.45 37.12 28.82
CA ILE S 135 43.51 37.57 29.70
C ILE S 135 42.89 38.07 30.99
N ASN S 136 43.44 37.66 32.12
CA ASN S 136 42.91 38.10 33.39
C ASN S 136 44.03 38.66 34.27
N PRO S 137 43.68 39.56 35.19
CA PRO S 137 44.69 40.10 36.11
C PRO S 137 45.23 39.05 37.05
N TYR S 138 46.46 39.28 37.50
CA TYR S 138 47.13 38.46 38.50
C TYR S 138 47.78 39.36 39.53
N MET S 139 46.98 40.27 40.08
CA MET S 139 47.48 41.36 40.90
C MET S 139 48.14 40.84 42.18
N SER S 140 49.18 41.55 42.60
CA SER S 140 49.67 41.39 43.96
C SER S 140 48.97 42.39 44.87
N SER S 141 49.04 42.12 46.17
CA SER S 141 48.42 42.97 47.18
C SER S 141 49.45 43.32 48.24
N PRO S 142 50.40 44.19 47.93
CA PRO S 142 51.41 44.58 48.92
C PRO S 142 50.81 45.49 49.99
N CYS S 143 51.55 45.67 51.06
CA CYS S 143 51.05 46.46 52.17
C CYS S 143 52.13 47.35 52.74
N HIS S 144 51.74 48.55 53.14
CA HIS S 144 52.53 49.36 54.05
C HIS S 144 52.24 48.93 55.48
N ILE S 145 53.27 48.91 56.31
CA ILE S 145 53.12 48.60 57.73
C ILE S 145 53.78 49.70 58.53
N GLU S 146 53.15 50.06 59.64
CA GLU S 146 53.79 50.96 60.59
C GLU S 146 53.51 50.48 62.00
N MET S 147 54.44 50.74 62.90
CA MET S 147 54.24 50.38 64.29
C MET S 147 54.92 51.38 65.19
N ILE S 148 54.32 51.57 66.36
CA ILE S 148 54.83 52.41 67.43
C ILE S 148 54.91 51.56 68.68
N LEU S 149 56.13 51.42 69.21
CA LEU S 149 56.42 50.72 70.45
C LEU S 149 56.54 51.75 71.55
N THR S 150 56.13 51.40 72.77
CA THR S 150 56.20 52.32 73.89
C THR S 150 56.68 51.61 75.13
N GLU S 151 57.53 52.30 75.90
CA GLU S 151 58.03 51.77 77.15
C GLU S 151 56.94 51.77 78.21
N LYS S 152 56.75 50.63 78.87
CA LYS S 152 55.89 50.51 80.04
C LYS S 152 56.18 49.18 80.71
N GLU S 153 56.10 49.17 82.04
CA GLU S 153 56.37 47.96 82.81
C GLU S 153 55.63 47.98 84.12
N GLY T 1 -13.92 69.35 50.82
CA GLY T 1 -13.84 69.63 49.41
C GLY T 1 -15.04 70.41 48.91
N VAL T 2 -14.82 71.31 47.97
CA VAL T 2 -15.86 72.16 47.42
C VAL T 2 -15.99 71.88 45.93
N ASP T 3 -17.23 71.85 45.44
CA ASP T 3 -17.52 71.49 44.05
C ASP T 3 -17.51 72.74 43.19
N ILE T 4 -16.30 73.22 42.91
CA ILE T 4 -16.08 74.35 42.03
C ILE T 4 -15.02 73.99 41.01
N ARG T 5 -14.87 74.84 40.00
CA ARG T 5 -13.93 74.61 38.93
C ARG T 5 -12.96 75.78 38.86
N HIS T 6 -11.67 75.47 38.70
CA HIS T 6 -10.62 76.46 38.86
C HIS T 6 -9.98 76.89 37.54
N ASN T 7 -10.56 76.49 36.40
CA ASN T 7 -9.90 76.78 35.12
C ASN T 7 -10.08 78.22 34.68
N LYS T 8 -11.04 78.95 35.24
CA LYS T 8 -11.30 80.33 34.86
C LYS T 8 -11.08 81.30 36.01
N ASP T 9 -10.38 80.86 37.06
CA ASP T 9 -10.15 81.73 38.22
C ASP T 9 -9.32 82.94 37.85
N ARG T 10 -8.24 82.73 37.11
CA ARG T 10 -7.30 83.79 36.78
C ARG T 10 -7.75 84.48 35.50
N LYS T 11 -8.18 85.73 35.62
CA LYS T 11 -8.59 86.49 34.45
C LYS T 11 -7.37 86.99 33.70
N VAL T 12 -7.34 86.72 32.39
CA VAL T 12 -6.21 87.09 31.55
C VAL T 12 -6.48 88.49 31.02
N ARG T 13 -5.69 89.46 31.49
CA ARG T 13 -5.84 90.84 31.09
C ARG T 13 -4.55 91.56 31.42
N ARG T 14 -4.36 92.72 30.79
CA ARG T 14 -3.18 93.55 31.05
C ARG T 14 -3.41 94.34 32.33
N LYS T 15 -2.51 94.18 33.29
CA LYS T 15 -2.50 94.99 34.50
C LYS T 15 -1.46 96.09 34.44
N GLU T 16 -0.57 96.05 33.47
CA GLU T 16 0.49 97.03 33.29
C GLU T 16 0.98 96.93 31.86
N PRO T 17 1.63 97.96 31.34
CA PRO T 17 2.24 97.83 30.01
C PRO T 17 3.40 96.84 30.05
N LYS T 18 3.46 95.98 29.05
CA LYS T 18 4.62 95.11 28.89
C LYS T 18 5.84 95.89 28.45
N SER T 19 5.66 97.11 27.96
CA SER T 19 6.76 97.94 27.53
C SER T 19 7.57 98.44 28.72
N GLN T 20 8.84 98.74 28.47
CA GLN T 20 9.73 99.33 29.46
C GLN T 20 9.97 100.81 29.20
N ASP T 21 9.16 101.43 28.35
CA ASP T 21 9.28 102.85 28.05
C ASP T 21 8.99 103.65 29.31
N ILE T 22 9.98 104.42 29.76
CA ILE T 22 9.84 105.11 31.05
C ILE T 22 8.85 106.26 30.95
N TYR T 23 8.77 106.94 29.81
CA TYR T 23 7.77 107.99 29.64
C TYR T 23 6.36 107.41 29.65
N LEU T 24 6.18 106.28 28.97
CA LEU T 24 4.89 105.60 29.01
C LEU T 24 4.55 105.17 30.43
N ARG T 25 5.53 104.68 31.17
CA ARG T 25 5.28 104.27 32.55
C ARG T 25 4.93 105.45 33.44
N LEU T 26 5.56 106.61 33.21
CA LEU T 26 5.22 107.80 33.98
C LEU T 26 3.78 108.24 33.72
N LEU T 27 3.38 108.27 32.46
CA LEU T 27 2.01 108.69 32.21
C LEU T 27 0.99 107.61 32.55
N VAL T 28 1.42 106.33 32.61
CA VAL T 28 0.60 105.29 33.22
C VAL T 28 0.43 105.54 34.72
N LYS T 29 1.49 106.00 35.39
CA LYS T 29 1.35 106.37 36.80
C LYS T 29 0.32 107.50 36.97
N LEU T 30 0.42 108.50 36.11
CA LEU T 30 -0.51 109.64 36.17
C LEU T 30 -1.95 109.18 35.98
N TYR T 31 -2.21 108.39 34.95
CA TYR T 31 -3.57 107.95 34.70
C TYR T 31 -4.04 106.85 35.64
N ARG T 32 -3.13 106.10 36.26
CA ARG T 32 -3.52 105.22 37.35
C ARG T 32 -4.06 106.03 38.52
N PHE T 33 -3.35 107.10 38.87
CA PHE T 33 -3.84 107.97 39.94
C PHE T 33 -5.17 108.61 39.57
N LEU T 34 -5.31 109.09 38.34
CA LEU T 34 -6.55 109.75 37.94
C LEU T 34 -7.72 108.78 37.91
N ALA T 35 -7.52 107.58 37.37
CA ALA T 35 -8.58 106.59 37.35
C ALA T 35 -8.96 106.13 38.74
N ARG T 36 -8.00 106.08 39.66
CA ARG T 36 -8.33 105.68 41.02
C ARG T 36 -9.09 106.78 41.77
N ARG T 37 -8.64 108.02 41.64
CA ARG T 37 -9.14 109.11 42.46
C ARG T 37 -10.23 109.93 41.79
N THR T 38 -10.68 109.54 40.60
CA THR T 38 -11.82 110.19 39.96
C THR T 38 -12.84 109.13 39.60
N ASN T 39 -14.09 109.57 39.43
CA ASN T 39 -15.15 108.68 38.97
C ASN T 39 -15.28 108.68 37.45
N SER T 40 -14.40 109.36 36.74
CA SER T 40 -14.45 109.44 35.29
C SER T 40 -14.08 108.09 34.69
N THR T 41 -15.03 107.45 34.02
CA THR T 41 -14.74 106.21 33.31
C THR T 41 -13.85 106.45 32.10
N PHE T 42 -13.76 107.68 31.63
CA PHE T 42 -12.83 108.02 30.57
C PHE T 42 -11.39 107.72 30.98
N ASN T 43 -11.04 108.07 32.22
CA ASN T 43 -9.70 107.78 32.71
C ASN T 43 -9.43 106.29 32.77
N GLN T 44 -10.43 105.51 33.17
CA GLN T 44 -10.28 104.06 33.20
C GLN T 44 -10.04 103.50 31.81
N VAL T 45 -10.81 103.97 30.83
CA VAL T 45 -10.63 103.50 29.45
C VAL T 45 -9.25 103.88 28.94
N VAL T 46 -8.81 105.10 29.22
CA VAL T 46 -7.50 105.54 28.75
C VAL T 46 -6.40 104.72 29.40
N LEU T 47 -6.53 104.42 30.68
CA LEU T 47 -5.52 103.61 31.36
C LEU T 47 -5.44 102.22 30.77
N LYS T 48 -6.59 101.58 30.55
CA LYS T 48 -6.55 100.22 30.00
C LYS T 48 -6.06 100.23 28.56
N ARG T 49 -6.26 101.33 27.82
CA ARG T 49 -5.68 101.42 26.49
C ARG T 49 -4.18 101.65 26.54
N LEU T 50 -3.70 102.35 27.56
CA LEU T 50 -2.25 102.51 27.73
C LEU T 50 -1.60 101.18 28.04
N PHE T 51 -2.29 100.30 28.76
CA PHE T 51 -1.73 98.98 29.01
C PHE T 51 -1.56 98.16 27.74
N MET T 52 -2.33 98.47 26.69
CA MET T 52 -2.49 97.57 25.57
C MET T 52 -1.23 97.47 24.72
N SER T 53 -1.24 96.50 23.82
CA SER T 53 -0.14 96.25 22.91
C SER T 53 -0.31 97.06 21.62
N ARG T 54 0.71 97.03 20.78
CA ARG T 54 0.70 97.86 19.58
C ARG T 54 -0.37 97.42 18.60
N THR T 55 -0.59 96.11 18.45
CA THR T 55 -1.66 95.65 17.57
C THR T 55 -3.03 96.02 18.12
N ASN T 56 -3.15 96.15 19.44
CA ASN T 56 -4.38 96.60 20.05
C ASN T 56 -4.48 98.11 20.12
N ARG T 57 -3.45 98.82 19.66
CA ARG T 57 -3.50 100.28 19.52
C ARG T 57 -3.15 100.61 18.07
N PRO T 58 -4.08 100.37 17.15
CA PRO T 58 -3.80 100.62 15.75
C PRO T 58 -3.66 102.11 15.48
N PRO T 59 -2.90 102.50 14.45
CA PRO T 59 -2.78 103.91 14.12
C PRO T 59 -4.09 104.46 13.60
N LEU T 60 -4.32 105.73 13.89
CA LEU T 60 -5.51 106.44 13.46
C LEU T 60 -5.12 107.40 12.35
N SER T 61 -5.75 107.27 11.19
CA SER T 61 -5.45 108.14 10.07
C SER T 61 -6.08 109.51 10.26
N LEU T 62 -5.45 110.51 9.64
CA LEU T 62 -5.96 111.87 9.72
C LEU T 62 -7.34 111.97 9.08
N SER T 63 -7.57 111.24 7.99
CA SER T 63 -8.87 111.29 7.33
C SER T 63 -9.96 110.72 8.24
N ARG T 64 -9.69 109.61 8.90
CA ARG T 64 -10.70 109.04 9.81
C ARG T 64 -10.93 109.95 11.00
N MET T 65 -9.86 110.55 11.53
CA MET T 65 -10.03 111.50 12.63
C MET T 65 -10.89 112.69 12.21
N ILE T 66 -10.64 113.23 11.02
CA ILE T 66 -11.42 114.35 10.52
C ILE T 66 -12.87 113.95 10.34
N ARG T 67 -13.09 112.76 9.78
CA ARG T 67 -14.46 112.29 9.56
C ARG T 67 -15.21 112.13 10.87
N LYS T 68 -14.56 111.58 11.89
CA LYS T 68 -15.24 111.38 13.17
C LYS T 68 -15.44 112.69 13.92
N MET T 69 -14.51 113.63 13.80
CA MET T 69 -14.68 114.92 14.47
C MET T 69 -15.62 115.85 13.72
N LYS T 70 -15.93 115.53 12.47
CA LYS T 70 -16.86 116.31 11.66
C LYS T 70 -18.32 116.01 12.00
N LEU T 71 -18.58 114.97 12.77
CA LEU T 71 -19.94 114.59 13.12
C LEU T 71 -20.59 115.68 13.97
N PRO T 72 -21.92 115.82 13.89
CA PRO T 72 -22.59 116.93 14.58
C PRO T 72 -22.42 116.87 16.09
N GLY T 73 -22.34 118.05 16.70
CA GLY T 73 -22.24 118.16 18.13
C GLY T 73 -20.85 117.96 18.70
N ARG T 74 -19.85 117.71 17.86
CA ARG T 74 -18.48 117.48 18.32
C ARG T 74 -17.58 118.66 18.05
N GLU T 75 -18.16 119.85 17.87
CA GLU T 75 -17.36 121.04 17.67
C GLU T 75 -16.65 121.42 18.96
N ASN T 76 -15.40 121.89 18.82
CA ASN T 76 -14.59 122.35 19.95
C ASN T 76 -14.39 121.26 20.99
N LYS T 77 -14.32 120.00 20.56
CA LYS T 77 -14.00 118.89 21.44
C LYS T 77 -12.60 118.38 21.12
N THR T 78 -11.95 117.81 22.13
CA THR T 78 -10.59 117.30 21.96
C THR T 78 -10.65 115.86 21.49
N ALA T 79 -10.03 115.58 20.35
CA ALA T 79 -9.93 114.21 19.86
C ALA T 79 -8.80 113.51 20.60
N VAL T 80 -9.12 112.42 21.27
CA VAL T 80 -8.15 111.68 22.07
C VAL T 80 -8.00 110.30 21.47
N VAL T 81 -6.77 109.96 21.08
CA VAL T 81 -6.44 108.63 20.60
C VAL T 81 -5.24 108.12 21.38
N VAL T 82 -5.35 106.90 21.89
CA VAL T 82 -4.22 106.28 22.61
C VAL T 82 -3.44 105.51 21.56
N GLY T 83 -2.57 106.21 20.86
CA GLY T 83 -1.85 105.62 19.76
C GLY T 83 -1.27 106.70 18.86
N THR T 84 -1.05 106.31 17.61
CA THR T 84 -0.35 107.14 16.65
C THR T 84 -1.33 107.76 15.67
N ILE T 85 -1.24 109.07 15.49
CA ILE T 85 -1.94 109.75 14.40
C ILE T 85 -1.08 109.64 13.16
N THR T 86 -1.70 109.25 12.07
CA THR T 86 -1.02 109.02 10.81
C THR T 86 -1.55 110.00 9.76
N ASP T 87 -0.64 110.61 9.01
CA ASP T 87 -1.05 111.46 7.91
C ASP T 87 -1.75 110.65 6.83
N ASP T 88 -2.83 111.21 6.29
CA ASP T 88 -3.52 110.65 5.15
C ASP T 88 -3.35 111.63 4.00
N VAL T 89 -2.66 111.20 2.94
CA VAL T 89 -2.45 112.06 1.78
C VAL T 89 -3.65 112.08 0.85
N ARG T 90 -4.68 111.29 1.13
CA ARG T 90 -5.87 111.30 0.32
C ARG T 90 -6.80 112.46 0.64
N VAL T 91 -6.63 113.10 1.78
CA VAL T 91 -7.43 114.25 2.15
C VAL T 91 -6.67 115.52 1.77
N GLN T 92 -7.41 116.52 1.30
CA GLN T 92 -6.81 117.76 0.82
C GLN T 92 -6.90 118.88 1.84
N GLU T 93 -8.07 119.09 2.44
CA GLU T 93 -8.28 120.16 3.38
C GLU T 93 -8.32 119.60 4.80
N VAL T 94 -7.54 120.18 5.69
CA VAL T 94 -7.47 119.80 7.09
C VAL T 94 -8.09 120.92 7.92
N PRO T 95 -9.15 120.65 8.68
CA PRO T 95 -9.74 121.69 9.52
C PRO T 95 -8.94 121.90 10.80
N LYS T 96 -9.35 122.88 11.57
CA LYS T 96 -8.72 123.16 12.85
C LYS T 96 -9.11 122.10 13.86
N LEU T 97 -8.13 121.39 14.40
CA LEU T 97 -8.38 120.26 15.29
C LEU T 97 -7.53 120.40 16.54
N LYS T 98 -8.13 120.12 17.69
CA LYS T 98 -7.43 120.03 18.96
C LYS T 98 -7.36 118.56 19.34
N VAL T 99 -6.17 117.97 19.25
CA VAL T 99 -6.03 116.53 19.32
C VAL T 99 -4.98 116.17 20.36
N CYS T 100 -5.27 115.16 21.18
CA CYS T 100 -4.30 114.53 22.05
C CYS T 100 -3.98 113.14 21.54
N ALA T 101 -2.69 112.82 21.47
CA ALA T 101 -2.28 111.52 20.95
C ALA T 101 -1.00 111.09 21.61
N LEU T 102 -0.76 109.78 21.57
CA LEU T 102 0.47 109.23 22.12
C LEU T 102 1.65 109.52 21.19
N ARG T 103 1.44 109.40 19.89
CA ARG T 103 2.43 109.76 18.89
C ARG T 103 1.74 110.43 17.71
N VAL T 104 2.44 111.36 17.08
CA VAL T 104 1.97 111.98 15.85
C VAL T 104 3.10 111.89 14.82
N THR T 105 2.76 111.42 13.63
CA THR T 105 3.71 111.43 12.53
C THR T 105 4.14 112.87 12.22
N SER T 106 5.38 113.03 11.77
CA SER T 106 5.91 114.36 11.51
C SER T 106 5.07 115.11 10.49
N ARG T 107 4.69 114.44 9.40
CA ARG T 107 3.90 115.10 8.37
C ARG T 107 2.50 115.43 8.85
N ALA T 108 1.87 114.51 9.59
CA ALA T 108 0.54 114.78 10.14
C ALA T 108 0.60 115.92 11.13
N ARG T 109 1.65 115.98 11.94
CA ARG T 109 1.82 117.08 12.88
C ARG T 109 1.98 118.40 12.16
N SER T 110 2.77 118.42 11.09
CA SER T 110 2.94 119.64 10.32
C SER T 110 1.62 120.08 9.71
N ARG T 111 0.84 119.15 9.17
CA ARG T 111 -0.45 119.51 8.58
C ARG T 111 -1.41 120.04 9.63
N ILE T 112 -1.47 119.39 10.80
CA ILE T 112 -2.39 119.81 11.85
C ILE T 112 -2.01 121.21 12.34
N LEU T 113 -0.72 121.44 12.58
CA LEU T 113 -0.30 122.75 13.07
C LEU T 113 -0.46 123.83 12.01
N ARG T 114 -0.24 123.50 10.74
CA ARG T 114 -0.46 124.47 9.67
C ARG T 114 -1.93 124.81 9.53
N ALA T 115 -2.81 123.86 9.78
CA ALA T 115 -4.23 124.16 9.75
C ALA T 115 -4.70 124.94 10.97
N GLY T 116 -3.81 125.41 11.83
CA GLY T 116 -4.22 126.11 13.03
C GLY T 116 -4.60 125.22 14.19
N GLY T 117 -4.27 123.93 14.13
CA GLY T 117 -4.65 123.01 15.16
C GLY T 117 -3.69 123.01 16.34
N LYS T 118 -4.06 122.23 17.34
CA LYS T 118 -3.30 122.08 18.57
C LYS T 118 -3.07 120.61 18.84
N ILE T 119 -1.87 120.27 19.30
CA ILE T 119 -1.48 118.90 19.59
C ILE T 119 -1.08 118.82 21.06
N LEU T 120 -1.62 117.85 21.77
CA LEU T 120 -1.41 117.68 23.19
C LEU T 120 -0.86 116.28 23.47
N THR T 121 0.07 116.20 24.42
CA THR T 121 0.40 114.90 24.98
C THR T 121 -0.61 114.55 26.07
N PHE T 122 -0.48 113.36 26.63
CA PHE T 122 -1.50 112.91 27.57
C PHE T 122 -1.36 113.58 28.93
N ASP T 123 -0.15 113.99 29.33
CA ASP T 123 -0.02 114.81 30.53
C ASP T 123 -0.67 116.17 30.35
N GLN T 124 -0.50 116.78 29.18
CA GLN T 124 -1.19 118.03 28.88
C GLN T 124 -2.70 117.83 28.86
N LEU T 125 -3.16 116.68 28.36
CA LEU T 125 -4.59 116.39 28.40
C LEU T 125 -5.08 116.26 29.82
N ALA T 126 -4.29 115.64 30.69
CA ALA T 126 -4.67 115.53 32.10
C ALA T 126 -4.79 116.90 32.74
N LEU T 127 -3.85 117.81 32.42
CA LEU T 127 -3.93 119.15 32.97
C LEU T 127 -5.12 119.93 32.40
N ASP T 128 -5.41 119.74 31.12
CA ASP T 128 -6.47 120.51 30.47
C ASP T 128 -7.85 120.03 30.90
N SER T 129 -8.03 118.71 30.99
CA SER T 129 -9.31 118.13 31.38
C SER T 129 -9.04 116.86 32.14
N PRO T 130 -8.87 116.95 33.47
CA PRO T 130 -8.55 115.76 34.26
C PRO T 130 -9.60 114.68 34.21
N LYS T 131 -10.87 115.03 34.07
CA LYS T 131 -11.94 114.04 33.99
C LYS T 131 -12.25 113.64 32.55
N GLY T 132 -11.56 114.21 31.57
CA GLY T 132 -11.85 113.89 30.19
C GLY T 132 -13.10 114.53 29.65
N CYS T 133 -13.49 115.68 30.20
CA CYS T 133 -14.69 116.37 29.73
C CYS T 133 -14.41 117.01 28.37
N GLY T 134 -15.43 117.02 27.52
CA GLY T 134 -15.31 117.61 26.20
C GLY T 134 -14.35 116.88 25.29
N THR T 135 -14.34 115.54 25.35
CA THR T 135 -13.42 114.74 24.56
C THR T 135 -14.18 113.76 23.69
N VAL T 136 -13.59 113.47 22.55
CA VAL T 136 -14.06 112.43 21.64
C VAL T 136 -12.97 111.37 21.61
N LEU T 137 -13.25 110.22 22.23
CA LEU T 137 -12.28 109.14 22.33
C LEU T 137 -12.37 108.29 21.07
N LEU T 138 -11.32 108.33 20.26
CA LEU T 138 -11.30 107.64 18.98
C LEU T 138 -10.32 106.49 19.02
N SER T 139 -10.52 105.54 18.11
CA SER T 139 -9.65 104.39 17.98
C SER T 139 -9.42 104.12 16.51
N GLY T 140 -8.22 103.69 16.16
CA GLY T 140 -7.94 103.27 14.81
C GLY T 140 -8.62 101.95 14.53
N PRO T 141 -8.68 101.56 13.26
CA PRO T 141 -9.33 100.29 12.91
C PRO T 141 -8.59 99.09 13.49
N ARG T 142 -9.22 98.43 14.46
CA ARG T 142 -8.54 97.35 15.17
C ARG T 142 -8.33 96.13 14.27
N LYS T 143 -9.25 95.87 13.36
CA LYS T 143 -9.16 94.72 12.46
C LYS T 143 -8.59 95.11 11.10
N GLY T 144 -8.02 96.30 10.97
CA GLY T 144 -7.34 96.69 9.76
C GLY T 144 -5.92 96.17 9.72
N ARG T 145 -5.77 94.85 9.65
CA ARG T 145 -4.48 94.21 9.62
C ARG T 145 -4.56 93.02 8.68
N GLU T 146 -3.40 92.64 8.14
CA GLU T 146 -3.37 91.56 7.15
C GLU T 146 -3.73 90.22 7.78
N VAL T 147 -3.45 90.03 9.07
CA VAL T 147 -3.70 88.75 9.73
C VAL T 147 -5.19 88.42 9.75
N TYR T 148 -6.04 89.44 9.81
CA TYR T 148 -7.48 89.19 9.90
C TYR T 148 -8.07 88.72 8.59
N ARG T 149 -7.36 88.88 7.48
CA ARG T 149 -7.79 88.29 6.23
C ARG T 149 -7.56 86.79 6.22
N HIS T 150 -6.54 86.32 6.93
CA HIS T 150 -6.29 84.90 7.04
C HIS T 150 -7.13 84.27 8.15
N PHE T 151 -7.48 85.04 9.17
CA PHE T 151 -8.28 84.50 10.26
C PHE T 151 -9.71 84.23 9.80
N GLY T 152 -10.35 83.28 10.46
CA GLY T 152 -11.72 82.93 10.12
C GLY T 152 -11.88 81.44 9.87
N LYS T 153 -12.88 81.07 9.08
CA LYS T 153 -13.02 79.68 8.69
C LYS T 153 -11.89 79.28 7.75
N ALA T 154 -11.67 77.99 7.63
CA ALA T 154 -10.60 77.50 6.79
C ALA T 154 -10.90 77.82 5.32
N PRO T 155 -9.87 78.13 4.52
CA PRO T 155 -10.13 78.43 3.10
C PRO T 155 -10.76 77.28 2.34
N GLY T 156 -10.48 76.05 2.70
CA GLY T 156 -10.99 74.90 1.98
C GLY T 156 -12.33 74.42 2.50
N THR T 157 -13.17 75.34 2.95
CA THR T 157 -14.49 75.05 3.45
C THR T 157 -15.50 75.90 2.70
N PRO T 158 -16.74 75.43 2.54
CA PRO T 158 -17.72 76.21 1.80
C PRO T 158 -18.04 77.53 2.49
N HIS T 159 -18.29 78.55 1.68
CA HIS T 159 -18.73 79.87 2.12
C HIS T 159 -17.70 80.55 2.99
N SER T 160 -16.43 80.23 2.81
CA SER T 160 -15.34 80.90 3.50
C SER T 160 -14.54 81.70 2.49
N HIS T 161 -14.27 82.95 2.81
CA HIS T 161 -13.51 83.84 1.95
C HIS T 161 -12.27 84.32 2.67
N THR T 162 -11.59 83.41 3.35
CA THR T 162 -10.39 83.76 4.09
C THR T 162 -9.16 83.50 3.23
N LYS T 163 -8.23 84.44 3.27
CA LYS T 163 -7.06 84.37 2.42
C LYS T 163 -6.15 83.23 2.87
N PRO T 164 -5.77 82.32 1.97
CA PRO T 164 -4.81 81.29 2.33
C PRO T 164 -3.39 81.82 2.37
N TYR T 165 -2.52 81.07 3.04
CA TYR T 165 -1.11 81.40 3.12
C TYR T 165 -0.40 80.79 1.91
N VAL T 166 0.00 81.62 0.96
CA VAL T 166 0.67 81.17 -0.25
C VAL T 166 1.98 81.94 -0.37
N ARG T 167 3.04 81.22 -0.75
CA ARG T 167 4.33 81.89 -0.92
C ARG T 167 4.33 82.80 -2.13
N SER T 168 3.50 82.53 -3.12
CA SER T 168 3.42 83.33 -4.32
C SER T 168 1.98 83.35 -4.81
N LYS T 169 1.60 84.41 -5.50
CA LYS T 169 0.28 84.53 -6.11
C LYS T 169 0.42 84.42 -7.61
N GLY T 170 -0.27 83.45 -8.20
CA GLY T 170 -0.20 83.23 -9.63
C GLY T 170 -1.14 82.09 -10.00
N ARG T 171 -1.23 81.85 -11.31
CA ARG T 171 -2.16 80.82 -11.78
C ARG T 171 -1.70 79.42 -11.41
N LYS T 172 -0.44 79.25 -11.02
CA LYS T 172 0.09 77.95 -10.64
C LYS T 172 0.00 77.68 -9.14
N PHE T 173 -0.39 78.66 -8.34
CA PHE T 173 -0.29 78.56 -6.89
C PHE T 173 -1.68 78.47 -6.29
N GLU T 174 -2.12 77.25 -6.04
CA GLU T 174 -3.35 76.94 -5.31
C GLU T 174 -4.58 77.51 -6.02
N ARG T 175 -4.79 77.04 -7.24
CA ARG T 175 -5.96 77.45 -8.01
C ARG T 175 -6.68 76.31 -8.71
N ALA T 176 -6.19 75.07 -8.61
CA ALA T 176 -6.77 74.03 -9.45
C ALA T 176 -7.83 73.16 -8.79
N ARG T 177 -7.47 72.35 -7.81
CA ARG T 177 -8.36 71.31 -7.31
C ARG T 177 -8.90 71.71 -5.95
N GLY T 178 -10.20 71.93 -5.88
CA GLY T 178 -10.82 72.57 -4.73
C GLY T 178 -11.08 74.03 -4.93
N ARG T 179 -10.81 74.56 -6.13
CA ARG T 179 -11.05 75.95 -6.45
C ARG T 179 -11.92 76.14 -7.66
N ARG T 180 -12.12 75.11 -8.48
CA ARG T 180 -13.00 75.21 -9.63
C ARG T 180 -13.62 73.85 -9.88
N ALA T 181 -14.85 73.86 -10.40
CA ALA T 181 -15.57 72.62 -10.64
C ALA T 181 -14.90 71.77 -11.71
N SER T 182 -14.09 72.36 -12.56
CA SER T 182 -13.41 71.60 -13.60
C SER T 182 -12.32 70.69 -13.05
N ARG T 183 -11.89 70.91 -11.81
CA ARG T 183 -10.88 70.07 -11.17
C ARG T 183 -11.45 69.55 -9.85
N GLY T 184 -12.21 68.46 -9.93
CA GLY T 184 -12.75 67.84 -8.74
C GLY T 184 -13.97 68.55 -8.18
N TYR T 185 -13.75 69.71 -7.56
CA TYR T 185 -14.82 70.39 -6.84
C TYR T 185 -14.37 71.82 -6.61
N LYS T 186 -15.30 72.65 -6.11
CA LYS T 186 -14.99 74.05 -5.86
C LYS T 186 -15.19 74.47 -4.41
N ASN T 187 -16.34 74.13 -3.82
CA ASN T 187 -16.90 74.74 -2.60
C ASN T 187 -16.45 76.18 -2.28
N SER U 1 82.02 26.94 42.84
CA SER U 1 80.70 27.49 43.10
C SER U 1 79.67 26.94 42.11
N MET U 2 79.81 27.32 40.84
CA MET U 2 78.93 26.85 39.78
C MET U 2 79.80 26.45 38.59
N LEU U 3 79.77 25.17 38.24
CA LEU U 3 80.75 24.59 37.32
C LEU U 3 80.11 24.09 36.03
N ARG U 4 79.06 24.77 35.57
CA ARG U 4 78.42 24.38 34.31
C ARG U 4 79.38 24.57 33.14
N LEU U 5 80.07 25.72 33.10
CA LEU U 5 81.05 25.98 32.05
C LEU U 5 82.16 24.95 32.08
N GLN U 6 82.65 24.61 33.28
CA GLN U 6 83.74 23.65 33.38
C GLN U 6 83.30 22.26 32.94
N LYS U 7 82.08 21.85 33.28
CA LYS U 7 81.59 20.56 32.82
C LYS U 7 81.45 20.53 31.30
N ARG U 8 80.94 21.62 30.72
CA ARG U 8 80.80 21.66 29.26
C ARG U 8 82.16 21.60 28.58
N LEU U 9 83.13 22.38 29.07
CA LEU U 9 84.45 22.38 28.46
C LEU U 9 85.15 21.05 28.65
N ALA U 10 84.99 20.43 29.81
CA ALA U 10 85.58 19.12 30.04
C ALA U 10 84.99 18.08 29.10
N SER U 11 83.67 18.14 28.87
CA SER U 11 83.05 17.23 27.92
C SER U 11 83.60 17.43 26.52
N SER U 12 83.75 18.69 26.10
CA SER U 12 84.27 18.97 24.77
C SER U 12 85.71 18.50 24.62
N VAL U 13 86.54 18.72 25.64
CA VAL U 13 87.95 18.34 25.55
C VAL U 13 88.10 16.82 25.58
N LEU U 14 87.38 16.16 26.50
CA LEU U 14 87.46 14.72 26.63
C LEU U 14 86.72 13.97 25.55
N ARG U 15 85.95 14.66 24.71
CA ARG U 15 85.24 14.06 23.59
C ARG U 15 84.22 13.03 24.06
N CYS U 16 83.68 13.22 25.25
CA CYS U 16 82.64 12.39 25.82
C CYS U 16 81.45 13.26 26.18
N GLY U 17 80.38 12.63 26.63
CA GLY U 17 79.23 13.38 27.09
C GLY U 17 79.45 13.92 28.48
N LYS U 18 78.55 14.80 28.89
CA LYS U 18 78.62 15.34 30.24
C LYS U 18 78.27 14.30 31.29
N LYS U 19 77.71 13.15 30.88
CA LYS U 19 77.50 12.05 31.81
C LYS U 19 78.82 11.55 32.37
N LYS U 20 79.84 11.45 31.52
CA LYS U 20 81.09 10.81 31.86
C LYS U 20 82.11 11.77 32.46
N VAL U 21 81.83 13.05 32.51
CA VAL U 21 82.76 14.02 33.09
C VAL U 21 82.64 13.95 34.61
N TRP U 22 83.76 13.71 35.28
CA TRP U 22 83.81 13.68 36.74
C TRP U 22 84.68 14.83 37.21
N LEU U 23 84.08 15.77 37.92
CA LEU U 23 84.81 16.86 38.54
C LEU U 23 85.01 16.53 40.01
N ASP U 24 86.17 16.85 40.52
CA ASP U 24 86.49 16.53 41.92
C ASP U 24 85.60 17.36 42.84
N PRO U 25 84.75 16.74 43.66
CA PRO U 25 83.89 17.53 44.54
C PRO U 25 84.65 18.26 45.64
N ASN U 26 85.90 17.88 45.91
CA ASN U 26 86.69 18.55 46.93
C ASN U 26 87.45 19.75 46.37
N GLU U 27 87.92 19.66 45.14
CA GLU U 27 88.67 20.77 44.52
C GLU U 27 87.76 21.67 43.70
N THR U 28 86.66 22.09 44.32
CA THR U 28 85.68 22.93 43.64
C THR U 28 86.27 24.28 43.25
N ASN U 29 87.02 24.91 44.16
CA ASN U 29 87.61 26.21 43.84
C ASN U 29 88.65 26.10 42.75
N GLU U 30 89.49 25.06 42.81
CA GLU U 30 90.51 24.88 41.78
C GLU U 30 89.89 24.66 40.41
N ILE U 31 88.82 23.86 40.36
CA ILE U 31 88.14 23.66 39.07
C ILE U 31 87.44 24.94 38.62
N ALA U 32 86.86 25.69 39.57
CA ALA U 32 86.16 26.92 39.22
C ALA U 32 87.12 27.97 38.67
N ASN U 33 88.38 27.93 39.07
CA ASN U 33 89.36 28.83 38.49
C ASN U 33 89.66 28.53 37.02
N ALA U 34 89.25 27.36 36.52
CA ALA U 34 89.53 26.98 35.14
C ALA U 34 88.48 27.60 34.23
N ASN U 35 88.90 28.52 33.37
CA ASN U 35 88.00 29.18 32.44
C ASN U 35 88.35 28.95 30.98
N SER U 36 89.37 28.15 30.69
CA SER U 36 89.81 27.93 29.33
C SER U 36 90.06 26.44 29.11
N ARG U 37 90.09 26.05 27.84
CA ARG U 37 90.30 24.66 27.50
C ARG U 37 91.72 24.21 27.83
N GLN U 38 92.70 25.12 27.79
CA GLN U 38 94.03 24.78 28.26
C GLN U 38 94.04 24.43 29.74
N GLN U 39 93.33 25.21 30.54
CA GLN U 39 93.24 24.93 31.96
C GLN U 39 92.46 23.65 32.23
N ILE U 40 91.43 23.38 31.41
CA ILE U 40 90.72 22.11 31.53
C ILE U 40 91.65 20.94 31.22
N ARG U 41 92.48 21.09 30.18
CA ARG U 41 93.46 20.04 29.86
C ARG U 41 94.45 19.84 30.99
N LYS U 42 94.91 20.93 31.60
CA LYS U 42 95.83 20.81 32.73
C LYS U 42 95.17 20.10 33.90
N LEU U 43 93.90 20.39 34.17
CA LEU U 43 93.19 19.70 35.24
C LEU U 43 93.00 18.23 34.92
N ILE U 44 92.74 17.90 33.66
CA ILE U 44 92.63 16.50 33.25
C ILE U 44 93.95 15.79 33.46
N LYS U 45 95.05 16.45 33.11
CA LYS U 45 96.38 15.87 33.32
C LYS U 45 96.66 15.68 34.81
N ASP U 46 96.26 16.64 35.64
CA ASP U 46 96.52 16.56 37.07
C ASP U 46 95.59 15.59 37.78
N GLY U 47 94.48 15.19 37.15
CA GLY U 47 93.60 14.21 37.73
C GLY U 47 92.38 14.75 38.45
N LEU U 48 92.18 16.06 38.42
CA LEU U 48 90.97 16.64 39.02
C LEU U 48 89.75 16.44 38.14
N ILE U 49 89.94 16.17 36.86
CA ILE U 49 88.85 15.88 35.93
C ILE U 49 89.11 14.51 35.34
N ILE U 50 88.12 13.62 35.44
CA ILE U 50 88.26 12.23 35.05
C ILE U 50 87.10 11.87 34.13
N ARG U 51 87.41 11.10 33.08
CA ARG U 51 86.38 10.53 32.22
C ARG U 51 85.91 9.21 32.82
N LYS U 52 84.67 9.18 33.28
CA LYS U 52 84.13 7.97 33.89
C LYS U 52 83.96 6.87 32.83
N PRO U 53 84.09 5.61 33.21
CA PRO U 53 83.97 4.53 32.23
C PRO U 53 82.53 4.35 31.77
N VAL U 54 82.40 3.69 30.63
CA VAL U 54 81.09 3.38 30.06
C VAL U 54 80.35 2.43 30.99
N THR U 55 79.07 2.71 31.21
CA THR U 55 78.22 1.83 31.99
C THR U 55 78.17 0.45 31.34
N VAL U 56 78.34 -0.60 32.15
CA VAL U 56 78.49 -1.95 31.62
C VAL U 56 77.16 -2.42 31.04
N HIS U 57 77.19 -2.84 29.79
CA HIS U 57 76.09 -3.55 29.15
C HIS U 57 76.67 -4.87 28.64
N SER U 58 76.63 -5.89 29.49
CA SER U 58 77.24 -7.17 29.17
C SER U 58 76.39 -7.94 28.18
N ARG U 59 77.06 -8.79 27.40
CA ARG U 59 76.40 -9.69 26.46
C ARG U 59 76.59 -11.15 26.84
N ALA U 60 77.03 -11.42 28.07
CA ALA U 60 77.24 -12.80 28.50
C ALA U 60 75.93 -13.57 28.52
N ARG U 61 74.86 -12.95 28.99
CA ARG U 61 73.55 -13.58 28.98
C ARG U 61 73.10 -13.90 27.56
N CYS U 62 73.29 -12.96 26.64
CA CYS U 62 72.94 -13.20 25.25
C CYS U 62 73.78 -14.33 24.65
N ARG U 63 75.06 -14.38 24.96
CA ARG U 63 75.90 -15.43 24.42
C ARG U 63 75.50 -16.80 24.95
N LYS U 64 75.15 -16.87 26.24
CA LYS U 64 74.69 -18.12 26.82
C LYS U 64 73.39 -18.57 26.17
N ASN U 65 72.44 -17.65 26.00
CA ASN U 65 71.19 -18.00 25.36
C ASN U 65 71.38 -18.37 23.89
N THR U 66 72.32 -17.72 23.22
CA THR U 66 72.63 -18.07 21.83
C THR U 66 73.21 -19.47 21.74
N LEU U 67 74.09 -19.84 22.66
CA LEU U 67 74.62 -21.20 22.68
C LEU U 67 73.51 -22.21 22.92
N ALA U 68 72.59 -21.89 23.83
CA ALA U 68 71.44 -22.77 24.04
C ALA U 68 70.61 -22.92 22.78
N ARG U 69 70.39 -21.82 22.05
CA ARG U 69 69.61 -21.87 20.83
C ARG U 69 70.33 -22.65 19.72
N ARG U 70 71.66 -22.57 19.69
CA ARG U 70 72.42 -23.42 18.78
C ARG U 70 72.22 -24.89 19.11
N LYS U 71 72.25 -25.22 20.40
CA LYS U 71 71.92 -26.58 20.81
C LYS U 71 70.47 -26.95 20.51
N GLY U 72 69.61 -25.95 20.32
CA GLY U 72 68.23 -26.19 19.94
C GLY U 72 67.20 -25.72 20.94
N ARG U 73 67.61 -25.17 22.08
CA ARG U 73 66.67 -24.78 23.11
C ARG U 73 65.95 -23.49 22.72
N HIS U 74 64.84 -23.24 23.39
CA HIS U 74 64.03 -22.03 23.27
C HIS U 74 63.52 -21.79 21.85
N MET U 75 63.42 -22.83 21.03
CA MET U 75 62.81 -22.66 19.72
C MET U 75 61.37 -23.17 19.70
N GLY U 76 61.17 -24.45 20.01
CA GLY U 76 59.86 -25.03 20.26
C GLY U 76 58.72 -24.62 19.36
N ILE U 77 57.50 -24.64 19.89
CA ILE U 77 56.33 -24.14 19.20
C ILE U 77 55.78 -22.90 19.89
N GLY U 78 55.85 -22.86 21.21
CA GLY U 78 55.44 -21.71 21.98
C GLY U 78 56.46 -20.60 22.05
N LYS U 79 57.55 -20.69 21.31
CA LYS U 79 58.51 -19.60 21.20
C LYS U 79 58.53 -18.97 19.81
N ARG U 80 57.60 -19.37 18.93
CA ARG U 80 57.56 -18.86 17.58
C ARG U 80 56.41 -17.86 17.47
N LYS U 81 56.73 -16.64 17.08
CA LYS U 81 55.71 -15.61 16.89
C LYS U 81 55.46 -15.28 15.43
N GLY U 82 56.44 -15.46 14.57
CA GLY U 82 56.26 -15.21 13.17
C GLY U 82 55.89 -16.47 12.41
N THR U 83 55.34 -16.25 11.21
CA THR U 83 55.00 -17.35 10.33
C THR U 83 56.26 -18.11 9.93
N ALA U 84 56.10 -19.38 9.58
CA ALA U 84 57.25 -20.18 9.14
C ALA U 84 57.93 -19.54 7.94
N ASN U 85 57.15 -18.98 7.02
CA ASN U 85 57.73 -18.27 5.89
C ASN U 85 58.42 -16.99 6.33
N ALA U 86 57.90 -16.31 7.35
CA ALA U 86 58.55 -15.11 7.85
C ALA U 86 59.86 -15.44 8.56
N ARG U 87 59.95 -16.63 9.14
CA ARG U 87 61.17 -17.02 9.84
C ARG U 87 62.23 -17.55 8.88
N MET U 88 61.83 -18.40 7.94
CA MET U 88 62.75 -18.93 6.92
C MET U 88 61.99 -18.94 5.60
N PRO U 89 62.21 -17.94 4.74
CA PRO U 89 61.40 -17.82 3.53
C PRO U 89 61.56 -19.01 2.58
N GLU U 90 60.44 -19.41 2.00
CA GLU U 90 60.43 -20.49 1.02
C GLU U 90 61.24 -20.10 -0.22
N LYS U 91 61.19 -18.84 -0.61
CA LYS U 91 61.95 -18.39 -1.77
C LYS U 91 63.44 -18.48 -1.52
N VAL U 92 63.89 -18.13 -0.32
CA VAL U 92 65.31 -18.23 0.00
C VAL U 92 65.73 -19.70 0.07
N THR U 93 64.88 -20.55 0.65
CA THR U 93 65.16 -21.98 0.66
C THR U 93 65.30 -22.52 -0.76
N TRP U 94 64.40 -22.10 -1.65
CA TRP U 94 64.45 -22.52 -3.04
C TRP U 94 65.72 -22.03 -3.73
N MET U 95 66.11 -20.78 -3.47
CA MET U 95 67.34 -20.28 -4.06
C MET U 95 68.54 -21.09 -3.62
N ARG U 96 68.63 -21.36 -2.32
CA ARG U 96 69.77 -22.14 -1.83
C ARG U 96 69.78 -23.52 -2.46
N ARG U 97 68.61 -24.16 -2.55
CA ARG U 97 68.54 -25.49 -3.14
C ARG U 97 68.95 -25.48 -4.60
N MET U 98 68.44 -24.52 -5.37
CA MET U 98 68.79 -24.44 -6.79
C MET U 98 70.26 -24.15 -6.99
N ARG U 99 70.82 -23.24 -6.21
CA ARG U 99 72.24 -22.94 -6.35
C ARG U 99 73.09 -24.16 -6.03
N ILE U 100 72.75 -24.89 -4.96
CA ILE U 100 73.50 -26.09 -4.60
C ILE U 100 73.42 -27.12 -5.71
N LEU U 101 72.21 -27.39 -6.20
CA LEU U 101 72.03 -28.45 -7.18
C LEU U 101 72.66 -28.09 -8.53
N ARG U 102 72.52 -26.83 -8.95
CA ARG U 102 73.13 -26.40 -10.20
C ARG U 102 74.64 -26.42 -10.11
N ARG U 103 75.20 -26.02 -8.96
CA ARG U 103 76.64 -26.10 -8.79
C ARG U 103 77.12 -27.54 -8.85
N LEU U 104 76.38 -28.46 -8.23
CA LEU U 104 76.74 -29.87 -8.29
C LEU U 104 76.71 -30.40 -9.71
N LEU U 105 75.65 -30.06 -10.46
CA LEU U 105 75.55 -30.53 -11.83
C LEU U 105 76.66 -29.96 -12.71
N ARG U 106 76.98 -28.67 -12.53
CA ARG U 106 78.07 -28.07 -13.30
C ARG U 106 79.40 -28.74 -12.97
N ARG U 107 79.66 -29.00 -11.70
CA ARG U 107 80.91 -29.65 -11.33
C ARG U 107 80.98 -31.05 -11.90
N TYR U 108 79.85 -31.77 -11.91
CA TYR U 108 79.84 -33.10 -12.52
C TYR U 108 80.10 -33.03 -14.01
N ARG U 109 79.55 -32.02 -14.68
CA ARG U 109 79.74 -31.91 -16.13
C ARG U 109 81.18 -31.59 -16.48
N GLU U 110 81.79 -30.60 -15.81
CA GLU U 110 83.20 -30.35 -16.10
C GLU U 110 84.14 -31.35 -15.46
N SER U 111 83.66 -32.25 -14.62
CA SER U 111 84.49 -33.39 -14.20
C SER U 111 84.18 -34.65 -15.01
N LYS U 112 83.30 -34.55 -15.99
CA LYS U 112 83.01 -35.59 -16.96
C LYS U 112 82.33 -36.81 -16.36
N LYS U 113 81.65 -36.65 -15.21
CA LYS U 113 80.81 -37.73 -14.72
C LYS U 113 79.53 -37.84 -15.53
N ILE U 114 79.03 -36.72 -16.04
CA ILE U 114 77.84 -36.69 -16.88
C ILE U 114 78.17 -35.87 -18.13
N ASP U 115 77.41 -36.13 -19.20
CA ASP U 115 77.60 -35.44 -20.46
C ASP U 115 76.63 -34.26 -20.56
N ARG U 116 76.64 -33.60 -21.72
CA ARG U 116 75.78 -32.45 -21.94
C ARG U 116 74.31 -32.83 -21.86
N HIS U 117 73.95 -33.97 -22.43
CA HIS U 117 72.55 -34.36 -22.51
C HIS U 117 72.00 -34.77 -21.15
N MET U 118 72.77 -35.56 -20.42
CA MET U 118 72.37 -35.91 -19.06
C MET U 118 72.33 -34.67 -18.19
N TYR U 119 73.28 -33.75 -18.37
CA TYR U 119 73.26 -32.51 -17.62
C TYR U 119 72.02 -31.70 -17.91
N HIS U 120 71.62 -31.60 -19.18
CA HIS U 120 70.44 -30.81 -19.52
C HIS U 120 69.17 -31.44 -18.97
N SER U 121 69.05 -32.77 -19.06
CA SER U 121 67.89 -33.44 -18.49
C SER U 121 67.82 -33.23 -16.98
N LEU U 122 68.95 -33.37 -16.29
CA LEU U 122 68.93 -33.21 -14.84
C LEU U 122 68.73 -31.75 -14.44
N TYR U 123 69.20 -30.81 -15.26
CA TYR U 123 68.96 -29.40 -15.00
C TYR U 123 67.48 -29.09 -15.06
N LEU U 124 66.80 -29.57 -16.11
CA LEU U 124 65.37 -29.35 -16.20
C LEU U 124 64.63 -30.07 -15.08
N LYS U 125 65.12 -31.22 -14.65
CA LYS U 125 64.46 -31.93 -13.55
C LYS U 125 64.62 -31.20 -12.23
N VAL U 126 65.81 -30.67 -11.94
CA VAL U 126 65.97 -29.92 -10.69
C VAL U 126 65.14 -28.66 -10.73
N LYS U 127 65.04 -28.01 -11.89
CA LYS U 127 64.14 -26.87 -12.01
C LYS U 127 62.70 -27.28 -11.80
N GLY U 128 62.33 -28.49 -12.21
CA GLY U 128 61.02 -29.03 -11.98
C GLY U 128 60.81 -29.64 -10.61
N ASN U 129 61.82 -29.59 -9.75
CA ASN U 129 61.70 -29.95 -8.33
C ASN U 129 61.34 -31.43 -8.14
N VAL U 130 62.24 -32.28 -8.60
CA VAL U 130 62.13 -33.71 -8.33
C VAL U 130 63.21 -34.22 -7.39
N PHE U 131 64.24 -33.43 -7.11
CA PHE U 131 65.29 -33.79 -6.17
C PHE U 131 65.26 -32.83 -4.99
N LYS U 132 65.31 -33.38 -3.77
CA LYS U 132 65.17 -32.55 -2.59
C LYS U 132 66.49 -32.00 -2.09
N ASN U 133 67.61 -32.65 -2.39
CA ASN U 133 68.88 -32.20 -1.85
C ASN U 133 70.02 -32.79 -2.67
N LYS U 134 71.23 -32.57 -2.18
CA LYS U 134 72.43 -32.94 -2.92
C LYS U 134 72.60 -34.46 -2.98
N ARG U 135 72.24 -35.15 -1.90
CA ARG U 135 72.48 -36.59 -1.85
C ARG U 135 71.52 -37.36 -2.75
N ILE U 136 70.25 -36.92 -2.78
CA ILE U 136 69.26 -37.59 -3.62
C ILE U 136 69.63 -37.46 -5.09
N LEU U 137 70.02 -36.26 -5.51
CA LEU U 137 70.42 -36.05 -6.89
C LEU U 137 71.66 -36.87 -7.23
N MET U 138 72.61 -36.95 -6.29
CA MET U 138 73.83 -37.71 -6.54
C MET U 138 73.54 -39.20 -6.69
N GLU U 139 72.65 -39.73 -5.83
CA GLU U 139 72.27 -41.13 -5.96
C GLU U 139 71.52 -41.41 -7.26
N HIS U 140 70.65 -40.48 -7.66
CA HIS U 140 69.97 -40.63 -8.94
C HIS U 140 70.96 -40.62 -10.10
N ILE U 141 71.98 -39.77 -10.02
CA ILE U 141 73.01 -39.75 -11.05
C ILE U 141 73.75 -41.08 -11.09
N HIS U 142 74.04 -41.65 -9.92
CA HIS U 142 74.72 -42.94 -9.90
C HIS U 142 73.87 -44.03 -10.54
N LYS U 143 72.57 -44.04 -10.23
CA LYS U 143 71.68 -45.03 -10.83
C LYS U 143 71.62 -44.85 -12.35
N LEU U 144 71.52 -43.60 -12.82
CA LEU U 144 71.49 -43.35 -14.25
C LEU U 144 72.79 -43.78 -14.91
N LYS U 145 73.93 -43.52 -14.26
CA LYS U 145 75.22 -43.92 -14.82
C LYS U 145 75.34 -45.43 -14.91
N ALA U 146 74.87 -46.15 -13.89
CA ALA U 146 74.91 -47.61 -13.94
C ALA U 146 74.05 -48.15 -15.08
N ASP U 147 72.83 -47.61 -15.22
CA ASP U 147 71.96 -48.05 -16.31
C ASP U 147 72.56 -47.73 -17.67
N LYS U 148 73.14 -46.54 -17.81
CA LYS U 148 73.76 -46.15 -19.07
C LYS U 148 74.96 -47.03 -19.39
N ALA U 149 75.75 -47.39 -18.38
CA ALA U 149 76.89 -48.27 -18.62
C ALA U 149 76.45 -49.65 -19.06
N ARG U 150 75.40 -50.19 -18.43
CA ARG U 150 74.90 -51.50 -18.83
C ARG U 150 74.36 -51.47 -20.26
N LYS U 151 73.59 -50.43 -20.59
CA LYS U 151 73.04 -50.30 -21.93
C LYS U 151 74.15 -50.15 -22.96
N LYS U 152 75.18 -49.36 -22.63
CA LYS U 152 76.30 -49.16 -23.55
C LYS U 152 77.06 -50.47 -23.76
N LEU U 153 77.23 -51.26 -22.70
CA LEU U 153 77.93 -52.53 -22.85
C LEU U 153 77.18 -53.47 -23.78
N LEU U 154 75.87 -53.62 -23.57
CA LEU U 154 75.09 -54.47 -24.46
C LEU U 154 75.10 -53.95 -25.89
N ALA U 155 74.96 -52.63 -26.06
CA ALA U 155 74.95 -52.05 -27.40
C ALA U 155 76.27 -52.27 -28.11
N ASP U 156 77.39 -52.11 -27.39
CA ASP U 156 78.69 -52.23 -28.05
C ASP U 156 79.02 -53.68 -28.38
N GLN U 157 78.61 -54.63 -27.53
CA GLN U 157 78.86 -56.02 -27.90
C GLN U 157 77.97 -56.45 -29.07
N ALA U 158 76.73 -55.94 -29.12
CA ALA U 158 75.88 -56.21 -30.27
C ALA U 158 76.48 -55.63 -31.55
N GLU U 159 77.00 -54.41 -31.47
CA GLU U 159 77.65 -53.81 -32.63
C GLU U 159 78.90 -54.57 -33.03
N ALA U 160 79.63 -55.11 -32.06
CA ALA U 160 80.79 -55.94 -32.37
C ALA U 160 80.39 -57.19 -33.14
N ARG U 161 79.32 -57.86 -32.71
CA ARG U 161 78.86 -59.04 -33.44
C ARG U 161 78.37 -58.68 -34.84
N ARG U 162 77.65 -57.57 -34.96
CA ARG U 162 77.20 -57.13 -36.28
C ARG U 162 78.39 -56.81 -37.18
N SER U 163 79.41 -56.15 -36.64
CA SER U 163 80.60 -55.84 -37.42
C SER U 163 81.33 -57.10 -37.84
N LYS U 164 81.39 -58.10 -36.96
CA LYS U 164 81.97 -59.39 -37.33
C LYS U 164 81.25 -60.01 -38.51
N THR U 165 79.92 -60.11 -38.43
CA THR U 165 79.18 -60.74 -39.51
C THR U 165 79.30 -59.95 -40.81
N LYS U 166 79.25 -58.62 -40.72
CA LYS U 166 79.39 -57.80 -41.91
C LYS U 166 80.79 -57.93 -42.53
N GLU U 167 81.82 -58.02 -41.69
CA GLU U 167 83.17 -58.17 -42.20
C GLU U 167 83.37 -59.52 -42.88
N ALA U 168 82.79 -60.58 -42.31
CA ALA U 168 82.84 -61.87 -42.97
C ALA U 168 82.08 -61.85 -44.30
N ARG U 169 80.92 -61.19 -44.31
CA ARG U 169 80.10 -61.13 -45.51
C ARG U 169 80.80 -60.36 -46.62
N LYS U 170 81.46 -59.26 -46.27
CA LYS U 170 82.02 -58.36 -47.27
C LYS U 170 83.24 -58.94 -47.96
N ARG U 171 83.77 -60.07 -47.51
CA ARG U 171 84.93 -60.68 -48.14
C ARG U 171 84.73 -62.15 -48.53
N ARG U 172 83.78 -62.87 -47.92
CA ARG U 172 83.52 -64.22 -48.40
C ARG U 172 83.03 -64.20 -49.84
N GLU U 173 82.16 -63.24 -50.18
CA GLU U 173 81.74 -63.08 -51.56
C GLU U 173 82.89 -62.59 -52.43
N GLU U 174 83.83 -61.83 -51.86
CA GLU U 174 84.98 -61.38 -52.64
C GLU U 174 85.82 -62.55 -53.12
N ARG U 175 86.20 -63.45 -52.21
CA ARG U 175 87.00 -64.55 -52.73
C ARG U 175 86.15 -65.62 -53.40
N LEU U 176 84.83 -65.66 -53.15
CA LEU U 176 83.96 -66.49 -53.98
C LEU U 176 83.98 -66.03 -55.42
N GLN U 177 83.86 -64.72 -55.66
CA GLN U 177 83.87 -64.25 -57.05
C GLN U 177 85.27 -64.30 -57.64
N ALA U 178 86.31 -64.23 -56.80
CA ALA U 178 87.65 -64.54 -57.28
C ALA U 178 87.71 -65.96 -57.83
N LYS U 179 87.15 -66.92 -57.09
CA LYS U 179 87.10 -68.31 -57.55
C LYS U 179 86.22 -68.44 -58.80
N LYS U 180 85.18 -67.61 -58.91
CA LYS U 180 84.31 -67.70 -60.09
C LYS U 180 85.02 -67.19 -61.34
N GLU U 181 85.43 -65.93 -61.35
CA GLU U 181 86.04 -65.35 -62.54
C GLU U 181 87.55 -65.49 -62.59
N GLU U 182 88.15 -66.43 -61.87
CA GLU U 182 89.53 -66.79 -62.18
C GLU U 182 89.64 -67.57 -63.48
N ILE U 183 88.54 -68.16 -63.94
CA ILE U 183 88.56 -68.89 -65.21
C ILE U 183 88.28 -67.93 -66.38
N ILE U 184 87.33 -67.02 -66.20
CA ILE U 184 86.96 -66.09 -67.26
C ILE U 184 88.14 -65.18 -67.60
N LYS U 185 88.93 -64.78 -66.59
CA LYS U 185 90.07 -63.91 -66.84
C LYS U 185 91.16 -64.58 -67.66
N THR U 186 91.18 -65.91 -67.72
CA THR U 186 92.18 -66.63 -68.50
C THR U 186 91.59 -67.43 -69.65
N LEU U 187 90.28 -67.35 -69.88
CA LEU U 187 89.58 -68.05 -70.96
C LEU U 187 89.83 -69.56 -70.90
N LYS V 1 -37.90 50.39 56.78
CA LYS V 1 -38.31 50.96 58.05
C LYS V 1 -37.51 50.37 59.20
N ALA V 2 -36.79 51.21 59.92
CA ALA V 2 -36.05 50.77 61.10
C ALA V 2 -37.02 50.68 62.28
N SER V 3 -36.48 50.70 63.50
CA SER V 3 -37.33 50.57 64.67
C SER V 3 -36.69 51.31 65.84
N GLY V 4 -37.14 50.97 67.05
CA GLY V 4 -36.81 51.65 68.29
C GLY V 4 -37.79 51.15 69.32
N THR V 5 -38.46 52.05 70.02
CA THR V 5 -39.70 51.73 70.71
C THR V 5 -40.84 52.34 69.90
N LEU V 6 -41.61 51.49 69.23
CA LEU V 6 -42.61 51.97 68.30
C LEU V 6 -43.73 52.70 69.05
N ARG V 7 -44.40 53.59 68.32
CA ARG V 7 -45.56 54.29 68.83
C ARG V 7 -46.72 54.09 67.87
N GLU V 8 -47.93 54.10 68.42
CA GLU V 8 -49.14 54.02 67.63
C GLU V 8 -49.55 55.41 67.19
N TYR V 9 -49.91 55.53 65.91
CA TYR V 9 -50.38 56.78 65.35
C TYR V 9 -51.71 56.54 64.66
N LYS V 10 -52.69 57.35 65.00
CA LYS V 10 -53.92 57.45 64.21
C LYS V 10 -53.65 58.43 63.09
N VAL V 11 -53.68 57.94 61.85
CA VAL V 11 -53.41 58.76 60.68
C VAL V 11 -54.68 58.78 59.84
N VAL V 12 -55.21 59.98 59.59
CA VAL V 12 -56.41 60.16 58.79
C VAL V 12 -56.03 60.99 57.58
N GLY V 13 -56.39 60.50 56.39
CA GLY V 13 -56.10 61.19 55.16
C GLY V 13 -57.28 61.13 54.21
N ARG V 14 -57.10 61.74 53.04
CA ARG V 14 -58.13 61.75 52.01
C ARG V 14 -57.49 62.17 50.70
N CYS V 15 -58.26 62.06 49.62
CA CYS V 15 -57.83 62.64 48.35
C CYS V 15 -58.05 64.14 48.35
N LEU V 16 -57.34 64.81 47.46
CA LEU V 16 -57.59 66.22 47.26
C LEU V 16 -58.92 66.39 46.52
N PRO V 17 -59.74 67.37 46.90
CA PRO V 17 -61.00 67.59 46.20
C PRO V 17 -60.78 67.93 44.73
N THR V 18 -61.63 67.36 43.89
CA THR V 18 -61.53 67.49 42.44
C THR V 18 -62.92 67.77 41.91
N PRO V 19 -63.03 68.26 40.67
CA PRO V 19 -64.37 68.44 40.07
C PRO V 19 -65.00 67.12 39.61
N LYS V 20 -64.91 66.11 40.44
CA LYS V 20 -65.63 64.84 40.36
C LYS V 20 -66.27 64.48 41.67
N CYS V 21 -65.60 64.77 42.79
CA CYS V 21 -66.22 64.70 44.11
C CYS V 21 -65.64 65.84 44.94
N HIS V 22 -66.51 66.72 45.43
CA HIS V 22 -66.05 67.85 46.21
C HIS V 22 -65.65 67.46 47.62
N THR V 23 -66.23 66.38 48.16
CA THR V 23 -65.94 65.89 49.50
C THR V 23 -65.52 64.42 49.39
N PRO V 24 -64.25 64.16 49.09
CA PRO V 24 -63.80 62.78 49.03
C PRO V 24 -63.82 62.15 50.41
N PRO V 25 -63.94 60.83 50.50
CA PRO V 25 -64.04 60.17 51.81
C PRO V 25 -62.74 60.29 52.60
N LEU V 26 -62.89 60.25 53.91
CA LEU V 26 -61.76 60.24 54.82
C LEU V 26 -61.45 58.82 55.24
N TYR V 27 -60.17 58.48 55.30
CA TYR V 27 -59.74 57.14 55.66
C TYR V 27 -58.77 57.20 56.82
N ARG V 28 -58.94 56.28 57.76
CA ARG V 28 -58.19 56.27 59.00
C ARG V 28 -57.42 54.96 59.11
N MET V 29 -56.18 55.04 59.59
CA MET V 29 -55.42 53.83 59.87
C MET V 29 -54.64 53.97 61.17
N ARG V 30 -54.32 52.81 61.75
CA ARG V 30 -53.41 52.71 62.88
C ARG V 30 -52.05 52.30 62.35
N ILE V 31 -51.04 53.14 62.55
CA ILE V 31 -49.70 52.91 62.05
C ILE V 31 -48.75 52.84 63.23
N PHE V 32 -48.00 51.77 63.32
CA PHE V 32 -47.01 51.60 64.38
C PHE V 32 -45.64 51.97 63.81
N ALA V 33 -45.11 53.10 64.23
CA ALA V 33 -43.95 53.70 63.60
C ALA V 33 -43.05 54.31 64.67
N PRO V 34 -41.75 54.47 64.37
CA PRO V 34 -40.87 55.19 65.30
C PRO V 34 -41.27 56.64 65.51
N ASN V 35 -41.78 57.30 64.48
CA ASN V 35 -42.12 58.72 64.58
C ASN V 35 -43.18 59.04 63.52
N HIS V 36 -43.65 60.29 63.55
CA HIS V 36 -44.78 60.66 62.72
C HIS V 36 -44.40 60.77 61.24
N VAL V 37 -43.13 61.05 60.94
CA VAL V 37 -42.70 61.09 59.54
C VAL V 37 -42.83 59.71 58.92
N VAL V 38 -42.29 58.70 59.60
CA VAL V 38 -42.43 57.32 59.15
C VAL V 38 -43.89 56.90 59.16
N ALA V 39 -44.65 57.39 60.13
CA ALA V 39 -46.07 57.06 60.20
C ALA V 39 -46.81 57.53 58.96
N LYS V 40 -46.55 58.78 58.54
CA LYS V 40 -47.18 59.30 57.34
C LYS V 40 -46.72 58.55 56.09
N SER V 41 -45.44 58.21 56.02
CA SER V 41 -44.95 57.45 54.87
C SER V 41 -45.62 56.09 54.78
N ARG V 42 -45.74 55.38 55.91
CA ARG V 42 -46.40 54.08 55.90
C ARG V 42 -47.89 54.21 55.62
N PHE V 43 -48.52 55.29 56.08
CA PHE V 43 -49.92 55.50 55.76
C PHE V 43 -50.11 55.61 54.25
N TRP V 44 -49.24 56.39 53.60
CA TRP V 44 -49.37 56.52 52.16
C TRP V 44 -49.11 55.20 51.45
N TYR V 45 -48.13 54.42 51.95
CA TYR V 45 -47.87 53.11 51.37
C TYR V 45 -49.11 52.22 51.43
N PHE V 46 -49.76 52.18 52.60
CA PHE V 46 -50.89 51.27 52.76
C PHE V 46 -52.12 51.76 52.00
N VAL V 47 -52.40 53.05 52.00
CA VAL V 47 -53.57 53.51 51.26
C VAL V 47 -53.33 53.43 49.77
N SER V 48 -52.08 53.52 49.32
CA SER V 48 -51.80 53.29 47.92
C SER V 48 -52.04 51.83 47.56
N GLN V 49 -51.71 50.91 48.48
CA GLN V 49 -52.02 49.50 48.22
C GLN V 49 -53.51 49.26 48.18
N LEU V 50 -54.26 49.84 49.11
CA LEU V 50 -55.68 49.51 49.24
C LEU V 50 -56.55 50.29 48.28
N LYS V 51 -56.57 51.62 48.42
CA LYS V 51 -57.31 52.48 47.52
C LYS V 51 -56.38 52.95 46.40
N LYS V 52 -56.92 53.69 45.45
CA LYS V 52 -56.10 54.25 44.39
C LYS V 52 -55.73 55.69 44.73
N MET V 53 -54.84 55.81 45.71
CA MET V 53 -54.41 57.10 46.23
C MET V 53 -52.90 57.23 46.15
N LYS V 54 -52.45 58.48 46.08
CA LYS V 54 -51.05 58.81 46.11
C LYS V 54 -50.83 59.97 47.07
N LYS V 55 -49.59 60.10 47.53
CA LYS V 55 -49.24 61.23 48.38
C LYS V 55 -49.43 62.55 47.66
N SER V 56 -49.09 62.58 46.37
CA SER V 56 -49.24 63.80 45.59
C SER V 56 -50.70 64.12 45.30
N SER V 57 -51.52 63.10 45.07
CA SER V 57 -52.93 63.31 44.75
C SER V 57 -53.80 63.48 45.98
N GLY V 58 -53.28 63.23 47.17
CA GLY V 58 -54.07 63.36 48.37
C GLY V 58 -53.39 64.16 49.44
N GLU V 59 -53.98 64.21 50.63
CA GLU V 59 -53.40 64.91 51.76
C GLU V 59 -53.72 64.14 53.04
N ILE V 60 -52.95 64.43 54.08
CA ILE V 60 -53.16 63.84 55.40
C ILE V 60 -53.75 64.93 56.28
N VAL V 61 -54.97 64.70 56.76
CA VAL V 61 -55.65 65.70 57.57
C VAL V 61 -55.36 65.55 59.05
N TYR V 62 -54.89 64.39 59.50
CA TYR V 62 -54.57 64.21 60.91
C TYR V 62 -53.50 63.14 61.07
N CYS V 63 -52.61 63.35 62.02
CA CYS V 63 -51.64 62.32 62.39
C CYS V 63 -51.28 62.55 63.86
N GLY V 64 -51.88 61.78 64.74
CA GLY V 64 -51.69 61.97 66.16
C GLY V 64 -51.40 60.67 66.88
N GLN V 65 -50.54 60.75 67.89
CA GLN V 65 -50.18 59.56 68.64
C GLN V 65 -51.36 59.08 69.47
N VAL V 66 -51.58 57.77 69.49
CA VAL V 66 -52.63 57.13 70.27
C VAL V 66 -52.00 56.63 71.56
N PHE V 67 -52.29 57.32 72.66
CA PHE V 67 -51.81 56.88 73.96
C PHE V 67 -52.58 55.65 74.41
N GLU V 68 -51.89 54.75 75.10
CA GLU V 68 -52.55 53.55 75.62
C GLU V 68 -53.52 53.93 76.73
N LYS V 69 -54.75 53.43 76.64
CA LYS V 69 -55.80 53.83 77.56
C LYS V 69 -55.72 53.10 78.90
N SER V 70 -54.85 52.10 79.02
CA SER V 70 -54.63 51.42 80.30
C SER V 70 -53.22 50.84 80.32
N PRO V 71 -52.20 51.69 80.47
CA PRO V 71 -50.83 51.20 80.53
C PRO V 71 -50.45 50.57 81.85
N LEU V 72 -51.34 50.57 82.84
CA LEU V 72 -51.07 49.97 84.14
C LEU V 72 -51.69 48.59 84.28
N ARG V 73 -52.17 48.01 83.19
CA ARG V 73 -52.86 46.72 83.21
C ARG V 73 -52.17 45.78 82.24
N VAL V 74 -51.74 44.62 82.74
CA VAL V 74 -51.18 43.61 81.86
C VAL V 74 -52.30 43.03 81.01
N LYS V 75 -52.05 42.90 79.71
CA LYS V 75 -53.08 42.36 78.85
C LYS V 75 -52.47 41.59 77.69
N ASN V 76 -53.31 40.79 77.06
CA ASN V 76 -52.91 39.87 76.01
C ASN V 76 -53.24 40.49 74.66
N PHE V 77 -52.29 40.48 73.74
CA PHE V 77 -52.46 41.06 72.43
C PHE V 77 -52.31 39.97 71.38
N GLY V 78 -53.32 39.85 70.52
CA GLY V 78 -53.21 39.04 69.31
C GLY V 78 -52.94 39.96 68.14
N ILE V 79 -51.94 39.57 67.34
CA ILE V 79 -51.51 40.36 66.19
C ILE V 79 -51.61 39.48 64.96
N TRP V 80 -52.46 39.88 64.02
CA TRP V 80 -52.50 39.29 62.70
C TRP V 80 -51.60 40.11 61.78
N LEU V 81 -50.68 39.43 61.10
CA LEU V 81 -49.74 40.09 60.21
C LEU V 81 -49.53 39.21 58.99
N ARG V 82 -48.83 39.77 58.01
CA ARG V 82 -48.33 39.02 56.89
C ARG V 82 -46.91 39.47 56.63
N TYR V 83 -46.08 38.56 56.13
CA TYR V 83 -44.70 38.94 55.85
C TYR V 83 -44.21 38.14 54.65
N ASP V 84 -43.15 38.64 54.05
CA ASP V 84 -42.50 37.97 52.93
C ASP V 84 -41.29 37.22 53.47
N SER V 85 -41.31 35.90 53.32
CA SER V 85 -40.13 35.10 53.66
C SER V 85 -39.16 35.14 52.49
N ARG V 86 -38.13 34.31 52.53
CA ARG V 86 -37.22 34.25 51.40
C ARG V 86 -37.84 33.57 50.20
N SER V 87 -38.94 32.84 50.38
CA SER V 87 -39.52 32.09 49.28
C SER V 87 -41.05 32.14 49.29
N GLY V 88 -41.63 33.22 49.76
CA GLY V 88 -43.06 33.37 49.72
C GLY V 88 -43.57 34.34 50.77
N THR V 89 -44.88 34.52 50.76
CA THR V 89 -45.59 35.39 51.69
C THR V 89 -46.51 34.55 52.55
N HIS V 90 -46.53 34.84 53.85
CA HIS V 90 -47.31 34.06 54.80
C HIS V 90 -48.08 34.97 55.73
N ASN V 91 -49.25 34.51 56.14
CA ASN V 91 -50.06 35.15 57.17
C ASN V 91 -49.79 34.47 58.51
N MET V 92 -49.60 35.27 59.55
CA MET V 92 -49.31 34.78 60.88
C MET V 92 -50.24 35.42 61.89
N TYR V 93 -50.58 34.65 62.92
CA TYR V 93 -51.26 35.18 64.10
C TYR V 93 -50.35 34.89 65.29
N ARG V 94 -49.93 35.95 65.98
CA ARG V 94 -49.02 35.85 67.09
C ARG V 94 -49.67 36.44 68.34
N GLU V 95 -49.17 36.04 69.50
CA GLU V 95 -49.70 36.52 70.77
C GLU V 95 -48.57 37.01 71.65
N TYR V 96 -48.83 38.09 72.38
CA TYR V 96 -47.86 38.65 73.31
C TYR V 96 -48.59 39.14 74.55
N ARG V 97 -47.84 39.31 75.63
CA ARG V 97 -48.36 39.91 76.85
C ARG V 97 -47.63 41.21 77.08
N ASP V 98 -48.37 42.30 77.26
CA ASP V 98 -47.71 43.56 77.51
C ASP V 98 -48.70 44.55 78.13
N LEU V 99 -48.16 45.68 78.55
CA LEU V 99 -48.99 46.77 79.06
C LEU V 99 -49.51 47.66 77.94
N THR V 100 -48.72 47.86 76.89
CA THR V 100 -49.07 48.80 75.83
C THR V 100 -49.15 48.08 74.49
N THR V 101 -50.08 48.56 73.65
CA THR V 101 -50.22 48.03 72.30
C THR V 101 -48.95 48.24 71.48
N ALA V 102 -48.37 49.43 71.58
CA ALA V 102 -47.15 49.72 70.83
C ALA V 102 -46.00 48.85 71.30
N GLY V 103 -45.92 48.61 72.61
CA GLY V 103 -44.91 47.70 73.12
C GLY V 103 -45.11 46.28 72.62
N ALA V 104 -46.37 45.84 72.54
CA ALA V 104 -46.64 44.51 71.99
C ALA V 104 -46.22 44.41 70.54
N VAL V 105 -46.49 45.46 69.75
CA VAL V 105 -46.12 45.44 68.35
C VAL V 105 -44.59 45.47 68.20
N THR V 106 -43.91 46.21 69.07
CA THR V 106 -42.45 46.20 69.06
C THR V 106 -41.93 44.81 69.41
N GLN V 107 -42.52 44.15 70.40
CA GLN V 107 -42.20 42.77 70.72
C GLN V 107 -42.39 41.88 69.50
N CYS V 108 -43.46 42.11 68.75
CA CYS V 108 -43.73 41.31 67.57
C CYS V 108 -42.65 41.52 66.51
N TYR V 109 -42.23 42.75 66.30
CA TYR V 109 -41.18 43.02 65.32
C TYR V 109 -39.87 42.35 65.72
N ARG V 110 -39.49 42.47 66.99
CA ARG V 110 -38.27 41.81 67.46
C ARG V 110 -38.38 40.30 67.33
N ASP V 111 -39.54 39.73 67.67
CA ASP V 111 -39.72 38.29 67.63
C ASP V 111 -39.71 37.77 66.20
N MET V 112 -40.32 38.50 65.27
CA MET V 112 -40.26 38.10 63.87
C MET V 112 -38.83 38.15 63.35
N GLY V 113 -38.08 39.20 63.72
CA GLY V 113 -36.69 39.24 63.34
C GLY V 113 -35.88 38.11 63.91
N ALA V 114 -36.18 37.71 65.15
CA ALA V 114 -35.42 36.65 65.80
C ALA V 114 -35.75 35.28 65.24
N ARG V 115 -37.03 35.00 65.03
CA ARG V 115 -37.45 33.65 64.70
C ARG V 115 -37.52 33.38 63.21
N HIS V 116 -37.75 34.41 62.40
CA HIS V 116 -37.92 34.20 60.97
C HIS V 116 -37.00 35.06 60.13
N ARG V 117 -36.09 35.81 60.75
CA ARG V 117 -35.16 36.69 60.05
C ARG V 117 -35.91 37.69 59.16
N ALA V 118 -37.07 38.12 59.63
CA ALA V 118 -37.94 38.99 58.87
C ALA V 118 -37.64 40.43 59.23
N ARG V 119 -37.16 41.20 58.25
CA ARG V 119 -36.91 42.61 58.45
C ARG V 119 -38.22 43.38 58.45
N ALA V 120 -38.20 44.56 59.07
CA ALA V 120 -39.42 45.32 59.28
C ALA V 120 -40.08 45.79 57.99
N HIS V 121 -39.32 45.89 56.90
CA HIS V 121 -39.93 46.26 55.63
C HIS V 121 -40.72 45.11 55.02
N SER V 122 -40.45 43.88 55.45
CA SER V 122 -41.19 42.72 54.96
C SER V 122 -42.49 42.49 55.69
N ILE V 123 -42.68 43.12 56.85
CA ILE V 123 -43.78 42.80 57.75
C ILE V 123 -44.89 43.82 57.57
N GLN V 124 -46.12 43.34 57.43
CA GLN V 124 -47.31 44.17 57.35
C GLN V 124 -48.21 43.80 58.52
N ILE V 125 -48.29 44.68 59.51
CA ILE V 125 -49.18 44.45 60.65
C ILE V 125 -50.59 44.83 60.23
N MET V 126 -51.47 43.84 60.12
CA MET V 126 -52.81 44.11 59.60
C MET V 126 -53.88 44.14 60.66
N LYS V 127 -53.63 43.61 61.87
CA LYS V 127 -54.61 43.74 62.94
C LYS V 127 -53.92 43.55 64.27
N VAL V 128 -54.24 44.41 65.23
CA VAL V 128 -53.81 44.24 66.62
C VAL V 128 -55.05 44.33 67.50
N GLU V 129 -55.20 43.38 68.42
CA GLU V 129 -56.41 43.33 69.21
C GLU V 129 -56.10 42.79 70.59
N GLU V 130 -56.60 43.48 71.62
CA GLU V 130 -56.55 42.92 72.97
C GLU V 130 -57.54 41.76 73.06
N ILE V 131 -57.08 40.63 73.58
CA ILE V 131 -57.87 39.40 73.63
C ILE V 131 -57.99 38.96 75.08
N ALA V 132 -59.07 38.25 75.37
CA ALA V 132 -59.27 37.71 76.70
C ALA V 132 -58.32 36.55 76.94
N ALA V 133 -58.05 36.29 78.23
CA ALA V 133 -57.13 35.22 78.59
C ALA V 133 -57.66 33.84 78.23
N SER V 134 -58.97 33.70 78.05
CA SER V 134 -59.54 32.42 77.64
C SER V 134 -59.54 32.23 76.14
N LYS V 135 -59.29 33.28 75.37
CA LYS V 135 -59.23 33.19 73.91
C LYS V 135 -57.81 33.03 73.39
N CYS V 136 -56.82 32.97 74.27
CA CYS V 136 -55.44 32.84 73.83
C CYS V 136 -55.18 31.43 73.32
N ARG V 137 -54.29 31.34 72.34
CA ARG V 137 -53.96 30.07 71.70
C ARG V 137 -52.50 29.65 71.85
N ARG V 138 -51.62 30.55 72.28
CA ARG V 138 -50.21 30.23 72.39
C ARG V 138 -49.88 29.81 73.81
N PRO V 139 -49.35 28.61 74.03
CA PRO V 139 -49.07 28.16 75.40
C PRO V 139 -48.09 29.04 76.15
N ALA V 140 -47.14 29.66 75.45
CA ALA V 140 -46.18 30.55 76.12
C ALA V 140 -46.87 31.76 76.71
N VAL V 141 -48.01 32.16 76.16
CA VAL V 141 -48.81 33.23 76.73
C VAL V 141 -49.80 32.69 77.75
N LYS V 142 -50.36 31.50 77.50
CA LYS V 142 -51.37 30.95 78.39
C LYS V 142 -50.80 30.52 79.73
N GLN V 143 -49.50 30.16 79.77
CA GLN V 143 -48.93 29.68 81.02
C GLN V 143 -48.82 30.75 82.09
N PHE V 144 -48.96 32.02 81.72
CA PHE V 144 -48.96 33.10 82.68
C PHE V 144 -50.35 33.46 83.18
N HIS V 145 -51.37 32.72 82.74
CA HIS V 145 -52.72 32.88 83.25
C HIS V 145 -52.92 31.98 84.47
N ASP V 146 -52.27 32.38 85.56
CA ASP V 146 -52.34 31.69 86.83
C ASP V 146 -52.53 32.72 87.92
N SER V 147 -53.62 32.62 88.68
CA SER V 147 -53.85 33.55 89.78
C SER V 147 -52.86 33.34 90.92
N LYS V 148 -52.21 32.19 90.97
CA LYS V 148 -51.22 31.87 91.99
C LYS V 148 -49.88 31.55 91.34
N ILE V 149 -49.48 32.38 90.37
CA ILE V 149 -48.21 32.14 89.68
C ILE V 149 -47.06 32.31 90.64
N LYS V 150 -46.07 31.43 90.53
CA LYS V 150 -44.99 31.36 91.50
C LYS V 150 -43.81 30.65 90.85
N PHE V 151 -42.66 31.32 90.81
CA PHE V 151 -41.45 30.69 90.30
C PHE V 151 -40.25 31.39 90.92
N PRO V 152 -39.13 30.69 91.09
CA PRO V 152 -37.92 31.35 91.57
C PRO V 152 -37.09 31.91 90.43
N LEU V 153 -35.92 32.47 90.77
CA LEU V 153 -34.92 32.89 89.80
C LEU V 153 -33.71 32.01 90.00
N PRO V 154 -33.61 30.89 89.29
CA PRO V 154 -32.70 29.81 89.71
C PRO V 154 -31.22 30.12 89.66
N HIS V 155 -30.71 30.51 88.50
CA HIS V 155 -29.27 30.59 88.27
C HIS V 155 -28.95 32.03 87.88
N ARG V 156 -28.78 32.89 88.89
CA ARG V 156 -28.62 34.31 88.66
C ARG V 156 -27.18 34.60 88.28
N VAL V 157 -26.95 34.90 87.00
CA VAL V 157 -25.60 35.14 86.51
C VAL V 157 -25.14 36.52 86.97
N LEU V 158 -23.90 36.58 87.45
CA LEU V 158 -23.29 37.86 87.78
C LEU V 158 -23.21 38.74 86.54
N ARG V 159 -23.72 39.97 86.66
CA ARG V 159 -23.63 40.91 85.56
C ARG V 159 -22.58 42.00 85.80
N ARG V 160 -22.20 42.23 87.06
CA ARG V 160 -21.14 43.18 87.39
C ARG V 160 -19.79 42.48 87.36
N GLN V 161 -19.44 41.94 86.19
CA GLN V 161 -18.25 41.12 86.04
C GLN V 161 -16.97 41.91 85.99
N HIS V 162 -17.04 43.24 85.89
CA HIS V 162 -15.85 44.06 85.81
C HIS V 162 -15.75 45.08 86.93
N LYS V 163 -16.65 45.01 87.91
CA LYS V 163 -16.59 45.86 89.10
C LYS V 163 -16.79 44.97 90.32
N PRO V 164 -15.71 44.37 90.86
CA PRO V 164 -14.32 44.45 90.45
C PRO V 164 -13.95 43.50 89.33
N ARG V 165 -12.89 43.80 88.59
CA ARG V 165 -12.38 42.88 87.58
C ARG V 165 -11.59 41.74 88.21
N PHE V 166 -10.89 42.01 89.30
CA PHE V 166 -10.11 41.00 90.02
C PHE V 166 -10.57 40.95 91.46
N THR V 167 -10.81 39.74 91.97
CA THR V 167 -11.32 39.57 93.32
C THR V 167 -10.87 38.23 93.86
N THR V 168 -10.96 38.08 95.18
CA THR V 168 -10.61 36.81 95.81
C THR V 168 -11.77 35.84 95.86
N LYS V 169 -13.00 36.32 95.95
CA LYS V 169 -14.15 35.46 96.15
C LYS V 169 -14.80 35.12 94.82
N ARG V 170 -15.11 33.85 94.62
CA ARG V 170 -15.86 33.44 93.46
C ARG V 170 -17.34 33.76 93.64
N PRO V 171 -18.02 34.19 92.59
CA PRO V 171 -19.41 34.65 92.74
C PRO V 171 -20.35 33.52 93.10
N ASN V 172 -21.42 33.90 93.77
CA ASN V 172 -22.51 33.00 94.11
C ASN V 172 -23.67 33.23 93.15
N THR V 173 -24.28 32.14 92.69
CA THR V 173 -25.43 32.22 91.80
C THR V 173 -26.74 31.88 92.48
N PHE V 174 -26.72 31.49 93.74
CA PHE V 174 -27.93 31.14 94.46
C PHE V 174 -28.32 32.26 95.41
N PHE V 175 -29.57 32.68 95.33
CA PHE V 175 -30.05 33.80 96.14
C PHE V 175 -31.45 33.53 96.66
N THR W 1 -20.80 49.62 11.59
CA THR W 1 -21.44 48.56 10.82
C THR W 1 -22.85 48.94 10.39
N ASN W 2 -23.34 50.06 10.88
CA ASN W 2 -24.65 50.55 10.47
C ASN W 2 -24.56 51.21 9.11
N THR W 3 -25.58 51.00 8.28
CA THR W 3 -25.61 51.66 6.99
C THR W 3 -25.90 53.14 7.19
N LYS W 4 -25.55 53.94 6.18
CA LYS W 4 -25.79 55.37 6.21
C LYS W 4 -26.99 55.77 5.37
N GLY W 5 -27.96 54.87 5.22
CA GLY W 5 -29.11 55.18 4.40
C GLY W 5 -29.95 56.29 4.98
N LYS W 6 -30.61 57.04 4.09
CA LYS W 6 -31.35 58.22 4.53
C LYS W 6 -32.56 57.84 5.36
N ARG W 7 -33.10 56.64 5.18
CA ARG W 7 -34.32 56.23 5.85
C ARG W 7 -34.12 54.98 6.68
N ARG W 8 -32.91 54.73 7.15
CA ARG W 8 -32.65 53.59 8.02
C ARG W 8 -33.25 53.84 9.40
N GLY W 9 -34.04 52.89 9.88
CA GLY W 9 -34.64 53.02 11.19
C GLY W 9 -35.94 53.81 11.22
N THR W 10 -36.47 54.21 10.07
CA THR W 10 -37.69 55.00 10.01
C THR W 10 -38.92 54.13 9.77
N ARG W 11 -38.81 52.83 10.03
CA ARG W 11 -39.88 51.88 9.70
C ARG W 11 -41.19 52.26 10.38
N TYR W 12 -41.14 52.62 11.66
CA TYR W 12 -42.32 53.11 12.34
C TYR W 12 -42.41 54.62 12.37
N MET W 13 -41.28 55.32 12.26
CA MET W 13 -41.29 56.77 12.32
C MET W 13 -42.09 57.36 11.17
N PHE W 14 -41.91 56.84 9.96
CA PHE W 14 -42.58 57.41 8.80
C PHE W 14 -43.83 56.65 8.40
N SER W 15 -44.19 55.61 9.13
CA SER W 15 -45.42 54.87 8.85
C SER W 15 -46.63 55.68 9.30
N ARG W 16 -47.76 55.43 8.65
CA ARG W 16 -48.99 56.10 9.02
C ARG W 16 -49.59 55.48 10.28
N PRO W 17 -50.35 56.26 11.04
CA PRO W 17 -51.07 55.70 12.18
C PRO W 17 -52.13 54.70 11.74
N PHE W 18 -52.60 53.91 12.70
CA PHE W 18 -53.56 52.86 12.39
C PHE W 18 -54.86 53.45 11.87
N ARG W 19 -55.33 52.90 10.75
CA ARG W 19 -56.58 53.32 10.12
C ARG W 19 -56.58 54.81 9.79
N LYS W 20 -55.42 55.32 9.39
CA LYS W 20 -55.28 56.70 8.94
C LYS W 20 -54.40 56.77 7.71
N HIS W 21 -54.57 55.82 6.80
CA HIS W 21 -53.85 55.80 5.55
C HIS W 21 -54.64 56.54 4.49
N GLY W 22 -54.09 56.60 3.27
CA GLY W 22 -54.84 57.10 2.14
C GLY W 22 -54.65 58.57 1.82
N VAL W 23 -55.76 59.22 1.46
CA VAL W 23 -55.71 60.61 1.02
C VAL W 23 -55.30 61.51 2.18
N VAL W 24 -54.41 62.45 1.90
CA VAL W 24 -54.03 63.45 2.89
C VAL W 24 -55.14 64.50 3.00
N PRO W 25 -55.67 64.74 4.19
CA PRO W 25 -56.72 65.77 4.33
C PRO W 25 -56.22 67.14 3.93
N LEU W 26 -57.10 67.92 3.31
CA LEU W 26 -56.69 69.14 2.61
C LEU W 26 -56.51 70.35 3.52
N ALA W 27 -56.97 70.31 4.77
CA ALA W 27 -56.71 71.45 5.65
C ALA W 27 -55.21 71.64 5.88
N THR W 28 -54.44 70.54 5.84
CA THR W 28 -53.00 70.63 5.97
C THR W 28 -52.40 71.47 4.86
N TYR W 29 -52.89 71.31 3.64
CA TYR W 29 -52.47 72.17 2.55
C TYR W 29 -53.02 73.58 2.70
N MET W 30 -54.21 73.71 3.31
CA MET W 30 -54.84 75.01 3.43
C MET W 30 -54.23 75.87 4.54
N ARG W 31 -53.37 75.31 5.38
CA ARG W 31 -52.73 76.11 6.43
C ARG W 31 -51.83 77.19 5.81
N ILE W 32 -51.70 78.31 6.53
CA ILE W 32 -50.92 79.45 6.08
C ILE W 32 -49.68 79.56 6.97
N TYR W 33 -48.51 79.61 6.34
CA TYR W 33 -47.24 79.72 7.06
C TYR W 33 -46.56 81.00 6.63
N LYS W 34 -46.35 81.91 7.57
CA LYS W 34 -45.60 83.14 7.34
C LYS W 34 -44.16 82.95 7.77
N LYS W 35 -43.32 83.90 7.36
CA LYS W 35 -41.95 83.91 7.85
C LYS W 35 -41.93 84.28 9.32
N GLY W 36 -41.12 83.54 10.09
CA GLY W 36 -40.93 83.83 11.49
C GLY W 36 -41.80 83.03 12.44
N ASP W 37 -42.80 82.30 11.93
CA ASP W 37 -43.63 81.53 12.83
C ASP W 37 -43.04 80.15 13.09
N ILE W 38 -43.51 79.53 14.17
CA ILE W 38 -42.88 78.35 14.75
C ILE W 38 -43.67 77.12 14.33
N VAL W 39 -42.97 76.14 13.76
CA VAL W 39 -43.62 74.94 13.24
C VAL W 39 -42.91 73.70 13.77
N ASP W 40 -43.69 72.64 13.94
CA ASP W 40 -43.17 71.33 14.34
C ASP W 40 -43.00 70.45 13.12
N ILE W 41 -41.85 69.83 12.98
CA ILE W 41 -41.56 68.95 11.86
C ILE W 41 -41.95 67.54 12.26
N LYS W 42 -42.84 66.92 11.50
CA LYS W 42 -43.24 65.54 11.76
C LYS W 42 -42.78 64.59 10.67
N GLY W 43 -43.21 64.78 9.43
CA GLY W 43 -42.70 63.89 8.40
C GLY W 43 -43.54 62.67 8.09
N MET W 44 -44.78 62.87 7.64
CA MET W 44 -45.61 61.75 7.25
C MET W 44 -45.04 61.07 6.01
N GLY W 45 -45.32 59.77 5.89
CA GLY W 45 -44.71 58.95 4.86
C GLY W 45 -45.51 58.75 3.60
N THR W 46 -46.75 59.23 3.59
CA THR W 46 -47.56 59.16 2.38
C THR W 46 -46.95 60.01 1.27
N VAL W 47 -46.41 61.16 1.62
CA VAL W 47 -45.75 62.05 0.67
C VAL W 47 -44.25 61.82 0.78
N GLN W 48 -43.64 61.36 -0.31
CA GLN W 48 -42.22 61.05 -0.30
C GLN W 48 -41.35 62.20 -0.76
N LYS W 49 -41.93 63.25 -1.32
CA LYS W 49 -41.17 64.40 -1.76
C LYS W 49 -41.08 65.42 -0.63
N GLY W 50 -39.94 66.10 -0.57
CA GLY W 50 -39.74 67.11 0.45
C GLY W 50 -39.68 66.57 1.85
N MET W 51 -39.39 65.29 2.01
CA MET W 51 -39.38 64.68 3.33
C MET W 51 -38.21 65.21 4.16
N PRO W 52 -38.44 65.53 5.42
CA PRO W 52 -37.32 65.85 6.31
C PRO W 52 -36.53 64.59 6.65
N HIS W 53 -35.27 64.81 7.03
CA HIS W 53 -34.48 63.70 7.51
C HIS W 53 -34.97 63.26 8.88
N LYS W 54 -34.64 62.02 9.24
CA LYS W 54 -35.14 61.43 10.48
C LYS W 54 -34.67 62.18 11.72
N CYS W 55 -33.57 62.92 11.63
CA CYS W 55 -33.08 63.67 12.78
C CYS W 55 -33.89 64.93 13.06
N TYR W 56 -34.73 65.36 12.13
CA TYR W 56 -35.59 66.53 12.36
C TYR W 56 -37.01 66.17 12.72
N HIS W 57 -37.39 64.90 12.59
CA HIS W 57 -38.70 64.46 13.05
C HIS W 57 -38.80 64.68 14.55
N GLY W 58 -39.87 65.34 14.97
CA GLY W 58 -40.05 65.68 16.36
C GLY W 58 -39.40 66.98 16.80
N LYS W 59 -38.68 67.66 15.92
CA LYS W 59 -38.07 68.92 16.27
C LYS W 59 -38.99 70.08 15.90
N THR W 60 -38.61 71.27 16.35
CA THR W 60 -39.40 72.47 16.15
C THR W 60 -38.47 73.58 15.68
N GLY W 61 -38.93 74.36 14.69
CA GLY W 61 -38.11 75.40 14.11
C GLY W 61 -38.93 76.62 13.75
N ARG W 62 -38.25 77.58 13.14
CA ARG W 62 -38.85 78.85 12.74
C ARG W 62 -38.78 78.97 11.23
N VAL W 63 -39.89 79.36 10.62
CA VAL W 63 -39.97 79.49 9.17
C VAL W 63 -39.26 80.76 8.73
N TYR W 64 -38.34 80.63 7.79
CA TYR W 64 -37.64 81.78 7.23
C TYR W 64 -37.91 82.00 5.75
N ASN W 65 -38.44 81.00 5.04
CA ASN W 65 -38.64 81.12 3.60
C ASN W 65 -39.85 80.31 3.21
N VAL W 66 -40.68 80.87 2.33
CA VAL W 66 -41.90 80.22 1.87
C VAL W 66 -41.86 80.12 0.35
N THR W 67 -42.11 78.92 -0.16
CA THR W 67 -42.17 78.63 -1.58
C THR W 67 -43.57 78.14 -1.93
N GLN W 68 -43.73 77.63 -3.16
CA GLN W 68 -45.05 77.18 -3.59
C GLN W 68 -45.56 76.00 -2.78
N HIS W 69 -44.71 75.03 -2.49
CA HIS W 69 -45.14 73.82 -1.80
C HIS W 69 -44.43 73.55 -0.49
N ALA W 70 -43.31 74.20 -0.21
CA ALA W 70 -42.52 73.91 0.96
C ALA W 70 -42.24 75.19 1.73
N VAL W 71 -41.55 75.04 2.86
CA VAL W 71 -41.05 76.15 3.63
C VAL W 71 -39.60 75.87 3.99
N GLY W 72 -38.86 76.95 4.27
CA GLY W 72 -37.53 76.85 4.82
C GLY W 72 -37.58 77.08 6.31
N ILE W 73 -37.01 76.14 7.06
CA ILE W 73 -37.10 76.11 8.51
C ILE W 73 -35.69 76.17 9.08
N VAL W 74 -35.48 77.06 10.04
CA VAL W 74 -34.25 77.09 10.83
C VAL W 74 -34.50 76.28 12.09
N VAL W 75 -33.87 75.12 12.19
CA VAL W 75 -34.09 74.18 13.28
C VAL W 75 -32.74 73.84 13.90
N ASN W 76 -32.69 73.81 15.22
CA ASN W 76 -31.45 73.49 15.93
C ASN W 76 -31.18 71.99 15.85
N LYS W 77 -29.94 71.62 15.57
CA LYS W 77 -29.51 70.24 15.56
C LYS W 77 -28.25 70.14 16.40
N GLN W 78 -28.21 69.17 17.30
CA GLN W 78 -27.04 68.97 18.15
C GLN W 78 -26.13 67.94 17.51
N VAL W 79 -24.88 68.33 17.27
CA VAL W 79 -23.87 67.47 16.65
C VAL W 79 -22.67 67.43 17.59
N LYS W 80 -22.44 66.29 18.22
CA LYS W 80 -21.37 66.09 19.20
C LYS W 80 -21.58 67.14 20.30
N GLY W 81 -20.63 68.03 20.53
CA GLY W 81 -20.74 68.99 21.62
C GLY W 81 -21.09 70.38 21.18
N LYS W 82 -21.77 70.51 20.05
CA LYS W 82 -22.19 71.81 19.55
C LYS W 82 -23.57 71.69 18.96
N ILE W 83 -24.31 72.79 19.02
CA ILE W 83 -25.64 72.90 18.42
C ILE W 83 -25.54 73.92 17.30
N LEU W 84 -25.99 73.53 16.12
CA LEU W 84 -25.96 74.42 14.97
C LEU W 84 -27.34 74.52 14.36
N ALA W 85 -27.65 75.71 13.83
CA ALA W 85 -28.97 76.01 13.31
C ALA W 85 -29.03 75.63 11.84
N LYS W 86 -29.52 74.42 11.57
CA LYS W 86 -29.63 73.94 10.21
C LYS W 86 -30.82 74.59 9.52
N ARG W 87 -30.71 74.76 8.20
CA ARG W 87 -31.78 75.26 7.38
C ARG W 87 -32.25 74.13 6.48
N ILE W 88 -33.53 73.77 6.57
CA ILE W 88 -34.06 72.65 5.81
C ILE W 88 -35.28 73.10 5.03
N ASN W 89 -35.43 72.56 3.83
CA ASN W 89 -36.61 72.76 3.00
C ASN W 89 -37.55 71.58 3.21
N VAL W 90 -38.75 71.85 3.71
CA VAL W 90 -39.69 70.79 4.04
C VAL W 90 -41.05 71.14 3.44
N ARG W 91 -41.63 70.20 2.71
CA ARG W 91 -42.97 70.40 2.17
C ARG W 91 -43.99 70.47 3.30
N ILE W 92 -45.05 71.24 3.06
CA ILE W 92 -46.00 71.59 4.12
C ILE W 92 -46.78 70.40 4.66
N GLU W 93 -46.71 69.25 4.00
CA GLU W 93 -47.36 68.06 4.54
C GLU W 93 -46.72 67.61 5.85
N HIS W 94 -45.42 67.86 5.99
CA HIS W 94 -44.64 67.33 7.09
C HIS W 94 -44.52 68.30 8.26
N ILE W 95 -45.23 69.42 8.23
CA ILE W 95 -45.13 70.41 9.29
C ILE W 95 -46.53 70.77 9.77
N LYS W 96 -46.57 71.39 10.95
CA LYS W 96 -47.79 71.97 11.50
C LYS W 96 -47.40 73.07 12.47
N HIS W 97 -48.35 73.95 12.75
CA HIS W 97 -48.09 75.09 13.61
C HIS W 97 -47.84 74.64 15.05
N SER W 98 -47.16 75.50 15.81
CA SER W 98 -46.77 75.19 17.18
C SER W 98 -47.75 75.84 18.15
N LYS W 99 -48.53 75.02 18.84
CA LYS W 99 -49.50 75.53 19.79
C LYS W 99 -48.84 76.18 20.99
N SER W 100 -47.57 75.85 21.27
CA SER W 100 -46.86 76.57 22.31
C SER W 100 -46.72 78.05 21.97
N ARG W 101 -46.28 78.34 20.75
CA ARG W 101 -46.23 79.72 20.28
C ARG W 101 -47.61 80.35 20.25
N ASP W 102 -48.62 79.59 19.80
CA ASP W 102 -49.97 80.14 19.77
C ASP W 102 -50.45 80.56 21.15
N SER W 103 -50.25 79.70 22.15
CA SER W 103 -50.65 80.01 23.51
C SER W 103 -49.85 81.18 24.07
N PHE W 104 -48.56 81.27 23.72
CA PHE W 104 -47.77 82.38 24.23
C PHE W 104 -48.25 83.71 23.68
N LEU W 105 -48.55 83.77 22.38
CA LEU W 105 -49.07 85.02 21.83
C LEU W 105 -50.44 85.36 22.41
N LYS W 106 -51.27 84.35 22.66
CA LYS W 106 -52.54 84.60 23.32
C LYS W 106 -52.31 85.19 24.71
N ARG W 107 -51.35 84.65 25.45
CA ARG W 107 -51.07 85.16 26.79
C ARG W 107 -50.52 86.58 26.74
N VAL W 108 -49.68 86.89 25.76
CA VAL W 108 -49.16 88.26 25.63
C VAL W 108 -50.30 89.24 25.36
N LYS W 109 -51.19 88.88 24.43
CA LYS W 109 -52.31 89.76 24.13
C LYS W 109 -53.20 89.96 25.36
N GLU W 110 -53.45 88.88 26.09
CA GLU W 110 -54.31 88.97 27.26
C GLU W 110 -53.64 89.78 28.38
N ASN W 111 -52.32 89.66 28.51
CA ASN W 111 -51.60 90.46 29.49
C ASN W 111 -51.63 91.94 29.13
N ASP W 112 -51.48 92.27 27.84
CA ASP W 112 -51.56 93.66 27.44
C ASP W 112 -52.95 94.22 27.69
N GLN W 113 -53.98 93.41 27.43
CA GLN W 113 -55.34 93.83 27.76
C GLN W 113 -55.49 94.08 29.25
N LYS W 114 -54.96 93.19 30.08
CA LYS W 114 -55.05 93.38 31.53
C LYS W 114 -54.30 94.63 31.98
N LYS W 115 -53.13 94.89 31.38
CA LYS W 115 -52.37 96.09 31.73
C LYS W 115 -53.18 97.34 31.41
N LYS W 116 -53.76 97.40 30.21
CA LYS W 116 -54.56 98.56 29.84
C LYS W 116 -55.76 98.73 30.76
N GLU W 117 -56.48 97.63 31.03
CA GLU W 117 -57.66 97.70 31.87
C GLU W 117 -57.30 98.10 33.29
N ALA W 118 -56.21 97.56 33.82
CA ALA W 118 -55.83 97.85 35.20
C ALA W 118 -55.27 99.26 35.35
N LYS W 119 -54.59 99.79 34.34
CA LYS W 119 -54.22 101.19 34.38
C LYS W 119 -55.44 102.08 34.30
N GLU W 120 -56.48 101.65 33.56
CA GLU W 120 -57.72 102.41 33.54
C GLU W 120 -58.41 102.43 34.89
N LYS W 121 -58.47 101.28 35.57
CA LYS W 121 -59.24 101.15 36.81
C LYS W 121 -58.37 101.24 38.06
N GLY W 122 -57.11 101.63 37.93
CA GLY W 122 -56.28 101.89 39.11
C GLY W 122 -55.62 100.72 39.83
N THR W 123 -56.39 99.67 40.13
CA THR W 123 -55.90 98.62 41.02
C THR W 123 -54.87 97.74 40.31
N TRP W 124 -53.77 97.48 41.00
CA TRP W 124 -52.68 96.67 40.47
C TRP W 124 -53.07 95.19 40.44
N VAL W 125 -52.63 94.49 39.40
CA VAL W 125 -52.97 93.09 39.20
C VAL W 125 -51.71 92.32 38.84
N GLN W 126 -51.71 91.02 39.16
CA GLN W 126 -50.56 90.15 38.95
C GLN W 126 -50.60 89.56 37.54
N LEU W 127 -49.46 89.62 36.86
CA LEU W 127 -49.32 89.07 35.51
C LEU W 127 -48.30 87.95 35.40
N LYS W 128 -47.21 88.03 36.16
CA LYS W 128 -46.24 86.94 36.18
C LYS W 128 -46.89 85.70 36.79
N ARG W 129 -46.90 84.61 36.04
CA ARG W 129 -47.51 83.39 36.54
C ARG W 129 -46.56 82.71 37.52
N GLN W 130 -47.10 82.26 38.59
CA GLN W 130 -46.33 81.69 39.68
C GLN W 130 -46.35 80.17 39.60
N PRO W 131 -45.34 79.51 40.15
CA PRO W 131 -45.42 78.05 40.32
C PRO W 131 -46.48 77.71 41.36
N ALA W 132 -46.81 76.43 41.42
CA ALA W 132 -47.88 75.99 42.30
C ALA W 132 -47.49 76.25 43.75
N PRO W 133 -48.23 77.07 44.48
CA PRO W 133 -47.86 77.40 45.85
C PRO W 133 -48.20 76.27 46.80
N PRO W 134 -47.62 76.26 48.00
CA PRO W 134 -48.07 75.31 49.02
C PRO W 134 -49.54 75.52 49.37
N ARG W 135 -50.20 74.42 49.69
CA ARG W 135 -51.62 74.48 50.00
C ARG W 135 -51.87 75.28 51.26
N GLU W 136 -52.89 76.13 51.23
CA GLU W 136 -53.24 76.94 52.38
C GLU W 136 -54.00 76.11 53.40
N ALA W 137 -54.10 76.65 54.61
CA ALA W 137 -54.81 75.97 55.68
C ALA W 137 -56.31 75.92 55.40
N HIS W 138 -56.92 74.79 55.73
CA HIS W 138 -58.35 74.63 55.52
C HIS W 138 -58.91 73.63 56.53
N PHE W 139 -60.22 73.64 56.67
CA PHE W 139 -60.93 72.75 57.57
C PHE W 139 -61.58 71.62 56.80
N VAL W 140 -61.44 70.40 57.30
CA VAL W 140 -62.04 69.23 56.70
C VAL W 140 -63.14 68.75 57.64
N ARG W 141 -64.38 68.85 57.19
CA ARG W 141 -65.52 68.42 58.01
C ARG W 141 -65.71 66.92 57.88
N THR W 142 -66.10 66.29 58.98
CA THR W 142 -66.43 64.87 58.97
C THR W 142 -67.90 64.63 58.67
N ASN W 143 -68.74 65.66 58.82
CA ASN W 143 -70.18 65.58 58.57
C ASN W 143 -70.83 64.49 59.43
N GLY W 144 -70.34 64.34 60.66
CA GLY W 144 -70.89 63.36 61.56
C GLY W 144 -70.64 61.92 61.17
N LYS W 145 -69.64 61.67 60.30
CA LYS W 145 -69.30 60.34 59.85
C LYS W 145 -67.89 60.00 60.32
N GLU W 146 -67.74 58.83 60.91
CA GLU W 146 -66.42 58.38 61.31
C GLU W 146 -65.67 57.91 60.07
N PRO W 147 -64.44 58.38 59.85
CA PRO W 147 -63.67 57.91 58.68
C PRO W 147 -63.44 56.41 58.73
N GLU W 148 -63.50 55.78 57.56
CA GLU W 148 -63.38 54.33 57.49
C GLU W 148 -62.00 53.86 57.90
N LEU W 149 -61.95 52.80 58.69
CA LEU W 149 -60.68 52.22 59.09
C LEU W 149 -60.22 51.25 58.01
N LEU W 150 -58.99 51.44 57.55
CA LEU W 150 -58.40 50.60 56.52
C LEU W 150 -57.34 49.70 57.14
N GLU W 151 -57.36 48.42 56.76
CA GLU W 151 -56.33 47.49 57.15
C GLU W 151 -55.83 46.74 55.93
N PRO W 152 -54.54 46.41 55.88
CA PRO W 152 -54.04 45.58 54.79
C PRO W 152 -54.71 44.21 54.78
N ILE W 153 -54.96 43.70 53.59
CA ILE W 153 -55.66 42.43 53.41
C ILE W 153 -54.69 41.27 53.61
N PRO W 154 -55.17 40.11 54.04
CA PRO W 154 -54.30 38.93 54.12
C PRO W 154 -53.87 38.47 52.75
N TYR W 155 -52.71 37.82 52.71
CA TYR W 155 -52.17 37.31 51.46
C TYR W 155 -52.89 36.03 51.05
N GLU W 156 -53.10 35.87 49.74
CA GLU W 156 -53.53 34.60 49.19
C GLU W 156 -53.06 34.51 47.75
N PHE W 157 -52.66 33.32 47.33
CA PHE W 157 -52.23 33.12 45.96
C PHE W 157 -53.45 32.99 45.06
N MET W 158 -53.49 33.78 43.99
CA MET W 158 -54.65 33.84 43.12
C MET W 158 -54.47 33.00 41.86
N ALA W 159 -53.43 33.29 41.08
CA ALA W 159 -53.19 32.57 39.83
C ALA W 159 -51.72 32.61 39.45
N GLN X 1 108.77 -20.16 20.60
CA GLN X 1 107.72 -20.96 21.19
C GLN X 1 107.76 -20.88 22.72
N VAL X 2 108.42 -19.84 23.23
CA VAL X 2 108.56 -19.60 24.67
C VAL X 2 107.95 -18.25 24.97
N LEU X 3 107.05 -18.20 25.96
CA LEU X 3 106.31 -16.98 26.25
C LEU X 3 107.06 -16.07 27.23
N LYS X 4 107.37 -16.58 28.42
CA LYS X 4 108.24 -15.91 29.40
C LYS X 4 107.68 -14.53 29.78
N PHE X 5 106.57 -14.56 30.51
CA PHE X 5 106.05 -13.35 31.13
C PHE X 5 106.62 -13.20 32.54
N THR X 6 106.53 -11.98 33.07
CA THR X 6 107.14 -11.65 34.35
C THR X 6 106.18 -10.78 35.16
N LEU X 7 106.20 -10.96 36.48
CA LEU X 7 105.47 -10.12 37.41
C LEU X 7 106.46 -9.50 38.38
N ASP X 8 106.34 -8.19 38.60
CA ASP X 8 107.26 -7.45 39.45
C ASP X 8 106.53 -7.06 40.72
N CYS X 9 106.87 -7.75 41.81
CA CYS X 9 106.37 -7.49 43.16
C CYS X 9 107.58 -6.97 43.94
N THR X 10 107.81 -5.67 43.87
CA THR X 10 108.95 -5.06 44.55
C THR X 10 108.54 -4.06 45.60
N HIS X 11 107.73 -3.07 45.22
CA HIS X 11 107.26 -2.07 46.18
C HIS X 11 106.45 -2.67 47.32
N PRO X 12 105.45 -3.53 47.10
CA PRO X 12 104.73 -4.07 48.26
C PRO X 12 105.56 -5.02 49.10
N VAL X 13 106.54 -5.72 48.53
CA VAL X 13 107.33 -6.60 49.38
C VAL X 13 108.37 -5.81 50.16
N GLU X 14 108.83 -4.67 49.65
CA GLU X 14 109.72 -3.84 50.46
C GLU X 14 108.95 -3.00 51.46
N ASP X 15 107.64 -2.80 51.26
CA ASP X 15 106.82 -2.20 52.29
C ASP X 15 106.19 -3.22 53.22
N GLY X 16 106.33 -4.50 52.94
CA GLY X 16 105.90 -5.53 53.86
C GLY X 16 104.40 -5.78 53.92
N ILE X 17 103.65 -5.39 52.91
CA ILE X 17 102.21 -5.66 52.92
C ILE X 17 101.84 -6.96 52.22
N MET X 18 102.75 -7.52 51.43
CA MET X 18 102.54 -8.84 50.85
C MET X 18 103.90 -9.43 50.52
N ASP X 19 103.93 -10.75 50.33
CA ASP X 19 105.17 -11.46 50.07
C ASP X 19 105.09 -12.29 48.79
N ALA X 20 106.18 -12.23 48.03
CA ALA X 20 106.26 -12.95 46.77
C ALA X 20 106.22 -14.45 46.97
N ALA X 21 106.65 -14.93 48.14
CA ALA X 21 106.57 -16.36 48.42
C ALA X 21 105.12 -16.84 48.40
N ASN X 22 104.24 -16.14 49.13
CA ASN X 22 102.84 -16.52 49.13
C ASN X 22 102.16 -16.21 47.80
N PHE X 23 102.61 -15.16 47.10
CA PHE X 23 102.04 -14.91 45.78
C PHE X 23 102.35 -16.05 44.82
N GLU X 24 103.61 -16.52 44.82
CA GLU X 24 103.97 -17.68 44.01
C GLU X 24 103.16 -18.90 44.44
N GLN X 25 103.05 -19.12 45.75
CA GLN X 25 102.30 -20.27 46.24
C GLN X 25 100.83 -20.19 45.87
N PHE X 26 100.32 -18.98 45.65
CA PHE X 26 98.96 -18.81 45.15
C PHE X 26 98.88 -19.10 43.66
N LEU X 27 99.93 -18.80 42.90
CA LEU X 27 99.83 -18.87 41.44
C LEU X 27 99.63 -20.29 40.92
N GLN X 28 100.37 -21.27 41.46
CA GLN X 28 100.54 -22.52 40.70
C GLN X 28 99.25 -23.33 40.67
N GLU X 29 98.46 -23.31 41.73
CA GLU X 29 97.20 -24.06 41.71
C GLU X 29 96.07 -23.29 41.06
N ARG X 30 96.23 -21.99 40.83
CA ARG X 30 95.20 -21.21 40.15
C ARG X 30 95.44 -21.09 38.66
N ILE X 31 96.66 -21.25 38.18
CA ILE X 31 96.91 -21.21 36.75
C ILE X 31 96.29 -22.44 36.10
N LYS X 32 95.44 -22.21 35.10
CA LYS X 32 94.78 -23.28 34.37
C LYS X 32 95.48 -23.48 33.03
N VAL X 33 95.72 -24.73 32.67
CA VAL X 33 96.22 -25.10 31.36
C VAL X 33 95.19 -26.02 30.72
N ASN X 34 94.65 -25.60 29.59
CA ASN X 34 93.59 -26.33 28.89
C ASN X 34 92.38 -26.56 29.80
N GLY X 35 92.04 -25.55 30.59
CA GLY X 35 90.86 -25.58 31.42
C GLY X 35 91.01 -26.30 32.75
N LYS X 36 92.16 -26.89 33.03
CA LYS X 36 92.38 -27.62 34.27
C LYS X 36 93.39 -26.88 35.13
N ALA X 37 92.96 -26.50 36.33
CA ALA X 37 93.87 -25.92 37.30
C ALA X 37 94.65 -27.02 38.01
N GLY X 38 95.75 -26.63 38.63
CA GLY X 38 96.61 -27.63 39.25
C GLY X 38 97.63 -28.18 38.27
N ASN X 39 98.74 -28.65 38.83
CA ASN X 39 99.85 -29.39 38.23
C ASN X 39 100.41 -28.75 36.96
N LEU X 40 100.05 -27.50 36.71
CA LEU X 40 100.61 -26.69 35.62
C LEU X 40 100.53 -27.40 34.27
N GLY X 41 99.40 -28.08 34.05
CA GLY X 41 99.21 -28.82 32.81
C GLY X 41 100.23 -29.93 32.61
N GLY X 42 100.56 -30.65 33.66
CA GLY X 42 101.63 -31.62 33.58
C GLY X 42 103.01 -31.00 33.57
N GLY X 43 103.15 -29.80 34.16
CA GLY X 43 104.42 -29.12 34.19
C GLY X 43 104.79 -28.40 32.91
N VAL X 44 103.84 -28.20 32.00
CA VAL X 44 104.18 -27.52 30.74
C VAL X 44 104.48 -26.06 31.00
N VAL X 45 103.78 -25.43 31.93
CA VAL X 45 104.02 -24.05 32.31
C VAL X 45 104.86 -24.05 33.57
N THR X 46 106.04 -23.45 33.52
CA THR X 46 106.91 -23.40 34.68
C THR X 46 106.88 -22.03 35.32
N ILE X 47 107.16 -22.00 36.62
CA ILE X 47 107.07 -20.80 37.44
C ILE X 47 108.30 -20.75 38.33
N GLU X 48 108.94 -19.58 38.40
CA GLU X 48 110.06 -19.43 39.32
C GLU X 48 110.16 -17.98 39.78
N ARG X 49 111.06 -17.75 40.74
CA ARG X 49 111.10 -16.50 41.46
C ARG X 49 112.54 -16.05 41.66
N SER X 50 112.73 -14.73 41.67
CA SER X 50 114.00 -14.10 42.04
C SER X 50 113.86 -13.32 43.34
N LYS X 51 112.92 -13.74 44.19
CA LYS X 51 112.62 -13.21 45.52
C LYS X 51 111.93 -11.86 45.44
N SER X 52 111.90 -11.24 44.27
CA SER X 52 111.00 -10.14 43.98
C SER X 52 110.36 -10.22 42.60
N LYS X 53 110.99 -10.90 41.64
CA LYS X 53 110.48 -11.04 40.29
C LYS X 53 110.00 -12.46 40.12
N ILE X 54 108.79 -12.63 39.62
CA ILE X 54 108.14 -13.93 39.52
C ILE X 54 107.83 -14.17 38.06
N THR X 55 108.56 -15.08 37.42
CA THR X 55 108.45 -15.28 35.99
C THR X 55 107.78 -16.61 35.67
N VAL X 56 106.90 -16.55 34.67
CA VAL X 56 106.11 -17.69 34.20
C VAL X 56 106.53 -17.95 32.76
N THR X 57 107.05 -19.14 32.50
CA THR X 57 107.51 -19.50 31.17
C THR X 57 106.63 -20.62 30.63
N SER X 58 106.11 -20.43 29.42
CA SER X 58 105.16 -21.36 28.83
C SER X 58 105.57 -21.71 27.41
N GLU X 59 105.39 -22.97 27.05
CA GLU X 59 105.59 -23.44 25.69
C GLU X 59 104.27 -23.68 24.95
N VAL X 60 103.16 -23.23 25.51
CA VAL X 60 101.86 -23.32 24.85
C VAL X 60 101.30 -21.91 24.74
N PRO X 61 100.38 -21.68 23.78
CA PRO X 61 99.76 -20.35 23.65
C PRO X 61 99.11 -19.88 24.95
N PHE X 62 99.64 -18.80 25.51
CA PHE X 62 99.32 -18.40 26.86
C PHE X 62 99.22 -16.88 26.94
N SER X 63 98.35 -16.38 27.81
CA SER X 63 97.97 -14.98 27.81
C SER X 63 98.55 -14.23 29.01
N LYS X 64 99.08 -13.03 28.74
CA LYS X 64 99.57 -12.16 29.80
C LYS X 64 98.44 -11.55 30.60
N ARG X 65 97.31 -11.26 29.95
CA ARG X 65 96.15 -10.78 30.69
C ARG X 65 95.65 -11.81 31.68
N TYR X 66 95.96 -13.08 31.48
CA TYR X 66 95.63 -14.09 32.47
C TYR X 66 96.43 -13.88 33.74
N LEU X 67 97.71 -13.52 33.60
CA LEU X 67 98.51 -13.15 34.76
C LEU X 67 97.92 -11.95 35.46
N LYS X 68 97.48 -10.96 34.68
CA LYS X 68 96.88 -9.77 35.29
C LYS X 68 95.61 -10.13 36.04
N TYR X 69 94.79 -11.01 35.45
CA TYR X 69 93.54 -11.42 36.08
C TYR X 69 93.80 -12.17 37.38
N LEU X 70 94.75 -13.10 37.37
CA LEU X 70 95.09 -13.85 38.58
C LEU X 70 95.70 -12.95 39.64
N THR X 71 96.54 -12.00 39.24
CA THR X 71 97.13 -11.08 40.21
C THR X 71 96.07 -10.21 40.85
N LYS X 72 95.11 -9.71 40.05
CA LYS X 72 94.02 -8.93 40.62
C LYS X 72 93.19 -9.77 41.57
N LYS X 73 93.02 -11.05 41.25
CA LYS X 73 92.31 -11.96 42.14
C LYS X 73 93.05 -12.11 43.47
N TYR X 74 94.38 -12.24 43.42
CA TYR X 74 95.16 -12.33 44.65
C TYR X 74 95.03 -11.07 45.49
N LEU X 75 95.14 -9.92 44.84
CA LEU X 75 95.03 -8.65 45.55
C LEU X 75 93.65 -8.48 46.18
N LYS X 76 92.59 -8.90 45.48
CA LYS X 76 91.27 -8.84 46.08
C LYS X 76 91.17 -9.78 47.27
N LYS X 77 91.78 -10.96 47.17
CA LYS X 77 91.76 -11.91 48.28
C LYS X 77 92.47 -11.33 49.50
N ASN X 78 93.54 -10.59 49.27
CA ASN X 78 94.35 -10.04 50.37
C ASN X 78 94.01 -8.59 50.68
N ASN X 79 92.92 -8.06 50.13
CA ASN X 79 92.45 -6.71 50.42
C ASN X 79 93.47 -5.64 50.02
N LEU X 80 94.28 -5.92 49.01
CA LEU X 80 95.27 -4.98 48.52
C LEU X 80 94.79 -4.19 47.32
N ARG X 81 93.55 -4.42 46.88
CA ARG X 81 93.09 -3.82 45.63
C ARG X 81 92.92 -2.32 45.75
N ASP X 82 92.61 -1.82 46.94
CA ASP X 82 92.44 -0.39 47.12
C ASP X 82 93.75 0.35 47.30
N TRP X 83 94.88 -0.34 47.40
CA TRP X 83 96.18 0.29 47.48
C TRP X 83 97.07 0.00 46.28
N LEU X 84 97.04 -1.21 45.76
CA LEU X 84 97.95 -1.63 44.72
C LEU X 84 97.24 -1.69 43.37
N ARG X 85 98.04 -1.78 42.31
CA ARG X 85 97.52 -1.69 40.96
C ARG X 85 98.51 -2.32 40.01
N VAL X 86 98.03 -3.20 39.14
CA VAL X 86 98.86 -3.92 38.20
C VAL X 86 98.97 -3.10 36.92
N VAL X 87 100.20 -2.78 36.53
CA VAL X 87 100.48 -1.91 35.39
C VAL X 87 101.49 -2.61 34.49
N ALA X 88 101.23 -2.63 33.19
CA ALA X 88 102.17 -3.20 32.24
C ALA X 88 103.35 -2.24 32.09
N ASN X 89 104.43 -2.50 32.82
CA ASN X 89 105.60 -1.64 32.73
C ASN X 89 106.36 -1.83 31.42
N SER X 90 106.16 -2.94 30.74
CA SER X 90 106.77 -3.20 29.44
C SER X 90 106.02 -4.34 28.79
N LYS X 91 106.49 -4.78 27.63
CA LYS X 91 106.01 -6.04 27.09
C LYS X 91 106.46 -7.18 27.99
N GLU X 92 105.71 -8.28 27.94
CA GLU X 92 105.98 -9.51 28.70
C GLU X 92 106.25 -9.27 30.18
N SER X 93 105.83 -8.13 30.71
CA SER X 93 106.10 -7.83 32.11
C SER X 93 104.99 -6.98 32.70
N TYR X 94 104.55 -7.33 33.89
CA TYR X 94 103.67 -6.53 34.72
C TYR X 94 104.42 -6.09 35.96
N GLU X 95 103.91 -5.06 36.61
CA GLU X 95 104.49 -4.55 37.84
C GLU X 95 103.35 -4.03 38.69
N LEU X 96 103.32 -4.36 39.96
CA LEU X 96 102.26 -3.81 40.81
C LEU X 96 102.81 -2.69 41.67
N ARG X 97 102.16 -1.54 41.59
CA ARG X 97 102.61 -0.31 42.22
C ARG X 97 101.42 0.37 42.88
N TYR X 98 101.71 1.38 43.70
CA TYR X 98 100.69 2.04 44.50
C TYR X 98 99.98 3.12 43.71
N PHE X 99 98.76 3.42 44.12
CA PHE X 99 98.02 4.52 43.53
C PHE X 99 98.69 5.84 43.89
N GLN X 100 98.83 6.72 42.91
CA GLN X 100 99.54 7.98 43.07
C GLN X 100 98.51 9.08 43.32
N ILE X 101 98.48 9.60 44.55
CA ILE X 101 97.55 10.66 44.91
C ILE X 101 98.01 11.97 44.29
N SER Y 1 5.65 -29.97 62.27
CA SER Y 1 5.84 -29.66 60.87
C SER Y 1 7.26 -29.16 60.60
N GLY Y 2 7.46 -27.85 60.68
CA GLY Y 2 8.75 -27.26 60.41
C GLY Y 2 8.79 -26.59 59.06
N ALA Y 3 9.11 -25.30 59.04
CA ALA Y 3 9.17 -24.53 57.81
C ALA Y 3 10.61 -24.37 57.34
N LYS Y 4 10.76 -24.16 56.04
CA LYS Y 4 12.10 -24.00 55.46
C LYS Y 4 12.71 -22.67 55.89
N PHE Y 5 13.96 -22.72 56.33
CA PHE Y 5 14.68 -21.51 56.69
C PHE Y 5 15.14 -20.76 55.45
N ARG Y 6 15.52 -19.51 55.65
CA ARG Y 6 16.02 -18.71 54.54
C ARG Y 6 17.40 -19.20 54.11
N ILE Y 7 17.59 -19.28 52.80
CA ILE Y 7 18.87 -19.69 52.22
C ILE Y 7 19.25 -18.69 51.13
N SER Y 8 20.52 -18.71 50.76
CA SER Y 8 21.01 -17.88 49.67
C SER Y 8 20.39 -18.34 48.36
N LEU Y 9 19.86 -17.40 47.59
CA LEU Y 9 19.08 -17.77 46.41
C LEU Y 9 19.97 -18.04 45.20
N GLY Y 10 20.62 -17.00 44.67
CA GLY Y 10 21.60 -17.19 43.63
C GLY Y 10 21.10 -17.64 42.28
N LEU Y 11 19.78 -17.75 42.06
CA LEU Y 11 19.21 -18.10 40.76
C LEU Y 11 18.12 -17.11 40.41
N PRO Y 12 18.48 -15.96 39.86
CA PRO Y 12 17.46 -14.97 39.51
C PRO Y 12 16.67 -15.36 38.28
N VAL Y 13 15.72 -14.50 37.88
CA VAL Y 13 14.96 -14.74 36.67
C VAL Y 13 15.87 -14.63 35.46
N GLY Y 14 15.77 -15.59 34.55
CA GLY Y 14 16.63 -15.64 33.40
C GLY Y 14 17.75 -16.63 33.50
N ALA Y 15 17.85 -17.34 34.61
CA ALA Y 15 18.88 -18.36 34.76
C ALA Y 15 18.46 -19.64 34.08
N VAL Y 16 19.40 -20.29 33.40
CA VAL Y 16 19.16 -21.57 32.75
C VAL Y 16 19.85 -22.63 33.58
N ILE Y 17 19.06 -23.55 34.13
CA ILE Y 17 19.56 -24.61 34.98
C ILE Y 17 19.36 -25.94 34.26
N ASN Y 18 20.08 -26.95 34.73
CA ASN Y 18 19.93 -28.27 34.15
C ASN Y 18 18.60 -28.89 34.54
N CYS Y 19 18.09 -29.74 33.66
CA CYS Y 19 16.85 -30.46 33.91
C CYS Y 19 17.23 -31.88 34.32
N ALA Y 20 17.01 -32.20 35.59
CA ALA Y 20 17.57 -33.41 36.19
C ALA Y 20 16.66 -34.62 36.09
N ASP Y 21 15.46 -34.48 35.55
CA ASP Y 21 14.57 -35.62 35.41
C ASP Y 21 14.66 -36.20 34.00
N ASN Y 22 13.93 -37.27 33.76
CA ASN Y 22 13.95 -37.98 32.48
C ASN Y 22 12.78 -37.58 31.58
N THR Y 23 12.31 -36.34 31.69
CA THR Y 23 11.20 -35.87 30.87
C THR Y 23 11.59 -35.65 29.41
N GLY Y 24 12.87 -35.72 29.08
CA GLY Y 24 13.34 -35.37 27.76
C GLY Y 24 13.77 -33.92 27.62
N ALA Y 25 13.56 -33.10 28.64
CA ALA Y 25 14.03 -31.73 28.62
C ALA Y 25 15.49 -31.68 29.08
N LYS Y 26 16.26 -30.79 28.46
CA LYS Y 26 17.68 -30.68 28.79
C LYS Y 26 17.99 -29.53 29.74
N ASN Y 27 17.23 -28.43 29.67
CA ASN Y 27 17.46 -27.33 30.58
C ASN Y 27 16.14 -26.63 30.86
N LEU Y 28 16.14 -25.80 31.89
CA LEU Y 28 14.99 -25.03 32.33
C LEU Y 28 15.39 -23.57 32.43
N TYR Y 29 14.63 -22.69 31.79
CA TYR Y 29 14.90 -21.26 31.80
C TYR Y 29 13.91 -20.60 32.74
N ILE Y 30 14.40 -20.14 33.89
CA ILE Y 30 13.52 -19.64 34.94
C ILE Y 30 12.96 -18.29 34.52
N ILE Y 31 11.63 -18.18 34.52
CA ILE Y 31 10.97 -16.93 34.17
C ILE Y 31 10.36 -16.23 35.36
N SER Y 32 10.10 -16.94 36.46
CA SER Y 32 9.65 -16.31 37.70
C SER Y 32 9.72 -17.33 38.82
N VAL Y 33 9.56 -16.85 40.05
CA VAL Y 33 9.63 -17.66 41.25
C VAL Y 33 8.33 -17.51 42.00
N LYS Y 34 7.78 -18.64 42.47
CA LYS Y 34 6.54 -18.61 43.22
C LYS Y 34 6.73 -17.97 44.58
N GLY Y 35 5.72 -17.24 45.03
CA GLY Y 35 5.72 -16.65 46.34
C GLY Y 35 6.53 -15.38 46.49
N ILE Y 36 6.93 -14.75 45.40
CA ILE Y 36 7.74 -13.55 45.45
C ILE Y 36 6.82 -12.35 45.31
N LYS Y 37 6.71 -11.55 46.38
CA LYS Y 37 5.97 -10.30 46.29
C LYS Y 37 6.71 -9.30 45.42
N GLY Y 38 7.90 -8.91 45.83
CA GLY Y 38 8.78 -8.15 44.98
C GLY Y 38 9.31 -6.90 45.65
N ARG Y 39 9.92 -6.06 44.82
CA ARG Y 39 10.66 -4.85 45.17
C ARG Y 39 11.04 -4.20 43.85
N LEU Y 40 11.06 -2.88 43.85
CA LEU Y 40 11.40 -2.16 42.63
C LEU Y 40 12.81 -2.51 42.19
N ASN Y 41 12.93 -2.97 40.94
CA ASN Y 41 14.16 -3.34 40.24
C ASN Y 41 14.77 -4.64 40.73
N ARG Y 42 14.23 -5.29 41.75
CA ARG Y 42 14.81 -6.51 42.26
C ARG Y 42 14.35 -7.71 41.43
N LEU Y 43 15.30 -8.51 40.99
CA LEU Y 43 14.95 -9.72 40.25
C LEU Y 43 14.45 -10.80 41.21
N PRO Y 44 13.35 -11.46 40.90
CA PRO Y 44 12.92 -12.61 41.71
C PRO Y 44 13.90 -13.75 41.58
N ALA Y 45 14.40 -14.24 42.71
CA ALA Y 45 15.44 -15.25 42.72
C ALA Y 45 14.99 -16.46 43.52
N ALA Y 46 15.57 -17.61 43.20
CA ALA Y 46 15.18 -18.87 43.80
C ALA Y 46 16.39 -19.64 44.30
N GLY Y 47 16.20 -20.34 45.41
CA GLY Y 47 17.15 -21.31 45.89
C GLY Y 47 16.63 -22.72 45.74
N VAL Y 48 17.35 -23.66 46.36
CA VAL Y 48 16.92 -25.06 46.29
C VAL Y 48 15.64 -25.23 47.09
N GLY Y 49 14.76 -26.09 46.59
CA GLY Y 49 13.45 -26.27 47.18
C GLY Y 49 12.42 -25.26 46.76
N ASP Y 50 12.77 -24.33 45.89
CA ASP Y 50 11.84 -23.29 45.45
C ASP Y 50 11.10 -23.74 44.20
N MET Y 51 9.81 -23.45 44.17
CA MET Y 51 9.01 -23.63 42.98
C MET Y 51 9.16 -22.41 42.08
N VAL Y 52 9.41 -22.65 40.80
CA VAL Y 52 9.60 -21.61 39.80
C VAL Y 52 8.73 -21.93 38.60
N MET Y 53 8.52 -20.92 37.78
CA MET Y 53 7.95 -21.10 36.45
C MET Y 53 9.09 -21.08 35.44
N ALA Y 54 9.13 -22.09 34.57
CA ALA Y 54 10.26 -22.23 33.68
C ALA Y 54 9.79 -22.69 32.31
N THR Y 55 10.60 -22.37 31.30
CA THR Y 55 10.42 -22.89 29.95
C THR Y 55 11.69 -23.65 29.58
N VAL Y 56 11.55 -24.75 28.87
CA VAL Y 56 12.71 -25.49 28.43
C VAL Y 56 13.17 -24.90 27.10
N LYS Y 57 14.46 -24.59 27.01
CA LYS Y 57 14.97 -23.98 25.79
C LYS Y 57 15.44 -25.02 24.80
N LYS Y 58 16.05 -26.10 25.28
CA LYS Y 58 16.42 -27.21 24.43
C LYS Y 58 15.90 -28.49 25.06
N GLY Y 59 15.46 -29.42 24.22
CA GLY Y 59 14.82 -30.63 24.66
C GLY Y 59 13.79 -31.07 23.65
N LYS Y 60 12.88 -31.92 24.10
CA LYS Y 60 11.86 -32.45 23.21
C LYS Y 60 10.94 -31.32 22.75
N PRO Y 61 10.56 -31.30 21.46
CA PRO Y 61 9.78 -30.17 20.95
C PRO Y 61 8.40 -30.02 21.56
N GLU Y 62 7.85 -31.06 22.16
CA GLU Y 62 6.52 -30.96 22.76
C GLU Y 62 6.55 -30.35 24.14
N LEU Y 63 7.72 -30.01 24.66
CA LEU Y 63 7.84 -29.32 25.93
C LEU Y 63 8.31 -27.88 25.79
N ARG Y 64 8.73 -27.46 24.60
CA ARG Y 64 9.56 -26.26 24.49
C ARG Y 64 8.76 -24.98 24.69
N LYS Y 65 7.77 -24.73 23.84
CA LYS Y 65 7.11 -23.43 23.87
C LYS Y 65 5.95 -23.39 24.85
N LYS Y 66 6.22 -23.80 26.10
CA LYS Y 66 5.22 -23.82 27.15
C LYS Y 66 5.85 -23.35 28.45
N VAL Y 67 5.01 -23.09 29.44
CA VAL Y 67 5.45 -22.73 30.79
C VAL Y 67 5.11 -23.90 31.70
N HIS Y 68 6.12 -24.39 32.42
CA HIS Y 68 6.00 -25.52 33.32
C HIS Y 68 6.31 -25.07 34.73
N PRO Y 69 5.68 -25.66 35.74
CA PRO Y 69 6.20 -25.53 37.11
C PRO Y 69 7.40 -26.42 37.30
N ALA Y 70 8.41 -25.90 37.98
CA ALA Y 70 9.62 -26.64 38.25
C ALA Y 70 10.03 -26.39 39.70
N VAL Y 71 10.86 -27.28 40.23
CA VAL Y 71 11.40 -27.14 41.57
C VAL Y 71 12.90 -27.25 41.49
N VAL Y 72 13.60 -26.29 42.11
CA VAL Y 72 15.06 -26.30 42.12
C VAL Y 72 15.55 -27.34 43.12
N ILE Y 73 16.42 -28.23 42.66
CA ILE Y 73 16.93 -29.31 43.51
C ILE Y 73 18.42 -29.17 43.80
N ARG Y 74 19.18 -28.46 42.98
CA ARG Y 74 20.60 -28.24 43.22
C ARG Y 74 20.95 -26.82 42.81
N GLN Y 75 21.82 -26.17 43.57
CA GLN Y 75 22.28 -24.84 43.20
C GLN Y 75 23.78 -24.74 43.41
N ARG Y 76 24.42 -23.92 42.59
CA ARG Y 76 25.86 -23.69 42.70
C ARG Y 76 26.21 -22.68 43.78
N LYS Y 77 25.26 -21.84 44.19
CA LYS Y 77 25.52 -20.86 45.22
C LYS Y 77 25.59 -21.54 46.58
N SER Y 78 26.61 -21.22 47.35
CA SER Y 78 26.75 -21.77 48.70
C SER Y 78 25.64 -21.24 49.59
N TYR Y 79 25.11 -22.11 50.44
CA TYR Y 79 24.11 -21.70 51.41
C TYR Y 79 24.38 -22.37 52.74
N ARG Y 80 24.01 -21.67 53.82
CA ARG Y 80 24.19 -22.13 55.18
C ARG Y 80 23.01 -22.98 55.61
N ARG Y 81 23.31 -24.08 56.31
CA ARG Y 81 22.29 -25.05 56.69
C ARG Y 81 22.12 -25.09 58.22
N LYS Y 82 22.13 -23.92 58.86
CA LYS Y 82 21.75 -23.77 60.26
C LYS Y 82 22.59 -24.57 61.24
N ASP Y 83 23.60 -25.28 60.75
CA ASP Y 83 24.55 -25.99 61.59
C ASP Y 83 25.98 -25.63 61.22
N GLY Y 84 26.17 -24.45 60.65
CA GLY Y 84 27.48 -23.98 60.26
C GLY Y 84 27.99 -24.55 58.95
N VAL Y 85 27.20 -25.37 58.28
CA VAL Y 85 27.64 -26.01 57.04
C VAL Y 85 27.25 -25.12 55.88
N PHE Y 86 28.24 -24.68 55.12
CA PHE Y 86 28.03 -23.97 53.87
C PHE Y 86 28.15 -25.00 52.75
N LEU Y 87 27.04 -25.30 52.09
CA LEU Y 87 27.01 -26.34 51.07
C LEU Y 87 26.70 -25.72 49.72
N TYR Y 88 27.36 -26.24 48.68
CA TYR Y 88 27.03 -25.89 47.31
C TYR Y 88 27.23 -27.11 46.43
N PHE Y 89 26.59 -27.08 45.27
CA PHE Y 89 26.57 -28.20 44.35
C PHE Y 89 27.39 -27.88 43.11
N GLU Y 90 27.64 -28.91 42.31
CA GLU Y 90 28.44 -28.74 41.10
C GLU Y 90 27.69 -27.96 40.02
N ASP Y 91 26.36 -28.06 39.99
CA ASP Y 91 25.58 -27.40 38.96
C ASP Y 91 24.22 -26.99 39.52
N ASN Y 92 23.56 -26.09 38.81
CA ASN Y 92 22.19 -25.72 39.12
C ASN Y 92 21.26 -26.66 38.36
N ALA Y 93 20.41 -27.36 39.08
CA ALA Y 93 19.51 -28.33 38.47
C ALA Y 93 18.14 -28.24 39.12
N GLY Y 94 17.11 -28.44 38.30
CA GLY Y 94 15.75 -28.53 38.78
C GLY Y 94 14.99 -29.60 38.04
N VAL Y 95 13.79 -29.89 38.53
CA VAL Y 95 12.94 -30.90 37.91
C VAL Y 95 11.59 -30.28 37.60
N ILE Y 96 10.90 -30.87 36.62
CA ILE Y 96 9.59 -30.39 36.20
C ILE Y 96 8.52 -31.11 37.00
N VAL Y 97 7.63 -30.35 37.63
CA VAL Y 97 6.54 -30.87 38.42
C VAL Y 97 5.25 -30.19 37.96
N ASN Y 98 4.15 -30.52 38.63
CA ASN Y 98 2.91 -29.76 38.48
C ASN Y 98 2.68 -28.93 39.73
N ASN Y 99 1.56 -28.22 39.74
CA ASN Y 99 1.26 -27.35 40.88
C ASN Y 99 1.04 -28.13 42.17
N LYS Y 100 0.69 -29.41 42.09
CA LYS Y 100 0.49 -30.22 43.27
C LYS Y 100 1.79 -30.78 43.84
N GLY Y 101 2.88 -30.73 43.09
CA GLY Y 101 4.20 -31.10 43.58
C GLY Y 101 4.77 -32.37 43.00
N GLU Y 102 3.97 -33.25 42.42
CA GLU Y 102 4.52 -34.47 41.86
C GLU Y 102 5.18 -34.21 40.52
N MET Y 103 6.23 -34.97 40.24
CA MET Y 103 7.03 -34.76 39.05
C MET Y 103 6.34 -35.28 37.81
N LYS Y 104 6.56 -34.57 36.70
CA LYS Y 104 6.17 -35.11 35.40
C LYS Y 104 6.99 -36.35 35.05
N GLY Y 105 8.28 -36.33 35.37
CA GLY Y 105 9.15 -37.45 35.12
C GLY Y 105 9.06 -38.50 36.22
N SER Y 106 10.01 -39.42 36.20
CA SER Y 106 10.01 -40.54 37.13
C SER Y 106 11.34 -40.81 37.80
N ALA Y 107 12.43 -40.20 37.36
CA ALA Y 107 13.74 -40.44 37.94
C ALA Y 107 14.51 -39.14 37.96
N ILE Y 108 15.47 -39.04 38.88
CA ILE Y 108 16.32 -37.87 39.02
C ILE Y 108 17.77 -38.30 38.92
N THR Y 109 18.55 -37.59 38.12
CA THR Y 109 19.97 -37.83 37.99
C THR Y 109 20.72 -36.90 38.93
N GLY Y 110 21.59 -37.47 39.77
CA GLY Y 110 22.38 -36.70 40.69
C GLY Y 110 21.68 -36.49 42.02
N PRO Y 111 22.38 -35.87 42.95
CA PRO Y 111 21.81 -35.66 44.29
C PRO Y 111 20.72 -34.60 44.29
N VAL Y 112 19.97 -34.59 45.38
CA VAL Y 112 18.94 -33.58 45.64
C VAL Y 112 19.25 -32.95 46.98
N ALA Y 113 19.13 -31.62 47.05
CA ALA Y 113 19.35 -30.93 48.30
C ALA Y 113 18.37 -31.39 49.36
N LYS Y 114 18.83 -31.45 50.61
CA LYS Y 114 17.98 -31.91 51.70
C LYS Y 114 16.80 -30.97 51.92
N GLU Y 115 16.98 -29.68 51.66
CA GLU Y 115 15.89 -28.73 51.82
C GLU Y 115 14.75 -29.07 50.85
N CYS Y 116 15.11 -29.29 49.58
CA CYS Y 116 14.12 -29.66 48.59
C CYS Y 116 13.50 -31.01 48.89
N ALA Y 117 14.31 -31.96 49.35
CA ALA Y 117 13.79 -33.29 49.66
C ALA Y 117 12.80 -33.24 50.81
N ASP Y 118 13.09 -32.45 51.85
CA ASP Y 118 12.18 -32.33 52.96
C ASP Y 118 10.91 -31.58 52.59
N LEU Y 119 11.02 -30.62 51.69
CA LEU Y 119 9.85 -29.80 51.35
C LEU Y 119 8.97 -30.44 50.28
N TRP Y 120 9.50 -31.32 49.44
CA TRP Y 120 8.73 -31.97 48.39
C TRP Y 120 8.86 -33.48 48.52
N PRO Y 121 7.89 -34.15 49.15
CA PRO Y 121 8.00 -35.60 49.33
C PRO Y 121 8.03 -36.40 48.04
N ARG Y 122 7.33 -35.95 46.99
CA ARG Y 122 7.33 -36.70 45.75
C ARG Y 122 8.66 -36.63 45.03
N ILE Y 123 9.38 -35.52 45.18
CA ILE Y 123 10.73 -35.42 44.63
C ILE Y 123 11.69 -36.30 45.41
N ALA Y 124 11.53 -36.34 46.74
CA ALA Y 124 12.44 -37.10 47.58
C ALA Y 124 12.38 -38.60 47.28
N SER Y 125 11.20 -39.11 46.92
CA SER Y 125 11.08 -40.53 46.61
C SER Y 125 11.89 -40.90 45.37
N ASN Y 126 11.82 -40.06 44.34
CA ASN Y 126 12.59 -40.31 43.12
C ASN Y 126 14.04 -39.85 43.24
N ALA Y 127 14.41 -39.19 44.32
CA ALA Y 127 15.79 -38.74 44.49
C ALA Y 127 16.72 -39.94 44.66
N GLY Y 128 17.77 -39.99 43.84
CA GLY Y 128 18.76 -41.04 43.98
C GLY Y 128 19.55 -40.92 45.27
N SER Y 129 19.96 -39.71 45.61
CA SER Y 129 20.65 -39.45 46.86
C SER Y 129 20.26 -38.08 47.36
N ILE Y 130 20.41 -37.86 48.65
CA ILE Y 130 20.08 -36.59 49.29
C ILE Y 130 21.36 -36.01 49.87
N ALA Y 131 21.72 -34.82 49.43
CA ALA Y 131 22.93 -34.16 49.90
C ALA Y 131 22.58 -32.97 50.79
N MET Z 1 31.36 -30.11 68.72
CA MET Z 1 30.95 -31.29 69.48
C MET Z 1 30.19 -32.24 68.55
N LYS Z 2 29.94 -31.78 67.33
CA LYS Z 2 29.27 -32.58 66.32
C LYS Z 2 30.26 -33.59 65.73
N VAL Z 3 29.87 -34.23 64.63
CA VAL Z 3 30.77 -35.15 63.95
C VAL Z 3 31.92 -34.36 63.34
N GLU Z 4 33.14 -34.86 63.55
CA GLU Z 4 34.32 -34.23 62.98
C GLU Z 4 34.54 -34.70 61.55
N LEU Z 5 34.96 -33.78 60.69
CA LEU Z 5 35.19 -34.09 59.29
C LEU Z 5 36.64 -33.80 58.93
N CYS Z 6 37.10 -34.42 57.85
CA CYS Z 6 38.46 -34.26 57.36
C CYS Z 6 38.41 -33.68 55.95
N SER Z 7 39.48 -32.99 55.56
CA SER Z 7 39.49 -32.15 54.38
C SER Z 7 40.29 -32.78 53.24
N PHE Z 8 40.48 -32.00 52.17
CA PHE Z 8 41.46 -32.31 51.12
C PHE Z 8 42.87 -32.45 51.69
N SER Z 9 43.18 -31.70 52.73
CA SER Z 9 44.47 -31.77 53.39
C SER Z 9 44.51 -32.75 54.54
N GLY Z 10 43.40 -33.41 54.84
CA GLY Z 10 43.36 -34.33 55.97
C GLY Z 10 43.29 -33.68 57.32
N TYR Z 11 43.03 -32.38 57.39
CA TYR Z 11 42.91 -31.67 58.65
C TYR Z 11 41.49 -31.82 59.20
N LYS Z 12 41.38 -31.74 60.51
CA LYS Z 12 40.06 -31.73 61.13
C LYS Z 12 39.34 -30.43 60.83
N ILE Z 13 38.07 -30.54 60.45
CA ILE Z 13 37.22 -29.38 60.22
C ILE Z 13 36.25 -29.29 61.38
N TYR Z 14 36.38 -28.25 62.18
CA TYR Z 14 35.48 -28.06 63.30
C TYR Z 14 34.17 -27.47 62.82
N PRO Z 15 33.10 -27.60 63.62
CA PRO Z 15 31.80 -27.05 63.21
C PRO Z 15 31.88 -25.55 62.99
N GLY Z 16 31.17 -25.09 61.95
CA GLY Z 16 31.18 -23.70 61.58
C GLY Z 16 32.37 -23.28 60.75
N HIS Z 17 33.17 -24.21 60.26
CA HIS Z 17 34.35 -23.89 59.48
C HIS Z 17 34.30 -24.57 58.12
N GLY Z 18 34.88 -23.91 57.13
CA GLY Z 18 35.04 -24.51 55.82
C GLY Z 18 33.76 -24.59 55.03
N ARG Z 19 33.82 -25.37 53.96
CA ARG Z 19 32.68 -25.53 53.05
C ARG Z 19 32.52 -26.99 52.71
N ARG Z 20 31.35 -27.32 52.16
CA ARG Z 20 31.03 -28.67 51.73
C ARG Z 20 30.59 -28.62 50.28
N TYR Z 21 31.06 -29.57 49.49
CA TYR Z 21 30.88 -29.56 48.04
C TYR Z 21 30.28 -30.88 47.62
N ALA Z 22 29.09 -30.84 47.02
CA ALA Z 22 28.43 -32.03 46.51
C ALA Z 22 28.54 -32.04 44.99
N ARG Z 23 29.00 -33.16 44.44
CA ARG Z 23 29.15 -33.30 43.00
C ARG Z 23 27.93 -34.00 42.42
N THR Z 24 27.78 -33.87 41.10
CA THR Z 24 26.64 -34.47 40.43
C THR Z 24 26.70 -36.00 40.45
N ASP Z 25 27.91 -36.57 40.44
CA ASP Z 25 28.03 -38.01 40.46
C ASP Z 25 27.66 -38.63 41.82
N GLY Z 26 27.44 -37.80 42.84
CA GLY Z 26 26.99 -38.28 44.12
C GLY Z 26 28.03 -38.28 45.22
N LYS Z 27 29.19 -37.69 45.00
CA LYS Z 27 30.26 -37.66 45.99
C LYS Z 27 30.28 -36.32 46.69
N VAL Z 28 30.44 -36.36 48.01
CA VAL Z 28 30.43 -35.17 48.85
C VAL Z 28 31.80 -35.03 49.48
N PHE Z 29 32.44 -33.89 49.26
CA PHE Z 29 33.70 -33.55 49.87
C PHE Z 29 33.50 -32.38 50.81
N GLN Z 30 34.47 -32.17 51.68
CA GLN Z 30 34.44 -31.02 52.58
C GLN Z 30 35.85 -30.45 52.69
N PHE Z 31 35.95 -29.14 52.64
CA PHE Z 31 37.23 -28.44 52.62
C PHE Z 31 37.34 -27.52 53.82
N LEU Z 32 38.53 -27.52 54.41
CA LEU Z 32 38.79 -26.69 55.58
C LEU Z 32 38.76 -25.21 55.23
N ASN Z 33 39.31 -24.83 54.09
CA ASN Z 33 39.34 -23.43 53.70
C ASN Z 33 39.41 -23.34 52.18
N ALA Z 34 39.42 -22.09 51.70
CA ALA Z 34 39.41 -21.84 50.27
C ALA Z 34 40.71 -22.26 49.60
N LYS Z 35 41.83 -22.28 50.34
CA LYS Z 35 43.07 -22.77 49.77
C LYS Z 35 42.96 -24.24 49.39
N CYS Z 36 42.51 -25.06 50.33
CA CYS Z 36 42.29 -26.48 50.05
C CYS Z 36 41.21 -26.66 48.99
N GLU Z 37 40.16 -25.86 49.05
CA GLU Z 37 39.08 -26.00 48.07
C GLU Z 37 39.57 -25.71 46.65
N SER Z 38 40.37 -24.66 46.48
CA SER Z 38 40.87 -24.31 45.16
C SER Z 38 41.90 -25.33 44.69
N ALA Z 39 42.73 -25.84 45.61
CA ALA Z 39 43.66 -26.90 45.23
C ALA Z 39 42.92 -28.14 44.76
N PHE Z 40 41.82 -28.49 45.43
CA PHE Z 40 41.01 -29.61 44.98
C PHE Z 40 40.36 -29.34 43.64
N LEU Z 41 39.86 -28.11 43.45
CA LEU Z 41 39.13 -27.80 42.22
C LEU Z 41 40.04 -27.73 41.01
N SER Z 42 41.27 -27.29 41.20
CA SER Z 42 42.24 -27.28 40.11
C SER Z 42 42.86 -28.67 39.87
N LYS Z 43 42.30 -29.71 40.48
CA LYS Z 43 42.72 -31.09 40.29
C LYS Z 43 44.18 -31.31 40.66
N ARG Z 44 44.64 -30.62 41.70
CA ARG Z 44 45.99 -30.84 42.20
C ARG Z 44 45.99 -32.04 43.14
N ASN Z 45 46.98 -32.90 42.99
CA ASN Z 45 47.06 -34.10 43.80
C ASN Z 45 47.54 -33.76 45.20
N PRO Z 46 46.82 -34.15 46.25
CA PRO Z 46 47.28 -33.84 47.61
C PRO Z 46 48.57 -34.52 48.00
N ARG Z 47 48.95 -35.62 47.35
CA ARG Z 47 50.20 -36.28 47.67
C ARG Z 47 51.42 -35.52 47.18
N GLN Z 48 51.23 -34.47 46.39
CA GLN Z 48 52.33 -33.68 45.86
C GLN Z 48 52.40 -32.30 46.49
N ILE Z 49 51.57 -32.03 47.50
CA ILE Z 49 51.54 -30.74 48.18
C ILE Z 49 52.11 -30.96 49.57
N ASN Z 50 53.16 -30.21 49.91
CA ASN Z 50 54.03 -30.57 51.02
C ASN Z 50 53.32 -30.53 52.37
N TRP Z 51 52.36 -29.62 52.55
CA TRP Z 51 51.77 -29.41 53.86
C TRP Z 51 50.55 -30.30 54.11
N THR Z 52 50.25 -31.21 53.21
CA THR Z 52 49.08 -32.07 53.37
C THR Z 52 49.43 -33.35 54.10
N VAL Z 53 48.44 -33.88 54.82
CA VAL Z 53 48.62 -35.08 55.62
C VAL Z 53 48.98 -36.26 54.73
N LEU Z 54 48.39 -36.34 53.55
CA LEU Z 54 48.68 -37.44 52.64
C LEU Z 54 50.14 -37.41 52.18
N TYR Z 55 50.66 -36.22 51.85
CA TYR Z 55 52.06 -36.11 51.50
C TYR Z 55 52.94 -36.48 52.69
N ARG Z 56 52.55 -36.03 53.89
CA ARG Z 56 53.37 -36.32 55.06
C ARG Z 56 53.47 -37.82 55.30
N ARG Z 57 52.35 -38.53 55.19
CA ARG Z 57 52.38 -39.97 55.44
C ARG Z 57 53.02 -40.72 54.29
N LYS Z 58 52.96 -40.19 53.07
CA LYS Z 58 53.65 -40.83 51.96
C LYS Z 58 55.16 -40.73 52.11
N HIS Z 59 55.63 -39.58 52.58
CA HIS Z 59 57.07 -39.38 52.76
C HIS Z 59 57.55 -39.77 54.15
N LYS Z 60 56.66 -40.27 55.01
CA LYS Z 60 57.00 -40.76 56.33
C LYS Z 60 57.66 -39.69 57.18
N LYS Z 61 57.18 -38.45 57.03
CA LYS Z 61 57.71 -37.34 57.80
C LYS Z 61 57.29 -37.45 59.26
N GLY Z 62 58.24 -37.25 60.17
CA GLY Z 62 57.93 -37.32 61.58
C GLY Z 62 57.94 -38.72 62.13
N GLN Z 63 57.30 -39.66 61.43
CA GLN Z 63 57.21 -41.03 61.89
C GLN Z 63 57.64 -42.00 60.81
N THR Z 72 60.16 -59.96 64.79
CA THR Z 72 61.24 -60.94 64.83
C THR Z 72 60.74 -62.32 64.43
N ARG Z 73 61.46 -63.34 64.88
CA ARG Z 73 61.14 -64.73 64.58
C ARG Z 73 60.42 -65.36 65.78
N ARG Z 74 59.32 -66.05 65.53
CA ARG Z 74 58.54 -66.70 66.57
C ARG Z 74 58.00 -68.02 66.03
N ALA Z 75 58.13 -69.08 66.83
CA ALA Z 75 57.65 -70.40 66.44
C ALA Z 75 57.45 -71.21 67.70
N VAL Z 76 56.20 -71.52 68.04
CA VAL Z 76 55.86 -72.28 69.24
C VAL Z 76 54.86 -73.36 68.88
N LYS Z 77 55.10 -74.57 69.38
CA LYS Z 77 54.22 -75.71 69.16
C LYS Z 77 53.88 -76.33 70.51
N PHE Z 78 52.62 -76.73 70.69
CA PHE Z 78 52.16 -77.30 71.93
C PHE Z 78 51.65 -78.71 71.69
N GLN Z 79 51.64 -79.51 72.76
CA GLN Z 79 51.17 -80.88 72.71
C GLN Z 79 49.77 -80.96 73.28
N ARG Z 80 48.86 -81.57 72.54
CA ARG Z 80 47.46 -81.67 72.93
C ARG Z 80 47.04 -83.13 72.92
N ALA Z 81 46.06 -83.46 73.77
CA ALA Z 81 45.50 -84.79 73.78
C ALA Z 81 44.76 -85.08 72.48
N ILE Z 82 44.66 -86.36 72.15
CA ILE Z 82 43.99 -86.83 70.94
C ILE Z 82 42.82 -87.71 71.37
N THR Z 83 41.69 -87.56 70.68
CA THR Z 83 40.56 -88.44 70.93
C THR Z 83 40.97 -89.90 70.73
N GLY Z 84 40.99 -90.67 71.81
CA GLY Z 84 41.50 -92.02 71.80
C GLY Z 84 42.88 -92.18 72.38
N ALA Z 85 43.59 -91.09 72.64
CA ALA Z 85 44.91 -91.16 73.25
C ALA Z 85 45.15 -89.82 73.97
N SER Z 86 44.98 -89.82 75.29
CA SER Z 86 45.11 -88.59 76.06
C SER Z 86 46.59 -88.20 76.19
N LEU Z 87 46.82 -87.10 76.91
CA LEU Z 87 48.18 -86.62 77.12
C LEU Z 87 49.03 -87.65 77.86
N ALA Z 88 48.48 -88.25 78.91
CA ALA Z 88 49.22 -89.27 79.64
C ALA Z 88 49.52 -90.46 78.75
N ASP Z 89 48.55 -90.86 77.93
CA ASP Z 89 48.74 -92.00 77.04
C ASP Z 89 49.84 -91.73 76.02
N ILE Z 90 49.81 -90.56 75.38
CA ILE Z 90 50.81 -90.28 74.34
C ILE Z 90 52.18 -90.09 74.96
N MET Z 91 52.27 -89.48 76.13
CA MET Z 91 53.56 -89.35 76.80
C MET Z 91 54.12 -90.72 77.18
N ALA Z 92 53.25 -91.61 77.68
CA ALA Z 92 53.70 -92.95 78.03
C ALA Z 92 54.19 -93.70 76.80
N LYS Z 93 53.47 -93.57 75.68
CA LYS Z 93 53.89 -94.24 74.44
C LYS Z 93 55.21 -93.69 73.93
N ARG Z 94 55.39 -92.38 73.96
CA ARG Z 94 56.58 -91.78 73.39
C ARG Z 94 57.79 -91.83 74.31
N ASN Z 95 57.59 -92.10 75.61
CA ASN Z 95 58.69 -92.14 76.56
C ASN Z 95 59.21 -93.54 76.82
N GLN Z 96 58.98 -94.47 75.89
CA GLN Z 96 59.50 -95.83 75.99
C GLN Z 96 60.90 -95.95 75.36
N LYS Z 97 61.64 -94.84 75.29
CA LYS Z 97 62.96 -94.87 74.67
C LYS Z 97 63.99 -95.79 75.31
N PRO Z 98 64.11 -95.92 76.68
CA PRO Z 98 65.27 -96.64 77.21
C PRO Z 98 65.24 -98.14 76.92
N GLU Z 99 65.59 -98.51 75.69
CA GLU Z 99 65.74 -99.88 75.19
C GLU Z 99 64.43 -100.65 75.14
N VAL Z 100 63.32 -100.07 75.59
CA VAL Z 100 62.03 -100.74 75.49
C VAL Z 100 61.62 -100.86 74.02
N ARG Z 101 61.88 -99.81 73.24
CA ARG Z 101 61.65 -99.89 71.80
C ARG Z 101 62.54 -100.95 71.16
N LYS Z 102 63.76 -101.11 71.68
CA LYS Z 102 64.62 -102.19 71.21
C LYS Z 102 64.00 -103.54 71.52
N ALA Z 103 63.39 -103.68 72.70
CA ALA Z 103 62.69 -104.92 73.03
C ALA Z 103 61.55 -105.18 72.06
N GLN Z 104 60.76 -104.16 71.75
CA GLN Z 104 59.65 -104.35 70.80
C GLN Z 104 60.16 -104.72 69.42
N ARG Z 105 61.21 -104.07 68.92
CA ARG Z 105 61.65 -104.39 67.57
C ARG Z 105 62.26 -105.78 67.51
N GLU Z 106 63.03 -106.19 68.52
CA GLU Z 106 63.62 -107.52 68.48
C GLU Z 106 62.56 -108.60 68.64
N GLN Z 107 61.56 -108.37 69.50
CA GLN Z 107 60.50 -109.37 69.64
C GLN Z 107 59.64 -109.43 68.38
N ALA Z 108 59.44 -108.29 67.70
CA ALA Z 108 58.72 -108.31 66.44
C ALA Z 108 59.51 -109.05 65.38
N ILE Z 109 60.83 -108.88 65.36
CA ILE Z 109 61.66 -109.58 64.37
C ILE Z 109 61.56 -111.09 64.58
N ARG Z 110 61.69 -111.55 65.83
CA ARG Z 110 61.64 -112.99 66.05
C ARG Z 110 60.21 -113.53 65.84
N ALA Z 111 59.20 -112.76 66.22
CA ALA Z 111 57.81 -113.18 66.03
C ALA Z 111 57.48 -113.31 64.55
N ALA Z 112 57.95 -112.37 63.73
CA ALA Z 112 57.86 -112.52 62.30
C ALA Z 112 58.75 -113.62 61.77
N LYS Z 113 59.82 -113.96 62.50
CA LYS Z 113 60.70 -115.03 62.05
C LYS Z 113 60.04 -116.40 62.11
N GLU Z 114 59.31 -116.69 63.20
CA GLU Z 114 58.65 -118.00 63.19
C GLU Z 114 57.53 -118.05 62.16
N ALA Z 115 56.85 -116.92 61.93
CA ALA Z 115 55.85 -116.86 60.86
C ALA Z 115 56.50 -117.03 59.50
N LYS Z 116 57.71 -116.50 59.33
CA LYS Z 116 58.45 -116.67 58.08
C LYS Z 116 58.87 -118.12 57.88
N LYS Z 117 59.23 -118.82 58.96
CA LYS Z 117 59.55 -120.24 58.84
C LYS Z 117 58.31 -121.05 58.48
N ALA Z 118 57.16 -120.71 59.08
CA ALA Z 118 55.91 -121.37 58.69
C ALA Z 118 55.57 -121.08 57.24
N LYS Z 119 55.81 -119.84 56.80
CA LYS Z 119 55.60 -119.49 55.39
C LYS Z 119 56.52 -120.28 54.48
N GLN Z 120 57.78 -120.45 54.88
CA GLN Z 120 58.72 -121.24 54.08
C GLN Z 120 58.25 -122.69 53.98
N ALA Z 121 57.74 -123.24 55.08
CA ALA Z 121 57.23 -124.60 55.06
C ALA Z 121 56.00 -124.72 54.15
N SER Z 122 55.09 -123.76 54.22
CA SER Z 122 53.83 -123.82 53.49
C SER Z 122 53.91 -123.26 52.08
N LYS Z 123 55.06 -122.69 51.68
CA LYS Z 123 55.23 -122.09 50.37
C LYS Z 123 55.79 -123.07 49.34
N LYS Z 124 56.96 -123.63 49.62
CA LYS Z 124 57.61 -124.56 48.69
C LYS Z 124 56.93 -125.91 48.72
N LYS AA 1 74.25 44.45 -62.57
CA LYS AA 1 74.13 43.03 -62.90
C LYS AA 1 74.68 42.17 -61.76
N LYS AA 2 75.00 42.82 -60.64
CA LYS AA 2 75.58 42.14 -59.50
C LYS AA 2 74.77 42.26 -58.21
N LYS AA 3 73.84 43.20 -58.13
CA LYS AA 3 73.05 43.39 -56.93
C LYS AA 3 71.96 42.31 -56.87
N ILE AA 4 72.08 41.39 -55.92
CA ILE AA 4 71.22 40.22 -55.85
C ILE AA 4 70.78 40.03 -54.40
N ARG AA 5 69.58 39.51 -54.23
CA ARG AA 5 69.03 39.17 -52.92
C ARG AA 5 68.90 37.65 -52.84
N THR AA 6 69.88 37.01 -52.22
CA THR AA 6 69.86 35.56 -52.08
C THR AA 6 69.12 35.10 -50.84
N SER AA 7 68.58 36.02 -50.05
CA SER AA 7 67.78 35.65 -48.89
C SER AA 7 66.40 36.29 -48.98
N PRO AA 8 65.34 35.58 -48.62
CA PRO AA 8 64.00 36.15 -48.68
C PRO AA 8 63.65 37.06 -47.51
N THR AA 9 64.64 37.44 -46.71
CA THR AA 9 64.43 38.30 -45.55
C THR AA 9 65.13 39.62 -45.76
N PHE AA 10 64.41 40.72 -45.52
CA PHE AA 10 65.00 42.05 -45.53
C PHE AA 10 65.45 42.35 -44.10
N ARG AA 11 66.75 42.50 -43.91
CA ARG AA 11 67.29 42.93 -42.64
C ARG AA 11 67.57 44.42 -42.68
N ARG AA 12 67.53 45.05 -41.51
CA ARG AA 12 67.84 46.47 -41.43
C ARG AA 12 69.29 46.69 -41.77
N PRO AA 13 69.60 47.55 -42.74
CA PRO AA 13 71.00 47.76 -43.12
C PRO AA 13 71.81 48.40 -42.01
N LYS AA 14 73.10 48.08 -42.00
CA LYS AA 14 74.01 48.58 -40.99
C LYS AA 14 74.45 50.00 -41.33
N THR AA 15 74.09 50.95 -40.47
CA THR AA 15 74.46 52.35 -40.65
C THR AA 15 75.41 52.76 -39.52
N LEU AA 16 76.38 53.59 -39.85
CA LEU AA 16 77.42 53.91 -38.87
C LEU AA 16 76.86 54.77 -37.76
N ARG AA 17 77.36 54.54 -36.55
CA ARG AA 17 76.93 55.25 -35.35
C ARG AA 17 78.10 56.06 -34.83
N LEU AA 18 77.96 57.38 -34.85
CA LEU AA 18 79.03 58.24 -34.38
C LEU AA 18 79.18 58.15 -32.87
N ARG AA 19 80.40 58.34 -32.40
CA ARG AA 19 80.67 58.43 -30.98
C ARG AA 19 80.36 59.85 -30.50
N ARG AA 20 79.95 59.94 -29.23
CA ARG AA 20 79.57 61.23 -28.67
C ARG AA 20 80.75 62.19 -28.65
N GLN AA 21 80.53 63.41 -29.13
CA GLN AA 21 81.51 64.49 -29.09
C GLN AA 21 80.85 65.72 -28.47
N PRO AA 22 80.61 65.69 -27.17
CA PRO AA 22 79.82 66.75 -26.54
C PRO AA 22 80.51 68.10 -26.58
N LYS AA 23 79.71 69.15 -26.69
CA LYS AA 23 80.23 70.51 -26.72
C LYS AA 23 80.51 71.06 -25.34
N TYR AA 24 80.11 70.37 -24.28
CA TYR AA 24 80.40 70.78 -22.91
C TYR AA 24 80.28 69.56 -22.03
N PRO AA 25 81.15 69.39 -21.05
CA PRO AA 25 80.95 68.31 -20.08
C PRO AA 25 79.75 68.60 -19.21
N ARG AA 26 78.96 67.55 -18.95
CA ARG AA 26 77.75 67.74 -18.14
C ARG AA 26 78.10 68.06 -16.69
N LYS AA 27 79.24 67.56 -16.22
CA LYS AA 27 79.79 67.94 -14.92
C LYS AA 27 81.09 68.69 -15.15
N SER AA 28 81.24 69.83 -14.47
CA SER AA 28 82.41 70.67 -14.70
C SER AA 28 83.69 69.97 -14.32
N ALA AA 29 83.70 69.26 -13.20
CA ALA AA 29 84.87 68.55 -12.74
C ALA AA 29 84.48 67.17 -12.26
N PRO AA 30 85.37 66.19 -12.38
CA PRO AA 30 85.09 64.85 -11.85
C PRO AA 30 85.02 64.88 -10.33
N ARG AA 31 84.03 64.20 -9.78
CA ARG AA 31 83.90 64.12 -8.33
C ARG AA 31 85.02 63.28 -7.74
N ARG AA 32 85.62 63.76 -6.67
CA ARG AA 32 86.77 63.08 -6.09
C ARG AA 32 86.34 61.77 -5.43
N ASN AA 33 87.30 60.87 -5.26
CA ASN AA 33 87.05 59.58 -4.65
C ASN AA 33 86.81 59.76 -3.15
N LYS AA 34 85.55 59.60 -2.73
CA LYS AA 34 85.25 59.69 -1.31
C LYS AA 34 85.80 58.51 -0.54
N LEU AA 35 85.97 57.37 -1.20
CA LEU AA 35 86.49 56.17 -0.57
C LEU AA 35 88.01 56.06 -0.78
N ASP AA 36 88.74 57.02 -0.23
CA ASP AA 36 90.19 56.95 -0.23
C ASP AA 36 90.63 55.95 0.84
N HIS AA 37 91.94 55.85 1.06
CA HIS AA 37 92.44 54.83 1.97
C HIS AA 37 92.16 55.16 3.43
N TYR AA 38 92.19 56.46 3.78
CA TYR AA 38 91.81 56.87 5.12
C TYR AA 38 90.34 56.59 5.40
N ALA AA 39 89.48 56.71 4.40
CA ALA AA 39 88.08 56.33 4.58
C ALA AA 39 87.90 54.82 4.59
N ILE AA 40 88.75 54.10 3.88
CA ILE AA 40 88.63 52.65 3.83
C ILE AA 40 88.98 52.04 5.18
N ILE AA 41 90.09 52.46 5.77
CA ILE AA 41 90.49 51.97 7.08
C ILE AA 41 89.98 52.94 8.13
N LYS AA 42 89.03 52.50 8.94
CA LYS AA 42 88.45 53.38 9.97
C LYS AA 42 89.27 53.34 11.26
N PHE AA 43 89.36 52.16 11.87
CA PHE AA 43 90.11 52.00 13.11
C PHE AA 43 90.36 50.52 13.31
N PRO AA 44 91.45 50.15 13.97
CA PRO AA 44 91.71 48.74 14.25
C PRO AA 44 90.95 48.24 15.47
N LEU AA 45 90.65 46.94 15.43
CA LEU AA 45 90.00 46.29 16.55
C LEU AA 45 91.05 45.88 17.58
N THR AA 46 90.76 46.11 18.86
CA THR AA 46 91.71 45.86 19.93
C THR AA 46 91.15 44.91 20.98
N THR AA 47 90.20 44.07 20.60
CA THR AA 47 89.61 43.13 21.54
C THR AA 47 90.58 41.99 21.83
N GLU AA 48 90.18 41.09 22.73
CA GLU AA 48 91.02 39.95 23.08
C GLU AA 48 91.24 39.05 21.87
N SER AA 49 90.19 38.82 21.08
CA SER AA 49 90.33 38.01 19.89
C SER AA 49 91.25 38.67 18.87
N ALA AA 50 91.15 40.00 18.73
CA ALA AA 50 92.03 40.72 17.83
C ALA AA 50 93.48 40.62 18.28
N MET AA 51 93.74 40.76 19.58
CA MET AA 51 95.10 40.65 20.07
C MET AA 51 95.64 39.24 19.89
N LYS AA 52 94.78 38.22 20.07
CA LYS AA 52 95.18 36.86 19.82
C LYS AA 52 95.54 36.64 18.36
N LYS AA 53 94.77 37.23 17.45
CA LYS AA 53 95.09 37.16 16.02
C LYS AA 53 96.41 37.85 15.74
N ILE AA 54 96.66 38.98 16.39
CA ILE AA 54 97.91 39.72 16.16
C ILE AA 54 99.11 38.89 16.60
N GLU AA 55 99.03 38.30 17.78
CA GLU AA 55 100.19 37.63 18.34
C GLU AA 55 100.30 36.15 17.95
N ASP AA 56 99.30 35.59 17.28
CA ASP AA 56 99.34 34.19 16.89
C ASP AA 56 99.30 33.97 15.39
N ASN AA 57 98.33 34.57 14.69
CA ASN AA 57 98.15 34.35 13.27
C ASN AA 57 98.87 35.37 12.41
N ASN AA 58 99.62 36.29 13.01
CA ASN AA 58 100.28 37.39 12.28
C ASN AA 58 99.25 38.21 11.50
N THR AA 59 98.10 38.45 12.12
CA THR AA 59 96.96 39.06 11.47
C THR AA 59 96.56 40.33 12.21
N LEU AA 60 96.41 41.42 11.46
CA LEU AA 60 95.87 42.66 12.00
C LEU AA 60 94.36 42.71 11.76
N VAL AA 61 93.60 43.10 12.76
CA VAL AA 61 92.15 43.19 12.65
C VAL AA 61 91.77 44.66 12.56
N PHE AA 62 91.04 45.01 11.50
CA PHE AA 62 90.63 46.38 11.27
C PHE AA 62 89.11 46.44 11.13
N ILE AA 63 88.55 47.61 11.44
CA ILE AA 63 87.18 47.93 11.10
C ILE AA 63 87.23 48.85 9.90
N VAL AA 64 86.61 48.43 8.80
CA VAL AA 64 86.76 49.08 7.52
C VAL AA 64 85.39 49.54 7.04
N ASP AA 65 85.41 50.36 5.98
CA ASP AA 65 84.16 50.81 5.37
C ASP AA 65 83.44 49.63 4.72
N VAL AA 66 82.11 49.63 4.83
CA VAL AA 66 81.32 48.51 4.35
C VAL AA 66 81.39 48.38 2.83
N LYS AA 67 81.66 49.47 2.12
CA LYS AA 67 81.72 49.43 0.66
C LYS AA 67 83.09 49.06 0.12
N ALA AA 68 84.07 48.84 0.98
CA ALA AA 68 85.41 48.46 0.54
C ALA AA 68 85.50 46.96 0.36
N ASN AA 69 86.15 46.54 -0.71
CA ASN AA 69 86.37 45.12 -0.96
C ASN AA 69 87.78 44.73 -0.55
N LYS AA 70 88.12 43.46 -0.80
CA LYS AA 70 89.39 42.92 -0.34
C LYS AA 70 90.58 43.60 -1.03
N HIS AA 71 90.46 43.86 -2.33
CA HIS AA 71 91.54 44.54 -3.04
C HIS AA 71 91.76 45.95 -2.50
N GLN AA 72 90.67 46.67 -2.24
CA GLN AA 72 90.81 48.02 -1.71
C GLN AA 72 91.38 48.02 -0.30
N ILE AA 73 90.97 47.07 0.53
CA ILE AA 73 91.52 46.97 1.88
C ILE AA 73 93.01 46.67 1.82
N LYS AA 74 93.40 45.74 0.94
CA LYS AA 74 94.80 45.39 0.79
C LYS AA 74 95.63 46.59 0.37
N GLN AA 75 95.16 47.33 -0.64
CA GLN AA 75 95.91 48.50 -1.08
C GLN AA 75 95.96 49.59 -0.02
N ALA AA 76 94.87 49.79 0.72
CA ALA AA 76 94.85 50.82 1.75
C ALA AA 76 95.85 50.50 2.85
N VAL AA 77 95.86 49.25 3.33
CA VAL AA 77 96.81 48.87 4.36
C VAL AA 77 98.22 48.98 3.84
N LYS AA 78 98.47 48.51 2.61
CA LYS AA 78 99.80 48.58 2.03
C LYS AA 78 100.29 50.02 1.93
N LYS AA 79 99.41 50.95 1.57
CA LYS AA 79 99.83 52.33 1.39
C LYS AA 79 100.08 52.99 2.74
N LEU AA 80 99.08 53.00 3.61
CA LEU AA 80 99.17 53.83 4.79
C LEU AA 80 99.80 53.13 5.99
N TYR AA 81 100.30 51.90 5.83
CA TYR AA 81 101.14 51.32 6.85
C TYR AA 81 102.47 50.81 6.32
N ASP AA 82 102.70 50.89 5.00
CA ASP AA 82 103.98 50.52 4.38
C ASP AA 82 104.38 49.08 4.70
N ILE AA 83 103.41 48.17 4.67
CA ILE AA 83 103.63 46.77 4.93
C ILE AA 83 103.03 45.95 3.80
N ASP AA 84 103.54 44.74 3.64
CA ASP AA 84 103.04 43.81 2.63
C ASP AA 84 102.14 42.78 3.29
N VAL AA 85 101.00 42.51 2.67
CA VAL AA 85 99.98 41.67 3.28
C VAL AA 85 99.86 40.37 2.49
N ALA AA 86 99.61 39.29 3.21
CA ALA AA 86 99.46 37.99 2.57
C ALA AA 86 98.05 37.78 2.04
N LYS AA 87 97.03 38.03 2.87
CA LYS AA 87 95.67 37.86 2.40
C LYS AA 87 94.74 38.67 3.28
N VAL AA 88 93.48 38.79 2.83
CA VAL AA 88 92.46 39.54 3.54
C VAL AA 88 91.21 38.67 3.63
N ASN AA 89 90.72 38.47 4.84
CA ASN AA 89 89.41 37.88 5.07
C ASN AA 89 88.47 38.95 5.58
N THR AA 90 87.22 38.87 5.17
CA THR AA 90 86.27 39.95 5.42
C THR AA 90 84.97 39.38 5.93
N LEU AA 91 84.41 39.98 6.98
CA LEU AA 91 83.06 39.69 7.40
C LEU AA 91 82.34 40.99 7.69
N ILE AA 92 81.02 40.90 7.80
CA ILE AA 92 80.20 42.03 8.20
C ILE AA 92 79.56 41.68 9.54
N ARG AA 93 79.83 42.51 10.54
CA ARG AA 93 79.44 42.25 11.90
C ARG AA 93 77.92 42.40 12.07
N PRO AA 94 77.36 41.82 13.12
CA PRO AA 94 75.92 41.99 13.37
C PRO AA 94 75.52 43.42 13.64
N ASP AA 95 76.45 44.29 14.01
CA ASP AA 95 76.17 45.70 14.21
C ASP AA 95 76.31 46.51 12.92
N GLY AA 96 76.59 45.87 11.80
CA GLY AA 96 76.60 46.53 10.52
C GLY AA 96 77.96 46.97 10.02
N GLU AA 97 78.98 46.98 10.87
CA GLU AA 97 80.31 47.34 10.43
C GLU AA 97 80.93 46.22 9.61
N LYS AA 98 82.03 46.51 8.95
CA LYS AA 98 82.79 45.49 8.25
C LYS AA 98 84.12 45.28 8.97
N LYS AA 99 84.48 44.02 9.20
CA LYS AA 99 85.70 43.66 9.91
C LYS AA 99 86.60 42.90 8.97
N ALA AA 100 87.87 43.30 8.91
CA ALA AA 100 88.85 42.70 8.02
C ALA AA 100 89.98 42.10 8.84
N TYR AA 101 90.23 40.82 8.64
CA TYR AA 101 91.41 40.14 9.15
C TYR AA 101 92.46 40.15 8.05
N VAL AA 102 93.49 40.96 8.21
CA VAL AA 102 94.52 41.12 7.20
C VAL AA 102 95.76 40.36 7.68
N ARG AA 103 96.08 39.27 7.01
CA ARG AA 103 97.27 38.50 7.34
C ARG AA 103 98.45 39.07 6.54
N LEU AA 104 99.50 39.44 7.26
CA LEU AA 104 100.68 40.06 6.70
C LEU AA 104 101.60 39.02 6.07
N ALA AA 105 102.54 39.51 5.28
CA ALA AA 105 103.55 38.65 4.69
C ALA AA 105 104.46 38.10 5.79
N PRO AA 106 105.08 36.94 5.59
CA PRO AA 106 105.91 36.35 6.64
C PRO AA 106 107.05 37.22 7.11
N ASP AA 107 107.62 38.04 6.22
CA ASP AA 107 108.73 38.90 6.60
C ASP AA 107 108.30 40.12 7.40
N TYR AA 108 107.00 40.34 7.55
CA TYR AA 108 106.46 41.41 8.37
C TYR AA 108 105.86 40.83 9.64
N ASP AA 109 106.09 41.50 10.76
CA ASP AA 109 105.63 41.04 12.06
C ASP AA 109 104.41 41.86 12.48
N ALA AA 110 103.28 41.19 12.66
CA ALA AA 110 102.07 41.89 13.07
C ALA AA 110 102.25 42.51 14.45
N LEU AA 111 103.07 41.90 15.30
CA LEU AA 111 103.25 42.42 16.66
C LEU AA 111 103.88 43.81 16.65
N ASP AA 112 105.03 43.96 15.99
CA ASP AA 112 105.65 45.28 16.02
C ASP AA 112 105.00 46.25 15.06
N VAL AA 113 104.31 45.75 14.01
CA VAL AA 113 103.48 46.65 13.23
C VAL AA 113 102.37 47.24 14.11
N ALA AA 114 101.75 46.41 14.95
CA ALA AA 114 100.75 46.90 15.89
C ALA AA 114 101.37 47.85 16.91
N ASN AA 115 102.61 47.58 17.32
CA ASN AA 115 103.29 48.51 18.22
C ASN AA 115 103.46 49.89 17.59
N LYS AA 116 103.91 49.94 16.33
CA LYS AA 116 104.15 51.25 15.74
C LYS AA 116 102.83 51.93 15.35
N ILE AA 117 101.78 51.15 15.07
CA ILE AA 117 100.46 51.77 14.91
C ILE AA 117 99.99 52.36 16.23
N GLY AA 118 100.18 51.64 17.33
CA GLY AA 118 99.82 52.14 18.64
C GLY AA 118 98.63 51.42 19.24
N ILE AA 119 98.49 50.13 18.93
CA ILE AA 119 97.36 49.37 19.42
C ILE AA 119 97.82 48.19 20.26
N ILE AA 120 99.01 48.32 20.83
CA ILE AA 120 99.53 47.28 21.72
C ILE AA 120 98.67 47.22 22.97
N MET BA 1 49.65 102.91 23.61
CA MET BA 1 49.93 101.49 23.60
C MET BA 1 50.48 101.02 22.26
N LYS BA 2 50.53 99.71 22.06
CA LYS BA 2 51.11 99.15 20.85
C LYS BA 2 50.18 99.34 19.66
N PHE BA 3 50.71 99.91 18.58
CA PHE BA 3 49.95 100.14 17.37
C PHE BA 3 50.47 99.38 16.16
N ASN BA 4 51.69 98.88 16.20
CA ASN BA 4 52.27 98.18 15.06
C ASN BA 4 51.52 96.86 14.85
N PRO BA 5 50.90 96.64 13.68
CA PRO BA 5 50.15 95.41 13.47
C PRO BA 5 51.02 94.19 13.19
N PHE BA 6 52.33 94.31 13.28
CA PHE BA 6 53.22 93.19 13.02
C PHE BA 6 53.97 92.73 14.26
N VAL BA 7 53.77 93.38 15.40
CA VAL BA 7 54.24 92.88 16.68
C VAL BA 7 53.03 92.41 17.47
N THR BA 8 53.15 91.26 18.10
CA THR BA 8 52.03 90.64 18.79
C THR BA 8 52.04 90.99 20.27
N SER BA 9 50.84 91.10 20.83
CA SER BA 9 50.68 91.20 22.27
C SER BA 9 50.15 89.91 22.87
N ASP BA 10 50.14 88.83 22.09
CA ASP BA 10 49.65 87.55 22.59
C ASP BA 10 50.59 87.01 23.66
N ARG BA 11 50.00 86.62 24.79
CA ARG BA 11 50.78 86.17 25.93
C ARG BA 11 51.53 84.89 25.61
N SER BA 12 50.85 83.93 24.98
CA SER BA 12 51.49 82.67 24.62
C SER BA 12 52.61 82.88 23.62
N LYS BA 13 52.40 83.75 22.62
CA LYS BA 13 53.43 84.01 21.63
C LYS BA 13 54.64 84.68 22.25
N ASN BA 14 54.42 85.67 23.12
CA ASN BA 14 55.54 86.33 23.78
C ASN BA 14 56.32 85.37 24.67
N ARG BA 15 55.61 84.51 25.41
CA ARG BA 15 56.29 83.54 26.25
C ARG BA 15 57.07 82.53 25.42
N LYS BA 16 56.50 82.07 24.30
CA LYS BA 16 57.21 81.14 23.44
C LYS BA 16 58.48 81.77 22.88
N ARG BA 17 58.38 83.03 22.43
CA ARG BA 17 59.57 83.72 21.93
C ARG BA 17 60.62 83.85 23.02
N HIS BA 18 60.19 84.22 24.23
CA HIS BA 18 61.14 84.43 25.32
C HIS BA 18 61.84 83.13 25.69
N PHE BA 19 61.11 82.02 25.78
CA PHE BA 19 61.69 80.78 26.24
C PHE BA 19 62.39 79.99 25.14
N ASN BA 20 62.16 80.33 23.88
CA ASN BA 20 62.87 79.68 22.79
C ASN BA 20 63.78 80.64 22.04
N ALA BA 21 64.10 81.77 22.65
CA ALA BA 21 65.03 82.70 22.04
C ALA BA 21 66.41 82.05 21.89
N PRO BA 22 67.08 82.25 20.75
CA PRO BA 22 68.48 81.83 20.63
C PRO BA 22 69.37 82.70 21.49
N SER BA 23 70.61 82.23 21.68
CA SER BA 23 71.49 82.85 22.67
C SER BA 23 71.87 84.28 22.30
N HIS BA 24 71.95 84.60 21.00
CA HIS BA 24 72.37 85.93 20.62
C HIS BA 24 71.35 87.01 20.94
N ILE BA 25 70.09 86.66 21.15
CA ILE BA 25 69.11 87.58 21.68
C ILE BA 25 68.77 87.29 23.14
N ARG BA 26 69.08 86.10 23.63
CA ARG BA 26 69.07 85.88 25.07
C ARG BA 26 70.06 86.80 25.76
N ARG BA 27 71.15 87.14 25.07
CA ARG BA 27 72.10 88.12 25.59
C ARG BA 27 71.43 89.47 25.79
N LYS BA 28 70.62 89.92 24.83
CA LYS BA 28 69.91 91.19 24.98
C LYS BA 28 68.85 91.09 26.07
N ILE BA 29 68.16 89.96 26.15
CA ILE BA 29 67.16 89.76 27.19
C ILE BA 29 67.79 89.84 28.57
N MET BA 30 68.98 89.26 28.72
CA MET BA 30 69.68 89.25 30.00
C MET BA 30 70.53 90.50 30.16
N SER BA 31 69.85 91.64 30.19
CA SER BA 31 70.49 92.94 30.39
C SER BA 31 70.30 93.39 31.83
N SER BA 32 71.20 94.26 32.27
CA SER BA 32 71.19 94.75 33.64
C SER BA 32 71.31 96.26 33.66
N PRO BA 33 70.72 96.91 34.65
CA PRO BA 33 70.91 98.36 34.79
C PRO BA 33 72.32 98.69 35.23
N LEU BA 34 72.78 99.85 34.83
CA LEU BA 34 74.04 100.38 35.33
C LEU BA 34 73.79 101.14 36.62
N SER BA 35 74.85 101.33 37.40
CA SER BA 35 74.76 102.12 38.61
C SER BA 35 74.48 103.58 38.25
N LYS BA 36 74.20 104.39 39.27
CA LYS BA 36 73.99 105.81 39.03
C LYS BA 36 75.25 106.48 38.52
N GLU BA 37 76.40 106.10 39.08
CA GLU BA 37 77.67 106.67 38.63
C GLU BA 37 77.97 106.28 37.19
N LEU BA 38 77.75 105.02 36.83
CA LEU BA 38 77.97 104.59 35.46
C LEU BA 38 76.97 105.21 34.50
N ARG BA 39 75.72 105.39 34.94
CA ARG BA 39 74.71 106.04 34.13
C ARG BA 39 75.05 107.51 33.90
N GLN BA 40 75.69 108.15 34.87
CA GLN BA 40 76.14 109.53 34.67
C GLN BA 40 77.37 109.57 33.77
N LYS BA 41 78.30 108.65 33.95
CA LYS BA 41 79.53 108.65 33.16
C LYS BA 41 79.24 108.35 31.69
N TYR BA 42 78.52 107.26 31.43
CA TYR BA 42 78.10 106.89 30.08
C TYR BA 42 76.61 107.18 29.99
N ASN BA 43 76.20 107.94 28.98
CA ASN BA 43 74.80 108.34 28.88
C ASN BA 43 73.94 107.17 28.40
N VAL BA 44 73.99 106.08 29.17
CA VAL BA 44 73.23 104.87 28.90
C VAL BA 44 72.58 104.41 30.19
N ARG BA 45 71.53 103.61 30.06
CA ARG BA 45 70.79 103.10 31.21
C ARG BA 45 71.08 101.63 31.47
N SER BA 46 70.86 100.77 30.49
CA SER BA 46 71.01 99.33 30.67
C SER BA 46 72.10 98.79 29.76
N MET BA 47 72.62 97.64 30.13
CA MET BA 47 73.72 97.00 29.43
C MET BA 47 73.52 95.50 29.51
N PRO BA 48 73.76 94.77 28.41
CA PRO BA 48 73.76 93.32 28.48
C PRO BA 48 74.85 92.82 29.41
N ILE BA 49 74.53 91.77 30.16
CA ILE BA 49 75.46 91.28 31.17
C ILE BA 49 76.62 90.56 30.50
N ARG BA 50 77.77 90.59 31.16
CA ARG BA 50 79.04 90.16 30.58
C ARG BA 50 79.78 89.32 31.62
N LYS BA 51 80.71 88.51 31.14
CA LYS BA 51 81.33 87.49 31.99
C LYS BA 51 82.11 88.09 33.15
N ASP BA 52 82.86 89.17 32.92
CA ASP BA 52 83.84 89.64 33.91
C ASP BA 52 83.55 91.04 34.41
N ASP BA 53 82.29 91.41 34.60
CA ASP BA 53 82.00 92.70 35.23
C ASP BA 53 81.55 92.49 36.66
N GLU BA 54 81.65 93.54 37.45
CA GLU BA 54 81.30 93.49 38.86
C GLU BA 54 79.91 94.08 39.07
N VAL BA 55 79.07 93.33 39.78
CA VAL BA 55 77.68 93.72 40.03
C VAL BA 55 77.41 93.60 41.52
N GLN BA 56 76.29 94.18 41.94
CA GLN BA 56 75.76 93.97 43.27
C GLN BA 56 74.28 93.62 43.19
N VAL BA 57 73.85 92.76 44.09
CA VAL BA 57 72.48 92.24 44.07
C VAL BA 57 71.57 93.18 44.84
N VAL BA 58 70.43 93.51 44.25
CA VAL BA 58 69.51 94.47 44.84
C VAL BA 58 68.18 93.86 45.26
N ARG BA 59 67.93 92.59 44.95
CA ARG BA 59 66.70 91.92 45.32
C ARG BA 59 67.02 90.51 45.79
N GLY BA 60 66.14 89.96 46.62
CA GLY BA 60 66.27 88.58 47.03
C GLY BA 60 67.05 88.40 48.30
N HIS BA 61 67.46 87.15 48.53
CA HIS BA 61 68.16 86.78 49.76
C HIS BA 61 69.55 87.39 49.85
N TYR BA 62 70.16 87.72 48.72
CA TYR BA 62 71.55 88.19 48.70
C TYR BA 62 71.63 89.69 48.47
N LYS BA 63 70.64 90.44 48.96
CA LYS BA 63 70.71 91.89 48.90
C LYS BA 63 71.89 92.40 49.71
N GLY BA 64 72.50 93.47 49.23
CA GLY BA 64 73.60 94.09 49.95
C GLY BA 64 74.42 94.97 49.04
N GLN BA 65 75.36 95.66 49.65
CA GLN BA 65 76.26 96.55 48.94
C GLN BA 65 77.57 95.88 48.55
N GLN BA 66 77.76 94.60 48.88
CA GLN BA 66 78.98 93.92 48.50
C GLN BA 66 79.03 93.76 46.98
N ILE BA 67 80.21 93.97 46.42
CA ILE BA 67 80.42 93.96 44.98
C ILE BA 67 81.08 92.64 44.62
N GLY BA 68 80.44 91.88 43.74
CA GLY BA 68 80.95 90.58 43.32
C GLY BA 68 81.12 90.52 41.81
N LYS BA 69 82.20 89.90 41.38
CA LYS BA 69 82.45 89.74 39.96
C LYS BA 69 81.62 88.58 39.41
N VAL BA 70 81.00 88.80 38.25
CA VAL BA 70 80.31 87.73 37.56
C VAL BA 70 81.33 86.67 37.17
N VAL BA 71 80.94 85.40 37.30
CA VAL BA 71 81.82 84.29 36.94
C VAL BA 71 81.22 83.39 35.88
N GLN BA 72 79.94 83.54 35.56
CA GLN BA 72 79.29 82.73 34.55
C GLN BA 72 77.97 83.35 34.14
N VAL BA 73 77.74 83.50 32.84
CA VAL BA 73 76.45 83.95 32.34
C VAL BA 73 75.75 82.74 31.73
N TYR BA 74 74.89 82.09 32.50
CA TYR BA 74 74.31 80.82 32.09
C TYR BA 74 73.03 81.18 31.35
N ARG BA 75 73.12 81.32 30.03
CA ARG BA 75 72.01 81.82 29.25
C ARG BA 75 70.91 80.79 29.05
N LYS BA 76 71.22 79.51 29.17
CA LYS BA 76 70.19 78.48 29.02
C LYS BA 76 69.17 78.56 30.15
N LYS BA 77 69.61 78.88 31.36
CA LYS BA 77 68.72 79.03 32.50
C LYS BA 77 68.44 80.49 32.83
N TYR BA 78 68.87 81.42 31.97
CA TYR BA 78 68.60 82.85 32.14
C TYR BA 78 69.12 83.37 33.47
N VAL BA 79 70.29 82.88 33.91
CA VAL BA 79 70.82 83.29 35.20
C VAL BA 79 72.29 83.68 35.05
N ILE BA 80 72.82 84.29 36.10
CA ILE BA 80 74.24 84.57 36.20
C ILE BA 80 74.72 84.12 37.57
N TYR BA 81 76.01 83.85 37.65
CA TYR BA 81 76.67 83.47 38.89
C TYR BA 81 77.62 84.57 39.31
N ILE BA 82 77.67 84.84 40.62
CA ILE BA 82 78.50 85.89 41.18
C ILE BA 82 79.41 85.25 42.22
N GLU BA 83 80.49 85.96 42.57
CA GLU BA 83 81.59 85.37 43.33
C GLU BA 83 81.13 84.82 44.68
N ARG BA 84 80.65 85.69 45.56
CA ARG BA 84 80.27 85.25 46.89
C ARG BA 84 78.81 84.90 47.03
N VAL BA 85 78.04 84.94 45.94
CA VAL BA 85 76.63 84.57 45.97
C VAL BA 85 76.58 83.06 45.75
N GLN BA 86 76.67 82.33 46.86
CA GLN BA 86 76.70 80.87 46.80
C GLN BA 86 76.19 80.31 48.11
N ARG BA 87 75.86 79.03 48.09
CA ARG BA 87 75.35 78.37 49.29
C ARG BA 87 76.00 77.00 49.43
N GLU BA 88 76.08 76.54 50.67
CA GLU BA 88 76.54 75.19 50.95
C GLU BA 88 75.44 74.19 50.65
N LYS BA 89 75.80 73.07 50.06
CA LYS BA 89 74.86 71.99 49.89
C LYS BA 89 75.10 70.94 50.99
N ALA BA 90 74.43 69.81 50.88
CA ALA BA 90 74.44 68.83 51.96
C ALA BA 90 75.85 68.30 52.23
N ASN BA 91 76.54 67.88 51.17
CA ASN BA 91 77.85 67.26 51.33
C ASN BA 91 78.97 68.27 51.57
N GLY BA 92 78.65 69.52 51.88
CA GLY BA 92 79.63 70.49 52.29
C GLY BA 92 80.26 71.30 51.18
N THR BA 93 79.96 71.01 49.92
CA THR BA 93 80.51 71.79 48.83
C THR BA 93 79.64 73.00 48.54
N THR BA 94 80.26 74.07 48.04
CA THR BA 94 79.55 75.30 47.73
C THR BA 94 79.12 75.30 46.28
N VAL BA 95 77.88 75.68 46.04
CA VAL BA 95 77.32 75.82 44.70
C VAL BA 95 76.87 77.26 44.52
N HIS BA 96 77.11 77.80 43.33
CA HIS BA 96 76.64 79.14 43.01
C HIS BA 96 75.13 79.17 42.91
N VAL BA 97 74.53 80.24 43.40
CA VAL BA 97 73.09 80.46 43.30
C VAL BA 97 72.86 81.39 42.11
N GLY BA 98 72.14 80.89 41.11
CA GLY BA 98 71.86 81.70 39.94
C GLY BA 98 70.76 82.68 40.21
N ILE BA 99 71.00 83.95 39.86
CA ILE BA 99 70.00 84.99 40.01
C ILE BA 99 69.85 85.73 38.69
N HIS BA 100 68.68 86.31 38.49
CA HIS BA 100 68.37 86.96 37.23
C HIS BA 100 69.17 88.24 37.08
N PRO BA 101 69.70 88.52 35.88
CA PRO BA 101 70.47 89.75 35.69
C PRO BA 101 69.67 91.02 35.83
N SER BA 102 68.35 90.98 35.73
CA SER BA 102 67.57 92.19 35.96
C SER BA 102 67.50 92.55 37.43
N LYS BA 103 67.92 91.66 38.32
CA LYS BA 103 67.89 91.89 39.76
C LYS BA 103 69.26 92.30 40.30
N VAL BA 104 70.21 92.62 39.43
CA VAL BA 104 71.51 93.14 39.84
C VAL BA 104 71.68 94.51 39.21
N VAL BA 105 72.71 95.22 39.64
CA VAL BA 105 73.10 96.49 39.04
C VAL BA 105 74.60 96.45 38.80
N ILE BA 106 75.01 96.84 37.61
CA ILE BA 106 76.42 96.79 37.23
C ILE BA 106 77.13 98.02 37.79
N THR BA 107 78.20 97.80 38.54
CA THR BA 107 78.96 98.88 39.13
C THR BA 107 80.28 99.14 38.41
N ARG BA 108 80.83 98.15 37.72
CA ARG BA 108 82.01 98.35 36.90
C ARG BA 108 81.92 97.43 35.69
N LEU BA 109 82.08 97.99 34.50
CA LEU BA 109 81.94 97.24 33.27
C LEU BA 109 83.26 96.59 32.89
N LYS BA 110 83.17 95.40 32.29
CA LYS BA 110 84.31 94.77 31.63
C LYS BA 110 84.40 95.37 30.24
N LEU BA 111 85.36 96.25 30.03
CA LEU BA 111 85.40 97.10 28.84
C LEU BA 111 86.43 96.60 27.85
N ASP BA 112 85.99 96.41 26.61
CA ASP BA 112 86.88 96.22 25.47
C ASP BA 112 86.33 97.05 24.32
N LYS BA 113 86.88 96.85 23.12
CA LYS BA 113 86.50 97.70 22.00
C LYS BA 113 85.02 97.53 21.65
N ASP BA 114 84.50 96.31 21.73
CA ASP BA 114 83.11 96.07 21.38
C ASP BA 114 82.17 96.70 22.41
N ARG BA 115 82.47 96.54 23.70
CA ARG BA 115 81.63 97.16 24.73
C ARG BA 115 81.67 98.67 24.60
N LYS BA 116 82.85 99.24 24.36
CA LYS BA 116 82.95 100.68 24.17
C LYS BA 116 82.11 101.14 22.99
N LYS BA 117 82.19 100.41 21.86
CA LYS BA 117 81.44 100.77 20.68
C LYS BA 117 79.94 100.74 20.94
N ILE BA 118 79.46 99.70 21.63
CA ILE BA 118 78.05 99.64 21.99
C ILE BA 118 77.68 100.79 22.91
N LEU BA 119 78.58 101.17 23.82
CA LEU BA 119 78.30 102.28 24.73
C LEU BA 119 78.13 103.58 23.98
N GLU BA 120 79.06 103.91 23.06
CA GLU BA 120 78.86 105.14 22.31
C GLU BA 120 77.65 105.07 21.39
N ARG BA 121 77.32 103.88 20.86
CA ARG BA 121 76.14 103.79 20.01
C ARG BA 121 74.87 104.09 20.80
N LYS BA 122 74.73 103.49 21.98
CA LYS BA 122 73.57 103.74 22.82
C LYS BA 122 73.51 105.19 23.27
N ALA BA 123 74.66 105.77 23.65
CA ALA BA 123 74.67 107.16 24.08
C ALA BA 123 74.29 108.08 22.94
N LYS BA 124 74.78 107.81 21.72
CA LYS BA 124 74.45 108.63 20.57
C LYS BA 124 72.96 108.57 20.25
N SER BA 125 72.38 107.38 20.30
CA SER BA 125 70.95 107.26 20.06
C SER BA 125 70.15 108.01 21.12
N ARG BA 126 70.56 107.90 22.38
CA ARG BA 126 69.85 108.61 23.43
C ARG BA 126 69.96 110.13 23.25
N GLN BA 127 71.13 110.61 22.85
CA GLN BA 127 71.31 112.04 22.62
C GLN BA 127 70.47 112.52 21.45
N VAL BA 128 70.39 111.72 20.39
CA VAL BA 128 69.54 112.07 19.25
C VAL BA 128 68.09 112.14 19.68
N GLY BA 129 67.65 111.19 20.51
CA GLY BA 129 66.28 111.22 21.02
C GLY BA 129 66.02 112.44 21.88
N LYS BA 130 66.98 112.81 22.74
CA LYS BA 130 66.81 114.00 23.55
C LYS BA 130 66.72 115.26 22.69
N GLU BA 131 67.55 115.36 21.66
CA GLU BA 131 67.52 116.52 20.80
C GLU BA 131 66.25 116.56 19.95
N LYS BA 132 65.70 115.39 19.61
CA LYS BA 132 64.44 115.36 18.87
C LYS BA 132 63.28 115.76 19.76
N GLY BA 133 63.26 115.29 21.00
CA GLY BA 133 62.19 115.58 21.93
C GLY BA 133 62.37 116.84 22.75
N LYS BA 134 63.42 117.61 22.52
CA LYS BA 134 63.64 118.86 23.25
C LYS BA 134 62.56 119.89 22.91
N GLY CA 1 84.38 -18.53 -58.39
CA GLY CA 1 85.80 -18.67 -58.19
C GLY CA 1 86.35 -17.69 -57.18
N LYS CA 2 87.60 -17.88 -56.79
CA LYS CA 2 88.25 -16.96 -55.86
C LYS CA 2 88.48 -15.62 -56.54
N PHE CA 3 88.21 -14.54 -55.80
CA PHE CA 3 88.38 -13.19 -56.33
C PHE CA 3 89.37 -12.34 -55.57
N MET CA 4 89.70 -12.68 -54.32
CA MET CA 4 90.69 -11.93 -53.57
C MET CA 4 92.07 -12.22 -54.13
N LYS CA 5 92.52 -11.38 -55.05
CA LYS CA 5 93.77 -11.55 -55.78
C LYS CA 5 94.62 -10.30 -55.62
N PRO CA 6 95.93 -10.41 -55.83
CA PRO CA 6 96.76 -9.20 -55.84
C PRO CA 6 96.30 -8.22 -56.89
N GLY CA 7 96.35 -6.93 -56.55
CA GLY CA 7 95.90 -5.89 -57.43
C GLY CA 7 94.44 -5.52 -57.28
N LYS CA 8 93.66 -6.27 -56.51
CA LYS CA 8 92.25 -6.00 -56.33
C LYS CA 8 92.05 -4.90 -55.30
N VAL CA 9 91.15 -3.96 -55.59
CA VAL CA 9 90.86 -2.86 -54.68
C VAL CA 9 89.84 -3.32 -53.66
N VAL CA 10 90.15 -3.09 -52.39
CA VAL CA 10 89.28 -3.43 -51.28
C VAL CA 10 89.02 -2.17 -50.47
N LEU CA 11 88.00 -2.25 -49.61
CA LEU CA 11 87.67 -1.20 -48.67
C LEU CA 11 87.87 -1.73 -47.26
N VAL CA 12 88.60 -0.99 -46.44
CA VAL CA 12 88.86 -1.43 -45.08
C VAL CA 12 87.64 -1.15 -44.22
N LEU CA 13 87.14 -2.18 -43.54
CA LEU CA 13 85.92 -2.06 -42.76
C LEU CA 13 86.16 -1.79 -41.29
N ALA CA 14 87.29 -2.20 -40.74
CA ALA CA 14 87.53 -2.09 -39.31
C ALA CA 14 88.92 -1.53 -39.06
N GLY CA 15 89.13 -1.01 -37.86
CA GLY CA 15 90.43 -0.55 -37.44
C GLY CA 15 90.58 0.95 -37.59
N ARG CA 16 91.83 1.40 -37.45
CA ARG CA 16 92.14 2.82 -37.58
C ARG CA 16 91.86 3.32 -38.98
N TYR CA 17 92.08 2.48 -40.00
CA TYR CA 17 91.90 2.87 -41.39
C TYR CA 17 90.54 2.46 -41.94
N SER CA 18 89.51 2.48 -41.10
CA SER CA 18 88.16 2.15 -41.54
C SER CA 18 87.72 3.09 -42.65
N GLY CA 19 87.14 2.51 -43.70
CA GLY CA 19 86.64 3.29 -44.81
C GLY CA 19 87.69 3.70 -45.83
N ARG CA 20 88.94 3.30 -45.65
CA ARG CA 20 89.98 3.63 -46.61
C ARG CA 20 89.97 2.64 -47.76
N LYS CA 21 90.20 3.16 -48.97
CA LYS CA 21 90.44 2.31 -50.11
C LYS CA 21 91.87 1.79 -50.07
N ALA CA 22 92.06 0.58 -50.57
CA ALA CA 22 93.36 -0.07 -50.48
C ALA CA 22 93.46 -1.11 -51.59
N VAL CA 23 94.67 -1.59 -51.82
CA VAL CA 23 94.91 -2.59 -52.86
C VAL CA 23 95.56 -3.81 -52.22
N ILE CA 24 95.07 -4.99 -52.58
CA ILE CA 24 95.62 -6.22 -52.06
C ILE CA 24 96.99 -6.47 -52.68
N VAL CA 25 97.99 -6.69 -51.83
CA VAL CA 25 99.34 -6.98 -52.29
C VAL CA 25 99.59 -8.47 -52.33
N LYS CA 26 99.21 -9.19 -51.27
CA LYS CA 26 99.44 -10.64 -51.24
C LYS CA 26 98.37 -11.31 -50.42
N ASN CA 27 97.46 -12.02 -51.09
CA ASN CA 27 96.44 -12.79 -50.40
C ASN CA 27 97.02 -14.10 -49.89
N ILE CA 28 96.61 -14.51 -48.70
CA ILE CA 28 97.08 -15.75 -48.10
C ILE CA 28 95.96 -16.78 -48.05
N ASP CA 29 94.77 -16.37 -47.63
CA ASP CA 29 93.47 -17.07 -47.72
C ASP CA 29 93.54 -18.53 -47.26
N ASP CA 30 94.57 -18.90 -46.52
CA ASP CA 30 94.68 -20.24 -45.95
C ASP CA 30 95.19 -20.26 -44.52
N GLY CA 31 95.77 -19.18 -44.01
CA GLY CA 31 96.39 -19.22 -42.70
C GLY CA 31 97.83 -19.69 -42.76
N THR CA 32 98.62 -19.22 -41.79
CA THR CA 32 100.03 -19.56 -41.72
C THR CA 32 100.43 -19.98 -40.30
N SER CA 33 99.47 -20.47 -39.52
CA SER CA 33 99.62 -20.96 -38.14
C SER CA 33 99.98 -19.83 -37.16
N ASP CA 34 100.20 -18.62 -37.65
CA ASP CA 34 100.26 -17.43 -36.80
C ASP CA 34 99.05 -16.54 -37.00
N ARG CA 35 98.45 -16.58 -38.17
CA ARG CA 35 97.14 -15.98 -38.45
C ARG CA 35 96.31 -17.07 -39.08
N PRO CA 36 95.70 -17.95 -38.28
CA PRO CA 36 94.97 -19.09 -38.86
C PRO CA 36 93.78 -18.68 -39.72
N TYR CA 37 93.27 -17.47 -39.57
CA TYR CA 37 92.22 -16.98 -40.44
C TYR CA 37 92.78 -16.62 -41.82
N SER CA 38 91.88 -16.38 -42.76
CA SER CA 38 92.28 -15.95 -44.09
C SER CA 38 92.59 -14.46 -44.07
N HIS CA 39 93.79 -14.08 -44.52
CA HIS CA 39 94.22 -12.70 -44.45
C HIS CA 39 94.92 -12.28 -45.74
N ALA CA 40 95.34 -11.02 -45.77
CA ALA CA 40 95.96 -10.47 -46.96
C ALA CA 40 96.82 -9.28 -46.59
N LEU CA 41 98.06 -9.29 -47.09
CA LEU CA 41 98.89 -8.09 -47.06
C LEU CA 41 98.32 -7.07 -48.04
N VAL CA 42 98.04 -5.87 -47.52
CA VAL CA 42 97.27 -4.85 -48.21
C VAL CA 42 97.99 -3.52 -48.08
N ALA CA 43 98.09 -2.79 -49.20
CA ALA CA 43 98.63 -1.43 -49.20
C ALA CA 43 97.50 -0.46 -49.49
N GLY CA 44 97.35 0.54 -48.64
CA GLY CA 44 96.30 1.51 -48.81
C GLY CA 44 96.79 2.92 -48.64
N ILE CA 45 95.89 3.89 -48.59
CA ILE CA 45 96.25 5.29 -48.43
C ILE CA 45 95.55 5.86 -47.21
N ASP CA 46 96.32 6.52 -46.34
CA ASP CA 46 95.78 7.10 -45.12
C ASP CA 46 95.16 8.45 -45.41
N ARG CA 47 95.88 9.31 -46.11
CA ARG CA 47 95.42 10.65 -46.44
C ARG CA 47 95.24 10.72 -47.95
N TYR CA 48 94.00 10.95 -48.38
CA TYR CA 48 93.71 11.05 -49.80
C TYR CA 48 94.26 12.36 -50.35
N PRO CA 49 94.67 12.37 -51.62
CA PRO CA 49 95.09 13.64 -52.24
C PRO CA 49 93.92 14.62 -52.29
N ARG CA 50 94.23 15.89 -52.05
CA ARG CA 50 93.19 16.91 -52.04
C ARG CA 50 92.74 17.23 -53.46
N LYS CA 51 91.54 17.78 -53.55
CA LYS CA 51 91.00 18.19 -54.84
C LYS CA 51 91.80 19.37 -55.38
N VAL CA 52 92.18 19.28 -56.66
CA VAL CA 52 92.91 20.35 -57.33
C VAL CA 52 92.05 20.88 -58.47
N THR CA 53 92.07 22.20 -58.64
CA THR CA 53 91.31 22.88 -59.69
C THR CA 53 92.27 23.64 -60.59
N ALA CA 54 91.72 24.18 -61.68
CA ALA CA 54 92.53 24.87 -62.68
C ALA CA 54 93.16 26.14 -62.11
N ALA CA 55 92.43 26.86 -61.28
CA ALA CA 55 92.91 28.15 -60.76
C ALA CA 55 93.60 27.95 -59.41
N MET CA 56 94.65 27.14 -59.41
CA MET CA 56 95.39 26.86 -58.18
C MET CA 56 96.87 27.17 -58.28
N GLY CA 57 97.52 26.83 -59.38
CA GLY CA 57 98.95 27.05 -59.46
C GLY CA 57 99.74 25.76 -59.25
N LYS CA 58 100.91 25.71 -59.89
CA LYS CA 58 101.68 24.46 -59.91
C LYS CA 58 102.15 24.05 -58.52
N LYS CA 59 102.64 25.02 -57.73
CA LYS CA 59 103.16 24.68 -56.41
C LYS CA 59 102.05 24.20 -55.48
N LYS CA 60 100.91 24.89 -55.50
CA LYS CA 60 99.79 24.47 -54.66
C LYS CA 60 99.26 23.11 -55.11
N ILE CA 61 99.23 22.86 -56.42
CA ILE CA 61 98.76 21.57 -56.93
C ILE CA 61 99.70 20.46 -56.49
N ALA CA 62 101.01 20.69 -56.58
CA ALA CA 62 101.97 19.69 -56.13
C ALA CA 62 101.88 19.45 -54.64
N LYS CA 63 101.63 20.51 -53.86
CA LYS CA 63 101.45 20.35 -52.42
C LYS CA 63 100.21 19.52 -52.11
N ARG CA 64 99.12 19.75 -52.85
CA ARG CA 64 97.88 19.04 -52.58
C ARG CA 64 97.87 17.62 -53.14
N SER CA 65 98.77 17.31 -54.07
CA SER CA 65 98.79 15.98 -54.67
C SER CA 65 99.52 14.95 -53.81
N LYS CA 66 100.03 15.33 -52.64
CA LYS CA 66 100.76 14.41 -51.79
C LYS CA 66 99.83 13.37 -51.18
N ILE CA 67 100.34 12.15 -51.03
CA ILE CA 67 99.56 11.02 -50.55
C ILE CA 67 100.29 10.38 -49.37
N LYS CA 68 99.55 10.13 -48.29
CA LYS CA 68 100.05 9.36 -47.17
C LYS CA 68 99.46 7.95 -47.26
N SER CA 69 100.33 6.95 -47.25
CA SER CA 69 99.93 5.57 -47.45
C SER CA 69 100.07 4.78 -46.16
N PHE CA 70 99.68 3.52 -46.22
CA PHE CA 70 99.88 2.59 -45.12
C PHE CA 70 99.99 1.18 -45.70
N VAL CA 71 100.60 0.28 -44.92
CA VAL CA 71 100.62 -1.13 -45.23
C VAL CA 71 100.13 -1.88 -44.01
N LYS CA 72 99.28 -2.89 -44.23
CA LYS CA 72 98.69 -3.64 -43.14
C LYS CA 72 98.50 -5.09 -43.58
N VAL CA 73 98.19 -5.93 -42.60
CA VAL CA 73 97.72 -7.29 -42.85
C VAL CA 73 96.33 -7.37 -42.25
N TYR CA 74 95.35 -7.69 -43.08
CA TYR CA 74 93.96 -7.61 -42.69
C TYR CA 74 93.28 -8.96 -42.79
N ASN CA 75 92.49 -9.30 -41.79
CA ASN CA 75 91.59 -10.44 -41.91
C ASN CA 75 90.57 -10.16 -43.00
N TYR CA 76 90.17 -11.22 -43.71
CA TYR CA 76 89.22 -11.08 -44.80
C TYR CA 76 87.89 -10.52 -44.33
N ASN CA 77 87.49 -10.85 -43.11
CA ASN CA 77 86.22 -10.37 -42.57
C ASN CA 77 86.24 -8.87 -42.31
N HIS CA 78 87.40 -8.24 -42.32
CA HIS CA 78 87.51 -6.79 -42.14
C HIS CA 78 87.74 -6.07 -43.46
N LEU CA 79 87.63 -6.77 -44.58
CA LEU CA 79 87.85 -6.18 -45.90
C LEU CA 79 86.59 -6.33 -46.73
N MET CA 80 86.26 -5.29 -47.47
CA MET CA 80 85.15 -5.31 -48.42
C MET CA 80 85.71 -5.33 -49.83
N PRO CA 81 85.65 -6.44 -50.55
CA PRO CA 81 86.19 -6.46 -51.91
C PRO CA 81 85.34 -5.63 -52.84
N THR CA 82 86.00 -5.07 -53.86
CA THR CA 82 85.33 -4.33 -54.91
C THR CA 82 85.59 -5.01 -56.24
N ARG CA 83 84.89 -4.54 -57.27
CA ARG CA 83 85.12 -5.03 -58.61
C ARG CA 83 86.29 -4.35 -59.31
N TYR CA 84 86.82 -3.28 -58.71
CA TYR CA 84 87.90 -2.53 -59.33
C TYR CA 84 89.25 -3.16 -59.01
N SER CA 85 90.24 -2.81 -59.82
CA SER CA 85 91.58 -3.33 -59.65
C SER CA 85 92.57 -2.31 -60.20
N VAL CA 86 93.70 -2.16 -59.52
CA VAL CA 86 94.77 -1.27 -59.96
C VAL CA 86 96.02 -2.11 -60.19
N ASP CA 87 96.66 -1.92 -61.34
CA ASP CA 87 97.87 -2.66 -61.69
C ASP CA 87 99.13 -1.90 -61.30
N ILE CA 88 99.20 -1.46 -60.05
CA ILE CA 88 100.34 -0.70 -59.56
C ILE CA 88 101.47 -1.66 -59.20
N PRO CA 89 102.64 -1.50 -59.79
CA PRO CA 89 103.74 -2.47 -59.57
C PRO CA 89 104.50 -2.22 -58.28
N LEU CA 90 103.87 -2.54 -57.16
CA LEU CA 90 104.55 -2.48 -55.87
C LEU CA 90 105.60 -3.57 -55.80
N ASP CA 91 106.77 -3.21 -55.27
CA ASP CA 91 107.86 -4.17 -55.17
C ASP CA 91 107.56 -5.15 -54.05
N LYS CA 92 107.57 -6.45 -54.38
CA LYS CA 92 107.24 -7.46 -53.38
C LYS CA 92 108.34 -7.59 -52.34
N THR CA 93 109.59 -7.44 -52.76
CA THR CA 93 110.71 -7.54 -51.81
C THR CA 93 110.70 -6.41 -50.80
N VAL CA 94 110.11 -5.27 -51.13
CA VAL CA 94 110.00 -4.16 -50.19
C VAL CA 94 108.73 -4.25 -49.37
N VAL CA 95 107.60 -4.50 -50.01
CA VAL CA 95 106.32 -4.65 -49.34
C VAL CA 95 106.07 -6.15 -49.22
N ASN CA 96 106.54 -6.75 -48.13
CA ASN CA 96 106.34 -8.17 -47.89
C ASN CA 96 105.75 -8.38 -46.50
N LYS CA 97 105.61 -9.64 -46.07
CA LYS CA 97 104.88 -9.90 -44.83
C LYS CA 97 105.74 -9.70 -43.59
N ASP CA 98 107.03 -10.01 -43.65
CA ASP CA 98 107.89 -9.86 -42.48
C ASP CA 98 108.36 -8.43 -42.27
N VAL CA 99 107.69 -7.46 -42.88
CA VAL CA 99 108.08 -6.07 -42.74
C VAL CA 99 107.60 -5.49 -41.42
N PHE CA 100 106.69 -6.18 -40.74
CA PHE CA 100 106.07 -5.67 -39.52
C PHE CA 100 106.90 -5.92 -38.27
N ARG CA 101 108.05 -6.57 -38.40
CA ARG CA 101 108.91 -6.82 -37.25
C ARG CA 101 110.00 -5.76 -37.09
N ASP CA 102 110.19 -4.88 -38.07
CA ASP CA 102 111.21 -3.84 -37.99
C ASP CA 102 110.60 -2.54 -38.49
N PRO CA 103 110.52 -1.50 -37.66
CA PRO CA 103 109.90 -0.25 -38.11
C PRO CA 103 110.61 0.42 -39.27
N ALA CA 104 111.92 0.26 -39.40
CA ALA CA 104 112.64 0.88 -40.51
C ALA CA 104 112.18 0.30 -41.85
N LEU CA 105 112.06 -1.03 -41.93
CA LEU CA 105 111.55 -1.64 -43.14
C LEU CA 105 110.10 -1.28 -43.38
N LYS CA 106 109.31 -1.12 -42.33
CA LYS CA 106 107.92 -0.68 -42.52
C LYS CA 106 107.88 0.72 -43.11
N ARG CA 107 108.76 1.59 -42.65
CA ARG CA 107 108.86 2.93 -43.24
C ARG CA 107 109.26 2.83 -44.71
N LYS CA 108 110.20 1.95 -45.03
CA LYS CA 108 110.63 1.80 -46.42
C LYS CA 108 109.50 1.31 -47.31
N ALA CA 109 108.74 0.32 -46.83
CA ALA CA 109 107.61 -0.20 -47.60
C ALA CA 109 106.53 0.84 -47.77
N ARG CA 110 106.26 1.61 -46.72
CA ARG CA 110 105.24 2.64 -46.81
C ARG CA 110 105.67 3.74 -47.77
N ARG CA 111 106.97 4.07 -47.78
CA ARG CA 111 107.48 5.04 -48.75
C ARG CA 111 107.35 4.53 -50.18
N GLU CA 112 107.63 3.24 -50.38
CA GLU CA 112 107.47 2.64 -51.70
C GLU CA 112 106.02 2.73 -52.17
N ALA CA 113 105.09 2.37 -51.28
CA ALA CA 113 103.68 2.47 -51.62
C ALA CA 113 103.28 3.91 -51.91
N LYS CA 114 103.81 4.86 -51.14
CA LYS CA 114 103.48 6.26 -51.33
C LYS CA 114 103.93 6.75 -52.69
N VAL CA 115 105.16 6.45 -53.09
CA VAL CA 115 105.66 6.99 -54.35
C VAL CA 115 104.94 6.31 -55.53
N LYS CA 116 104.67 5.01 -55.44
CA LYS CA 116 103.93 4.36 -56.52
C LYS CA 116 102.51 4.92 -56.63
N PHE CA 117 101.86 5.13 -55.48
CA PHE CA 117 100.51 5.69 -55.49
C PHE CA 117 100.50 7.09 -56.06
N GLU CA 118 101.51 7.91 -55.74
CA GLU CA 118 101.56 9.26 -56.28
C GLU CA 118 101.78 9.26 -57.79
N GLU CA 119 102.69 8.41 -58.28
CA GLU CA 119 102.91 8.44 -59.73
C GLU CA 119 101.71 7.87 -60.47
N ARG CA 120 100.94 6.98 -59.86
CA ARG CA 120 99.70 6.54 -60.49
C ARG CA 120 98.61 7.59 -60.39
N TYR CA 121 98.56 8.35 -59.29
CA TYR CA 121 97.58 9.41 -59.15
C TYR CA 121 97.81 10.49 -60.19
N LYS CA 122 99.07 10.79 -60.49
CA LYS CA 122 99.38 11.62 -61.64
C LYS CA 122 98.91 10.91 -62.91
N THR CA 123 98.65 11.69 -63.95
CA THR CA 123 98.08 11.28 -65.23
C THR CA 123 96.61 10.87 -65.12
N GLY CA 124 95.99 11.05 -63.97
CA GLY CA 124 94.54 10.94 -63.85
C GLY CA 124 93.96 9.58 -64.14
N LYS CA 125 94.60 8.51 -63.65
CA LYS CA 125 94.07 7.17 -63.77
C LYS CA 125 93.70 6.64 -62.39
N ASN CA 126 92.81 5.64 -62.39
CA ASN CA 126 92.30 5.05 -61.15
C ASN CA 126 91.69 6.12 -60.25
N LYS CA 127 90.91 7.01 -60.86
CA LYS CA 127 90.37 8.16 -60.16
C LYS CA 127 89.42 7.72 -59.05
N TRP CA 128 88.68 6.65 -59.28
CA TRP CA 128 87.83 6.11 -58.22
C TRP CA 128 88.66 5.65 -57.05
N PHE CA 129 89.79 4.99 -57.32
CA PHE CA 129 90.65 4.54 -56.23
C PHE CA 129 91.20 5.71 -55.44
N PHE CA 130 91.57 6.79 -56.11
CA PHE CA 130 92.17 7.91 -55.41
C PHE CA 130 91.14 8.90 -54.85
N GLN CA 131 89.86 8.71 -55.13
CA GLN CA 131 88.84 9.50 -54.46
C GLN CA 131 88.48 8.89 -53.11
N LYS CA 132 88.09 9.74 -52.17
CA LYS CA 132 87.71 9.31 -50.84
C LYS CA 132 86.26 8.85 -50.83
N LEU CA 133 86.01 7.71 -50.17
CA LEU CA 133 84.65 7.23 -50.00
C LEU CA 133 83.89 8.10 -49.02
N ARG CA 134 82.69 8.53 -49.40
CA ARG CA 134 81.86 9.39 -48.56
C ARG CA 134 80.83 8.53 -47.86
N PHE CA 135 80.89 8.50 -46.53
CA PHE CA 135 79.96 7.70 -45.74
C PHE CA 135 79.69 8.33 -44.39
N PRO DA 1 19.07 84.52 22.80
CA PRO DA 1 19.40 84.11 24.16
C PRO DA 1 18.84 82.74 24.50
N SER DA 2 19.72 81.77 24.68
CA SER DA 2 19.29 80.41 25.02
C SER DA 2 18.76 80.30 26.44
N ARG DA 3 18.98 81.31 27.28
CA ARG DA 3 18.51 81.27 28.66
C ARG DA 3 17.04 81.62 28.81
N LEU DA 4 16.38 82.02 27.73
CA LEU DA 4 14.97 82.39 27.75
C LEU DA 4 14.07 81.32 27.15
N ARG DA 5 14.60 80.13 26.88
CA ARG DA 5 13.89 79.14 26.10
C ARG DA 5 13.39 77.99 26.97
N LYS DA 6 12.50 77.20 26.38
CA LYS DA 6 11.87 76.10 27.10
C LYS DA 6 12.85 75.02 27.52
N THR DA 7 14.00 74.93 26.86
CA THR DA 7 14.98 73.91 27.22
C THR DA 7 15.51 74.13 28.63
N ARG DA 8 15.64 75.37 29.06
CA ARG DA 8 16.13 75.63 30.41
C ARG DA 8 15.09 75.25 31.46
N LYS DA 9 13.82 75.22 31.10
CA LYS DA 9 12.77 74.82 32.04
C LYS DA 9 12.46 73.34 31.96
N LEU DA 10 12.79 72.68 30.87
CA LEU DA 10 12.50 71.27 30.70
C LEU DA 10 13.56 70.35 31.27
N ARG DA 11 14.57 70.90 31.94
CA ARG DA 11 15.58 70.07 32.59
C ARG DA 11 15.01 69.40 33.81
N GLY DA 12 15.19 68.09 33.93
CA GLY DA 12 14.62 67.32 35.01
C GLY DA 12 13.34 66.60 34.66
N HIS DA 13 12.72 66.93 33.54
CA HIS DA 13 11.52 66.26 33.08
C HIS DA 13 11.92 65.34 31.94
N VAL DA 14 11.62 64.05 32.08
CA VAL DA 14 12.30 63.03 31.30
C VAL DA 14 12.00 63.17 29.81
N SER DA 15 10.75 63.44 29.45
CA SER DA 15 10.34 63.40 28.06
C SER DA 15 10.61 64.70 27.31
N HIS DA 16 11.06 65.73 28.01
CA HIS DA 16 11.40 67.02 27.40
C HIS DA 16 10.21 67.64 26.67
N GLY DA 17 9.02 67.44 27.23
CA GLY DA 17 7.83 68.06 26.68
C GLY DA 17 7.26 67.38 25.46
N HIS DA 18 7.69 66.16 25.14
CA HIS DA 18 7.20 65.45 23.97
C HIS DA 18 6.38 64.21 24.32
N GLY DA 19 6.08 64.00 25.59
CA GLY DA 19 5.18 62.91 25.94
C GLY DA 19 5.91 61.61 26.18
N ARG DA 20 5.30 60.76 26.99
CA ARG DA 20 5.85 59.45 27.29
C ARG DA 20 5.33 58.37 26.34
N ILE DA 21 4.16 58.58 25.77
CA ILE DA 21 3.51 57.56 24.96
C ILE DA 21 3.94 57.69 23.50
N GLY DA 22 3.65 58.84 22.90
CA GLY DA 22 3.99 59.04 21.51
C GLY DA 22 5.43 59.38 21.25
N LYS DA 23 6.13 59.87 22.28
CA LYS DA 23 7.56 60.16 22.23
C LYS DA 23 7.91 61.20 21.18
N HIS DA 24 9.19 61.41 20.96
CA HIS DA 24 9.68 62.27 19.88
C HIS DA 24 10.52 61.38 18.97
N ARG DA 25 9.93 60.95 17.87
CA ARG DA 25 10.59 60.08 16.93
C ARG DA 25 11.08 60.88 15.73
N LYS DA 26 11.74 60.20 14.79
CA LYS DA 26 12.41 60.90 13.71
C LYS DA 26 11.43 61.62 12.78
N HIS DA 27 10.62 60.87 12.05
CA HIS DA 27 9.72 61.44 11.05
C HIS DA 27 8.46 60.59 10.94
N PRO DA 28 7.56 60.69 11.93
CA PRO DA 28 6.25 60.05 11.78
C PRO DA 28 5.37 60.89 10.86
N GLY DA 29 4.84 60.26 9.82
CA GLY DA 29 4.05 60.95 8.82
C GLY DA 29 4.76 61.22 7.53
N GLY DA 30 6.09 61.16 7.51
CA GLY DA 30 6.85 61.42 6.31
C GLY DA 30 7.68 62.69 6.44
N ARG DA 31 8.43 62.97 5.39
CA ARG DA 31 9.34 64.11 5.35
C ARG DA 31 8.79 65.18 4.43
N GLY DA 32 8.76 66.42 4.91
CA GLY DA 32 8.31 67.51 4.08
C GLY DA 32 6.82 67.41 3.83
N ASN DA 33 6.43 67.69 2.59
CA ASN DA 33 5.02 67.63 2.20
C ASN DA 33 4.65 66.24 1.71
N ALA DA 34 5.02 65.24 2.47
CA ALA DA 34 4.73 63.86 2.11
C ALA DA 34 3.28 63.52 2.35
N GLY DA 35 2.70 62.73 1.46
CA GLY DA 35 1.35 62.25 1.65
C GLY DA 35 0.29 63.34 1.60
N GLY DA 36 0.49 64.36 0.77
CA GLY DA 36 -0.49 65.42 0.67
C GLY DA 36 -1.78 64.99 0.01
N LEU DA 37 -1.79 63.84 -0.66
CA LEU DA 37 -3.00 63.30 -1.25
C LEU DA 37 -3.48 62.03 -0.55
N HIS DA 38 -2.71 61.51 0.41
CA HIS DA 38 -3.04 60.23 1.02
C HIS DA 38 -3.37 60.35 2.51
N HIS DA 39 -2.41 60.74 3.34
CA HIS DA 39 -2.67 60.76 4.77
C HIS DA 39 -2.53 62.15 5.37
N HIS DA 40 -2.21 63.16 4.56
CA HIS DA 40 -2.35 64.56 4.95
C HIS DA 40 -3.38 65.26 4.07
N ARG DA 41 -4.26 64.48 3.44
CA ARG DA 41 -5.22 65.02 2.49
C ARG DA 41 -6.17 65.99 3.16
N ILE DA 42 -6.59 65.70 4.39
CA ILE DA 42 -7.53 66.59 5.07
C ILE DA 42 -6.91 67.95 5.31
N ASN DA 43 -5.66 67.97 5.79
CA ASN DA 43 -4.98 69.24 6.00
C ASN DA 43 -4.82 69.99 4.71
N PHE DA 44 -4.41 69.30 3.64
CA PHE DA 44 -4.17 70.00 2.38
C PHE DA 44 -5.48 70.53 1.80
N ASP DA 45 -6.55 69.75 1.85
CA ASP DA 45 -7.83 70.23 1.33
C ASP DA 45 -8.40 71.35 2.19
N LYS DA 46 -8.17 71.30 3.50
CA LYS DA 46 -8.74 72.28 4.41
C LYS DA 46 -8.04 73.62 4.32
N TYR DA 47 -6.70 73.63 4.20
CA TYR DA 47 -5.99 74.89 4.27
C TYR DA 47 -5.37 75.33 2.96
N HIS DA 48 -5.17 74.44 2.00
CA HIS DA 48 -4.61 74.79 0.70
C HIS DA 48 -5.44 74.18 -0.41
N PRO DA 49 -6.67 74.66 -0.61
CA PRO DA 49 -7.43 74.22 -1.77
C PRO DA 49 -6.82 74.75 -3.05
N GLY DA 50 -6.95 73.95 -4.11
CA GLY DA 50 -6.33 74.29 -5.38
C GLY DA 50 -4.90 73.86 -5.53
N TYR DA 51 -4.34 73.15 -4.55
CA TYR DA 51 -2.91 72.85 -4.55
C TYR DA 51 -2.53 71.91 -5.68
N PHE DA 52 -3.38 70.94 -5.99
CA PHE DA 52 -3.05 69.89 -6.94
C PHE DA 52 -3.69 70.15 -8.30
N GLY DA 53 -2.92 69.94 -9.36
CA GLY DA 53 -3.41 70.05 -10.72
C GLY DA 53 -2.87 71.27 -11.43
N LYS DA 54 -3.17 71.32 -12.72
CA LYS DA 54 -2.76 72.41 -13.60
C LYS DA 54 -3.98 73.23 -14.00
N VAL DA 55 -3.79 74.55 -14.10
CA VAL DA 55 -4.81 75.45 -14.60
C VAL DA 55 -4.13 76.47 -15.50
N GLY DA 56 -4.63 76.63 -16.72
CA GLY DA 56 -4.23 77.74 -17.57
C GLY DA 56 -3.14 77.37 -18.57
N MET DA 57 -2.72 78.40 -19.29
CA MET DA 57 -1.74 78.27 -20.36
C MET DA 57 -0.35 78.57 -19.83
N LYS DA 58 0.60 77.70 -20.13
CA LYS DA 58 1.98 78.00 -19.78
C LYS DA 58 2.63 78.85 -20.86
N HIS DA 59 3.54 79.70 -20.43
CA HIS DA 59 4.20 80.65 -21.32
C HIS DA 59 5.70 80.59 -21.05
N TYR DA 60 6.46 80.12 -22.02
CA TYR DA 60 7.91 80.02 -21.85
C TYR DA 60 8.54 81.40 -22.00
N HIS DA 61 9.64 81.60 -21.27
CA HIS DA 61 10.45 82.82 -21.34
C HIS DA 61 9.60 84.05 -21.02
N LEU DA 62 9.04 84.06 -19.82
CA LEU DA 62 8.31 85.23 -19.37
C LEU DA 62 9.29 86.34 -19.01
N LYS DA 63 9.04 87.52 -19.55
CA LYS DA 63 9.83 88.71 -19.24
C LYS DA 63 8.93 89.69 -18.51
N ARG DA 64 9.22 89.90 -17.22
CA ARG DA 64 8.38 90.77 -16.39
C ARG DA 64 8.41 92.21 -16.87
N ASN DA 65 9.51 92.63 -17.47
CA ASN DA 65 9.65 94.02 -17.91
C ASN DA 65 8.63 94.36 -18.98
N GLN DA 66 8.26 93.39 -19.82
CA GLN DA 66 7.27 93.65 -20.86
C GLN DA 66 5.92 94.02 -20.26
N SER DA 67 5.51 93.34 -19.20
CA SER DA 67 4.24 93.58 -18.55
C SER DA 67 4.33 94.61 -17.44
N PHE DA 68 5.51 95.17 -17.19
CA PHE DA 68 5.67 96.22 -16.20
C PHE DA 68 4.74 97.40 -16.52
N CYS DA 69 3.80 97.66 -15.63
CA CYS DA 69 2.87 98.78 -15.77
C CYS DA 69 2.33 99.18 -14.42
N PRO DA 70 3.06 99.98 -13.65
CA PRO DA 70 2.55 100.41 -12.34
C PRO DA 70 1.37 101.35 -12.48
N THR DA 71 0.52 101.35 -11.46
CA THR DA 71 -0.73 102.09 -11.48
C THR DA 71 -0.76 103.09 -10.34
N VAL DA 72 -1.48 104.18 -10.55
CA VAL DA 72 -1.72 105.19 -9.52
C VAL DA 72 -3.19 105.53 -9.54
N ASN DA 73 -3.76 105.78 -8.36
CA ASN DA 73 -5.17 106.12 -8.25
C ASN DA 73 -5.35 107.63 -8.19
N LEU DA 74 -6.56 108.06 -8.55
CA LEU DA 74 -6.86 109.49 -8.59
C LEU DA 74 -6.80 110.14 -7.21
N ASP DA 75 -7.05 109.37 -6.15
CA ASP DA 75 -6.97 109.95 -4.82
C ASP DA 75 -5.54 110.29 -4.44
N LYS DA 76 -4.57 109.53 -4.93
CA LYS DA 76 -3.16 109.82 -4.74
C LYS DA 76 -2.56 110.62 -5.88
N LEU DA 77 -3.37 110.99 -6.88
CA LEU DA 77 -2.84 111.68 -8.06
C LEU DA 77 -2.15 112.99 -7.72
N TRP DA 78 -2.77 113.79 -6.85
CA TRP DA 78 -2.21 115.13 -6.57
C TRP DA 78 -0.99 115.08 -5.69
N THR DA 79 -0.65 113.93 -5.12
CA THR DA 79 0.56 113.81 -4.31
C THR DA 79 1.83 113.75 -5.16
N LEU DA 80 1.70 113.64 -6.49
CA LEU DA 80 2.86 113.52 -7.36
C LEU DA 80 3.51 114.86 -7.68
N VAL DA 81 2.84 115.97 -7.38
CA VAL DA 81 3.41 117.29 -7.60
C VAL DA 81 3.62 117.96 -6.25
N SER DA 82 4.17 119.16 -6.25
CA SER DA 82 4.40 119.88 -5.01
C SER DA 82 3.11 120.50 -4.50
N GLU DA 83 3.11 120.82 -3.21
CA GLU DA 83 1.98 121.54 -2.62
C GLU DA 83 1.84 122.92 -3.23
N GLN DA 84 2.97 123.54 -3.57
CA GLN DA 84 2.96 124.83 -4.24
C GLN DA 84 2.17 124.77 -5.54
N THR DA 85 2.34 123.69 -6.31
CA THR DA 85 1.62 123.53 -7.55
C THR DA 85 0.12 123.56 -7.33
N ARG DA 86 -0.36 122.77 -6.37
CA ARG DA 86 -1.80 122.67 -6.16
C ARG DA 86 -2.38 123.98 -5.64
N VAL DA 87 -1.69 124.62 -4.69
CA VAL DA 87 -2.24 125.85 -4.14
C VAL DA 87 -2.22 126.97 -5.18
N ASN DA 88 -1.16 127.03 -6.01
CA ASN DA 88 -1.12 128.04 -7.06
C ASN DA 88 -2.21 127.81 -8.10
N ALA DA 89 -2.44 126.55 -8.47
CA ALA DA 89 -3.52 126.26 -9.41
C ALA DA 89 -4.88 126.59 -8.84
N ALA DA 90 -5.08 126.31 -7.55
CA ALA DA 90 -6.36 126.59 -6.92
C ALA DA 90 -6.63 128.09 -6.84
N LYS DA 91 -5.62 128.89 -6.51
CA LYS DA 91 -5.81 130.33 -6.38
C LYS DA 91 -5.52 131.08 -7.67
N ASN DA 92 -5.24 130.38 -8.75
CA ASN DA 92 -4.98 131.03 -10.03
C ASN DA 92 -6.24 131.71 -10.55
N LYS DA 93 -6.09 132.97 -10.97
CA LYS DA 93 -7.21 133.69 -11.56
C LYS DA 93 -7.55 133.14 -12.94
N THR DA 94 -6.54 132.93 -13.77
CA THR DA 94 -6.74 132.30 -15.06
C THR DA 94 -7.03 130.81 -14.88
N GLY DA 95 -7.66 130.23 -15.90
CA GLY DA 95 -8.01 128.82 -15.84
C GLY DA 95 -6.89 127.89 -16.23
N ALA DA 96 -5.65 128.32 -16.01
CA ALA DA 96 -4.50 127.49 -16.34
C ALA DA 96 -4.46 126.27 -15.43
N ALA DA 97 -4.25 125.11 -16.02
CA ALA DA 97 -4.23 123.87 -15.26
C ALA DA 97 -2.84 123.27 -15.26
N PRO DA 98 -2.36 122.80 -14.11
CA PRO DA 98 -1.03 122.17 -14.07
C PRO DA 98 -1.03 120.83 -14.76
N ILE DA 99 0.16 120.44 -15.22
CA ILE DA 99 0.38 119.16 -15.89
C ILE DA 99 1.02 118.20 -14.90
N ILE DA 100 0.45 117.02 -14.78
CA ILE DA 100 0.97 115.96 -13.92
C ILE DA 100 1.44 114.83 -14.82
N ASP DA 101 2.71 114.48 -14.73
CA ASP DA 101 3.32 113.44 -15.57
C ASP DA 101 3.56 112.22 -14.69
N VAL DA 102 2.60 111.31 -14.68
CA VAL DA 102 2.72 110.12 -13.85
C VAL DA 102 3.82 109.21 -14.36
N VAL DA 103 4.17 109.30 -15.65
CA VAL DA 103 5.30 108.54 -16.15
C VAL DA 103 6.60 109.08 -15.57
N ARG DA 104 6.68 110.40 -15.40
CA ARG DA 104 7.83 110.98 -14.69
C ARG DA 104 7.84 110.53 -13.24
N SER DA 105 6.68 110.49 -12.59
CA SER DA 105 6.64 110.03 -11.22
C SER DA 105 6.84 108.53 -11.07
N GLY DA 106 6.79 107.78 -12.17
CA GLY DA 106 7.00 106.36 -12.12
C GLY DA 106 5.76 105.49 -12.25
N TYR DA 107 4.69 106.00 -12.85
CA TYR DA 107 3.46 105.25 -13.02
C TYR DA 107 3.07 105.28 -14.50
N TYR DA 108 2.54 104.17 -14.99
CA TYR DA 108 2.15 104.12 -16.39
C TYR DA 108 0.65 104.23 -16.60
N LYS DA 109 -0.15 103.72 -15.67
CA LYS DA 109 -1.60 103.72 -15.80
C LYS DA 109 -2.21 104.50 -14.66
N VAL DA 110 -3.24 105.28 -14.98
CA VAL DA 110 -4.00 106.04 -13.98
C VAL DA 110 -5.32 105.33 -13.76
N LEU DA 111 -5.56 104.89 -12.53
CA LEU DA 111 -6.79 104.22 -12.16
C LEU DA 111 -7.73 105.20 -11.46
N GLY DA 112 -9.00 104.82 -11.37
CA GLY DA 112 -10.04 105.76 -11.01
C GLY DA 112 -10.58 105.71 -9.60
N LYS DA 113 -9.87 105.06 -8.68
CA LYS DA 113 -10.36 104.99 -7.31
C LYS DA 113 -10.26 106.36 -6.64
N GLY DA 114 -11.30 106.70 -5.89
CA GLY DA 114 -11.33 107.95 -5.17
C GLY DA 114 -12.01 109.05 -5.96
N LYS DA 115 -11.77 110.28 -5.50
CA LYS DA 115 -12.34 111.46 -6.12
C LYS DA 115 -11.26 112.53 -6.21
N LEU DA 116 -11.47 113.48 -7.11
CA LEU DA 116 -10.51 114.54 -7.32
C LEU DA 116 -11.03 115.84 -6.70
N PRO DA 117 -10.14 116.73 -6.28
CA PRO DA 117 -10.57 118.08 -5.93
C PRO DA 117 -11.09 118.82 -7.15
N LYS DA 118 -12.03 119.74 -6.91
CA LYS DA 118 -12.72 120.46 -7.98
C LYS DA 118 -11.79 121.51 -8.59
N GLN DA 119 -10.86 121.05 -9.42
CA GLN DA 119 -10.02 121.97 -10.17
C GLN DA 119 -9.42 121.27 -11.37
N PRO DA 120 -9.29 121.93 -12.51
CA PRO DA 120 -8.80 121.27 -13.71
C PRO DA 120 -7.33 120.90 -13.60
N VAL DA 121 -6.94 119.87 -14.33
CA VAL DA 121 -5.57 119.37 -14.35
C VAL DA 121 -5.38 118.57 -15.61
N ILE DA 122 -4.21 118.73 -16.23
CA ILE DA 122 -3.83 117.90 -17.37
C ILE DA 122 -3.02 116.72 -16.85
N VAL DA 123 -3.36 115.52 -17.28
CA VAL DA 123 -2.70 114.31 -16.80
C VAL DA 123 -2.06 113.61 -17.99
N LYS DA 124 -0.75 113.39 -17.91
CA LYS DA 124 -0.01 112.67 -18.94
C LYS DA 124 0.25 111.25 -18.46
N ALA DA 125 -0.30 110.27 -19.17
CA ALA DA 125 -0.12 108.88 -18.78
C ALA DA 125 -0.07 108.02 -20.02
N LYS DA 126 0.51 106.83 -19.87
CA LYS DA 126 0.49 105.87 -20.96
C LYS DA 126 -0.91 105.30 -21.15
N PHE DA 127 -1.57 104.92 -20.07
CA PHE DA 127 -2.89 104.33 -20.12
C PHE DA 127 -3.80 105.01 -19.11
N PHE DA 128 -5.09 104.99 -19.41
CA PHE DA 128 -6.12 105.50 -18.53
C PHE DA 128 -7.21 104.46 -18.41
N SER DA 129 -7.85 104.41 -17.25
CA SER DA 129 -9.08 103.65 -17.14
C SER DA 129 -10.27 104.53 -17.48
N ARG DA 130 -11.39 103.90 -17.79
CA ARG DA 130 -12.56 104.65 -18.23
C ARG DA 130 -13.07 105.57 -17.15
N ARG DA 131 -13.17 105.07 -15.92
CA ARG DA 131 -13.67 105.90 -14.83
C ARG DA 131 -12.66 106.97 -14.43
N ALA DA 132 -11.37 106.69 -14.55
CA ALA DA 132 -10.37 107.72 -14.30
C ALA DA 132 -10.50 108.85 -15.30
N GLU DA 133 -10.67 108.51 -16.58
CA GLU DA 133 -10.90 109.54 -17.58
C GLU DA 133 -12.17 110.32 -17.30
N GLU DA 134 -13.24 109.63 -16.93
CA GLU DA 134 -14.50 110.31 -16.64
C GLU DA 134 -14.36 111.26 -15.46
N LYS DA 135 -13.69 110.84 -14.40
CA LYS DA 135 -13.53 111.70 -13.23
C LYS DA 135 -12.60 112.86 -13.51
N ILE DA 136 -11.59 112.68 -14.36
CA ILE DA 136 -10.73 113.80 -14.72
C ILE DA 136 -11.50 114.81 -15.57
N LYS DA 137 -12.33 114.33 -16.50
CA LYS DA 137 -13.16 115.24 -17.28
C LYS DA 137 -14.20 115.93 -16.43
N SER DA 138 -14.61 115.30 -15.33
CA SER DA 138 -15.64 115.89 -14.48
C SER DA 138 -15.16 117.18 -13.83
N VAL DA 139 -13.88 117.25 -13.46
CA VAL DA 139 -13.35 118.43 -12.79
C VAL DA 139 -12.81 119.41 -13.82
N GLY DA 140 -13.13 119.19 -15.08
CA GLY DA 140 -12.69 120.09 -16.13
C GLY DA 140 -11.28 119.86 -16.61
N GLY DA 141 -10.68 118.71 -16.31
CA GLY DA 141 -9.33 118.41 -16.77
C GLY DA 141 -9.32 117.73 -18.12
N ALA DA 142 -8.11 117.33 -18.52
CA ALA DA 142 -7.91 116.63 -19.77
C ALA DA 142 -6.97 115.46 -19.55
N CYS DA 143 -7.19 114.39 -20.30
CA CYS DA 143 -6.31 113.23 -20.29
C CYS DA 143 -5.56 113.18 -21.61
N VAL DA 144 -4.24 113.23 -21.55
CA VAL DA 144 -3.40 113.18 -22.74
C VAL DA 144 -2.48 111.98 -22.62
N LEU DA 145 -2.26 111.30 -23.74
CA LEU DA 145 -1.53 110.05 -23.76
C LEU DA 145 -0.09 110.26 -24.19
N VAL DA 146 0.79 109.42 -23.66
CA VAL DA 146 2.20 109.42 -24.02
C VAL DA 146 2.60 107.99 -24.36
N ALA DA 147 3.78 107.85 -24.96
CA ALA DA 147 4.28 106.54 -25.34
C ALA DA 147 5.56 106.19 -24.59
N ALA EA 1 -2.97 42.77 18.34
CA ALA EA 1 -3.78 42.44 17.18
C ALA EA 1 -5.08 43.23 17.18
N LYS EA 2 -6.13 42.66 17.74
CA LYS EA 2 -7.42 43.33 17.80
C LYS EA 2 -7.39 44.43 18.86
N SER EA 3 -8.37 45.32 18.77
CA SER EA 3 -8.47 46.45 19.68
C SER EA 3 -9.92 46.91 19.72
N LYS EA 4 -10.18 47.94 20.52
CA LYS EA 4 -11.52 48.49 20.64
C LYS EA 4 -11.95 49.15 19.34
N ASN EA 5 -13.24 49.03 19.02
CA ASN EA 5 -13.79 49.51 17.76
C ASN EA 5 -14.37 50.91 17.85
N HIS EA 6 -15.29 51.14 18.79
CA HIS EA 6 -15.96 52.42 18.87
C HIS EA 6 -16.53 52.59 20.28
N THR EA 7 -16.51 53.82 20.77
CA THR EA 7 -17.23 54.13 22.00
C THR EA 7 -17.52 55.62 22.02
N THR EA 8 -18.58 55.99 22.75
CA THR EA 8 -18.86 57.37 23.09
C THR EA 8 -18.67 57.63 24.58
N HIS EA 9 -17.94 56.76 25.25
CA HIS EA 9 -17.61 56.98 26.66
C HIS EA 9 -16.73 58.21 26.78
N ASN EA 10 -17.03 59.04 27.80
CA ASN EA 10 -16.32 60.27 28.13
C ASN EA 10 -16.61 61.39 27.14
N GLN EA 11 -17.31 61.09 26.06
CA GLN EA 11 -17.54 62.08 25.03
C GLN EA 11 -18.49 63.17 25.52
N SER EA 12 -19.52 62.81 26.27
CA SER EA 12 -20.43 63.80 26.82
C SER EA 12 -19.73 64.73 27.79
N ARG EA 13 -18.82 64.18 28.60
CA ARG EA 13 -18.05 65.00 29.52
C ARG EA 13 -17.16 65.98 28.76
N LYS EA 14 -16.51 65.51 27.68
CA LYS EA 14 -15.73 66.41 26.85
C LYS EA 14 -16.61 67.49 26.24
N TRP EA 15 -17.81 67.13 25.81
CA TRP EA 15 -18.71 68.10 25.21
C TRP EA 15 -19.12 69.17 26.21
N HIS EA 16 -19.40 68.78 27.44
CA HIS EA 16 -19.89 69.72 28.43
C HIS EA 16 -18.80 70.46 29.18
N ARG EA 17 -17.52 70.12 28.96
CA ARG EA 17 -16.47 70.87 29.65
C ARG EA 17 -16.46 72.34 29.24
N ASN EA 18 -16.61 72.63 27.95
CA ASN EA 18 -16.75 74.00 27.48
C ASN EA 18 -18.20 74.38 27.21
N GLY EA 19 -19.15 73.55 27.63
CA GLY EA 19 -20.55 73.85 27.43
C GLY EA 19 -21.03 73.56 26.03
N ILE EA 20 -22.29 73.17 25.88
CA ILE EA 20 -22.88 72.96 24.58
C ILE EA 20 -23.72 74.20 24.31
N LYS EA 21 -23.12 75.18 23.63
CA LYS EA 21 -23.73 76.47 23.44
C LYS EA 21 -24.65 76.45 22.22
N LYS EA 22 -25.83 77.03 22.39
CA LYS EA 22 -26.75 77.19 21.27
C LYS EA 22 -26.21 78.24 20.31
N PRO EA 23 -26.64 78.20 19.05
CA PRO EA 23 -26.22 79.25 18.11
C PRO EA 23 -26.66 80.62 18.56
N ARG EA 24 -25.83 81.62 18.30
CA ARG EA 24 -26.06 82.97 18.80
C ARG EA 24 -27.22 83.60 18.03
N SER EA 25 -28.39 83.60 18.65
CA SER EA 25 -29.56 84.21 18.06
C SER EA 25 -29.38 85.72 18.04
N GLN EA 26 -29.21 86.29 16.86
CA GLN EA 26 -28.92 87.71 16.72
C GLN EA 26 -29.88 88.31 15.70
N ARG EA 27 -30.28 89.56 15.95
CA ARG EA 27 -31.23 90.25 15.08
C ARG EA 27 -30.74 90.29 13.65
N TYR EA 28 -31.67 90.46 12.72
CA TYR EA 28 -31.36 90.59 11.29
C TYR EA 28 -30.62 89.36 10.78
N GLU EA 29 -31.35 88.25 10.69
CA GLU EA 29 -30.83 87.06 10.07
C GLU EA 29 -30.45 87.33 8.62
N SER EA 30 -29.52 86.54 8.10
CA SER EA 30 -29.12 86.68 6.71
C SER EA 30 -30.22 86.19 5.78
N LEU EA 31 -30.30 86.81 4.60
CA LEU EA 31 -31.29 86.45 3.59
C LEU EA 31 -30.82 85.34 2.67
N LYS EA 32 -29.86 84.54 3.11
CA LYS EA 32 -29.38 83.43 2.30
C LYS EA 32 -30.42 82.34 2.20
N GLY EA 33 -30.57 81.78 1.00
CA GLY EA 33 -31.52 80.71 0.77
C GLY EA 33 -32.94 81.14 0.55
N VAL EA 34 -33.22 82.43 0.63
CA VAL EA 34 -34.56 82.94 0.38
C VAL EA 34 -34.82 82.92 -1.11
N ASP EA 35 -36.10 82.81 -1.48
CA ASP EA 35 -36.53 82.71 -2.88
C ASP EA 35 -35.97 83.88 -3.67
N PRO EA 36 -35.23 83.63 -4.76
CA PRO EA 36 -34.62 84.75 -5.49
C PRO EA 36 -35.61 85.74 -6.09
N LYS EA 37 -36.77 85.29 -6.53
CA LYS EA 37 -37.78 86.21 -7.04
C LYS EA 37 -38.25 87.17 -5.95
N PHE EA 38 -38.54 86.62 -4.78
CA PHE EA 38 -38.92 87.43 -3.63
C PHE EA 38 -37.80 88.38 -3.24
N LEU EA 39 -36.55 87.91 -3.28
CA LEU EA 39 -35.42 88.75 -2.93
C LEU EA 39 -35.25 89.91 -3.90
N ARG EA 40 -35.40 89.66 -5.21
CA ARG EA 40 -35.19 90.75 -6.14
C ARG EA 40 -36.33 91.77 -6.06
N ASN EA 41 -37.56 91.32 -5.80
CA ASN EA 41 -38.61 92.30 -5.59
C ASN EA 41 -38.39 93.08 -4.29
N MET EA 42 -37.87 92.41 -3.25
CA MET EA 42 -37.54 93.09 -2.01
C MET EA 42 -36.47 94.15 -2.24
N ARG EA 43 -35.48 93.84 -3.07
CA ARG EA 43 -34.45 94.80 -3.43
C ARG EA 43 -35.05 95.99 -4.17
N PHE EA 44 -35.99 95.73 -5.07
CA PHE EA 44 -36.64 96.82 -5.79
C PHE EA 44 -37.43 97.73 -4.85
N ALA EA 45 -38.14 97.13 -3.89
CA ALA EA 45 -38.87 97.92 -2.91
C ALA EA 45 -37.93 98.76 -2.07
N LYS EA 46 -36.81 98.18 -1.64
CA LYS EA 46 -35.83 98.95 -0.87
C LYS EA 46 -35.24 100.08 -1.70
N LYS EA 47 -34.96 99.81 -2.97
CA LYS EA 47 -34.39 100.83 -3.84
C LYS EA 47 -35.35 102.00 -4.03
N HIS EA 48 -36.63 101.71 -4.22
CA HIS EA 48 -37.60 102.76 -4.50
C HIS EA 48 -38.27 103.30 -3.24
N ASN EA 49 -37.82 102.87 -2.05
CA ASN EA 49 -38.27 103.52 -0.82
C ASN EA 49 -37.94 105.00 -0.78
N LYS EA 50 -36.97 105.45 -1.56
CA LYS EA 50 -36.57 106.86 -1.55
C LYS EA 50 -37.72 107.76 -1.95
N LYS EA 51 -38.41 107.44 -3.04
CA LYS EA 51 -39.55 108.23 -3.44
C LYS EA 51 -40.69 108.05 -2.45
N GLY EA 52 -41.54 109.06 -2.35
CA GLY EA 52 -42.53 109.08 -1.30
C GLY EA 52 -41.99 109.52 0.04
N LEU EA 53 -40.74 109.99 0.10
CA LEU EA 53 -40.19 110.49 1.35
C LEU EA 53 -40.90 111.77 1.78
N LYS EA 54 -41.23 112.64 0.82
CA LYS EA 54 -41.96 113.86 1.16
C LYS EA 54 -43.34 113.54 1.70
N LYS EA 55 -44.05 112.59 1.08
CA LYS EA 55 -45.34 112.18 1.60
C LYS EA 55 -45.20 111.55 2.99
N MET EA 56 -44.15 110.75 3.18
CA MET EA 56 -43.92 110.10 4.46
C MET EA 56 -43.69 111.13 5.57
N GLN EA 57 -42.85 112.12 5.29
CA GLN EA 57 -42.57 113.14 6.31
C GLN EA 57 -43.77 114.06 6.53
N ALA EA 58 -44.58 114.30 5.48
CA ALA EA 58 -45.80 115.05 5.66
C ALA EA 58 -46.78 114.32 6.58
N ASN EA 59 -46.92 113.01 6.38
CA ASN EA 59 -47.77 112.21 7.26
C ASN EA 59 -47.24 112.20 8.68
N ASN EA 60 -45.91 112.07 8.83
CA ASN EA 60 -45.32 112.09 10.16
C ASN EA 60 -45.57 113.42 10.86
N ALA EA 61 -45.40 114.53 10.13
CA ALA EA 61 -45.60 115.85 10.72
C ALA EA 61 -47.06 116.07 11.10
N LYS EA 62 -48.00 115.67 10.25
CA LYS EA 62 -49.40 115.90 10.58
C LYS EA 62 -49.83 115.02 11.75
N ALA EA 63 -49.35 113.77 11.81
CA ALA EA 63 -49.67 112.92 12.95
C ALA EA 63 -49.06 113.47 14.23
N MET EA 64 -47.82 113.96 14.16
CA MET EA 64 -47.19 114.55 15.34
C MET EA 64 -47.94 115.78 15.81
N SER EA 65 -48.37 116.64 14.88
CA SER EA 65 -49.12 117.83 15.26
C SER EA 65 -50.47 117.47 15.88
N ALA EA 66 -51.17 116.50 15.30
CA ALA EA 66 -52.46 116.09 15.84
C ALA EA 66 -52.31 115.50 17.23
N ARG EA 67 -51.32 114.62 17.41
CA ARG EA 67 -51.09 114.02 18.73
C ARG EA 67 -50.69 115.08 19.74
N ALA EA 68 -49.83 116.02 19.34
CA ALA EA 68 -49.39 117.07 20.26
C ALA EA 68 -50.54 117.96 20.67
N GLU EA 69 -51.41 118.35 19.74
CA GLU EA 69 -52.53 119.22 20.11
C GLU EA 69 -53.55 118.46 20.94
N ALA EA 70 -53.76 117.17 20.67
CA ALA EA 70 -54.65 116.37 21.51
C ALA EA 70 -54.10 116.24 22.93
N ILE EA 71 -52.79 116.07 23.07
CA ILE EA 71 -52.19 115.96 24.38
C ILE EA 71 -52.24 117.30 25.12
N LYS EA 72 -51.90 118.38 24.42
CA LYS EA 72 -51.89 119.72 25.03
C LYS EA 72 -53.29 120.27 25.24
N ALA EA 73 -54.32 119.60 24.72
CA ALA EA 73 -55.70 120.00 25.02
C ALA EA 73 -56.02 119.64 26.46
N LEU EA 74 -55.84 120.59 27.37
CA LEU EA 74 -56.18 120.43 28.78
C LEU EA 74 -57.35 121.32 29.13
N VAL EA 75 -58.31 120.76 29.87
CA VAL EA 75 -59.55 121.41 30.33
C VAL EA 75 -60.14 122.41 29.33
N VAL EA 88 -54.75 108.94 61.64
CA VAL EA 88 -54.46 108.45 62.98
C VAL EA 88 -53.00 108.68 63.33
N SER EA 89 -52.42 107.76 64.11
CA SER EA 89 -51.04 107.87 64.54
C SER EA 89 -50.11 107.01 63.69
N ARG EA 90 -50.34 105.69 63.67
CA ARG EA 90 -49.52 104.74 62.92
C ARG EA 90 -48.04 104.84 63.32
N LYS EA 91 -47.80 104.42 64.56
CA LYS EA 91 -46.51 104.62 65.23
C LYS EA 91 -45.34 104.14 64.37
N LEU EA 92 -45.46 102.96 63.77
CA LEU EA 92 -44.35 102.42 63.00
C LEU EA 92 -44.08 103.23 61.75
N ASP EA 93 -45.14 103.65 61.06
CA ASP EA 93 -44.98 104.51 59.88
C ASP EA 93 -44.38 105.86 60.26
N ARG EA 94 -44.81 106.41 61.39
CA ARG EA 94 -44.24 107.66 61.87
C ARG EA 94 -42.76 107.52 62.16
N LEU EA 95 -42.37 106.41 62.79
CA LEU EA 95 -40.97 106.20 63.11
C LEU EA 95 -40.14 106.01 61.84
N ALA EA 96 -40.67 105.30 60.85
CA ALA EA 96 -39.96 105.19 59.58
C ALA EA 96 -39.80 106.55 58.91
N TYR EA 97 -40.84 107.37 58.96
CA TYR EA 97 -40.77 108.72 58.39
C TYR EA 97 -39.70 109.55 59.08
N ILE EA 98 -39.65 109.49 60.41
CA ILE EA 98 -38.63 110.23 61.15
C ILE EA 98 -37.24 109.70 60.82
N ALA EA 99 -37.10 108.39 60.69
CA ALA EA 99 -35.81 107.80 60.35
C ALA EA 99 -35.38 108.06 58.93
N HIS EA 100 -36.29 108.52 58.06
CA HIS EA 100 -35.88 108.91 56.71
C HIS EA 100 -34.90 110.08 56.79
N PRO EA 101 -33.79 110.02 56.04
CA PRO EA 101 -32.77 111.07 56.16
C PRO EA 101 -33.23 112.45 55.77
N LYS EA 102 -34.14 112.58 54.81
CA LYS EA 102 -34.61 113.88 54.35
C LYS EA 102 -35.99 114.25 54.85
N LEU EA 103 -36.93 113.32 54.82
CA LEU EA 103 -38.30 113.64 55.22
C LEU EA 103 -38.41 113.85 56.73
N GLY EA 104 -37.60 113.15 57.51
CA GLY EA 104 -37.64 113.26 58.96
C GLY EA 104 -36.67 114.25 59.55
N LYS EA 105 -36.03 115.09 58.74
CA LYS EA 105 -35.03 116.03 59.25
C LYS EA 105 -35.65 117.02 60.23
N ARG EA 106 -36.74 117.67 59.81
CA ARG EA 106 -37.42 118.62 60.69
C ARG EA 106 -38.02 117.93 61.91
N ALA EA 107 -38.52 116.70 61.74
CA ALA EA 107 -39.11 115.98 62.85
C ALA EA 107 -38.06 115.67 63.92
N ARG EA 108 -36.89 115.21 63.51
CA ARG EA 108 -35.88 114.90 64.50
C ARG EA 108 -35.26 116.16 65.08
N ALA EA 109 -35.24 117.26 64.31
CA ALA EA 109 -34.86 118.54 64.90
C ALA EA 109 -35.86 118.95 65.98
N ARG EA 110 -37.15 118.73 65.73
CA ARG EA 110 -38.18 119.07 66.72
C ARG EA 110 -38.01 118.25 67.99
N ILE EA 111 -37.77 116.94 67.85
CA ILE EA 111 -37.64 116.14 69.06
C ILE EA 111 -36.35 116.47 69.80
N ALA EA 112 -35.32 116.89 69.07
CA ALA EA 112 -34.10 117.36 69.73
C ALA EA 112 -34.36 118.62 70.55
N LYS EA 113 -35.09 119.58 69.98
CA LYS EA 113 -35.43 120.78 70.75
C LYS EA 113 -36.30 120.44 71.94
N GLY EA 114 -37.19 119.46 71.80
CA GLY EA 114 -37.99 119.03 72.94
C GLY EA 114 -37.14 118.42 74.03
N LEU EA 115 -36.09 117.67 73.64
CA LEU EA 115 -35.16 117.12 74.61
C LEU EA 115 -34.40 118.23 75.34
N ARG EA 116 -34.02 119.27 74.61
CA ARG EA 116 -33.16 120.30 75.20
C ARG EA 116 -33.96 121.30 76.04
N LEU EA 117 -34.87 122.03 75.41
CA LEU EA 117 -35.55 123.14 76.07
C LEU EA 117 -36.63 122.64 77.02
N CYS EA 118 -36.78 123.34 78.14
CA CYS EA 118 -37.87 123.12 79.08
C CYS EA 118 -38.54 124.45 79.37
N ARG EA 119 -39.86 124.49 79.24
CA ARG EA 119 -40.62 125.71 79.46
C ARG EA 119 -41.90 125.38 80.22
N PRO EA 120 -42.38 126.31 81.03
CA PRO EA 120 -43.63 126.08 81.77
C PRO EA 120 -44.83 126.26 80.86
N LYS EA 121 -46.01 126.01 81.43
CA LYS EA 121 -47.30 126.15 80.74
C LYS EA 121 -47.38 125.31 79.47
N LYS FA 1 54.02 -24.28 -58.24
CA LYS FA 1 54.88 -25.44 -58.38
C LYS FA 1 56.33 -25.10 -58.05
N SER FA 2 56.71 -23.85 -58.31
CA SER FA 2 58.10 -23.44 -58.09
C SER FA 2 58.48 -23.51 -56.62
N LEU FA 3 57.59 -23.08 -55.74
CA LEU FA 3 57.91 -23.06 -54.31
C LEU FA 3 58.05 -24.47 -53.75
N GLU FA 4 57.11 -25.36 -54.07
CA GLU FA 4 57.22 -26.74 -53.60
C GLU FA 4 58.40 -27.45 -54.24
N SER FA 5 58.69 -27.14 -55.50
CA SER FA 5 59.84 -27.75 -56.17
C SER FA 5 61.15 -27.31 -55.52
N ILE FA 6 61.31 -26.02 -55.23
CA ILE FA 6 62.53 -25.57 -54.58
C ILE FA 6 62.60 -26.08 -53.15
N ASN FA 7 61.47 -26.23 -52.47
CA ASN FA 7 61.49 -26.82 -51.13
C ASN FA 7 61.94 -28.27 -51.17
N SER FA 8 61.44 -29.05 -52.13
CA SER FA 8 61.86 -30.44 -52.24
C SER FA 8 63.32 -30.55 -52.65
N ARG FA 9 63.77 -29.69 -53.56
CA ARG FA 9 65.17 -29.72 -53.97
C ARG FA 9 66.09 -29.31 -52.82
N LEU FA 10 65.66 -28.35 -52.00
CA LEU FA 10 66.42 -28.00 -50.81
C LEU FA 10 66.46 -29.16 -49.82
N GLN FA 11 65.32 -29.85 -49.66
CA GLN FA 11 65.28 -31.01 -48.78
C GLN FA 11 66.25 -32.08 -49.24
N LEU FA 12 66.40 -32.23 -50.55
CA LEU FA 12 67.31 -33.24 -51.07
C LEU FA 12 68.75 -32.76 -51.09
N VAL FA 13 68.99 -31.44 -51.12
CA VAL FA 13 70.32 -30.91 -50.87
C VAL FA 13 70.75 -31.24 -49.45
N MET FA 14 69.87 -31.03 -48.49
CA MET FA 14 70.09 -31.59 -47.17
C MET FA 14 70.12 -33.11 -47.27
N LYS FA 15 70.93 -33.73 -46.40
CA LYS FA 15 71.01 -35.17 -46.23
C LYS FA 15 71.71 -35.85 -47.40
N SER FA 16 71.95 -35.12 -48.48
CA SER FA 16 72.64 -35.71 -49.63
C SER FA 16 73.73 -34.83 -50.22
N GLY FA 17 73.79 -33.54 -49.90
CA GLY FA 17 74.81 -32.67 -50.43
C GLY FA 17 75.43 -31.84 -49.32
N LYS FA 18 76.53 -31.17 -49.66
CA LYS FA 18 77.24 -30.34 -48.72
C LYS FA 18 76.72 -28.92 -48.79
N TYR FA 19 76.33 -28.38 -47.64
CA TYR FA 19 75.79 -27.04 -47.57
C TYR FA 19 76.42 -26.33 -46.39
N VAL FA 20 76.00 -25.09 -46.18
CA VAL FA 20 76.40 -24.36 -45.00
C VAL FA 20 75.33 -23.31 -44.72
N LEU FA 21 75.02 -23.11 -43.45
CA LEU FA 21 73.90 -22.27 -43.03
C LEU FA 21 74.43 -21.06 -42.28
N GLY FA 22 74.06 -19.87 -42.74
CA GLY FA 22 74.38 -18.68 -42.01
C GLY FA 22 75.20 -17.65 -42.76
N TYR FA 23 75.16 -16.42 -42.26
CA TYR FA 23 75.73 -15.28 -42.99
C TYR FA 23 77.26 -15.35 -43.02
N LYS FA 24 77.89 -15.55 -41.86
CA LYS FA 24 79.34 -15.53 -41.80
C LYS FA 24 79.95 -16.68 -42.60
N GLN FA 25 79.40 -17.88 -42.42
CA GLN FA 25 79.89 -19.03 -43.17
C GLN FA 25 79.59 -18.89 -44.65
N THR FA 26 78.45 -18.29 -45.01
CA THR FA 26 78.16 -18.07 -46.42
C THR FA 26 79.19 -17.15 -47.05
N LEU FA 27 79.53 -16.04 -46.37
CA LEU FA 27 80.55 -15.15 -46.90
C LEU FA 27 81.90 -15.84 -47.00
N LYS FA 28 82.25 -16.65 -45.98
CA LYS FA 28 83.51 -17.36 -46.00
C LYS FA 28 83.57 -18.33 -47.18
N MET FA 29 82.49 -19.06 -47.44
CA MET FA 29 82.45 -19.98 -48.57
C MET FA 29 82.51 -19.24 -49.89
N ILE FA 30 81.82 -18.09 -50.00
CA ILE FA 30 81.84 -17.33 -51.24
C ILE FA 30 83.25 -16.84 -51.54
N ARG FA 31 83.92 -16.27 -50.55
CA ARG FA 31 85.27 -15.78 -50.81
C ARG FA 31 86.28 -16.90 -50.95
N GLN FA 32 85.97 -18.10 -50.46
CA GLN FA 32 86.75 -19.26 -50.88
C GLN FA 32 86.39 -19.72 -52.28
N GLY FA 33 85.28 -19.24 -52.82
CA GLY FA 33 84.92 -19.55 -54.19
C GLY FA 33 84.36 -20.93 -54.41
N LYS FA 34 83.85 -21.57 -53.35
CA LYS FA 34 83.30 -22.91 -53.47
C LYS FA 34 81.80 -22.94 -53.18
N ALA FA 35 81.16 -21.79 -53.08
CA ALA FA 35 79.71 -21.72 -52.96
C ALA FA 35 79.11 -21.64 -54.36
N LYS FA 36 78.29 -22.61 -54.71
CA LYS FA 36 77.70 -22.66 -56.04
C LYS FA 36 76.31 -22.07 -56.11
N LEU FA 37 75.64 -21.90 -54.97
CA LEU FA 37 74.32 -21.29 -54.95
C LEU FA 37 74.09 -20.72 -53.56
N VAL FA 38 73.65 -19.47 -53.49
CA VAL FA 38 73.37 -18.80 -52.23
C VAL FA 38 71.89 -18.47 -52.21
N ILE FA 39 71.20 -18.91 -51.15
CA ILE FA 39 69.77 -18.68 -50.99
C ILE FA 39 69.57 -17.66 -49.88
N LEU FA 40 68.77 -16.64 -50.18
CA LEU FA 40 68.51 -15.53 -49.27
C LEU FA 40 67.03 -15.47 -48.96
N ALA FA 41 66.68 -15.45 -47.67
CA ALA FA 41 65.30 -15.21 -47.29
C ALA FA 41 64.92 -13.76 -47.59
N ASN FA 42 63.63 -13.55 -47.90
CA ASN FA 42 63.20 -12.18 -48.17
C ASN FA 42 63.18 -11.33 -46.90
N ASN FA 43 63.27 -11.97 -45.74
CA ASN FA 43 63.39 -11.29 -44.47
C ASN FA 43 64.77 -10.69 -44.27
N CYS FA 44 65.71 -10.97 -45.15
CA CYS FA 44 67.09 -10.56 -44.96
C CYS FA 44 67.19 -9.04 -44.91
N PRO FA 45 68.06 -8.49 -44.07
CA PRO FA 45 68.30 -7.05 -44.10
C PRO FA 45 68.77 -6.62 -45.48
N ALA FA 46 68.32 -5.44 -45.90
CA ALA FA 46 68.58 -5.01 -47.27
C ALA FA 46 70.08 -4.82 -47.52
N LEU FA 47 70.79 -4.29 -46.53
CA LEU FA 47 72.24 -4.14 -46.67
C LEU FA 47 72.92 -5.49 -46.81
N ARG FA 48 72.53 -6.46 -46.00
CA ARG FA 48 73.13 -7.79 -46.09
C ARG FA 48 72.82 -8.44 -47.43
N LYS FA 49 71.59 -8.29 -47.91
CA LYS FA 49 71.20 -8.84 -49.20
C LYS FA 49 72.03 -8.22 -50.32
N SER FA 50 72.20 -6.90 -50.29
CA SER FA 50 72.99 -6.22 -51.32
C SER FA 50 74.45 -6.66 -51.26
N GLU FA 51 75.01 -6.80 -50.06
CA GLU FA 51 76.40 -7.18 -49.93
C GLU FA 51 76.63 -8.61 -50.41
N ILE FA 52 75.72 -9.52 -50.08
CA ILE FA 52 75.86 -10.90 -50.55
C ILE FA 52 75.68 -10.98 -52.07
N GLU FA 53 74.79 -10.15 -52.62
CA GLU FA 53 74.65 -10.11 -54.08
C GLU FA 53 75.92 -9.59 -54.74
N TYR FA 54 76.57 -8.59 -54.14
CA TYR FA 54 77.83 -8.10 -54.68
C TYR FA 54 78.92 -9.17 -54.59
N TYR FA 55 78.99 -9.87 -53.47
CA TYR FA 55 79.95 -10.97 -53.32
C TYR FA 55 79.71 -12.04 -54.36
N ALA FA 56 78.44 -12.37 -54.61
CA ALA FA 56 78.10 -13.38 -55.60
C ALA FA 56 78.43 -12.93 -57.01
N MET FA 57 78.25 -11.64 -57.29
CA MET FA 57 78.66 -11.11 -58.59
C MET FA 57 80.17 -11.22 -58.76
N LEU FA 58 80.92 -10.96 -57.69
CA LEU FA 58 82.37 -11.10 -57.76
C LEU FA 58 82.77 -12.56 -57.96
N ALA FA 59 82.09 -13.48 -57.27
CA ALA FA 59 82.45 -14.89 -57.29
C ALA FA 59 81.83 -15.65 -58.45
N LYS FA 60 80.98 -15.01 -59.24
CA LYS FA 60 80.28 -15.64 -60.36
C LYS FA 60 79.47 -16.84 -59.90
N THR FA 61 78.65 -16.62 -58.86
CA THR FA 61 77.79 -17.67 -58.33
C THR FA 61 76.35 -17.16 -58.29
N GLY FA 62 75.41 -18.11 -58.29
CA GLY FA 62 74.01 -17.75 -58.36
C GLY FA 62 73.40 -17.45 -57.01
N VAL FA 63 72.43 -16.55 -57.02
CA VAL FA 63 71.68 -16.17 -55.84
C VAL FA 63 70.20 -16.40 -56.11
N HIS FA 64 69.55 -17.16 -55.23
CA HIS FA 64 68.11 -17.38 -55.29
C HIS FA 64 67.46 -16.68 -54.11
N HIS FA 65 66.46 -15.85 -54.40
CA HIS FA 65 65.70 -15.15 -53.38
C HIS FA 65 64.52 -16.02 -53.00
N TYR FA 66 64.65 -16.73 -51.88
CA TYR FA 66 63.62 -17.63 -51.41
C TYR FA 66 62.35 -16.87 -51.09
N SER FA 67 61.21 -17.41 -51.53
CA SER FA 67 59.92 -16.79 -51.29
C SER FA 67 59.34 -17.25 -49.95
N GLY FA 68 60.12 -17.02 -48.90
CA GLY FA 68 59.71 -17.37 -47.56
C GLY FA 68 60.07 -16.30 -46.56
N ASN FA 69 60.76 -16.68 -45.50
CA ASN FA 69 61.44 -15.77 -44.58
C ASN FA 69 62.49 -16.61 -43.87
N ASN FA 70 63.11 -16.07 -42.83
CA ASN FA 70 64.16 -16.85 -42.17
C ASN FA 70 63.58 -18.05 -41.44
N ILE FA 71 62.40 -17.89 -40.84
CA ILE FA 71 61.73 -19.02 -40.19
C ILE FA 71 61.38 -20.10 -41.21
N GLU FA 72 60.78 -19.69 -42.33
CA GLU FA 72 60.34 -20.67 -43.31
C GLU FA 72 61.51 -21.30 -44.04
N LEU FA 73 62.60 -20.57 -44.20
CA LEU FA 73 63.80 -21.15 -44.79
C LEU FA 73 64.46 -22.15 -43.83
N GLY FA 74 64.43 -21.86 -42.54
CA GLY FA 74 64.88 -22.86 -41.58
C GLY FA 74 64.04 -24.12 -41.62
N THR FA 75 62.72 -23.96 -41.73
CA THR FA 75 61.84 -25.12 -41.84
C THR FA 75 62.13 -25.89 -43.13
N ALA FA 76 62.36 -25.18 -44.23
CA ALA FA 76 62.67 -25.85 -45.50
C ALA FA 76 63.99 -26.59 -45.42
N CYS FA 77 64.96 -26.03 -44.69
CA CYS FA 77 66.21 -26.74 -44.44
C CYS FA 77 66.02 -27.89 -43.45
N GLY FA 78 64.90 -27.92 -42.75
CA GLY FA 78 64.66 -28.98 -41.79
C GLY FA 78 65.21 -28.71 -40.42
N LYS FA 79 65.68 -27.50 -40.16
CA LYS FA 79 66.19 -27.12 -38.86
C LYS FA 79 65.08 -26.50 -38.02
N TYR FA 80 65.33 -26.39 -36.72
CA TYR FA 80 64.41 -25.75 -35.81
C TYR FA 80 64.87 -24.36 -35.41
N TYR FA 81 65.72 -23.74 -36.22
CA TYR FA 81 66.16 -22.37 -36.02
C TYR FA 81 66.01 -21.61 -37.31
N ARG FA 82 65.99 -20.28 -37.19
CA ARG FA 82 65.91 -19.42 -38.36
C ARG FA 82 67.24 -19.40 -39.09
N VAL FA 83 67.19 -19.60 -40.41
CA VAL FA 83 68.34 -19.37 -41.27
C VAL FA 83 67.96 -18.30 -42.27
N CYS FA 84 68.80 -17.28 -42.39
CA CYS FA 84 68.55 -16.15 -43.27
C CYS FA 84 69.35 -16.21 -44.55
N THR FA 85 70.52 -16.84 -44.51
CA THR FA 85 71.39 -16.97 -45.66
C THR FA 85 71.98 -18.37 -45.66
N LEU FA 86 72.06 -18.99 -46.83
CA LEU FA 86 72.67 -20.31 -46.88
C LEU FA 86 73.41 -20.47 -48.20
N ALA FA 87 74.36 -21.40 -48.22
CA ALA FA 87 75.14 -21.67 -49.41
C ALA FA 87 75.20 -23.18 -49.64
N ILE FA 88 75.31 -23.57 -50.90
CA ILE FA 88 75.43 -24.96 -51.30
C ILE FA 88 76.80 -25.16 -51.92
N ILE FA 89 77.61 -26.03 -51.33
CA ILE FA 89 78.91 -26.33 -51.89
C ILE FA 89 78.76 -27.20 -53.13
N ASP FA 90 77.95 -28.25 -53.06
CA ASP FA 90 77.63 -29.08 -54.21
C ASP FA 90 76.25 -29.67 -53.96
N PRO FA 91 75.36 -29.64 -54.94
CA PRO FA 91 74.00 -30.12 -54.72
C PRO FA 91 73.89 -31.63 -54.56
N GLY FA 92 74.43 -32.38 -55.52
CA GLY FA 92 74.19 -33.80 -55.59
C GLY FA 92 72.82 -34.20 -56.08
N ASP FA 93 71.98 -33.25 -56.51
CA ASP FA 93 70.62 -33.57 -56.91
C ASP FA 93 70.07 -32.73 -58.04
N SER FA 94 70.92 -32.12 -58.87
CA SER FA 94 70.51 -31.33 -60.02
C SER FA 94 69.68 -30.10 -59.66
N ASP FA 95 69.79 -29.61 -58.42
CA ASP FA 95 69.37 -28.24 -58.14
C ASP FA 95 70.22 -27.25 -58.91
N ILE FA 96 71.52 -27.54 -59.01
CA ILE FA 96 72.46 -26.76 -59.79
C ILE FA 96 72.83 -27.59 -61.00
N ILE FA 97 72.47 -27.10 -62.19
CA ILE FA 97 72.76 -27.85 -63.41
C ILE FA 97 74.24 -27.78 -63.72
N ARG FA 98 74.80 -28.91 -64.14
CA ARG FA 98 76.21 -29.01 -64.47
C ARG FA 98 76.59 -28.13 -65.65
N ASN GA 1 76.49 11.04 79.60
CA ASN GA 1 77.41 11.63 78.62
C ASN GA 1 76.64 12.22 77.46
N GLU GA 2 77.34 12.88 76.53
CA GLU GA 2 76.69 13.46 75.38
C GLU GA 2 77.45 13.25 74.08
N VAL GA 3 78.51 12.44 74.07
CA VAL GA 3 79.23 12.13 72.84
C VAL GA 3 79.09 10.61 72.67
N VAL GA 4 77.92 10.10 73.01
CA VAL GA 4 77.67 8.67 72.99
C VAL GA 4 77.34 8.22 71.58
N THR GA 5 77.68 6.98 71.27
CA THR GA 5 77.30 6.33 70.02
C THR GA 5 76.74 4.94 70.29
N ARG GA 6 75.64 4.64 69.62
CA ARG GA 6 74.88 3.42 69.86
C ARG GA 6 74.50 2.80 68.53
N GLU GA 7 74.23 1.50 68.55
CA GLU GA 7 73.80 0.77 67.38
C GLU GA 7 72.36 0.31 67.61
N TYR GA 8 71.48 0.73 66.70
CA TYR GA 8 70.07 0.37 66.71
C TYR GA 8 69.73 -0.40 65.46
N THR GA 9 68.58 -1.06 65.49
CA THR GA 9 67.95 -1.59 64.30
C THR GA 9 66.55 -0.99 64.18
N ILE GA 10 66.20 -0.62 62.96
CA ILE GA 10 64.97 0.12 62.69
C ILE GA 10 64.08 -0.74 61.82
N ASN GA 11 62.81 -0.83 62.21
CA ASN GA 11 61.78 -1.53 61.45
C ASN GA 11 61.22 -0.58 60.40
N ILE GA 12 61.95 -0.49 59.29
CA ILE GA 12 61.51 0.31 58.15
C ILE GA 12 60.18 -0.21 57.65
N HIS GA 13 59.99 -1.53 57.65
CA HIS GA 13 58.72 -2.10 57.22
C HIS GA 13 57.56 -1.53 58.04
N LYS GA 14 57.73 -1.50 59.36
CA LYS GA 14 56.71 -0.98 60.25
C LYS GA 14 56.46 0.50 60.00
N ARG GA 15 57.52 1.29 59.82
CA ARG GA 15 57.32 2.72 59.67
C ARG GA 15 56.90 3.13 58.27
N ILE GA 16 56.99 2.24 57.29
CA ILE GA 16 56.63 2.58 55.91
C ILE GA 16 55.32 1.92 55.49
N HIS GA 17 54.80 0.97 56.26
CA HIS GA 17 53.58 0.27 55.90
C HIS GA 17 52.45 1.23 55.56
N GLY GA 18 51.91 1.09 54.35
CA GLY GA 18 50.80 1.89 53.89
C GLY GA 18 51.17 3.03 52.97
N VAL GA 19 52.44 3.26 52.73
CA VAL GA 19 52.91 4.37 51.91
C VAL GA 19 52.95 3.93 50.46
N GLY GA 20 52.56 4.84 49.55
CA GLY GA 20 52.53 4.52 48.13
C GLY GA 20 53.90 4.26 47.55
N PHE GA 21 53.90 3.70 46.34
CA PHE GA 21 55.13 3.16 45.76
C PHE GA 21 56.17 4.24 45.54
N LYS GA 22 55.77 5.37 44.98
CA LYS GA 22 56.72 6.42 44.64
C LYS GA 22 57.12 7.26 45.85
N LYS GA 23 56.74 6.84 47.06
CA LYS GA 23 57.04 7.60 48.25
C LYS GA 23 57.76 6.78 49.32
N ARG GA 24 58.00 5.48 49.08
CA ARG GA 24 58.43 4.61 50.16
C ARG GA 24 59.87 4.89 50.59
N ALA GA 25 60.79 4.98 49.65
CA ALA GA 25 62.18 5.30 50.02
C ALA GA 25 62.34 6.73 50.57
N PRO GA 26 61.75 7.77 49.99
CA PRO GA 26 61.82 9.09 50.64
C PRO GA 26 61.21 9.09 52.03
N ARG GA 27 60.10 8.38 52.22
CA ARG GA 27 59.52 8.31 53.54
C ARG GA 27 60.39 7.49 54.48
N ALA GA 28 61.13 6.51 53.95
CA ALA GA 28 62.07 5.77 54.79
C ALA GA 28 63.18 6.67 55.29
N LEU GA 29 63.70 7.54 54.43
CA LEU GA 29 64.68 8.53 54.89
C LEU GA 29 64.08 9.46 55.95
N LYS GA 30 62.85 9.91 55.73
CA LYS GA 30 62.21 10.80 56.70
C LYS GA 30 62.00 10.10 58.04
N GLU GA 31 61.59 8.83 58.01
CA GLU GA 31 61.38 8.09 59.25
C GLU GA 31 62.70 7.78 59.95
N ILE GA 32 63.78 7.53 59.19
CA ILE GA 32 65.08 7.35 59.82
C ILE GA 32 65.52 8.62 60.52
N ARG GA 33 65.33 9.77 59.86
CA ARG GA 33 65.68 11.04 60.47
C ARG GA 33 64.84 11.30 61.72
N LYS GA 34 63.54 11.00 61.65
CA LYS GA 34 62.68 11.19 62.81
C LYS GA 34 63.06 10.26 63.95
N PHE GA 35 63.42 9.02 63.63
CA PHE GA 35 63.88 8.07 64.64
C PHE GA 35 65.14 8.58 65.33
N ALA GA 36 66.08 9.11 64.55
CA ALA GA 36 67.31 9.64 65.14
C ALA GA 36 67.01 10.83 66.03
N MET GA 37 66.12 11.73 65.59
CA MET GA 37 65.75 12.87 66.42
C MET GA 37 65.13 12.42 67.72
N LYS GA 38 64.22 11.45 67.67
CA LYS GA 38 63.57 10.99 68.88
C LYS GA 38 64.55 10.30 69.83
N GLU GA 39 65.49 9.52 69.28
CA GLU GA 39 66.38 8.76 70.14
C GLU GA 39 67.45 9.63 70.77
N MET GA 40 68.02 10.58 70.02
CA MET GA 40 69.18 11.31 70.51
C MET GA 40 68.85 12.75 70.91
N GLY GA 41 67.62 13.20 70.72
CA GLY GA 41 67.25 14.55 71.12
C GLY GA 41 67.99 15.65 70.39
N THR GA 42 68.30 15.45 69.12
CA THR GA 42 69.05 16.43 68.34
C THR GA 42 68.28 16.75 67.08
N PRO GA 43 67.83 18.00 66.88
CA PRO GA 43 67.19 18.36 65.61
C PRO GA 43 68.13 18.27 64.42
N ASP GA 44 69.44 18.39 64.63
CA ASP GA 44 70.41 18.30 63.55
C ASP GA 44 70.78 16.83 63.37
N VAL GA 45 70.29 16.23 62.30
CA VAL GA 45 70.56 14.83 61.99
C VAL GA 45 71.11 14.75 60.59
N ARG GA 46 72.34 14.25 60.46
CA ARG GA 46 72.96 13.99 59.19
C ARG GA 46 72.89 12.50 58.89
N ILE GA 47 72.57 12.17 57.64
CA ILE GA 47 72.46 10.79 57.19
C ILE GA 47 73.60 10.52 56.22
N ASP GA 48 74.38 9.49 56.50
CA ASP GA 48 75.51 9.15 55.65
C ASP GA 48 75.02 8.75 54.26
N THR GA 49 75.83 9.09 53.26
CA THR GA 49 75.48 8.72 51.89
C THR GA 49 75.47 7.21 51.71
N ARG GA 50 76.30 6.48 52.45
CA ARG GA 50 76.24 5.02 52.40
C ARG GA 50 74.92 4.52 52.96
N LEU GA 51 74.41 5.15 54.01
CA LEU GA 51 73.10 4.78 54.53
C LEU GA 51 71.99 5.10 53.54
N ASN GA 52 72.08 6.26 52.88
CA ASN GA 52 71.09 6.60 51.87
C ASN GA 52 71.11 5.59 50.72
N LYS GA 53 72.30 5.18 50.29
CA LYS GA 53 72.42 4.16 49.26
C LYS GA 53 71.86 2.83 49.73
N ALA GA 54 72.08 2.48 51.00
CA ALA GA 54 71.55 1.23 51.54
C ALA GA 54 70.03 1.24 51.53
N VAL GA 55 69.42 2.38 51.86
CA VAL GA 55 67.96 2.46 51.84
C VAL GA 55 67.45 2.41 50.40
N TRP GA 56 68.13 3.07 49.48
CA TRP GA 56 67.70 3.09 48.09
C TRP GA 56 68.24 1.92 47.28
N ALA GA 57 68.79 0.90 47.94
CA ALA GA 57 69.47 -0.18 47.24
C ALA GA 57 68.52 -0.95 46.32
N LYS GA 58 67.31 -1.21 46.77
CA LYS GA 58 66.35 -2.01 46.01
C LYS GA 58 65.29 -1.15 45.33
N GLY GA 59 65.63 0.07 44.95
CA GLY GA 59 64.69 0.92 44.27
C GLY GA 59 63.85 1.76 45.21
N ILE GA 60 62.84 2.39 44.61
CA ILE GA 60 62.04 3.37 45.35
C ILE GA 60 60.93 2.73 46.15
N ARG GA 61 60.47 1.52 45.80
CA ARG GA 61 59.32 0.94 46.46
C ARG GA 61 59.62 -0.30 47.26
N ASN GA 62 60.67 -1.04 46.95
CA ASN GA 62 60.99 -2.25 47.70
C ASN GA 62 62.10 -1.98 48.72
N VAL GA 63 61.80 -1.10 49.66
CA VAL GA 63 62.77 -0.73 50.69
C VAL GA 63 63.00 -1.92 51.61
N PRO GA 64 64.22 -2.12 52.13
CA PRO GA 64 64.44 -3.22 53.09
C PRO GA 64 63.57 -3.09 54.32
N TYR GA 65 63.14 -4.25 54.84
CA TYR GA 65 62.22 -4.26 55.97
C TYR GA 65 62.89 -3.75 57.25
N ARG GA 66 64.11 -4.18 57.50
CA ARG GA 66 64.85 -3.77 58.69
C ARG GA 66 66.20 -3.21 58.25
N ILE GA 67 66.74 -2.30 59.05
CA ILE GA 67 68.07 -1.78 58.74
C ILE GA 67 68.81 -1.50 60.04
N ARG GA 68 70.10 -1.86 60.06
CA ARG GA 68 70.93 -1.69 61.24
C ARG GA 68 71.74 -0.40 61.05
N VAL GA 69 71.52 0.56 61.93
CA VAL GA 69 72.16 1.86 61.83
C VAL GA 69 72.91 2.14 63.12
N ARG GA 70 73.79 3.13 63.05
CA ARG GA 70 74.58 3.57 64.19
C ARG GA 70 74.38 5.06 64.36
N LEU GA 71 73.86 5.45 65.52
CA LEU GA 71 73.63 6.86 65.85
C LEU GA 71 74.77 7.34 66.72
N SER GA 72 75.49 8.35 66.25
CA SER GA 72 76.60 8.95 66.99
C SER GA 72 76.24 10.41 67.26
N ARG GA 73 76.18 10.78 68.52
CA ARG GA 73 75.96 12.18 68.87
C ARG GA 73 77.31 12.86 69.00
N LYS GA 74 77.51 13.94 68.24
CA LYS GA 74 78.81 14.57 68.13
C LYS GA 74 78.67 16.06 68.40
N ARG GA 75 79.78 16.67 68.81
CA ARG GA 75 79.80 18.10 69.06
C ARG GA 75 79.72 18.86 67.75
N ASN GA 76 78.80 19.82 67.68
CA ASN GA 76 78.72 20.73 66.55
C ASN GA 76 79.54 21.99 66.79
N GLU GA 77 80.39 22.01 67.82
CA GLU GA 77 81.13 23.21 68.19
C GLU GA 77 82.22 23.52 67.18
N ASP GA 78 81.80 23.86 65.95
CA ASP GA 78 82.71 24.29 64.91
C ASP GA 78 82.41 25.69 64.40
N GLU GA 79 81.24 26.24 64.69
CA GLU GA 79 80.85 27.57 64.26
C GLU GA 79 79.70 28.03 65.16
N ASP GA 80 79.23 29.26 64.91
CA ASP GA 80 78.09 29.79 65.64
C ASP GA 80 76.83 29.19 65.06
N SER GA 81 76.30 28.17 65.72
CA SER GA 81 75.09 27.49 65.30
C SER GA 81 74.11 27.39 66.45
N PRO GA 82 72.81 27.35 66.16
CA PRO GA 82 71.82 27.21 67.24
C PRO GA 82 71.95 25.92 68.02
N ASN GA 83 72.43 24.85 67.38
CA ASN GA 83 72.57 23.54 68.01
C ASN GA 83 74.05 23.22 68.16
N LYS GA 84 74.45 22.82 69.37
CA LYS GA 84 75.82 22.41 69.63
C LYS GA 84 76.01 20.91 69.53
N LEU GA 85 74.95 20.15 69.22
CA LEU GA 85 75.02 18.72 69.08
C LEU GA 85 74.33 18.30 67.79
N TYR GA 86 74.86 17.25 67.17
CA TYR GA 86 74.27 16.71 65.96
C TYR GA 86 74.46 15.20 65.96
N THR GA 87 73.57 14.51 65.26
CA THR GA 87 73.57 13.05 65.20
C THR GA 87 73.93 12.61 63.79
N LEU GA 88 75.03 11.87 63.66
CA LEU GA 88 75.39 11.25 62.40
C LEU GA 88 74.88 9.82 62.39
N VAL GA 89 74.10 9.47 61.37
CA VAL GA 89 73.52 8.14 61.25
C VAL GA 89 74.27 7.42 60.14
N THR GA 90 74.99 6.36 60.49
CA THR GA 90 75.74 5.57 59.53
C THR GA 90 75.11 4.21 59.37
N TYR GA 91 75.59 3.48 58.36
CA TYR GA 91 75.01 2.20 57.97
C TYR GA 91 75.89 1.07 58.50
N VAL GA 92 75.26 0.10 59.14
CA VAL GA 92 75.97 -1.07 59.67
C VAL GA 92 75.50 -2.30 58.91
N PRO GA 93 76.29 -2.83 57.98
CA PRO GA 93 75.87 -4.04 57.26
C PRO GA 93 75.86 -5.25 58.17
N VAL GA 94 74.75 -5.99 58.14
CA VAL GA 94 74.60 -7.20 58.94
C VAL GA 94 74.12 -8.31 58.02
N THR GA 95 74.35 -9.55 58.47
CA THR GA 95 73.88 -10.72 57.73
C THR GA 95 72.53 -11.21 58.22
N THR GA 96 72.19 -10.98 59.49
CA THR GA 96 70.90 -11.36 60.01
C THR GA 96 70.49 -10.35 61.07
N PHE GA 97 69.18 -10.21 61.27
CA PHE GA 97 68.64 -9.30 62.27
C PHE GA 97 68.13 -10.02 63.50
N LYS GA 98 68.34 -11.33 63.59
CA LYS GA 98 67.84 -12.09 64.73
C LYS GA 98 68.69 -11.81 65.96
N ASN GA 99 68.01 -11.56 67.08
CA ASN GA 99 68.65 -11.38 68.39
C ASN GA 99 69.60 -10.20 68.43
N LEU GA 100 69.34 -9.17 67.65
CA LEU GA 100 70.15 -7.95 67.69
C LEU GA 100 69.49 -6.95 68.62
N GLN GA 101 70.20 -6.57 69.67
CA GLN GA 101 69.73 -5.60 70.64
C GLN GA 101 70.28 -4.23 70.31
N THR GA 102 69.72 -3.21 70.95
CA THR GA 102 70.31 -1.88 70.90
C THR GA 102 71.52 -1.86 71.82
N VAL GA 103 72.69 -1.58 71.27
CA VAL GA 103 73.94 -1.75 72.02
C VAL GA 103 74.72 -0.44 72.03
N ASN GA 104 75.24 -0.08 73.20
CA ASN GA 104 76.19 1.01 73.28
C ASN GA 104 77.50 0.57 72.67
N VAL GA 105 78.06 1.36 71.76
CA VAL GA 105 79.33 1.04 71.13
C VAL GA 105 80.36 2.07 71.57
N ASP GA 106 81.57 1.61 71.84
CA ASP GA 106 82.63 2.46 72.36
C ASP GA 106 83.24 3.26 71.22
N GLU GA 107 84.37 3.92 71.50
CA GLU GA 107 85.03 4.76 70.52
C GLU GA 107 85.80 3.93 69.50
N ALA HA 1 25.03 93.59 77.47
CA ALA HA 1 26.12 92.94 76.76
C ALA HA 1 25.96 93.10 75.25
N ALA HA 2 25.34 92.12 74.62
CA ALA HA 2 25.13 92.16 73.18
C ALA HA 2 24.07 93.20 72.82
N LEU HA 3 24.20 93.77 71.63
CA LEU HA 3 23.21 94.70 71.12
C LEU HA 3 21.89 93.99 70.88
N ARG HA 4 20.80 94.66 71.18
CA ARG HA 4 19.51 94.01 71.09
C ARG HA 4 18.70 94.55 69.92
N PRO HA 5 17.88 93.71 69.28
CA PRO HA 5 17.06 94.19 68.17
C PRO HA 5 15.91 95.04 68.67
N LEU HA 6 15.25 95.70 67.71
CA LEU HA 6 14.13 96.57 68.04
C LEU HA 6 12.99 95.78 68.68
N VAL HA 7 12.56 94.70 68.02
CA VAL HA 7 11.56 93.80 68.57
C VAL HA 7 12.08 92.38 68.42
N LYS HA 8 11.67 91.52 69.34
CA LYS HA 8 12.06 90.11 69.34
C LYS HA 8 10.80 89.26 69.39
N PRO HA 9 10.11 89.09 68.27
CA PRO HA 9 8.94 88.22 68.25
C PRO HA 9 9.35 86.76 68.35
N LYS HA 10 8.38 85.94 68.71
CA LYS HA 10 8.62 84.50 68.75
C LYS HA 10 8.68 83.96 67.34
N ILE HA 11 9.84 83.41 66.95
CA ILE HA 11 10.02 82.88 65.61
C ILE HA 11 9.48 81.46 65.58
N VAL HA 12 8.51 81.22 64.72
CA VAL HA 12 7.85 79.92 64.60
C VAL HA 12 8.28 79.30 63.28
N LYS HA 13 8.90 78.12 63.36
CA LYS HA 13 9.31 77.37 62.20
C LYS HA 13 8.34 76.24 61.97
N LYS HA 14 7.70 76.20 60.81
CA LYS HA 14 6.77 75.13 60.50
C LYS HA 14 7.49 73.78 60.43
N ARG HA 15 8.67 73.76 59.84
CA ARG HA 15 9.49 72.56 59.80
C ARG HA 15 10.92 72.94 60.14
N THR HA 16 11.57 72.14 60.98
CA THR HA 16 12.93 72.40 61.39
C THR HA 16 13.95 71.51 60.69
N LYS HA 17 13.53 70.33 60.24
CA LYS HA 17 14.43 69.42 59.54
C LYS HA 17 14.59 69.85 58.09
N LYS HA 18 15.42 69.12 57.36
CA LYS HA 18 15.67 69.38 55.96
C LYS HA 18 14.89 68.42 55.09
N PHE HA 19 14.51 68.90 53.91
CA PHE HA 19 13.87 68.04 52.91
C PHE HA 19 14.97 67.31 52.16
N ILE HA 20 15.21 66.06 52.50
CA ILE HA 20 16.23 65.28 51.83
C ILE HA 20 15.64 64.67 50.57
N ARG HA 21 16.48 64.50 49.56
CA ARG HA 21 16.06 63.88 48.32
C ARG HA 21 15.69 62.42 48.53
N HIS HA 22 14.69 61.95 47.79
CA HIS HA 22 14.28 60.56 47.84
C HIS HA 22 15.44 59.66 47.44
N GLN HA 23 15.66 58.61 48.24
CA GLN HA 23 16.71 57.61 48.04
C GLN HA 23 18.11 58.18 48.14
N SER HA 24 18.27 59.38 48.70
CA SER HA 24 19.61 59.91 48.92
C SER HA 24 20.32 59.18 50.04
N ASP HA 25 19.59 58.44 50.86
CA ASP HA 25 20.21 57.63 51.90
C ASP HA 25 20.85 56.36 51.36
N ARG HA 26 20.35 55.84 50.24
CA ARG HA 26 20.83 54.58 49.71
C ARG HA 26 22.01 54.71 48.77
N TYR HA 27 22.32 55.90 48.28
CA TYR HA 27 23.38 56.09 47.32
C TYR HA 27 24.25 57.28 47.70
N VAL HA 28 25.54 57.14 47.46
CA VAL HA 28 26.45 58.28 47.59
C VAL HA 28 26.33 59.18 46.35
N LYS HA 29 26.04 58.59 45.19
CA LYS HA 29 25.88 59.37 43.97
C LYS HA 29 24.69 60.30 44.03
N ILE HA 30 23.75 60.08 44.95
CA ILE HA 30 22.57 60.91 45.09
C ILE HA 30 22.79 61.82 46.28
N LYS HA 31 23.02 63.10 46.01
CA LYS HA 31 23.18 64.07 47.08
C LYS HA 31 21.83 64.38 47.71
N ARG HA 32 21.87 64.92 48.92
CA ARG HA 32 20.65 65.18 49.67
C ARG HA 32 19.90 66.42 49.18
N ASN HA 33 20.47 67.17 48.24
CA ASN HA 33 19.77 68.31 47.67
C ASN HA 33 18.44 67.89 47.07
N TRP HA 34 17.41 68.66 47.34
CA TRP HA 34 16.07 68.24 46.97
C TRP HA 34 15.89 68.24 45.46
N ARG HA 35 15.37 67.13 44.94
CA ARG HA 35 14.93 67.04 43.55
C ARG HA 35 13.51 66.50 43.55
N LYS HA 36 12.65 67.13 42.77
CA LYS HA 36 11.26 66.69 42.69
C LYS HA 36 11.19 65.36 41.98
N PRO HA 37 10.61 64.33 42.60
CA PRO HA 37 10.52 63.02 41.92
C PRO HA 37 9.48 63.06 40.82
N ARG HA 38 9.86 62.57 39.64
CA ARG HA 38 8.96 62.58 38.50
C ARG HA 38 8.76 61.20 37.90
N GLY HA 39 9.07 60.14 38.65
CA GLY HA 39 8.83 58.81 38.16
C GLY HA 39 7.36 58.49 38.10
N ILE HA 40 7.00 57.57 37.19
CA ILE HA 40 5.60 57.23 37.00
C ILE HA 40 5.07 56.47 38.22
N ASP HA 41 5.90 55.63 38.84
CA ASP HA 41 5.48 54.83 39.97
C ASP HA 41 5.99 55.37 41.31
N ASN HA 42 6.51 56.60 41.33
CA ASN HA 42 7.19 57.10 42.51
C ASN HA 42 6.22 57.32 43.66
N ARG HA 43 6.40 56.59 44.75
CA ARG HA 43 5.49 56.71 45.87
C ARG HA 43 5.70 57.99 46.66
N VAL HA 44 6.92 58.51 46.68
CA VAL HA 44 7.15 59.81 47.30
C VAL HA 44 6.42 60.91 46.53
N ARG HA 45 6.52 60.88 45.20
CA ARG HA 45 5.77 61.84 44.39
C ARG HA 45 4.27 61.66 44.58
N ARG HA 46 3.81 60.41 44.65
CA ARG HA 46 2.40 60.15 44.85
C ARG HA 46 1.92 60.43 46.26
N ARG HA 47 2.84 60.71 47.20
CA ARG HA 47 2.51 61.12 48.57
C ARG HA 47 1.85 60.01 49.36
N PHE HA 48 2.43 58.82 49.28
CA PHE HA 48 1.98 57.73 50.14
C PHE HA 48 2.41 58.00 51.58
N LYS HA 49 1.64 57.46 52.52
CA LYS HA 49 1.90 57.71 53.92
C LYS HA 49 3.21 57.07 54.35
N GLY HA 50 3.89 57.71 55.30
CA GLY HA 50 5.13 57.19 55.81
C GLY HA 50 6.33 57.40 54.92
N GLN HA 51 6.21 58.21 53.87
CA GLN HA 51 7.28 58.41 52.92
C GLN HA 51 7.99 59.73 53.19
N ILE HA 52 8.99 60.02 52.35
CA ILE HA 52 9.69 61.29 52.42
C ILE HA 52 8.76 62.41 51.98
N LEU HA 53 8.69 63.48 52.76
CA LEU HA 53 7.79 64.58 52.47
C LEU HA 53 8.33 65.45 51.35
N MET HA 54 7.41 65.98 50.54
CA MET HA 54 7.91 66.90 49.53
C MET HA 54 7.69 68.34 49.97
N PRO HA 55 8.65 69.22 49.70
CA PRO HA 55 8.44 70.64 49.99
C PRO HA 55 7.30 71.22 49.17
N ASN HA 56 6.58 72.14 49.79
CA ASN HA 56 5.56 72.92 49.09
C ASN HA 56 5.42 74.25 49.80
N ILE HA 57 4.59 75.12 49.22
CA ILE HA 57 4.52 76.50 49.68
C ILE HA 57 3.86 76.61 51.05
N GLY HA 58 3.18 75.57 51.52
CA GLY HA 58 2.54 75.64 52.82
C GLY HA 58 3.49 75.68 53.98
N TYR HA 59 4.72 75.25 53.77
CA TYR HA 59 5.76 75.29 54.79
C TYR HA 59 6.40 76.67 54.92
N GLY HA 60 5.94 77.64 54.14
CA GLY HA 60 6.59 78.93 54.15
C GLY HA 60 6.51 79.61 55.51
N SER HA 61 7.59 80.31 55.86
CA SER HA 61 7.67 80.97 57.15
C SER HA 61 6.83 82.24 57.16
N ASN HA 62 6.45 82.65 58.37
CA ASN HA 62 5.77 83.91 58.56
C ASN HA 62 6.61 85.06 58.00
N LYS HA 63 5.98 85.94 57.24
CA LYS HA 63 6.70 87.03 56.59
C LYS HA 63 7.29 88.01 57.59
N LYS HA 64 6.75 88.08 58.80
CA LYS HA 64 7.30 88.99 59.79
C LYS HA 64 8.62 88.47 60.33
N THR HA 65 8.77 87.16 60.46
CA THR HA 65 9.96 86.56 61.04
C THR HA 65 10.82 85.83 60.01
N LYS HA 66 10.55 86.01 58.73
CA LYS HA 66 11.34 85.35 57.70
C LYS HA 66 12.74 85.96 57.63
N HIS HA 67 13.74 85.09 57.46
CA HIS HA 67 15.16 85.43 57.39
C HIS HA 67 15.70 85.99 58.69
N MET HA 68 14.94 85.92 59.78
CA MET HA 68 15.41 86.42 61.06
C MET HA 68 16.37 85.41 61.69
N LEU HA 69 17.50 85.91 62.17
CA LEU HA 69 18.41 85.08 62.94
C LEU HA 69 17.79 84.81 64.31
N PRO HA 70 18.28 83.79 65.02
CA PRO HA 70 17.79 83.55 66.38
C PRO HA 70 17.98 84.74 67.31
N SER HA 71 18.95 85.60 67.05
CA SER HA 71 19.13 86.81 67.84
C SER HA 71 18.03 87.84 67.58
N GLY HA 72 17.25 87.70 66.52
CA GLY HA 72 16.23 88.66 66.16
C GLY HA 72 16.64 89.64 65.08
N PHE HA 73 17.92 89.69 64.74
CA PHE HA 73 18.39 90.54 63.67
C PHE HA 73 18.23 89.85 62.33
N ARG HA 74 18.46 90.60 61.26
CA ARG HA 74 18.55 90.03 59.92
C ARG HA 74 19.93 90.30 59.36
N LYS HA 75 20.44 89.33 58.61
CA LYS HA 75 21.84 89.31 58.22
C LYS HA 75 22.07 90.15 56.97
N PHE HA 76 23.19 90.87 56.95
CA PHE HA 76 23.61 91.62 55.77
C PHE HA 76 25.12 91.46 55.60
N LEU HA 77 25.56 91.15 54.39
CA LEU HA 77 26.96 90.85 54.14
C LEU HA 77 27.71 92.11 53.75
N VAL HA 78 28.86 92.34 54.40
CA VAL HA 78 29.69 93.51 54.16
C VAL HA 78 31.11 93.04 53.82
N HIS HA 79 31.75 93.76 52.89
CA HIS HA 79 33.09 93.43 52.45
C HIS HA 79 34.14 94.43 52.87
N ASN HA 80 33.75 95.63 53.26
CA ASN HA 80 34.69 96.64 53.71
C ASN HA 80 33.96 97.61 54.65
N VAL HA 81 34.68 98.64 55.09
CA VAL HA 81 34.11 99.59 56.03
C VAL HA 81 33.00 100.41 55.37
N LYS HA 82 33.17 100.73 54.09
CA LYS HA 82 32.21 101.60 53.41
C LYS HA 82 30.82 100.96 53.33
N GLU HA 83 30.77 99.65 53.07
CA GLU HA 83 29.48 98.96 53.05
C GLU HA 83 28.89 98.75 54.43
N LEU HA 84 29.52 99.27 55.48
CA LEU HA 84 28.99 99.12 56.83
C LEU HA 84 28.10 100.29 57.24
N GLU HA 85 28.35 101.49 56.70
CA GLU HA 85 27.53 102.64 57.07
C GLU HA 85 26.15 102.62 56.44
N VAL HA 86 25.85 101.67 55.55
CA VAL HA 86 24.49 101.54 55.06
C VAL HA 86 23.57 101.03 56.16
N LEU HA 87 24.12 100.38 57.18
CA LEU HA 87 23.33 99.85 58.29
C LEU HA 87 23.20 100.83 59.43
N LEU HA 88 23.75 102.04 59.28
CA LEU HA 88 23.72 103.03 60.35
C LEU HA 88 22.30 103.36 60.76
N MET HA 89 21.40 103.49 59.79
CA MET HA 89 20.00 103.77 60.09
C MET HA 89 19.15 102.52 60.19
N CYS HA 90 19.68 101.36 59.81
CA CYS HA 90 19.03 100.06 59.99
C CYS HA 90 19.63 99.33 61.18
N ASN HA 91 20.16 100.11 62.11
CA ASN HA 91 20.95 99.61 63.23
C ASN HA 91 20.19 98.59 64.06
N LYS HA 92 18.93 98.83 64.36
CA LYS HA 92 18.18 98.04 65.33
C LYS HA 92 17.53 96.80 64.74
N SER HA 93 17.71 96.54 63.44
CA SER HA 93 17.10 95.38 62.82
C SER HA 93 18.03 94.56 61.95
N TYR HA 94 19.17 95.10 61.54
CA TYR HA 94 20.08 94.38 60.66
C TYR HA 94 21.47 94.33 61.28
N CYS HA 95 22.10 93.16 61.18
CA CYS HA 95 23.43 92.92 61.68
C CYS HA 95 24.32 92.54 60.51
N ALA HA 96 25.61 92.83 60.64
CA ALA HA 96 26.56 92.66 59.55
C ALA HA 96 27.39 91.40 59.74
N GLU HA 97 27.61 90.67 58.65
CA GLU HA 97 28.67 89.68 58.57
C GLU HA 97 29.78 90.17 57.67
N ILE HA 98 31.01 90.13 58.18
CA ILE HA 98 32.17 90.33 57.33
C ILE HA 98 32.33 89.14 56.40
N ALA HA 99 32.62 89.41 55.13
CA ALA HA 99 32.76 88.34 54.16
C ALA HA 99 33.91 87.41 54.52
N HIS HA 100 33.82 86.16 54.05
CA HIS HA 100 34.78 85.14 54.45
C HIS HA 100 36.18 85.42 53.94
N ASN HA 101 36.30 86.12 52.83
CA ASN HA 101 37.60 86.35 52.20
C ASN HA 101 38.22 87.68 52.63
N VAL HA 102 37.60 88.42 53.54
CA VAL HA 102 38.18 89.66 54.03
C VAL HA 102 39.34 89.33 54.97
N SER HA 103 40.43 90.08 54.83
CA SER HA 103 41.64 89.79 55.59
C SER HA 103 41.46 90.18 57.06
N SER HA 104 42.39 89.71 57.88
CA SER HA 104 42.31 89.92 59.32
C SER HA 104 42.46 91.39 59.68
N LYS HA 105 43.44 92.07 59.07
CA LYS HA 105 43.65 93.47 59.41
C LYS HA 105 42.49 94.35 58.97
N ASN HA 106 41.84 93.99 57.86
CA ASN HA 106 40.70 94.76 57.41
C ASN HA 106 39.47 94.49 58.26
N ARG HA 107 39.25 93.23 58.63
CA ARG HA 107 38.08 92.94 59.46
C ARG HA 107 38.24 93.46 60.88
N LYS HA 108 39.47 93.66 61.34
CA LYS HA 108 39.66 94.36 62.61
C LYS HA 108 39.10 95.77 62.55
N ALA HA 109 39.41 96.49 61.47
CA ALA HA 109 38.88 97.84 61.29
C ALA HA 109 37.36 97.83 61.13
N ILE HA 110 36.83 96.83 60.40
CA ILE HA 110 35.39 96.72 60.25
C ILE HA 110 34.72 96.52 61.60
N VAL HA 111 35.28 95.63 62.43
CA VAL HA 111 34.71 95.37 63.74
C VAL HA 111 34.76 96.62 64.61
N GLU HA 112 35.87 97.35 64.57
CA GLU HA 112 35.97 98.58 65.36
C GLU HA 112 34.94 99.62 64.92
N ARG HA 113 34.78 99.79 63.60
CA ARG HA 113 33.81 100.77 63.11
C ARG HA 113 32.38 100.35 63.47
N ALA HA 114 32.09 99.05 63.41
CA ALA HA 114 30.76 98.58 63.79
C ALA HA 114 30.50 98.80 65.27
N ALA HA 115 31.53 98.60 66.10
CA ALA HA 115 31.37 98.92 67.52
C ALA HA 115 31.10 100.39 67.72
N GLN HA 116 31.77 101.26 66.94
CA GLN HA 116 31.49 102.69 67.02
C GLN HA 116 30.06 103.00 66.62
N LEU HA 117 29.57 102.39 65.55
CA LEU HA 117 28.25 102.68 65.02
C LEU HA 117 27.15 101.86 65.68
N ALA HA 118 27.48 101.06 66.70
CA ALA HA 118 26.52 100.23 67.43
C ALA HA 118 25.86 99.20 66.52
N ILE HA 119 26.55 98.79 65.47
CA ILE HA 119 26.06 97.78 64.55
C ILE HA 119 26.54 96.42 65.05
N ARG HA 120 25.63 95.46 65.12
CA ARG HA 120 25.98 94.13 65.59
C ARG HA 120 26.68 93.34 64.49
N VAL HA 121 27.76 92.65 64.85
CA VAL HA 121 28.46 91.74 63.95
C VAL HA 121 28.31 90.33 64.51
N THR HA 122 27.91 89.40 63.67
CA THR HA 122 27.72 88.03 64.12
C THR HA 122 29.00 87.21 64.13
N ASN HA 123 30.06 87.69 63.49
CA ASN HA 123 31.39 87.07 63.59
C ASN HA 123 32.42 88.15 63.89
N PRO HA 124 32.36 88.74 65.09
CA PRO HA 124 33.31 89.82 65.41
C PRO HA 124 34.71 89.32 65.70
N ASN HA 125 34.88 88.09 66.14
CA ASN HA 125 36.18 87.51 66.42
C ASN HA 125 36.41 86.31 65.50
N ALA HA 126 36.88 86.60 64.30
CA ALA HA 126 36.94 85.59 63.24
C ALA HA 126 38.31 85.42 62.61
N ARG HA 127 39.23 86.36 62.76
CA ARG HA 127 40.59 86.18 62.22
C ARG HA 127 41.53 86.90 63.18
N LEU HA 128 42.06 86.15 64.13
CA LEU HA 128 42.93 86.72 65.16
C LEU HA 128 43.74 85.65 65.88
N SER IA 1 5.90 62.31 103.49
CA SER IA 1 4.96 61.82 104.47
C SER IA 1 3.85 61.01 103.83
N GLY IA 2 3.58 61.26 102.55
CA GLY IA 2 2.51 60.56 101.87
C GLY IA 2 2.64 60.69 100.37
N ARG IA 3 1.90 59.83 99.67
CA ARG IA 3 2.04 59.74 98.22
C ARG IA 3 1.52 60.99 97.53
N LEU IA 4 0.36 61.49 97.94
CA LEU IA 4 -0.16 62.78 97.47
C LEU IA 4 -0.40 62.89 95.97
N TRP IA 5 -0.20 61.82 95.21
CA TRP IA 5 -0.57 61.82 93.79
C TRP IA 5 -1.22 60.49 93.45
N SER IA 6 -2.14 60.54 92.49
CA SER IA 6 -2.80 59.35 92.00
C SER IA 6 -1.91 58.64 90.98
N LYS IA 7 -1.88 57.33 91.06
CA LYS IA 7 -1.13 56.52 90.11
C LYS IA 7 -1.88 56.40 88.80
N ALA IA 8 -1.15 56.49 87.69
CA ALA IA 8 -1.71 56.29 86.38
C ALA IA 8 -0.68 55.57 85.53
N ILE IA 9 -1.13 54.96 84.46
CA ILE IA 9 -0.29 54.23 83.53
C ILE IA 9 -0.37 54.91 82.18
N PHE IA 10 0.78 55.16 81.58
CA PHE IA 10 0.82 55.65 80.21
C PHE IA 10 0.45 54.50 79.28
N ALA IA 11 -0.82 54.45 78.86
CA ALA IA 11 -1.28 53.34 78.04
C ALA IA 11 -0.79 53.46 76.60
N GLY IA 12 -0.83 54.66 76.04
CA GLY IA 12 -0.41 54.86 74.66
C GLY IA 12 -0.83 56.23 74.19
N TYR IA 13 -0.61 56.45 72.90
CA TYR IA 13 -1.00 57.71 72.28
C TYR IA 13 -2.41 57.64 71.74
N LYS IA 14 -3.01 58.80 71.53
CA LYS IA 14 -4.24 58.86 70.76
C LYS IA 14 -3.96 58.38 69.35
N ARG IA 15 -4.80 57.50 68.85
CA ARG IA 15 -4.47 56.83 67.61
C ARG IA 15 -5.73 56.25 66.99
N GLY IA 16 -5.67 56.07 65.68
CA GLY IA 16 -6.53 55.15 64.99
C GLY IA 16 -5.89 53.78 65.01
N LEU IA 17 -6.28 52.94 64.06
CA LEU IA 17 -5.58 51.67 63.95
C LEU IA 17 -4.20 51.84 63.35
N ARG IA 18 -4.08 52.65 62.30
CA ARG IA 18 -2.84 52.76 61.54
C ARG IA 18 -2.32 54.19 61.49
N ASN IA 19 -2.78 55.05 62.38
CA ASN IA 19 -2.26 56.41 62.51
C ASN IA 19 -2.11 56.73 63.98
N GLN IA 20 -1.04 57.41 64.34
CA GLN IA 20 -0.72 57.69 65.73
C GLN IA 20 -0.50 59.17 65.91
N ARG IA 21 -1.23 59.78 66.84
CA ARG IA 21 -1.11 61.21 67.14
C ARG IA 21 -0.34 61.33 68.45
N GLU IA 22 0.96 61.52 68.36
CA GLU IA 22 1.81 61.50 69.54
C GLU IA 22 1.67 62.75 70.39
N HIS IA 23 1.02 63.80 69.90
CA HIS IA 23 0.94 65.04 70.67
C HIS IA 23 0.06 64.90 71.91
N THR IA 24 -0.76 63.86 71.99
CA THR IA 24 -1.58 63.62 73.17
C THR IA 24 -1.51 62.16 73.56
N ALA IA 25 -1.61 61.91 74.86
CA ALA IA 25 -1.37 60.58 75.44
C ALA IA 25 -2.63 60.08 76.12
N LEU IA 26 -2.73 58.76 76.24
CA LEU IA 26 -3.82 58.12 76.94
C LEU IA 26 -3.32 57.62 78.29
N LEU IA 27 -4.02 57.99 79.35
CA LEU IA 27 -3.64 57.63 80.71
C LEU IA 27 -4.73 56.78 81.33
N LYS IA 28 -4.31 55.76 82.06
CA LYS IA 28 -5.19 54.89 82.83
C LYS IA 28 -4.94 55.18 84.30
N ILE IA 29 -5.85 55.96 84.90
CA ILE IA 29 -5.74 56.27 86.31
C ILE IA 29 -6.26 55.07 87.11
N GLU IA 30 -5.52 54.69 88.15
CA GLU IA 30 -5.89 53.52 88.93
C GLU IA 30 -7.16 53.81 89.73
N GLY IA 31 -8.08 52.85 89.73
CA GLY IA 31 -9.33 52.98 90.44
C GLY IA 31 -10.42 53.73 89.72
N VAL IA 32 -10.15 54.23 88.52
CA VAL IA 32 -11.12 54.98 87.72
C VAL IA 32 -11.44 54.12 86.52
N TYR IA 33 -12.58 53.43 86.55
CA TYR IA 33 -12.94 52.47 85.51
C TYR IA 33 -14.28 52.79 84.88
N ALA IA 34 -14.72 54.03 84.96
CA ALA IA 34 -15.92 54.49 84.28
C ALA IA 34 -15.71 55.92 83.83
N ARG IA 35 -16.44 56.31 82.79
CA ARG IA 35 -16.29 57.66 82.27
C ARG IA 35 -16.82 58.72 83.23
N ASP IA 36 -17.89 58.40 83.96
CA ASP IA 36 -18.48 59.37 84.86
C ASP IA 36 -17.60 59.66 86.07
N GLU IA 37 -16.64 58.79 86.37
CA GLU IA 37 -15.72 59.02 87.48
C GLU IA 37 -14.52 59.86 87.10
N THR IA 38 -14.36 60.19 85.82
CA THR IA 38 -13.18 60.92 85.37
C THR IA 38 -13.29 62.42 85.55
N GLU IA 39 -14.47 62.92 85.94
CA GLU IA 39 -14.65 64.37 86.01
C GLU IA 39 -13.74 65.00 87.06
N PHE IA 40 -13.42 64.26 88.12
CA PHE IA 40 -12.55 64.79 89.15
C PHE IA 40 -11.18 65.13 88.60
N TYR IA 41 -10.65 64.30 87.71
CA TYR IA 41 -9.28 64.40 87.25
C TYR IA 41 -9.10 65.33 86.07
N LEU IA 42 -10.17 65.92 85.55
CA LEU IA 42 -10.04 66.81 84.41
C LEU IA 42 -9.31 68.08 84.84
N GLY IA 43 -8.29 68.44 84.07
CA GLY IA 43 -7.51 69.63 84.35
C GLY IA 43 -6.40 69.45 85.36
N LYS IA 44 -6.29 68.29 85.98
CA LYS IA 44 -5.25 68.06 86.97
C LYS IA 44 -3.89 67.98 86.30
N ARG IA 45 -2.88 68.50 86.97
CA ARG IA 45 -1.51 68.38 86.48
C ARG IA 45 -1.08 66.92 86.52
N CYS IA 46 -0.33 66.49 85.52
CA CYS IA 46 0.25 65.16 85.53
C CYS IA 46 1.71 65.24 85.14
N ALA IA 47 2.51 64.34 85.71
CA ALA IA 47 3.95 64.36 85.56
C ALA IA 47 4.46 62.98 85.20
N TYR IA 48 5.36 62.93 84.23
CA TYR IA 48 6.13 61.73 83.94
C TYR IA 48 7.52 61.93 84.54
N VAL IA 49 7.78 61.25 85.64
CA VAL IA 49 9.02 61.42 86.40
C VAL IA 49 9.93 60.24 86.09
N TYR IA 50 11.16 60.53 85.70
CA TYR IA 50 12.13 59.52 85.33
C TYR IA 50 13.51 59.96 85.76
N LYS IA 51 14.48 59.07 85.58
CA LYS IA 51 15.87 59.34 85.93
C LYS IA 51 16.74 59.26 84.68
N ALA IA 52 17.83 60.01 84.70
CA ALA IA 52 18.78 59.98 83.59
C ALA IA 52 20.21 59.92 84.11
N LYS IA 53 21.18 60.11 83.22
CA LYS IA 53 22.58 59.97 83.58
C LYS IA 53 23.16 61.25 84.18
N ASN IA 54 22.94 62.38 83.52
CA ASN IA 54 23.50 63.63 84.00
C ASN IA 54 22.61 64.27 85.05
N ASN IA 55 23.23 64.98 85.98
CA ASN IA 55 22.48 65.73 86.97
C ASN IA 55 21.82 66.94 86.34
N THR IA 56 20.61 67.24 86.77
CA THR IA 56 19.89 68.44 86.35
C THR IA 56 19.45 69.19 87.60
N VAL IA 57 19.26 70.51 87.44
CA VAL IA 57 18.88 71.33 88.58
C VAL IA 57 17.50 70.94 89.08
N THR IA 58 17.36 70.87 90.40
CA THR IA 58 16.10 70.57 91.04
C THR IA 58 15.57 71.84 91.70
N PRO IA 59 14.33 72.24 91.40
CA PRO IA 59 13.77 73.41 92.09
C PRO IA 59 13.67 73.16 93.58
N GLY IA 60 14.28 74.04 94.36
CA GLY IA 60 14.30 73.90 95.80
C GLY IA 60 15.06 72.70 96.30
N GLY IA 61 16.24 72.42 95.73
CA GLY IA 61 17.03 71.29 96.19
C GLY IA 61 18.29 71.17 95.36
N LYS IA 62 19.13 70.24 95.77
CA LYS IA 62 20.37 69.97 95.06
C LYS IA 62 20.08 69.27 93.74
N PRO IA 63 20.96 69.45 92.74
CA PRO IA 63 20.79 68.71 91.49
C PRO IA 63 20.87 67.20 91.69
N ASN IA 64 20.06 66.47 90.94
CA ASN IA 64 20.03 65.03 91.03
C ASN IA 64 19.72 64.47 89.64
N LYS IA 65 19.41 63.17 89.59
CA LYS IA 65 19.18 62.48 88.33
C LYS IA 65 17.74 62.60 87.84
N THR IA 66 16.85 63.17 88.64
CA THR IA 66 15.43 63.18 88.31
C THR IA 66 15.10 64.22 87.26
N ARG IA 67 14.26 63.83 86.30
CA ARG IA 67 13.73 64.72 85.29
C ARG IA 67 12.23 64.51 85.18
N VAL IA 68 11.52 65.56 84.77
CA VAL IA 68 10.07 65.51 84.66
C VAL IA 68 9.65 66.11 83.32
N ILE IA 69 8.67 65.48 82.69
CA ILE IA 69 7.90 66.09 81.61
C ILE IA 69 6.52 66.38 82.17
N TRP IA 70 6.19 67.66 82.27
CA TRP IA 70 4.92 68.07 82.87
C TRP IA 70 3.80 68.02 81.84
N GLY IA 71 2.58 67.85 82.33
CA GLY IA 71 1.42 67.81 81.48
C GLY IA 71 0.16 68.01 82.29
N LYS IA 72 -0.97 67.84 81.63
CA LYS IA 72 -2.24 67.91 82.34
C LYS IA 72 -3.30 67.12 81.59
N VAL IA 73 -4.30 66.67 82.35
CA VAL IA 73 -5.42 65.91 81.79
C VAL IA 73 -6.38 66.89 81.12
N THR IA 74 -6.78 66.57 79.89
CA THR IA 74 -7.62 67.44 79.09
C THR IA 74 -9.07 67.00 79.02
N ARG IA 75 -9.31 65.71 78.80
CA ARG IA 75 -10.68 65.22 78.66
C ARG IA 75 -10.70 63.72 78.92
N ALA IA 76 -11.90 63.19 79.09
CA ALA IA 76 -12.08 61.75 79.24
C ALA IA 76 -11.97 61.06 77.89
N HIS IA 77 -11.53 59.80 77.93
CA HIS IA 77 -11.37 58.99 76.74
C HIS IA 77 -12.16 57.71 76.92
N GLY IA 78 -12.95 57.35 75.91
CA GLY IA 78 -13.71 56.11 75.98
C GLY IA 78 -14.79 56.14 77.04
N ASN IA 79 -15.18 54.94 77.47
CA ASN IA 79 -16.18 54.75 78.51
C ASN IA 79 -15.63 54.10 79.77
N SER IA 80 -14.34 53.77 79.80
CA SER IA 80 -13.79 52.89 80.82
C SER IA 80 -12.77 53.59 81.70
N GLY IA 81 -12.83 54.91 81.80
CA GLY IA 81 -11.94 55.64 82.67
C GLY IA 81 -10.61 56.04 82.07
N MET IA 82 -10.41 55.83 80.77
CA MET IA 82 -9.27 56.42 80.10
C MET IA 82 -9.39 57.94 80.16
N VAL IA 83 -8.26 58.62 80.21
CA VAL IA 83 -8.24 60.06 80.06
C VAL IA 83 -7.19 60.42 79.03
N ARG IA 84 -7.35 61.59 78.43
CA ARG IA 84 -6.36 62.13 77.52
C ARG IA 84 -5.53 63.18 78.26
N ALA IA 85 -4.25 63.24 77.95
CA ALA IA 85 -3.34 64.17 78.58
C ALA IA 85 -2.50 64.85 77.52
N LYS IA 86 -2.23 66.14 77.73
CA LYS IA 86 -1.31 66.89 76.91
C LYS IA 86 -0.09 67.23 77.75
N PHE IA 87 1.09 66.89 77.25
CA PHE IA 87 2.34 67.19 77.93
C PHE IA 87 3.09 68.28 77.19
N ARG IA 88 4.03 68.92 77.89
CA ARG IA 88 4.80 69.99 77.27
C ARG IA 88 5.62 69.48 76.10
N SER IA 89 6.20 68.30 76.23
CA SER IA 89 6.81 67.59 75.12
C SER IA 89 6.17 66.22 75.02
N ASN IA 90 6.05 65.71 73.81
CA ASN IA 90 5.41 64.42 73.60
C ASN IA 90 6.13 63.34 74.37
N LEU IA 91 5.36 62.46 74.99
CA LEU IA 91 5.93 61.47 75.88
C LEU IA 91 6.78 60.49 75.08
N PRO IA 92 7.94 60.09 75.61
CA PRO IA 92 8.75 59.08 74.93
C PRO IA 92 8.03 57.75 74.93
N ALA IA 93 8.27 56.98 73.86
CA ALA IA 93 7.57 55.71 73.70
C ALA IA 93 8.03 54.65 74.70
N LYS IA 94 9.20 54.85 75.32
CA LYS IA 94 9.66 53.89 76.32
C LYS IA 94 8.84 53.97 77.60
N ALA IA 95 8.06 55.03 77.78
CA ALA IA 95 7.26 55.22 78.97
C ALA IA 95 5.93 54.49 78.92
N ILE IA 96 5.61 53.82 77.82
CA ILE IA 96 4.35 53.12 77.71
C ILE IA 96 4.32 51.97 78.71
N GLY IA 97 3.26 51.91 79.51
CA GLY IA 97 3.20 50.95 80.58
C GLY IA 97 3.89 51.38 81.85
N HIS IA 98 4.29 52.64 81.96
CA HIS IA 98 4.98 53.13 83.13
C HIS IA 98 4.15 54.18 83.84
N ARG IA 99 4.71 54.67 84.94
CA ARG IA 99 3.97 55.47 85.90
C ARG IA 99 3.84 56.92 85.46
N ILE IA 100 2.64 57.45 85.58
CA ILE IA 100 2.36 58.88 85.49
C ILE IA 100 1.71 59.28 86.81
N ARG IA 101 2.11 60.42 87.35
CA ARG IA 101 1.54 60.92 88.58
C ARG IA 101 0.51 61.99 88.27
N VAL IA 102 -0.69 61.86 88.82
CA VAL IA 102 -1.71 62.89 88.73
C VAL IA 102 -1.72 63.64 90.05
N MET IA 103 -1.37 64.92 90.01
CA MET IA 103 -0.82 65.61 91.16
C MET IA 103 -1.84 66.31 92.05
N LEU IA 104 -3.11 66.33 91.68
CA LEU IA 104 -4.20 66.99 92.41
C LEU IA 104 -4.07 68.51 92.44
N TYR IA 105 -3.05 69.10 91.79
CA TYR IA 105 -2.70 70.50 92.05
C TYR IA 105 -3.82 71.48 91.70
N PRO IA 106 -4.40 71.47 90.49
CA PRO IA 106 -5.49 72.45 90.29
C PRO IA 106 -6.79 71.91 90.88
N SER IA 107 -6.91 72.04 92.20
CA SER IA 107 -8.04 71.48 92.92
C SER IA 107 -9.28 72.32 92.72
N ARG IA 108 -10.39 71.66 92.43
CA ARG IA 108 -11.70 72.31 92.34
C ARG IA 108 -12.60 71.92 93.49
N ILE IA 109 -12.08 71.21 94.48
CA ILE IA 109 -12.88 70.78 95.61
C ILE IA 109 -12.36 71.41 96.90
N VAL JA 1 76.30 3.39 18.44
CA VAL JA 1 77.36 3.63 17.47
C VAL JA 1 77.38 5.09 17.07
N GLN JA 2 78.43 5.51 16.37
CA GLN JA 2 78.53 6.90 15.95
C GLN JA 2 77.50 7.20 14.87
N ARG JA 3 76.76 8.28 15.06
CA ARG JA 3 75.75 8.71 14.12
C ARG JA 3 76.24 9.96 13.39
N LEU JA 4 75.76 10.13 12.16
CA LEU JA 4 76.34 11.10 11.25
C LEU JA 4 75.42 12.29 11.04
N THR JA 5 76.01 13.41 10.66
CA THR JA 5 75.28 14.62 10.30
C THR JA 5 75.77 15.09 8.94
N TYR JA 6 74.89 15.79 8.23
CA TYR JA 6 75.29 16.46 7.00
C TYR JA 6 76.32 17.54 7.31
N ARG JA 7 77.25 17.72 6.39
CA ARG JA 7 78.29 18.74 6.54
C ARG JA 7 77.96 20.04 5.83
N ARG JA 8 76.83 20.11 5.14
CA ARG JA 8 76.40 21.30 4.44
C ARG JA 8 74.99 21.66 4.89
N ARG JA 9 74.49 22.79 4.40
CA ARG JA 9 73.19 23.28 4.81
C ARG JA 9 72.04 22.71 4.00
N LEU JA 10 72.31 21.91 2.99
CA LEU JA 10 71.26 21.19 2.29
C LEU JA 10 70.90 19.96 3.11
N SER JA 11 69.70 19.95 3.67
CA SER JA 11 69.29 18.94 4.63
C SER JA 11 68.36 17.90 4.04
N TYR JA 12 68.17 17.90 2.72
CA TYR JA 12 67.22 17.02 2.08
C TYR JA 12 67.95 16.01 1.22
N ASN JA 13 67.36 14.81 1.11
CA ASN JA 13 67.96 13.71 0.36
C ASN JA 13 67.69 13.86 -1.14
N THR JA 14 68.17 14.98 -1.68
CA THR JA 14 67.99 15.27 -3.09
C THR JA 14 69.07 14.58 -3.91
N ALA JA 15 68.98 14.72 -5.24
CA ALA JA 15 69.93 14.04 -6.12
C ALA JA 15 71.32 14.64 -6.02
N SER JA 16 71.43 15.91 -5.64
CA SER JA 16 72.70 16.58 -5.50
C SER JA 16 73.27 16.47 -4.10
N ASN JA 17 72.62 15.73 -3.22
CA ASN JA 17 73.01 15.66 -1.82
C ASN JA 17 73.35 14.24 -1.43
N LYS JA 18 74.12 13.56 -2.26
CA LYS JA 18 74.43 12.15 -2.08
C LYS JA 18 75.79 12.00 -1.42
N THR JA 19 75.86 11.16 -0.41
CA THR JA 19 77.03 11.02 0.43
C THR JA 19 77.49 9.57 0.46
N ARG JA 20 78.74 9.38 0.85
CA ARG JA 20 79.28 8.06 1.16
C ARG JA 20 80.08 8.16 2.45
N LEU JA 21 80.23 7.03 3.13
CA LEU JA 21 80.87 7.00 4.43
C LEU JA 21 82.38 6.86 4.26
N SER JA 22 83.14 7.64 5.03
CA SER JA 22 84.58 7.64 4.96
C SER JA 22 85.16 7.62 6.37
N ARG JA 23 86.20 6.82 6.57
CA ARG JA 23 86.91 6.79 7.84
C ARG JA 23 88.17 7.64 7.73
N THR JA 24 88.24 8.68 8.54
CA THR JA 24 89.36 9.61 8.52
C THR JA 24 90.55 9.05 9.28
N PRO JA 25 91.74 9.61 9.09
CA PRO JA 25 92.88 9.24 9.93
C PRO JA 25 92.66 9.52 11.41
N GLY JA 26 91.73 10.40 11.75
CA GLY JA 26 91.36 10.64 13.13
C GLY JA 26 90.43 9.61 13.71
N ASN JA 27 90.18 8.52 12.98
CA ASN JA 27 89.36 7.40 13.42
C ASN JA 27 87.93 7.84 13.76
N ARG JA 28 87.30 8.44 12.75
CA ARG JA 28 85.89 8.77 12.85
C ARG JA 28 85.26 8.64 11.48
N ILE JA 29 83.95 8.43 11.46
CA ILE JA 29 83.21 8.27 10.22
C ILE JA 29 82.60 9.61 9.85
N VAL JA 30 82.76 10.00 8.58
CA VAL JA 30 82.23 11.26 8.08
C VAL JA 30 81.56 11.01 6.74
N TYR JA 31 80.74 11.98 6.34
CA TYR JA 31 80.20 12.02 4.99
C TYR JA 31 81.22 12.62 4.03
N LEU JA 32 81.37 11.99 2.88
CA LEU JA 32 82.04 12.58 1.73
C LEU JA 32 80.99 12.71 0.65
N TYR JA 33 80.83 13.92 0.13
CA TYR JA 33 79.79 14.19 -0.86
C TYR JA 33 80.24 13.71 -2.22
N THR JA 34 79.55 12.70 -2.76
CA THR JA 34 79.98 12.07 -3.99
C THR JA 34 79.61 12.90 -5.20
N LYS JA 35 80.25 12.59 -6.32
CA LYS JA 35 79.88 13.17 -7.61
C LYS JA 35 78.90 12.23 -8.31
N LYS JA 36 78.09 12.80 -9.20
CA LYS JA 36 77.13 12.02 -9.94
C LYS JA 36 77.83 11.04 -10.87
N VAL JA 37 77.17 9.91 -11.13
CA VAL JA 37 77.73 8.89 -12.00
C VAL JA 37 77.63 9.36 -13.44
N GLY JA 38 78.76 9.41 -14.14
CA GLY JA 38 78.76 9.80 -15.53
C GLY JA 38 78.35 8.66 -16.45
N LYS JA 39 78.02 9.03 -17.68
CA LYS JA 39 77.58 8.08 -18.69
C LYS JA 39 78.48 8.18 -19.91
N ALA JA 40 78.79 7.02 -20.48
CA ALA JA 40 79.49 6.97 -21.75
C ALA JA 40 78.55 7.47 -22.86
N PRO JA 41 79.09 7.91 -23.98
CA PRO JA 41 78.23 8.37 -25.08
C PRO JA 41 77.40 7.23 -25.66
N LYS JA 42 76.24 7.61 -26.20
CA LYS JA 42 75.47 6.71 -27.04
C LYS JA 42 75.85 6.94 -28.50
N SER JA 43 75.68 5.89 -29.29
CA SER JA 43 76.09 5.94 -30.68
C SER JA 43 75.21 6.89 -31.48
N ALA JA 44 75.83 7.61 -32.41
CA ALA JA 44 75.10 8.57 -33.23
C ALA JA 44 74.15 7.89 -34.22
N CYS JA 45 74.28 6.57 -34.42
CA CYS JA 45 73.33 5.86 -35.25
C CYS JA 45 71.92 5.91 -34.66
N GLY JA 46 71.83 5.83 -33.34
CA GLY JA 46 70.54 5.84 -32.69
C GLY JA 46 69.78 4.55 -32.78
N VAL JA 47 70.45 3.45 -33.12
CA VAL JA 47 69.81 2.15 -33.27
C VAL JA 47 70.24 1.20 -32.16
N CYS JA 48 71.51 0.87 -32.10
CA CYS JA 48 71.96 -0.08 -31.10
C CYS JA 48 72.05 0.59 -29.73
N PRO JA 49 71.58 -0.10 -28.67
CA PRO JA 49 71.40 0.59 -27.38
C PRO JA 49 72.64 0.68 -26.53
N GLY JA 50 73.69 -0.08 -26.81
CA GLY JA 50 74.88 -0.03 -26.00
C GLY JA 50 75.63 1.29 -26.13
N ARG JA 51 76.38 1.62 -25.09
CA ARG JA 51 77.19 2.83 -25.07
C ARG JA 51 78.58 2.52 -25.59
N LEU JA 52 79.27 3.58 -26.02
CA LEU JA 52 80.53 3.40 -26.71
C LEU JA 52 81.63 2.96 -25.75
N ARG JA 53 82.64 2.30 -26.32
CA ARG JA 53 83.78 1.79 -25.58
C ARG JA 53 84.99 2.68 -25.83
N GLY JA 54 85.96 2.59 -24.92
CA GLY JA 54 87.17 3.35 -25.06
C GLY JA 54 87.05 4.81 -24.68
N VAL JA 55 85.90 5.25 -24.19
CA VAL JA 55 85.66 6.63 -23.81
C VAL JA 55 85.35 6.67 -22.32
N ARG JA 56 86.04 7.55 -21.61
CA ARG JA 56 85.85 7.65 -20.17
C ARG JA 56 84.48 8.26 -19.85
N ALA JA 57 83.75 7.64 -18.93
CA ALA JA 57 82.40 8.06 -18.59
C ALA JA 57 82.45 9.01 -17.41
N VAL JA 58 82.27 10.30 -17.67
CA VAL JA 58 82.36 11.35 -16.66
C VAL JA 58 81.22 12.33 -16.86
N ARG JA 59 81.10 13.27 -15.93
CA ARG JA 59 80.15 14.35 -16.09
C ARG JA 59 80.58 15.25 -17.24
N PRO JA 60 79.63 15.93 -17.91
CA PRO JA 60 79.98 16.64 -19.15
C PRO JA 60 81.04 17.72 -18.99
N LYS JA 61 81.05 18.45 -17.88
CA LYS JA 61 82.06 19.49 -17.71
C LYS JA 61 83.42 18.94 -17.35
N VAL JA 62 83.51 17.67 -16.94
CA VAL JA 62 84.81 17.05 -16.69
C VAL JA 62 85.53 16.76 -18.00
N LEU JA 63 84.79 16.59 -19.10
CA LEU JA 63 85.41 16.31 -20.39
C LEU JA 63 86.28 17.46 -20.89
N MET JA 64 86.10 18.66 -20.33
CA MET JA 64 86.90 19.79 -20.76
C MET JA 64 88.36 19.65 -20.35
N ARG JA 65 88.62 19.00 -19.21
CA ARG JA 65 89.97 18.85 -18.70
C ARG JA 65 90.56 17.48 -18.98
N LEU JA 66 89.91 16.66 -19.80
CA LEU JA 66 90.49 15.40 -20.22
C LEU JA 66 91.27 15.60 -21.51
N SER JA 67 92.26 14.74 -21.73
CA SER JA 67 93.01 14.79 -22.97
C SER JA 67 92.14 14.29 -24.12
N LYS JA 68 92.59 14.56 -25.34
CA LYS JA 68 91.82 14.18 -26.52
C LYS JA 68 91.65 12.68 -26.61
N THR JA 69 92.70 11.92 -26.32
CA THR JA 69 92.66 10.46 -26.48
C THR JA 69 91.60 9.83 -25.59
N LYS JA 70 91.41 10.37 -24.39
CA LYS JA 70 90.44 9.80 -23.46
C LYS JA 70 89.00 9.98 -23.91
N LYS JA 71 88.74 10.79 -24.93
CA LYS JA 71 87.39 11.12 -25.34
C LYS JA 71 87.01 10.60 -26.71
N HIS JA 72 87.87 9.82 -27.37
CA HIS JA 72 87.53 9.28 -28.68
C HIS JA 72 88.26 7.97 -28.89
N VAL JA 73 88.03 7.38 -30.06
CA VAL JA 73 88.63 6.12 -30.48
C VAL JA 73 89.29 6.36 -31.84
N SER JA 74 90.46 5.77 -32.05
CA SER JA 74 91.22 5.99 -33.28
C SER JA 74 90.54 5.25 -34.43
N ARG JA 75 89.54 5.90 -35.00
CA ARG JA 75 88.75 5.36 -36.10
C ARG JA 75 87.85 6.49 -36.61
N ALA JA 76 87.46 6.40 -37.87
CA ALA JA 76 86.47 7.31 -38.41
C ALA JA 76 85.19 7.22 -37.58
N TYR JA 77 84.64 8.39 -37.24
CA TYR JA 77 83.51 8.54 -36.32
C TYR JA 77 83.82 8.03 -34.91
N GLY JA 78 85.08 7.78 -34.59
CA GLY JA 78 85.46 7.23 -33.31
C GLY JA 78 85.10 8.14 -32.15
N GLY JA 79 84.43 7.59 -31.15
CA GLY JA 79 83.92 8.39 -30.05
C GLY JA 79 82.57 9.01 -30.31
N SER JA 80 82.03 8.86 -31.51
CA SER JA 80 80.72 9.34 -31.87
C SER JA 80 79.80 8.26 -32.40
N MET JA 81 80.34 7.30 -33.14
CA MET JA 81 79.57 6.18 -33.66
C MET JA 81 80.27 4.87 -33.35
N CYS JA 82 79.47 3.82 -33.22
CA CYS JA 82 79.97 2.49 -32.92
C CYS JA 82 80.59 1.85 -34.15
N ALA JA 83 81.47 0.88 -33.90
CA ALA JA 83 82.20 0.21 -34.97
C ALA JA 83 81.25 -0.54 -35.90
N LYS JA 84 80.24 -1.20 -35.34
CA LYS JA 84 79.34 -2.01 -36.16
C LYS JA 84 78.58 -1.14 -37.15
N CYS JA 85 77.99 -0.04 -36.67
CA CYS JA 85 77.25 0.83 -37.57
C CYS JA 85 78.18 1.62 -38.49
N VAL JA 86 79.44 1.83 -38.11
CA VAL JA 86 80.40 2.41 -39.04
C VAL JA 86 80.66 1.47 -40.20
N ARG JA 87 80.86 0.17 -39.91
CA ARG JA 87 81.03 -0.81 -40.98
C ARG JA 87 79.78 -0.88 -41.86
N ASP JA 88 78.61 -0.85 -41.24
CA ASP JA 88 77.37 -0.87 -42.00
C ASP JA 88 77.27 0.34 -42.92
N ARG JA 89 77.66 1.51 -42.42
CA ARG JA 89 77.59 2.72 -43.25
C ARG JA 89 78.60 2.67 -44.39
N ILE JA 90 79.80 2.14 -44.14
CA ILE JA 90 80.78 2.00 -45.23
C ILE JA 90 80.23 1.10 -46.32
N LYS JA 91 79.71 -0.07 -45.92
CA LYS JA 91 79.18 -1.01 -46.91
C LYS JA 91 77.98 -0.42 -47.63
N ARG JA 92 77.10 0.26 -46.90
CA ARG JA 92 75.91 0.84 -47.51
C ARG JA 92 76.27 1.92 -48.51
N ALA JA 93 77.23 2.79 -48.17
CA ALA JA 93 77.67 3.82 -49.10
C ALA JA 93 78.24 3.21 -50.36
N PHE JA 94 79.17 2.26 -50.20
CA PHE JA 94 79.80 1.67 -51.38
C PHE JA 94 78.78 0.96 -52.26
N LEU JA 95 77.88 0.20 -51.66
CA LEU JA 95 76.93 -0.58 -52.44
C LEU JA 95 75.91 0.29 -53.13
N ILE JA 96 75.48 1.38 -52.48
CA ILE JA 96 74.52 2.27 -53.13
C ILE JA 96 75.17 3.02 -54.29
N GLU JA 97 76.43 3.44 -54.13
CA GLU JA 97 77.11 4.06 -55.26
C GLU JA 97 77.30 3.06 -56.41
N GLU JA 98 77.58 1.81 -56.08
CA GLU JA 98 77.67 0.78 -57.11
C GLU JA 98 76.33 0.61 -57.82
N GLN JA 99 75.23 0.65 -57.08
CA GLN JA 99 73.91 0.54 -57.68
C GLN JA 99 73.61 1.72 -58.58
N LYS JA 100 74.05 2.92 -58.19
CA LYS JA 100 73.91 4.08 -59.06
C LYS JA 100 74.67 3.87 -60.37
N ILE JA 101 75.89 3.34 -60.28
CA ILE JA 101 76.65 3.04 -61.49
C ILE JA 101 75.90 2.04 -62.35
N VAL JA 102 75.32 1.01 -61.73
CA VAL JA 102 74.62 -0.02 -62.48
C VAL JA 102 73.42 0.56 -63.22
N VAL JA 103 72.63 1.40 -62.54
CA VAL JA 103 71.45 1.94 -63.21
C VAL JA 103 71.86 2.94 -64.29
N LYS JA 104 72.96 3.66 -64.09
CA LYS JA 104 73.44 4.56 -65.15
C LYS JA 104 73.86 3.78 -66.38
N VAL JA 105 74.61 2.68 -66.19
CA VAL JA 105 75.00 1.83 -67.32
C VAL JA 105 73.77 1.22 -67.97
N LEU JA 106 72.77 0.85 -67.16
CA LEU JA 106 71.59 0.20 -67.68
C LEU JA 106 70.80 1.15 -68.58
N LYS JA 107 70.63 2.41 -68.15
CA LYS JA 107 69.92 3.35 -69.02
C LYS JA 107 70.76 3.73 -70.23
N ALA JA 108 72.08 3.77 -70.07
CA ALA JA 108 72.95 4.10 -71.21
C ALA JA 108 72.88 3.02 -72.29
N GLN JA 109 72.78 1.75 -71.88
CA GLN JA 109 72.63 0.68 -72.87
C GLN JA 109 71.19 0.52 -73.33
N ALA JA 110 70.21 0.97 -72.53
CA ALA JA 110 68.82 0.89 -72.95
C ALA JA 110 68.46 1.96 -73.96
N GLN JA 111 69.11 3.12 -73.92
CA GLN JA 111 68.80 4.19 -74.87
C GLN JA 111 69.36 3.92 -76.26
N SER JA 112 69.97 2.77 -76.51
CA SER JA 112 70.57 2.47 -77.80
C SER JA 112 69.53 2.34 -78.91
N GLN JA 113 68.28 2.07 -78.57
CA GLN JA 113 67.21 1.86 -79.54
C GLN JA 113 66.27 3.06 -79.53
N LYS JA 114 65.96 3.58 -80.71
CA LYS JA 114 65.08 4.74 -80.83
C LYS JA 114 63.67 4.43 -80.36
N ALA KA 1 95.84 75.95 18.50
CA ALA KA 1 96.44 76.39 17.24
C ALA KA 1 95.66 75.88 16.04
N LYS KA 2 94.48 76.45 15.83
CA LYS KA 2 93.61 76.03 14.76
C LYS KA 2 94.07 76.60 13.42
N ILE KA 3 93.48 76.07 12.34
CA ILE KA 3 93.73 76.55 10.99
C ILE KA 3 92.47 77.26 10.51
N LYS KA 4 92.66 78.40 9.85
CA LYS KA 4 91.56 79.24 9.42
C LYS KA 4 91.38 79.11 7.91
N ALA KA 5 90.20 79.51 7.45
CA ALA KA 5 89.95 79.48 6.01
C ALA KA 5 90.60 80.65 5.29
N ARG KA 6 90.86 81.77 5.99
CA ARG KA 6 91.39 82.95 5.33
C ARG KA 6 92.79 82.73 4.82
N ASP KA 7 93.68 82.20 5.67
CA ASP KA 7 95.06 82.01 5.28
C ASP KA 7 95.28 80.80 4.40
N LEU KA 8 94.26 79.95 4.24
CA LEU KA 8 94.36 78.82 3.33
C LEU KA 8 94.12 79.22 1.88
N ARG KA 9 93.49 80.38 1.63
CA ARG KA 9 93.12 80.74 0.27
C ARG KA 9 94.33 81.18 -0.55
N GLY KA 10 95.36 81.71 0.10
CA GLY KA 10 96.56 82.07 -0.64
C GLY KA 10 97.38 80.89 -1.10
N LYS KA 11 97.29 79.75 -0.42
CA LYS KA 11 98.09 78.59 -0.75
C LYS KA 11 97.64 77.97 -2.06
N LYS KA 12 98.57 77.26 -2.71
CA LYS KA 12 98.24 76.59 -3.96
C LYS KA 12 97.92 75.12 -3.70
N LYS KA 13 97.70 74.37 -4.78
CA LYS KA 13 97.04 73.07 -4.68
C LYS KA 13 97.89 72.06 -3.92
N GLU KA 14 99.21 72.07 -4.13
CA GLU KA 14 100.06 71.02 -3.61
C GLU KA 14 100.12 71.04 -2.08
N GLU KA 15 100.40 72.20 -1.48
CA GLU KA 15 100.46 72.22 -0.03
C GLU KA 15 99.09 72.14 0.62
N LEU KA 16 98.03 72.56 -0.08
CA LEU KA 16 96.69 72.32 0.42
C LEU KA 16 96.41 70.82 0.53
N LEU KA 17 96.76 70.07 -0.51
CA LEU KA 17 96.60 68.62 -0.45
C LEU KA 17 97.51 68.01 0.60
N LYS KA 18 98.72 68.54 0.76
CA LYS KA 18 99.63 68.02 1.77
C LYS KA 18 99.08 68.23 3.17
N GLN KA 19 98.53 69.41 3.44
CA GLN KA 19 97.96 69.68 4.76
C GLN KA 19 96.71 68.84 4.99
N LEU KA 20 95.91 68.63 3.95
CA LEU KA 20 94.77 67.73 4.06
C LEU KA 20 95.21 66.32 4.42
N ASP KA 21 96.27 65.84 3.79
CA ASP KA 21 96.78 64.50 4.09
C ASP KA 21 97.30 64.41 5.50
N ASP KA 22 98.00 65.45 5.97
CA ASP KA 22 98.48 65.46 7.35
C ASP KA 22 97.32 65.43 8.33
N LEU KA 23 96.27 66.18 8.06
CA LEU KA 23 95.10 66.17 8.92
C LEU KA 23 94.43 64.80 8.92
N LYS KA 24 94.35 64.15 7.76
CA LYS KA 24 93.75 62.82 7.70
C LYS KA 24 94.56 61.81 8.49
N VAL KA 25 95.89 61.89 8.39
CA VAL KA 25 96.75 61.00 9.17
C VAL KA 25 96.54 61.23 10.67
N GLU KA 26 96.48 62.49 11.08
CA GLU KA 26 96.27 62.79 12.49
C GLU KA 26 94.90 62.31 12.96
N LEU KA 27 93.88 62.42 12.11
CA LEU KA 27 92.57 61.92 12.49
C LEU KA 27 92.57 60.41 12.65
N SER KA 28 93.26 59.70 11.77
CA SER KA 28 93.35 58.24 11.92
C SER KA 28 94.06 57.87 13.22
N GLN KA 29 95.14 58.60 13.57
CA GLN KA 29 95.80 58.35 14.84
C GLN KA 29 94.88 58.63 16.02
N LEU KA 30 94.08 59.68 15.92
CA LEU KA 30 93.14 60.00 16.99
C LEU KA 30 92.08 58.90 17.13
N ARG KA 31 91.63 58.34 16.02
CA ARG KA 31 90.69 57.22 16.10
C ARG KA 31 91.32 56.00 16.74
N VAL KA 32 92.60 55.75 16.44
CA VAL KA 32 93.34 54.67 17.10
C VAL KA 32 93.39 54.91 18.60
N ALA KA 33 93.68 56.14 19.01
CA ALA KA 33 93.70 56.46 20.43
C ALA KA 33 92.32 56.28 21.06
N LYS KA 34 91.27 56.65 20.32
CA LYS KA 34 89.90 56.50 20.82
C LYS KA 34 89.56 55.03 21.07
N VAL KA 35 89.95 54.16 20.15
CA VAL KA 35 89.62 52.75 20.35
C VAL KA 35 90.53 52.11 21.40
N THR KA 36 91.75 52.63 21.58
CA THR KA 36 92.65 52.13 22.61
C THR KA 36 92.57 52.93 23.90
N GLY KA 37 91.49 53.68 24.10
CA GLY KA 37 91.30 54.43 25.33
C GLY KA 37 91.79 55.86 25.23
N GLY KA 38 93.11 56.04 25.17
CA GLY KA 38 93.66 57.36 24.97
C GLY KA 38 93.37 58.30 26.14
N ALA KA 39 93.20 59.58 25.80
CA ALA KA 39 92.96 60.61 26.78
C ALA KA 39 91.81 61.49 26.32
N ALA KA 40 91.21 62.20 27.28
CA ALA KA 40 90.09 63.07 26.98
C ALA KA 40 90.48 64.19 26.04
N SER KA 41 91.71 64.69 26.16
CA SER KA 41 92.18 65.73 25.24
C SER KA 41 92.26 65.20 23.82
N LYS KA 42 92.78 63.98 23.65
CA LYS KA 42 92.87 63.39 22.32
C LYS KA 42 91.50 63.06 21.77
N LEU KA 43 90.55 62.71 22.63
CA LEU KA 43 89.18 62.51 22.17
C LEU KA 43 88.56 63.81 21.71
N SER KA 44 88.81 64.91 22.44
CA SER KA 44 88.23 66.19 22.06
C SER KA 44 88.87 66.73 20.80
N LYS KA 45 90.12 66.35 20.51
CA LYS KA 45 90.77 66.83 19.30
C LYS KA 45 90.18 66.24 18.03
N ILE KA 46 89.36 65.19 18.14
CA ILE KA 46 88.81 64.54 16.95
C ILE KA 46 87.92 65.50 16.19
N ARG KA 47 87.05 66.22 16.90
CA ARG KA 47 86.17 67.18 16.24
C ARG KA 47 86.95 68.31 15.61
N VAL KA 48 88.01 68.77 16.29
CA VAL KA 48 88.82 69.86 15.76
C VAL KA 48 89.47 69.44 14.45
N VAL KA 49 90.02 68.23 14.42
CA VAL KA 49 90.68 67.77 13.19
C VAL KA 49 89.67 67.53 12.09
N ARG KA 50 88.48 67.03 12.43
CA ARG KA 50 87.44 66.82 11.42
C ARG KA 50 86.99 68.14 10.80
N LYS KA 51 86.81 69.17 11.63
CA LYS KA 51 86.42 70.46 11.09
C LYS KA 51 87.54 71.11 10.29
N SER KA 52 88.80 70.87 10.69
CA SER KA 52 89.91 71.35 9.88
C SER KA 52 89.94 70.68 8.51
N ILE KA 53 89.67 69.37 8.47
CA ILE KA 53 89.59 68.66 7.20
C ILE KA 53 88.48 69.24 6.34
N ALA KA 54 87.32 69.49 6.94
CA ALA KA 54 86.21 70.10 6.21
C ALA KA 54 86.60 71.47 5.67
N ARG KA 55 87.32 72.27 6.47
CA ARG KA 55 87.75 73.59 6.04
C ARG KA 55 88.68 73.51 4.85
N VAL KA 56 89.69 72.64 4.91
CA VAL KA 56 90.63 72.51 3.81
C VAL KA 56 89.92 72.05 2.55
N LEU KA 57 89.03 71.06 2.70
CA LEU KA 57 88.33 70.52 1.54
C LEU KA 57 87.41 71.56 0.92
N THR KA 58 86.72 72.37 1.73
CA THR KA 58 85.84 73.38 1.15
C THR KA 58 86.64 74.50 0.49
N VAL KA 59 87.82 74.82 1.02
CA VAL KA 59 88.65 75.81 0.33
C VAL KA 59 89.11 75.28 -1.01
N ILE KA 60 89.53 74.02 -1.05
CA ILE KA 60 89.94 73.40 -2.32
C ILE KA 60 88.79 73.41 -3.32
N ASN KA 61 87.62 72.99 -2.87
CA ASN KA 61 86.47 72.91 -3.77
C ASN KA 61 86.04 74.27 -4.28
N GLN KA 62 86.05 75.29 -3.40
CA GLN KA 62 85.68 76.63 -3.83
C GLN KA 62 86.68 77.20 -4.82
N THR KA 63 87.97 76.96 -4.59
CA THR KA 63 88.98 77.43 -5.53
C THR KA 63 88.81 76.76 -6.89
N GLN KA 64 88.60 75.44 -6.90
CA GLN KA 64 88.41 74.75 -8.16
C GLN KA 64 87.16 75.23 -8.88
N LYS KA 65 86.07 75.45 -8.14
CA LYS KA 65 84.83 75.89 -8.76
C LYS KA 65 84.96 77.29 -9.33
N GLU KA 66 85.63 78.21 -8.64
CA GLU KA 66 85.76 79.55 -9.19
C GLU KA 66 86.71 79.56 -10.39
N ASN KA 67 87.73 78.71 -10.38
CA ASN KA 67 88.59 78.59 -11.56
C ASN KA 67 87.80 78.06 -12.74
N LEU KA 68 86.92 77.09 -12.51
CA LEU KA 68 86.08 76.58 -13.59
C LEU KA 68 85.11 77.64 -14.10
N ARG KA 69 84.55 78.45 -13.18
CA ARG KA 69 83.66 79.52 -13.61
C ARG KA 69 84.40 80.56 -14.45
N LYS KA 70 85.62 80.89 -14.06
CA LYS KA 70 86.43 81.80 -14.87
C LYS KA 70 86.74 81.19 -16.24
N PHE KA 71 87.04 79.90 -16.27
CA PHE KA 71 87.36 79.25 -17.54
C PHE KA 71 86.15 79.22 -18.47
N TYR KA 72 84.97 78.97 -17.93
CA TYR KA 72 83.77 78.84 -18.75
C TYR KA 72 83.01 80.15 -18.92
N LYS KA 73 83.51 81.24 -18.34
CA LYS KA 73 82.87 82.53 -18.56
C LYS KA 73 83.03 82.95 -20.01
N GLY KA 74 81.94 83.42 -20.61
CA GLY KA 74 81.97 83.85 -21.99
C GLY KA 74 81.83 82.74 -23.01
N LYS KA 75 81.49 81.53 -22.59
CA LYS KA 75 81.33 80.41 -23.51
C LYS KA 75 79.84 80.15 -23.75
N LYS KA 76 79.54 79.68 -24.96
CA LYS KA 76 78.15 79.45 -25.31
C LYS KA 76 77.53 78.34 -24.48
N TYR KA 77 78.26 77.25 -24.28
CA TYR KA 77 77.76 76.09 -23.53
C TYR KA 77 78.58 75.93 -22.26
N LYS KA 78 77.88 75.74 -21.15
CA LYS KA 78 78.51 75.59 -19.84
C LYS KA 78 77.99 74.33 -19.18
N PRO KA 79 78.78 73.73 -18.29
CA PRO KA 79 78.29 72.58 -17.53
C PRO KA 79 77.07 72.94 -16.68
N LEU KA 80 76.24 71.93 -16.45
CA LEU KA 80 74.97 72.15 -15.76
C LEU KA 80 75.19 72.65 -14.34
N ASP KA 81 76.20 72.12 -13.65
CA ASP KA 81 76.51 72.58 -12.31
C ASP KA 81 77.03 74.01 -12.29
N LEU KA 82 77.46 74.55 -13.44
CA LEU KA 82 77.85 75.94 -13.52
C LEU KA 82 76.71 76.84 -13.97
N ARG KA 83 75.71 76.29 -14.65
CA ARG KA 83 74.56 77.09 -15.02
C ARG KA 83 73.73 77.43 -13.77
N PRO KA 84 73.00 78.55 -13.80
CA PRO KA 84 72.19 78.92 -12.65
C PRO KA 84 71.08 77.92 -12.37
N LYS KA 85 70.71 77.81 -11.10
CA LYS KA 85 69.73 76.84 -10.60
C LYS KA 85 68.61 77.55 -9.87
N LYS KA 86 68.01 78.53 -10.52
CA LYS KA 86 66.91 79.28 -9.92
C LYS KA 86 65.79 78.34 -9.49
N THR KA 87 65.14 77.73 -10.47
CA THR KA 87 63.96 76.89 -10.30
C THR KA 87 63.69 76.30 -11.66
N ARG KA 88 63.13 75.09 -11.74
CA ARG KA 88 62.88 74.48 -13.04
C ARG KA 88 61.99 75.36 -13.90
N ALA KA 89 60.89 75.87 -13.31
CA ALA KA 89 59.99 76.73 -14.08
C ALA KA 89 60.66 78.05 -14.45
N MET KA 90 61.46 78.61 -13.55
CA MET KA 90 62.17 79.85 -13.83
C MET KA 90 63.18 79.67 -14.96
N ARG KA 91 63.76 78.48 -15.06
CA ARG KA 91 64.66 78.19 -16.17
C ARG KA 91 63.91 77.94 -17.46
N ARG KA 92 62.68 77.42 -17.38
CA ARG KA 92 61.90 77.21 -18.60
C ARG KA 92 61.35 78.51 -19.16
N ARG KA 93 61.09 79.50 -18.31
CA ARG KA 93 60.41 80.70 -18.79
C ARG KA 93 61.29 81.52 -19.74
N LEU KA 94 60.65 82.43 -20.46
CA LEU KA 94 61.34 83.22 -21.48
C LEU KA 94 62.34 84.18 -20.86
N ASN KA 95 63.41 84.47 -21.60
CA ASN KA 95 64.40 85.42 -21.13
C ASN KA 95 63.90 86.85 -21.39
N LYS KA 96 64.71 87.83 -20.98
CA LYS KA 96 64.28 89.22 -21.03
C LYS KA 96 64.08 89.70 -22.46
N HIS KA 97 65.01 89.35 -23.35
CA HIS KA 97 64.96 89.88 -24.71
C HIS KA 97 63.73 89.38 -25.45
N GLU KA 98 63.51 88.07 -25.45
CA GLU KA 98 62.33 87.53 -26.11
C GLU KA 98 61.05 87.75 -25.32
N GLU KA 99 61.17 88.14 -24.05
CA GLU KA 99 60.00 88.56 -23.28
C GLU KA 99 59.53 89.94 -23.68
N ASN KA 100 60.46 90.84 -23.98
CA ASN KA 100 60.09 92.23 -24.23
C ASN KA 100 60.07 92.64 -25.70
N LEU KA 101 60.55 91.79 -26.62
CA LEU KA 101 60.49 92.16 -28.02
C LEU KA 101 59.05 92.09 -28.54
N LYS KA 102 58.71 93.01 -29.45
CA LYS KA 102 57.35 93.19 -29.95
C LYS KA 102 57.32 93.07 -31.46
N THR KA 103 56.11 92.88 -32.00
CA THR KA 103 55.91 92.83 -33.43
C THR KA 103 55.96 94.23 -34.03
N LYS KA 104 56.21 94.27 -35.34
CA LYS KA 104 56.23 95.55 -36.04
C LYS KA 104 54.87 96.23 -35.99
N LYS KA 105 53.79 95.45 -36.10
CA LYS KA 105 52.46 96.02 -35.95
C LYS KA 105 52.26 96.63 -34.58
N GLN KA 106 52.72 95.95 -33.54
CA GLN KA 106 52.56 96.45 -32.18
C GLN KA 106 53.34 97.73 -31.98
N GLN KA 107 54.60 97.77 -32.42
CA GLN KA 107 55.39 98.98 -32.19
C GLN KA 107 54.92 100.13 -33.07
N ARG KA 108 54.35 99.83 -34.24
CA ARG KA 108 53.71 100.88 -35.02
C ARG KA 108 52.50 101.45 -34.29
N LYS KA 109 51.72 100.59 -33.63
CA LYS KA 109 50.60 101.08 -32.83
C LYS KA 109 51.10 101.99 -31.70
N GLU KA 110 52.16 101.57 -31.01
CA GLU KA 110 52.68 102.38 -29.91
C GLU KA 110 53.23 103.71 -30.42
N ARG KA 111 53.87 103.70 -31.59
CA ARG KA 111 54.41 104.95 -32.13
C ARG KA 111 53.29 105.89 -32.56
N LEU KA 112 52.24 105.35 -33.18
CA LEU KA 112 51.21 106.21 -33.76
C LEU KA 112 50.22 106.71 -32.72
N TYR KA 113 49.80 105.86 -31.79
CA TYR KA 113 48.77 106.20 -30.81
C TYR KA 113 49.29 105.93 -29.41
N PRO KA 114 50.18 106.78 -28.91
CA PRO KA 114 50.70 106.59 -27.56
C PRO KA 114 49.74 107.14 -26.52
N LEU KA 115 49.84 106.58 -25.32
CA LEU KA 115 49.01 107.04 -24.21
C LEU KA 115 49.40 108.46 -23.82
N ARG KA 116 48.41 109.32 -23.64
CA ARG KA 116 48.64 110.72 -23.35
C ARG KA 116 48.40 111.02 -21.88
N LYS KA 117 49.11 112.01 -21.38
CA LYS KA 117 48.87 112.54 -20.05
C LYS KA 117 47.86 113.67 -20.16
N TYR KA 118 46.76 113.57 -19.44
CA TYR KA 118 45.68 114.54 -19.58
C TYR KA 118 44.98 114.73 -18.26
N ALA KA 119 44.29 115.86 -18.13
CA ALA KA 119 43.45 116.14 -16.98
C ALA KA 119 42.15 116.72 -17.48
N VAL KA 120 41.09 116.54 -16.69
CA VAL KA 120 39.76 117.00 -17.05
C VAL KA 120 39.30 118.00 -16.01
N LYS KA 121 38.95 119.21 -16.47
CA LYS KA 121 38.39 120.21 -15.58
C LYS KA 121 36.99 119.81 -15.13
N ALA KA 122 36.65 120.18 -13.91
CA ALA KA 122 35.33 119.88 -13.37
C ALA KA 122 34.30 120.85 -13.91
N ALA LA 1 -5.38 117.31 -28.36
CA ALA LA 1 -5.09 117.18 -29.79
C ALA LA 1 -5.87 116.03 -30.38
N LEU LA 2 -5.81 115.90 -31.71
CA LEU LA 2 -6.54 114.83 -32.38
C LEU LA 2 -5.91 113.47 -32.08
N ARG LA 3 -4.59 113.36 -32.20
CA ARG LA 3 -3.91 112.10 -31.97
C ARG LA 3 -2.68 112.34 -31.10
N TYR LA 4 -2.37 111.35 -30.27
CA TYR LA 4 -1.24 111.38 -29.36
C TYR LA 4 -0.41 110.13 -29.57
N PRO LA 5 0.88 110.19 -29.27
CA PRO LA 5 1.69 108.96 -29.25
C PRO LA 5 1.15 107.99 -28.21
N MET LA 6 1.13 106.71 -28.55
CA MET LA 6 0.53 105.70 -27.71
C MET LA 6 1.49 104.55 -27.51
N ALA LA 7 1.32 103.83 -26.41
CA ALA LA 7 2.07 102.61 -26.18
C ALA LA 7 1.45 101.40 -26.86
N VAL LA 8 0.26 101.55 -27.46
CA VAL LA 8 -0.43 100.48 -28.14
C VAL LA 8 -0.92 100.99 -29.48
N GLY LA 9 -1.18 100.07 -30.39
CA GLY LA 9 -1.70 100.40 -31.70
C GLY LA 9 -0.68 100.13 -32.79
N LEU LA 10 -1.09 100.47 -34.01
CA LEU LA 10 -0.23 100.23 -35.17
C LEU LA 10 0.94 101.22 -35.22
N ASN LA 11 0.75 102.42 -34.70
CA ASN LA 11 1.79 103.45 -34.69
C ASN LA 11 2.35 103.66 -33.29
N LYS LA 12 2.43 102.59 -32.50
CA LYS LA 12 2.83 102.71 -31.13
C LYS LA 12 4.31 103.04 -31.03
N GLY LA 13 4.69 103.63 -29.89
CA GLY LA 13 6.08 103.92 -29.62
C GLY LA 13 6.38 105.40 -29.51
N HIS LA 14 7.44 105.71 -28.77
CA HIS LA 14 7.93 107.07 -28.68
C HIS LA 14 8.46 107.52 -30.03
N LYS LA 15 8.20 108.77 -30.37
CA LYS LA 15 8.55 109.30 -31.69
C LYS LA 15 9.95 109.88 -31.66
N VAL LA 16 10.85 109.29 -32.45
CA VAL LA 16 12.20 109.80 -32.63
C VAL LA 16 12.48 109.83 -34.12
N THR LA 17 13.41 110.71 -34.52
CA THR LA 17 13.81 110.77 -35.91
C THR LA 17 14.82 109.67 -36.20
N LYS LA 18 14.47 108.78 -37.12
CA LYS LA 18 15.34 107.66 -37.44
C LYS LA 18 16.62 108.15 -38.10
N ASN LA 19 17.75 107.61 -37.65
CA ASN LA 19 19.05 107.98 -38.19
C ASN LA 19 19.40 107.02 -39.33
N VAL LA 20 19.36 107.52 -40.55
CA VAL LA 20 19.72 106.73 -41.71
C VAL LA 20 21.24 106.73 -41.87
N SER LA 21 21.81 105.55 -42.03
CA SER LA 21 23.26 105.43 -42.14
C SER LA 21 23.59 104.18 -42.94
N LYS LA 22 24.82 104.11 -43.41
CA LYS LA 22 25.26 102.94 -44.16
C LYS LA 22 25.22 101.71 -43.26
N PRO LA 23 24.81 100.56 -43.78
CA PRO LA 23 24.86 99.34 -42.97
C PRO LA 23 26.28 98.96 -42.63
N ARG LA 24 26.43 98.29 -41.48
CA ARG LA 24 27.74 97.84 -41.04
C ARG LA 24 28.29 96.82 -42.01
N HIS LA 25 29.62 96.74 -42.08
CA HIS LA 25 30.27 95.84 -43.02
C HIS LA 25 30.03 94.37 -42.68
N SER LA 26 29.70 94.06 -41.43
CA SER LA 26 29.39 92.68 -41.08
C SER LA 26 28.11 92.21 -41.77
N ARG LA 27 27.16 93.11 -41.98
CA ARG LA 27 25.93 92.76 -42.67
C ARG LA 27 26.18 92.36 -44.11
N ARG LA 28 27.32 92.77 -44.68
CA ARG LA 28 27.68 92.40 -46.03
C ARG LA 28 27.99 90.91 -46.18
N ARG LA 29 28.23 90.21 -45.07
CA ARG LA 29 28.69 88.82 -45.11
C ARG LA 29 27.76 87.95 -45.94
N GLY LA 30 28.35 87.04 -46.71
CA GLY LA 30 27.60 86.09 -47.50
C GLY LA 30 27.29 86.54 -48.92
N ARG LA 31 27.58 87.78 -49.26
CA ARG LA 31 27.37 88.24 -50.63
C ARG LA 31 28.34 87.55 -51.56
N LEU LA 32 27.85 87.18 -52.74
CA LEU LA 32 28.68 86.52 -53.74
C LEU LA 32 29.46 87.55 -54.54
N THR LA 33 30.76 87.32 -54.67
CA THR LA 33 31.61 88.19 -55.46
C THR LA 33 31.88 87.57 -56.81
N LYS LA 34 32.40 88.38 -57.73
CA LYS LA 34 32.71 87.91 -59.07
C LYS LA 34 33.80 86.83 -59.01
N HIS LA 35 34.85 87.07 -58.23
CA HIS LA 35 35.94 86.13 -58.16
C HIS LA 35 35.53 84.83 -57.47
N THR LA 36 34.74 84.92 -56.40
CA THR LA 36 34.28 83.71 -55.74
C THR LA 36 33.35 82.92 -56.64
N LYS LA 37 32.48 83.61 -57.40
CA LYS LA 37 31.63 82.91 -58.35
C LYS LA 37 32.46 82.21 -59.41
N PHE LA 38 33.50 82.86 -59.90
CA PHE LA 38 34.39 82.24 -60.88
C PHE LA 38 35.06 81.00 -60.29
N VAL LA 39 35.54 81.09 -59.06
CA VAL LA 39 36.21 79.96 -58.42
C VAL LA 39 35.24 78.80 -58.24
N ARG LA 40 34.02 79.09 -57.80
CA ARG LA 40 33.05 78.02 -57.57
C ARG LA 40 32.62 77.38 -58.88
N ASP LA 41 32.51 78.15 -59.97
CA ASP LA 41 32.23 77.56 -61.27
C ASP LA 41 33.37 76.68 -61.74
N MET LA 42 34.61 77.13 -61.53
CA MET LA 42 35.77 76.31 -61.86
C MET LA 42 35.73 74.99 -61.12
N ILE LA 43 35.49 75.04 -59.82
CA ILE LA 43 35.49 73.81 -59.02
C ILE LA 43 34.32 72.92 -59.42
N ARG LA 44 33.17 73.53 -59.73
CA ARG LA 44 32.02 72.73 -60.13
C ARG LA 44 32.29 71.98 -61.43
N GLU LA 45 32.89 72.65 -62.41
CA GLU LA 45 33.13 71.95 -63.66
C GLU LA 45 34.32 71.00 -63.58
N VAL LA 46 35.24 71.20 -62.63
CA VAL LA 46 36.28 70.20 -62.39
C VAL LA 46 35.69 68.96 -61.74
N CYS LA 47 34.84 69.15 -60.72
CA CYS LA 47 34.37 68.05 -59.90
C CYS LA 47 33.21 67.30 -60.55
N GLY LA 48 32.12 68.00 -60.80
CA GLY LA 48 30.89 67.36 -61.23
C GLY LA 48 29.81 67.57 -60.20
N PHE LA 49 29.02 66.54 -59.93
CA PHE LA 49 27.92 66.62 -58.99
C PHE LA 49 27.93 65.41 -58.07
N ALA LA 50 27.36 65.59 -56.89
CA ALA LA 50 27.18 64.49 -55.98
C ALA LA 50 26.11 63.54 -56.52
N PRO LA 51 26.16 62.26 -56.13
CA PRO LA 51 25.18 61.29 -56.66
C PRO LA 51 23.74 61.66 -56.35
N TYR LA 52 23.46 62.22 -55.18
CA TYR LA 52 22.09 62.62 -54.87
C TYR LA 52 21.66 63.77 -55.76
N GLU LA 53 22.57 64.70 -56.07
CA GLU LA 53 22.26 65.77 -56.99
C GLU LA 53 21.97 65.22 -58.39
N ARG LA 54 22.74 64.22 -58.83
CA ARG LA 54 22.48 63.61 -60.12
C ARG LA 54 21.12 62.93 -60.16
N ARG LA 55 20.77 62.21 -59.08
CA ARG LA 55 19.47 61.55 -59.03
C ARG LA 55 18.33 62.56 -59.05
N ALA LA 56 18.47 63.66 -58.30
CA ALA LA 56 17.47 64.71 -58.34
C ALA LA 56 17.39 65.34 -59.72
N MET LA 57 18.50 65.42 -60.44
CA MET LA 57 18.47 65.93 -61.81
C MET LA 57 17.72 64.97 -62.73
N GLU LA 58 17.85 63.66 -62.52
CA GLU LA 58 17.03 62.72 -63.29
C GLU LA 58 15.55 62.93 -63.01
N LEU LA 59 15.20 63.13 -61.73
CA LEU LA 59 13.81 63.39 -61.38
C LEU LA 59 13.29 64.65 -62.05
N LEU LA 60 14.09 65.72 -62.05
CA LEU LA 60 13.66 66.95 -62.70
C LEU LA 60 13.61 66.80 -64.22
N LYS LA 61 14.45 65.92 -64.77
CA LYS LA 61 14.40 65.66 -66.21
C LYS LA 61 13.11 64.97 -66.60
N VAL LA 62 12.65 64.01 -65.79
CA VAL LA 62 11.38 63.36 -66.06
C VAL LA 62 10.25 64.20 -65.47
N SER LA 63 10.61 65.37 -64.94
CA SER LA 63 9.66 66.42 -64.54
C SER LA 63 8.77 65.96 -63.39
N LYS LA 64 9.35 65.22 -62.46
CA LYS LA 64 8.69 64.89 -61.20
C LYS LA 64 9.22 65.86 -60.15
N ASP LA 65 8.71 67.09 -60.22
CA ASP LA 65 9.29 68.16 -59.42
C ASP LA 65 8.98 68.00 -57.94
N LYS LA 66 7.76 67.59 -57.60
CA LYS LA 66 7.43 67.38 -56.19
C LYS LA 66 8.26 66.24 -55.60
N ARG LA 67 8.42 65.15 -56.36
CA ARG LA 67 9.25 64.05 -55.89
C ARG LA 67 10.70 64.47 -55.75
N ALA LA 68 11.19 65.28 -56.68
CA ALA LA 68 12.55 65.79 -56.58
C ALA LA 68 12.73 66.66 -55.34
N LEU LA 69 11.74 67.51 -55.05
CA LEU LA 69 11.82 68.33 -53.86
C LEU LA 69 11.79 67.49 -52.59
N LYS LA 70 10.95 66.45 -52.57
CA LYS LA 70 10.91 65.57 -51.41
C LYS LA 70 12.24 64.86 -51.22
N PHE LA 71 12.84 64.38 -52.31
CA PHE LA 71 14.13 63.70 -52.22
C PHE LA 71 15.23 64.64 -51.75
N ILE LA 72 15.27 65.86 -52.30
CA ILE LA 72 16.30 66.81 -51.90
C ILE LA 72 16.10 67.24 -50.46
N LYS LA 73 14.85 67.37 -50.02
CA LYS LA 73 14.61 67.69 -48.61
C LYS LA 73 15.05 66.55 -47.71
N LYS LA 74 14.76 65.31 -48.10
CA LYS LA 74 15.21 64.16 -47.31
C LYS LA 74 16.72 64.09 -47.23
N ARG LA 75 17.40 64.51 -48.29
CA ARG LA 75 18.86 64.48 -48.27
C ARG LA 75 19.45 65.64 -47.49
N VAL LA 76 19.21 66.87 -47.94
CA VAL LA 76 19.83 68.04 -47.33
C VAL LA 76 19.27 68.30 -45.95
N GLY LA 77 17.95 68.28 -45.81
CA GLY LA 77 17.36 68.36 -44.49
C GLY LA 77 16.23 69.35 -44.28
N THR LA 78 16.31 70.53 -44.88
CA THR LA 78 15.32 71.57 -44.63
C THR LA 78 14.65 71.99 -45.93
N HIS LA 79 13.46 72.56 -45.77
CA HIS LA 79 12.65 72.95 -46.94
C HIS LA 79 13.28 74.11 -47.69
N ILE LA 80 13.83 75.09 -46.99
CA ILE LA 80 14.42 76.25 -47.65
C ILE LA 80 15.66 75.84 -48.44
N ARG LA 81 16.54 75.07 -47.81
CA ARG LA 81 17.73 74.58 -48.49
C ARG LA 81 17.36 73.68 -49.66
N ALA LA 82 16.33 72.85 -49.49
CA ALA LA 82 15.89 71.98 -50.57
C ALA LA 82 15.36 72.79 -51.75
N LYS LA 83 14.59 73.84 -51.47
CA LYS LA 83 14.08 74.69 -52.55
C LYS LA 83 15.22 75.37 -53.29
N ARG LA 84 16.19 75.91 -52.55
CA ARG LA 84 17.33 76.55 -53.21
C ARG LA 84 18.11 75.56 -54.07
N LYS LA 85 18.35 74.36 -53.54
CA LYS LA 85 19.09 73.35 -54.29
C LYS LA 85 18.32 72.90 -55.52
N ARG LA 86 17.00 72.75 -55.41
CA ARG LA 86 16.20 72.36 -56.56
C ARG LA 86 16.20 73.45 -57.63
N GLU LA 87 16.15 74.71 -57.22
CA GLU LA 87 16.28 75.80 -58.19
C GLU LA 87 17.63 75.76 -58.89
N GLU LA 88 18.71 75.51 -58.13
CA GLU LA 88 20.03 75.42 -58.74
C GLU LA 88 20.11 74.27 -59.74
N LEU LA 89 19.55 73.12 -59.38
CA LEU LA 89 19.61 71.96 -60.26
C LEU LA 89 18.76 72.17 -61.50
N SER LA 90 17.59 72.79 -61.36
CA SER LA 90 16.80 73.13 -62.53
C SER LA 90 17.53 74.11 -63.44
N ASN LA 91 18.25 75.06 -62.84
CA ASN LA 91 18.99 76.02 -63.62
C ASN LA 91 20.12 75.36 -64.41
N VAL LA 92 20.85 74.43 -63.78
CA VAL LA 92 21.93 73.79 -64.52
C VAL LA 92 21.37 72.85 -65.58
N LEU LA 93 20.22 72.22 -65.32
CA LEU LA 93 19.57 71.41 -66.35
C LEU LA 93 19.15 72.27 -67.55
N ALA LA 94 18.59 73.45 -67.28
CA ALA LA 94 18.21 74.34 -68.36
C ALA LA 94 19.45 74.83 -69.12
N ALA LA 95 20.53 75.10 -68.40
CA ALA LA 95 21.77 75.54 -69.04
C ALA LA 95 22.31 74.48 -69.97
N MET LA 96 22.37 73.23 -69.52
CA MET LA 96 22.88 72.17 -70.39
C MET LA 96 21.90 71.87 -71.52
N ARG LA 97 20.60 72.07 -71.30
CA ARG LA 97 19.64 71.90 -72.38
C ARG LA 97 19.85 72.92 -73.48
N LYS LA 98 19.98 74.20 -73.11
CA LYS LA 98 20.21 75.22 -74.12
C LYS LA 98 21.61 75.11 -74.73
N ALA LA 99 22.56 74.50 -74.02
CA ALA LA 99 23.87 74.25 -74.62
C ALA LA 99 23.78 73.14 -75.67
N ALA LA 100 23.07 72.06 -75.37
CA ALA LA 100 22.92 70.98 -76.33
C ALA LA 100 21.97 71.33 -77.47
N ALA LA 101 21.13 72.36 -77.29
CA ALA LA 101 20.23 72.77 -78.36
C ALA LA 101 21.00 73.25 -79.58
N LYS LA 102 22.07 74.01 -79.37
CA LYS LA 102 22.90 74.49 -80.46
C LYS LA 102 24.09 73.57 -80.70
N THR MA 1 41.50 21.92 11.72
CA THR MA 1 41.24 23.01 12.64
C THR MA 1 41.59 24.36 12.05
N LYS MA 2 40.59 25.23 11.94
CA LYS MA 2 40.78 26.52 11.28
C LYS MA 2 41.48 27.54 12.15
N GLY MA 3 41.68 27.26 13.43
CA GLY MA 3 42.27 28.24 14.32
C GLY MA 3 43.71 27.98 14.72
N THR MA 4 43.89 27.51 15.95
CA THR MA 4 45.22 27.43 16.55
C THR MA 4 46.14 26.50 15.76
N SER MA 5 45.61 25.35 15.33
CA SER MA 5 46.43 24.42 14.55
C SER MA 5 46.83 25.02 13.22
N SER MA 6 45.92 25.73 12.57
CA SER MA 6 46.23 26.33 11.28
C SER MA 6 47.24 27.46 11.41
N PHE MA 7 47.25 28.15 12.55
CA PHE MA 7 48.21 29.23 12.73
C PHE MA 7 49.65 28.74 12.84
N GLY MA 8 49.87 27.45 13.00
CA GLY MA 8 51.23 26.95 13.05
C GLY MA 8 51.90 26.80 11.71
N LYS MA 9 51.14 26.85 10.62
CA LYS MA 9 51.65 26.57 9.29
C LYS MA 9 52.10 27.82 8.55
N ARG MA 10 51.98 29.00 9.14
CA ARG MA 10 52.36 30.23 8.44
C ARG MA 10 53.86 30.47 8.65
N ARG MA 11 54.62 30.19 7.59
CA ARG MA 11 56.07 30.32 7.58
C ARG MA 11 56.60 30.88 6.28
N ASN MA 12 55.75 31.47 5.44
CA ASN MA 12 56.15 32.00 4.13
C ASN MA 12 55.60 33.41 4.00
N LYS MA 13 56.49 34.39 3.87
CA LYS MA 13 56.07 35.79 3.86
C LYS MA 13 55.43 36.16 2.53
N THR MA 14 54.24 36.75 2.59
CA THR MA 14 53.62 37.33 1.39
C THR MA 14 54.28 38.63 0.98
N HIS MA 15 54.60 39.49 1.94
CA HIS MA 15 55.09 40.83 1.67
C HIS MA 15 56.51 40.98 2.19
N THR MA 16 57.26 41.86 1.54
CA THR MA 16 58.59 42.24 1.98
C THR MA 16 58.69 43.76 1.96
N LEU MA 17 59.85 44.27 2.36
CA LEU MA 17 60.08 45.71 2.33
C LEU MA 17 60.13 46.21 0.89
N CYS MA 18 59.53 47.38 0.67
CA CYS MA 18 59.45 48.00 -0.64
C CYS MA 18 60.60 48.99 -0.79
N ARG MA 19 61.30 48.91 -1.91
CA ARG MA 19 62.46 49.79 -2.12
C ARG MA 19 62.04 51.24 -2.30
N ARG MA 20 60.83 51.49 -2.77
CA ARG MA 20 60.16 52.77 -2.63
C ARG MA 20 59.35 52.73 -1.35
N CYS MA 21 59.21 53.88 -0.70
CA CYS MA 21 58.32 54.10 0.45
C CYS MA 21 58.67 53.27 1.68
N GLY MA 22 59.59 52.31 1.55
CA GLY MA 22 60.11 51.57 2.69
C GLY MA 22 59.09 50.84 3.53
N SER MA 23 57.95 50.49 2.96
CA SER MA 23 56.89 49.84 3.71
C SER MA 23 56.89 48.34 3.42
N LYS MA 24 56.49 47.56 4.42
CA LYS MA 24 56.45 46.11 4.30
C LYS MA 24 55.14 45.66 3.63
N ALA MA 25 54.96 46.13 2.40
CA ALA MA 25 53.77 45.80 1.64
C ALA MA 25 54.09 45.38 0.22
N TYR MA 26 55.35 45.06 -0.08
CA TYR MA 26 55.73 44.65 -1.42
C TYR MA 26 55.36 43.18 -1.61
N HIS MA 27 54.19 42.94 -2.19
CA HIS MA 27 53.81 41.59 -2.59
C HIS MA 27 54.86 41.02 -3.50
N LEU MA 28 55.51 39.96 -3.03
CA LEU MA 28 56.59 39.32 -3.76
C LEU MA 28 56.10 38.57 -4.98
N GLN MA 29 55.01 37.83 -4.84
CA GLN MA 29 54.49 37.01 -5.91
C GLN MA 29 53.85 37.82 -7.01
N LYS MA 30 53.25 38.96 -6.67
CA LYS MA 30 52.75 39.92 -7.66
C LYS MA 30 53.78 40.96 -8.04
N SER MA 31 54.88 41.05 -7.29
CA SER MA 31 55.94 42.05 -7.52
C SER MA 31 55.38 43.46 -7.54
N THR MA 32 54.57 43.77 -6.53
CA THR MA 32 53.90 45.07 -6.50
C THR MA 32 53.68 45.50 -5.05
N CYS MA 33 53.93 46.77 -4.76
CA CYS MA 33 53.67 47.27 -3.42
C CYS MA 33 52.20 47.62 -3.27
N GLY MA 34 51.58 47.09 -2.22
CA GLY MA 34 50.19 47.38 -1.95
C GLY MA 34 49.93 48.72 -1.32
N LYS MA 35 50.98 49.46 -0.96
CA LYS MA 35 50.82 50.80 -0.42
C LYS MA 35 51.12 51.88 -1.45
N CYS MA 36 52.22 51.76 -2.19
CA CYS MA 36 52.60 52.76 -3.16
C CYS MA 36 52.48 52.32 -4.60
N GLY MA 37 52.35 51.03 -4.86
CA GLY MA 37 52.40 50.53 -6.21
C GLY MA 37 53.73 50.82 -6.86
N TYR MA 38 54.81 50.23 -6.36
CA TYR MA 38 56.14 50.67 -6.75
C TYR MA 38 56.46 50.54 -8.23
N PRO MA 39 56.24 49.41 -8.91
CA PRO MA 39 56.61 49.36 -10.33
C PRO MA 39 55.84 50.35 -11.18
N ALA MA 40 54.69 50.81 -10.71
CA ALA MA 40 53.99 51.91 -11.36
C ALA MA 40 54.75 53.21 -11.16
N LYS MA 41 54.77 54.04 -12.20
CA LYS MA 41 55.46 55.32 -12.12
C LYS MA 41 54.81 56.24 -11.09
N ARG MA 42 53.49 56.25 -11.05
CA ARG MA 42 52.77 57.16 -10.18
C ARG MA 42 52.50 56.52 -8.83
N LYS MA 43 52.48 57.36 -7.80
CA LYS MA 43 52.24 56.90 -6.44
C LYS MA 43 50.78 56.50 -6.26
N ARG MA 44 50.55 55.43 -5.51
CA ARG MA 44 49.20 54.97 -5.19
C ARG MA 44 48.62 55.88 -4.12
N LYS MA 45 47.59 56.64 -4.48
CA LYS MA 45 46.99 57.60 -3.58
C LYS MA 45 45.49 57.64 -3.85
N TYR MA 46 44.70 57.65 -2.78
CA TYR MA 46 43.25 57.60 -2.92
C TYR MA 46 42.61 58.62 -2.00
N ASN MA 47 41.51 59.22 -2.46
CA ASN MA 47 40.82 60.23 -1.68
C ASN MA 47 39.86 59.64 -0.67
N TRP MA 48 39.66 58.33 -0.67
CA TRP MA 48 38.84 57.74 0.37
C TRP MA 48 39.62 57.46 1.64
N SER MA 49 40.91 57.78 1.68
CA SER MA 49 41.68 57.68 2.92
C SER MA 49 42.50 58.96 3.08
N ALA MA 50 41.88 59.97 3.70
CA ALA MA 50 42.61 61.19 4.01
C ALA MA 50 43.68 60.94 5.06
N LYS MA 51 43.42 60.02 5.99
CA LYS MA 51 44.42 59.66 6.99
C LYS MA 51 45.64 59.04 6.33
N ALA MA 52 45.43 58.16 5.36
CA ALA MA 52 46.56 57.58 4.64
C ALA MA 52 47.28 58.63 3.80
N LYS MA 53 46.54 59.58 3.22
CA LYS MA 53 47.20 60.65 2.49
C LYS MA 53 48.08 61.49 3.39
N ARG MA 54 47.60 61.82 4.59
CA ARG MA 54 48.38 62.68 5.48
C ARG MA 54 49.49 61.93 6.20
N ARG MA 55 49.43 60.59 6.22
CA ARG MA 55 50.54 59.83 6.79
C ARG MA 55 51.81 59.97 5.96
N ASN MA 56 51.68 60.16 4.65
CA ASN MA 56 52.83 60.14 3.74
C ASN MA 56 52.86 61.34 2.81
N THR MA 57 52.10 62.39 3.12
CA THR MA 57 52.09 63.57 2.27
C THR MA 57 53.42 64.32 2.38
N THR MA 58 53.55 65.38 1.60
CA THR MA 58 54.70 66.26 1.67
C THR MA 58 54.76 66.94 3.03
N GLY MA 59 55.95 67.00 3.61
CA GLY MA 59 56.16 67.57 4.92
C GLY MA 59 56.27 66.55 6.02
N THR MA 60 55.81 65.32 5.79
CA THR MA 60 55.96 64.26 6.77
C THR MA 60 57.37 63.68 6.80
N GLY MA 61 58.20 64.02 5.82
CA GLY MA 61 59.56 63.54 5.80
C GLY MA 61 60.57 64.63 6.05
N ARG MA 62 61.62 64.67 5.25
CA ARG MA 62 62.74 65.57 5.51
C ARG MA 62 62.59 66.90 4.79
N MET MA 63 62.09 66.89 3.56
CA MET MA 63 61.99 68.09 2.72
C MET MA 63 63.34 68.77 2.58
N ARG MA 64 64.36 67.97 2.25
CA ARG MA 64 65.73 68.47 2.17
C ARG MA 64 65.84 69.61 1.16
N HIS MA 65 65.19 69.45 0.01
CA HIS MA 65 65.24 70.47 -1.03
C HIS MA 65 64.18 71.54 -0.84
N LEU MA 66 63.00 71.18 -0.34
CA LEU MA 66 61.93 72.14 -0.21
C LEU MA 66 62.19 73.16 0.89
N LYS MA 67 62.87 72.76 1.98
CA LYS MA 67 63.23 73.73 3.00
C LYS MA 67 64.15 74.81 2.42
N ILE MA 68 65.12 74.39 1.62
CA ILE MA 68 66.04 75.34 1.01
C ILE MA 68 65.31 76.21 0.00
N VAL MA 69 64.35 75.64 -0.73
CA VAL MA 69 63.56 76.43 -1.67
C VAL MA 69 62.74 77.48 -0.94
N TYR MA 70 62.13 77.10 0.19
CA TYR MA 70 61.34 78.04 0.96
C TYR MA 70 62.21 79.16 1.52
N ARG MA 71 63.42 78.83 1.95
CA ARG MA 71 64.32 79.88 2.41
C ARG MA 71 64.78 80.78 1.27
N ARG MA 72 65.12 80.18 0.12
CA ARG MA 72 65.65 80.94 -1.01
C ARG MA 72 64.61 81.81 -1.67
N PHE MA 73 63.33 81.46 -1.57
CA PHE MA 73 62.28 82.27 -2.18
C PHE MA 73 62.22 83.65 -1.56
N ARG MA 74 62.55 83.76 -0.27
CA ARG MA 74 62.46 85.02 0.44
C ARG MA 74 63.47 86.06 -0.02
N HIS MA 75 64.45 85.67 -0.84
CA HIS MA 75 65.41 86.60 -1.41
C HIS MA 75 65.43 86.56 -2.93
N GLY MA 76 64.36 86.08 -3.55
CA GLY MA 76 64.25 86.09 -4.99
C GLY MA 76 65.10 85.08 -5.71
N PHE MA 77 65.48 83.99 -5.04
CA PHE MA 77 66.29 82.92 -5.64
C PHE MA 77 67.60 83.47 -6.22
N ARG MA 78 68.25 84.36 -5.47
CA ARG MA 78 69.49 84.95 -5.93
C ARG MA 78 70.61 83.90 -5.98
N GLU MA 79 71.49 84.04 -6.96
CA GLU MA 79 72.61 83.12 -7.13
C GLU MA 79 73.79 83.88 -7.69
N GLY MA 80 74.98 83.32 -7.47
CA GLY MA 80 76.18 83.92 -7.99
C GLY MA 80 76.66 85.14 -7.23
N THR MA 81 76.07 85.44 -6.08
CA THR MA 81 76.45 86.59 -5.30
C THR MA 81 76.85 86.15 -3.89
N THR MA 82 77.61 87.01 -3.23
CA THR MA 82 78.07 86.81 -1.86
C THR MA 82 77.82 88.08 -1.09
N PRO MA 83 77.72 87.99 0.23
CA PRO MA 83 77.67 89.22 1.05
C PRO MA 83 78.95 90.02 0.89
N LYS MA 84 78.84 91.32 1.08
CA LYS MA 84 79.98 92.21 0.95
C LYS MA 84 81.06 91.83 1.95
N PRO MA 85 82.28 91.56 1.51
CA PRO MA 85 83.31 91.09 2.46
C PRO MA 85 83.64 92.15 3.50
N LYS MA 86 83.96 91.68 4.70
CA LYS MA 86 84.27 92.58 5.80
C LYS MA 86 85.65 93.18 5.65
N PRO NA 1 100.37 14.11 -3.98
CA PRO NA 1 101.72 13.56 -3.81
C PRO NA 1 102.11 12.63 -4.95
N ARG NA 2 103.40 12.59 -5.27
CA ARG NA 2 103.90 11.72 -6.31
C ARG NA 2 105.03 10.88 -5.75
N LYS NA 3 105.14 9.64 -6.21
CA LYS NA 3 106.15 8.71 -5.74
C LYS NA 3 107.18 8.53 -6.84
N ILE NA 4 108.41 8.97 -6.58
CA ILE NA 4 109.50 8.84 -7.54
C ILE NA 4 110.05 7.43 -7.44
N GLU NA 5 110.23 6.77 -8.58
CA GLU NA 5 110.57 5.36 -8.58
C GLU NA 5 112.06 5.14 -8.36
N GLU NA 6 112.90 5.75 -9.19
CA GLU NA 6 114.34 5.52 -9.07
C GLU NA 6 115.05 6.83 -8.67
N ILE NA 7 116.37 6.75 -8.59
CA ILE NA 7 117.17 7.76 -7.89
C ILE NA 7 117.45 8.97 -8.77
N LYS NA 8 117.70 8.76 -10.07
CA LYS NA 8 118.04 9.86 -10.96
C LYS NA 8 116.88 10.85 -11.08
N ASP NA 9 115.66 10.34 -11.16
CA ASP NA 9 114.49 11.21 -11.22
C ASP NA 9 114.39 12.08 -9.98
N PHE NA 10 114.65 11.51 -8.81
CA PHE NA 10 114.64 12.31 -7.60
C PHE NA 10 115.74 13.37 -7.63
N LEU NA 11 116.90 13.03 -8.18
CA LEU NA 11 117.97 14.01 -8.29
C LEU NA 11 117.55 15.21 -9.13
N LEU NA 12 117.06 14.97 -10.35
CA LEU NA 12 116.73 16.17 -11.12
C LEU NA 12 115.42 16.80 -10.69
N THR NA 13 114.62 16.13 -9.88
CA THR NA 13 113.48 16.79 -9.24
C THR NA 13 113.93 17.71 -8.13
N ALA NA 14 114.91 17.27 -7.33
CA ALA NA 14 115.45 18.11 -6.27
C ALA NA 14 116.23 19.28 -6.84
N ARG NA 15 116.83 19.12 -8.02
CA ARG NA 15 117.54 20.22 -8.64
C ARG NA 15 116.62 21.21 -9.37
N ARG NA 16 115.32 21.18 -9.12
CA ARG NA 16 114.40 22.10 -9.76
C ARG NA 16 114.39 23.44 -9.05
N LYS NA 17 113.89 24.46 -9.75
CA LYS NA 17 113.86 25.81 -9.19
C LYS NA 17 112.81 25.93 -8.09
N ASP NA 18 111.68 25.24 -8.23
CA ASP NA 18 110.59 25.36 -7.29
C ASP NA 18 110.70 24.42 -6.09
N ALA NA 19 111.77 23.64 -6.02
CA ALA NA 19 111.98 22.76 -4.87
C ALA NA 19 112.26 23.60 -3.63
N LYS NA 20 111.31 23.63 -2.70
CA LYS NA 20 111.46 24.49 -1.52
C LYS NA 20 112.37 23.85 -0.49
N SER NA 21 112.16 22.56 -0.20
CA SER NA 21 112.92 21.88 0.82
C SER NA 21 112.83 20.39 0.57
N VAL NA 22 113.66 19.63 1.28
CA VAL NA 22 113.57 18.18 1.32
C VAL NA 22 113.57 17.77 2.78
N LYS NA 23 112.72 16.79 3.09
CA LYS NA 23 112.58 16.23 4.42
C LYS NA 23 113.00 14.77 4.36
N ILE NA 24 113.85 14.36 5.28
CA ILE NA 24 114.33 12.99 5.36
C ILE NA 24 113.69 12.33 6.57
N LYS NA 25 112.93 11.27 6.33
CA LYS NA 25 112.21 10.54 7.37
C LYS NA 25 112.80 9.15 7.45
N LYS NA 26 113.31 8.78 8.62
CA LYS NA 26 113.90 7.46 8.83
C LYS NA 26 112.87 6.57 9.52
N ASN NA 27 112.28 5.65 8.76
CA ASN NA 27 111.35 4.68 9.32
C ASN NA 27 112.11 3.43 9.73
N LYS NA 28 111.38 2.46 10.28
CA LYS NA 28 112.00 1.20 10.67
C LYS NA 28 112.43 0.40 9.46
N ASP NA 29 111.65 0.44 8.38
CA ASP NA 29 111.90 -0.39 7.22
C ASP NA 29 112.57 0.33 6.07
N ASN NA 30 112.42 1.65 5.97
CA ASN NA 30 112.93 2.39 4.84
C ASN NA 30 113.22 3.82 5.23
N VAL NA 31 113.78 4.57 4.30
CA VAL NA 31 114.06 5.99 4.45
C VAL NA 31 113.36 6.73 3.32
N LYS NA 32 112.60 7.76 3.66
CA LYS NA 32 111.81 8.51 2.69
C LYS NA 32 112.40 9.90 2.53
N PHE NA 33 112.72 10.26 1.29
CA PHE NA 33 113.20 11.59 0.93
C PHE NA 33 112.05 12.30 0.23
N LYS NA 34 111.51 13.34 0.87
CA LYS NA 34 110.35 14.05 0.34
C LYS NA 34 110.75 15.46 -0.03
N VAL NA 35 110.76 15.77 -1.32
CA VAL NA 35 111.03 17.12 -1.79
C VAL NA 35 109.71 17.83 -2.05
N ARG NA 36 109.60 19.06 -1.57
CA ARG NA 36 108.38 19.85 -1.66
C ARG NA 36 108.52 20.79 -2.86
N CYS NA 37 107.89 20.41 -3.96
CA CYS NA 37 107.91 21.24 -5.16
C CYS NA 37 106.69 22.15 -5.14
N SER NA 38 106.43 22.81 -6.26
CA SER NA 38 105.33 23.78 -6.30
C SER NA 38 103.98 23.09 -6.23
N ARG NA 39 103.80 22.04 -7.01
CA ARG NA 39 102.51 21.37 -7.10
C ARG NA 39 102.44 20.10 -6.26
N TYR NA 40 103.48 19.28 -6.26
CA TYR NA 40 103.45 17.99 -5.61
C TYR NA 40 104.54 17.86 -4.57
N LEU NA 41 104.33 16.92 -3.67
CA LEU NA 41 105.36 16.43 -2.77
C LEU NA 41 105.87 15.11 -3.34
N TYR NA 42 107.15 15.08 -3.72
CA TYR NA 42 107.73 13.92 -4.35
C TYR NA 42 108.46 13.10 -3.31
N THR NA 43 108.10 11.84 -3.18
CA THR NA 43 108.67 10.95 -2.17
C THR NA 43 109.47 9.85 -2.85
N LEU NA 44 110.72 9.68 -2.44
CA LEU NA 44 111.56 8.57 -2.86
C LEU NA 44 111.78 7.66 -1.67
N VAL NA 45 111.54 6.37 -1.85
CA VAL NA 45 111.65 5.38 -0.78
C VAL NA 45 112.89 4.54 -1.02
N ILE NA 46 113.79 4.52 -0.04
CA ILE NA 46 115.03 3.75 -0.11
C ILE NA 46 114.95 2.66 0.94
N THR NA 47 115.05 1.40 0.49
CA THR NA 47 114.88 0.28 1.41
C THR NA 47 116.07 0.11 2.34
N ASP NA 48 117.28 0.22 1.81
CA ASP NA 48 118.48 0.04 2.64
C ASP NA 48 118.92 1.39 3.20
N LYS NA 49 120.10 1.41 3.82
CA LYS NA 49 120.58 2.61 4.51
C LYS NA 49 121.81 3.23 3.87
N GLU NA 50 122.68 2.42 3.27
CA GLU NA 50 123.88 2.97 2.64
C GLU NA 50 123.52 3.85 1.44
N LYS NA 51 122.55 3.44 0.64
CA LYS NA 51 122.12 4.26 -0.48
C LYS NA 51 121.43 5.54 0.00
N ALA NA 52 120.68 5.44 1.10
CA ALA NA 52 120.08 6.63 1.68
C ALA NA 52 121.13 7.62 2.15
N GLU NA 53 122.21 7.12 2.77
CA GLU NA 53 123.29 7.99 3.19
C GLU NA 53 123.99 8.61 1.98
N LYS NA 54 124.23 7.82 0.93
CA LYS NA 54 124.84 8.34 -0.28
C LYS NA 54 123.99 9.45 -0.88
N LEU NA 55 122.67 9.26 -0.90
CA LEU NA 55 121.78 10.32 -1.36
C LEU NA 55 121.85 11.54 -0.45
N LYS NA 56 121.98 11.32 0.85
CA LYS NA 56 122.10 12.43 1.80
C LYS NA 56 123.30 13.30 1.48
N GLN NA 57 124.45 12.69 1.20
CA GLN NA 57 125.59 13.51 0.81
C GLN NA 57 125.51 14.01 -0.63
N SER NA 58 124.71 13.37 -1.50
CA SER NA 58 124.63 13.81 -2.88
C SER NA 58 123.48 14.78 -3.14
N LEU NA 59 122.74 15.19 -2.11
CA LEU NA 59 121.74 16.21 -2.31
C LEU NA 59 122.38 17.54 -2.73
N PRO NA 60 121.70 18.32 -3.56
CA PRO NA 60 122.28 19.59 -4.01
C PRO NA 60 122.32 20.60 -2.87
N PRO NA 61 123.26 21.53 -2.90
CA PRO NA 61 123.31 22.58 -1.87
C PRO NA 61 122.24 23.64 -2.14
N GLY NA 62 122.17 24.60 -1.23
CA GLY NA 62 121.20 25.67 -1.37
C GLY NA 62 119.77 25.24 -1.15
N LEU NA 63 119.56 24.11 -0.49
CA LEU NA 63 118.22 23.57 -0.25
C LEU NA 63 118.14 23.10 1.19
N ALA NA 64 116.99 23.33 1.83
CA ALA NA 64 116.80 22.85 3.19
C ALA NA 64 116.74 21.32 3.20
N VAL NA 65 117.44 20.72 4.16
CA VAL NA 65 117.69 19.29 4.18
C VAL NA 65 117.09 18.75 5.49
N LYS NA 66 115.92 19.25 5.85
CA LYS NA 66 115.35 19.01 7.17
C LYS NA 66 115.21 17.53 7.48
N GLU NA 67 115.65 17.14 8.68
CA GLU NA 67 115.51 15.78 9.17
C GLU NA 67 114.29 15.71 10.09
N LEU NA 68 113.44 14.72 9.87
CA LEU NA 68 112.19 14.62 10.62
C LEU NA 68 112.34 13.88 11.94
N LYS NA 69 113.52 13.40 12.27
CA LYS NA 69 113.74 12.79 13.58
C LYS NA 69 114.60 13.67 14.46
N SER OA 1 66.62 33.74 9.51
CA SER OA 1 67.31 32.49 9.23
C SER OA 1 68.80 32.73 9.11
N SER OA 2 69.56 31.66 8.93
CA SER OA 2 70.99 31.81 8.69
C SER OA 2 71.26 32.41 7.32
N HIS OA 3 70.52 31.97 6.30
CA HIS OA 3 70.57 32.60 4.99
C HIS OA 3 69.78 33.90 5.03
N LYS OA 4 70.43 35.00 4.70
CA LYS OA 4 69.75 36.29 4.69
C LYS OA 4 70.40 37.19 3.66
N THR OA 5 69.66 38.22 3.26
CA THR OA 5 70.17 39.19 2.31
C THR OA 5 70.88 40.31 3.04
N PHE OA 6 71.68 41.07 2.28
CA PHE OA 6 72.43 42.17 2.86
C PHE OA 6 71.51 43.25 3.41
N ARG OA 7 70.41 43.54 2.71
CA ARG OA 7 69.48 44.56 3.18
C ARG OA 7 68.80 44.15 4.48
N ILE OA 8 68.39 42.88 4.57
CA ILE OA 8 67.79 42.39 5.80
C ILE OA 8 68.80 42.44 6.94
N LYS OA 9 70.05 42.06 6.66
CA LYS OA 9 71.07 42.09 7.70
C LYS OA 9 71.32 43.52 8.18
N ARG OA 10 71.33 44.48 7.25
CA ARG OA 10 71.52 45.88 7.64
C ARG OA 10 70.36 46.40 8.47
N PHE OA 11 69.13 46.01 8.10
CA PHE OA 11 67.96 46.40 8.88
C PHE OA 11 68.06 45.86 10.30
N LEU OA 12 68.42 44.59 10.45
CA LEU OA 12 68.57 44.02 11.77
C LEU OA 12 69.71 44.65 12.55
N ALA OA 13 70.78 45.04 11.85
CA ALA OA 13 71.89 45.72 12.51
C ALA OA 13 71.45 47.04 13.11
N LYS OA 14 70.69 47.83 12.35
CA LYS OA 14 70.20 49.09 12.88
C LYS OA 14 69.27 48.87 14.07
N LYS OA 15 68.41 47.86 13.99
CA LYS OA 15 67.53 47.57 15.12
C LYS OA 15 68.33 47.19 16.37
N GLN OA 16 69.36 46.37 16.19
CA GLN OA 16 70.22 46.00 17.32
C GLN OA 16 70.88 47.24 17.91
N LYS OA 17 71.39 48.12 17.06
CA LYS OA 17 72.10 49.30 17.55
C LYS OA 17 71.18 50.24 18.32
N GLN OA 18 69.95 50.41 17.85
CA GLN OA 18 69.08 51.36 18.53
C GLN OA 18 68.29 50.73 19.67
N ASN OA 19 68.40 49.42 19.88
CA ASN OA 19 67.79 48.79 21.06
C ASN OA 19 68.79 48.77 22.22
N ARG OA 20 68.86 49.88 22.93
CA ARG OA 20 69.78 50.03 24.06
C ARG OA 20 69.23 51.09 25.00
N PRO OA 21 69.66 51.08 26.27
CA PRO OA 21 69.17 52.08 27.22
C PRO OA 21 69.75 53.46 26.95
N ILE OA 22 69.13 54.46 27.56
CA ILE OA 22 69.59 55.84 27.44
C ILE OA 22 70.84 56.02 28.30
N PRO OA 23 71.74 56.92 27.93
CA PRO OA 23 72.90 57.21 28.78
C PRO OA 23 72.47 57.88 30.07
N GLN OA 24 73.27 57.67 31.11
CA GLN OA 24 72.92 58.16 32.44
C GLN OA 24 72.94 59.68 32.50
N TRP OA 25 73.81 60.32 31.73
CA TRP OA 25 73.97 61.77 31.79
C TRP OA 25 72.86 62.52 31.09
N ILE OA 26 71.97 61.83 30.37
CA ILE OA 26 70.84 62.50 29.75
C ILE OA 26 69.92 63.09 30.81
N ARG OA 27 69.68 62.35 31.89
CA ARG OA 27 68.76 62.81 32.93
C ARG OA 27 69.27 64.04 33.66
N MET OA 28 70.54 64.37 33.53
CA MET OA 28 71.08 65.56 34.17
C MET OA 28 70.96 66.80 33.31
N LYS OA 29 70.52 66.68 32.07
CA LYS OA 29 70.43 67.84 31.19
C LYS OA 29 69.28 68.75 31.64
N THR OA 30 69.38 70.01 31.23
CA THR OA 30 68.42 71.03 31.64
C THR OA 30 67.11 70.81 30.91
N GLY OA 31 66.05 70.52 31.66
CA GLY OA 31 64.74 70.29 31.08
C GLY OA 31 64.67 69.03 30.25
N ASN OA 32 65.04 67.89 30.84
CA ASN OA 32 65.12 66.65 30.07
C ASN OA 32 63.74 66.07 29.78
N LYS OA 33 62.98 65.76 30.82
CA LYS OA 33 61.68 65.11 30.76
C LYS OA 33 61.73 63.69 30.19
N ILE OA 34 62.91 63.07 30.17
CA ILE OA 34 63.05 61.70 29.69
C ILE OA 34 63.52 60.85 30.86
N ARG OA 35 62.77 59.79 31.16
CA ARG OA 35 63.11 58.90 32.26
C ARG OA 35 63.82 57.64 31.79
N TYR OA 36 63.41 57.08 30.65
CA TYR OA 36 63.97 55.84 30.15
C TYR OA 36 63.65 55.73 28.67
N ASN OA 37 64.32 54.80 28.01
CA ASN OA 37 64.04 54.53 26.60
C ASN OA 37 62.72 53.78 26.50
N SER OA 38 61.68 54.48 26.06
CA SER OA 38 60.37 53.87 25.92
C SER OA 38 60.21 53.09 24.64
N LYS OA 39 61.21 53.12 23.76
CA LYS OA 39 61.18 52.37 22.51
C LYS OA 39 62.02 51.09 22.58
N ARG OA 40 62.30 50.60 23.78
CA ARG OA 40 63.03 49.36 23.92
C ARG OA 40 62.21 48.20 23.39
N ARG OA 41 62.89 47.27 22.73
CA ARG OA 41 62.24 46.12 22.13
C ARG OA 41 62.91 44.84 22.62
N HIS OA 42 62.11 43.85 22.96
CA HIS OA 42 62.60 42.53 23.32
C HIS OA 42 62.27 41.55 22.21
N TRP OA 43 63.21 40.65 21.92
CA TRP OA 43 63.05 39.74 20.79
C TRP OA 43 61.89 38.77 20.98
N ARG OA 44 61.48 38.52 22.22
CA ARG OA 44 60.41 37.57 22.48
C ARG OA 44 59.06 38.23 22.72
N ARG OA 45 59.03 39.46 23.24
CA ARG OA 45 57.75 40.11 23.51
C ARG OA 45 57.11 40.60 22.21
N THR OA 46 57.79 41.49 21.50
CA THR OA 46 57.27 42.05 20.27
C THR OA 46 58.22 41.73 19.12
N LYS OA 47 57.64 41.46 17.96
CA LYS OA 47 58.41 41.03 16.79
C LYS OA 47 58.62 42.20 15.84
N LEU OA 48 59.67 42.11 15.04
CA LEU OA 48 60.00 43.18 14.12
C LEU OA 48 59.02 43.19 12.96
N GLY OA 49 59.05 44.29 12.21
CA GLY OA 49 58.09 44.47 11.14
C GLY OA 49 58.23 43.45 10.03
N LEU OA 50 59.47 43.15 9.63
CA LEU OA 50 59.70 42.24 8.52
C LEU OA 50 59.26 40.84 8.90
N ILE PA 1 -28.84 -28.12 65.98
CA ILE PA 1 -30.26 -27.85 66.00
C ILE PA 1 -30.62 -26.90 67.14
N ILE PA 2 -31.56 -26.00 66.87
CA ILE PA 2 -32.02 -25.01 67.84
C ILE PA 2 -33.53 -25.09 67.92
N GLU PA 3 -34.06 -25.18 69.13
CA GLU PA 3 -35.50 -25.27 69.29
C GLU PA 3 -36.13 -23.90 69.06
N PRO PA 4 -37.41 -23.86 68.65
CA PRO PA 4 -37.97 -22.60 68.12
C PRO PA 4 -37.95 -21.42 69.07
N SER PA 5 -38.13 -21.60 70.38
CA SER PA 5 -38.15 -20.44 71.26
C SER PA 5 -36.75 -19.83 71.39
N LEU PA 6 -35.73 -20.67 71.50
CA LEU PA 6 -34.37 -20.15 71.51
C LEU PA 6 -34.00 -19.53 70.16
N ARG PA 7 -34.51 -20.11 69.07
CA ARG PA 7 -34.29 -19.50 67.76
C ARG PA 7 -34.93 -18.11 67.68
N GLN PA 8 -36.14 -17.96 68.24
CA GLN PA 8 -36.78 -16.65 68.27
C GLN PA 8 -35.99 -15.67 69.12
N LEU PA 9 -35.47 -16.13 70.25
CA LEU PA 9 -34.65 -15.26 71.10
C LEU PA 9 -33.41 -14.79 70.36
N ALA PA 10 -32.73 -15.70 69.65
CA ALA PA 10 -31.56 -15.30 68.87
C ALA PA 10 -31.93 -14.35 67.75
N GLN PA 11 -33.04 -14.61 67.08
CA GLN PA 11 -33.47 -13.76 65.97
C GLN PA 11 -33.91 -12.39 66.43
N LYS PA 12 -34.35 -12.25 67.68
CA LYS PA 12 -34.72 -10.93 68.18
C LYS PA 12 -33.53 -9.98 68.17
N TYR PA 13 -32.33 -10.51 68.42
CA TYR PA 13 -31.13 -9.69 68.38
C TYR PA 13 -30.42 -9.72 67.04
N ASN PA 14 -30.61 -10.77 66.23
CA ASN PA 14 -29.82 -10.90 65.02
C ASN PA 14 -30.57 -10.58 63.73
N CYS PA 15 -31.89 -10.75 63.69
CA CYS PA 15 -32.58 -10.70 62.41
C CYS PA 15 -33.75 -9.72 62.39
N ASP PA 16 -34.46 -9.59 63.52
CA ASP PA 16 -35.66 -8.76 63.58
C ASP PA 16 -35.26 -7.31 63.80
N LYS PA 17 -34.83 -6.67 62.71
CA LYS PA 17 -34.28 -5.33 62.81
C LYS PA 17 -34.49 -4.59 61.49
N MET PA 18 -34.33 -3.27 61.54
CA MET PA 18 -34.45 -2.41 60.38
C MET PA 18 -33.06 -1.99 59.90
N ILE PA 19 -32.95 -1.75 58.60
CA ILE PA 19 -31.70 -1.33 57.98
C ILE PA 19 -31.96 -0.01 57.25
N CYS PA 20 -31.10 0.97 57.50
CA CYS PA 20 -31.17 2.23 56.77
C CYS PA 20 -30.71 2.03 55.34
N ARG PA 21 -31.49 2.52 54.37
CA ARG PA 21 -31.10 2.37 52.97
C ARG PA 21 -29.90 3.21 52.61
N LYS PA 22 -29.64 4.29 53.34
CA LYS PA 22 -28.54 5.18 52.99
C LYS PA 22 -27.22 4.78 53.63
N CYS PA 23 -27.23 4.35 54.90
CA CYS PA 23 -25.99 4.09 55.62
C CYS PA 23 -25.93 2.70 56.25
N TYR PA 24 -26.89 1.82 55.95
CA TYR PA 24 -26.86 0.41 56.34
C TYR PA 24 -26.87 0.19 57.84
N ALA PA 25 -27.25 1.20 58.61
CA ALA PA 25 -27.24 1.05 60.07
C ALA PA 25 -28.28 0.04 60.51
N ARG PA 26 -27.96 -0.70 61.56
CA ARG PA 26 -28.84 -1.71 62.13
C ARG PA 26 -29.69 -1.05 63.20
N LEU PA 27 -31.00 -0.96 62.96
CA LEU PA 27 -31.90 -0.24 63.84
C LEU PA 27 -32.94 -1.18 64.42
N HIS PA 28 -33.56 -0.75 65.51
CA HIS PA 28 -34.58 -1.54 66.18
C HIS PA 28 -35.80 -1.70 65.25
N PRO PA 29 -36.57 -2.77 65.41
CA PRO PA 29 -37.61 -3.08 64.42
C PRO PA 29 -38.70 -2.03 64.30
N ARG PA 30 -38.90 -1.20 65.32
CA ARG PA 30 -39.92 -0.16 65.28
C ARG PA 30 -39.37 1.19 64.86
N ALA PA 31 -38.16 1.22 64.30
CA ALA PA 31 -37.54 2.48 63.93
C ALA PA 31 -38.26 3.12 62.75
N VAL PA 32 -38.37 4.44 62.79
CA VAL PA 32 -38.91 5.23 61.70
C VAL PA 32 -37.83 6.08 61.04
N ASN PA 33 -36.90 6.60 61.83
CA ASN PA 33 -35.78 7.37 61.32
C ASN PA 33 -34.48 6.72 61.77
N CYS PA 34 -33.46 6.81 60.92
CA CYS PA 34 -32.14 6.34 61.31
C CYS PA 34 -31.57 7.21 62.42
N ARG PA 35 -30.79 6.59 63.29
CA ARG PA 35 -30.24 7.28 64.46
C ARG PA 35 -28.91 7.95 64.18
N LYS PA 36 -28.40 7.87 62.96
CA LYS PA 36 -27.04 8.28 62.66
C LYS PA 36 -27.03 9.56 61.85
N LYS PA 37 -26.06 10.42 62.13
CA LYS PA 37 -26.01 11.73 61.50
C LYS PA 37 -25.58 11.65 60.04
N LYS PA 38 -24.73 10.70 59.70
CA LYS PA 38 -24.11 10.72 58.38
C LYS PA 38 -25.10 10.47 57.25
N CYS PA 39 -26.26 9.90 57.55
CA CYS PA 39 -27.35 9.83 56.58
C CYS PA 39 -28.38 10.92 56.79
N GLY PA 40 -28.19 11.79 57.77
CA GLY PA 40 -29.14 12.84 58.02
C GLY PA 40 -30.40 12.40 58.72
N HIS PA 41 -30.33 11.35 59.54
CA HIS PA 41 -31.48 10.80 60.26
C HIS PA 41 -32.62 10.46 59.30
N THR PA 42 -32.27 9.88 58.16
CA THR PA 42 -33.26 9.66 57.12
C THR PA 42 -34.29 8.63 57.56
N ASN PA 43 -35.46 8.71 56.94
CA ASN PA 43 -36.55 7.79 57.18
C ASN PA 43 -36.69 6.75 56.08
N ASN PA 44 -35.68 6.61 55.23
CA ASN PA 44 -35.64 5.54 54.23
C ASN PA 44 -35.10 4.28 54.89
N LEU PA 45 -36.00 3.47 55.41
CA LEU PA 45 -35.63 2.24 56.10
C LEU PA 45 -36.30 1.07 55.40
N ARG PA 46 -35.67 -0.09 55.52
CA ARG PA 46 -36.19 -1.34 54.98
C ARG PA 46 -36.03 -2.42 56.04
N PRO PA 47 -36.79 -3.49 55.95
CA PRO PA 47 -36.55 -4.62 56.85
C PRO PA 47 -35.23 -5.30 56.53
N LYS PA 48 -34.61 -5.85 57.56
CA LYS PA 48 -33.46 -6.72 57.35
C LYS PA 48 -33.93 -7.98 56.64
N LYS PA 49 -33.24 -8.34 55.57
CA LYS PA 49 -33.69 -9.44 54.73
C LYS PA 49 -33.53 -10.77 55.46
N LYS PA 50 -34.50 -11.66 55.27
CA LYS PA 50 -34.53 -12.94 55.95
C LYS PA 50 -33.80 -14.00 55.15
N VAL PA 51 -33.46 -15.10 55.83
CA VAL PA 51 -32.84 -16.24 55.17
C VAL PA 51 -33.82 -17.06 54.36
N LYS PA 52 -35.12 -16.81 54.50
CA LYS PA 52 -36.13 -17.56 53.77
C LYS PA 52 -36.07 -17.24 52.28
N MET QA 1 -4.18 -28.94 -26.16
CA MET QA 1 -3.37 -27.89 -26.79
C MET QA 1 -2.49 -28.46 -27.87
N ARG QA 2 -1.93 -27.55 -28.67
CA ARG QA 2 -0.82 -27.91 -29.53
C ARG QA 2 0.39 -28.24 -28.67
N ALA QA 3 1.16 -29.24 -29.10
CA ALA QA 3 2.30 -29.69 -28.31
C ALA QA 3 3.33 -28.58 -28.15
N LYS QA 4 3.51 -27.78 -29.20
CA LYS QA 4 4.46 -26.66 -29.14
C LYS QA 4 4.02 -25.64 -28.10
N TRP QA 5 2.73 -25.37 -28.01
CA TRP QA 5 2.27 -24.40 -27.02
C TRP QA 5 2.26 -24.98 -25.61
N ARG QA 6 2.05 -26.30 -25.46
CA ARG QA 6 2.26 -26.90 -24.15
C ARG QA 6 3.71 -26.78 -23.73
N LYS QA 7 4.64 -26.97 -24.68
CA LYS QA 7 6.05 -26.81 -24.38
C LYS QA 7 6.36 -25.38 -23.95
N LYS QA 8 5.77 -24.40 -24.64
CA LYS QA 8 5.98 -23.01 -24.27
C LYS QA 8 5.41 -22.70 -22.89
N ARG QA 9 4.21 -23.21 -22.60
CA ARG QA 9 3.60 -23.02 -21.28
C ARG QA 9 4.45 -23.64 -20.19
N MET QA 10 4.98 -24.83 -20.45
CA MET QA 10 5.84 -25.50 -19.47
C MET QA 10 7.12 -24.72 -19.25
N ARG QA 11 7.68 -24.14 -20.32
CA ARG QA 11 8.88 -23.33 -20.15
C ARG QA 11 8.63 -22.08 -19.32
N ARG QA 12 7.49 -21.43 -19.55
CA ARG QA 12 7.11 -20.27 -18.74
C ARG QA 12 6.97 -20.68 -17.27
N LEU QA 13 6.30 -21.80 -17.03
CA LEU QA 13 6.11 -22.27 -15.67
C LEU QA 13 7.44 -22.63 -15.02
N LYS QA 14 8.37 -23.20 -15.78
CA LYS QA 14 9.67 -23.56 -15.24
C LYS QA 14 10.50 -22.33 -14.91
N ARG QA 15 10.44 -21.28 -15.74
CA ARG QA 15 11.11 -20.04 -15.37
C ARG QA 15 10.53 -19.45 -14.10
N LYS QA 16 9.20 -19.49 -13.96
CA LYS QA 16 8.58 -18.98 -12.73
C LYS QA 16 9.03 -19.80 -11.52
N ARG QA 17 9.10 -21.12 -11.68
CA ARG QA 17 9.56 -21.98 -10.58
C ARG QA 17 10.99 -21.69 -10.20
N ARG QA 18 11.86 -21.51 -11.20
CA ARG QA 18 13.26 -21.19 -10.91
C ARG QA 18 13.37 -19.85 -10.20
N LYS QA 19 12.57 -18.87 -10.61
CA LYS QA 19 12.60 -17.57 -9.94
C LYS QA 19 12.14 -17.69 -8.49
N MET QA 20 11.07 -18.46 -8.26
CA MET QA 20 10.59 -18.65 -6.89
C MET QA 20 11.62 -19.34 -6.01
N ARG QA 21 12.29 -20.36 -6.55
CA ARG QA 21 13.29 -21.07 -5.75
C ARG QA 21 14.52 -20.21 -5.51
N GLN QA 22 14.94 -19.45 -6.51
CA GLN QA 22 16.08 -18.57 -6.35
C GLN QA 22 15.81 -17.48 -5.34
N ARG QA 23 14.56 -17.04 -5.24
CA ARG QA 23 14.20 -16.03 -4.24
C ARG QA 23 14.44 -16.52 -2.82
N SER QA 24 14.29 -17.82 -2.58
CA SER QA 24 14.52 -18.38 -1.26
C SER QA 24 16.01 -18.41 -0.91
N VAL RA 1 -30.36 48.64 -22.99
CA VAL RA 1 -31.46 49.58 -23.09
C VAL RA 1 -31.69 49.92 -24.56
N ASN RA 2 -32.80 50.59 -24.83
CA ASN RA 2 -33.17 51.00 -26.18
C ASN RA 2 -33.48 52.48 -26.18
N VAL RA 3 -32.88 53.22 -27.11
CA VAL RA 3 -33.23 54.64 -27.26
C VAL RA 3 -33.47 54.89 -28.75
N PRO RA 4 -34.45 55.72 -29.09
CA PRO RA 4 -34.73 55.98 -30.51
C PRO RA 4 -33.62 56.76 -31.17
N LYS RA 5 -33.55 56.61 -32.49
CA LYS RA 5 -32.50 57.27 -33.27
C LYS RA 5 -32.73 58.76 -33.43
N THR RA 6 -33.88 59.28 -33.02
CA THR RA 6 -34.13 60.70 -33.06
C THR RA 6 -34.89 61.12 -31.82
N ARG RA 7 -34.65 62.35 -31.37
CA ARG RA 7 -35.42 62.88 -30.25
C ARG RA 7 -35.50 64.39 -30.38
N ARG RA 8 -36.59 64.96 -29.87
CA ARG RA 8 -36.79 66.39 -29.91
C ARG RA 8 -36.36 66.96 -28.56
N THR RA 9 -35.21 67.62 -28.53
CA THR RA 9 -34.65 68.10 -27.28
C THR RA 9 -34.02 69.48 -27.51
N PHE RA 10 -33.62 70.10 -26.41
CA PHE RA 10 -33.13 71.48 -26.46
C PHE RA 10 -31.82 71.57 -27.23
N CYS RA 11 -31.73 72.57 -28.09
CA CYS RA 11 -30.51 72.87 -28.82
C CYS RA 11 -29.96 74.20 -28.31
N LYS RA 12 -28.72 74.18 -27.84
CA LYS RA 12 -28.14 75.38 -27.23
C LYS RA 12 -27.89 76.46 -28.27
N LYS RA 13 -27.49 76.07 -29.48
CA LYS RA 13 -27.23 77.07 -30.51
C LYS RA 13 -28.52 77.70 -31.01
N CYS RA 14 -29.54 76.88 -31.28
CA CYS RA 14 -30.85 77.42 -31.65
C CYS RA 14 -31.50 78.12 -30.47
N GLY RA 15 -31.26 77.64 -29.25
CA GLY RA 15 -31.91 78.19 -28.07
C GLY RA 15 -33.30 77.69 -27.84
N LYS RA 16 -33.73 76.63 -28.52
CA LYS RA 16 -35.08 76.11 -28.40
C LYS RA 16 -35.02 74.60 -28.62
N HIS RA 17 -36.17 73.95 -28.49
CA HIS RA 17 -36.27 72.51 -28.73
C HIS RA 17 -36.29 72.24 -30.22
N GLN RA 18 -35.43 71.32 -30.65
CA GLN RA 18 -35.27 70.97 -32.05
C GLN RA 18 -35.11 69.46 -32.16
N PRO RA 19 -35.40 68.89 -33.32
CA PRO RA 19 -35.09 67.47 -33.54
C PRO RA 19 -33.59 67.24 -33.62
N HIS RA 20 -33.16 66.11 -33.08
CA HIS RA 20 -31.77 65.73 -32.98
C HIS RA 20 -31.63 64.29 -33.41
N LYS RA 21 -30.69 64.03 -34.31
CA LYS RA 21 -30.28 62.66 -34.60
C LYS RA 21 -29.35 62.18 -33.48
N VAL RA 22 -29.56 60.95 -33.05
CA VAL RA 22 -28.86 60.38 -31.90
C VAL RA 22 -27.98 59.25 -32.39
N THR RA 23 -26.68 59.35 -32.12
CA THR RA 23 -25.75 58.26 -32.37
C THR RA 23 -25.03 57.94 -31.06
N GLN RA 24 -24.19 56.91 -31.11
CA GLN RA 24 -23.39 56.53 -29.95
C GLN RA 24 -21.99 57.10 -30.12
N TYR RA 25 -21.49 57.76 -29.07
CA TYR RA 25 -20.17 58.36 -29.11
C TYR RA 25 -19.10 57.31 -28.92
N LYS RA 26 -18.08 57.33 -29.77
CA LYS RA 26 -16.92 56.47 -29.62
C LYS RA 26 -15.68 57.33 -29.40
N LYS RA 27 -14.80 56.88 -28.53
CA LYS RA 27 -13.57 57.61 -28.26
C LYS RA 27 -12.72 57.69 -29.51
N GLY RA 28 -12.25 58.89 -29.83
CA GLY RA 28 -11.46 59.09 -31.01
C GLY RA 28 -10.05 58.55 -30.87
N LYS RA 29 -9.32 58.56 -31.97
CA LYS RA 29 -7.96 58.07 -31.99
C LYS RA 29 -7.03 59.06 -31.30
N ASP RA 30 -6.04 58.54 -30.58
CA ASP RA 30 -5.09 59.39 -29.88
C ASP RA 30 -4.23 60.18 -30.86
N SER RA 31 -3.92 61.42 -30.49
CA SER RA 31 -3.32 62.34 -31.44
C SER RA 31 -1.85 62.06 -31.72
N LEU RA 32 -1.12 61.54 -30.73
CA LEU RA 32 0.33 61.31 -30.78
C LEU RA 32 1.09 62.63 -30.72
N TYR RA 33 0.36 63.75 -30.82
CA TYR RA 33 0.95 65.07 -30.68
C TYR RA 33 0.25 65.87 -29.60
N ALA RA 34 -0.61 65.23 -28.81
CA ALA RA 34 -1.11 65.83 -27.60
C ALA RA 34 0.04 66.01 -26.62
N GLN RA 35 -0.06 67.04 -25.78
CA GLN RA 35 1.06 67.43 -24.93
C GLN RA 35 1.42 66.32 -23.96
N GLY RA 36 0.42 65.65 -23.39
CA GLY RA 36 0.70 64.55 -22.48
C GLY RA 36 1.34 63.37 -23.18
N LYS RA 37 0.91 63.09 -24.41
CA LYS RA 37 1.55 62.03 -25.18
C LYS RA 37 3.00 62.37 -25.50
N ARG RA 38 3.26 63.62 -25.86
CA ARG RA 38 4.63 64.05 -26.12
C ARG RA 38 5.49 63.93 -24.88
N ARG RA 39 4.96 64.36 -23.74
CA ARG RA 39 5.69 64.24 -22.47
C ARG RA 39 5.95 62.77 -22.13
N TYR RA 40 4.97 61.92 -22.37
CA TYR RA 40 5.13 60.49 -22.09
C TYR RA 40 6.17 59.87 -23.00
N ASP RA 41 6.18 60.22 -24.29
CA ASP RA 41 7.17 59.67 -25.20
C ASP RA 41 8.57 60.12 -24.83
N ARG RA 42 8.73 61.39 -24.48
CA ARG RA 42 10.03 61.87 -24.04
C ARG RA 42 10.48 61.17 -22.78
N LYS RA 43 9.55 60.95 -21.84
CA LYS RA 43 9.88 60.27 -20.60
C LYS RA 43 10.27 58.81 -20.85
N GLN RA 44 9.59 58.16 -21.78
CA GLN RA 44 9.84 56.75 -22.03
C GLN RA 44 11.10 56.50 -22.85
N SER RA 45 11.53 57.48 -23.63
CA SER RA 45 12.75 57.30 -24.41
C SER RA 45 13.95 57.16 -23.50
N GLY RA 46 14.86 56.27 -23.87
CA GLY RA 46 16.07 56.06 -23.10
C GLY RA 46 16.01 54.84 -22.21
N TYR RA 47 16.74 54.87 -21.10
CA TYR RA 47 16.74 53.80 -20.12
C TYR RA 47 15.92 54.18 -18.91
N GLY RA 48 15.42 53.18 -18.21
CA GLY RA 48 14.61 53.41 -17.04
C GLY RA 48 13.34 52.58 -17.05
N GLY RA 49 13.02 52.02 -18.20
CA GLY RA 49 11.85 51.17 -18.28
C GLY RA 49 10.56 51.97 -18.27
N GLN RA 50 9.51 51.32 -17.77
CA GLN RA 50 8.20 51.96 -17.66
C GLN RA 50 8.26 53.04 -16.60
N THR RA 51 7.87 54.26 -16.97
CA THR RA 51 7.98 55.41 -16.10
C THR RA 51 6.65 55.90 -15.55
N LYS RA 52 5.53 55.38 -16.04
CA LYS RA 52 4.20 55.75 -15.60
C LYS RA 52 3.44 54.49 -15.23
N PRO RA 53 2.47 54.58 -14.32
CA PRO RA 53 1.71 53.39 -13.93
C PRO RA 53 0.88 52.81 -15.07
N ILE RA 54 0.72 51.50 -15.04
CA ILE RA 54 -0.17 50.77 -15.93
C ILE RA 54 -1.24 50.12 -15.07
N PHE RA 55 -2.50 50.45 -15.34
CA PHE RA 55 -3.58 50.21 -14.37
C PHE RA 55 -3.74 48.73 -14.03
N ARG RA 56 -4.13 47.91 -15.01
CA ARG RA 56 -4.25 46.45 -14.90
C ARG RA 56 -4.98 45.97 -13.64
N LYS RA 57 -5.98 46.70 -13.17
CA LYS RA 57 -6.84 46.23 -12.07
C LYS RA 57 -8.30 46.54 -12.37
N LYS RA 58 -8.75 46.18 -13.57
CA LYS RA 58 -10.09 46.51 -14.02
C LYS RA 58 -11.14 45.89 -13.12
N ALA RA 59 -12.15 46.69 -12.77
CA ALA RA 59 -13.25 46.24 -11.92
C ALA RA 59 -14.61 46.49 -12.53
N LYS RA 60 -14.79 47.59 -13.26
CA LYS RA 60 -16.06 47.84 -13.92
C LYS RA 60 -16.25 46.87 -15.07
N THR RA 61 -17.50 46.48 -15.31
CA THR RA 61 -17.85 45.64 -16.43
C THR RA 61 -18.64 46.39 -17.49
N THR RA 62 -19.05 47.62 -17.22
CA THR RA 62 -19.84 48.43 -18.14
C THR RA 62 -19.20 49.80 -18.27
N LYS RA 63 -19.68 50.57 -19.24
CA LYS RA 63 -19.33 51.96 -19.42
C LYS RA 63 -20.61 52.79 -19.49
N LYS RA 64 -20.49 54.06 -19.12
CA LYS RA 64 -21.61 54.97 -19.29
C LYS RA 64 -21.76 55.30 -20.77
N ILE RA 65 -22.93 54.99 -21.34
CA ILE RA 65 -23.16 55.23 -22.75
C ILE RA 65 -23.34 56.72 -22.99
N VAL RA 66 -22.68 57.23 -24.01
CA VAL RA 66 -22.74 58.64 -24.37
C VAL RA 66 -23.48 58.78 -25.68
N LEU RA 67 -24.51 59.61 -25.69
CA LEU RA 67 -25.30 59.88 -26.88
C LEU RA 67 -24.80 61.15 -27.53
N ARG RA 68 -24.43 61.05 -28.80
CA ARG RA 68 -24.08 62.19 -29.63
C ARG RA 68 -25.35 62.68 -30.31
N LEU RA 69 -25.86 63.81 -29.85
CA LEU RA 69 -27.01 64.45 -30.48
C LEU RA 69 -26.54 65.45 -31.51
N GLU RA 70 -27.25 65.52 -32.63
CA GLU RA 70 -26.94 66.47 -33.68
C GLU RA 70 -28.23 67.14 -34.12
N CYS RA 71 -28.30 68.45 -33.97
CA CYS RA 71 -29.46 69.21 -34.39
C CYS RA 71 -29.67 69.05 -35.89
N VAL RA 72 -30.92 68.76 -36.29
CA VAL RA 72 -31.20 68.51 -37.69
C VAL RA 72 -31.38 69.77 -38.50
N GLU RA 73 -31.28 70.94 -37.88
CA GLU RA 73 -31.38 72.19 -38.61
C GLU RA 73 -30.24 72.30 -39.62
N PRO RA 74 -30.52 72.58 -40.89
CA PRO RA 74 -29.45 72.68 -41.89
C PRO RA 74 -28.42 73.75 -41.57
N ASN RA 75 -28.84 74.87 -40.99
CA ASN RA 75 -27.93 75.93 -40.62
C ASN RA 75 -27.33 75.75 -39.24
N CYS RA 76 -27.83 74.79 -38.46
CA CYS RA 76 -27.35 74.50 -37.11
C CYS RA 76 -27.09 73.01 -37.01
N ARG RA 77 -25.86 72.59 -37.27
CA ARG RA 77 -25.46 71.21 -37.10
C ARG RA 77 -24.75 71.00 -35.77
N SER RA 78 -25.17 71.73 -34.75
CA SER RA 78 -24.51 71.70 -33.45
C SER RA 78 -24.66 70.33 -32.81
N LYS RA 79 -23.62 69.91 -32.11
CA LYS RA 79 -23.57 68.60 -31.49
C LYS RA 79 -23.46 68.73 -29.98
N ARG RA 80 -24.02 67.76 -29.27
CA ARG RA 80 -23.99 67.73 -27.82
C ARG RA 80 -23.80 66.27 -27.38
N MET RA 81 -23.27 66.11 -26.18
CA MET RA 81 -23.06 64.80 -25.59
C MET RA 81 -23.95 64.63 -24.38
N LEU RA 82 -24.79 63.59 -24.38
CA LEU RA 82 -25.53 63.18 -23.20
C LEU RA 82 -25.05 61.80 -22.76
N ALA RA 83 -24.76 61.68 -21.47
CA ALA RA 83 -24.43 60.40 -20.88
C ALA RA 83 -25.67 59.84 -20.19
N ILE RA 84 -25.90 58.54 -20.37
CA ILE RA 84 -26.96 57.84 -19.67
C ILE RA 84 -26.30 56.88 -18.69
N LYS RA 85 -27.10 56.19 -17.90
CA LYS RA 85 -26.57 55.33 -16.85
C LYS RA 85 -25.84 54.14 -17.46
N ARG RA 86 -25.12 53.43 -16.60
CA ARG RA 86 -24.38 52.25 -17.03
C ARG RA 86 -25.33 51.15 -17.48
N CYS RA 87 -25.00 50.50 -18.59
CA CYS RA 87 -25.79 49.39 -19.07
C CYS RA 87 -24.89 48.40 -19.76
N LYS RA 88 -25.30 47.13 -19.76
CA LYS RA 88 -24.54 46.09 -20.42
C LYS RA 88 -24.88 45.96 -21.90
N HIS RA 89 -26.17 46.06 -22.25
CA HIS RA 89 -26.62 45.96 -23.63
C HIS RA 89 -27.28 47.27 -24.03
N PHE RA 90 -26.77 47.88 -25.09
CA PHE RA 90 -27.30 49.14 -25.58
C PHE RA 90 -27.56 49.01 -27.07
N GLU RA 91 -28.67 49.58 -27.52
CA GLU RA 91 -29.02 49.56 -28.93
C GLU RA 91 -29.71 50.86 -29.29
N LEU RA 92 -29.61 51.23 -30.56
CA LEU RA 92 -30.17 52.47 -31.08
C LEU RA 92 -31.34 52.13 -32.00
N GLY RA 93 -32.52 52.63 -31.66
CA GLY RA 93 -33.67 52.47 -32.54
C GLY RA 93 -34.06 51.03 -32.78
N GLY RA 94 -34.06 50.20 -31.75
CA GLY RA 94 -34.49 48.84 -31.87
C GLY RA 94 -35.99 48.71 -31.95
N ASP RA 95 -36.45 47.47 -32.10
CA ASP RA 95 -37.87 47.20 -32.23
C ASP RA 95 -38.58 47.51 -30.93
N LYS RA 96 -39.55 48.42 -30.98
CA LYS RA 96 -40.24 48.85 -29.78
C LYS RA 96 -41.15 47.74 -29.26
N LYS RA 97 -41.23 47.64 -27.93
CA LYS RA 97 -41.96 46.56 -27.30
C LYS RA 97 -43.47 46.78 -27.40
N ARG RA 98 -44.21 45.68 -27.49
CA ARG RA 98 -45.66 45.67 -27.41
C ARG RA 98 -46.09 44.98 -26.13
N LYS RA 99 -47.38 45.14 -25.80
CA LYS RA 99 -47.89 44.65 -24.53
C LYS RA 99 -48.74 43.39 -24.68
N GLY RA 100 -49.78 43.42 -25.50
CA GLY RA 100 -50.69 42.30 -25.58
C GLY RA 100 -50.36 41.31 -26.68
N GLN RA 101 -49.16 40.75 -26.64
CA GLN RA 101 -48.70 39.82 -27.67
C GLN RA 101 -48.29 38.50 -27.04
N VAL RA 102 -48.15 37.50 -27.90
CA VAL RA 102 -47.77 36.15 -27.46
C VAL RA 102 -46.26 36.03 -27.44
N ILE RA 103 -45.74 35.44 -26.38
CA ILE RA 103 -44.32 35.14 -26.30
C ILE RA 103 -44.05 33.89 -27.11
N GLN RA 104 -42.90 33.84 -27.78
CA GLN RA 104 -42.58 32.71 -28.64
C GLN RA 104 -42.51 31.41 -27.83
N PHE RA 105 -43.21 30.39 -28.33
CA PHE RA 105 -43.35 29.13 -27.59
C PHE RA 105 -42.16 28.21 -27.83
N ALA SA 1 50.15 -26.81 -11.13
CA ALA SA 1 48.78 -27.18 -11.50
C ALA SA 1 48.05 -25.98 -12.08
N LYS SA 2 46.86 -26.21 -12.60
CA LYS SA 2 46.02 -25.10 -13.04
C LYS SA 2 45.54 -24.31 -11.84
N ARG SA 3 45.77 -23.00 -11.87
CA ARG SA 3 45.53 -22.19 -10.68
C ARG SA 3 44.16 -21.53 -10.68
N THR SA 4 43.63 -21.17 -11.84
CA THR SA 4 42.30 -20.60 -11.95
C THR SA 4 41.52 -21.35 -13.00
N LYS SA 5 40.21 -21.43 -12.80
CA LYS SA 5 39.36 -22.15 -13.74
C LYS SA 5 39.13 -21.34 -15.02
N LYS SA 6 38.75 -20.07 -14.87
CA LYS SA 6 38.39 -19.28 -16.05
C LYS SA 6 38.91 -17.85 -16.07
N VAL SA 7 39.24 -17.24 -14.94
CA VAL SA 7 39.60 -15.82 -14.97
C VAL SA 7 40.93 -15.60 -15.66
N GLY SA 8 41.90 -16.47 -15.43
CA GLY SA 8 43.17 -16.33 -16.10
C GLY SA 8 43.89 -15.06 -15.68
N ILE SA 9 44.19 -14.20 -16.65
CA ILE SA 9 45.01 -13.03 -16.38
C ILE SA 9 44.27 -11.97 -15.58
N VAL SA 10 42.94 -12.01 -15.56
CA VAL SA 10 42.19 -10.98 -14.85
C VAL SA 10 41.88 -11.45 -13.44
N GLY SA 11 42.59 -12.49 -13.00
CA GLY SA 11 42.52 -12.86 -11.59
C GLY SA 11 43.14 -11.83 -10.69
N LYS SA 12 43.94 -10.92 -11.23
CA LYS SA 12 44.52 -9.84 -10.44
C LYS SA 12 43.48 -8.81 -10.03
N TYR SA 13 42.35 -8.75 -10.74
CA TYR SA 13 41.32 -7.78 -10.41
C TYR SA 13 40.38 -8.28 -9.32
N GLY SA 14 40.55 -9.51 -8.84
CA GLY SA 14 39.75 -9.97 -7.74
C GLY SA 14 38.30 -10.15 -8.13
N THR SA 15 37.41 -9.74 -7.23
CA THR SA 15 35.98 -9.82 -7.44
C THR SA 15 35.40 -8.53 -8.01
N ARG SA 16 36.24 -7.57 -8.33
CA ARG SA 16 35.77 -6.23 -8.67
C ARG SA 16 35.43 -6.10 -10.15
N TYR SA 17 34.70 -5.03 -10.46
CA TYR SA 17 34.43 -4.45 -11.77
C TYR SA 17 33.41 -5.23 -12.58
N GLY SA 18 32.95 -6.39 -12.14
CA GLY SA 18 31.94 -7.11 -12.90
C GLY SA 18 32.52 -8.17 -13.80
N ALA SA 19 31.84 -9.32 -13.85
CA ALA SA 19 32.36 -10.47 -14.58
C ALA SA 19 32.45 -10.18 -16.07
N SER SA 20 31.44 -9.51 -16.64
CA SER SA 20 31.46 -9.23 -18.07
C SER SA 20 32.55 -8.24 -18.43
N LEU SA 21 32.76 -7.23 -17.59
CA LEU SA 21 33.85 -6.28 -17.85
C LEU SA 21 35.21 -6.94 -17.74
N ARG SA 22 35.38 -7.83 -16.75
CA ARG SA 22 36.64 -8.56 -16.65
C ARG SA 22 36.86 -9.48 -17.85
N LYS SA 23 35.79 -10.14 -18.31
CA LYS SA 23 35.91 -10.98 -19.49
C LYS SA 23 36.25 -10.15 -20.73
N MET SA 24 35.66 -8.96 -20.84
CA MET SA 24 35.95 -8.08 -21.96
C MET SA 24 37.40 -7.62 -21.94
N VAL SA 25 37.91 -7.25 -20.77
CA VAL SA 25 39.28 -6.75 -20.69
C VAL SA 25 40.30 -7.87 -20.72
N LYS SA 26 39.87 -9.13 -20.53
CA LYS SA 26 40.80 -10.23 -20.50
C LYS SA 26 41.52 -10.43 -21.83
N LYS SA 27 40.77 -10.51 -22.93
CA LYS SA 27 41.40 -10.76 -24.21
C LYS SA 27 42.24 -9.58 -24.65
N ILE SA 28 41.81 -8.37 -24.32
CA ILE SA 28 42.58 -7.18 -24.65
C ILE SA 28 43.89 -7.16 -23.88
N GLU SA 29 43.86 -7.53 -22.60
CA GLU SA 29 45.10 -7.58 -21.82
C GLU SA 29 46.04 -8.68 -22.31
N ILE SA 30 45.47 -9.82 -22.71
CA ILE SA 30 46.30 -10.90 -23.24
C ILE SA 30 47.00 -10.45 -24.51
N SER SA 31 46.26 -9.83 -25.44
CA SER SA 31 46.88 -9.35 -26.67
C SER SA 31 47.84 -8.20 -26.40
N GLN SA 32 47.54 -7.37 -25.40
CA GLN SA 32 48.41 -6.26 -25.02
C GLN SA 32 49.76 -6.75 -24.54
N HIS SA 33 49.76 -7.78 -23.70
CA HIS SA 33 51.00 -8.26 -23.10
C HIS SA 33 51.61 -9.42 -23.85
N ALA SA 34 51.02 -9.85 -24.95
CA ALA SA 34 51.60 -10.92 -25.74
C ALA SA 34 52.84 -10.43 -26.48
N LYS SA 35 53.72 -11.38 -26.79
CA LYS SA 35 54.91 -11.10 -27.60
C LYS SA 35 54.67 -11.63 -29.00
N TYR SA 36 54.81 -10.76 -29.99
CA TYR SA 36 54.53 -11.10 -31.36
C TYR SA 36 55.83 -11.40 -32.10
N THR SA 37 55.72 -12.22 -33.14
CA THR SA 37 56.86 -12.51 -33.99
C THR SA 37 57.20 -11.29 -34.83
N CYS SA 38 58.41 -10.77 -34.69
CA CYS SA 38 58.83 -9.64 -35.49
C CYS SA 38 58.90 -10.03 -36.96
N SER SA 39 58.32 -9.21 -37.82
CA SER SA 39 58.34 -9.50 -39.25
C SER SA 39 59.62 -9.03 -39.92
N PHE SA 40 60.53 -8.40 -39.18
CA PHE SA 40 61.80 -7.93 -39.72
C PHE SA 40 62.94 -8.87 -39.41
N CYS SA 41 63.12 -9.22 -38.13
CA CYS SA 41 64.19 -10.12 -37.73
C CYS SA 41 63.73 -11.56 -37.53
N GLY SA 42 62.42 -11.79 -37.44
CA GLY SA 42 61.90 -13.13 -37.29
C GLY SA 42 61.77 -13.62 -35.88
N LYS SA 43 62.27 -12.87 -34.90
CA LYS SA 43 62.23 -13.30 -33.51
C LYS SA 43 60.90 -12.91 -32.87
N THR SA 44 60.55 -13.65 -31.82
CA THR SA 44 59.33 -13.40 -31.06
C THR SA 44 59.62 -12.44 -29.91
N LYS SA 45 60.07 -11.24 -30.27
CA LYS SA 45 60.49 -10.24 -29.30
C LYS SA 45 59.86 -8.89 -29.57
N MET SA 46 58.76 -8.85 -30.29
CA MET SA 46 58.05 -7.62 -30.60
C MET SA 46 56.94 -7.44 -29.57
N LYS SA 47 57.11 -6.48 -28.68
CA LYS SA 47 56.16 -6.26 -27.60
C LYS SA 47 55.81 -4.78 -27.51
N ARG SA 48 54.68 -4.50 -26.86
CA ARG SA 48 54.18 -3.14 -26.78
C ARG SA 48 55.03 -2.30 -25.84
N ARG SA 49 55.36 -1.08 -26.27
CA ARG SA 49 56.07 -0.11 -25.45
C ARG SA 49 55.10 0.88 -24.83
N ALA SA 50 54.34 1.58 -25.66
CA ALA SA 50 53.24 2.41 -25.20
C ALA SA 50 52.02 2.07 -26.06
N VAL SA 51 50.93 2.80 -25.89
CA VAL SA 51 49.73 2.51 -26.67
C VAL SA 51 50.00 2.88 -28.13
N GLY SA 52 49.86 1.90 -29.02
CA GLY SA 52 50.12 2.11 -30.43
C GLY SA 52 51.55 1.95 -30.87
N ILE SA 53 52.48 1.70 -29.95
CA ILE SA 53 53.90 1.61 -30.27
C ILE SA 53 54.38 0.21 -29.93
N TRP SA 54 55.00 -0.45 -30.91
CA TRP SA 54 55.45 -1.83 -30.74
C TRP SA 54 56.92 -1.91 -31.07
N HIS SA 55 57.73 -2.29 -30.10
CA HIS SA 55 59.18 -2.30 -30.25
C HIS SA 55 59.68 -3.73 -30.23
N CYS SA 56 60.68 -4.02 -31.06
CA CYS SA 56 61.32 -5.32 -31.07
C CYS SA 56 62.61 -5.24 -30.26
N GLY SA 57 62.80 -6.20 -29.37
CA GLY SA 57 63.99 -6.19 -28.53
C GLY SA 57 65.27 -6.43 -29.30
N SER SA 58 65.22 -7.26 -30.33
CA SER SA 58 66.44 -7.69 -31.01
C SER SA 58 66.92 -6.67 -32.03
N CYS SA 59 66.14 -6.43 -33.07
CA CYS SA 59 66.59 -5.54 -34.14
C CYS SA 59 66.31 -4.09 -33.83
N MET SA 60 65.72 -3.79 -32.67
CA MET SA 60 65.46 -2.43 -32.22
C MET SA 60 64.62 -1.66 -33.23
N LYS SA 61 63.67 -2.35 -33.84
CA LYS SA 61 62.74 -1.75 -34.78
C LYS SA 61 61.48 -1.37 -34.04
N THR SA 62 61.04 -0.13 -34.22
CA THR SA 62 59.81 0.37 -33.62
C THR SA 62 58.77 0.55 -34.71
N VAL SA 63 57.57 0.04 -34.47
CA VAL SA 63 56.49 0.05 -35.45
C VAL SA 63 55.28 0.72 -34.82
N ALA SA 64 54.54 1.47 -35.64
CA ALA SA 64 53.26 2.02 -35.23
C ALA SA 64 52.17 0.99 -35.54
N GLY SA 65 51.50 0.52 -34.50
CA GLY SA 65 50.49 -0.51 -34.62
C GLY SA 65 49.22 -0.12 -33.88
N GLY SA 66 48.48 -1.14 -33.49
CA GLY SA 66 47.24 -0.91 -32.77
C GLY SA 66 47.46 -0.66 -31.30
N ALA SA 67 46.36 -0.35 -30.62
CA ALA SA 67 46.44 -0.07 -29.19
C ALA SA 67 46.75 -1.33 -28.39
N TRP SA 68 46.07 -2.43 -28.70
CA TRP SA 68 46.21 -3.67 -27.96
C TRP SA 68 46.74 -4.82 -28.77
N THR SA 69 46.70 -4.75 -30.09
CA THR SA 69 47.28 -5.77 -30.96
C THR SA 69 48.35 -5.12 -31.81
N TYR SA 70 49.26 -5.95 -32.31
CA TYR SA 70 50.37 -5.44 -33.13
C TYR SA 70 49.84 -4.76 -34.39
N ASN SA 71 48.86 -5.37 -35.06
CA ASN SA 71 48.18 -4.70 -36.15
C ASN SA 71 46.69 -4.94 -36.02
N THR SA 72 45.92 -3.99 -36.52
CA THR SA 72 44.47 -4.08 -36.51
C THR SA 72 43.98 -4.60 -37.86
N THR SA 73 42.86 -5.33 -37.83
CA THR SA 73 42.27 -5.85 -39.06
C THR SA 73 41.88 -4.71 -39.98
N SER SA 74 41.43 -3.60 -39.40
CA SER SA 74 41.16 -2.40 -40.20
C SER SA 74 42.39 -1.99 -40.99
N ALA SA 75 43.53 -1.85 -40.32
CA ALA SA 75 44.74 -1.42 -40.99
C ALA SA 75 45.21 -2.44 -42.01
N VAL SA 76 45.01 -3.73 -41.75
CA VAL SA 76 45.42 -4.74 -42.72
C VAL SA 76 44.59 -4.63 -43.99
N THR SA 77 43.27 -4.50 -43.85
CA THR SA 77 42.42 -4.31 -45.03
C THR SA 77 42.75 -3.01 -45.74
N VAL SA 78 43.12 -1.97 -44.98
CA VAL SA 78 43.51 -0.70 -45.58
C VAL SA 78 44.76 -0.87 -46.42
N LYS SA 79 45.76 -1.58 -45.89
CA LYS SA 79 47.00 -1.79 -46.64
C LYS SA 79 46.75 -2.56 -47.91
N SER SA 80 45.93 -3.61 -47.84
CA SER SA 80 45.59 -4.35 -49.05
C SER SA 80 44.85 -3.49 -50.06
N ALA SA 81 43.92 -2.67 -49.58
CA ALA SA 81 43.18 -1.79 -50.49
C ALA SA 81 44.09 -0.76 -51.14
N ILE SA 82 45.02 -0.18 -50.38
CA ILE SA 82 45.93 0.81 -50.95
C ILE SA 82 46.84 0.15 -51.98
N ARG SA 83 47.30 -1.07 -51.72
CA ARG SA 83 48.09 -1.78 -52.72
C ARG SA 83 47.28 -2.01 -53.99
N ARG SA 84 46.02 -2.43 -53.84
CA ARG SA 84 45.19 -2.67 -55.00
C ARG SA 84 44.93 -1.39 -55.79
N LEU SA 85 44.65 -0.28 -55.11
CA LEU SA 85 44.45 0.98 -55.80
C LEU SA 85 45.71 1.49 -56.45
N LYS SA 86 46.88 1.26 -55.86
CA LYS SA 86 48.13 1.66 -56.50
C LYS SA 86 48.37 0.87 -57.77
N GLU SA 87 48.18 -0.45 -57.71
CA GLU SA 87 48.41 -1.26 -58.90
C GLU SA 87 47.34 -1.05 -59.96
N LEU SA 88 46.16 -0.58 -59.57
CA LEU SA 88 45.16 -0.18 -60.54
C LEU SA 88 45.49 1.19 -61.14
N LYS SA 89 46.04 2.09 -60.33
CA LYS SA 89 46.40 3.42 -60.81
C LYS SA 89 47.51 3.36 -61.84
N ASP SA 90 48.54 2.56 -61.58
CA ASP SA 90 49.61 2.45 -62.56
C ASP SA 90 49.35 1.26 -63.48
N GLN SA 91 50.08 1.23 -64.59
CA GLN SA 91 49.89 0.16 -65.58
C GLN SA 91 51.22 -0.27 -66.18
N SER TA 1 13.90 115.70 35.03
CA SER TA 1 12.96 115.70 36.15
C SER TA 1 13.27 114.58 37.13
N ALA TA 2 12.83 114.76 38.38
CA ALA TA 2 13.13 113.78 39.42
C ALA TA 2 12.50 112.43 39.11
N HIS TA 3 11.25 112.42 38.68
CA HIS TA 3 10.57 111.15 38.39
C HIS TA 3 11.21 110.44 37.21
N LEU TA 4 11.59 111.19 36.17
CA LEU TA 4 12.24 110.57 35.02
C LEU TA 4 13.60 109.99 35.39
N GLN TA 5 14.41 110.76 36.13
CA GLN TA 5 15.70 110.26 36.56
C GLN TA 5 15.54 109.07 37.48
N TRP TA 6 14.48 109.05 38.29
CA TRP TA 6 14.20 107.88 39.11
C TRP TA 6 13.88 106.67 38.27
N MET TA 7 13.08 106.85 37.22
CA MET TA 7 12.81 105.71 36.33
C MET TA 7 14.07 105.23 35.65
N VAL TA 8 15.05 106.11 35.46
CA VAL TA 8 16.32 105.69 34.88
C VAL TA 8 17.14 104.88 35.90
N VAL TA 9 17.25 105.35 37.14
CA VAL TA 9 18.24 104.81 38.07
C VAL TA 9 17.62 103.99 39.19
N ARG TA 10 16.34 103.62 39.09
CA ARG TA 10 15.74 102.86 40.18
C ARG TA 10 16.30 101.46 40.29
N ASN TA 11 16.84 100.91 39.20
CA ASN TA 11 17.40 99.57 39.22
C ASN TA 11 18.79 99.51 38.62
N CYS TA 12 19.26 100.54 37.95
CA CYS TA 12 20.59 100.56 37.34
C CYS TA 12 21.33 101.76 37.91
N SER TA 13 22.16 101.52 38.92
CA SER TA 13 22.90 102.58 39.57
C SER TA 13 24.14 101.99 40.20
N SER TA 14 25.22 102.78 40.21
CA SER TA 14 26.44 102.33 40.87
C SER TA 14 26.32 102.35 42.38
N PHE TA 15 25.40 103.14 42.92
CA PHE TA 15 25.16 103.20 44.35
C PHE TA 15 24.22 102.12 44.85
N LEU TA 16 23.68 101.30 43.95
CA LEU TA 16 22.68 100.32 44.31
C LEU TA 16 23.35 99.05 44.81
N ILE TA 17 22.97 98.61 46.01
CA ILE TA 17 23.43 97.35 46.59
C ILE TA 17 22.21 96.49 46.82
N LYS TA 18 22.20 95.29 46.24
CA LYS TA 18 21.11 94.34 46.40
C LYS TA 18 21.69 93.05 46.96
N ARG TA 19 21.48 92.82 48.25
CA ARG TA 19 22.06 91.67 48.92
C ARG TA 19 21.12 91.22 50.04
N ASN TA 20 21.09 89.91 50.27
CA ASN TA 20 20.42 89.32 51.43
C ASN TA 20 18.96 89.73 51.50
N LYS TA 21 18.27 89.70 50.36
CA LYS TA 21 16.87 90.12 50.22
C LYS TA 21 16.67 91.58 50.63
N GLN TA 22 17.72 92.38 50.64
CA GLN TA 22 17.65 93.78 51.00
C GLN TA 22 18.18 94.62 49.85
N THR TA 23 17.93 95.93 49.94
CA THR TA 23 18.46 96.87 48.97
C THR TA 23 18.89 98.13 49.69
N TYR TA 24 19.99 98.72 49.22
CA TYR TA 24 20.54 99.92 49.83
C TYR TA 24 21.11 100.81 48.74
N SER TA 25 21.20 102.10 49.06
CA SER TA 25 21.74 103.08 48.13
C SER TA 25 22.82 103.87 48.85
N THR TA 26 23.97 104.02 48.20
CA THR TA 26 25.14 104.62 48.84
C THR TA 26 25.48 105.99 48.27
N GLU TA 27 24.53 106.69 47.66
CA GLU TA 27 24.80 108.03 47.18
C GLU TA 27 24.97 108.98 48.36
N PRO TA 28 25.73 110.06 48.19
CA PRO TA 28 26.14 110.86 49.37
C PRO TA 28 25.02 111.47 50.18
N ASN TA 29 23.92 111.90 49.56
CA ASN TA 29 22.91 112.67 50.28
C ASN TA 29 21.67 111.86 50.59
N ASN TA 30 21.84 110.59 50.90
CA ASN TA 30 20.72 109.67 51.15
C ASN TA 30 20.63 109.43 52.65
N LEU TA 31 19.65 110.06 53.29
CA LEU TA 31 19.30 109.69 54.65
C LEU TA 31 18.63 108.32 54.61
N LYS TA 32 18.93 107.49 55.61
CA LYS TA 32 18.45 106.11 55.73
C LYS TA 32 19.11 105.17 54.72
N ALA TA 33 19.83 105.73 53.76
CA ALA TA 33 20.63 104.97 52.79
C ALA TA 33 19.80 103.88 52.09
N ARG TA 34 18.55 104.21 51.77
CA ARG TA 34 17.67 103.24 51.13
C ARG TA 34 17.41 103.64 49.69
N ASN TA 35 17.20 102.62 48.85
CA ASN TA 35 16.88 102.83 47.44
C ASN TA 35 15.40 103.20 47.37
N SER TA 36 15.11 104.50 47.30
CA SER TA 36 13.74 104.96 47.22
C SER TA 36 13.71 106.33 46.55
N PHE TA 37 12.57 106.64 45.96
CA PHE TA 37 12.42 107.93 45.29
C PHE TA 37 12.48 109.08 46.29
N ARG TA 38 11.87 108.91 47.45
CA ARG TA 38 11.83 109.98 48.44
C ARG TA 38 13.21 110.28 49.00
N TYR TA 39 14.01 109.25 49.25
CA TYR TA 39 15.29 109.43 49.93
C TYR TA 39 16.48 109.48 48.99
N ASN TA 40 16.28 109.40 47.69
CA ASN TA 40 17.40 109.50 46.76
C ASN TA 40 18.02 110.89 46.84
N GLY TA 41 19.35 110.94 46.90
CA GLY TA 41 20.04 112.19 47.13
C GLY TA 41 20.63 112.81 45.88
N LEU TA 42 20.15 112.40 44.71
CA LEU TA 42 20.71 112.92 43.47
C LEU TA 42 19.63 113.45 42.54
N ILE TA 43 18.43 112.86 42.59
CA ILE TA 43 17.43 113.15 41.59
C ILE TA 43 16.54 114.34 41.94
N HIS TA 44 16.56 114.80 43.18
CA HIS TA 44 15.63 115.84 43.60
C HIS TA 44 16.24 117.22 43.45
N ARG TA 45 15.38 118.20 43.19
CA ARG TA 45 15.83 119.58 43.03
C ARG TA 45 16.38 120.12 44.34
N LYS TA 46 15.80 119.74 45.47
CA LYS TA 46 16.33 120.09 46.77
C LYS TA 46 16.53 118.81 47.57
N THR TA 47 17.72 118.66 48.16
CA THR TA 47 18.04 117.50 48.99
C THR TA 47 18.77 117.98 50.23
N VAL TA 48 18.70 117.17 51.28
CA VAL TA 48 19.39 117.42 52.54
C VAL TA 48 20.10 116.15 52.97
N GLY TA 49 21.33 116.31 53.43
CA GLY TA 49 22.10 115.18 53.94
C GLY TA 49 22.85 115.57 55.19
N VAL TA 50 23.07 114.58 56.05
CA VAL TA 50 23.80 114.77 57.30
C VAL TA 50 24.96 113.79 57.32
N GLU TA 51 26.16 114.30 57.53
CA GLU TA 51 27.37 113.51 57.54
C GLU TA 51 28.17 113.80 58.79
N PRO TA 52 29.04 112.90 59.21
CA PRO TA 52 29.97 113.24 60.29
C PRO TA 52 30.98 114.28 59.83
N ALA TA 53 31.45 115.08 60.77
CA ALA TA 53 32.44 116.10 60.46
C ALA TA 53 33.78 115.44 60.16
N ALA TA 54 34.68 116.22 59.56
CA ALA TA 54 36.01 115.72 59.21
C ALA TA 54 36.74 115.22 60.45
N ASP TA 55 36.78 116.03 61.50
CA ASP TA 55 37.18 115.56 62.80
C ASP TA 55 35.99 114.86 63.46
N GLY TA 56 36.29 113.92 64.35
CA GLY TA 56 35.24 113.14 64.96
C GLY TA 56 34.44 113.87 66.01
N LYS TA 57 33.88 115.03 65.66
CA LYS TA 57 33.02 115.78 66.56
C LYS TA 57 32.15 116.71 65.74
N GLY TA 58 30.86 116.76 66.07
CA GLY TA 58 29.91 117.55 65.33
C GLY TA 58 29.39 116.84 64.10
N VAL TA 59 28.50 117.53 63.39
CA VAL TA 59 27.94 117.02 62.14
C VAL TA 59 28.08 118.09 61.08
N VAL TA 60 27.97 117.66 59.83
CA VAL TA 60 27.92 118.54 58.67
C VAL TA 60 26.56 118.34 58.02
N VAL TA 61 25.78 119.41 57.95
CA VAL TA 61 24.50 119.40 57.26
C VAL TA 61 24.69 120.05 55.91
N VAL TA 62 24.39 119.31 54.86
CA VAL TA 62 24.53 119.80 53.49
C VAL TA 62 23.16 119.87 52.87
N ILE TA 63 22.88 120.99 52.20
CA ILE TA 63 21.61 121.16 51.50
C ILE TA 63 21.90 121.59 50.07
N LYS TA 64 21.01 121.22 49.17
CA LYS TA 64 21.17 121.56 47.76
C LYS TA 64 20.51 122.90 47.49
N ARG TA 65 21.27 123.82 46.89
CA ARG TA 65 20.73 125.12 46.55
C ARG TA 65 19.81 125.01 45.33
N ARG TA 66 19.06 126.07 45.07
CA ARG TA 66 18.02 126.02 44.06
C ARG TA 66 18.54 126.26 42.65
N SER TA 67 19.56 127.12 42.51
CA SER TA 67 19.90 127.63 41.18
C SER TA 67 20.76 126.65 40.38
N GLY TA 68 21.96 126.37 40.87
CA GLY TA 68 22.90 125.59 40.07
C GLY TA 68 22.62 124.10 40.05
N GLN TA 69 21.54 123.68 39.40
CA GLN TA 69 21.20 122.27 39.37
C GLN TA 69 22.16 121.48 38.50
N ARG TA 70 22.59 122.07 37.38
CA ARG TA 70 23.53 121.42 36.47
C ARG TA 70 24.98 121.72 36.79
N LYS TA 71 25.24 122.44 37.88
CA LYS TA 71 26.59 122.83 38.26
C LYS TA 71 26.97 122.16 39.57
N PRO TA 72 27.48 120.93 39.54
CA PRO TA 72 27.69 120.19 40.78
C PRO TA 72 28.77 120.78 41.69
N ALA TA 73 29.63 121.65 41.19
CA ALA TA 73 30.69 122.19 42.03
C ALA TA 73 30.14 123.13 43.11
N THR TA 74 29.10 123.89 42.78
CA THR TA 74 28.53 124.86 43.69
C THR TA 74 27.09 124.53 44.07
N SER TA 75 26.66 123.31 43.83
CA SER TA 75 25.27 122.94 44.03
C SER TA 75 24.93 122.68 45.49
N TYR TA 76 25.92 122.42 46.34
CA TYR TA 76 25.69 121.98 47.70
C TYR TA 76 26.33 122.97 48.68
N VAL TA 77 25.58 123.32 49.72
CA VAL TA 77 26.03 124.22 50.77
C VAL TA 77 26.13 123.42 52.05
N ARG TA 78 27.30 123.44 52.67
CA ARG TA 78 27.59 122.63 53.85
C ARG TA 78 27.83 123.54 55.05
N THR TA 79 27.13 123.28 56.14
CA THR TA 79 27.37 123.95 57.41
C THR TA 79 27.79 122.91 58.44
N THR TA 80 28.64 123.32 59.36
CA THR TA 80 29.12 122.42 60.41
C THR TA 80 28.52 122.86 61.74
N ILE TA 81 27.85 121.93 62.41
CA ILE TA 81 27.24 122.18 63.71
C ILE TA 81 27.99 121.33 64.73
N ASN TA 82 28.62 121.99 65.69
CA ASN TA 82 29.42 121.35 66.72
C ASN TA 82 28.95 121.80 68.10
N LYS TA 83 27.65 121.75 68.31
CA LYS TA 83 27.02 122.10 69.56
C LYS TA 83 26.68 120.84 70.34
N ASN TA 84 25.93 120.99 71.43
CA ASN TA 84 25.42 119.82 72.13
C ASN TA 84 24.34 119.15 71.28
N ALA TA 85 23.94 117.95 71.71
CA ALA TA 85 23.04 117.14 70.90
C ALA TA 85 21.68 117.81 70.73
N ARG TA 86 21.12 118.35 71.81
CA ARG TA 86 19.81 118.99 71.73
C ARG TA 86 19.85 120.21 70.84
N ALA TA 87 20.90 121.03 70.97
CA ALA TA 87 21.04 122.21 70.12
C ALA TA 87 21.22 121.84 68.66
N THR TA 88 21.99 120.77 68.39
CA THR TA 88 22.19 120.32 67.02
C THR TA 88 20.88 119.85 66.39
N LEU TA 89 20.11 119.06 67.15
CA LEU TA 89 18.83 118.60 66.63
C LEU TA 89 17.87 119.77 66.42
N SER TA 90 17.91 120.75 67.31
CA SER TA 90 17.09 121.94 67.11
C SER TA 90 17.49 122.70 65.86
N SER TA 91 18.79 122.83 65.60
CA SER TA 91 19.25 123.52 64.40
C SER TA 91 18.80 122.81 63.13
N ILE TA 92 18.91 121.48 63.12
CA ILE TA 92 18.48 120.73 61.94
C ILE TA 92 16.97 120.82 61.76
N ARG TA 93 16.23 120.75 62.88
CA ARG TA 93 14.78 120.89 62.82
C ARG TA 93 14.39 122.26 62.28
N HIS TA 94 15.12 123.31 62.66
CA HIS TA 94 14.79 124.64 62.15
C HIS TA 94 15.18 124.79 60.68
N MET TA 95 16.31 124.21 60.27
CA MET TA 95 16.68 124.29 58.87
C MET TA 95 15.68 123.58 57.97
N ILE TA 96 15.11 122.47 58.43
CA ILE TA 96 14.17 121.74 57.58
C ILE TA 96 12.77 122.32 57.68
N ARG TA 97 12.30 122.58 58.90
CA ARG TA 97 10.90 122.93 59.09
C ARG TA 97 10.63 124.40 58.82
N LYS TA 98 11.43 125.29 59.40
CA LYS TA 98 11.19 126.72 59.24
C LYS TA 98 11.39 127.14 57.79
N ASN TA 99 12.41 126.62 57.13
CA ASN TA 99 12.62 126.93 55.71
C ASN TA 99 11.64 126.21 54.80
N LYS TA 100 10.88 125.25 55.32
CA LYS TA 100 10.05 124.37 54.50
C LYS TA 100 10.88 123.71 53.41
N TYR TA 101 12.08 123.30 53.77
CA TYR TA 101 13.03 122.67 52.86
C TYR TA 101 12.91 121.17 53.05
N ARG TA 102 12.07 120.55 52.23
CA ARG TA 102 11.80 119.12 52.28
C ARG TA 102 11.37 118.68 53.68
N PRO TA 103 10.18 119.07 54.13
CA PRO TA 103 9.75 118.71 55.49
C PRO TA 103 9.55 117.23 55.69
N ASP TA 104 9.48 116.44 54.62
CA ASP TA 104 9.30 115.00 54.73
C ASP TA 104 10.58 114.27 55.11
N LEU TA 105 11.71 114.96 55.20
CA LEU TA 105 12.98 114.36 55.61
C LEU TA 105 13.40 114.81 57.00
N ARG TA 106 12.53 115.49 57.75
CA ARG TA 106 12.93 116.11 59.00
C ARG TA 106 13.34 115.08 60.04
N MET TA 107 12.48 114.08 60.29
CA MET TA 107 12.82 113.08 61.30
C MET TA 107 13.93 112.15 60.84
N ALA TA 108 14.02 111.89 59.53
CA ALA TA 108 15.14 111.11 59.03
C ALA TA 108 16.46 111.81 59.31
N ALA TA 109 16.52 113.12 59.06
CA ALA TA 109 17.74 113.86 59.32
C ALA TA 109 18.03 113.96 60.81
N ILE TA 110 17.00 114.15 61.62
CA ILE TA 110 17.21 114.24 63.08
C ILE TA 110 17.73 112.92 63.62
N ARG TA 111 17.14 111.80 63.18
CA ARG TA 111 17.59 110.49 63.63
C ARG TA 111 19.02 110.20 63.16
N ARG TA 112 19.34 110.58 61.93
CA ARG TA 112 20.70 110.36 61.45
C ARG TA 112 21.72 111.20 62.22
N ALA TA 113 21.36 112.45 62.53
CA ALA TA 113 22.25 113.27 63.34
C ALA TA 113 22.44 112.68 64.72
N SER TA 114 21.36 112.16 65.32
CA SER TA 114 21.48 111.51 66.61
C SER TA 114 22.39 110.30 66.54
N ALA TA 115 22.27 109.50 65.49
CA ALA TA 115 23.12 108.34 65.32
C ALA TA 115 24.59 108.75 65.19
N ILE TA 116 24.85 109.80 64.41
CA ILE TA 116 26.23 110.26 64.22
C ILE TA 116 26.82 110.76 65.53
N LEU TA 117 26.04 111.55 66.29
CA LEU TA 117 26.55 112.07 67.55
C LEU TA 117 26.78 110.96 68.57
N ARG TA 118 25.88 109.97 68.61
CA ARG TA 118 26.07 108.86 69.52
C ARG TA 118 27.30 108.03 69.13
N SER TA 119 27.56 107.90 67.83
CA SER TA 119 28.77 107.22 67.40
C SER TA 119 30.01 108.03 67.74
N GLN TA 120 29.90 109.35 67.73
CA GLN TA 120 31.04 110.21 67.99
C GLN TA 120 31.41 110.28 69.45
N LYS TA 121 30.44 110.20 70.35
CA LYS TA 121 30.76 110.31 71.77
C LYS TA 121 31.62 109.13 72.20
N PRO TA 122 32.51 109.32 73.18
CA PRO TA 122 33.43 108.24 73.57
C PRO TA 122 32.68 107.05 74.15
N VAL TA 123 33.25 105.87 73.94
CA VAL TA 123 32.63 104.65 74.44
C VAL TA 123 32.76 104.58 75.96
N MET TA 124 31.97 103.70 76.55
CA MET TA 124 31.95 103.49 77.98
C MET TA 124 32.83 102.31 78.37
N VAL TA 125 32.93 102.04 79.67
CA VAL TA 125 33.69 100.91 80.16
C VAL TA 125 32.82 100.03 81.06
N ASP UA 1 -71.17 10.37 58.95
CA ASP UA 1 -71.33 8.93 59.02
C ASP UA 1 -71.22 8.41 60.44
N ARG UA 2 -70.14 8.80 61.13
CA ARG UA 2 -69.94 8.34 62.50
C ARG UA 2 -71.00 8.90 63.45
N ALA UA 3 -71.31 10.19 63.30
CA ALA UA 3 -72.33 10.81 64.16
C ALA UA 3 -73.70 10.18 63.93
N THR UA 4 -74.07 9.96 62.67
CA THR UA 4 -75.33 9.30 62.37
C THR UA 4 -75.35 7.88 62.90
N TRP UA 5 -74.21 7.18 62.78
CA TRP UA 5 -74.09 5.83 63.32
C TRP UA 5 -74.35 5.83 64.83
N LYS UA 6 -73.73 6.75 65.56
CA LYS UA 6 -73.89 6.77 67.00
C LYS UA 6 -75.30 7.20 67.39
N SER UA 7 -75.90 8.13 66.65
CA SER UA 7 -77.27 8.54 66.94
C SER UA 7 -78.26 7.39 66.70
N ASN UA 8 -78.10 6.69 65.58
CA ASN UA 8 -78.94 5.53 65.30
C ASN UA 8 -78.74 4.45 66.34
N TYR UA 9 -77.51 4.28 66.81
CA TYR UA 9 -77.23 3.31 67.85
C TYR UA 9 -77.93 3.69 69.15
N PHE UA 10 -77.90 4.97 69.51
CA PHE UA 10 -78.62 5.42 70.71
C PHE UA 10 -80.11 5.16 70.59
N LEU UA 11 -80.69 5.47 69.43
CA LEU UA 11 -82.12 5.20 69.22
C LEU UA 11 -82.41 3.70 69.34
N LYS UA 12 -81.56 2.87 68.75
CA LYS UA 12 -81.76 1.43 68.83
C LYS UA 12 -81.70 0.95 70.27
N ILE UA 13 -80.74 1.44 71.05
CA ILE UA 13 -80.61 0.99 72.43
C ILE UA 13 -81.82 1.41 73.24
N ILE UA 14 -82.25 2.66 73.10
CA ILE UA 14 -83.36 3.13 73.92
C ILE UA 14 -84.65 2.40 73.56
N GLN UA 15 -84.90 2.17 72.25
CA GLN UA 15 -86.11 1.45 71.87
C GLN UA 15 -86.04 0.00 72.31
N LEU UA 16 -84.86 -0.63 72.26
CA LEU UA 16 -84.75 -2.01 72.68
C LEU UA 16 -84.98 -2.15 74.17
N LEU UA 17 -84.41 -1.24 74.98
CA LEU UA 17 -84.57 -1.36 76.43
C LEU UA 17 -85.98 -0.99 76.85
N ASP UA 18 -86.67 -0.13 76.09
CA ASP UA 18 -88.08 0.12 76.37
C ASP UA 18 -88.94 -1.08 75.98
N ASP UA 19 -88.63 -1.72 74.86
CA ASP UA 19 -89.44 -2.84 74.40
C ASP UA 19 -89.29 -4.05 75.31
N TYR UA 20 -88.05 -4.43 75.63
CA TYR UA 20 -87.81 -5.64 76.40
C TYR UA 20 -87.58 -5.28 77.86
N PRO UA 21 -88.38 -5.82 78.79
CA PRO UA 21 -88.23 -5.48 80.20
C PRO UA 21 -87.26 -6.37 80.98
N LYS UA 22 -86.86 -7.51 80.42
CA LYS UA 22 -85.98 -8.44 81.10
C LYS UA 22 -84.72 -8.64 80.27
N CYS UA 23 -83.56 -8.45 80.90
CA CYS UA 23 -82.29 -8.54 80.20
C CYS UA 23 -81.23 -9.08 81.14
N PHE UA 24 -80.38 -9.95 80.61
CA PHE UA 24 -79.26 -10.50 81.36
C PHE UA 24 -77.98 -9.89 80.82
N ILE UA 25 -77.15 -9.36 81.70
CA ILE UA 25 -75.85 -8.84 81.31
C ILE UA 25 -74.87 -9.99 81.29
N VAL UA 26 -74.14 -10.11 80.19
CA VAL UA 26 -73.38 -11.30 79.86
C VAL UA 26 -72.01 -10.90 79.35
N GLY UA 27 -70.97 -11.49 79.94
CA GLY UA 27 -69.60 -11.22 79.53
C GLY UA 27 -69.20 -12.05 78.32
N ALA UA 28 -68.44 -11.41 77.43
CA ALA UA 28 -67.92 -12.05 76.23
C ALA UA 28 -66.43 -12.33 76.44
N ASP UA 29 -66.08 -13.60 76.42
CA ASP UA 29 -64.68 -14.03 76.52
C ASP UA 29 -64.07 -14.01 75.12
N ASN UA 30 -62.94 -14.70 74.93
CA ASN UA 30 -62.32 -14.78 73.62
C ASN UA 30 -63.21 -15.62 72.72
N VAL UA 31 -64.19 -14.98 72.08
CA VAL UA 31 -65.16 -15.64 71.23
C VAL UA 31 -64.95 -15.18 69.80
N GLY UA 32 -65.32 -16.04 68.85
CA GLY UA 32 -65.10 -15.77 67.44
C GLY UA 32 -66.34 -15.26 66.73
N SER UA 33 -66.11 -14.77 65.51
CA SER UA 33 -67.21 -14.28 64.68
C SER UA 33 -68.12 -15.41 64.23
N LYS UA 34 -67.57 -16.61 64.02
CA LYS UA 34 -68.40 -17.77 63.74
C LYS UA 34 -69.32 -18.07 64.92
N GLN UA 35 -68.79 -18.00 66.15
CA GLN UA 35 -69.62 -18.19 67.32
C GLN UA 35 -70.67 -17.09 67.43
N MET UA 36 -70.31 -15.86 67.06
CA MET UA 36 -71.28 -14.77 67.06
C MET UA 36 -72.43 -15.06 66.10
N GLN UA 37 -72.10 -15.53 64.89
CA GLN UA 37 -73.15 -15.87 63.93
C GLN UA 37 -74.01 -17.04 64.43
N GLN UA 38 -73.37 -18.05 65.03
CA GLN UA 38 -74.10 -19.20 65.55
C GLN UA 38 -75.06 -18.80 66.66
N ILE UA 39 -74.59 -17.97 67.60
CA ILE UA 39 -75.45 -17.49 68.68
C ILE UA 39 -76.57 -16.63 68.12
N ARG UA 40 -76.26 -15.78 67.13
CA ARG UA 40 -77.28 -14.93 66.53
C ARG UA 40 -78.38 -15.76 65.91
N MET UA 41 -78.01 -16.80 65.17
CA MET UA 41 -79.02 -17.66 64.54
C MET UA 41 -79.79 -18.47 65.58
N SER UA 42 -79.11 -18.99 66.59
CA SER UA 42 -79.75 -19.83 67.59
C SER UA 42 -80.59 -19.06 68.59
N LEU UA 43 -80.41 -17.74 68.68
CA LEU UA 43 -81.13 -16.94 69.65
C LEU UA 43 -82.14 -15.98 69.03
N ARG UA 44 -81.98 -15.64 67.74
CA ARG UA 44 -82.86 -14.67 67.11
C ARG UA 44 -84.31 -15.15 66.99
N GLY UA 45 -84.56 -16.44 67.20
CA GLY UA 45 -85.93 -16.92 67.15
C GLY UA 45 -86.80 -16.40 68.27
N LYS UA 46 -86.27 -16.36 69.49
CA LYS UA 46 -87.07 -16.05 70.67
C LYS UA 46 -86.66 -14.78 71.40
N ALA UA 47 -85.40 -14.37 71.31
CA ALA UA 47 -84.90 -13.22 72.06
C ALA UA 47 -83.91 -12.48 71.17
N VAL UA 48 -83.26 -11.45 71.72
CA VAL UA 48 -82.26 -10.70 70.98
C VAL UA 48 -81.03 -10.54 71.86
N VAL UA 49 -79.88 -10.34 71.21
CA VAL UA 49 -78.62 -10.15 71.93
C VAL UA 49 -77.98 -8.87 71.42
N LEU UA 50 -77.29 -8.18 72.32
CA LEU UA 50 -76.72 -6.86 72.06
C LEU UA 50 -75.31 -6.85 72.63
N MET UA 51 -74.33 -6.51 71.78
CA MET UA 51 -72.93 -6.54 72.20
C MET UA 51 -72.20 -5.43 71.44
N GLY UA 52 -72.07 -4.27 72.07
CA GLY UA 52 -71.40 -3.14 71.46
C GLY UA 52 -70.44 -2.44 72.39
N LYS UA 53 -70.38 -1.11 72.33
CA LYS UA 53 -69.44 -0.33 73.12
C LYS UA 53 -70.01 -0.05 74.50
N ASN UA 54 -69.20 -0.31 75.53
CA ASN UA 54 -69.65 -0.13 76.90
C ASN UA 54 -69.94 1.34 77.19
N THR UA 55 -69.17 2.25 76.62
CA THR UA 55 -69.46 3.67 76.81
C THR UA 55 -70.81 4.03 76.23
N MET UA 56 -71.11 3.51 75.03
CA MET UA 56 -72.45 3.63 74.47
C MET UA 56 -73.50 3.09 75.43
N MET UA 57 -73.25 1.93 76.02
CA MET UA 57 -74.23 1.30 76.90
C MET UA 57 -74.52 2.19 78.12
N ARG UA 58 -73.46 2.61 78.82
CA ARG UA 58 -73.65 3.44 80.01
C ARG UA 58 -74.29 4.78 79.67
N LYS UA 59 -73.87 5.42 78.57
CA LYS UA 59 -74.46 6.69 78.22
C LYS UA 59 -75.93 6.55 77.88
N ALA UA 60 -76.30 5.51 77.13
CA ALA UA 60 -77.70 5.30 76.79
C ALA UA 60 -78.55 5.01 78.01
N ILE UA 61 -78.06 4.17 78.93
CA ILE UA 61 -78.86 3.84 80.10
C ILE UA 61 -78.78 4.89 81.20
N ARG UA 62 -77.90 5.87 81.08
CA ARG UA 62 -77.79 6.93 82.06
C ARG UA 62 -78.52 8.21 81.64
N GLY UA 63 -78.22 8.72 80.44
CA GLY UA 63 -78.78 9.99 80.03
C GLY UA 63 -80.28 9.95 79.85
N HIS UA 64 -80.81 8.84 79.34
CA HIS UA 64 -82.23 8.70 79.07
C HIS UA 64 -82.88 7.73 80.07
N LEU UA 65 -82.46 7.83 81.33
CA LEU UA 65 -83.03 7.06 82.41
C LEU UA 65 -84.34 7.64 82.92
N GLU UA 66 -84.67 8.88 82.53
CA GLU UA 66 -85.86 9.55 83.06
C GLU UA 66 -87.15 8.86 82.64
N ASN UA 67 -87.12 8.04 81.60
CA ASN UA 67 -88.34 7.38 81.13
C ASN UA 67 -88.76 6.27 82.09
N ASN UA 68 -87.82 5.69 82.84
CA ASN UA 68 -88.17 4.68 83.81
C ASN UA 68 -87.14 4.62 84.93
N PRO UA 69 -87.56 4.64 86.20
CA PRO UA 69 -86.60 4.53 87.30
C PRO UA 69 -86.11 3.10 87.48
N ALA UA 70 -85.37 2.87 88.56
CA ALA UA 70 -84.84 1.54 88.90
C ALA UA 70 -83.97 0.99 87.78
N LEU UA 71 -83.04 1.82 87.30
CA LEU UA 71 -82.10 1.42 86.27
C LEU UA 71 -80.66 1.83 86.55
N GLU UA 72 -80.43 2.86 87.37
CA GLU UA 72 -79.09 3.38 87.62
C GLU UA 72 -78.21 2.42 88.40
N LYS UA 73 -78.78 1.38 89.00
CA LYS UA 73 -77.99 0.41 89.74
C LYS UA 73 -77.26 -0.58 88.83
N LEU UA 74 -77.53 -0.57 87.53
CA LEU UA 74 -76.67 -1.27 86.59
C LEU UA 74 -75.38 -0.52 86.33
N LEU UA 75 -75.42 0.81 86.40
CA LEU UA 75 -74.27 1.65 86.04
C LEU UA 75 -72.98 1.31 86.76
N PRO UA 76 -72.95 1.06 88.09
CA PRO UA 76 -71.66 0.71 88.71
C PRO UA 76 -71.27 -0.75 88.53
N HIS UA 77 -71.93 -1.44 87.60
CA HIS UA 77 -71.66 -2.86 87.40
C HIS UA 77 -71.36 -3.23 85.94
N ILE UA 78 -71.71 -2.40 84.96
CA ILE UA 78 -71.44 -2.72 83.57
C ILE UA 78 -70.01 -2.35 83.23
N ARG UA 79 -69.10 -3.31 83.37
CA ARG UA 79 -67.70 -3.10 83.06
C ARG UA 79 -67.17 -4.31 82.30
N GLY UA 80 -66.11 -4.09 81.53
CA GLY UA 80 -65.49 -5.17 80.79
C GLY UA 80 -66.25 -5.51 79.52
N ASN UA 81 -65.77 -6.57 78.86
CA ASN UA 81 -66.33 -7.00 77.58
C ASN UA 81 -67.68 -7.67 77.83
N VAL UA 82 -68.70 -6.84 78.05
CA VAL UA 82 -70.02 -7.30 78.43
C VAL UA 82 -71.08 -6.68 77.52
N GLY UA 83 -72.23 -7.35 77.47
CA GLY UA 83 -73.37 -6.87 76.70
C GLY UA 83 -74.68 -7.30 77.33
N PHE UA 84 -75.79 -7.04 76.65
CA PHE UA 84 -77.11 -7.35 77.20
C PHE UA 84 -77.87 -8.28 76.26
N VAL UA 85 -78.40 -9.37 76.81
CA VAL UA 85 -79.36 -10.20 76.09
C VAL UA 85 -80.75 -9.85 76.59
N PHE UA 86 -81.62 -9.47 75.66
CA PHE UA 86 -82.99 -9.05 75.97
C PHE UA 86 -83.92 -10.21 75.65
N THR UA 87 -84.70 -10.63 76.64
CA THR UA 87 -85.60 -11.76 76.45
C THR UA 87 -86.91 -11.52 77.19
N LYS UA 88 -87.96 -12.14 76.70
CA LYS UA 88 -89.26 -12.20 77.36
C LYS UA 88 -89.50 -13.54 78.04
N GLU UA 89 -88.56 -14.48 77.91
CA GLU UA 89 -88.64 -15.77 78.58
C GLU UA 89 -88.07 -15.64 79.99
N ASP UA 90 -87.83 -16.77 80.65
CA ASP UA 90 -87.38 -16.75 82.04
C ASP UA 90 -85.94 -17.23 82.17
N LEU UA 91 -85.43 -17.05 83.39
CA LEU UA 91 -84.00 -17.15 83.67
C LEU UA 91 -83.48 -18.55 83.38
N THR UA 92 -84.18 -19.58 83.84
CA THR UA 92 -83.71 -20.95 83.65
C THR UA 92 -83.70 -21.33 82.17
N GLU UA 93 -84.75 -20.97 81.44
CA GLU UA 93 -84.82 -21.32 80.02
C GLU UA 93 -83.75 -20.59 79.21
N ILE UA 94 -83.39 -19.36 79.59
CA ILE UA 94 -82.27 -18.72 78.89
C ILE UA 94 -80.95 -19.35 79.31
N ARG UA 95 -80.75 -19.58 80.61
CA ARG UA 95 -79.45 -19.96 81.12
C ARG UA 95 -79.06 -21.36 80.67
N ASP UA 96 -80.00 -22.32 80.70
CA ASP UA 96 -79.63 -23.68 80.33
C ASP UA 96 -79.25 -23.77 78.85
N MET UA 97 -79.99 -23.09 77.97
CA MET UA 97 -79.65 -23.16 76.55
C MET UA 97 -78.37 -22.40 76.25
N LEU UA 98 -78.13 -21.27 76.93
CA LEU UA 98 -76.92 -20.51 76.65
C LEU UA 98 -75.69 -21.20 77.24
N LEU UA 99 -75.85 -21.94 78.32
CA LEU UA 99 -74.76 -22.73 78.88
C LEU UA 99 -74.56 -24.05 78.14
N ALA UA 100 -75.57 -24.51 77.39
CA ALA UA 100 -75.45 -25.73 76.63
C ALA UA 100 -74.86 -25.50 75.24
N ASN UA 101 -75.20 -24.39 74.59
CA ASN UA 101 -74.71 -24.16 73.23
C ASN UA 101 -73.31 -23.54 73.23
N LYS UA 102 -72.37 -24.15 73.96
CA LYS UA 102 -71.00 -23.66 74.03
C LYS UA 102 -70.17 -24.37 72.97
N VAL UA 103 -69.64 -23.61 72.02
CA VAL UA 103 -68.82 -24.19 70.95
C VAL UA 103 -67.49 -24.64 71.55
N PRO UA 104 -67.01 -25.85 71.22
CA PRO UA 104 -65.72 -26.29 71.75
C PRO UA 104 -64.54 -25.57 71.09
N ALA UA 105 -64.19 -24.41 71.64
CA ALA UA 105 -63.07 -23.64 71.12
C ALA UA 105 -61.77 -24.41 71.23
N ALA UA 106 -60.92 -24.25 70.23
CA ALA UA 106 -59.65 -24.97 70.16
C ALA UA 106 -58.60 -24.27 71.01
N ALA UA 107 -57.35 -24.67 70.85
CA ALA UA 107 -56.23 -24.10 71.61
C ALA UA 107 -55.50 -23.11 70.70
N ARG UA 108 -56.00 -21.88 70.69
CA ARG UA 108 -55.36 -20.82 69.92
C ARG UA 108 -54.02 -20.45 70.54
N ALA UA 109 -53.03 -20.18 69.68
CA ALA UA 109 -51.70 -19.80 70.16
C ALA UA 109 -51.76 -18.45 70.84
N GLY UA 110 -51.08 -18.33 71.98
CA GLY UA 110 -51.07 -17.10 72.74
C GLY UA 110 -52.24 -16.91 73.68
N ALA UA 111 -52.99 -17.97 73.98
CA ALA UA 111 -54.15 -17.88 74.84
C ALA UA 111 -53.91 -18.62 76.15
N ILE UA 112 -54.30 -18.00 77.26
CA ILE UA 112 -54.16 -18.63 78.56
C ILE UA 112 -55.20 -19.74 78.72
N ALA UA 113 -54.83 -20.77 79.46
CA ALA UA 113 -55.69 -21.94 79.67
C ALA UA 113 -55.83 -22.21 81.16
N PRO UA 114 -56.79 -21.56 81.82
CA PRO UA 114 -57.04 -21.86 83.24
C PRO UA 114 -57.45 -23.31 83.49
N CYS UA 115 -58.16 -23.93 82.55
CA CYS UA 115 -58.52 -25.33 82.69
C CYS UA 115 -57.32 -26.23 82.39
N GLU UA 116 -57.42 -27.48 82.82
CA GLU UA 116 -56.36 -28.46 82.65
C GLU UA 116 -56.87 -29.64 81.84
N VAL UA 117 -56.06 -30.08 80.87
CA VAL UA 117 -56.34 -31.28 80.09
C VAL UA 117 -55.06 -32.09 79.99
N THR UA 118 -55.22 -33.38 79.71
CA THR UA 118 -54.09 -34.29 79.59
C THR UA 118 -54.40 -35.31 78.51
N VAL UA 119 -53.47 -35.47 77.57
CA VAL UA 119 -53.64 -36.44 76.48
C VAL UA 119 -53.55 -37.85 77.05
N PRO UA 120 -54.41 -38.78 76.64
CA PRO UA 120 -54.27 -40.16 77.09
C PRO UA 120 -53.35 -40.97 76.20
N ALA UA 121 -53.23 -42.27 76.47
CA ALA UA 121 -52.46 -43.19 75.64
C ALA UA 121 -53.40 -43.86 74.67
N GLN UA 122 -53.43 -43.36 73.43
CA GLN UA 122 -54.31 -43.92 72.41
C GLN UA 122 -53.70 -43.65 71.04
N ASN UA 123 -54.18 -44.41 70.05
CA ASN UA 123 -53.70 -44.26 68.69
C ASN UA 123 -54.14 -42.91 68.13
N THR UA 124 -53.24 -42.28 67.35
CA THR UA 124 -53.58 -40.99 66.75
C THR UA 124 -54.54 -41.17 65.58
N GLY UA 125 -54.36 -42.21 64.79
CA GLY UA 125 -55.18 -42.44 63.61
C GLY UA 125 -54.73 -41.75 62.35
N LEU UA 126 -53.65 -40.98 62.42
CA LEU UA 126 -53.12 -40.27 61.27
C LEU UA 126 -51.88 -41.00 60.72
N GLY UA 127 -51.44 -40.59 59.55
CA GLY UA 127 -50.28 -41.19 58.92
C GLY UA 127 -49.00 -40.93 59.71
N PRO UA 128 -48.00 -41.82 59.56
CA PRO UA 128 -46.75 -41.71 60.31
C PRO UA 128 -45.73 -40.75 59.67
N GLU UA 129 -46.21 -39.57 59.29
CA GLU UA 129 -45.36 -38.51 58.75
C GLU UA 129 -45.46 -37.22 59.56
N LYS UA 130 -45.99 -37.31 60.78
CA LYS UA 130 -46.13 -36.15 61.66
C LYS UA 130 -45.41 -36.37 62.98
N THR UA 131 -44.36 -37.21 62.98
CA THR UA 131 -43.59 -37.46 64.18
C THR UA 131 -42.71 -36.29 64.57
N SER UA 132 -42.55 -35.30 63.70
CA SER UA 132 -41.64 -34.19 63.97
C SER UA 132 -42.10 -33.37 65.17
N PHE UA 133 -43.40 -33.06 65.23
CA PHE UA 133 -43.92 -32.29 66.36
C PHE UA 133 -43.81 -33.07 67.66
N PHE UA 134 -44.10 -34.37 67.62
CA PHE UA 134 -43.99 -35.21 68.82
C PHE UA 134 -42.55 -35.26 69.31
N GLN UA 135 -41.59 -35.42 68.40
CA GLN UA 135 -40.20 -35.50 68.81
C GLN UA 135 -39.68 -34.16 69.30
N ALA UA 136 -40.13 -33.06 68.70
CA ALA UA 136 -39.74 -31.75 69.17
C ALA UA 136 -40.29 -31.47 70.56
N LEU UA 137 -41.53 -31.86 70.83
CA LEU UA 137 -42.09 -31.69 72.16
C LEU UA 137 -41.45 -32.64 73.17
N GLY UA 138 -40.97 -33.79 72.71
CA GLY UA 138 -40.37 -34.77 73.60
C GLY UA 138 -41.31 -35.92 73.91
N ILE UA 139 -42.01 -36.40 72.87
CA ILE UA 139 -43.01 -37.45 73.00
C ILE UA 139 -42.48 -38.71 72.34
N THR UA 140 -42.47 -39.82 73.07
CA THR UA 140 -42.00 -41.09 72.55
C THR UA 140 -43.12 -41.75 71.77
N THR UA 141 -42.98 -41.80 70.45
CA THR UA 141 -43.97 -42.42 69.57
C THR UA 141 -43.27 -43.44 68.67
N LYS UA 142 -43.98 -44.53 68.39
CA LYS UA 142 -43.41 -45.62 67.60
C LYS UA 142 -44.45 -46.09 66.58
N ILE UA 143 -43.95 -46.70 65.51
CA ILE UA 143 -44.82 -47.16 64.44
C ILE UA 143 -45.62 -48.38 64.89
N SER UA 144 -46.92 -48.39 64.55
CA SER UA 144 -47.79 -49.50 64.89
C SER UA 144 -48.94 -49.51 63.89
N ARG UA 145 -48.98 -50.52 63.03
CA ARG UA 145 -50.04 -50.70 62.03
C ARG UA 145 -50.14 -49.50 61.09
N GLY UA 146 -49.01 -48.84 60.83
CA GLY UA 146 -49.03 -47.66 59.98
C GLY UA 146 -49.63 -46.43 60.61
N THR UA 147 -49.71 -46.39 61.94
CA THR UA 147 -50.27 -45.25 62.65
C THR UA 147 -49.39 -44.93 63.85
N ILE UA 148 -49.51 -43.69 64.32
CA ILE UA 148 -48.70 -43.20 65.44
C ILE UA 148 -49.43 -43.52 66.74
N GLU UA 149 -48.71 -44.12 67.69
CA GLU UA 149 -49.27 -44.55 68.96
C GLU UA 149 -48.55 -43.88 70.10
N ILE UA 150 -49.32 -43.45 71.12
CA ILE UA 150 -48.77 -42.83 72.32
C ILE UA 150 -48.56 -43.94 73.34
N LEU UA 151 -47.30 -44.34 73.54
CA LEU UA 151 -46.99 -45.48 74.39
C LEU UA 151 -46.99 -45.15 75.88
N SER UA 152 -46.97 -43.86 76.23
CA SER UA 152 -46.90 -43.49 77.63
C SER UA 152 -47.69 -42.20 77.85
N ASP UA 153 -48.32 -42.10 79.02
CA ASP UA 153 -49.01 -40.88 79.41
C ASP UA 153 -48.00 -39.80 79.78
N VAL UA 154 -48.18 -38.61 79.22
CA VAL UA 154 -47.26 -37.50 79.43
C VAL UA 154 -48.07 -36.27 79.82
N GLN UA 155 -47.43 -35.36 80.55
CA GLN UA 155 -48.07 -34.12 80.98
C GLN UA 155 -48.11 -33.15 79.80
N LEU UA 156 -49.31 -32.75 79.39
CA LEU UA 156 -49.48 -31.87 78.24
C LEU UA 156 -49.48 -30.39 78.65
N ILE UA 157 -50.35 -30.01 79.58
CA ILE UA 157 -50.48 -28.61 79.96
C ILE UA 157 -50.93 -28.54 81.41
N LYS UA 158 -50.51 -27.47 82.09
CA LYS UA 158 -50.96 -27.15 83.44
C LYS UA 158 -51.93 -25.98 83.39
N THR UA 159 -52.40 -25.58 84.57
CA THR UA 159 -53.34 -24.48 84.66
C THR UA 159 -52.60 -23.15 84.68
N GLY UA 160 -53.17 -22.16 83.98
CA GLY UA 160 -52.63 -20.82 83.99
C GLY UA 160 -51.25 -20.66 83.40
N ASP UA 161 -51.02 -21.25 82.23
CA ASP UA 161 -49.74 -21.14 81.54
C ASP UA 161 -49.96 -20.86 80.06
N LYS UA 162 -48.97 -20.23 79.44
CA LYS UA 162 -49.04 -19.90 78.03
C LYS UA 162 -48.87 -21.16 77.17
N VAL UA 163 -49.56 -21.16 76.04
CA VAL UA 163 -49.54 -22.29 75.10
C VAL UA 163 -48.55 -21.97 73.99
N GLY UA 164 -47.59 -22.87 73.77
CA GLY UA 164 -46.64 -22.70 72.70
C GLY UA 164 -47.23 -23.06 71.34
N ALA UA 165 -46.50 -22.67 70.29
CA ALA UA 165 -46.97 -22.93 68.93
C ALA UA 165 -46.98 -24.42 68.62
N SER UA 166 -45.95 -25.16 69.08
CA SER UA 166 -45.92 -26.59 68.85
C SER UA 166 -47.07 -27.30 69.57
N GLU UA 167 -47.34 -26.91 70.82
CA GLU UA 167 -48.46 -27.48 71.55
C GLU UA 167 -49.79 -27.14 70.89
N ALA UA 168 -49.93 -25.90 70.41
CA ALA UA 168 -51.16 -25.48 69.75
C ALA UA 168 -51.40 -26.26 68.47
N THR UA 169 -50.36 -26.43 67.64
CA THR UA 169 -50.54 -27.20 66.42
C THR UA 169 -50.71 -28.70 66.70
N LEU UA 170 -50.12 -29.21 67.80
CA LEU UA 170 -50.37 -30.58 68.19
C LEU UA 170 -51.82 -30.80 68.57
N LEU UA 171 -52.38 -29.89 69.38
CA LEU UA 171 -53.79 -29.99 69.74
C LEU UA 171 -54.70 -29.72 68.56
N ASN UA 172 -54.23 -28.96 67.57
CA ASN UA 172 -55.00 -28.75 66.35
C ASN UA 172 -55.08 -30.03 65.53
N MET UA 173 -53.96 -30.73 65.35
CA MET UA 173 -53.95 -31.95 64.56
C MET UA 173 -54.45 -33.17 65.31
N LEU UA 174 -54.51 -33.11 66.65
CA LEU UA 174 -54.91 -34.27 67.42
C LEU UA 174 -56.40 -34.56 67.34
N ASN UA 175 -57.20 -33.57 66.94
CA ASN UA 175 -58.66 -33.71 66.82
C ASN UA 175 -59.29 -34.14 68.14
N ILE UA 176 -58.84 -33.54 69.23
CA ILE UA 176 -59.37 -33.83 70.56
C ILE UA 176 -60.09 -32.60 71.09
N SER UA 177 -60.65 -32.70 72.29
CA SER UA 177 -61.38 -31.59 72.89
C SER UA 177 -60.45 -30.83 73.82
N PRO UA 178 -60.01 -29.63 73.47
CA PRO UA 178 -59.17 -28.84 74.38
C PRO UA 178 -60.01 -27.98 75.31
N PHE UA 179 -59.33 -27.17 76.12
CA PHE UA 179 -60.02 -26.19 76.96
C PHE UA 179 -60.84 -25.23 76.09
N SER UA 180 -62.07 -24.98 76.50
CA SER UA 180 -62.98 -24.17 75.71
C SER UA 180 -63.75 -23.21 76.61
N PHE UA 181 -64.21 -22.12 76.02
CA PHE UA 181 -64.96 -21.10 76.75
C PHE UA 181 -65.83 -20.33 75.76
N GLY UA 182 -66.81 -19.61 76.29
CA GLY UA 182 -67.72 -18.86 75.46
C GLY UA 182 -68.42 -17.73 76.18
N LEU UA 183 -69.58 -17.33 75.66
CA LEU UA 183 -70.35 -16.22 76.21
C LEU UA 183 -70.98 -16.64 77.54
N VAL UA 184 -70.59 -16.00 78.63
CA VAL UA 184 -70.97 -16.45 79.97
C VAL UA 184 -71.71 -15.32 80.70
N ILE UA 185 -72.88 -15.65 81.26
CA ILE UA 185 -73.72 -14.63 81.88
C ILE UA 185 -73.04 -14.09 83.13
N GLN UA 186 -72.92 -12.77 83.22
CA GLN UA 186 -72.40 -12.14 84.42
C GLN UA 186 -73.46 -12.03 85.50
N GLN UA 187 -74.60 -11.39 85.17
CA GLN UA 187 -75.70 -11.32 86.12
C GLN UA 187 -76.98 -10.98 85.35
N VAL UA 188 -78.09 -10.85 86.09
CA VAL UA 188 -79.41 -10.73 85.50
C VAL UA 188 -80.00 -9.36 85.84
N PHE UA 189 -81.10 -9.02 85.17
CA PHE UA 189 -81.82 -7.78 85.46
C PHE UA 189 -83.27 -7.99 85.01
N ASP UA 190 -84.15 -8.24 85.98
CA ASP UA 190 -85.57 -8.47 85.73
C ASP UA 190 -86.35 -7.36 86.43
N ASN UA 191 -86.60 -6.27 85.70
CA ASN UA 191 -87.38 -5.14 86.19
C ASN UA 191 -86.79 -4.55 87.47
N GLY UA 192 -85.47 -4.49 87.54
CA GLY UA 192 -84.81 -3.95 88.70
C GLY UA 192 -84.46 -4.98 89.76
N SER UA 193 -83.75 -6.03 89.36
CA SER UA 193 -83.35 -7.08 90.29
C SER UA 193 -82.02 -7.68 89.85
N ILE UA 194 -81.13 -7.90 90.81
CA ILE UA 194 -79.79 -8.40 90.54
C ILE UA 194 -79.64 -9.74 91.23
N TYR UA 195 -79.35 -10.78 90.45
CA TYR UA 195 -79.08 -12.12 90.97
C TYR UA 195 -77.88 -12.67 90.20
N ASN UA 196 -77.62 -13.97 90.37
CA ASN UA 196 -76.52 -14.63 89.68
C ASN UA 196 -76.78 -14.71 88.18
N PRO VA 1 -65.32 -43.76 59.90
CA PRO VA 1 -65.73 -43.07 58.67
C PRO VA 1 -65.42 -43.88 57.41
N ASN VA 2 -65.62 -45.19 57.49
CA ASN VA 2 -65.37 -46.11 56.37
C ASN VA 2 -63.92 -46.06 55.90
N GLU VA 3 -63.00 -45.71 56.81
CA GLU VA 3 -61.55 -45.67 56.63
C GLU VA 3 -61.09 -44.62 55.63
N ILE VA 4 -62.00 -43.89 54.99
CA ILE VA 4 -61.65 -42.88 54.01
C ILE VA 4 -62.86 -41.98 53.81
N LYS VA 5 -62.60 -40.69 53.57
CA LYS VA 5 -63.68 -39.73 53.41
C LYS VA 5 -63.31 -38.75 52.31
N VAL VA 6 -64.34 -38.14 51.72
CA VAL VA 6 -64.22 -37.41 50.47
C VAL VA 6 -64.72 -35.97 50.65
N VAL VA 7 -64.51 -35.43 51.86
CA VAL VA 7 -65.03 -34.10 52.21
C VAL VA 7 -64.49 -33.02 51.28
N TYR VA 8 -63.32 -33.24 50.67
CA TYR VA 8 -62.65 -32.22 49.89
C TYR VA 8 -63.50 -31.75 48.72
N LEU VA 9 -63.36 -30.47 48.37
CA LEU VA 9 -64.08 -29.84 47.29
C LEU VA 9 -63.30 -29.93 45.99
N ARG VA 10 -63.94 -29.47 44.90
CA ARG VA 10 -63.28 -29.37 43.61
C ARG VA 10 -63.64 -28.02 42.98
N CYS VA 11 -62.76 -27.55 42.10
CA CYS VA 11 -62.97 -26.31 41.37
C CYS VA 11 -62.76 -26.52 39.87
N THR VA 12 -63.28 -27.62 39.35
CA THR VA 12 -63.17 -27.94 37.93
C THR VA 12 -64.56 -28.06 37.31
N GLY VA 13 -64.66 -27.67 36.05
CA GLY VA 13 -65.93 -27.72 35.36
C GLY VA 13 -65.78 -27.22 33.94
N GLY VA 14 -66.88 -27.34 33.19
CA GLY VA 14 -66.88 -26.96 31.79
C GLY VA 14 -66.31 -28.07 30.92
N GLU VA 15 -65.07 -27.88 30.45
CA GLU VA 15 -64.38 -28.93 29.72
C GLU VA 15 -64.10 -30.11 30.62
N VAL VA 16 -64.04 -31.31 30.02
CA VAL VA 16 -63.79 -32.52 30.79
C VAL VA 16 -62.42 -32.46 31.45
N GLY VA 17 -61.38 -32.14 30.68
CA GLY VA 17 -60.05 -31.97 31.22
C GLY VA 17 -59.35 -33.28 31.55
N ALA VA 18 -59.82 -33.96 32.60
CA ALA VA 18 -59.27 -35.24 33.07
C ALA VA 18 -57.79 -35.13 33.37
N THR VA 19 -56.94 -35.51 32.40
CA THR VA 19 -55.49 -35.45 32.61
C THR VA 19 -55.01 -34.02 32.80
N SER VA 20 -55.56 -33.09 32.02
CA SER VA 20 -55.18 -31.68 32.17
C SER VA 20 -55.65 -31.12 33.51
N ALA VA 21 -56.74 -31.66 34.06
CA ALA VA 21 -57.23 -31.20 35.35
C ALA VA 21 -56.34 -31.71 36.47
N LEU VA 22 -56.53 -31.14 37.65
CA LEU VA 22 -55.76 -31.49 38.84
C LEU VA 22 -56.35 -32.65 39.61
N ALA VA 23 -57.44 -33.25 39.11
CA ALA VA 23 -58.00 -34.44 39.77
C ALA VA 23 -56.99 -35.56 39.99
N PRO VA 24 -56.08 -35.87 39.06
CA PRO VA 24 -54.98 -36.79 39.41
C PRO VA 24 -54.08 -36.25 40.52
N LYS VA 25 -54.02 -34.93 40.73
CA LYS VA 25 -53.23 -34.42 41.85
C LYS VA 25 -53.96 -34.60 43.18
N ILE VA 26 -55.29 -34.46 43.19
CA ILE VA 26 -56.03 -34.85 44.38
C ILE VA 26 -55.93 -36.35 44.63
N GLY VA 27 -55.88 -37.16 43.56
CA GLY VA 27 -55.91 -38.60 43.63
C GLY VA 27 -55.17 -39.27 44.78
N PRO VA 28 -53.89 -38.95 44.97
CA PRO VA 28 -53.12 -39.57 46.08
C PRO VA 28 -53.67 -39.28 47.47
N LEU VA 29 -54.68 -38.42 47.62
CA LEU VA 29 -55.26 -38.21 48.94
C LEU VA 29 -56.11 -39.39 49.37
N GLY VA 30 -56.84 -39.99 48.45
CA GLY VA 30 -57.75 -41.07 48.79
C GLY VA 30 -57.49 -42.39 48.09
N LEU VA 31 -56.88 -42.33 46.90
CA LEU VA 31 -56.50 -43.47 46.08
C LEU VA 31 -57.69 -44.23 45.51
N SER VA 32 -58.91 -43.85 45.89
CA SER VA 32 -60.10 -44.54 45.40
C SER VA 32 -60.52 -44.10 44.00
N PRO VA 33 -60.79 -42.79 43.72
CA PRO VA 33 -61.36 -42.44 42.42
C PRO VA 33 -60.45 -42.72 41.23
N LYS VA 34 -59.27 -42.11 41.23
CA LYS VA 34 -58.29 -42.19 40.14
C LYS VA 34 -58.96 -41.70 38.85
N LYS VA 35 -58.48 -42.17 37.69
CA LYS VA 35 -59.05 -41.74 36.42
C LYS VA 35 -60.47 -42.29 36.23
N VAL VA 36 -60.68 -43.56 36.60
CA VAL VA 36 -62.01 -44.14 36.53
C VAL VA 36 -62.99 -43.48 37.50
N GLY VA 37 -62.49 -42.66 38.42
CA GLY VA 37 -63.36 -41.89 39.30
C GLY VA 37 -63.61 -40.48 38.81
N ASP VA 38 -62.56 -39.78 38.37
CA ASP VA 38 -62.78 -38.41 37.96
C ASP VA 38 -63.50 -38.33 36.61
N ASP VA 39 -63.31 -39.32 35.74
CA ASP VA 39 -64.07 -39.34 34.49
C ASP VA 39 -65.56 -39.51 34.75
N ILE VA 40 -65.92 -40.45 35.64
CA ILE VA 40 -67.34 -40.66 35.91
C ILE VA 40 -67.92 -39.54 36.77
N ALA VA 41 -67.09 -38.82 37.53
CA ALA VA 41 -67.57 -37.62 38.18
C ALA VA 41 -67.86 -36.51 37.17
N LYS VA 42 -66.96 -36.32 36.21
CA LYS VA 42 -67.17 -35.30 35.19
C LYS VA 42 -68.34 -35.64 34.28
N ALA VA 43 -68.62 -36.94 34.11
CA ALA VA 43 -69.76 -37.35 33.27
C ALA VA 43 -71.07 -36.75 33.78
N THR VA 44 -71.25 -36.72 35.10
CA THR VA 44 -72.42 -36.06 35.69
C THR VA 44 -72.17 -34.59 35.97
N GLY VA 45 -70.93 -34.16 36.03
CA GLY VA 45 -70.61 -32.76 36.24
C GLY VA 45 -70.37 -31.94 34.98
N ASP VA 46 -70.73 -32.46 33.81
CA ASP VA 46 -70.56 -31.70 32.57
C ASP VA 46 -71.36 -30.40 32.59
N TRP VA 47 -72.61 -30.47 33.08
CA TRP VA 47 -73.46 -29.30 33.21
C TRP VA 47 -73.77 -29.04 34.68
N LYS VA 48 -74.61 -28.03 34.91
CA LYS VA 48 -74.95 -27.52 36.23
C LYS VA 48 -73.69 -27.17 37.03
N GLY VA 49 -72.95 -26.18 36.54
CA GLY VA 49 -73.12 -25.38 35.33
C GLY VA 49 -72.06 -25.72 34.28
N LEU VA 50 -71.87 -24.81 33.32
CA LEU VA 50 -70.85 -24.96 32.30
C LEU VA 50 -69.60 -24.12 32.64
N ARG VA 51 -69.45 -23.77 33.91
CA ARG VA 51 -68.41 -22.88 34.40
C ARG VA 51 -67.50 -23.66 35.36
N ILE VA 52 -66.67 -22.92 36.10
CA ILE VA 52 -65.71 -23.51 37.04
C ILE VA 52 -66.41 -24.50 37.97
N THR VA 53 -67.63 -24.18 38.41
CA THR VA 53 -68.55 -25.13 39.06
C THR VA 53 -67.90 -25.77 40.29
N VAL VA 54 -67.66 -24.92 41.30
CA VAL VA 54 -67.17 -25.41 42.57
C VAL VA 54 -68.24 -26.30 43.19
N LYS VA 55 -67.90 -27.57 43.43
CA LYS VA 55 -68.89 -28.56 43.83
C LYS VA 55 -68.24 -29.60 44.72
N LEU VA 56 -69.09 -30.27 45.51
CA LEU VA 56 -68.65 -31.30 46.44
C LEU VA 56 -69.05 -32.66 45.90
N THR VA 57 -68.29 -33.68 46.26
CA THR VA 57 -68.58 -35.04 45.84
C THR VA 57 -68.67 -35.97 47.05
N ILE VA 58 -69.48 -37.01 46.91
CA ILE VA 58 -69.69 -38.02 47.93
C ILE VA 58 -69.35 -39.38 47.33
N GLN VA 59 -68.54 -40.14 48.06
CA GLN VA 59 -67.97 -41.39 47.57
C GLN VA 59 -68.74 -42.58 48.14
N ASN VA 60 -69.10 -43.51 47.26
CA ASN VA 60 -69.74 -44.77 47.66
C ASN VA 60 -68.79 -45.95 47.55
N ARG VA 61 -67.48 -45.68 47.61
CA ARG VA 61 -66.39 -46.67 47.59
C ARG VA 61 -66.19 -47.30 46.22
N GLN VA 62 -67.10 -47.04 45.30
CA GLN VA 62 -66.96 -47.44 43.91
C GLN VA 62 -67.25 -46.31 42.94
N ALA VA 63 -68.23 -45.47 43.24
CA ALA VA 63 -68.63 -44.37 42.37
C ALA VA 63 -68.90 -43.14 43.21
N GLN VA 64 -68.86 -41.99 42.56
CA GLN VA 64 -69.04 -40.70 43.23
C GLN VA 64 -70.28 -40.00 42.71
N ILE VA 65 -71.06 -39.43 43.63
CA ILE VA 65 -72.15 -38.53 43.29
C ILE VA 65 -71.66 -37.11 43.55
N GLU VA 66 -72.27 -36.14 42.87
CA GLU VA 66 -71.80 -34.76 42.92
C GLU VA 66 -72.96 -33.84 43.24
N VAL VA 67 -72.74 -32.93 44.20
CA VAL VA 67 -73.69 -31.89 44.54
C VAL VA 67 -73.03 -30.54 44.36
N VAL VA 68 -73.68 -29.65 43.63
CA VAL VA 68 -73.14 -28.33 43.31
C VAL VA 68 -73.85 -27.31 44.21
N PRO VA 69 -73.13 -26.65 45.12
CA PRO VA 69 -73.76 -25.58 45.91
C PRO VA 69 -74.25 -24.45 45.01
N SER VA 70 -75.38 -23.86 45.40
CA SER VA 70 -76.01 -22.81 44.61
C SER VA 70 -75.25 -21.50 44.78
N ALA VA 71 -74.06 -21.47 44.18
CA ALA VA 71 -73.29 -20.23 44.14
C ALA VA 71 -73.98 -19.23 43.23
N SER VA 72 -74.03 -17.98 43.68
CA SER VA 72 -74.80 -16.95 42.97
C SER VA 72 -74.23 -16.70 41.57
N ALA VA 73 -72.92 -16.44 41.50
CA ALA VA 73 -72.30 -16.16 40.21
C ALA VA 73 -72.31 -17.40 39.31
N LEU VA 74 -72.12 -18.58 39.91
CA LEU VA 74 -72.16 -19.82 39.14
C LEU VA 74 -73.52 -20.01 38.49
N ILE VA 75 -74.59 -19.87 39.28
CA ILE VA 75 -75.93 -20.12 38.74
C ILE VA 75 -76.34 -19.02 37.77
N ILE VA 76 -75.90 -17.78 38.00
CA ILE VA 76 -76.27 -16.73 37.05
C ILE VA 76 -75.50 -16.87 35.75
N LYS VA 77 -74.25 -17.36 35.79
CA LYS VA 77 -73.53 -17.58 34.55
C LYS VA 77 -74.07 -18.82 33.82
N ALA VA 78 -74.58 -19.80 34.56
CA ALA VA 78 -75.28 -20.91 33.93
C ALA VA 78 -76.56 -20.44 33.26
N LEU VA 79 -77.29 -19.51 33.91
CA LEU VA 79 -78.50 -18.96 33.31
C LEU VA 79 -78.18 -18.16 32.06
N LYS VA 80 -77.13 -17.35 32.11
CA LYS VA 80 -76.75 -16.52 30.97
C LYS VA 80 -76.14 -17.38 29.87
N GLU VA 81 -76.21 -16.87 28.65
CA GLU VA 81 -75.72 -17.59 27.49
C GLU VA 81 -74.90 -16.68 26.57
N ILE VA 98 -81.86 -5.62 30.72
CA ILE VA 98 -82.78 -6.71 31.04
C ILE VA 98 -82.88 -6.89 32.56
N THR VA 99 -84.07 -7.28 33.01
CA THR VA 99 -84.34 -7.41 34.44
C THR VA 99 -84.21 -8.85 34.92
N PHE VA 100 -84.90 -9.78 34.24
CA PHE VA 100 -85.00 -11.20 34.60
C PHE VA 100 -85.14 -11.40 36.11
N ASP VA 101 -86.11 -10.70 36.68
CA ASP VA 101 -86.30 -10.71 38.13
C ASP VA 101 -86.76 -12.08 38.62
N GLU VA 102 -87.65 -12.73 37.88
CA GLU VA 102 -88.26 -13.96 38.39
C GLU VA 102 -87.26 -15.11 38.49
N ILE VA 103 -86.30 -15.19 37.57
CA ILE VA 103 -85.36 -16.32 37.61
C ILE VA 103 -84.44 -16.19 38.83
N VAL VA 104 -84.01 -14.97 39.16
CA VAL VA 104 -83.20 -14.80 40.36
C VAL VA 104 -84.05 -14.90 41.62
N ASN VA 105 -85.34 -14.58 41.54
CA ASN VA 105 -86.23 -14.83 42.68
C ASN VA 105 -86.37 -16.31 42.96
N ILE VA 106 -86.45 -17.13 41.92
CA ILE VA 106 -86.65 -18.57 42.10
C ILE VA 106 -85.35 -19.35 42.24
N ALA VA 107 -84.20 -18.76 41.88
CA ALA VA 107 -82.94 -19.48 41.98
C ALA VA 107 -82.45 -19.61 43.42
N ARG VA 108 -82.92 -18.74 44.32
CA ARG VA 108 -82.50 -18.78 45.72
C ARG VA 108 -83.37 -19.69 46.57
N GLN VA 109 -84.39 -20.34 45.99
CA GLN VA 109 -85.29 -21.16 46.80
C GLN VA 109 -84.61 -22.43 47.29
N MET VA 110 -83.77 -23.04 46.46
CA MET VA 110 -83.18 -24.33 46.76
C MET VA 110 -81.76 -24.22 47.33
N ARG VA 111 -81.30 -23.02 47.65
CA ARG VA 111 -79.97 -22.84 48.21
C ARG VA 111 -79.98 -23.06 49.72
N HIS VA 112 -78.80 -22.92 50.33
CA HIS VA 112 -78.70 -23.03 51.78
C HIS VA 112 -79.47 -21.91 52.47
N ARG VA 113 -79.44 -20.70 51.88
CA ARG VA 113 -80.31 -19.58 52.26
C ARG VA 113 -80.06 -19.14 53.70
N SER VA 114 -78.80 -19.17 54.14
CA SER VA 114 -78.47 -18.70 55.49
C SER VA 114 -78.03 -17.24 55.45
N LEU VA 115 -76.91 -16.96 54.78
CA LEU VA 115 -76.41 -15.60 54.50
C LEU VA 115 -76.43 -14.67 55.72
N ALA VA 116 -76.38 -15.24 56.93
CA ALA VA 116 -76.55 -14.49 58.17
C ALA VA 116 -77.82 -13.64 58.14
N ARG VA 117 -78.89 -14.22 57.62
CA ARG VA 117 -80.09 -13.49 57.27
C ARG VA 117 -80.86 -13.00 58.50
N GLU VA 118 -81.73 -12.03 58.25
CA GLU VA 118 -82.80 -11.68 59.18
C GLU VA 118 -84.15 -11.57 58.48
N LEU VA 119 -84.18 -11.55 57.14
CA LEU VA 119 -85.41 -11.47 56.38
C LEU VA 119 -85.12 -12.05 55.00
N SER VA 120 -86.19 -12.42 54.29
CA SER VA 120 -86.04 -13.01 52.96
C SER VA 120 -85.47 -12.04 51.94
N GLY VA 121 -85.67 -10.73 52.13
CA GLY VA 121 -85.18 -9.77 51.16
C GLY VA 121 -83.67 -9.66 51.11
N THR VA 122 -82.98 -10.10 52.16
CA THR VA 122 -81.52 -9.99 52.19
C THR VA 122 -80.88 -10.81 51.08
N ILE VA 123 -81.41 -12.01 50.81
CA ILE VA 123 -80.82 -12.88 49.81
C ILE VA 123 -80.94 -12.26 48.42
N LYS VA 124 -82.13 -11.75 48.09
CA LYS VA 124 -82.31 -11.14 46.78
C LYS VA 124 -81.54 -9.84 46.66
N GLU VA 125 -81.39 -9.08 47.75
CA GLU VA 125 -80.51 -7.92 47.72
C GLU VA 125 -79.07 -8.34 47.45
N ILE VA 126 -78.64 -9.47 48.00
CA ILE VA 126 -77.29 -9.96 47.77
C ILE VA 126 -77.10 -10.33 46.30
N LEU VA 127 -78.02 -11.13 45.75
CA LEU VA 127 -77.86 -11.59 44.37
C LEU VA 127 -78.08 -10.49 43.34
N GLY VA 128 -78.90 -9.48 43.63
CA GLY VA 128 -79.12 -8.42 42.67
C GLY VA 128 -77.84 -7.68 42.30
N THR VA 129 -76.98 -7.44 43.29
CA THR VA 129 -75.69 -6.83 43.02
C THR VA 129 -74.56 -7.84 42.87
N ALA VA 130 -74.81 -9.12 43.19
CA ALA VA 130 -73.91 -10.16 42.72
C ALA VA 130 -74.00 -10.32 41.21
N GLN VA 131 -75.12 -9.91 40.62
CA GLN VA 131 -75.27 -9.89 39.17
C GLN VA 131 -74.64 -8.66 38.52
N SER VA 132 -73.98 -7.78 39.29
CA SER VA 132 -73.42 -6.56 38.72
C SER VA 132 -72.28 -6.83 37.75
N VAL VA 133 -71.74 -8.04 37.71
CA VAL VA 133 -70.67 -8.37 36.79
C VAL VA 133 -71.22 -8.50 35.37
N HIS VA 141 -77.82 -0.75 35.06
CA HIS VA 141 -77.08 -1.34 36.18
C HIS VA 141 -78.04 -1.95 37.21
N PRO VA 142 -77.71 -3.15 37.71
CA PRO VA 142 -78.55 -3.83 38.70
C PRO VA 142 -78.39 -3.28 40.11
N HIS VA 143 -78.43 -1.95 40.23
CA HIS VA 143 -78.32 -1.27 41.51
C HIS VA 143 -79.49 -0.34 41.80
N ASP VA 144 -80.26 0.05 40.79
CA ASP VA 144 -81.47 0.83 41.04
C ASP VA 144 -82.50 0.03 41.84
N ILE VA 145 -82.61 -1.27 41.56
CA ILE VA 145 -83.49 -2.13 42.35
C ILE VA 145 -83.01 -2.18 43.80
N ILE VA 146 -81.70 -2.31 43.98
CA ILE VA 146 -81.11 -2.31 45.32
C ILE VA 146 -81.42 -1.00 46.03
N ASP VA 147 -81.37 0.12 45.30
CA ASP VA 147 -81.65 1.42 45.89
C ASP VA 147 -83.10 1.53 46.33
N ASP VA 148 -84.04 1.42 45.40
CA ASP VA 148 -85.46 1.48 45.74
C ASP VA 148 -86.16 0.22 45.23
N ILE VA 149 -86.09 -0.82 46.04
CA ILE VA 149 -86.86 -2.05 45.82
C ILE VA 149 -88.08 -2.04 46.74
N ASN VA 150 -89.24 -2.41 46.18
CA ASN VA 150 -90.46 -2.46 46.97
C ASN VA 150 -91.33 -3.67 46.59
N SER VA 151 -90.71 -4.77 46.17
CA SER VA 151 -91.45 -5.92 45.68
C SER VA 151 -90.89 -7.20 46.29
N GLY VA 152 -91.79 -8.11 46.63
CA GLY VA 152 -91.40 -9.45 47.08
C GLY VA 152 -90.58 -9.47 48.36
N ALA VA 153 -90.89 -8.61 49.31
CA ALA VA 153 -90.16 -8.60 50.58
C ALA VA 153 -90.41 -9.87 51.37
N VAL VA 154 -91.65 -10.36 51.37
CA VAL VA 154 -92.01 -11.56 52.11
C VAL VA 154 -92.52 -12.61 51.14
N GLU VA 155 -92.01 -12.58 49.90
CA GLU VA 155 -92.48 -13.50 48.88
C GLU VA 155 -92.14 -14.95 49.22
N CYS VA 156 -90.87 -15.20 49.56
CA CYS VA 156 -90.46 -16.56 49.87
C CYS VA 156 -91.12 -17.13 51.12
N PRO VA 157 -91.20 -16.41 52.27
CA PRO VA 157 -91.91 -17.07 53.38
C PRO VA 157 -93.42 -16.96 53.27
N MET WA 1 -88.38 -50.59 -58.27
CA MET WA 1 -89.49 -49.86 -57.68
C MET WA 1 -89.17 -49.43 -56.25
N ALA WA 2 -90.20 -49.10 -55.48
CA ALA WA 2 -89.99 -48.60 -54.12
C ALA WA 2 -89.42 -49.69 -53.21
N VAL WA 3 -89.85 -50.94 -53.40
CA VAL WA 3 -89.41 -52.02 -52.51
C VAL WA 3 -87.93 -52.32 -52.72
N GLN WA 4 -87.49 -52.39 -53.97
CA GLN WA 4 -86.09 -52.65 -54.25
C GLN WA 4 -85.28 -51.36 -54.15
N ILE WA 5 -84.07 -51.48 -53.60
CA ILE WA 5 -83.16 -50.34 -53.48
C ILE WA 5 -82.47 -50.12 -54.81
N SER WA 6 -81.79 -48.98 -54.94
CA SER WA 6 -81.15 -48.63 -56.20
C SER WA 6 -79.98 -49.56 -56.49
N LYS WA 7 -79.49 -49.50 -57.73
CA LYS WA 7 -78.39 -50.37 -58.15
C LYS WA 7 -77.12 -50.07 -57.37
N LYS WA 8 -76.85 -48.79 -57.10
CA LYS WA 8 -75.65 -48.44 -56.36
C LYS WA 8 -75.64 -49.07 -54.98
N ARG WA 9 -76.71 -48.87 -54.22
CA ARG WA 9 -76.82 -49.47 -52.90
C ARG WA 9 -76.87 -50.98 -52.96
N LYS WA 10 -77.48 -51.54 -54.01
CA LYS WA 10 -77.57 -52.99 -54.13
C LYS WA 10 -76.19 -53.61 -54.33
N PHE WA 11 -75.37 -53.03 -55.21
CA PHE WA 11 -74.02 -53.54 -55.40
C PHE WA 11 -73.16 -53.33 -54.16
N VAL WA 12 -73.31 -52.19 -53.49
CA VAL WA 12 -72.56 -51.97 -52.25
C VAL WA 12 -72.96 -53.01 -51.21
N ALA WA 13 -74.25 -53.31 -51.11
CA ALA WA 13 -74.72 -54.31 -50.16
C ALA WA 13 -74.21 -55.70 -50.51
N ASP WA 14 -74.13 -56.02 -51.80
CA ASP WA 14 -73.54 -57.29 -52.22
C ASP WA 14 -72.09 -57.38 -51.79
N GLY WA 15 -71.33 -56.30 -51.98
CA GLY WA 15 -69.95 -56.28 -51.53
C GLY WA 15 -69.84 -56.42 -50.02
N ILE WA 16 -70.73 -55.77 -49.28
CA ILE WA 16 -70.74 -55.88 -47.83
C ILE WA 16 -71.03 -57.32 -47.41
N PHE WA 17 -71.98 -57.97 -48.08
CA PHE WA 17 -72.28 -59.36 -47.79
C PHE WA 17 -71.07 -60.25 -48.05
N LYS WA 18 -70.39 -60.03 -49.19
CA LYS WA 18 -69.19 -60.81 -49.49
C LYS WA 18 -68.13 -60.63 -48.42
N ALA WA 19 -67.90 -59.38 -48.01
CA ALA WA 19 -66.86 -59.11 -47.02
C ALA WA 19 -67.21 -59.71 -45.66
N GLU WA 20 -68.46 -59.56 -45.22
CA GLU WA 20 -68.87 -60.13 -43.93
C GLU WA 20 -68.79 -61.64 -43.95
N LEU WA 21 -69.25 -62.27 -45.02
CA LEU WA 21 -69.18 -63.72 -45.12
C LEU WA 21 -67.73 -64.19 -45.14
N ASN WA 22 -66.86 -63.48 -45.85
CA ASN WA 22 -65.45 -63.87 -45.89
C ASN WA 22 -64.80 -63.73 -44.53
N GLU WA 23 -65.10 -62.64 -43.80
CA GLU WA 23 -64.54 -62.49 -42.46
C GLU WA 23 -65.03 -63.58 -41.52
N PHE WA 24 -66.33 -63.90 -41.60
CA PHE WA 24 -66.87 -64.98 -40.78
C PHE WA 24 -66.19 -66.32 -41.09
N LEU WA 25 -66.04 -66.62 -42.37
CA LEU WA 25 -65.42 -67.89 -42.76
C LEU WA 25 -63.95 -67.92 -42.39
N THR WA 26 -63.28 -66.78 -42.42
CA THR WA 26 -61.89 -66.71 -41.99
C THR WA 26 -61.77 -66.97 -40.49
N ARG WA 27 -62.62 -66.33 -39.70
CA ARG WA 27 -62.54 -66.51 -38.26
C ARG WA 27 -63.04 -67.87 -37.81
N GLU WA 28 -63.85 -68.55 -38.62
CA GLU WA 28 -64.40 -69.85 -38.24
C GLU WA 28 -63.59 -71.02 -38.76
N LEU WA 29 -63.29 -71.04 -40.06
CA LEU WA 29 -62.60 -72.14 -40.71
C LEU WA 29 -61.10 -71.93 -40.78
N ALA WA 30 -60.53 -71.19 -39.83
CA ALA WA 30 -59.11 -70.86 -39.90
C ALA WA 30 -58.23 -72.09 -39.84
N GLU WA 31 -58.55 -73.03 -38.94
CA GLU WA 31 -57.73 -74.21 -38.76
C GLU WA 31 -57.98 -75.27 -39.82
N ASP WA 32 -58.98 -75.10 -40.68
CA ASP WA 32 -59.36 -76.10 -41.66
C ASP WA 32 -58.81 -75.78 -43.05
N GLY WA 33 -57.76 -74.98 -43.13
CA GLY WA 33 -57.20 -74.63 -44.42
C GLY WA 33 -58.12 -73.79 -45.29
N TYR WA 34 -58.77 -72.79 -44.71
CA TYR WA 34 -59.61 -71.88 -45.48
C TYR WA 34 -58.79 -71.14 -46.51
N SER WA 35 -59.29 -71.09 -47.74
CA SER WA 35 -58.65 -70.34 -48.81
C SER WA 35 -59.49 -69.17 -49.30
N GLY WA 36 -60.76 -69.41 -49.60
CA GLY WA 36 -61.58 -68.31 -50.09
C GLY WA 36 -63.04 -68.72 -50.19
N VAL WA 37 -63.87 -67.75 -50.54
CA VAL WA 37 -65.29 -67.95 -50.71
C VAL WA 37 -65.74 -67.36 -52.03
N GLU WA 38 -66.61 -68.07 -52.74
CA GLU WA 38 -67.19 -67.60 -53.99
C GLU WA 38 -68.70 -67.74 -53.90
N VAL WA 39 -69.42 -66.64 -54.15
CA VAL WA 39 -70.87 -66.64 -54.09
C VAL WA 39 -71.42 -66.45 -55.50
N ARG WA 40 -72.32 -67.34 -55.90
CA ARG WA 40 -73.05 -67.23 -57.16
C ARG WA 40 -74.50 -66.95 -56.80
N VAL WA 41 -74.94 -65.72 -57.06
CA VAL WA 41 -76.27 -65.27 -56.66
C VAL WA 41 -77.17 -65.25 -57.88
N THR WA 42 -78.36 -65.83 -57.74
CA THR WA 42 -79.42 -65.78 -58.73
C THR WA 42 -80.71 -65.41 -58.03
N PRO WA 43 -81.67 -64.83 -58.75
CA PRO WA 43 -82.96 -64.53 -58.10
C PRO WA 43 -83.66 -65.77 -57.54
N THR WA 44 -83.48 -66.93 -58.16
CA THR WA 44 -84.09 -68.15 -57.65
C THR WA 44 -83.44 -68.58 -56.34
N ARG WA 45 -82.11 -68.64 -56.31
CA ARG WA 45 -81.38 -69.12 -55.14
C ARG WA 45 -79.92 -68.70 -55.27
N THR WA 46 -79.16 -68.99 -54.22
CA THR WA 46 -77.76 -68.60 -54.14
C THR WA 46 -76.90 -69.78 -53.70
N GLU WA 47 -75.67 -69.80 -54.21
CA GLU WA 47 -74.74 -70.90 -53.96
C GLU WA 47 -73.45 -70.32 -53.41
N ILE WA 48 -73.09 -70.74 -52.20
CA ILE WA 48 -71.85 -70.32 -51.55
C ILE WA 48 -70.88 -71.48 -51.60
N ILE WA 49 -69.73 -71.27 -52.23
CA ILE WA 49 -68.71 -72.30 -52.41
C ILE WA 49 -67.51 -71.88 -51.58
N ILE WA 50 -67.10 -72.75 -50.66
CA ILE WA 50 -65.96 -72.49 -49.79
C ILE WA 50 -64.77 -73.25 -50.34
N LEU WA 51 -63.82 -72.52 -50.91
CA LEU WA 51 -62.56 -73.10 -51.35
C LEU WA 51 -61.69 -73.29 -50.12
N ALA WA 52 -61.43 -74.55 -49.78
CA ALA WA 52 -60.61 -74.89 -48.62
C ALA WA 52 -59.84 -76.17 -48.90
N THR WA 53 -58.69 -76.30 -48.24
CA THR WA 53 -57.85 -77.47 -48.48
C THR WA 53 -58.44 -78.74 -47.88
N ARG WA 54 -58.93 -78.66 -46.64
CA ARG WA 54 -59.43 -79.84 -45.93
C ARG WA 54 -60.95 -79.86 -46.01
N THR WA 55 -61.45 -80.35 -47.14
CA THR WA 55 -62.89 -80.46 -47.33
C THR WA 55 -63.51 -81.47 -46.36
N GLN WA 56 -62.84 -82.61 -46.17
CA GLN WA 56 -63.32 -83.62 -45.24
C GLN WA 56 -63.29 -83.15 -43.79
N ASN WA 57 -62.59 -82.07 -43.49
CA ASN WA 57 -62.56 -81.49 -42.15
C ASN WA 57 -63.54 -80.34 -42.00
N VAL WA 58 -63.73 -79.54 -43.05
CA VAL WA 58 -64.77 -78.51 -42.97
C VAL WA 58 -66.15 -79.14 -42.98
N LEU WA 59 -66.30 -80.30 -43.62
CA LEU WA 59 -67.52 -81.08 -43.53
C LEU WA 59 -67.41 -81.97 -42.30
N GLY WA 60 -68.25 -81.74 -41.30
CA GLY WA 60 -68.19 -82.51 -40.08
C GLY WA 60 -68.70 -83.93 -40.24
N GLU WA 61 -69.10 -84.54 -39.13
CA GLU WA 61 -69.62 -85.89 -39.16
C GLU WA 61 -70.94 -85.92 -39.93
N LYS WA 62 -70.91 -86.54 -41.11
CA LYS WA 62 -72.06 -86.61 -42.02
C LYS WA 62 -72.57 -85.22 -42.38
N GLY WA 63 -71.64 -84.28 -42.56
CA GLY WA 63 -72.02 -82.93 -42.94
C GLY WA 63 -72.64 -82.10 -41.84
N ARG WA 64 -72.38 -82.47 -40.57
CA ARG WA 64 -72.96 -81.72 -39.46
C ARG WA 64 -72.46 -80.28 -39.45
N ARG WA 65 -71.16 -80.08 -39.66
CA ARG WA 65 -70.62 -78.73 -39.56
C ARG WA 65 -71.04 -77.87 -40.74
N ILE WA 66 -71.08 -78.45 -41.95
CA ILE WA 66 -71.54 -77.67 -43.09
C ILE WA 66 -73.02 -77.34 -42.96
N ARG WA 67 -73.82 -78.25 -42.37
CA ARG WA 67 -75.21 -77.93 -42.09
C ARG WA 67 -75.31 -76.79 -41.08
N GLU WA 68 -74.46 -76.82 -40.06
CA GLU WA 68 -74.47 -75.77 -39.05
C GLU WA 68 -74.15 -74.42 -39.67
N LEU WA 69 -73.09 -74.36 -40.50
CA LEU WA 69 -72.74 -73.10 -41.15
C LEU WA 69 -73.80 -72.65 -42.14
N THR WA 70 -74.44 -73.60 -42.84
CA THR WA 70 -75.54 -73.23 -43.72
C THR WA 70 -76.69 -72.59 -42.94
N ALA WA 71 -77.02 -73.17 -41.78
CA ALA WA 71 -78.07 -72.59 -40.96
C ALA WA 71 -77.67 -71.22 -40.41
N VAL WA 72 -76.39 -71.05 -40.06
CA VAL WA 72 -75.92 -69.77 -39.54
C VAL WA 72 -76.02 -68.68 -40.61
N VAL WA 73 -75.54 -68.98 -41.82
CA VAL WA 73 -75.61 -67.97 -42.89
C VAL WA 73 -77.06 -67.78 -43.33
N GLN WA 74 -77.91 -68.79 -43.13
CA GLN WA 74 -79.34 -68.61 -43.33
C GLN WA 74 -79.89 -67.56 -42.37
N LYS WA 75 -79.63 -67.74 -41.07
CA LYS WA 75 -80.28 -66.92 -40.07
C LYS WA 75 -79.70 -65.52 -39.98
N ARG WA 76 -78.40 -65.35 -40.24
CA ARG WA 76 -77.79 -64.04 -40.07
C ARG WA 76 -78.30 -63.05 -41.11
N PHE WA 77 -78.30 -63.45 -42.38
CA PHE WA 77 -78.75 -62.55 -43.44
C PHE WA 77 -80.22 -62.73 -43.79
N GLY WA 78 -80.90 -63.73 -43.22
CA GLY WA 78 -82.33 -63.86 -43.44
C GLY WA 78 -82.73 -64.17 -44.87
N PHE WA 79 -82.12 -65.17 -45.48
CA PHE WA 79 -82.57 -65.62 -46.78
C PHE WA 79 -83.93 -66.31 -46.63
N PRO WA 80 -84.68 -66.45 -47.72
CA PRO WA 80 -85.80 -67.39 -47.72
C PRO WA 80 -85.29 -68.81 -47.49
N GLU WA 81 -86.11 -69.61 -46.82
CA GLU WA 81 -85.70 -70.96 -46.45
C GLU WA 81 -85.48 -71.83 -47.69
N GLY WA 82 -84.39 -72.59 -47.67
CA GLY WA 82 -84.06 -73.44 -48.79
C GLY WA 82 -83.63 -72.73 -50.03
N SER WA 83 -83.17 -71.49 -49.91
CA SER WA 83 -82.74 -70.70 -51.06
C SER WA 83 -81.23 -70.49 -51.09
N VAL WA 84 -80.48 -71.12 -50.18
CA VAL WA 84 -79.04 -70.99 -50.14
C VAL WA 84 -78.43 -72.38 -49.98
N GLU WA 85 -77.42 -72.70 -50.79
CA GLU WA 85 -76.73 -73.98 -50.69
C GLU WA 85 -75.24 -73.74 -50.55
N LEU WA 86 -74.63 -74.42 -49.57
CA LEU WA 86 -73.21 -74.29 -49.28
C LEU WA 86 -72.48 -75.54 -49.71
N TYR WA 87 -71.50 -75.38 -50.58
CA TYR WA 87 -70.63 -76.47 -51.03
C TYR WA 87 -69.21 -76.19 -50.59
N ALA WA 88 -68.43 -77.26 -50.45
CA ALA WA 88 -67.01 -77.16 -50.13
C ALA WA 88 -66.21 -77.70 -51.30
N GLU WA 89 -65.18 -76.96 -51.71
CA GLU WA 89 -64.36 -77.32 -52.85
C GLU WA 89 -62.90 -77.33 -52.45
N LYS WA 90 -62.21 -78.42 -52.80
CA LYS WA 90 -60.77 -78.52 -52.55
C LYS WA 90 -60.02 -77.66 -53.55
N VAL WA 91 -59.10 -76.84 -53.04
CA VAL WA 91 -58.31 -76.00 -53.93
C VAL WA 91 -57.27 -76.85 -54.66
N ALA WA 92 -56.79 -76.33 -55.78
CA ALA WA 92 -55.74 -76.96 -56.57
C ALA WA 92 -54.45 -76.19 -56.37
N THR WA 93 -53.35 -76.92 -56.13
CA THR WA 93 -52.03 -76.35 -55.90
C THR WA 93 -52.06 -75.38 -54.72
N ARG WA 94 -52.31 -75.96 -53.55
CA ARG WA 94 -52.44 -75.17 -52.33
C ARG WA 94 -51.19 -74.37 -51.99
N GLY WA 95 -50.04 -74.75 -52.56
CA GLY WA 95 -48.83 -73.96 -52.37
C GLY WA 95 -48.91 -72.59 -53.01
N LEU WA 96 -49.79 -72.42 -54.00
CA LEU WA 96 -49.94 -71.14 -54.68
C LEU WA 96 -50.93 -70.21 -53.98
N CYS WA 97 -51.65 -70.69 -52.98
CA CYS WA 97 -52.59 -69.86 -52.24
C CYS WA 97 -51.87 -69.24 -51.06
N ALA WA 98 -51.75 -67.91 -51.07
CA ALA WA 98 -51.07 -67.23 -49.97
C ALA WA 98 -51.86 -67.30 -48.68
N ILE WA 99 -53.19 -67.39 -48.77
CA ILE WA 99 -54.01 -67.49 -47.57
C ILE WA 99 -53.73 -68.80 -46.83
N ALA WA 100 -53.73 -69.91 -47.58
CA ALA WA 100 -53.51 -71.21 -46.96
C ALA WA 100 -52.11 -71.32 -46.38
N GLN WA 101 -51.11 -70.82 -47.11
CA GLN WA 101 -49.74 -70.92 -46.61
C GLN WA 101 -49.50 -70.03 -45.41
N ALA WA 102 -50.10 -68.84 -45.41
CA ALA WA 102 -50.00 -67.98 -44.24
C ALA WA 102 -50.68 -68.61 -43.03
N GLU WA 103 -51.83 -69.24 -43.25
CA GLU WA 103 -52.52 -69.92 -42.16
C GLU WA 103 -51.70 -71.09 -41.62
N SER WA 104 -51.07 -71.85 -42.53
CA SER WA 104 -50.22 -72.95 -42.09
C SER WA 104 -49.01 -72.45 -41.31
N LEU WA 105 -48.41 -71.35 -41.76
CA LEU WA 105 -47.29 -70.76 -41.03
C LEU WA 105 -47.72 -70.30 -39.65
N ARG WA 106 -48.90 -69.68 -39.56
CA ARG WA 106 -49.43 -69.27 -38.27
C ARG WA 106 -49.67 -70.47 -37.36
N TYR WA 107 -50.19 -71.56 -37.93
CA TYR WA 107 -50.39 -72.78 -37.15
C TYR WA 107 -49.07 -73.32 -36.63
N LYS WA 108 -48.04 -73.34 -37.48
CA LYS WA 108 -46.74 -73.83 -37.05
C LYS WA 108 -46.15 -72.96 -35.93
N LEU WA 109 -46.26 -71.64 -36.09
CA LEU WA 109 -45.71 -70.74 -35.08
C LEU WA 109 -46.47 -70.86 -33.77
N LEU WA 110 -47.79 -71.02 -33.83
CA LEU WA 110 -48.57 -71.25 -32.61
C LEU WA 110 -48.21 -72.60 -31.98
N GLY WA 111 -47.91 -73.60 -32.80
CA GLY WA 111 -47.45 -74.87 -32.26
C GLY WA 111 -46.13 -74.73 -31.52
N GLY WA 112 -45.21 -73.95 -32.07
CA GLY WA 112 -43.99 -73.65 -31.35
C GLY WA 112 -42.72 -73.93 -32.12
N LEU WA 113 -42.84 -74.16 -33.42
CA LEU WA 113 -41.67 -74.33 -34.27
C LEU WA 113 -40.88 -73.04 -34.33
N ALA WA 114 -39.56 -73.18 -34.46
CA ALA WA 114 -38.71 -72.01 -34.63
C ALA WA 114 -39.09 -71.28 -35.91
N VAL WA 115 -39.18 -69.96 -35.83
CA VAL WA 115 -39.69 -69.17 -36.95
C VAL WA 115 -38.79 -69.30 -38.17
N ARG WA 116 -37.48 -69.44 -37.95
CA ARG WA 116 -36.54 -69.58 -39.05
C ARG WA 116 -36.82 -70.85 -39.84
N ARG WA 117 -36.88 -71.98 -39.15
CA ARG WA 117 -37.14 -73.27 -39.82
C ARG WA 117 -38.53 -73.30 -40.44
N ALA WA 118 -39.52 -72.75 -39.74
CA ALA WA 118 -40.88 -72.77 -40.27
C ALA WA 118 -41.00 -71.95 -41.55
N CYS WA 119 -40.38 -70.77 -41.57
CA CYS WA 119 -40.42 -69.94 -42.78
C CYS WA 119 -39.66 -70.60 -43.91
N TYR WA 120 -38.51 -71.21 -43.62
CA TYR WA 120 -37.79 -71.94 -44.65
C TYR WA 120 -38.64 -73.06 -45.23
N GLY WA 121 -39.34 -73.79 -44.36
CA GLY WA 121 -40.19 -74.86 -44.85
C GLY WA 121 -41.34 -74.36 -45.70
N VAL WA 122 -41.96 -73.25 -45.30
CA VAL WA 122 -43.05 -72.69 -46.09
C VAL WA 122 -42.55 -72.25 -47.46
N LEU WA 123 -41.41 -71.56 -47.48
CA LEU WA 123 -40.84 -71.12 -48.75
C LEU WA 123 -40.48 -72.29 -49.64
N ARG WA 124 -39.87 -73.33 -49.06
CA ARG WA 124 -39.49 -74.51 -49.84
C ARG WA 124 -40.73 -75.20 -50.39
N PHE WA 125 -41.79 -75.31 -49.60
CA PHE WA 125 -43.01 -75.95 -50.08
C PHE WA 125 -43.66 -75.15 -51.19
N ILE WA 126 -43.64 -73.82 -51.09
CA ILE WA 126 -44.25 -73.00 -52.13
C ILE WA 126 -43.47 -73.14 -53.44
N MET WA 127 -42.14 -73.04 -53.37
CA MET WA 127 -41.36 -73.19 -54.59
C MET WA 127 -41.38 -74.62 -55.12
N GLU WA 128 -41.63 -75.61 -54.27
CA GLU WA 128 -41.81 -76.97 -54.76
C GLU WA 128 -43.15 -77.13 -55.47
N SER WA 129 -44.19 -76.49 -54.94
CA SER WA 129 -45.47 -76.45 -55.63
C SER WA 129 -45.36 -75.73 -56.96
N GLY WA 130 -44.42 -74.80 -57.06
CA GLY WA 130 -44.08 -74.22 -58.35
C GLY WA 130 -44.62 -72.83 -58.57
N ALA WA 131 -43.78 -71.83 -58.35
CA ALA WA 131 -44.17 -70.44 -58.54
C ALA WA 131 -42.96 -69.66 -59.00
N LYS WA 132 -43.21 -68.53 -59.65
CA LYS WA 132 -42.11 -67.68 -60.10
C LYS WA 132 -41.34 -67.08 -58.94
N GLY WA 133 -41.91 -67.05 -57.75
CA GLY WA 133 -41.19 -66.54 -56.60
C GLY WA 133 -42.09 -66.44 -55.40
N CYS WA 134 -41.46 -66.29 -54.25
CA CYS WA 134 -42.17 -66.19 -52.98
C CYS WA 134 -41.43 -65.21 -52.08
N GLU WA 135 -42.18 -64.65 -51.13
CA GLU WA 135 -41.61 -63.74 -50.14
C GLU WA 135 -42.46 -63.79 -48.89
N VAL WA 136 -41.86 -64.19 -47.77
CA VAL WA 136 -42.53 -64.25 -46.48
C VAL WA 136 -41.82 -63.30 -45.52
N VAL WA 137 -42.59 -62.43 -44.88
CA VAL WA 137 -42.08 -61.46 -43.93
C VAL WA 137 -42.72 -61.72 -42.59
N VAL WA 138 -41.89 -61.89 -41.56
CA VAL WA 138 -42.35 -62.11 -40.20
C VAL WA 138 -41.84 -60.95 -39.36
N SER WA 139 -42.75 -60.21 -38.74
CA SER WA 139 -42.39 -59.05 -37.95
C SER WA 139 -42.94 -59.19 -36.54
N GLY WA 140 -42.22 -58.66 -35.58
CA GLY WA 140 -42.75 -58.61 -34.23
C GLY WA 140 -41.66 -58.82 -33.21
N LYS WA 141 -42.07 -59.23 -32.01
CA LYS WA 141 -41.17 -59.37 -30.88
C LYS WA 141 -40.39 -60.69 -30.97
N LEU WA 142 -39.60 -60.79 -32.04
CA LEU WA 142 -38.66 -61.90 -32.15
C LEU WA 142 -37.48 -61.65 -31.23
N ARG WA 143 -36.90 -62.76 -30.75
CA ARG WA 143 -35.82 -62.73 -29.76
C ARG WA 143 -36.24 -61.99 -28.50
N GLY WA 144 -35.72 -60.78 -28.32
CA GLY WA 144 -35.95 -60.01 -27.11
C GLY WA 144 -37.17 -59.11 -27.18
N GLN WA 145 -37.19 -58.13 -26.28
CA GLN WA 145 -38.31 -57.20 -26.24
C GLN WA 145 -38.36 -56.32 -27.47
N ARG WA 146 -37.20 -55.88 -27.95
CA ARG WA 146 -37.13 -55.05 -29.15
C ARG WA 146 -37.57 -55.84 -30.37
N ALA WA 147 -38.48 -55.28 -31.16
CA ALA WA 147 -39.06 -55.99 -32.28
C ALA WA 147 -38.15 -55.95 -33.50
N LYS WA 148 -38.20 -57.04 -34.28
CA LYS WA 148 -37.41 -57.17 -35.50
C LYS WA 148 -38.30 -57.77 -36.58
N SER WA 149 -37.81 -57.68 -37.83
CA SER WA 149 -38.51 -58.21 -38.99
C SER WA 149 -37.53 -59.03 -39.82
N MET WA 150 -37.95 -60.21 -40.23
CA MET WA 150 -37.15 -61.06 -41.10
C MET WA 150 -37.92 -61.35 -42.38
N LYS WA 151 -37.28 -61.10 -43.52
CA LYS WA 151 -37.87 -61.29 -44.84
C LYS WA 151 -37.11 -62.36 -45.58
N PHE WA 152 -37.82 -63.36 -46.07
CA PHE WA 152 -37.25 -64.50 -46.78
C PHE WA 152 -37.87 -64.51 -48.17
N VAL WA 153 -37.07 -64.21 -49.19
CA VAL WA 153 -37.57 -64.02 -50.54
C VAL WA 153 -36.71 -64.84 -51.49
N ASP WA 154 -37.36 -65.46 -52.48
CA ASP WA 154 -36.63 -66.12 -53.56
C ASP WA 154 -37.47 -66.07 -54.82
N GLY WA 155 -36.81 -66.32 -55.94
CA GLY WA 155 -37.50 -66.27 -57.21
C GLY WA 155 -37.80 -64.84 -57.63
N LEU WA 156 -38.70 -64.71 -58.59
CA LEU WA 156 -39.11 -63.42 -59.11
C LEU WA 156 -40.23 -62.83 -58.26
N MET WA 157 -40.25 -61.50 -58.16
CA MET WA 157 -41.30 -60.83 -57.40
C MET WA 157 -41.42 -59.40 -57.92
N ILE WA 158 -42.50 -59.10 -58.61
CA ILE WA 158 -42.79 -57.75 -59.06
C ILE WA 158 -43.49 -57.00 -57.95
N HIS WA 159 -43.36 -55.69 -57.95
CA HIS WA 159 -43.94 -54.85 -56.92
C HIS WA 159 -44.83 -53.73 -57.43
N SER WA 160 -44.59 -53.25 -58.66
CA SER WA 160 -45.25 -52.06 -59.16
C SER WA 160 -46.11 -52.40 -60.38
N GLY WA 161 -47.00 -51.46 -60.71
CA GLY WA 161 -47.82 -51.58 -61.89
C GLY WA 161 -49.07 -52.41 -61.68
N ASP WA 162 -49.86 -52.50 -62.75
CA ASP WA 162 -51.06 -53.34 -62.72
C ASP WA 162 -50.78 -54.83 -62.49
N PRO WA 163 -49.82 -55.49 -63.18
CA PRO WA 163 -49.78 -56.95 -63.13
C PRO WA 163 -49.55 -57.55 -61.75
N VAL WA 164 -49.17 -56.75 -60.75
CA VAL WA 164 -49.06 -57.27 -59.40
C VAL WA 164 -50.39 -57.81 -58.90
N ASN WA 165 -51.51 -57.23 -59.36
CA ASN WA 165 -52.83 -57.62 -58.87
C ASN WA 165 -53.16 -59.05 -59.24
N TYR WA 166 -52.91 -59.44 -60.49
CA TYR WA 166 -53.24 -60.78 -60.94
C TYR WA 166 -52.04 -61.71 -61.02
N TYR WA 167 -50.86 -61.27 -60.61
CA TYR WA 167 -49.72 -62.18 -60.54
C TYR WA 167 -49.26 -62.46 -59.13
N VAL WA 168 -49.46 -61.53 -58.20
CA VAL WA 168 -48.99 -61.70 -56.83
C VAL WA 168 -50.20 -61.88 -55.93
N ASP WA 169 -50.24 -62.98 -55.21
CA ASP WA 169 -51.26 -63.23 -54.20
C ASP WA 169 -50.64 -62.90 -52.85
N THR WA 170 -51.32 -62.03 -52.10
CA THR WA 170 -50.80 -61.49 -50.86
C THR WA 170 -51.77 -61.80 -49.72
N ALA WA 171 -51.22 -62.28 -48.60
CA ALA WA 171 -52.02 -62.59 -47.43
C ALA WA 171 -51.30 -62.08 -46.18
N VAL WA 172 -52.04 -61.43 -45.30
CA VAL WA 172 -51.52 -60.91 -44.05
C VAL WA 172 -52.28 -61.55 -42.90
N ARG WA 173 -51.56 -62.13 -41.94
CA ARG WA 173 -52.16 -62.78 -40.79
C ARG WA 173 -51.47 -62.32 -39.51
N HIS WA 174 -52.18 -62.50 -38.41
CA HIS WA 174 -51.69 -62.16 -37.09
C HIS WA 174 -51.59 -63.42 -36.25
N VAL WA 175 -50.48 -63.57 -35.54
CA VAL WA 175 -50.25 -64.70 -34.64
C VAL WA 175 -50.25 -64.15 -33.22
N LEU WA 176 -51.10 -64.73 -32.37
CA LEU WA 176 -51.25 -64.28 -30.99
C LEU WA 176 -50.32 -65.10 -30.12
N LEU WA 177 -49.09 -64.63 -29.98
CA LEU WA 177 -48.11 -65.30 -29.14
C LEU WA 177 -48.14 -64.72 -27.74
N ARG WA 178 -47.52 -65.44 -26.81
CA ARG WA 178 -47.53 -65.02 -25.41
C ARG WA 178 -46.87 -63.66 -25.21
N GLN WA 179 -45.94 -63.30 -26.08
CA GLN WA 179 -45.27 -62.01 -25.99
C GLN WA 179 -46.01 -60.91 -26.73
N GLY WA 180 -47.03 -61.24 -27.50
CA GLY WA 180 -47.77 -60.21 -28.21
C GLY WA 180 -48.36 -60.68 -29.54
N VAL WA 181 -48.21 -59.86 -30.57
CA VAL WA 181 -48.75 -60.16 -31.89
C VAL WA 181 -47.61 -60.18 -32.89
N LEU WA 182 -47.57 -61.23 -33.70
CA LEU WA 182 -46.56 -61.37 -34.74
C LEU WA 182 -47.25 -61.30 -36.10
N GLY WA 183 -46.76 -60.41 -36.97
CA GLY WA 183 -47.37 -60.22 -38.27
C GLY WA 183 -46.69 -61.05 -39.32
N ILE WA 184 -47.50 -61.71 -40.15
CA ILE WA 184 -47.02 -62.58 -41.23
C ILE WA 184 -47.57 -62.05 -42.54
N LYS WA 185 -46.68 -61.81 -43.50
CA LYS WA 185 -47.06 -61.37 -44.83
C LYS WA 185 -46.49 -62.36 -45.83
N VAL WA 186 -47.35 -62.93 -46.67
CA VAL WA 186 -46.94 -63.91 -47.67
C VAL WA 186 -47.33 -63.38 -49.04
N LYS WA 187 -46.35 -63.26 -49.93
CA LYS WA 187 -46.57 -62.87 -51.32
C LYS WA 187 -46.06 -63.97 -52.23
N ILE WA 188 -46.90 -64.41 -53.15
CA ILE WA 188 -46.56 -65.47 -54.08
C ILE WA 188 -46.78 -64.99 -55.50
N MET WA 189 -45.76 -65.12 -56.34
CA MET WA 189 -45.88 -64.82 -57.76
C MET WA 189 -46.41 -66.04 -58.49
N LEU WA 190 -47.67 -65.97 -58.93
CA LEU WA 190 -48.27 -67.10 -59.62
C LEU WA 190 -47.61 -67.30 -60.98
N PRO WA 191 -47.33 -68.54 -61.36
CA PRO WA 191 -46.78 -68.79 -62.69
C PRO WA 191 -47.82 -68.56 -63.77
N TRP WA 192 -47.34 -68.16 -64.95
CA TRP WA 192 -48.23 -67.94 -66.08
C TRP WA 192 -48.69 -69.27 -66.66
N ASP WA 193 -49.98 -69.34 -67.02
CA ASP WA 193 -50.50 -70.50 -67.70
C ASP WA 193 -51.67 -70.08 -68.58
N PRO WA 194 -51.73 -70.54 -69.83
CA PRO WA 194 -52.91 -70.25 -70.65
C PRO WA 194 -54.19 -70.86 -70.11
N THR WA 195 -54.09 -71.98 -69.38
CA THR WA 195 -55.27 -72.61 -68.82
C THR WA 195 -55.94 -71.71 -67.80
N GLY WA 196 -55.14 -71.06 -66.94
CA GLY WA 196 -55.66 -70.08 -66.01
C GLY WA 196 -56.16 -70.63 -64.70
N LYS WA 197 -56.09 -71.93 -64.47
CA LYS WA 197 -56.56 -72.52 -63.23
C LYS WA 197 -55.46 -72.61 -62.18
N ILE WA 198 -54.23 -72.24 -62.51
CA ILE WA 198 -53.17 -72.11 -61.52
C ILE WA 198 -52.63 -70.68 -61.44
N GLY WA 199 -52.95 -69.82 -62.39
CA GLY WA 199 -52.44 -68.47 -62.40
C GLY WA 199 -53.11 -67.62 -63.46
N PRO WA 200 -52.57 -66.41 -63.67
CA PRO WA 200 -53.16 -65.52 -64.68
C PRO WA 200 -53.02 -66.09 -66.09
N LYS WA 201 -54.04 -65.80 -66.90
CA LYS WA 201 -54.00 -66.21 -68.31
C LYS WA 201 -53.07 -65.31 -69.12
N LYS WA 202 -53.08 -64.01 -68.83
CA LYS WA 202 -52.25 -63.07 -69.58
C LYS WA 202 -50.79 -63.24 -69.19
N PRO WA 203 -49.87 -63.03 -70.12
CA PRO WA 203 -48.44 -63.01 -69.78
C PRO WA 203 -48.07 -61.70 -69.12
N LEU WA 204 -46.82 -61.63 -68.67
CA LEU WA 204 -46.30 -60.38 -68.15
C LEU WA 204 -46.26 -59.34 -69.27
N PRO WA 205 -46.53 -58.07 -68.96
CA PRO WA 205 -46.61 -57.06 -70.02
C PRO WA 205 -45.31 -56.89 -70.81
N ASP WA 206 -44.16 -57.00 -70.16
CA ASP WA 206 -42.88 -56.85 -70.82
C ASP WA 206 -42.31 -58.17 -71.32
N HIS WA 207 -43.04 -59.27 -71.17
CA HIS WA 207 -42.58 -60.57 -71.66
C HIS WA 207 -42.88 -60.69 -73.14
N VAL WA 208 -41.84 -60.87 -73.94
CA VAL WA 208 -41.97 -60.97 -75.39
C VAL WA 208 -41.56 -62.38 -75.80
N SER WA 209 -42.45 -63.07 -76.51
CA SER WA 209 -42.21 -64.41 -77.01
C SER WA 209 -42.29 -64.40 -78.53
N ILE WA 210 -41.34 -65.09 -79.16
CA ILE WA 210 -41.21 -65.10 -80.61
C ILE WA 210 -41.33 -66.54 -81.10
N VAL WA 211 -42.20 -66.76 -82.09
CA VAL WA 211 -42.38 -68.10 -82.64
C VAL WA 211 -41.19 -68.46 -83.51
N GLU WA 212 -40.77 -69.72 -83.42
CA GLU WA 212 -39.59 -70.17 -84.15
C GLU WA 212 -39.90 -70.33 -85.63
N PRO WA 213 -39.13 -69.70 -86.52
CA PRO WA 213 -39.36 -69.88 -87.95
C PRO WA 213 -38.96 -71.27 -88.42
N LYS WA 214 -39.53 -71.66 -89.56
CA LYS WA 214 -39.16 -72.90 -90.21
C LYS WA 214 -38.02 -72.64 -91.19
N ASP WA 215 -37.70 -73.64 -92.03
CA ASP WA 215 -36.61 -73.47 -92.98
C ASP WA 215 -37.03 -72.65 -94.20
N GLU WA 216 -37.99 -73.18 -94.98
CA GLU WA 216 -38.52 -72.50 -96.17
C GLU WA 216 -37.42 -72.02 -97.11
N ILE WA 217 -36.46 -72.92 -97.37
CA ILE WA 217 -35.27 -72.53 -98.11
C ILE WA 217 -35.59 -72.35 -99.59
N LEU WA 218 -36.15 -73.39 -100.22
CA LEU WA 218 -36.43 -73.45 -101.65
C LEU WA 218 -35.16 -73.13 -102.44
N PRO WA 219 -34.19 -74.04 -102.50
CA PRO WA 219 -32.95 -73.78 -103.25
C PRO WA 219 -32.94 -74.34 -104.66
N THR WA 220 -34.04 -74.87 -105.17
CA THR WA 220 -34.06 -75.60 -106.43
C THR WA 220 -34.61 -74.73 -107.55
N THR WA 221 -34.67 -75.31 -108.75
CA THR WA 221 -35.21 -74.64 -109.90
C THR WA 221 -36.72 -74.44 -109.75
N PRO WA 222 -37.28 -73.40 -110.37
CA PRO WA 222 -38.74 -73.24 -110.36
C PRO WA 222 -39.43 -74.41 -111.06
N ILE WA 223 -40.56 -74.83 -110.50
CA ILE WA 223 -41.35 -75.93 -111.02
C ILE WA 223 -42.81 -75.50 -111.10
N SER WA 224 -43.63 -76.39 -111.67
CA SER WA 224 -45.07 -76.17 -111.77
C SER WA 224 -45.76 -77.49 -111.47
N GLU WA 225 -46.39 -77.59 -110.31
CA GLU WA 225 -47.02 -78.83 -109.85
C GLU WA 225 -48.52 -78.71 -110.05
N GLN WA 226 -49.10 -79.68 -110.77
CA GLN WA 226 -50.53 -79.67 -111.07
C GLN WA 226 -51.29 -80.34 -109.93
N LYS WA 227 -52.25 -79.62 -109.36
CA LYS WA 227 -53.03 -80.14 -108.24
C LYS WA 227 -54.46 -79.61 -108.29
N ASP XA 1 -58.33 -3.97 -94.94
CA ASP XA 1 -59.23 -5.08 -95.27
C ASP XA 1 -59.65 -5.84 -94.03
N ILE XA 2 -58.73 -5.98 -93.07
CA ILE XA 2 -59.04 -6.70 -91.85
C ILE XA 2 -59.79 -5.82 -90.87
N LYS XA 3 -59.29 -4.60 -90.65
CA LYS XA 3 -60.01 -3.57 -89.88
C LYS XA 3 -60.31 -4.05 -88.45
N LEU XA 4 -59.23 -4.16 -87.67
CA LEU XA 4 -59.32 -4.48 -86.26
C LEU XA 4 -60.35 -3.61 -85.54
N PHE XA 5 -61.30 -4.25 -84.87
CA PHE XA 5 -62.46 -3.63 -84.23
C PHE XA 5 -63.39 -2.97 -85.24
N GLY XA 6 -63.28 -3.32 -86.53
CA GLY XA 6 -64.13 -2.73 -87.55
C GLY XA 6 -63.52 -1.53 -88.26
N LYS XA 7 -62.39 -1.02 -87.79
CA LYS XA 7 -61.76 0.14 -88.39
C LYS XA 7 -60.25 0.00 -88.19
N TRP XA 8 -59.51 1.09 -88.40
CA TRP XA 8 -58.07 1.15 -88.10
C TRP XA 8 -57.31 0.07 -88.87
N SER XA 9 -57.28 0.26 -90.20
CA SER XA 9 -56.59 -0.67 -91.08
C SER XA 9 -55.12 -0.81 -90.67
N THR XA 10 -54.60 -2.03 -90.78
CA THR XA 10 -53.28 -2.33 -90.25
C THR XA 10 -52.16 -1.99 -91.22
N ASP XA 11 -52.45 -1.99 -92.53
CA ASP XA 11 -51.39 -1.96 -93.53
C ASP XA 11 -50.60 -0.66 -93.54
N ASP XA 12 -51.14 0.42 -92.97
CA ASP XA 12 -50.43 1.69 -92.94
C ASP XA 12 -49.47 1.82 -91.76
N VAL XA 13 -49.49 0.88 -90.82
CA VAL XA 13 -48.64 0.95 -89.64
C VAL XA 13 -47.23 0.50 -90.00
N GLN XA 14 -46.24 1.31 -89.66
CA GLN XA 14 -44.85 1.02 -89.96
C GLN XA 14 -44.03 1.07 -88.69
N ILE XA 15 -43.20 0.06 -88.48
CA ILE XA 15 -42.29 0.04 -87.34
C ILE XA 15 -41.02 0.79 -87.71
N ASN XA 16 -40.65 1.77 -86.88
CA ASN XA 16 -39.59 2.70 -87.22
C ASN XA 16 -38.18 2.13 -87.01
N ASP XA 17 -38.03 1.03 -86.28
CA ASP XA 17 -36.72 0.43 -86.07
C ASP XA 17 -36.79 -1.05 -86.38
N ILE XA 18 -35.72 -1.57 -87.01
CA ILE XA 18 -35.70 -2.97 -87.43
C ILE XA 18 -35.42 -3.92 -86.27
N SER XA 19 -35.11 -3.40 -85.09
CA SER XA 19 -34.84 -4.27 -83.94
C SER XA 19 -36.06 -5.05 -83.52
N LEU XA 20 -37.25 -4.45 -83.62
CA LEU XA 20 -38.48 -5.06 -83.14
C LEU XA 20 -39.46 -5.40 -84.24
N GLN XA 21 -39.03 -5.35 -85.51
CA GLN XA 21 -39.97 -5.63 -86.59
C GLN XA 21 -40.20 -7.11 -86.81
N ASP XA 22 -39.41 -7.97 -86.18
CA ASP XA 22 -39.66 -9.41 -86.16
C ASP XA 22 -40.46 -9.84 -84.94
N TYR XA 23 -40.80 -8.91 -84.05
CA TYR XA 23 -41.54 -9.23 -82.84
C TYR XA 23 -42.81 -8.44 -82.67
N ILE XA 24 -42.97 -7.31 -83.35
CA ILE XA 24 -44.27 -6.67 -83.48
C ILE XA 24 -45.05 -7.36 -84.59
N ALA XA 25 -46.33 -7.61 -84.35
CA ALA XA 25 -47.15 -8.46 -85.20
C ALA XA 25 -48.42 -7.74 -85.64
N VAL XA 26 -48.27 -6.52 -86.17
CA VAL XA 26 -49.39 -5.77 -86.71
C VAL XA 26 -49.51 -5.89 -88.22
N LYS XA 27 -48.61 -6.61 -88.87
CA LYS XA 27 -48.62 -6.70 -90.32
C LYS XA 27 -49.74 -7.64 -90.76
N GLU XA 28 -50.07 -7.59 -92.07
CA GLU XA 28 -51.33 -8.16 -92.55
C GLU XA 28 -51.42 -9.67 -92.32
N LYS XA 29 -50.27 -10.35 -92.23
CA LYS XA 29 -50.32 -11.78 -91.91
C LYS XA 29 -50.77 -12.03 -90.48
N TYR XA 30 -50.68 -11.03 -89.62
CA TYR XA 30 -51.11 -11.15 -88.23
C TYR XA 30 -52.24 -10.20 -87.90
N ALA XA 31 -52.88 -9.61 -88.90
CA ALA XA 31 -54.02 -8.72 -88.68
C ALA XA 31 -55.26 -9.53 -88.40
N LYS XA 32 -55.94 -9.25 -87.29
CA LYS XA 32 -57.11 -9.99 -86.87
C LYS XA 32 -58.27 -9.04 -86.62
N TYR XA 33 -59.48 -9.54 -86.84
CA TYR XA 33 -60.67 -8.72 -86.64
C TYR XA 33 -60.86 -8.33 -85.19
N LEU XA 34 -60.36 -9.12 -84.24
CA LEU XA 34 -60.66 -8.89 -82.85
C LEU XA 34 -59.51 -9.43 -82.02
N PRO XA 35 -59.05 -8.72 -80.99
CA PRO XA 35 -57.92 -9.23 -80.18
C PRO XA 35 -58.36 -10.28 -79.17
N HIS XA 36 -58.80 -11.44 -79.69
CA HIS XA 36 -59.16 -12.56 -78.84
C HIS XA 36 -59.01 -13.83 -79.67
N SER XA 37 -58.04 -14.66 -79.32
CA SER XA 37 -57.81 -15.91 -80.04
C SER XA 37 -57.05 -16.85 -79.12
N ALA XA 38 -57.67 -17.97 -78.78
CA ALA XA 38 -57.02 -18.99 -77.95
C ALA XA 38 -56.03 -19.75 -78.83
N GLY XA 39 -54.88 -19.13 -79.05
CA GLY XA 39 -53.90 -19.61 -80.01
C GLY XA 39 -52.77 -20.46 -79.45
N ARG XA 40 -52.80 -20.80 -78.17
CA ARG XA 40 -51.76 -21.62 -77.53
C ARG XA 40 -50.38 -21.01 -77.73
N TYR XA 41 -50.29 -19.69 -77.54
CA TYR XA 41 -49.07 -18.97 -77.84
C TYR XA 41 -47.97 -19.19 -76.80
N ALA XA 42 -48.28 -19.79 -75.67
CA ALA XA 42 -47.29 -20.09 -74.64
C ALA XA 42 -46.83 -21.53 -74.67
N ALA XA 43 -47.23 -22.30 -75.69
CA ALA XA 43 -46.90 -23.72 -75.73
C ALA XA 43 -45.42 -23.95 -75.99
N LYS XA 44 -44.80 -23.11 -76.81
CA LYS XA 44 -43.41 -23.29 -77.19
C LYS XA 44 -42.70 -21.94 -77.10
N ARG XA 45 -41.38 -22.00 -76.93
CA ARG XA 45 -40.58 -20.79 -76.87
C ARG XA 45 -40.67 -20.01 -78.17
N PHE XA 46 -40.65 -18.68 -78.05
CA PHE XA 46 -40.71 -17.73 -79.16
C PHE XA 46 -41.99 -17.84 -79.97
N ARG XA 47 -43.03 -18.45 -79.41
CA ARG XA 47 -44.33 -18.46 -80.09
C ARG XA 47 -45.11 -17.18 -79.85
N LYS XA 48 -44.83 -16.48 -78.75
CA LYS XA 48 -45.47 -15.19 -78.50
C LYS XA 48 -44.96 -14.11 -79.45
N ALA XA 49 -43.86 -14.35 -80.15
CA ALA XA 49 -43.35 -13.37 -81.09
C ALA XA 49 -44.32 -13.14 -82.24
N GLN XA 50 -44.94 -14.21 -82.74
CA GLN XA 50 -45.92 -14.11 -83.81
C GLN XA 50 -47.33 -13.85 -83.31
N CYS XA 51 -47.51 -13.73 -82.00
CA CYS XA 51 -48.79 -13.30 -81.45
C CYS XA 51 -48.97 -11.81 -81.68
N PRO XA 52 -50.15 -11.36 -82.14
CA PRO XA 52 -50.36 -9.93 -82.37
C PRO XA 52 -50.21 -9.13 -81.09
N ILE XA 53 -49.61 -7.94 -81.22
CA ILE XA 53 -49.27 -7.16 -80.04
C ILE XA 53 -50.50 -6.58 -79.38
N VAL XA 54 -51.61 -6.45 -80.11
CA VAL XA 54 -52.86 -6.04 -79.47
C VAL XA 54 -53.38 -7.16 -78.58
N GLU XA 55 -53.24 -8.41 -79.04
CA GLU XA 55 -53.52 -9.56 -78.19
C GLU XA 55 -52.62 -9.57 -76.97
N ARG XA 56 -51.33 -9.25 -77.15
CA ARG XA 56 -50.40 -9.20 -76.02
C ARG XA 56 -50.81 -8.12 -75.03
N LEU XA 57 -51.21 -6.95 -75.52
CA LEU XA 57 -51.64 -5.87 -74.63
C LEU XA 57 -52.91 -6.26 -73.88
N THR XA 58 -53.84 -6.91 -74.56
CA THR XA 58 -55.04 -7.40 -73.90
C THR XA 58 -54.71 -8.41 -72.82
N ASN XA 59 -53.78 -9.32 -73.11
CA ASN XA 59 -53.44 -10.35 -72.13
C ASN XA 59 -52.69 -9.77 -70.94
N SER XA 60 -51.85 -8.76 -71.15
CA SER XA 60 -51.09 -8.17 -70.06
C SER XA 60 -51.85 -7.06 -69.34
N MET XA 61 -52.99 -6.63 -69.86
CA MET XA 61 -53.77 -5.58 -69.23
C MET XA 61 -54.72 -6.11 -68.17
N MET XA 62 -54.84 -7.43 -68.05
CA MET XA 62 -55.76 -8.08 -67.12
C MET XA 62 -54.96 -8.72 -65.99
N MET XA 63 -54.83 -7.98 -64.88
CA MET XA 63 -53.95 -8.38 -63.79
C MET XA 63 -54.57 -7.97 -62.45
N HIS XA 64 -53.83 -8.30 -61.39
CA HIS XA 64 -54.13 -7.92 -60.01
C HIS XA 64 -55.40 -8.57 -59.49
N GLY XA 65 -55.45 -9.89 -59.57
CA GLY XA 65 -56.40 -10.67 -58.79
C GLY XA 65 -57.85 -10.53 -59.20
N ARG XA 66 -58.35 -9.29 -59.15
CA ARG XA 66 -59.74 -9.04 -59.53
C ARG XA 66 -59.98 -9.39 -60.99
N ASN XA 67 -58.98 -9.21 -61.84
CA ASN XA 67 -59.12 -9.36 -63.28
C ASN XA 67 -58.09 -10.37 -63.76
N ASN XA 68 -58.43 -11.65 -63.69
CA ASN XA 68 -57.58 -12.69 -64.26
C ASN XA 68 -58.27 -13.50 -65.34
N GLY XA 69 -59.57 -13.35 -65.52
CA GLY XA 69 -60.25 -14.04 -66.60
C GLY XA 69 -61.06 -13.07 -67.44
N LYS XA 70 -61.14 -11.81 -66.98
CA LYS XA 70 -62.02 -10.82 -67.60
C LYS XA 70 -61.40 -10.28 -68.89
N LYS XA 71 -61.18 -11.20 -69.83
CA LYS XA 71 -60.60 -10.83 -71.10
C LYS XA 71 -61.58 -10.04 -71.95
N LEU XA 72 -62.88 -10.31 -71.86
CA LEU XA 72 -63.85 -9.50 -72.59
C LEU XA 72 -63.85 -8.06 -72.09
N MET XA 73 -63.77 -7.89 -70.77
CA MET XA 73 -63.63 -6.55 -70.20
C MET XA 73 -62.36 -5.89 -70.68
N THR XA 74 -61.26 -6.65 -70.76
CA THR XA 74 -60.02 -6.04 -71.23
C THR XA 74 -60.10 -5.67 -72.71
N VAL XA 75 -60.79 -6.48 -73.51
CA VAL XA 75 -60.98 -6.15 -74.92
C VAL XA 75 -61.78 -4.87 -75.08
N ARG XA 76 -62.84 -4.71 -74.29
CA ARG XA 76 -63.60 -3.46 -74.36
C ARG XA 76 -62.78 -2.28 -73.87
N ILE XA 77 -61.89 -2.51 -72.89
CA ILE XA 77 -61.01 -1.44 -72.41
C ILE XA 77 -60.08 -1.01 -73.54
N VAL XA 78 -59.50 -1.97 -74.25
CA VAL XA 78 -58.59 -1.65 -75.34
C VAL XA 78 -59.33 -0.94 -76.47
N LYS XA 79 -60.57 -1.37 -76.76
CA LYS XA 79 -61.34 -0.72 -77.81
C LYS XA 79 -61.64 0.73 -77.46
N HIS XA 80 -62.05 0.98 -76.22
CA HIS XA 80 -62.32 2.35 -75.79
C HIS XA 80 -61.04 3.19 -75.80
N ALA XA 81 -59.91 2.60 -75.39
CA ALA XA 81 -58.66 3.32 -75.41
C ALA XA 81 -58.25 3.69 -76.83
N PHE XA 82 -58.44 2.78 -77.78
CA PHE XA 82 -58.13 3.11 -79.17
C PHE XA 82 -59.04 4.22 -79.69
N GLU XA 83 -60.33 4.16 -79.34
CA GLU XA 83 -61.23 5.26 -79.71
C GLU XA 83 -60.72 6.59 -79.16
N ILE XA 84 -60.33 6.60 -77.89
CA ILE XA 84 -59.91 7.84 -77.24
C ILE XA 84 -58.64 8.37 -77.88
N ILE XA 85 -57.66 7.50 -78.14
CA ILE XA 85 -56.41 7.99 -78.71
C ILE XA 85 -56.61 8.43 -80.15
N HIS XA 86 -57.51 7.78 -80.90
CA HIS XA 86 -57.81 8.26 -82.24
C HIS XA 86 -58.42 9.65 -82.20
N LEU XA 87 -59.36 9.88 -81.27
CA LEU XA 87 -59.95 11.22 -81.18
C LEU XA 87 -58.92 12.24 -80.72
N LEU XA 88 -58.02 11.87 -79.82
CA LEU XA 88 -57.09 12.82 -79.26
C LEU XA 88 -55.95 13.17 -80.21
N THR XA 89 -55.52 12.22 -81.04
CA THR XA 89 -54.36 12.44 -81.89
C THR XA 89 -54.67 12.54 -83.38
N GLY XA 90 -55.59 11.71 -83.88
CA GLY XA 90 -55.92 11.73 -85.29
C GLY XA 90 -55.22 10.70 -86.14
N GLU XA 91 -54.21 10.02 -85.60
CA GLU XA 91 -53.49 9.01 -86.36
C GLU XA 91 -53.98 7.62 -85.95
N ASN XA 92 -53.33 6.60 -86.48
CA ASN XA 92 -53.77 5.22 -86.26
C ASN XA 92 -53.50 4.82 -84.82
N PRO XA 93 -54.50 4.30 -84.10
CA PRO XA 93 -54.23 3.76 -82.75
C PRO XA 93 -53.18 2.67 -82.76
N LEU XA 94 -53.15 1.83 -83.79
CA LEU XA 94 -52.10 0.83 -83.89
C LEU XA 94 -50.73 1.46 -84.03
N GLN XA 95 -50.63 2.53 -84.83
CA GLN XA 95 -49.35 3.22 -84.96
C GLN XA 95 -48.92 3.83 -83.62
N VAL XA 96 -49.88 4.39 -82.88
CA VAL XA 96 -49.57 4.93 -81.56
C VAL XA 96 -49.07 3.84 -80.63
N LEU XA 97 -49.71 2.67 -80.65
CA LEU XA 97 -49.29 1.56 -79.82
C LEU XA 97 -47.90 1.09 -80.19
N VAL XA 98 -47.60 0.99 -81.49
CA VAL XA 98 -46.29 0.53 -81.93
C VAL XA 98 -45.21 1.52 -81.49
N ASN XA 99 -45.46 2.81 -81.67
CA ASN XA 99 -44.49 3.82 -81.25
C ASN XA 99 -44.30 3.80 -79.74
N ALA XA 100 -45.38 3.57 -78.98
CA ALA XA 100 -45.28 3.47 -77.54
C ALA XA 100 -44.41 2.28 -77.13
N ILE XA 101 -44.60 1.14 -77.80
CA ILE XA 101 -43.77 -0.03 -77.51
C ILE XA 101 -42.31 0.26 -77.78
N ILE XA 102 -42.04 0.89 -78.93
CA ILE XA 102 -40.65 1.16 -79.32
C ILE XA 102 -39.99 2.11 -78.32
N ASN XA 103 -40.70 3.17 -77.94
CA ASN XA 103 -40.13 4.14 -77.02
C ASN XA 103 -40.12 3.65 -75.57
N SER XA 104 -40.85 2.59 -75.26
CA SER XA 104 -40.88 2.09 -73.89
C SER XA 104 -39.88 0.95 -73.65
N GLY XA 105 -39.54 0.20 -74.68
CA GLY XA 105 -38.57 -0.87 -74.54
C GLY XA 105 -37.21 -0.36 -74.13
N PRO XA 106 -36.73 -0.79 -72.96
CA PRO XA 106 -35.44 -0.31 -72.44
C PRO XA 106 -34.29 -1.04 -73.12
N ARG XA 107 -33.41 -0.27 -73.77
CA ARG XA 107 -32.37 -0.86 -74.60
C ARG XA 107 -31.34 -1.65 -73.82
N GLU XA 108 -31.17 -1.38 -72.53
CA GLU XA 108 -30.29 -2.19 -71.70
C GLU XA 108 -30.76 -2.14 -70.26
N ASP XA 109 -30.32 -3.13 -69.48
CA ASP XA 109 -30.67 -3.27 -68.08
C ASP XA 109 -29.38 -3.69 -67.37
N SER XA 110 -29.48 -4.09 -66.10
CA SER XA 110 -28.34 -4.60 -65.37
C SER XA 110 -28.75 -5.85 -64.61
N THR XA 111 -27.85 -6.84 -64.57
CA THR XA 111 -28.16 -8.07 -63.86
C THR XA 111 -26.88 -8.80 -63.46
N ARG XA 112 -26.84 -9.24 -62.21
CA ARG XA 112 -25.79 -10.08 -61.64
C ARG XA 112 -26.25 -10.50 -60.24
N ILE XA 113 -25.36 -11.18 -59.51
CA ILE XA 113 -25.69 -11.78 -58.23
C ILE XA 113 -24.81 -11.26 -57.10
N GLY XA 114 -23.50 -11.14 -57.34
CA GLY XA 114 -22.55 -10.85 -56.30
C GLY XA 114 -22.64 -9.46 -55.67
N ARG XA 115 -21.53 -9.01 -55.07
CA ARG XA 115 -21.50 -7.73 -54.38
C ARG XA 115 -21.89 -6.59 -55.31
N ALA XA 116 -23.06 -6.01 -55.09
CA ALA XA 116 -23.63 -5.06 -56.03
C ALA XA 116 -22.87 -3.73 -55.98
N GLY XA 117 -22.54 -3.21 -57.15
CA GLY XA 117 -21.96 -1.87 -57.24
C GLY XA 117 -22.98 -0.82 -56.88
N THR XA 118 -23.99 -0.65 -57.73
CA THR XA 118 -25.16 0.17 -57.42
C THR XA 118 -26.42 -0.67 -57.33
N VAL XA 119 -26.73 -1.45 -58.37
CA VAL XA 119 -27.83 -2.40 -58.35
C VAL XA 119 -27.35 -3.81 -58.69
N ARG XA 120 -26.66 -3.96 -59.82
CA ARG XA 120 -26.08 -5.22 -60.21
C ARG XA 120 -24.64 -4.99 -60.68
N ARG XA 121 -23.86 -6.08 -60.67
CA ARG XA 121 -22.45 -5.96 -61.01
C ARG XA 121 -22.26 -5.63 -62.49
N GLN XA 122 -23.12 -6.13 -63.37
CA GLN XA 122 -22.91 -6.01 -64.80
C GLN XA 122 -24.10 -5.33 -65.47
N ALA XA 123 -23.78 -4.49 -66.46
CA ALA XA 123 -24.77 -3.89 -67.34
C ALA XA 123 -24.87 -4.75 -68.59
N VAL XA 124 -26.08 -5.17 -68.92
CA VAL XA 124 -26.34 -6.14 -69.97
C VAL XA 124 -27.45 -5.58 -70.86
N ASP XA 125 -27.19 -5.54 -72.17
CA ASP XA 125 -28.24 -5.18 -73.11
C ASP XA 125 -29.25 -6.31 -73.25
N VAL XA 126 -30.45 -5.97 -73.71
CA VAL XA 126 -31.58 -6.89 -73.67
C VAL XA 126 -31.93 -7.33 -75.09
N SER XA 127 -32.72 -8.39 -75.17
CA SER XA 127 -33.20 -8.93 -76.43
C SER XA 127 -34.42 -8.15 -76.90
N PRO XA 128 -34.71 -8.19 -78.21
CA PRO XA 128 -35.95 -7.55 -78.70
C PRO XA 128 -37.22 -8.10 -78.08
N LEU XA 129 -37.27 -9.41 -77.84
CA LEU XA 129 -38.45 -9.99 -77.19
C LEU XA 129 -38.61 -9.45 -75.78
N ARG XA 130 -37.50 -9.34 -75.04
CA ARG XA 130 -37.56 -8.74 -73.71
C ARG XA 130 -37.93 -7.27 -73.78
N ARG XA 131 -37.49 -6.56 -74.82
CA ARG XA 131 -37.91 -5.19 -75.03
C ARG XA 131 -39.43 -5.10 -75.15
N VAL XA 132 -40.02 -5.93 -76.00
CA VAL XA 132 -41.46 -5.89 -76.21
C VAL XA 132 -42.21 -6.25 -74.93
N ASN XA 133 -41.75 -7.31 -74.25
CA ASN XA 133 -42.40 -7.76 -73.03
C ASN XA 133 -42.36 -6.68 -71.96
N GLN XA 134 -41.18 -6.08 -71.75
CA GLN XA 134 -41.02 -5.05 -70.74
C GLN XA 134 -41.85 -3.82 -71.09
N ALA XA 135 -41.91 -3.46 -72.38
CA ALA XA 135 -42.68 -2.30 -72.78
C ALA XA 135 -44.16 -2.49 -72.52
N ILE XA 136 -44.69 -3.65 -72.90
CA ILE XA 136 -46.12 -3.92 -72.66
C ILE XA 136 -46.42 -3.94 -71.16
N TRP XA 137 -45.56 -4.59 -70.39
CA TRP XA 137 -45.77 -4.65 -68.95
C TRP XA 137 -45.74 -3.25 -68.33
N LEU XA 138 -44.78 -2.42 -68.75
CA LEU XA 138 -44.68 -1.06 -68.22
C LEU XA 138 -45.90 -0.22 -68.58
N LEU XA 139 -46.38 -0.34 -69.82
CA LEU XA 139 -47.55 0.42 -70.23
C LEU XA 139 -48.78 0.03 -69.42
N CYS XA 140 -49.02 -1.28 -69.28
CA CYS XA 140 -50.18 -1.72 -68.52
C CYS XA 140 -50.07 -1.32 -67.06
N THR XA 141 -48.87 -1.42 -66.48
CA THR XA 141 -48.68 -1.03 -65.09
C THR XA 141 -48.93 0.46 -64.89
N GLY XA 142 -48.40 1.28 -65.80
CA GLY XA 142 -48.62 2.71 -65.69
C GLY XA 142 -50.09 3.08 -65.79
N ALA XA 143 -50.81 2.44 -66.72
CA ALA XA 143 -52.24 2.67 -66.80
C ALA XA 143 -52.95 2.24 -65.53
N ARG XA 144 -52.50 1.13 -64.92
CA ARG XA 144 -53.16 0.62 -63.72
C ARG XA 144 -53.01 1.58 -62.54
N GLU XA 145 -51.78 2.02 -62.24
CA GLU XA 145 -51.66 3.00 -61.16
C GLU XA 145 -52.16 4.39 -61.55
N ALA XA 146 -52.34 4.67 -62.83
CA ALA XA 146 -53.01 5.91 -63.19
C ALA XA 146 -54.50 5.82 -62.86
N ALA XA 147 -55.11 4.66 -63.07
CA ALA XA 147 -56.56 4.53 -62.91
C ALA XA 147 -56.98 4.05 -61.54
N PHE XA 148 -56.05 3.68 -60.66
CA PHE XA 148 -56.43 3.08 -59.39
C PHE XA 148 -57.37 3.94 -58.54
N ARG XA 149 -56.91 5.08 -58.06
CA ARG XA 149 -57.73 5.80 -57.10
C ARG XA 149 -58.10 7.20 -57.57
N ASN XA 150 -58.53 7.33 -58.81
CA ASN XA 150 -59.02 8.61 -59.33
C ASN XA 150 -60.23 8.36 -60.21
N ILE XA 151 -60.98 9.43 -60.46
CA ILE XA 151 -62.21 9.32 -61.23
C ILE XA 151 -61.94 8.96 -62.68
N LYS XA 152 -60.75 9.29 -63.19
CA LYS XA 152 -60.46 9.03 -64.60
C LYS XA 152 -60.36 7.53 -64.83
N THR XA 153 -61.10 7.03 -65.81
CA THR XA 153 -61.29 5.60 -65.94
C THR XA 153 -60.08 4.94 -66.58
N ILE XA 154 -60.10 3.61 -66.57
CA ILE XA 154 -58.97 2.81 -67.05
C ILE XA 154 -58.76 3.02 -68.54
N ALA XA 155 -59.84 3.27 -69.29
CA ALA XA 155 -59.73 3.52 -70.72
C ALA XA 155 -58.92 4.79 -70.99
N GLU XA 156 -59.29 5.90 -70.35
CA GLU XA 156 -58.53 7.13 -70.55
C GLU XA 156 -57.11 7.01 -70.02
N CYS XA 157 -56.92 6.28 -68.92
CA CYS XA 157 -55.58 6.14 -68.37
C CYS XA 157 -54.67 5.37 -69.32
N LEU XA 158 -55.16 4.26 -69.85
CA LEU XA 158 -54.39 3.53 -70.86
C LEU XA 158 -54.17 4.40 -72.09
N ALA XA 159 -55.18 5.16 -72.48
CA ALA XA 159 -55.09 5.99 -73.67
C ALA XA 159 -53.99 7.02 -73.54
N ASP XA 160 -53.99 7.80 -72.46
CA ASP XA 160 -52.96 8.82 -72.34
C ASP XA 160 -51.61 8.24 -71.96
N GLU XA 161 -51.57 7.04 -71.38
CA GLU XA 161 -50.29 6.36 -71.18
C GLU XA 161 -49.64 6.05 -72.52
N LEU XA 162 -50.40 5.45 -73.44
CA LEU XA 162 -49.88 5.22 -74.79
C LEU XA 162 -49.56 6.52 -75.50
N ILE XA 163 -50.38 7.55 -75.31
CA ILE XA 163 -50.14 8.83 -75.99
C ILE XA 163 -48.81 9.42 -75.54
N ASN XA 164 -48.56 9.43 -74.22
CA ASN XA 164 -47.31 9.97 -73.73
C ASN XA 164 -46.12 9.11 -74.12
N ALA XA 165 -46.31 7.79 -74.15
CA ALA XA 165 -45.19 6.91 -74.49
C ALA XA 165 -44.82 7.01 -75.96
N ALA XA 166 -45.82 7.21 -76.84
CA ALA XA 166 -45.54 7.23 -78.27
C ALA XA 166 -44.71 8.45 -78.67
N LYS XA 167 -44.69 9.49 -77.86
CA LYS XA 167 -43.88 10.67 -78.11
C LYS XA 167 -42.63 10.72 -77.26
N GLY XA 168 -42.77 10.53 -75.96
CA GLY XA 168 -41.65 10.66 -75.04
C GLY XA 168 -41.73 12.00 -74.35
N SER XA 169 -42.27 12.04 -73.14
CA SER XA 169 -42.49 13.29 -72.45
C SER XA 169 -42.15 13.24 -70.97
N SER XA 170 -41.62 12.12 -70.47
CA SER XA 170 -41.35 11.86 -69.06
C SER XA 170 -42.61 11.93 -68.20
N ASN XA 171 -43.79 12.00 -68.82
CA ASN XA 171 -45.05 12.01 -68.11
C ASN XA 171 -45.67 10.63 -67.99
N SER XA 172 -45.09 9.62 -68.62
CA SER XA 172 -45.62 8.27 -68.58
C SER XA 172 -44.72 7.39 -67.73
N TYR XA 173 -45.34 6.57 -66.89
CA TYR XA 173 -44.62 5.67 -66.00
C TYR XA 173 -43.72 4.73 -66.78
N ALA XA 174 -44.14 4.35 -67.99
CA ALA XA 174 -43.34 3.42 -68.79
C ALA XA 174 -41.98 4.01 -69.13
N ILE XA 175 -41.95 5.20 -69.69
CA ILE XA 175 -40.66 5.75 -70.07
C ILE XA 175 -39.91 6.33 -68.88
N LYS XA 176 -40.61 6.69 -67.80
CA LYS XA 176 -39.90 7.07 -66.58
C LYS XA 176 -39.12 5.88 -66.03
N LYS XA 177 -39.76 4.71 -65.95
CA LYS XA 177 -39.05 3.52 -65.50
C LYS XA 177 -38.00 3.09 -66.50
N LYS XA 178 -38.24 3.30 -67.79
CA LYS XA 178 -37.23 3.01 -68.79
C LYS XA 178 -35.98 3.85 -68.58
N ASP XA 179 -36.17 5.15 -68.33
CA ASP XA 179 -35.03 6.03 -68.09
C ASP XA 179 -34.31 5.64 -66.80
N GLU XA 180 -35.05 5.27 -65.77
CA GLU XA 180 -34.42 4.81 -64.53
C GLU XA 180 -33.56 3.58 -64.78
N LEU XA 181 -34.09 2.61 -65.54
CA LEU XA 181 -33.33 1.41 -65.87
C LEU XA 181 -32.09 1.75 -66.69
N GLU XA 182 -32.23 2.66 -67.65
CA GLU XA 182 -31.09 3.04 -68.48
C GLU XA 182 -30.00 3.71 -67.66
N ARG XA 183 -30.39 4.59 -66.73
CA ARG XA 183 -29.41 5.25 -65.88
C ARG XA 183 -28.72 4.25 -64.96
N VAL XA 184 -29.46 3.30 -64.41
CA VAL XA 184 -28.85 2.29 -63.56
C VAL XA 184 -27.85 1.46 -64.34
N ALA XA 185 -28.22 1.05 -65.56
CA ALA XA 185 -27.30 0.27 -66.39
C ALA XA 185 -26.07 1.09 -66.77
N LYS XA 186 -26.26 2.37 -67.10
CA LYS XA 186 -25.12 3.19 -67.46
C LYS XA 186 -24.17 3.38 -66.28
N SER XA 187 -24.72 3.54 -65.08
CA SER XA 187 -23.87 3.58 -63.89
C SER XA 187 -23.17 2.26 -63.63
N ASN XA 188 -23.83 1.15 -63.97
CA ASN XA 188 -23.26 -0.17 -63.75
C ASN XA 188 -22.39 -0.64 -64.91
N ARG XA 189 -22.17 0.19 -65.92
CA ARG XA 189 -21.28 -0.13 -67.03
C ARG XA 189 -19.89 -0.55 -66.56
N MET YA 1 -78.05 -63.84 -14.47
CA MET YA 1 -79.15 -63.22 -15.19
C MET YA 1 -80.49 -63.55 -14.54
N LEU YA 2 -81.27 -62.50 -14.25
CA LEU YA 2 -82.57 -62.65 -13.62
C LEU YA 2 -83.67 -63.10 -14.59
N MET YA 3 -83.29 -63.48 -15.81
CA MET YA 3 -84.26 -63.81 -16.83
C MET YA 3 -85.06 -65.06 -16.44
N PRO YA 4 -86.38 -65.05 -16.65
CA PRO YA 4 -87.24 -66.09 -16.07
C PRO YA 4 -87.31 -67.39 -16.85
N LYS YA 5 -88.17 -68.29 -16.38
CA LYS YA 5 -88.39 -69.55 -17.10
C LYS YA 5 -89.09 -69.31 -18.43
N LYS YA 6 -90.09 -68.43 -18.44
CA LYS YA 6 -90.94 -68.27 -19.62
C LYS YA 6 -90.17 -67.83 -20.86
N ASN YA 7 -88.97 -67.27 -20.69
CA ASN YA 7 -88.09 -67.05 -21.81
C ASN YA 7 -86.85 -67.94 -21.80
N ARG YA 8 -86.46 -68.49 -20.66
CA ARG YA 8 -85.34 -69.42 -20.63
C ARG YA 8 -85.63 -70.68 -21.44
N ILE YA 9 -86.79 -71.29 -21.20
CA ILE YA 9 -87.18 -72.46 -21.99
C ILE YA 9 -87.39 -72.09 -23.45
N ALA YA 10 -87.89 -70.88 -23.72
CA ALA YA 10 -88.06 -70.47 -25.12
C ALA YA 10 -86.73 -70.41 -25.85
N ILE YA 11 -85.73 -69.78 -25.22
CA ILE YA 11 -84.39 -69.71 -25.82
C ILE YA 11 -83.81 -71.11 -25.98
N TYR YA 12 -83.99 -71.96 -24.96
CA TYR YA 12 -83.39 -73.28 -25.00
C TYR YA 12 -84.03 -74.14 -26.10
N GLU YA 13 -85.34 -74.04 -26.29
CA GLU YA 13 -85.98 -74.82 -27.33
C GLU YA 13 -85.66 -74.27 -28.71
N LEU YA 14 -85.47 -72.95 -28.84
CA LEU YA 14 -84.96 -72.42 -30.09
C LEU YA 14 -83.58 -72.99 -30.39
N LEU YA 15 -82.71 -73.03 -29.38
CA LEU YA 15 -81.37 -73.56 -29.55
C LEU YA 15 -81.37 -75.05 -29.84
N PHE YA 16 -82.40 -75.77 -29.38
CA PHE YA 16 -82.45 -77.19 -29.65
C PHE YA 16 -83.08 -77.54 -30.99
N LYS YA 17 -84.01 -76.71 -31.47
CA LYS YA 17 -84.69 -77.01 -32.73
C LYS YA 17 -83.70 -77.07 -33.89
N GLU YA 18 -82.74 -76.15 -33.92
CA GLU YA 18 -81.65 -76.16 -34.87
C GLU YA 18 -80.34 -76.03 -34.10
N GLY YA 19 -79.31 -76.73 -34.56
CA GLY YA 19 -78.08 -76.83 -33.80
C GLY YA 19 -77.29 -75.54 -33.64
N VAL YA 20 -77.80 -74.42 -34.15
CA VAL YA 20 -77.10 -73.15 -34.09
C VAL YA 20 -78.08 -72.07 -33.63
N MET YA 21 -77.53 -70.93 -33.26
CA MET YA 21 -78.36 -69.73 -33.16
C MET YA 21 -77.48 -68.49 -33.29
N VAL YA 22 -78.04 -67.46 -33.90
CA VAL YA 22 -77.32 -66.25 -34.28
C VAL YA 22 -77.92 -65.09 -33.50
N ALA YA 23 -77.07 -64.29 -32.86
CA ALA YA 23 -77.54 -63.17 -32.06
C ALA YA 23 -76.68 -61.95 -32.32
N LYS YA 24 -77.28 -60.88 -32.80
CA LYS YA 24 -76.56 -59.63 -33.00
C LYS YA 24 -76.15 -59.05 -31.65
N LYS YA 25 -74.90 -58.58 -31.56
CA LYS YA 25 -74.43 -58.00 -30.32
C LYS YA 25 -75.06 -56.64 -30.10
N ASP YA 26 -76.18 -56.60 -29.38
CA ASP YA 26 -76.84 -55.35 -29.04
C ASP YA 26 -77.56 -55.59 -27.71
N VAL YA 27 -76.91 -55.20 -26.61
CA VAL YA 27 -77.51 -55.38 -25.31
C VAL YA 27 -78.73 -54.48 -25.13
N HIS YA 28 -78.80 -53.38 -25.88
CA HIS YA 28 -79.93 -52.47 -25.79
C HIS YA 28 -81.03 -52.78 -26.81
N MET YA 29 -80.88 -53.85 -27.57
CA MET YA 29 -81.90 -54.22 -28.54
C MET YA 29 -83.17 -54.64 -27.81
N PRO YA 30 -84.31 -54.01 -28.08
CA PRO YA 30 -85.53 -54.36 -27.35
C PRO YA 30 -85.98 -55.79 -27.56
N LYS YA 31 -85.74 -56.36 -28.74
CA LYS YA 31 -86.27 -57.67 -29.06
C LYS YA 31 -85.36 -58.43 -30.01
N HIS YA 32 -85.07 -59.67 -29.66
CA HIS YA 32 -84.38 -60.58 -30.56
C HIS YA 32 -85.29 -60.94 -31.72
N PRO YA 33 -84.81 -60.85 -32.99
CA PRO YA 33 -85.74 -60.88 -34.13
C PRO YA 33 -86.57 -62.14 -34.29
N GLU YA 34 -85.97 -63.32 -34.39
CA GLU YA 34 -86.82 -64.49 -34.39
C GLU YA 34 -87.33 -64.77 -32.98
N LEU YA 35 -88.25 -65.73 -32.89
CA LEU YA 35 -89.13 -65.88 -31.72
C LEU YA 35 -89.72 -64.53 -31.31
N ALA YA 36 -90.29 -63.83 -32.30
CA ALA YA 36 -90.75 -62.45 -32.12
C ALA YA 36 -91.90 -62.34 -31.13
N ASP YA 37 -92.57 -63.45 -30.82
CA ASP YA 37 -93.77 -63.42 -29.99
C ASP YA 37 -93.52 -63.76 -28.53
N LYS YA 38 -92.26 -63.99 -28.14
CA LYS YA 38 -91.95 -64.41 -26.78
C LYS YA 38 -91.48 -63.28 -25.88
N ASN YA 39 -91.29 -62.07 -26.43
CA ASN YA 39 -90.84 -60.90 -25.67
C ASN YA 39 -89.54 -61.17 -24.93
N VAL YA 40 -88.55 -61.68 -25.66
CA VAL YA 40 -87.26 -62.06 -25.10
C VAL YA 40 -86.24 -60.98 -25.44
N PRO YA 41 -85.69 -60.28 -24.46
CA PRO YA 41 -84.68 -59.26 -24.76
C PRO YA 41 -83.36 -59.86 -25.21
N ASN YA 42 -82.70 -59.11 -26.10
CA ASN YA 42 -81.43 -59.55 -26.65
C ASN YA 42 -80.37 -59.68 -25.57
N LEU YA 43 -80.39 -58.82 -24.56
CA LEU YA 43 -79.45 -58.96 -23.45
C LEU YA 43 -79.63 -60.28 -22.74
N HIS YA 44 -80.89 -60.67 -22.49
CA HIS YA 44 -81.16 -61.92 -21.81
C HIS YA 44 -80.68 -63.11 -22.65
N VAL YA 45 -80.94 -63.09 -23.97
CA VAL YA 45 -80.52 -64.23 -24.77
C VAL YA 45 -78.99 -64.27 -24.88
N MET YA 46 -78.34 -63.11 -24.98
CA MET YA 46 -76.88 -63.07 -25.03
C MET YA 46 -76.27 -63.64 -23.76
N LYS YA 47 -76.80 -63.25 -22.59
CA LYS YA 47 -76.20 -63.77 -21.37
C LYS YA 47 -76.55 -65.23 -21.12
N ALA YA 48 -77.72 -65.69 -21.55
CA ALA YA 48 -78.03 -67.10 -21.45
C ALA YA 48 -77.06 -67.93 -22.29
N MET YA 49 -76.80 -67.49 -23.53
CA MET YA 49 -75.86 -68.22 -24.36
C MET YA 49 -74.43 -68.09 -23.82
N GLN YA 50 -74.12 -66.97 -23.18
CA GLN YA 50 -72.80 -66.82 -22.57
C GLN YA 50 -72.62 -67.79 -21.41
N SER YA 51 -73.67 -67.98 -20.60
CA SER YA 51 -73.60 -68.95 -19.52
C SER YA 51 -73.46 -70.37 -20.07
N LEU YA 52 -74.18 -70.67 -21.16
CA LEU YA 52 -74.03 -71.97 -21.79
C LEU YA 52 -72.61 -72.18 -22.32
N LYS YA 53 -72.01 -71.12 -22.89
CA LYS YA 53 -70.62 -71.20 -23.32
C LYS YA 53 -69.69 -71.48 -22.16
N SER YA 54 -69.89 -70.78 -21.04
CA SER YA 54 -69.03 -70.96 -19.88
C SER YA 54 -69.13 -72.38 -19.34
N ARG YA 55 -70.33 -72.93 -19.33
CA ARG YA 55 -70.48 -74.33 -18.94
C ARG YA 55 -70.09 -75.31 -20.04
N GLY YA 56 -69.80 -74.81 -21.25
CA GLY YA 56 -69.19 -75.63 -22.27
C GLY YA 56 -70.12 -76.34 -23.22
N TYR YA 57 -71.42 -76.06 -23.18
CA TYR YA 57 -72.38 -76.73 -24.03
C TYR YA 57 -72.54 -76.07 -25.39
N VAL YA 58 -71.96 -74.89 -25.61
CA VAL YA 58 -72.07 -74.19 -26.87
C VAL YA 58 -70.74 -73.48 -27.14
N LYS YA 59 -70.33 -73.45 -28.40
CA LYS YA 59 -69.10 -72.77 -28.81
C LYS YA 59 -69.45 -71.52 -29.60
N GLU YA 60 -68.69 -70.47 -29.37
CA GLU YA 60 -69.06 -69.12 -29.79
C GLU YA 60 -68.08 -68.64 -30.87
N GLN YA 61 -68.64 -68.03 -31.92
CA GLN YA 61 -67.86 -67.43 -32.98
C GLN YA 61 -68.36 -66.01 -33.19
N PHE YA 62 -67.42 -65.06 -33.33
CA PHE YA 62 -67.75 -63.63 -33.36
C PHE YA 62 -67.23 -63.01 -34.64
N ALA YA 63 -68.13 -62.69 -35.55
CA ALA YA 63 -67.84 -61.82 -36.70
C ALA YA 63 -68.06 -60.37 -36.27
N TRP YA 64 -68.22 -59.47 -37.24
CA TRP YA 64 -68.25 -58.03 -37.02
C TRP YA 64 -69.07 -57.61 -35.80
N ARG YA 65 -70.38 -57.85 -35.84
CA ARG YA 65 -71.26 -57.50 -34.72
C ARG YA 65 -72.27 -58.60 -34.46
N HIS YA 66 -71.82 -59.85 -34.45
CA HIS YA 66 -72.74 -60.98 -34.31
C HIS YA 66 -72.06 -62.13 -33.59
N PHE YA 67 -72.85 -62.86 -32.82
CA PHE YA 67 -72.46 -64.15 -32.26
C PHE YA 67 -73.14 -65.25 -33.06
N TYR YA 68 -72.42 -66.35 -33.27
CA TYR YA 68 -72.84 -67.43 -34.16
C TYR YA 68 -72.79 -68.77 -33.42
N TRP YA 69 -73.47 -68.83 -32.27
CA TRP YA 69 -73.31 -69.95 -31.35
C TRP YA 69 -73.67 -71.29 -32.00
N TYR YA 70 -72.78 -72.27 -31.81
CA TYR YA 70 -72.93 -73.63 -32.30
C TYR YA 70 -73.09 -74.56 -31.10
N LEU YA 71 -74.23 -75.23 -31.03
CA LEU YA 71 -74.47 -76.18 -29.95
C LEU YA 71 -73.58 -77.40 -30.12
N THR YA 72 -73.16 -77.97 -28.99
CA THR YA 72 -72.18 -79.06 -28.97
C THR YA 72 -72.83 -80.37 -28.52
N ASN YA 73 -72.07 -81.45 -28.70
CA ASN YA 73 -72.53 -82.77 -28.25
C ASN YA 73 -72.69 -82.80 -26.74
N GLU YA 74 -71.85 -82.07 -26.01
CA GLU YA 74 -72.07 -81.90 -24.58
C GLU YA 74 -73.34 -81.11 -24.30
N GLY YA 75 -73.81 -80.33 -25.26
CA GLY YA 75 -75.04 -79.59 -25.10
C GLY YA 75 -76.27 -80.40 -25.45
N ILE YA 76 -76.08 -81.45 -26.26
CA ILE YA 76 -77.19 -82.33 -26.66
C ILE YA 76 -77.91 -82.85 -25.43
N GLN YA 77 -77.20 -83.62 -24.59
CA GLN YA 77 -77.86 -84.28 -23.48
C GLN YA 77 -78.30 -83.28 -22.41
N TYR YA 78 -77.60 -82.15 -22.27
CA TYR YA 78 -78.00 -81.17 -21.28
C TYR YA 78 -79.31 -80.51 -21.68
N LEU YA 79 -79.44 -80.15 -22.96
CA LEU YA 79 -80.74 -79.67 -23.43
C LEU YA 79 -81.81 -80.74 -23.32
N ARG YA 80 -81.46 -82.00 -23.61
CA ARG YA 80 -82.43 -83.08 -23.54
C ARG YA 80 -83.01 -83.24 -22.14
N ASP YA 81 -82.14 -83.33 -21.13
CA ASP YA 81 -82.66 -83.55 -19.79
C ASP YA 81 -83.07 -82.26 -19.08
N TYR YA 82 -82.74 -81.10 -19.64
CA TYR YA 82 -83.32 -79.86 -19.13
C TYR YA 82 -84.73 -79.66 -19.65
N LEU YA 83 -84.98 -80.05 -20.90
CA LEU YA 83 -86.31 -79.94 -21.49
C LEU YA 83 -87.14 -81.20 -21.31
N HIS YA 84 -86.58 -82.23 -20.67
CA HIS YA 84 -87.26 -83.49 -20.40
C HIS YA 84 -87.76 -84.14 -21.69
N LEU YA 85 -86.79 -84.49 -22.53
CA LEU YA 85 -87.08 -85.06 -23.83
C LEU YA 85 -86.33 -86.38 -23.99
N PRO YA 86 -86.99 -87.44 -24.46
CA PRO YA 86 -86.27 -88.70 -24.68
C PRO YA 86 -85.27 -88.56 -25.81
N PRO YA 87 -84.20 -89.34 -25.81
CA PRO YA 87 -83.17 -89.20 -26.85
C PRO YA 87 -83.63 -89.72 -28.20
N GLU YA 88 -84.70 -89.15 -28.73
CA GLU YA 88 -85.19 -89.53 -30.06
C GLU YA 88 -85.36 -88.34 -30.98
N ILE YA 89 -85.76 -87.19 -30.45
CA ILE YA 89 -85.83 -85.96 -31.23
C ILE YA 89 -84.45 -85.31 -31.25
N VAL YA 90 -83.98 -84.97 -32.44
CA VAL YA 90 -82.62 -84.46 -32.62
C VAL YA 90 -82.72 -83.06 -33.19
N PRO YA 91 -81.68 -82.24 -33.01
CA PRO YA 91 -81.63 -80.95 -33.70
C PRO YA 91 -81.58 -81.13 -35.21
N ALA YA 92 -81.86 -80.02 -35.92
CA ALA YA 92 -81.97 -80.08 -37.37
C ALA YA 92 -80.64 -80.47 -38.02
N THR YA 93 -79.54 -79.95 -37.50
CA THR YA 93 -78.23 -80.24 -38.09
C THR YA 93 -77.80 -81.69 -37.90
N LEU YA 94 -78.39 -82.40 -36.93
CA LEU YA 94 -77.96 -83.76 -36.65
C LEU YA 94 -78.46 -84.74 -37.71
N ARG YA 95 -79.78 -84.88 -37.84
CA ARG YA 95 -80.37 -85.84 -38.75
C ARG YA 95 -81.32 -85.13 -39.71
N ARG YA 96 -81.18 -85.41 -41.00
CA ARG YA 96 -82.10 -84.93 -42.02
C ARG YA 96 -82.54 -86.13 -42.86
N SER YA 97 -83.86 -86.38 -42.88
CA SER YA 97 -84.48 -87.41 -43.70
C SER YA 97 -84.01 -88.83 -43.35
N ARG YA 98 -83.17 -88.96 -42.33
CA ARG YA 98 -82.60 -90.26 -41.97
C ARG YA 98 -82.77 -90.53 -40.49
N VAL ZA 1 -100.70 -99.31 -0.41
CA VAL ZA 1 -100.38 -97.89 -0.43
C VAL ZA 1 -99.27 -97.65 -1.44
N MET ZA 2 -98.60 -98.73 -1.85
CA MET ZA 2 -97.50 -98.59 -2.80
C MET ZA 2 -97.99 -98.18 -4.18
N ASP ZA 3 -99.15 -98.69 -4.60
CA ASP ZA 3 -99.69 -98.33 -5.91
C ASP ZA 3 -100.01 -96.83 -5.97
N VAL ZA 4 -100.78 -96.34 -5.01
CA VAL ZA 4 -101.10 -94.91 -4.99
C VAL ZA 4 -99.85 -94.08 -4.74
N ASN ZA 5 -98.87 -94.64 -4.03
CA ASN ZA 5 -97.61 -93.93 -3.80
C ASN ZA 5 -96.88 -93.69 -5.11
N THR ZA 6 -96.69 -94.75 -5.90
CA THR ZA 6 -96.09 -94.59 -7.22
C THR ZA 6 -96.95 -93.71 -8.12
N ALA ZA 7 -98.27 -93.76 -7.93
CA ALA ZA 7 -99.17 -92.93 -8.73
C ALA ZA 7 -98.91 -91.45 -8.50
N LEU ZA 8 -98.90 -91.00 -7.24
CA LEU ZA 8 -98.63 -89.57 -7.07
C LEU ZA 8 -97.16 -89.25 -7.29
N GLN ZA 9 -96.27 -90.25 -7.18
CA GLN ZA 9 -94.88 -90.02 -7.53
C GLN ZA 9 -94.72 -89.65 -9.00
N GLU ZA 10 -95.35 -90.43 -9.88
CA GLU ZA 10 -95.29 -90.09 -11.30
C GLU ZA 10 -96.12 -88.85 -11.61
N VAL ZA 11 -97.18 -88.58 -10.85
CA VAL ZA 11 -97.95 -87.35 -11.03
C VAL ZA 11 -97.07 -86.14 -10.74
N LEU ZA 12 -96.35 -86.17 -9.61
CA LEU ZA 12 -95.49 -85.05 -9.28
C LEU ZA 12 -94.27 -84.99 -10.20
N LYS ZA 13 -93.85 -86.12 -10.76
CA LYS ZA 13 -92.82 -86.08 -11.79
C LYS ZA 13 -93.30 -85.34 -13.02
N THR ZA 14 -94.52 -85.64 -13.47
CA THR ZA 14 -95.11 -84.92 -14.60
C THR ZA 14 -95.30 -83.44 -14.26
N ALA ZA 15 -95.62 -83.15 -12.99
CA ALA ZA 15 -95.70 -81.76 -12.55
C ALA ZA 15 -94.35 -81.08 -12.60
N LEU ZA 16 -93.28 -81.81 -12.32
CA LEU ZA 16 -91.93 -81.28 -12.49
C LEU ZA 16 -91.64 -80.99 -13.96
N ILE ZA 17 -92.08 -81.88 -14.84
CA ILE ZA 17 -91.88 -81.66 -16.28
C ILE ZA 17 -92.61 -80.38 -16.72
N HIS ZA 18 -93.85 -80.22 -16.28
CA HIS ZA 18 -94.65 -79.07 -16.64
C HIS ZA 18 -94.51 -78.00 -15.56
N ASP ZA 19 -95.39 -77.00 -15.57
CA ASP ZA 19 -95.29 -75.86 -14.64
C ASP ZA 19 -96.41 -75.82 -13.62
N GLY ZA 20 -97.30 -76.81 -13.60
CA GLY ZA 20 -98.39 -76.82 -12.64
C GLY ZA 20 -98.00 -77.44 -11.31
N LEU ZA 21 -97.06 -76.81 -10.60
CA LEU ZA 21 -96.49 -77.38 -9.39
C LEU ZA 21 -96.74 -76.53 -8.16
N ALA ZA 22 -96.35 -75.25 -8.20
CA ALA ZA 22 -96.64 -74.27 -7.14
C ALA ZA 22 -96.10 -74.74 -5.78
N ARG ZA 23 -94.77 -74.86 -5.73
CA ARG ZA 23 -94.08 -75.23 -4.50
C ARG ZA 23 -94.13 -74.06 -3.53
N GLY ZA 24 -95.02 -74.14 -2.56
CA GLY ZA 24 -95.18 -73.10 -1.56
C GLY ZA 24 -96.63 -72.84 -1.25
N ILE ZA 25 -96.91 -72.47 0.01
CA ILE ZA 25 -98.29 -72.24 0.43
C ILE ZA 25 -98.89 -71.03 -0.25
N ARG ZA 26 -98.08 -70.01 -0.58
CA ARG ZA 26 -98.64 -68.82 -1.22
C ARG ZA 26 -99.20 -69.14 -2.60
N GLU ZA 27 -98.39 -69.79 -3.44
CA GLU ZA 27 -98.87 -70.20 -4.76
C GLU ZA 27 -99.96 -71.26 -4.65
N ALA ZA 28 -99.85 -72.14 -3.65
CA ALA ZA 28 -100.89 -73.15 -3.43
C ALA ZA 28 -102.23 -72.49 -3.13
N ALA ZA 29 -102.23 -71.50 -2.24
CA ALA ZA 29 -103.46 -70.79 -1.89
C ALA ZA 29 -103.99 -69.97 -3.05
N LYS ZA 30 -103.10 -69.42 -3.88
CA LYS ZA 30 -103.54 -68.74 -5.09
C LYS ZA 30 -104.26 -69.71 -6.01
N ALA ZA 31 -103.68 -70.88 -6.25
CA ALA ZA 31 -104.34 -71.90 -7.06
C ALA ZA 31 -105.64 -72.38 -6.41
N LEU ZA 32 -105.71 -72.33 -5.08
CA LEU ZA 32 -106.91 -72.75 -4.38
C LEU ZA 32 -108.05 -71.76 -4.61
N ASP ZA 33 -107.85 -70.49 -4.25
CA ASP ZA 33 -108.95 -69.53 -4.34
C ASP ZA 33 -109.19 -69.06 -5.77
N LYS ZA 34 -108.32 -69.44 -6.71
CA LYS ZA 34 -108.68 -69.31 -8.11
C LYS ZA 34 -109.47 -70.50 -8.64
N ARG ZA 35 -109.72 -71.50 -7.79
CA ARG ZA 35 -110.30 -72.79 -8.17
C ARG ZA 35 -109.47 -73.49 -9.24
N GLN ZA 36 -108.20 -73.10 -9.39
CA GLN ZA 36 -107.28 -73.73 -10.33
C GLN ZA 36 -106.39 -74.73 -9.60
N ALA ZA 37 -107.03 -75.77 -9.04
CA ALA ZA 37 -106.30 -76.77 -8.28
C ALA ZA 37 -107.03 -78.09 -8.39
N HIS ZA 38 -106.27 -79.18 -8.29
CA HIS ZA 38 -106.86 -80.51 -8.41
C HIS ZA 38 -106.47 -81.40 -7.24
N LEU ZA 39 -105.25 -81.22 -6.72
CA LEU ZA 39 -104.76 -82.02 -5.60
C LEU ZA 39 -104.08 -81.10 -4.60
N CYS ZA 40 -104.00 -81.57 -3.36
CA CYS ZA 40 -103.22 -80.90 -2.32
C CYS ZA 40 -102.59 -81.96 -1.44
N VAL ZA 41 -101.26 -82.04 -1.44
CA VAL ZA 41 -100.54 -82.95 -0.57
C VAL ZA 41 -99.81 -82.13 0.48
N LEU ZA 42 -100.01 -82.51 1.74
CA LEU ZA 42 -99.49 -81.84 2.93
C LEU ZA 42 -98.62 -82.80 3.72
N ALA ZA 43 -97.57 -82.27 4.34
CA ALA ZA 43 -96.70 -83.09 5.19
C ALA ZA 43 -97.36 -83.27 6.55
N SER ZA 44 -97.59 -84.53 6.93
CA SER ZA 44 -98.16 -84.84 8.23
C SER ZA 44 -97.19 -84.55 9.37
N ASN ZA 45 -95.92 -84.32 9.08
CA ASN ZA 45 -94.91 -84.01 10.08
C ASN ZA 45 -94.54 -82.52 9.92
N CYS ZA 46 -95.32 -81.66 10.57
CA CYS ZA 46 -95.06 -80.23 10.55
C CYS ZA 46 -95.31 -79.68 11.95
N ASP ZA 47 -94.29 -79.00 12.50
CA ASP ZA 47 -94.36 -78.55 13.88
C ASP ZA 47 -95.24 -77.33 14.07
N GLU ZA 48 -95.34 -76.47 13.07
CA GLU ZA 48 -96.02 -75.20 13.27
C GLU ZA 48 -97.52 -75.45 13.33
N PRO ZA 49 -98.23 -74.95 14.36
CA PRO ZA 49 -99.58 -75.46 14.65
C PRO ZA 49 -100.62 -75.32 13.54
N MET ZA 50 -100.92 -74.10 13.13
CA MET ZA 50 -101.99 -73.88 12.15
C MET ZA 50 -101.49 -73.92 10.71
N TYR ZA 51 -100.21 -74.24 10.51
CA TYR ZA 51 -99.71 -74.47 9.16
C TYR ZA 51 -100.44 -75.62 8.50
N VAL ZA 52 -100.64 -76.72 9.24
CA VAL ZA 52 -101.39 -77.86 8.73
C VAL ZA 52 -102.88 -77.68 8.85
N LYS ZA 53 -103.34 -76.52 9.30
CA LYS ZA 53 -104.76 -76.26 9.49
C LYS ZA 53 -105.35 -75.29 8.49
N LEU ZA 54 -104.63 -74.22 8.15
CA LEU ZA 54 -105.14 -73.27 7.15
C LEU ZA 54 -105.33 -73.95 5.80
N VAL ZA 55 -104.36 -74.75 5.37
CA VAL ZA 55 -104.43 -75.35 4.04
C VAL ZA 55 -105.54 -76.38 3.97
N GLU ZA 56 -105.73 -77.18 5.04
CA GLU ZA 56 -106.81 -78.15 5.02
C GLU ZA 56 -108.17 -77.47 5.13
N ALA ZA 57 -108.26 -76.35 5.86
CA ALA ZA 57 -109.51 -75.59 5.90
C ALA ZA 57 -109.86 -75.06 4.51
N LEU ZA 58 -108.88 -74.50 3.81
CA LEU ZA 58 -109.12 -73.99 2.46
C LEU ZA 58 -109.52 -75.12 1.51
N CYS ZA 59 -108.83 -76.26 1.60
CA CYS ZA 59 -109.09 -77.37 0.70
C CYS ZA 59 -110.41 -78.06 1.02
N ALA ZA 60 -110.89 -77.97 2.26
CA ALA ZA 60 -112.22 -78.46 2.59
C ALA ZA 60 -113.30 -77.49 2.12
N GLU ZA 61 -113.03 -76.18 2.21
CA GLU ZA 61 -113.97 -75.19 1.69
C GLU ZA 61 -114.12 -75.33 0.18
N HIS ZA 62 -113.04 -75.60 -0.52
CA HIS ZA 62 -113.11 -75.96 -1.92
C HIS ZA 62 -113.36 -77.46 -2.05
N GLN ZA 63 -113.44 -77.95 -3.28
CA GLN ZA 63 -113.66 -79.37 -3.55
C GLN ZA 63 -112.40 -79.91 -4.23
N ILE ZA 64 -111.41 -80.27 -3.43
CA ILE ZA 64 -110.09 -80.67 -3.91
C ILE ZA 64 -109.57 -81.79 -3.01
N ASN ZA 65 -108.89 -82.77 -3.62
CA ASN ZA 65 -108.35 -83.89 -2.86
C ASN ZA 65 -107.29 -83.44 -1.88
N LEU ZA 66 -107.29 -84.07 -0.70
CA LEU ZA 66 -106.28 -83.85 0.34
C LEU ZA 66 -105.57 -85.16 0.62
N ILE ZA 67 -104.25 -85.16 0.47
CA ILE ZA 67 -103.42 -86.33 0.74
C ILE ZA 67 -102.30 -85.90 1.68
N LYS ZA 68 -101.88 -86.80 2.56
CA LYS ZA 68 -100.83 -86.54 3.52
C LYS ZA 68 -99.61 -87.41 3.23
N VAL ZA 69 -98.43 -86.79 3.32
CA VAL ZA 69 -97.16 -87.47 3.09
C VAL ZA 69 -96.41 -87.55 4.42
N ASP ZA 70 -95.60 -88.60 4.57
CA ASP ZA 70 -95.00 -88.90 5.86
C ASP ZA 70 -94.05 -87.80 6.33
N ASP ZA 71 -93.21 -87.28 5.44
CA ASP ZA 71 -92.18 -86.34 5.85
C ASP ZA 71 -92.05 -85.19 4.86
N ASN ZA 72 -91.86 -83.99 5.40
CA ASN ZA 72 -91.70 -82.81 4.56
C ASN ZA 72 -90.40 -82.85 3.75
N LYS ZA 73 -89.30 -83.29 4.36
CA LYS ZA 73 -88.05 -83.39 3.63
C LYS ZA 73 -88.12 -84.49 2.58
N LYS ZA 74 -88.82 -85.58 2.87
CA LYS ZA 74 -89.04 -86.61 1.87
C LYS ZA 74 -89.86 -86.08 0.71
N LEU ZA 75 -90.90 -85.29 1.01
CA LEU ZA 75 -91.70 -84.68 -0.06
C LEU ZA 75 -90.87 -83.70 -0.88
N GLY ZA 76 -89.96 -82.96 -0.22
CA GLY ZA 76 -89.08 -82.06 -0.95
C GLY ZA 76 -88.12 -82.79 -1.87
N GLU ZA 77 -87.55 -83.90 -1.39
CA GLU ZA 77 -86.69 -84.71 -2.24
C GLU ZA 77 -87.48 -85.29 -3.41
N TRP ZA 78 -88.74 -85.67 -3.17
CA TRP ZA 78 -89.58 -86.21 -4.22
C TRP ZA 78 -89.87 -85.14 -5.29
N VAL ZA 79 -90.28 -83.94 -4.85
CA VAL ZA 79 -90.59 -82.86 -5.77
C VAL ZA 79 -89.32 -82.23 -6.34
N GLY ZA 80 -88.15 -82.67 -5.91
CA GLY ZA 80 -86.91 -82.20 -6.50
C GLY ZA 80 -86.53 -80.79 -6.12
N LEU ZA 81 -86.75 -80.41 -4.87
CA LEU ZA 81 -86.28 -79.12 -4.37
C LEU ZA 81 -84.85 -79.22 -3.84
N CYS ZA 82 -83.96 -79.74 -4.67
CA CYS ZA 82 -82.60 -80.04 -4.26
C CYS ZA 82 -81.68 -79.92 -5.47
N LYS ZA 83 -80.44 -80.40 -5.33
CA LYS ZA 83 -79.47 -80.34 -6.40
C LYS ZA 83 -79.77 -81.31 -7.53
N ILE ZA 84 -80.57 -82.35 -7.26
CA ILE ZA 84 -80.83 -83.45 -8.18
C ILE ZA 84 -79.49 -84.02 -8.62
N ASP ZA 85 -78.79 -84.67 -7.69
CA ASP ZA 85 -77.49 -85.27 -7.94
C ASP ZA 85 -77.44 -86.66 -7.32
N ARG ZA 86 -78.47 -87.46 -7.59
CA ARG ZA 86 -78.64 -88.75 -6.91
C ARG ZA 86 -77.49 -89.70 -7.16
N GLU ZA 87 -76.78 -89.53 -8.27
CA GLU ZA 87 -75.65 -90.41 -8.57
C GLU ZA 87 -74.44 -90.10 -7.70
N GLY ZA 88 -74.27 -88.84 -7.29
CA GLY ZA 88 -73.09 -88.47 -6.54
C GLY ZA 88 -73.33 -87.81 -5.20
N LYS ZA 89 -74.49 -87.19 -5.02
CA LYS ZA 89 -74.74 -86.40 -3.83
C LYS ZA 89 -76.07 -86.78 -3.19
N PRO ZA 90 -76.19 -86.65 -1.87
CA PRO ZA 90 -77.51 -86.75 -1.24
C PRO ZA 90 -78.48 -85.66 -1.68
N ARG ZA 91 -77.98 -84.56 -2.27
CA ARG ZA 91 -78.80 -83.45 -2.75
C ARG ZA 91 -79.62 -82.86 -1.60
N LYS ZA 92 -78.89 -82.20 -0.70
CA LYS ZA 92 -79.47 -81.48 0.44
C LYS ZA 92 -80.68 -80.67 0.01
N VAL ZA 93 -81.78 -80.85 0.74
CA VAL ZA 93 -83.10 -80.41 0.29
C VAL ZA 93 -83.70 -79.46 1.31
N VAL ZA 94 -84.55 -78.56 0.83
CA VAL ZA 94 -85.34 -77.70 1.70
C VAL ZA 94 -86.60 -78.45 2.10
N GLY ZA 95 -87.29 -77.91 3.11
CA GLY ZA 95 -88.51 -78.54 3.59
C GLY ZA 95 -89.73 -78.13 2.80
N CYS ZA 96 -90.17 -79.00 1.88
CA CYS ZA 96 -91.38 -78.76 1.11
C CYS ZA 96 -92.51 -79.57 1.71
N SER ZA 97 -93.53 -78.88 2.20
CA SER ZA 97 -94.63 -79.52 2.94
C SER ZA 97 -95.98 -79.29 2.29
N CYS ZA 98 -96.01 -78.87 1.03
CA CYS ZA 98 -97.27 -78.57 0.35
C CYS ZA 98 -97.04 -78.57 -1.14
N VAL ZA 99 -97.78 -79.41 -1.87
CA VAL ZA 99 -97.72 -79.43 -3.33
C VAL ZA 99 -99.14 -79.51 -3.88
N VAL ZA 100 -99.42 -78.70 -4.89
CA VAL ZA 100 -100.73 -78.67 -5.55
C VAL ZA 100 -100.53 -78.94 -7.03
N VAL ZA 101 -101.29 -79.89 -7.57
CA VAL ZA 101 -101.12 -80.38 -8.93
C VAL ZA 101 -102.11 -79.69 -9.85
N LYS ZA 102 -101.62 -79.18 -10.98
CA LYS ZA 102 -102.46 -78.48 -11.96
C LYS ZA 102 -102.29 -79.03 -13.36
N ASP ZA 103 -101.08 -79.53 -13.67
CA ASP ZA 103 -100.68 -79.71 -15.06
C ASP ZA 103 -101.52 -80.75 -15.77
N TYR ZA 104 -101.59 -81.96 -15.22
CA TYR ZA 104 -102.21 -83.12 -15.89
C TYR ZA 104 -101.65 -83.29 -17.31
N GLY ZA 105 -100.33 -83.16 -17.44
CA GLY ZA 105 -99.72 -83.25 -18.76
C GLY ZA 105 -99.87 -84.63 -19.37
N LYS ZA 106 -99.60 -85.66 -18.59
CA LYS ZA 106 -99.76 -87.04 -19.04
C LYS ZA 106 -100.32 -87.86 -17.89
N GLU ZA 107 -101.37 -88.63 -18.16
CA GLU ZA 107 -102.07 -89.40 -17.15
C GLU ZA 107 -101.88 -90.88 -17.45
N SER ZA 108 -100.77 -91.44 -16.97
CA SER ZA 108 -100.52 -92.87 -17.07
C SER ZA 108 -100.86 -93.62 -15.80
N GLN ZA 109 -100.64 -93.01 -14.63
CA GLN ZA 109 -101.02 -93.59 -13.37
C GLN ZA 109 -101.84 -92.64 -12.51
N ALA ZA 110 -102.18 -91.45 -13.04
CA ALA ZA 110 -103.08 -90.55 -12.33
C ALA ZA 110 -104.47 -91.12 -12.18
N LYS ZA 111 -104.84 -92.11 -13.00
CA LYS ZA 111 -106.09 -92.82 -12.81
C LYS ZA 111 -106.12 -93.54 -11.46
N ASP ZA 112 -104.96 -94.01 -10.98
CA ASP ZA 112 -104.90 -94.62 -9.67
C ASP ZA 112 -105.15 -93.58 -8.57
N VAL ZA 113 -104.60 -92.37 -8.74
CA VAL ZA 113 -104.90 -91.30 -7.79
C VAL ZA 113 -106.38 -90.96 -7.81
N ILE ZA 114 -106.98 -90.94 -9.00
CA ILE ZA 114 -108.41 -90.69 -9.12
C ILE ZA 114 -109.21 -91.76 -8.40
N GLU ZA 115 -108.81 -93.02 -8.56
CA GLU ZA 115 -109.50 -94.13 -7.89
C GLU ZA 115 -109.35 -94.02 -6.36
N GLU ZA 116 -108.16 -93.64 -5.89
CA GLU ZA 116 -107.97 -93.46 -4.45
C GLU ZA 116 -108.83 -92.32 -3.92
N TYR ZA 117 -108.94 -91.24 -4.69
CA TYR ZA 117 -109.80 -90.13 -4.31
C TYR ZA 117 -111.26 -90.57 -4.26
N PHE ZA 118 -111.68 -91.39 -5.24
CA PHE ZA 118 -113.04 -91.91 -5.23
C PHE ZA 118 -113.29 -92.79 -4.01
N LYS ZA 119 -112.32 -93.65 -3.67
CA LYS ZA 119 -112.46 -94.49 -2.49
C LYS ZA 119 -112.53 -93.65 -1.22
N CYS ZA 120 -111.74 -92.58 -1.14
CA CYS ZA 120 -111.78 -91.70 0.01
C CYS ZA 120 -113.12 -90.99 0.12
N LYS ZA 121 -113.68 -90.54 -1.02
CA LYS ZA 121 -114.95 -89.82 -1.00
C LYS ZA 121 -116.16 -90.73 -0.87
N LYS ZA 122 -116.01 -92.04 -1.08
CA LYS ZA 122 -117.10 -92.98 -0.81
C LYS ZA 122 -117.11 -93.36 0.66
N THR AB 1 -94.83 -4.72 -16.69
CA THR AB 1 -95.39 -4.69 -18.03
C THR AB 1 -94.51 -5.46 -19.01
N TYR AB 2 -94.99 -6.61 -19.47
CA TYR AB 2 -94.22 -7.44 -20.38
C TYR AB 2 -94.37 -6.96 -21.83
N ARG AB 3 -95.60 -6.96 -22.34
CA ARG AB 3 -95.85 -6.52 -23.70
C ARG AB 3 -96.94 -5.47 -23.72
N GLY AB 4 -97.02 -4.67 -22.67
CA GLY AB 4 -98.09 -3.73 -22.46
C GLY AB 4 -99.14 -4.21 -21.49
N VAL AB 5 -99.18 -5.50 -21.20
CA VAL AB 5 -100.10 -6.05 -20.21
C VAL AB 5 -99.37 -6.13 -18.88
N ASP AB 6 -100.14 -6.08 -17.80
CA ASP AB 6 -99.58 -6.14 -16.47
C ASP AB 6 -99.44 -7.57 -15.98
N LEU AB 7 -98.71 -7.73 -14.88
CA LEU AB 7 -98.53 -9.04 -14.29
C LEU AB 7 -99.85 -9.62 -13.80
N ASP AB 8 -100.80 -8.76 -13.43
CA ASP AB 8 -102.09 -9.24 -12.96
C ASP AB 8 -102.84 -9.98 -14.06
N GLN AB 9 -102.76 -9.48 -15.30
CA GLN AB 9 -103.28 -10.24 -16.43
C GLN AB 9 -102.35 -11.38 -16.82
N LEU AB 10 -101.06 -11.24 -16.56
CA LEU AB 10 -100.12 -12.29 -16.94
C LEU AB 10 -100.35 -13.59 -16.15
N LEU AB 11 -100.74 -13.48 -14.88
CA LEU AB 11 -101.03 -14.69 -14.10
C LEU AB 11 -102.14 -15.52 -14.72
N ASP AB 12 -103.27 -14.89 -15.04
CA ASP AB 12 -104.38 -15.62 -15.65
C ASP AB 12 -104.33 -15.60 -17.17
N MET AB 13 -103.17 -15.26 -17.73
CA MET AB 13 -102.97 -15.26 -19.17
C MET AB 13 -102.64 -16.69 -19.60
N SER AB 14 -103.55 -17.34 -20.30
CA SER AB 14 -103.38 -18.75 -20.64
C SER AB 14 -102.34 -18.93 -21.74
N TYR AB 15 -101.87 -20.18 -21.87
CA TYR AB 15 -100.73 -20.49 -22.73
C TYR AB 15 -100.99 -20.14 -24.18
N GLU AB 16 -102.17 -20.50 -24.69
CA GLU AB 16 -102.44 -20.42 -26.12
C GLU AB 16 -102.36 -18.99 -26.62
N GLN AB 17 -102.89 -18.04 -25.85
CA GLN AB 17 -102.79 -16.64 -26.20
C GLN AB 17 -101.56 -15.96 -25.61
N LEU AB 18 -100.81 -16.65 -24.75
CA LEU AB 18 -99.53 -16.15 -24.27
C LEU AB 18 -98.41 -16.39 -25.26
N MET AB 19 -98.55 -17.40 -26.13
CA MET AB 19 -97.54 -17.65 -27.14
C MET AB 19 -97.39 -16.46 -28.08
N GLN AB 20 -98.48 -15.73 -28.34
CA GLN AB 20 -98.38 -14.53 -29.16
C GLN AB 20 -97.62 -13.42 -28.45
N LEU AB 21 -97.76 -13.33 -27.13
CA LEU AB 21 -96.98 -12.34 -26.38
C LEU AB 21 -95.52 -12.71 -26.30
N TYR AB 22 -95.21 -14.00 -26.28
CA TYR AB 22 -93.81 -14.42 -26.27
C TYR AB 22 -93.16 -14.20 -27.63
N SER AB 23 -91.83 -14.30 -27.64
CA SER AB 23 -91.05 -14.18 -28.86
C SER AB 23 -91.18 -15.46 -29.68
N ALA AB 24 -90.44 -15.51 -30.80
CA ALA AB 24 -90.56 -16.64 -31.71
C ALA AB 24 -90.09 -17.94 -31.06
N ARG AB 25 -88.93 -17.90 -30.40
CA ARG AB 25 -88.39 -19.11 -29.77
C ARG AB 25 -89.31 -19.63 -28.68
N GLN AB 26 -89.77 -18.73 -27.81
CA GLN AB 26 -90.64 -19.15 -26.71
C GLN AB 26 -91.99 -19.64 -27.24
N ARG AB 27 -92.51 -18.97 -28.27
CA ARG AB 27 -93.77 -19.40 -28.87
C ARG AB 27 -93.65 -20.79 -29.47
N ARG AB 28 -92.54 -21.06 -30.17
CA ARG AB 28 -92.32 -22.39 -30.72
C ARG AB 28 -92.17 -23.42 -29.61
N ARG AB 29 -91.46 -23.06 -28.54
CA ARG AB 29 -91.26 -23.98 -27.43
C ARG AB 29 -92.59 -24.34 -26.77
N LEU AB 30 -93.47 -23.37 -26.59
CA LEU AB 30 -94.77 -23.66 -25.98
C LEU AB 30 -95.72 -24.34 -26.95
N ASN AB 31 -95.63 -24.04 -28.25
CA ASN AB 31 -96.42 -24.74 -29.24
C ASN AB 31 -96.08 -26.21 -29.26
N ARG AB 32 -94.79 -26.53 -29.19
CA ARG AB 32 -94.39 -27.89 -28.89
C ARG AB 32 -94.76 -28.23 -27.45
N GLY AB 33 -95.11 -29.48 -27.21
CA GLY AB 33 -95.62 -29.88 -25.91
C GLY AB 33 -94.56 -29.76 -24.83
N LEU AB 34 -94.89 -29.05 -23.76
CA LEU AB 34 -94.05 -29.08 -22.57
C LEU AB 34 -94.08 -30.48 -21.95
N ARG AB 35 -92.93 -30.93 -21.48
CA ARG AB 35 -92.81 -32.31 -21.05
C ARG AB 35 -93.14 -32.45 -19.56
N ARG AB 36 -93.20 -33.72 -19.13
CA ARG AB 36 -93.62 -34.05 -17.78
C ARG AB 36 -92.64 -33.52 -16.75
N LYS AB 37 -91.36 -33.37 -17.11
CA LYS AB 37 -90.39 -32.81 -16.17
C LYS AB 37 -90.67 -31.35 -15.89
N GLN AB 38 -90.94 -30.57 -16.93
CA GLN AB 38 -91.32 -29.17 -16.73
C GLN AB 38 -92.64 -29.07 -15.97
N HIS AB 39 -93.58 -29.97 -16.26
CA HIS AB 39 -94.84 -29.97 -15.53
C HIS AB 39 -94.63 -30.24 -14.05
N SER AB 40 -93.74 -31.19 -13.73
CA SER AB 40 -93.43 -31.50 -12.34
C SER AB 40 -92.73 -30.34 -11.66
N LEU AB 41 -91.86 -29.63 -12.38
CA LEU AB 41 -91.23 -28.44 -11.82
C LEU AB 41 -92.28 -27.38 -11.49
N LEU AB 42 -93.23 -27.16 -12.40
CA LEU AB 42 -94.30 -26.20 -12.13
C LEU AB 42 -95.13 -26.63 -10.93
N LYS AB 43 -95.43 -27.92 -10.82
CA LYS AB 43 -96.17 -28.43 -9.68
C LYS AB 43 -95.43 -28.18 -8.37
N ARG AB 44 -94.11 -28.43 -8.37
CA ARG AB 44 -93.33 -28.22 -7.16
C ARG AB 44 -93.26 -26.75 -6.79
N LEU AB 45 -93.11 -25.87 -7.78
CA LEU AB 45 -93.07 -24.44 -7.49
C LEU AB 45 -94.40 -23.96 -6.94
N ARG AB 46 -95.51 -24.46 -7.48
CA ARG AB 46 -96.83 -24.12 -6.94
C ARG AB 46 -96.97 -24.63 -5.51
N LYS AB 47 -96.53 -25.85 -5.25
CA LYS AB 47 -96.60 -26.39 -3.89
C LYS AB 47 -95.82 -25.54 -2.91
N ALA AB 48 -94.60 -25.15 -3.29
CA ALA AB 48 -93.78 -24.31 -2.42
C ALA AB 48 -94.42 -22.94 -2.19
N LYS AB 49 -94.98 -22.35 -3.25
CA LYS AB 49 -95.57 -21.03 -3.11
C LYS AB 49 -96.81 -21.07 -2.23
N LYS AB 50 -97.65 -22.09 -2.38
CA LYS AB 50 -98.83 -22.20 -1.53
C LYS AB 50 -98.47 -22.51 -0.09
N GLU AB 51 -97.46 -23.34 0.15
CA GLU AB 51 -97.10 -23.66 1.51
C GLU AB 51 -96.16 -22.62 2.13
N ALA AB 52 -95.76 -21.61 1.37
CA ALA AB 52 -94.92 -20.56 1.92
C ALA AB 52 -95.69 -19.73 2.95
N PRO AB 53 -95.04 -19.30 4.02
CA PRO AB 53 -95.69 -18.40 4.98
C PRO AB 53 -95.97 -17.06 4.35
N PRO AB 54 -96.96 -16.32 4.86
CA PRO AB 54 -97.24 -14.98 4.31
C PRO AB 54 -96.09 -14.02 4.57
N MET AB 55 -96.04 -12.98 3.73
CA MET AB 55 -95.02 -11.92 3.70
C MET AB 55 -93.59 -12.48 3.78
N GLU AB 56 -93.39 -13.72 3.37
CA GLU AB 56 -92.08 -14.37 3.38
C GLU AB 56 -91.87 -15.09 2.06
N LYS AB 57 -90.64 -15.01 1.55
CA LYS AB 57 -90.29 -15.72 0.33
C LYS AB 57 -90.36 -17.23 0.55
N PRO AB 58 -90.70 -18.00 -0.48
CA PRO AB 58 -90.82 -19.46 -0.31
C PRO AB 58 -89.48 -20.13 -0.06
N GLU AB 59 -89.50 -21.45 0.13
CA GLU AB 59 -88.25 -22.18 0.27
C GLU AB 59 -87.61 -22.39 -1.09
N VAL AB 60 -86.32 -22.69 -1.07
CA VAL AB 60 -85.59 -22.91 -2.32
C VAL AB 60 -85.87 -24.33 -2.82
N VAL AB 61 -86.14 -24.44 -4.12
CA VAL AB 61 -86.33 -25.72 -4.77
C VAL AB 61 -85.33 -25.83 -5.92
N LYS AB 62 -84.63 -26.96 -6.00
CA LYS AB 62 -83.50 -27.09 -6.88
C LYS AB 62 -83.86 -27.88 -8.13
N THR AB 63 -83.07 -27.69 -9.18
CA THR AB 63 -83.26 -28.42 -10.43
C THR AB 63 -81.99 -28.32 -11.27
N HIS AB 64 -81.80 -29.34 -12.12
CA HIS AB 64 -80.80 -29.23 -13.17
C HIS AB 64 -81.34 -28.51 -14.39
N LEU AB 65 -82.59 -28.77 -14.75
CA LEU AB 65 -83.11 -28.32 -16.03
C LEU AB 65 -83.15 -26.80 -16.09
N ARG AB 66 -82.35 -26.24 -16.99
CA ARG AB 66 -82.20 -24.80 -17.15
C ARG AB 66 -82.67 -24.33 -18.51
N ASP AB 67 -83.27 -25.23 -19.30
CA ASP AB 67 -83.99 -24.86 -20.51
C ASP AB 67 -85.44 -24.50 -20.23
N MET AB 68 -85.85 -24.53 -18.96
CA MET AB 68 -87.14 -24.01 -18.57
C MET AB 68 -87.26 -22.54 -18.93
N ILE AB 69 -88.30 -22.21 -19.68
CA ILE AB 69 -88.63 -20.81 -19.91
C ILE AB 69 -89.43 -20.31 -18.73
N ILE AB 70 -89.20 -19.06 -18.34
CA ILE AB 70 -89.83 -18.52 -17.14
C ILE AB 70 -91.24 -18.08 -17.48
N LEU AB 71 -92.15 -18.60 -16.82
CA LEU AB 71 -93.57 -18.31 -16.92
C LEU AB 71 -93.94 -17.17 -15.98
N PRO AB 72 -94.97 -16.39 -16.29
CA PRO AB 72 -95.38 -15.32 -15.39
C PRO AB 72 -95.86 -15.80 -14.04
N GLU AB 73 -96.25 -17.08 -13.93
CA GLU AB 73 -96.74 -17.60 -12.66
C GLU AB 73 -95.62 -18.04 -11.73
N MET AB 74 -94.37 -18.01 -12.18
CA MET AB 74 -93.24 -18.39 -11.34
C MET AB 74 -92.52 -17.18 -10.75
N VAL AB 75 -93.09 -15.99 -10.86
CA VAL AB 75 -92.44 -14.79 -10.34
C VAL AB 75 -92.43 -14.84 -8.82
N GLY AB 76 -91.27 -14.57 -8.23
CA GLY AB 76 -91.12 -14.60 -6.79
C GLY AB 76 -90.68 -15.93 -6.22
N SER AB 77 -90.52 -16.95 -7.05
CA SER AB 77 -90.13 -18.27 -6.56
C SER AB 77 -88.63 -18.31 -6.23
N MET AB 78 -88.27 -19.27 -5.40
CA MET AB 78 -86.88 -19.54 -5.05
C MET AB 78 -86.45 -20.79 -5.80
N VAL AB 79 -85.73 -20.62 -6.90
CA VAL AB 79 -85.26 -21.74 -7.71
C VAL AB 79 -83.74 -21.77 -7.68
N GLY AB 80 -83.19 -22.94 -7.45
CA GLY AB 80 -81.78 -23.19 -7.59
C GLY AB 80 -81.53 -23.90 -8.91
N VAL AB 81 -80.70 -23.30 -9.74
CA VAL AB 81 -80.38 -23.83 -11.05
C VAL AB 81 -78.99 -24.43 -10.99
N TYR AB 82 -78.84 -25.65 -11.52
CA TYR AB 82 -77.53 -26.27 -11.55
C TYR AB 82 -76.67 -25.59 -12.62
N ASN AB 83 -75.48 -25.16 -12.23
CA ASN AB 83 -74.53 -24.58 -13.18
C ASN AB 83 -73.51 -25.58 -13.67
N GLY AB 84 -73.63 -26.85 -13.27
CA GLY AB 84 -72.65 -27.87 -13.56
C GLY AB 84 -71.95 -28.41 -12.33
N LYS AB 85 -71.78 -27.57 -11.32
CA LYS AB 85 -71.15 -28.00 -10.07
C LYS AB 85 -72.07 -27.82 -8.87
N THR AB 86 -72.71 -26.67 -8.73
CA THR AB 86 -73.56 -26.38 -7.58
C THR AB 86 -74.90 -25.84 -8.06
N PHE AB 87 -75.82 -25.66 -7.11
CA PHE AB 87 -77.11 -25.06 -7.36
C PHE AB 87 -77.05 -23.60 -6.94
N ASN AB 88 -77.30 -22.70 -7.87
CA ASN AB 88 -77.30 -21.27 -7.62
C ASN AB 88 -78.75 -20.82 -7.47
N GLN AB 89 -79.09 -20.26 -6.32
CA GLN AB 89 -80.43 -19.74 -6.11
C GLN AB 89 -80.60 -18.41 -6.81
N VAL AB 90 -81.79 -18.16 -7.34
CA VAL AB 90 -82.03 -16.94 -8.10
C VAL AB 90 -83.48 -16.52 -7.94
N GLU AB 91 -83.69 -15.21 -7.82
CA GLU AB 91 -85.01 -14.61 -7.85
C GLU AB 91 -85.58 -14.69 -9.27
N ILE AB 92 -86.90 -14.70 -9.37
CA ILE AB 92 -87.57 -14.50 -10.65
C ILE AB 92 -88.23 -13.13 -10.61
N LYS AB 93 -87.59 -12.16 -11.25
CA LYS AB 93 -88.13 -10.82 -11.37
C LYS AB 93 -89.24 -10.76 -12.41
N PRO AB 94 -90.12 -9.76 -12.33
CA PRO AB 94 -91.14 -9.58 -13.37
C PRO AB 94 -90.58 -9.07 -14.69
N GLU AB 95 -89.26 -9.05 -14.84
CA GLU AB 95 -88.60 -8.72 -16.09
C GLU AB 95 -87.90 -9.93 -16.70
N MET AB 96 -88.13 -11.11 -16.15
CA MET AB 96 -87.36 -12.31 -16.50
C MET AB 96 -88.19 -13.33 -17.26
N ILE AB 97 -89.38 -12.95 -17.74
CA ILE AB 97 -90.31 -13.93 -18.29
C ILE AB 97 -89.79 -14.51 -19.60
N GLY AB 98 -89.34 -13.65 -20.51
CA GLY AB 98 -88.90 -14.15 -21.80
C GLY AB 98 -87.52 -14.77 -21.79
N HIS AB 99 -87.05 -15.19 -20.62
CA HIS AB 99 -85.68 -15.62 -20.44
C HIS AB 99 -85.64 -17.04 -19.87
N TYR AB 100 -84.61 -17.78 -20.24
CA TYR AB 100 -84.39 -19.13 -19.75
C TYR AB 100 -83.80 -19.09 -18.34
N LEU AB 101 -83.95 -20.21 -17.63
CA LEU AB 101 -83.35 -20.32 -16.30
C LEU AB 101 -81.82 -20.38 -16.39
N GLY AB 102 -81.28 -20.89 -17.49
CA GLY AB 102 -79.84 -21.00 -17.62
C GLY AB 102 -79.14 -19.68 -17.78
N GLU AB 103 -79.86 -18.63 -18.15
CA GLU AB 103 -79.25 -17.32 -18.34
C GLU AB 103 -78.86 -16.64 -17.03
N PHE AB 104 -79.28 -17.19 -15.90
CA PHE AB 104 -79.06 -16.56 -14.59
C PHE AB 104 -78.26 -17.44 -13.65
N SER AB 105 -77.74 -18.57 -14.13
CA SER AB 105 -76.80 -19.40 -13.37
C SER AB 105 -75.59 -19.61 -14.28
N ILE AB 106 -74.57 -18.78 -14.10
CA ILE AB 106 -73.42 -18.81 -14.98
C ILE AB 106 -72.64 -20.10 -14.79
N THR AB 107 -72.16 -20.68 -15.88
CA THR AB 107 -71.49 -21.97 -15.86
C THR AB 107 -69.98 -21.85 -15.69
N TYR AB 108 -69.45 -20.64 -15.61
CA TYR AB 108 -68.00 -20.44 -15.52
C TYR AB 108 -67.72 -19.20 -14.69
N LYS AB 109 -66.56 -19.18 -14.06
CA LYS AB 109 -66.35 -17.84 -13.54
C LYS AB 109 -65.55 -17.00 -14.53
N PRO AB 110 -65.73 -15.68 -14.51
CA PRO AB 110 -64.94 -14.83 -15.41
C PRO AB 110 -63.45 -14.98 -15.15
N VAL AB 111 -62.67 -14.93 -16.21
CA VAL AB 111 -61.24 -15.19 -16.10
C VAL AB 111 -60.52 -13.93 -15.66
N LYS AB 112 -59.64 -14.09 -14.68
CA LYS AB 112 -58.71 -13.03 -14.27
C LYS AB 112 -57.33 -13.48 -14.72
N HIS AB 113 -56.80 -12.83 -15.76
CA HIS AB 113 -55.56 -13.28 -16.36
C HIS AB 113 -54.38 -13.02 -15.44
N GLY AB 114 -53.54 -14.04 -15.28
CA GLY AB 114 -52.26 -13.91 -14.61
C GLY AB 114 -51.14 -13.68 -15.59
N ARG AB 115 -49.93 -13.86 -15.11
CA ARG AB 115 -48.76 -13.71 -15.97
C ARG AB 115 -48.64 -14.92 -16.91
N PRO AB 116 -48.57 -14.70 -18.22
CA PRO AB 116 -48.43 -15.83 -19.15
C PRO AB 116 -47.13 -16.59 -18.91
N GLY AB 117 -47.17 -17.89 -19.17
CA GLY AB 117 -46.05 -18.76 -18.88
C GLY AB 117 -45.09 -19.00 -20.04
N ILE AB 118 -44.76 -20.27 -20.28
CA ILE AB 118 -43.75 -20.61 -21.26
C ILE AB 118 -44.23 -20.33 -22.68
N GLY AB 119 -45.53 -20.43 -22.93
CA GLY AB 119 -46.06 -20.15 -24.24
C GLY AB 119 -45.96 -18.68 -24.61
N ALA AB 120 -45.95 -18.43 -25.93
CA ALA AB 120 -45.78 -17.09 -26.51
C ALA AB 120 -44.47 -16.47 -26.03
N THR AB 121 -43.37 -17.12 -26.42
CA THR AB 121 -42.03 -16.73 -25.99
C THR AB 121 -41.63 -15.31 -26.39
N SER BB 1 -82.91 -27.22 -110.02
CA SER BB 1 -84.30 -26.79 -109.97
C SER BB 1 -84.92 -27.06 -108.60
N LYS BB 2 -85.14 -28.33 -108.30
CA LYS BB 2 -85.73 -28.74 -107.03
C LYS BB 2 -85.02 -29.97 -106.49
N GLY BB 3 -83.69 -29.97 -106.54
CA GLY BB 3 -82.91 -31.09 -106.08
C GLY BB 3 -82.90 -31.23 -104.57
N PRO BB 4 -83.47 -32.31 -104.05
CA PRO BB 4 -83.53 -32.49 -102.60
C PRO BB 4 -82.33 -33.23 -102.04
N LEU BB 5 -82.34 -33.49 -100.73
CA LEU BB 5 -81.33 -34.30 -100.06
C LEU BB 5 -79.92 -33.71 -100.24
N GLN BB 6 -79.80 -32.42 -99.94
CA GLN BB 6 -78.53 -31.70 -100.02
C GLN BB 6 -78.28 -31.09 -98.65
N SER BB 7 -77.67 -31.86 -97.76
CA SER BB 7 -77.45 -31.38 -96.39
C SER BB 7 -76.32 -32.17 -95.75
N VAL BB 8 -75.61 -31.50 -94.85
CA VAL BB 8 -74.60 -32.11 -93.99
C VAL BB 8 -74.84 -31.64 -92.57
N GLN BB 9 -74.36 -32.43 -91.61
CA GLN BB 9 -74.45 -32.10 -90.20
C GLN BB 9 -73.05 -32.24 -89.60
N VAL BB 10 -72.43 -31.12 -89.28
CA VAL BB 10 -71.02 -31.11 -88.86
C VAL BB 10 -70.89 -30.40 -87.53
N PHE BB 11 -70.12 -30.99 -86.61
CA PHE BB 11 -69.97 -30.45 -85.28
C PHE BB 11 -68.61 -29.78 -85.09
N GLY BB 12 -68.55 -28.95 -84.06
CA GLY BB 12 -67.30 -28.35 -83.63
C GLY BB 12 -67.27 -28.28 -82.12
N ARG BB 13 -66.06 -28.33 -81.56
CA ARG BB 13 -65.89 -28.43 -80.12
C ARG BB 13 -64.90 -27.40 -79.63
N LYS BB 14 -65.15 -26.90 -78.42
CA LYS BB 14 -64.19 -26.05 -77.72
C LYS BB 14 -64.53 -26.11 -76.24
N LYS BB 15 -63.72 -26.83 -75.46
CA LYS BB 15 -63.91 -26.97 -74.02
C LYS BB 15 -65.31 -27.52 -73.71
N THR BB 16 -65.51 -28.77 -74.12
CA THR BB 16 -66.76 -29.54 -73.95
C THR BB 16 -68.01 -28.76 -74.33
N ALA BB 17 -67.88 -27.83 -75.27
CA ALA BB 17 -69.02 -27.10 -75.83
C ALA BB 17 -69.16 -27.56 -77.28
N THR BB 18 -70.11 -28.45 -77.52
CA THR BB 18 -70.34 -28.96 -78.86
C THR BB 18 -71.38 -28.11 -79.60
N ALA BB 19 -71.17 -27.93 -80.90
CA ALA BB 19 -72.06 -27.14 -81.74
C ALA BB 19 -72.22 -27.86 -83.06
N VAL BB 20 -73.46 -28.21 -83.40
CA VAL BB 20 -73.74 -28.94 -84.64
C VAL BB 20 -74.42 -28.00 -85.61
N ALA BB 21 -73.78 -27.75 -86.74
CA ALA BB 21 -74.36 -26.97 -87.83
C ALA BB 21 -74.97 -27.92 -88.85
N HIS BB 22 -76.23 -27.67 -89.19
CA HIS BB 22 -76.95 -28.45 -90.21
C HIS BB 22 -77.00 -27.61 -91.47
N CYS BB 23 -75.97 -27.73 -92.29
CA CYS BB 23 -75.91 -27.01 -93.55
C CYS BB 23 -76.81 -27.69 -94.57
N LYS BB 24 -77.52 -26.89 -95.36
CA LYS BB 24 -78.54 -27.42 -96.25
C LYS BB 24 -78.69 -26.48 -97.44
N ARG BB 25 -79.05 -27.06 -98.59
CA ARG BB 25 -79.32 -26.27 -99.78
C ARG BB 25 -80.51 -25.36 -99.56
N GLY BB 26 -80.39 -24.12 -100.04
CA GLY BB 26 -81.47 -23.17 -99.96
C GLY BB 26 -80.94 -21.76 -100.10
N ASN BB 27 -81.76 -20.82 -99.70
CA ASN BB 27 -81.33 -19.43 -99.65
C ASN BB 27 -80.25 -19.26 -98.59
N GLY BB 28 -79.41 -18.25 -98.78
CA GLY BB 28 -78.32 -18.04 -97.86
C GLY BB 28 -78.75 -17.48 -96.53
N LEU BB 29 -78.71 -18.29 -95.48
CA LEU BB 29 -78.97 -17.80 -94.13
C LEU BB 29 -78.28 -18.68 -93.11
N ILE BB 30 -77.89 -18.07 -92.00
CA ILE BB 30 -77.23 -18.75 -90.90
C ILE BB 30 -77.95 -18.36 -89.62
N LYS BB 31 -78.41 -19.35 -88.86
CA LYS BB 31 -79.06 -19.12 -87.59
C LYS BB 31 -78.46 -20.04 -86.54
N VAL BB 32 -78.44 -19.55 -85.30
CA VAL BB 32 -77.91 -20.29 -84.16
C VAL BB 32 -79.01 -20.34 -83.11
N ASN BB 33 -79.48 -21.56 -82.81
CA ASN BB 33 -80.55 -21.78 -81.83
C ASN BB 33 -81.80 -20.99 -82.17
N GLY BB 34 -82.06 -20.80 -83.46
CA GLY BB 34 -83.19 -20.00 -83.90
C GLY BB 34 -82.95 -18.51 -83.93
N ARG BB 35 -81.75 -18.05 -83.56
CA ARG BB 35 -81.45 -16.64 -83.53
C ARG BB 35 -80.49 -16.26 -84.66
N PRO BB 36 -80.54 -15.02 -85.13
CA PRO BB 36 -79.60 -14.61 -86.19
C PRO BB 36 -78.15 -14.65 -85.71
N LEU BB 37 -77.25 -14.90 -86.66
CA LEU BB 37 -75.84 -15.03 -86.33
C LEU BB 37 -75.27 -13.74 -85.73
N GLU BB 38 -75.65 -12.60 -86.30
CA GLU BB 38 -75.16 -11.32 -85.82
C GLU BB 38 -75.72 -10.94 -84.46
N MET BB 39 -76.70 -11.69 -83.95
CA MET BB 39 -77.37 -11.37 -82.70
C MET BB 39 -77.11 -12.50 -81.70
N ILE BB 40 -76.13 -12.29 -80.83
CA ILE BB 40 -75.77 -13.27 -79.80
C ILE BB 40 -75.52 -12.52 -78.50
N GLU BB 41 -75.55 -13.26 -77.39
CA GLU BB 41 -75.41 -12.63 -76.08
C GLU BB 41 -74.06 -11.97 -75.88
N PRO BB 42 -72.90 -12.65 -76.05
CA PRO BB 42 -71.65 -11.87 -75.96
C PRO BB 42 -71.31 -11.20 -77.29
N ARG BB 43 -71.90 -10.02 -77.50
CA ARG BB 43 -71.76 -9.30 -78.76
C ARG BB 43 -70.34 -8.79 -78.98
N THR BB 44 -69.48 -8.83 -77.96
CA THR BB 44 -68.07 -8.52 -78.17
C THR BB 44 -67.45 -9.48 -79.18
N LEU BB 45 -67.85 -10.76 -79.12
CA LEU BB 45 -67.35 -11.80 -80.01
C LEU BB 45 -68.18 -11.92 -81.29
N GLN BB 46 -68.93 -10.87 -81.65
CA GLN BB 46 -69.67 -10.90 -82.90
C GLN BB 46 -68.72 -11.01 -84.09
N TYR BB 47 -67.54 -10.39 -84.01
CA TYR BB 47 -66.56 -10.55 -85.06
C TYR BB 47 -66.04 -11.98 -85.14
N LYS BB 48 -65.87 -12.65 -84.00
CA LYS BB 48 -65.49 -14.05 -84.05
C LYS BB 48 -66.57 -14.90 -84.70
N LEU BB 49 -67.84 -14.60 -84.41
CA LEU BB 49 -68.93 -15.33 -85.05
C LEU BB 49 -68.96 -15.09 -86.56
N LEU BB 50 -68.77 -13.84 -86.98
CA LEU BB 50 -68.85 -13.48 -88.38
C LEU BB 50 -67.54 -13.69 -89.12
N GLU BB 51 -66.50 -14.15 -88.43
CA GLU BB 51 -65.18 -14.29 -89.03
C GLU BB 51 -65.14 -15.20 -90.25
N PRO BB 52 -65.72 -16.41 -90.24
CA PRO BB 52 -65.75 -17.19 -91.48
C PRO BB 52 -66.48 -16.51 -92.62
N VAL BB 53 -67.61 -15.86 -92.30
CA VAL BB 53 -68.39 -15.18 -93.33
C VAL BB 53 -67.60 -14.02 -93.91
N LEU BB 54 -66.95 -13.22 -93.05
CA LEU BB 54 -66.16 -12.10 -93.54
C LEU BB 54 -64.94 -12.58 -94.34
N LEU BB 55 -64.37 -13.71 -93.96
CA LEU BB 55 -63.22 -14.23 -94.69
C LEU BB 55 -63.62 -14.73 -96.06
N LEU BB 56 -64.68 -15.51 -96.14
CA LEU BB 56 -65.01 -16.21 -97.39
C LEU BB 56 -65.85 -15.37 -98.32
N GLY BB 57 -66.77 -14.57 -97.80
CA GLY BB 57 -67.65 -13.80 -98.65
C GLY BB 57 -69.07 -14.33 -98.60
N LYS BB 58 -70.03 -13.41 -98.74
CA LYS BB 58 -71.43 -13.80 -98.68
C LYS BB 58 -71.86 -14.62 -99.89
N GLU BB 59 -71.10 -14.57 -100.98
CA GLU BB 59 -71.49 -15.30 -102.18
C GLU BB 59 -71.42 -16.81 -101.98
N ARG BB 60 -70.37 -17.29 -101.31
CA ARG BB 60 -70.28 -18.71 -101.02
C ARG BB 60 -71.29 -19.17 -99.99
N PHE BB 61 -71.78 -18.25 -99.15
CA PHE BB 61 -72.81 -18.55 -98.18
C PHE BB 61 -74.21 -18.30 -98.72
N ALA BB 62 -74.34 -17.79 -99.93
CA ALA BB 62 -75.66 -17.43 -100.46
C ALA BB 62 -76.49 -18.64 -100.84
N GLY BB 63 -75.88 -19.82 -100.95
CA GLY BB 63 -76.62 -20.99 -101.36
C GLY BB 63 -76.83 -22.02 -100.28
N VAL BB 64 -76.69 -21.63 -99.02
CA VAL BB 64 -76.73 -22.59 -97.91
C VAL BB 64 -77.63 -22.07 -96.80
N ASP BB 65 -78.42 -22.97 -96.23
CA ASP BB 65 -79.23 -22.74 -95.04
C ASP BB 65 -78.57 -23.50 -93.90
N ILE BB 66 -78.07 -22.76 -92.91
CA ILE BB 66 -77.31 -23.33 -91.81
C ILE BB 66 -78.03 -23.04 -90.51
N ARG BB 67 -78.24 -24.08 -89.70
CA ARG BB 67 -78.81 -23.93 -88.38
C ARG BB 67 -77.89 -24.62 -87.38
N VAL BB 68 -77.50 -23.91 -86.33
CA VAL BB 68 -76.50 -24.36 -85.38
C VAL BB 68 -77.14 -24.51 -84.01
N ARG BB 69 -76.90 -25.64 -83.36
CA ARG BB 69 -77.37 -25.91 -82.02
C ARG BB 69 -76.18 -26.12 -81.09
N VAL BB 70 -76.22 -25.48 -79.93
CA VAL BB 70 -75.15 -25.59 -78.94
C VAL BB 70 -75.76 -26.01 -77.62
N LYS BB 71 -75.20 -27.05 -77.00
CA LYS BB 71 -75.73 -27.57 -75.75
C LYS BB 71 -74.58 -27.90 -74.79
N GLY BB 72 -73.66 -26.98 -74.60
CA GLY BB 72 -72.60 -27.21 -73.63
C GLY BB 72 -71.68 -26.02 -73.50
N GLY BB 73 -70.80 -26.11 -72.50
CA GLY BB 73 -69.75 -25.13 -72.29
C GLY BB 73 -70.25 -23.80 -71.77
N GLY BB 74 -69.38 -22.79 -71.91
CA GLY BB 74 -69.67 -21.44 -71.50
C GLY BB 74 -70.06 -20.55 -72.67
N HIS BB 75 -69.76 -19.26 -72.54
CA HIS BB 75 -70.15 -18.29 -73.56
C HIS BB 75 -69.14 -18.25 -74.69
N VAL BB 76 -67.89 -17.90 -74.39
CA VAL BB 76 -66.88 -17.81 -75.45
C VAL BB 76 -66.55 -19.19 -76.01
N ALA BB 77 -66.62 -20.22 -75.17
CA ALA BB 77 -66.48 -21.58 -75.70
C ALA BB 77 -67.58 -21.88 -76.70
N GLN BB 78 -68.80 -21.43 -76.40
CA GLN BB 78 -69.90 -21.54 -77.35
C GLN BB 78 -69.58 -20.81 -78.64
N ILE BB 79 -69.03 -19.60 -78.54
CA ILE BB 79 -68.76 -18.80 -79.74
C ILE BB 79 -67.74 -19.49 -80.63
N TYR BB 80 -66.67 -20.00 -80.01
CA TYR BB 80 -65.66 -20.71 -80.80
C TYR BB 80 -66.22 -21.99 -81.38
N ALA BB 81 -67.09 -22.68 -80.63
CA ALA BB 81 -67.74 -23.87 -81.17
C ALA BB 81 -68.58 -23.54 -82.39
N ILE BB 82 -69.34 -22.43 -82.34
CA ILE BB 82 -70.16 -22.05 -83.49
C ILE BB 82 -69.31 -21.73 -84.70
N ARG BB 83 -68.25 -20.92 -84.50
CA ARG BB 83 -67.46 -20.54 -85.67
C ARG BB 83 -66.76 -21.75 -86.29
N GLN BB 84 -66.21 -22.63 -85.46
CA GLN BB 84 -65.61 -23.86 -85.98
C GLN BB 84 -66.63 -24.73 -86.68
N SER BB 85 -67.83 -24.85 -86.10
CA SER BB 85 -68.86 -25.69 -86.67
C SER BB 85 -69.32 -25.15 -88.03
N ILE BB 86 -69.47 -23.84 -88.15
CA ILE BB 86 -69.87 -23.24 -89.43
C ILE BB 86 -68.79 -23.47 -90.48
N SER BB 87 -67.52 -23.24 -90.11
CA SER BB 87 -66.44 -23.43 -91.07
C SER BB 87 -66.35 -24.88 -91.52
N LYS BB 88 -66.44 -25.82 -90.58
CA LYS BB 88 -66.32 -27.23 -90.93
C LYS BB 88 -67.54 -27.70 -91.72
N ALA BB 89 -68.73 -27.20 -91.41
CA ALA BB 89 -69.92 -27.55 -92.17
C ALA BB 89 -69.82 -27.05 -93.59
N LEU BB 90 -69.32 -25.83 -93.78
CA LEU BB 90 -69.15 -25.32 -95.14
C LEU BB 90 -68.12 -26.12 -95.92
N VAL BB 91 -67.00 -26.47 -95.28
CA VAL BB 91 -66.01 -27.23 -96.04
C VAL BB 91 -66.50 -28.64 -96.33
N ALA BB 92 -67.31 -29.22 -95.44
CA ALA BB 92 -67.88 -30.54 -95.73
C ALA BB 92 -68.89 -30.46 -96.87
N TYR BB 93 -69.72 -29.42 -96.89
CA TYR BB 93 -70.65 -29.23 -97.99
C TYR BB 93 -69.92 -29.05 -99.31
N TYR BB 94 -68.86 -28.24 -99.31
CA TYR BB 94 -68.08 -28.02 -100.52
C TYR BB 94 -67.27 -29.24 -100.92
N GLN BB 95 -66.93 -30.11 -99.96
CA GLN BB 95 -66.24 -31.34 -100.29
C GLN BB 95 -67.18 -32.37 -100.88
N LYS BB 96 -68.44 -32.38 -100.45
CA LYS BB 96 -69.35 -33.42 -100.93
C LYS BB 96 -70.10 -33.00 -102.19
N TYR BB 97 -70.76 -31.85 -102.18
CA TYR BB 97 -71.70 -31.50 -103.24
C TYR BB 97 -71.09 -30.66 -104.35
N VAL BB 98 -69.83 -30.23 -104.22
CA VAL BB 98 -69.12 -29.53 -105.27
C VAL BB 98 -67.65 -29.97 -105.20
N ASP BB 99 -66.81 -29.41 -106.06
CA ASP BB 99 -65.48 -29.93 -106.27
C ASP BB 99 -64.53 -29.62 -105.12
N GLU BB 100 -63.58 -30.53 -104.91
CA GLU BB 100 -62.50 -30.26 -103.95
C GLU BB 100 -61.56 -29.18 -104.42
N ALA BB 101 -61.66 -28.72 -105.67
CA ALA BB 101 -60.98 -27.49 -106.04
C ALA BB 101 -61.51 -26.33 -105.19
N SER BB 102 -62.82 -26.13 -105.18
CA SER BB 102 -63.41 -25.11 -104.32
C SER BB 102 -63.20 -25.44 -102.86
N LYS BB 103 -63.27 -26.72 -102.49
CA LYS BB 103 -63.01 -27.10 -101.11
C LYS BB 103 -61.61 -26.68 -100.67
N LYS BB 104 -60.61 -26.91 -101.53
CA LYS BB 104 -59.23 -26.59 -101.17
C LYS BB 104 -58.98 -25.09 -101.14
N GLU BB 105 -59.46 -24.37 -102.15
CA GLU BB 105 -59.32 -22.92 -102.16
C GLU BB 105 -60.40 -22.19 -101.37
N ILE BB 106 -61.08 -22.86 -100.46
CA ILE BB 106 -61.59 -22.20 -99.25
C ILE BB 106 -60.88 -22.70 -97.99
N LYS BB 107 -60.48 -23.97 -97.95
CA LYS BB 107 -59.82 -24.53 -96.77
C LYS BB 107 -58.48 -23.85 -96.53
N ASP BB 108 -57.77 -23.46 -97.59
CA ASP BB 108 -56.50 -22.79 -97.40
C ASP BB 108 -56.68 -21.43 -96.75
N ILE BB 109 -57.66 -20.63 -97.20
CA ILE BB 109 -57.94 -19.36 -96.53
C ILE BB 109 -58.25 -19.61 -95.07
N LEU BB 110 -59.08 -20.61 -94.78
CA LEU BB 110 -59.42 -20.89 -93.39
C LEU BB 110 -58.19 -21.29 -92.58
N ILE BB 111 -57.31 -22.11 -93.15
CA ILE BB 111 -56.15 -22.60 -92.41
C ILE BB 111 -55.15 -21.48 -92.16
N GLN BB 112 -54.63 -20.85 -93.22
CA GLN BB 112 -53.66 -19.80 -92.95
C GLN BB 112 -54.30 -18.47 -92.57
N TYR BB 113 -55.58 -18.47 -92.16
CA TYR BB 113 -56.03 -17.42 -91.26
C TYR BB 113 -56.08 -17.90 -89.81
N ASP BB 114 -56.69 -19.05 -89.56
CA ASP BB 114 -56.82 -19.57 -88.19
C ASP BB 114 -56.96 -21.08 -88.27
N ARG BB 115 -55.99 -21.81 -87.72
CA ARG BB 115 -56.05 -23.26 -87.74
C ARG BB 115 -57.21 -23.78 -86.90
N THR BB 116 -57.55 -23.09 -85.81
CA THR BB 116 -58.62 -23.56 -84.93
C THR BB 116 -59.99 -23.49 -85.56
N LEU BB 117 -60.13 -22.82 -86.72
CA LEU BB 117 -61.41 -22.80 -87.41
C LEU BB 117 -61.79 -24.18 -87.96
N LEU BB 118 -60.81 -25.05 -88.17
CA LEU BB 118 -61.07 -26.36 -88.73
C LEU BB 118 -60.51 -27.51 -87.88
N VAL BB 119 -59.66 -27.23 -86.90
CA VAL BB 119 -59.09 -28.25 -86.02
C VAL BB 119 -59.47 -27.92 -84.60
N ALA BB 120 -60.04 -28.89 -83.90
CA ALA BB 120 -60.51 -28.67 -82.53
C ALA BB 120 -59.35 -28.52 -81.57
N ASP BB 121 -59.56 -27.72 -80.54
CA ASP BB 121 -58.55 -27.52 -79.51
C ASP BB 121 -58.60 -28.70 -78.53
N PRO BB 122 -57.53 -29.49 -78.42
CA PRO BB 122 -57.61 -30.69 -77.57
C PRO BB 122 -57.59 -30.40 -76.09
N ARG BB 123 -57.11 -29.24 -75.66
CA ARG BB 123 -56.98 -28.96 -74.24
C ARG BB 123 -58.35 -28.76 -73.61
N ARG BB 124 -58.65 -29.54 -72.57
CA ARG BB 124 -59.94 -29.43 -71.91
C ARG BB 124 -59.84 -28.95 -70.47
N CYS BB 125 -59.17 -29.70 -69.59
CA CYS BB 125 -59.12 -29.41 -68.17
C CYS BB 125 -57.94 -30.18 -67.58
N GLU BB 126 -57.90 -30.24 -66.25
CA GLU BB 126 -56.94 -31.07 -65.54
C GLU BB 126 -57.49 -31.30 -64.15
N SER BB 127 -57.42 -32.56 -63.70
CA SER BB 127 -58.03 -32.94 -62.43
C SER BB 127 -57.32 -32.26 -61.25
N LYS BB 128 -58.11 -31.83 -60.28
CA LYS BB 128 -57.55 -31.28 -59.05
C LYS BB 128 -56.95 -32.41 -58.20
N LYS BB 129 -55.81 -32.13 -57.59
CA LYS BB 129 -55.16 -33.09 -56.71
C LYS BB 129 -55.39 -32.72 -55.26
N PHE BB 130 -55.08 -33.66 -54.37
CA PHE BB 130 -55.46 -33.53 -52.96
C PHE BB 130 -54.39 -32.83 -52.12
N GLY BB 131 -53.60 -31.95 -52.72
CA GLY BB 131 -52.63 -31.21 -51.94
C GLY BB 131 -52.78 -29.71 -52.08
N GLY BB 132 -53.71 -29.28 -52.91
CA GLY BB 132 -53.89 -27.88 -53.17
C GLY BB 132 -55.28 -27.55 -53.70
N PRO BB 133 -55.55 -26.25 -53.88
CA PRO BB 133 -56.89 -25.86 -54.34
C PRO BB 133 -57.17 -26.25 -55.76
N GLY BB 134 -56.15 -26.41 -56.60
CA GLY BB 134 -56.38 -26.70 -58.00
C GLY BB 134 -55.56 -27.85 -58.53
N ALA BB 135 -55.36 -27.86 -59.85
CA ALA BB 135 -54.66 -28.96 -60.49
C ALA BB 135 -53.18 -28.99 -60.12
N ARG BB 136 -52.54 -27.82 -60.05
CA ARG BB 136 -51.11 -27.78 -59.80
C ARG BB 136 -50.72 -26.98 -58.57
N ALA BB 137 -51.46 -25.94 -58.22
CA ALA BB 137 -51.13 -25.17 -57.03
C ALA BB 137 -51.29 -26.02 -55.78
N ARG BB 138 -50.48 -25.72 -54.77
CA ARG BB 138 -50.51 -26.43 -53.51
C ARG BB 138 -50.92 -25.49 -52.39
N TYR BB 139 -51.51 -26.07 -51.34
CA TYR BB 139 -51.87 -25.28 -50.17
C TYR BB 139 -50.61 -24.70 -49.53
N GLN BB 140 -50.73 -23.50 -49.00
CA GLN BB 140 -49.58 -22.82 -48.41
C GLN BB 140 -49.08 -23.59 -47.19
N LYS BB 141 -47.77 -23.81 -47.14
CA LYS BB 141 -47.15 -24.57 -46.07
C LYS BB 141 -46.34 -23.66 -45.17
N SER BB 142 -46.20 -24.07 -43.92
CA SER BB 142 -45.50 -23.29 -42.91
C SER BB 142 -44.55 -24.20 -42.15
N TYR BB 143 -43.48 -23.60 -41.63
CA TYR BB 143 -42.44 -24.36 -40.94
C TYR BB 143 -42.35 -24.06 -39.46
N ARG BB 144 -42.88 -22.94 -38.99
CA ARG BB 144 -42.80 -22.58 -37.59
C ARG BB 144 -44.20 -22.36 -37.02
N MET CB 1 -36.45 -35.41 -76.47
CA MET CB 1 -35.88 -35.92 -75.23
C MET CB 1 -36.73 -37.04 -74.64
N GLY CB 2 -36.07 -37.96 -73.95
CA GLY CB 2 -36.77 -39.08 -73.33
C GLY CB 2 -37.37 -40.07 -74.32
N ARG CB 3 -36.67 -40.33 -75.43
CA ARG CB 3 -37.12 -41.31 -76.40
C ARG CB 3 -36.17 -42.50 -76.49
N VAL CB 4 -35.38 -42.74 -75.44
CA VAL CB 4 -34.44 -43.85 -75.44
C VAL CB 4 -35.19 -45.15 -75.26
N ARG CB 5 -34.92 -46.12 -76.13
CA ARG CB 5 -35.55 -47.42 -76.03
C ARG CB 5 -34.82 -48.30 -75.02
N THR CB 6 -35.53 -49.28 -74.49
CA THR CB 6 -35.02 -50.13 -73.42
C THR CB 6 -34.63 -51.50 -73.95
N LYS CB 7 -34.13 -52.35 -73.04
CA LYS CB 7 -33.75 -53.71 -73.43
C LYS CB 7 -34.94 -54.50 -73.93
N THR CB 8 -36.11 -54.28 -73.31
CA THR CB 8 -37.30 -55.04 -73.67
C THR CB 8 -37.63 -54.91 -75.14
N VAL CB 9 -37.47 -53.71 -75.70
CA VAL CB 9 -37.73 -53.52 -77.12
C VAL CB 9 -36.51 -53.83 -77.97
N LYS CB 10 -35.30 -53.49 -77.49
CA LYS CB 10 -34.12 -53.67 -78.32
C LYS CB 10 -33.81 -55.15 -78.55
N LYS CB 11 -33.84 -55.95 -77.48
CA LYS CB 11 -33.56 -57.38 -77.62
C LYS CB 11 -34.61 -58.05 -78.50
N ALA CB 12 -35.88 -57.70 -78.31
CA ALA CB 12 -36.94 -58.28 -79.13
C ALA CB 12 -36.76 -57.91 -80.59
N ALA CB 13 -36.41 -56.65 -80.86
CA ALA CB 13 -36.19 -56.22 -82.23
C ALA CB 13 -35.04 -56.98 -82.88
N ARG CB 14 -33.92 -57.12 -82.16
CA ARG CB 14 -32.79 -57.86 -82.72
C ARG CB 14 -33.15 -59.33 -82.97
N VAL CB 15 -33.89 -59.95 -82.04
CA VAL CB 15 -34.27 -61.34 -82.19
C VAL CB 15 -35.17 -61.53 -83.41
N ILE CB 16 -36.18 -60.69 -83.55
CA ILE CB 16 -37.10 -60.88 -84.67
C ILE CB 16 -36.44 -60.52 -85.98
N ILE CB 17 -35.47 -59.61 -85.97
CA ILE CB 17 -34.74 -59.31 -87.19
C ILE CB 17 -33.89 -60.51 -87.61
N GLU CB 18 -33.17 -61.10 -86.66
CA GLU CB 18 -32.34 -62.24 -87.00
C GLU CB 18 -33.16 -63.48 -87.31
N LYS CB 19 -34.42 -63.52 -86.90
CA LYS CB 19 -35.27 -64.66 -87.23
C LYS CB 19 -35.99 -64.50 -88.56
N TYR CB 20 -36.51 -63.31 -88.86
CA TYR CB 20 -37.38 -63.08 -90.00
C TYR CB 20 -36.86 -61.95 -90.88
N TYR CB 21 -35.55 -61.98 -91.18
CA TYR CB 21 -34.98 -60.90 -91.99
C TYR CB 21 -35.58 -60.84 -93.38
N THR CB 22 -36.04 -61.98 -93.91
CA THR CB 22 -36.63 -61.98 -95.24
C THR CB 22 -38.00 -61.30 -95.25
N ARG CB 23 -38.83 -61.58 -94.24
CA ARG CB 23 -40.19 -61.04 -94.23
C ARG CB 23 -40.22 -59.56 -93.87
N LEU CB 24 -39.31 -59.11 -93.02
CA LEU CB 24 -39.32 -57.72 -92.57
C LEU CB 24 -38.95 -56.77 -93.71
N GLY CB 25 -39.33 -55.52 -93.54
CA GLY CB 25 -39.08 -54.49 -94.53
C GLY CB 25 -38.81 -53.16 -93.86
N ASN CB 26 -38.65 -52.13 -94.69
CA ASN CB 26 -38.36 -50.79 -94.22
C ASN CB 26 -39.62 -49.98 -93.93
N ASP CB 27 -40.79 -50.58 -94.06
CA ASP CB 27 -42.06 -49.91 -93.79
C ASP CB 27 -42.47 -50.20 -92.36
N PHE CB 28 -42.71 -49.14 -91.58
CA PHE CB 28 -43.09 -49.31 -90.19
C PHE CB 28 -44.41 -50.05 -90.06
N HIS CB 29 -45.37 -49.72 -90.90
CA HIS CB 29 -46.68 -50.37 -90.82
C HIS CB 29 -46.59 -51.83 -91.23
N THR CB 30 -45.81 -52.13 -92.26
CA THR CB 30 -45.62 -53.53 -92.66
C THR CB 30 -44.96 -54.33 -91.56
N ASN CB 31 -43.96 -53.74 -90.89
CA ASN CB 31 -43.30 -54.44 -89.80
C ASN CB 31 -44.24 -54.64 -88.62
N LYS CB 32 -45.00 -53.61 -88.25
CA LYS CB 32 -45.94 -53.77 -87.15
C LYS CB 32 -47.10 -54.69 -87.54
N ARG CB 33 -47.28 -54.98 -88.83
CA ARG CB 33 -48.25 -55.99 -89.23
C ARG CB 33 -47.68 -57.39 -89.25
N VAL CB 34 -46.36 -57.54 -89.43
CA VAL CB 34 -45.80 -58.88 -89.30
C VAL CB 34 -45.58 -59.26 -87.84
N CYS CB 35 -45.44 -58.25 -86.94
CA CYS CB 35 -45.11 -58.54 -85.55
C CYS CB 35 -46.19 -59.36 -84.84
N GLU CB 36 -47.48 -59.09 -85.13
CA GLU CB 36 -48.52 -59.77 -84.36
C GLU CB 36 -48.49 -61.28 -84.55
N GLU CB 37 -48.04 -61.76 -85.71
CA GLU CB 37 -47.98 -63.21 -85.90
C GLU CB 37 -46.57 -63.77 -85.77
N ILE CB 38 -45.51 -62.96 -85.89
CA ILE CB 38 -44.18 -63.51 -85.62
C ILE CB 38 -43.82 -63.43 -84.15
N ALA CB 39 -44.60 -62.73 -83.34
CA ALA CB 39 -44.32 -62.61 -81.92
C ALA CB 39 -45.62 -62.32 -81.18
N ILE CB 40 -45.64 -62.67 -79.90
CA ILE CB 40 -46.77 -62.36 -79.03
C ILE CB 40 -46.38 -61.15 -78.20
N ILE CB 41 -46.99 -60.00 -78.50
CA ILE CB 41 -46.69 -58.75 -77.80
C ILE CB 41 -47.90 -58.41 -76.93
N PRO CB 42 -47.74 -58.33 -75.61
CA PRO CB 42 -48.90 -58.04 -74.75
C PRO CB 42 -49.50 -56.67 -74.95
N SER CB 43 -48.78 -55.72 -75.55
CA SER CB 43 -49.25 -54.35 -75.66
C SER CB 43 -49.09 -53.83 -77.07
N LYS CB 44 -50.08 -53.06 -77.53
CA LYS CB 44 -49.99 -52.43 -78.84
C LYS CB 44 -48.88 -51.39 -78.88
N LYS CB 45 -48.72 -50.63 -77.80
CA LYS CB 45 -47.63 -49.66 -77.72
C LYS CB 45 -46.28 -50.35 -77.80
N LEU CB 46 -46.13 -51.46 -77.07
CA LEU CB 46 -44.88 -52.22 -77.14
C LEU CB 46 -44.65 -52.74 -78.55
N ARG CB 47 -45.71 -53.24 -79.19
CA ARG CB 47 -45.58 -53.79 -80.54
C ARG CB 47 -45.11 -52.73 -81.52
N ASN CB 48 -45.75 -51.56 -81.51
CA ASN CB 48 -45.37 -50.54 -82.48
C ASN CB 48 -44.00 -49.93 -82.15
N LYS CB 49 -43.63 -49.85 -80.87
CA LYS CB 49 -42.29 -49.39 -80.53
C LYS CB 49 -41.22 -50.35 -81.03
N ILE CB 50 -41.46 -51.66 -80.85
CA ILE CB 50 -40.54 -52.65 -81.41
C ILE CB 50 -40.47 -52.54 -82.92
N ALA CB 51 -41.62 -52.32 -83.57
CA ALA CB 51 -41.63 -52.20 -85.03
C ALA CB 51 -40.82 -50.99 -85.48
N GLY CB 52 -40.94 -49.87 -84.78
CA GLY CB 52 -40.13 -48.70 -85.12
C GLY CB 52 -38.65 -48.96 -84.98
N TYR CB 53 -38.26 -49.62 -83.89
CA TYR CB 53 -36.85 -49.95 -83.75
C TYR CB 53 -36.38 -50.95 -84.81
N VAL CB 54 -37.27 -51.84 -85.25
CA VAL CB 54 -36.92 -52.76 -86.33
C VAL CB 54 -36.68 -52.00 -87.63
N THR CB 55 -37.50 -50.99 -87.91
CA THR CB 55 -37.25 -50.17 -89.09
C THR CB 55 -35.90 -49.47 -89.00
N HIS CB 56 -35.58 -48.91 -87.84
CA HIS CB 56 -34.30 -48.25 -87.66
C HIS CB 56 -33.14 -49.23 -87.88
N LEU CB 57 -33.24 -50.41 -87.25
CA LEU CB 57 -32.15 -51.37 -87.37
C LEU CB 57 -32.04 -51.94 -88.77
N MET CB 58 -33.14 -52.06 -89.50
CA MET CB 58 -33.00 -52.54 -90.88
C MET CB 58 -32.41 -51.48 -91.79
N LYS CB 59 -32.71 -50.21 -91.56
CA LYS CB 59 -31.99 -49.17 -92.30
C LYS CB 59 -30.50 -49.25 -92.00
N ARG CB 60 -30.14 -49.44 -90.73
CA ARG CB 60 -28.73 -49.58 -90.38
C ARG CB 60 -28.12 -50.84 -91.00
N ILE CB 61 -28.89 -51.92 -91.10
CA ILE CB 61 -28.37 -53.16 -91.65
C ILE CB 61 -28.13 -53.02 -93.14
N GLN CB 62 -29.08 -52.43 -93.86
CA GLN CB 62 -28.89 -52.24 -95.30
C GLN CB 62 -27.81 -51.21 -95.61
N ARG CB 63 -27.49 -50.32 -94.66
CA ARG CB 63 -26.34 -49.46 -94.88
C ARG CB 63 -25.02 -50.04 -94.36
N GLY CB 64 -25.07 -51.10 -93.55
CA GLY CB 64 -23.84 -51.68 -93.03
C GLY CB 64 -24.06 -52.88 -92.11
N PRO CB 65 -22.98 -53.64 -91.89
CA PRO CB 65 -23.07 -54.86 -91.07
C PRO CB 65 -23.29 -54.61 -89.59
N VAL CB 66 -24.54 -54.39 -89.17
CA VAL CB 66 -24.85 -54.27 -87.75
C VAL CB 66 -24.58 -55.61 -87.05
N ARG CB 67 -24.28 -55.54 -85.76
CA ARG CB 67 -23.88 -56.72 -84.98
C ARG CB 67 -24.94 -57.81 -84.96
N GLY CB 68 -26.20 -57.49 -85.24
CA GLY CB 68 -27.24 -58.50 -85.35
C GLY CB 68 -26.91 -59.51 -86.44
N ILE CB 69 -27.07 -60.80 -86.12
CA ILE CB 69 -26.65 -61.85 -87.06
C ILE CB 69 -27.60 -61.87 -88.26
N SER CB 70 -27.03 -62.07 -89.44
CA SER CB 70 -27.82 -62.11 -90.67
C SER CB 70 -27.14 -63.04 -91.66
N ILE CB 71 -27.93 -63.95 -92.24
CA ILE CB 71 -27.33 -65.04 -93.01
C ILE CB 71 -26.70 -64.53 -94.30
N LYS CB 72 -27.31 -63.54 -94.95
CA LYS CB 72 -26.73 -63.00 -96.17
C LYS CB 72 -25.41 -62.28 -95.89
N LEU CB 73 -25.38 -61.49 -94.81
CA LEU CB 73 -24.15 -60.81 -94.43
C LEU CB 73 -23.07 -61.83 -94.07
N GLN CB 74 -23.45 -62.91 -93.38
CA GLN CB 74 -22.46 -63.90 -92.99
C GLN CB 74 -21.93 -64.69 -94.18
N GLU CB 75 -22.79 -65.01 -95.16
CA GLU CB 75 -22.28 -65.71 -96.33
C GLU CB 75 -21.41 -64.79 -97.19
N GLU CB 76 -21.75 -63.51 -97.26
CA GLU CB 76 -20.86 -62.57 -97.94
C GLU CB 76 -19.52 -62.47 -97.24
N GLU CB 77 -19.52 -62.39 -95.90
CA GLU CB 77 -18.27 -62.33 -95.16
C GLU CB 77 -17.47 -63.60 -95.34
N ARG CB 78 -18.15 -64.75 -95.36
CA ARG CB 78 -17.49 -66.02 -95.60
C ARG CB 78 -16.81 -66.04 -96.95
N GLU CB 79 -17.53 -65.61 -98.00
CA GLU CB 79 -16.94 -65.56 -99.33
C GLU CB 79 -15.76 -64.60 -99.37
N ARG CB 80 -15.86 -63.48 -98.65
CA ARG CB 80 -14.81 -62.47 -98.68
C ARG CB 80 -13.61 -62.87 -97.83
N ARG CB 81 -13.75 -63.85 -96.94
CA ARG CB 81 -12.64 -64.31 -96.11
C ARG CB 81 -11.99 -65.59 -96.62
N ASP CB 82 -12.76 -66.67 -96.81
CA ASP CB 82 -12.18 -67.95 -97.18
C ASP CB 82 -11.92 -68.07 -98.67
N ASN CB 83 -11.93 -66.95 -99.40
CA ASN CB 83 -11.63 -66.95 -100.82
C ASN CB 83 -10.77 -65.72 -101.11
N TYR CB 84 -10.69 -65.37 -102.39
CA TYR CB 84 -9.86 -64.28 -102.88
C TYR CB 84 -8.39 -64.51 -102.53
N VAL CB 85 -7.94 -65.76 -102.65
CA VAL CB 85 -6.52 -66.02 -102.71
C VAL CB 85 -6.08 -65.58 -104.10
N PRO CB 86 -5.12 -64.66 -104.21
CA PRO CB 86 -4.71 -64.18 -105.53
C PRO CB 86 -4.03 -65.28 -106.33
N GLU CB 87 -4.14 -65.17 -107.65
CA GLU CB 87 -3.55 -66.18 -108.54
C GLU CB 87 -2.04 -66.22 -108.40
N VAL CB 88 -1.42 -65.10 -108.01
CA VAL CB 88 0.00 -65.05 -107.68
C VAL CB 88 0.11 -64.66 -106.22
N SER CB 89 1.00 -65.34 -105.50
CA SER CB 89 1.12 -65.11 -104.07
C SER CB 89 1.75 -63.75 -103.79
N ALA CB 90 1.59 -63.29 -102.56
CA ALA CB 90 2.26 -62.07 -102.10
C ALA CB 90 3.64 -62.36 -101.54
N LEU CB 91 4.04 -63.64 -101.49
CA LEU CB 91 5.31 -64.03 -100.89
C LEU CB 91 6.24 -64.70 -101.90
N ASP CB 92 5.94 -64.58 -103.19
CA ASP CB 92 6.77 -65.15 -104.25
C ASP CB 92 7.50 -64.07 -105.03
N GLN CB 93 8.01 -63.07 -104.30
CA GLN CB 93 8.72 -61.97 -104.93
C GLN CB 93 9.95 -62.47 -105.68
N GLU CB 94 10.18 -61.90 -106.87
CA GLU CB 94 11.33 -62.31 -107.67
C GLU CB 94 12.64 -61.99 -106.97
N ILE CB 95 12.72 -60.83 -106.34
CA ILE CB 95 13.90 -60.43 -105.58
C ILE CB 95 13.46 -60.03 -104.19
N ILE CB 96 14.31 -60.34 -103.21
CA ILE CB 96 14.09 -59.95 -101.82
C ILE CB 96 15.21 -59.02 -101.43
N GLU CB 97 14.86 -57.82 -100.98
CA GLU CB 97 15.84 -56.84 -100.54
C GLU CB 97 16.36 -57.25 -99.17
N VAL CB 98 17.62 -57.67 -99.12
CA VAL CB 98 18.16 -58.35 -97.95
C VAL CB 98 19.28 -57.50 -97.35
N ASP CB 99 19.29 -57.40 -96.04
CA ASP CB 99 20.28 -56.72 -95.22
C ASP CB 99 21.55 -57.56 -95.21
N PRO CB 100 22.74 -56.94 -95.31
CA PRO CB 100 23.98 -57.72 -95.19
C PRO CB 100 24.11 -58.51 -93.89
N ASP CB 101 23.58 -58.00 -92.77
CA ASP CB 101 23.60 -58.77 -91.53
C ASP CB 101 22.74 -60.03 -91.66
N THR CB 102 21.56 -59.88 -92.25
CA THR CB 102 20.72 -61.05 -92.51
C THR CB 102 21.38 -62.00 -93.51
N LYS CB 103 22.15 -61.46 -94.45
CA LYS CB 103 22.90 -62.31 -95.37
C LYS CB 103 23.93 -63.14 -94.62
N GLU CB 104 24.62 -62.51 -93.66
CA GLU CB 104 25.55 -63.26 -92.81
C GLU CB 104 24.83 -64.32 -92.00
N MET CB 105 23.64 -63.99 -91.49
CA MET CB 105 22.85 -64.97 -90.74
C MET CB 105 22.50 -66.16 -91.63
N LEU CB 106 22.08 -65.89 -92.86
CA LEU CB 106 21.74 -66.97 -93.79
C LEU CB 106 22.97 -67.80 -94.13
N LYS CB 107 24.12 -67.16 -94.28
CA LYS CB 107 25.35 -67.88 -94.56
C LYS CB 107 25.72 -68.80 -93.42
N LEU CB 108 25.57 -68.34 -92.17
CA LEU CB 108 25.81 -69.21 -91.03
C LEU CB 108 24.77 -70.33 -90.97
N LEU CB 109 23.54 -70.04 -91.37
CA LEU CB 109 22.49 -71.06 -91.43
C LEU CB 109 22.74 -72.06 -92.55
N ASP CB 110 23.60 -71.71 -93.51
CA ASP CB 110 24.03 -72.35 -94.78
C ASP CB 110 23.09 -72.04 -95.94
N PHE CB 111 22.05 -71.23 -95.75
CA PHE CB 111 21.19 -70.81 -96.84
C PHE CB 111 21.66 -69.53 -97.50
N GLY CB 112 22.95 -69.22 -97.42
CA GLY CB 112 23.49 -68.10 -98.15
C GLY CB 112 23.65 -68.42 -99.62
N SER CB 113 23.98 -67.38 -100.38
CA SER CB 113 24.19 -67.46 -101.83
C SER CB 113 22.95 -68.00 -102.54
N LEU CB 114 21.85 -67.24 -102.42
CA LEU CB 114 20.62 -67.53 -103.12
C LEU CB 114 20.42 -66.52 -104.24
N SER CB 115 19.93 -67.01 -105.38
CA SER CB 115 19.80 -66.16 -106.56
C SER CB 115 18.65 -65.16 -106.45
N ASN CB 116 17.76 -65.33 -105.47
CA ASN CB 116 16.59 -64.48 -105.32
C ASN CB 116 16.79 -63.37 -104.30
N LEU CB 117 18.01 -63.17 -103.83
CA LEU CB 117 18.29 -62.16 -102.80
C LEU CB 117 19.17 -61.07 -103.40
N GLN CB 118 18.78 -59.82 -103.17
CA GLN CB 118 19.58 -58.67 -103.57
C GLN CB 118 20.00 -57.91 -102.32
N VAL CB 119 21.30 -57.76 -102.13
CA VAL CB 119 21.83 -57.16 -100.91
C VAL CB 119 21.64 -55.64 -100.97
N THR CB 120 20.97 -55.09 -99.98
CA THR CB 120 20.80 -53.65 -99.90
C THR CB 120 22.06 -52.99 -99.36
N GLN CB 121 22.22 -51.71 -99.67
CA GLN CB 121 23.25 -50.91 -99.04
C GLN CB 121 22.81 -50.55 -97.63
N PRO CB 122 23.56 -50.93 -96.59
CA PRO CB 122 23.12 -50.62 -95.22
C PRO CB 122 23.09 -49.12 -94.99
N THR CB 123 22.12 -48.68 -94.19
CA THR CB 123 22.01 -47.27 -93.90
C THR CB 123 23.14 -46.84 -92.97
N VAL CB 124 23.44 -45.54 -93.01
CA VAL CB 124 24.55 -44.96 -92.26
C VAL CB 124 24.01 -43.78 -91.47
N GLY CB 125 24.38 -43.70 -90.19
CA GLY CB 125 23.97 -42.60 -89.36
C GLY CB 125 23.45 -43.04 -88.01
N MET CB 126 22.79 -44.20 -87.99
CA MET CB 126 22.27 -44.80 -86.76
C MET CB 126 21.36 -43.82 -86.02
N ASN CB 127 20.48 -43.19 -86.78
CA ASN CB 127 19.65 -42.09 -86.28
C ASN CB 127 18.24 -42.52 -85.92
N PHE CB 128 18.07 -43.74 -85.42
CA PHE CB 128 16.78 -44.17 -84.92
C PHE CB 128 16.55 -43.54 -83.55
N LYS CB 129 15.51 -44.01 -82.85
CA LYS CB 129 15.07 -43.50 -81.55
C LYS CB 129 14.44 -42.12 -81.67
N THR CB 130 13.34 -41.89 -80.99
CA THR CB 130 12.75 -40.57 -80.96
C THR CB 130 13.52 -39.68 -79.98
N PRO CB 131 13.56 -38.37 -80.23
CA PRO CB 131 14.19 -37.46 -79.28
C PRO CB 131 13.52 -37.54 -77.92
N ARG CB 132 14.34 -37.52 -76.87
CA ARG CB 132 13.85 -37.81 -75.53
C ARG CB 132 13.16 -36.60 -74.91
N GLY CB 133 12.04 -36.86 -74.25
CA GLY CB 133 11.29 -35.82 -73.60
C GLY CB 133 10.53 -34.96 -74.59
N PRO CB 134 9.91 -33.89 -74.11
CA PRO CB 134 9.27 -32.92 -75.02
C PRO CB 134 10.30 -32.10 -75.79
N VAL CB 135 9.81 -31.14 -76.58
CA VAL CB 135 10.64 -30.30 -77.45
C VAL CB 135 11.42 -31.17 -78.43
N MET DB 1 -83.43 20.72 -64.05
CA MET DB 1 -82.61 19.62 -64.55
C MET DB 1 -81.25 20.11 -65.08
N SER DB 2 -80.20 19.79 -64.32
CA SER DB 2 -78.83 20.22 -64.60
C SER DB 2 -78.72 21.75 -64.67
N LEU DB 3 -79.60 22.45 -63.96
CA LEU DB 3 -79.51 23.90 -63.89
C LEU DB 3 -78.43 24.30 -62.91
N VAL DB 4 -78.34 25.59 -62.62
CA VAL DB 4 -77.44 26.10 -61.60
C VAL DB 4 -77.96 25.68 -60.24
N ILE DB 5 -77.14 25.86 -59.20
CA ILE DB 5 -77.58 25.56 -57.84
C ILE DB 5 -78.75 26.48 -57.48
N PRO DB 6 -79.83 25.97 -56.89
CA PRO DB 6 -80.95 26.85 -56.55
C PRO DB 6 -80.61 27.77 -55.39
N GLU DB 7 -81.37 28.87 -55.30
CA GLU DB 7 -81.05 29.90 -54.32
C GLU DB 7 -81.21 29.39 -52.89
N LYS DB 8 -82.29 28.67 -52.61
CA LYS DB 8 -82.52 28.13 -51.28
C LYS DB 8 -81.97 26.72 -51.12
N PHE DB 9 -80.72 26.53 -51.53
CA PHE DB 9 -80.04 25.25 -51.41
C PHE DB 9 -79.17 25.30 -50.17
N GLN DB 10 -79.70 24.80 -49.05
CA GLN DB 10 -78.91 24.68 -47.85
C GLN DB 10 -77.99 23.47 -47.97
N HIS DB 11 -76.71 23.66 -47.63
CA HIS DB 11 -75.73 22.60 -47.86
C HIS DB 11 -75.91 21.45 -46.88
N ILE DB 12 -76.29 21.74 -45.64
CA ILE DB 12 -76.70 20.69 -44.71
C ILE DB 12 -78.02 21.09 -44.09
N LEU DB 13 -78.81 20.10 -43.70
CA LEU DB 13 -80.12 20.30 -43.13
C LEU DB 13 -80.06 20.10 -41.62
N ARG DB 14 -81.20 20.22 -40.96
CA ARG DB 14 -81.34 19.88 -39.54
C ARG DB 14 -82.58 19.01 -39.40
N VAL DB 15 -82.38 17.70 -39.31
CA VAL DB 15 -83.46 16.74 -39.21
C VAL DB 15 -83.45 16.15 -37.81
N LEU DB 16 -84.59 16.21 -37.13
CA LEU DB 16 -84.74 15.77 -35.75
C LEU DB 16 -83.75 16.52 -34.86
N ASN DB 17 -82.60 15.91 -34.60
CA ASN DB 17 -81.56 16.58 -33.84
C ASN DB 17 -80.18 16.43 -34.50
N THR DB 18 -80.10 15.87 -35.70
CA THR DB 18 -78.84 15.68 -36.39
C THR DB 18 -78.88 16.38 -37.74
N ASN DB 19 -77.70 16.73 -38.24
CA ASN DB 19 -77.57 17.34 -39.54
C ASN DB 19 -77.29 16.29 -40.61
N ILE DB 20 -77.83 16.52 -41.80
CA ILE DB 20 -77.64 15.63 -42.93
C ILE DB 20 -77.07 16.43 -44.08
N ASP DB 21 -76.16 15.83 -44.83
CA ASP DB 21 -75.50 16.51 -45.93
C ASP DB 21 -76.47 16.63 -47.10
N GLY DB 22 -76.74 17.87 -47.51
CA GLY DB 22 -77.57 18.09 -48.67
C GLY DB 22 -76.86 17.94 -49.98
N ARG DB 23 -75.54 17.70 -49.95
CA ARG DB 23 -74.78 17.54 -51.17
C ARG DB 23 -75.06 16.21 -51.83
N ARG DB 24 -75.42 15.19 -51.06
CA ARG DB 24 -75.66 13.86 -51.59
C ARG DB 24 -77.13 13.69 -51.98
N LYS DB 25 -77.45 12.53 -52.54
CA LYS DB 25 -78.82 12.23 -52.94
C LYS DB 25 -79.71 12.12 -51.72
N ILE DB 26 -81.01 12.37 -51.91
CA ILE DB 26 -81.95 12.33 -50.79
C ILE DB 26 -82.09 10.91 -50.26
N ALA DB 27 -82.03 9.91 -51.14
CA ALA DB 27 -82.21 8.52 -50.72
C ALA DB 27 -81.11 8.05 -49.78
N PHE DB 28 -79.95 8.71 -49.79
CA PHE DB 28 -78.84 8.31 -48.95
C PHE DB 28 -78.43 9.38 -47.94
N ALA DB 29 -78.98 10.59 -48.03
CA ALA DB 29 -78.62 11.64 -47.10
C ALA DB 29 -79.24 11.42 -45.74
N ILE DB 30 -80.51 10.98 -45.70
CA ILE DB 30 -81.21 10.81 -44.45
C ILE DB 30 -80.79 9.49 -43.80
N THR DB 31 -79.98 8.71 -44.51
CA THR DB 31 -79.40 7.53 -43.91
C THR DB 31 -78.42 7.89 -42.80
N ALA DB 32 -77.92 9.13 -42.79
CA ALA DB 32 -77.07 9.61 -41.70
C ALA DB 32 -77.82 9.72 -40.39
N ILE DB 33 -79.15 9.64 -40.41
CA ILE DB 33 -79.95 9.64 -39.19
C ILE DB 33 -79.94 8.23 -38.61
N LYS DB 34 -79.58 8.10 -37.34
CA LYS DB 34 -79.53 6.79 -36.71
C LYS DB 34 -80.92 6.17 -36.66
N GLY DB 35 -81.00 4.89 -36.98
CA GLY DB 35 -82.27 4.23 -37.14
C GLY DB 35 -82.83 4.26 -38.54
N VAL DB 36 -82.12 4.86 -39.50
CA VAL DB 36 -82.55 4.94 -40.89
C VAL DB 36 -81.44 4.39 -41.76
N GLY DB 37 -81.79 3.49 -42.68
CA GLY DB 37 -80.84 2.94 -43.60
C GLY DB 37 -81.29 3.08 -45.03
N ARG DB 38 -80.65 2.35 -45.94
CA ARG DB 38 -80.97 2.48 -47.36
C ARG DB 38 -82.42 2.05 -47.64
N ARG DB 39 -82.82 0.89 -47.08
CA ARG DB 39 -84.16 0.39 -47.34
C ARG DB 39 -85.23 1.30 -46.75
N TYR DB 40 -85.04 1.71 -45.49
CA TYR DB 40 -86.03 2.57 -44.84
C TYR DB 40 -86.12 3.92 -45.54
N ALA DB 41 -84.98 4.50 -45.89
CA ALA DB 41 -85.00 5.78 -46.61
C ALA DB 41 -85.70 5.64 -47.94
N HIS DB 42 -85.43 4.57 -48.68
CA HIS DB 42 -86.05 4.40 -49.98
C HIS DB 42 -87.56 4.24 -49.85
N VAL DB 43 -88.02 3.45 -48.87
CA VAL DB 43 -89.46 3.22 -48.78
C VAL DB 43 -90.18 4.48 -48.30
N VAL DB 44 -89.57 5.24 -47.38
CA VAL DB 44 -90.26 6.45 -46.94
C VAL DB 44 -90.28 7.50 -48.04
N LEU DB 45 -89.23 7.58 -48.86
CA LEU DB 45 -89.30 8.50 -50.00
C LEU DB 45 -90.34 8.04 -51.02
N ARG DB 46 -90.43 6.73 -51.26
CA ARG DB 46 -91.42 6.21 -52.21
C ARG DB 46 -92.83 6.54 -51.75
N LYS DB 47 -93.11 6.38 -50.46
CA LYS DB 47 -94.44 6.70 -49.95
C LYS DB 47 -94.63 8.17 -49.63
N ALA DB 48 -93.56 8.96 -49.67
CA ALA DB 48 -93.69 10.41 -49.63
C ALA DB 48 -93.87 11.03 -51.01
N ASP DB 49 -93.66 10.24 -52.06
CA ASP DB 49 -93.82 10.68 -53.44
C ASP DB 49 -92.92 11.88 -53.71
N ILE DB 50 -91.62 11.62 -53.63
CA ILE DB 50 -90.58 12.60 -53.90
C ILE DB 50 -89.62 11.99 -54.90
N ASP DB 51 -89.22 12.78 -55.90
CA ASP DB 51 -88.29 12.30 -56.91
C ASP DB 51 -86.98 11.89 -56.24
N LEU DB 52 -86.56 10.66 -56.49
CA LEU DB 52 -85.35 10.13 -55.86
C LEU DB 52 -84.08 10.64 -56.53
N THR DB 53 -84.17 11.25 -57.71
CA THR DB 53 -83.01 11.67 -58.47
C THR DB 53 -82.60 13.10 -58.17
N LYS DB 54 -82.92 13.61 -56.99
CA LYS DB 54 -82.56 14.98 -56.62
C LYS DB 54 -81.92 14.98 -55.24
N ARG DB 55 -81.04 15.95 -55.02
CA ARG DB 55 -80.28 16.02 -53.80
C ARG DB 55 -81.16 16.50 -52.64
N ALA DB 56 -80.69 16.22 -51.42
CA ALA DB 56 -81.45 16.59 -50.23
C ALA DB 56 -81.45 18.10 -50.02
N GLY DB 57 -80.42 18.80 -50.49
CA GLY DB 57 -80.35 20.24 -50.28
C GLY DB 57 -81.34 21.03 -51.10
N GLU DB 58 -81.82 20.47 -52.21
CA GLU DB 58 -82.76 21.16 -53.08
C GLU DB 58 -84.21 20.84 -52.77
N LEU DB 59 -84.46 20.07 -51.71
CA LEU DB 59 -85.84 19.86 -51.28
C LEU DB 59 -86.37 21.11 -50.58
N THR DB 60 -87.69 21.21 -50.51
CA THR DB 60 -88.35 22.35 -49.90
C THR DB 60 -88.90 21.96 -48.53
N GLU DB 61 -89.44 22.97 -47.84
CA GLU DB 61 -89.88 22.77 -46.46
C GLU DB 61 -91.05 21.80 -46.36
N ASP DB 62 -92.00 21.89 -47.29
CA ASP DB 62 -93.13 20.97 -47.26
C ASP DB 62 -92.69 19.53 -47.49
N GLU DB 63 -91.80 19.30 -48.46
CA GLU DB 63 -91.32 17.95 -48.70
C GLU DB 63 -90.54 17.42 -47.50
N VAL DB 64 -89.68 18.24 -46.90
CA VAL DB 64 -88.87 17.74 -45.80
C VAL DB 64 -89.74 17.46 -44.58
N GLU DB 65 -90.78 18.26 -44.34
CA GLU DB 65 -91.65 17.98 -43.21
C GLU DB 65 -92.53 16.76 -43.49
N ARG DB 66 -92.88 16.51 -44.74
CA ARG DB 66 -93.55 15.25 -45.09
C ARG DB 66 -92.65 14.06 -44.76
N VAL DB 67 -91.36 14.17 -45.10
CA VAL DB 67 -90.42 13.11 -44.73
C VAL DB 67 -90.36 12.95 -43.22
N ILE DB 68 -90.31 14.06 -42.49
CA ILE DB 68 -90.28 14.00 -41.03
C ILE DB 68 -91.48 13.26 -40.50
N THR DB 69 -92.67 13.62 -40.99
CA THR DB 69 -93.90 13.02 -40.48
C THR DB 69 -93.94 11.52 -40.77
N ILE DB 70 -93.56 11.13 -41.99
CA ILE DB 70 -93.61 9.72 -42.35
C ILE DB 70 -92.58 8.92 -41.56
N MET DB 71 -91.39 9.48 -41.35
CA MET DB 71 -90.37 8.81 -40.54
C MET DB 71 -90.85 8.64 -39.11
N GLN DB 72 -91.43 9.68 -38.51
CA GLN DB 72 -91.87 9.59 -37.13
C GLN DB 72 -93.02 8.61 -36.97
N ASN DB 73 -93.97 8.62 -37.91
CA ASN DB 73 -95.18 7.79 -37.81
C ASN DB 73 -95.30 6.95 -39.06
N PRO DB 74 -94.67 5.78 -39.10
CA PRO DB 74 -94.73 4.96 -40.32
C PRO DB 74 -95.98 4.11 -40.42
N ARG DB 75 -96.59 3.79 -39.28
CA ARG DB 75 -97.70 2.84 -39.26
C ARG DB 75 -98.90 3.34 -40.07
N GLN DB 76 -99.22 4.63 -39.95
CA GLN DB 76 -100.39 5.17 -40.62
C GLN DB 76 -100.15 5.52 -42.08
N TYR DB 77 -98.94 5.34 -42.58
CA TYR DB 77 -98.64 5.58 -43.99
C TYR DB 77 -98.28 4.29 -44.72
N LYS DB 78 -98.88 3.18 -44.31
CA LYS DB 78 -98.82 1.89 -44.99
C LYS DB 78 -97.40 1.30 -45.02
N ILE DB 79 -96.52 1.74 -44.13
CA ILE DB 79 -95.25 1.04 -43.91
C ILE DB 79 -95.60 -0.29 -43.28
N PRO DB 80 -95.17 -1.42 -43.85
CA PRO DB 80 -95.59 -2.71 -43.31
C PRO DB 80 -94.95 -3.00 -41.97
N ASP DB 81 -95.62 -3.88 -41.22
CA ASP DB 81 -95.31 -4.07 -39.81
C ASP DB 81 -93.90 -4.61 -39.61
N TRP DB 82 -93.49 -5.56 -40.46
CA TRP DB 82 -92.23 -6.28 -40.39
C TRP DB 82 -91.05 -5.47 -40.76
N PHE DB 83 -91.19 -4.18 -40.96
CA PHE DB 83 -90.12 -3.37 -41.51
C PHE DB 83 -89.46 -2.50 -40.44
N LEU DB 84 -90.02 -2.48 -39.23
CA LEU DB 84 -89.65 -1.55 -38.17
C LEU DB 84 -88.55 -2.13 -37.27
N ASN DB 85 -87.87 -1.24 -36.54
CA ASN DB 85 -86.78 -1.68 -35.68
C ASN DB 85 -87.29 -2.19 -34.34
N ARG DB 86 -87.91 -1.31 -33.55
CA ARG DB 86 -88.41 -1.71 -32.23
C ARG DB 86 -89.81 -2.26 -32.44
N GLN DB 87 -89.84 -3.50 -32.92
CA GLN DB 87 -91.08 -4.25 -33.05
C GLN DB 87 -91.29 -5.03 -31.77
N LYS DB 88 -92.52 -4.95 -31.23
CA LYS DB 88 -92.93 -5.72 -30.06
C LYS DB 88 -92.02 -5.40 -28.87
N ASP DB 89 -92.10 -4.15 -28.45
CA ASP DB 89 -91.17 -3.60 -27.46
C ASP DB 89 -91.27 -4.38 -26.15
N VAL DB 90 -90.13 -4.54 -25.50
CA VAL DB 90 -90.06 -5.27 -24.24
C VAL DB 90 -90.77 -4.53 -23.11
N LYS DB 91 -90.97 -3.23 -23.25
CA LYS DB 91 -91.64 -2.45 -22.21
C LYS DB 91 -93.15 -2.39 -22.38
N ASP DB 92 -93.63 -1.95 -23.54
CA ASP DB 92 -95.05 -1.77 -23.76
C ASP DB 92 -95.61 -2.60 -24.91
N GLY DB 93 -94.77 -3.30 -25.65
CA GLY DB 93 -95.27 -4.15 -26.73
C GLY DB 93 -95.96 -3.42 -27.85
N LYS DB 94 -95.44 -2.25 -28.24
CA LYS DB 94 -96.02 -1.47 -29.31
C LYS DB 94 -95.01 -1.32 -30.44
N TYR DB 95 -95.49 -1.43 -31.66
CA TYR DB 95 -94.66 -1.51 -32.86
C TYR DB 95 -94.26 -0.10 -33.26
N SER DB 96 -92.98 0.21 -33.20
CA SER DB 96 -92.53 1.58 -33.43
C SER DB 96 -91.14 1.61 -34.03
N GLN DB 97 -90.98 2.41 -35.07
CA GLN DB 97 -89.67 2.76 -35.58
C GLN DB 97 -89.07 3.86 -34.73
N VAL DB 98 -87.79 3.74 -34.41
CA VAL DB 98 -87.09 4.69 -33.56
C VAL DB 98 -86.04 5.39 -34.39
N LEU DB 99 -85.95 6.72 -34.25
CA LEU DB 99 -85.37 7.55 -35.29
C LEU DB 99 -84.18 8.39 -34.88
N ALA DB 100 -83.83 8.45 -33.60
CA ALA DB 100 -82.89 9.47 -33.14
C ALA DB 100 -82.13 8.91 -31.95
N ASN DB 101 -81.57 9.80 -31.13
CA ASN DB 101 -80.99 9.42 -29.84
C ASN DB 101 -81.98 8.69 -28.94
N GLY DB 102 -83.27 8.67 -29.30
CA GLY DB 102 -84.17 7.70 -28.71
C GLY DB 102 -83.69 6.29 -28.91
N LEU DB 103 -83.07 6.01 -30.05
CA LEU DB 103 -82.47 4.70 -30.27
C LEU DB 103 -81.31 4.45 -29.31
N ASP DB 104 -80.49 5.48 -29.07
CA ASP DB 104 -79.37 5.34 -28.15
C ASP DB 104 -79.86 5.06 -26.73
N ASN DB 105 -80.82 5.84 -26.26
CA ASN DB 105 -81.30 5.62 -24.90
C ASN DB 105 -82.15 4.36 -24.79
N LYS DB 106 -82.76 3.90 -25.88
CA LYS DB 106 -83.46 2.63 -25.85
C LYS DB 106 -82.49 1.46 -25.75
N LEU DB 107 -81.39 1.54 -26.50
CA LEU DB 107 -80.32 0.56 -26.34
C LEU DB 107 -79.76 0.59 -24.92
N ARG DB 108 -79.57 1.79 -24.38
CA ARG DB 108 -79.06 1.93 -23.02
C ARG DB 108 -80.01 1.28 -22.01
N GLU DB 109 -81.31 1.53 -22.14
CA GLU DB 109 -82.25 0.99 -21.16
C GLU DB 109 -82.38 -0.52 -21.32
N ASP DB 110 -82.30 -1.05 -22.54
CA ASP DB 110 -82.36 -2.50 -22.70
C ASP DB 110 -81.12 -3.17 -22.11
N LEU DB 111 -79.94 -2.58 -22.32
CA LEU DB 111 -78.73 -3.14 -21.73
C LEU DB 111 -78.76 -3.09 -20.21
N GLU DB 112 -79.23 -1.97 -19.64
CA GLU DB 112 -79.30 -1.90 -18.19
C GLU DB 112 -80.39 -2.80 -17.64
N ARG DB 113 -81.44 -3.07 -18.42
CA ARG DB 113 -82.44 -4.05 -18.01
C ARG DB 113 -81.83 -5.44 -17.92
N LEU DB 114 -81.04 -5.80 -18.93
CA LEU DB 114 -80.36 -7.10 -18.90
C LEU DB 114 -79.38 -7.17 -17.73
N LYS DB 115 -78.65 -6.10 -17.47
CA LYS DB 115 -77.74 -6.08 -16.33
C LYS DB 115 -78.50 -6.20 -15.02
N LYS DB 116 -79.65 -5.52 -14.91
CA LYS DB 116 -80.43 -5.57 -13.68
C LYS DB 116 -80.95 -6.97 -13.42
N ILE DB 117 -81.45 -7.65 -14.45
CA ILE DB 117 -81.90 -9.04 -14.25
C ILE DB 117 -80.74 -9.99 -14.19
N ARG DB 118 -79.51 -9.53 -14.45
CA ARG DB 118 -78.29 -10.32 -14.28
C ARG DB 118 -78.27 -11.51 -15.23
N ALA DB 119 -78.79 -11.32 -16.43
CA ALA DB 119 -78.71 -12.36 -17.44
C ALA DB 119 -77.27 -12.50 -17.92
N HIS DB 120 -77.00 -13.64 -18.57
CA HIS DB 120 -75.65 -13.88 -19.08
C HIS DB 120 -75.28 -12.86 -20.15
N ARG DB 121 -76.21 -12.53 -21.03
CA ARG DB 121 -75.94 -11.54 -22.06
C ARG DB 121 -75.65 -10.17 -21.44
N GLY DB 122 -76.42 -9.80 -20.41
CA GLY DB 122 -76.15 -8.53 -19.73
C GLY DB 122 -74.82 -8.51 -19.03
N LEU DB 123 -74.44 -9.64 -18.41
CA LEU DB 123 -73.13 -9.72 -17.77
C LEU DB 123 -72.00 -9.61 -18.78
N ARG DB 124 -72.17 -10.24 -19.95
CA ARG DB 124 -71.17 -10.12 -21.01
C ARG DB 124 -71.08 -8.68 -21.51
N HIS DB 125 -72.22 -8.00 -21.63
CA HIS DB 125 -72.22 -6.60 -22.01
C HIS DB 125 -71.49 -5.75 -20.97
N PHE DB 126 -71.71 -6.04 -19.69
CA PHE DB 126 -71.02 -5.32 -18.62
C PHE DB 126 -69.51 -5.54 -18.69
N TRP DB 127 -69.09 -6.79 -18.92
CA TRP DB 127 -67.68 -7.11 -18.99
C TRP DB 127 -67.03 -6.70 -20.30
N GLY DB 128 -67.82 -6.29 -21.30
CA GLY DB 128 -67.25 -5.89 -22.57
C GLY DB 128 -66.85 -7.04 -23.47
N LEU DB 129 -67.36 -8.23 -23.21
CA LEU DB 129 -67.05 -9.40 -24.03
C LEU DB 129 -68.14 -9.60 -25.09
N ARG DB 130 -67.89 -10.54 -25.99
CA ARG DB 130 -68.86 -10.87 -27.03
C ARG DB 130 -70.10 -11.49 -26.40
N VAL DB 131 -71.26 -11.16 -26.97
CA VAL DB 131 -72.53 -11.63 -26.43
C VAL DB 131 -73.24 -12.62 -27.35
N ARG DB 132 -72.75 -12.81 -28.58
CA ARG DB 132 -73.41 -13.69 -29.53
C ARG DB 132 -72.73 -15.06 -29.63
N GLY DB 133 -71.95 -15.43 -28.62
CA GLY DB 133 -71.35 -16.75 -28.57
C GLY DB 133 -70.10 -16.92 -29.40
N GLN DB 134 -69.48 -15.83 -29.85
CA GLN DB 134 -68.27 -15.95 -30.65
C GLN DB 134 -67.09 -16.44 -29.78
N HIS DB 135 -66.09 -16.98 -30.46
CA HIS DB 135 -64.86 -17.39 -29.79
C HIS DB 135 -64.03 -16.17 -29.44
N THR DB 136 -63.77 -15.97 -28.15
CA THR DB 136 -62.98 -14.84 -27.70
C THR DB 136 -61.51 -15.19 -27.52
N LYS DB 137 -61.10 -16.40 -27.90
CA LYS DB 137 -59.72 -16.82 -27.67
C LYS DB 137 -58.76 -16.09 -28.59
N THR DB 138 -59.09 -15.97 -29.87
CA THR DB 138 -58.14 -15.53 -30.87
C THR DB 138 -58.45 -14.19 -31.52
N THR DB 139 -59.68 -13.70 -31.39
CA THR DB 139 -60.09 -12.46 -32.03
C THR DB 139 -60.55 -11.45 -30.99
N GLY DB 140 -60.84 -10.24 -31.46
CA GLY DB 140 -61.25 -9.17 -30.57
C GLY DB 140 -60.13 -8.60 -29.75
N ARG DB 141 -58.87 -8.77 -30.18
CA ARG DB 141 -57.74 -8.32 -29.38
C ARG DB 141 -57.56 -6.82 -29.44
N ARG DB 142 -57.96 -6.17 -30.53
CA ARG DB 142 -57.76 -4.73 -30.67
C ARG DB 142 -58.59 -3.95 -29.67
N GLY DB 143 -59.82 -4.39 -29.40
CA GLY DB 143 -60.68 -3.69 -28.47
C GLY DB 143 -60.18 -3.69 -27.04
N ARG DB 144 -59.23 -4.57 -26.71
CA ARG DB 144 -58.65 -4.65 -25.38
C ARG DB 144 -57.23 -4.10 -25.32
N THR DB 145 -56.41 -4.41 -26.32
CA THR DB 145 -55.05 -3.87 -26.41
C THR DB 145 -54.77 -3.40 -27.82
N PRO EB 1 -91.70 -10.72 -94.93
CA PRO EB 1 -90.75 -10.59 -93.82
C PRO EB 1 -91.42 -10.60 -92.45
N GLY EB 2 -91.87 -11.78 -92.01
CA GLY EB 2 -92.37 -11.90 -90.66
C GLY EB 2 -91.26 -11.79 -89.63
N VAL EB 3 -91.62 -11.32 -88.44
CA VAL EB 3 -90.66 -11.10 -87.37
C VAL EB 3 -91.16 -11.81 -86.12
N THR EB 4 -90.30 -12.65 -85.55
CA THR EB 4 -90.55 -13.28 -84.26
C THR EB 4 -89.65 -12.65 -83.21
N VAL EB 5 -89.84 -13.06 -81.95
CA VAL EB 5 -89.09 -12.43 -80.87
C VAL EB 5 -87.64 -12.88 -80.86
N LYS EB 6 -87.33 -14.00 -81.53
CA LYS EB 6 -85.97 -14.52 -81.55
C LYS EB 6 -85.09 -13.79 -82.56
N ASP EB 7 -85.67 -12.95 -83.41
CA ASP EB 7 -84.93 -12.17 -84.39
C ASP EB 7 -84.67 -10.75 -83.93
N VAL EB 8 -85.06 -10.40 -82.71
CA VAL EB 8 -84.82 -9.06 -82.17
C VAL EB 8 -84.04 -9.19 -80.88
N ASN EB 9 -83.24 -8.17 -80.58
CA ASN EB 9 -82.52 -8.14 -79.32
C ASN EB 9 -83.49 -8.14 -78.16
N GLN EB 10 -83.31 -9.09 -77.24
CA GLN EB 10 -84.27 -9.28 -76.17
C GLN EB 10 -84.31 -8.13 -75.18
N GLN EB 11 -83.26 -7.31 -75.13
CA GLN EB 11 -83.21 -6.26 -74.11
C GLN EB 11 -84.17 -5.11 -74.44
N GLU EB 12 -84.00 -4.46 -75.58
CA GLU EB 12 -84.97 -3.43 -75.93
C GLU EB 12 -86.32 -4.05 -76.28
N PHE EB 13 -86.37 -5.33 -76.63
CA PHE EB 13 -87.65 -5.99 -76.81
C PHE EB 13 -88.43 -6.05 -75.51
N VAL EB 14 -87.79 -6.49 -74.43
CA VAL EB 14 -88.49 -6.58 -73.16
C VAL EB 14 -88.78 -5.19 -72.63
N ARG EB 15 -87.92 -4.21 -72.95
CA ARG EB 15 -88.22 -2.83 -72.59
C ARG EB 15 -89.48 -2.33 -73.29
N ALA EB 16 -89.61 -2.62 -74.59
CA ALA EB 16 -90.79 -2.20 -75.33
C ALA EB 16 -92.04 -2.94 -74.85
N LEU EB 17 -91.91 -4.23 -74.52
CA LEU EB 17 -93.04 -4.97 -73.98
C LEU EB 17 -93.48 -4.39 -72.64
N ALA EB 18 -92.53 -4.02 -71.79
CA ALA EB 18 -92.86 -3.38 -70.52
C ALA EB 18 -93.55 -2.05 -70.74
N ALA EB 19 -93.07 -1.26 -71.72
CA ALA EB 19 -93.70 0.03 -72.00
C ALA EB 19 -95.13 -0.15 -72.50
N PHE EB 20 -95.36 -1.13 -73.38
CA PHE EB 20 -96.71 -1.42 -73.85
C PHE EB 20 -97.60 -1.87 -72.70
N LEU EB 21 -97.08 -2.73 -71.84
CA LEU EB 21 -97.86 -3.23 -70.71
C LEU EB 21 -98.18 -2.10 -69.73
N LYS EB 22 -97.28 -1.12 -69.61
CA LYS EB 22 -97.55 0.06 -68.80
C LYS EB 22 -98.65 0.92 -69.42
N LYS EB 23 -98.54 1.21 -70.72
CA LYS EB 23 -99.48 2.15 -71.33
C LYS EB 23 -100.87 1.55 -71.43
N SER EB 24 -100.96 0.24 -71.69
CA SER EB 24 -102.25 -0.45 -71.70
C SER EB 24 -102.46 -1.15 -70.35
N GLY EB 25 -102.53 -0.34 -69.30
CA GLY EB 25 -102.48 -0.87 -67.95
C GLY EB 25 -103.74 -1.54 -67.48
N LYS EB 26 -103.73 -2.87 -67.43
CA LYS EB 26 -104.83 -3.67 -66.90
C LYS EB 26 -104.33 -4.71 -65.91
N LEU EB 27 -103.13 -4.52 -65.37
CA LEU EB 27 -102.50 -5.52 -64.53
C LEU EB 27 -103.12 -5.53 -63.13
N LYS EB 28 -102.95 -6.66 -62.45
CA LYS EB 28 -103.26 -6.77 -61.02
C LYS EB 28 -101.95 -6.53 -60.27
N VAL EB 29 -101.64 -5.27 -60.07
CA VAL EB 29 -100.42 -4.86 -59.37
C VAL EB 29 -100.66 -4.96 -57.87
N PRO EB 30 -99.84 -5.72 -57.14
CA PRO EB 30 -100.07 -5.86 -55.70
C PRO EB 30 -99.72 -4.59 -54.95
N GLU EB 31 -100.14 -4.55 -53.69
CA GLU EB 31 -100.01 -3.36 -52.86
C GLU EB 31 -98.62 -3.23 -52.23
N TRP EB 32 -97.76 -4.23 -52.38
CA TRP EB 32 -96.44 -4.20 -51.75
C TRP EB 32 -95.32 -3.98 -52.76
N VAL EB 33 -95.61 -3.39 -53.91
CA VAL EB 33 -94.58 -3.20 -54.92
C VAL EB 33 -93.60 -2.10 -54.53
N ASP EB 34 -93.93 -1.26 -53.56
CA ASP EB 34 -93.07 -0.16 -53.18
C ASP EB 34 -92.17 -0.49 -51.99
N THR EB 35 -92.28 -1.69 -51.43
CA THR EB 35 -91.53 -2.03 -50.23
C THR EB 35 -90.62 -3.23 -50.39
N VAL EB 36 -91.10 -4.30 -51.03
CA VAL EB 36 -90.40 -5.57 -50.99
C VAL EB 36 -89.14 -5.53 -51.86
N LYS EB 37 -88.16 -6.35 -51.48
CA LYS EB 37 -87.04 -6.64 -52.35
C LYS EB 37 -87.41 -7.75 -53.32
N LEU EB 38 -86.85 -7.68 -54.52
CA LEU EB 38 -87.18 -8.66 -55.54
C LEU EB 38 -86.60 -10.04 -55.26
N ALA EB 39 -85.67 -10.15 -54.32
CA ALA EB 39 -85.09 -11.45 -53.99
C ALA EB 39 -84.48 -11.38 -52.60
N LYS EB 40 -84.24 -12.57 -52.04
CA LYS EB 40 -83.62 -12.66 -50.73
C LYS EB 40 -82.20 -12.09 -50.75
N HIS EB 41 -81.46 -12.35 -51.83
CA HIS EB 41 -80.07 -11.95 -51.90
C HIS EB 41 -79.88 -10.47 -52.22
N LYS EB 42 -80.91 -9.78 -52.69
CA LYS EB 42 -80.79 -8.35 -52.93
C LYS EB 42 -80.73 -7.59 -51.62
N GLU EB 43 -80.17 -6.39 -51.68
CA GLU EB 43 -80.05 -5.54 -50.51
C GLU EB 43 -80.72 -4.18 -50.65
N LEU EB 44 -81.19 -3.83 -51.84
CA LEU EB 44 -82.06 -2.68 -52.04
C LEU EB 44 -83.24 -3.07 -52.92
N ALA EB 45 -84.33 -2.33 -52.77
CA ALA EB 45 -85.45 -2.45 -53.67
C ALA EB 45 -85.04 -1.97 -55.06
N PRO EB 46 -85.69 -2.46 -56.11
CA PRO EB 46 -85.32 -2.04 -57.48
C PRO EB 46 -85.45 -0.54 -57.67
N TYR EB 47 -84.53 0.03 -58.43
CA TYR EB 47 -84.49 1.47 -58.62
C TYR EB 47 -85.72 1.96 -59.38
N ASP EB 48 -86.13 1.23 -60.41
CA ASP EB 48 -87.23 1.66 -61.25
C ASP EB 48 -88.56 1.52 -60.49
N GLU EB 49 -89.48 2.43 -60.77
CA GLU EB 49 -90.77 2.44 -60.08
C GLU EB 49 -91.67 1.31 -60.55
N ASN EB 50 -91.98 1.29 -61.85
CA ASN EB 50 -92.84 0.23 -62.39
C ASN EB 50 -92.03 -0.98 -62.85
N TRP EB 51 -91.21 -1.49 -61.92
CA TRP EB 51 -90.44 -2.71 -62.18
C TRP EB 51 -91.33 -3.93 -62.36
N PHE EB 52 -92.56 -3.90 -61.83
CA PHE EB 52 -93.45 -5.04 -61.96
C PHE EB 52 -93.76 -5.32 -63.42
N TYR EB 53 -93.95 -4.27 -64.21
CA TYR EB 53 -94.26 -4.45 -65.62
C TYR EB 53 -93.07 -5.02 -66.38
N THR EB 54 -91.86 -4.56 -66.06
CA THR EB 54 -90.66 -5.12 -66.68
C THR EB 54 -90.50 -6.59 -66.32
N ARG EB 55 -90.72 -6.93 -65.05
CA ARG EB 55 -90.60 -8.31 -64.63
C ARG EB 55 -91.65 -9.20 -65.30
N ALA EB 56 -92.88 -8.71 -65.42
CA ALA EB 56 -93.92 -9.47 -66.10
C ALA EB 56 -93.58 -9.65 -67.57
N ALA EB 57 -93.02 -8.62 -68.21
CA ALA EB 57 -92.57 -8.75 -69.59
C ALA EB 57 -91.50 -9.80 -69.73
N SER EB 58 -90.53 -9.81 -68.80
CA SER EB 58 -89.47 -10.81 -68.86
C SER EB 58 -90.01 -12.21 -68.64
N THR EB 59 -90.97 -12.37 -67.73
CA THR EB 59 -91.57 -13.69 -67.51
C THR EB 59 -92.33 -14.16 -68.74
N ALA EB 60 -93.04 -13.25 -69.41
CA ALA EB 60 -93.73 -13.61 -70.64
C ALA EB 60 -92.74 -14.04 -71.72
N ARG EB 61 -91.62 -13.31 -71.83
CA ARG EB 61 -90.59 -13.67 -72.80
C ARG EB 61 -90.00 -15.04 -72.50
N HIS EB 62 -89.72 -15.31 -71.22
CA HIS EB 62 -89.19 -16.62 -70.84
C HIS EB 62 -90.19 -17.73 -71.10
N LEU EB 63 -91.48 -17.48 -70.84
CA LEU EB 63 -92.49 -18.48 -71.12
C LEU EB 63 -92.63 -18.73 -72.60
N TYR EB 64 -92.41 -17.71 -73.43
CA TYR EB 64 -92.37 -17.95 -74.86
C TYR EB 64 -91.18 -18.83 -75.23
N LEU EB 65 -90.01 -18.55 -74.64
CA LEU EB 65 -88.82 -19.31 -74.97
C LEU EB 65 -88.97 -20.78 -74.58
N ARG EB 66 -89.51 -21.05 -73.39
CA ARG EB 66 -89.82 -22.41 -73.00
C ARG EB 66 -91.01 -22.39 -72.05
N GLY EB 67 -91.96 -23.29 -72.30
CA GLY EB 67 -93.19 -23.33 -71.52
C GLY EB 67 -93.11 -24.28 -70.34
N GLY EB 68 -94.19 -24.30 -69.57
CA GLY EB 68 -94.27 -25.19 -68.43
C GLY EB 68 -93.48 -24.76 -67.23
N ALA EB 69 -92.99 -23.52 -67.19
CA ALA EB 69 -92.18 -23.06 -66.07
C ALA EB 69 -93.10 -22.61 -64.93
N GLY EB 70 -92.89 -23.19 -63.75
CA GLY EB 70 -93.64 -22.82 -62.57
C GLY EB 70 -92.95 -21.74 -61.77
N VAL EB 71 -93.49 -21.48 -60.58
CA VAL EB 71 -92.97 -20.41 -59.74
C VAL EB 71 -91.53 -20.69 -59.33
N GLY EB 72 -91.25 -21.92 -58.91
CA GLY EB 72 -89.88 -22.28 -58.55
C GLY EB 72 -88.92 -22.16 -59.70
N SER EB 73 -89.37 -22.54 -60.90
CA SER EB 73 -88.54 -22.35 -62.09
C SER EB 73 -88.24 -20.87 -62.31
N MET EB 74 -89.26 -20.01 -62.19
CA MET EB 74 -89.02 -18.58 -62.42
C MET EB 74 -88.07 -18.02 -61.38
N THR EB 75 -88.17 -18.47 -60.13
CA THR EB 75 -87.16 -18.10 -59.14
C THR EB 75 -85.78 -18.62 -59.53
N LYS EB 76 -85.72 -19.76 -60.21
CA LYS EB 76 -84.42 -20.24 -60.69
C LYS EB 76 -83.83 -19.31 -61.75
N ILE EB 77 -84.67 -18.80 -62.66
CA ILE EB 77 -84.16 -17.79 -63.60
C ILE EB 77 -83.72 -16.54 -62.85
N TYR EB 78 -84.57 -16.01 -61.97
CA TYR EB 78 -84.29 -14.74 -61.33
C TYR EB 78 -83.47 -14.88 -60.05
N GLY EB 79 -82.80 -16.02 -59.87
CA GLY EB 79 -81.84 -16.14 -58.80
C GLY EB 79 -80.56 -15.38 -59.12
N GLY EB 80 -79.76 -15.19 -58.09
CA GLY EB 80 -78.57 -14.38 -58.24
C GLY EB 80 -77.51 -14.73 -57.21
N ARG EB 81 -76.52 -13.85 -57.11
CA ARG EB 81 -75.35 -14.08 -56.28
C ARG EB 81 -75.57 -13.42 -54.92
N GLN EB 82 -75.65 -14.23 -53.87
CA GLN EB 82 -75.77 -13.73 -52.51
C GLN EB 82 -74.37 -13.61 -51.91
N ARG EB 83 -73.98 -12.40 -51.52
CA ARG EB 83 -72.61 -12.15 -51.09
C ARG EB 83 -72.31 -12.67 -49.69
N ASN EB 84 -73.33 -12.82 -48.84
CA ASN EB 84 -73.22 -13.43 -47.52
C ASN EB 84 -72.25 -12.70 -46.60
N GLY EB 85 -71.91 -11.46 -46.91
CA GLY EB 85 -71.05 -10.68 -46.04
C GLY EB 85 -69.64 -11.25 -45.99
N VAL EB 86 -69.18 -11.54 -44.77
CA VAL EB 86 -67.81 -12.00 -44.57
C VAL EB 86 -67.62 -13.43 -45.06
N MET EB 87 -68.68 -14.23 -45.11
CA MET EB 87 -68.61 -15.59 -45.61
C MET EB 87 -68.57 -15.59 -47.13
N PRO EB 88 -68.08 -16.67 -47.73
CA PRO EB 88 -68.04 -16.74 -49.20
C PRO EB 88 -69.45 -16.71 -49.79
N SER EB 89 -69.53 -16.19 -51.00
CA SER EB 89 -70.81 -16.01 -51.66
C SER EB 89 -71.41 -17.34 -52.10
N HIS EB 90 -72.70 -17.30 -52.40
CA HIS EB 90 -73.42 -18.47 -52.88
C HIS EB 90 -74.50 -18.02 -53.85
N PHE EB 91 -75.39 -18.92 -54.21
CA PHE EB 91 -76.47 -18.63 -55.13
C PHE EB 91 -77.81 -18.70 -54.40
N SER EB 92 -78.68 -17.72 -54.69
CA SER EB 92 -80.00 -17.66 -54.10
C SER EB 92 -81.05 -17.59 -55.20
N ARG EB 93 -82.29 -17.87 -54.82
CA ARG EB 93 -83.40 -17.88 -55.75
C ARG EB 93 -84.25 -16.62 -55.58
N GLY EB 94 -85.11 -16.39 -56.57
CA GLY EB 94 -85.95 -15.21 -56.58
C GLY EB 94 -87.08 -15.30 -55.57
N SER EB 95 -87.88 -14.24 -55.54
CA SER EB 95 -89.00 -14.15 -54.59
C SER EB 95 -90.17 -14.97 -55.11
N LYS EB 96 -90.58 -15.96 -54.32
CA LYS EB 96 -91.66 -16.85 -54.74
C LYS EB 96 -92.97 -16.10 -54.88
N SER EB 97 -93.28 -15.22 -53.92
CA SER EB 97 -94.53 -14.45 -54.02
C SER EB 97 -94.51 -13.51 -55.20
N VAL EB 98 -93.35 -12.92 -55.49
CA VAL EB 98 -93.26 -12.02 -56.64
C VAL EB 98 -93.51 -12.79 -57.94
N ALA EB 99 -92.86 -13.94 -58.09
CA ALA EB 99 -93.08 -14.74 -59.30
C ALA EB 99 -94.51 -15.21 -59.40
N ARG EB 100 -95.09 -15.65 -58.28
CA ARG EB 100 -96.47 -16.12 -58.26
C ARG EB 100 -97.44 -15.00 -58.64
N ARG EB 101 -97.23 -13.81 -58.09
CA ARG EB 101 -98.15 -12.71 -58.37
C ARG EB 101 -97.99 -12.21 -59.81
N VAL EB 102 -96.76 -12.23 -60.32
CA VAL EB 102 -96.56 -11.89 -61.73
C VAL EB 102 -97.30 -12.86 -62.62
N LEU EB 103 -97.19 -14.16 -62.33
CA LEU EB 103 -97.89 -15.16 -63.13
C LEU EB 103 -99.40 -15.00 -63.02
N GLN EB 104 -99.90 -14.73 -61.82
CA GLN EB 104 -101.33 -14.56 -61.63
C GLN EB 104 -101.85 -13.33 -62.37
N ALA EB 105 -101.07 -12.24 -62.37
CA ALA EB 105 -101.44 -11.09 -63.19
C ALA EB 105 -101.39 -11.43 -64.67
N LEU EB 106 -100.49 -12.34 -65.06
CA LEU EB 106 -100.44 -12.75 -66.47
C LEU EB 106 -101.69 -13.51 -66.88
N GLU EB 107 -102.17 -14.46 -66.05
CA GLU EB 107 -103.44 -15.06 -66.44
C GLU EB 107 -104.63 -14.15 -66.17
N GLY EB 108 -104.46 -13.09 -65.36
CA GLY EB 108 -105.47 -12.06 -65.31
C GLY EB 108 -105.59 -11.32 -66.62
N LEU EB 109 -104.46 -11.04 -67.26
CA LEU EB 109 -104.43 -10.56 -68.63
C LEU EB 109 -104.68 -11.66 -69.65
N LYS EB 110 -104.89 -12.89 -69.17
CA LYS EB 110 -105.27 -14.08 -69.95
C LYS EB 110 -104.34 -14.34 -71.14
N MET EB 111 -103.11 -13.85 -71.08
CA MET EB 111 -102.10 -14.24 -72.05
C MET EB 111 -101.31 -15.46 -71.61
N VAL EB 112 -101.57 -15.99 -70.41
CA VAL EB 112 -100.89 -17.16 -69.88
C VAL EB 112 -101.93 -18.10 -69.29
N GLU EB 113 -101.81 -19.39 -69.59
CA GLU EB 113 -102.70 -20.39 -69.04
C GLU EB 113 -101.90 -21.56 -68.51
N LYS EB 114 -102.42 -22.20 -67.47
CA LYS EB 114 -101.80 -23.40 -66.93
C LYS EB 114 -101.87 -24.54 -67.92
N ASP EB 115 -100.89 -25.44 -67.86
CA ASP EB 115 -100.82 -26.59 -68.74
C ASP EB 115 -101.74 -27.70 -68.21
N GLN EB 116 -101.85 -28.77 -69.01
CA GLN EB 116 -102.48 -29.98 -68.51
C GLN EB 116 -101.70 -30.56 -67.34
N ASP EB 117 -100.38 -30.54 -67.43
CA ASP EB 117 -99.51 -30.83 -66.31
C ASP EB 117 -99.18 -29.52 -65.58
N GLY EB 118 -98.20 -29.56 -64.70
CA GLY EB 118 -97.85 -28.38 -63.93
C GLY EB 118 -97.22 -27.30 -64.77
N GLY EB 119 -97.18 -26.09 -64.21
CA GLY EB 119 -96.63 -24.94 -64.89
C GLY EB 119 -97.63 -24.31 -65.82
N ARG EB 120 -97.22 -23.18 -66.41
CA ARG EB 120 -98.09 -22.44 -67.31
C ARG EB 120 -97.29 -21.99 -68.53
N LYS EB 121 -98.01 -21.79 -69.64
CA LYS EB 121 -97.43 -21.38 -70.91
C LYS EB 121 -98.26 -20.25 -71.50
N LEU EB 122 -97.86 -19.82 -72.70
CA LEU EB 122 -98.55 -18.73 -73.38
C LEU EB 122 -99.72 -19.25 -74.21
N THR EB 123 -100.78 -18.47 -74.24
CA THR EB 123 -101.91 -18.69 -75.12
C THR EB 123 -101.57 -18.20 -76.53
N PRO EB 124 -102.28 -18.68 -77.56
CA PRO EB 124 -102.02 -18.21 -78.92
C PRO EB 124 -102.11 -16.70 -79.08
N GLN EB 125 -103.06 -16.03 -78.44
CA GLN EB 125 -103.13 -14.58 -78.59
C GLN EB 125 -102.03 -13.87 -77.81
N GLY EB 126 -101.55 -14.47 -76.71
CA GLY EB 126 -100.36 -13.95 -76.06
C GLY EB 126 -99.14 -14.05 -76.95
N GLN EB 127 -98.98 -15.19 -77.62
CA GLN EB 127 -97.93 -15.34 -78.63
C GLN EB 127 -98.09 -14.30 -79.73
N ARG EB 128 -99.33 -14.03 -80.14
CA ARG EB 128 -99.60 -13.00 -81.13
C ARG EB 128 -99.14 -11.63 -80.66
N ASP EB 129 -99.42 -11.30 -79.40
CA ASP EB 129 -98.99 -10.00 -78.86
C ASP EB 129 -97.47 -9.90 -78.82
N LEU EB 130 -96.81 -10.97 -78.36
CA LEU EB 130 -95.35 -10.98 -78.31
C LEU EB 130 -94.76 -10.80 -79.71
N ASP EB 131 -95.31 -11.49 -80.70
CA ASP EB 131 -94.79 -11.38 -82.07
C ASP EB 131 -95.04 -10.01 -82.66
N ARG EB 132 -96.21 -9.42 -82.38
CA ARG EB 132 -96.50 -8.09 -82.89
C ARG EB 132 -95.54 -7.06 -82.31
N ILE EB 133 -95.27 -7.15 -81.01
CA ILE EB 133 -94.34 -6.20 -80.39
C ILE EB 133 -92.93 -6.44 -80.91
N ALA EB 134 -92.57 -7.70 -81.15
CA ALA EB 134 -91.26 -7.99 -81.74
C ALA EB 134 -91.15 -7.35 -83.13
N GLY EB 135 -92.20 -7.46 -83.94
CA GLY EB 135 -92.16 -6.84 -85.25
C GLY EB 135 -92.05 -5.34 -85.19
N GLN EB 136 -92.80 -4.70 -84.29
CA GLN EB 136 -92.76 -3.24 -84.22
C GLN EB 136 -91.42 -2.75 -83.68
N VAL EB 137 -90.82 -3.49 -82.73
CA VAL EB 137 -89.51 -3.06 -82.23
C VAL EB 137 -88.44 -3.33 -83.28
N ALA EB 138 -88.60 -4.37 -84.09
CA ALA EB 138 -87.68 -4.58 -85.20
C ALA EB 138 -87.76 -3.44 -86.20
N ALA EB 139 -88.98 -3.00 -86.52
CA ALA EB 139 -89.14 -1.86 -87.42
C ALA EB 139 -88.53 -0.60 -86.84
N ALA EB 140 -88.73 -0.36 -85.54
CA ALA EB 140 -88.18 0.82 -84.90
C ALA EB 140 -86.65 0.79 -84.90
N ASN EB 141 -86.06 -0.38 -84.63
CA ASN EB 141 -84.61 -0.49 -84.64
C ASN EB 141 -84.05 -0.33 -86.04
N LYS EB 142 -84.75 -0.86 -87.05
CA LYS EB 142 -84.29 -0.76 -88.43
C LYS EB 142 -84.35 0.68 -88.92
N LYS EB 143 -85.54 1.28 -88.91
CA LYS EB 143 -85.72 2.64 -89.38
C LYS EB 143 -86.09 3.57 -88.22
CA ALA FB 1 -99.41 -64.84 -76.27
C ALA FB 1 -98.61 -63.69 -76.86
N ILE FB 2 -99.23 -62.52 -76.91
CA ILE FB 2 -98.58 -61.31 -77.43
C ILE FB 2 -97.82 -60.70 -76.26
N HIS FB 3 -96.51 -60.89 -76.25
CA HIS FB 3 -95.66 -60.40 -75.17
C HIS FB 3 -94.46 -59.67 -75.74
N ARG FB 4 -93.96 -58.70 -74.98
CA ARG FB 4 -92.77 -57.92 -75.33
C ARG FB 4 -91.99 -57.70 -74.04
N ILE FB 5 -90.81 -58.28 -73.93
CA ILE FB 5 -90.10 -58.27 -72.65
C ILE FB 5 -88.81 -57.49 -72.76
N ARG FB 6 -88.34 -57.00 -71.61
CA ARG FB 6 -87.09 -56.28 -71.48
C ARG FB 6 -86.21 -56.97 -70.46
N ILE FB 7 -84.96 -57.22 -70.83
CA ILE FB 7 -83.98 -57.88 -69.97
C ILE FB 7 -82.84 -56.90 -69.77
N THR FB 8 -82.57 -56.55 -68.51
CA THR FB 8 -81.46 -55.66 -68.18
C THR FB 8 -80.41 -56.44 -67.40
N LEU FB 9 -79.15 -56.27 -67.81
CA LEU FB 9 -78.01 -56.94 -67.22
C LEU FB 9 -77.07 -55.90 -66.66
N THR FB 10 -76.72 -56.02 -65.38
CA THR FB 10 -75.82 -55.07 -64.76
C THR FB 10 -74.75 -55.79 -63.94
N SER FB 11 -73.52 -55.32 -64.05
CA SER FB 11 -72.47 -55.83 -63.17
C SER FB 11 -71.33 -54.84 -63.12
N ARG FB 12 -70.17 -55.31 -62.68
CA ARG FB 12 -68.99 -54.48 -62.50
C ARG FB 12 -67.95 -54.66 -63.60
N ASN FB 13 -68.05 -55.68 -64.45
CA ASN FB 13 -67.01 -55.92 -65.43
C ASN FB 13 -67.51 -56.13 -66.86
N VAL FB 14 -66.83 -55.43 -67.77
CA VAL FB 14 -67.26 -55.32 -69.15
C VAL FB 14 -67.09 -56.64 -69.89
N LYS FB 15 -66.08 -57.42 -69.54
CA LYS FB 15 -65.84 -58.69 -70.24
C LYS FB 15 -67.04 -59.62 -70.09
N SER FB 16 -67.47 -59.85 -68.85
CA SER FB 16 -68.61 -60.73 -68.63
C SER FB 16 -69.90 -60.10 -69.14
N LEU FB 17 -70.07 -58.78 -68.97
CA LEU FB 17 -71.27 -58.15 -69.53
C LEU FB 17 -71.34 -58.33 -71.04
N GLU FB 18 -70.23 -58.12 -71.74
CA GLU FB 18 -70.23 -58.23 -73.19
C GLU FB 18 -70.47 -59.67 -73.62
N LYS FB 19 -69.88 -60.64 -72.92
CA LYS FB 19 -70.08 -62.02 -73.35
C LYS FB 19 -71.51 -62.49 -73.08
N VAL FB 20 -72.14 -62.02 -72.01
CA VAL FB 20 -73.56 -62.34 -71.80
C VAL FB 20 -74.42 -61.66 -72.85
N CYS FB 21 -74.20 -60.37 -73.08
CA CYS FB 21 -74.98 -59.66 -74.08
C CYS FB 21 -74.75 -60.18 -75.48
N ALA FB 22 -73.66 -60.91 -75.69
CA ALA FB 22 -73.40 -61.55 -76.97
C ALA FB 22 -74.06 -62.91 -77.09
N ASP FB 23 -73.87 -63.78 -76.09
CA ASP FB 23 -74.40 -65.13 -76.22
C ASP FB 23 -75.92 -65.15 -76.13
N LEU FB 24 -76.51 -64.25 -75.33
CA LEU FB 24 -77.98 -64.19 -75.27
C LEU FB 24 -78.56 -63.80 -76.62
N ILE FB 25 -78.00 -62.76 -77.25
CA ILE FB 25 -78.57 -62.34 -78.53
C ILE FB 25 -78.26 -63.36 -79.62
N ARG FB 26 -77.12 -64.04 -79.55
CA ARG FB 26 -76.86 -65.09 -80.54
C ARG FB 26 -77.84 -66.24 -80.39
N GLY FB 27 -78.16 -66.62 -79.15
CA GLY FB 27 -79.22 -67.59 -78.94
C GLY FB 27 -80.55 -67.11 -79.49
N ALA FB 28 -80.83 -65.83 -79.34
CA ALA FB 28 -82.06 -65.27 -79.89
C ALA FB 28 -82.10 -65.37 -81.41
N LYS FB 29 -80.97 -65.05 -82.07
CA LYS FB 29 -80.93 -65.16 -83.53
C LYS FB 29 -81.09 -66.61 -83.99
N GLU FB 30 -80.40 -67.54 -83.31
CA GLU FB 30 -80.58 -68.95 -83.65
C GLU FB 30 -81.99 -69.44 -83.33
N LYS FB 31 -82.69 -68.77 -82.43
CA LYS FB 31 -84.06 -69.12 -82.06
C LYS FB 31 -85.06 -68.12 -82.64
N ASN FB 32 -84.66 -67.46 -83.74
CA ASN FB 32 -85.40 -66.50 -84.57
C ASN FB 32 -86.40 -65.64 -83.80
N LEU FB 33 -85.90 -64.93 -82.78
CA LEU FB 33 -86.62 -63.84 -82.15
C LEU FB 33 -85.92 -62.55 -82.54
N LYS FB 34 -86.64 -61.64 -83.19
CA LYS FB 34 -86.02 -60.40 -83.63
C LYS FB 34 -85.64 -59.54 -82.43
N VAL FB 35 -84.43 -59.00 -82.47
CA VAL FB 35 -83.78 -58.43 -81.29
C VAL FB 35 -83.72 -56.92 -81.43
N LYS FB 36 -84.27 -56.22 -80.45
CA LYS FB 36 -84.00 -54.80 -80.28
C LYS FB 36 -82.59 -54.65 -79.73
N GLY FB 37 -81.79 -53.81 -80.36
CA GLY FB 37 -80.36 -53.77 -80.13
C GLY FB 37 -79.97 -53.49 -78.69
N PRO FB 38 -78.81 -54.01 -78.28
CA PRO FB 38 -78.35 -53.81 -76.89
C PRO FB 38 -78.01 -52.34 -76.64
N VAL FB 39 -78.65 -51.77 -75.63
CA VAL FB 39 -78.45 -50.37 -75.26
C VAL FB 39 -77.53 -50.34 -74.05
N ARG FB 40 -76.40 -49.67 -74.18
CA ARG FB 40 -75.41 -49.58 -73.11
C ARG FB 40 -75.65 -48.29 -72.34
N MET FB 41 -76.16 -48.40 -71.12
CA MET FB 41 -76.45 -47.21 -70.34
C MET FB 41 -75.15 -46.60 -69.83
N PRO FB 42 -75.15 -45.31 -69.52
CA PRO FB 42 -73.93 -44.67 -69.01
C PRO FB 42 -73.46 -45.31 -67.72
N THR FB 43 -72.14 -45.43 -67.58
CA THR FB 43 -71.55 -46.12 -66.45
C THR FB 43 -71.75 -45.33 -65.16
N LYS FB 44 -72.07 -46.05 -64.09
CA LYS FB 44 -72.17 -45.45 -62.76
C LYS FB 44 -70.82 -45.59 -62.06
N THR FB 45 -70.21 -44.46 -61.74
CA THR FB 45 -68.88 -44.44 -61.14
C THR FB 45 -69.02 -44.05 -59.67
N LEU FB 46 -69.00 -45.05 -58.80
CA LEU FB 46 -69.07 -44.82 -57.36
C LEU FB 46 -67.68 -44.47 -56.86
N ARG FB 47 -67.52 -43.24 -56.38
CA ARG FB 47 -66.21 -42.74 -55.97
C ARG FB 47 -66.21 -42.49 -54.47
N ILE FB 48 -65.19 -42.98 -53.79
CA ILE FB 48 -65.01 -42.73 -52.36
C ILE FB 48 -63.58 -42.29 -52.13
N THR FB 49 -63.40 -41.08 -51.62
CA THR FB 49 -62.07 -40.55 -51.32
C THR FB 49 -61.89 -40.52 -49.81
N THR FB 50 -60.87 -41.22 -49.31
CA THR FB 50 -60.68 -41.40 -47.89
C THR FB 50 -59.22 -41.19 -47.55
N ARG FB 51 -58.96 -40.58 -46.40
CA ARG FB 51 -57.58 -40.42 -45.94
C ARG FB 51 -56.92 -41.78 -45.78
N LYS FB 52 -55.69 -41.91 -46.29
CA LYS FB 52 -54.99 -43.18 -46.22
C LYS FB 52 -54.67 -43.56 -44.78
N THR FB 53 -54.19 -42.60 -43.98
CA THR FB 53 -53.70 -42.93 -42.66
C THR FB 53 -54.86 -43.26 -41.72
N PRO FB 54 -54.67 -44.19 -40.79
CA PRO FB 54 -55.63 -44.39 -39.70
C PRO FB 54 -55.40 -43.49 -38.50
N CYS FB 55 -54.57 -42.45 -38.62
CA CYS FB 55 -54.12 -41.69 -37.47
C CYS FB 55 -54.38 -40.19 -37.64
N GLY FB 56 -54.31 -39.70 -38.86
CA GLY FB 56 -54.34 -38.28 -39.09
C GLY FB 56 -52.99 -37.61 -39.06
N GLU FB 57 -51.91 -38.36 -38.87
CA GLU FB 57 -50.56 -37.86 -38.95
C GLU FB 57 -49.95 -38.23 -40.30
N GLY FB 58 -49.31 -37.26 -40.94
CA GLY FB 58 -48.69 -37.52 -42.22
C GLY FB 58 -48.72 -36.34 -43.15
N SER FB 59 -48.72 -36.60 -44.46
CA SER FB 59 -48.69 -35.55 -45.46
C SER FB 59 -50.05 -35.36 -46.13
N LYS FB 60 -51.12 -35.83 -45.51
CA LYS FB 60 -52.48 -35.67 -46.01
C LYS FB 60 -52.64 -36.29 -47.40
N THR FB 61 -52.35 -37.58 -47.48
CA THR FB 61 -52.54 -38.34 -48.70
C THR FB 61 -53.92 -38.96 -48.72
N TRP FB 62 -54.61 -38.83 -49.84
CA TRP FB 62 -55.96 -39.32 -49.99
C TRP FB 62 -55.98 -40.47 -51.00
N ASP FB 63 -56.63 -41.56 -50.61
CA ASP FB 63 -56.81 -42.72 -51.47
C ASP FB 63 -58.20 -42.67 -52.05
N ARG FB 64 -58.31 -42.77 -53.37
CA ARG FB 64 -59.58 -42.69 -54.07
C ARG FB 64 -59.93 -44.06 -54.63
N PHE FB 65 -61.12 -44.55 -54.28
CA PHE FB 65 -61.61 -45.85 -54.70
C PHE FB 65 -62.76 -45.66 -55.68
N GLN FB 66 -62.76 -46.46 -56.74
CA GLN FB 66 -63.79 -46.40 -57.76
C GLN FB 66 -64.50 -47.74 -57.86
N MET FB 67 -65.78 -47.69 -58.18
CA MET FB 67 -66.56 -48.86 -58.54
C MET FB 67 -67.35 -48.54 -59.79
N ARG FB 68 -67.03 -49.23 -60.88
CA ARG FB 68 -67.72 -49.00 -62.15
C ARG FB 68 -68.86 -50.01 -62.28
N ILE FB 69 -70.07 -49.51 -62.43
CA ILE FB 69 -71.25 -50.34 -62.67
C ILE FB 69 -71.71 -50.09 -64.08
N HIS FB 70 -71.72 -51.14 -64.90
CA HIS FB 70 -72.19 -51.05 -66.28
C HIS FB 70 -73.47 -51.86 -66.42
N LYS FB 71 -74.40 -51.33 -67.20
CA LYS FB 71 -75.67 -52.01 -67.43
C LYS FB 71 -76.07 -51.89 -68.90
N ARG FB 72 -76.73 -52.94 -69.37
CA ARG FB 72 -77.20 -53.04 -70.74
C ARG FB 72 -78.66 -53.48 -70.75
N LEU FB 73 -79.38 -53.04 -71.77
CA LEU FB 73 -80.79 -53.36 -71.95
C LEU FB 73 -80.97 -54.06 -73.29
N ILE FB 74 -81.69 -55.18 -73.28
CA ILE FB 74 -82.04 -55.91 -74.49
C ILE FB 74 -83.53 -56.17 -74.47
N ASP FB 75 -84.23 -55.71 -75.51
CA ASP FB 75 -85.67 -55.91 -75.63
C ASP FB 75 -85.92 -57.10 -76.54
N LEU FB 76 -86.52 -58.14 -75.99
CA LEU FB 76 -86.92 -59.31 -76.76
C LEU FB 76 -88.38 -59.13 -77.18
N HIS FB 77 -88.60 -59.05 -78.49
CA HIS FB 77 -89.92 -58.83 -79.06
C HIS FB 77 -90.17 -59.90 -80.11
N SER FB 78 -91.19 -60.73 -79.88
CA SER FB 78 -91.59 -61.72 -80.87
C SER FB 78 -93.10 -61.71 -81.05
N PRO FB 79 -93.59 -62.05 -82.25
CA PRO FB 79 -95.05 -62.15 -82.44
C PRO FB 79 -95.70 -63.20 -81.55
N SER FB 80 -95.01 -64.30 -81.26
CA SER FB 80 -95.54 -65.33 -80.40
C SER FB 80 -95.11 -65.06 -78.96
N GLU FB 81 -95.35 -66.04 -78.08
CA GLU FB 81 -94.94 -65.90 -76.68
C GLU FB 81 -93.42 -65.94 -76.58
N ILE FB 82 -92.90 -65.36 -75.51
CA ILE FB 82 -91.46 -65.23 -75.31
C ILE FB 82 -90.99 -66.05 -74.11
N VAL FB 83 -91.71 -65.97 -72.99
CA VAL FB 83 -91.23 -66.58 -71.75
C VAL FB 83 -91.27 -68.09 -71.83
N LYS FB 84 -92.33 -68.65 -72.43
CA LYS FB 84 -92.39 -70.09 -72.59
C LYS FB 84 -91.33 -70.60 -73.55
N GLN FB 85 -90.88 -69.75 -74.48
CA GLN FB 85 -89.83 -70.15 -75.41
C GLN FB 85 -88.46 -70.09 -74.75
N ILE FB 86 -88.08 -68.95 -74.20
CA ILE FB 86 -86.76 -68.80 -73.58
C ILE FB 86 -86.91 -69.05 -72.08
N THR FB 87 -86.20 -70.06 -71.59
CA THR FB 87 -86.22 -70.43 -70.18
C THR FB 87 -84.82 -70.44 -69.56
N SER FB 88 -83.82 -70.92 -70.31
CA SER FB 88 -82.46 -70.90 -69.83
C SER FB 88 -81.94 -69.46 -69.76
N ILE FB 89 -81.09 -69.20 -68.77
CA ILE FB 89 -80.51 -67.88 -68.56
C ILE FB 89 -79.02 -67.87 -68.82
N SER FB 90 -78.30 -68.92 -68.42
CA SER FB 90 -76.85 -69.06 -68.61
C SER FB 90 -76.11 -67.83 -68.06
N ILE FB 91 -76.24 -67.64 -66.75
CA ILE FB 91 -75.73 -66.45 -66.07
C ILE FB 91 -74.62 -66.88 -65.12
N GLU FB 92 -73.44 -66.29 -65.30
CA GLU FB 92 -72.31 -66.52 -64.42
C GLU FB 92 -72.44 -65.67 -63.16
N PRO FB 93 -71.71 -66.00 -62.11
CA PRO FB 93 -71.67 -65.12 -60.93
C PRO FB 93 -71.09 -63.77 -61.29
N GLY FB 94 -71.60 -62.73 -60.63
CA GLY FB 94 -71.11 -61.39 -60.83
C GLY FB 94 -72.11 -60.47 -61.48
N VAL FB 95 -72.86 -60.99 -62.45
CA VAL FB 95 -73.81 -60.20 -63.22
C VAL FB 95 -75.23 -60.47 -62.74
N GLU FB 96 -76.01 -59.40 -62.61
CA GLU FB 96 -77.38 -59.46 -62.12
C GLU FB 96 -78.33 -59.18 -63.27
N VAL FB 97 -79.38 -59.98 -63.37
CA VAL FB 97 -80.33 -59.93 -64.47
C VAL FB 97 -81.71 -59.58 -63.93
N GLU FB 98 -82.43 -58.74 -64.66
CA GLU FB 98 -83.80 -58.38 -64.31
C GLU FB 98 -84.66 -58.38 -65.55
N VAL FB 99 -85.77 -59.10 -65.51
CA VAL FB 99 -86.67 -59.25 -66.65
C VAL FB 99 -88.01 -58.62 -66.29
N THR FB 100 -88.45 -57.67 -67.09
CA THR FB 100 -89.75 -57.03 -66.97
C THR FB 100 -90.51 -57.16 -68.28
N ILE FB 101 -91.77 -56.76 -68.25
CA ILE FB 101 -92.61 -56.74 -69.44
C ILE FB 101 -92.93 -55.28 -69.78
N ALA FB 102 -93.60 -55.09 -70.92
CA ALA FB 102 -93.96 -53.74 -71.35
C ALA FB 102 -94.95 -53.08 -70.40
N ASP FB 103 -95.74 -53.86 -69.66
CA ASP FB 103 -96.65 -53.29 -68.68
C ASP FB 103 -95.89 -52.59 -67.55
N ALA FB 104 -94.81 -53.20 -67.07
CA ALA FB 104 -94.01 -52.62 -65.99
C ALA FB 104 -92.96 -51.67 -66.55
N ARG GB 1 -52.73 16.86 -52.44
CA ARG GB 1 -53.66 15.75 -52.61
C ARG GB 1 -54.34 15.41 -51.28
N ASP GB 2 -55.35 16.20 -50.93
CA ASP GB 2 -56.11 15.98 -49.70
C ASP GB 2 -57.56 15.59 -49.96
N LYS GB 3 -58.31 16.44 -50.66
CA LYS GB 3 -59.71 16.18 -50.98
C LYS GB 3 -60.09 17.00 -52.19
N LEU GB 4 -61.23 16.66 -52.79
CA LEU GB 4 -61.66 17.30 -54.03
C LEU GB 4 -62.86 18.21 -53.89
N ASN GB 5 -63.66 18.06 -52.82
CA ASN GB 5 -64.87 18.83 -52.49
C ASN GB 5 -65.64 19.25 -53.72
N ASN GB 6 -65.87 18.30 -54.62
CA ASN GB 6 -66.38 18.59 -55.96
C ASN GB 6 -67.80 19.12 -55.90
N LEU GB 7 -68.12 20.05 -56.80
CA LEU GB 7 -69.46 20.63 -56.85
C LEU GB 7 -70.47 19.58 -57.29
N VAL GB 8 -71.61 19.55 -56.61
CA VAL GB 8 -72.66 18.61 -56.99
C VAL GB 8 -73.68 19.25 -57.93
N LEU GB 9 -73.86 20.55 -57.84
CA LEU GB 9 -74.75 21.28 -58.73
C LEU GB 9 -73.99 22.47 -59.31
N PHE GB 10 -74.34 22.83 -60.54
CA PHE GB 10 -73.66 23.93 -61.21
C PHE GB 10 -73.96 25.26 -60.54
N ASP GB 11 -73.16 26.26 -60.88
CA ASP GB 11 -73.42 27.64 -60.53
C ASP GB 11 -73.21 28.51 -61.76
N LYS GB 12 -73.33 29.82 -61.58
CA LYS GB 12 -73.15 30.74 -62.71
C LYS GB 12 -71.73 30.68 -63.24
N ALA GB 13 -70.74 30.56 -62.35
CA ALA GB 13 -69.34 30.59 -62.76
C ALA GB 13 -68.96 29.36 -63.59
N THR GB 14 -69.52 28.21 -63.27
CA THR GB 14 -69.16 26.99 -63.97
C THR GB 14 -70.11 26.61 -65.10
N TYR GB 15 -71.33 27.16 -65.11
CA TYR GB 15 -72.27 26.82 -66.17
C TYR GB 15 -71.79 27.34 -67.52
N ASP GB 16 -71.44 28.63 -67.59
CA ASP GB 16 -70.88 29.15 -68.83
C ASP GB 16 -69.51 28.56 -69.11
N LYS GB 17 -68.74 28.26 -68.06
CA LYS GB 17 -67.45 27.59 -68.21
C LYS GB 17 -67.63 26.26 -68.94
N LEU GB 18 -68.69 25.53 -68.60
CA LEU GB 18 -69.04 24.32 -69.33
C LEU GB 18 -69.47 24.64 -70.76
N CYS GB 19 -70.39 25.59 -70.91
CA CYS GB 19 -71.05 25.76 -72.20
C CYS GB 19 -70.15 26.37 -73.26
N LYS GB 20 -69.09 27.09 -72.90
CA LYS GB 20 -68.40 27.85 -73.93
C LYS GB 20 -67.07 27.26 -74.38
N GLU GB 21 -66.51 26.27 -73.68
CA GLU GB 21 -65.36 25.60 -74.29
C GLU GB 21 -65.34 24.08 -74.18
N VAL GB 22 -66.27 23.46 -73.44
CA VAL GB 22 -66.30 21.99 -73.41
C VAL GB 22 -66.54 21.38 -74.78
N PRO GB 23 -67.51 21.88 -75.62
CA PRO GB 23 -67.60 21.39 -77.00
C PRO GB 23 -66.60 22.03 -77.95
N ASN GB 24 -65.36 22.16 -77.50
CA ASN GB 24 -64.30 22.76 -78.31
C ASN GB 24 -63.03 21.95 -78.37
N TYR GB 25 -62.82 20.98 -77.48
CA TYR GB 25 -61.65 20.13 -77.55
C TYR GB 25 -62.03 18.73 -78.00
N LYS GB 26 -60.98 17.91 -78.23
CA LYS GB 26 -61.17 16.64 -78.92
C LYS GB 26 -61.87 15.62 -78.05
N LEU GB 27 -61.45 15.48 -76.79
CA LEU GB 27 -61.94 14.44 -75.90
C LEU GB 27 -62.90 15.03 -74.89
N ILE GB 28 -64.16 14.60 -74.94
CA ILE GB 28 -65.14 14.92 -73.92
C ILE GB 28 -65.62 13.61 -73.32
N THR GB 29 -65.24 13.37 -72.07
CA THR GB 29 -65.75 12.27 -71.26
C THR GB 29 -66.16 12.83 -69.91
N PRO GB 30 -67.08 12.17 -69.21
CA PRO GB 30 -67.47 12.66 -67.88
C PRO GB 30 -66.29 12.79 -66.92
N ALA GB 31 -65.31 11.90 -67.02
CA ALA GB 31 -64.15 11.97 -66.14
C ALA GB 31 -63.33 13.23 -66.39
N VAL GB 32 -63.02 13.52 -67.66
CA VAL GB 32 -62.20 14.69 -67.94
C VAL GB 32 -62.98 15.97 -67.66
N VAL GB 33 -64.29 15.97 -67.93
CA VAL GB 33 -65.11 17.13 -67.60
C VAL GB 33 -65.10 17.37 -66.09
N SER GB 34 -65.24 16.30 -65.31
CA SER GB 34 -65.21 16.44 -63.85
C SER GB 34 -63.85 16.95 -63.37
N GLU GB 35 -62.76 16.42 -63.92
CA GLU GB 35 -61.45 16.79 -63.41
C GLU GB 35 -61.00 18.18 -63.86
N ARG GB 36 -61.54 18.70 -64.96
CA ARG GB 36 -61.18 20.05 -65.39
C ARG GB 36 -62.25 21.09 -65.10
N LEU GB 37 -63.40 20.70 -64.54
CA LEU GB 37 -64.38 21.67 -64.06
C LEU GB 37 -64.60 21.58 -62.55
N LYS GB 38 -63.93 20.66 -61.86
CA LYS GB 38 -64.05 20.50 -60.41
C LYS GB 38 -65.49 20.24 -60.00
N ILE GB 39 -66.18 19.40 -60.75
CA ILE GB 39 -67.55 18.99 -60.43
C ILE GB 39 -67.56 17.51 -60.08
N ARG GB 40 -68.73 17.03 -59.67
CA ARG GB 40 -68.82 15.70 -59.06
C ARG GB 40 -68.58 14.60 -60.09
N GLY GB 41 -69.42 14.53 -61.12
CA GLY GB 41 -69.26 13.54 -62.17
C GLY GB 41 -70.57 12.93 -62.59
N SER GB 42 -71.48 12.71 -61.63
CA SER GB 42 -72.87 12.51 -62.00
C SER GB 42 -73.42 13.78 -62.62
N LEU GB 43 -73.05 14.93 -62.06
CA LEU GB 43 -73.33 16.21 -62.69
C LEU GB 43 -72.71 16.29 -64.07
N ALA GB 44 -71.50 15.75 -64.23
CA ALA GB 44 -70.84 15.77 -65.54
C ALA GB 44 -71.63 14.95 -66.56
N ARG GB 45 -72.06 13.74 -66.17
CA ARG GB 45 -72.86 12.91 -67.06
C ARG GB 45 -74.16 13.59 -67.44
N ALA GB 46 -74.83 14.18 -66.44
CA ALA GB 46 -76.09 14.86 -66.71
C ALA GB 46 -75.90 16.05 -67.64
N ALA GB 47 -74.85 16.84 -67.40
CA ALA GB 47 -74.58 17.97 -68.27
C ALA GB 47 -74.25 17.53 -69.68
N LEU GB 48 -73.50 16.44 -69.82
CA LEU GB 48 -73.14 15.98 -71.15
C LEU GB 48 -74.35 15.45 -71.92
N GLN GB 49 -75.28 14.78 -71.23
CA GLN GB 49 -76.47 14.35 -71.97
C GLN GB 49 -77.41 15.52 -72.25
N GLU GB 50 -77.40 16.56 -71.40
CA GLU GB 50 -78.13 17.79 -71.76
C GLU GB 50 -77.54 18.44 -73.00
N LEU GB 51 -76.21 18.47 -73.10
CA LEU GB 51 -75.58 19.05 -74.29
C LEU GB 51 -75.78 18.15 -75.52
N LEU GB 52 -75.93 16.84 -75.30
CA LEU GB 52 -76.38 15.96 -76.38
C LEU GB 52 -77.77 16.35 -76.86
N SER GB 53 -78.69 16.60 -75.94
CA SER GB 53 -80.03 17.02 -76.31
C SER GB 53 -80.00 18.35 -77.07
N LYS GB 54 -79.16 19.27 -76.62
CA LYS GB 54 -78.97 20.52 -77.35
C LYS GB 54 -78.30 20.31 -78.71
N GLY GB 55 -77.57 19.20 -78.88
CA GLY GB 55 -77.06 18.83 -80.18
C GLY GB 55 -75.74 19.44 -80.57
N LEU GB 56 -75.00 20.03 -79.64
CA LEU GB 56 -73.72 20.65 -79.94
C LEU GB 56 -72.53 19.78 -79.53
N ILE GB 57 -72.77 18.51 -79.20
CA ILE GB 57 -71.72 17.54 -78.91
C ILE GB 57 -72.09 16.22 -79.58
N LYS GB 58 -71.12 15.59 -80.24
CA LYS GB 58 -71.35 14.35 -80.96
C LYS GB 58 -70.88 13.17 -80.12
N LEU GB 59 -71.80 12.27 -79.79
CA LEU GB 59 -71.47 11.03 -79.11
C LEU GB 59 -70.83 10.03 -80.08
N VAL GB 60 -69.88 9.23 -79.59
CA VAL GB 60 -69.25 8.22 -80.42
C VAL GB 60 -69.43 6.81 -79.86
N SER GB 61 -69.29 6.63 -78.54
CA SER GB 61 -69.24 5.27 -77.97
C SER GB 61 -70.56 4.83 -77.34
N LYS GB 62 -71.00 5.52 -76.29
CA LYS GB 62 -72.17 5.15 -75.50
C LYS GB 62 -72.07 3.71 -74.98
N HIS GB 63 -71.11 3.52 -74.08
CA HIS GB 63 -70.96 2.26 -73.36
C HIS GB 63 -71.32 2.48 -71.90
N ARG GB 64 -71.77 1.40 -71.24
CA ARG GB 64 -72.30 1.53 -69.88
C ARG GB 64 -71.25 1.99 -68.89
N ALA GB 65 -69.98 1.74 -69.16
CA ALA GB 65 -68.91 2.11 -68.25
C ALA GB 65 -67.92 3.11 -68.83
N GLN GB 66 -68.04 3.45 -70.11
CA GLN GB 66 -67.10 4.37 -70.74
C GLN GB 66 -67.80 5.03 -71.93
N VAL GB 67 -68.26 6.26 -71.73
CA VAL GB 67 -68.95 7.02 -72.77
C VAL GB 67 -68.02 8.12 -73.26
N ILE GB 68 -67.93 8.28 -74.57
CA ILE GB 68 -66.99 9.24 -75.18
C ILE GB 68 -67.75 10.17 -76.11
N TYR GB 69 -67.44 11.45 -75.99
CA TYR GB 69 -68.03 12.52 -76.78
C TYR GB 69 -66.94 13.25 -77.54
N THR GB 70 -67.36 14.12 -78.45
CA THR GB 70 -66.42 14.94 -79.22
C THR GB 70 -67.15 16.18 -79.67
N ARG GB 71 -66.37 17.16 -80.13
CA ARG GB 71 -66.97 18.35 -80.71
C ARG GB 71 -67.40 18.07 -82.15
N ASN GB 72 -68.26 18.94 -82.66
CA ASN GB 72 -68.72 18.80 -84.04
C ASN GB 72 -67.60 19.17 -85.02
N THR GB 73 -67.71 18.64 -86.23
CA THR GB 73 -66.71 18.87 -87.25
C THR GB 73 -66.73 20.33 -87.72
N LYS GB 74 -65.56 20.84 -88.02
CA LYS GB 74 -65.40 22.20 -88.54
C LYS GB 74 -64.96 22.13 -90.00
N GLY GB 75 -65.68 22.84 -90.86
CA GLY GB 75 -65.36 22.86 -92.28
C GLY GB 75 -66.35 22.08 -93.12
N ARG HB 1 -19.99 14.23 -78.70
CA ARG HB 1 -18.91 13.47 -78.09
C ARG HB 1 -19.37 12.06 -77.75
N VAL HB 2 -20.62 11.94 -77.32
CA VAL HB 2 -21.16 10.64 -76.94
C VAL HB 2 -21.37 9.78 -78.19
N GLN HB 3 -21.15 8.48 -78.03
CA GLN HB 3 -21.27 7.56 -79.15
C GLN HB 3 -22.73 7.36 -79.52
N PRO HB 4 -23.10 7.44 -80.80
CA PRO HB 4 -24.48 7.17 -81.19
C PRO HB 4 -24.80 5.68 -81.12
N ILE HB 5 -26.10 5.40 -81.01
CA ILE HB 5 -26.58 4.02 -80.91
C ILE HB 5 -26.43 3.34 -82.26
N LYS HB 6 -25.97 2.08 -82.24
CA LYS HB 6 -25.78 1.34 -83.47
C LYS HB 6 -26.24 -0.09 -83.31
N LEU HB 7 -26.72 -0.67 -84.40
CA LEU HB 7 -27.37 -1.96 -84.41
C LEU HB 7 -26.38 -3.09 -84.69
N ALA HB 8 -26.78 -4.32 -84.34
CA ALA HB 8 -25.95 -5.48 -84.61
C ALA HB 8 -26.82 -6.73 -84.55
N ARG HB 9 -26.56 -7.67 -85.47
CA ARG HB 9 -27.34 -8.89 -85.61
C ARG HB 9 -26.65 -10.05 -84.93
N VAL HB 10 -27.39 -10.79 -84.10
CA VAL HB 10 -26.85 -11.97 -83.45
C VAL HB 10 -26.57 -13.05 -84.48
N THR HB 11 -25.32 -13.49 -84.55
CA THR HB 11 -24.91 -14.55 -85.46
C THR HB 11 -24.83 -15.91 -84.79
N LYS HB 12 -24.41 -15.97 -83.52
CA LYS HB 12 -24.32 -17.28 -82.87
C LYS HB 12 -24.61 -17.13 -81.39
N VAL HB 13 -25.14 -18.18 -80.77
CA VAL HB 13 -25.41 -18.19 -79.34
C VAL HB 13 -24.41 -19.12 -78.66
N LEU HB 14 -23.54 -18.53 -77.84
CA LEU HB 14 -22.49 -19.30 -77.18
C LEU HB 14 -23.07 -20.15 -76.06
N GLY HB 15 -23.81 -19.53 -75.14
CA GLY HB 15 -24.40 -20.26 -74.04
C GLY HB 15 -24.81 -19.33 -72.93
N ARG HB 16 -25.48 -19.90 -71.94
CA ARG HB 16 -25.98 -19.14 -70.81
C ARG HB 16 -24.85 -18.77 -69.85
N THR HB 17 -25.06 -17.69 -69.10
CA THR HB 17 -24.08 -17.22 -68.14
C THR HB 17 -24.80 -16.44 -67.05
N GLY HB 18 -24.02 -15.94 -66.10
CA GLY HB 18 -24.55 -15.25 -64.95
C GLY HB 18 -24.79 -16.15 -63.75
N SER HB 19 -24.61 -17.45 -63.90
CA SER HB 19 -24.72 -18.49 -62.88
C SER HB 19 -26.14 -18.67 -62.36
N GLN HB 20 -27.10 -17.85 -62.79
CA GLN HB 20 -28.51 -18.15 -62.67
C GLN HB 20 -29.15 -18.43 -64.03
N GLY HB 21 -28.39 -18.35 -65.10
CA GLY HB 21 -28.94 -18.51 -66.43
C GLY HB 21 -29.70 -17.32 -66.94
N GLN HB 22 -29.67 -16.20 -66.22
CA GLN HB 22 -30.44 -15.03 -66.63
C GLN HB 22 -29.83 -14.38 -67.87
N CYS HB 23 -28.54 -14.57 -68.10
CA CYS HB 23 -27.86 -14.02 -69.26
C CYS HB 23 -27.52 -15.12 -70.25
N THR HB 24 -27.70 -14.82 -71.53
CA THR HB 24 -27.17 -15.64 -72.60
C THR HB 24 -26.12 -14.83 -73.35
N GLN HB 25 -25.01 -15.49 -73.65
CA GLN HB 25 -23.88 -14.85 -74.30
C GLN HB 25 -23.91 -15.17 -75.78
N VAL HB 26 -23.70 -14.16 -76.62
CA VAL HB 26 -23.85 -14.34 -78.06
C VAL HB 26 -22.68 -13.69 -78.78
N ARG HB 27 -22.39 -14.21 -79.97
CA ARG HB 27 -21.52 -13.56 -80.93
C ARG HB 27 -22.40 -12.78 -81.91
N VAL HB 28 -22.08 -11.52 -82.09
CA VAL HB 28 -22.95 -10.55 -82.75
C VAL HB 28 -22.14 -9.77 -83.77
N GLU HB 29 -22.73 -9.51 -84.92
CA GLU HB 29 -22.07 -8.91 -86.08
C GLU HB 29 -22.62 -7.51 -86.32
N PHE HB 30 -21.71 -6.55 -86.51
CA PHE HB 30 -22.13 -5.16 -86.67
C PHE HB 30 -22.72 -4.92 -88.05
N MET HB 31 -23.65 -3.97 -88.12
CA MET HB 31 -24.23 -3.57 -89.40
C MET HB 31 -23.28 -2.71 -90.23
N ASP HB 32 -22.61 -1.75 -89.58
CA ASP HB 32 -21.75 -0.83 -90.31
C ASP HB 32 -20.54 -1.53 -90.91
N ASP HB 33 -20.05 -2.57 -90.25
CA ASP HB 33 -18.91 -3.34 -90.76
C ASP HB 33 -19.27 -4.81 -90.52
N THR HB 34 -19.67 -5.50 -91.60
CA THR HB 34 -20.04 -6.90 -91.49
C THR HB 34 -18.87 -7.76 -91.05
N SER HB 35 -17.65 -7.38 -91.42
CA SER HB 35 -16.49 -8.14 -90.99
C SER HB 35 -16.25 -8.00 -89.49
N ARG HB 36 -16.85 -7.02 -88.83
CA ARG HB 36 -16.69 -6.82 -87.40
C ARG HB 36 -17.75 -7.59 -86.63
N SER HB 37 -17.30 -8.45 -85.71
CA SER HB 37 -18.19 -9.23 -84.87
C SER HB 37 -17.54 -9.39 -83.50
N ILE HB 38 -18.31 -9.12 -82.46
CA ILE HB 38 -17.81 -9.19 -81.10
C ILE HB 38 -18.66 -10.15 -80.29
N ILE HB 39 -18.35 -10.29 -79.01
CA ILE HB 39 -19.09 -11.18 -78.10
C ILE HB 39 -19.72 -10.32 -77.03
N ARG HB 40 -21.04 -10.41 -76.91
CA ARG HB 40 -21.80 -9.62 -75.94
C ARG HB 40 -22.75 -10.53 -75.20
N ASN HB 41 -22.90 -10.30 -73.90
CA ASN HB 41 -23.90 -11.01 -73.12
C ASN HB 41 -25.21 -10.23 -73.12
N VAL HB 42 -26.32 -10.94 -73.36
CA VAL HB 42 -27.64 -10.34 -73.48
C VAL HB 42 -28.60 -11.08 -72.57
N LYS HB 43 -29.65 -10.39 -72.15
CA LYS HB 43 -30.64 -10.96 -71.25
C LYS HB 43 -32.00 -11.00 -71.94
N GLY HB 44 -32.81 -11.99 -71.57
CA GLY HB 44 -34.06 -12.23 -72.24
C GLY HB 44 -33.93 -13.31 -73.28
N PRO HB 45 -35.06 -13.76 -73.84
CA PRO HB 45 -35.02 -14.85 -74.82
C PRO HB 45 -34.39 -14.38 -76.13
N VAL HB 46 -33.34 -15.08 -76.54
CA VAL HB 46 -32.57 -14.72 -77.73
C VAL HB 46 -32.45 -15.94 -78.62
N ARG HB 47 -32.70 -15.75 -79.91
CA ARG HB 47 -32.39 -16.76 -80.92
C ARG HB 47 -31.60 -16.07 -82.03
N GLU HB 48 -30.74 -16.85 -82.69
CA GLU HB 48 -29.84 -16.26 -83.67
C GLU HB 48 -30.61 -15.69 -84.84
N GLY HB 49 -30.12 -14.59 -85.40
CA GLY HB 49 -30.73 -13.92 -86.52
C GLY HB 49 -31.38 -12.60 -86.19
N ASP HB 50 -31.78 -12.38 -84.93
CA ASP HB 50 -32.43 -11.12 -84.60
C ASP HB 50 -31.40 -10.04 -84.33
N VAL HB 51 -31.83 -8.80 -84.43
CA VAL HB 51 -30.95 -7.66 -84.32
C VAL HB 51 -31.26 -6.91 -83.03
N LEU HB 52 -30.24 -6.22 -82.51
CA LEU HB 52 -30.40 -5.53 -81.25
C LEU HB 52 -29.48 -4.31 -81.21
N THR HB 53 -29.81 -3.37 -80.33
CA THR HB 53 -29.08 -2.13 -80.20
C THR HB 53 -27.89 -2.30 -79.27
N LEU HB 54 -26.84 -1.51 -79.52
CA LEU HB 54 -25.67 -1.45 -78.66
C LEU HB 54 -25.51 -0.01 -78.22
N LEU HB 55 -25.98 0.30 -77.01
CA LEU HB 55 -25.84 1.66 -76.49
C LEU HB 55 -24.38 2.04 -76.34
N GLU HB 56 -23.56 1.11 -75.86
CA GLU HB 56 -22.11 1.26 -75.85
C GLU HB 56 -21.53 0.08 -76.61
N SER HB 57 -20.51 0.36 -77.44
CA SER HB 57 -20.11 -0.61 -78.45
C SER HB 57 -19.43 -1.83 -77.84
N GLU HB 58 -18.28 -1.64 -77.19
CA GLU HB 58 -17.52 -2.76 -76.65
C GLU HB 58 -17.51 -2.69 -75.12
N ARG HB 59 -18.03 -3.75 -74.49
CA ARG HB 59 -18.07 -3.83 -73.04
C ARG HB 59 -17.17 -4.94 -72.51
N GLU HB 60 -17.39 -6.18 -72.93
CA GLU HB 60 -16.62 -7.30 -72.43
C GLU HB 60 -16.90 -8.52 -73.30
N ALA HB 61 -15.86 -9.32 -73.53
CA ALA HB 61 -15.97 -10.59 -74.21
C ALA HB 61 -15.18 -11.63 -73.42
N ARG HB 62 -15.79 -12.77 -73.16
CA ARG HB 62 -15.12 -13.82 -72.40
C ARG HB 62 -15.75 -15.16 -72.75
N ARG HB 63 -14.97 -16.04 -73.36
CA ARG HB 63 -15.47 -17.35 -73.73
C ARG HB 63 -15.81 -18.16 -72.49
N LEU HB 64 -16.93 -18.87 -72.56
CA LEU HB 64 -17.39 -19.69 -71.44
C LEU HB 64 -16.43 -20.84 -71.15
N GLY IB 1 -80.83 -47.94 -13.70
CA GLY IB 1 -81.97 -48.31 -12.90
C GLY IB 1 -82.96 -49.20 -13.64
N HIS IB 2 -84.24 -48.85 -13.57
CA HIS IB 2 -85.27 -49.60 -14.26
C HIS IB 2 -85.36 -49.15 -15.72
N GLN IB 3 -86.39 -49.64 -16.43
CA GLN IB 3 -86.50 -49.39 -17.85
C GLN IB 3 -86.84 -47.94 -18.18
N GLN IB 4 -87.27 -47.16 -17.20
CA GLN IB 4 -87.72 -45.80 -17.47
C GLN IB 4 -86.57 -44.82 -17.64
N LEU IB 5 -85.35 -45.18 -17.23
CA LEU IB 5 -84.22 -44.27 -17.38
C LEU IB 5 -82.96 -44.94 -17.91
N TYR IB 6 -82.94 -46.26 -18.09
CA TYR IB 6 -81.73 -46.94 -18.52
C TYR IB 6 -81.31 -46.52 -19.92
N TRP IB 7 -82.27 -46.43 -20.84
CA TRP IB 7 -81.99 -46.09 -22.23
C TRP IB 7 -82.95 -45.02 -22.71
N SER IB 8 -83.42 -44.18 -21.78
CA SER IB 8 -84.49 -43.23 -22.10
C SER IB 8 -84.00 -42.07 -22.94
N HIS IB 9 -82.70 -41.80 -22.91
CA HIS IB 9 -82.16 -40.66 -23.65
C HIS IB 9 -82.31 -40.91 -25.15
N PRO IB 10 -82.92 -39.98 -25.90
CA PRO IB 10 -83.16 -40.23 -27.33
C PRO IB 10 -81.87 -40.33 -28.12
N ARG IB 11 -81.82 -41.33 -29.00
CA ARG IB 11 -80.76 -41.46 -30.00
C ARG IB 11 -81.38 -41.81 -31.35
N LYS IB 12 -82.40 -41.04 -31.75
CA LYS IB 12 -82.98 -41.20 -33.07
C LYS IB 12 -82.18 -40.51 -34.16
N PHE IB 13 -81.14 -39.76 -33.80
CA PHE IB 13 -80.31 -39.04 -34.76
C PHE IB 13 -78.97 -38.73 -34.11
N GLY IB 14 -78.15 -37.95 -34.80
CA GLY IB 14 -76.87 -37.55 -34.26
C GLY IB 14 -75.80 -38.59 -34.47
N GLN IB 15 -74.60 -38.25 -34.02
CA GLN IB 15 -73.45 -39.15 -34.20
C GLN IB 15 -73.58 -40.39 -33.33
N GLY IB 16 -74.23 -40.28 -32.17
CA GLY IB 16 -74.41 -41.43 -31.30
C GLY IB 16 -75.44 -42.44 -31.77
N SER IB 17 -76.26 -42.08 -32.75
CA SER IB 17 -77.22 -43.02 -33.31
C SER IB 17 -76.61 -43.91 -34.38
N ARG IB 18 -75.38 -43.63 -34.81
CA ARG IB 18 -74.72 -44.37 -35.87
C ARG IB 18 -73.41 -44.95 -35.35
N SER IB 19 -73.13 -46.19 -35.75
CA SER IB 19 -71.90 -46.87 -35.37
C SER IB 19 -71.41 -47.67 -36.57
N CYS IB 20 -70.12 -47.98 -36.57
CA CYS IB 20 -69.55 -48.79 -37.64
C CYS IB 20 -70.15 -50.18 -37.63
N ARG IB 21 -70.52 -50.66 -38.81
CA ARG IB 21 -71.12 -51.99 -38.92
C ARG IB 21 -70.11 -53.11 -38.69
N VAL IB 22 -68.83 -52.80 -38.61
CA VAL IB 22 -67.78 -53.77 -38.39
C VAL IB 22 -67.24 -53.71 -36.97
N CYS IB 23 -66.72 -52.55 -36.56
CA CYS IB 23 -65.99 -52.41 -35.32
C CYS IB 23 -66.74 -51.61 -34.26
N SER IB 24 -67.98 -51.21 -34.55
CA SER IB 24 -68.83 -50.47 -33.60
C SER IB 24 -68.20 -49.14 -33.18
N ASN IB 25 -67.38 -48.55 -34.05
CA ASN IB 25 -66.81 -47.24 -33.78
C ASN IB 25 -67.79 -46.15 -34.16
N ARG IB 26 -67.61 -44.97 -33.55
CA ARG IB 26 -68.53 -43.85 -33.77
C ARG IB 26 -67.84 -42.65 -34.39
N HIS IB 27 -66.69 -42.85 -35.03
CA HIS IB 27 -65.95 -41.76 -35.63
C HIS IB 27 -65.47 -42.17 -37.02
N GLY IB 28 -65.52 -41.22 -37.95
CA GLY IB 28 -65.11 -41.48 -39.31
C GLY IB 28 -65.97 -42.49 -40.04
N LEU IB 29 -67.28 -42.45 -39.83
CA LEU IB 29 -68.15 -43.35 -40.56
C LEU IB 29 -68.31 -42.88 -42.00
N ILE IB 30 -68.67 -43.82 -42.86
CA ILE IB 30 -68.97 -43.54 -44.26
C ILE IB 30 -70.39 -44.00 -44.50
N ARG IB 31 -71.33 -43.07 -44.56
CA ARG IB 31 -72.72 -43.39 -44.81
C ARG IB 31 -73.07 -43.35 -46.30
N LYS IB 32 -72.14 -42.96 -47.16
CA LYS IB 32 -72.41 -42.88 -48.58
C LYS IB 32 -72.69 -44.26 -49.15
N TYR IB 33 -73.69 -44.34 -50.02
CA TYR IB 33 -74.17 -45.60 -50.61
C TYR IB 33 -74.59 -46.60 -49.55
N GLY IB 34 -75.02 -46.12 -48.38
CA GLY IB 34 -75.43 -46.99 -47.31
C GLY IB 34 -74.33 -47.90 -46.80
N LEU IB 35 -73.08 -47.42 -46.82
CA LEU IB 35 -71.95 -48.25 -46.45
C LEU IB 35 -71.93 -48.50 -44.95
N ASN IB 36 -72.10 -47.44 -44.16
CA ASN IB 36 -72.16 -47.52 -42.70
C ASN IB 36 -70.94 -48.23 -42.11
N MET IB 37 -69.77 -47.89 -42.62
CA MET IB 37 -68.54 -48.52 -42.22
C MET IB 37 -67.52 -47.46 -41.82
N CYS IB 38 -66.65 -47.82 -40.89
CA CYS IB 38 -65.64 -46.89 -40.40
C CYS IB 38 -64.66 -46.53 -41.51
N ARG IB 39 -63.98 -45.41 -41.32
CA ARG IB 39 -63.00 -44.94 -42.29
C ARG IB 39 -61.87 -45.94 -42.47
N GLN IB 40 -61.38 -46.50 -41.36
CA GLN IB 40 -60.30 -47.48 -41.43
C GLN IB 40 -60.81 -48.84 -41.93
N CYS IB 41 -61.99 -49.24 -41.48
CA CYS IB 41 -62.54 -50.52 -41.91
C CYS IB 41 -62.84 -50.54 -43.39
N PHE IB 42 -63.20 -49.40 -43.97
CA PHE IB 42 -63.42 -49.37 -45.41
C PHE IB 42 -62.13 -49.58 -46.17
N ARG IB 43 -61.04 -48.97 -45.72
CA ARG IB 43 -59.75 -49.24 -46.34
C ARG IB 43 -59.38 -50.70 -46.18
N GLN IB 44 -59.74 -51.30 -45.04
CA GLN IB 44 -59.45 -52.70 -44.81
C GLN IB 44 -60.20 -53.61 -45.78
N TYR IB 45 -61.47 -53.31 -46.06
CA TYR IB 45 -62.32 -54.23 -46.80
C TYR IB 45 -62.65 -53.81 -48.23
N ALA IB 46 -62.12 -52.68 -48.71
CA ALA IB 46 -62.51 -52.16 -50.02
C ALA IB 46 -62.24 -53.15 -51.14
N LYS IB 47 -61.19 -53.97 -51.01
CA LYS IB 47 -60.96 -55.02 -51.99
C LYS IB 47 -62.10 -56.02 -51.99
N ASP IB 48 -62.65 -56.32 -50.82
CA ASP IB 48 -63.73 -57.31 -50.73
C ASP IB 48 -65.04 -56.74 -51.26
N ILE IB 49 -65.36 -55.49 -50.92
CA ILE IB 49 -66.57 -54.88 -51.50
C ILE IB 49 -66.44 -54.74 -53.00
N GLY IB 50 -65.30 -54.26 -53.48
CA GLY IB 50 -65.12 -54.12 -54.91
C GLY IB 50 -64.64 -52.74 -55.30
N PHE IB 51 -64.51 -51.84 -54.33
CA PHE IB 51 -63.94 -50.52 -54.57
C PHE IB 51 -62.45 -50.67 -54.81
N ILE IB 52 -62.05 -50.61 -56.07
CA ILE IB 52 -60.65 -50.79 -56.44
C ILE IB 52 -60.11 -49.47 -56.98
N LYS IB 53 -58.79 -49.32 -56.87
CA LYS IB 53 -58.11 -48.09 -57.24
C LYS IB 53 -57.80 -48.08 -58.72
N LEU IB 54 -58.14 -46.97 -59.38
CA LEU IB 54 -57.83 -46.81 -60.80
C LEU IB 54 -56.93 -45.62 -61.06
N ASP IB 55 -57.14 -44.51 -60.37
CA ASP IB 55 -56.28 -43.33 -60.51
C ASP IB 55 -56.10 -42.64 -59.17
N TYR JB 1 -60.59 -39.55 -4.94
CA TYR JB 1 -62.00 -39.77 -4.62
C TYR JB 1 -62.47 -38.80 -3.55
N THR JB 2 -62.55 -39.30 -2.32
CA THR JB 2 -63.02 -38.54 -1.15
C THR JB 2 -64.42 -37.98 -1.44
N THR JB 3 -65.36 -38.91 -1.58
CA THR JB 3 -66.73 -38.54 -1.88
C THR JB 3 -67.34 -37.82 -0.68
N PRO JB 4 -67.97 -36.65 -0.88
CA PRO JB 4 -68.56 -35.94 0.26
C PRO JB 4 -69.64 -36.72 1.00
N LYS JB 5 -70.42 -37.52 0.29
CA LYS JB 5 -71.49 -38.29 0.92
C LYS JB 5 -70.94 -39.63 1.40
N LYS JB 6 -71.51 -40.11 2.51
CA LYS JB 6 -71.20 -41.43 3.01
C LYS JB 6 -71.74 -42.50 2.07
N ASN JB 7 -71.29 -43.74 2.28
CA ASN JB 7 -71.70 -44.85 1.42
C ASN JB 7 -73.19 -45.10 1.54
N LYS JB 8 -73.90 -45.00 0.41
CA LYS JB 8 -75.35 -45.19 0.38
C LYS JB 8 -75.72 -46.60 0.81
N HIS JB 9 -76.43 -46.73 1.92
CA HIS JB 9 -76.81 -48.04 2.44
C HIS JB 9 -77.87 -48.65 1.55
N LYS JB 10 -77.53 -49.77 0.91
CA LYS JB 10 -78.48 -50.45 0.04
C LYS JB 10 -79.64 -51.03 0.86
N ARG JB 11 -80.81 -51.06 0.24
CA ARG JB 11 -82.01 -51.53 0.92
C ARG JB 11 -81.89 -53.01 1.29
N LYS JB 12 -82.25 -53.34 2.52
CA LYS JB 12 -82.36 -54.72 2.97
C LYS JB 12 -83.83 -55.02 3.26
N LYS JB 13 -84.33 -56.10 2.69
CA LYS JB 13 -85.74 -56.44 2.86
C LYS JB 13 -86.03 -56.87 4.29
N VAL JB 14 -87.31 -56.80 4.65
CA VAL JB 14 -87.72 -56.98 6.03
C VAL JB 14 -87.62 -58.42 6.53
N LYS JB 15 -87.38 -59.37 5.63
CA LYS JB 15 -87.25 -60.79 5.96
C LYS JB 15 -88.53 -61.28 6.66
N LEU JB 16 -89.62 -61.24 5.89
CA LEU JB 16 -90.92 -61.60 6.43
C LEU JB 16 -91.03 -63.10 6.65
N ALA JB 17 -91.68 -63.48 7.75
CA ALA JB 17 -91.93 -64.88 8.06
C ALA JB 17 -93.12 -65.39 7.24
N VAL JB 18 -93.65 -66.55 7.62
CA VAL JB 18 -94.81 -67.11 6.94
C VAL JB 18 -95.97 -66.11 6.98
N LEU JB 19 -96.65 -65.97 5.84
CA LEU JB 19 -97.61 -64.88 5.64
C LEU JB 19 -98.80 -64.95 6.60
N LYS JB 20 -99.64 -65.99 6.48
CA LYS JB 20 -100.69 -66.31 7.44
C LYS JB 20 -101.63 -65.12 7.73
N TYR JB 21 -101.85 -64.24 6.74
CA TYR JB 21 -102.77 -63.14 6.98
C TYR JB 21 -104.18 -63.44 6.47
N TYR JB 22 -104.73 -64.58 6.91
CA TYR JB 22 -106.14 -64.89 6.73
C TYR JB 22 -106.51 -65.99 7.72
N LYS JB 23 -107.74 -65.90 8.24
CA LYS JB 23 -108.16 -66.73 9.37
C LYS JB 23 -109.55 -67.27 9.12
N VAL JB 24 -109.79 -68.48 9.63
CA VAL JB 24 -111.12 -69.07 9.64
C VAL JB 24 -111.53 -69.30 11.09
N ASP JB 25 -112.83 -69.41 11.32
CA ASP JB 25 -113.37 -69.47 12.66
C ASP JB 25 -114.34 -70.63 12.79
N GLU JB 26 -114.52 -71.06 14.05
CA GLU JB 26 -115.43 -72.13 14.48
C GLU JB 26 -115.41 -73.32 13.52
N ASN JB 27 -114.24 -73.96 13.45
CA ASN JB 27 -114.00 -75.16 12.65
C ASN JB 27 -114.18 -74.86 11.16
N GLY JB 28 -113.79 -73.66 10.76
CA GLY JB 28 -113.66 -73.29 9.37
C GLY JB 28 -114.79 -72.46 8.80
N LYS JB 29 -114.60 -71.14 8.79
CA LYS JB 29 -115.48 -70.21 8.09
C LYS JB 29 -114.58 -69.11 7.54
N ILE JB 30 -114.49 -69.04 6.21
CA ILE JB 30 -113.43 -68.27 5.57
C ILE JB 30 -113.65 -66.78 5.83
N SER JB 31 -112.55 -66.08 6.13
CA SER JB 31 -112.58 -64.64 6.36
C SER JB 31 -111.37 -64.01 5.67
N ARG JB 32 -111.56 -63.52 4.45
CA ARG JB 32 -110.58 -62.65 3.81
C ARG JB 32 -110.47 -61.36 4.62
N LEU JB 33 -109.37 -61.21 5.35
CA LEU JB 33 -109.07 -59.97 6.05
C LEU JB 33 -108.24 -59.02 5.19
N ARG JB 34 -108.01 -59.38 3.92
CA ARG JB 34 -107.28 -58.56 2.98
C ARG JB 34 -108.13 -58.32 1.75
N ARG JB 35 -107.95 -57.16 1.13
CA ARG JB 35 -108.72 -56.80 -0.06
C ARG JB 35 -108.26 -57.63 -1.26
N GLU JB 36 -109.16 -57.83 -2.21
CA GLU JB 36 -108.91 -58.61 -3.41
C GLU JB 36 -108.78 -57.69 -4.62
N CYS JB 37 -107.74 -57.92 -5.41
CA CYS JB 37 -107.56 -57.19 -6.66
C CYS JB 37 -108.50 -57.77 -7.72
N PRO JB 38 -109.43 -56.98 -8.25
CA PRO JB 38 -110.46 -57.53 -9.14
C PRO JB 38 -110.13 -57.54 -10.61
N SER JB 39 -108.93 -57.12 -11.01
CA SER JB 39 -108.60 -57.12 -12.43
C SER JB 39 -108.29 -58.53 -12.91
N ASP JB 40 -108.33 -58.71 -14.24
CA ASP JB 40 -107.99 -60.00 -14.81
C ASP JB 40 -106.51 -60.31 -14.63
N GLU JB 41 -105.65 -59.31 -14.80
CA GLU JB 41 -104.21 -59.54 -14.68
C GLU JB 41 -103.82 -59.85 -13.24
N CYS JB 42 -104.46 -59.22 -12.26
CA CYS JB 42 -104.26 -59.62 -10.88
C CYS JB 42 -104.89 -60.97 -10.61
N GLY JB 43 -106.13 -61.16 -11.05
CA GLY JB 43 -106.85 -62.40 -10.78
C GLY JB 43 -107.45 -62.42 -9.39
N ALA JB 44 -108.20 -63.47 -9.12
CA ALA JB 44 -108.84 -63.66 -7.83
C ALA JB 44 -107.94 -64.34 -6.80
N GLY JB 45 -106.72 -64.74 -7.20
CA GLY JB 45 -105.83 -65.44 -6.31
C GLY JB 45 -105.04 -64.53 -5.39
N VAL JB 46 -104.42 -63.50 -5.95
CA VAL JB 46 -103.55 -62.63 -5.17
C VAL JB 46 -104.39 -61.75 -4.26
N PHE JB 47 -103.75 -61.24 -3.21
CA PHE JB 47 -104.38 -60.36 -2.24
C PHE JB 47 -103.81 -58.95 -2.39
N MET JB 48 -104.63 -57.95 -2.11
CA MET JB 48 -104.15 -56.58 -2.17
C MET JB 48 -103.50 -56.17 -0.85
N ALA JB 49 -102.75 -55.08 -0.92
CA ALA JB 49 -102.17 -54.51 0.28
C ALA JB 49 -103.25 -53.85 1.12
N SER JB 50 -102.96 -53.69 2.41
CA SER JB 50 -103.87 -53.08 3.38
C SER JB 50 -103.17 -51.93 4.08
N HIS JB 51 -102.58 -51.04 3.29
CA HIS JB 51 -101.91 -49.84 3.79
C HIS JB 51 -102.87 -49.02 4.64
N PHE JB 52 -102.32 -48.18 5.51
CA PHE JB 52 -103.14 -47.49 6.50
C PHE JB 52 -104.10 -46.47 5.88
N ASP JB 53 -103.88 -46.09 4.61
CA ASP JB 53 -104.81 -45.17 3.97
C ASP JB 53 -105.10 -45.50 2.50
N ARG JB 54 -104.68 -46.66 2.00
CA ARG JB 54 -105.06 -47.09 0.66
C ARG JB 54 -104.88 -48.60 0.56
N HIS JB 55 -105.21 -49.14 -0.61
CA HIS JB 55 -105.03 -50.55 -0.92
C HIS JB 55 -104.30 -50.67 -2.25
N TYR JB 56 -103.32 -51.58 -2.31
CA TYR JB 56 -102.46 -51.74 -3.46
C TYR JB 56 -102.49 -53.18 -3.95
N CYS JB 57 -102.66 -53.38 -5.25
CA CYS JB 57 -102.70 -54.73 -5.81
C CYS JB 57 -101.29 -55.07 -6.28
N GLY JB 58 -100.80 -56.24 -5.86
CA GLY JB 58 -99.41 -56.59 -6.10
C GLY JB 58 -99.07 -56.73 -7.57
N LYS JB 59 -100.01 -57.26 -8.36
CA LYS JB 59 -99.83 -57.44 -9.80
C LYS JB 59 -100.45 -56.30 -10.61
N CYS JB 60 -101.73 -56.00 -10.37
CA CYS JB 60 -102.43 -55.00 -11.14
C CYS JB 60 -101.95 -53.58 -10.84
N CYS JB 61 -101.21 -53.38 -9.74
CA CYS JB 61 -100.73 -52.09 -9.27
C CYS JB 61 -101.83 -51.03 -9.24
N LEU JB 62 -103.08 -51.48 -9.05
CA LEU JB 62 -104.16 -50.56 -8.77
C LEU JB 62 -104.12 -50.14 -7.30
N THR JB 63 -104.41 -48.87 -7.06
CA THR JB 63 -104.46 -48.30 -5.72
C THR JB 63 -105.85 -47.73 -5.48
N TYR JB 64 -106.56 -48.32 -4.53
CA TYR JB 64 -107.89 -47.87 -4.13
C TYR JB 64 -107.74 -47.02 -2.87
N CYS JB 65 -108.19 -45.77 -2.94
CA CYS JB 65 -108.02 -44.81 -1.86
C CYS JB 65 -109.35 -44.59 -1.16
N PHE JB 66 -109.34 -44.70 0.17
CA PHE JB 66 -110.49 -44.40 0.99
C PHE JB 66 -110.17 -43.19 1.85
N ASN JB 67 -111.05 -42.19 1.81
CA ASN JB 67 -110.83 -40.95 2.54
C ASN JB 67 -111.71 -40.89 3.79
N THR KB 1 -37.62 -44.62 -132.21
CA THR KB 1 -37.89 -43.19 -132.03
C THR KB 1 -38.93 -42.97 -130.93
N GLU KB 2 -39.12 -43.99 -130.10
CA GLU KB 2 -40.08 -43.93 -129.00
C GLU KB 2 -39.37 -44.16 -127.68
N GLN KB 3 -39.75 -43.37 -126.68
CA GLN KB 3 -39.21 -43.50 -125.33
C GLN KB 3 -40.23 -42.99 -124.34
N MET KB 4 -40.11 -43.43 -123.09
CA MET KB 4 -41.09 -43.13 -122.07
C MET KB 4 -40.55 -41.97 -121.24
N THR KB 5 -41.36 -40.91 -121.07
CA THR KB 5 -40.87 -39.69 -120.45
C THR KB 5 -41.93 -39.11 -119.54
N LEU KB 6 -41.58 -38.02 -118.87
CA LEU KB 6 -42.51 -37.35 -117.96
C LEU KB 6 -43.61 -36.64 -118.74
N ARG KB 7 -44.76 -36.48 -118.07
CA ARG KB 7 -45.82 -35.64 -118.59
C ARG KB 7 -46.31 -34.72 -117.48
N GLY KB 8 -46.16 -35.13 -116.24
CA GLY KB 8 -46.56 -34.31 -115.12
C GLY KB 8 -46.79 -35.13 -113.87
N THR KB 9 -47.24 -34.43 -112.83
CA THR KB 9 -47.52 -35.03 -111.54
C THR KB 9 -48.90 -34.61 -111.08
N LEU KB 10 -49.52 -35.45 -110.26
CA LEU KB 10 -50.83 -35.16 -109.69
C LEU KB 10 -50.67 -35.04 -108.18
N LYS KB 11 -51.08 -33.90 -107.63
CA LYS KB 11 -50.92 -33.61 -106.22
C LYS KB 11 -52.26 -33.60 -105.51
N GLY KB 12 -52.24 -33.93 -104.23
CA GLY KB 12 -53.45 -33.90 -103.42
C GLY KB 12 -53.54 -35.02 -102.41
N HIS KB 13 -52.61 -35.97 -102.48
CA HIS KB 13 -52.60 -37.10 -101.56
C HIS KB 13 -51.76 -36.80 -100.33
N ASN KB 14 -52.18 -37.36 -99.20
CA ASN KB 14 -51.43 -37.28 -97.95
C ASN KB 14 -50.96 -38.66 -97.52
N GLY KB 15 -50.60 -39.49 -98.49
CA GLY KB 15 -50.10 -40.82 -98.20
C GLY KB 15 -49.64 -41.48 -99.47
N TRP KB 16 -48.99 -42.64 -99.31
CA TRP KB 16 -48.47 -43.37 -100.46
C TRP KB 16 -49.61 -43.81 -101.36
N VAL KB 17 -49.45 -43.57 -102.65
CA VAL KB 17 -50.49 -43.93 -103.63
C VAL KB 17 -50.41 -45.44 -103.81
N THR KB 18 -51.30 -46.17 -103.14
CA THR KB 18 -51.24 -47.63 -103.16
C THR KB 18 -51.68 -48.19 -104.50
N GLN KB 19 -52.72 -47.62 -105.11
CA GLN KB 19 -53.29 -48.19 -106.32
C GLN KB 19 -53.78 -47.10 -107.25
N ILE KB 20 -53.56 -47.31 -108.55
CA ILE KB 20 -54.11 -46.47 -109.61
C ILE KB 20 -55.10 -47.31 -110.39
N ALA KB 21 -56.28 -46.76 -110.65
CA ALA KB 21 -57.28 -47.43 -111.46
C ALA KB 21 -57.74 -46.50 -112.58
N THR KB 22 -57.76 -47.02 -113.80
CA THR KB 22 -58.18 -46.29 -114.98
C THR KB 22 -59.27 -47.06 -115.69
N THR KB 23 -60.10 -46.35 -116.44
CA THR KB 23 -61.23 -46.95 -117.11
C THR KB 23 -61.22 -46.62 -118.60
N PRO KB 24 -61.71 -47.54 -119.44
CA PRO KB 24 -61.72 -47.25 -120.88
C PRO KB 24 -62.81 -46.28 -121.29
N GLN KB 25 -63.99 -46.37 -120.67
CA GLN KB 25 -65.10 -45.53 -121.08
C GLN KB 25 -64.86 -44.06 -120.76
N PHE KB 26 -64.05 -43.77 -119.75
CA PHE KB 26 -63.70 -42.41 -119.37
C PHE KB 26 -62.18 -42.27 -119.41
N PRO KB 27 -61.60 -42.00 -120.59
CA PRO KB 27 -60.15 -41.84 -120.67
C PRO KB 27 -59.62 -40.65 -119.92
N ASP KB 28 -60.47 -39.68 -119.58
CA ASP KB 28 -60.05 -38.47 -118.86
C ASP KB 28 -60.34 -38.55 -117.37
N MET KB 29 -60.71 -39.71 -116.85
CA MET KB 29 -61.02 -39.87 -115.45
C MET KB 29 -60.26 -41.06 -114.90
N ILE KB 30 -59.47 -40.83 -113.85
CA ILE KB 30 -58.78 -41.93 -113.17
C ILE KB 30 -59.13 -41.85 -111.69
N LEU KB 31 -58.67 -42.83 -110.90
CA LEU KB 31 -58.87 -42.74 -109.46
C LEU KB 31 -57.75 -43.46 -108.73
N SER KB 32 -57.24 -42.83 -107.68
CA SER KB 32 -56.08 -43.31 -106.94
C SER KB 32 -56.43 -43.53 -105.48
N ALA KB 33 -56.13 -44.73 -104.99
CA ALA KB 33 -56.18 -44.99 -103.56
C ALA KB 33 -54.89 -44.53 -102.90
N SER KB 34 -54.94 -44.36 -101.58
CA SER KB 34 -53.80 -43.85 -100.85
C SER KB 34 -53.82 -44.36 -99.42
N ARG KB 35 -52.75 -44.05 -98.69
CA ARG KB 35 -52.63 -44.36 -97.28
C ARG KB 35 -53.11 -43.21 -96.40
N ASP KB 36 -54.04 -42.40 -96.89
CA ASP KB 36 -54.69 -41.36 -96.11
C ASP KB 36 -56.18 -41.64 -95.94
N LYS KB 37 -56.57 -42.92 -96.10
CA LYS KB 37 -57.95 -43.38 -95.94
C LYS KB 37 -58.91 -42.75 -96.94
N THR KB 38 -58.38 -42.16 -98.02
CA THR KB 38 -59.20 -41.49 -99.02
C THR KB 38 -58.83 -41.99 -100.40
N ILE KB 39 -59.82 -41.99 -101.29
CA ILE KB 39 -59.62 -42.35 -102.70
C ILE KB 39 -59.92 -41.11 -103.52
N ILE KB 40 -58.92 -40.55 -104.17
CA ILE KB 40 -59.06 -39.30 -104.90
C ILE KB 40 -59.24 -39.64 -106.38
N MET KB 41 -60.36 -39.23 -106.96
CA MET KB 41 -60.58 -39.40 -108.39
C MET KB 41 -60.20 -38.12 -109.11
N TRP KB 42 -59.57 -38.27 -110.27
CA TRP KB 42 -58.93 -37.17 -110.98
C TRP KB 42 -59.57 -36.99 -112.35
N LYS KB 43 -59.94 -35.75 -112.65
CA LYS KB 43 -60.24 -35.34 -114.02
C LYS KB 43 -58.95 -34.82 -114.65
N LEU KB 44 -58.69 -35.26 -115.88
CA LEU KB 44 -57.39 -35.06 -116.52
C LEU KB 44 -57.51 -33.84 -117.43
N THR KB 45 -56.98 -32.71 -116.98
CA THR KB 45 -57.03 -31.46 -117.73
C THR KB 45 -55.64 -31.25 -118.31
N ARG KB 46 -55.42 -31.81 -119.49
CA ARG KB 46 -54.09 -31.89 -120.09
C ARG KB 46 -53.68 -30.51 -120.58
N ASP KB 47 -53.20 -29.69 -119.64
CA ASP KB 47 -52.75 -28.34 -119.97
C ASP KB 47 -51.34 -28.11 -119.43
N GLU KB 48 -50.86 -26.88 -119.52
CA GLU KB 48 -49.51 -26.55 -119.08
C GLU KB 48 -49.41 -26.22 -117.60
N THR KB 49 -50.54 -26.02 -116.92
CA THR KB 49 -50.51 -25.72 -115.49
C THR KB 49 -50.35 -27.00 -114.67
N ASN KB 50 -51.32 -27.91 -114.79
CA ASN KB 50 -51.22 -29.24 -114.20
C ASN KB 50 -51.89 -30.23 -115.14
N TYR KB 51 -51.50 -31.50 -115.02
CA TYR KB 51 -52.01 -32.48 -115.96
C TYR KB 51 -53.36 -33.03 -115.50
N GLY KB 52 -53.57 -33.12 -114.18
CA GLY KB 52 -54.84 -33.57 -113.65
C GLY KB 52 -55.24 -32.74 -112.44
N ILE KB 53 -56.47 -32.97 -111.99
CA ILE KB 53 -57.00 -32.25 -110.84
C ILE KB 53 -58.02 -33.13 -110.13
N PRO KB 54 -58.04 -33.16 -108.80
CA PRO KB 54 -59.06 -33.93 -108.08
C PRO KB 54 -60.46 -33.39 -108.37
N GLN KB 55 -61.41 -34.31 -108.45
CA GLN KB 55 -62.82 -33.99 -108.66
C GLN KB 55 -63.72 -34.48 -107.56
N ARG KB 56 -63.40 -35.65 -106.98
CA ARG KB 56 -64.12 -36.15 -105.82
C ARG KB 56 -63.18 -36.95 -104.93
N ALA KB 57 -63.50 -36.98 -103.64
CA ALA KB 57 -62.77 -37.74 -102.65
C ALA KB 57 -63.72 -38.74 -102.00
N LEU KB 58 -63.30 -39.99 -101.96
CA LEU KB 58 -64.10 -41.08 -101.42
C LEU KB 58 -63.55 -41.40 -100.02
N ARG KB 59 -64.38 -41.18 -99.01
CA ARG KB 59 -63.97 -41.33 -97.62
C ARG KB 59 -64.93 -42.25 -96.89
N GLY KB 60 -64.41 -42.96 -95.90
CA GLY KB 60 -65.22 -43.92 -95.16
C GLY KB 60 -64.42 -45.13 -94.71
N HIS KB 61 -63.26 -45.34 -95.32
CA HIS KB 61 -62.34 -46.36 -94.83
C HIS KB 61 -61.66 -45.87 -93.57
N SER KB 62 -61.58 -46.74 -92.57
CA SER KB 62 -61.02 -46.37 -91.28
C SER KB 62 -59.50 -46.38 -91.26
N HIS KB 63 -58.85 -46.96 -92.26
CA HIS KB 63 -57.40 -47.09 -92.22
C HIS KB 63 -56.90 -47.01 -93.66
N PHE KB 64 -55.68 -47.44 -93.90
CA PHE KB 64 -55.06 -47.30 -95.22
C PHE KB 64 -55.84 -48.10 -96.26
N VAL KB 65 -56.07 -47.48 -97.42
CA VAL KB 65 -56.79 -48.12 -98.50
C VAL KB 65 -55.79 -48.87 -99.38
N SER KB 66 -55.98 -50.19 -99.50
CA SER KB 66 -55.02 -51.01 -100.22
C SER KB 66 -55.26 -50.98 -101.72
N ASP KB 67 -56.43 -51.43 -102.15
CA ASP KB 67 -56.68 -51.69 -103.56
C ASP KB 67 -57.99 -51.04 -103.98
N VAL KB 68 -58.04 -50.59 -105.24
CA VAL KB 68 -59.24 -50.02 -105.83
C VAL KB 68 -59.37 -50.56 -107.26
N VAL KB 69 -60.59 -50.92 -107.63
CA VAL KB 69 -60.87 -51.48 -108.94
C VAL KB 69 -62.14 -50.85 -109.48
N ILE KB 70 -62.15 -50.55 -110.77
CA ILE KB 70 -63.31 -49.98 -111.44
C ILE KB 70 -64.32 -51.08 -111.74
N SER KB 71 -65.52 -50.69 -112.15
CA SER KB 71 -66.40 -51.59 -112.86
C SER KB 71 -66.22 -51.40 -114.36
N SER KB 72 -66.85 -52.29 -115.14
CA SER KB 72 -66.72 -52.20 -116.60
C SER KB 72 -67.33 -50.92 -117.13
N ASP KB 73 -68.50 -50.53 -116.60
CA ASP KB 73 -69.14 -49.30 -117.02
C ASP KB 73 -68.58 -48.06 -116.35
N GLY KB 74 -67.79 -48.23 -115.28
CA GLY KB 74 -67.25 -47.10 -114.56
C GLY KB 74 -68.18 -46.44 -113.58
N GLN KB 75 -69.40 -46.96 -113.43
CA GLN KB 75 -70.34 -46.38 -112.48
C GLN KB 75 -70.00 -46.72 -111.04
N PHE KB 76 -69.31 -47.83 -110.80
CA PHE KB 76 -69.01 -48.29 -109.46
C PHE KB 76 -67.51 -48.56 -109.33
N ALA KB 77 -67.03 -48.41 -108.09
CA ALA KB 77 -65.64 -48.73 -107.76
C ALA KB 77 -65.60 -49.51 -106.46
N LEU KB 78 -64.86 -50.60 -106.45
CA LEU KB 78 -64.73 -51.45 -105.28
C LEU KB 78 -63.35 -51.27 -104.67
N SER KB 79 -63.31 -51.05 -103.36
CA SER KB 79 -62.06 -50.77 -102.67
C SER KB 79 -61.92 -51.67 -101.46
N GLY KB 80 -60.70 -52.14 -101.25
CA GLY KB 80 -60.34 -52.87 -100.06
C GLY KB 80 -59.26 -52.16 -99.28
N SER KB 81 -59.44 -52.03 -97.97
CA SER KB 81 -58.54 -51.26 -97.13
C SER KB 81 -58.09 -52.11 -95.95
N TRP KB 82 -57.23 -51.52 -95.13
CA TRP KB 82 -56.71 -52.23 -93.97
C TRP KB 82 -57.76 -52.38 -92.87
N ASP KB 83 -58.83 -51.60 -92.92
CA ASP KB 83 -59.82 -51.68 -91.84
C ASP KB 83 -60.62 -52.99 -91.84
N GLY KB 84 -60.29 -53.96 -92.71
CA GLY KB 84 -60.96 -55.24 -92.71
C GLY KB 84 -62.27 -55.26 -93.46
N THR KB 85 -62.67 -54.16 -94.06
CA THR KB 85 -63.94 -54.06 -94.77
C THR KB 85 -63.70 -53.63 -96.21
N LEU KB 86 -64.54 -54.12 -97.10
CA LEU KB 86 -64.56 -53.69 -98.49
C LEU KB 86 -65.72 -52.73 -98.70
N ARG KB 87 -65.53 -51.72 -99.54
CA ARG KB 87 -66.57 -50.75 -99.82
C ARG KB 87 -66.77 -50.64 -101.31
N LEU KB 88 -68.02 -50.84 -101.75
CA LEU KB 88 -68.41 -50.62 -103.13
C LEU KB 88 -69.13 -49.28 -103.22
N TRP KB 89 -68.65 -48.43 -104.12
CA TRP KB 89 -69.03 -47.03 -104.21
C TRP KB 89 -69.70 -46.79 -105.56
N ASP KB 90 -70.71 -45.93 -105.58
CA ASP KB 90 -71.17 -45.34 -106.83
C ASP KB 90 -70.47 -43.99 -107.03
N LEU KB 91 -70.07 -43.74 -108.27
CA LEU KB 91 -69.28 -42.55 -108.58
C LEU KB 91 -70.13 -41.35 -108.95
N THR KB 92 -71.41 -41.55 -109.26
CA THR KB 92 -72.28 -40.41 -109.53
C THR KB 92 -72.42 -39.52 -108.31
N THR KB 93 -72.59 -40.14 -107.13
CA THR KB 93 -72.65 -39.41 -105.88
C THR KB 93 -71.39 -39.57 -105.04
N GLY KB 94 -70.47 -40.44 -105.44
CA GLY KB 94 -69.26 -40.69 -104.66
C GLY KB 94 -69.58 -41.27 -103.31
N THR KB 95 -70.44 -42.28 -103.27
CA THR KB 95 -71.00 -42.76 -102.01
C THR KB 95 -70.83 -44.27 -101.88
N THR KB 96 -70.52 -44.72 -100.68
CA THR KB 96 -70.45 -46.15 -100.36
C THR KB 96 -71.86 -46.71 -100.36
N THR KB 97 -72.21 -47.46 -101.40
CA THR KB 97 -73.50 -48.13 -101.45
C THR KB 97 -73.47 -49.53 -100.87
N ARG KB 98 -72.30 -50.17 -100.82
CA ARG KB 98 -72.25 -51.54 -100.33
C ARG KB 98 -71.04 -51.72 -99.43
N ARG KB 99 -71.21 -52.52 -98.37
CA ARG KB 99 -70.13 -52.83 -97.45
C ARG KB 99 -70.00 -54.35 -97.31
N PHE KB 100 -68.78 -54.85 -97.45
CA PHE KB 100 -68.45 -56.26 -97.34
C PHE KB 100 -67.63 -56.46 -96.08
N VAL KB 101 -68.08 -57.35 -95.19
CA VAL KB 101 -67.41 -57.61 -93.93
C VAL KB 101 -67.23 -59.11 -93.75
N GLY KB 102 -66.22 -59.49 -92.98
CA GLY KB 102 -65.91 -60.88 -92.76
C GLY KB 102 -64.43 -61.16 -92.64
N HIS KB 103 -63.59 -60.32 -93.25
CA HIS KB 103 -62.16 -60.42 -93.04
C HIS KB 103 -61.80 -59.92 -91.65
N THR KB 104 -60.98 -60.70 -90.94
CA THR KB 104 -60.58 -60.36 -89.59
C THR KB 104 -59.29 -59.53 -89.53
N LYS KB 105 -58.62 -59.33 -90.65
CA LYS KB 105 -57.35 -58.60 -90.66
C LYS KB 105 -57.36 -57.62 -91.84
N ASP KB 106 -56.19 -57.06 -92.11
CA ASP KB 106 -56.07 -56.05 -93.16
C ASP KB 106 -56.35 -56.68 -94.52
N VAL KB 107 -57.24 -56.06 -95.29
CA VAL KB 107 -57.52 -56.52 -96.65
C VAL KB 107 -56.55 -55.83 -97.59
N LEU KB 108 -55.84 -56.63 -98.40
CA LEU KB 108 -54.83 -56.10 -99.30
C LEU KB 108 -55.17 -56.23 -100.77
N SER KB 109 -56.03 -57.16 -101.17
CA SER KB 109 -56.29 -57.35 -102.58
C SER KB 109 -57.79 -57.50 -102.83
N VAL KB 110 -58.29 -56.78 -103.83
CA VAL KB 110 -59.65 -56.94 -104.30
C VAL KB 110 -59.59 -57.13 -105.81
N ALA KB 111 -60.57 -57.85 -106.35
CA ALA KB 111 -60.68 -58.01 -107.78
C ALA KB 111 -62.14 -58.23 -108.16
N PHE KB 112 -62.53 -57.66 -109.29
CA PHE KB 112 -63.90 -57.63 -109.78
C PHE KB 112 -63.94 -58.40 -111.09
N SER KB 113 -64.89 -59.32 -111.21
CA SER KB 113 -64.89 -60.24 -112.35
C SER KB 113 -65.25 -59.51 -113.64
N SER KB 114 -64.92 -60.18 -114.76
CA SER KB 114 -65.19 -59.60 -116.07
C SER KB 114 -66.68 -59.44 -116.32
N ASP KB 115 -67.48 -60.41 -115.89
CA ASP KB 115 -68.93 -60.32 -116.05
C ASP KB 115 -69.59 -59.42 -115.02
N ASN KB 116 -68.80 -58.77 -114.16
CA ASN KB 116 -69.29 -57.81 -113.17
C ASN KB 116 -70.30 -58.46 -112.21
N ARG KB 117 -70.03 -59.71 -111.84
CA ARG KB 117 -70.90 -60.44 -110.93
C ARG KB 117 -70.15 -61.05 -109.74
N GLN KB 118 -68.87 -61.34 -109.87
CA GLN KB 118 -68.10 -61.98 -108.81
C GLN KB 118 -67.07 -61.00 -108.25
N ILE KB 119 -66.81 -61.13 -106.95
CA ILE KB 119 -65.79 -60.36 -106.25
C ILE KB 119 -64.88 -61.34 -105.53
N VAL KB 120 -63.57 -61.16 -105.65
CA VAL KB 120 -62.63 -61.97 -104.89
C VAL KB 120 -61.75 -61.04 -104.06
N SER KB 121 -61.49 -61.44 -102.81
CA SER KB 121 -60.75 -60.60 -101.88
C SER KB 121 -59.72 -61.44 -101.15
N GLY KB 122 -58.56 -60.84 -100.88
CA GLY KB 122 -57.51 -61.47 -100.12
C GLY KB 122 -56.94 -60.55 -99.06
N SER KB 123 -56.84 -61.07 -97.83
CA SER KB 123 -56.47 -60.29 -96.66
C SER KB 123 -55.32 -60.96 -95.92
N ARG KB 124 -54.94 -60.37 -94.80
CA ARG KB 124 -53.86 -60.90 -93.97
C ARG KB 124 -54.28 -62.12 -93.16
N ASP KB 125 -55.57 -62.44 -93.11
CA ASP KB 125 -56.05 -63.58 -92.35
C ASP KB 125 -55.80 -64.91 -93.06
N LYS KB 126 -55.00 -64.91 -94.13
CA LYS KB 126 -54.66 -66.10 -94.90
C LYS KB 126 -55.90 -66.80 -95.43
N THR KB 127 -56.92 -66.04 -95.77
CA THR KB 127 -58.19 -66.58 -96.25
C THR KB 127 -58.66 -65.76 -97.43
N ILE KB 128 -59.08 -66.43 -98.50
CA ILE KB 128 -59.61 -65.77 -99.69
C ILE KB 128 -61.13 -65.80 -99.58
N LYS KB 129 -61.79 -64.75 -100.06
CA LYS KB 129 -63.24 -64.67 -99.92
C LYS KB 129 -63.88 -64.32 -101.24
N LEU KB 130 -64.99 -64.99 -101.54
CA LEU KB 130 -65.74 -64.82 -102.78
C LEU KB 130 -67.11 -64.25 -102.46
N TRP KB 131 -67.44 -63.13 -103.10
CA TRP KB 131 -68.59 -62.30 -102.78
C TRP KB 131 -69.43 -62.07 -104.03
N ASN KB 132 -70.71 -61.78 -103.80
CA ASN KB 132 -71.59 -61.26 -104.84
C ASN KB 132 -71.67 -59.74 -104.70
N THR KB 133 -72.52 -59.14 -105.53
CA THR KB 133 -72.70 -57.69 -105.47
C THR KB 133 -73.45 -57.28 -104.21
N LEU KB 134 -74.37 -58.10 -103.73
CA LEU KB 134 -75.24 -57.74 -102.62
C LEU KB 134 -74.50 -57.62 -101.29
N GLY KB 135 -73.25 -58.05 -101.21
CA GLY KB 135 -72.49 -57.93 -99.99
C GLY KB 135 -72.39 -59.20 -99.16
N VAL KB 136 -72.71 -60.35 -99.72
CA VAL KB 136 -72.69 -61.62 -98.99
C VAL KB 136 -71.47 -62.40 -99.43
N CYS KB 137 -70.69 -62.87 -98.45
CA CYS KB 137 -69.54 -63.71 -98.72
C CYS KB 137 -70.02 -65.09 -99.14
N LYS KB 138 -70.09 -65.33 -100.44
CA LYS KB 138 -70.60 -66.62 -100.93
C LYS KB 138 -69.69 -67.76 -100.51
N TYR KB 139 -68.38 -67.58 -100.63
CA TYR KB 139 -67.45 -68.67 -100.35
C TYR KB 139 -66.25 -68.17 -99.57
N THR KB 140 -65.68 -69.06 -98.75
CA THR KB 140 -64.48 -68.78 -97.97
C THR KB 140 -63.43 -69.83 -98.35
N VAL KB 141 -62.53 -69.46 -99.25
CA VAL KB 141 -61.40 -70.32 -99.61
C VAL KB 141 -60.39 -70.30 -98.46
N GLN KB 142 -60.30 -71.41 -97.74
CA GLN KB 142 -59.28 -71.59 -96.71
C GLN KB 142 -58.58 -72.93 -96.78
N ASP KB 143 -59.17 -73.95 -97.40
CA ASP KB 143 -58.54 -75.24 -97.52
C ASP KB 143 -57.51 -75.21 -98.64
N GLU KB 144 -56.30 -75.69 -98.35
CA GLU KB 144 -55.17 -75.67 -99.28
C GLU KB 144 -54.86 -74.25 -99.76
N SER KB 145 -55.05 -73.27 -98.88
CA SER KB 145 -54.82 -71.88 -99.22
C SER KB 145 -53.36 -71.51 -98.96
N HIS KB 146 -53.05 -70.22 -99.00
CA HIS KB 146 -51.72 -69.77 -98.67
C HIS KB 146 -51.43 -69.99 -97.19
N SER KB 147 -50.24 -70.50 -96.88
CA SER KB 147 -49.81 -70.62 -95.50
C SER KB 147 -49.48 -69.28 -94.87
N GLU KB 148 -49.30 -68.24 -95.68
CA GLU KB 148 -49.01 -66.89 -95.24
C GLU KB 148 -50.11 -65.97 -95.78
N TRP KB 149 -49.87 -64.66 -95.67
CA TRP KB 149 -50.79 -63.66 -96.19
C TRP KB 149 -51.13 -63.88 -97.66
N VAL KB 150 -52.25 -63.31 -98.10
CA VAL KB 150 -52.60 -63.26 -99.52
C VAL KB 150 -52.41 -61.82 -99.97
N SER KB 151 -51.47 -61.63 -100.91
CA SER KB 151 -51.10 -60.28 -101.30
C SER KB 151 -51.89 -59.76 -102.48
N CYS KB 152 -52.09 -60.57 -103.51
CA CYS KB 152 -52.80 -60.12 -104.70
C CYS KB 152 -53.68 -61.23 -105.25
N VAL KB 153 -54.89 -60.86 -105.68
CA VAL KB 153 -55.80 -61.75 -106.39
C VAL KB 153 -56.30 -61.04 -107.63
N ARG KB 154 -56.35 -61.77 -108.75
CA ARG KB 154 -56.74 -61.18 -110.03
C ARG KB 154 -57.54 -62.20 -110.83
N PHE KB 155 -58.67 -61.76 -111.38
CA PHE KB 155 -59.44 -62.57 -112.33
C PHE KB 155 -58.71 -62.68 -113.66
N SER KB 156 -59.02 -63.75 -114.39
CA SER KB 156 -58.59 -63.87 -115.77
C SER KB 156 -59.50 -63.02 -116.66
N PRO KB 157 -58.94 -62.13 -117.49
CA PRO KB 157 -59.81 -61.32 -118.36
C PRO KB 157 -60.62 -62.12 -119.36
N ASN KB 158 -60.18 -63.33 -119.69
CA ASN KB 158 -60.90 -64.16 -120.65
C ASN KB 158 -62.26 -64.58 -120.08
N SER KB 159 -63.28 -64.54 -120.94
CA SER KB 159 -64.61 -64.98 -120.54
C SER KB 159 -64.63 -66.48 -120.24
N SER KB 160 -63.91 -67.26 -121.04
CA SER KB 160 -63.81 -68.69 -120.80
C SER KB 160 -62.92 -68.96 -119.58
N ASN KB 161 -62.82 -70.26 -119.23
CA ASN KB 161 -62.05 -70.88 -118.15
C ASN KB 161 -61.86 -69.96 -116.95
N PRO KB 162 -62.95 -69.57 -116.26
CA PRO KB 162 -62.84 -68.53 -115.24
C PRO KB 162 -61.94 -68.93 -114.08
N ILE KB 163 -60.82 -68.25 -113.96
CA ILE KB 163 -59.81 -68.56 -112.95
C ILE KB 163 -59.34 -67.28 -112.30
N ILE KB 164 -58.77 -67.43 -111.11
CA ILE KB 164 -58.16 -66.34 -110.36
C ILE KB 164 -56.75 -66.72 -109.99
N VAL KB 165 -55.83 -65.77 -110.14
CA VAL KB 165 -54.46 -65.95 -109.68
C VAL KB 165 -54.34 -65.27 -108.32
N SER KB 166 -53.54 -65.87 -107.43
CA SER KB 166 -53.40 -65.37 -106.08
C SER KB 166 -51.96 -65.57 -105.63
N CYS KB 167 -51.28 -64.48 -105.32
CA CYS KB 167 -49.93 -64.51 -104.78
C CYS KB 167 -49.94 -63.98 -103.35
N GLY KB 168 -49.03 -64.52 -102.54
CA GLY KB 168 -48.94 -64.11 -101.15
C GLY KB 168 -47.53 -64.14 -100.61
N TRP KB 169 -47.41 -64.24 -99.29
CA TRP KB 169 -46.12 -64.24 -98.61
C TRP KB 169 -45.56 -65.63 -98.38
N ASP KB 170 -46.25 -66.67 -98.85
CA ASP KB 170 -45.73 -68.03 -98.81
C ASP KB 170 -44.91 -68.38 -100.04
N LYS KB 171 -44.63 -67.39 -100.89
CA LYS KB 171 -43.81 -67.53 -102.10
C LYS KB 171 -44.42 -68.49 -103.12
N LEU KB 172 -45.73 -68.70 -103.06
CA LEU KB 172 -46.43 -69.59 -103.99
C LEU KB 172 -47.60 -68.86 -104.61
N VAL KB 173 -47.67 -68.86 -105.93
CA VAL KB 173 -48.84 -68.37 -106.65
C VAL KB 173 -49.76 -69.55 -106.92
N LYS KB 174 -51.06 -69.33 -106.70
CA LYS KB 174 -52.06 -70.38 -106.86
C LYS KB 174 -53.15 -69.89 -107.80
N VAL KB 175 -53.58 -70.76 -108.71
CA VAL KB 175 -54.68 -70.49 -109.62
C VAL KB 175 -55.88 -71.30 -109.17
N TRP KB 176 -57.03 -70.63 -109.04
CA TRP KB 176 -58.25 -71.25 -108.57
C TRP KB 176 -59.31 -71.13 -109.66
N ASN KB 177 -59.85 -72.27 -110.08
CA ASN KB 177 -60.96 -72.30 -111.03
C ASN KB 177 -62.26 -72.01 -110.27
N LEU KB 178 -63.06 -71.10 -110.82
CA LEU KB 178 -64.33 -70.71 -110.21
C LEU KB 178 -65.45 -71.70 -110.46
N ALA KB 179 -65.25 -72.65 -111.37
CA ALA KB 179 -66.30 -73.63 -111.66
C ALA KB 179 -66.62 -74.46 -110.42
N ASN KB 180 -65.60 -74.86 -109.68
CA ASN KB 180 -65.76 -75.56 -108.42
C ASN KB 180 -65.13 -74.81 -107.26
N CYS KB 181 -64.62 -73.61 -107.51
CA CYS KB 181 -63.89 -72.82 -106.51
C CYS KB 181 -62.75 -73.63 -105.90
N LYS KB 182 -61.91 -74.17 -106.78
CA LYS KB 182 -60.91 -75.15 -106.36
C LYS KB 182 -59.57 -74.88 -107.03
N LEU KB 183 -58.52 -75.39 -106.39
CA LEU KB 183 -57.16 -75.21 -106.88
C LEU KB 183 -56.97 -75.93 -108.22
N LYS KB 184 -56.09 -75.38 -109.06
CA LYS KB 184 -55.75 -75.98 -110.34
C LYS KB 184 -54.31 -76.45 -110.39
N THR KB 185 -53.35 -75.56 -110.14
CA THR KB 185 -51.95 -75.92 -110.11
C THR KB 185 -51.20 -74.92 -109.25
N ASN KB 186 -50.02 -75.34 -108.78
CA ASN KB 186 -49.15 -74.52 -107.96
C ASN KB 186 -47.86 -74.26 -108.71
N HIS KB 187 -47.48 -72.99 -108.82
CA HIS KB 187 -46.25 -72.60 -109.47
C HIS KB 187 -45.26 -72.17 -108.41
N ILE KB 188 -44.12 -72.85 -108.35
CA ILE KB 188 -43.13 -72.68 -107.29
C ILE KB 188 -41.85 -72.15 -107.93
N GLY KB 189 -41.04 -71.48 -107.12
CA GLY KB 189 -39.78 -70.96 -107.60
C GLY KB 189 -39.37 -69.64 -106.99
N HIS KB 190 -40.26 -69.04 -106.20
CA HIS KB 190 -39.97 -67.75 -105.59
C HIS KB 190 -39.14 -67.92 -104.34
N THR KB 191 -38.10 -67.11 -104.21
CA THR KB 191 -37.23 -67.12 -103.03
C THR KB 191 -37.60 -66.04 -102.02
N GLY KB 192 -38.65 -65.27 -102.27
CA GLY KB 192 -39.09 -64.24 -101.34
C GLY KB 192 -40.57 -64.02 -101.48
N TYR KB 193 -41.13 -63.29 -100.53
CA TYR KB 193 -42.57 -63.04 -100.53
C TYR KB 193 -42.97 -62.21 -101.74
N LEU KB 194 -44.20 -62.41 -102.19
CA LEU KB 194 -44.69 -61.81 -103.43
C LEU KB 194 -45.57 -60.62 -103.12
N ASN KB 195 -45.37 -59.53 -103.86
CA ASN KB 195 -46.18 -58.34 -103.70
C ASN KB 195 -47.27 -58.21 -104.74
N THR KB 196 -47.12 -58.82 -105.91
CA THR KB 196 -48.11 -58.62 -106.96
C THR KB 196 -48.09 -59.78 -107.95
N VAL KB 197 -49.25 -59.99 -108.59
CA VAL KB 197 -49.39 -60.91 -109.70
C VAL KB 197 -50.46 -60.36 -110.63
N THR KB 198 -50.16 -60.29 -111.92
CA THR KB 198 -51.07 -59.70 -112.90
C THR KB 198 -51.17 -60.59 -114.13
N VAL KB 199 -52.38 -60.66 -114.68
CA VAL KB 199 -52.69 -61.52 -115.82
C VAL KB 199 -52.73 -60.66 -117.08
N SER KB 200 -52.11 -61.18 -118.14
CA SER KB 200 -52.10 -60.50 -119.43
C SER KB 200 -53.50 -60.46 -120.01
N PRO KB 201 -53.77 -59.49 -120.89
CA PRO KB 201 -55.13 -59.37 -121.46
C PRO KB 201 -55.60 -60.60 -122.21
N ASP KB 202 -54.70 -61.36 -122.84
CA ASP KB 202 -55.11 -62.57 -123.53
C ASP KB 202 -55.46 -63.70 -122.57
N GLY KB 203 -55.20 -63.54 -121.28
CA GLY KB 203 -55.47 -64.58 -120.31
C GLY KB 203 -54.60 -65.80 -120.43
N SER KB 204 -53.31 -65.60 -120.72
CA SER KB 204 -52.35 -66.70 -120.81
C SER KB 204 -51.13 -66.54 -119.93
N LEU KB 205 -50.86 -65.33 -119.42
CA LEU KB 205 -49.68 -65.02 -118.63
C LEU KB 205 -50.12 -64.48 -117.27
N CYS KB 206 -49.45 -64.93 -116.21
CA CYS KB 206 -49.78 -64.55 -114.84
C CYS KB 206 -48.54 -64.00 -114.12
N ALA KB 207 -47.91 -62.99 -114.73
CA ALA KB 207 -46.62 -62.50 -114.28
C ALA KB 207 -46.66 -62.10 -112.80
N SER KB 208 -45.73 -62.66 -112.02
CA SER KB 208 -45.71 -62.47 -110.58
C SER KB 208 -44.37 -61.90 -110.13
N GLY KB 209 -44.43 -60.99 -109.16
CA GLY KB 209 -43.22 -60.37 -108.65
C GLY KB 209 -43.35 -60.04 -107.17
N GLY KB 210 -42.19 -59.96 -106.52
CA GLY KB 210 -42.15 -59.70 -105.09
C GLY KB 210 -40.78 -59.29 -104.57
N LYS KB 211 -40.41 -59.86 -103.41
CA LYS KB 211 -39.18 -59.44 -102.73
C LYS KB 211 -37.92 -59.89 -103.46
N ASP KB 212 -37.98 -61.01 -104.17
CA ASP KB 212 -36.80 -61.64 -104.72
C ASP KB 212 -36.12 -60.81 -105.81
N GLY KB 213 -36.76 -59.77 -106.30
CA GLY KB 213 -36.14 -58.96 -107.34
C GLY KB 213 -36.18 -59.58 -108.71
N GLN KB 214 -37.00 -60.62 -108.90
CA GLN KB 214 -37.11 -61.27 -110.19
C GLN KB 214 -38.56 -61.69 -110.41
N ALA KB 215 -39.06 -61.40 -111.61
CA ALA KB 215 -40.42 -61.68 -112.00
C ALA KB 215 -40.51 -63.02 -112.72
N MET KB 216 -41.64 -63.69 -112.56
CA MET KB 216 -41.87 -65.01 -113.10
C MET KB 216 -43.05 -64.95 -114.07
N LEU KB 217 -42.82 -65.38 -115.30
CA LEU KB 217 -43.85 -65.49 -116.32
C LEU KB 217 -44.21 -66.96 -116.46
N TRP KB 218 -45.47 -67.29 -116.24
CA TRP KB 218 -45.95 -68.67 -116.30
C TRP KB 218 -46.88 -68.84 -117.48
N ASP KB 219 -47.42 -70.05 -117.60
CA ASP KB 219 -48.40 -70.38 -118.63
C ASP KB 219 -49.75 -70.65 -117.99
N LEU KB 220 -50.82 -70.26 -118.68
CA LEU KB 220 -52.16 -70.51 -118.17
C LEU KB 220 -52.95 -71.52 -118.98
N ASN KB 221 -52.76 -71.54 -120.30
CA ASN KB 221 -53.53 -72.46 -121.15
C ASN KB 221 -53.21 -73.91 -120.80
N GLU KB 222 -51.93 -74.22 -120.59
CA GLU KB 222 -51.50 -75.54 -120.13
C GLU KB 222 -51.05 -75.51 -118.68
N GLY KB 223 -50.19 -74.56 -118.32
CA GLY KB 223 -49.73 -74.41 -116.96
C GLY KB 223 -48.35 -74.96 -116.75
N LYS KB 224 -47.35 -74.08 -116.77
CA LYS KB 224 -45.95 -74.47 -116.62
C LYS KB 224 -45.12 -73.19 -116.51
N HIS KB 225 -43.84 -73.38 -116.24
CA HIS KB 225 -42.90 -72.26 -116.30
C HIS KB 225 -42.73 -71.79 -117.73
N LEU KB 226 -42.63 -70.47 -117.90
CA LEU KB 226 -42.34 -69.89 -119.21
C LEU KB 226 -41.05 -69.12 -119.21
N TYR KB 227 -40.86 -68.19 -118.29
CA TYR KB 227 -39.66 -67.36 -118.32
C TYR KB 227 -39.40 -66.77 -116.95
N THR KB 228 -38.13 -66.52 -116.66
CA THR KB 228 -37.69 -65.86 -115.43
C THR KB 228 -36.96 -64.57 -115.80
N LEU KB 229 -37.61 -63.45 -115.55
CA LEU KB 229 -37.02 -62.13 -115.80
C LEU KB 229 -36.50 -61.57 -114.47
N ASP KB 230 -35.59 -60.61 -114.56
CA ASP KB 230 -34.97 -60.04 -113.36
C ASP KB 230 -35.01 -58.53 -113.41
N GLY KB 231 -35.08 -57.91 -112.22
CA GLY KB 231 -35.03 -56.47 -112.09
C GLY KB 231 -33.99 -56.07 -111.06
N GLY KB 232 -33.89 -54.75 -110.85
CA GLY KB 232 -32.87 -54.23 -109.95
C GLY KB 232 -33.06 -54.67 -108.51
N ASP KB 233 -34.29 -54.55 -108.01
CA ASP KB 233 -34.60 -54.85 -106.62
C ASP KB 233 -36.06 -55.30 -106.54
N ILE KB 234 -36.64 -55.20 -105.33
CA ILE KB 234 -38.00 -55.67 -105.08
C ILE KB 234 -38.98 -55.16 -106.13
N ILE KB 235 -39.88 -56.04 -106.55
CA ILE KB 235 -40.92 -55.73 -107.52
C ILE KB 235 -42.23 -55.68 -106.76
N ASN KB 236 -42.65 -54.48 -106.37
CA ASN KB 236 -43.87 -54.27 -105.63
C ASN KB 236 -45.04 -53.82 -106.49
N ALA KB 237 -44.85 -53.69 -107.80
CA ALA KB 237 -45.93 -53.32 -108.71
C ALA KB 237 -45.61 -53.83 -110.10
N LEU KB 238 -46.59 -54.49 -110.72
CA LEU KB 238 -46.45 -55.10 -112.03
C LEU KB 238 -47.70 -54.81 -112.84
N CYS KB 239 -47.53 -54.60 -114.15
CA CYS KB 239 -48.69 -54.67 -115.04
C CYS KB 239 -48.24 -54.77 -116.49
N PHE KB 240 -49.08 -55.42 -117.29
CA PHE KB 240 -48.92 -55.49 -118.73
C PHE KB 240 -49.47 -54.24 -119.39
N SER KB 241 -49.10 -54.03 -120.64
CA SER KB 241 -49.74 -53.04 -121.48
C SER KB 241 -50.92 -53.68 -122.19
N PRO KB 242 -52.14 -53.16 -122.05
CA PRO KB 242 -53.29 -53.82 -122.70
C PRO KB 242 -53.20 -53.83 -124.22
N ASN KB 243 -52.60 -52.81 -124.84
CA ASN KB 243 -52.51 -52.76 -126.29
C ASN KB 243 -51.30 -53.53 -126.83
N ARG KB 244 -50.26 -53.72 -126.03
CA ARG KB 244 -49.02 -54.32 -126.48
C ARG KB 244 -48.76 -55.61 -125.70
N TYR KB 245 -47.57 -56.16 -125.90
CA TYR KB 245 -47.05 -57.25 -125.08
C TYR KB 245 -46.06 -56.75 -124.04
N TRP KB 246 -45.90 -55.44 -123.92
CA TRP KB 246 -44.93 -54.85 -123.00
C TRP KB 246 -45.33 -55.13 -121.54
N LEU KB 247 -44.32 -55.29 -120.69
CA LEU KB 247 -44.53 -55.57 -119.28
C LEU KB 247 -43.71 -54.60 -118.45
N CYS KB 248 -44.36 -53.87 -117.54
CA CYS KB 248 -43.67 -52.86 -116.75
C CYS KB 248 -43.74 -53.19 -115.27
N ALA KB 249 -42.63 -52.91 -114.58
CA ALA KB 249 -42.45 -53.23 -113.18
C ALA KB 249 -41.90 -52.03 -112.44
N ALA KB 250 -42.18 -51.98 -111.14
CA ALA KB 250 -41.67 -50.95 -110.25
C ALA KB 250 -40.43 -51.51 -109.55
N THR KB 251 -39.27 -51.27 -110.16
CA THR KB 251 -38.00 -51.68 -109.58
C THR KB 251 -37.61 -50.66 -108.52
N GLY KB 252 -38.24 -50.79 -107.35
CA GLY KB 252 -37.99 -49.92 -106.23
C GLY KB 252 -38.30 -48.47 -106.56
N PRO KB 253 -37.28 -47.62 -106.57
CA PRO KB 253 -37.46 -46.21 -106.95
C PRO KB 253 -37.41 -45.96 -108.44
N SER KB 254 -37.48 -47.00 -109.27
CA SER KB 254 -37.41 -46.85 -110.71
C SER KB 254 -38.54 -47.64 -111.36
N ILE KB 255 -38.78 -47.35 -112.63
CA ILE KB 255 -39.80 -48.05 -113.41
C ILE KB 255 -39.11 -48.65 -114.62
N LYS KB 256 -39.22 -49.96 -114.79
CA LYS KB 256 -38.57 -50.66 -115.89
C LYS KB 256 -39.62 -51.27 -116.81
N ILE KB 257 -39.53 -50.98 -118.10
CA ILE KB 257 -40.44 -51.53 -119.09
C ILE KB 257 -39.68 -52.50 -119.99
N TRP KB 258 -40.24 -53.69 -120.19
CA TRP KB 258 -39.64 -54.76 -120.95
C TRP KB 258 -40.47 -55.09 -122.17
N ASP KB 259 -39.81 -55.21 -123.31
CA ASP KB 259 -40.37 -55.91 -124.46
C ASP KB 259 -40.18 -57.41 -124.22
N LEU KB 260 -41.30 -58.14 -124.17
CA LEU KB 260 -41.26 -59.54 -123.79
C LEU KB 260 -40.75 -60.45 -124.91
N GLU KB 261 -41.07 -60.13 -126.16
CA GLU KB 261 -40.53 -60.92 -127.26
C GLU KB 261 -39.02 -60.79 -127.34
N GLY KB 262 -38.49 -59.59 -127.13
CA GLY KB 262 -37.06 -59.40 -127.04
C GLY KB 262 -36.48 -59.65 -125.67
N LYS KB 263 -37.33 -59.78 -124.64
CA LYS KB 263 -36.91 -59.96 -123.25
C LYS KB 263 -35.92 -58.88 -122.84
N ILE KB 264 -36.22 -57.65 -123.22
CA ILE KB 264 -35.24 -56.58 -123.17
C ILE KB 264 -35.82 -55.34 -122.52
N ILE KB 265 -34.98 -54.60 -121.80
CA ILE KB 265 -35.31 -53.24 -121.39
C ILE KB 265 -35.56 -52.41 -122.64
N VAL KB 266 -36.75 -51.80 -122.71
CA VAL KB 266 -36.96 -50.76 -123.71
C VAL KB 266 -36.88 -49.37 -123.11
N ASP KB 267 -37.09 -49.22 -121.81
CA ASP KB 267 -36.81 -47.96 -121.12
C ASP KB 267 -36.76 -48.19 -119.62
N GLU KB 268 -36.02 -47.31 -118.95
CA GLU KB 268 -35.93 -47.25 -117.50
C GLU KB 268 -36.14 -45.80 -117.06
N LEU KB 269 -36.95 -45.62 -116.02
CA LEU KB 269 -37.32 -44.30 -115.52
C LEU KB 269 -36.81 -44.18 -114.09
N LYS KB 270 -35.96 -43.19 -113.85
CA LYS KB 270 -35.28 -43.04 -112.56
C LYS KB 270 -35.78 -41.84 -111.77
N GLN KB 271 -36.99 -41.36 -112.07
CA GLN KB 271 -37.69 -40.27 -111.40
C GLN KB 271 -37.03 -38.90 -111.60
N GLU KB 272 -35.88 -38.84 -112.26
CA GLU KB 272 -35.21 -37.58 -112.59
C GLU KB 272 -34.95 -36.72 -111.36
N VAL KB 273 -34.50 -37.35 -110.28
CA VAL KB 273 -34.19 -36.67 -109.03
C VAL KB 273 -32.68 -36.47 -108.95
N ILE KB 274 -32.26 -35.22 -108.75
CA ILE KB 274 -30.85 -34.87 -108.70
C ILE KB 274 -30.47 -34.27 -107.35
N SER KB 275 -31.23 -34.58 -106.30
CA SER KB 275 -30.88 -34.11 -104.97
C SER KB 275 -29.57 -34.73 -104.49
N THR KB 276 -29.39 -36.04 -104.75
CA THR KB 276 -28.20 -36.84 -104.44
C THR KB 276 -27.58 -36.53 -103.09
N SER KB 277 -28.44 -36.28 -102.09
CA SER KB 277 -27.96 -35.96 -100.75
C SER KB 277 -27.30 -37.16 -100.06
N SER KB 278 -27.50 -38.37 -100.59
CA SER KB 278 -26.93 -39.61 -100.06
C SER KB 278 -27.34 -39.86 -98.61
N LYS KB 279 -28.47 -39.32 -98.19
CA LYS KB 279 -28.99 -39.53 -96.85
C LYS KB 279 -30.33 -40.26 -96.86
N ALA KB 280 -31.29 -39.76 -97.64
CA ALA KB 280 -32.59 -40.39 -97.75
C ALA KB 280 -32.68 -41.14 -99.07
N GLU KB 281 -33.28 -42.33 -99.02
CA GLU KB 281 -33.45 -43.13 -100.22
C GLU KB 281 -34.42 -42.45 -101.17
N PRO KB 282 -34.26 -42.67 -102.48
CA PRO KB 282 -35.22 -42.12 -103.43
C PRO KB 282 -36.59 -42.72 -103.21
N PRO KB 283 -37.66 -41.96 -103.47
CA PRO KB 283 -39.01 -42.47 -103.22
C PRO KB 283 -39.31 -43.73 -104.03
N GLN KB 284 -39.94 -44.69 -103.37
CA GLN KB 284 -40.28 -45.95 -104.01
C GLN KB 284 -41.57 -45.82 -104.79
N CYS KB 285 -41.72 -46.64 -105.82
CA CYS KB 285 -42.93 -46.72 -106.61
C CYS KB 285 -43.81 -47.84 -106.08
N THR KB 286 -45.07 -47.53 -105.79
CA THR KB 286 -45.97 -48.51 -105.20
C THR KB 286 -47.10 -48.93 -106.13
N SER KB 287 -47.57 -48.05 -107.01
CA SER KB 287 -48.69 -48.37 -107.88
C SER KB 287 -48.29 -48.15 -109.33
N LEU KB 288 -48.89 -48.95 -110.21
CA LEU KB 288 -48.56 -48.90 -111.63
C LEU KB 288 -49.80 -49.29 -112.43
N ALA KB 289 -50.22 -48.42 -113.35
CA ALA KB 289 -51.41 -48.72 -114.13
C ALA KB 289 -51.33 -48.05 -115.50
N TRP KB 290 -51.59 -48.82 -116.55
CA TRP KB 290 -51.63 -48.30 -117.90
C TRP KB 290 -52.99 -47.68 -118.19
N SER KB 291 -53.07 -46.94 -119.29
CA SER KB 291 -54.35 -46.47 -119.77
C SER KB 291 -54.97 -47.51 -120.70
N ALA KB 292 -56.22 -47.24 -121.11
CA ALA KB 292 -56.90 -48.15 -122.04
C ALA KB 292 -56.21 -48.19 -123.38
N ASP KB 293 -55.80 -47.02 -123.89
CA ASP KB 293 -55.13 -46.96 -125.19
C ASP KB 293 -53.70 -47.49 -125.11
N GLY KB 294 -53.14 -47.61 -123.92
CA GLY KB 294 -51.76 -47.98 -123.78
C GLY KB 294 -50.77 -46.88 -124.10
N GLN KB 295 -51.26 -45.66 -124.31
CA GLN KB 295 -50.37 -44.55 -124.66
C GLN KB 295 -49.74 -43.90 -123.44
N THR KB 296 -50.44 -43.88 -122.30
CA THR KB 296 -49.92 -43.25 -121.09
C THR KB 296 -50.03 -44.20 -119.91
N LEU KB 297 -49.18 -43.95 -118.91
CA LEU KB 297 -49.06 -44.79 -117.74
C LEU KB 297 -49.06 -43.91 -116.50
N PHE KB 298 -49.47 -44.48 -115.37
CA PHE KB 298 -49.51 -43.76 -114.11
C PHE KB 298 -48.80 -44.57 -113.04
N ALA KB 299 -47.84 -43.94 -112.36
CA ALA KB 299 -47.04 -44.60 -111.34
C ALA KB 299 -47.16 -43.81 -110.04
N GLY KB 300 -47.72 -44.45 -109.02
CA GLY KB 300 -47.89 -43.82 -107.71
C GLY KB 300 -46.75 -44.21 -106.80
N TYR KB 301 -46.15 -43.18 -106.16
CA TYR KB 301 -44.93 -43.34 -105.39
C TYR KB 301 -45.22 -43.16 -103.90
N THR KB 302 -44.15 -43.20 -103.11
CA THR KB 302 -44.22 -43.02 -101.66
C THR KB 302 -44.16 -41.56 -101.24
N ASP KB 303 -44.03 -40.63 -102.19
CA ASP KB 303 -43.95 -39.21 -101.87
C ASP KB 303 -45.31 -38.54 -101.87
N ASN KB 304 -46.37 -39.30 -101.54
CA ASN KB 304 -47.75 -38.80 -101.55
C ASN KB 304 -48.11 -38.20 -102.90
N LEU KB 305 -47.71 -38.88 -103.97
CA LEU KB 305 -47.81 -38.32 -105.31
C LEU KB 305 -47.86 -39.43 -106.33
N VAL KB 306 -48.41 -39.11 -107.50
CA VAL KB 306 -48.42 -40.01 -108.65
C VAL KB 306 -47.92 -39.23 -109.86
N ARG KB 307 -47.11 -39.90 -110.69
CA ARG KB 307 -46.52 -39.30 -111.88
C ARG KB 307 -47.14 -39.94 -113.12
N VAL KB 308 -47.45 -39.11 -114.10
CA VAL KB 308 -47.97 -39.58 -115.38
C VAL KB 308 -46.82 -39.65 -116.37
N TRP KB 309 -46.73 -40.77 -117.08
CA TRP KB 309 -45.68 -41.04 -118.05
C TRP KB 309 -46.29 -41.15 -119.43
N GLN KB 310 -45.62 -40.55 -120.40
CA GLN KB 310 -46.10 -40.50 -121.78
C GLN KB 310 -45.04 -41.06 -122.71
N VAL KB 311 -45.47 -41.82 -123.72
CA VAL KB 311 -44.57 -42.35 -124.72
C VAL KB 311 -44.43 -41.34 -125.85
N THR KB 312 -43.21 -41.22 -126.37
CA THR KB 312 -42.95 -40.27 -127.46
C THR KB 312 -43.54 -40.80 -128.76
N ILE KB 313 -44.22 -39.91 -129.49
CA ILE KB 313 -44.87 -40.29 -130.73
C ILE KB 313 -43.83 -40.51 -131.83
N GLY LB 1 13.14 -80.26 -84.32
CA GLY LB 1 13.44 -81.38 -85.20
C GLY LB 1 14.90 -81.45 -85.61
N ALA LB 2 15.56 -82.53 -85.19
CA ALA LB 2 16.99 -82.72 -85.47
C ALA LB 2 17.25 -83.57 -86.70
N LEU LB 3 16.22 -84.10 -87.34
CA LEU LB 3 16.40 -85.00 -88.48
C LEU LB 3 16.61 -84.19 -89.76
N ASP LB 4 17.12 -84.88 -90.78
CA ASP LB 4 17.37 -84.24 -92.06
C ASP LB 4 16.06 -83.92 -92.79
N VAL LB 5 15.04 -84.77 -92.63
CA VAL LB 5 13.75 -84.49 -93.24
C VAL LB 5 13.09 -83.31 -92.55
N LEU LB 6 13.38 -83.09 -91.27
CA LEU LB 6 12.80 -81.99 -90.50
C LEU LB 6 13.69 -80.75 -90.55
N GLN LB 7 14.07 -80.33 -91.76
CA GLN LB 7 14.94 -79.19 -91.93
C GLN LB 7 14.24 -78.13 -92.77
N MET LB 8 14.60 -76.88 -92.52
CA MET LB 8 14.11 -75.77 -93.32
C MET LB 8 14.57 -75.93 -94.76
N LYS LB 9 13.72 -75.55 -95.70
CA LYS LB 9 14.02 -75.64 -97.11
C LYS LB 9 14.23 -74.24 -97.68
N GLU LB 10 14.80 -74.19 -98.89
CA GLU LB 10 15.03 -72.92 -99.56
C GLU LB 10 13.71 -72.20 -99.80
N GLU LB 11 12.65 -72.95 -100.11
CA GLU LB 11 11.34 -72.35 -100.29
C GLU LB 11 10.85 -71.70 -98.99
N ASP LB 12 11.07 -72.39 -97.87
CA ASP LB 12 10.70 -71.82 -96.57
C ASP LB 12 11.50 -70.55 -96.27
N VAL LB 13 12.80 -70.56 -96.59
CA VAL LB 13 13.63 -69.37 -96.39
C VAL LB 13 13.09 -68.22 -97.22
N LEU LB 14 12.73 -68.49 -98.47
CA LEU LB 14 12.22 -67.45 -99.35
C LEU LB 14 10.92 -66.87 -98.81
N LYS LB 15 10.00 -67.73 -98.36
CA LYS LB 15 8.77 -67.22 -97.77
C LYS LB 15 9.04 -66.39 -96.52
N PHE LB 16 9.95 -66.87 -95.65
CA PHE LB 16 10.22 -66.15 -94.41
C PHE LB 16 10.78 -64.76 -94.70
N LEU LB 17 11.74 -64.69 -95.64
CA LEU LB 17 12.32 -63.39 -95.96
C LEU LB 17 11.33 -62.48 -96.68
N ALA LB 18 10.47 -63.04 -97.52
CA ALA LB 18 9.48 -62.22 -98.20
C ALA LB 18 8.48 -61.64 -97.20
N ALA LB 19 8.05 -62.44 -96.24
CA ALA LB 19 7.08 -61.96 -95.26
C ALA LB 19 7.71 -61.14 -94.14
N GLY LB 20 9.03 -61.16 -94.02
CA GLY LB 20 9.67 -60.46 -92.93
C GLY LB 20 10.10 -61.43 -91.85
N THR LB 21 9.32 -61.49 -90.77
CA THR LB 21 9.37 -62.48 -89.68
C THR LB 21 10.77 -62.68 -89.10
N HIS LB 22 11.70 -61.78 -89.43
CA HIS LB 22 13.00 -61.74 -88.80
C HIS LB 22 13.35 -60.33 -88.36
N LEU LB 23 12.58 -59.33 -88.78
CA LEU LB 23 12.79 -57.95 -88.39
C LEU LB 23 12.02 -57.71 -87.10
N GLY LB 24 12.73 -57.78 -85.98
CA GLY LB 24 12.11 -57.54 -84.69
C GLY LB 24 11.94 -56.07 -84.41
N GLY LB 25 11.59 -55.78 -83.16
CA GLY LB 25 11.46 -54.42 -82.72
C GLY LB 25 12.80 -53.83 -82.32
N THR LB 26 12.75 -52.57 -81.89
CA THR LB 26 13.94 -51.91 -81.36
C THR LB 26 14.23 -52.28 -79.91
N ASN LB 27 13.28 -52.93 -79.23
CA ASN LB 27 13.45 -53.34 -77.86
C ASN LB 27 13.67 -54.85 -77.79
N LEU LB 28 14.35 -55.28 -76.74
CA LEU LB 28 14.69 -56.69 -76.57
C LEU LB 28 14.34 -57.15 -75.17
N ASP LB 29 13.69 -58.31 -75.08
CA ASP LB 29 13.42 -58.94 -73.80
C ASP LB 29 14.60 -59.82 -73.41
N PHE LB 30 14.95 -59.79 -72.13
CA PHE LB 30 16.12 -60.53 -71.66
C PHE LB 30 15.93 -62.03 -71.82
N GLN LB 31 14.70 -62.50 -71.79
CA GLN LB 31 14.41 -63.90 -72.05
C GLN LB 31 14.25 -64.21 -73.53
N MET LB 32 14.14 -63.19 -74.38
CA MET LB 32 14.13 -63.36 -75.82
C MET LB 32 15.49 -63.11 -76.45
N GLU LB 33 16.48 -62.72 -75.64
CA GLU LB 33 17.80 -62.39 -76.18
C GLU LB 33 18.47 -63.60 -76.82
N GLN LB 34 18.17 -64.80 -76.34
CA GLN LB 34 18.83 -66.00 -76.85
C GLN LB 34 18.42 -66.36 -78.27
N TYR LB 35 17.35 -65.76 -78.80
CA TYR LB 35 16.92 -66.03 -80.17
C TYR LB 35 17.35 -64.97 -81.16
N ILE LB 36 18.17 -64.01 -80.75
CA ILE LB 36 18.53 -62.88 -81.58
C ILE LB 36 19.88 -63.11 -82.21
N TYR LB 37 19.98 -62.85 -83.51
CA TYR LB 37 21.27 -62.94 -84.20
C TYR LB 37 22.10 -61.68 -83.99
N LYS LB 38 21.58 -60.54 -84.45
CA LYS LB 38 22.35 -59.30 -84.40
C LYS LB 38 21.36 -58.13 -84.46
N ARG LB 39 21.81 -56.98 -83.96
CA ARG LB 39 21.05 -55.74 -84.03
C ARG LB 39 21.61 -54.88 -85.14
N LYS LB 40 20.74 -54.46 -86.06
CA LYS LB 40 21.18 -53.68 -87.19
C LYS LB 40 21.52 -52.25 -86.76
N SER LB 41 22.03 -51.47 -87.71
CA SER LB 41 22.22 -50.04 -87.49
C SER LB 41 20.88 -49.30 -87.40
N ASP LB 42 19.80 -49.91 -87.90
CA ASP LB 42 18.47 -49.36 -87.75
C ASP LB 42 17.96 -49.44 -86.32
N GLY LB 43 18.64 -50.20 -85.46
CA GLY LB 43 18.09 -50.54 -84.17
C GLY LB 43 17.17 -51.74 -84.18
N ILE LB 44 16.94 -52.32 -85.35
CA ILE LB 44 16.05 -53.47 -85.48
C ILE LB 44 16.84 -54.74 -85.19
N TYR LB 45 16.30 -55.57 -84.30
CA TYR LB 45 16.95 -56.84 -83.97
C TYR LB 45 16.62 -57.87 -85.03
N ILE LB 46 17.63 -58.66 -85.41
CA ILE LB 46 17.47 -59.73 -86.39
C ILE LB 46 17.35 -61.04 -85.63
N ILE LB 47 16.32 -61.82 -85.96
CA ILE LB 47 16.01 -63.04 -85.25
C ILE LB 47 16.53 -64.23 -86.04
N ASN LB 48 17.15 -65.17 -85.33
CA ASN LB 48 17.71 -66.36 -85.97
C ASN LB 48 16.58 -67.23 -86.52
N LEU LB 49 16.51 -67.31 -87.85
CA LEU LB 49 15.46 -68.11 -88.48
C LEU LB 49 15.61 -69.59 -88.17
N LYS LB 50 16.83 -70.06 -87.97
CA LYS LB 50 17.02 -71.47 -87.62
C LYS LB 50 16.43 -71.77 -86.23
N ARG LB 51 16.67 -70.87 -85.28
CA ARG LB 51 16.07 -71.02 -83.95
C ARG LB 51 14.56 -70.92 -84.02
N THR LB 52 14.05 -70.01 -84.86
CA THR LB 52 12.61 -69.91 -85.05
C THR LB 52 12.03 -71.20 -85.62
N TRP LB 53 12.73 -71.81 -86.58
CA TRP LB 53 12.29 -73.08 -87.16
C TRP LB 53 12.29 -74.17 -86.11
N GLU LB 54 13.32 -74.22 -85.28
CA GLU LB 54 13.36 -75.25 -84.24
C GLU LB 54 12.22 -75.08 -83.24
N LYS LB 55 11.94 -73.84 -82.84
CA LYS LB 55 10.84 -73.61 -81.91
C LYS LB 55 9.49 -73.92 -82.56
N LEU LB 56 9.35 -73.63 -83.85
CA LEU LB 56 8.12 -73.96 -84.55
C LEU LB 56 7.92 -75.46 -84.65
N LEU LB 57 8.98 -76.21 -84.91
CA LEU LB 57 8.89 -77.66 -84.93
C LEU LB 57 8.55 -78.22 -83.56
N LEU LB 58 9.13 -77.64 -82.50
CA LEU LB 58 8.80 -78.07 -81.14
C LEU LB 58 7.33 -77.80 -80.84
N ALA LB 59 6.82 -76.64 -81.27
CA ALA LB 59 5.40 -76.35 -81.10
C ALA LB 59 4.53 -77.32 -81.87
N ALA LB 60 4.96 -77.70 -83.08
CA ALA LB 60 4.23 -78.68 -83.86
C ALA LB 60 4.17 -80.03 -83.15
N ARG LB 61 5.29 -80.45 -82.57
CA ARG LB 61 5.30 -81.70 -81.81
C ARG LB 61 4.36 -81.62 -80.61
N ALA LB 62 4.38 -80.49 -79.90
CA ALA LB 62 3.50 -80.31 -78.76
C ALA LB 62 2.03 -80.37 -79.18
N ILE LB 63 1.71 -79.76 -80.32
CA ILE LB 63 0.33 -79.76 -80.80
C ILE LB 63 -0.11 -81.15 -81.21
N VAL LB 64 0.71 -81.86 -81.99
CA VAL LB 64 0.34 -83.18 -82.45
C VAL LB 64 0.40 -84.23 -81.35
N ALA LB 65 0.99 -83.90 -80.20
CA ALA LB 65 0.98 -84.82 -79.08
C ALA LB 65 -0.41 -85.01 -78.48
N ILE LB 66 -1.39 -84.19 -78.85
CA ILE LB 66 -2.73 -84.24 -78.29
C ILE LB 66 -3.63 -85.04 -79.22
N GLU LB 67 -4.30 -86.06 -78.66
CA GLU LB 67 -5.11 -86.95 -79.48
C GLU LB 67 -6.33 -86.25 -80.05
N ASN LB 68 -7.00 -85.43 -79.24
CA ASN LB 68 -8.21 -84.75 -79.69
C ASN LB 68 -7.83 -83.40 -80.28
N PRO LB 69 -8.02 -83.18 -81.58
CA PRO LB 69 -7.64 -81.89 -82.17
C PRO LB 69 -8.43 -80.72 -81.62
N ALA LB 70 -9.61 -80.96 -81.04
CA ALA LB 70 -10.37 -79.89 -80.43
C ALA LB 70 -9.83 -79.49 -79.06
N ASP LB 71 -8.94 -80.29 -78.46
CA ASP LB 71 -8.41 -79.95 -77.15
C ASP LB 71 -7.38 -78.83 -77.19
N VAL LB 72 -6.95 -78.40 -78.38
CA VAL LB 72 -6.04 -77.27 -78.51
C VAL LB 72 -6.84 -76.06 -78.99
N SER LB 73 -6.57 -74.91 -78.39
CA SER LB 73 -7.32 -73.69 -78.66
C SER LB 73 -6.37 -72.60 -79.14
N VAL LB 74 -6.83 -71.82 -80.11
CA VAL LB 74 -6.04 -70.76 -80.73
C VAL LB 74 -6.78 -69.44 -80.53
N ILE LB 75 -6.03 -68.43 -80.06
CA ILE LB 75 -6.60 -67.14 -79.70
C ILE LB 75 -5.80 -66.03 -80.38
N SER LB 76 -6.51 -65.08 -80.98
CA SER LB 76 -5.91 -63.86 -81.51
C SER LB 76 -6.88 -62.71 -81.24
N SER LB 77 -6.55 -61.86 -80.27
CA SER LB 77 -7.42 -60.73 -80.00
C SER LB 77 -7.26 -59.65 -81.07
N ARG LB 78 -6.04 -59.38 -81.50
CA ARG LB 78 -5.82 -58.40 -82.54
C ARG LB 78 -6.35 -58.91 -83.88
N ASN LB 79 -6.84 -57.97 -84.69
CA ASN LB 79 -7.43 -58.33 -85.98
C ASN LB 79 -6.40 -58.96 -86.92
N THR LB 80 -5.13 -58.56 -86.80
CA THR LB 80 -4.07 -59.10 -87.63
C THR LB 80 -3.68 -60.51 -87.15
N GLY LB 81 -4.56 -61.45 -87.44
CA GLY LB 81 -4.34 -62.83 -87.02
C GLY LB 81 -5.61 -63.58 -86.69
N GLN LB 82 -6.75 -62.89 -86.64
CA GLN LB 82 -8.02 -63.59 -86.44
C GLN LB 82 -8.33 -64.49 -87.63
N ARG LB 83 -8.11 -63.99 -88.85
CA ARG LB 83 -8.28 -64.83 -90.03
C ARG LB 83 -7.32 -66.01 -89.98
N ALA LB 84 -6.08 -65.76 -89.54
CA ALA LB 84 -5.10 -66.83 -89.46
C ALA LB 84 -5.53 -67.92 -88.48
N VAL LB 85 -6.04 -67.54 -87.30
CA VAL LB 85 -6.41 -68.55 -86.33
C VAL LB 85 -7.66 -69.29 -86.77
N LEU LB 86 -8.59 -68.60 -87.44
CA LEU LB 86 -9.75 -69.30 -87.98
C LEU LB 86 -9.35 -70.34 -89.03
N LYS LB 87 -8.45 -69.96 -89.95
CA LYS LB 87 -8.01 -70.92 -90.95
C LYS LB 87 -7.21 -72.05 -90.34
N PHE LB 88 -6.39 -71.74 -89.33
CA PHE LB 88 -5.64 -72.78 -88.64
C PHE LB 88 -6.57 -73.78 -87.97
N ALA LB 89 -7.60 -73.29 -87.30
CA ALA LB 89 -8.56 -74.18 -86.65
C ALA LB 89 -9.32 -75.00 -87.68
N ALA LB 90 -9.69 -74.39 -88.81
CA ALA LB 90 -10.38 -75.13 -89.85
C ALA LB 90 -9.49 -76.24 -90.43
N ALA LB 91 -8.20 -75.96 -90.60
CA ALA LB 91 -7.30 -76.95 -91.18
C ALA LB 91 -6.96 -78.06 -90.20
N THR LB 92 -6.74 -77.73 -88.93
CA THR LB 92 -6.20 -78.67 -87.97
C THR LB 92 -7.23 -79.22 -86.98
N GLY LB 93 -8.50 -78.85 -87.12
CA GLY LB 93 -9.48 -79.32 -86.17
C GLY LB 93 -9.43 -78.66 -84.82
N ALA LB 94 -8.70 -77.57 -84.68
CA ALA LB 94 -8.56 -76.89 -83.40
C ALA LB 94 -9.80 -76.03 -83.12
N THR LB 95 -9.84 -75.48 -81.91
CA THR LB 95 -10.97 -74.67 -81.47
C THR LB 95 -10.56 -73.19 -81.47
N PRO LB 96 -11.13 -72.36 -82.33
CA PRO LB 96 -10.68 -70.98 -82.43
C PRO LB 96 -11.42 -70.02 -81.51
N ILE LB 97 -10.70 -68.99 -81.09
CA ILE LB 97 -11.28 -67.84 -80.40
C ILE LB 97 -10.72 -66.59 -81.05
N ALA LB 98 -11.60 -65.75 -81.57
CA ALA LB 98 -11.20 -64.55 -82.28
C ALA LB 98 -11.80 -63.32 -81.62
N GLY LB 99 -11.10 -62.20 -81.75
CA GLY LB 99 -11.62 -60.96 -81.21
C GLY LB 99 -11.57 -60.95 -79.70
N ARG LB 100 -12.66 -60.48 -79.09
CA ARG LB 100 -12.70 -60.31 -77.64
C ARG LB 100 -12.72 -61.66 -76.94
N PHE LB 101 -11.81 -61.84 -76.00
CA PHE LB 101 -11.76 -63.04 -75.15
C PHE LB 101 -12.44 -62.69 -73.84
N THR LB 102 -13.61 -63.26 -73.60
CA THR LB 102 -14.33 -62.97 -72.38
C THR LB 102 -13.61 -63.58 -71.18
N PRO LB 103 -13.37 -62.81 -70.12
CA PRO LB 103 -12.69 -63.37 -68.95
C PRO LB 103 -13.54 -64.44 -68.28
N GLY LB 104 -12.86 -65.40 -67.67
CA GLY LB 104 -13.53 -66.52 -67.05
C GLY LB 104 -13.86 -67.65 -68.00
N THR LB 105 -13.39 -67.60 -69.23
CA THR LB 105 -13.66 -68.68 -70.18
C THR LB 105 -13.07 -70.00 -69.71
N PHE LB 106 -11.85 -69.96 -69.17
CA PHE LB 106 -11.18 -71.15 -68.69
C PHE LB 106 -11.40 -71.40 -67.21
N THR LB 107 -12.08 -70.51 -66.52
CA THR LB 107 -12.17 -70.65 -65.08
C THR LB 107 -13.59 -70.66 -64.54
N ASN LB 108 -14.48 -69.85 -65.12
CA ASN LB 108 -15.87 -69.80 -64.68
C ASN LB 108 -16.66 -70.90 -65.38
N GLN LB 109 -17.00 -71.94 -64.62
CA GLN LB 109 -17.59 -73.15 -65.18
C GLN LB 109 -19.10 -73.08 -65.34
N ILE LB 110 -19.70 -71.90 -65.20
CA ILE LB 110 -21.15 -71.79 -65.24
C ILE LB 110 -21.66 -71.49 -66.64
N GLN LB 111 -21.13 -70.45 -67.28
CA GLN LB 111 -21.67 -70.02 -68.56
C GLN LB 111 -21.37 -71.04 -69.65
N ALA LB 112 -22.19 -71.01 -70.70
CA ALA LB 112 -22.01 -71.94 -71.82
C ALA LB 112 -20.73 -71.68 -72.58
N ALA LB 113 -20.17 -70.48 -72.49
CA ALA LB 113 -18.90 -70.19 -73.14
C ALA LB 113 -17.72 -70.87 -72.46
N PHE LB 114 -17.92 -71.47 -71.29
CA PHE LB 114 -16.84 -72.10 -70.56
C PHE LB 114 -16.26 -73.26 -71.36
N ARG LB 115 -14.93 -73.30 -71.44
CA ARG LB 115 -14.23 -74.38 -72.09
C ARG LB 115 -12.92 -74.60 -71.37
N GLU LB 116 -12.39 -75.82 -71.45
CA GLU LB 116 -11.12 -76.16 -70.82
C GLU LB 116 -10.27 -76.98 -71.79
N PRO LB 117 -9.34 -76.34 -72.47
CA PRO LB 117 -8.51 -77.06 -73.46
C PRO LB 117 -7.32 -77.74 -72.82
N ARG LB 118 -6.48 -78.37 -73.63
CA ARG LB 118 -5.25 -78.99 -73.15
C ARG LB 118 -4.01 -78.28 -73.67
N LEU LB 119 -4.16 -77.26 -74.50
CA LEU LB 119 -3.04 -76.50 -75.01
C LEU LB 119 -3.54 -75.13 -75.45
N LEU LB 120 -2.75 -74.11 -75.22
CA LEU LB 120 -3.14 -72.72 -75.48
C LEU LB 120 -2.17 -72.13 -76.47
N VAL LB 121 -2.63 -71.85 -77.68
CA VAL LB 121 -1.79 -71.22 -78.71
C VAL LB 121 -2.22 -69.77 -78.84
N VAL LB 122 -1.25 -68.85 -78.74
CA VAL LB 122 -1.49 -67.43 -78.59
C VAL LB 122 -0.74 -66.70 -79.69
N THR LB 123 -1.41 -65.75 -80.35
CA THR LB 123 -0.76 -64.97 -81.40
C THR LB 123 0.22 -63.96 -80.81
N ASP LB 124 -0.15 -63.29 -79.72
CA ASP LB 124 0.71 -62.27 -79.15
C ASP LB 124 0.53 -62.21 -77.64
N PRO LB 125 1.62 -62.26 -76.86
CA PRO LB 125 1.46 -62.24 -75.40
C PRO LB 125 0.87 -60.94 -74.86
N ARG LB 126 1.32 -59.79 -75.37
CA ARG LB 126 0.80 -58.53 -74.87
C ARG LB 126 -0.68 -58.37 -75.20
N ALA LB 127 -1.09 -58.74 -76.40
CA ALA LB 127 -2.48 -58.61 -76.79
C ALA LB 127 -3.35 -59.67 -76.11
N ASP LB 128 -2.79 -60.83 -75.78
CA ASP LB 128 -3.53 -61.94 -75.24
C ASP LB 128 -3.05 -62.32 -73.85
N HIS LB 129 -2.73 -61.31 -73.03
CA HIS LB 129 -2.32 -61.58 -71.66
C HIS LB 129 -3.45 -62.20 -70.85
N GLN LB 130 -4.71 -61.86 -71.16
CA GLN LB 130 -5.81 -62.39 -70.37
C GLN LB 130 -5.95 -63.91 -70.49
N PRO LB 131 -5.98 -64.52 -71.68
CA PRO LB 131 -5.94 -65.99 -71.72
C PRO LB 131 -4.64 -66.55 -71.16
N LEU LB 132 -3.53 -65.83 -71.31
CA LEU LB 132 -2.27 -66.27 -70.73
C LEU LB 132 -2.37 -66.36 -69.21
N THR LB 133 -2.93 -65.32 -68.59
CA THR LB 133 -3.11 -65.34 -67.14
C THR LB 133 -4.11 -66.40 -66.71
N GLU LB 134 -5.18 -66.58 -67.48
CA GLU LB 134 -6.18 -67.58 -67.12
C GLU LB 134 -5.64 -69.00 -67.28
N ALA LB 135 -4.65 -69.20 -68.15
CA ALA LB 135 -4.06 -70.51 -68.31
C ALA LB 135 -3.34 -70.98 -67.05
N SER LB 136 -2.95 -70.07 -66.17
CA SER LB 136 -2.23 -70.40 -64.96
C SER LB 136 -3.15 -70.85 -63.83
N TYR LB 137 -4.46 -70.91 -64.05
CA TYR LB 137 -5.39 -71.40 -63.06
C TYR LB 137 -5.87 -72.81 -63.34
N VAL LB 138 -5.56 -73.36 -64.51
CA VAL LB 138 -6.20 -74.60 -64.94
C VAL LB 138 -5.15 -75.55 -65.51
N ASN LB 139 -3.88 -75.28 -65.21
CA ASN LB 139 -2.75 -76.12 -65.62
C ASN LB 139 -2.69 -76.28 -67.14
N LEU LB 140 -2.55 -75.14 -67.82
CA LEU LB 140 -2.64 -75.12 -69.28
C LEU LB 140 -1.29 -74.77 -69.90
N PRO LB 141 -0.65 -75.70 -70.61
CA PRO LB 141 0.59 -75.34 -71.32
C PRO LB 141 0.31 -74.40 -72.48
N THR LB 142 1.31 -73.58 -72.81
CA THR LB 142 1.12 -72.47 -73.73
C THR LB 142 2.23 -72.41 -74.78
N ILE LB 143 1.81 -72.29 -76.03
CA ILE LB 143 2.66 -71.86 -77.14
C ILE LB 143 2.23 -70.45 -77.52
N ALA LB 144 3.19 -69.55 -77.68
CA ALA LB 144 2.85 -68.19 -78.07
C ALA LB 144 3.83 -67.71 -79.13
N LEU LB 145 3.33 -66.88 -80.05
CA LEU LB 145 4.13 -66.37 -81.16
C LEU LB 145 4.71 -65.04 -80.70
N CYS LB 146 5.95 -65.08 -80.21
CA CYS LB 146 6.52 -63.96 -79.47
C CYS LB 146 7.50 -63.17 -80.34
N ASN LB 147 7.59 -61.88 -80.07
CA ASN LB 147 8.55 -61.00 -80.72
C ASN LB 147 9.71 -60.72 -79.77
N THR LB 148 10.60 -59.83 -80.20
CA THR LB 148 11.80 -59.54 -79.40
C THR LB 148 11.49 -58.87 -78.09
N ASP LB 149 10.36 -58.16 -77.99
CA ASP LB 149 9.98 -57.48 -76.75
C ASP LB 149 8.75 -58.12 -76.09
N SER LB 150 8.42 -59.34 -76.48
CA SER LB 150 7.26 -60.00 -75.91
C SER LB 150 7.60 -60.61 -74.56
N PRO LB 151 6.83 -60.31 -73.51
CA PRO LB 151 7.06 -60.95 -72.22
C PRO LB 151 6.79 -62.44 -72.27
N LEU LB 152 7.53 -63.19 -71.49
CA LEU LB 152 7.45 -64.65 -71.46
C LEU LB 152 7.03 -65.16 -70.10
N ARG LB 153 6.10 -64.45 -69.45
CA ARG LB 153 5.74 -64.82 -68.08
C ARG LB 153 5.11 -66.19 -68.00
N TYR LB 154 4.08 -66.44 -68.81
CA TYR LB 154 3.35 -67.71 -68.76
C TYR LB 154 3.51 -68.50 -70.05
N VAL LB 155 4.58 -68.23 -70.80
CA VAL LB 155 4.79 -68.82 -72.13
C VAL LB 155 5.76 -69.97 -72.00
N ASP LB 156 5.46 -71.08 -72.67
CA ASP LB 156 6.27 -72.28 -72.59
C ASP LB 156 6.96 -72.64 -73.89
N ILE LB 157 6.31 -72.43 -75.04
CA ILE LB 157 6.88 -72.84 -76.32
C ILE LB 157 7.01 -71.61 -77.22
N ALA LB 158 7.42 -70.49 -76.63
CA ALA LB 158 7.59 -69.22 -77.33
C ALA LB 158 8.31 -69.39 -78.66
N ILE LB 159 7.65 -69.00 -79.75
CA ILE LB 159 8.21 -69.06 -81.09
C ILE LB 159 8.70 -67.67 -81.45
N PRO LB 160 9.99 -67.46 -81.65
CA PRO LB 160 10.56 -66.12 -81.86
C PRO LB 160 10.56 -65.70 -83.32
N CYS LB 161 9.39 -65.27 -83.82
CA CYS LB 161 9.29 -64.87 -85.22
C CYS LB 161 8.87 -63.43 -85.40
N ASN LB 162 7.65 -63.05 -85.01
CA ASN LB 162 7.09 -61.73 -85.22
C ASN LB 162 5.68 -61.72 -84.64
N ASN LB 163 5.16 -60.53 -84.39
CA ASN LB 163 3.74 -60.38 -84.10
C ASN LB 163 3.16 -59.11 -84.67
N LYS LB 164 3.92 -58.32 -85.42
CA LYS LB 164 3.45 -57.03 -85.91
C LYS LB 164 3.03 -57.05 -87.37
N GLY LB 165 3.73 -57.81 -88.21
CA GLY LB 165 3.43 -57.85 -89.63
C GLY LB 165 2.31 -58.82 -89.93
N ALA LB 166 1.32 -58.35 -90.68
CA ALA LB 166 0.20 -59.21 -91.06
C ALA LB 166 0.68 -60.36 -91.93
N HIS LB 167 1.56 -60.07 -92.89
CA HIS LB 167 2.10 -61.12 -93.74
C HIS LB 167 2.89 -62.13 -92.93
N SER LB 168 3.69 -61.65 -91.98
CA SER LB 168 4.48 -62.55 -91.15
C SER LB 168 3.57 -63.44 -90.30
N VAL LB 169 2.52 -62.86 -89.71
CA VAL LB 169 1.62 -63.63 -88.85
C VAL LB 169 0.89 -64.68 -89.66
N GLY LB 170 0.40 -64.30 -90.84
CA GLY LB 170 -0.23 -65.28 -91.71
C GLY LB 170 0.73 -66.39 -92.10
N LEU LB 171 1.97 -66.03 -92.43
CA LEU LB 171 2.95 -67.02 -92.85
C LEU LB 171 3.28 -67.99 -91.72
N MET LB 172 3.48 -67.47 -90.51
CA MET LB 172 3.84 -68.34 -89.40
C MET LB 172 2.69 -69.25 -89.02
N TRP LB 173 1.45 -68.76 -89.07
CA TRP LB 173 0.30 -69.62 -88.78
C TRP LB 173 0.15 -70.69 -89.85
N TRP LB 174 0.32 -70.31 -91.12
CA TRP LB 174 0.26 -71.28 -92.20
C TRP LB 174 1.36 -72.32 -92.08
N MET LB 175 2.55 -71.89 -91.67
CA MET LB 175 3.67 -72.79 -91.49
C MET LB 175 3.42 -73.78 -90.37
N LEU LB 176 2.87 -73.30 -89.25
CA LEU LB 176 2.54 -74.18 -88.14
C LEU LB 176 1.47 -75.19 -88.53
N ALA LB 177 0.45 -74.74 -89.27
CA ALA LB 177 -0.59 -75.67 -89.73
C ALA LB 177 0.00 -76.72 -90.66
N ARG LB 178 0.86 -76.29 -91.58
CA ARG LB 178 1.50 -77.23 -92.49
C ARG LB 178 2.34 -78.25 -91.72
N GLU LB 179 3.10 -77.79 -90.73
CA GLU LB 179 3.95 -78.68 -89.98
C GLU LB 179 3.15 -79.70 -89.19
N VAL LB 180 2.07 -79.27 -88.53
CA VAL LB 180 1.29 -80.23 -87.75
C VAL LB 180 0.57 -81.21 -88.68
N LEU LB 181 0.12 -80.75 -89.85
CA LEU LB 181 -0.53 -81.64 -90.79
C LEU LB 181 0.45 -82.65 -91.38
N ARG LB 182 1.69 -82.24 -91.60
CA ARG LB 182 2.69 -83.18 -92.12
C ARG LB 182 3.16 -84.15 -91.04
N MET LB 183 3.21 -83.71 -89.78
CA MET LB 183 3.52 -84.63 -88.70
C MET LB 183 2.43 -85.67 -88.54
N ARG LB 184 1.17 -85.25 -88.64
CA ARG LB 184 0.10 -86.22 -88.71
C ARG LB 184 0.05 -86.84 -90.10
N GLY LB 185 -0.81 -87.86 -90.25
CA GLY LB 185 -0.90 -88.54 -91.52
C GLY LB 185 -1.80 -87.85 -92.52
N THR LB 186 -1.49 -86.60 -92.85
CA THR LB 186 -2.32 -85.82 -93.76
C THR LB 186 -1.59 -85.44 -95.04
N ILE LB 187 -0.37 -84.90 -94.94
CA ILE LB 187 0.43 -84.51 -96.09
C ILE LB 187 1.65 -85.42 -96.14
N SER LB 188 2.02 -85.83 -97.35
CA SER LB 188 3.02 -86.86 -97.54
C SER LB 188 4.45 -86.32 -97.59
N ARG LB 189 4.68 -85.11 -97.09
CA ARG LB 189 5.99 -84.49 -96.91
C ARG LB 189 6.71 -84.18 -98.22
N GLU LB 190 6.17 -84.58 -99.37
CA GLU LB 190 6.89 -84.47 -100.64
C GLU LB 190 6.45 -83.25 -101.44
N HIS LB 191 5.20 -83.19 -101.80
CA HIS LB 191 4.76 -82.07 -102.61
C HIS LB 191 4.39 -80.88 -101.74
N PRO LB 192 4.49 -79.67 -102.28
CA PRO LB 192 4.10 -78.49 -101.50
C PRO LB 192 2.61 -78.52 -101.14
N TRP LB 193 2.29 -77.92 -100.00
CA TRP LB 193 0.90 -77.87 -99.55
C TRP LB 193 0.06 -77.04 -100.50
N GLU LB 194 -1.17 -77.48 -100.73
CA GLU LB 194 -2.05 -76.84 -101.69
C GLU LB 194 -2.69 -75.56 -101.17
N VAL LB 195 -2.51 -75.25 -99.89
CA VAL LB 195 -3.10 -74.05 -99.31
C VAL LB 195 -2.11 -72.91 -99.43
N MET LB 196 -2.50 -71.88 -100.16
CA MET LB 196 -1.64 -70.72 -100.33
C MET LB 196 -1.53 -69.96 -99.01
N PRO LB 197 -0.34 -69.49 -98.63
CA PRO LB 197 -0.19 -68.73 -97.39
C PRO LB 197 -0.98 -67.42 -97.38
N ASP LB 198 -1.40 -66.93 -98.53
CA ASP LB 198 -2.26 -65.74 -98.57
C ASP LB 198 -3.61 -65.99 -97.91
N LEU LB 199 -4.04 -67.25 -97.83
CA LEU LB 199 -5.32 -67.56 -97.21
C LEU LB 199 -5.34 -67.21 -95.72
N TYR LB 200 -4.18 -67.12 -95.09
CA TYR LB 200 -4.08 -66.78 -93.68
C TYR LB 200 -3.83 -65.30 -93.44
N PHE LB 201 -3.62 -64.52 -94.50
CA PHE LB 201 -3.21 -63.13 -94.33
C PHE LB 201 -4.40 -62.27 -93.94
N TYR LB 202 -4.20 -61.43 -92.92
CA TYR LB 202 -5.20 -60.42 -92.59
C TYR LB 202 -5.18 -59.32 -93.63
N ARG LB 203 -6.36 -58.90 -94.05
CA ARG LB 203 -6.50 -57.87 -95.08
C ARG LB 203 -7.22 -56.67 -94.48
N ASP LB 204 -6.81 -55.48 -94.89
CA ASP LB 204 -7.42 -54.27 -94.35
C ASP LB 204 -8.68 -53.93 -95.13
N PRO LB 205 -9.72 -53.41 -94.46
CA PRO LB 205 -11.01 -53.19 -95.14
C PRO LB 205 -10.93 -52.32 -96.39
N GLU LB 206 -9.96 -51.42 -96.47
CA GLU LB 206 -9.78 -50.66 -97.70
C GLU LB 206 -9.12 -51.47 -98.80
N GLU LB 207 -8.68 -52.70 -98.51
CA GLU LB 207 -8.44 -53.70 -99.55
C GLU LB 207 -9.62 -54.62 -99.79
N ILE LB 208 -10.33 -55.06 -98.73
CA ILE LB 208 -11.50 -55.92 -98.99
C ILE LB 208 -12.53 -55.19 -99.85
N GLU LB 209 -12.70 -53.88 -99.64
CA GLU LB 209 -13.76 -53.15 -100.32
C GLU LB 209 -13.37 -52.68 -101.72
N LYS LB 210 -12.16 -52.95 -102.19
CA LYS LB 210 -11.78 -52.48 -103.52
C LYS LB 210 -11.15 -53.58 -104.37
N GLU LB 211 -10.54 -54.58 -103.75
CA GLU LB 211 -9.87 -55.62 -104.52
C GLU LB 211 -10.88 -56.49 -105.26
N GLU LB 212 -12.03 -56.76 -104.64
CA GLU LB 212 -13.02 -57.62 -105.30
C GLU LB 212 -13.62 -56.93 -106.52
N GLN LB 213 -13.85 -55.61 -106.44
CA GLN LB 213 -14.38 -54.91 -107.59
C GLN LB 213 -13.32 -54.68 -108.65
N ALA LB 214 -12.06 -54.49 -108.25
CA ALA LB 214 -10.98 -54.46 -109.24
C ALA LB 214 -10.88 -55.79 -109.99
N ALA LB 215 -11.00 -56.90 -109.26
CA ALA LB 215 -11.00 -58.21 -109.90
C ALA LB 215 -12.21 -58.39 -110.80
N ALA LB 216 -13.37 -57.85 -110.39
CA ALA LB 216 -14.56 -57.90 -111.23
C ALA LB 216 -14.36 -57.15 -112.54
N GLU LB 217 -13.75 -55.96 -112.48
CA GLU LB 217 -13.46 -55.22 -113.70
C GLU LB 217 -12.46 -55.96 -114.58
N LYS LB 218 -11.42 -56.56 -113.97
CA LYS LB 218 -10.45 -57.30 -114.75
C LYS LB 218 -11.06 -58.54 -115.40
N ALA LB 219 -12.05 -59.15 -114.74
CA ALA LB 219 -12.72 -60.31 -115.32
C ALA LB 219 -13.67 -59.90 -116.44
N VAL LB 220 -14.43 -58.81 -116.25
CA VAL LB 220 -15.38 -58.40 -117.26
C VAL LB 220 -14.69 -57.78 -118.48
N THR LB 221 -13.48 -57.25 -118.30
CA THR LB 221 -12.74 -56.69 -119.41
C THR LB 221 -11.74 -57.69 -119.98
N VAL MB 1 -4.29 29.20 -66.05
CA VAL MB 1 -5.47 29.28 -66.89
C VAL MB 1 -5.18 28.74 -68.28
N VAL MB 2 -4.29 29.43 -68.99
CA VAL MB 2 -3.91 29.00 -70.34
C VAL MB 2 -3.11 27.71 -70.27
N ASP MB 3 -3.34 26.82 -71.22
CA ASP MB 3 -2.62 25.55 -71.24
C ASP MB 3 -1.14 25.80 -71.50
N PRO MB 4 -0.25 25.09 -70.79
CA PRO MB 4 1.19 25.33 -70.96
C PRO MB 4 1.73 24.93 -72.33
N PHE MB 5 0.98 24.16 -73.11
CA PHE MB 5 1.47 23.75 -74.42
C PHE MB 5 1.44 24.88 -75.44
N SER MB 6 0.84 26.02 -75.12
CA SER MB 6 0.95 27.18 -75.98
C SER MB 6 2.34 27.79 -75.95
N LYS MB 7 3.12 27.49 -74.92
CA LYS MB 7 4.47 28.01 -74.77
C LYS MB 7 5.54 27.03 -75.23
N LYS MB 8 5.15 25.93 -75.86
CA LYS MB 8 6.07 24.91 -76.31
C LYS MB 8 6.37 25.08 -77.78
N ASP MB 9 7.60 24.78 -78.18
CA ASP MB 9 7.97 24.75 -79.59
C ASP MB 9 8.65 23.42 -79.88
N TRP MB 10 8.57 23.00 -81.13
CA TRP MB 10 8.97 21.66 -81.52
C TRP MB 10 10.35 21.66 -82.17
N TYR MB 11 11.06 20.55 -81.98
CA TYR MB 11 12.39 20.35 -82.53
C TYR MB 11 12.45 18.99 -83.20
N ASP MB 12 13.30 18.88 -84.21
CA ASP MB 12 13.50 17.63 -84.93
C ASP MB 12 14.76 16.95 -84.44
N VAL MB 13 14.67 15.67 -84.14
CA VAL MB 13 15.78 14.93 -83.56
C VAL MB 13 16.53 14.21 -84.67
N LYS MB 14 17.85 14.35 -84.69
CA LYS MB 14 18.69 13.88 -85.79
C LYS MB 14 19.67 12.83 -85.27
N ALA MB 15 19.60 11.64 -85.85
CA ALA MB 15 20.52 10.56 -85.61
C ALA MB 15 21.84 10.79 -86.35
N PRO MB 16 22.94 10.19 -85.88
CA PRO MB 16 24.21 10.33 -86.60
C PRO MB 16 24.22 9.68 -87.97
N ALA MB 17 25.34 9.80 -88.68
CA ALA MB 17 25.44 9.30 -90.04
C ALA MB 17 25.56 7.78 -90.13
N MET MB 18 25.72 7.09 -88.99
CA MET MB 18 25.80 5.64 -89.02
C MET MB 18 24.50 5.02 -89.51
N PHE MB 19 23.38 5.68 -89.27
CA PHE MB 19 22.08 5.20 -89.69
C PHE MB 19 21.62 5.97 -90.92
N ASN MB 20 20.99 5.27 -91.87
CA ASN MB 20 20.55 5.89 -93.10
C ASN MB 20 19.16 6.52 -93.01
N ILE MB 21 18.44 6.34 -91.91
CA ILE MB 21 17.31 7.19 -91.57
C ILE MB 21 17.78 8.18 -90.51
N ARG MB 22 17.77 9.46 -90.86
CA ARG MB 22 18.31 10.49 -89.98
C ARG MB 22 17.24 11.11 -89.10
N ASN MB 23 15.98 11.09 -89.51
CA ASN MB 23 14.91 11.72 -88.75
C ASN MB 23 14.41 10.74 -87.69
N ILE MB 24 14.91 10.89 -86.47
CA ILE MB 24 14.41 10.09 -85.36
C ILE MB 24 12.95 10.41 -85.08
N GLY MB 25 12.62 11.69 -85.05
CA GLY MB 25 11.26 12.13 -84.76
C GLY MB 25 11.26 13.58 -84.31
N LYS MB 26 10.25 13.92 -83.51
CA LYS MB 26 10.10 15.27 -83.02
C LYS MB 26 9.96 15.26 -81.50
N THR MB 27 10.51 16.29 -80.87
CA THR MB 27 10.36 16.52 -79.45
C THR MB 27 9.89 17.94 -79.22
N LEU MB 28 9.57 18.26 -77.99
CA LEU MB 28 9.10 19.59 -77.64
C LEU MB 28 9.75 20.05 -76.36
N VAL MB 29 9.75 21.36 -76.15
CA VAL MB 29 10.30 21.96 -74.94
C VAL MB 29 9.65 23.32 -74.77
N THR MB 30 9.57 23.78 -73.52
CA THR MB 30 9.07 25.11 -73.25
C THR MB 30 10.05 26.15 -73.79
N ARG MB 31 9.51 27.21 -74.39
CA ARG MB 31 10.34 28.27 -74.94
C ARG MB 31 11.17 28.93 -73.84
N THR MB 32 12.24 29.59 -74.25
CA THR MB 32 13.15 30.22 -73.29
C THR MB 32 12.43 31.34 -72.56
N GLN MB 33 12.50 31.30 -71.23
CA GLN MB 33 11.90 32.31 -70.38
C GLN MB 33 12.81 32.54 -69.19
N GLY MB 34 13.35 33.75 -69.08
CA GLY MB 34 14.25 34.05 -67.97
C GLY MB 34 15.56 33.30 -68.12
N THR MB 35 16.05 32.78 -66.99
CA THR MB 35 17.30 32.04 -66.98
C THR MB 35 17.16 30.64 -67.57
N LYS MB 36 15.95 30.08 -67.59
CA LYS MB 36 15.74 28.74 -68.12
C LYS MB 36 15.81 28.77 -69.64
N ILE MB 37 16.63 27.88 -70.20
CA ILE MB 37 16.95 27.88 -71.62
C ILE MB 37 16.42 26.60 -72.26
N ALA MB 38 15.78 26.77 -73.42
CA ALA MB 38 15.28 25.62 -74.17
C ALA MB 38 16.42 24.70 -74.62
N SER MB 39 17.58 25.26 -74.93
CA SER MB 39 18.72 24.43 -75.30
C SER MB 39 19.14 23.51 -74.16
N ASP MB 40 19.22 24.05 -72.94
CA ASP MB 40 19.56 23.23 -71.80
C ASP MB 40 18.45 22.26 -71.45
N GLY MB 41 17.20 22.62 -71.71
CA GLY MB 41 16.12 21.68 -71.53
C GLY MB 41 16.18 20.51 -72.49
N LEU MB 42 16.60 20.78 -73.73
CA LEU MB 42 16.69 19.73 -74.73
C LEU MB 42 17.91 18.85 -74.56
N LYS MB 43 19.02 19.41 -74.08
CA LYS MB 43 20.23 18.63 -73.92
C LYS MB 43 20.05 17.58 -72.82
N GLY MB 44 20.65 16.42 -73.02
CA GLY MB 44 20.56 15.34 -72.06
C GLY MB 44 19.34 14.47 -72.17
N ARG MB 45 18.70 14.41 -73.33
CA ARG MB 45 17.54 13.57 -73.54
C ARG MB 45 17.91 12.32 -74.30
N VAL MB 46 17.37 11.19 -73.87
CA VAL MB 46 17.68 9.88 -74.44
C VAL MB 46 16.47 9.39 -75.22
N PHE MB 47 16.70 8.93 -76.44
CA PHE MB 47 15.65 8.52 -77.37
C PHE MB 47 15.81 7.03 -77.67
N GLU MB 48 15.17 6.19 -76.89
CA GLU MB 48 15.23 4.75 -77.11
C GLU MB 48 14.48 4.43 -78.39
N VAL MB 49 15.22 4.25 -79.47
CA VAL MB 49 14.64 4.04 -80.80
C VAL MB 49 15.11 2.71 -81.34
N SER MB 50 14.20 2.01 -82.02
CA SER MB 50 14.51 0.70 -82.54
C SER MB 50 15.54 0.80 -83.68
N LEU MB 51 16.06 -0.36 -84.09
CA LEU MB 51 17.00 -0.38 -85.20
C LEU MB 51 16.29 -0.46 -86.53
N ALA MB 52 15.08 -1.00 -86.56
CA ALA MB 52 14.38 -1.19 -87.83
C ALA MB 52 13.94 0.13 -88.44
N ASP MB 53 13.72 1.15 -87.61
CA ASP MB 53 13.39 2.48 -88.11
C ASP MB 53 14.57 3.43 -88.10
N LEU MB 54 15.77 2.93 -87.83
CA LEU MB 54 17.01 3.68 -88.01
C LEU MB 54 17.78 3.21 -89.24
N GLN MB 55 17.76 1.91 -89.51
CA GLN MB 55 18.38 1.31 -90.67
C GLN MB 55 17.26 0.80 -91.59
N ASN MB 56 17.59 0.68 -92.88
CA ASN MB 56 16.56 0.45 -93.89
C ASN MB 56 15.86 -0.90 -93.67
N ASP MB 57 16.63 -1.96 -93.44
CA ASP MB 57 16.04 -3.29 -93.39
C ASP MB 57 16.64 -4.16 -92.28
N GLU MB 58 17.08 -3.55 -91.18
CA GLU MB 58 17.68 -4.32 -90.11
C GLU MB 58 16.63 -4.88 -89.18
N VAL MB 59 17.08 -5.64 -88.17
CA VAL MB 59 16.17 -6.27 -87.24
C VAL MB 59 15.52 -5.23 -86.34
N ALA MB 60 14.46 -5.65 -85.65
CA ALA MB 60 13.65 -4.75 -84.84
C ALA MB 60 13.83 -4.94 -83.34
N PHE MB 61 14.52 -6.00 -82.90
CA PHE MB 61 14.68 -6.24 -81.48
C PHE MB 61 15.90 -5.55 -80.89
N ARG MB 62 16.59 -4.73 -81.67
CA ARG MB 62 17.74 -3.97 -81.21
C ARG MB 62 17.34 -2.51 -81.06
N LYS MB 63 17.63 -1.93 -79.88
CA LYS MB 63 17.28 -0.54 -79.63
C LYS MB 63 18.53 0.24 -79.24
N PHE MB 64 18.55 1.51 -79.64
CA PHE MB 64 19.66 2.41 -79.38
C PHE MB 64 19.17 3.60 -78.56
N LYS MB 65 20.08 4.14 -77.73
CA LYS MB 65 19.70 5.18 -76.79
C LYS MB 65 19.75 6.57 -77.42
N LEU MB 66 20.88 6.92 -78.03
CA LEU MB 66 21.02 8.14 -78.84
C LEU MB 66 20.70 9.39 -78.02
N ILE MB 67 21.59 9.67 -77.05
CA ILE MB 67 21.45 10.85 -76.22
C ILE MB 67 21.74 12.11 -77.04
N THR MB 68 21.05 13.20 -76.70
CA THR MB 68 21.23 14.48 -77.38
C THR MB 68 22.31 15.30 -76.65
N GLU MB 69 23.33 15.71 -77.40
CA GLU MB 69 24.37 16.57 -76.85
C GLU MB 69 24.20 18.04 -77.21
N ASP MB 70 23.92 18.34 -78.46
CA ASP MB 70 23.84 19.73 -78.90
C ASP MB 70 22.63 19.96 -79.78
N VAL MB 71 22.04 21.14 -79.66
CA VAL MB 71 20.92 21.56 -80.48
C VAL MB 71 21.29 22.88 -81.16
N GLN MB 72 21.01 22.96 -82.46
CA GLN MB 72 21.23 24.17 -83.22
C GLN MB 72 20.05 24.40 -84.14
N GLY MB 73 19.51 25.60 -84.13
CA GLY MB 73 18.29 25.86 -84.88
C GLY MB 73 17.14 25.07 -84.28
N LYS MB 74 16.39 24.38 -85.14
CA LYS MB 74 15.28 23.56 -84.71
C LYS MB 74 15.63 22.08 -84.71
N ASN MB 75 16.92 21.75 -84.68
CA ASN MB 75 17.38 20.37 -84.79
C ASN MB 75 18.21 20.01 -83.57
N CYS MB 76 17.72 19.05 -82.79
CA CYS MB 76 18.55 18.40 -81.79
C CYS MB 76 19.40 17.35 -82.47
N LEU MB 77 20.64 17.21 -82.01
CA LEU MB 77 21.61 16.31 -82.62
C LEU MB 77 22.03 15.26 -81.60
N THR MB 78 21.96 13.99 -81.98
CA THR MB 78 22.20 12.91 -81.04
C THR MB 78 23.54 12.23 -81.29
N ASN MB 79 23.95 11.43 -80.31
CA ASN MB 79 25.13 10.59 -80.43
C ASN MB 79 24.88 9.33 -79.61
N PHE MB 80 25.65 8.28 -79.92
CA PHE MB 80 25.43 6.97 -79.32
C PHE MB 80 25.61 7.00 -77.81
N HIS MB 81 24.76 6.25 -77.11
CA HIS MB 81 24.77 6.22 -75.66
C HIS MB 81 24.73 4.78 -75.15
N GLY MB 82 24.13 3.90 -75.94
CA GLY MB 82 24.05 2.49 -75.59
C GLY MB 82 23.07 1.79 -76.49
N MET MB 83 23.10 0.47 -76.42
CA MET MB 83 22.10 -0.35 -77.08
C MET MB 83 21.65 -1.47 -76.16
N ASP MB 84 20.46 -1.99 -76.46
CA ASP MB 84 19.87 -3.06 -75.67
C ASP MB 84 19.00 -3.93 -76.55
N LEU MB 85 18.98 -5.22 -76.24
CA LEU MB 85 17.97 -6.08 -76.86
C LEU MB 85 16.62 -5.84 -76.20
N THR MB 86 15.57 -6.30 -76.86
CA THR MB 86 14.23 -6.08 -76.33
C THR MB 86 13.85 -7.19 -75.34
N ARG MB 87 12.87 -6.85 -74.52
CA ARG MB 87 12.40 -7.76 -73.47
C ARG MB 87 11.88 -9.06 -74.07
N ASP MB 88 11.04 -8.98 -75.10
CA ASP MB 88 10.45 -10.17 -75.68
C ASP MB 88 11.50 -11.03 -76.36
N LYS MB 89 12.45 -10.41 -77.07
CA LYS MB 89 13.51 -11.18 -77.71
C LYS MB 89 14.36 -11.91 -76.68
N MET MB 90 14.75 -11.21 -75.62
CA MET MB 90 15.56 -11.84 -74.58
C MET MB 90 14.82 -12.99 -73.91
N CYS MB 91 13.54 -12.78 -73.57
CA CYS MB 91 12.77 -13.81 -72.89
C CYS MB 91 12.50 -14.99 -73.80
N SER MB 92 12.35 -14.76 -75.10
CA SER MB 92 12.17 -15.87 -76.03
C SER MB 92 13.47 -16.65 -76.20
N MET MB 93 14.61 -15.96 -76.15
CA MET MB 93 15.88 -16.66 -76.26
C MET MB 93 16.14 -17.55 -75.06
N VAL MB 94 15.80 -17.08 -73.86
CA VAL MB 94 16.02 -17.89 -72.66
C VAL MB 94 15.07 -19.08 -72.67
N LYS MB 95 15.63 -20.29 -72.60
CA LYS MB 95 14.85 -21.52 -72.65
C LYS MB 95 15.47 -22.56 -71.74
N LYS MB 96 14.71 -23.62 -71.47
CA LYS MB 96 15.17 -24.69 -70.59
C LYS MB 96 15.99 -25.72 -71.35
N TRP MB 97 16.61 -26.63 -70.59
CA TRP MB 97 17.43 -27.72 -71.11
C TRP MB 97 18.57 -27.20 -71.98
N GLN MB 98 19.13 -26.05 -71.59
CA GLN MB 98 20.27 -25.49 -72.29
C GLN MB 98 21.00 -24.55 -71.34
N THR MB 99 22.25 -24.29 -71.65
CA THR MB 99 23.12 -23.44 -70.84
C THR MB 99 23.36 -22.14 -71.57
N MET MB 100 23.21 -21.02 -70.86
CA MET MB 100 23.57 -19.73 -71.42
C MET MB 100 24.82 -19.20 -70.73
N ILE MB 101 25.69 -18.61 -71.54
CA ILE MB 101 26.94 -18.02 -71.08
C ILE MB 101 26.83 -16.52 -71.24
N GLU MB 102 27.12 -15.79 -70.16
CA GLU MB 102 27.03 -14.34 -70.12
C GLU MB 102 28.41 -13.78 -69.83
N ALA MB 103 28.82 -12.77 -70.58
CA ALA MB 103 30.08 -12.10 -70.34
C ALA MB 103 29.89 -10.59 -70.38
N HIS MB 104 30.69 -9.89 -69.58
CA HIS MB 104 30.70 -8.44 -69.60
C HIS MB 104 32.14 -7.97 -69.60
N VAL MB 105 32.37 -6.83 -70.26
CA VAL MB 105 33.73 -6.30 -70.36
C VAL MB 105 33.67 -4.77 -70.43
N ASP MB 106 34.54 -4.13 -69.67
CA ASP MB 106 34.74 -2.69 -69.75
C ASP MB 106 35.91 -2.42 -70.67
N VAL MB 107 35.68 -1.66 -71.74
CA VAL MB 107 36.69 -1.46 -72.76
C VAL MB 107 36.64 -0.02 -73.26
N LYS MB 108 37.82 0.56 -73.47
CA LYS MB 108 37.95 1.95 -73.90
C LYS MB 108 38.20 2.00 -75.40
N THR MB 109 37.48 2.89 -76.09
CA THR MB 109 37.69 3.08 -77.52
C THR MB 109 38.95 3.90 -77.75
N THR MB 110 39.25 4.16 -79.03
CA THR MB 110 40.43 4.96 -79.35
C THR MB 110 40.21 6.44 -79.02
N ASP MB 111 38.97 6.92 -79.12
CA ASP MB 111 38.68 8.33 -78.90
C ASP MB 111 38.26 8.65 -77.47
N GLY MB 112 38.35 7.68 -76.57
CA GLY MB 112 38.11 7.95 -75.16
C GLY MB 112 36.75 7.55 -74.63
N TYR MB 113 35.90 6.92 -75.45
CA TYR MB 113 34.62 6.44 -74.96
C TYR MB 113 34.82 5.11 -74.26
N LEU MB 114 34.36 5.02 -73.01
CA LEU MB 114 34.41 3.78 -72.25
C LEU MB 114 33.06 3.10 -72.36
N LEU MB 115 33.06 1.83 -72.74
CA LEU MB 115 31.84 1.08 -72.97
C LEU MB 115 31.85 -0.18 -72.11
N ARG MB 116 30.70 -0.47 -71.52
CA ARG MB 116 30.47 -1.76 -70.87
C ARG MB 116 29.63 -2.60 -71.83
N LEU MB 117 30.20 -3.70 -72.31
CA LEU MB 117 29.54 -4.60 -73.24
C LEU MB 117 29.09 -5.86 -72.50
N PHE MB 118 27.85 -6.28 -72.75
CA PHE MB 118 27.27 -7.49 -72.21
C PHE MB 118 26.87 -8.37 -73.38
N CYS MB 119 27.47 -9.55 -73.46
CA CYS MB 119 27.19 -10.54 -74.49
C CYS MB 119 26.57 -11.78 -73.86
N VAL MB 120 25.66 -12.41 -74.60
CA VAL MB 120 25.00 -13.64 -74.18
C VAL MB 120 25.10 -14.66 -75.29
N GLY MB 121 25.11 -15.94 -74.90
CA GLY MB 121 25.07 -17.02 -75.86
C GLY MB 121 24.36 -18.20 -75.23
N PHE MB 122 23.81 -19.05 -76.09
CA PHE MB 122 23.04 -20.21 -75.65
C PHE MB 122 23.53 -21.44 -76.37
N THR MB 123 23.72 -22.53 -75.63
CA THR MB 123 24.16 -23.77 -76.25
C THR MB 123 23.10 -24.31 -77.19
N LYS MB 124 23.53 -24.84 -78.33
CA LYS MB 124 22.65 -25.29 -79.39
C LYS MB 124 22.65 -26.82 -79.43
N LYS MB 125 21.46 -27.40 -79.53
CA LYS MB 125 21.36 -28.84 -79.67
C LYS MB 125 21.49 -29.23 -81.14
N ARG MB 126 22.10 -30.40 -81.37
CA ARG MB 126 22.29 -30.88 -82.72
C ARG MB 126 20.96 -31.35 -83.32
N ASN MB 127 20.94 -31.43 -84.65
CA ASN MB 127 19.72 -31.86 -85.33
C ASN MB 127 19.42 -33.32 -85.08
N ASN MB 128 20.45 -34.15 -84.96
CA ASN MB 128 20.29 -35.57 -84.69
C ASN MB 128 20.36 -35.90 -83.20
N GLN MB 129 20.45 -34.88 -82.34
CA GLN MB 129 20.57 -35.10 -80.92
C GLN MB 129 19.31 -35.74 -80.36
N ILE MB 130 19.48 -36.75 -79.50
CA ILE MB 130 18.36 -37.44 -78.88
C ILE MB 130 18.26 -37.01 -77.42
N ARG MB 131 19.39 -36.66 -76.82
CA ARG MB 131 19.39 -36.22 -75.43
C ARG MB 131 18.58 -34.94 -75.28
N LYS MB 132 17.76 -34.89 -74.22
CA LYS MB 132 16.86 -33.76 -74.03
C LYS MB 132 17.62 -32.47 -73.78
N THR MB 133 18.65 -32.52 -72.95
CA THR MB 133 19.37 -31.33 -72.53
C THR MB 133 20.68 -31.19 -73.30
N SER MB 134 21.11 -29.94 -73.48
CA SER MB 134 22.40 -29.63 -74.10
C SER MB 134 23.14 -28.71 -73.13
N TYR MB 135 23.81 -29.31 -72.16
CA TYR MB 135 24.49 -28.58 -71.11
C TYR MB 135 25.99 -28.59 -71.38
N ALA MB 136 26.62 -27.42 -71.27
CA ALA MB 136 28.07 -27.33 -71.36
C ALA MB 136 28.68 -27.46 -69.98
N GLN MB 137 29.82 -28.14 -69.91
CA GLN MB 137 30.52 -28.28 -68.65
C GLN MB 137 31.10 -26.95 -68.22
N HIS MB 138 31.53 -26.88 -66.95
CA HIS MB 138 31.98 -25.62 -66.38
C HIS MB 138 33.22 -25.09 -67.07
N GLN MB 139 34.17 -25.97 -67.38
CA GLN MB 139 35.37 -25.53 -68.09
C GLN MB 139 35.05 -25.07 -69.50
N GLN MB 140 34.11 -25.75 -70.17
CA GLN MB 140 33.69 -25.31 -71.49
C GLN MB 140 33.05 -23.92 -71.43
N VAL MB 141 32.19 -23.71 -70.42
CA VAL MB 141 31.57 -22.40 -70.26
C VAL MB 141 32.62 -21.34 -69.98
N ARG MB 142 33.60 -21.65 -69.15
CA ARG MB 142 34.65 -20.70 -68.82
C ARG MB 142 35.48 -20.36 -70.06
N GLN MB 143 35.83 -21.36 -70.86
CA GLN MB 143 36.59 -21.10 -72.08
C GLN MB 143 35.78 -20.26 -73.06
N ILE MB 144 34.48 -20.55 -73.19
CA ILE MB 144 33.64 -19.77 -74.08
C ILE MB 144 33.56 -18.32 -73.60
N ARG MB 145 33.39 -18.13 -72.30
CA ARG MB 145 33.32 -16.78 -71.75
C ARG MB 145 34.63 -16.02 -71.96
N LYS MB 146 35.77 -16.67 -71.73
CA LYS MB 146 37.05 -16.03 -71.96
C LYS MB 146 37.24 -15.68 -73.44
N LYS MB 147 36.86 -16.59 -74.32
CA LYS MB 147 36.97 -16.34 -75.75
C LYS MB 147 36.12 -15.15 -76.17
N MET MB 148 34.88 -15.11 -75.71
CA MET MB 148 33.97 -14.05 -76.13
C MET MB 148 34.18 -12.74 -75.37
N MET MB 149 35.00 -12.75 -74.32
CA MET MB 149 35.50 -11.49 -73.78
C MET MB 149 36.68 -10.98 -74.60
N GLU MB 150 37.61 -11.86 -74.95
CA GLU MB 150 38.79 -11.39 -75.67
C GLU MB 150 38.51 -11.11 -77.14
N ILE MB 151 37.38 -11.55 -77.68
CA ILE MB 151 36.97 -11.09 -79.00
C ILE MB 151 35.76 -10.17 -78.91
N MET MB 152 35.56 -9.53 -77.77
CA MET MB 152 34.90 -8.23 -77.72
C MET MB 152 35.86 -7.11 -77.39
N THR MB 153 36.96 -7.40 -76.71
CA THR MB 153 37.94 -6.36 -76.42
C THR MB 153 38.55 -5.80 -77.70
N ARG MB 154 39.07 -6.68 -78.56
CA ARG MB 154 39.88 -6.24 -79.68
C ARG MB 154 39.08 -5.61 -80.82
N GLU MB 155 37.76 -5.74 -80.81
CA GLU MB 155 36.92 -5.03 -81.76
C GLU MB 155 36.49 -3.67 -81.27
N VAL MB 156 36.91 -3.29 -80.05
CA VAL MB 156 36.63 -1.97 -79.50
C VAL MB 156 37.91 -1.19 -79.24
N GLN MB 157 38.97 -1.87 -78.80
CA GLN MB 157 40.19 -1.19 -78.40
C GLN MB 157 40.85 -0.46 -79.56
N THR MB 158 40.86 -1.07 -80.75
CA THR MB 158 41.66 -0.59 -81.86
C THR MB 158 40.85 0.19 -82.88
N ASN MB 159 39.69 0.74 -82.50
CA ASN MB 159 38.87 1.47 -83.44
C ASN MB 159 37.97 2.46 -82.72
N ASP MB 160 37.46 3.41 -83.49
CA ASP MB 160 36.68 4.53 -82.99
C ASP MB 160 35.23 4.13 -82.72
N LEU MB 161 34.53 4.98 -81.98
CA LEU MB 161 33.13 4.72 -81.64
C LEU MB 161 32.25 4.63 -82.88
N LYS MB 162 32.56 5.39 -83.93
CA LYS MB 162 31.75 5.36 -85.14
C LYS MB 162 31.77 3.98 -85.78
N GLU MB 163 32.96 3.43 -86.01
CA GLU MB 163 33.03 2.10 -86.58
C GLU MB 163 32.86 0.99 -85.56
N VAL MB 164 32.69 1.33 -84.28
CA VAL MB 164 32.16 0.36 -83.33
C VAL MB 164 30.65 0.25 -83.48
N VAL MB 165 29.97 1.39 -83.57
CA VAL MB 165 28.52 1.41 -83.69
C VAL MB 165 28.09 0.80 -85.03
N ASN MB 166 28.78 1.12 -86.11
CA ASN MB 166 28.33 0.62 -87.41
C ASN MB 166 28.53 -0.88 -87.55
N LYS MB 167 29.41 -1.49 -86.73
CA LYS MB 167 29.61 -2.92 -86.77
C LYS MB 167 28.82 -3.66 -85.70
N LEU MB 168 28.37 -2.98 -84.65
CA LEU MB 168 27.37 -3.59 -83.78
C LEU MB 168 25.96 -3.37 -84.29
N ILE MB 169 25.77 -2.55 -85.31
CA ILE MB 169 24.46 -2.48 -85.98
C ILE MB 169 24.03 -3.82 -86.55
N PRO MB 170 24.86 -4.56 -87.29
CA PRO MB 170 24.49 -5.93 -87.65
C PRO MB 170 24.93 -6.98 -86.65
N ASP MB 171 25.52 -6.56 -85.53
CA ASP MB 171 26.02 -7.47 -84.49
C ASP MB 171 27.00 -8.49 -85.08
N SER MB 172 27.96 -7.98 -85.86
CA SER MB 172 29.01 -8.84 -86.39
C SER MB 172 29.88 -9.40 -85.28
N ILE MB 173 29.98 -8.69 -84.15
CA ILE MB 173 30.74 -9.18 -83.01
C ILE MB 173 30.16 -10.49 -82.51
N GLY MB 174 28.84 -10.53 -82.34
CA GLY MB 174 28.19 -11.76 -81.91
C GLY MB 174 28.34 -12.88 -82.93
N LYS MB 175 28.29 -12.53 -84.22
CA LYS MB 175 28.45 -13.55 -85.25
C LYS MB 175 29.85 -14.17 -85.22
N ASP MB 176 30.89 -13.36 -85.06
CA ASP MB 176 32.22 -13.95 -84.98
C ASP MB 176 32.44 -14.66 -83.66
N ILE MB 177 31.78 -14.23 -82.58
CA ILE MB 177 31.83 -14.97 -81.32
C ILE MB 177 31.25 -16.36 -81.51
N GLU MB 178 30.08 -16.44 -82.15
CA GLU MB 178 29.45 -17.73 -82.40
C GLU MB 178 30.33 -18.59 -83.31
N LYS MB 179 30.93 -17.98 -84.33
CA LYS MB 179 31.82 -18.73 -85.21
C LYS MB 179 33.02 -19.28 -84.45
N ALA MB 180 33.60 -18.48 -83.56
CA ALA MB 180 34.79 -18.90 -82.85
C ALA MB 180 34.49 -19.98 -81.81
N CYS MB 181 33.31 -19.94 -81.20
CA CYS MB 181 33.01 -20.85 -80.10
C CYS MB 181 32.51 -22.22 -80.55
N GLN MB 182 32.40 -22.48 -81.85
CA GLN MB 182 31.91 -23.78 -82.31
C GLN MB 182 32.84 -24.92 -81.96
N SER MB 183 34.12 -24.65 -81.75
CA SER MB 183 35.08 -25.71 -81.43
C SER MB 183 35.03 -26.14 -79.98
N ILE MB 184 34.27 -25.44 -79.14
CA ILE MB 184 34.12 -25.81 -77.73
C ILE MB 184 32.75 -26.45 -77.55
N TYR MB 185 31.69 -25.68 -77.82
CA TYR MB 185 30.32 -26.14 -77.75
C TYR MB 185 29.57 -25.26 -78.73
N PRO MB 186 28.71 -25.82 -79.56
CA PRO MB 186 27.94 -24.99 -80.49
C PRO MB 186 27.02 -24.03 -79.75
N LEU MB 187 26.92 -22.81 -80.27
CA LEU MB 187 25.99 -21.79 -79.79
C LEU MB 187 25.16 -21.28 -80.96
N HIS MB 188 23.93 -20.87 -80.67
CA HIS MB 188 23.06 -20.37 -81.72
C HIS MB 188 22.61 -18.93 -81.53
N ASP MB 189 22.09 -18.57 -80.36
CA ASP MB 189 21.55 -17.23 -80.13
C ASP MB 189 22.60 -16.38 -79.44
N VAL MB 190 23.57 -15.92 -80.22
CA VAL MB 190 24.68 -15.14 -79.72
C VAL MB 190 24.51 -13.69 -80.16
N PHE MB 191 24.40 -12.79 -79.20
CA PHE MB 191 24.25 -11.37 -79.46
C PHE MB 191 25.05 -10.60 -78.44
N VAL MB 192 25.40 -9.36 -78.80
CA VAL MB 192 25.82 -8.39 -77.80
C VAL MB 192 24.54 -7.86 -77.17
N ARG MB 193 24.19 -8.41 -76.01
CA ARG MB 193 22.88 -8.15 -75.42
C ARG MB 193 22.71 -6.68 -75.07
N LYS MB 194 23.79 -6.04 -74.62
CA LYS MB 194 23.69 -4.67 -74.14
C LYS MB 194 25.05 -4.01 -74.29
N VAL MB 195 25.04 -2.69 -74.43
CA VAL MB 195 26.23 -1.89 -74.19
C VAL MB 195 25.78 -0.56 -73.62
N LYS MB 196 26.53 -0.09 -72.62
CA LYS MB 196 26.23 1.18 -71.97
C LYS MB 196 27.46 2.05 -71.96
N MET MB 197 27.24 3.36 -72.14
CA MET MB 197 28.32 4.33 -72.04
C MET MB 197 28.66 4.57 -70.57
N LEU MB 198 29.94 4.47 -70.22
CA LEU MB 198 30.38 4.74 -68.86
C LEU MB 198 30.98 6.12 -68.71
N LYS MB 199 31.88 6.51 -69.61
CA LYS MB 199 32.45 7.85 -69.61
C LYS MB 199 32.51 8.39 -71.03
N LYS MB 200 32.47 9.71 -71.15
CA LYS MB 200 32.53 10.39 -72.43
C LYS MB 200 33.64 11.42 -72.41
N PRO MB 201 34.37 11.58 -73.52
CA PRO MB 201 35.51 12.51 -73.59
C PRO MB 201 35.21 13.96 -74.01
N LYS MB 202 34.71 14.74 -73.05
CA LYS MB 202 34.80 16.20 -73.08
C LYS MB 202 33.87 16.86 -74.11
N PHE MB 203 33.23 16.06 -74.96
CA PHE MB 203 32.23 16.55 -75.93
C PHE MB 203 32.85 17.59 -76.88
N GLU MB 204 33.67 17.07 -77.79
CA GLU MB 204 34.19 17.90 -78.87
C GLU MB 204 33.11 18.11 -79.93
N LEU MB 205 32.72 19.37 -80.13
CA LEU MB 205 31.69 19.69 -81.10
C LEU MB 205 32.12 19.35 -82.52
N GLY MB 206 33.41 19.44 -82.82
CA GLY MB 206 33.88 19.02 -84.14
C GLY MB 206 33.66 17.54 -84.37
N LYS MB 207 33.94 16.72 -83.35
CA LYS MB 207 33.66 15.29 -83.46
C LYS MB 207 32.17 15.01 -83.62
N LEU MB 208 31.34 15.74 -82.86
CA LEU MB 208 29.90 15.56 -83.01
C LEU MB 208 29.44 15.90 -84.43
N MET MB 209 29.95 17.01 -84.97
CA MET MB 209 29.52 17.45 -86.30
C MET MB 209 30.03 16.52 -87.38
N GLU MB 210 31.23 15.95 -87.22
CA GLU MB 210 31.68 14.98 -88.22
C GLU MB 210 30.96 13.65 -88.09
N LEU MB 211 30.48 13.30 -86.90
CA LEU MB 211 29.61 12.13 -86.78
C LEU MB 211 28.28 12.35 -87.50
N HIS MB 212 27.72 13.56 -87.39
CA HIS MB 212 26.46 13.83 -88.09
C HIS MB 212 26.66 13.98 -89.59
N GLY MB 213 27.42 14.99 -90.01
CA GLY MB 213 27.61 15.24 -91.42
C GLY MB 213 28.77 14.46 -91.99
N GLU MB 214 29.74 15.16 -92.57
CA GLU MB 214 30.89 14.51 -93.20
C GLU MB 214 32.18 14.90 -92.50
N GLU NB 1 -28.72 -87.37 -58.99
CA GLU NB 1 -29.27 -86.11 -59.48
C GLU NB 1 -28.17 -85.11 -59.79
N TRP NB 2 -26.93 -85.57 -59.74
CA TRP NB 2 -25.77 -84.71 -59.98
C TRP NB 2 -25.39 -84.78 -61.45
N MET NB 3 -25.44 -83.64 -62.13
CA MET NB 3 -25.05 -83.53 -63.54
C MET NB 3 -23.82 -82.65 -63.63
N PRO NB 4 -22.65 -83.22 -63.86
CA PRO NB 4 -21.41 -82.42 -63.82
C PRO NB 4 -21.15 -81.72 -65.14
N VAL NB 5 -20.64 -80.50 -65.03
CA VAL NB 5 -20.06 -79.84 -66.20
C VAL NB 5 -18.57 -79.58 -65.93
N THR NB 6 -17.76 -80.60 -66.23
CA THR NB 6 -16.31 -80.59 -66.09
C THR NB 6 -15.80 -81.90 -66.67
N LYS NB 7 -14.66 -81.89 -67.36
CA LYS NB 7 -14.05 -83.16 -67.76
C LYS NB 7 -13.69 -83.99 -66.54
N LEU NB 8 -13.08 -83.37 -65.54
CA LEU NB 8 -12.71 -84.08 -64.32
C LEU NB 8 -13.94 -84.60 -63.59
N GLY NB 9 -14.99 -83.78 -63.51
CA GLY NB 9 -16.21 -84.22 -62.84
C GLY NB 9 -16.86 -85.38 -63.57
N ARG NB 10 -16.89 -85.33 -64.91
CA ARG NB 10 -17.44 -86.42 -65.68
C ARG NB 10 -16.65 -87.71 -65.47
N LEU NB 11 -15.31 -87.61 -65.48
CA LEU NB 11 -14.48 -88.79 -65.27
C LEU NB 11 -14.67 -89.37 -63.88
N VAL NB 12 -14.81 -88.50 -62.87
CA VAL NB 12 -15.08 -88.98 -61.51
C VAL NB 12 -16.43 -89.68 -61.46
N LYS NB 13 -17.44 -89.09 -62.10
CA LYS NB 13 -18.78 -89.64 -62.03
C LYS NB 13 -18.88 -91.01 -62.69
N ASP NB 14 -18.26 -91.18 -63.86
CA ASP NB 14 -18.45 -92.40 -64.63
C ASP NB 14 -17.37 -93.44 -64.35
N MET NB 15 -16.83 -93.47 -63.12
CA MET NB 15 -15.94 -94.52 -62.65
C MET NB 15 -14.67 -94.62 -63.50
N LYS NB 16 -14.11 -93.48 -63.88
CA LYS NB 16 -12.85 -93.46 -64.62
C LYS NB 16 -11.65 -93.15 -63.74
N ILE NB 17 -11.84 -92.38 -62.68
CA ILE NB 17 -10.79 -92.05 -61.72
C ILE NB 17 -11.11 -92.74 -60.41
N LYS NB 18 -10.16 -93.52 -59.90
CA LYS NB 18 -10.41 -94.35 -58.73
C LYS NB 18 -10.03 -93.69 -57.42
N SER NB 19 -9.10 -92.75 -57.43
CA SER NB 19 -8.61 -92.16 -56.20
C SER NB 19 -8.47 -90.65 -56.34
N LEU NB 20 -8.69 -89.95 -55.23
CA LEU NB 20 -8.42 -88.51 -55.18
C LEU NB 20 -6.95 -88.21 -55.36
N GLU NB 21 -6.07 -89.16 -55.05
CA GLU NB 21 -4.65 -88.97 -55.24
C GLU NB 21 -4.28 -88.89 -56.70
N GLU NB 22 -5.09 -89.48 -57.59
CA GLU NB 22 -4.84 -89.32 -59.02
C GLU NB 22 -5.01 -87.88 -59.45
N ILE NB 23 -6.02 -87.20 -58.91
CA ILE NB 23 -6.19 -85.76 -59.17
C ILE NB 23 -5.10 -84.97 -58.48
N TYR NB 24 -4.74 -85.36 -57.26
CA TYR NB 24 -3.72 -84.63 -56.51
C TYR NB 24 -2.35 -84.72 -57.19
N LEU NB 25 -2.10 -85.82 -57.90
CA LEU NB 25 -0.83 -85.99 -58.59
C LEU NB 25 -0.64 -84.93 -59.67
N PHE NB 26 -1.69 -84.66 -60.44
CA PHE NB 26 -1.62 -83.71 -61.54
C PHE NB 26 -2.12 -82.33 -61.17
N SER NB 27 -2.48 -82.12 -59.90
CA SER NB 27 -2.84 -80.80 -59.38
C SER NB 27 -4.03 -80.19 -60.10
N LEU NB 28 -4.92 -81.04 -60.60
CA LEU NB 28 -6.10 -80.55 -61.28
C LEU NB 28 -7.03 -79.88 -60.28
N PRO NB 29 -7.52 -78.67 -60.56
CA PRO NB 29 -8.37 -77.99 -59.58
C PRO NB 29 -9.73 -78.66 -59.48
N ILE NB 30 -10.20 -78.79 -58.25
CA ILE NB 30 -11.53 -79.32 -57.97
C ILE NB 30 -12.50 -78.14 -58.00
N LYS NB 31 -13.37 -78.11 -59.00
CA LYS NB 31 -14.27 -76.97 -59.19
C LYS NB 31 -15.71 -77.30 -58.84
N GLU NB 32 -15.98 -78.48 -58.28
CA GLU NB 32 -17.33 -78.82 -57.88
C GLU NB 32 -17.28 -79.83 -56.74
N SER NB 33 -18.09 -79.58 -55.70
CA SER NB 33 -17.97 -80.33 -54.46
C SER NB 33 -18.48 -81.75 -54.57
N GLU NB 34 -19.26 -82.07 -55.59
CA GLU NB 34 -19.76 -83.42 -55.76
C GLU NB 34 -18.71 -84.37 -56.31
N ILE NB 35 -17.49 -83.89 -56.55
CA ILE NB 35 -16.41 -84.78 -56.95
C ILE NB 35 -15.93 -85.60 -55.75
N ILE NB 36 -15.69 -84.93 -54.62
CA ILE NB 36 -14.94 -85.58 -53.56
C ILE NB 36 -15.80 -86.40 -52.60
N ASP NB 37 -17.11 -86.12 -52.52
CA ASP NB 37 -17.95 -86.99 -51.70
C ASP NB 37 -18.06 -88.36 -52.33
N PHE NB 38 -17.97 -88.42 -53.66
CA PHE NB 38 -17.94 -89.69 -54.37
C PHE NB 38 -16.75 -90.54 -53.93
N PHE NB 39 -15.67 -89.90 -53.49
CA PHE NB 39 -14.49 -90.62 -53.01
C PHE NB 39 -14.56 -90.85 -51.49
N LEU NB 40 -14.65 -89.77 -50.73
CA LEU NB 40 -14.73 -89.82 -49.28
C LEU NB 40 -16.18 -89.81 -48.79
N GLY NB 41 -17.00 -90.70 -49.34
CA GLY NB 41 -18.38 -90.82 -48.87
C GLY NB 41 -18.44 -91.29 -47.43
N ALA NB 42 -19.26 -90.61 -46.63
CA ALA NB 42 -19.61 -90.96 -45.26
C ALA NB 42 -18.42 -90.94 -44.31
N SER NB 43 -17.23 -90.53 -44.77
CA SER NB 43 -16.08 -90.41 -43.89
C SER NB 43 -15.66 -88.98 -43.65
N LEU NB 44 -16.17 -88.03 -44.43
CA LEU NB 44 -15.83 -86.62 -44.26
C LEU NB 44 -16.55 -86.08 -43.02
N LYS NB 45 -15.84 -86.10 -41.90
CA LYS NB 45 -16.36 -85.45 -40.71
C LYS NB 45 -16.29 -83.94 -40.88
N ASP NB 46 -17.22 -83.25 -40.23
CA ASP NB 46 -17.42 -81.81 -40.41
C ASP NB 46 -17.48 -81.14 -39.05
N GLU NB 47 -17.03 -79.89 -39.01
CA GLU NB 47 -17.14 -79.10 -37.79
C GLU NB 47 -17.14 -77.63 -38.15
N VAL NB 48 -17.88 -76.85 -37.36
CA VAL NB 48 -17.96 -75.41 -37.51
C VAL NB 48 -17.08 -74.77 -36.45
N LEU NB 49 -16.11 -73.97 -36.88
CA LEU NB 49 -15.18 -73.37 -35.94
C LEU NB 49 -15.73 -72.10 -35.29
N LYS NB 50 -16.32 -71.22 -36.09
CA LYS NB 50 -16.77 -69.94 -35.58
C LYS NB 50 -17.80 -69.35 -36.54
N ILE NB 51 -18.75 -68.60 -35.98
CA ILE NB 51 -19.65 -67.75 -36.75
C ILE NB 51 -19.39 -66.32 -36.32
N MET NB 52 -18.92 -65.49 -37.24
CA MET NB 52 -18.60 -64.12 -36.92
C MET NB 52 -19.49 -63.17 -37.70
N PRO NB 53 -20.11 -62.20 -37.05
CA PRO NB 53 -20.98 -61.21 -37.70
C PRO NB 53 -20.27 -59.94 -38.20
N VAL NB 54 -19.71 -60.03 -39.40
CA VAL NB 54 -19.15 -58.84 -40.03
C VAL NB 54 -20.28 -57.88 -40.40
N GLN NB 55 -19.95 -56.59 -40.48
CA GLN NB 55 -20.95 -55.56 -40.73
C GLN NB 55 -20.42 -54.55 -41.73
N LYS NB 56 -21.34 -53.93 -42.47
CA LYS NB 56 -21.02 -52.90 -43.44
C LYS NB 56 -21.94 -51.71 -43.19
N GLN NB 57 -21.35 -50.56 -42.87
CA GLN NB 57 -22.14 -49.38 -42.59
C GLN NB 57 -22.76 -48.82 -43.86
N THR NB 58 -24.04 -48.47 -43.78
CA THR NB 58 -24.75 -47.90 -44.91
C THR NB 58 -25.51 -46.64 -44.52
N ARG NB 59 -26.31 -46.10 -45.45
CA ARG NB 59 -27.13 -44.94 -45.16
C ARG NB 59 -28.12 -45.22 -44.04
N ALA NB 60 -28.83 -46.34 -44.13
CA ALA NB 60 -29.85 -46.70 -43.15
C ALA NB 60 -29.27 -47.73 -42.17
N GLY NB 61 -28.35 -47.24 -41.33
CA GLY NB 61 -27.70 -48.11 -40.39
C GLY NB 61 -26.72 -49.04 -41.08
N GLN NB 62 -26.27 -50.03 -40.32
CA GLN NB 62 -25.33 -51.02 -40.82
C GLN NB 62 -26.03 -52.36 -40.99
N ARG NB 63 -25.75 -53.03 -42.10
CA ARG NB 63 -26.27 -54.36 -42.32
C ARG NB 63 -25.26 -55.40 -41.85
N THR NB 64 -25.77 -56.55 -41.43
CA THR NB 64 -24.96 -57.60 -40.84
C THR NB 64 -25.00 -58.83 -41.74
N ARG NB 65 -23.82 -59.30 -42.13
CA ARG NB 65 -23.68 -60.61 -42.76
C ARG NB 65 -22.87 -61.51 -41.84
N PHE NB 66 -23.15 -62.80 -41.92
CA PHE NB 66 -22.52 -63.79 -41.06
C PHE NB 66 -21.50 -64.58 -41.84
N LYS NB 67 -20.30 -64.70 -41.28
CA LYS NB 67 -19.20 -65.43 -41.89
C LYS NB 67 -19.00 -66.73 -41.12
N ALA NB 68 -18.93 -67.83 -41.86
CA ALA NB 68 -18.81 -69.16 -41.29
C ALA NB 68 -17.47 -69.77 -41.69
N PHE NB 69 -16.76 -70.29 -40.69
CA PHE NB 69 -15.53 -71.07 -40.89
C PHE NB 69 -15.89 -72.53 -40.63
N VAL NB 70 -15.63 -73.38 -41.61
CA VAL NB 70 -15.99 -74.80 -41.51
C VAL NB 70 -14.78 -75.63 -41.87
N ALA NB 71 -14.38 -76.52 -40.98
CA ALA NB 71 -13.28 -77.44 -41.22
C ALA NB 71 -13.84 -78.86 -41.38
N ILE NB 72 -13.46 -79.52 -42.46
CA ILE NB 72 -13.90 -80.88 -42.71
C ILE NB 72 -12.67 -81.74 -43.01
N GLY NB 73 -12.89 -83.04 -43.00
CA GLY NB 73 -11.85 -83.98 -43.38
C GLY NB 73 -11.95 -85.30 -42.67
N ASP NB 74 -11.76 -86.39 -43.41
CA ASP NB 74 -11.67 -87.70 -42.78
C ASP NB 74 -10.40 -87.77 -41.96
N TYR NB 75 -10.43 -88.60 -40.91
CA TYR NB 75 -9.30 -88.68 -40.00
C TYR NB 75 -8.26 -89.64 -40.56
N ASN NB 76 -7.84 -89.42 -41.81
CA ASN NB 76 -6.91 -90.32 -42.46
C ASN NB 76 -5.92 -89.62 -43.38
N GLY NB 77 -5.90 -88.29 -43.43
CA GLY NB 77 -4.89 -87.61 -44.21
C GLY NB 77 -5.43 -86.62 -45.21
N HIS NB 78 -6.70 -86.27 -45.10
CA HIS NB 78 -7.31 -85.24 -45.92
C HIS NB 78 -8.01 -84.25 -45.02
N VAL NB 79 -7.85 -82.96 -45.31
CA VAL NB 79 -8.42 -81.91 -44.49
C VAL NB 79 -8.69 -80.71 -45.38
N GLY NB 80 -9.67 -79.91 -45.00
CA GLY NB 80 -10.00 -78.71 -45.75
C GLY NB 80 -10.68 -77.70 -44.86
N LEU NB 81 -10.43 -76.43 -45.16
CA LEU NB 81 -11.01 -75.31 -44.42
C LEU NB 81 -11.70 -74.38 -45.40
N GLY NB 82 -12.93 -74.02 -45.11
CA GLY NB 82 -13.69 -73.15 -45.99
C GLY NB 82 -14.30 -72.00 -45.20
N VAL NB 83 -14.26 -70.82 -45.81
CA VAL NB 83 -14.80 -69.60 -45.21
C VAL NB 83 -15.82 -69.03 -46.17
N LYS NB 84 -17.04 -68.81 -45.68
CA LYS NB 84 -18.10 -68.26 -46.53
C LYS NB 84 -18.90 -67.24 -45.77
N CYS NB 85 -19.11 -66.08 -46.37
CA CYS NB 85 -19.90 -65.01 -45.78
C CYS NB 85 -21.23 -64.89 -46.53
N SER NB 86 -22.34 -64.93 -45.78
CA SER NB 86 -23.66 -64.86 -46.39
C SER NB 86 -24.61 -64.19 -45.43
N LYS NB 87 -25.74 -63.75 -45.96
CA LYS NB 87 -26.72 -63.02 -45.13
C LYS NB 87 -27.31 -63.91 -44.05
N GLU NB 88 -27.64 -65.16 -44.38
CA GLU NB 88 -28.22 -66.09 -43.43
C GLU NB 88 -27.16 -67.06 -42.92
N VAL NB 89 -27.29 -67.43 -41.65
CA VAL NB 89 -26.28 -68.28 -41.02
C VAL NB 89 -26.28 -69.67 -41.63
N ALA NB 90 -27.45 -70.24 -41.90
CA ALA NB 90 -27.50 -71.57 -42.49
C ALA NB 90 -26.93 -71.56 -43.90
N THR NB 91 -27.23 -70.52 -44.68
CA THR NB 91 -26.66 -70.41 -46.02
C THR NB 91 -25.14 -70.26 -45.95
N ALA NB 92 -24.65 -69.48 -44.99
CA ALA NB 92 -23.21 -69.35 -44.81
C ALA NB 92 -22.58 -70.68 -44.43
N ILE NB 93 -23.26 -71.45 -43.59
CA ILE NB 93 -22.74 -72.76 -43.19
C ILE NB 93 -22.63 -73.68 -44.40
N ARG NB 94 -23.68 -73.73 -45.20
CA ARG NB 94 -23.65 -74.61 -46.38
C ARG NB 94 -22.58 -74.16 -47.37
N GLY NB 95 -22.45 -72.86 -47.59
CA GLY NB 95 -21.42 -72.38 -48.49
C GLY NB 95 -20.02 -72.66 -47.98
N ALA NB 96 -19.82 -72.55 -46.67
CA ALA NB 96 -18.51 -72.85 -46.10
C ALA NB 96 -18.21 -74.34 -46.19
N ILE NB 97 -19.23 -75.19 -46.06
CA ILE NB 97 -19.03 -76.61 -46.25
C ILE NB 97 -18.60 -76.90 -47.68
N ILE NB 98 -19.26 -76.26 -48.65
CA ILE NB 98 -18.91 -76.46 -50.05
C ILE NB 98 -17.48 -76.00 -50.32
N LEU NB 99 -17.11 -74.84 -49.78
CA LEU NB 99 -15.76 -74.32 -50.03
C LEU NB 99 -14.70 -75.16 -49.35
N ALA NB 100 -14.98 -75.67 -48.14
CA ALA NB 100 -14.06 -76.57 -47.47
C ALA NB 100 -13.90 -77.86 -48.25
N LYS NB 101 -14.99 -78.35 -48.84
CA LYS NB 101 -14.90 -79.51 -49.72
C LYS NB 101 -14.02 -79.22 -50.93
N LEU NB 102 -14.18 -78.03 -51.53
CA LEU NB 102 -13.36 -77.69 -52.68
C LEU NB 102 -11.89 -77.62 -52.31
N SER NB 103 -11.58 -77.04 -51.16
CA SER NB 103 -10.19 -76.85 -50.75
C SER NB 103 -9.71 -77.97 -49.83
N ILE NB 104 -9.79 -79.21 -50.32
CA ILE NB 104 -9.28 -80.37 -49.59
C ILE NB 104 -7.88 -80.68 -50.08
N VAL NB 105 -6.92 -80.72 -49.16
CA VAL NB 105 -5.53 -81.03 -49.50
C VAL NB 105 -5.14 -82.32 -48.79
N PRO NB 106 -4.23 -83.11 -49.36
CA PRO NB 106 -3.73 -84.28 -48.63
C PRO NB 106 -2.72 -83.87 -47.58
N VAL NB 107 -2.57 -84.72 -46.57
CA VAL NB 107 -1.67 -84.48 -45.46
C VAL NB 107 -0.60 -85.56 -45.45
N ARG NB 108 0.66 -85.15 -45.37
CA ARG NB 108 1.78 -86.08 -45.30
C ARG NB 108 2.09 -86.36 -43.84
N ARG NB 109 2.01 -87.62 -43.45
CA ARG NB 109 2.35 -88.04 -42.10
C ARG NB 109 3.72 -88.70 -42.09
N GLY NB 110 4.51 -88.40 -41.07
CA GLY NB 110 5.84 -88.97 -40.95
C GLY NB 110 6.07 -89.60 -39.59
N TYR NB 111 7.33 -89.79 -39.24
CA TYR NB 111 7.71 -90.40 -37.98
C TYR NB 111 8.65 -89.48 -37.21
N TRP NB 112 8.44 -89.40 -35.90
CA TRP NB 112 9.36 -88.64 -35.06
C TRP NB 112 10.73 -89.29 -35.03
N GLY NB 113 10.77 -90.62 -35.01
CA GLY NB 113 12.00 -91.36 -35.03
C GLY NB 113 11.70 -92.85 -34.93
N ASN NB 114 12.58 -93.68 -35.50
CA ASN NB 114 12.43 -95.14 -35.47
C ASN NB 114 11.10 -95.56 -36.09
N LYS NB 115 11.02 -95.34 -37.40
CA LYS NB 115 9.83 -95.68 -38.19
C LYS NB 115 9.44 -97.13 -38.00
N ILE NB 116 8.27 -97.36 -37.40
CA ILE NB 116 7.86 -98.70 -37.03
C ILE NB 116 6.60 -99.11 -37.80
N GLY NB 117 5.52 -98.38 -37.59
CA GLY NB 117 4.25 -98.75 -38.20
C GLY NB 117 3.67 -97.66 -39.08
N LYS NB 118 2.41 -97.32 -38.85
CA LYS NB 118 1.80 -96.23 -39.59
C LYS NB 118 2.38 -94.90 -39.11
N PRO NB 119 2.64 -93.96 -40.02
CA PRO NB 119 3.14 -92.64 -39.60
C PRO NB 119 2.11 -91.92 -38.76
N HIS NB 120 2.60 -91.12 -37.82
CA HIS NB 120 1.76 -90.49 -36.81
C HIS NB 120 1.93 -88.98 -36.70
N THR NB 121 3.01 -88.41 -37.21
CA THR NB 121 3.30 -87.01 -37.00
C THR NB 121 3.71 -86.37 -38.32
N VAL NB 122 3.96 -85.08 -38.29
CA VAL NB 122 4.43 -84.37 -39.49
C VAL NB 122 5.84 -84.82 -39.83
N PRO NB 123 6.22 -84.93 -41.10
CA PRO NB 123 7.57 -85.39 -41.43
C PRO NB 123 8.67 -84.43 -41.02
N CYS NB 124 8.36 -83.14 -40.87
CA CYS NB 124 9.34 -82.15 -40.47
C CYS NB 124 8.58 -80.96 -39.91
N LYS NB 125 9.31 -80.05 -39.27
CA LYS NB 125 8.67 -78.85 -38.76
C LYS NB 125 8.28 -77.95 -39.93
N VAL NB 126 7.01 -77.57 -39.97
CA VAL NB 126 6.46 -76.80 -41.08
C VAL NB 126 5.79 -75.56 -40.55
N THR NB 127 5.93 -74.45 -41.27
CA THR NB 127 5.43 -73.15 -40.84
C THR NB 127 4.35 -72.67 -41.80
N GLY NB 128 3.18 -72.35 -41.25
CA GLY NB 128 2.11 -71.73 -42.00
C GLY NB 128 1.98 -70.28 -41.59
N ARG NB 129 1.60 -69.45 -42.56
CA ARG NB 129 1.56 -68.01 -42.38
C ARG NB 129 0.26 -67.47 -42.93
N CYS NB 130 -0.40 -66.61 -42.17
CA CYS NB 130 -1.61 -65.92 -42.64
C CYS NB 130 -1.81 -64.67 -41.80
N GLY NB 131 -1.76 -63.52 -42.45
CA GLY NB 131 -1.79 -62.28 -41.69
C GLY NB 131 -0.57 -62.19 -40.81
N SER NB 132 -0.78 -61.89 -39.53
CA SER NB 132 0.30 -61.86 -38.57
C SER NB 132 0.44 -63.17 -37.79
N VAL NB 133 -0.36 -64.18 -38.12
CA VAL NB 133 -0.33 -65.43 -37.39
C VAL NB 133 0.68 -66.36 -38.05
N LEU NB 134 1.66 -66.81 -37.27
CA LEU NB 134 2.63 -67.79 -37.70
C LEU NB 134 2.43 -69.04 -36.85
N VAL NB 135 2.25 -70.19 -37.52
CA VAL NB 135 2.01 -71.44 -36.82
C VAL NB 135 3.09 -72.42 -37.25
N ARG NB 136 3.79 -72.99 -36.27
CA ARG NB 136 4.83 -73.97 -36.53
C ARG NB 136 4.41 -75.31 -35.96
N LEU NB 137 4.43 -76.33 -36.81
CA LEU NB 137 4.13 -77.70 -36.41
C LEU NB 137 5.44 -78.47 -36.33
N ILE NB 138 5.71 -79.04 -35.17
CA ILE NB 138 6.95 -79.76 -34.89
C ILE NB 138 6.59 -81.23 -34.70
N PRO NB 139 7.36 -82.16 -35.27
CA PRO NB 139 7.10 -83.58 -35.04
C PRO NB 139 7.21 -83.95 -33.56
N ALA NB 140 6.38 -84.89 -33.16
CA ALA NB 140 6.31 -85.35 -31.78
C ALA NB 140 6.32 -86.86 -31.73
N PRO NB 141 6.84 -87.46 -30.66
CA PRO NB 141 6.86 -88.92 -30.56
C PRO NB 141 5.47 -89.49 -30.37
N ARG NB 142 5.39 -90.82 -30.51
CA ARG NB 142 4.13 -91.52 -30.41
C ARG NB 142 3.47 -91.28 -29.05
N GLY NB 143 2.17 -91.02 -29.07
CA GLY NB 143 1.39 -90.94 -27.86
C GLY NB 143 1.33 -89.59 -27.19
N THR NB 144 2.09 -88.61 -27.66
CA THR NB 144 2.01 -87.28 -27.06
C THR NB 144 0.71 -86.56 -27.41
N GLY NB 145 0.07 -86.96 -28.50
CA GLY NB 145 -1.12 -86.26 -28.94
C GLY NB 145 -0.78 -84.95 -29.60
N ILE NB 146 -1.81 -84.13 -29.80
CA ILE NB 146 -1.64 -82.81 -30.38
C ILE NB 146 -1.59 -81.82 -29.23
N VAL NB 147 -0.45 -81.16 -29.04
CA VAL NB 147 -0.35 -80.07 -28.08
C VAL NB 147 -0.36 -78.76 -28.85
N SER NB 148 -1.41 -77.96 -28.61
CA SER NB 148 -1.76 -76.83 -29.43
C SER NB 148 -2.97 -76.15 -28.80
N ALA NB 149 -3.35 -75.00 -29.38
CA ALA NB 149 -4.60 -74.36 -29.05
C ALA NB 149 -5.75 -75.20 -29.59
N PRO NB 150 -6.97 -75.05 -29.04
CA PRO NB 150 -8.09 -75.89 -29.50
C PRO NB 150 -8.43 -75.74 -30.98
N VAL NB 151 -8.37 -74.50 -31.49
CA VAL NB 151 -8.74 -74.27 -32.89
C VAL NB 151 -7.81 -74.98 -33.86
N PRO NB 152 -6.48 -74.88 -33.75
CA PRO NB 152 -5.63 -75.74 -34.57
C PRO NB 152 -5.65 -77.19 -34.14
N LYS NB 153 -6.00 -77.48 -32.89
CA LYS NB 153 -6.02 -78.87 -32.42
C LYS NB 153 -7.04 -79.69 -33.17
N LYS NB 154 -8.26 -79.14 -33.33
CA LYS NB 154 -9.29 -79.89 -34.03
C LYS NB 154 -8.93 -80.08 -35.50
N LEU NB 155 -8.30 -79.07 -36.10
CA LEU NB 155 -7.90 -79.16 -37.51
C LEU NB 155 -6.81 -80.21 -37.71
N LEU NB 156 -5.80 -80.20 -36.83
CA LEU NB 156 -4.76 -81.23 -36.91
C LEU NB 156 -5.32 -82.61 -36.63
N MET NB 157 -6.30 -82.72 -35.73
CA MET NB 157 -6.90 -84.02 -35.45
C MET NB 157 -7.65 -84.56 -36.66
N MET NB 158 -8.50 -83.74 -37.26
CA MET NB 158 -9.24 -84.21 -38.43
C MET NB 158 -8.37 -84.29 -39.67
N ALA NB 159 -7.15 -83.75 -39.63
CA ALA NB 159 -6.19 -83.99 -40.70
C ALA NB 159 -5.54 -85.36 -40.60
N GLY NB 160 -5.78 -86.10 -39.52
CA GLY NB 160 -5.17 -87.39 -39.33
C GLY NB 160 -3.88 -87.38 -38.54
N ILE NB 161 -3.39 -86.21 -38.14
CA ILE NB 161 -2.16 -86.14 -37.36
C ILE NB 161 -2.44 -86.63 -35.94
N ASP NB 162 -1.63 -87.58 -35.48
CA ASP NB 162 -1.82 -88.15 -34.16
C ASP NB 162 -1.03 -87.41 -33.09
N ASP NB 163 0.21 -87.04 -33.37
CA ASP NB 163 1.07 -86.38 -32.40
C ASP NB 163 1.77 -85.20 -33.07
N CYS NB 164 1.78 -84.06 -32.37
CA CYS NB 164 2.38 -82.85 -32.92
C CYS NB 164 2.54 -81.77 -31.86
N TYR NB 165 3.74 -81.17 -31.80
CA TYR NB 165 3.93 -79.94 -31.04
C TYR NB 165 3.52 -78.76 -31.89
N THR NB 166 2.92 -77.74 -31.28
CA THR NB 166 2.61 -76.54 -32.02
C THR NB 166 3.15 -75.31 -31.31
N SER NB 167 3.60 -74.34 -32.09
CA SER NB 167 4.04 -73.06 -31.56
C SER NB 167 3.47 -71.95 -32.43
N ALA NB 168 2.67 -71.07 -31.83
CA ALA NB 168 1.98 -70.01 -32.57
C ALA NB 168 2.47 -68.65 -32.09
N ARG NB 169 2.58 -67.72 -33.03
CA ARG NB 169 2.91 -66.33 -32.74
C ARG NB 169 1.96 -65.42 -33.49
N GLY NB 170 1.67 -64.27 -32.90
CA GLY NB 170 0.83 -63.28 -33.51
C GLY NB 170 -0.51 -63.18 -32.83
N CYS NB 171 -1.45 -62.53 -33.52
CA CYS NB 171 -2.80 -62.34 -33.00
C CYS NB 171 -3.59 -63.61 -33.28
N THR NB 172 -3.36 -64.63 -32.45
CA THR NB 172 -4.08 -65.88 -32.56
C THR NB 172 -5.55 -65.75 -32.18
N ALA NB 173 -5.95 -64.63 -31.57
CA ALA NB 173 -7.36 -64.42 -31.29
C ALA NB 173 -8.17 -64.26 -32.57
N THR NB 174 -7.52 -63.86 -33.66
CA THR NB 174 -8.15 -63.85 -34.97
C THR NB 174 -8.30 -65.29 -35.43
N LEU NB 175 -9.51 -65.84 -35.26
CA LEU NB 175 -9.70 -67.27 -35.49
C LEU NB 175 -9.55 -67.63 -36.95
N GLY NB 176 -10.01 -66.75 -37.86
CA GLY NB 176 -9.88 -67.05 -39.27
C GLY NB 176 -8.44 -67.16 -39.71
N ASN NB 177 -7.62 -66.18 -39.33
CA ASN NB 177 -6.19 -66.23 -39.67
C ASN NB 177 -5.50 -67.38 -38.96
N PHE NB 178 -5.88 -67.65 -37.71
CA PHE NB 178 -5.23 -68.69 -36.93
C PHE NB 178 -5.57 -70.08 -37.46
N ALA NB 179 -6.74 -70.23 -38.09
CA ALA NB 179 -7.06 -71.51 -38.72
C ALA NB 179 -6.44 -71.60 -40.10
N LYS NB 180 -6.39 -70.49 -40.84
CA LYS NB 180 -5.84 -70.51 -42.18
C LYS NB 180 -4.34 -70.73 -42.17
N ALA NB 181 -3.63 -70.20 -41.18
CA ALA NB 181 -2.19 -70.45 -41.07
C ALA NB 181 -1.90 -71.92 -40.81
N THR NB 182 -2.66 -72.55 -39.93
CA THR NB 182 -2.48 -73.98 -39.69
C THR NB 182 -2.84 -74.79 -40.92
N PHE NB 183 -3.88 -74.36 -41.66
CA PHE NB 183 -4.22 -75.04 -42.89
C PHE NB 183 -3.08 -74.94 -43.90
N ASP NB 184 -2.45 -73.77 -44.00
CA ASP NB 184 -1.30 -73.62 -44.89
C ASP NB 184 -0.14 -74.52 -44.46
N ALA NB 185 0.12 -74.58 -43.15
CA ALA NB 185 1.20 -75.43 -42.65
C ALA NB 185 0.93 -76.90 -42.95
N ILE NB 186 -0.32 -77.33 -42.78
CA ILE NB 186 -0.68 -78.69 -43.13
C ILE NB 186 -0.52 -78.93 -44.63
N SER NB 187 -0.94 -77.95 -45.44
CA SER NB 187 -0.94 -78.12 -46.89
C SER NB 187 0.46 -78.20 -47.46
N LYS NB 188 1.43 -77.50 -46.87
CA LYS NB 188 2.77 -77.50 -47.44
C LYS NB 188 3.62 -78.69 -46.98
N THR NB 189 3.02 -79.69 -46.33
CA THR NB 189 3.78 -80.87 -45.92
C THR NB 189 4.31 -81.62 -47.13
N TYR NB 190 3.54 -81.71 -48.21
CA TYR NB 190 4.07 -82.27 -49.44
C TYR NB 190 4.95 -81.29 -50.19
N SER NB 191 4.68 -80.00 -50.10
CA SER NB 191 5.51 -79.02 -50.76
C SER NB 191 6.94 -79.05 -50.23
N TYR NB 192 7.12 -79.43 -48.97
CA TYR NB 192 8.46 -79.60 -48.44
C TYR NB 192 9.13 -80.82 -49.06
N LEU NB 193 10.39 -80.66 -49.45
CA LEU NB 193 11.15 -81.71 -50.11
C LEU NB 193 12.06 -82.40 -49.11
N THR NB 194 12.04 -83.71 -49.11
CA THR NB 194 12.81 -84.55 -48.19
C THR NB 194 13.60 -85.56 -49.00
N PRO NB 195 14.72 -86.05 -48.45
CA PRO NB 195 15.60 -86.95 -49.23
C PRO NB 195 14.93 -88.24 -49.68
N ASP NB 196 13.87 -88.69 -49.01
CA ASP NB 196 13.15 -89.86 -49.49
C ASP NB 196 12.36 -89.60 -50.76
N LEU NB 197 12.16 -88.33 -51.12
CA LEU NB 197 11.51 -87.96 -52.37
C LEU NB 197 12.51 -87.57 -53.45
N TRP NB 198 13.80 -87.84 -53.22
CA TRP NB 198 14.83 -87.45 -54.18
C TRP NB 198 14.81 -88.30 -55.44
N LYS NB 199 14.09 -89.40 -55.44
CA LYS NB 199 14.06 -90.27 -56.61
C LYS NB 199 13.47 -89.52 -57.80
N GLU NB 200 14.04 -89.76 -58.98
CA GLU NB 200 13.57 -89.10 -60.19
C GLU NB 200 12.15 -89.56 -60.50
N THR NB 201 11.26 -88.59 -60.72
CA THR NB 201 9.84 -88.90 -60.89
C THR NB 201 9.58 -89.52 -62.25
N VAL NB 202 8.92 -90.66 -62.26
CA VAL NB 202 8.39 -91.24 -63.48
C VAL NB 202 7.03 -90.62 -63.75
N PHE NB 203 6.76 -90.31 -65.01
CA PHE NB 203 5.56 -89.60 -65.39
C PHE NB 203 4.54 -90.56 -65.99
N THR NB 204 3.32 -90.49 -65.48
CA THR NB 204 2.20 -91.25 -66.02
C THR NB 204 1.29 -90.34 -66.83
N LYS NB 205 0.40 -90.95 -67.59
CA LYS NB 205 -0.54 -90.18 -68.40
C LYS NB 205 -1.51 -89.41 -67.52
N SER NB 206 -1.75 -88.16 -67.88
CA SER NB 206 -2.80 -87.39 -67.24
C SER NB 206 -4.15 -88.02 -67.55
N PRO NB 207 -5.12 -87.89 -66.65
CA PRO NB 207 -6.47 -88.41 -66.96
C PRO NB 207 -7.07 -87.81 -68.22
N TYR NB 208 -6.79 -86.54 -68.48
CA TYR NB 208 -7.37 -85.86 -69.64
C TYR NB 208 -6.93 -86.50 -70.96
N GLN NB 209 -5.70 -87.00 -71.03
CA GLN NB 209 -5.28 -87.70 -72.23
C GLN NB 209 -5.50 -89.20 -72.14
N GLU NB 210 -5.56 -89.75 -70.93
CA GLU NB 210 -5.78 -91.18 -70.78
C GLU NB 210 -7.20 -91.55 -71.16
N PHE NB 211 -8.16 -90.69 -70.88
CA PHE NB 211 -9.57 -90.94 -71.20
C PHE NB 211 -10.09 -89.90 -72.17
N THR NB 212 -9.26 -89.50 -73.13
CA THR NB 212 -9.70 -88.51 -74.10
C THR NB 212 -10.68 -89.09 -75.10
N ASP NB 213 -10.62 -90.40 -75.35
CA ASP NB 213 -11.58 -91.01 -76.27
C ASP NB 213 -12.96 -91.11 -75.64
N HIS NB 214 -13.02 -91.41 -74.35
CA HIS NB 214 -14.30 -91.48 -73.65
C HIS NB 214 -14.89 -90.09 -73.44
N LEU NB 215 -14.04 -89.09 -73.23
CA LEU NB 215 -14.51 -87.73 -73.04
C LEU NB 215 -15.19 -87.19 -74.29
N VAL NB 216 -14.65 -87.53 -75.47
CA VAL NB 216 -15.27 -87.11 -76.72
C VAL NB 216 -16.67 -87.68 -76.84
N LYS NB 217 -16.84 -88.96 -76.51
CA LYS NB 217 -18.14 -89.59 -76.64
C LYS NB 217 -19.14 -89.04 -75.63
N THR NB 218 -18.73 -88.90 -74.37
CA THR NB 218 -19.69 -88.55 -73.32
C THR NB 218 -19.75 -87.05 -73.07
N HIS NB 219 -18.63 -86.44 -72.66
CA HIS NB 219 -18.62 -85.03 -72.28
C HIS NB 219 -18.44 -84.19 -73.54
N THR NB 220 -19.56 -83.94 -74.21
CA THR NB 220 -19.56 -83.16 -75.44
C THR NB 220 -19.27 -81.69 -75.15
N ALA OB 1 33.30 -72.89 15.53
CA ALA OB 1 33.40 -73.61 16.80
C ALA OB 1 34.56 -73.06 17.62
N ARG OB 2 34.54 -73.33 18.92
CA ARG OB 2 35.61 -72.92 19.82
C ARG OB 2 36.56 -74.07 20.15
N GLY OB 3 36.40 -75.21 19.51
CA GLY OB 3 37.25 -76.35 19.77
C GLY OB 3 36.88 -77.56 18.95
N PRO OB 4 37.49 -78.70 19.25
CA PRO OB 4 37.26 -79.89 18.44
C PRO OB 4 35.84 -80.40 18.56
N LYS OB 5 35.36 -80.97 17.46
CA LYS OB 5 34.01 -81.54 17.40
C LYS OB 5 34.05 -82.97 17.92
N LYS OB 6 33.05 -83.32 18.71
CA LYS OB 6 32.95 -84.68 19.26
C LYS OB 6 31.58 -85.28 19.00
N HIS OB 7 30.91 -84.82 17.95
CA HIS OB 7 29.65 -85.40 17.50
C HIS OB 7 29.73 -85.67 16.02
N LEU OB 8 28.90 -86.61 15.56
CA LEU OB 8 28.82 -86.94 14.14
C LEU OB 8 27.36 -87.20 13.78
N LYS OB 9 26.81 -86.36 12.91
CA LYS OB 9 25.43 -86.56 12.49
C LYS OB 9 25.30 -87.82 11.65
N ARG OB 10 24.14 -88.46 11.76
CA ARG OB 10 23.92 -89.75 11.11
C ARG OB 10 24.03 -89.63 9.59
N VAL OB 11 23.49 -88.55 9.03
CA VAL OB 11 23.52 -88.39 7.58
C VAL OB 11 24.87 -87.90 7.09
N ALA OB 12 25.69 -87.31 7.96
CA ALA OB 12 27.02 -86.87 7.60
C ALA OB 12 28.08 -87.95 7.81
N ALA OB 13 27.67 -89.14 8.22
CA ALA OB 13 28.60 -90.25 8.41
C ALA OB 13 29.13 -90.72 7.07
N PRO OB 14 30.27 -91.42 7.05
CA PRO OB 14 30.79 -91.97 5.80
C PRO OB 14 29.79 -92.92 5.16
N LYS OB 15 29.74 -92.87 3.82
CA LYS OB 15 28.74 -93.64 3.08
C LYS OB 15 28.97 -95.13 3.22
N HIS OB 16 30.24 -95.56 3.27
CA HIS OB 16 30.54 -96.99 3.32
C HIS OB 16 30.14 -97.63 4.65
N TRP OB 17 29.79 -96.83 5.67
CA TRP OB 17 29.29 -97.40 6.91
C TRP OB 17 27.91 -98.03 6.73
N MET OB 18 27.20 -97.68 5.66
CA MET OB 18 25.93 -98.30 5.31
C MET OB 18 24.87 -98.05 6.38
N LEU OB 19 24.93 -96.89 7.03
CA LEU OB 19 23.94 -96.51 8.01
C LEU OB 19 22.70 -95.96 7.32
N ASP OB 20 21.55 -96.14 7.98
CA ASP OB 20 20.28 -95.69 7.44
C ASP OB 20 19.96 -94.29 7.97
N LYS OB 21 18.73 -93.84 7.77
CA LYS OB 21 18.34 -92.48 8.13
C LYS OB 21 17.36 -92.40 9.29
N LEU OB 22 16.64 -93.47 9.60
CA LEU OB 22 15.52 -93.39 10.54
C LEU OB 22 15.85 -93.91 11.93
N THR OB 23 17.00 -94.56 12.12
CA THR OB 23 17.35 -95.06 13.44
C THR OB 23 17.55 -93.92 14.44
N GLY OB 24 18.22 -92.86 14.01
CA GLY OB 24 18.48 -91.76 14.93
C GLY OB 24 19.12 -90.59 14.22
N VAL OB 25 19.61 -89.66 15.03
CA VAL OB 25 20.16 -88.42 14.51
C VAL OB 25 21.68 -88.47 14.40
N PHE OB 26 22.34 -89.28 15.22
CA PHE OB 26 23.78 -89.26 15.34
C PHE OB 26 24.39 -90.54 14.79
N ALA OB 27 25.69 -90.44 14.54
CA ALA OB 27 26.53 -91.53 14.08
C ALA OB 27 27.56 -91.84 15.17
N PRO OB 28 28.22 -93.00 15.09
CA PRO OB 28 29.16 -93.38 16.16
C PRO OB 28 30.23 -92.36 16.52
N ARG OB 29 30.71 -91.55 15.56
CA ARG OB 29 31.81 -90.61 15.81
C ARG OB 29 33.00 -91.34 16.40
N PRO OB 30 33.75 -92.07 15.58
CA PRO OB 30 34.82 -92.92 16.12
C PRO OB 30 35.90 -92.08 16.79
N SER OB 31 36.47 -92.65 17.85
CA SER OB 31 37.53 -91.98 18.57
C SER OB 31 38.79 -91.91 17.71
N THR OB 32 39.71 -91.05 18.11
CA THR OB 32 40.98 -90.93 17.40
C THR OB 32 41.76 -92.23 17.52
N GLY OB 33 42.49 -92.56 16.46
CA GLY OB 33 43.21 -93.81 16.42
C GLY OB 33 44.11 -93.95 15.21
N PRO OB 34 44.45 -95.20 14.88
CA PRO OB 34 45.38 -95.44 13.77
C PRO OB 34 44.87 -95.01 12.40
N HIS OB 35 43.57 -94.85 12.23
CA HIS OB 35 43.00 -94.53 10.93
C HIS OB 35 42.09 -93.32 11.01
N LYS OB 36 42.01 -92.60 9.90
CA LYS OB 36 41.11 -91.47 9.78
C LYS OB 36 39.66 -91.95 9.87
N LEU OB 37 38.79 -91.09 10.38
CA LEU OB 37 37.40 -91.49 10.56
C LEU OB 37 36.66 -91.66 9.24
N ARG OB 38 37.19 -91.14 8.14
CA ARG OB 38 36.51 -91.29 6.86
C ARG OB 38 36.60 -92.72 6.33
N GLU OB 39 37.70 -93.42 6.58
CA GLU OB 39 37.91 -94.76 6.05
C GLU OB 39 38.09 -95.80 7.15
N CYS OB 40 37.51 -95.56 8.32
CA CYS OB 40 37.56 -96.50 9.42
C CYS OB 40 36.17 -97.10 9.65
N LEU OB 41 36.16 -98.28 10.27
CA LEU OB 41 34.92 -98.96 10.64
C LEU OB 41 34.88 -99.12 12.15
N PRO OB 42 34.14 -98.28 12.87
CA PRO OB 42 34.07 -98.43 14.32
C PRO OB 42 33.46 -99.76 14.74
N LEU OB 43 33.90 -100.23 15.91
CA LEU OB 43 33.50 -101.55 16.38
C LEU OB 43 32.01 -101.63 16.67
N ILE OB 44 31.39 -100.51 17.05
CA ILE OB 44 29.96 -100.53 17.32
C ILE OB 44 29.18 -100.95 16.09
N ILE OB 45 29.48 -100.36 14.93
CA ILE OB 45 28.74 -100.74 13.75
C ILE OB 45 29.27 -102.04 13.16
N PHE OB 46 30.53 -102.37 13.41
CA PHE OB 46 31.02 -103.67 12.94
C PHE OB 46 30.31 -104.82 13.66
N LEU OB 47 30.05 -104.69 14.96
CA LEU OB 47 29.41 -105.74 15.71
C LEU OB 47 27.90 -105.60 15.82
N ARG OB 48 27.33 -104.48 15.37
CA ARG OB 48 25.88 -104.31 15.40
C ARG OB 48 25.24 -104.37 14.02
N ASN OB 49 25.86 -103.76 13.01
CA ASN OB 49 25.27 -103.70 11.68
C ASN OB 49 25.83 -104.73 10.72
N ARG OB 50 27.06 -105.20 10.94
CA ARG OB 50 27.69 -106.16 10.04
C ARG OB 50 27.49 -107.61 10.50
N LEU OB 51 27.67 -107.88 11.79
CA LEU OB 51 27.57 -109.24 12.29
C LEU OB 51 26.28 -109.51 13.05
N LYS OB 52 25.59 -108.47 13.51
CA LYS OB 52 24.36 -108.60 14.29
C LYS OB 52 24.57 -109.40 15.58
N TYR OB 53 25.78 -109.38 16.11
CA TYR OB 53 26.02 -109.94 17.43
C TYR OB 53 25.32 -109.14 18.51
N ALA OB 54 25.21 -107.83 18.33
CA ALA OB 54 24.52 -106.96 19.27
C ALA OB 54 23.43 -106.18 18.55
N LEU OB 55 22.37 -105.87 19.27
CA LEU OB 55 21.27 -105.12 18.70
C LEU OB 55 21.31 -103.64 19.02
N THR OB 56 22.01 -103.24 20.09
CA THR OB 56 22.06 -101.84 20.50
C THR OB 56 23.48 -101.49 20.92
N GLY OB 57 23.70 -100.17 21.07
CA GLY OB 57 24.98 -99.69 21.55
C GLY OB 57 25.30 -100.18 22.94
N ASP OB 58 24.29 -100.30 23.79
CA ASP OB 58 24.51 -100.85 25.13
C ASP OB 58 24.95 -102.30 25.07
N GLU OB 59 24.33 -103.10 24.19
CA GLU OB 59 24.73 -104.50 24.06
C GLU OB 59 26.15 -104.63 23.53
N VAL OB 60 26.51 -103.82 22.52
CA VAL OB 60 27.88 -103.92 22.02
C VAL OB 60 28.86 -103.40 23.06
N LYS OB 61 28.44 -102.45 23.90
CA LYS OB 61 29.28 -102.01 25.01
C LYS OB 61 29.50 -103.13 26.01
N LYS OB 62 28.46 -103.90 26.31
CA LYS OB 62 28.64 -105.07 27.18
C LYS OB 62 29.60 -106.07 26.55
N ILE OB 63 29.45 -106.33 25.25
CA ILE OB 63 30.34 -107.27 24.57
C ILE OB 63 31.78 -106.80 24.65
N CYS OB 64 32.01 -105.51 24.41
CA CYS OB 64 33.38 -104.98 24.47
C CYS OB 64 33.94 -105.02 25.89
N MET OB 65 33.12 -104.67 26.89
CA MET OB 65 33.63 -104.63 28.25
C MET OB 65 33.85 -106.00 28.84
N GLN OB 66 33.21 -107.04 28.30
CA GLN OB 66 33.55 -108.39 28.73
C GLN OB 66 34.88 -108.87 28.14
N ARG OB 67 35.57 -108.02 27.37
CA ARG OB 67 36.93 -108.28 26.89
C ARG OB 67 37.00 -109.51 26.00
N PHE OB 68 36.18 -109.52 24.95
CA PHE OB 68 36.25 -110.55 23.93
C PHE OB 68 36.76 -110.04 22.59
N ILE OB 69 36.64 -108.74 22.33
CA ILE OB 69 37.05 -108.18 21.05
C ILE OB 69 38.55 -107.90 21.10
N LYS OB 70 39.29 -108.51 20.19
CA LYS OB 70 40.74 -108.34 20.11
C LYS OB 70 41.06 -107.79 18.72
N ILE OB 71 41.71 -106.62 18.69
CA ILE OB 71 42.09 -105.96 17.45
C ILE OB 71 43.60 -105.92 17.39
N ASP OB 72 44.16 -106.46 16.30
CA ASP OB 72 45.60 -106.54 16.09
C ASP OB 72 46.30 -107.26 17.23
N GLY OB 73 45.63 -108.28 17.79
CA GLY OB 73 46.18 -109.04 18.87
C GLY OB 73 46.06 -108.40 20.24
N LYS OB 74 45.41 -107.24 20.34
CA LYS OB 74 45.27 -106.53 21.60
C LYS OB 74 43.81 -106.31 21.94
N VAL OB 75 43.47 -106.43 23.21
CA VAL OB 75 42.10 -106.25 23.66
C VAL OB 75 41.79 -104.76 23.70
N ARG OB 76 40.73 -104.35 23.01
CA ARG OB 76 40.29 -102.97 22.98
C ARG OB 76 38.87 -102.89 23.52
N THR OB 77 38.67 -102.06 24.53
CA THR OB 77 37.36 -101.87 25.15
C THR OB 77 36.64 -100.63 24.63
N ASP OB 78 37.24 -99.92 23.67
CA ASP OB 78 36.62 -98.71 23.14
C ASP OB 78 35.47 -99.11 22.20
N ILE OB 79 34.27 -98.61 22.50
CA ILE OB 79 33.11 -98.94 21.69
C ILE OB 79 33.23 -98.34 20.30
N THR OB 80 33.88 -97.18 20.16
CA THR OB 80 34.04 -96.49 18.89
C THR OB 80 35.50 -96.46 18.47
N TYR OB 81 36.20 -97.56 18.68
CA TYR OB 81 37.59 -97.65 18.24
C TYR OB 81 37.64 -97.74 16.72
N PRO OB 82 38.42 -96.91 16.06
CA PRO OB 82 38.50 -96.98 14.60
C PRO OB 82 39.31 -98.19 14.14
N ALA OB 83 38.63 -99.21 13.62
CA ALA OB 83 39.32 -100.41 13.19
C ALA OB 83 40.26 -100.11 12.02
N GLY OB 84 39.71 -99.76 10.87
CA GLY OB 84 40.55 -99.42 9.74
C GLY OB 84 40.87 -100.61 8.85
N PHE OB 85 41.81 -100.37 7.93
CA PHE OB 85 42.06 -101.30 6.85
C PHE OB 85 42.93 -102.47 7.31
N MET OB 86 42.44 -103.68 7.04
CA MET OB 86 43.14 -104.95 7.25
C MET OB 86 43.73 -105.09 8.66
N ASP OB 87 42.99 -104.62 9.66
CA ASP OB 87 43.29 -104.96 11.04
C ASP OB 87 42.49 -106.19 11.44
N VAL OB 88 43.17 -107.17 12.02
CA VAL OB 88 42.55 -108.43 12.37
C VAL OB 88 41.67 -108.24 13.59
N ILE OB 89 40.39 -108.58 13.46
CA ILE OB 89 39.45 -108.59 14.57
C ILE OB 89 39.32 -110.04 15.02
N SER OB 90 39.74 -110.32 16.25
CA SER OB 90 39.75 -111.67 16.78
C SER OB 90 38.78 -111.79 17.93
N ILE OB 91 37.90 -112.79 17.84
CA ILE OB 91 37.00 -113.16 18.93
C ILE OB 91 37.31 -114.60 19.29
N ASP OB 92 37.87 -114.82 20.46
CA ASP OB 92 38.32 -116.16 20.84
C ASP OB 92 37.22 -117.00 21.46
N LYS OB 93 36.23 -116.39 22.10
CA LYS OB 93 35.18 -117.16 22.74
C LYS OB 93 34.33 -117.89 21.72
N THR OB 94 34.04 -117.25 20.58
CA THR OB 94 33.36 -117.92 19.49
C THR OB 94 34.32 -118.41 18.41
N GLY OB 95 35.61 -118.09 18.52
CA GLY OB 95 36.63 -118.67 17.67
C GLY OB 95 36.58 -118.37 16.19
N GLU OB 96 36.39 -117.11 15.81
CA GLU OB 96 36.54 -116.70 14.42
C GLU OB 96 37.37 -115.42 14.35
N ASN OB 97 38.01 -115.22 13.20
CA ASN OB 97 38.86 -114.07 12.97
C ASN OB 97 38.42 -113.35 11.71
N PHE OB 98 38.40 -112.02 11.78
CA PHE OB 98 37.97 -111.19 10.67
C PHE OB 98 39.12 -110.30 10.20
N ARG OB 99 39.30 -110.23 8.89
CA ARG OB 99 40.19 -109.27 8.25
C ARG OB 99 39.34 -108.21 7.57
N LEU OB 100 39.60 -106.95 7.89
CA LEU OB 100 38.74 -105.85 7.43
C LEU OB 100 39.26 -105.36 6.09
N ILE OB 101 38.65 -105.82 5.01
CA ILE OB 101 39.05 -105.50 3.65
C ILE OB 101 37.87 -104.92 2.90
N TYR OB 102 38.13 -103.91 2.07
CA TYR OB 102 37.09 -103.36 1.22
C TYR OB 102 36.62 -104.42 0.22
N ASP OB 103 35.32 -104.38 -0.08
CA ASP OB 103 34.75 -105.26 -1.09
C ASP OB 103 34.89 -104.59 -2.46
N THR OB 104 34.26 -105.20 -3.48
CA THR OB 104 34.34 -104.64 -4.82
C THR OB 104 33.64 -103.29 -4.94
N LYS OB 105 32.72 -102.99 -4.03
CA LYS OB 105 31.97 -101.74 -4.05
C LYS OB 105 32.51 -100.73 -3.04
N GLY OB 106 33.75 -100.90 -2.61
CA GLY OB 106 34.38 -99.94 -1.71
C GLY OB 106 33.78 -99.86 -0.33
N ARG OB 107 33.39 -101.00 0.25
CA ARG OB 107 32.87 -101.07 1.60
C ARG OB 107 33.55 -102.20 2.34
N PHE OB 108 33.75 -102.00 3.64
CA PHE OB 108 34.38 -103.02 4.47
C PHE OB 108 33.49 -104.25 4.54
N ALA OB 109 33.97 -105.37 4.03
CA ALA OB 109 33.19 -106.60 3.97
C ALA OB 109 33.54 -107.51 5.14
N VAL OB 110 32.62 -108.41 5.46
CA VAL OB 110 32.83 -109.40 6.51
C VAL OB 110 33.68 -110.51 5.90
N HIS OB 111 34.98 -110.44 6.10
CA HIS OB 111 35.92 -111.41 5.56
C HIS OB 111 36.49 -112.25 6.71
N ARG OB 112 36.25 -113.56 6.65
CA ARG OB 112 36.67 -114.49 7.69
C ARG OB 112 37.98 -115.15 7.28
N ILE OB 113 38.88 -115.31 8.25
CA ILE OB 113 40.23 -115.81 7.99
C ILE OB 113 40.61 -116.87 9.02
N THR OB 114 41.57 -117.70 8.62
CA THR OB 114 42.10 -118.72 9.52
C THR OB 114 43.02 -118.08 10.56
N PRO OB 115 43.17 -118.71 11.73
CA PRO OB 115 44.06 -118.13 12.75
C PRO OB 115 45.51 -118.00 12.32
N GLU OB 116 46.03 -118.98 11.58
CA GLU OB 116 47.43 -118.91 11.17
C GLU OB 116 47.68 -117.80 10.16
N GLU OB 117 46.65 -117.41 9.40
CA GLU OB 117 46.75 -116.24 8.53
C GLU OB 117 46.48 -114.95 9.29
N ALA OB 118 45.62 -115.00 10.30
CA ALA OB 118 45.34 -113.85 11.15
C ALA OB 118 46.53 -113.47 12.01
N LYS OB 119 47.46 -114.39 12.22
CA LYS OB 119 48.63 -114.10 13.04
C LYS OB 119 49.49 -112.97 12.47
N TYR OB 120 49.40 -112.69 11.17
CA TYR OB 120 50.19 -111.66 10.53
C TYR OB 120 49.29 -110.57 9.97
N LYS OB 121 49.91 -109.55 9.38
CA LYS OB 121 49.21 -108.39 8.88
C LYS OB 121 50.12 -107.60 7.96
N LEU OB 122 49.56 -107.11 6.86
CA LEU OB 122 50.28 -106.24 5.92
C LEU OB 122 50.11 -104.78 6.31
N CYS OB 123 51.17 -104.00 6.13
CA CYS OB 123 51.14 -102.57 6.36
C CYS OB 123 51.79 -101.85 5.19
N LYS OB 124 51.34 -100.63 4.93
CA LYS OB 124 51.95 -99.78 3.92
C LYS OB 124 52.76 -98.70 4.62
N VAL OB 125 54.06 -98.67 4.38
CA VAL OB 125 54.90 -97.65 5.00
C VAL OB 125 54.56 -96.28 4.43
N ARG OB 126 54.40 -95.31 5.33
CA ARG OB 126 54.08 -93.96 4.92
C ARG OB 126 55.24 -93.00 5.00
N LYS OB 127 56.16 -93.17 5.94
CA LYS OB 127 57.35 -92.35 5.92
C LYS OB 127 58.52 -93.10 6.56
N ILE OB 128 59.72 -92.71 6.15
CA ILE OB 128 60.95 -93.25 6.69
C ILE OB 128 61.85 -92.08 7.03
N PHE OB 129 62.23 -91.95 8.30
CA PHE OB 129 63.07 -90.87 8.76
C PHE OB 129 64.10 -91.41 9.73
N VAL OB 130 65.28 -90.79 9.74
CA VAL OB 130 66.30 -91.15 10.71
C VAL OB 130 66.21 -90.19 11.90
N GLY OB 131 66.20 -90.76 13.09
CA GLY OB 131 66.17 -89.99 14.32
C GLY OB 131 67.47 -90.08 15.09
N THR OB 132 67.42 -89.58 16.33
CA THR OB 132 68.60 -89.35 17.13
C THR OB 132 69.41 -90.62 17.31
N LYS OB 133 70.72 -90.44 17.52
CA LYS OB 133 71.73 -91.49 17.51
C LYS OB 133 71.77 -92.23 16.17
N GLY OB 134 71.30 -91.58 15.11
CA GLY OB 134 71.32 -92.16 13.78
C GLY OB 134 70.49 -93.42 13.64
N ILE OB 135 69.29 -93.43 14.21
CA ILE OB 135 68.44 -94.62 14.25
C ILE OB 135 67.36 -94.48 13.18
N PRO OB 136 67.31 -95.33 12.17
CA PRO OB 136 66.22 -95.27 11.20
C PRO OB 136 64.89 -95.66 11.85
N HIS OB 137 63.81 -95.10 11.30
CA HIS OB 137 62.46 -95.37 11.76
C HIS OB 137 61.59 -95.69 10.56
N LEU OB 138 60.33 -96.04 10.84
CA LEU OB 138 59.41 -96.44 9.79
C LEU OB 138 58.00 -96.26 10.30
N VAL OB 139 57.23 -95.37 9.68
CA VAL OB 139 55.85 -95.11 10.06
C VAL OB 139 54.95 -95.65 8.96
N THR OB 140 54.03 -96.54 9.34
CA THR OB 140 53.21 -97.26 8.39
C THR OB 140 51.93 -96.50 8.08
N HIS OB 141 51.01 -97.13 7.34
CA HIS OB 141 49.72 -96.52 7.06
C HIS OB 141 48.86 -96.42 8.30
N ASP OB 142 49.13 -97.23 9.32
CA ASP OB 142 48.54 -97.05 10.63
C ASP OB 142 49.30 -95.93 11.34
N ALA OB 143 49.04 -95.76 12.62
CA ALA OB 143 49.87 -94.88 13.43
C ALA OB 143 51.12 -95.58 13.93
N ARG OB 144 51.36 -96.81 13.49
CA ARG OB 144 52.41 -97.64 14.04
C ARG OB 144 53.77 -97.24 13.46
N THR OB 145 54.71 -96.96 14.36
CA THR OB 145 56.09 -96.69 14.00
C THR OB 145 56.98 -97.77 14.61
N ILE OB 146 58.03 -98.12 13.86
CA ILE OB 146 58.98 -99.13 14.30
C ILE OB 146 60.39 -98.64 13.98
N ARG OB 147 61.36 -99.24 14.65
CA ARG OB 147 62.75 -98.86 14.52
C ARG OB 147 63.54 -100.00 13.90
N TYR OB 148 64.71 -99.64 13.36
CA TYR OB 148 65.64 -100.57 12.75
C TYR OB 148 64.99 -101.42 11.66
N PRO OB 149 64.54 -100.81 10.56
CA PRO OB 149 63.99 -101.59 9.46
C PRO OB 149 65.09 -101.99 8.47
N ASP OB 150 64.70 -102.80 7.51
CA ASP OB 150 65.61 -103.15 6.43
C ASP OB 150 65.91 -101.91 5.60
N PRO OB 151 67.17 -101.57 5.37
CA PRO OB 151 67.48 -100.37 4.58
C PRO OB 151 66.96 -100.40 3.16
N LEU OB 152 66.63 -101.58 2.63
CA LEU OB 152 66.05 -101.65 1.29
C LEU OB 152 64.61 -101.14 1.27
N ILE OB 153 63.93 -101.13 2.40
CA ILE OB 153 62.54 -100.67 2.42
C ILE OB 153 62.52 -99.17 2.18
N LYS OB 154 61.76 -98.74 1.17
CA LYS OB 154 61.60 -97.35 0.81
C LYS OB 154 60.19 -96.90 1.14
N VAL OB 155 59.85 -95.67 0.74
CA VAL OB 155 58.52 -95.13 1.00
C VAL OB 155 57.49 -95.95 0.22
N ASN OB 156 56.25 -95.93 0.72
CA ASN OB 156 55.05 -96.58 0.17
C ASN OB 156 55.34 -97.95 -0.45
N ASP OB 157 56.05 -98.77 0.32
CA ASP OB 157 56.17 -100.20 0.12
C ASP OB 157 55.29 -100.91 1.15
N THR OB 158 55.24 -102.23 1.06
CA THR OB 158 54.45 -103.04 1.98
C THR OB 158 55.36 -103.86 2.87
N ILE OB 159 55.00 -103.98 4.14
CA ILE OB 159 55.75 -104.77 5.10
C ILE OB 159 54.83 -105.78 5.76
N GLN OB 160 55.41 -106.87 6.22
CA GLN OB 160 54.69 -107.98 6.86
C GLN OB 160 54.91 -107.89 8.36
N ILE OB 161 53.97 -107.26 9.06
CA ILE OB 161 54.02 -107.16 10.51
C ILE OB 161 53.27 -108.36 11.08
N ASP OB 162 53.99 -109.21 11.80
CA ASP OB 162 53.35 -110.27 12.56
C ASP OB 162 52.90 -109.72 13.91
N LEU OB 163 51.71 -110.12 14.33
CA LEU OB 163 51.17 -109.62 15.58
C LEU OB 163 51.94 -110.20 16.76
N GLU OB 164 51.73 -109.59 17.93
CA GLU OB 164 52.29 -109.99 19.21
C GLU OB 164 53.79 -109.70 19.31
N THR OB 165 54.39 -109.26 18.22
CA THR OB 165 55.79 -108.83 18.22
C THR OB 165 55.98 -107.45 17.61
N GLY OB 166 55.22 -107.11 16.57
CA GLY OB 166 55.37 -105.82 15.92
C GLY OB 166 56.56 -105.71 15.01
N LYS OB 167 57.22 -106.82 14.68
CA LYS OB 167 58.43 -106.81 13.87
C LYS OB 167 58.11 -107.09 12.41
N ILE OB 168 59.11 -106.91 11.56
CA ILE OB 168 58.99 -107.12 10.13
C ILE OB 168 59.58 -108.48 9.80
N THR OB 169 58.83 -109.30 9.05
CA THR OB 169 59.32 -110.57 8.57
C THR OB 169 59.62 -110.60 7.09
N ASP OB 170 58.92 -109.80 6.30
CA ASP OB 170 59.18 -109.69 4.86
C ASP OB 170 58.61 -108.37 4.38
N PHE OB 171 58.86 -108.06 3.11
CA PHE OB 171 58.36 -106.83 2.54
C PHE OB 171 58.24 -106.96 1.04
N ILE OB 172 57.37 -106.15 0.47
CA ILE OB 172 57.16 -106.05 -0.98
C ILE OB 172 57.53 -104.63 -1.41
N LYS OB 173 58.43 -104.53 -2.37
CA LYS OB 173 58.76 -103.26 -2.96
C LYS OB 173 57.62 -102.76 -3.84
N PHE OB 174 57.47 -101.45 -3.92
CA PHE OB 174 56.53 -100.85 -4.87
C PHE OB 174 57.19 -100.88 -6.24
N ASP OB 175 56.83 -101.88 -7.04
CA ASP OB 175 57.44 -102.05 -8.35
C ASP OB 175 56.37 -102.35 -9.37
N THR OB 176 56.67 -102.03 -10.63
CA THR OB 176 55.76 -102.35 -11.72
C THR OB 176 55.58 -103.86 -11.84
N GLY OB 177 54.34 -104.30 -11.95
CA GLY OB 177 54.04 -105.71 -12.05
C GLY OB 177 53.65 -106.38 -10.75
N ASN OB 178 53.42 -105.62 -9.68
CA ASN OB 178 53.05 -106.17 -8.40
C ASN OB 178 51.56 -105.99 -8.14
N LEU OB 179 50.97 -106.94 -7.43
CA LEU OB 179 49.55 -106.90 -7.12
C LEU OB 179 49.27 -105.83 -6.09
N CYS OB 180 48.24 -105.02 -6.33
CA CYS OB 180 47.91 -103.91 -5.44
C CYS OB 180 46.41 -103.92 -5.14
N MET OB 181 46.00 -102.93 -4.35
CA MET OB 181 44.59 -102.69 -4.05
C MET OB 181 44.41 -101.20 -3.84
N VAL OB 182 43.31 -100.67 -4.35
CA VAL OB 182 43.04 -99.24 -4.28
C VAL OB 182 42.34 -98.95 -2.95
N THR OB 183 42.90 -98.02 -2.18
CA THR OB 183 42.40 -97.71 -0.85
C THR OB 183 41.68 -96.36 -0.78
N GLY OB 184 41.23 -95.82 -1.90
CA GLY OB 184 40.48 -94.57 -1.85
C GLY OB 184 39.95 -94.21 -3.22
N GLY OB 185 38.94 -93.36 -3.20
CA GLY OB 185 38.40 -92.82 -4.44
C GLY OB 185 37.40 -93.74 -5.12
N ALA OB 186 37.19 -93.46 -6.41
CA ALA OB 186 36.19 -94.21 -7.17
C ALA OB 186 36.58 -95.67 -7.32
N ASN OB 187 37.85 -95.95 -7.58
CA ASN OB 187 38.32 -97.31 -7.81
C ASN OB 187 38.56 -98.08 -6.52
N LEU OB 188 38.03 -97.60 -5.40
CA LEU OB 188 38.18 -98.26 -4.11
C LEU OB 188 37.74 -99.72 -4.16
N GLY OB 189 38.59 -100.61 -3.66
CA GLY OB 189 38.25 -102.01 -3.56
C GLY OB 189 38.63 -102.87 -4.75
N ARG OB 190 39.38 -102.33 -5.70
CA ARG OB 190 39.72 -103.06 -6.92
C ARG OB 190 41.12 -103.64 -6.81
N ILE OB 191 41.23 -104.94 -7.06
CA ILE OB 191 42.50 -105.64 -7.01
C ILE OB 191 43.10 -105.66 -8.41
N GLY OB 192 44.36 -105.24 -8.53
CA GLY OB 192 44.98 -105.25 -9.83
C GLY OB 192 46.49 -105.24 -9.72
N VAL OB 193 47.14 -105.19 -10.88
CA VAL OB 193 48.59 -105.27 -11.00
C VAL OB 193 49.10 -103.92 -11.46
N ILE OB 194 50.17 -103.43 -10.82
CA ILE OB 194 50.79 -102.17 -11.18
C ILE OB 194 51.35 -102.27 -12.59
N THR OB 195 50.75 -101.52 -13.53
CA THR OB 195 51.22 -101.50 -14.90
C THR OB 195 52.08 -100.30 -15.22
N ASN OB 196 51.73 -99.12 -14.73
CA ASN OB 196 52.52 -97.93 -15.04
C ASN OB 196 52.45 -96.98 -13.86
N ARG OB 197 53.45 -96.11 -13.76
CA ARG OB 197 53.45 -95.04 -12.76
C ARG OB 197 54.00 -93.79 -13.42
N GLU OB 198 53.15 -92.80 -13.66
CA GLU OB 198 53.59 -91.50 -14.12
C GLU OB 198 53.69 -90.57 -12.92
N ARG OB 199 54.77 -89.81 -12.85
CA ARG OB 199 55.05 -88.96 -11.71
C ARG OB 199 55.02 -87.51 -12.14
N HIS OB 200 54.35 -86.69 -11.34
CA HIS OB 200 54.23 -85.25 -11.59
C HIS OB 200 54.90 -84.50 -10.46
N PRO OB 201 56.08 -83.94 -10.67
CA PRO OB 201 56.77 -83.23 -9.58
C PRO OB 201 55.94 -82.06 -9.08
N GLY OB 202 55.93 -81.88 -7.77
CA GLY OB 202 55.11 -80.87 -7.15
C GLY OB 202 53.64 -81.21 -7.06
N SER OB 203 53.24 -82.41 -7.43
CA SER OB 203 51.84 -82.80 -7.41
C SER OB 203 51.76 -84.30 -7.11
N PHE OB 204 50.61 -84.89 -7.37
CA PHE OB 204 50.36 -86.28 -7.04
C PHE OB 204 50.73 -87.19 -8.20
N ASP OB 205 51.43 -88.28 -7.89
CA ASP OB 205 51.72 -89.28 -8.91
C ASP OB 205 50.45 -90.06 -9.24
N VAL OB 206 50.35 -90.50 -10.49
CA VAL OB 206 49.21 -91.27 -10.97
C VAL OB 206 49.71 -92.64 -11.39
N VAL OB 207 49.09 -93.69 -10.86
CA VAL OB 207 49.47 -95.06 -11.15
C VAL OB 207 48.34 -95.72 -11.94
N HIS OB 208 48.72 -96.47 -12.96
CA HIS OB 208 47.80 -97.17 -13.84
C HIS OB 208 47.87 -98.66 -13.57
N VAL OB 209 46.71 -99.25 -13.31
CA VAL OB 209 46.57 -100.60 -12.79
C VAL OB 209 45.61 -101.38 -13.67
N LYS OB 210 45.96 -102.61 -14.02
CA LYS OB 210 45.10 -103.51 -14.78
C LYS OB 210 44.76 -104.71 -13.92
N ASP OB 211 43.48 -105.07 -13.89
CA ASP OB 211 43.01 -106.20 -13.09
C ASP OB 211 43.23 -107.50 -13.87
N ALA OB 212 42.65 -108.59 -13.36
CA ALA OB 212 42.79 -109.88 -14.03
C ALA OB 212 42.01 -109.92 -15.34
N ASN OB 213 40.82 -109.31 -15.36
CA ASN OB 213 39.98 -109.36 -16.55
C ASN OB 213 40.47 -108.42 -17.65
N GLY OB 214 41.45 -107.57 -17.38
CA GLY OB 214 41.97 -106.65 -18.37
C GLY OB 214 41.45 -105.23 -18.27
N ASN OB 215 40.56 -104.96 -17.31
CA ASN OB 215 40.06 -103.60 -17.14
C ASN OB 215 41.15 -102.73 -16.52
N SER OB 216 41.56 -101.69 -17.24
CA SER OB 216 42.63 -100.81 -16.80
C SER OB 216 42.04 -99.52 -16.26
N PHE OB 217 42.49 -99.11 -15.08
CA PHE OB 217 42.08 -97.88 -14.43
C PHE OB 217 43.31 -97.19 -13.88
N ALA OB 218 43.10 -96.06 -13.20
CA ALA OB 218 44.21 -95.30 -12.65
C ALA OB 218 43.75 -94.63 -11.37
N THR OB 219 44.72 -94.27 -10.53
CA THR OB 219 44.42 -93.61 -9.27
C THR OB 219 45.67 -92.91 -8.76
N ARG OB 220 45.47 -92.05 -7.76
CA ARG OB 220 46.60 -91.36 -7.15
C ARG OB 220 47.46 -92.35 -6.36
N LEU OB 221 48.72 -91.97 -6.17
CA LEU OB 221 49.68 -92.86 -5.53
C LEU OB 221 49.33 -93.12 -4.07
N SER OB 222 48.75 -92.13 -3.38
CA SER OB 222 48.40 -92.30 -1.98
C SER OB 222 47.29 -93.30 -1.74
N ASN OB 223 46.59 -93.72 -2.79
CA ASN OB 223 45.45 -94.62 -2.65
C ASN OB 223 45.80 -96.08 -2.98
N ILE OB 224 47.09 -96.41 -3.06
CA ILE OB 224 47.53 -97.73 -3.49
C ILE OB 224 48.18 -98.44 -2.33
N PHE OB 225 47.79 -99.70 -2.12
CA PHE OB 225 48.35 -100.57 -1.10
C PHE OB 225 48.84 -101.82 -1.83
N VAL OB 226 50.15 -102.04 -1.87
CA VAL OB 226 50.67 -103.25 -2.49
C VAL OB 226 50.38 -104.43 -1.60
N ILE OB 227 49.77 -105.48 -2.16
CA ILE OB 227 49.29 -106.61 -1.38
C ILE OB 227 49.88 -107.94 -1.83
N GLY OB 228 50.66 -107.97 -2.89
CA GLY OB 228 51.18 -109.23 -3.40
C GLY OB 228 52.51 -109.07 -4.09
N LYS OB 229 53.28 -110.15 -4.09
CA LYS OB 229 54.57 -110.18 -4.79
C LYS OB 229 54.31 -110.59 -6.23
N GLY OB 230 54.16 -109.59 -7.08
CA GLY OB 230 53.87 -109.80 -8.49
C GLY OB 230 52.40 -110.05 -8.77
N ASN OB 231 51.93 -111.25 -8.52
CA ASN OB 231 50.51 -111.57 -8.74
C ASN OB 231 49.87 -112.41 -7.65
N LYS OB 232 50.62 -113.20 -6.88
CA LYS OB 232 50.03 -113.91 -5.75
C LYS OB 232 49.87 -112.95 -4.59
N PRO OB 233 48.64 -112.74 -4.09
CA PRO OB 233 48.48 -111.91 -2.90
C PRO OB 233 49.05 -112.59 -1.67
N TRP OB 234 49.53 -111.78 -0.73
CA TRP OB 234 50.03 -112.29 0.53
C TRP OB 234 48.93 -112.49 1.57
N ILE OB 235 47.70 -112.13 1.23
CA ILE OB 235 46.55 -112.27 2.10
C ILE OB 235 45.47 -113.02 1.35
N SER OB 236 44.36 -113.28 2.04
CA SER OB 236 43.21 -113.95 1.44
C SER OB 236 42.24 -112.90 0.92
N LEU OB 237 41.97 -112.95 -0.37
CA LEU OB 237 41.10 -111.96 -0.99
C LEU OB 237 39.63 -112.28 -0.71
N PRO OB 238 38.78 -111.26 -0.66
CA PRO OB 238 37.35 -111.51 -0.44
C PRO OB 238 36.66 -112.05 -1.67
N ARG OB 239 35.34 -112.20 -1.59
CA ARG OB 239 34.57 -112.71 -2.72
C ARG OB 239 34.64 -111.76 -3.90
N GLY OB 240 34.74 -112.32 -5.11
CA GLY OB 240 34.88 -111.53 -6.30
C GLY OB 240 36.30 -111.12 -6.64
N LYS OB 241 37.27 -111.42 -5.76
CA LYS OB 241 38.68 -111.17 -6.01
C LYS OB 241 38.97 -109.71 -6.29
N GLY OB 242 38.13 -108.81 -5.77
CA GLY OB 242 38.29 -107.39 -6.02
C GLY OB 242 38.15 -106.99 -7.47
N ILE OB 243 37.30 -107.68 -8.22
CA ILE OB 243 37.07 -107.38 -9.62
C ILE OB 243 35.76 -106.60 -9.72
N ARG OB 244 35.86 -105.30 -9.96
CA ARG OB 244 34.67 -104.48 -10.13
C ARG OB 244 33.99 -104.84 -11.43
N LEU OB 245 32.76 -105.35 -11.34
CA LEU OB 245 31.97 -105.72 -12.50
C LEU OB 245 30.75 -104.82 -12.58
N THR OB 246 30.39 -104.43 -13.80
CA THR OB 246 29.38 -103.41 -14.00
C THR OB 246 27.98 -103.95 -13.69
N ILE OB 247 27.03 -103.03 -13.65
CA ILE OB 247 25.65 -103.36 -13.34
C ILE OB 247 25.08 -104.31 -14.39
N ALA OB 248 25.55 -104.22 -15.63
CA ALA OB 248 25.04 -105.06 -16.70
C ALA OB 248 25.32 -106.54 -16.41
N GLU OB 249 26.54 -106.86 -15.99
CA GLU OB 249 26.87 -108.23 -15.65
C GLU OB 249 26.67 -108.53 -14.16
N GLU OB 250 26.14 -107.58 -13.40
CA GLU OB 250 25.67 -107.87 -12.05
C GLU OB 250 24.21 -108.32 -12.05
N ARG OB 251 23.40 -107.68 -12.91
CA ARG OB 251 21.97 -108.00 -12.96
C ARG OB 251 21.74 -109.44 -13.39
N ASP OB 252 22.44 -109.90 -14.43
CA ASP OB 252 22.20 -111.26 -14.90
C ASP OB 252 22.74 -112.28 -13.92
N LYS OB 253 23.80 -111.93 -13.16
CA LYS OB 253 24.23 -112.80 -12.08
C LYS OB 253 23.14 -112.93 -11.01
N ARG OB 254 22.49 -111.81 -10.67
CA ARG OB 254 21.36 -111.88 -9.75
C ARG OB 254 20.24 -112.76 -10.30
N LEU OB 255 19.93 -112.60 -11.60
CA LEU OB 255 18.87 -113.41 -12.21
C LEU OB 255 19.23 -114.88 -12.20
N ALA OB 256 20.48 -115.22 -12.49
CA ALA OB 256 20.91 -116.61 -12.46
C ALA OB 256 20.85 -117.18 -11.05
N ALA OB 257 21.24 -116.38 -10.05
CA ALA OB 257 21.16 -116.84 -8.67
C ALA OB 257 19.71 -117.09 -8.25
N LYS OB 258 18.81 -116.18 -8.66
CA LYS OB 258 17.39 -116.37 -8.35
C LYS OB 258 16.84 -117.61 -9.04
N GLN OB 259 17.22 -117.83 -10.30
CA GLN OB 259 16.78 -119.02 -11.02
C GLN OB 259 17.28 -120.30 -10.36
N SER OB 260 18.54 -120.29 -9.90
CA SER OB 260 19.08 -121.47 -9.22
C SER OB 260 18.40 -121.70 -7.89
N SER OB 261 18.12 -120.64 -7.13
CA SER OB 261 17.50 -120.78 -5.82
C SER OB 261 16.00 -121.03 -5.91
N GLY OB 262 15.38 -120.82 -7.06
CA GLY OB 262 13.96 -121.04 -7.22
C GLY OB 262 13.63 -122.24 -8.09
N MET PB 1 29.56 -54.52 70.51
CA MET PB 1 30.40 -55.25 69.58
C MET PB 1 30.81 -56.60 70.13
N LYS PB 2 30.35 -57.67 69.49
CA LYS PB 2 30.66 -59.00 69.97
C LYS PB 2 32.12 -59.33 69.71
N LEU PB 3 32.68 -60.19 70.57
CA LEU PB 3 34.07 -60.60 70.45
C LEU PB 3 34.11 -62.12 70.40
N ASN PB 4 34.71 -62.66 69.35
CA ASN PB 4 34.90 -64.10 69.25
C ASN PB 4 36.29 -64.40 69.79
N ILE PB 5 36.34 -64.94 71.01
CA ILE PB 5 37.57 -65.13 71.75
C ILE PB 5 37.98 -66.58 71.61
N SER PB 6 39.24 -66.81 71.21
CA SER PB 6 39.73 -68.16 70.97
C SER PB 6 41.10 -68.32 71.60
N PHE PB 7 41.31 -69.43 72.30
CA PHE PB 7 42.61 -69.78 72.86
C PHE PB 7 43.07 -71.06 72.20
N PRO PB 8 44.04 -70.99 71.28
CA PRO PB 8 44.35 -72.16 70.44
C PRO PB 8 44.83 -73.38 71.20
N ALA PB 9 45.55 -73.20 72.32
CA ALA PB 9 46.11 -74.35 73.01
C ALA PB 9 45.05 -75.22 73.67
N THR PB 10 43.81 -74.74 73.79
CA THR PB 10 42.72 -75.54 74.32
C THR PB 10 41.46 -75.51 73.46
N GLY PB 11 41.42 -74.70 72.42
CA GLY PB 11 40.17 -74.51 71.71
C GLY PB 11 39.20 -73.73 72.57
N CYS PB 12 37.96 -74.22 72.64
CA CYS PB 12 36.93 -73.68 73.53
C CYS PB 12 36.71 -72.18 73.30
N GLN PB 13 36.53 -71.81 72.04
CA GLN PB 13 36.23 -70.42 71.72
C GLN PB 13 34.84 -70.06 72.24
N LYS PB 14 34.65 -68.77 72.51
CA LYS PB 14 33.36 -68.31 73.04
C LYS PB 14 33.11 -66.88 72.57
N LEU PB 15 31.82 -66.51 72.58
CA LEU PB 15 31.40 -65.19 72.15
C LEU PB 15 31.10 -64.33 73.37
N ILE PB 16 31.60 -63.09 73.36
CA ILE PB 16 31.45 -62.15 74.47
C ILE PB 16 30.70 -60.93 73.97
N GLU PB 17 29.65 -60.55 74.70
CA GLU PB 17 28.85 -59.38 74.38
C GLU PB 17 29.31 -58.22 75.25
N VAL PB 18 29.87 -57.18 74.63
CA VAL PB 18 30.30 -56.00 75.35
C VAL PB 18 29.76 -54.76 74.64
N ASP PB 19 29.52 -53.70 75.42
CA ASP PB 19 29.00 -52.45 74.88
C ASP PB 19 29.69 -51.25 75.53
N ASP PB 20 30.90 -51.42 76.03
CA ASP PB 20 31.63 -50.36 76.71
C ASP PB 20 32.68 -49.78 75.76
N GLU PB 21 32.50 -48.52 75.38
CA GLU PB 21 33.46 -47.88 74.50
C GLU PB 21 34.82 -47.72 75.18
N ARG PB 22 34.82 -47.43 76.48
CA ARG PB 22 36.08 -47.34 77.20
C ARG PB 22 36.80 -48.67 77.24
N LYS PB 23 36.06 -49.78 77.36
CA LYS PB 23 36.68 -51.09 77.34
C LYS PB 23 37.17 -51.46 75.95
N LEU PB 24 36.45 -51.06 74.90
CA LEU PB 24 36.82 -51.42 73.54
C LEU PB 24 37.82 -50.45 72.91
N ARG PB 25 38.13 -49.33 73.57
CA ARG PB 25 39.06 -48.36 73.01
C ARG PB 25 40.47 -48.94 72.89
N THR PB 26 40.79 -49.95 73.70
CA THR PB 26 42.12 -50.55 73.65
C THR PB 26 42.39 -51.24 72.32
N PHE PB 27 41.35 -51.53 71.54
CA PHE PB 27 41.52 -52.20 70.26
C PHE PB 27 41.41 -51.27 69.06
N TYR PB 28 40.87 -50.07 69.24
CA TYR PB 28 40.59 -49.20 68.11
C TYR PB 28 41.88 -48.75 67.43
N GLU PB 29 41.77 -48.48 66.13
CA GLU PB 29 42.89 -48.05 65.29
C GLU PB 29 44.07 -49.02 65.39
N LYS PB 30 43.77 -50.31 65.30
CA LYS PB 30 44.78 -51.35 65.24
C LYS PB 30 44.54 -52.21 64.03
N ARG PB 31 45.61 -52.77 63.47
CA ARG PB 31 45.51 -53.61 62.31
C ARG PB 31 45.39 -55.08 62.72
N MET PB 32 45.07 -55.92 61.75
CA MET PB 32 44.99 -57.36 62.00
C MET PB 32 46.37 -57.93 62.29
N ALA PB 33 46.37 -59.11 62.92
CA ALA PB 33 47.60 -59.82 63.28
C ALA PB 33 48.50 -59.00 64.19
N THR PB 34 47.92 -58.12 64.98
CA THR PB 34 48.64 -57.33 65.98
C THR PB 34 48.21 -57.76 67.37
N GLU PB 35 49.16 -57.81 68.29
CA GLU PB 35 48.93 -58.28 69.65
C GLU PB 35 48.83 -57.07 70.58
N VAL PB 36 47.73 -57.00 71.32
CA VAL PB 36 47.50 -55.95 72.31
C VAL PB 36 47.27 -56.63 73.66
N ALA PB 37 47.84 -56.05 74.70
CA ALA PB 37 47.59 -56.52 76.06
C ALA PB 37 46.13 -56.25 76.42
N ALA PB 38 45.36 -57.32 76.59
CA ALA PB 38 43.92 -57.20 76.82
C ALA PB 38 43.59 -56.99 78.31
N ASP PB 39 44.26 -56.03 78.93
CA ASP PB 39 44.04 -55.75 80.33
C ASP PB 39 42.99 -54.67 80.57
N ALA PB 40 42.39 -54.15 79.51
CA ALA PB 40 41.35 -53.13 79.64
C ALA PB 40 39.95 -53.73 79.71
N LEU PB 41 39.80 -55.03 79.51
CA LEU PB 41 38.48 -55.67 79.58
C LEU PB 41 38.21 -56.22 80.98
N GLY PB 42 38.36 -55.37 81.98
CA GLY PB 42 38.08 -55.77 83.35
C GLY PB 42 39.25 -56.51 83.98
N GLU PB 43 39.08 -56.81 85.27
CA GLU PB 43 40.13 -57.46 86.04
C GLU PB 43 40.35 -58.90 85.61
N GLU PB 44 39.30 -59.59 85.16
CA GLU PB 44 39.42 -61.00 84.80
C GLU PB 44 40.30 -61.23 83.59
N TRP PB 45 40.47 -60.21 82.75
CA TRP PB 45 41.30 -60.32 81.55
C TRP PB 45 42.71 -59.79 81.77
N LYS PB 46 43.10 -59.56 83.02
CA LYS PB 46 44.41 -59.02 83.33
C LYS PB 46 45.51 -60.02 82.94
N GLY PB 47 46.64 -59.48 82.49
CA GLY PB 47 47.77 -60.32 82.13
C GLY PB 47 47.59 -61.10 80.85
N TYR PB 48 46.67 -60.69 80.00
CA TYR PB 48 46.34 -61.41 78.77
C TYR PB 48 46.74 -60.57 77.57
N VAL PB 49 47.54 -61.15 76.68
CA VAL PB 49 47.90 -60.55 75.41
C VAL PB 49 47.15 -61.30 74.32
N VAL PB 50 46.42 -60.56 73.49
CA VAL PB 50 45.53 -61.17 72.52
C VAL PB 50 45.78 -60.52 71.16
N ARG PB 51 45.69 -61.32 70.10
CA ARG PB 51 45.98 -60.89 68.75
C ARG PB 51 44.66 -60.69 67.99
N ILE PB 52 44.56 -59.58 67.28
CA ILE PB 52 43.41 -59.32 66.42
C ILE PB 52 43.54 -60.18 65.16
N SER PB 53 42.58 -61.06 64.94
CA SER PB 53 42.68 -62.04 63.89
C SER PB 53 41.64 -61.86 62.79
N GLY PB 54 40.80 -60.85 62.87
CA GLY PB 54 39.81 -60.59 61.86
C GLY PB 54 38.50 -60.18 62.49
N GLY PB 55 37.45 -60.19 61.67
CA GLY PB 55 36.14 -59.79 62.16
C GLY PB 55 35.17 -59.64 61.01
N ASN PB 56 34.05 -58.99 61.30
CA ASN PB 56 33.02 -58.75 60.30
C ASN PB 56 32.50 -57.33 60.45
N ASP PB 57 32.08 -56.76 59.32
CA ASP PB 57 31.57 -55.40 59.27
C ASP PB 57 30.15 -55.38 59.85
N LYS PB 58 29.58 -54.19 59.98
CA LYS PB 58 28.22 -54.06 60.47
C LYS PB 58 27.22 -54.77 59.56
N GLN PB 59 27.54 -54.91 58.27
CA GLN PB 59 26.71 -55.61 57.32
C GLN PB 59 27.23 -57.01 57.03
N GLY PB 60 28.13 -57.53 57.86
CA GLY PB 60 28.60 -58.89 57.75
C GLY PB 60 29.76 -59.11 56.81
N PHE PB 61 30.30 -58.05 56.23
CA PHE PB 61 31.42 -58.21 55.31
C PHE PB 61 32.70 -58.50 56.09
N PRO PB 62 33.38 -59.60 55.83
CA PRO PB 62 34.62 -59.90 56.56
C PRO PB 62 35.71 -58.93 56.16
N MET PB 63 36.69 -58.80 57.05
CA MET PB 63 37.85 -57.96 56.77
C MET PB 63 38.97 -58.78 56.16
N LYS PB 64 39.79 -58.12 55.36
CA LYS PB 64 40.91 -58.75 54.68
C LYS PB 64 42.21 -58.10 55.12
N GLN PB 65 43.21 -58.92 55.38
CA GLN PB 65 44.51 -58.40 55.77
C GLN PB 65 45.18 -57.70 54.60
N GLY PB 66 45.72 -56.51 54.86
CA GLY PB 66 46.45 -55.77 53.86
C GLY PB 66 45.69 -54.66 53.17
N VAL PB 67 44.40 -54.50 53.47
CA VAL PB 67 43.62 -53.46 52.82
C VAL PB 67 44.10 -52.08 53.23
N LEU PB 68 44.50 -51.93 54.50
CA LEU PB 68 45.09 -50.69 55.02
C LEU PB 68 44.14 -49.50 54.88
N THR PB 69 42.89 -49.72 55.27
CA THR PB 69 41.93 -48.63 55.41
C THR PB 69 40.86 -49.07 56.40
N HIS PB 70 40.06 -48.11 56.84
CA HIS PB 70 38.87 -48.37 57.64
C HIS PB 70 37.67 -48.10 56.76
N GLY PB 71 36.82 -49.10 56.61
CA GLY PB 71 35.69 -49.04 55.71
C GLY PB 71 35.71 -50.23 54.78
N ARG PB 72 34.91 -50.14 53.73
CA ARG PB 72 34.72 -51.25 52.80
C ARG PB 72 35.24 -50.86 51.42
N VAL PB 73 35.93 -51.81 50.78
CA VAL PB 73 36.43 -51.63 49.42
C VAL PB 73 35.95 -52.80 48.58
N ARG PB 74 36.16 -52.68 47.26
CA ARG PB 74 35.82 -53.73 46.32
C ARG PB 74 37.09 -54.24 45.66
N LEU PB 75 37.28 -55.55 45.71
CA LEU PB 75 38.51 -56.18 45.24
C LEU PB 75 38.17 -57.30 44.27
N LEU PB 76 39.01 -57.46 43.25
CA LEU PB 76 38.90 -58.58 42.31
C LEU PB 76 39.64 -59.76 42.93
N LEU PB 77 38.88 -60.61 43.62
CA LEU PB 77 39.47 -61.71 44.37
C LEU PB 77 39.66 -62.93 43.48
N SER PB 78 40.88 -63.43 43.42
CA SER PB 78 41.21 -64.63 42.67
C SER PB 78 41.18 -65.83 43.60
N LYS PB 79 41.67 -66.96 43.10
CA LYS PB 79 41.70 -68.18 43.90
C LYS PB 79 42.67 -68.03 45.06
N GLY PB 80 42.20 -68.40 46.26
CA GLY PB 80 43.08 -68.51 47.40
C GLY PB 80 43.57 -67.20 47.99
N HIS PB 81 42.88 -66.09 47.75
CA HIS PB 81 43.29 -64.85 48.40
C HIS PB 81 42.73 -64.78 49.82
N SER PB 82 41.42 -64.61 49.94
CA SER PB 82 40.64 -64.61 51.17
C SER PB 82 39.21 -64.29 50.77
N CYS PB 83 38.27 -64.55 51.68
CA CYS PB 83 36.90 -64.07 51.57
C CYS PB 83 36.22 -64.53 50.28
N TYR PB 84 36.74 -65.58 49.65
CA TYR PB 84 36.26 -66.01 48.34
C TYR PB 84 36.75 -67.41 48.01
N ARG PB 85 35.83 -68.27 47.57
CA ARG PB 85 36.20 -69.54 46.98
C ARG PB 85 35.68 -69.58 45.55
N PRO PB 86 36.51 -69.95 44.58
CA PRO PB 86 36.05 -69.91 43.19
C PRO PB 86 35.09 -71.04 42.88
N ARG PB 87 34.00 -70.69 42.18
CA ARG PB 87 33.05 -71.70 41.75
C ARG PB 87 33.64 -72.62 40.70
N ARG PB 88 34.35 -72.04 39.73
CA ARG PB 88 35.01 -72.81 38.69
C ARG PB 88 36.45 -72.34 38.56
N THR PB 89 37.26 -73.14 37.88
CA THR PB 89 38.70 -72.89 37.83
C THR PB 89 38.99 -71.61 37.06
N GLY PB 90 39.85 -70.78 37.63
CA GLY PB 90 40.24 -69.54 37.01
C GLY PB 90 39.27 -68.39 37.17
N GLU PB 91 38.15 -68.61 37.87
CA GLU PB 91 37.17 -67.56 38.06
C GLU PB 91 37.64 -66.56 39.11
N ARG PB 92 37.51 -65.28 38.79
CA ARG PB 92 37.75 -64.20 39.73
C ARG PB 92 36.50 -63.33 39.79
N LYS PB 93 36.06 -62.99 41.00
CA LYS PB 93 34.85 -62.21 41.18
C LYS PB 93 35.13 -61.02 42.08
N ARG PB 94 34.59 -59.86 41.72
CA ARG PB 94 34.73 -58.68 42.53
C ARG PB 94 33.80 -58.76 43.73
N LYS PB 95 34.35 -58.50 44.92
CA LYS PB 95 33.59 -58.60 46.15
C LYS PB 95 33.97 -57.47 47.09
N SER PB 96 33.07 -57.16 48.02
CA SER PB 96 33.30 -56.12 49.00
C SER PB 96 33.91 -56.73 50.26
N VAL PB 97 34.97 -56.10 50.75
CA VAL PB 97 35.68 -56.54 51.94
C VAL PB 97 35.93 -55.35 52.85
N ARG PB 98 35.81 -55.59 54.16
CA ARG PB 98 36.14 -54.59 55.17
C ARG PB 98 37.65 -54.42 55.27
N GLY PB 99 38.08 -53.20 55.58
CA GLY PB 99 39.50 -52.95 55.76
C GLY PB 99 40.03 -53.58 57.03
N CYS PB 100 41.37 -53.65 57.10
CA CYS PB 100 42.01 -54.37 58.20
C CYS PB 100 42.01 -53.57 59.51
N ILE PB 101 42.07 -52.25 59.44
CA ILE PB 101 42.05 -51.42 60.65
C ILE PB 101 40.69 -51.56 61.31
N VAL PB 102 40.68 -51.97 62.57
CA VAL PB 102 39.45 -52.12 63.35
C VAL PB 102 39.08 -50.79 63.98
N ASP PB 103 37.79 -50.49 63.97
CA ASP PB 103 37.24 -49.30 64.60
C ASP PB 103 35.92 -49.66 65.26
N ALA PB 104 35.11 -48.64 65.55
CA ALA PB 104 33.85 -48.88 66.26
C ALA PB 104 32.87 -49.69 65.42
N ASN PB 105 32.81 -49.42 64.12
CA ASN PB 105 31.72 -49.91 63.27
C ASN PB 105 32.01 -51.35 62.81
N LEU PB 106 31.89 -52.27 63.78
CA LEU PB 106 31.98 -53.70 63.49
C LEU PB 106 30.90 -54.44 64.25
N SER PB 107 30.53 -55.60 63.70
CA SER PB 107 29.63 -56.51 64.41
C SER PB 107 30.42 -57.36 65.40
N VAL PB 108 31.43 -58.08 64.91
CA VAL PB 108 32.25 -58.93 65.75
C VAL PB 108 33.72 -58.61 65.51
N LEU PB 109 34.53 -58.98 66.49
CA LEU PB 109 35.99 -58.88 66.38
C LEU PB 109 36.58 -60.21 66.81
N ASN PB 110 37.41 -60.81 65.95
CA ASN PB 110 38.04 -62.07 66.28
C ASN PB 110 39.33 -61.80 67.05
N LEU PB 111 39.45 -62.42 68.23
CA LEU PB 111 40.63 -62.25 69.07
C LEU PB 111 41.15 -63.61 69.50
N VAL PB 112 42.46 -63.79 69.42
CA VAL PB 112 43.11 -65.07 69.69
C VAL PB 112 44.19 -64.85 70.74
N ILE PB 113 44.08 -65.50 71.89
CA ILE PB 113 45.02 -65.26 72.98
C ILE PB 113 46.38 -65.83 72.60
N VAL PB 114 47.43 -65.03 72.75
CA VAL PB 114 48.78 -65.48 72.46
C VAL PB 114 49.46 -66.05 73.69
N LYS PB 115 49.33 -65.38 74.85
CA LYS PB 115 49.97 -65.84 76.07
C LYS PB 115 48.96 -65.88 77.21
N LYS PB 116 49.15 -66.85 78.10
CA LYS PB 116 48.23 -67.10 79.20
C LYS PB 116 48.36 -66.01 80.26
N GLY PB 117 47.24 -65.73 80.93
CA GLY PB 117 47.22 -64.79 82.03
C GLY PB 117 47.59 -65.47 83.33
N GLU PB 118 47.20 -64.83 84.43
CA GLU PB 118 47.54 -65.35 85.77
C GLU PB 118 46.48 -66.29 86.32
N LYS PB 119 45.23 -66.17 85.88
CA LYS PB 119 44.16 -67.03 86.35
C LYS PB 119 43.44 -67.62 85.15
N ASP PB 120 42.46 -68.49 85.43
CA ASP PB 120 41.76 -69.25 84.41
C ASP PB 120 40.41 -68.60 84.10
N ILE PB 121 40.18 -68.32 82.82
CA ILE PB 121 38.89 -67.78 82.39
C ILE PB 121 37.84 -68.89 82.46
N PRO PB 122 36.69 -68.65 83.09
CA PRO PB 122 35.67 -69.70 83.19
C PRO PB 122 35.10 -70.04 81.82
N GLY PB 123 35.08 -71.34 81.51
CA GLY PB 123 34.49 -71.82 80.28
C GLY PB 123 35.37 -71.67 79.06
N LEU PB 124 36.58 -71.14 79.20
CA LEU PB 124 37.46 -70.93 78.06
C LEU PB 124 38.78 -71.66 78.20
N THR PB 125 39.46 -71.53 79.34
CA THR PB 125 40.76 -72.16 79.55
C THR PB 125 40.66 -73.51 80.23
N ASP PB 126 39.44 -74.00 80.47
CA ASP PB 126 39.22 -75.29 81.10
C ASP PB 126 38.58 -76.26 80.12
N THR PB 127 38.60 -77.55 80.49
CA THR PB 127 38.00 -78.63 79.72
C THR PB 127 38.55 -78.66 78.29
N THR PB 128 39.85 -78.94 78.21
CA THR PB 128 40.57 -78.96 76.94
C THR PB 128 40.02 -80.01 75.99
N VAL PB 129 39.37 -79.55 74.92
CA VAL PB 129 38.87 -80.49 73.91
C VAL PB 129 40.03 -81.04 73.10
N PRO PB 130 40.14 -82.35 72.95
CA PRO PB 130 41.25 -82.91 72.18
C PRO PB 130 41.03 -82.72 70.68
N ARG PB 131 42.15 -82.76 69.95
CA ARG PB 131 42.06 -82.86 68.50
C ARG PB 131 41.46 -84.21 68.13
N ARG PB 132 40.57 -84.21 67.14
CA ARG PB 132 39.76 -85.38 66.85
C ARG PB 132 40.61 -86.56 66.43
N LEU PB 133 41.32 -86.42 65.31
CA LEU PB 133 41.95 -87.55 64.63
C LEU PB 133 43.44 -87.30 64.53
N GLY PB 134 44.22 -88.33 64.85
CA GLY PB 134 45.64 -88.20 64.95
C GLY PB 134 46.30 -88.17 63.58
N PRO PB 135 47.63 -88.08 63.60
CA PRO PB 135 48.38 -88.02 62.33
C PRO PB 135 48.19 -89.28 61.51
N LYS PB 136 48.09 -89.10 60.19
CA LYS PB 136 47.88 -90.18 59.24
C LYS PB 136 49.15 -90.59 58.51
N ARG PB 137 50.11 -89.69 58.38
CA ARG PB 137 51.36 -90.02 57.70
C ARG PB 137 52.30 -90.75 58.65
N ALA PB 138 53.06 -91.70 58.10
CA ALA PB 138 53.96 -92.50 58.92
C ALA PB 138 55.04 -91.63 59.55
N SER PB 139 55.61 -90.72 58.78
CA SER PB 139 56.58 -89.79 59.37
C SER PB 139 55.92 -88.87 60.39
N ARG PB 140 54.66 -88.51 60.16
CA ARG PB 140 53.98 -87.63 61.10
C ARG PB 140 53.59 -88.33 62.40
N ILE PB 141 53.53 -89.67 62.42
CA ILE PB 141 53.40 -90.32 63.71
C ILE PB 141 54.78 -90.61 64.30
N ARG PB 142 55.80 -90.77 63.45
CA ARG PB 142 57.16 -90.96 63.96
C ARG PB 142 57.63 -89.73 64.72
N LYS PB 143 57.31 -88.53 64.21
CA LYS PB 143 57.64 -87.32 64.96
C LYS PB 143 56.90 -87.25 66.28
N LEU PB 144 55.62 -87.64 66.28
CA LEU PB 144 54.80 -87.45 67.46
C LEU PB 144 55.11 -88.46 68.56
N PHE PB 145 55.55 -89.67 68.19
CA PHE PB 145 55.88 -90.70 69.17
C PHE PB 145 57.36 -91.03 69.21
N ASN PB 146 58.21 -90.21 68.60
CA ASN PB 146 59.68 -90.34 68.69
C ASN PB 146 60.16 -91.71 68.22
N LEU PB 147 59.62 -92.18 67.10
CA LEU PB 147 60.10 -93.43 66.53
C LEU PB 147 61.44 -93.23 65.85
N SER PB 148 62.33 -94.22 66.00
CA SER PB 148 63.59 -94.15 65.27
C SER PB 148 63.42 -94.70 63.85
N LYS PB 149 63.18 -96.01 63.74
CA LYS PB 149 63.02 -96.67 62.44
C LYS PB 149 62.27 -97.98 62.66
N GLU PB 150 61.02 -98.04 62.18
CA GLU PB 150 60.26 -99.28 62.08
C GLU PB 150 60.16 -100.01 63.42
N ASP PB 151 59.62 -99.32 64.43
CA ASP PB 151 59.42 -99.90 65.75
C ASP PB 151 57.92 -99.96 66.03
N ASP PB 152 57.28 -101.04 65.58
CA ASP PB 152 55.85 -101.29 65.81
C ASP PB 152 55.01 -100.11 65.34
N VAL PB 153 55.31 -99.64 64.13
CA VAL PB 153 54.61 -98.50 63.56
C VAL PB 153 53.14 -98.81 63.34
N ARG PB 154 52.83 -100.09 63.06
CA ARG PB 154 51.45 -100.49 62.87
C ARG PB 154 50.63 -100.28 64.13
N GLN PB 155 51.18 -100.68 65.29
CA GLN PB 155 50.43 -100.63 66.53
C GLN PB 155 50.64 -99.35 67.32
N TYR PB 156 51.54 -98.47 66.89
CA TYR PB 156 51.67 -97.17 67.53
C TYR PB 156 50.76 -96.12 66.92
N VAL PB 157 49.89 -96.51 65.97
CA VAL PB 157 48.92 -95.57 65.44
C VAL PB 157 47.83 -95.34 66.48
N VAL PB 158 47.19 -94.17 66.40
CA VAL PB 158 46.14 -93.81 67.33
C VAL PB 158 44.84 -94.49 66.90
N ARG PB 159 44.24 -95.26 67.80
CA ARG PB 159 42.99 -95.95 67.54
C ARG PB 159 41.83 -95.14 68.12
N LYS PB 160 40.78 -94.97 67.31
CA LYS PB 160 39.65 -94.14 67.72
C LYS PB 160 38.55 -95.04 68.27
N PRO PB 161 38.25 -94.98 69.57
CA PRO PB 161 37.14 -95.76 70.10
C PRO PB 161 35.82 -95.02 69.99
N LEU PB 162 34.87 -95.58 69.24
CA LEU PB 162 33.58 -94.98 69.04
C LEU PB 162 32.50 -95.89 69.61
N ASN PB 163 31.55 -95.28 70.33
CA ASN PB 163 30.51 -96.02 71.05
C ASN PB 163 29.16 -95.39 70.76
N LYS PB 164 28.23 -96.19 70.26
CA LYS PB 164 26.83 -95.80 70.12
C LYS PB 164 25.95 -96.89 70.72
N GLU PB 165 24.73 -96.50 71.09
CA GLU PB 165 23.81 -97.38 71.82
C GLU PB 165 23.53 -98.68 71.06
N GLY PB 166 22.93 -98.58 69.87
CA GLY PB 166 22.69 -99.77 69.08
C GLY PB 166 23.96 -100.37 68.52
N LYS PB 167 25.03 -99.59 68.44
CA LYS PB 167 26.30 -100.07 67.92
C LYS PB 167 26.91 -101.11 68.85
N LYS PB 168 27.49 -102.14 68.25
CA LYS PB 168 28.34 -103.09 68.94
C LYS PB 168 29.76 -102.51 68.94
N PRO PB 169 30.37 -102.34 70.12
CA PRO PB 169 31.59 -101.51 70.22
C PRO PB 169 32.72 -102.00 69.34
N ARG PB 170 33.50 -101.04 68.82
CA ARG PB 170 34.55 -101.30 67.85
C ARG PB 170 35.57 -100.17 67.91
N THR PB 171 36.81 -100.49 67.56
CA THR PB 171 37.87 -99.50 67.41
C THR PB 171 38.07 -99.19 65.92
N LYS PB 172 38.55 -97.98 65.64
CA LYS PB 172 38.78 -97.53 64.28
C LYS PB 172 40.20 -97.01 64.13
N ALA PB 173 40.87 -97.44 63.07
CA ALA PB 173 42.23 -97.03 62.78
C ALA PB 173 42.33 -96.57 61.33
N PRO PB 174 43.15 -95.55 61.04
CA PRO PB 174 43.25 -95.06 59.67
C PRO PB 174 44.21 -95.88 58.83
N LYS PB 175 43.97 -95.84 57.52
CA LYS PB 175 44.91 -96.41 56.55
C LYS PB 175 46.12 -95.50 56.49
N ILE PB 176 47.19 -95.90 57.17
CA ILE PB 176 48.38 -95.06 57.25
C ILE PB 176 49.11 -95.04 55.92
N GLN PB 177 49.57 -93.86 55.52
CA GLN PB 177 50.13 -93.63 54.20
C GLN PB 177 51.64 -93.38 54.28
N ARG PB 178 52.30 -93.54 53.14
CA ARG PB 178 53.73 -93.32 52.98
C ARG PB 178 54.54 -94.23 53.91
N LEU PB 179 54.42 -95.52 53.67
CA LEU PB 179 55.13 -96.55 54.42
C LEU PB 179 56.12 -97.26 53.51
N VAL PB 180 56.76 -98.27 54.07
CA VAL PB 180 57.51 -99.25 53.30
C VAL PB 180 56.75 -100.56 53.40
N THR PB 181 56.35 -101.10 52.25
CA THR PB 181 55.42 -102.21 52.19
C THR PB 181 55.97 -103.22 51.19
N PRO PB 182 55.67 -104.52 51.39
CA PRO PB 182 56.00 -105.49 50.34
C PRO PB 182 55.44 -105.12 48.99
N ARG PB 183 54.24 -104.53 48.94
CA ARG PB 183 53.67 -104.09 47.67
C ARG PB 183 54.49 -102.95 47.06
N VAL PB 184 54.94 -102.01 47.88
CA VAL PB 184 55.73 -100.89 47.37
C VAL PB 184 57.07 -101.39 46.84
N LEU PB 185 57.73 -102.28 47.59
CA LEU PB 185 58.98 -102.86 47.11
C LEU PB 185 58.75 -103.71 45.87
N GLN PB 186 57.58 -104.34 45.76
CA GLN PB 186 57.23 -105.06 44.54
C GLN PB 186 57.14 -104.12 43.36
N HIS PB 187 56.51 -102.96 43.54
CA HIS PB 187 56.43 -101.98 42.45
C HIS PB 187 57.82 -101.50 42.06
N LYS PB 188 58.68 -101.25 43.05
CA LYS PB 188 60.04 -100.79 42.74
C LYS PB 188 60.82 -101.86 41.99
N ARG PB 189 60.72 -103.11 42.40
CA ARG PB 189 61.39 -104.18 41.68
C ARG PB 189 60.83 -104.31 40.27
N ARG PB 190 59.51 -104.11 40.12
CA ARG PB 190 58.88 -104.21 38.81
C ARG PB 190 59.42 -103.15 37.85
N ARG PB 191 59.49 -101.90 38.31
CA ARG PB 191 59.98 -100.83 37.45
C ARG PB 191 61.47 -101.00 37.14
N ILE PB 192 62.26 -101.46 38.10
CA ILE PB 192 63.66 -101.75 37.80
C ILE PB 192 63.78 -102.85 36.76
N ALA PB 193 62.92 -103.87 36.86
CA ALA PB 193 62.91 -104.93 35.85
C ALA PB 193 62.53 -104.40 34.48
N LEU PB 194 61.56 -103.50 34.44
CA LEU PB 194 61.21 -102.84 33.17
C LEU PB 194 62.41 -102.13 32.58
N LYS PB 195 63.18 -101.41 33.41
CA LYS PB 195 64.41 -100.81 32.92
C LYS PB 195 65.37 -101.87 32.39
N LYS PB 196 65.46 -103.01 33.07
CA LYS PB 196 66.36 -104.08 32.67
C LYS PB 196 66.03 -104.58 31.27
N GLN PB 197 64.81 -105.08 31.07
CA GLN PB 197 64.51 -105.60 29.74
C GLN PB 197 64.39 -104.51 28.69
N ARG PB 198 64.16 -103.25 29.09
CA ARG PB 198 64.18 -102.18 28.10
C ARG PB 198 65.58 -101.95 27.56
N THR PB 199 66.57 -101.93 28.45
CA THR PB 199 67.96 -101.81 28.01
C THR PB 199 68.37 -103.02 27.19
N LYS PB 200 67.93 -104.22 27.61
CA LYS PB 200 68.24 -105.44 26.86
C LYS PB 200 67.64 -105.37 25.45
N LYS PB 201 66.40 -104.89 25.34
CA LYS PB 201 65.75 -104.75 24.05
C LYS PB 201 66.52 -103.78 23.16
N ASN PB 202 66.93 -102.64 23.72
CA ASN PB 202 67.69 -101.68 22.92
C ASN PB 202 69.00 -102.28 22.41
N LYS PB 203 69.71 -102.99 23.29
CA LYS PB 203 70.99 -103.57 22.89
C LYS PB 203 70.82 -104.63 21.81
N GLU PB 204 69.84 -105.52 21.98
CA GLU PB 204 69.66 -106.59 21.01
C GLU PB 204 69.16 -106.06 19.67
N GLU PB 205 68.30 -105.04 19.69
CA GLU PB 205 67.85 -104.44 18.44
C GLU PB 205 68.99 -103.74 17.72
N ALA PB 206 69.86 -103.05 18.48
CA ALA PB 206 71.02 -102.43 17.85
C ALA PB 206 71.94 -103.46 17.22
N ALA PB 207 72.16 -104.58 17.91
CA ALA PB 207 73.00 -105.63 17.34
C ALA PB 207 72.39 -106.22 16.08
N GLU PB 208 71.08 -106.49 16.10
CA GLU PB 208 70.42 -107.04 14.92
C GLU PB 208 70.50 -106.08 13.74
N TYR PB 209 70.25 -104.79 13.98
CA TYR PB 209 70.33 -103.83 12.90
C TYR PB 209 71.75 -103.71 12.38
N ALA PB 210 72.75 -103.78 13.26
CA ALA PB 210 74.13 -103.73 12.80
C ALA PB 210 74.44 -104.91 11.89
N LYS PB 211 73.99 -106.11 12.27
CA LYS PB 211 74.22 -107.28 11.43
C LYS PB 211 73.54 -107.14 10.07
N LEU PB 212 72.27 -106.72 10.08
CA LEU PB 212 71.53 -106.59 8.83
C LEU PB 212 72.13 -105.50 7.92
N LEU PB 213 72.51 -104.37 8.51
CA LEU PB 213 73.12 -103.30 7.73
C LEU PB 213 74.47 -103.71 7.18
N ALA PB 214 75.24 -104.48 7.96
CA ALA PB 214 76.49 -105.01 7.43
C ALA PB 214 76.25 -105.92 6.24
N LYS PB 215 75.22 -106.77 6.32
CA LYS PB 215 74.91 -107.65 5.19
C LYS PB 215 74.50 -106.85 3.96
N ARG PB 216 73.66 -105.82 4.16
CA ARG PB 216 73.20 -105.02 3.02
C ARG PB 216 74.34 -104.23 2.38
N MET PB 217 75.21 -103.65 3.21
CA MET PB 217 76.38 -102.96 2.67
C MET PB 217 77.33 -103.92 1.98
N LYS PB 218 77.43 -105.15 2.49
CA LYS PB 218 78.21 -106.18 1.80
C LYS PB 218 77.61 -106.48 0.43
N GLU PB 219 76.28 -106.53 0.35
CA GLU PB 219 75.64 -106.76 -0.94
C GLU PB 219 75.90 -105.61 -1.91
N ALA PB 220 75.82 -104.37 -1.44
CA ALA PB 220 76.10 -103.23 -2.31
C ALA PB 220 77.56 -103.22 -2.76
N LYS PB 221 78.49 -103.52 -1.85
CA LYS PB 221 79.89 -103.61 -2.22
C LYS PB 221 80.14 -104.74 -3.19
N GLU PB 222 79.42 -105.86 -3.04
CA GLU PB 222 79.51 -106.95 -3.99
C GLU PB 222 79.01 -106.52 -5.37
N LYS PB 223 77.95 -105.71 -5.40
CA LYS PB 223 77.46 -105.19 -6.68
C LYS PB 223 78.51 -104.31 -7.34
N ARG PB 224 79.17 -103.45 -6.56
CA ARG PB 224 80.24 -102.62 -7.11
C ARG PB 224 81.41 -103.48 -7.60
N GLN PB 225 81.77 -104.50 -6.83
CA GLN PB 225 82.84 -105.41 -7.23
C GLN PB 225 82.46 -106.21 -8.48
N GLU PB 226 81.17 -106.50 -8.64
CA GLU PB 226 80.71 -107.21 -9.84
C GLU PB 226 80.75 -106.31 -11.06
N GLN PB 227 80.43 -105.03 -10.89
CA GLN PB 227 80.61 -104.08 -11.99
C GLN PB 227 82.09 -103.96 -12.35
N ILE PB 228 82.96 -103.97 -11.34
CA ILE PB 228 84.40 -103.99 -11.57
C ILE PB 228 84.81 -105.24 -12.34
N ALA PB 229 84.26 -106.39 -11.96
CA ALA PB 229 84.58 -107.64 -12.65
C ALA PB 229 84.09 -107.60 -14.09
N LYS PB 230 82.91 -107.02 -14.33
CA LYS PB 230 82.41 -106.91 -15.70
C LYS PB 230 83.30 -106.01 -16.54
N ARG PB 231 83.73 -104.87 -16.00
CA ARG PB 231 84.57 -103.98 -16.80
C ARG PB 231 86.00 -104.50 -16.94
N ARG PB 232 86.42 -105.43 -16.07
CA ARG PB 232 87.76 -106.00 -16.16
C ARG PB 232 87.83 -107.24 -17.05
N ARG PB 233 86.78 -108.07 -17.05
CA ARG PB 233 86.82 -109.33 -17.78
C ARG PB 233 86.69 -109.14 -19.28
N LEU PB 234 86.22 -107.98 -19.74
CA LEU PB 234 86.01 -107.72 -21.16
C LEU PB 234 86.58 -106.33 -21.47
N SER PB 235 87.82 -106.31 -21.93
CA SER PB 235 88.50 -105.06 -22.26
C SER PB 235 89.07 -105.02 -23.68
N SER PB 236 89.35 -106.16 -24.31
CA SER PB 236 89.91 -106.17 -25.65
C SER PB 236 89.08 -107.02 -26.60
N LEU PB 237 88.53 -108.11 -26.10
CA LEU PB 237 87.74 -109.03 -26.91
C LEU PB 237 86.44 -108.36 -27.37
N SER QB 1 82.85 -97.88 -66.10
CA SER QB 1 81.79 -96.87 -66.18
C SER QB 1 82.35 -95.48 -65.92
N ALA QB 2 81.92 -94.52 -66.73
CA ALA QB 2 82.34 -93.12 -66.63
C ALA QB 2 81.19 -92.32 -66.06
N LYS QB 3 81.33 -91.86 -64.82
CA LYS QB 3 80.33 -91.04 -64.15
C LYS QB 3 81.07 -89.85 -63.53
N ILE QB 4 81.05 -88.72 -64.22
CA ILE QB 4 81.74 -87.53 -63.74
C ILE QB 4 80.76 -86.45 -63.28
N VAL QB 5 79.57 -86.39 -63.84
CA VAL QB 5 78.61 -85.33 -63.53
C VAL QB 5 77.37 -85.97 -62.92
N LYS QB 6 77.40 -86.13 -61.59
CA LYS QB 6 76.29 -86.65 -60.80
C LYS QB 6 76.55 -86.36 -59.32
N PRO QB 7 76.28 -85.16 -58.83
CA PRO QB 7 76.29 -84.94 -57.38
C PRO QB 7 74.90 -85.01 -56.76
N ASN QB 8 74.80 -85.63 -55.59
CA ASN QB 8 73.59 -85.63 -54.78
C ASN QB 8 73.95 -86.12 -53.38
N GLY QB 9 72.93 -86.34 -52.54
CA GLY QB 9 73.18 -86.65 -51.15
C GLY QB 9 73.90 -87.98 -50.95
N GLU QB 10 73.51 -88.99 -51.71
CA GLU QB 10 74.11 -90.31 -51.58
C GLU QB 10 75.27 -90.46 -52.57
N LYS QB 11 76.07 -91.50 -52.36
CA LYS QB 11 77.18 -91.79 -53.26
C LYS QB 11 76.77 -92.57 -54.52
N PRO QB 12 76.06 -93.70 -54.42
CA PRO QB 12 75.90 -94.56 -55.60
C PRO QB 12 74.86 -94.01 -56.58
N ASP QB 13 74.60 -94.80 -57.61
CA ASP QB 13 73.58 -94.50 -58.61
C ASP QB 13 73.17 -95.79 -59.30
N GLU QB 14 71.95 -95.78 -59.85
CA GLU QB 14 71.43 -96.92 -60.61
C GLU QB 14 70.77 -96.38 -61.87
N PHE QB 15 71.34 -96.74 -63.02
CA PHE QB 15 70.87 -96.35 -64.36
C PHE QB 15 71.07 -94.86 -64.61
N GLU QB 16 71.42 -94.12 -63.56
CA GLU QB 16 71.76 -92.71 -63.69
C GLU QB 16 73.18 -92.54 -64.21
N SER QB 17 74.02 -93.56 -64.02
CA SER QB 17 75.32 -93.58 -64.67
C SER QB 17 75.17 -93.52 -66.18
N GLY QB 18 74.13 -94.17 -66.72
CA GLY QB 18 73.90 -94.12 -68.15
C GLY QB 18 73.54 -92.73 -68.64
N ILE QB 19 72.67 -92.03 -67.91
CA ILE QB 19 72.27 -90.69 -68.36
C ILE QB 19 73.42 -89.70 -68.20
N SER QB 20 74.21 -89.84 -67.12
CA SER QB 20 75.41 -89.02 -66.98
C SER QB 20 76.42 -89.34 -68.07
N GLN QB 21 76.50 -90.61 -68.46
CA GLN QB 21 77.38 -91.02 -69.55
C GLN QB 21 76.97 -90.33 -70.84
N ALA QB 22 75.69 -90.42 -71.20
CA ALA QB 22 75.18 -89.75 -72.39
C ALA QB 22 75.46 -88.26 -72.33
N LEU QB 23 75.34 -87.67 -71.15
CA LEU QB 23 75.67 -86.25 -71.02
C LEU QB 23 77.15 -85.99 -71.26
N LEU QB 24 78.03 -86.88 -70.82
CA LEU QB 24 79.45 -86.60 -70.97
C LEU QB 24 79.94 -86.81 -72.41
N GLU QB 25 79.42 -87.81 -73.12
CA GLU QB 25 79.70 -87.85 -74.56
C GLU QB 25 78.68 -87.06 -75.38
N LEU QB 26 77.90 -86.20 -74.74
CA LEU QB 26 77.30 -85.12 -75.51
C LEU QB 26 78.35 -84.02 -75.87
N GLU QB 27 79.62 -84.34 -75.60
CA GLU QB 27 80.76 -83.52 -75.98
C GLU QB 27 80.78 -83.32 -77.51
N MET QB 28 81.57 -82.33 -77.93
CA MET QB 28 81.74 -81.93 -79.34
C MET QB 28 80.40 -81.78 -80.06
N ASN QB 29 79.45 -81.16 -79.37
CA ASN QB 29 78.14 -80.86 -79.93
C ASN QB 29 78.16 -79.48 -80.57
N SER QB 30 76.98 -78.97 -80.93
CA SER QB 30 76.87 -77.66 -81.58
C SER QB 30 76.87 -76.56 -80.51
N ASP QB 31 78.05 -76.38 -79.91
CA ASP QB 31 78.32 -75.29 -78.96
C ASP QB 31 77.36 -75.33 -77.76
N LEU QB 32 77.26 -76.51 -77.16
CA LEU QB 32 76.45 -76.71 -75.96
C LEU QB 32 77.27 -77.02 -74.72
N LYS QB 33 78.40 -77.71 -74.88
CA LYS QB 33 79.21 -78.08 -73.72
C LYS QB 33 79.78 -76.88 -73.00
N ALA QB 34 79.94 -75.74 -73.69
CA ALA QB 34 80.52 -74.55 -73.05
C ALA QB 34 79.66 -74.10 -71.87
N GLN QB 35 78.35 -74.11 -72.03
CA GLN QB 35 77.43 -73.78 -70.94
C GLN QB 35 76.89 -75.02 -70.24
N LEU QB 36 77.19 -76.21 -70.74
CA LEU QB 36 76.74 -77.44 -70.09
C LEU QB 36 77.72 -78.00 -69.07
N ARG QB 37 79.02 -77.72 -69.22
CA ARG QB 37 80.02 -78.40 -68.39
C ARG QB 37 79.94 -77.95 -66.93
N GLU QB 38 79.52 -76.71 -66.68
CA GLU QB 38 79.38 -76.23 -65.31
C GLU QB 38 78.11 -76.74 -64.64
N LEU QB 39 77.23 -77.40 -65.39
CA LEU QB 39 75.96 -77.88 -64.86
C LEU QB 39 76.10 -79.29 -64.32
N ASN QB 40 75.14 -79.70 -63.50
CA ASN QB 40 75.21 -81.00 -62.86
C ASN QB 40 73.82 -81.58 -62.67
N ILE QB 41 73.77 -82.87 -62.40
CA ILE QB 41 72.52 -83.64 -62.36
C ILE QB 41 72.38 -84.27 -60.98
N THR QB 42 71.21 -84.10 -60.37
CA THR QB 42 70.97 -84.71 -59.07
C THR QB 42 70.59 -86.17 -59.19
N ALA QB 43 69.58 -86.50 -60.00
CA ALA QB 43 69.11 -87.87 -60.11
C ALA QB 43 68.36 -88.03 -61.43
N ALA QB 44 68.00 -89.28 -61.73
CA ALA QB 44 67.22 -89.59 -62.91
C ALA QB 44 66.30 -90.77 -62.59
N LYS QB 45 65.17 -90.83 -63.29
CA LYS QB 45 64.20 -91.88 -63.04
C LYS QB 45 63.45 -92.22 -64.32
N GLU QB 46 63.28 -93.51 -64.58
CA GLU QB 46 62.50 -94.00 -65.71
C GLU QB 46 61.17 -94.54 -65.21
N ILE QB 47 60.08 -94.08 -65.82
CA ILE QB 47 58.75 -94.57 -65.47
C ILE QB 47 57.98 -94.92 -66.74
N GLU QB 48 56.91 -95.69 -66.55
CA GLU QB 48 56.01 -96.08 -67.62
C GLU QB 48 54.80 -95.16 -67.64
N VAL QB 49 54.47 -94.64 -68.82
CA VAL QB 49 53.31 -93.76 -68.98
C VAL QB 49 52.51 -94.24 -70.17
N GLY QB 50 51.18 -94.16 -70.04
CA GLY QB 50 50.29 -94.51 -71.14
C GLY QB 50 50.26 -95.98 -71.47
N GLY QB 51 50.79 -96.34 -72.63
CA GLY QB 51 50.76 -97.71 -73.10
C GLY QB 51 52.07 -98.44 -72.85
N GLY QB 52 52.91 -98.51 -73.88
CA GLY QB 52 54.24 -99.06 -73.74
C GLY QB 52 55.32 -98.00 -73.91
N ARG QB 53 55.08 -96.83 -73.33
CA ARG QB 53 55.94 -95.66 -73.53
C ARG QB 53 56.66 -95.33 -72.23
N LYS QB 54 57.95 -95.02 -72.33
CA LYS QB 54 58.78 -94.70 -71.19
C LYS QB 54 59.05 -93.20 -71.13
N ALA QB 55 59.21 -92.69 -69.91
CA ALA QB 55 59.51 -91.29 -69.68
C ALA QB 55 60.67 -91.18 -68.71
N ILE QB 56 61.60 -90.28 -69.01
CA ILE QB 56 62.78 -90.04 -68.19
C ILE QB 56 62.66 -88.69 -67.51
N ILE QB 57 62.90 -88.68 -66.20
CA ILE QB 57 62.81 -87.50 -65.36
C ILE QB 57 64.20 -87.22 -64.81
N ILE QB 58 64.69 -86.01 -65.02
CA ILE QB 58 66.03 -85.62 -64.63
C ILE QB 58 65.91 -84.50 -63.60
N PHE QB 59 66.49 -84.71 -62.43
CA PHE QB 59 66.42 -83.75 -61.34
C PHE QB 59 67.68 -82.89 -61.32
N VAL QB 60 67.47 -81.58 -61.15
CA VAL QB 60 68.55 -80.61 -61.15
C VAL QB 60 68.46 -79.78 -59.86
N PRO QB 61 69.57 -79.20 -59.39
CA PRO QB 61 69.49 -78.32 -58.23
C PRO QB 61 68.67 -77.07 -58.52
N VAL QB 62 68.00 -76.57 -57.49
CA VAL QB 62 67.22 -75.34 -57.63
C VAL QB 62 68.07 -74.16 -58.09
N PRO QB 63 69.28 -73.92 -57.56
CA PRO QB 63 70.06 -72.78 -58.06
C PRO QB 63 70.37 -72.83 -59.55
N GLN QB 64 70.57 -74.02 -60.11
CA GLN QB 64 70.84 -74.14 -61.54
C GLN QB 64 69.61 -74.54 -62.34
N LEU QB 65 68.43 -74.53 -61.72
CA LEU QB 65 67.22 -74.81 -62.49
C LEU QB 65 67.01 -73.77 -63.59
N LYS QB 66 67.22 -72.49 -63.28
CA LYS QB 66 67.05 -71.45 -64.28
C LYS QB 66 68.07 -71.59 -65.41
N SER QB 67 69.31 -71.91 -65.08
CA SER QB 67 70.33 -72.12 -66.10
C SER QB 67 69.99 -73.33 -66.96
N PHE QB 68 69.45 -74.38 -66.36
CA PHE QB 68 69.00 -75.53 -67.15
C PHE QB 68 67.87 -75.15 -68.08
N GLN QB 69 66.92 -74.35 -67.59
CA GLN QB 69 65.80 -73.95 -68.43
C GLN QB 69 66.23 -73.06 -69.58
N LYS QB 70 67.25 -72.23 -69.36
CA LYS QB 70 67.69 -71.30 -70.40
C LYS QB 70 68.15 -72.03 -71.66
N ILE QB 71 68.67 -73.26 -71.51
CA ILE QB 71 69.10 -74.06 -72.65
C ILE QB 71 68.27 -75.33 -72.78
N GLN QB 72 67.19 -75.46 -72.01
CA GLN QB 72 66.48 -76.73 -71.92
C GLN QB 72 65.87 -77.14 -73.26
N VAL QB 73 65.28 -76.18 -73.99
CA VAL QB 73 64.65 -76.49 -75.27
C VAL QB 73 65.66 -77.05 -76.26
N ARG QB 74 66.95 -76.77 -76.07
CA ARG QB 74 67.97 -77.25 -76.99
C ARG QB 74 68.23 -78.73 -76.81
N LEU QB 75 68.60 -79.16 -75.60
CA LEU QB 75 69.12 -80.51 -75.41
C LEU QB 75 68.05 -81.56 -75.18
N VAL QB 76 66.78 -81.18 -75.09
CA VAL QB 76 65.73 -82.18 -74.96
C VAL QB 76 65.70 -83.08 -76.20
N ARG QB 77 65.82 -82.49 -77.38
CA ARG QB 77 65.82 -83.29 -78.60
C ARG QB 77 67.06 -84.18 -78.68
N GLU QB 78 68.21 -83.68 -78.21
CA GLU QB 78 69.41 -84.52 -78.20
C GLU QB 78 69.26 -85.71 -77.26
N LEU QB 79 68.70 -85.47 -76.08
CA LEU QB 79 68.46 -86.59 -75.16
C LEU QB 79 67.40 -87.54 -75.70
N GLU QB 80 66.43 -87.04 -76.46
CA GLU QB 80 65.46 -87.93 -77.09
C GLU QB 80 66.13 -88.78 -78.17
N LYS QB 81 67.05 -88.20 -78.93
CA LYS QB 81 67.81 -88.98 -79.89
C LYS QB 81 68.65 -90.05 -79.19
N LYS QB 82 69.26 -89.68 -78.06
CA LYS QB 82 70.03 -90.68 -77.30
C LYS QB 82 69.14 -91.79 -76.79
N PHE QB 83 67.98 -91.45 -76.24
CA PHE QB 83 66.98 -92.42 -75.80
C PHE QB 83 65.75 -92.22 -76.67
N SER QB 84 65.77 -92.83 -77.85
CA SER QB 84 64.63 -92.74 -78.76
C SER QB 84 63.40 -93.40 -78.16
N GLY QB 85 62.23 -92.81 -78.44
CA GLY QB 85 60.99 -93.31 -77.90
C GLY QB 85 60.72 -92.94 -76.46
N LYS QB 86 61.51 -92.03 -75.89
CA LYS QB 86 61.37 -91.63 -74.50
C LYS QB 86 61.31 -90.12 -74.43
N HIS QB 87 60.44 -89.61 -73.55
CA HIS QB 87 60.25 -88.18 -73.39
C HIS QB 87 61.02 -87.71 -72.15
N VAL QB 88 61.71 -86.59 -72.29
CA VAL QB 88 62.62 -86.07 -71.27
C VAL QB 88 61.96 -84.92 -70.55
N VAL QB 89 61.95 -84.96 -69.22
CA VAL QB 89 61.45 -83.84 -68.43
C VAL QB 89 62.48 -83.48 -67.38
N PHE QB 90 62.52 -82.19 -67.05
CA PHE QB 90 63.49 -81.65 -66.11
C PHE QB 90 62.75 -81.09 -64.89
N ILE QB 91 63.11 -81.61 -63.71
CA ILE QB 91 62.46 -81.24 -62.47
C ILE QB 91 63.53 -80.82 -61.48
N ALA QB 92 63.25 -79.79 -60.69
CA ALA QB 92 64.16 -79.37 -59.64
C ALA QB 92 63.79 -80.06 -58.33
N GLN QB 93 64.80 -80.58 -57.63
CA GLN QB 93 64.56 -81.18 -56.33
C GLN QB 93 64.34 -80.08 -55.29
N ARG QB 94 63.21 -80.16 -54.58
CA ARG QB 94 62.75 -79.06 -53.75
C ARG QB 94 62.73 -79.33 -52.26
N ARG QB 95 62.97 -80.58 -51.82
CA ARG QB 95 63.16 -80.91 -50.41
C ARG QB 95 61.97 -80.44 -49.57
N ILE QB 96 60.84 -81.14 -49.76
CA ILE QB 96 59.64 -80.84 -48.99
C ILE QB 96 59.94 -81.01 -47.51
N LEU QB 97 59.69 -79.95 -46.73
CA LEU QB 97 59.87 -80.03 -45.29
C LEU QB 97 58.56 -80.36 -44.61
N PRO QB 98 58.58 -81.26 -43.61
CA PRO QB 98 57.35 -81.66 -42.96
C PRO QB 98 56.69 -80.51 -42.21
N LYS QB 99 55.37 -80.55 -42.14
CA LYS QB 99 54.62 -79.54 -41.42
C LYS QB 99 54.91 -79.66 -39.93
N PRO QB 100 55.26 -78.58 -39.24
CA PRO QB 100 55.60 -78.67 -37.83
C PRO QB 100 54.41 -78.99 -36.95
N THR QB 101 54.40 -80.19 -36.38
CA THR QB 101 53.33 -80.63 -35.50
C THR QB 101 53.64 -80.24 -34.06
N ARG QB 102 52.85 -80.74 -33.12
CA ARG QB 102 53.08 -80.48 -31.71
C ARG QB 102 54.04 -81.47 -31.08
N LYS QB 103 54.56 -82.42 -31.84
CA LYS QB 103 55.45 -83.44 -31.29
C LYS QB 103 56.90 -83.13 -31.61
N LYS QB 107 67.72 -79.55 -30.41
CA LYS QB 107 66.34 -79.21 -30.14
C LYS QB 107 66.04 -77.78 -30.56
N ASN QB 108 66.37 -77.45 -31.81
CA ASN QB 108 66.23 -76.09 -32.31
C ASN QB 108 66.05 -76.15 -33.82
N LYS QB 109 64.82 -75.92 -34.28
CA LYS QB 109 64.51 -75.89 -35.69
C LYS QB 109 64.00 -74.50 -36.07
N GLN QB 110 64.35 -74.07 -37.28
CA GLN QB 110 63.98 -72.75 -37.76
C GLN QB 110 62.61 -72.79 -38.42
N LYS QB 111 62.03 -71.60 -38.60
CA LYS QB 111 60.73 -71.48 -39.24
C LYS QB 111 60.78 -72.02 -40.66
N ARG QB 112 59.80 -72.83 -41.00
CA ARG QB 112 59.79 -73.48 -42.30
C ARG QB 112 59.50 -72.45 -43.39
N PRO QB 113 60.39 -72.29 -44.37
CA PRO QB 113 60.11 -71.34 -45.46
C PRO QB 113 58.92 -71.80 -46.28
N ARG QB 114 58.19 -70.84 -46.83
CA ARG QB 114 57.01 -71.17 -47.62
C ARG QB 114 57.39 -71.93 -48.89
N SER QB 115 58.60 -71.70 -49.41
CA SER QB 115 59.05 -72.44 -50.58
C SER QB 115 59.21 -73.92 -50.27
N ARG QB 116 59.45 -74.26 -49.01
CA ARG QB 116 59.58 -75.65 -48.60
C ARG QB 116 58.25 -76.31 -48.29
N THR QB 117 57.16 -75.56 -48.26
CA THR QB 117 55.86 -76.16 -48.02
C THR QB 117 55.45 -77.02 -49.20
N LEU QB 118 54.58 -77.98 -48.92
CA LEU QB 118 54.32 -79.05 -49.89
C LEU QB 118 53.46 -78.56 -51.05
N THR QB 119 52.51 -77.66 -50.80
CA THR QB 119 51.75 -77.09 -51.91
C THR QB 119 52.64 -76.27 -52.83
N ALA QB 120 53.53 -75.47 -52.25
CA ALA QB 120 54.45 -74.66 -53.05
C ALA QB 120 55.38 -75.55 -53.87
N VAL QB 121 55.87 -76.63 -53.28
CA VAL QB 121 56.73 -77.54 -54.03
C VAL QB 121 55.96 -78.14 -55.19
N HIS QB 122 54.71 -78.54 -54.96
CA HIS QB 122 53.98 -79.24 -56.02
C HIS QB 122 53.61 -78.31 -57.16
N ASP QB 123 53.12 -77.11 -56.87
CA ASP QB 123 52.81 -76.26 -58.00
C ASP QB 123 54.07 -75.67 -58.64
N ALA QB 124 55.19 -75.58 -57.91
CA ALA QB 124 56.44 -75.19 -58.55
C ALA QB 124 56.94 -76.26 -59.51
N ILE QB 125 56.89 -77.53 -59.10
CA ILE QB 125 57.35 -78.59 -60.00
C ILE QB 125 56.37 -78.76 -61.16
N LEU QB 126 55.08 -78.50 -60.93
CA LEU QB 126 54.15 -78.46 -62.05
C LEU QB 126 54.50 -77.35 -63.01
N GLU QB 127 54.92 -76.19 -62.49
CA GLU QB 127 55.32 -75.08 -63.36
C GLU QB 127 56.55 -75.43 -64.18
N ASP QB 128 57.55 -76.05 -63.56
CA ASP QB 128 58.79 -76.33 -64.29
C ASP QB 128 58.73 -77.63 -65.10
N LEU QB 129 57.68 -78.43 -64.93
CA LEU QB 129 57.55 -79.65 -65.72
C LEU QB 129 57.18 -79.34 -67.17
N VAL QB 130 56.52 -78.20 -67.40
CA VAL QB 130 55.95 -77.89 -68.70
C VAL QB 130 56.68 -76.70 -69.31
N PHE QB 131 57.98 -76.60 -69.04
CA PHE QB 131 58.73 -75.37 -69.26
C PHE QB 131 58.57 -74.74 -70.65
N PRO QB 132 58.58 -75.47 -71.78
CA PRO QB 132 58.38 -74.78 -73.07
C PRO QB 132 57.10 -73.98 -73.13
N SER QB 133 56.08 -74.37 -72.38
CA SER QB 133 54.85 -73.60 -72.21
C SER QB 133 54.81 -73.01 -70.81
N GLU QB 134 53.70 -72.36 -70.50
CA GLU QB 134 53.48 -71.82 -69.16
C GLU QB 134 52.02 -72.03 -68.78
N ILE QB 135 51.77 -72.06 -67.48
CA ILE QB 135 50.41 -72.20 -66.96
C ILE QB 135 49.73 -70.84 -67.01
N VAL QB 136 48.62 -70.76 -67.74
CA VAL QB 136 47.82 -69.55 -67.78
C VAL QB 136 46.57 -69.64 -66.95
N GLY QB 137 46.30 -70.82 -66.37
CA GLY QB 137 45.13 -71.00 -65.53
C GLY QB 137 45.07 -72.39 -64.92
N LYS QB 138 44.45 -72.50 -63.77
CA LYS QB 138 44.34 -73.79 -63.08
C LYS QB 138 42.91 -73.95 -62.59
N ARG QB 139 42.38 -75.16 -62.75
CA ARG QB 139 41.05 -75.51 -62.27
C ARG QB 139 41.15 -76.82 -61.49
N ILE QB 140 40.35 -76.94 -60.44
CA ILE QB 140 40.31 -78.17 -59.66
C ILE QB 140 38.86 -78.62 -59.58
N ARG QB 141 38.58 -79.81 -60.09
CA ARG QB 141 37.25 -80.40 -60.08
C ARG QB 141 37.18 -81.50 -59.04
N VAL QB 142 36.15 -81.47 -58.21
CA VAL QB 142 35.90 -82.52 -57.23
C VAL QB 142 34.89 -83.49 -57.84
N LYS QB 143 35.34 -84.70 -58.15
CA LYS QB 143 34.58 -85.61 -59.02
C LYS QB 143 33.58 -86.45 -58.21
N LEU QB 144 32.70 -85.75 -57.52
CA LEU QB 144 31.46 -86.28 -56.92
C LEU QB 144 31.72 -87.27 -55.79
N ASP QB 145 32.98 -87.62 -55.50
CA ASP QB 145 33.27 -88.53 -54.41
C ASP QB 145 34.48 -88.10 -53.59
N GLY QB 146 34.89 -86.83 -53.71
CA GLY QB 146 36.02 -86.31 -52.99
C GLY QB 146 37.32 -86.33 -53.75
N SER QB 147 37.41 -87.14 -54.81
CA SER QB 147 38.60 -87.16 -55.63
C SER QB 147 38.75 -85.83 -56.38
N ARG QB 148 39.99 -85.39 -56.53
CA ARG QB 148 40.30 -84.12 -57.17
C ARG QB 148 41.03 -84.37 -58.48
N LEU QB 149 40.63 -83.64 -59.51
CA LEU QB 149 41.30 -83.65 -60.80
C LEU QB 149 41.66 -82.22 -61.16
N ILE QB 150 42.93 -81.98 -61.47
CA ILE QB 150 43.43 -80.63 -61.74
C ILE QB 150 43.59 -80.46 -63.23
N LYS QB 151 42.84 -79.52 -63.80
CA LYS QB 151 42.99 -79.14 -65.20
C LYS QB 151 43.93 -77.94 -65.29
N VAL QB 152 44.91 -78.03 -66.17
CA VAL QB 152 45.94 -77.01 -66.31
C VAL QB 152 45.84 -76.43 -67.71
N HIS QB 153 45.65 -75.12 -67.80
CA HIS QB 153 45.59 -74.42 -69.07
C HIS QB 153 46.99 -73.99 -69.47
N LEU QB 154 47.39 -74.34 -70.68
CA LEU QB 154 48.72 -74.03 -71.16
C LEU QB 154 48.69 -72.75 -72.00
N ASP QB 155 49.87 -72.39 -72.52
CA ASP QB 155 50.04 -71.06 -73.12
C ASP QB 155 49.18 -70.88 -74.37
N LYS QB 156 49.12 -71.90 -75.23
CA LYS QB 156 48.46 -71.88 -76.54
C LYS QB 156 49.26 -71.02 -77.53
N ALA QB 157 50.27 -70.30 -77.02
CA ALA QB 157 51.16 -69.56 -77.91
C ALA QB 157 51.94 -70.50 -78.80
N GLN QB 158 52.33 -71.65 -78.27
CA GLN QB 158 52.97 -72.70 -79.04
C GLN QB 158 52.16 -73.99 -78.90
N GLN QB 159 52.12 -74.76 -79.98
CA GLN QB 159 51.40 -76.03 -80.00
C GLN QB 159 52.12 -77.14 -80.74
N ASN QB 160 53.41 -77.00 -81.01
CA ASN QB 160 54.09 -77.96 -81.87
C ASN QB 160 54.99 -78.93 -81.11
N ASN QB 161 55.46 -78.57 -79.92
CA ASN QB 161 56.43 -79.38 -79.20
C ASN QB 161 55.96 -79.80 -77.82
N VAL QB 162 54.67 -79.64 -77.52
CA VAL QB 162 54.12 -80.05 -76.23
C VAL QB 162 52.88 -80.93 -76.34
N GLU QB 163 52.12 -80.84 -77.44
CA GLU QB 163 50.82 -81.51 -77.52
C GLU QB 163 50.95 -83.02 -77.42
N HIS QB 164 52.11 -83.58 -77.75
CA HIS QB 164 52.33 -85.02 -77.66
C HIS QB 164 52.81 -85.45 -76.29
N LYS QB 165 53.15 -84.51 -75.41
CA LYS QB 165 53.72 -84.84 -74.10
C LYS QB 165 52.74 -84.62 -72.96
N VAL QB 166 51.47 -84.35 -73.23
CA VAL QB 166 50.53 -84.11 -72.15
C VAL QB 166 50.27 -85.40 -71.36
N GLU QB 167 50.20 -86.54 -72.05
CA GLU QB 167 50.02 -87.81 -71.37
C GLU QB 167 51.22 -88.13 -70.48
N THR QB 168 52.43 -87.89 -70.99
CA THR QB 168 53.63 -88.11 -70.19
C THR QB 168 53.69 -87.16 -69.01
N PHE QB 169 53.26 -85.91 -69.21
CA PHE QB 169 53.22 -84.95 -68.13
C PHE QB 169 52.27 -85.40 -67.03
N SER QB 170 51.09 -85.86 -67.41
CA SER QB 170 50.14 -86.39 -66.44
C SER QB 170 50.71 -87.61 -65.73
N GLY QB 171 51.38 -88.48 -66.47
CA GLY QB 171 51.95 -89.67 -65.85
C GLY QB 171 53.02 -89.35 -64.84
N VAL QB 172 53.95 -88.45 -65.19
CA VAL QB 172 55.02 -88.12 -64.26
C VAL QB 172 54.48 -87.36 -63.06
N TYR QB 173 53.48 -86.50 -63.27
CA TYR QB 173 52.89 -85.79 -62.13
C TYR QB 173 52.17 -86.75 -61.20
N LYS QB 174 51.48 -87.75 -61.74
CA LYS QB 174 50.87 -88.76 -60.90
C LYS QB 174 51.91 -89.60 -60.18
N LYS QB 175 53.04 -89.87 -60.86
CA LYS QB 175 54.08 -90.71 -60.27
C LYS QB 175 54.74 -90.03 -59.08
N LEU QB 176 55.19 -88.78 -59.26
CA LEU QB 176 55.96 -88.12 -58.22
C LEU QB 176 55.16 -87.10 -57.43
N THR QB 177 53.87 -87.02 -57.63
CA THR QB 177 53.02 -86.14 -56.84
C THR QB 177 51.81 -86.86 -56.25
N GLY QB 178 51.21 -87.77 -57.00
CA GLY QB 178 50.12 -88.58 -56.50
C GLY QB 178 48.73 -88.09 -56.83
N LYS QB 179 48.59 -87.04 -57.63
CA LYS QB 179 47.29 -86.50 -57.98
C LYS QB 179 47.10 -86.45 -59.48
N ASP QB 180 45.84 -86.50 -59.90
CA ASP QB 180 45.49 -86.58 -61.31
C ASP QB 180 45.40 -85.19 -61.92
N VAL QB 181 46.12 -84.98 -63.01
CA VAL QB 181 46.17 -83.70 -63.70
C VAL QB 181 45.99 -83.92 -65.19
N ASN QB 182 45.10 -83.16 -65.80
CA ASN QB 182 44.94 -83.10 -67.24
C ASN QB 182 45.42 -81.74 -67.73
N PHE QB 183 45.88 -81.71 -68.98
CA PHE QB 183 46.41 -80.49 -69.59
C PHE QB 183 45.60 -80.15 -70.82
N GLU QB 184 45.29 -78.87 -70.99
CA GLU QB 184 44.48 -78.45 -72.11
C GLU QB 184 44.90 -77.05 -72.56
N PHE QB 185 44.59 -76.75 -73.81
CA PHE QB 185 44.93 -75.48 -74.43
C PHE QB 185 43.68 -74.66 -74.66
N PRO QB 186 43.47 -73.56 -73.96
CA PRO QB 186 42.29 -72.73 -74.18
C PRO QB 186 42.49 -71.85 -75.41
N GLU QB 187 41.45 -71.10 -75.75
CA GLU QB 187 41.50 -70.17 -76.86
C GLU QB 187 42.14 -68.86 -76.40
N PHE QB 188 42.05 -67.83 -77.23
CA PHE QB 188 42.64 -66.54 -76.90
C PHE QB 188 41.95 -65.91 -75.69
N GLN QB 189 42.70 -65.11 -74.97
CA GLN QB 189 42.21 -64.51 -73.73
C GLN QB 189 42.20 -62.99 -73.81
N GLY RB 1 42.49 -57.20 23.05
CA GLY RB 1 43.71 -56.47 23.33
C GLY RB 1 44.47 -56.12 22.08
N ILE RB 2 45.80 -56.14 22.15
CA ILE RB 2 46.62 -55.93 20.98
C ILE RB 2 46.36 -57.07 20.00
N SER RB 3 45.94 -56.73 18.80
CA SER RB 3 45.51 -57.72 17.82
C SER RB 3 46.46 -57.75 16.64
N ARG RB 4 46.71 -58.94 16.11
CA ARG RB 4 47.59 -59.16 14.98
C ARG RB 4 46.82 -59.59 13.74
N ASP RB 5 45.54 -59.22 13.66
CA ASP RB 5 44.71 -59.65 12.57
C ASP RB 5 45.09 -58.93 11.27
N ASN RB 6 44.60 -59.47 10.16
CA ASN RB 6 44.77 -58.83 8.87
C ASN RB 6 43.53 -58.07 8.42
N TRP RB 7 42.39 -58.27 9.08
CA TRP RB 7 41.15 -57.70 8.60
C TRP RB 7 40.91 -56.28 9.07
N HIS RB 8 41.77 -55.75 9.92
CA HIS RB 8 41.68 -54.34 10.26
C HIS RB 8 42.40 -53.44 9.27
N LYS RB 9 43.13 -54.02 8.33
CA LYS RB 9 43.85 -53.26 7.32
C LYS RB 9 42.97 -53.02 6.11
N ARG RB 10 43.29 -51.96 5.37
CA ARG RB 10 42.60 -51.68 4.12
C ARG RB 10 42.94 -52.73 3.08
N ARG RB 11 42.03 -52.90 2.13
CA ARG RB 11 42.28 -53.84 1.04
C ARG RB 11 43.38 -53.32 0.14
N LYS RB 12 43.89 -54.21 -0.72
CA LYS RB 12 44.94 -53.83 -1.65
C LYS RB 12 44.47 -52.73 -2.59
N THR RB 13 43.21 -52.78 -3.01
CA THR RB 13 42.63 -51.73 -3.84
C THR RB 13 42.46 -50.42 -3.10
N GLY RB 14 42.59 -50.42 -1.78
CA GLY RB 14 42.39 -49.23 -0.97
C GLY RB 14 41.06 -49.15 -0.29
N GLY RB 15 40.17 -50.10 -0.51
CA GLY RB 15 38.87 -50.06 0.11
C GLY RB 15 38.93 -50.44 1.58
N LYS RB 16 37.92 -49.96 2.32
CA LYS RB 16 37.82 -50.25 3.73
C LYS RB 16 37.13 -51.60 3.93
N ARG RB 17 37.71 -52.43 4.79
CA ARG RB 17 37.17 -53.74 5.09
C ARG RB 17 36.31 -53.69 6.33
N LYS RB 18 35.25 -54.49 6.35
CA LYS RB 18 34.35 -54.57 7.50
C LYS RB 18 34.54 -55.89 8.21
N PRO RB 19 34.77 -55.89 9.52
CA PRO RB 19 35.02 -57.16 10.23
C PRO RB 19 33.74 -57.98 10.35
N TYR RB 20 33.84 -59.26 10.04
CA TYR RB 20 32.72 -60.16 10.18
C TYR RB 20 32.70 -60.89 11.51
N HIS RB 21 33.70 -60.66 12.36
CA HIS RB 21 33.69 -61.17 13.72
C HIS RB 21 34.47 -60.22 14.61
N LYS RB 22 34.24 -60.33 15.91
CA LYS RB 22 35.02 -59.57 16.86
C LYS RB 22 36.40 -60.21 17.02
N LYS RB 23 37.24 -59.59 17.85
CA LYS RB 23 38.61 -60.06 18.01
C LYS RB 23 38.63 -61.45 18.62
N ARG RB 24 39.42 -62.32 18.02
CA ARG RB 24 39.62 -63.68 18.53
C ARG RB 24 40.91 -63.75 19.31
N LYS RB 25 41.00 -64.74 20.19
CA LYS RB 25 42.18 -64.84 21.05
C LYS RB 25 43.41 -65.24 20.26
N TYR RB 26 43.28 -66.19 19.33
CA TYR RB 26 44.45 -66.71 18.65
C TYR RB 26 45.17 -65.64 17.83
N GLU RB 27 44.49 -64.58 17.43
CA GLU RB 27 45.13 -63.46 16.76
C GLU RB 27 45.46 -62.32 17.73
N LEU RB 28 46.14 -62.63 18.83
CA LEU RB 28 46.46 -61.62 19.82
C LEU RB 28 47.90 -61.15 19.66
N GLY RB 29 48.19 -60.03 20.31
CA GLY RB 29 49.55 -59.59 20.48
C GLY RB 29 49.80 -59.25 21.94
N ARG RB 30 51.07 -59.17 22.28
CA ARG RB 30 51.48 -58.90 23.65
C ARG RB 30 52.47 -57.74 23.65
N PRO RB 31 52.59 -57.03 24.78
CA PRO RB 31 53.51 -55.89 24.83
C PRO RB 31 54.95 -56.33 24.60
N ALA RB 32 55.74 -55.43 24.02
CA ALA RB 32 57.13 -55.74 23.72
C ALA RB 32 57.91 -55.98 25.01
N ALA RB 33 58.86 -56.91 24.95
CA ALA RB 33 59.68 -57.20 26.11
C ALA RB 33 60.55 -56.02 26.49
N ASN RB 34 61.14 -55.36 25.49
CA ASN RB 34 62.03 -54.23 25.69
C ASN RB 34 63.18 -54.60 26.63
N THR RB 35 63.99 -55.55 26.18
CA THR RB 35 65.09 -56.07 26.99
C THR RB 35 66.15 -55.02 27.21
N LYS RB 36 66.37 -54.65 28.46
CA LYS RB 36 67.42 -53.71 28.83
C LYS RB 36 68.63 -54.47 29.34
N ILE RB 37 69.62 -53.73 29.81
CA ILE RB 37 70.85 -54.31 30.35
C ILE RB 37 70.84 -54.12 31.86
N GLY RB 38 71.00 -55.20 32.60
CA GLY RB 38 71.02 -55.16 34.04
C GLY RB 38 71.03 -56.55 34.63
N PRO RB 39 70.84 -56.64 35.95
CA PRO RB 39 70.77 -57.96 36.57
C PRO RB 39 69.61 -58.78 36.00
N ARG RB 40 69.82 -60.09 35.93
CA ARG RB 40 68.91 -60.96 35.20
C ARG RB 40 67.48 -60.86 35.71
N ARG RB 41 66.54 -60.68 34.79
CA ARG RB 41 65.12 -60.69 35.11
C ARG RB 41 64.40 -61.29 33.92
N ILE RB 42 63.74 -62.42 34.13
CA ILE RB 42 63.03 -63.12 33.07
C ILE RB 42 61.65 -63.48 33.57
N HIS RB 43 60.62 -63.13 32.80
CA HIS RB 43 59.24 -63.44 33.13
C HIS RB 43 58.73 -64.52 32.20
N THR RB 44 58.13 -65.56 32.79
CA THR RB 44 57.55 -66.63 32.00
C THR RB 44 56.13 -66.27 31.59
N VAL RB 45 55.83 -66.41 30.31
CA VAL RB 45 54.48 -66.21 29.81
C VAL RB 45 54.00 -67.48 29.13
N ARG RB 46 52.74 -67.80 29.35
CA ARG RB 46 52.10 -68.95 28.70
C ARG RB 46 51.62 -68.54 27.32
N VAL RB 47 51.88 -69.39 26.32
CA VAL RB 47 51.53 -69.05 24.95
C VAL RB 47 50.57 -70.10 24.40
N ARG RB 48 50.23 -69.98 23.13
CA ARG RB 48 49.30 -70.91 22.48
C ARG RB 48 49.80 -72.33 22.62
N GLY RB 49 48.89 -73.25 22.92
CA GLY RB 49 49.24 -74.63 23.10
C GLY RB 49 49.78 -74.99 24.46
N GLY RB 50 49.75 -74.04 25.41
CA GLY RB 50 50.29 -74.31 26.72
C GLY RB 50 51.80 -74.24 26.81
N ASN RB 51 52.47 -73.83 25.75
CA ASN RB 51 53.92 -73.75 25.75
C ASN RB 51 54.38 -72.50 26.48
N LYS RB 52 55.69 -72.33 26.55
CA LYS RB 52 56.31 -71.35 27.43
C LYS RB 52 57.17 -70.39 26.61
N LYS RB 53 57.12 -69.10 26.96
CA LYS RB 53 58.01 -68.11 26.39
C LYS RB 53 58.66 -67.32 27.51
N TYR RB 54 59.87 -66.85 27.26
CA TYR RB 54 60.67 -66.15 28.25
C TYR RB 54 60.85 -64.70 27.82
N ARG RB 55 60.25 -63.78 28.57
CA ARG RB 55 60.48 -62.35 28.38
C ARG RB 55 61.71 -61.98 29.18
N ALA RB 56 62.82 -61.76 28.49
CA ALA RB 56 64.02 -61.26 29.16
C ALA RB 56 63.84 -59.76 29.32
N LEU RB 57 63.45 -59.31 30.51
CA LEU RB 57 63.33 -57.88 30.74
C LEU RB 57 64.69 -57.23 30.92
N ARG RB 58 65.60 -57.91 31.60
CA ARG RB 58 66.96 -57.41 31.81
C ARG RB 58 67.94 -58.55 31.63
N LEU RB 59 69.02 -58.29 30.90
CA LEU RB 59 70.08 -59.28 30.70
C LEU RB 59 71.43 -58.59 30.84
N ASP RB 60 72.40 -59.34 31.37
CA ASP RB 60 73.76 -58.84 31.48
C ASP RB 60 74.81 -59.77 30.91
N VAL RB 61 74.50 -61.05 30.71
CA VAL RB 61 75.46 -62.02 30.17
C VAL RB 61 74.81 -62.71 28.98
N GLY RB 62 75.66 -63.20 28.08
CA GLY RB 62 75.17 -63.91 26.92
C GLY RB 62 76.26 -64.78 26.35
N ASN RB 63 75.84 -65.80 25.61
CA ASN RB 63 76.77 -66.73 24.98
C ASN RB 63 77.10 -66.23 23.59
N PHE RB 64 78.36 -65.87 23.37
CA PHE RB 64 78.80 -65.35 22.08
C PHE RB 64 79.91 -66.24 21.53
N SER RB 65 79.87 -66.44 20.21
CA SER RB 65 80.81 -67.31 19.52
C SER RB 65 81.73 -66.47 18.64
N TRP RB 66 83.03 -66.71 18.74
CA TRP RB 66 83.99 -66.03 17.89
C TRP RB 66 83.77 -66.38 16.42
N GLY RB 67 83.60 -67.65 16.13
CA GLY RB 67 83.35 -68.07 14.75
C GLY RB 67 84.59 -68.46 14.00
N SER RB 68 85.51 -67.51 13.77
CA SER RB 68 86.75 -67.85 13.10
C SER RB 68 87.60 -68.79 13.93
N GLU RB 69 87.64 -68.59 15.25
CA GLU RB 69 88.39 -69.45 16.15
C GLU RB 69 87.55 -70.59 16.70
N CYS RB 70 86.24 -70.60 16.43
CA CYS RB 70 85.31 -71.60 16.97
C CYS RB 70 85.38 -71.66 18.49
N CYS RB 71 85.50 -70.48 19.12
CA CYS RB 71 85.54 -70.35 20.57
C CYS RB 71 84.24 -69.70 21.00
N THR RB 72 83.40 -70.45 21.73
CA THR RB 72 82.10 -69.96 22.16
C THR RB 72 82.12 -69.84 23.68
N ARG RB 73 81.92 -68.63 24.18
CA ARG RB 73 82.04 -68.36 25.61
C ARG RB 73 80.85 -67.57 26.12
N LYS RB 74 80.56 -67.74 27.40
CA LYS RB 74 79.53 -66.96 28.09
C LYS RB 74 80.19 -65.73 28.68
N THR RB 75 79.92 -64.57 28.08
CA THR RB 75 80.57 -63.32 28.46
C THR RB 75 79.52 -62.34 28.95
N ARG RB 76 79.98 -61.12 29.26
CA ARG RB 76 79.15 -60.08 29.85
C ARG RB 76 78.94 -58.97 28.83
N ILE RB 77 77.69 -58.54 28.68
CA ILE RB 77 77.35 -57.46 27.76
C ILE RB 77 77.50 -56.14 28.50
N ILE RB 78 78.25 -55.21 27.90
CA ILE RB 78 78.45 -53.90 28.51
C ILE RB 78 77.36 -52.93 28.07
N ASP RB 79 77.28 -52.65 26.77
CA ASP RB 79 76.28 -51.70 26.29
C ASP RB 79 76.04 -51.93 24.81
N VAL RB 80 75.00 -51.26 24.30
CA VAL RB 80 74.61 -51.33 22.91
C VAL RB 80 75.20 -50.14 22.17
N VAL RB 81 75.82 -50.39 21.03
CA VAL RB 81 76.53 -49.35 20.30
C VAL RB 81 75.85 -48.99 18.99
N TYR RB 82 75.05 -49.87 18.40
CA TYR RB 82 74.41 -49.58 17.14
C TYR RB 82 73.20 -50.47 16.96
N ASN RB 83 72.20 -49.96 16.24
CA ASN RB 83 70.99 -50.70 15.94
C ASN RB 83 70.48 -50.23 14.60
N ALA RB 84 70.27 -51.17 13.67
CA ALA RB 84 69.87 -50.80 12.32
C ALA RB 84 68.44 -50.28 12.27
N SER RB 85 67.58 -50.72 13.18
CA SER RB 85 66.19 -50.30 13.12
C SER RB 85 66.00 -48.89 13.67
N ASN RB 86 66.32 -48.68 14.94
CA ASN RB 86 66.05 -47.42 15.60
C ASN RB 86 67.25 -46.98 16.43
N ASN RB 87 67.53 -45.68 16.38
CA ASN RB 87 68.57 -45.08 17.20
C ASN RB 87 68.11 -44.94 18.65
N GLU RB 88 66.79 -44.83 18.85
CA GLU RB 88 66.24 -44.78 20.20
C GLU RB 88 66.56 -46.04 20.98
N LEU RB 89 66.64 -47.19 20.30
CA LEU RB 89 67.00 -48.42 20.96
C LEU RB 89 68.44 -48.38 21.48
N VAL RB 90 69.35 -47.79 20.70
CA VAL RB 90 70.71 -47.61 21.19
C VAL RB 90 70.72 -46.68 22.38
N ARG RB 91 69.97 -45.58 22.31
CA ARG RB 91 70.00 -44.62 23.40
C ARG RB 91 69.44 -45.23 24.68
N THR RB 92 68.39 -46.02 24.58
CA THR RB 92 67.80 -46.68 25.74
C THR RB 92 68.51 -47.97 26.12
N LYS RB 93 69.51 -48.39 25.33
CA LYS RB 93 70.29 -49.60 25.60
C LYS RB 93 69.39 -50.84 25.64
N THR RB 94 68.63 -51.01 24.55
CA THR RB 94 67.68 -52.11 24.42
C THR RB 94 68.32 -53.24 23.63
N LEU RB 95 68.23 -54.45 24.15
CA LEU RB 95 68.79 -55.63 23.49
C LEU RB 95 67.71 -56.26 22.62
N VAL RB 96 67.93 -56.25 21.30
CA VAL RB 96 67.02 -56.89 20.36
C VAL RB 96 67.83 -57.84 19.49
N LYS RB 97 67.18 -58.43 18.49
CA LYS RB 97 67.79 -59.56 17.78
C LYS RB 97 69.04 -59.15 17.01
N ASN RB 98 69.03 -57.99 16.36
CA ASN RB 98 70.12 -57.65 15.46
C ASN RB 98 71.00 -56.50 15.95
N CYS RB 99 70.73 -55.95 17.11
CA CYS RB 99 71.57 -54.87 17.62
C CYS RB 99 72.94 -55.40 17.98
N ILE RB 100 73.97 -54.60 17.72
CA ILE RB 100 75.34 -54.98 18.04
C ILE RB 100 75.75 -54.32 19.34
N VAL RB 101 76.44 -55.07 20.17
CA VAL RB 101 76.72 -54.70 21.55
C VAL RB 101 78.22 -54.84 21.81
N LEU RB 102 78.64 -54.35 22.97
CA LEU RB 102 80.01 -54.49 23.43
C LEU RB 102 80.03 -55.58 24.51
N ILE RB 103 80.88 -56.58 24.31
CA ILE RB 103 80.97 -57.71 25.22
C ILE RB 103 82.40 -57.81 25.74
N ASP RB 104 82.53 -58.42 26.91
CA ASP RB 104 83.84 -58.59 27.52
C ASP RB 104 84.66 -59.60 26.73
N SER RB 105 85.91 -59.25 26.45
CA SER RB 105 86.81 -60.09 25.68
C SER RB 105 87.65 -61.00 26.55
N THR RB 106 87.42 -61.00 27.85
CA THR RB 106 88.28 -61.77 28.76
C THR RB 106 88.27 -63.26 28.50
N PRO RB 107 87.12 -63.95 28.33
CA PRO RB 107 87.20 -65.40 28.08
C PRO RB 107 87.84 -65.74 26.75
N TYR RB 108 87.59 -64.95 25.72
CA TYR RB 108 88.24 -65.18 24.42
C TYR RB 108 89.75 -64.98 24.52
N ARG RB 109 90.16 -63.95 25.25
CA ARG RB 109 91.60 -63.75 25.48
C ARG RB 109 92.19 -64.96 26.19
N GLN RB 110 91.55 -65.41 27.27
CA GLN RB 110 92.08 -66.53 28.04
C GLN RB 110 92.18 -67.79 27.19
N TRP RB 111 91.16 -68.06 26.38
CA TRP RB 111 91.22 -69.20 25.47
C TRP RB 111 92.36 -69.02 24.47
N TYR RB 112 92.57 -67.79 24.01
CA TYR RB 112 93.64 -67.54 23.04
C TYR RB 112 95.00 -67.87 23.64
N GLU RB 113 95.27 -67.42 24.87
CA GLU RB 113 96.55 -67.80 25.47
C GLU RB 113 96.62 -69.29 25.76
N SER RB 114 95.53 -69.88 26.24
CA SER RB 114 95.57 -71.29 26.62
C SER RB 114 95.66 -72.21 25.42
N HIS RB 115 95.30 -71.74 24.22
CA HIS RB 115 95.35 -72.57 23.03
C HIS RB 115 96.53 -72.26 22.12
N TYR RB 116 96.93 -70.99 22.01
CA TYR RB 116 97.99 -70.61 21.09
C TYR RB 116 99.28 -70.22 21.78
N ALA RB 117 99.22 -69.89 23.07
CA ALA RB 117 100.38 -69.43 23.84
C ALA RB 117 101.00 -68.16 23.23
N LEU RB 118 100.13 -67.22 22.84
CA LEU RB 118 100.56 -65.90 22.42
C LEU RB 118 99.94 -64.85 23.33
N PRO RB 119 100.66 -63.75 23.59
CA PRO RB 119 100.03 -62.61 24.26
C PRO RB 119 98.92 -62.03 23.39
N LEU RB 120 97.85 -61.58 24.03
CA LEU RB 120 96.75 -60.95 23.32
C LEU RB 120 96.15 -59.89 24.24
N GLY RB 121 96.08 -58.65 23.76
CA GLY RB 121 95.56 -57.56 24.56
C GLY RB 121 96.55 -56.98 25.54
N ARG RB 122 97.66 -57.66 25.81
CA ARG RB 122 98.67 -57.13 26.72
C ARG RB 122 99.44 -56.00 26.04
N LYS RB 123 99.97 -55.09 26.87
CA LYS RB 123 100.74 -53.97 26.38
C LYS RB 123 102.25 -54.22 26.50
N LYS RB 124 102.73 -54.49 27.71
CA LYS RB 124 104.16 -54.70 27.94
C LYS RB 124 104.47 -55.94 28.74
N GLY RB 125 103.48 -56.62 29.32
CA GLY RB 125 103.73 -57.83 30.07
C GLY RB 125 104.30 -57.54 31.45
N ALA RB 126 104.72 -58.62 32.11
CA ALA RB 126 105.26 -58.58 33.47
C ALA RB 126 104.29 -57.91 34.44
N LYS RB 127 103.01 -58.24 34.30
CA LYS RB 127 101.96 -57.67 35.14
C LYS RB 127 101.13 -58.71 35.88
N LEU RB 128 101.12 -59.95 35.43
CA LEU RB 128 100.38 -61.04 36.06
C LEU RB 128 101.27 -62.27 36.18
N THR RB 129 102.51 -62.05 36.64
CA THR RB 129 103.54 -63.09 36.57
C THR RB 129 103.19 -64.41 37.28
N PRO RB 130 102.57 -64.46 38.45
CA PRO RB 130 102.33 -65.78 39.08
C PRO RB 130 101.42 -66.71 38.28
N GLU RB 131 100.81 -66.24 37.19
CA GLU RB 131 99.97 -67.08 36.35
C GLU RB 131 100.49 -67.18 34.93
N GLU RB 132 100.83 -66.04 34.30
CA GLU RB 132 101.25 -66.06 32.90
C GLU RB 132 102.64 -66.62 32.72
N GLU RB 133 103.49 -66.60 33.76
CA GLU RB 133 104.79 -67.24 33.65
C GLU RB 133 104.64 -68.75 33.46
N GLU RB 134 103.63 -69.36 34.07
CA GLU RB 134 103.39 -70.78 33.85
C GLU RB 134 102.94 -71.04 32.42
N ILE RB 135 102.07 -70.20 31.87
CA ILE RB 135 101.53 -70.47 30.55
C ILE RB 135 102.47 -70.08 29.43
N LEU RB 136 103.47 -69.21 29.69
CA LEU RB 136 104.42 -68.92 28.63
C LEU RB 136 105.41 -70.07 28.43
N ASN RB 137 105.87 -70.68 29.53
CA ASN RB 137 106.89 -71.72 29.47
C ASN RB 137 106.28 -73.11 29.47
N LYS RB 138 105.54 -73.46 30.52
CA LYS RB 138 104.92 -74.76 30.75
C LYS RB 138 105.95 -75.88 30.90
N LYS RB 139 107.23 -75.54 30.80
CA LYS RB 139 108.39 -76.45 30.84
C LYS RB 139 108.10 -77.76 30.12
N ARG RB 140 107.43 -77.68 28.97
CA ARG RB 140 106.85 -78.88 28.41
C ARG RB 140 107.87 -79.66 27.57
N SER RB 141 107.43 -80.82 27.10
CA SER RB 141 108.31 -81.77 26.44
C SER RB 141 108.38 -81.46 24.95
N LYS RB 142 109.18 -82.26 24.23
CA LYS RB 142 109.42 -82.01 22.81
C LYS RB 142 108.15 -82.16 22.00
N LYS RB 143 107.33 -83.17 22.30
CA LYS RB 143 106.12 -83.41 21.51
C LYS RB 143 105.09 -82.31 21.73
N ILE RB 144 104.92 -81.89 22.99
CA ILE RB 144 103.97 -80.81 23.28
C ILE RB 144 104.44 -79.51 22.64
N GLN RB 145 105.74 -79.22 22.72
CA GLN RB 145 106.25 -78.02 22.06
C GLN RB 145 106.14 -78.12 20.55
N LYS RB 146 106.25 -79.33 19.99
CA LYS RB 146 106.03 -79.51 18.56
C LYS RB 146 104.60 -79.19 18.19
N LYS RB 147 103.64 -79.65 19.00
CA LYS RB 147 102.24 -79.28 18.76
C LYS RB 147 102.04 -77.78 18.84
N TYR RB 148 102.64 -77.15 19.84
CA TYR RB 148 102.41 -75.72 20.04
C TYR RB 148 103.04 -74.88 18.94
N ASP RB 149 104.28 -75.18 18.54
CA ASP RB 149 104.85 -74.39 17.46
C ASP RB 149 104.35 -74.82 16.09
N GLU RB 150 103.65 -75.96 16.00
CA GLU RB 150 102.84 -76.22 14.82
C GLU RB 150 101.63 -75.29 14.78
N ARG RB 151 101.04 -75.04 15.95
CA ARG RB 151 99.89 -74.13 16.02
C ARG RB 151 100.27 -72.65 15.99
N LYS RB 152 101.55 -72.33 16.18
CA LYS RB 152 101.95 -70.91 16.17
C LYS RB 152 101.78 -70.26 14.81
N LYS RB 153 101.98 -71.01 13.72
CA LYS RB 153 102.10 -70.38 12.40
C LYS RB 153 100.81 -69.70 11.97
N ASN RB 154 99.66 -70.29 12.28
CA ASN RB 154 98.37 -69.71 11.92
C ASN RB 154 97.74 -68.93 13.08
N ALA RB 155 98.56 -68.37 13.96
CA ALA RB 155 98.07 -67.56 15.08
C ALA RB 155 98.01 -66.09 14.72
N LYS RB 156 97.38 -65.77 13.60
CA LYS RB 156 97.27 -64.41 13.12
C LYS RB 156 95.86 -63.89 13.37
N ILE RB 157 95.76 -62.73 13.99
CA ILE RB 157 94.48 -62.10 14.29
C ILE RB 157 94.45 -60.75 13.57
N SER RB 158 93.28 -60.40 13.04
CA SER RB 158 93.13 -59.13 12.33
C SER RB 158 93.46 -57.96 13.24
N SER RB 159 93.97 -56.88 12.65
CA SER RB 159 94.34 -55.71 13.42
C SER RB 159 93.14 -55.08 14.11
N LEU RB 160 91.95 -55.19 13.51
CA LEU RB 160 90.75 -54.65 14.12
C LEU RB 160 90.42 -55.39 15.41
N LEU RB 161 90.42 -56.72 15.35
CA LEU RB 161 90.20 -57.51 16.56
C LEU RB 161 91.31 -57.30 17.58
N GLU RB 162 92.56 -57.11 17.11
CA GLU RB 162 93.65 -56.85 18.03
C GLU RB 162 93.44 -55.54 18.78
N GLU RB 163 93.02 -54.49 18.08
CA GLU RB 163 92.72 -53.22 18.73
C GLU RB 163 91.56 -53.36 19.72
N GLN RB 164 90.54 -54.14 19.35
CA GLN RB 164 89.44 -54.36 20.27
C GLN RB 164 89.89 -55.10 21.53
N PHE RB 165 90.79 -56.08 21.36
CA PHE RB 165 91.31 -56.80 22.52
C PHE RB 165 92.17 -55.88 23.38
N GLN RB 166 92.92 -54.97 22.76
CA GLN RB 166 93.65 -53.98 23.54
C GLN RB 166 92.71 -53.10 24.35
N GLN RB 167 91.61 -52.67 23.74
CA GLN RB 167 90.60 -51.91 24.47
C GLN RB 167 89.90 -52.74 25.53
N GLY RB 168 89.92 -54.06 25.40
CA GLY RB 168 89.31 -54.94 26.38
C GLY RB 168 87.86 -55.29 26.12
N LYS RB 169 87.26 -54.76 25.06
CA LYS RB 169 85.87 -55.02 24.73
C LYS RB 169 85.75 -55.37 23.25
N LEU RB 170 85.13 -56.49 22.95
CA LEU RB 170 84.80 -56.82 21.57
C LEU RB 170 83.41 -56.28 21.26
N LEU RB 171 83.11 -56.15 19.98
CA LEU RB 171 81.76 -55.78 19.56
C LEU RB 171 81.17 -56.91 18.73
N ALA RB 172 79.96 -57.32 19.09
CA ALA RB 172 79.37 -58.55 18.60
C ALA RB 172 77.90 -58.33 18.28
N CYS RB 173 77.39 -59.12 17.34
CA CYS RB 173 76.00 -59.03 16.93
C CYS RB 173 75.19 -60.11 17.61
N ILE RB 174 74.07 -59.71 18.23
CA ILE RB 174 73.15 -60.69 18.81
C ILE RB 174 72.53 -61.50 17.67
N ALA RB 175 72.19 -62.75 17.97
CA ALA RB 175 71.52 -63.61 17.02
C ALA RB 175 70.19 -64.15 17.53
N SER RB 176 70.07 -64.38 18.83
CA SER RB 176 68.82 -64.83 19.40
C SER RB 176 67.86 -63.67 19.56
N ARG RB 177 66.63 -63.99 19.95
CA ARG RB 177 65.59 -62.98 20.15
C ARG RB 177 65.21 -62.93 21.62
N PRO RB 178 65.77 -61.99 22.39
CA PRO RB 178 65.29 -61.81 23.77
C PRO RB 178 63.84 -61.38 23.76
N GLY RB 179 63.10 -61.85 24.77
CA GLY RB 179 61.67 -61.68 24.77
C GLY RB 179 60.93 -62.81 24.09
N GLN RB 180 61.63 -63.71 23.43
CA GLN RB 180 61.08 -64.95 22.92
C GLN RB 180 61.77 -66.17 23.52
N CYS RB 181 63.09 -66.13 23.66
CA CYS RB 181 63.84 -67.20 24.31
C CYS RB 181 64.45 -66.78 25.63
N GLY RB 182 64.46 -65.49 25.93
CA GLY RB 182 64.97 -65.03 27.21
C GLY RB 182 66.47 -64.99 27.34
N ARG RB 183 67.20 -65.08 26.23
CA ARG RB 183 68.65 -65.07 26.28
C ARG RB 183 69.19 -64.23 25.13
N ALA RB 184 70.47 -63.91 25.21
CA ALA RB 184 71.09 -62.96 24.30
C ALA RB 184 72.30 -63.53 23.61
N ASP RB 185 72.16 -64.72 23.02
CA ASP RB 185 73.27 -65.35 22.32
C ASP RB 185 73.65 -64.53 21.09
N GLY RB 186 74.87 -64.75 20.61
CA GLY RB 186 75.32 -63.98 19.45
C GLY RB 186 76.69 -64.41 18.99
N TYR RB 187 77.24 -63.62 18.08
CA TYR RB 187 78.52 -63.93 17.45
C TYR RB 187 79.38 -62.68 17.35
N VAL RB 188 80.68 -62.86 17.53
CA VAL RB 188 81.62 -61.74 17.49
C VAL RB 188 81.77 -61.24 16.08
N LEU RB 189 81.65 -59.92 15.90
CA LEU RB 189 81.78 -59.33 14.58
C LEU RB 189 83.24 -59.33 14.15
N GLU RB 190 83.49 -59.78 12.92
CA GLU RB 190 84.82 -59.78 12.36
C GLU RB 190 84.73 -59.76 10.85
N GLY RB 191 85.77 -59.23 10.21
CA GLY RB 191 85.80 -59.19 8.76
C GLY RB 191 85.11 -57.97 8.18
N LYS RB 192 84.55 -58.16 6.99
CA LYS RB 192 83.89 -57.05 6.28
C LYS RB 192 82.70 -56.53 7.04
N GLU RB 193 81.97 -57.41 7.73
CA GLU RB 193 80.87 -56.97 8.58
C GLU RB 193 81.35 -56.06 9.69
N LEU RB 194 82.49 -56.42 10.30
CA LEU RB 194 83.06 -55.58 11.34
C LEU RB 194 83.49 -54.22 10.78
N GLU RB 195 84.11 -54.22 9.60
CA GLU RB 195 84.50 -52.94 9.00
C GLU RB 195 83.28 -52.09 8.69
N PHE RB 196 82.22 -52.70 8.17
CA PHE RB 196 81.00 -51.96 7.86
C PHE RB 196 80.40 -51.34 9.11
N TYR RB 197 80.31 -52.11 10.19
CA TYR RB 197 79.71 -51.57 11.40
C TYR RB 197 80.61 -50.54 12.08
N LEU RB 198 81.93 -50.71 11.99
CA LEU RB 198 82.84 -49.70 12.51
C LEU RB 198 82.69 -48.39 11.75
N ARG RB 199 82.59 -48.46 10.43
CA ARG RB 199 82.40 -47.26 9.64
C ARG RB 199 81.05 -46.61 9.95
N LYS RB 200 80.02 -47.43 10.18
CA LYS RB 200 78.72 -46.88 10.57
C LYS RB 200 78.81 -46.14 11.90
N ILE RB 201 79.50 -46.71 12.88
CA ILE RB 201 79.62 -46.05 14.19
C ILE RB 201 80.44 -44.77 14.06
N LYS RB 202 81.52 -44.81 13.27
CA LYS RB 202 82.33 -43.60 13.07
C LYS RB 202 81.54 -42.51 12.38
N ALA RB 203 80.73 -42.87 11.38
CA ALA RB 203 79.90 -41.87 10.71
C ALA RB 203 78.85 -41.31 11.66
N ARG RB 204 78.30 -42.16 12.52
CA ARG RB 204 77.34 -41.71 13.52
C ARG RB 204 77.97 -40.68 14.46
N LYS RB 205 79.17 -40.97 14.94
CA LYS RB 205 79.83 -40.06 15.87
C LYS RB 205 81.34 -40.12 15.65
N GLY RB 206 81.97 -38.95 15.66
CA GLY RB 206 83.40 -38.86 15.45
C GLY RB 206 83.79 -38.83 13.99
N PRO SB 1 18.79 -82.30 14.70
CA PRO SB 1 17.41 -82.22 15.18
C PRO SB 1 16.61 -83.48 14.93
N VAL SB 2 15.36 -83.36 14.48
CA VAL SB 2 14.48 -84.50 14.40
C VAL SB 2 14.99 -85.50 13.37
N ALA SB 3 14.72 -86.78 13.63
CA ALA SB 3 15.16 -87.88 12.77
C ALA SB 3 14.08 -88.31 11.79
N ARG SB 4 13.27 -87.38 11.31
CA ARG SB 4 12.23 -87.69 10.35
C ARG SB 4 12.86 -87.79 8.95
N SER SB 5 12.01 -87.87 7.93
CA SER SB 5 12.49 -87.89 6.55
C SER SB 5 11.90 -86.77 5.70
N TRP SB 6 10.61 -86.50 5.85
CA TRP SB 6 9.82 -85.56 5.05
C TRP SB 6 10.18 -85.59 3.56
N VAL SB 7 10.39 -86.77 3.01
CA VAL SB 7 10.58 -86.94 1.57
C VAL SB 7 9.26 -87.44 1.01
N CYS SB 8 8.57 -86.57 0.27
CA CYS SB 8 7.26 -86.90 -0.28
C CYS SB 8 7.11 -86.21 -1.62
N ARG SB 9 6.20 -86.72 -2.44
CA ARG SB 9 5.94 -86.15 -3.74
C ARG SB 9 4.47 -86.33 -4.10
N LYS SB 10 3.96 -85.42 -4.92
CA LYS SB 10 2.60 -85.57 -5.43
C LYS SB 10 2.55 -86.66 -6.48
N THR SB 11 1.38 -87.29 -6.60
CA THR SB 11 1.18 -88.39 -7.53
C THR SB 11 0.29 -88.03 -8.69
N TYR SB 12 -0.11 -86.77 -8.82
CA TYR SB 12 -1.04 -86.36 -9.86
C TYR SB 12 -0.74 -84.93 -10.27
N VAL SB 13 -1.20 -84.58 -11.47
CA VAL SB 13 -1.08 -83.23 -12.00
C VAL SB 13 -2.43 -82.80 -12.54
N THR SB 14 -2.91 -81.65 -12.10
CA THR SB 14 -4.17 -81.13 -12.61
C THR SB 14 -4.00 -80.65 -14.05
N PRO SB 15 -5.04 -80.75 -14.86
CA PRO SB 15 -4.94 -80.31 -16.26
C PRO SB 15 -4.69 -78.83 -16.37
N ARG SB 16 -4.01 -78.44 -17.44
CA ARG SB 16 -3.61 -77.04 -17.62
C ARG SB 16 -4.81 -76.12 -17.73
N ARG SB 17 -5.82 -76.51 -18.51
CA ARG SB 17 -7.01 -75.71 -18.68
C ARG SB 17 -8.23 -76.49 -18.19
N PRO SB 18 -9.05 -75.91 -17.34
CA PRO SB 18 -10.28 -76.58 -16.91
C PRO SB 18 -11.43 -76.26 -17.86
N PHE SB 19 -12.52 -76.99 -17.68
CA PHE SB 19 -13.78 -76.76 -18.39
C PHE SB 19 -13.59 -76.86 -19.91
N GLU SB 20 -13.17 -78.04 -20.36
CA GLU SB 20 -13.19 -78.37 -21.77
C GLU SB 20 -13.92 -79.68 -21.96
N LYS SB 21 -14.89 -79.68 -22.88
CA LYS SB 21 -15.85 -80.77 -22.99
C LYS SB 21 -15.16 -82.08 -23.36
N SER SB 22 -14.18 -82.03 -24.26
CA SER SB 22 -13.54 -83.26 -24.71
C SER SB 22 -12.83 -83.97 -23.56
N ARG SB 23 -12.00 -83.24 -22.81
CA ARG SB 23 -11.30 -83.85 -21.69
C ARG SB 23 -12.26 -84.27 -20.59
N LEU SB 24 -13.27 -83.43 -20.29
CA LEU SB 24 -14.22 -83.79 -19.25
C LEU SB 24 -14.96 -85.08 -19.60
N ASP SB 25 -15.39 -85.20 -20.86
CA ASP SB 25 -16.12 -86.40 -21.28
C ASP SB 25 -15.22 -87.63 -21.29
N GLN SB 26 -13.97 -87.47 -21.74
CA GLN SB 26 -13.05 -88.61 -21.74
C GLN SB 26 -12.78 -89.10 -20.32
N GLU SB 27 -12.54 -88.17 -19.39
CA GLU SB 27 -12.27 -88.55 -18.02
C GLU SB 27 -13.49 -89.17 -17.36
N LEU SB 28 -14.69 -88.64 -17.64
CA LEU SB 28 -15.89 -89.23 -17.08
C LEU SB 28 -16.15 -90.61 -17.65
N LYS SB 29 -15.86 -90.82 -18.93
CA LYS SB 29 -15.99 -92.14 -19.52
C LYS SB 29 -15.07 -93.14 -18.84
N LEU SB 30 -13.82 -92.74 -18.61
CA LEU SB 30 -12.89 -93.62 -17.92
C LEU SB 30 -13.35 -93.91 -16.49
N ILE SB 31 -13.83 -92.89 -15.79
CA ILE SB 31 -14.27 -93.06 -14.40
C ILE SB 31 -15.44 -94.03 -14.36
N GLY SB 32 -16.41 -93.85 -15.25
CA GLY SB 32 -17.57 -94.73 -15.26
C GLY SB 32 -17.23 -96.15 -15.66
N GLU SB 33 -16.30 -96.31 -16.60
CA GLU SB 33 -16.01 -97.65 -17.08
C GLU SB 33 -15.12 -98.42 -16.11
N TYR SB 34 -14.27 -97.74 -15.35
CA TYR SB 34 -13.39 -98.42 -14.41
C TYR SB 34 -13.81 -98.28 -12.96
N GLY SB 35 -14.93 -97.63 -12.68
CA GLY SB 35 -15.39 -97.49 -11.30
C GLY SB 35 -14.48 -96.69 -10.40
N LEU SB 36 -13.96 -95.57 -10.88
CA LEU SB 36 -13.07 -94.74 -10.07
C LEU SB 36 -13.88 -93.74 -9.25
N ARG SB 37 -13.31 -93.32 -8.12
CA ARG SB 37 -14.01 -92.44 -7.20
C ARG SB 37 -14.08 -91.00 -7.71
N ASN SB 38 -12.97 -90.48 -8.24
CA ASN SB 38 -12.94 -89.08 -8.65
C ASN SB 38 -11.89 -88.90 -9.74
N LYS SB 39 -11.69 -87.64 -10.13
CA LYS SB 39 -10.74 -87.31 -11.18
C LYS SB 39 -9.30 -87.39 -10.71
N ARG SB 40 -9.07 -87.33 -9.40
CA ARG SB 40 -7.69 -87.37 -8.91
C ARG SB 40 -7.04 -88.70 -9.23
N GLU SB 41 -7.77 -89.80 -9.12
CA GLU SB 41 -7.19 -91.11 -9.32
C GLU SB 41 -7.22 -91.56 -10.76
N VAL SB 42 -7.65 -90.70 -11.69
CA VAL SB 42 -7.32 -90.87 -13.09
C VAL SB 42 -6.21 -89.91 -13.53
N TRP SB 43 -6.13 -88.72 -12.94
CA TRP SB 43 -4.95 -87.89 -13.16
C TRP SB 43 -3.71 -88.56 -12.60
N ARG SB 44 -3.85 -89.38 -11.57
CA ARG SB 44 -2.71 -90.08 -11.01
C ARG SB 44 -2.13 -91.09 -12.00
N VAL SB 45 -2.99 -91.90 -12.61
CA VAL SB 45 -2.48 -92.87 -13.58
C VAL SB 45 -2.00 -92.16 -14.84
N LYS SB 46 -2.63 -91.04 -15.21
CA LYS SB 46 -2.11 -90.25 -16.31
C LYS SB 46 -0.72 -89.72 -16.01
N PHE SB 47 -0.49 -89.28 -14.78
CA PHE SB 47 0.83 -88.81 -14.37
C PHE SB 47 1.85 -89.94 -14.39
N THR SB 48 1.45 -91.13 -13.95
CA THR SB 48 2.34 -92.28 -13.98
C THR SB 48 2.76 -92.62 -15.40
N LEU SB 49 1.78 -92.64 -16.31
CA LEU SB 49 2.09 -92.91 -17.71
C LEU SB 49 2.97 -91.81 -18.30
N ALA SB 50 2.72 -90.56 -17.89
CA ALA SB 50 3.54 -89.46 -18.38
C ALA SB 50 4.99 -89.62 -17.94
N LYS SB 51 5.20 -90.01 -16.68
CA LYS SB 51 6.56 -90.24 -16.19
C LYS SB 51 7.23 -91.39 -16.94
N ILE SB 52 6.50 -92.48 -17.16
CA ILE SB 52 7.07 -93.62 -17.86
C ILE SB 52 7.44 -93.23 -19.29
N ARG SB 53 6.55 -92.50 -19.97
CA ARG SB 53 6.81 -92.10 -21.34
C ARG SB 53 7.95 -91.10 -21.43
N LYS SB 54 8.07 -90.21 -20.44
CA LYS SB 54 9.20 -89.28 -20.41
C LYS SB 54 10.51 -90.04 -20.28
N ALA SB 55 10.56 -91.02 -19.38
CA ALA SB 55 11.77 -91.82 -19.24
C ALA SB 55 12.09 -92.57 -20.52
N ALA SB 56 11.08 -93.16 -21.15
CA ALA SB 56 11.31 -93.90 -22.38
C ALA SB 56 11.79 -92.99 -23.50
N ARG SB 57 11.20 -91.81 -23.63
CA ARG SB 57 11.62 -90.87 -24.66
C ARG SB 57 13.05 -90.40 -24.44
N GLU SB 58 13.41 -90.12 -23.19
CA GLU SB 58 14.78 -89.72 -22.89
C GLU SB 58 15.76 -90.84 -23.22
N LEU SB 59 15.41 -92.08 -22.85
CA LEU SB 59 16.26 -93.21 -23.19
C LEU SB 59 16.39 -93.38 -24.70
N LEU SB 60 15.31 -93.11 -25.44
CA LEU SB 60 15.37 -93.18 -26.89
C LEU SB 60 16.30 -92.11 -27.45
N THR SB 61 16.30 -90.92 -26.83
CA THR SB 61 17.23 -89.88 -27.26
C THR SB 61 18.68 -90.27 -27.00
N LEU SB 62 18.92 -91.06 -25.95
CA LEU SB 62 20.26 -91.63 -25.80
C LEU SB 62 20.64 -92.50 -27.00
N ASP SB 63 21.93 -92.58 -27.25
CA ASP SB 63 22.45 -93.35 -28.36
C ASP SB 63 22.24 -94.84 -28.12
N GLU SB 64 22.12 -95.59 -29.21
CA GLU SB 64 22.05 -97.04 -29.13
C GLU SB 64 23.38 -97.59 -28.64
N LYS SB 65 23.32 -98.72 -27.93
CA LYS SB 65 24.43 -99.47 -27.35
C LYS SB 65 25.01 -98.74 -26.13
N ASP SB 66 24.51 -97.56 -25.79
CA ASP SB 66 24.92 -96.87 -24.58
C ASP SB 66 24.52 -97.73 -23.39
N PRO SB 67 25.45 -98.12 -22.52
CA PRO SB 67 25.10 -99.05 -21.42
C PRO SB 67 24.05 -98.52 -20.47
N ARG SB 68 24.02 -97.21 -20.21
CA ARG SB 68 22.94 -96.67 -19.38
C ARG SB 68 21.60 -96.86 -20.05
N ARG SB 69 21.52 -96.57 -21.35
CA ARG SB 69 20.30 -96.78 -22.11
C ARG SB 69 19.87 -98.23 -22.06
N LEU SB 70 20.81 -99.15 -22.29
CA LEU SB 70 20.49 -100.57 -22.29
C LEU SB 70 19.99 -101.01 -20.92
N PHE SB 71 20.71 -100.67 -19.87
CA PHE SB 71 20.36 -101.13 -18.53
C PHE SB 71 18.99 -100.60 -18.12
N GLU SB 72 18.79 -99.29 -18.23
CA GLU SB 72 17.51 -98.73 -17.80
C GLU SB 72 16.38 -99.15 -18.73
N GLY SB 73 16.66 -99.39 -20.01
CA GLY SB 73 15.62 -99.86 -20.91
C GLY SB 73 15.15 -101.25 -20.56
N ASN SB 74 16.09 -102.17 -20.29
CA ASN SB 74 15.67 -103.50 -19.86
C ASN SB 74 14.96 -103.44 -18.52
N ALA SB 75 15.39 -102.56 -17.62
CA ALA SB 75 14.72 -102.44 -16.33
C ALA SB 75 13.27 -101.98 -16.51
N LEU SB 76 13.06 -100.94 -17.32
CA LEU SB 76 11.73 -100.41 -17.52
C LEU SB 76 10.84 -101.41 -18.26
N LEU SB 77 11.38 -102.09 -19.27
CA LEU SB 77 10.59 -103.10 -19.97
C LEU SB 77 10.25 -104.26 -19.06
N ARG SB 78 11.17 -104.65 -18.18
CA ARG SB 78 10.90 -105.72 -17.23
C ARG SB 78 9.79 -105.33 -16.28
N ARG SB 79 9.82 -104.10 -15.77
CA ARG SB 79 8.74 -103.67 -14.89
C ARG SB 79 7.41 -103.60 -15.62
N LEU SB 80 7.41 -103.14 -16.87
CA LEU SB 80 6.17 -103.05 -17.63
C LEU SB 80 5.58 -104.43 -17.91
N VAL SB 81 6.43 -105.41 -18.22
CA VAL SB 81 5.90 -106.75 -18.46
C VAL SB 81 5.59 -107.48 -17.17
N ARG SB 82 6.16 -107.06 -16.03
CA ARG SB 82 5.72 -107.62 -14.76
C ARG SB 82 4.33 -107.12 -14.41
N ILE SB 83 4.08 -105.82 -14.56
CA ILE SB 83 2.74 -105.31 -14.31
C ILE SB 83 1.77 -105.69 -15.41
N GLY SB 84 2.26 -106.19 -16.54
CA GLY SB 84 1.42 -106.81 -17.53
C GLY SB 84 0.81 -105.88 -18.56
N VAL SB 85 1.17 -104.58 -18.54
CA VAL SB 85 0.63 -103.67 -19.53
C VAL SB 85 1.29 -103.82 -20.89
N LEU SB 86 2.40 -104.54 -20.97
CA LEU SB 86 3.13 -104.73 -22.22
C LEU SB 86 3.30 -106.22 -22.48
N ASP SB 87 3.14 -106.61 -23.74
CA ASP SB 87 3.29 -108.01 -24.10
C ASP SB 87 4.76 -108.43 -23.97
N GLU SB 88 4.96 -109.70 -23.63
CA GLU SB 88 6.31 -110.21 -23.41
C GLU SB 88 7.15 -110.19 -24.68
N GLY SB 89 6.53 -110.21 -25.86
CA GLY SB 89 7.26 -110.13 -27.10
C GLY SB 89 7.55 -108.72 -27.60
N LYS SB 90 6.94 -107.72 -26.97
CA LYS SB 90 7.12 -106.32 -27.37
C LYS SB 90 8.19 -105.62 -26.54
N MET SB 91 9.38 -106.21 -26.48
CA MET SB 91 10.46 -105.69 -25.64
C MET SB 91 11.27 -104.63 -26.39
N LYS SB 92 10.62 -103.52 -26.72
CA LYS SB 92 11.26 -102.41 -27.37
C LYS SB 92 10.83 -101.12 -26.71
N LEU SB 93 11.74 -100.15 -26.68
CA LEU SB 93 11.43 -98.84 -26.12
C LEU SB 93 10.42 -98.08 -26.96
N ASP SB 94 10.29 -98.42 -28.25
CA ASP SB 94 9.35 -97.72 -29.11
C ASP SB 94 7.91 -98.03 -28.74
N TYR SB 95 7.64 -99.27 -28.33
CA TYR SB 95 6.28 -99.65 -27.97
C TYR SB 95 5.82 -99.03 -26.66
N ILE SB 96 6.74 -98.57 -25.83
CA ILE SB 96 6.36 -97.91 -24.58
C ILE SB 96 5.62 -96.62 -24.87
N LEU SB 97 6.03 -95.91 -25.92
CA LEU SB 97 5.34 -94.68 -26.30
C LEU SB 97 3.92 -94.95 -26.79
N GLY SB 98 3.64 -96.16 -27.25
CA GLY SB 98 2.32 -96.51 -27.73
C GLY SB 98 1.33 -96.92 -26.66
N LEU SB 99 1.72 -96.90 -25.39
CA LEU SB 99 0.83 -97.32 -24.32
C LEU SB 99 -0.22 -96.25 -24.03
N LYS SB 100 -1.27 -96.67 -23.34
CA LYS SB 100 -2.36 -95.79 -22.96
C LYS SB 100 -2.74 -96.06 -21.51
N ILE SB 101 -3.41 -95.10 -20.89
CA ILE SB 101 -3.78 -95.23 -19.48
C ILE SB 101 -4.84 -96.30 -19.26
N GLU SB 102 -5.58 -96.69 -20.30
CA GLU SB 102 -6.52 -97.79 -20.14
C GLU SB 102 -5.81 -99.10 -19.83
N ASP SB 103 -4.63 -99.30 -20.41
CA ASP SB 103 -3.86 -100.51 -20.11
C ASP SB 103 -3.46 -100.57 -18.64
N PHE SB 104 -3.09 -99.43 -18.07
CA PHE SB 104 -2.74 -99.40 -16.65
C PHE SB 104 -3.98 -99.53 -15.77
N LEU SB 105 -5.09 -98.94 -16.18
CA LEU SB 105 -6.32 -99.03 -15.40
C LEU SB 105 -6.88 -100.44 -15.40
N GLU SB 106 -6.63 -101.19 -16.48
CA GLU SB 106 -7.10 -102.57 -16.55
C GLU SB 106 -6.37 -103.47 -15.57
N ARG SB 107 -5.18 -103.10 -15.13
CA ARG SB 107 -4.39 -103.91 -14.21
C ARG SB 107 -4.71 -103.64 -12.75
N ARG SB 108 -5.66 -102.76 -12.44
CA ARG SB 108 -6.05 -102.54 -11.06
C ARG SB 108 -6.73 -103.78 -10.49
N LEU SB 109 -6.60 -103.95 -9.17
CA LEU SB 109 -7.26 -105.07 -8.51
C LEU SB 109 -8.78 -104.95 -8.63
N GLN SB 110 -9.31 -103.73 -8.57
CA GLN SB 110 -10.74 -103.53 -8.69
C GLN SB 110 -11.25 -104.01 -10.04
N THR SB 111 -10.52 -103.73 -11.11
CA THR SB 111 -10.90 -104.25 -12.42
C THR SB 111 -10.62 -105.73 -12.52
N GLN SB 112 -9.57 -106.22 -11.87
CA GLN SB 112 -9.18 -107.62 -12.04
C GLN SB 112 -10.19 -108.56 -11.39
N VAL SB 113 -10.72 -108.21 -10.22
CA VAL SB 113 -11.71 -109.08 -9.59
C VAL SB 113 -12.99 -109.10 -10.41
N PHE SB 114 -13.36 -107.95 -10.99
CA PHE SB 114 -14.54 -107.91 -11.86
C PHE SB 114 -14.32 -108.77 -13.11
N LYS SB 115 -13.13 -108.73 -13.70
CA LYS SB 115 -12.85 -109.55 -14.87
C LYS SB 115 -12.85 -111.03 -14.50
N LEU SB 116 -12.29 -111.39 -13.36
CA LEU SB 116 -12.31 -112.78 -12.89
C LEU SB 116 -13.70 -113.22 -12.45
N GLY SB 117 -14.63 -112.29 -12.26
CA GLY SB 117 -15.99 -112.66 -11.94
C GLY SB 117 -16.30 -112.81 -10.47
N LEU SB 118 -15.37 -112.43 -9.60
CA LEU SB 118 -15.66 -112.45 -8.17
C LEU SB 118 -16.72 -111.43 -7.78
N ALA SB 119 -16.98 -110.44 -8.63
CA ALA SB 119 -17.98 -109.42 -8.38
C ALA SB 119 -18.87 -109.26 -9.60
N LYS SB 120 -20.10 -108.79 -9.35
CA LYS SB 120 -21.09 -108.65 -10.40
C LYS SB 120 -20.99 -107.35 -11.16
N SER SB 121 -20.23 -106.37 -10.67
CA SER SB 121 -20.03 -105.11 -11.35
C SER SB 121 -18.75 -104.49 -10.81
N ILE SB 122 -18.32 -103.41 -11.47
CA ILE SB 122 -17.07 -102.77 -11.07
C ILE SB 122 -17.23 -102.06 -9.72
N HIS SB 123 -18.40 -101.46 -9.47
CA HIS SB 123 -18.61 -100.81 -8.17
C HIS SB 123 -18.76 -101.85 -7.06
N HIS SB 124 -19.43 -102.96 -7.36
CA HIS SB 124 -19.47 -104.06 -6.42
C HIS SB 124 -18.08 -104.58 -6.13
N ALA SB 125 -17.22 -104.60 -7.15
CA ALA SB 125 -15.83 -105.01 -6.96
C ALA SB 125 -15.11 -104.06 -6.01
N ARG SB 126 -15.30 -102.76 -6.20
CA ARG SB 126 -14.63 -101.79 -5.33
C ARG SB 126 -15.08 -101.93 -3.88
N VAL SB 127 -16.40 -102.02 -3.66
CA VAL SB 127 -16.87 -102.14 -2.29
C VAL SB 127 -16.48 -103.49 -1.69
N LEU SB 128 -16.42 -104.53 -2.51
CA LEU SB 128 -16.04 -105.86 -2.03
C LEU SB 128 -14.58 -105.87 -1.60
N ILE SB 129 -13.72 -105.17 -2.34
CA ILE SB 129 -12.33 -105.04 -1.93
C ILE SB 129 -12.23 -104.21 -0.65
N ARG SB 130 -12.97 -103.11 -0.57
CA ARG SB 130 -12.86 -102.23 0.59
C ARG SB 130 -13.33 -102.91 1.87
N GLN SB 131 -14.32 -103.80 1.78
CA GLN SB 131 -14.81 -104.50 2.96
C GLN SB 131 -14.03 -105.77 3.27
N ARG SB 132 -12.78 -105.87 2.80
CA ARG SB 132 -11.86 -106.94 3.18
C ARG SB 132 -12.40 -108.32 2.83
N HIS SB 133 -12.73 -108.51 1.55
CA HIS SB 133 -13.18 -109.81 1.08
C HIS SB 133 -12.23 -110.46 0.08
N ILE SB 134 -11.28 -109.70 -0.46
CA ILE SB 134 -10.41 -110.16 -1.54
C ILE SB 134 -9.00 -110.28 -1.01
N ARG SB 135 -8.35 -111.41 -1.29
CA ARG SB 135 -6.98 -111.64 -0.89
C ARG SB 135 -6.14 -112.00 -2.11
N VAL SB 136 -4.87 -111.64 -2.06
CA VAL SB 136 -3.90 -111.99 -3.08
C VAL SB 136 -2.86 -112.90 -2.45
N ARG SB 137 -2.62 -114.05 -3.08
CA ARG SB 137 -1.80 -115.11 -2.52
C ARG SB 137 -2.33 -115.50 -1.15
N LYS SB 138 -1.75 -114.93 -0.10
CA LYS SB 138 -2.27 -115.08 1.26
C LYS SB 138 -2.61 -113.76 1.92
N GLN SB 139 -1.99 -112.66 1.51
CA GLN SB 139 -2.28 -111.36 2.09
C GLN SB 139 -3.63 -110.85 1.61
N VAL SB 140 -4.43 -110.33 2.53
CA VAL SB 140 -5.68 -109.69 2.16
C VAL SB 140 -5.41 -108.24 1.80
N VAL SB 141 -5.99 -107.78 0.69
CA VAL SB 141 -5.77 -106.44 0.19
C VAL SB 141 -7.10 -105.69 0.20
N ASN SB 142 -7.10 -104.50 0.79
CA ASN SB 142 -8.27 -103.64 0.79
C ASN SB 142 -8.03 -102.34 0.00
N ILE SB 143 -7.06 -102.35 -0.91
CA ILE SB 143 -6.71 -101.20 -1.72
C ILE SB 143 -7.21 -101.46 -3.14
N PRO SB 144 -8.21 -100.72 -3.62
CA PRO SB 144 -8.68 -100.93 -5.01
C PRO SB 144 -7.64 -100.67 -6.07
N SER SB 145 -6.73 -99.72 -5.84
CA SER SB 145 -5.70 -99.37 -6.81
C SER SB 145 -4.48 -100.28 -6.75
N PHE SB 146 -4.62 -101.46 -6.14
CA PHE SB 146 -3.53 -102.43 -6.07
C PHE SB 146 -3.24 -102.95 -7.48
N ILE SB 147 -2.09 -102.57 -8.03
CA ILE SB 147 -1.71 -103.04 -9.35
C ILE SB 147 -1.28 -104.49 -9.26
N VAL SB 148 -1.87 -105.33 -10.10
CA VAL SB 148 -1.68 -106.78 -10.04
C VAL SB 148 -0.65 -107.20 -11.07
N ARG SB 149 0.40 -107.88 -10.61
CA ARG SB 149 1.40 -108.42 -11.52
C ARG SB 149 0.92 -109.72 -12.14
N LEU SB 150 1.66 -110.18 -13.16
CA LEU SB 150 1.28 -111.39 -13.86
C LEU SB 150 1.36 -112.62 -12.96
N ASP SB 151 2.37 -112.68 -12.11
CA ASP SB 151 2.51 -113.83 -11.21
C ASP SB 151 1.44 -113.83 -10.13
N SER SB 152 0.97 -112.66 -9.70
CA SER SB 152 -0.09 -112.56 -8.72
C SER SB 152 -1.48 -112.56 -9.35
N GLN SB 153 -1.56 -112.59 -10.69
CA GLN SB 153 -2.85 -112.60 -11.37
C GLN SB 153 -3.65 -113.85 -11.02
N LYS SB 154 -2.99 -115.01 -10.97
CA LYS SB 154 -3.70 -116.26 -10.76
C LYS SB 154 -4.14 -116.44 -9.31
N HIS SB 155 -3.52 -115.74 -8.37
CA HIS SB 155 -3.71 -116.01 -6.95
C HIS SB 155 -4.72 -115.09 -6.30
N ILE SB 156 -5.54 -114.39 -7.09
CA ILE SB 156 -6.60 -113.57 -6.54
C ILE SB 156 -7.78 -114.47 -6.17
N ASP SB 157 -8.24 -114.35 -4.94
CA ASP SB 157 -9.30 -115.21 -4.43
C ASP SB 157 -9.96 -114.53 -3.24
N PHE SB 158 -11.14 -115.02 -2.88
CA PHE SB 158 -11.86 -114.52 -1.72
C PHE SB 158 -11.07 -114.80 -0.45
N SER SB 159 -11.20 -113.89 0.52
CA SER SB 159 -10.54 -114.06 1.81
C SER SB 159 -11.20 -115.20 2.59
N LEU SB 160 -10.40 -115.86 3.44
CA LEU SB 160 -10.91 -116.99 4.20
C LEU SB 160 -11.90 -116.54 5.27
N ARG SB 161 -11.62 -115.43 5.95
CA ARG SB 161 -12.51 -114.95 7.00
C ARG SB 161 -13.77 -114.32 6.44
N SER SB 162 -13.77 -113.93 5.17
CA SER SB 162 -14.95 -113.32 4.58
C SER SB 162 -16.08 -114.33 4.45
N PRO SB 163 -17.33 -113.88 4.50
CA PRO SB 163 -18.46 -114.81 4.34
C PRO SB 163 -18.72 -115.15 2.90
N TYR SB 164 -17.65 -115.39 2.13
CA TYR SB 164 -17.74 -115.88 0.76
C TYR SB 164 -16.80 -117.02 0.48
N GLY SB 165 -15.73 -117.18 1.27
CA GLY SB 165 -14.89 -118.36 1.24
C GLY SB 165 -15.26 -119.26 2.40
N GLY SB 166 -14.50 -119.15 3.49
CA GLY SB 166 -14.81 -119.88 4.69
C GLY SB 166 -16.10 -119.41 5.34
N GLY SB 167 -16.30 -119.85 6.58
CA GLY SB 167 -17.52 -119.58 7.29
C GLY SB 167 -17.62 -118.20 7.87
N ARG SB 168 -18.15 -118.10 9.11
CA ARG SB 168 -18.34 -116.85 9.83
C ARG SB 168 -19.21 -115.87 9.06
N PRO SB 169 -20.52 -116.12 8.97
CA PRO SB 169 -21.40 -115.19 8.25
C PRO SB 169 -21.46 -113.83 8.93
N GLY SB 170 -21.98 -112.87 8.20
CA GLY SB 170 -21.95 -111.49 8.64
C GLY SB 170 -22.87 -111.19 9.80
N ARG SB 171 -22.70 -109.98 10.33
CA ARG SB 171 -23.45 -109.57 11.51
C ARG SB 171 -24.95 -109.49 11.22
N VAL SB 172 -25.32 -109.04 10.01
CA VAL SB 172 -26.74 -108.95 9.68
C VAL SB 172 -27.34 -110.34 9.52
N LYS SB 173 -26.59 -111.28 8.95
CA LYS SB 173 -27.05 -112.66 8.85
C LYS SB 173 -27.27 -113.25 10.24
N ARG SB 174 -26.31 -113.04 11.13
CA ARG SB 174 -26.44 -113.59 12.49
C ARG SB 174 -27.60 -112.94 13.23
N LYS SB 175 -27.78 -111.63 13.08
CA LYS SB 175 -28.89 -110.94 13.73
C LYS SB 175 -30.23 -111.44 13.20
N ASN SB 176 -30.32 -111.64 11.88
CA ASN SB 176 -31.55 -112.17 11.30
C ASN SB 176 -31.83 -113.57 11.81
N ALA SB 177 -30.79 -114.41 11.92
CA ALA SB 177 -30.98 -115.76 12.42
C ALA SB 177 -31.46 -115.76 13.87
N LYS SB 178 -30.85 -114.91 14.70
CA LYS SB 178 -31.25 -114.91 16.11
C LYS SB 178 -32.64 -114.30 16.30
N LYS SB 179 -33.00 -113.30 15.49
CA LYS SB 179 -34.37 -112.79 15.53
C LYS SB 179 -35.37 -113.85 15.07
N GLY SB 180 -35.01 -114.63 14.05
CA GLY SB 180 -35.89 -115.69 13.60
C GLY SB 180 -36.11 -116.76 14.64
N GLN SB 181 -35.03 -117.19 15.31
CA GLN SB 181 -35.19 -118.20 16.35
C GLN SB 181 -35.81 -117.64 17.63
N GLY SB 182 -35.72 -116.34 17.86
CA GLY SB 182 -36.47 -115.73 18.94
C GLY SB 182 -37.93 -115.52 18.65
N GLY SB 183 -38.30 -115.46 17.37
CA GLY SB 183 -39.69 -115.37 16.99
C GLY SB 183 -40.37 -116.72 16.89
N ALA SB 184 -39.63 -117.73 16.40
CA ALA SB 184 -40.17 -119.08 16.23
C ALA SB 184 -39.36 -120.05 17.08
N GLY SB 185 -40.07 -120.86 17.87
CA GLY SB 185 -39.44 -121.81 18.74
C GLY SB 185 -38.95 -123.06 18.03
N ALA TB 1 75.56 -51.12 -8.45
CA ALA TB 1 76.12 -50.41 -7.31
C ALA TB 1 76.62 -51.39 -6.26
N ASP TB 2 77.06 -50.86 -5.13
CA ASP TB 2 77.48 -51.70 -4.02
C ASP TB 2 76.25 -52.34 -3.37
N ILE TB 3 76.46 -53.46 -2.70
CA ILE TB 3 75.36 -54.21 -2.10
C ILE TB 3 75.05 -53.77 -0.68
N GLN TB 4 75.91 -52.98 -0.05
CA GLN TB 4 75.69 -52.52 1.31
C GLN TB 4 75.05 -51.14 1.31
N THR TB 5 73.79 -51.11 0.90
CA THR TB 5 73.02 -49.87 0.82
C THR TB 5 71.97 -49.75 1.92
N GLU TB 6 72.07 -50.57 2.96
CA GLU TB 6 71.12 -50.57 4.06
C GLU TB 6 71.82 -50.22 5.36
N ARG TB 7 71.02 -49.92 6.38
CA ARG TB 7 71.57 -49.65 7.70
C ARG TB 7 72.22 -50.88 8.30
N ALA TB 8 71.73 -52.07 7.96
CA ALA TB 8 72.31 -53.31 8.43
C ALA TB 8 73.24 -53.89 7.38
N TYR TB 9 74.01 -54.89 7.80
CA TYR TB 9 74.91 -55.57 6.89
C TYR TB 9 74.15 -56.65 6.12
N GLN TB 10 74.22 -56.58 4.79
CA GLN TB 10 73.53 -57.53 3.94
C GLN TB 10 74.45 -58.70 3.64
N LYS TB 11 73.99 -59.91 3.96
CA LYS TB 11 74.79 -61.10 3.74
C LYS TB 11 73.86 -62.29 3.64
N GLN TB 12 74.36 -63.35 3.03
CA GLN TB 12 73.62 -64.61 2.99
C GLN TB 12 73.86 -65.36 4.31
N PRO TB 13 72.80 -65.74 5.02
CA PRO TB 13 72.98 -66.38 6.33
C PRO TB 13 73.73 -67.70 6.28
N THR TB 14 73.69 -68.41 5.15
CA THR TB 14 74.33 -69.72 5.09
C THR TB 14 75.86 -69.59 5.00
N ILE TB 15 76.35 -68.66 4.20
CA ILE TB 15 77.78 -68.56 3.94
C ILE TB 15 78.47 -67.87 5.12
N PHE TB 16 79.54 -68.48 5.61
CA PHE TB 16 80.39 -67.88 6.64
C PHE TB 16 81.54 -67.16 5.97
N GLN TB 17 81.59 -65.84 6.10
CA GLN TB 17 82.55 -65.04 5.37
C GLN TB 17 83.95 -65.12 5.94
N ASN TB 18 84.08 -65.24 7.27
CA ASN TB 18 85.35 -65.02 7.95
C ASN TB 18 86.10 -66.34 8.18
N LYS TB 19 86.48 -66.98 7.06
CA LYS TB 19 87.14 -68.27 7.10
C LYS TB 19 88.65 -68.08 7.26
N LYS TB 20 89.02 -67.54 8.42
CA LYS TB 20 90.36 -67.65 9.01
C LYS TB 20 91.47 -67.38 7.99
N ARG TB 21 91.52 -66.12 7.54
CA ARG TB 21 92.58 -65.68 6.64
C ARG TB 21 93.94 -65.92 7.28
N VAL TB 22 94.72 -66.85 6.73
CA VAL TB 22 95.99 -67.27 7.28
C VAL TB 22 97.02 -67.31 6.16
N LEU TB 23 98.22 -67.77 6.52
CA LEU TB 23 99.34 -67.77 5.57
C LEU TB 23 99.11 -68.75 4.41
N LEU TB 24 98.45 -69.88 4.68
CA LEU TB 24 98.23 -70.86 3.61
C LEU TB 24 97.29 -70.33 2.54
N GLY TB 25 96.45 -69.36 2.88
CA GLY TB 25 95.58 -68.72 1.90
C GLY TB 25 96.22 -67.47 1.37
N GLU TB 26 96.41 -67.42 0.05
CA GLU TB 26 97.06 -66.29 -0.61
C GLU TB 26 96.06 -65.15 -0.72
N THR TB 27 96.11 -64.22 0.23
CA THR TB 27 95.20 -63.09 0.27
C THR TB 27 95.94 -61.83 -0.13
N GLY TB 28 95.47 -61.18 -1.19
CA GLY TB 28 94.33 -61.60 -1.98
C GLY TB 28 94.73 -62.38 -3.23
N LYS TB 29 93.74 -62.73 -4.05
CA LYS TB 29 92.34 -62.45 -3.81
C LYS TB 29 91.52 -63.73 -3.85
N GLU TB 30 90.70 -63.94 -2.82
CA GLU TB 30 89.84 -65.11 -2.72
C GLU TB 30 88.39 -64.66 -2.82
N LYS TB 31 87.71 -65.09 -3.88
CA LYS TB 31 86.34 -64.67 -4.13
C LYS TB 31 85.40 -65.24 -3.08
N LEU TB 32 84.42 -64.44 -2.67
CA LEU TB 32 83.46 -64.87 -1.67
C LEU TB 32 82.54 -65.93 -2.24
N PRO TB 33 82.42 -67.11 -1.61
CA PRO TB 33 81.52 -68.14 -2.14
C PRO TB 33 80.07 -67.69 -2.07
N ARG TB 34 79.30 -68.14 -3.05
CA ARG TB 34 77.89 -67.79 -3.16
C ARG TB 34 77.02 -68.98 -2.80
N TYR TB 35 75.90 -68.71 -2.15
CA TYR TB 35 74.90 -69.73 -1.86
C TYR TB 35 73.81 -69.67 -2.92
N TYR TB 36 73.50 -70.82 -3.51
CA TYR TB 36 72.41 -70.91 -4.46
C TYR TB 36 71.83 -72.32 -4.39
N LYS TB 37 70.62 -72.47 -4.91
CA LYS TB 37 69.97 -73.76 -4.93
C LYS TB 37 69.11 -73.86 -6.17
N ASN TB 38 68.92 -75.10 -6.64
CA ASN TB 38 67.92 -75.34 -7.66
C ASN TB 38 66.55 -75.48 -7.02
N ILE TB 39 65.53 -74.91 -7.67
CA ILE TB 39 64.19 -74.89 -7.10
C ILE TB 39 63.32 -76.03 -7.60
N GLY TB 40 63.87 -76.91 -8.44
CA GLY TB 40 63.10 -78.02 -8.94
C GLY TB 40 62.12 -77.59 -10.01
N LEU TB 41 61.22 -78.53 -10.34
CA LEU TB 41 60.16 -78.33 -11.32
C LEU TB 41 60.71 -77.98 -12.70
N GLY TB 42 61.96 -78.35 -12.99
CA GLY TB 42 62.55 -78.10 -14.27
C GLY TB 42 63.12 -76.72 -14.46
N PHE TB 43 62.85 -75.78 -13.56
CA PHE TB 43 63.39 -74.44 -13.70
C PHE TB 43 64.87 -74.44 -13.43
N LYS TB 44 65.64 -73.79 -14.30
CA LYS TB 44 67.08 -73.70 -14.13
C LYS TB 44 67.44 -72.40 -13.42
N THR TB 45 68.40 -72.49 -12.51
CA THR TB 45 68.86 -71.30 -11.82
C THR TB 45 69.69 -70.43 -12.76
N PRO TB 46 69.42 -69.14 -12.84
CA PRO TB 46 70.14 -68.30 -13.80
C PRO TB 46 71.60 -68.09 -13.41
N LYS TB 47 72.40 -67.85 -14.45
CA LYS TB 47 73.83 -67.64 -14.26
C LYS TB 47 74.11 -66.37 -13.47
N GLU TB 48 73.24 -65.37 -13.58
CA GLU TB 48 73.38 -64.17 -12.75
C GLU TB 48 73.14 -64.50 -11.28
N ALA TB 49 72.18 -65.38 -10.99
CA ALA TB 49 72.04 -65.84 -9.61
C ALA TB 49 73.25 -66.65 -9.17
N ILE TB 50 73.86 -67.39 -10.10
CA ILE TB 50 75.03 -68.20 -9.75
C ILE TB 50 76.20 -67.31 -9.35
N GLU TB 51 76.53 -66.32 -10.17
CA GLU TB 51 77.74 -65.54 -9.98
C GLU TB 51 77.45 -64.05 -9.83
N GLY TB 52 76.37 -63.70 -9.14
CA GLY TB 52 76.10 -62.33 -8.79
C GLY TB 52 76.63 -61.98 -7.42
N THR TB 53 76.40 -60.73 -7.04
CA THR TB 53 76.75 -60.26 -5.71
C THR TB 53 75.56 -59.74 -4.93
N TYR TB 54 74.38 -59.63 -5.55
CA TYR TB 54 73.22 -59.08 -4.89
C TYR TB 54 72.79 -59.96 -3.72
N ILE TB 55 72.25 -59.32 -2.69
CA ILE TB 55 71.69 -60.00 -1.54
C ILE TB 55 70.18 -59.81 -1.57
N ASP TB 56 69.45 -60.91 -1.68
CA ASP TB 56 67.99 -60.87 -1.68
C ASP TB 56 67.49 -62.07 -0.92
N LYS TB 57 66.96 -61.83 0.28
CA LYS TB 57 66.43 -62.94 1.08
C LYS TB 57 65.15 -63.52 0.49
N LYS TB 58 64.52 -62.84 -0.45
CA LYS TB 58 63.32 -63.34 -1.11
C LYS TB 58 63.58 -63.87 -2.51
N CYS TB 59 64.83 -63.91 -2.94
CA CYS TB 59 65.14 -64.48 -4.24
C CYS TB 59 64.87 -65.98 -4.23
N PRO TB 60 64.23 -66.52 -5.26
CA PRO TB 60 63.96 -67.96 -5.26
C PRO TB 60 65.20 -68.82 -5.27
N PHE TB 61 66.32 -68.29 -5.77
CA PHE TB 61 67.52 -69.08 -5.94
C PHE TB 61 68.58 -68.80 -4.89
N THR TB 62 68.68 -67.57 -4.41
CA THR TB 62 69.68 -67.20 -3.42
C THR TB 62 69.06 -66.68 -2.12
N GLY TB 63 67.81 -67.07 -1.85
CA GLY TB 63 67.12 -66.60 -0.67
C GLY TB 63 66.46 -67.73 0.09
N ASN TB 64 65.76 -67.35 1.14
CA ASN TB 64 65.05 -68.32 2.00
C ASN TB 64 63.56 -68.36 1.64
N VAL TB 65 63.28 -68.79 0.41
CA VAL TB 65 61.91 -69.01 -0.05
C VAL TB 65 61.87 -70.34 -0.80
N SER TB 66 60.80 -71.09 -0.59
CA SER TB 66 60.59 -72.36 -1.26
C SER TB 66 59.37 -72.24 -2.15
N ILE TB 67 59.53 -72.64 -3.41
CA ILE TB 67 58.45 -72.54 -4.39
C ILE TB 67 57.62 -73.81 -4.32
N ARG TB 68 56.35 -73.66 -3.97
CA ARG TB 68 55.43 -74.77 -3.86
C ARG TB 68 54.02 -74.25 -4.07
N GLY TB 69 53.18 -75.10 -4.65
CA GLY TB 69 51.81 -74.70 -4.92
C GLY TB 69 51.53 -74.52 -6.40
N ARG TB 70 51.12 -73.32 -6.79
CA ARG TB 70 50.68 -73.05 -8.15
C ARG TB 70 51.78 -72.36 -8.94
N ILE TB 71 52.05 -72.88 -10.14
CA ILE TB 71 52.95 -72.26 -11.10
C ILE TB 71 52.08 -71.68 -12.21
N LEU TB 72 52.15 -70.38 -12.39
CA LEU TB 72 51.31 -69.73 -13.39
C LEU TB 72 52.13 -68.65 -14.10
N SER TB 73 51.48 -67.88 -14.96
CA SER TB 73 52.20 -66.93 -15.81
C SER TB 73 51.44 -65.61 -15.88
N GLY TB 74 52.14 -64.58 -16.33
CA GLY TB 74 51.54 -63.26 -16.43
C GLY TB 74 52.38 -62.37 -17.30
N VAL TB 75 51.88 -61.15 -17.51
CA VAL TB 75 52.51 -60.14 -18.35
C VAL TB 75 52.90 -58.96 -17.48
N VAL TB 76 54.15 -58.52 -17.59
CA VAL TB 76 54.63 -57.42 -16.77
C VAL TB 76 53.90 -56.14 -17.17
N THR TB 77 53.40 -55.42 -16.16
CA THR TB 77 52.67 -54.18 -16.38
C THR TB 77 53.44 -52.97 -15.85
N LYS TB 78 53.88 -52.99 -14.60
CA LYS TB 78 54.68 -51.91 -14.04
C LYS TB 78 55.85 -52.49 -13.27
N MET TB 79 56.92 -51.71 -13.20
CA MET TB 79 58.14 -52.07 -12.50
C MET TB 79 58.59 -50.93 -11.59
N LYS TB 80 57.63 -50.30 -10.91
CA LYS TB 80 57.90 -49.09 -10.15
C LYS TB 80 58.23 -49.35 -8.69
N MET TB 81 58.10 -50.58 -8.22
CA MET TB 81 58.37 -50.90 -6.82
C MET TB 81 59.77 -51.46 -6.67
N GLN TB 82 60.24 -51.49 -5.41
CA GLN TB 82 61.56 -52.01 -5.10
C GLN TB 82 61.51 -53.53 -5.05
N ARG TB 83 62.30 -54.18 -5.90
CA ARG TB 83 62.49 -55.63 -5.92
C ARG TB 83 61.20 -56.40 -6.21
N THR TB 84 60.14 -55.73 -6.61
CA THR TB 84 58.88 -56.41 -6.92
C THR TB 84 58.16 -55.65 -8.02
N ILE TB 85 57.37 -56.38 -8.79
CA ILE TB 85 56.67 -55.85 -9.95
C ILE TB 85 55.22 -56.33 -9.90
N VAL TB 86 54.38 -55.66 -10.67
CA VAL TB 86 52.98 -56.04 -10.82
C VAL TB 86 52.79 -56.63 -12.21
N ILE TB 87 52.04 -57.72 -12.29
CA ILE TB 87 51.77 -58.39 -13.54
C ILE TB 87 50.26 -58.52 -13.71
N ARG TB 88 49.83 -58.62 -14.96
CA ARG TB 88 48.43 -58.76 -15.31
C ARG TB 88 48.21 -60.11 -15.96
N ARG TB 89 47.19 -60.83 -15.51
CA ARG TB 89 46.79 -62.09 -16.10
C ARG TB 89 45.43 -61.93 -16.74
N ASP TB 90 45.33 -62.26 -18.01
CA ASP TB 90 44.09 -62.15 -18.76
C ASP TB 90 43.47 -63.53 -18.91
N TYR TB 91 42.17 -63.61 -18.67
CA TYR TB 91 41.44 -64.86 -18.79
C TYR TB 91 40.02 -64.56 -19.24
N LEU TB 92 39.34 -65.59 -19.71
CA LEU TB 92 37.97 -65.49 -20.16
C LEU TB 92 37.06 -66.19 -19.16
N HIS TB 93 36.07 -65.46 -18.65
CA HIS TB 93 35.10 -66.01 -17.71
C HIS TB 93 33.85 -66.43 -18.47
N TYR TB 94 33.41 -67.66 -18.25
CA TYR TB 94 32.26 -68.18 -18.98
C TYR TB 94 30.96 -67.77 -18.31
N ILE TB 95 30.04 -67.23 -19.11
CA ILE TB 95 28.70 -66.88 -18.65
C ILE TB 95 27.73 -67.86 -19.30
N ARG TB 96 27.07 -68.68 -18.48
CA ARG TB 96 26.31 -69.81 -19.02
C ARG TB 96 25.10 -69.35 -19.82
N LYS TB 97 24.37 -68.34 -19.31
CA LYS TB 97 23.09 -67.98 -19.91
C LYS TB 97 23.23 -67.58 -21.36
N TYR TB 98 24.26 -66.79 -21.67
CA TYR TB 98 24.51 -66.35 -23.03
C TYR TB 98 25.47 -67.27 -23.78
N ASN TB 99 25.97 -68.32 -23.13
CA ASN TB 99 26.91 -69.28 -23.72
C ASN TB 99 28.16 -68.61 -24.26
N ARG TB 100 28.47 -67.42 -23.78
CA ARG TB 100 29.59 -66.63 -24.27
C ARG TB 100 30.57 -66.38 -23.13
N PHE TB 101 31.66 -65.70 -23.46
CA PHE TB 101 32.73 -65.46 -22.50
C PHE TB 101 32.80 -63.99 -22.15
N GLU TB 102 33.58 -63.70 -21.11
CA GLU TB 102 33.71 -62.36 -20.56
C GLU TB 102 35.18 -62.10 -20.29
N LYS TB 103 35.73 -61.07 -20.93
CA LYS TB 103 37.15 -60.77 -20.81
C LYS TB 103 37.41 -60.16 -19.45
N ARG TB 104 38.20 -60.86 -18.62
CA ARG TB 104 38.51 -60.42 -17.27
C ARG TB 104 40.02 -60.41 -17.08
N HIS TB 105 40.45 -59.77 -16.00
CA HIS TB 105 41.86 -59.69 -15.68
C HIS TB 105 42.03 -59.53 -14.19
N LYS TB 106 43.20 -59.91 -13.69
CA LYS TB 106 43.61 -59.60 -12.34
C LYS TB 106 45.07 -59.17 -12.33
N ASN TB 107 45.38 -58.24 -11.44
CA ASN TB 107 46.74 -57.75 -11.26
C ASN TB 107 47.35 -58.42 -10.04
N MET TB 108 48.58 -58.91 -10.18
CA MET TB 108 49.27 -59.58 -9.10
C MET TB 108 50.62 -58.92 -8.87
N SER TB 109 50.93 -58.62 -7.62
CA SER TB 109 52.25 -58.12 -7.25
C SER TB 109 53.14 -59.32 -6.93
N VAL TB 110 54.19 -59.49 -7.72
CA VAL TB 110 55.10 -60.61 -7.55
C VAL TB 110 56.48 -60.06 -7.26
N HIS TB 111 57.30 -60.86 -6.57
CA HIS TB 111 58.65 -60.45 -6.24
C HIS TB 111 59.58 -60.77 -7.39
N LEU TB 112 60.39 -59.79 -7.79
CA LEU TB 112 61.34 -59.95 -8.89
C LEU TB 112 62.75 -59.92 -8.33
N SER TB 113 63.47 -61.02 -8.50
CA SER TB 113 64.84 -61.10 -8.02
C SER TB 113 65.74 -60.22 -8.88
N PRO TB 114 66.84 -59.70 -8.30
CA PRO TB 114 67.81 -58.94 -9.09
C PRO TB 114 68.52 -59.77 -10.14
N CYS TB 115 68.43 -61.10 -10.08
CA CYS TB 115 69.04 -61.94 -11.11
C CYS TB 115 68.38 -61.75 -12.46
N PHE TB 116 67.17 -61.21 -12.50
CA PHE TB 116 66.49 -60.88 -13.74
C PHE TB 116 66.67 -59.38 -13.97
N ARG TB 117 67.60 -59.02 -14.87
CA ARG TB 117 67.90 -57.63 -15.15
C ARG TB 117 67.20 -57.11 -16.40
N ASP TB 118 67.18 -57.90 -17.48
CA ASP TB 118 66.60 -57.45 -18.74
C ASP TB 118 65.11 -57.75 -18.75
N VAL TB 119 64.38 -57.01 -17.93
CA VAL TB 119 62.93 -57.16 -17.79
C VAL TB 119 62.28 -55.87 -18.23
N GLN TB 120 61.35 -55.96 -19.18
CA GLN TB 120 60.64 -54.82 -19.71
C GLN TB 120 59.14 -55.05 -19.58
N ILE TB 121 58.39 -53.96 -19.78
CA ILE TB 121 56.93 -54.04 -19.75
C ILE TB 121 56.46 -54.85 -20.95
N GLY TB 122 55.61 -55.84 -20.69
CA GLY TB 122 55.12 -56.72 -21.72
C GLY TB 122 55.78 -58.08 -21.76
N ASP TB 123 56.89 -58.26 -21.06
CA ASP TB 123 57.55 -59.56 -21.01
C ASP TB 123 56.67 -60.58 -20.29
N ILE TB 124 56.80 -61.83 -20.69
CA ILE TB 124 55.98 -62.90 -20.12
C ILE TB 124 56.78 -63.55 -19.00
N VAL TB 125 56.27 -63.48 -17.78
CA VAL TB 125 56.95 -64.02 -16.62
C VAL TB 125 56.17 -65.21 -16.09
N THR TB 126 56.87 -66.33 -15.92
CA THR TB 126 56.35 -67.47 -15.19
C THR TB 126 56.70 -67.28 -13.73
N VAL TB 127 55.70 -67.34 -12.86
CA VAL TB 127 55.85 -67.13 -11.43
C VAL TB 127 55.36 -68.36 -10.70
N GLY TB 128 55.88 -68.53 -9.49
CA GLY TB 128 55.50 -69.66 -8.66
C GLY TB 128 55.10 -69.19 -7.27
N GLU TB 129 54.15 -69.91 -6.69
CA GLU TB 129 53.62 -69.54 -5.39
C GLU TB 129 54.63 -69.83 -4.29
N CYS TB 130 54.74 -68.90 -3.34
CA CYS TB 130 55.60 -69.09 -2.18
C CYS TB 130 54.88 -68.66 -0.92
N ARG TB 131 55.57 -68.64 0.21
CA ARG TB 131 54.98 -68.11 1.43
C ARG TB 131 54.78 -66.60 1.28
N PRO TB 132 53.83 -66.04 2.03
CA PRO TB 132 53.58 -64.59 1.93
C PRO TB 132 54.83 -63.78 2.21
N LEU TB 133 55.25 -63.01 1.21
CA LEU TB 133 56.41 -62.14 1.33
C LEU TB 133 56.06 -60.74 1.81
N SER TB 134 54.86 -60.27 1.51
CA SER TB 134 54.37 -58.99 2.00
C SER TB 134 52.86 -59.10 2.14
N LYS TB 135 52.21 -57.95 2.30
CA LYS TB 135 50.76 -57.95 2.47
C LYS TB 135 50.05 -58.49 1.22
N THR TB 136 50.56 -58.15 0.03
CA THR TB 136 49.89 -58.51 -1.21
C THR TB 136 50.74 -59.39 -2.13
N VAL TB 137 51.91 -59.85 -1.68
CA VAL TB 137 52.83 -60.61 -2.52
C VAL TB 137 52.86 -62.05 -2.03
N ARG TB 138 52.60 -62.99 -2.94
CA ARG TB 138 52.69 -64.41 -2.62
C ARG TB 138 53.38 -65.20 -3.72
N PHE TB 139 54.01 -64.56 -4.69
CA PHE TB 139 54.58 -65.24 -5.84
C PHE TB 139 55.95 -64.68 -6.15
N ASN TB 140 56.81 -65.54 -6.69
CA ASN TB 140 58.15 -65.16 -7.13
C ASN TB 140 58.29 -65.41 -8.62
N VAL TB 141 58.96 -64.48 -9.29
CA VAL TB 141 59.28 -64.65 -10.71
C VAL TB 141 60.34 -65.73 -10.84
N LEU TB 142 60.00 -66.82 -11.53
CA LEU TB 142 60.90 -67.93 -11.75
C LEU TB 142 61.49 -67.94 -13.14
N LYS TB 143 60.76 -67.45 -14.13
CA LYS TB 143 61.25 -67.47 -15.51
C LYS TB 143 60.79 -66.21 -16.22
N VAL TB 144 61.63 -65.68 -17.10
CA VAL TB 144 61.33 -64.48 -17.87
C VAL TB 144 61.54 -64.79 -19.35
N THR TB 145 60.55 -64.45 -20.18
CA THR TB 145 60.68 -64.56 -21.63
C THR TB 145 60.34 -63.22 -22.26
N LYS TB 146 61.09 -62.86 -23.30
CA LYS TB 146 60.89 -61.61 -23.99
C LYS TB 146 59.64 -61.66 -24.86
N ALA TB 147 59.09 -60.48 -25.15
CA ALA TB 147 57.89 -60.35 -25.97
C ALA TB 147 58.29 -59.93 -27.37
N ALA TB 148 58.70 -60.93 -28.17
CA ALA TB 148 59.09 -60.73 -29.58
C ALA TB 148 60.19 -59.67 -29.71
N GLY TB 149 61.17 -59.74 -28.82
CA GLY TB 149 62.25 -58.78 -28.80
C GLY TB 149 63.61 -59.37 -29.10
N THR TB 150 64.44 -59.49 -28.06
CA THR TB 150 65.82 -60.00 -28.14
C THR TB 150 66.69 -59.19 -29.10
N LYS TB 151 66.27 -57.97 -29.43
CA LYS TB 151 67.01 -57.09 -30.31
C LYS TB 151 66.50 -55.67 -30.10
N LYS TB 152 67.41 -54.71 -30.17
CA LYS TB 152 67.07 -53.30 -30.00
C LYS TB 152 67.56 -52.52 -31.21
N GLN TB 153 66.66 -51.75 -31.82
CA GLN TB 153 67.01 -50.94 -32.97
C GLN TB 153 67.46 -49.54 -32.54
N GLY UB 1 34.57 -49.72 -48.64
CA GLY UB 1 34.38 -48.29 -48.72
C GLY UB 1 35.59 -47.53 -48.22
N ARG UB 2 35.59 -46.22 -48.43
CA ARG UB 2 36.71 -45.40 -48.01
C ARG UB 2 36.75 -45.27 -46.50
N MET UB 3 37.95 -45.06 -45.97
CA MET UB 3 38.13 -44.93 -44.52
C MET UB 3 37.40 -43.71 -43.99
N HIS UB 4 37.58 -42.56 -44.65
CA HIS UB 4 37.05 -41.29 -44.15
C HIS UB 4 36.16 -40.59 -45.18
N ALA UB 5 35.67 -41.33 -46.16
CA ALA UB 5 34.77 -40.78 -47.17
C ALA UB 5 33.65 -41.77 -47.40
N PRO UB 6 32.47 -41.30 -47.81
CA PRO UB 6 31.35 -42.21 -48.11
C PRO UB 6 31.40 -42.74 -49.54
N GLY UB 7 32.59 -43.08 -50.00
CA GLY UB 7 32.81 -43.53 -51.37
C GLY UB 7 33.10 -45.02 -51.38
N LYS UB 8 32.64 -45.69 -52.43
CA LYS UB 8 32.78 -47.13 -52.58
C LYS UB 8 33.34 -47.46 -53.95
N GLY UB 9 34.40 -46.76 -54.33
CA GLY UB 9 34.99 -46.97 -55.63
C GLY UB 9 35.70 -48.30 -55.75
N LEU UB 10 35.94 -48.69 -57.01
CA LEU UB 10 36.54 -49.97 -57.33
C LEU UB 10 37.82 -49.85 -58.14
N SER UB 11 38.26 -48.63 -58.47
CA SER UB 11 39.44 -48.45 -59.32
C SER UB 11 40.68 -49.04 -58.67
N GLN UB 12 41.19 -50.12 -59.26
CA GLN UB 12 42.33 -50.84 -58.70
C GLN UB 12 43.23 -51.26 -59.85
N SER UB 13 44.22 -52.09 -59.55
CA SER UB 13 45.09 -52.68 -60.54
C SER UB 13 44.87 -54.18 -60.56
N ALA UB 14 44.70 -54.74 -61.75
CA ALA UB 14 44.47 -56.17 -61.93
C ALA UB 14 45.78 -56.81 -62.36
N LEU UB 15 46.52 -57.34 -61.40
CA LEU UB 15 47.77 -58.01 -61.69
C LEU UB 15 47.49 -59.30 -62.45
N PRO UB 16 48.21 -59.55 -63.56
CA PRO UB 16 47.91 -60.73 -64.37
C PRO UB 16 48.27 -62.02 -63.67
N TYR UB 17 47.64 -63.11 -64.12
CA TYR UB 17 47.89 -64.42 -63.57
C TYR UB 17 49.29 -64.93 -63.91
N ARG UB 18 49.91 -64.43 -64.98
CA ARG UB 18 51.23 -64.90 -65.37
C ARG UB 18 52.28 -64.16 -64.56
N ARG UB 19 52.88 -64.85 -63.59
CA ARG UB 19 53.95 -64.27 -62.79
C ARG UB 19 55.29 -64.27 -63.50
N SER UB 20 55.40 -64.97 -64.63
CA SER UB 20 56.68 -65.09 -65.32
C SER UB 20 57.07 -63.78 -65.98
N VAL UB 21 58.37 -63.58 -66.10
CA VAL UB 21 58.91 -62.39 -66.78
C VAL UB 21 58.65 -62.52 -68.28
N PRO UB 22 58.20 -61.47 -68.95
CA PRO UB 22 58.02 -61.54 -70.41
C PRO UB 22 59.33 -61.79 -71.12
N THR UB 23 59.25 -62.52 -72.24
CA THR UB 23 60.45 -62.87 -72.99
C THR UB 23 61.09 -61.68 -73.67
N TRP UB 24 60.34 -60.61 -73.92
CA TRP UB 24 60.88 -59.44 -74.59
C TRP UB 24 61.61 -58.49 -73.63
N LEU UB 25 61.65 -58.81 -72.35
CA LEU UB 25 62.33 -57.98 -71.36
C LEU UB 25 63.79 -58.40 -71.31
N LYS UB 26 64.68 -57.53 -71.78
CA LYS UB 26 66.11 -57.79 -71.76
C LYS UB 26 66.79 -57.33 -70.48
N LEU UB 27 66.07 -56.63 -69.61
CA LEU UB 27 66.67 -56.18 -68.36
C LEU UB 27 66.84 -57.35 -67.41
N THR UB 28 68.03 -57.46 -66.82
CA THR UB 28 68.28 -58.47 -65.81
C THR UB 28 68.03 -57.90 -64.42
N SER UB 29 68.09 -58.78 -63.42
CA SER UB 29 67.79 -58.38 -62.05
C SER UB 29 68.72 -57.30 -61.56
N ASP UB 30 70.03 -57.45 -61.82
CA ASP UB 30 70.98 -56.43 -61.41
C ASP UB 30 70.77 -55.12 -62.16
N ASP UB 31 70.37 -55.21 -63.44
CA ASP UB 31 70.10 -53.99 -64.21
C ASP UB 31 68.93 -53.22 -63.62
N VAL UB 32 67.84 -53.91 -63.31
CA VAL UB 32 66.70 -53.25 -62.67
C VAL UB 32 67.10 -52.70 -61.31
N LYS UB 33 67.91 -53.44 -60.57
CA LYS UB 33 68.36 -52.96 -59.26
C LYS UB 33 69.17 -51.67 -59.39
N GLU UB 34 70.05 -51.61 -60.39
CA GLU UB 34 70.82 -50.39 -60.62
C GLU UB 34 69.93 -49.22 -61.02
N GLN UB 35 68.90 -49.49 -61.83
CA GLN UB 35 67.96 -48.43 -62.19
C GLN UB 35 67.23 -47.92 -60.94
N ILE UB 36 66.81 -48.82 -60.06
CA ILE UB 36 66.16 -48.41 -58.83
C ILE UB 36 67.12 -47.59 -57.96
N TYR UB 37 68.39 -48.00 -57.91
CA TYR UB 37 69.37 -47.26 -57.14
C TYR UB 37 69.55 -45.85 -57.67
N LYS UB 38 69.64 -45.71 -58.99
CA LYS UB 38 69.81 -44.39 -59.59
C LYS UB 38 68.59 -43.51 -59.32
N LEU UB 39 67.39 -44.07 -59.46
CA LEU UB 39 66.19 -43.28 -59.20
C LEU UB 39 66.07 -42.89 -57.74
N ALA UB 40 66.41 -43.80 -56.82
CA ALA UB 40 66.37 -43.47 -55.40
C ALA UB 40 67.39 -42.40 -55.04
N LYS UB 41 68.58 -42.44 -55.65
CA LYS UB 41 69.53 -41.36 -55.44
C LYS UB 41 69.01 -40.05 -56.01
N LYS UB 42 68.33 -40.09 -57.15
CA LYS UB 42 67.65 -38.90 -57.67
C LYS UB 42 66.55 -38.42 -56.74
N GLY UB 43 66.03 -39.27 -55.87
CA GLY UB 43 65.11 -38.84 -54.83
C GLY UB 43 63.69 -39.31 -54.96
N LEU UB 44 63.41 -40.26 -55.85
CA LEU UB 44 62.06 -40.73 -56.06
C LEU UB 44 61.64 -41.70 -54.97
N THR UB 45 60.40 -41.57 -54.52
CA THR UB 45 59.81 -42.53 -53.61
C THR UB 45 59.52 -43.83 -54.36
N PRO UB 46 59.40 -44.96 -53.64
CA PRO UB 46 59.22 -46.25 -54.32
C PRO UB 46 58.04 -46.30 -55.27
N SER UB 47 56.94 -45.63 -54.96
CA SER UB 47 55.81 -45.59 -55.90
C SER UB 47 56.22 -44.95 -57.21
N GLN UB 48 56.93 -43.82 -57.14
CA GLN UB 48 57.39 -43.15 -58.36
C GLN UB 48 58.41 -44.00 -59.08
N ILE UB 49 59.27 -44.70 -58.36
CA ILE UB 49 60.26 -45.58 -59.00
C ILE UB 49 59.54 -46.66 -59.80
N GLY UB 50 58.53 -47.28 -59.18
CA GLY UB 50 57.76 -48.28 -59.90
C GLY UB 50 57.04 -47.72 -61.11
N VAL UB 51 56.49 -46.52 -60.97
CA VAL UB 51 55.77 -45.90 -62.08
C VAL UB 51 56.71 -45.63 -63.25
N ILE UB 52 57.88 -45.05 -62.96
CA ILE UB 52 58.86 -44.78 -64.01
C ILE UB 52 59.31 -46.07 -64.67
N LEU UB 53 59.61 -47.09 -63.87
CA LEU UB 53 60.10 -48.34 -64.40
C LEU UB 53 59.05 -49.01 -65.29
N ARG UB 54 57.78 -48.96 -64.90
CA ARG UB 54 56.73 -49.57 -65.69
C ARG UB 54 56.45 -48.78 -66.95
N ASP UB 55 56.47 -47.45 -66.86
CA ASP UB 55 56.11 -46.61 -68.00
C ASP UB 55 57.20 -46.62 -69.07
N SER UB 56 58.46 -46.48 -68.66
CA SER UB 56 59.54 -46.26 -69.62
C SER UB 56 60.33 -47.52 -69.95
N HIS UB 57 60.81 -48.23 -68.95
CA HIS UB 57 61.71 -49.36 -69.17
C HIS UB 57 60.98 -50.67 -69.40
N GLY UB 58 59.65 -50.67 -69.37
CA GLY UB 58 58.90 -51.84 -69.79
C GLY UB 58 58.88 -52.99 -68.82
N VAL UB 59 59.34 -52.79 -67.60
CA VAL UB 59 59.29 -53.85 -66.59
C VAL UB 59 57.92 -53.82 -65.93
N ALA UB 60 57.31 -55.00 -65.80
CA ALA UB 60 55.95 -55.08 -65.31
C ALA UB 60 55.90 -55.06 -63.78
N GLN UB 61 56.65 -55.96 -63.15
CA GLN UB 61 56.70 -56.03 -61.69
C GLN UB 61 58.15 -56.21 -61.27
N VAL UB 62 58.65 -55.28 -60.46
CA VAL UB 62 60.00 -55.40 -59.93
C VAL UB 62 60.14 -56.67 -59.12
N ARG UB 63 59.10 -57.02 -58.37
CA ARG UB 63 59.14 -58.26 -57.59
C ARG UB 63 59.20 -59.48 -58.50
N PHE UB 64 58.48 -59.44 -59.63
CA PHE UB 64 58.52 -60.58 -60.55
C PHE UB 64 59.87 -60.73 -61.21
N VAL UB 65 60.50 -59.61 -61.57
CA VAL UB 65 61.75 -59.70 -62.33
C VAL UB 65 62.97 -59.87 -61.44
N THR UB 66 62.96 -59.35 -60.21
CA THR UB 66 64.10 -59.46 -59.32
C THR UB 66 63.90 -60.42 -58.15
N GLY UB 67 62.65 -60.72 -57.80
CA GLY UB 67 62.38 -61.54 -56.63
C GLY UB 67 62.18 -60.76 -55.35
N ASN UB 68 62.38 -59.45 -55.36
CA ASN UB 68 62.24 -58.63 -54.16
C ASN UB 68 61.44 -57.38 -54.50
N LYS UB 69 60.81 -56.81 -53.48
CA LYS UB 69 60.05 -55.59 -53.65
C LYS UB 69 60.98 -54.38 -53.63
N ILE UB 70 60.46 -53.25 -54.10
CA ILE UB 70 61.29 -52.05 -54.26
C ILE UB 70 61.78 -51.54 -52.91
N LEU UB 71 60.90 -51.50 -51.91
CA LEU UB 71 61.32 -51.06 -50.59
C LEU UB 71 62.32 -52.02 -49.98
N ARG UB 72 62.14 -53.33 -50.20
CA ARG UB 72 63.10 -54.30 -49.71
C ARG UB 72 64.47 -54.09 -50.34
N ILE UB 73 64.51 -53.83 -51.65
CA ILE UB 73 65.78 -53.58 -52.33
C ILE UB 73 66.44 -52.32 -51.79
N LEU UB 74 65.66 -51.24 -51.63
CA LEU UB 74 66.19 -49.99 -51.13
C LEU UB 74 66.73 -50.16 -49.71
N LYS UB 75 66.00 -50.88 -48.86
CA LYS UB 75 66.45 -51.09 -47.49
C LYS UB 75 67.69 -51.97 -47.43
N SER UB 76 67.77 -52.97 -48.32
CA SER UB 76 68.95 -53.81 -48.38
C SER UB 76 70.18 -53.01 -48.78
N LYS UB 77 70.04 -52.13 -49.78
CA LYS UB 77 71.17 -51.29 -50.15
C LYS UB 77 71.47 -50.23 -49.11
N GLY UB 78 70.48 -49.84 -48.32
CA GLY UB 78 70.70 -48.88 -47.25
C GLY UB 78 70.35 -47.46 -47.58
N LEU UB 79 69.37 -47.24 -48.44
CA LEU UB 79 68.97 -45.88 -48.80
C LEU UB 79 67.45 -45.71 -48.79
N ALA UB 80 66.75 -46.56 -48.04
CA ALA UB 80 65.33 -46.36 -47.84
C ALA UB 80 65.07 -45.10 -47.02
N PRO UB 81 63.96 -44.41 -47.27
CA PRO UB 81 63.67 -43.19 -46.51
C PRO UB 81 63.44 -43.49 -45.04
N ASP UB 82 63.79 -42.51 -44.20
CA ASP UB 82 63.61 -42.66 -42.76
C ASP UB 82 62.13 -42.81 -42.39
N LEU UB 83 61.27 -42.00 -43.00
CA LEU UB 83 59.86 -42.23 -42.79
C LEU UB 83 59.30 -43.09 -43.92
N PRO UB 84 58.27 -43.87 -43.65
CA PRO UB 84 57.56 -44.55 -44.72
C PRO UB 84 56.91 -43.55 -45.66
N GLU UB 85 56.76 -43.96 -46.92
CA GLU UB 85 56.29 -43.05 -47.95
C GLU UB 85 54.91 -42.50 -47.64
N ASP UB 86 53.96 -43.39 -47.31
CA ASP UB 86 52.59 -42.95 -47.08
C ASP UB 86 52.47 -42.09 -45.83
N LEU UB 87 53.19 -42.43 -44.77
CA LEU UB 87 53.19 -41.59 -43.57
C LEU UB 87 53.79 -40.22 -43.87
N TYR UB 88 54.87 -40.19 -44.66
CA TYR UB 88 55.48 -38.92 -45.04
C TYR UB 88 54.50 -38.06 -45.81
N HIS UB 89 53.76 -38.66 -46.75
CA HIS UB 89 52.82 -37.88 -47.54
C HIS UB 89 51.64 -37.42 -46.71
N LEU UB 90 51.20 -38.23 -45.75
CA LEU UB 90 50.13 -37.78 -44.85
C LEU UB 90 50.59 -36.60 -44.00
N ILE UB 91 51.82 -36.65 -43.50
CA ILE UB 91 52.33 -35.52 -42.70
C ILE UB 91 52.48 -34.29 -43.59
N LYS UB 92 52.94 -34.47 -44.83
CA LYS UB 92 53.05 -33.36 -45.76
C LYS UB 92 51.71 -32.70 -46.01
N LYS UB 93 50.67 -33.52 -46.23
CA LYS UB 93 49.33 -32.99 -46.44
C LYS UB 93 48.83 -32.25 -45.21
N ALA UB 94 49.09 -32.80 -44.02
CA ALA UB 94 48.65 -32.14 -42.79
C ALA UB 94 49.34 -30.80 -42.61
N VAL UB 95 50.64 -30.73 -42.92
CA VAL UB 95 51.37 -29.48 -42.81
C VAL UB 95 50.81 -28.44 -43.78
N ALA UB 96 50.51 -28.88 -45.02
CA ALA UB 96 49.93 -27.96 -45.99
C ALA UB 96 48.58 -27.44 -45.54
N VAL UB 97 47.74 -28.31 -44.99
CA VAL UB 97 46.42 -27.89 -44.54
C VAL UB 97 46.54 -26.94 -43.35
N ARG UB 98 47.46 -27.20 -42.42
CA ARG UB 98 47.64 -26.30 -41.30
C ARG UB 98 48.15 -24.94 -41.76
N LYS UB 99 49.05 -24.93 -42.76
CA LYS UB 99 49.55 -23.67 -43.29
C LYS UB 99 48.43 -22.88 -43.95
N HIS UB 100 47.53 -23.55 -44.66
CA HIS UB 100 46.38 -22.85 -45.23
C HIS UB 100 45.45 -22.35 -44.13
N LEU UB 101 45.27 -23.16 -43.09
CA LEU UB 101 44.29 -22.85 -42.05
C LEU UB 101 44.73 -21.70 -41.17
N GLU UB 102 46.03 -21.56 -40.93
CA GLU UB 102 46.49 -20.44 -40.10
C GLU UB 102 46.29 -19.08 -40.78
N ARG UB 103 46.00 -19.06 -42.07
CA ARG UB 103 45.59 -17.84 -42.75
C ARG UB 103 44.09 -17.75 -43.00
N ASN UB 104 43.44 -18.88 -43.23
CA ASN UB 104 41.99 -18.92 -43.46
C ASN UB 104 41.33 -19.52 -42.22
N ARG UB 105 41.02 -18.67 -41.25
CA ARG UB 105 40.45 -19.15 -39.99
C ARG UB 105 39.01 -19.60 -40.14
N LYS UB 106 38.29 -19.12 -41.14
CA LYS UB 106 36.90 -19.47 -41.35
C LYS UB 106 36.74 -20.75 -42.15
N ASP UB 107 37.83 -21.38 -42.59
CA ASP UB 107 37.75 -22.58 -43.41
C ASP UB 107 37.47 -23.79 -42.50
N LYS UB 108 36.22 -23.88 -42.06
CA LYS UB 108 35.81 -24.99 -41.21
C LYS UB 108 35.84 -26.31 -41.97
N ASP UB 109 35.63 -26.27 -43.29
CA ASP UB 109 35.83 -27.46 -44.10
C ASP UB 109 37.28 -27.91 -44.02
N ALA UB 110 38.22 -26.96 -44.09
CA ALA UB 110 39.62 -27.32 -43.97
C ALA UB 110 39.94 -27.87 -42.58
N LYS UB 111 39.30 -27.33 -41.55
CA LYS UB 111 39.50 -27.87 -40.20
C LYS UB 111 39.01 -29.31 -40.12
N PHE UB 112 37.86 -29.60 -40.72
CA PHE UB 112 37.32 -30.96 -40.73
C PHE UB 112 38.25 -31.92 -41.48
N ARG UB 113 38.74 -31.49 -42.64
CA ARG UB 113 39.67 -32.32 -43.40
C ARG UB 113 40.97 -32.52 -42.62
N LEU UB 114 41.41 -31.50 -41.89
CA LEU UB 114 42.62 -31.63 -41.08
C LEU UB 114 42.43 -32.67 -39.99
N ILE UB 115 41.25 -32.68 -39.35
CA ILE UB 115 40.97 -33.70 -38.35
C ILE UB 115 41.02 -35.09 -38.97
N LEU UB 116 40.43 -35.25 -40.16
CA LEU UB 116 40.47 -36.55 -40.82
C LEU UB 116 41.90 -36.98 -41.13
N ILE UB 117 42.71 -36.05 -41.66
CA ILE UB 117 44.09 -36.37 -42.03
C ILE UB 117 44.91 -36.75 -40.80
N GLU UB 118 44.74 -36.01 -39.71
CA GLU UB 118 45.50 -36.31 -38.51
C GLU UB 118 45.06 -37.62 -37.87
N SER UB 119 43.77 -37.97 -37.97
CA SER UB 119 43.33 -39.29 -37.52
C SER UB 119 44.00 -40.39 -38.33
N ARG UB 120 44.07 -40.20 -39.65
CA ARG UB 120 44.77 -41.18 -40.48
C ARG UB 120 46.24 -41.28 -40.10
N ILE UB 121 46.86 -40.14 -39.82
CA ILE UB 121 48.27 -40.12 -39.43
C ILE UB 121 48.48 -40.92 -38.16
N HIS UB 122 47.61 -40.71 -37.16
CA HIS UB 122 47.78 -41.40 -35.89
C HIS UB 122 47.53 -42.90 -36.03
N ARG UB 123 46.55 -43.29 -36.83
CA ARG UB 123 46.32 -44.73 -37.04
C ARG UB 123 47.49 -45.39 -37.75
N LEU UB 124 48.02 -44.73 -38.78
CA LEU UB 124 49.17 -45.29 -39.50
C LEU UB 124 50.41 -45.34 -38.61
N ALA UB 125 50.60 -44.31 -37.78
CA ALA UB 125 51.73 -44.30 -36.85
C ALA UB 125 51.60 -45.42 -35.83
N ARG UB 126 50.39 -45.68 -35.35
CA ARG UB 126 50.16 -46.79 -34.46
C ARG UB 126 50.53 -48.11 -35.12
N TYR UB 127 50.13 -48.28 -36.39
CA TYR UB 127 50.49 -49.49 -37.12
C TYR UB 127 52.01 -49.63 -37.24
N TYR UB 128 52.70 -48.55 -37.58
CA TYR UB 128 54.14 -48.64 -37.79
C TYR UB 128 54.89 -48.88 -36.49
N LYS UB 129 54.43 -48.28 -35.39
CA LYS UB 129 55.04 -48.55 -34.10
C LYS UB 129 54.78 -49.99 -33.67
N THR UB 130 53.62 -50.55 -34.02
CA THR UB 130 53.37 -51.96 -33.76
C THR UB 130 54.33 -52.84 -34.54
N LYS UB 131 54.57 -52.50 -35.81
CA LYS UB 131 55.48 -53.28 -36.64
C LYS UB 131 56.95 -52.94 -36.41
N ARG UB 132 57.25 -51.99 -35.51
CA ARG UB 132 58.60 -51.59 -35.15
C ARG UB 132 59.34 -50.93 -36.30
N VAL UB 133 58.61 -50.43 -37.29
CA VAL UB 133 59.22 -49.62 -38.33
C VAL UB 133 59.65 -48.28 -37.77
N LEU UB 134 58.82 -47.68 -36.95
CA LEU UB 134 59.00 -46.43 -36.24
C LEU UB 134 59.51 -46.71 -34.82
N PRO UB 135 60.21 -45.74 -34.22
CA PRO UB 135 60.61 -45.91 -32.83
C PRO UB 135 59.40 -46.01 -31.93
N PRO UB 136 59.50 -46.74 -30.82
CA PRO UB 136 58.34 -46.90 -29.93
C PRO UB 136 57.87 -45.60 -29.30
N ASN UB 137 58.71 -44.59 -29.22
CA ASN UB 137 58.36 -43.30 -28.65
C ASN UB 137 58.01 -42.25 -29.71
N TRP UB 138 57.86 -42.66 -30.97
CA TRP UB 138 57.59 -41.73 -32.05
C TRP UB 138 56.20 -41.12 -31.90
N LYS UB 139 56.13 -39.80 -32.03
CA LYS UB 139 54.88 -39.09 -31.91
C LYS UB 139 54.83 -37.99 -32.95
N TYR UB 140 53.66 -37.81 -33.56
CA TYR UB 140 53.43 -36.74 -34.53
C TYR UB 140 53.02 -35.49 -33.77
N GLU UB 141 53.86 -34.46 -33.80
CA GLU UB 141 53.54 -33.16 -33.22
C GLU UB 141 53.24 -32.19 -34.35
N SER UB 142 52.10 -31.52 -34.24
CA SER UB 142 51.69 -30.57 -35.27
C SER UB 142 52.67 -29.40 -35.37
N SER UB 143 53.28 -29.02 -34.25
CA SER UB 143 54.19 -27.88 -34.27
C SER UB 143 55.50 -28.21 -34.97
N THR UB 144 56.07 -29.37 -34.68
CA THR UB 144 57.39 -29.72 -35.18
C THR UB 144 57.35 -30.60 -36.43
N ALA UB 145 56.17 -30.94 -36.93
CA ALA UB 145 56.10 -31.77 -38.12
C ALA UB 145 56.46 -31.02 -39.39
N SER UB 146 56.42 -29.69 -39.37
CA SER UB 146 56.64 -28.92 -40.58
C SER UB 146 58.07 -29.04 -41.08
N ALA UB 147 59.02 -29.27 -40.18
CA ALA UB 147 60.42 -29.39 -40.55
C ALA UB 147 60.78 -30.77 -41.08
N LEU UB 148 59.86 -31.73 -41.01
CA LEU UB 148 60.14 -33.07 -41.48
C LEU UB 148 59.82 -33.27 -42.96
N VAL UB 149 58.95 -32.45 -43.52
CA VAL UB 149 58.46 -32.63 -44.88
C VAL UB 149 58.72 -31.36 -45.67
N ALA UB 150 59.10 -31.53 -46.94
CA ALA UB 150 59.35 -30.42 -47.86
C ALA UB 150 60.31 -29.37 -47.32
N ILE VB 4 -2.82 27.12 -85.96
CA ILE VB 4 -2.00 26.98 -84.77
C ILE VB 4 -2.00 25.53 -84.25
N SER VB 5 -3.12 25.08 -83.68
CA SER VB 5 -3.34 23.71 -83.23
C SER VB 5 -2.37 23.26 -82.14
N LEU VB 6 -1.47 24.15 -81.70
CA LEU VB 6 -0.49 23.88 -80.65
C LEU VB 6 0.39 22.67 -81.00
N GLY VB 7 0.63 22.43 -82.29
CA GLY VB 7 1.35 21.26 -82.72
C GLY VB 7 2.48 21.59 -83.67
N PRO VB 8 3.21 20.58 -84.10
CA PRO VB 8 4.33 20.79 -85.02
C PRO VB 8 3.84 20.94 -86.47
N GLN VB 9 4.74 21.44 -87.31
CA GLN VB 9 4.47 21.59 -88.73
C GLN VB 9 4.83 20.28 -89.43
N VAL VB 10 3.82 19.55 -89.87
CA VAL VB 10 4.02 18.23 -90.46
C VAL VB 10 3.30 18.16 -91.80
N ALA VB 11 3.79 17.26 -92.65
CA ALA VB 11 3.17 17.01 -93.94
C ALA VB 11 2.03 16.02 -93.77
N GLU VB 12 1.51 15.51 -94.88
CA GLU VB 12 0.41 14.55 -94.86
C GLU VB 12 0.88 13.11 -94.94
N GLY VB 13 1.91 12.82 -95.74
CA GLY VB 13 2.34 11.45 -95.97
C GLY VB 13 3.05 10.80 -94.80
N GLU VB 14 3.30 11.54 -93.73
CA GLU VB 14 3.98 11.00 -92.56
C GLU VB 14 3.21 11.41 -91.30
N ASN VB 15 3.47 10.67 -90.23
CA ASN VB 15 2.79 10.86 -88.95
C ASN VB 15 3.81 11.17 -87.85
N VAL VB 16 3.34 11.85 -86.82
CA VAL VB 16 4.17 12.26 -85.69
C VAL VB 16 3.93 11.30 -84.52
N PHE VB 17 5.03 10.92 -83.85
CA PHE VB 17 5.03 9.83 -82.89
C PHE VB 17 5.16 10.34 -81.46
N GLY VB 18 4.40 9.73 -80.56
CA GLY VB 18 4.61 9.86 -79.14
C GLY VB 18 4.81 8.49 -78.53
N VAL VB 19 4.96 8.46 -77.20
CA VAL VB 19 5.14 7.21 -76.48
C VAL VB 19 4.07 7.13 -75.39
N CYS VB 20 3.28 6.08 -75.41
CA CYS VB 20 2.26 5.85 -74.41
C CYS VB 20 2.74 4.79 -73.43
N HIS VB 21 2.99 5.22 -72.20
CA HIS VB 21 3.26 4.32 -71.09
C HIS VB 21 1.93 3.92 -70.48
N ILE VB 22 1.59 2.64 -70.63
CA ILE VB 22 0.37 2.08 -70.06
C ILE VB 22 0.78 1.28 -68.84
N PHE VB 23 0.65 1.88 -67.66
CA PHE VB 23 0.96 1.21 -66.40
C PHE VB 23 -0.34 0.60 -65.88
N ALA VB 24 -0.58 -0.66 -66.23
CA ALA VB 24 -1.83 -1.30 -65.86
C ALA VB 24 -1.56 -2.22 -64.68
N SER VB 25 -1.64 -1.68 -63.48
CA SER VB 25 -1.45 -2.51 -62.32
C SER VB 25 -2.82 -3.01 -61.87
N PHE VB 26 -2.87 -3.70 -60.75
CA PHE VB 26 -4.15 -3.80 -60.09
C PHE VB 26 -4.37 -2.53 -59.29
N ASN VB 27 -5.64 -2.23 -59.01
CA ASN VB 27 -6.10 -1.04 -58.30
C ASN VB 27 -6.00 0.23 -59.13
N ASP VB 28 -5.35 0.19 -60.30
CA ASP VB 28 -5.29 1.37 -61.17
C ASP VB 28 -4.65 1.04 -62.51
N THR VB 29 -4.91 1.92 -63.47
CA THR VB 29 -4.26 1.90 -64.77
C THR VB 29 -3.91 3.34 -65.16
N PHE VB 30 -2.73 3.49 -65.76
CA PHE VB 30 -2.21 4.78 -66.20
C PHE VB 30 -2.06 4.73 -67.72
N VAL VB 31 -2.53 5.78 -68.39
CA VAL VB 31 -2.51 5.85 -69.85
C VAL VB 31 -1.61 7.01 -70.23
N HIS VB 32 -0.49 7.15 -69.52
CA HIS VB 32 0.41 8.28 -69.70
C HIS VB 32 0.90 8.36 -71.15
N VAL VB 33 0.98 9.57 -71.68
CA VAL VB 33 1.55 9.80 -73.01
C VAL VB 33 2.58 10.93 -72.92
N THR VB 34 3.79 10.65 -73.37
CA THR VB 34 4.89 11.59 -73.40
C THR VB 34 5.43 11.68 -74.83
N ASP VB 35 6.46 12.51 -75.00
CA ASP VB 35 7.10 12.67 -76.28
C ASP VB 35 7.98 11.45 -76.56
N LEU VB 36 8.78 11.52 -77.62
CA LEU VB 36 9.58 10.36 -78.01
C LEU VB 36 10.73 10.11 -77.05
N SER VB 37 11.16 11.13 -76.29
CA SER VB 37 12.20 10.94 -75.29
C SER VB 37 11.66 10.54 -73.93
N GLY VB 38 10.41 10.88 -73.63
CA GLY VB 38 9.81 10.59 -72.36
C GLY VB 38 9.94 11.69 -71.33
N LYS VB 39 10.84 12.66 -71.56
CA LYS VB 39 11.05 13.71 -70.58
C LYS VB 39 9.89 14.70 -70.56
N GLU VB 40 9.30 14.96 -71.71
CA GLU VB 40 8.16 15.88 -71.83
C GLU VB 40 6.89 15.07 -72.02
N THR VB 41 5.94 15.25 -71.11
CA THR VB 41 4.68 14.53 -71.17
C THR VB 41 3.62 15.33 -71.90
N ILE VB 42 2.64 14.61 -72.42
CA ILE VB 42 1.56 15.18 -73.22
C ILE VB 42 0.23 15.10 -72.49
N CYS VB 43 -0.20 13.89 -72.14
CA CYS VB 43 -1.44 13.70 -71.41
C CYS VB 43 -1.28 12.49 -70.50
N ARG VB 44 -1.88 12.56 -69.32
CA ARG VB 44 -1.86 11.44 -68.38
C ARG VB 44 -3.23 11.36 -67.72
N VAL VB 45 -4.00 10.34 -68.07
CA VAL VB 45 -5.32 10.11 -67.50
C VAL VB 45 -5.35 8.69 -66.94
N THR VB 46 -5.82 8.55 -65.72
CA THR VB 46 -5.95 7.26 -65.06
C THR VB 46 -7.42 6.88 -64.94
N GLY VB 47 -7.66 5.64 -64.51
CA GLY VB 47 -9.02 5.21 -64.26
C GLY VB 47 -9.64 5.79 -63.01
N GLY VB 48 -8.80 6.21 -62.06
CA GLY VB 48 -9.30 6.81 -60.84
C GLY VB 48 -9.87 8.19 -61.04
N MET VB 49 -9.47 8.87 -62.10
CA MET VB 49 -10.06 10.16 -62.46
C MET VB 49 -11.21 10.02 -63.44
N LYS VB 50 -11.56 8.79 -63.83
CA LYS VB 50 -12.74 8.50 -64.62
C LYS VB 50 -13.87 7.88 -63.82
N VAL VB 51 -13.56 7.08 -62.82
CA VAL VB 51 -14.58 6.51 -61.95
C VAL VB 51 -14.53 7.20 -60.60
N LYS VB 52 -15.63 7.10 -59.87
CA LYS VB 52 -15.74 7.63 -58.52
C LYS VB 52 -16.25 6.56 -57.57
N ALA VB 53 -15.83 5.32 -57.79
CA ALA VB 53 -16.28 4.19 -56.99
C ALA VB 53 -15.18 3.49 -56.22
N ASP VB 54 -13.91 3.69 -56.58
CA ASP VB 54 -12.74 3.18 -55.86
C ASP VB 54 -12.59 1.68 -56.03
N ARG VB 55 -13.60 1.03 -56.61
CA ARG VB 55 -13.53 -0.38 -56.96
C ARG VB 55 -13.10 -0.56 -58.40
N ASP VB 56 -13.43 0.40 -59.24
CA ASP VB 56 -13.30 0.29 -60.68
C ASP VB 56 -12.13 1.08 -61.23
N GLU VB 57 -11.21 1.52 -60.37
CA GLU VB 57 -10.06 2.28 -60.85
C GLU VB 57 -9.20 1.44 -61.78
N SER VB 58 -9.19 0.12 -61.58
CA SER VB 58 -8.47 -0.79 -62.45
C SER VB 58 -9.38 -1.50 -63.44
N SER VB 59 -10.61 -1.05 -63.57
CA SER VB 59 -11.56 -1.75 -64.41
C SER VB 59 -11.30 -1.50 -65.90
N PRO VB 60 -11.65 -2.47 -66.74
CA PRO VB 60 -11.52 -2.25 -68.19
C PRO VB 60 -12.30 -1.06 -68.71
N TYR VB 61 -13.47 -0.78 -68.14
CA TYR VB 61 -14.25 0.37 -68.58
C TYR VB 61 -13.52 1.68 -68.26
N ALA VB 62 -12.96 1.78 -67.05
CA ALA VB 62 -12.20 2.97 -66.70
C ALA VB 62 -10.97 3.12 -67.57
N ALA VB 63 -10.29 2.02 -67.87
CA ALA VB 63 -9.15 2.07 -68.77
C ALA VB 63 -9.57 2.56 -70.15
N MET VB 64 -10.70 2.09 -70.65
CA MET VB 64 -11.19 2.52 -71.95
C MET VB 64 -11.49 4.01 -71.97
N LEU VB 65 -12.18 4.50 -70.93
CA LEU VB 65 -12.51 5.92 -70.86
C LEU VB 65 -11.25 6.77 -70.80
N ALA VB 66 -10.28 6.36 -69.98
CA ALA VB 66 -9.03 7.10 -69.88
C ALA VB 66 -8.30 7.12 -71.20
N ALA VB 67 -8.26 5.99 -71.90
CA ALA VB 67 -7.58 5.93 -73.19
C ALA VB 67 -8.26 6.82 -74.21
N GLN VB 68 -9.61 6.86 -74.19
CA GLN VB 68 -10.33 7.74 -75.12
C GLN VB 68 -10.00 9.20 -74.86
N ASP VB 69 -9.98 9.62 -73.59
CA ASP VB 69 -9.65 11.00 -73.28
C ASP VB 69 -8.23 11.34 -73.66
N VAL VB 70 -7.28 10.43 -73.39
CA VAL VB 70 -5.90 10.63 -73.80
C VAL VB 70 -5.80 10.75 -75.31
N ALA VB 71 -6.55 9.92 -76.04
CA ALA VB 71 -6.50 9.94 -77.49
C ALA VB 71 -7.01 11.26 -78.04
N GLN VB 72 -8.12 11.77 -77.52
CA GLN VB 72 -8.63 13.03 -78.05
C GLN VB 72 -7.71 14.19 -77.68
N ARG VB 73 -7.11 14.15 -76.49
CA ARG VB 73 -6.12 15.18 -76.14
C ARG VB 73 -4.92 15.13 -77.07
N CYS VB 74 -4.44 13.92 -77.38
CA CYS VB 74 -3.30 13.79 -78.29
C CYS VB 74 -3.65 14.29 -79.68
N LYS VB 75 -4.86 13.99 -80.16
CA LYS VB 75 -5.26 14.46 -81.48
C LYS VB 75 -5.38 15.97 -81.53
N GLU VB 76 -5.91 16.59 -80.47
CA GLU VB 76 -6.01 18.04 -80.51
C GLU VB 76 -4.66 18.73 -80.29
N LEU VB 77 -3.70 18.05 -79.68
CA LEU VB 77 -2.34 18.57 -79.62
C LEU VB 77 -1.47 18.12 -80.79
N GLY VB 78 -2.03 17.36 -81.73
CA GLY VB 78 -1.32 17.05 -82.95
C GLY VB 78 -0.31 15.93 -82.83
N ILE VB 79 -0.73 14.82 -82.24
CA ILE VB 79 0.05 13.58 -82.21
C ILE VB 79 -0.80 12.48 -82.82
N THR VB 80 -0.24 11.75 -83.78
CA THR VB 80 -1.00 10.79 -84.55
C THR VB 80 -0.68 9.34 -84.25
N ALA VB 81 0.59 9.00 -84.01
CA ALA VB 81 0.99 7.63 -83.77
C ALA VB 81 1.61 7.51 -82.38
N LEU VB 82 1.55 6.30 -81.83
CA LEU VB 82 2.06 6.05 -80.48
C LEU VB 82 2.82 4.74 -80.46
N HIS VB 83 4.03 4.76 -79.89
CA HIS VB 83 4.65 3.55 -79.39
C HIS VB 83 4.01 3.20 -78.06
N ILE VB 84 4.10 1.93 -77.68
CA ILE VB 84 3.39 1.43 -76.50
C ILE VB 84 4.39 0.76 -75.57
N LYS VB 85 4.38 1.15 -74.31
CA LYS VB 85 5.19 0.54 -73.27
C LYS VB 85 4.26 0.05 -72.17
N LEU VB 86 3.98 -1.25 -72.16
CA LEU VB 86 3.13 -1.83 -71.14
C LEU VB 86 3.92 -2.14 -69.89
N ARG VB 87 3.35 -1.79 -68.73
CA ARG VB 87 4.03 -1.95 -67.46
C ARG VB 87 3.08 -2.58 -66.46
N ALA VB 88 3.60 -3.55 -65.72
CA ALA VB 88 2.91 -4.11 -64.56
C ALA VB 88 3.52 -3.48 -63.31
N THR VB 89 3.14 -3.99 -62.14
CA THR VB 89 3.71 -3.46 -60.91
C THR VB 89 5.21 -3.70 -60.86
N GLY VB 90 5.65 -4.90 -61.21
CA GLY VB 90 7.07 -5.16 -61.30
C GLY VB 90 7.73 -5.26 -59.93
N GLY VB 91 9.06 -5.22 -59.97
CA GLY VB 91 9.83 -5.39 -58.75
C GLY VB 91 9.64 -6.78 -58.19
N ASN VB 92 9.63 -6.89 -56.87
CA ASN VB 92 9.34 -8.16 -56.23
C ASN VB 92 7.86 -8.53 -56.28
N ARG VB 93 7.00 -7.62 -56.72
CA ARG VB 93 5.57 -7.84 -56.79
C ARG VB 93 5.20 -8.42 -58.15
N THR VB 94 3.91 -8.40 -58.47
CA THR VB 94 3.38 -9.15 -59.61
C THR VB 94 3.95 -8.64 -60.94
N LYS VB 95 4.00 -9.54 -61.91
CA LYS VB 95 4.52 -9.25 -63.24
C LYS VB 95 3.45 -9.23 -64.32
N THR VB 96 2.29 -9.79 -64.03
CA THR VB 96 1.19 -9.81 -64.99
C THR VB 96 0.52 -8.44 -65.05
N PRO VB 97 0.32 -7.88 -66.24
CA PRO VB 97 -0.39 -6.59 -66.33
C PRO VB 97 -1.83 -6.73 -65.87
N GLY VB 98 -2.37 -5.62 -65.35
CA GLY VB 98 -3.69 -5.62 -64.81
C GLY VB 98 -4.74 -5.73 -65.90
N PRO VB 99 -6.02 -5.74 -65.48
CA PRO VB 99 -7.11 -5.89 -66.45
C PRO VB 99 -7.24 -4.73 -67.42
N GLY VB 100 -6.68 -3.56 -67.09
CA GLY VB 100 -6.89 -2.39 -67.91
C GLY VB 100 -6.02 -2.25 -69.14
N ALA VB 101 -4.95 -3.04 -69.25
CA ALA VB 101 -4.01 -2.87 -70.36
C ALA VB 101 -4.68 -3.15 -71.70
N GLN VB 102 -5.41 -4.26 -71.78
CA GLN VB 102 -6.05 -4.65 -73.03
C GLN VB 102 -7.07 -3.61 -73.47
N SER VB 103 -7.91 -3.16 -72.53
CA SER VB 103 -8.93 -2.19 -72.88
C SER VB 103 -8.32 -0.85 -73.25
N ALA VB 104 -7.28 -0.42 -72.54
CA ALA VB 104 -6.64 0.85 -72.87
C ALA VB 104 -6.03 0.82 -74.26
N LEU VB 105 -5.31 -0.26 -74.59
CA LEU VB 105 -4.68 -0.33 -75.90
C LEU VB 105 -5.71 -0.47 -77.01
N ARG VB 106 -6.76 -1.26 -76.78
CA ARG VB 106 -7.81 -1.40 -77.78
C ARG VB 106 -8.54 -0.08 -78.00
N ALA VB 107 -8.78 0.68 -76.94
CA ALA VB 107 -9.43 1.97 -77.08
C ALA VB 107 -8.54 2.95 -77.83
N LEU VB 108 -7.23 2.93 -77.55
CA LEU VB 108 -6.32 3.79 -78.31
C LEU VB 108 -6.33 3.42 -79.78
N ALA VB 109 -6.36 2.12 -80.10
CA ALA VB 109 -6.40 1.71 -81.49
C ALA VB 109 -7.71 2.13 -82.17
N ARG VB 110 -8.84 1.95 -81.48
CA ARG VB 110 -10.13 2.25 -82.08
C ARG VB 110 -10.47 3.73 -82.08
N SER VB 111 -9.70 4.55 -81.37
CA SER VB 111 -9.91 5.98 -81.38
C SER VB 111 -9.27 6.67 -82.58
N GLY VB 112 -8.61 5.94 -83.46
CA GLY VB 112 -7.97 6.53 -84.62
C GLY VB 112 -6.48 6.74 -84.47
N MET VB 113 -5.94 6.62 -83.26
CA MET VB 113 -4.51 6.73 -83.06
C MET VB 113 -3.80 5.55 -83.73
N LYS VB 114 -2.70 5.83 -84.40
CA LYS VB 114 -1.90 4.78 -85.01
C LYS VB 114 -0.99 4.15 -83.97
N ILE VB 115 -0.68 2.87 -84.17
CA ILE VB 115 0.12 2.10 -83.23
C ILE VB 115 1.43 1.72 -83.89
N GLY VB 116 2.53 1.88 -83.16
CA GLY VB 116 3.83 1.50 -83.67
C GLY VB 116 4.40 0.30 -82.92
N ARG VB 117 5.59 0.47 -82.35
CA ARG VB 117 6.20 -0.60 -81.58
C ARG VB 117 5.43 -0.84 -80.29
N ILE VB 118 5.44 -2.08 -79.82
CA ILE VB 118 4.85 -2.46 -78.54
C ILE VB 118 5.91 -3.21 -77.75
N GLU VB 119 6.09 -2.85 -76.48
CA GLU VB 119 7.11 -3.49 -75.67
C GLU VB 119 6.69 -3.49 -74.21
N ASP VB 120 7.06 -4.55 -73.51
CA ASP VB 120 6.85 -4.64 -72.07
C ASP VB 120 8.06 -4.03 -71.37
N VAL VB 121 7.82 -3.18 -70.38
CA VAL VB 121 8.87 -2.52 -69.64
C VAL VB 121 8.69 -2.77 -68.16
N THR VB 122 8.09 -3.91 -67.82
CA THR VB 122 7.88 -4.26 -66.42
C THR VB 122 9.22 -4.37 -65.71
N PRO VB 123 9.38 -3.76 -64.54
CA PRO VB 123 10.66 -3.86 -63.83
C PRO VB 123 10.94 -5.28 -63.35
N ILE VB 124 11.92 -5.92 -63.96
CA ILE VB 124 12.30 -7.29 -63.60
C ILE VB 124 13.59 -7.21 -62.80
N PRO VB 125 13.59 -7.58 -61.52
CA PRO VB 125 14.83 -7.56 -60.75
C PRO VB 125 15.74 -8.71 -61.15
N SER VB 126 17.02 -8.39 -61.32
CA SER VB 126 18.02 -9.46 -61.37
C SER VB 126 18.06 -10.21 -60.06
N ASP VB 127 17.76 -9.52 -58.97
CA ASP VB 127 17.13 -9.99 -57.74
C ASP VB 127 16.87 -8.85 -56.79
N SER VB 128 15.79 -8.98 -56.04
CA SER VB 128 15.18 -7.87 -55.33
C SER VB 128 15.30 -8.08 -53.83
N THR VB 129 14.80 -7.09 -53.11
CA THR VB 129 14.66 -7.19 -51.68
C THR VB 129 13.54 -8.17 -51.34
N ARG VB 130 13.36 -8.42 -50.06
CA ARG VB 130 12.36 -9.39 -49.63
C ARG VB 130 10.96 -8.86 -49.90
N ARG VB 131 10.13 -9.70 -50.52
CA ARG VB 131 8.75 -9.33 -50.79
C ARG VB 131 7.93 -9.31 -49.51
N LYS VB 132 6.98 -8.39 -49.44
CA LYS VB 132 6.17 -8.27 -48.24
C LYS VB 132 5.18 -9.41 -48.14
N GLY VB 133 4.73 -9.68 -46.92
CA GLY VB 133 3.76 -10.72 -46.65
C GLY VB 133 4.21 -11.80 -45.71
N GLY VB 134 5.49 -11.86 -45.35
CA GLY VB 134 5.99 -12.90 -44.48
C GLY VB 134 6.21 -14.20 -45.23
N ARG VB 135 6.77 -15.17 -44.52
CA ARG VB 135 7.06 -16.46 -45.14
C ARG VB 135 5.83 -17.34 -45.22
N ARG VB 136 4.78 -17.04 -44.47
CA ARG VB 136 3.54 -17.78 -44.56
C ARG VB 136 2.56 -17.16 -45.55
N GLY VB 137 2.93 -16.06 -46.17
CA GLY VB 137 2.12 -15.48 -47.21
C GLY VB 137 0.97 -14.64 -46.67
N ARG VB 138 0.08 -14.30 -47.60
CA ARG VB 138 -1.13 -13.52 -47.29
C ARG VB 138 -2.25 -14.51 -47.02
N ARG VB 139 -2.52 -14.77 -45.74
CA ARG VB 139 -3.52 -15.77 -45.37
C ARG VB 139 -4.92 -15.23 -45.62
N LEU VB 140 -5.67 -15.91 -46.47
CA LEU VB 140 -7.03 -15.49 -46.79
C LEU VB 140 -7.98 -16.69 -46.79
N MET WB 1 8.27 -92.05 -46.32
CA MET WB 1 7.70 -93.38 -46.52
C MET WB 1 8.73 -94.46 -46.24
N GLN WB 2 8.36 -95.71 -46.56
CA GLN WB 2 9.26 -96.86 -46.52
C GLN WB 2 9.82 -97.07 -45.11
N ASN WB 3 8.91 -97.45 -44.21
CA ASN WB 3 9.28 -97.76 -42.83
C ASN WB 3 10.19 -98.97 -42.74
N ASP WB 4 10.58 -99.34 -41.52
CA ASP WB 4 11.59 -100.40 -41.34
C ASP WB 4 11.13 -101.72 -41.95
N ALA WB 5 9.83 -102.01 -41.88
CA ALA WB 5 9.31 -103.25 -42.45
C ALA WB 5 9.43 -103.27 -43.97
N GLY WB 6 9.49 -102.11 -44.62
CA GLY WB 6 9.80 -102.01 -46.03
C GLY WB 6 8.70 -101.41 -46.89
N GLU WB 7 7.44 -101.56 -46.49
CA GLU WB 7 6.35 -101.11 -47.34
C GLU WB 7 6.31 -99.58 -47.40
N PHE WB 8 5.80 -99.07 -48.52
CA PHE WB 8 5.75 -97.63 -48.76
C PHE WB 8 4.51 -97.06 -48.08
N VAL WB 9 4.72 -96.35 -46.97
CA VAL WB 9 3.62 -95.76 -46.22
C VAL WB 9 3.46 -94.33 -46.70
N ASP WB 10 2.75 -94.17 -47.81
CA ASP WB 10 2.50 -92.87 -48.40
C ASP WB 10 1.40 -92.99 -49.44
N LEU WB 11 0.35 -92.18 -49.31
CA LEU WB 11 -0.80 -92.35 -50.19
C LEU WB 11 -0.54 -91.86 -51.61
N TYR WB 12 0.37 -90.91 -51.80
CA TYR WB 12 0.79 -90.60 -53.16
C TYR WB 12 2.16 -89.93 -53.13
N VAL WB 13 2.86 -90.03 -54.25
CA VAL WB 13 4.18 -89.45 -54.44
C VAL WB 13 4.06 -88.30 -55.43
N PRO WB 14 4.24 -87.05 -55.00
CA PRO WB 14 4.07 -85.92 -55.92
C PRO WB 14 5.17 -85.86 -56.95
N ARG WB 15 4.86 -85.19 -58.06
CA ARG WB 15 5.84 -85.01 -59.12
C ARG WB 15 6.83 -83.91 -58.75
N LYS WB 16 7.97 -83.92 -59.44
CA LYS WB 16 8.99 -82.90 -59.28
C LYS WB 16 9.22 -82.22 -60.62
N CYS WB 17 9.30 -80.89 -60.57
CA CYS WB 17 9.54 -80.10 -61.78
C CYS WB 17 10.82 -80.53 -62.45
N SER WB 18 10.76 -80.69 -63.76
CA SER WB 18 11.91 -81.17 -64.51
C SER WB 18 12.94 -80.09 -64.78
N ALA WB 19 12.72 -78.89 -64.25
CA ALA WB 19 13.66 -77.78 -64.40
C ALA WB 19 14.31 -77.39 -63.08
N SER WB 20 13.51 -77.05 -62.08
CA SER WB 20 14.03 -76.61 -60.78
C SER WB 20 14.09 -77.72 -59.75
N ASN WB 21 13.60 -78.92 -60.09
CA ASN WB 21 13.56 -80.06 -59.18
C ASN WB 21 12.79 -79.71 -57.90
N ARG WB 22 11.67 -79.02 -58.06
CA ARG WB 22 10.83 -78.62 -56.94
C ARG WB 22 9.56 -79.46 -56.93
N ILE WB 23 9.10 -79.79 -55.72
CA ILE WB 23 7.88 -80.59 -55.60
C ILE WB 23 6.69 -79.78 -56.10
N ILE WB 24 5.93 -80.36 -57.02
CA ILE WB 24 4.72 -79.72 -57.55
C ILE WB 24 3.58 -80.06 -56.60
N GLY WB 25 3.06 -79.04 -55.92
CA GLY WB 25 2.04 -79.26 -54.93
C GLY WB 25 0.70 -79.66 -55.52
N ALA WB 26 -0.17 -80.15 -54.64
CA ALA WB 26 -1.50 -80.60 -55.09
C ALA WB 26 -2.37 -79.43 -55.51
N LYS WB 27 -2.23 -78.28 -54.87
CA LYS WB 27 -3.04 -77.11 -55.20
C LYS WB 27 -2.29 -76.10 -56.06
N ASP WB 28 -1.13 -76.46 -56.59
CA ASP WB 28 -0.38 -75.57 -57.47
C ASP WB 28 -0.92 -75.77 -58.88
N HIS WB 29 -1.94 -75.00 -59.22
CA HIS WB 29 -2.61 -75.12 -60.51
C HIS WB 29 -1.87 -74.41 -61.62
N ALA WB 30 -0.83 -73.65 -61.31
CA ALA WB 30 -0.03 -73.02 -62.35
C ALA WB 30 0.90 -74.00 -63.03
N SER WB 31 1.18 -75.15 -62.42
CA SER WB 31 2.09 -76.12 -62.99
C SER WB 31 1.51 -76.75 -64.24
N ILE WB 32 2.39 -77.23 -65.10
CA ILE WB 32 2.00 -77.86 -66.35
C ILE WB 32 2.77 -79.16 -66.50
N GLN WB 33 2.23 -80.05 -67.34
CA GLN WB 33 2.91 -81.29 -67.72
C GLN WB 33 2.56 -81.53 -69.19
N MET WB 34 3.45 -81.11 -70.08
CA MET WB 34 3.18 -81.26 -71.50
C MET WB 34 3.84 -82.50 -72.06
N ASN WB 35 3.37 -82.90 -73.23
CA ASN WB 35 3.93 -84.02 -73.98
C ASN WB 35 4.52 -83.48 -75.26
N VAL WB 36 5.75 -83.89 -75.56
CA VAL WB 36 6.40 -83.57 -76.83
C VAL WB 36 6.46 -84.87 -77.62
N ALA WB 37 5.90 -84.83 -78.82
CA ALA WB 37 5.74 -86.01 -79.66
C ALA WB 37 6.93 -86.11 -80.61
N GLU WB 38 7.79 -87.09 -80.38
CA GLU WB 38 8.89 -87.32 -81.29
C GLU WB 38 8.44 -88.18 -82.47
N VAL WB 39 9.10 -88.00 -83.59
CA VAL WB 39 8.70 -88.62 -84.85
C VAL WB 39 9.73 -89.69 -85.22
N ASP WB 40 9.40 -90.46 -86.26
CA ASP WB 40 10.32 -91.48 -86.70
C ASP WB 40 11.52 -90.87 -87.43
N LYS WB 41 12.53 -91.70 -87.67
CA LYS WB 41 13.79 -91.19 -88.21
C LYS WB 41 13.67 -90.83 -89.68
N VAL WB 42 12.93 -91.63 -90.45
CA VAL WB 42 12.98 -91.57 -91.91
C VAL WB 42 11.89 -90.67 -92.49
N THR WB 43 10.67 -90.74 -91.98
CA THR WB 43 9.56 -90.02 -92.59
C THR WB 43 9.06 -88.83 -91.79
N GLY WB 44 9.55 -88.64 -90.57
CA GLY WB 44 9.13 -87.51 -89.77
C GLY WB 44 7.68 -87.55 -89.34
N ARG WB 45 7.08 -88.73 -89.29
CA ARG WB 45 5.69 -88.87 -88.89
C ARG WB 45 5.60 -89.30 -87.43
N PHE WB 46 4.53 -88.88 -86.77
CA PHE WB 46 4.31 -89.21 -85.38
C PHE WB 46 4.15 -90.71 -85.21
N ASN WB 47 4.97 -91.30 -84.34
CA ASN WB 47 5.00 -92.74 -84.14
C ASN WB 47 4.25 -93.18 -82.90
N GLY WB 48 3.45 -92.30 -82.30
CA GLY WB 48 2.68 -92.67 -81.13
C GLY WB 48 3.37 -92.35 -79.82
N GLN WB 49 4.56 -92.89 -79.62
CA GLN WB 49 5.26 -92.70 -78.37
C GLN WB 49 5.91 -91.32 -78.31
N PHE WB 50 5.94 -90.75 -77.11
CA PHE WB 50 6.30 -89.35 -76.91
C PHE WB 50 7.13 -89.24 -75.64
N LYS WB 51 7.31 -88.03 -75.13
CA LYS WB 51 8.05 -87.84 -73.89
C LYS WB 51 7.52 -86.61 -73.17
N THR WB 52 7.50 -86.67 -71.84
CA THR WB 52 6.74 -85.73 -71.02
C THR WB 52 7.67 -84.83 -70.21
N TYR WB 53 7.32 -83.55 -70.12
CA TYR WB 53 8.06 -82.58 -69.33
C TYR WB 53 7.10 -81.87 -68.38
N ALA WB 54 7.46 -81.78 -67.11
CA ALA WB 54 6.66 -81.11 -66.10
C ALA WB 54 7.37 -79.86 -65.60
N ILE WB 55 6.65 -78.76 -65.53
CA ILE WB 55 7.19 -77.47 -65.10
C ILE WB 55 6.32 -76.93 -63.98
N CYS WB 56 6.96 -76.39 -62.95
CA CYS WB 56 6.23 -75.88 -61.80
C CYS WB 56 5.81 -74.43 -61.99
N GLY WB 57 4.85 -74.02 -61.16
CA GLY WB 57 4.29 -72.70 -61.29
C GLY WB 57 5.28 -71.59 -61.03
N ALA WB 58 6.21 -71.79 -60.11
CA ALA WB 58 7.21 -70.76 -59.83
C ALA WB 58 8.07 -70.48 -61.05
N ILE WB 59 8.55 -71.53 -61.71
CA ILE WB 59 9.37 -71.35 -62.90
C ILE WB 59 8.55 -70.74 -64.03
N ARG WB 60 7.38 -71.31 -64.30
CA ARG WB 60 6.61 -70.78 -65.41
C ARG WB 60 5.79 -69.56 -65.04
N ARG WB 61 6.08 -68.96 -63.89
CA ARG WB 61 5.63 -67.62 -63.54
C ARG WB 61 6.75 -66.61 -63.57
N MET WB 62 7.96 -67.00 -63.14
CA MET WB 62 9.10 -66.12 -63.30
C MET WB 62 9.57 -66.04 -64.75
N GLY WB 63 9.10 -66.95 -65.61
CA GLY WB 63 9.26 -66.79 -67.04
C GLY WB 63 10.32 -67.65 -67.66
N GLU WB 64 10.98 -68.52 -66.90
CA GLU WB 64 12.04 -69.36 -67.43
C GLU WB 64 11.51 -70.67 -68.00
N SER WB 65 10.20 -70.77 -68.21
CA SER WB 65 9.61 -72.01 -68.71
C SER WB 65 10.05 -72.30 -70.14
N ASP WB 66 10.09 -71.27 -70.99
CA ASP WB 66 10.49 -71.49 -72.38
C ASP WB 66 11.93 -71.98 -72.45
N ASP WB 67 12.83 -71.34 -71.71
CA ASP WB 67 14.22 -71.76 -71.68
C ASP WB 67 14.34 -73.16 -71.11
N SER WB 68 13.55 -73.47 -70.07
CA SER WB 68 13.59 -74.80 -69.47
C SER WB 68 13.18 -75.87 -70.47
N ILE WB 69 12.05 -75.68 -71.14
CA ILE WB 69 11.58 -76.65 -72.12
C ILE WB 69 12.59 -76.80 -73.25
N LEU WB 70 13.15 -75.68 -73.71
CA LEU WB 70 14.11 -75.74 -74.80
C LEU WB 70 15.35 -76.52 -74.39
N ARG WB 71 15.84 -76.30 -73.17
CA ARG WB 71 17.00 -77.03 -72.68
C ARG WB 71 16.71 -78.52 -72.55
N LEU WB 72 15.55 -78.87 -72.01
CA LEU WB 72 15.19 -80.29 -71.89
C LEU WB 72 15.08 -80.95 -73.25
N ALA WB 73 14.46 -80.28 -74.22
CA ALA WB 73 14.34 -80.83 -75.56
C ALA WB 73 15.72 -80.98 -76.21
N LYS WB 74 16.59 -80.00 -76.01
CA LYS WB 74 17.95 -80.08 -76.50
C LYS WB 74 18.70 -81.27 -75.89
N ALA WB 75 18.56 -81.45 -74.58
CA ALA WB 75 19.26 -82.53 -73.90
C ALA WB 75 18.72 -83.89 -74.33
N ASP WB 76 17.42 -84.00 -74.51
CA ASP WB 76 16.83 -85.29 -74.86
C ASP WB 76 16.96 -85.59 -76.34
N GLY WB 77 17.25 -84.60 -77.17
CA GLY WB 77 17.47 -84.81 -78.58
C GLY WB 77 16.38 -84.30 -79.49
N ILE WB 78 15.35 -83.64 -78.94
CA ILE WB 78 14.29 -83.10 -79.78
C ILE WB 78 14.82 -81.94 -80.62
N VAL WB 79 15.54 -81.02 -79.99
CA VAL WB 79 16.16 -79.90 -80.67
C VAL WB 79 17.56 -80.30 -81.11
N SER WB 80 17.92 -79.94 -82.34
CA SER WB 80 19.23 -80.27 -82.87
C SER WB 80 20.32 -79.51 -82.11
N LYS WB 81 21.53 -80.06 -82.13
CA LYS WB 81 22.64 -79.45 -81.40
C LYS WB 81 23.08 -78.14 -82.00
N ASN WB 82 22.90 -77.96 -83.31
CA ASN WB 82 23.30 -76.74 -84.00
C ASN WB 82 22.28 -75.62 -83.84
N PHE WB 83 21.38 -75.74 -82.87
CA PHE WB 83 20.40 -74.70 -82.55
C PHE WB 83 21.09 -73.38 -82.21
N VAL XB 1 33.19 -54.79 -43.37
CA VAL XB 1 34.01 -55.61 -44.24
C VAL XB 1 33.61 -57.07 -44.08
N ARG XB 2 34.04 -57.91 -45.01
CA ARG XB 2 33.70 -59.33 -44.95
C ARG XB 2 34.51 -60.00 -43.84
N MET XB 3 33.82 -60.53 -42.84
CA MET XB 3 34.45 -61.18 -41.72
C MET XB 3 34.18 -62.67 -41.62
N ASN XB 4 33.18 -63.18 -42.34
CA ASN XB 4 32.83 -64.60 -42.32
C ASN XB 4 32.69 -65.07 -43.76
N VAL XB 5 33.78 -65.58 -44.30
CA VAL XB 5 33.82 -66.03 -45.69
C VAL XB 5 32.86 -67.19 -45.89
N LEU XB 6 32.83 -68.14 -44.94
CA LEU XB 6 31.91 -69.26 -45.03
C LEU XB 6 30.46 -68.79 -45.00
N ALA XB 7 30.15 -67.81 -44.14
CA ALA XB 7 28.79 -67.30 -44.08
C ALA XB 7 28.38 -66.66 -45.41
N ASP XB 8 29.29 -65.88 -46.00
CA ASP XB 8 28.97 -65.27 -47.30
C ASP XB 8 28.74 -66.33 -48.36
N ALA XB 9 29.58 -67.36 -48.40
CA ALA XB 9 29.42 -68.41 -49.39
C ALA XB 9 28.12 -69.17 -49.20
N LEU XB 10 27.79 -69.50 -47.95
CA LEU XB 10 26.57 -70.26 -47.69
C LEU XB 10 25.33 -69.44 -48.02
N LYS XB 11 25.34 -68.15 -47.70
CA LYS XB 11 24.22 -67.30 -48.08
C LYS XB 11 24.08 -67.20 -49.60
N SER XB 12 25.20 -67.12 -50.31
CA SER XB 12 25.13 -67.07 -51.77
C SER XB 12 24.54 -68.37 -52.33
N ILE XB 13 24.97 -69.52 -51.81
CA ILE XB 13 24.43 -70.79 -52.26
C ILE XB 13 22.94 -70.87 -51.98
N ASN XB 14 22.52 -70.44 -50.79
CA ASN XB 14 21.11 -70.49 -50.43
C ASN XB 14 20.27 -69.60 -51.34
N ASN XB 15 20.75 -68.40 -51.64
CA ASN XB 15 20.00 -67.49 -52.50
C ASN XB 15 19.90 -68.02 -53.92
N ALA XB 16 21.01 -68.57 -54.46
CA ALA XB 16 20.95 -69.14 -55.80
C ALA XB 16 20.01 -70.34 -55.85
N GLU XB 17 20.04 -71.17 -54.80
CA GLU XB 17 19.12 -72.30 -54.74
C GLU XB 17 17.67 -71.86 -54.71
N LYS XB 18 17.37 -70.82 -53.92
CA LYS XB 18 16.01 -70.31 -53.86
C LYS XB 18 15.58 -69.74 -55.21
N ARG XB 19 16.48 -69.03 -55.89
CA ARG XB 19 16.14 -68.47 -57.19
C ARG XB 19 16.07 -69.55 -58.27
N GLY XB 20 16.63 -70.72 -58.03
CA GLY XB 20 16.53 -71.81 -58.98
C GLY XB 20 17.65 -71.89 -59.98
N LYS XB 21 18.77 -71.22 -59.74
CA LYS XB 21 19.89 -71.27 -60.66
C LYS XB 21 20.50 -72.68 -60.68
N ARG XB 22 21.13 -73.00 -61.81
CA ARG XB 22 21.79 -74.29 -61.95
C ARG XB 22 23.23 -74.27 -61.45
N GLN XB 23 23.89 -73.12 -61.49
CA GLN XB 23 25.24 -72.99 -60.98
C GLN XB 23 25.33 -71.74 -60.11
N VAL XB 24 26.19 -71.81 -59.10
CA VAL XB 24 26.44 -70.67 -58.23
C VAL XB 24 27.93 -70.42 -58.15
N LEU XB 25 28.32 -69.15 -58.14
CA LEU XB 25 29.71 -68.76 -58.00
C LEU XB 25 29.90 -68.09 -56.65
N ILE XB 26 30.79 -68.65 -55.83
CA ILE XB 26 31.14 -68.07 -54.55
C ILE XB 26 32.59 -67.59 -54.65
N ARG XB 27 32.79 -66.30 -54.39
CA ARG XB 27 34.03 -65.63 -54.74
C ARG XB 27 35.19 -65.91 -53.78
N PRO XB 28 35.06 -65.71 -52.46
CA PRO XB 28 36.20 -66.03 -51.61
C PRO XB 28 36.21 -67.52 -51.25
N CYS XB 29 37.20 -68.25 -51.71
CA CYS XB 29 37.33 -69.65 -51.38
C CYS XB 29 38.23 -69.84 -50.16
N SER XB 30 38.04 -70.97 -49.48
CA SER XB 30 38.87 -71.33 -48.36
C SER XB 30 38.78 -72.83 -48.15
N LYS XB 31 39.71 -73.35 -47.35
CA LYS XB 31 39.71 -74.77 -47.03
C LYS XB 31 38.44 -75.16 -46.29
N VAL XB 32 37.96 -74.29 -45.40
CA VAL XB 32 36.73 -74.56 -44.66
C VAL XB 32 35.56 -74.68 -45.61
N ILE XB 33 35.49 -73.78 -46.59
CA ILE XB 33 34.42 -73.82 -47.59
C ILE XB 33 34.51 -75.10 -48.41
N VAL XB 34 35.72 -75.47 -48.82
CA VAL XB 34 35.87 -76.69 -49.62
C VAL XB 34 35.45 -77.92 -48.82
N ARG XB 35 35.80 -77.97 -47.54
CA ARG XB 35 35.41 -79.11 -46.72
C ARG XB 35 33.91 -79.16 -46.48
N PHE XB 36 33.30 -78.00 -46.24
CA PHE XB 36 31.84 -77.94 -46.09
C PHE XB 36 31.14 -78.41 -47.36
N LEU XB 37 31.60 -77.93 -48.51
CA LEU XB 37 31.01 -78.35 -49.77
C LEU XB 37 31.26 -79.82 -50.04
N THR XB 38 32.41 -80.35 -49.61
CA THR XB 38 32.66 -81.77 -49.78
C THR XB 38 31.70 -82.60 -48.92
N VAL XB 39 31.41 -82.14 -47.70
CA VAL XB 39 30.44 -82.85 -46.87
C VAL XB 39 29.06 -82.83 -47.53
N MET XB 40 28.66 -81.66 -48.02
CA MET XB 40 27.36 -81.54 -48.67
C MET XB 40 27.29 -82.41 -49.92
N MET XB 41 28.39 -82.47 -50.68
CA MET XB 41 28.42 -83.24 -51.92
C MET XB 41 28.40 -84.74 -51.62
N LYS XB 42 29.11 -85.18 -50.58
CA LYS XB 42 29.06 -86.58 -50.19
C LYS XB 42 27.67 -86.97 -49.72
N HIS XB 43 26.96 -86.07 -49.05
CA HIS XB 43 25.59 -86.35 -48.69
C HIS XB 43 24.61 -86.10 -49.84
N GLY XB 44 25.08 -85.59 -50.96
CA GLY XB 44 24.29 -85.51 -52.17
C GLY XB 44 23.45 -84.27 -52.33
N TYR XB 45 23.58 -83.28 -51.45
CA TYR XB 45 22.75 -82.10 -51.55
C TYR XB 45 23.19 -81.15 -52.66
N ILE XB 46 24.44 -81.24 -53.10
CA ILE XB 46 24.93 -80.45 -54.22
C ILE XB 46 25.64 -81.38 -55.18
N GLY XB 47 25.86 -80.88 -56.40
CA GLY XB 47 26.59 -81.59 -57.41
C GLY XB 47 28.07 -81.35 -57.30
N GLU XB 48 28.77 -81.55 -58.41
CA GLU XB 48 30.18 -81.26 -58.44
C GLU XB 48 30.44 -79.76 -58.36
N PHE XB 49 31.55 -79.40 -57.73
CA PHE XB 49 31.99 -78.02 -57.68
C PHE XB 49 33.43 -77.96 -58.13
N GLU XB 50 33.75 -76.91 -58.88
CA GLU XB 50 35.06 -76.74 -59.48
C GLU XB 50 35.68 -75.43 -58.98
N ILE XB 51 36.97 -75.49 -58.66
CA ILE XB 51 37.68 -74.37 -58.05
C ILE XB 51 38.47 -73.68 -59.15
N ILE XB 52 38.08 -72.44 -59.45
CA ILE XB 52 38.87 -71.59 -60.33
C ILE XB 52 40.02 -71.02 -59.51
N ASP XB 53 41.24 -71.29 -59.95
CA ASP XB 53 42.44 -70.95 -59.19
C ASP XB 53 43.09 -69.73 -59.81
N ASP XB 54 42.93 -68.59 -59.16
CA ASP XB 54 43.79 -67.44 -59.40
C ASP XB 54 44.85 -67.39 -58.32
N HIS XB 55 45.85 -66.54 -58.52
CA HIS XB 55 46.92 -66.44 -57.53
C HIS XB 55 46.45 -65.84 -56.22
N ARG XB 56 45.28 -65.23 -56.20
CA ARG XB 56 44.62 -64.78 -54.98
C ARG XB 56 43.82 -65.94 -54.41
N ALA XB 57 42.93 -65.64 -53.45
CA ALA XB 57 41.96 -66.63 -53.02
C ALA XB 57 41.09 -67.03 -54.20
N GLY XB 58 40.95 -68.33 -54.41
CA GLY XB 58 40.25 -68.83 -55.58
C GLY XB 58 38.77 -68.58 -55.49
N LYS XB 59 38.07 -68.97 -56.56
CA LYS XB 59 36.62 -68.92 -56.61
C LYS XB 59 36.10 -70.33 -56.79
N ILE XB 60 34.83 -70.55 -56.48
CA ILE XB 60 34.23 -71.88 -56.60
C ILE XB 60 32.94 -71.75 -57.40
N VAL XB 61 32.74 -72.66 -58.36
CA VAL XB 61 31.49 -72.77 -59.09
C VAL XB 61 30.87 -74.11 -58.72
N VAL XB 62 29.69 -74.07 -58.14
CA VAL XB 62 28.99 -75.26 -57.62
C VAL XB 62 27.81 -75.54 -58.52
N ASN XB 63 27.63 -76.81 -58.89
CA ASN XB 63 26.45 -77.25 -59.62
C ASN XB 63 25.37 -77.61 -58.62
N LEU XB 64 24.26 -76.89 -58.66
CA LEU XB 64 23.17 -77.10 -57.72
C LEU XB 64 22.21 -78.14 -58.29
N THR XB 65 21.94 -79.18 -57.51
CA THR XB 65 21.05 -80.26 -57.92
C THR XB 65 19.59 -79.98 -57.62
N GLY XB 66 19.28 -78.88 -56.95
CA GLY XB 66 17.90 -78.53 -56.71
C GLY XB 66 17.25 -79.21 -55.53
N ARG XB 67 18.01 -79.96 -54.73
CA ARG XB 67 17.46 -80.69 -53.59
C ARG XB 67 17.95 -80.12 -52.27
N LEU XB 68 18.22 -78.82 -52.22
CA LEU XB 68 18.68 -78.15 -51.01
C LEU XB 68 17.61 -77.18 -50.54
N ASN XB 69 17.33 -77.20 -49.24
CA ASN XB 69 16.35 -76.29 -48.65
C ASN XB 69 16.99 -75.11 -47.95
N LYS XB 70 17.99 -75.35 -47.12
CA LYS XB 70 18.69 -74.29 -46.41
C LYS XB 70 20.09 -74.78 -46.11
N CYS XB 71 21.07 -73.89 -46.21
CA CYS XB 71 22.46 -74.18 -45.91
C CYS XB 71 23.07 -73.07 -45.07
N GLY XB 72 22.38 -72.72 -43.98
CA GLY XB 72 22.80 -71.61 -43.16
C GLY XB 72 24.07 -71.88 -42.38
N VAL XB 73 24.49 -70.87 -41.62
CA VAL XB 73 25.73 -70.89 -40.87
C VAL XB 73 25.41 -70.50 -39.43
N ILE XB 74 26.25 -70.96 -38.51
CA ILE XB 74 26.21 -70.53 -37.11
C ILE XB 74 27.47 -69.71 -36.90
N SER XB 75 27.34 -68.40 -36.97
CA SER XB 75 28.52 -67.55 -37.11
C SER XB 75 29.44 -67.58 -35.90
N PRO XB 76 28.98 -67.38 -34.65
CA PRO XB 76 29.90 -67.61 -33.54
C PRO XB 76 30.14 -69.09 -33.36
N ARG XB 77 31.37 -69.54 -33.64
CA ARG XB 77 31.68 -70.97 -33.66
C ARG XB 77 31.70 -71.47 -32.21
N PHE XB 78 30.50 -71.76 -31.71
CA PHE XB 78 30.35 -72.24 -30.35
C PHE XB 78 31.03 -73.59 -30.18
N ASP XB 79 31.59 -73.81 -29.00
CA ASP XB 79 32.12 -75.11 -28.65
C ASP XB 79 30.97 -76.07 -28.42
N VAL XB 80 30.94 -77.18 -29.15
CA VAL XB 80 29.86 -78.15 -29.07
C VAL XB 80 30.39 -79.42 -28.45
N GLN XB 81 29.86 -79.78 -27.29
CA GLN XB 81 30.18 -81.05 -26.65
C GLN XB 81 29.14 -82.09 -27.05
N LEU XB 82 29.51 -83.36 -26.87
CA LEU XB 82 28.60 -84.44 -27.22
C LEU XB 82 27.36 -84.47 -26.32
N LYS XB 83 27.44 -83.86 -25.14
CA LYS XB 83 26.29 -83.80 -24.25
C LYS XB 83 25.24 -82.79 -24.71
N ASP XB 84 25.64 -81.73 -25.40
CA ASP XB 84 24.70 -80.74 -25.92
C ASP XB 84 24.53 -80.81 -27.43
N LEU XB 85 25.16 -81.77 -28.09
CA LEU XB 85 24.97 -81.94 -29.51
C LEU XB 85 23.52 -82.29 -29.84
N GLU XB 86 22.84 -83.02 -28.95
CA GLU XB 86 21.43 -83.34 -29.18
C GLU XB 86 20.57 -82.08 -29.13
N LYS XB 87 20.84 -81.19 -28.18
CA LYS XB 87 20.10 -79.94 -28.12
C LYS XB 87 20.34 -79.08 -29.35
N TRP XB 88 21.59 -79.01 -29.80
CA TRP XB 88 21.86 -78.31 -31.06
C TRP XB 88 21.12 -78.98 -32.21
N GLN XB 89 21.06 -80.31 -32.21
CA GLN XB 89 20.47 -81.04 -33.30
C GLN XB 89 18.97 -80.80 -33.40
N ASN XB 90 18.27 -80.86 -32.28
CA ASN XB 90 16.83 -80.62 -32.34
C ASN XB 90 16.48 -79.13 -32.27
N ASN XB 91 17.48 -78.25 -32.13
CA ASN XB 91 17.20 -76.83 -32.34
C ASN XB 91 17.36 -76.45 -33.80
N LEU XB 92 18.32 -77.05 -34.51
CA LEU XB 92 18.62 -76.62 -35.86
C LEU XB 92 18.05 -77.51 -36.95
N LEU XB 93 17.65 -78.74 -36.63
CA LEU XB 93 17.30 -79.57 -37.77
C LEU XB 93 15.80 -79.68 -37.92
N PRO XB 94 15.31 -79.79 -39.17
CA PRO XB 94 13.87 -79.94 -39.38
C PRO XB 94 13.27 -81.18 -38.78
N SER XB 95 14.02 -82.29 -38.74
CA SER XB 95 13.51 -83.54 -38.20
C SER XB 95 14.68 -84.42 -37.86
N ARG XB 96 14.39 -85.59 -37.28
CA ARG XB 96 15.43 -86.55 -36.95
C ARG XB 96 15.65 -87.56 -38.07
N GLN XB 97 14.91 -87.46 -39.16
CA GLN XB 97 15.07 -88.39 -40.27
C GLN XB 97 16.06 -87.90 -41.32
N PHE XB 98 16.29 -86.60 -41.39
CA PHE XB 98 17.23 -86.04 -42.35
C PHE XB 98 17.79 -84.74 -41.79
N GLY XB 99 18.63 -84.09 -42.59
CA GLY XB 99 19.28 -82.87 -42.15
C GLY XB 99 20.58 -83.16 -41.45
N PHE XB 100 21.60 -82.34 -41.68
CA PHE XB 100 22.91 -82.56 -41.12
C PHE XB 100 23.46 -81.27 -40.54
N ILE XB 101 24.29 -81.43 -39.52
CA ILE XB 101 25.00 -80.32 -38.89
C ILE XB 101 26.49 -80.55 -39.07
N VAL XB 102 27.15 -79.60 -39.74
CA VAL XB 102 28.57 -79.67 -39.97
C VAL XB 102 29.27 -78.93 -38.85
N LEU XB 103 30.19 -79.61 -38.17
CA LEU XB 103 30.97 -79.01 -37.11
C LEU XB 103 32.43 -79.40 -37.29
N THR XB 104 33.32 -78.44 -37.09
CA THR XB 104 34.75 -78.70 -37.21
C THR XB 104 35.26 -79.36 -35.93
N THR XB 105 35.83 -80.55 -36.08
CA THR XB 105 36.33 -81.34 -34.97
C THR XB 105 37.83 -81.52 -35.11
N SER XB 106 38.43 -82.10 -34.09
CA SER XB 106 39.86 -82.38 -34.13
C SER XB 106 40.19 -83.40 -35.22
N ALA XB 107 39.26 -84.30 -35.53
CA ALA XB 107 39.46 -85.27 -36.59
C ALA XB 107 39.19 -84.69 -37.97
N GLY XB 108 38.60 -83.50 -38.05
CA GLY XB 108 38.32 -82.88 -39.33
C GLY XB 108 36.95 -82.24 -39.39
N ILE XB 109 36.59 -81.72 -40.56
CA ILE XB 109 35.27 -81.14 -40.77
C ILE XB 109 34.34 -82.23 -41.26
N MET XB 110 33.23 -82.42 -40.56
CA MET XB 110 32.35 -83.55 -40.82
C MET XB 110 31.01 -83.30 -40.13
N ASP XB 111 30.03 -84.12 -40.47
CA ASP XB 111 28.68 -83.95 -39.96
C ASP XB 111 28.55 -84.55 -38.56
N HIS XB 112 27.43 -84.21 -37.91
CA HIS XB 112 27.24 -84.59 -36.51
C HIS XB 112 27.10 -86.10 -36.34
N GLU XB 113 26.56 -86.80 -37.34
CA GLU XB 113 26.45 -88.24 -37.23
C GLU XB 113 27.82 -88.90 -37.19
N GLU XB 114 28.74 -88.47 -38.05
CA GLU XB 114 30.09 -89.02 -37.98
C GLU XB 114 30.81 -88.56 -36.73
N ALA XB 115 30.53 -87.33 -36.26
CA ALA XB 115 31.13 -86.86 -35.03
C ALA XB 115 30.73 -87.75 -33.86
N ARG XB 116 29.45 -88.11 -33.77
CA ARG XB 116 29.01 -89.01 -32.73
C ARG XB 116 29.51 -90.43 -32.95
N ARG XB 117 29.68 -90.83 -34.22
CA ARG XB 117 30.16 -92.17 -34.52
C ARG XB 117 31.58 -92.37 -34.02
N LYS XB 118 32.45 -91.39 -34.23
CA LYS XB 118 33.82 -91.48 -33.75
C LYS XB 118 34.05 -90.73 -32.46
N HIS XB 119 32.97 -90.31 -31.78
CA HIS XB 119 33.01 -89.88 -30.38
C HIS XB 119 33.94 -88.69 -30.17
N THR XB 120 33.58 -87.58 -30.80
CA THR XB 120 34.33 -86.34 -30.62
C THR XB 120 33.40 -85.16 -30.75
N GLY XB 121 33.71 -84.10 -30.01
CA GLY XB 121 33.07 -82.82 -30.16
C GLY XB 121 33.89 -81.87 -30.99
N GLY XB 122 33.47 -80.61 -31.00
CA GLY XB 122 34.20 -79.62 -31.75
C GLY XB 122 33.53 -78.27 -31.74
N LYS XB 123 33.79 -77.48 -32.77
CA LYS XB 123 33.20 -76.16 -32.91
C LYS XB 123 32.15 -76.19 -34.00
N ILE XB 124 31.01 -75.55 -33.74
CA ILE XB 124 29.93 -75.53 -34.72
C ILE XB 124 30.36 -74.74 -35.94
N LEU XB 125 29.98 -75.24 -37.12
CA LEU XB 125 30.23 -74.52 -38.36
C LEU XB 125 28.95 -74.06 -39.01
N GLY XB 126 28.04 -74.99 -39.30
CA GLY XB 126 26.80 -74.64 -39.93
C GLY XB 126 25.90 -75.85 -40.01
N PHE XB 127 24.90 -75.75 -40.89
CA PHE XB 127 23.94 -76.82 -41.04
C PHE XB 127 23.40 -76.77 -42.45
N PHE XB 128 22.82 -77.90 -42.88
CA PHE XB 128 22.16 -77.94 -44.17
C PHE XB 128 21.13 -79.05 -44.16
N PHE XB 129 20.01 -78.82 -44.82
CA PHE XB 129 18.96 -79.81 -44.95
C PHE XB 129 18.13 -79.55 -46.20
N GLY YB 1 21.45 -54.52 -35.45
CA GLY YB 1 21.36 -55.85 -34.87
C GLY YB 1 22.02 -55.94 -33.52
N LYS YB 2 22.10 -57.15 -32.97
CA LYS YB 2 22.73 -57.38 -31.69
C LYS YB 2 24.10 -58.03 -31.88
N CYS YB 3 24.98 -57.82 -30.92
CA CYS YB 3 26.31 -58.40 -30.99
C CYS YB 3 26.26 -59.91 -30.75
N ARG YB 4 27.13 -60.63 -31.44
CA ARG YB 4 27.13 -62.09 -31.40
C ARG YB 4 28.51 -62.69 -31.17
N GLY YB 5 29.48 -61.89 -30.73
CA GLY YB 5 30.82 -62.41 -30.55
C GLY YB 5 30.90 -63.40 -29.40
N LEU YB 6 31.98 -64.18 -29.41
CA LEU YB 6 32.17 -65.18 -28.36
C LEU YB 6 32.44 -64.58 -27.01
N ARG YB 7 32.97 -63.36 -26.94
CA ARG YB 7 33.26 -62.74 -25.66
C ARG YB 7 32.49 -61.43 -25.51
N THR YB 8 31.22 -61.44 -25.89
CA THR YB 8 30.32 -60.31 -25.70
C THR YB 8 29.36 -60.51 -24.54
N ALA YB 9 29.63 -61.47 -23.66
CA ALA YB 9 28.69 -61.78 -22.59
C ALA YB 9 28.55 -60.63 -21.62
N ARG YB 10 29.64 -59.90 -21.36
CA ARG YB 10 29.57 -58.75 -20.48
C ARG YB 10 28.61 -57.70 -21.03
N LYS YB 11 28.75 -57.37 -22.32
CA LYS YB 11 27.86 -56.38 -22.91
C LYS YB 11 26.43 -56.88 -22.96
N LEU YB 12 26.24 -58.16 -23.27
CA LEU YB 12 24.89 -58.71 -23.33
C LEU YB 12 24.20 -58.61 -21.97
N ARG YB 13 24.88 -59.04 -20.91
CA ARG YB 13 24.24 -59.02 -19.59
C ARG YB 13 24.07 -57.60 -19.08
N SER YB 14 25.02 -56.70 -19.38
CA SER YB 14 24.88 -55.32 -18.96
C SER YB 14 23.70 -54.65 -19.64
N HIS YB 15 23.55 -54.87 -20.95
CA HIS YB 15 22.42 -54.32 -21.67
C HIS YB 15 21.12 -54.91 -21.17
N ARG YB 16 21.11 -56.21 -20.84
CA ARG YB 16 19.89 -56.83 -20.35
C ARG YB 16 19.47 -56.22 -19.01
N ARG YB 17 20.42 -56.07 -18.08
CA ARG YB 17 20.04 -55.53 -16.79
C ARG YB 17 19.80 -54.04 -16.83
N ASP YB 18 20.31 -53.33 -17.85
CA ASP YB 18 19.91 -51.94 -18.03
C ASP YB 18 18.49 -51.84 -18.58
N GLN YB 19 18.15 -52.68 -19.54
CA GLN YB 19 16.83 -52.62 -20.16
C GLN YB 19 15.74 -53.24 -19.30
N LYS YB 20 16.11 -54.05 -18.31
CA LYS YB 20 15.12 -54.65 -17.44
C LYS YB 20 14.43 -53.63 -16.54
N TRP YB 21 14.92 -52.41 -16.46
CA TRP YB 21 14.30 -51.39 -15.64
C TRP YB 21 13.17 -50.67 -16.36
N HIS YB 22 12.91 -50.99 -17.62
CA HIS YB 22 11.95 -50.24 -18.42
C HIS YB 22 10.57 -50.87 -18.47
N ASP YB 23 10.36 -52.04 -17.88
CA ASP YB 23 9.03 -52.59 -17.75
C ASP YB 23 8.51 -52.37 -16.33
N LYS YB 24 7.20 -52.23 -16.21
CA LYS YB 24 6.61 -51.77 -14.96
C LYS YB 24 6.71 -52.81 -13.86
N GLN YB 25 6.59 -54.10 -14.20
CA GLN YB 25 6.62 -55.13 -13.16
C GLN YB 25 7.99 -55.19 -12.48
N TYR YB 26 9.06 -55.23 -13.26
CA TYR YB 26 10.40 -55.29 -12.68
C TYR YB 26 10.70 -54.03 -11.87
N LYS YB 27 10.35 -52.87 -12.41
CA LYS YB 27 10.58 -51.61 -11.71
C LYS YB 27 9.84 -51.59 -10.38
N LYS YB 28 8.58 -52.02 -10.37
CA LYS YB 28 7.79 -52.04 -9.15
C LYS YB 28 8.36 -53.04 -8.14
N ALA YB 29 8.78 -54.21 -8.61
CA ALA YB 29 9.23 -55.24 -7.69
C ALA YB 29 10.66 -55.03 -7.20
N HIS YB 30 11.46 -54.20 -7.86
CA HIS YB 30 12.84 -54.05 -7.48
C HIS YB 30 13.27 -52.63 -7.13
N LEU YB 31 12.38 -51.65 -7.26
CA LEU YB 31 12.77 -50.29 -6.90
C LEU YB 31 12.58 -50.02 -5.41
N GLY YB 32 11.51 -50.54 -4.81
CA GLY YB 32 11.25 -50.38 -3.42
C GLY YB 32 10.35 -49.21 -3.06
N THR YB 33 10.25 -48.22 -3.95
CA THR YB 33 9.35 -47.10 -3.69
C THR YB 33 7.89 -47.53 -3.72
N ALA YB 34 7.55 -48.52 -4.56
CA ALA YB 34 6.21 -49.08 -4.53
C ALA YB 34 5.95 -49.80 -3.20
N LEU YB 35 6.97 -50.50 -2.69
CA LEU YB 35 6.82 -51.15 -1.39
C LEU YB 35 6.63 -50.14 -0.28
N LYS YB 36 7.33 -49.01 -0.35
CA LYS YB 36 7.14 -47.97 0.66
C LYS YB 36 5.77 -47.32 0.54
N ALA YB 37 5.28 -47.12 -0.68
CA ALA YB 37 3.98 -46.51 -0.88
C ALA YB 37 2.83 -47.46 -0.59
N ASN YB 38 3.07 -48.76 -0.59
CA ASN YB 38 2.02 -49.72 -0.29
C ASN YB 38 1.60 -49.61 1.18
N PRO YB 39 0.32 -49.37 1.46
CA PRO YB 39 -0.10 -49.28 2.87
C PRO YB 39 0.09 -50.57 3.65
N PHE YB 40 -0.03 -51.72 3.00
CA PHE YB 40 0.11 -52.99 3.69
C PHE YB 40 1.56 -53.34 3.99
N GLY YB 41 2.51 -52.68 3.33
CA GLY YB 41 3.91 -53.02 3.51
C GLY YB 41 4.27 -54.40 3.02
N GLY YB 42 3.74 -54.81 1.88
CA GLY YB 42 4.07 -56.12 1.36
C GLY YB 42 3.42 -57.27 2.09
N ALA YB 43 2.30 -57.02 2.78
CA ALA YB 43 1.57 -58.05 3.49
C ALA YB 43 0.28 -58.36 2.76
N SER YB 44 -0.15 -59.62 2.84
CA SER YB 44 -1.38 -60.02 2.18
C SER YB 44 -2.60 -59.39 2.85
N HIS YB 45 -2.62 -59.34 4.18
CA HIS YB 45 -3.74 -58.81 4.93
C HIS YB 45 -3.21 -57.79 5.94
N ALA YB 46 -4.14 -57.05 6.55
CA ALA YB 46 -3.79 -56.11 7.60
C ALA YB 46 -4.98 -55.93 8.52
N LYS YB 47 -4.72 -55.37 9.69
CA LYS YB 47 -5.76 -55.06 10.67
C LYS YB 47 -5.85 -53.55 10.85
N GLY YB 48 -7.06 -53.09 11.15
CA GLY YB 48 -7.25 -51.66 11.34
C GLY YB 48 -8.46 -51.38 12.20
N ILE YB 49 -8.63 -50.10 12.50
CA ILE YB 49 -9.75 -49.60 13.28
C ILE YB 49 -10.63 -48.77 12.36
N VAL YB 50 -11.93 -49.04 12.36
CA VAL YB 50 -12.86 -48.35 11.48
C VAL YB 50 -12.98 -46.91 11.95
N LEU YB 51 -12.41 -45.98 11.17
CA LEU YB 51 -12.55 -44.56 11.51
C LEU YB 51 -13.95 -44.06 11.17
N GLU YB 52 -14.49 -44.49 10.02
CA GLU YB 52 -15.76 -43.93 9.57
C GLU YB 52 -16.40 -44.89 8.59
N LYS YB 53 -17.69 -44.68 8.32
CA LYS YB 53 -18.42 -45.37 7.28
C LYS YB 53 -18.79 -44.36 6.20
N VAL YB 54 -18.39 -44.63 4.95
CA VAL YB 54 -18.58 -43.70 3.86
C VAL YB 54 -19.24 -44.41 2.69
N GLY YB 55 -19.82 -43.61 1.81
CA GLY YB 55 -20.35 -44.11 0.55
C GLY YB 55 -19.59 -43.49 -0.60
N VAL YB 56 -19.26 -44.32 -1.58
CA VAL YB 56 -18.48 -43.89 -2.74
C VAL YB 56 -19.36 -44.02 -3.97
N GLU YB 57 -19.44 -42.94 -4.75
CA GLU YB 57 -20.19 -42.98 -5.99
C GLU YB 57 -19.51 -43.93 -6.98
N ALA YB 58 -20.32 -44.69 -7.72
CA ALA YB 58 -19.76 -45.54 -8.76
C ALA YB 58 -19.27 -44.71 -9.93
N LYS YB 59 -18.70 -45.38 -10.93
CA LYS YB 59 -18.11 -44.71 -12.07
C LYS YB 59 -19.21 -44.18 -13.00
N GLN YB 60 -18.81 -43.64 -14.14
CA GLN YB 60 -19.75 -42.95 -15.03
C GLN YB 60 -20.86 -43.84 -15.58
N PRO YB 61 -20.58 -45.01 -16.17
CA PRO YB 61 -21.70 -45.80 -16.72
C PRO YB 61 -22.62 -46.38 -15.65
N ASN YB 62 -22.08 -46.68 -14.48
CA ASN YB 62 -22.88 -47.21 -13.39
C ASN YB 62 -23.43 -46.09 -12.53
N SER YB 63 -24.31 -46.46 -11.60
CA SER YB 63 -24.86 -45.49 -10.65
C SER YB 63 -25.22 -46.26 -9.38
N ALA YB 64 -24.35 -46.15 -8.38
CA ALA YB 64 -24.58 -46.83 -7.12
C ALA YB 64 -23.75 -46.17 -6.04
N ILE YB 65 -24.12 -46.42 -4.79
CA ILE YB 65 -23.38 -45.96 -3.63
C ILE YB 65 -22.70 -47.20 -3.04
N ARG YB 66 -21.44 -47.40 -3.40
CA ARG YB 66 -20.68 -48.49 -2.83
C ARG YB 66 -20.36 -48.17 -1.37
N LYS YB 67 -20.61 -49.14 -0.49
CA LYS YB 67 -20.42 -48.95 0.94
C LYS YB 67 -18.99 -49.29 1.31
N CYS YB 68 -18.28 -48.30 1.87
CA CYS YB 68 -16.89 -48.48 2.26
C CYS YB 68 -16.72 -47.99 3.68
N VAL YB 69 -15.58 -48.37 4.26
CA VAL YB 69 -15.20 -47.91 5.59
C VAL YB 69 -13.83 -47.27 5.51
N ARG YB 70 -13.69 -46.11 6.12
CA ARG YB 70 -12.39 -45.47 6.31
C ARG YB 70 -11.75 -46.08 7.54
N VAL YB 71 -10.57 -46.68 7.36
CA VAL YB 71 -9.93 -47.53 8.34
C VAL YB 71 -8.50 -47.06 8.56
N GLN YB 72 -8.10 -46.92 9.82
CA GLN YB 72 -6.71 -46.63 10.16
C GLN YB 72 -6.03 -47.92 10.59
N LEU YB 73 -4.98 -48.30 9.87
CA LEU YB 73 -4.29 -49.55 10.15
C LEU YB 73 -3.55 -49.49 11.48
N ILE YB 74 -3.53 -50.63 12.18
CA ILE YB 74 -2.90 -50.67 13.50
C ILE YB 74 -1.40 -50.44 13.37
N LYS YB 75 -0.75 -51.15 12.46
CA LYS YB 75 0.64 -50.87 12.14
C LYS YB 75 0.73 -49.64 11.24
N ASN YB 76 1.74 -48.81 11.48
CA ASN YB 76 2.13 -47.66 10.68
C ASN YB 76 1.03 -46.60 10.51
N GLY YB 77 -0.14 -46.82 11.11
CA GLY YB 77 -1.17 -45.81 11.23
C GLY YB 77 -1.67 -45.19 9.93
N LYS YB 78 -1.55 -45.89 8.81
CA LYS YB 78 -2.00 -45.33 7.54
C LYS YB 78 -3.51 -45.46 7.40
N LYS YB 79 -4.12 -44.48 6.75
CA LYS YB 79 -5.57 -44.44 6.59
C LYS YB 79 -5.93 -44.86 5.18
N ILE YB 80 -6.78 -45.87 5.06
CA ILE YB 80 -7.19 -46.44 3.79
C ILE YB 80 -8.72 -46.50 3.74
N THR YB 81 -9.24 -46.84 2.57
CA THR YB 81 -10.66 -47.03 2.36
C THR YB 81 -10.90 -48.46 1.86
N ALA YB 82 -11.76 -49.19 2.55
CA ALA YB 82 -12.00 -50.60 2.26
C ALA YB 82 -13.46 -50.83 1.93
N PHE YB 83 -13.71 -51.50 0.81
CA PHE YB 83 -15.07 -51.83 0.40
C PHE YB 83 -15.65 -52.91 1.30
N VAL YB 84 -16.97 -52.86 1.51
CA VAL YB 84 -17.64 -53.90 2.28
C VAL YB 84 -18.45 -54.74 1.31
N PRO YB 85 -17.99 -55.94 0.97
CA PRO YB 85 -18.46 -56.64 -0.23
C PRO YB 85 -19.60 -57.63 -0.05
N ASN YB 86 -20.81 -57.14 0.27
CA ASN YB 86 -22.04 -57.91 0.20
C ASN YB 86 -23.23 -56.97 0.37
N ASP YB 87 -24.43 -57.55 0.46
CA ASP YB 87 -25.65 -56.77 0.37
C ASP YB 87 -25.89 -55.93 1.61
N GLY YB 88 -25.72 -56.51 2.79
CA GLY YB 88 -26.03 -55.77 4.00
C GLY YB 88 -24.97 -55.88 5.08
N CYS YB 89 -23.73 -56.10 4.68
CA CYS YB 89 -22.66 -56.29 5.65
C CYS YB 89 -22.16 -54.98 6.23
N LEU YB 90 -22.61 -53.83 5.73
CA LEU YB 90 -22.27 -52.58 6.40
C LEU YB 90 -22.95 -52.47 7.75
N ASN YB 91 -24.12 -53.10 7.90
CA ASN YB 91 -24.83 -53.06 9.18
C ASN YB 91 -24.07 -53.82 10.25
N PHE YB 92 -23.30 -54.83 9.88
CA PHE YB 92 -22.43 -55.51 10.83
C PHE YB 92 -21.19 -54.71 11.18
N ILE YB 93 -20.95 -53.59 10.50
CA ILE YB 93 -19.80 -52.74 10.77
C ILE YB 93 -20.27 -51.55 11.59
N GLU YB 94 -19.60 -51.30 12.71
CA GLU YB 94 -19.83 -50.09 13.48
C GLU YB 94 -18.50 -49.41 13.78
N GLU YB 95 -18.56 -48.29 14.48
CA GLU YB 95 -17.36 -47.50 14.74
C GLU YB 95 -16.40 -48.25 15.66
N ASN YB 96 -15.12 -47.95 15.52
CA ASN YB 96 -14.05 -48.45 16.38
C ASN YB 96 -13.93 -49.97 16.34
N ASP YB 97 -14.42 -50.61 15.29
CA ASP YB 97 -14.23 -52.05 15.13
C ASP YB 97 -12.83 -52.35 14.63
N GLU YB 98 -12.32 -53.52 15.04
CA GLU YB 98 -11.04 -54.01 14.54
C GLU YB 98 -11.33 -54.92 13.34
N VAL YB 99 -11.13 -54.39 12.15
CA VAL YB 99 -11.44 -55.11 10.92
C VAL YB 99 -10.15 -55.65 10.32
N LEU YB 100 -10.28 -56.77 9.62
CA LEU YB 100 -9.22 -57.31 8.79
C LEU YB 100 -9.50 -56.93 7.35
N VAL YB 101 -8.50 -56.40 6.66
CA VAL YB 101 -8.65 -55.94 5.29
C VAL YB 101 -7.64 -56.67 4.41
N ALA YB 102 -8.09 -57.09 3.24
CA ALA YB 102 -7.26 -57.73 2.24
C ALA YB 102 -7.28 -56.91 0.97
N GLY YB 103 -6.44 -57.31 0.02
CA GLY YB 103 -6.48 -56.69 -1.29
C GLY YB 103 -7.80 -56.92 -1.99
N PHE YB 104 -8.12 -56.02 -2.92
CA PHE YB 104 -9.42 -56.05 -3.56
C PHE YB 104 -9.35 -56.66 -4.95
N GLY YB 105 -8.22 -57.27 -5.31
CA GLY YB 105 -8.21 -58.19 -6.42
C GLY YB 105 -7.06 -58.11 -7.41
N ARG YB 106 -6.54 -56.93 -7.68
CA ARG YB 106 -5.56 -56.78 -8.76
C ARG YB 106 -4.37 -55.94 -8.31
N LYS YB 107 -3.83 -56.27 -7.13
CA LYS YB 107 -2.49 -55.88 -6.71
C LYS YB 107 -2.33 -54.36 -6.65
N GLY YB 108 -3.12 -53.74 -5.78
CA GLY YB 108 -2.99 -52.31 -5.58
C GLY YB 108 -3.60 -51.46 -6.67
N HIS YB 109 -4.48 -52.02 -7.48
CA HIS YB 109 -5.19 -51.28 -8.50
C HIS YB 109 -6.68 -51.30 -8.20
N ALA YB 110 -7.37 -50.22 -8.51
CA ALA YB 110 -8.80 -50.14 -8.29
C ALA YB 110 -9.52 -51.16 -9.18
N VAL YB 111 -10.62 -51.69 -8.65
CA VAL YB 111 -11.37 -52.75 -9.32
C VAL YB 111 -12.78 -52.25 -9.60
N GLY YB 112 -13.25 -52.48 -10.82
CA GLY YB 112 -14.63 -52.18 -11.15
C GLY YB 112 -14.91 -50.69 -11.16
N ASP YB 113 -16.15 -50.35 -10.79
CA ASP YB 113 -16.62 -48.98 -10.83
C ASP YB 113 -16.34 -48.21 -9.55
N ILE YB 114 -15.55 -48.77 -8.63
CA ILE YB 114 -15.25 -48.12 -7.36
C ILE YB 114 -13.94 -47.35 -7.53
N PRO YB 115 -13.97 -46.03 -7.51
CA PRO YB 115 -12.74 -45.26 -7.78
C PRO YB 115 -11.82 -45.21 -6.57
N GLY YB 116 -10.56 -45.57 -6.79
CA GLY YB 116 -9.54 -45.40 -5.77
C GLY YB 116 -9.73 -46.24 -4.52
N VAL YB 117 -10.25 -47.45 -4.66
CA VAL YB 117 -10.43 -48.37 -3.55
C VAL YB 117 -9.71 -49.67 -3.90
N ARG YB 118 -8.75 -50.05 -3.07
CA ARG YB 118 -7.89 -51.20 -3.36
C ARG YB 118 -7.95 -52.27 -2.28
N PHE YB 119 -8.86 -52.15 -1.32
CA PHE YB 119 -8.94 -53.09 -0.22
C PHE YB 119 -10.39 -53.44 0.06
N LYS YB 120 -10.60 -54.60 0.68
CA LYS YB 120 -11.92 -55.03 1.09
C LYS YB 120 -11.86 -55.70 2.46
N VAL YB 121 -12.95 -55.60 3.20
CA VAL YB 121 -13.00 -56.13 4.55
C VAL YB 121 -13.33 -57.62 4.50
N VAL YB 122 -12.52 -58.42 5.19
CA VAL YB 122 -12.73 -59.86 5.29
C VAL YB 122 -13.38 -60.25 6.61
N LYS YB 123 -12.86 -59.73 7.71
CA LYS YB 123 -13.37 -60.02 9.04
C LYS YB 123 -13.58 -58.72 9.81
N VAL YB 124 -14.56 -58.73 10.69
CA VAL YB 124 -14.80 -57.64 11.62
C VAL YB 124 -14.92 -58.23 13.02
N ALA YB 125 -14.24 -57.61 13.99
CA ALA YB 125 -14.28 -58.04 15.40
C ALA YB 125 -13.97 -59.53 15.54
N ASN YB 126 -13.05 -60.01 14.71
CA ASN YB 126 -12.63 -61.42 14.70
C ASN YB 126 -13.82 -62.36 14.45
N VAL YB 127 -14.72 -61.94 13.58
CA VAL YB 127 -15.72 -62.84 13.00
C VAL YB 127 -15.85 -62.52 11.52
N SER YB 128 -15.93 -63.57 10.71
CA SER YB 128 -15.89 -63.42 9.26
C SER YB 128 -17.15 -62.75 8.74
N LEU YB 129 -16.97 -61.84 7.78
CA LEU YB 129 -18.12 -61.22 7.13
C LEU YB 129 -18.95 -62.24 6.38
N LEU YB 130 -18.33 -63.26 5.81
CA LEU YB 130 -19.10 -64.33 5.17
C LEU YB 130 -19.96 -65.06 6.18
N ALA YB 131 -19.41 -65.33 7.37
CA ALA YB 131 -20.18 -65.99 8.41
C ALA YB 131 -21.35 -65.12 8.86
N LEU YB 132 -21.12 -63.82 9.03
CA LEU YB 132 -22.20 -62.92 9.41
C LEU YB 132 -23.26 -62.83 8.32
N TYR YB 133 -22.83 -62.79 7.06
CA TYR YB 133 -23.77 -62.70 5.94
C TYR YB 133 -24.63 -63.96 5.84
N LYS YB 134 -24.03 -65.12 6.02
CA LYS YB 134 -24.79 -66.37 5.99
C LYS YB 134 -25.48 -66.68 7.30
N GLY YB 135 -25.27 -65.88 8.34
CA GLY YB 135 -25.94 -66.12 9.60
C GLY YB 135 -25.42 -67.31 10.36
N LYS YB 136 -24.23 -67.79 10.02
CA LYS YB 136 -23.69 -68.97 10.70
C LYS YB 136 -23.20 -68.67 12.10
N LYS YB 137 -22.95 -67.41 12.42
CA LYS YB 137 -22.62 -67.03 13.79
C LYS YB 137 -22.90 -65.53 13.96
N GLU YB 138 -23.02 -65.13 15.22
CA GLU YB 138 -23.63 -63.87 15.60
C GLU YB 138 -22.56 -62.87 16.06
N ARG YB 139 -22.92 -61.59 16.00
CA ARG YB 139 -22.05 -60.54 16.50
C ARG YB 139 -21.78 -60.74 17.99
N PRO YB 140 -20.56 -60.49 18.45
CA PRO YB 140 -20.21 -60.66 19.88
C PRO YB 140 -20.73 -59.55 20.77
N ARG YB 141 -22.00 -59.67 21.17
CA ARG YB 141 -22.63 -58.70 22.06
C ARG YB 141 -22.03 -58.75 23.46
N ASN ZB 1 -5.95 -122.00 20.96
CA ASN ZB 1 -4.91 -122.95 21.35
C ASN ZB 1 -4.85 -124.11 20.35
N ASP ZB 2 -5.99 -124.39 19.71
CA ASP ZB 2 -6.06 -125.51 18.77
C ASP ZB 2 -5.19 -125.26 17.55
N THR ZB 3 -5.14 -124.01 17.05
CA THR ZB 3 -4.36 -123.67 15.87
C THR ZB 3 -3.49 -122.46 16.20
N VAL ZB 4 -2.34 -122.73 16.82
CA VAL ZB 4 -1.31 -121.72 17.08
C VAL ZB 4 0.04 -122.38 16.89
N THR ZB 5 0.88 -121.83 16.02
CA THR ZB 5 2.16 -122.45 15.74
C THR ZB 5 3.27 -121.40 15.68
N ILE ZB 6 4.43 -121.78 16.22
CA ILE ZB 6 5.65 -120.99 16.22
C ILE ZB 6 6.54 -121.49 15.11
N ARG ZB 7 7.13 -120.56 14.35
CA ARG ZB 7 8.15 -120.91 13.36
C ARG ZB 7 9.31 -119.95 13.53
N THR ZB 8 10.52 -120.48 13.60
CA THR ZB 8 11.72 -119.69 13.83
C THR ZB 8 12.49 -119.48 12.54
N ARG ZB 9 13.25 -118.39 12.48
CA ARG ZB 9 14.09 -118.10 11.33
C ARG ZB 9 15.14 -117.09 11.75
N LYS ZB 10 16.15 -116.91 10.90
CA LYS ZB 10 17.32 -116.10 11.20
C LYS ZB 10 17.95 -116.49 12.53
N PHE ZB 11 17.87 -117.77 12.86
CA PHE ZB 11 18.40 -118.28 14.12
C PHE ZB 11 19.92 -118.20 14.11
N MET ZB 12 20.48 -117.75 15.23
CA MET ZB 12 21.92 -117.79 15.39
C MET ZB 12 22.24 -117.82 16.87
N THR ZB 13 23.46 -118.26 17.18
CA THR ZB 13 23.95 -118.35 18.54
C THR ZB 13 25.19 -117.50 18.69
N ASN ZB 14 25.33 -116.86 19.84
CA ASN ZB 14 26.55 -116.14 20.15
C ASN ZB 14 26.94 -116.38 21.60
N ARG ZB 15 28.23 -116.61 21.81
CA ARG ZB 15 28.76 -116.75 23.16
C ARG ZB 15 29.19 -115.41 23.75
N LEU ZB 16 29.15 -114.34 22.95
CA LEU ZB 16 29.52 -113.03 23.46
C LEU ZB 16 28.57 -112.58 24.56
N LEU ZB 17 27.27 -112.75 24.35
CA LEU ZB 17 26.28 -112.50 25.38
C LEU ZB 17 25.67 -113.79 25.90
N GLN ZB 18 26.24 -114.94 25.54
CA GLN ZB 18 25.82 -116.26 25.99
C GLN ZB 18 24.33 -116.47 25.77
N ARG ZB 19 23.94 -116.44 24.50
CA ARG ZB 19 22.53 -116.57 24.16
C ARG ZB 19 22.39 -117.07 22.74
N LYS ZB 20 21.17 -117.44 22.38
CA LYS ZB 20 20.78 -117.73 21.02
C LYS ZB 20 19.60 -116.82 20.69
N GLN ZB 21 19.73 -116.06 19.61
CA GLN ZB 21 18.70 -115.11 19.21
C GLN ZB 21 18.17 -115.47 17.83
N MET ZB 22 16.89 -115.18 17.63
CA MET ZB 22 16.24 -115.52 16.38
C MET ZB 22 15.06 -114.57 16.20
N VAL ZB 23 14.45 -114.63 15.02
CA VAL ZB 23 13.20 -113.92 14.77
C VAL ZB 23 12.14 -114.98 14.45
N ILE ZB 24 11.02 -114.90 15.15
CA ILE ZB 24 9.99 -115.93 15.06
C ILE ZB 24 8.70 -115.30 14.60
N ASP ZB 25 7.84 -116.14 14.02
CA ASP ZB 25 6.50 -115.75 13.66
C ASP ZB 25 5.52 -116.80 14.14
N VAL ZB 26 4.41 -116.35 14.71
CA VAL ZB 26 3.36 -117.22 15.20
C VAL ZB 26 2.12 -116.99 14.36
N LEU ZB 27 1.43 -118.09 14.04
CA LEU ZB 27 0.31 -118.10 13.11
C LEU ZB 27 -0.98 -118.30 13.90
N HIS ZB 28 -1.77 -117.23 14.03
CA HIS ZB 28 -3.14 -117.29 14.53
C HIS ZB 28 -4.04 -116.93 13.36
N PRO ZB 29 -4.66 -117.93 12.71
CA PRO ZB 29 -5.52 -117.63 11.56
C PRO ZB 29 -6.75 -116.80 11.89
N GLY ZB 30 -7.33 -117.00 13.07
CA GLY ZB 30 -8.58 -116.31 13.38
C GLY ZB 30 -8.66 -115.79 14.79
N LYS ZB 31 -7.55 -115.81 15.51
CA LYS ZB 31 -7.49 -115.33 16.88
C LYS ZB 31 -6.70 -114.04 16.95
N ALA ZB 32 -6.72 -113.44 18.13
CA ALA ZB 32 -5.98 -112.20 18.36
C ALA ZB 32 -4.49 -112.47 18.38
N THR ZB 33 -3.70 -111.42 18.63
CA THR ZB 33 -2.28 -111.59 18.79
C THR ZB 33 -2.00 -112.51 19.96
N VAL ZB 34 -1.10 -113.47 19.75
CA VAL ZB 34 -0.86 -114.48 20.79
C VAL ZB 34 -0.12 -113.84 21.96
N PRO ZB 35 -0.53 -114.08 23.19
CA PRO ZB 35 0.14 -113.43 24.34
C PRO ZB 35 1.60 -113.87 24.48
N LYS ZB 36 2.44 -112.89 24.85
CA LYS ZB 36 3.87 -113.11 24.95
C LYS ZB 36 4.20 -114.25 25.91
N THR ZB 37 3.41 -114.42 26.96
CA THR ZB 37 3.59 -115.59 27.82
C THR ZB 37 3.39 -116.88 27.05
N GLU ZB 38 2.36 -116.93 26.21
CA GLU ZB 38 2.11 -118.13 25.42
C GLU ZB 38 3.28 -118.42 24.49
N ILE ZB 39 3.80 -117.39 23.81
CA ILE ZB 39 5.01 -117.59 23.02
C ILE ZB 39 6.14 -118.10 23.91
N ARG ZB 40 6.24 -117.57 25.13
CA ARG ZB 40 7.35 -117.92 26.01
C ARG ZB 40 7.34 -119.41 26.34
N GLU ZB 41 6.20 -119.93 26.82
CA GLU ZB 41 6.20 -121.35 27.16
C GLU ZB 41 6.22 -122.23 25.90
N LYS ZB 42 5.59 -121.82 24.80
CA LYS ZB 42 5.62 -122.66 23.62
C LYS ZB 42 7.03 -122.76 23.06
N LEU ZB 43 7.78 -121.65 23.07
CA LEU ZB 43 9.16 -121.67 22.62
C LEU ZB 43 10.05 -122.43 23.59
N ALA ZB 44 9.72 -122.38 24.89
CA ALA ZB 44 10.45 -123.18 25.87
C ALA ZB 44 10.27 -124.67 25.59
N LYS ZB 45 9.05 -125.09 25.25
CA LYS ZB 45 8.84 -126.47 24.84
C LYS ZB 45 9.56 -126.77 23.54
N MET ZB 46 9.62 -125.78 22.65
CA MET ZB 46 10.30 -125.97 21.37
C MET ZB 46 11.78 -126.24 21.54
N TYR ZB 47 12.44 -125.49 22.43
CA TYR ZB 47 13.89 -125.60 22.60
C TYR ZB 47 14.27 -126.28 23.91
N LYS ZB 48 13.35 -127.01 24.53
CA LYS ZB 48 13.63 -127.85 25.70
C LYS ZB 48 14.23 -127.04 26.86
N THR ZB 49 13.68 -125.85 27.09
CA THR ZB 49 14.11 -125.00 28.20
C THR ZB 49 12.89 -124.67 29.06
N THR ZB 50 13.09 -123.78 30.01
CA THR ZB 50 12.02 -123.38 30.90
C THR ZB 50 11.51 -121.99 30.54
N PRO ZB 51 10.22 -121.71 30.77
CA PRO ZB 51 9.69 -120.38 30.41
C PRO ZB 51 9.99 -119.30 31.42
N ASP ZB 52 11.23 -119.28 31.91
CA ASP ZB 52 11.74 -118.19 32.73
C ASP ZB 52 12.96 -117.52 32.13
N VAL ZB 53 13.66 -118.22 31.24
CA VAL ZB 53 14.82 -117.67 30.55
C VAL ZB 53 14.45 -117.15 29.16
N ILE ZB 54 13.25 -117.50 28.66
CA ILE ZB 54 12.82 -117.06 27.33
C ILE ZB 54 12.55 -115.56 27.36
N PHE ZB 55 13.00 -114.86 26.32
CA PHE ZB 55 12.78 -113.43 26.21
C PHE ZB 55 12.29 -113.11 24.81
N VAL ZB 56 11.08 -112.55 24.71
CA VAL ZB 56 10.48 -112.19 23.43
C VAL ZB 56 9.95 -110.77 23.52
N PHE ZB 57 9.88 -110.10 22.36
CA PHE ZB 57 9.43 -108.72 22.29
C PHE ZB 57 9.21 -108.37 20.81
N GLY ZB 58 8.71 -107.16 20.57
CA GLY ZB 58 8.57 -106.62 19.24
C GLY ZB 58 7.64 -107.39 18.33
N PHE ZB 59 6.47 -107.76 18.84
CA PHE ZB 59 5.51 -108.56 18.08
C PHE ZB 59 4.58 -107.63 17.31
N ARG ZB 60 4.80 -107.55 16.00
CA ARG ZB 60 3.94 -106.78 15.10
C ARG ZB 60 3.16 -107.74 14.22
N THR ZB 61 1.87 -107.49 14.08
CA THR ZB 61 0.97 -108.39 13.36
C THR ZB 61 0.78 -107.89 11.94
N HIS ZB 62 0.91 -108.80 10.97
CA HIS ZB 62 0.67 -108.42 9.58
C HIS ZB 62 -0.78 -108.05 9.37
N PHE ZB 63 -1.02 -107.22 8.36
CA PHE ZB 63 -2.37 -106.74 8.07
C PHE ZB 63 -3.29 -107.91 7.74
N GLY ZB 64 -4.47 -107.91 8.35
CA GLY ZB 64 -5.43 -108.97 8.11
C GLY ZB 64 -5.29 -110.20 8.97
N GLY ZB 65 -4.62 -110.10 10.12
CA GLY ZB 65 -4.53 -111.23 11.02
C GLY ZB 65 -3.60 -112.32 10.50
N GLY ZB 66 -3.62 -113.45 11.21
CA GLY ZB 66 -2.80 -114.57 10.80
C GLY ZB 66 -1.41 -114.51 11.37
N LYS ZB 67 -0.46 -114.04 10.58
CA LYS ZB 67 0.94 -114.02 10.98
C LYS ZB 67 1.25 -112.81 11.84
N THR ZB 68 1.99 -113.04 12.93
CA THR ZB 68 2.63 -111.94 13.63
C THR ZB 68 4.06 -112.32 13.98
N THR ZB 69 4.95 -111.35 13.85
CA THR ZB 69 6.39 -111.58 13.90
C THR ZB 69 7.01 -110.79 15.04
N GLY ZB 70 7.89 -111.45 15.80
CA GLY ZB 70 8.63 -110.81 16.87
C GLY ZB 70 10.02 -111.38 16.94
N PHE ZB 71 10.81 -110.85 17.87
CA PHE ZB 71 12.20 -111.25 18.00
C PHE ZB 71 12.38 -112.03 19.30
N GLY ZB 72 12.84 -113.27 19.18
CA GLY ZB 72 13.01 -114.15 20.33
C GLY ZB 72 14.46 -114.25 20.78
N MET ZB 73 14.62 -114.43 22.09
CA MET ZB 73 15.92 -114.42 22.76
C MET ZB 73 15.91 -115.51 23.81
N ILE ZB 74 16.87 -116.42 23.77
CA ILE ZB 74 16.97 -117.47 24.78
C ILE ZB 74 18.40 -117.45 25.34
N TYR ZB 75 18.52 -117.60 26.64
CA TYR ZB 75 19.82 -117.61 27.29
C TYR ZB 75 20.14 -118.98 27.84
N ASP ZB 76 21.42 -119.21 28.10
CA ASP ZB 76 21.85 -120.46 28.70
C ASP ZB 76 21.52 -120.54 30.18
N SER ZB 77 21.53 -119.41 30.88
CA SER ZB 77 21.26 -119.43 32.31
C SER ZB 77 20.57 -118.14 32.73
N LEU ZB 78 19.77 -118.25 33.79
CA LEU ZB 78 19.01 -117.10 34.27
C LEU ZB 78 19.92 -116.04 34.87
N ASP ZB 79 21.07 -116.43 35.45
CA ASP ZB 79 22.00 -115.44 35.96
C ASP ZB 79 22.56 -114.59 34.82
N TYR ZB 80 22.93 -115.23 33.70
CA TYR ZB 80 23.36 -114.47 32.53
C TYR ZB 80 22.22 -113.61 31.98
N ALA ZB 81 20.99 -114.13 32.01
CA ALA ZB 81 19.86 -113.34 31.55
C ALA ZB 81 19.69 -112.09 32.40
N LYS ZB 82 19.84 -112.22 33.71
CA LYS ZB 82 19.82 -111.04 34.57
C LYS ZB 82 21.00 -110.12 34.28
N LYS ZB 83 22.15 -110.70 33.95
CA LYS ZB 83 23.37 -109.91 33.78
C LYS ZB 83 23.30 -109.02 32.54
N ASN ZB 84 22.93 -109.59 31.39
CA ASN ZB 84 22.92 -108.82 30.14
C ASN ZB 84 21.58 -108.96 29.42
N GLU ZB 85 20.64 -108.10 29.80
CA GLU ZB 85 19.31 -107.99 29.20
C GLU ZB 85 18.70 -106.70 29.71
N PRO ZB 86 17.97 -105.96 28.87
CA PRO ZB 86 17.48 -104.63 29.30
C PRO ZB 86 16.56 -104.68 30.52
N LYS ZB 87 16.72 -103.66 31.36
CA LYS ZB 87 16.01 -103.62 32.63
C LYS ZB 87 14.50 -103.56 32.45
N HIS ZB 88 14.03 -102.98 31.34
CA HIS ZB 88 12.59 -102.94 31.16
C HIS ZB 88 12.02 -104.33 30.87
N ARG ZB 89 12.77 -105.17 30.14
CA ARG ZB 89 12.32 -106.54 29.95
C ARG ZB 89 12.42 -107.34 31.24
N LEU ZB 90 13.46 -107.07 32.05
CA LEU ZB 90 13.52 -107.71 33.36
C LEU ZB 90 12.32 -107.31 34.22
N ALA ZB 91 11.93 -106.04 34.16
CA ALA ZB 91 10.75 -105.59 34.90
C ALA ZB 91 9.46 -106.16 34.33
N ARG ZB 92 9.42 -106.37 33.01
CA ARG ZB 92 8.27 -107.03 32.40
C ARG ZB 92 8.11 -108.44 32.95
N HIS ZB 93 9.22 -109.15 33.11
CA HIS ZB 93 9.15 -110.46 33.75
C HIS ZB 93 9.10 -110.38 35.27
N GLY ZB 94 9.19 -109.18 35.84
CA GLY ZB 94 9.08 -109.00 37.27
C GLY ZB 94 10.38 -109.14 38.02
N LEU ZB 95 11.51 -109.32 37.33
CA LEU ZB 95 12.79 -109.52 37.97
C LEU ZB 95 13.49 -108.22 38.32
N TYR ZB 96 12.90 -107.07 37.98
CA TYR ZB 96 13.51 -105.77 38.23
C TYR ZB 96 12.42 -104.80 38.65
N GLU ZB 97 12.73 -103.95 39.63
CA GLU ZB 97 11.78 -102.98 40.15
C GLU ZB 97 12.24 -101.58 39.81
N LYS ZB 98 11.29 -100.72 39.48
CA LYS ZB 98 11.56 -99.32 39.13
C LYS ZB 98 10.89 -98.38 40.14
N LYS ZB 99 10.81 -98.80 41.40
CA LYS ZB 99 10.13 -98.01 42.43
C LYS ZB 99 11.02 -96.82 42.79
N LYS ZB 100 10.89 -95.76 41.99
CA LYS ZB 100 11.68 -94.56 42.17
C LYS ZB 100 10.80 -93.34 41.89
N THR ZB 101 11.38 -92.17 42.10
CA THR ZB 101 10.65 -90.91 41.97
C THR ZB 101 10.64 -90.44 40.52
N SER ZB 102 9.95 -89.34 40.28
CA SER ZB 102 9.87 -88.78 38.94
C SER ZB 102 11.18 -88.10 38.55
N ARG ZB 103 11.41 -88.00 37.24
CA ARG ZB 103 12.59 -87.32 36.75
C ARG ZB 103 12.58 -85.85 37.15
N LYS ZB 104 11.41 -85.23 37.10
CA LYS ZB 104 11.28 -83.83 37.51
C LYS ZB 104 11.68 -83.64 38.96
N GLN ZB 105 11.15 -84.48 39.86
CA GLN ZB 105 11.48 -84.38 41.27
C GLN ZB 105 12.95 -84.67 41.52
N ARG ZB 106 13.51 -85.63 40.78
CA ARG ZB 106 14.94 -85.92 40.92
C ARG ZB 106 15.78 -84.72 40.53
N LYS ZB 107 15.41 -84.04 39.45
CA LYS ZB 107 16.13 -82.83 39.05
C LYS ZB 107 15.95 -81.72 40.09
N GLU ZB 108 14.76 -81.62 40.67
CA GLU ZB 108 14.54 -80.62 41.72
C GLU ZB 108 15.47 -80.87 42.90
N ARG ZB 109 15.57 -82.12 43.34
CA ARG ZB 109 16.46 -82.45 44.45
C ARG ZB 109 17.92 -82.19 44.09
N LYS ZB 110 18.32 -82.54 42.86
CA LYS ZB 110 19.69 -82.33 42.44
C LYS ZB 110 20.04 -80.84 42.44
N ASN ZB 111 19.11 -80.00 41.99
CA ASN ZB 111 19.39 -78.57 41.97
C ASN ZB 111 19.32 -77.95 43.35
N ARG ZB 112 18.46 -78.47 44.23
CA ARG ZB 112 18.39 -77.95 45.60
C ARG ZB 112 19.63 -78.30 46.39
N MET ZB 113 20.21 -79.48 46.14
CA MET ZB 113 21.44 -79.86 46.83
C MET ZB 113 22.61 -78.99 46.44
N LYS ZB 114 22.57 -78.35 45.27
CA LYS ZB 114 23.68 -77.51 44.84
C LYS ZB 114 23.78 -76.22 45.64
N LYS ZB 115 22.67 -75.77 46.24
CA LYS ZB 115 22.72 -74.56 47.05
C LYS ZB 115 23.44 -74.77 48.37
N VAL ZB 116 23.54 -76.02 48.83
CA VAL ZB 116 24.20 -76.35 50.09
C VAL ZB 116 25.56 -76.92 49.77
N ARG ZB 117 26.60 -76.34 50.36
CA ARG ZB 117 27.98 -76.71 50.07
C ARG ZB 117 28.57 -77.51 51.22
N GLY ZB 118 29.16 -78.66 50.87
CA GLY ZB 118 29.99 -79.38 51.80
C GLY ZB 118 29.26 -80.09 52.93
N THR ZB 119 28.52 -79.32 53.72
CA THR ZB 119 27.88 -79.84 54.94
C THR ZB 119 27.00 -81.04 54.62
N ALA ZB 120 27.41 -82.22 55.11
CA ALA ZB 120 26.72 -83.44 54.74
C ALA ZB 120 25.29 -83.47 55.28
N LYS ZB 121 25.09 -83.00 56.53
CA LYS ZB 121 23.76 -83.02 57.11
C LYS ZB 121 22.81 -82.10 56.37
N ALA ZB 122 23.27 -80.89 56.00
CA ALA ZB 122 22.43 -79.98 55.26
C ALA ZB 122 22.34 -80.33 53.78
N ASN ZB 123 23.23 -81.20 53.29
CA ASN ZB 123 23.17 -81.69 51.92
C ASN ZB 123 22.21 -82.86 51.80
N VAL ZB 124 22.04 -83.64 52.86
CA VAL ZB 124 21.06 -84.71 52.85
C VAL ZB 124 19.70 -84.26 53.37
N GLY ZB 125 19.64 -83.17 54.13
CA GLY ZB 125 18.37 -82.60 54.54
C GLY ZB 125 17.82 -81.56 53.60
N ALA ZB 126 18.43 -81.40 52.42
CA ALA ZB 126 17.96 -80.40 51.47
C ALA ZB 126 16.56 -80.72 50.96
N GLY ZB 127 16.31 -81.98 50.62
CA GLY ZB 127 15.03 -82.38 50.10
C GLY ZB 127 14.02 -82.83 51.13
N LYS ZB 128 14.35 -82.72 52.42
CA LYS ZB 128 13.44 -83.19 53.45
C LYS ZB 128 12.25 -82.25 53.63
N LYS ZB 129 12.49 -80.95 53.61
CA LYS ZB 129 11.43 -79.97 53.83
C LYS ZB 129 10.54 -79.78 52.59
N PRO ZB 130 11.09 -79.43 51.41
CA PRO ZB 130 10.15 -79.21 50.29
C PRO ZB 130 9.75 -80.50 49.57
N LYS ZB 131 8.81 -81.22 50.19
CA LYS ZB 131 8.32 -82.47 49.64
C LYS ZB 131 7.34 -82.24 48.50
N THR AC 1 -0.02 -42.03 -42.95
CA THR AC 1 0.44 -42.75 -44.13
C THR AC 1 1.22 -41.83 -45.04
N LYS AC 2 2.24 -42.36 -45.70
CA LYS AC 2 3.04 -41.59 -46.65
C LYS AC 2 2.25 -41.45 -47.95
N LYS AC 3 1.82 -40.22 -48.26
CA LYS AC 3 0.95 -40.01 -49.41
C LYS AC 3 1.71 -40.13 -50.72
N ARG AC 4 2.92 -39.58 -50.79
CA ARG AC 4 3.70 -39.55 -52.00
C ARG AC 4 5.10 -40.09 -51.75
N ARG AC 5 5.61 -40.85 -52.72
CA ARG AC 5 6.97 -41.40 -52.58
C ARG AC 5 8.01 -40.30 -52.57
N ASN AC 6 7.83 -39.27 -53.40
CA ASN AC 6 8.76 -38.17 -53.47
C ASN AC 6 8.46 -37.06 -52.47
N ASN AC 7 7.50 -37.29 -51.56
CA ASN AC 7 7.11 -36.35 -50.52
C ASN AC 7 6.59 -35.04 -51.10
N GLY AC 8 6.04 -35.08 -52.31
CA GLY AC 8 5.48 -33.90 -52.92
C GLY AC 8 6.48 -32.89 -53.41
N ARG AC 9 7.71 -33.30 -53.68
CA ARG AC 9 8.75 -32.39 -54.12
C ARG AC 9 9.80 -33.17 -54.88
N ALA AC 10 10.66 -32.44 -55.58
CA ALA AC 10 11.68 -33.04 -56.44
C ALA AC 10 13.04 -33.18 -55.78
N LYS AC 11 13.17 -32.83 -54.51
CA LYS AC 11 14.44 -32.92 -53.81
C LYS AC 11 14.81 -34.39 -53.60
N LYS AC 12 15.86 -34.85 -54.29
CA LYS AC 12 16.29 -36.23 -54.16
C LYS AC 12 17.66 -36.35 -53.52
N GLY AC 13 18.69 -35.71 -54.06
CA GLY AC 13 20.01 -35.82 -53.49
C GLY AC 13 20.52 -34.51 -52.94
N ARG AC 14 19.65 -33.74 -52.29
CA ARG AC 14 19.98 -32.42 -51.80
C ARG AC 14 19.64 -32.36 -50.33
N GLY AC 15 20.28 -31.45 -49.62
CA GLY AC 15 19.90 -31.21 -48.25
C GLY AC 15 18.92 -30.06 -48.17
N HIS AC 16 19.21 -28.98 -48.89
CA HIS AC 16 18.41 -27.77 -48.82
C HIS AC 16 18.21 -27.20 -50.21
N VAL AC 17 17.01 -26.69 -50.45
CA VAL AC 17 16.66 -26.01 -51.70
C VAL AC 17 16.18 -24.61 -51.34
N GLN AC 18 16.67 -23.61 -52.06
CA GLN AC 18 16.35 -22.24 -51.73
C GLN AC 18 14.86 -21.97 -51.94
N PRO AC 19 14.26 -21.11 -51.11
CA PRO AC 19 12.84 -20.82 -51.26
C PRO AC 19 12.57 -19.71 -52.26
N ILE AC 20 11.33 -19.68 -52.73
CA ILE AC 20 10.81 -18.64 -53.61
C ILE AC 20 9.48 -18.20 -53.06
N ARG AC 21 9.00 -17.05 -53.52
CA ARG AC 21 7.75 -16.49 -53.06
C ARG AC 21 6.64 -16.80 -54.06
N CYS AC 22 5.51 -17.30 -53.54
CA CYS AC 22 4.36 -17.57 -54.38
C CYS AC 22 3.88 -16.29 -55.06
N THR AC 23 3.59 -16.39 -56.36
CA THR AC 23 3.17 -15.22 -57.10
C THR AC 23 1.80 -14.72 -56.67
N ASN AC 24 1.03 -15.53 -55.96
CA ASN AC 24 -0.32 -15.15 -55.56
C ASN AC 24 -0.38 -14.60 -54.15
N CYS AC 25 0.29 -15.24 -53.19
CA CYS AC 25 0.19 -14.84 -51.79
C CYS AC 25 1.53 -14.55 -51.15
N ALA AC 26 2.65 -14.69 -51.88
CA ALA AC 26 3.99 -14.43 -51.38
C ALA AC 26 4.36 -15.34 -50.21
N ARG AC 27 4.00 -16.61 -50.32
CA ARG AC 27 4.40 -17.62 -49.35
C ARG AC 27 5.75 -18.19 -49.73
N CYS AC 28 6.59 -18.46 -48.73
CA CYS AC 28 7.89 -19.07 -48.97
C CYS AC 28 7.70 -20.56 -49.25
N VAL AC 29 8.01 -20.97 -50.47
CA VAL AC 29 7.85 -22.35 -50.91
C VAL AC 29 9.22 -22.84 -51.37
N PRO AC 30 9.62 -24.07 -51.06
CA PRO AC 30 10.82 -24.61 -51.71
C PRO AC 30 10.65 -24.63 -53.21
N LYS AC 31 11.73 -24.31 -53.93
CA LYS AC 31 11.64 -24.15 -55.37
C LYS AC 31 11.23 -25.44 -56.05
N ASP AC 32 11.74 -26.58 -55.58
CA ASP AC 32 11.38 -27.86 -56.16
C ASP AC 32 9.97 -28.32 -55.77
N LYS AC 33 9.34 -27.67 -54.81
CA LYS AC 33 7.99 -28.05 -54.40
C LYS AC 33 6.92 -27.23 -55.10
N ALA AC 34 7.23 -25.99 -55.45
CA ALA AC 34 6.23 -25.08 -55.99
C ALA AC 34 5.77 -25.52 -57.37
N ILE AC 35 4.52 -25.23 -57.68
CA ILE AC 35 3.98 -25.49 -59.02
C ILE AC 35 4.38 -24.35 -59.94
N LYS AC 36 5.05 -24.69 -61.03
CA LYS AC 36 5.56 -23.70 -61.96
C LYS AC 36 4.76 -23.74 -63.25
N LYS AC 37 4.33 -22.57 -63.71
CA LYS AC 37 3.64 -22.43 -64.98
C LYS AC 37 4.35 -21.38 -65.81
N PHE AC 38 4.79 -21.74 -67.00
CA PHE AC 38 5.48 -20.80 -67.89
C PHE AC 38 4.47 -20.35 -68.94
N VAL AC 39 3.82 -19.22 -68.68
CA VAL AC 39 2.79 -18.71 -69.57
C VAL AC 39 3.44 -17.83 -70.64
N ILE AC 40 3.07 -18.09 -71.89
CA ILE AC 40 3.61 -17.39 -73.04
C ILE AC 40 2.38 -16.85 -73.78
N ARG AC 41 1.97 -15.64 -73.44
CA ARG AC 41 0.69 -15.13 -73.91
C ARG AC 41 0.90 -13.99 -74.90
N ASN AC 42 0.00 -13.89 -75.88
CA ASN AC 42 0.00 -12.71 -76.74
C ASN AC 42 -0.20 -11.46 -75.90
N ILE AC 43 0.60 -10.43 -76.20
CA ILE AC 43 0.55 -9.22 -75.41
C ILE AC 43 -0.76 -8.47 -75.62
N VAL AC 44 -1.51 -8.81 -76.66
CA VAL AC 44 -2.83 -8.25 -76.90
C VAL AC 44 -3.83 -9.39 -77.00
N GLU AC 45 -5.09 -9.07 -76.73
CA GLU AC 45 -6.14 -10.07 -76.75
C GLU AC 45 -6.42 -10.52 -78.19
N ALA AC 46 -6.87 -11.77 -78.31
CA ALA AC 46 -7.24 -12.31 -79.62
C ALA AC 46 -8.45 -11.60 -80.21
N ALA AC 47 -9.22 -10.89 -79.40
CA ALA AC 47 -10.28 -10.05 -79.93
C ALA AC 47 -9.73 -8.75 -80.50
N ALA AC 48 -8.66 -8.23 -79.91
CA ALA AC 48 -8.12 -6.93 -80.29
C ALA AC 48 -6.96 -7.02 -81.27
N VAL AC 49 -6.56 -8.25 -81.66
CA VAL AC 49 -5.47 -8.38 -82.62
C VAL AC 49 -5.81 -7.69 -83.93
N ARG AC 50 -7.07 -7.79 -84.37
CA ARG AC 50 -7.45 -7.17 -85.64
C ARG AC 50 -7.42 -5.65 -85.54
N ASP AC 51 -7.91 -5.09 -84.44
CA ASP AC 51 -7.88 -3.64 -84.26
C ASP AC 51 -6.45 -3.12 -84.21
N ILE AC 52 -5.57 -3.83 -83.50
CA ILE AC 52 -4.18 -3.40 -83.44
C ILE AC 52 -3.51 -3.53 -84.80
N SER AC 53 -3.85 -4.57 -85.56
CA SER AC 53 -3.30 -4.73 -86.90
C SER AC 53 -3.75 -3.60 -87.81
N GLU AC 54 -5.03 -3.21 -87.72
CA GLU AC 54 -5.53 -2.11 -88.53
C GLU AC 54 -4.87 -0.79 -88.14
N ALA AC 55 -4.69 -0.56 -86.84
CA ALA AC 55 -4.10 0.69 -86.37
C ALA AC 55 -2.58 0.70 -86.41
N SER AC 56 -1.96 -0.40 -86.81
CA SER AC 56 -0.50 -0.43 -86.88
C SER AC 56 0.01 0.42 -88.04
N VAL AC 57 1.10 1.15 -87.79
CA VAL AC 57 1.78 1.89 -88.84
C VAL AC 57 2.59 0.98 -89.75
N PHE AC 58 2.75 -0.28 -89.38
CA PHE AC 58 3.48 -1.25 -90.18
C PHE AC 58 2.51 -2.22 -90.84
N ASP AC 59 3.00 -2.91 -91.86
CA ASP AC 59 2.19 -3.92 -92.53
C ASP AC 59 2.41 -5.30 -91.93
N ALA AC 60 3.65 -5.78 -91.97
CA ALA AC 60 3.99 -7.10 -91.44
C ALA AC 60 4.61 -6.97 -90.05
N TYR AC 61 3.82 -6.48 -89.10
CA TYR AC 61 4.27 -6.29 -87.73
C TYR AC 61 3.85 -7.51 -86.90
N VAL AC 62 4.82 -8.21 -86.35
CA VAL AC 62 4.55 -9.37 -85.51
C VAL AC 62 4.30 -8.88 -84.08
N LEU AC 63 3.14 -9.22 -83.54
CA LEU AC 63 2.79 -8.77 -82.21
C LEU AC 63 3.69 -9.43 -81.16
N PRO AC 64 4.19 -8.67 -80.19
CA PRO AC 64 5.11 -9.23 -79.21
C PRO AC 64 4.40 -10.19 -78.27
N LYS AC 65 5.20 -11.08 -77.68
CA LYS AC 65 4.70 -12.03 -76.70
C LYS AC 65 5.03 -11.54 -75.30
N LEU AC 66 4.46 -12.24 -74.32
CA LEU AC 66 4.66 -11.94 -72.91
C LEU AC 66 5.02 -13.24 -72.21
N TYR AC 67 6.20 -13.27 -71.60
CA TYR AC 67 6.79 -14.48 -71.06
C TYR AC 67 6.85 -14.33 -69.55
N VAL AC 68 6.03 -15.09 -68.83
CA VAL AC 68 5.96 -14.97 -67.38
C VAL AC 68 6.04 -16.37 -66.76
N LYS AC 69 6.96 -16.54 -65.82
CA LYS AC 69 7.06 -17.77 -65.04
C LYS AC 69 6.39 -17.54 -63.70
N LEU AC 70 5.36 -18.32 -63.41
CA LEU AC 70 4.56 -18.19 -62.20
C LEU AC 70 4.86 -19.36 -61.27
N HIS AC 71 5.06 -19.05 -59.99
CA HIS AC 71 5.27 -20.05 -58.96
C HIS AC 71 4.12 -20.01 -57.98
N TYR AC 72 3.61 -21.19 -57.64
CA TYR AC 72 2.46 -21.30 -56.75
C TYR AC 72 2.78 -22.24 -55.60
N CYS AC 73 2.38 -21.85 -54.40
CA CYS AC 73 2.22 -22.82 -53.34
C CYS AC 73 1.04 -23.72 -53.69
N VAL AC 74 0.99 -24.90 -53.08
CA VAL AC 74 -0.05 -25.84 -53.49
C VAL AC 74 -1.41 -25.32 -53.07
N SER AC 75 -1.48 -24.50 -52.02
CA SER AC 75 -2.75 -23.93 -51.59
C SER AC 75 -3.32 -23.03 -52.67
N CYS AC 76 -2.53 -22.08 -53.16
CA CYS AC 76 -3.00 -21.21 -54.23
C CYS AC 76 -3.20 -21.97 -55.53
N ALA AC 77 -2.38 -22.98 -55.79
CA ALA AC 77 -2.57 -23.77 -57.00
C ALA AC 77 -3.92 -24.49 -56.99
N ILE AC 78 -4.27 -25.09 -55.85
CA ILE AC 78 -5.55 -25.78 -55.74
C ILE AC 78 -6.71 -24.79 -55.77
N HIS AC 79 -6.55 -23.65 -55.10
CA HIS AC 79 -7.63 -22.67 -55.08
C HIS AC 79 -7.86 -22.06 -56.47
N SER AC 80 -6.80 -21.90 -57.24
CA SER AC 80 -6.89 -21.35 -58.59
C SER AC 80 -7.12 -22.43 -59.64
N LYS AC 81 -7.19 -23.70 -59.24
CA LYS AC 81 -7.57 -24.81 -60.09
C LYS AC 81 -6.59 -25.08 -61.21
N VAL AC 82 -5.35 -24.63 -61.08
CA VAL AC 82 -4.33 -25.09 -62.01
C VAL AC 82 -4.01 -26.56 -61.78
N VAL AC 83 -4.04 -27.02 -60.54
CA VAL AC 83 -3.91 -28.43 -60.22
C VAL AC 83 -5.18 -28.87 -59.51
N ARG AC 84 -5.45 -30.16 -59.60
CA ARG AC 84 -6.66 -30.75 -59.02
C ARG AC 84 -6.27 -32.00 -58.24
N ASN AC 85 -7.09 -32.35 -57.26
CA ASN AC 85 -6.89 -33.61 -56.58
C ASN AC 85 -7.19 -34.78 -57.51
N ARG AC 86 -6.46 -35.88 -57.30
CA ARG AC 86 -6.58 -37.05 -58.17
C ARG AC 86 -6.73 -38.30 -57.33
N SER AC 87 -7.16 -39.38 -57.96
CA SER AC 87 -7.31 -40.64 -57.28
C SER AC 87 -5.94 -41.19 -56.89
N ARG AC 88 -5.96 -42.22 -56.02
CA ARG AC 88 -4.72 -42.81 -55.54
C ARG AC 88 -3.88 -43.37 -56.68
N GLU AC 89 -4.53 -43.99 -57.67
CA GLU AC 89 -3.80 -44.48 -58.83
C GLU AC 89 -3.43 -43.36 -59.80
N ALA AC 90 -4.29 -42.36 -59.94
CA ALA AC 90 -4.04 -41.29 -60.90
C ALA AC 90 -3.00 -40.29 -60.42
N ARG AC 91 -2.67 -40.29 -59.13
CA ARG AC 91 -1.62 -39.40 -58.66
C ARG AC 91 -0.25 -39.79 -59.19
N LYS AC 92 -0.08 -41.04 -59.60
CA LYS AC 92 1.26 -41.56 -59.89
C LYS AC 92 1.79 -41.12 -61.25
N ASP AC 93 0.97 -40.61 -62.15
CA ASP AC 93 1.48 -40.22 -63.45
C ASP AC 93 1.99 -38.78 -63.43
N ARG AC 94 2.94 -38.51 -64.31
CA ARG AC 94 3.55 -37.20 -64.41
C ARG AC 94 3.39 -36.57 -65.77
N THR AC 95 2.63 -37.19 -66.67
CA THR AC 95 2.44 -36.65 -68.00
C THR AC 95 1.61 -35.38 -67.91
N PRO AC 96 2.07 -34.27 -68.47
CA PRO AC 96 1.29 -33.03 -68.43
C PRO AC 96 0.03 -33.16 -69.25
N PRO AC 97 -1.01 -32.37 -68.95
CA PRO AC 97 -2.24 -32.46 -69.71
C PRO AC 97 -2.01 -32.04 -71.15
N PRO AC 98 -2.77 -32.61 -72.09
CA PRO AC 98 -2.56 -32.30 -73.51
C PRO AC 98 -2.86 -30.84 -73.84
N ARG AC 99 -2.15 -30.34 -74.85
CA ARG AC 99 -2.32 -28.95 -75.27
C ARG AC 99 -3.62 -28.71 -76.02
N PHE AC 100 -4.27 -29.76 -76.52
CA PHE AC 100 -5.48 -29.66 -77.32
C PHE AC 100 -5.28 -28.75 -78.53
N ARG AC 101 -4.37 -29.15 -79.40
CA ARG AC 101 -4.09 -28.39 -80.61
C ARG AC 101 -5.28 -28.29 -81.56
N PRO AC 102 -6.10 -29.34 -81.81
CA PRO AC 102 -7.11 -29.06 -82.84
C PRO AC 102 -8.31 -28.27 -82.31
N PRO BC 1 17.78 -66.42 -67.17
CA PRO BC 1 18.49 -67.64 -67.55
C PRO BC 1 19.03 -68.39 -66.34
N LEU BC 2 18.36 -69.47 -65.96
CA LEU BC 2 18.78 -70.21 -64.77
C LEU BC 2 19.99 -71.09 -65.02
N ALA BC 3 20.32 -71.37 -66.27
CA ALA BC 3 21.37 -72.33 -66.60
C ALA BC 3 22.48 -71.69 -67.40
N LYS BC 4 22.89 -70.49 -67.00
CA LYS BC 4 24.08 -69.88 -67.58
C LYS BC 4 25.32 -70.66 -67.14
N ASP BC 5 26.23 -70.89 -68.08
CA ASP BC 5 27.45 -71.65 -67.80
C ASP BC 5 28.46 -70.66 -67.23
N LEU BC 6 28.60 -70.66 -65.92
CA LEU BC 6 29.55 -69.75 -65.28
C LEU BC 6 30.99 -70.23 -65.46
N LEU BC 7 31.19 -71.54 -65.63
CA LEU BC 7 32.53 -72.08 -65.75
C LEU BC 7 33.21 -71.65 -67.03
N HIS BC 8 32.48 -71.58 -68.13
CA HIS BC 8 33.05 -71.34 -69.45
C HIS BC 8 32.32 -70.19 -70.13
N PRO BC 9 32.63 -68.96 -69.75
CA PRO BC 9 32.07 -67.81 -70.47
C PRO BC 9 32.84 -67.54 -71.74
N SER BC 10 32.11 -67.13 -72.78
CA SER BC 10 32.75 -66.85 -74.05
C SER BC 10 33.55 -65.55 -73.95
N PRO BC 11 34.55 -65.39 -74.82
CA PRO BC 11 35.43 -64.21 -74.70
C PRO BC 11 34.72 -62.89 -74.86
N GLU BC 12 33.56 -62.85 -75.51
CA GLU BC 12 32.86 -61.58 -75.68
C GLU BC 12 32.42 -61.01 -74.33
N GLU BC 13 31.72 -61.80 -73.53
CA GLU BC 13 31.34 -61.30 -72.21
C GLU BC 13 32.53 -61.30 -71.27
N GLU BC 14 33.49 -62.20 -71.47
CA GLU BC 14 34.71 -62.17 -70.66
C GLU BC 14 35.45 -60.85 -70.83
N LYS BC 15 35.38 -60.25 -72.02
CA LYS BC 15 36.02 -58.96 -72.25
C LYS BC 15 35.12 -57.81 -71.83
N ARG BC 16 33.79 -57.94 -72.00
CA ARG BC 16 32.94 -56.81 -71.61
C ARG BC 16 32.89 -56.65 -70.10
N LYS BC 17 33.14 -57.73 -69.36
CA LYS BC 17 33.09 -57.63 -67.90
C LYS BC 17 34.25 -56.80 -67.37
N HIS BC 18 34.06 -56.27 -66.17
CA HIS BC 18 35.08 -55.50 -65.49
C HIS BC 18 36.29 -56.37 -65.20
N LYS BC 19 37.46 -55.74 -65.11
CA LYS BC 19 38.71 -56.48 -64.95
C LYS BC 19 38.70 -57.32 -63.67
N LYS BC 20 38.19 -56.77 -62.58
CA LYS BC 20 38.14 -57.51 -61.33
C LYS BC 20 37.02 -58.53 -61.31
N LYS BC 21 35.93 -58.28 -62.02
CA LYS BC 21 34.76 -59.15 -62.00
C LYS BC 21 34.84 -60.27 -63.02
N ARG BC 22 35.96 -60.41 -63.71
CA ARG BC 22 36.14 -61.55 -64.59
C ARG BC 22 36.30 -62.83 -63.76
N LEU BC 23 36.26 -63.97 -64.44
CA LEU BC 23 36.50 -65.24 -63.76
C LEU BC 23 37.89 -65.26 -63.16
N VAL BC 24 38.88 -64.84 -63.94
CA VAL BC 24 40.24 -64.59 -63.45
C VAL BC 24 40.61 -63.17 -63.87
N GLN BC 25 41.23 -62.43 -62.95
CA GLN BC 25 41.58 -61.05 -63.22
C GLN BC 25 42.54 -60.95 -64.39
N SER BC 26 42.25 -60.00 -65.30
CA SER BC 26 43.09 -59.76 -66.44
C SER BC 26 43.18 -58.25 -66.63
N PRO BC 27 44.37 -57.68 -66.66
CA PRO BC 27 44.49 -56.25 -66.91
C PRO BC 27 44.06 -55.90 -68.32
N ASN BC 28 43.48 -54.72 -68.46
CA ASN BC 28 43.09 -54.20 -69.76
C ASN BC 28 44.22 -53.47 -70.46
N SER BC 29 45.34 -53.26 -69.79
CA SER BC 29 46.47 -52.55 -70.35
C SER BC 29 47.46 -53.52 -70.97
N TYR BC 30 48.50 -52.97 -71.59
CA TYR BC 30 49.49 -53.78 -72.30
C TYR BC 30 50.75 -52.96 -72.48
N PHE BC 31 51.72 -53.56 -73.17
CA PHE BC 31 52.97 -52.90 -73.51
C PHE BC 31 53.11 -52.85 -75.02
N MET BC 32 53.67 -51.75 -75.52
CA MET BC 32 53.77 -51.52 -76.94
C MET BC 32 55.18 -51.10 -77.32
N ASP BC 33 55.63 -51.61 -78.47
CA ASP BC 33 56.79 -51.04 -79.15
C ASP BC 33 56.40 -49.76 -79.85
N VAL BC 34 57.16 -48.70 -79.62
CA VAL BC 34 56.92 -47.40 -80.21
C VAL BC 34 58.15 -47.00 -81.00
N LYS BC 35 57.91 -46.57 -82.24
CA LYS BC 35 58.92 -46.07 -83.16
C LYS BC 35 58.69 -44.58 -83.33
N CYS BC 36 59.71 -43.79 -83.03
CA CYS BC 36 59.70 -42.37 -83.33
C CYS BC 36 60.30 -42.14 -84.71
N PRO BC 37 59.64 -41.37 -85.57
CA PRO BC 37 60.23 -41.09 -86.89
C PRO BC 37 61.54 -40.33 -86.76
N GLY BC 38 62.49 -40.67 -87.62
CA GLY BC 38 63.82 -40.11 -87.51
C GLY BC 38 64.69 -40.74 -86.44
N CYS BC 39 64.24 -41.84 -85.85
CA CYS BC 39 65.04 -42.55 -84.86
C CYS BC 39 64.97 -44.04 -85.15
N TYR BC 40 66.00 -44.76 -84.71
CA TYR BC 40 66.12 -46.18 -84.97
C TYR BC 40 65.73 -47.06 -83.80
N LYS BC 41 65.94 -46.61 -82.57
CA LYS BC 41 65.68 -47.45 -81.42
C LYS BC 41 64.18 -47.59 -81.18
N ILE BC 42 63.82 -48.62 -80.42
CA ILE BC 42 62.43 -48.98 -80.17
C ILE BC 42 62.17 -48.78 -78.68
N THR BC 43 61.08 -48.10 -78.35
CA THR BC 43 60.77 -47.81 -76.95
C THR BC 43 59.62 -48.67 -76.48
N THR BC 44 59.79 -49.33 -75.34
CA THR BC 44 58.71 -50.11 -74.73
C THR BC 44 57.90 -49.22 -73.81
N VAL BC 45 56.63 -49.02 -74.13
CA VAL BC 45 55.79 -48.05 -73.44
C VAL BC 45 54.54 -48.75 -72.91
N PHE BC 46 54.21 -48.47 -71.66
CA PHE BC 46 52.95 -48.90 -71.07
C PHE BC 46 51.78 -48.17 -71.74
N SER BC 47 50.71 -48.91 -72.02
CA SER BC 47 49.57 -48.31 -72.71
C SER BC 47 48.89 -47.23 -71.89
N HIS BC 48 48.90 -47.36 -70.57
CA HIS BC 48 48.28 -46.41 -69.66
C HIS BC 48 49.32 -45.60 -68.91
N ALA BC 49 50.39 -45.21 -69.61
CA ALA BC 49 51.51 -44.55 -68.98
C ALA BC 49 51.11 -43.22 -68.37
N GLN BC 50 51.57 -42.96 -67.14
CA GLN BC 50 51.27 -41.74 -66.44
C GLN BC 50 52.33 -40.67 -66.60
N THR BC 51 53.46 -40.98 -67.23
CA THR BC 51 54.55 -40.04 -67.39
C THR BC 51 54.83 -39.81 -68.86
N VAL BC 52 55.42 -38.65 -69.16
CA VAL BC 52 55.82 -38.34 -70.52
C VAL BC 52 57.06 -39.17 -70.85
N VAL BC 53 56.91 -40.14 -71.74
CA VAL BC 53 58.04 -40.98 -72.12
C VAL BC 53 58.85 -40.26 -73.20
N LEU BC 54 60.16 -40.18 -72.98
CA LEU BC 54 61.06 -39.45 -73.85
C LEU BC 54 62.11 -40.40 -74.40
N CYS BC 55 62.56 -40.13 -75.63
CA CYS BC 55 63.69 -40.86 -76.19
C CYS BC 55 64.99 -40.32 -75.62
N VAL BC 56 65.97 -41.21 -75.43
CA VAL BC 56 67.27 -40.79 -74.94
C VAL BC 56 68.17 -40.30 -76.07
N GLY BC 57 67.90 -40.67 -77.31
CA GLY BC 57 68.66 -40.21 -78.45
C GLY BC 57 68.08 -39.02 -79.17
N CYS BC 58 66.89 -38.56 -78.76
CA CYS BC 58 66.26 -37.40 -79.37
C CYS BC 58 65.40 -36.71 -78.34
N SER BC 59 65.41 -35.37 -78.37
CA SER BC 59 64.61 -34.56 -77.44
C SER BC 59 63.18 -34.46 -77.98
N THR BC 60 62.49 -35.60 -77.97
CA THR BC 60 61.13 -35.68 -78.46
C THR BC 60 60.28 -36.47 -77.49
N VAL BC 61 59.02 -36.08 -77.38
CA VAL BC 61 58.07 -36.76 -76.52
C VAL BC 61 57.38 -37.84 -77.33
N LEU BC 62 57.15 -38.99 -76.69
CA LEU BC 62 56.48 -40.11 -77.34
C LEU BC 62 55.02 -40.22 -76.98
N CYS BC 63 54.68 -40.02 -75.71
CA CYS BC 63 53.29 -40.13 -75.25
C CYS BC 63 53.01 -39.02 -74.26
N GLN BC 64 51.73 -38.63 -74.19
CA GLN BC 64 51.25 -37.68 -73.23
C GLN BC 64 50.25 -38.36 -72.30
N PRO BC 65 50.40 -38.25 -70.99
CA PRO BC 65 49.45 -38.92 -70.09
C PRO BC 65 48.07 -38.31 -70.16
N THR BC 66 47.05 -39.17 -70.22
CA THR BC 66 45.67 -38.74 -70.20
C THR BC 66 44.94 -39.43 -69.07
N GLY BC 67 43.61 -39.34 -69.05
CA GLY BC 67 42.85 -39.98 -67.99
C GLY BC 67 43.00 -41.50 -68.00
N GLY BC 68 42.83 -42.11 -69.17
CA GLY BC 68 42.89 -43.56 -69.24
C GLY BC 68 44.09 -44.15 -69.94
N LYS BC 69 44.46 -43.59 -71.09
CA LYS BC 69 45.52 -44.15 -71.91
C LYS BC 69 46.45 -43.04 -72.38
N ALA BC 70 47.73 -43.37 -72.44
CA ALA BC 70 48.72 -42.41 -72.93
C ALA BC 70 48.47 -42.16 -74.41
N ARG BC 71 48.29 -40.89 -74.77
CA ARG BC 71 48.08 -40.53 -76.16
C ARG BC 71 49.42 -40.41 -76.86
N LEU BC 72 49.66 -41.26 -77.86
CA LEU BC 72 50.92 -41.22 -78.58
C LEU BC 72 50.98 -40.00 -79.48
N THR BC 73 52.17 -39.42 -79.59
CA THR BC 73 52.38 -38.29 -80.48
C THR BC 73 52.22 -38.72 -81.93
N GLU BC 74 51.69 -37.82 -82.75
CA GLU BC 74 51.45 -38.14 -84.15
C GLU BC 74 52.76 -38.35 -84.89
N GLY BC 75 52.76 -39.30 -85.82
CA GLY BC 75 53.95 -39.73 -86.52
C GLY BC 75 54.62 -40.93 -85.91
N CYS BC 76 54.22 -41.34 -84.70
CA CYS BC 76 54.83 -42.47 -84.03
C CYS BC 76 54.08 -43.75 -84.37
N SER BC 77 54.83 -44.83 -84.55
CA SER BC 77 54.25 -46.13 -84.81
C SER BC 77 54.30 -46.98 -83.55
N PHE BC 78 53.44 -48.00 -83.49
CA PHE BC 78 53.38 -48.85 -82.31
C PHE BC 78 52.84 -50.22 -82.68
N ARG BC 79 53.32 -51.23 -81.96
CA ARG BC 79 52.77 -52.58 -82.04
C ARG BC 79 52.63 -53.16 -80.64
N ARG BC 80 51.85 -54.23 -80.54
CA ARG BC 80 51.57 -54.88 -79.27
C ARG BC 80 52.76 -55.72 -78.81
N LYS BC 81 52.73 -56.11 -77.54
CA LYS BC 81 53.60 -57.16 -77.01
C LYS BC 81 52.78 -58.42 -76.77
N GLN BC 82 53.06 -59.47 -77.55
CA GLN BC 82 52.53 -60.82 -77.41
C GLN BC 82 51.04 -60.90 -77.06
N HIS BC 83 50.23 -60.05 -77.70
CA HIS BC 83 48.79 -59.96 -77.45
C HIS BC 83 48.47 -59.67 -75.99
N VAL CC 1 -20.14 -36.93 5.00
CA VAL CC 1 -20.62 -37.84 3.98
C VAL CC 1 -21.92 -37.27 3.40
N HIS CC 2 -22.20 -37.59 2.14
CA HIS CC 2 -23.41 -37.10 1.49
C HIS CC 2 -24.68 -37.77 2.02
N GLY CC 3 -24.56 -38.82 2.82
CA GLY CC 3 -25.71 -39.40 3.48
C GLY CC 3 -26.54 -40.32 2.60
N SER CC 4 -25.93 -41.39 2.11
CA SER CC 4 -26.65 -42.37 1.28
C SER CC 4 -26.48 -43.78 1.82
N LEU CC 5 -26.04 -43.94 3.06
CA LEU CC 5 -25.80 -45.23 3.66
C LEU CC 5 -27.05 -45.82 4.30
N ALA CC 6 -28.17 -45.11 4.26
CA ALA CC 6 -29.39 -45.57 4.92
C ALA CC 6 -30.09 -46.70 4.18
N ARG CC 7 -29.66 -47.02 2.96
CA ARG CC 7 -30.32 -48.03 2.16
C ARG CC 7 -29.57 -49.35 2.13
N ALA CC 8 -28.62 -49.55 3.03
CA ALA CC 8 -27.82 -50.77 3.03
C ALA CC 8 -28.68 -51.99 3.34
N GLY CC 9 -28.52 -53.04 2.56
CA GLY CC 9 -29.28 -54.25 2.75
C GLY CC 9 -30.74 -54.16 2.38
N LYS CC 10 -31.09 -53.20 1.50
CA LYS CC 10 -32.50 -52.94 1.22
C LYS CC 10 -33.17 -54.12 0.55
N VAL CC 11 -32.60 -54.62 -0.54
CA VAL CC 11 -33.24 -55.69 -1.29
C VAL CC 11 -33.22 -56.99 -0.51
N ARG CC 12 -32.12 -57.28 0.18
CA ARG CC 12 -32.08 -58.48 1.00
C ARG CC 12 -33.07 -58.40 2.15
N GLY CC 13 -33.39 -57.19 2.61
CA GLY CC 13 -34.47 -57.04 3.58
C GLY CC 13 -35.84 -57.29 2.98
N GLN CC 14 -36.11 -56.70 1.81
CA GLN CC 14 -37.43 -56.84 1.21
C GLN CC 14 -37.68 -58.20 0.58
N THR CC 15 -36.65 -59.02 0.40
CA THR CC 15 -36.84 -60.30 -0.27
C THR CC 15 -37.68 -61.22 0.59
N PRO CC 16 -38.80 -61.75 0.08
CA PRO CC 16 -39.60 -62.68 0.88
C PRO CC 16 -38.81 -63.94 1.20
N LYS CC 17 -38.97 -64.42 2.43
CA LYS CC 17 -38.22 -65.56 2.93
C LYS CC 17 -38.99 -66.83 2.62
N VAL CC 18 -38.51 -67.58 1.63
CA VAL CC 18 -39.05 -68.90 1.29
C VAL CC 18 -38.05 -69.94 1.77
N ALA CC 19 -38.55 -70.99 2.41
CA ALA CC 19 -37.68 -72.00 2.97
C ALA CC 19 -37.24 -72.99 1.90
N LYS CC 20 -36.08 -73.60 2.11
CA LYS CC 20 -35.61 -74.64 1.22
C LYS CC 20 -36.49 -75.88 1.34
N GLN CC 21 -36.86 -76.46 0.21
CA GLN CC 21 -37.65 -77.69 0.22
C GLN CC 21 -36.79 -78.84 0.71
N GLU CC 22 -37.32 -79.61 1.65
CA GLU CC 22 -36.60 -80.78 2.15
C GLU CC 22 -36.59 -81.85 1.07
N LYS CC 23 -35.41 -82.35 0.76
CA LYS CC 23 -35.22 -83.27 -0.36
C LYS CC 23 -34.36 -84.45 0.07
N LYS CC 24 -34.42 -85.51 -0.72
CA LYS CC 24 -33.61 -86.68 -0.47
C LYS CC 24 -32.12 -86.35 -0.60
N LYS CC 25 -31.31 -87.03 0.20
CA LYS CC 25 -29.87 -86.81 0.16
C LYS CC 25 -29.31 -87.22 -1.20
N LYS CC 26 -28.22 -86.56 -1.59
CA LYS CC 26 -27.56 -86.84 -2.84
C LYS CC 26 -26.39 -87.79 -2.61
N LYS CC 27 -26.23 -88.76 -3.50
CA LYS CC 27 -25.08 -89.64 -3.43
C LYS CC 27 -23.80 -88.86 -3.65
N THR CC 28 -22.74 -89.27 -2.98
CA THR CC 28 -21.46 -88.57 -3.05
C THR CC 28 -20.34 -89.54 -3.40
N GLY CC 29 -19.35 -89.04 -4.10
CA GLY CC 29 -18.15 -89.82 -4.38
C GLY CC 29 -18.33 -90.70 -5.59
N ARG CC 30 -17.94 -91.97 -5.43
CA ARG CC 30 -17.99 -92.90 -6.55
C ARG CC 30 -19.41 -93.12 -7.04
N ALA CC 31 -20.38 -93.14 -6.12
CA ALA CC 31 -21.77 -93.27 -6.54
C ALA CC 31 -22.23 -92.07 -7.35
N LYS CC 32 -21.83 -90.86 -6.94
CA LYS CC 32 -22.19 -89.67 -7.70
C LYS CC 32 -21.58 -89.70 -9.09
N ARG CC 33 -20.31 -90.11 -9.18
CA ARG CC 33 -19.67 -90.22 -10.49
C ARG CC 33 -20.36 -91.26 -11.35
N ARG CC 34 -20.74 -92.39 -10.75
CA ARG CC 34 -21.48 -93.41 -11.49
C ARG CC 34 -22.80 -92.88 -12.01
N MET CC 35 -23.53 -92.14 -11.17
CA MET CC 35 -24.83 -91.62 -11.56
C MET CC 35 -24.69 -90.63 -12.72
N GLN CC 36 -23.75 -89.69 -12.60
CA GLN CC 36 -23.65 -88.69 -13.65
C GLN CC 36 -22.95 -89.22 -14.90
N TYR CC 37 -22.23 -90.34 -14.80
CA TYR CC 37 -21.76 -91.01 -16.00
C TYR CC 37 -22.91 -91.74 -16.70
N ASN CC 38 -23.78 -92.38 -15.91
CA ASN CC 38 -24.91 -93.10 -16.48
C ASN CC 38 -25.87 -92.14 -17.16
N ARG CC 39 -26.08 -90.95 -16.58
CA ARG CC 39 -27.06 -90.03 -17.15
C ARG CC 39 -26.65 -89.56 -18.54
N ARG CC 40 -25.36 -89.29 -18.76
CA ARG CC 40 -24.93 -88.63 -19.98
C ARG CC 40 -24.06 -89.50 -20.88
N PHE CC 41 -23.89 -90.79 -20.57
CA PHE CC 41 -23.13 -91.66 -21.47
C PHE CC 41 -23.86 -92.91 -21.91
N VAL CC 42 -24.83 -93.41 -21.15
CA VAL CC 42 -25.59 -94.60 -21.53
C VAL CC 42 -27.07 -94.23 -21.52
N ASN CC 43 -27.57 -93.79 -22.68
CA ASN CC 43 -28.97 -93.43 -22.90
C ASN CC 43 -29.16 -93.19 -24.39
N VAL CC 44 -30.37 -93.50 -24.86
CA VAL CC 44 -30.75 -93.25 -26.24
C VAL CC 44 -32.10 -92.55 -26.23
N VAL CC 45 -32.16 -91.36 -26.80
CA VAL CC 45 -33.39 -90.56 -26.85
C VAL CC 45 -33.87 -90.49 -28.30
N PRO CC 46 -35.13 -90.78 -28.57
CA PRO CC 46 -35.67 -90.65 -29.93
C PRO CC 46 -36.22 -89.27 -30.26
N THR CC 47 -36.01 -88.27 -29.42
CA THR CC 47 -36.61 -86.96 -29.57
C THR CC 47 -35.58 -85.97 -30.11
N PHE CC 48 -36.04 -85.08 -30.99
CA PHE CC 48 -35.20 -84.04 -31.56
C PHE CC 48 -34.89 -82.99 -30.48
N GLY CC 49 -34.10 -81.98 -30.86
CA GLY CC 49 -33.73 -80.93 -29.93
C GLY CC 49 -32.31 -80.44 -30.11
N LYS CC 50 -31.58 -81.06 -31.05
CA LYS CC 50 -30.22 -80.65 -31.42
C LYS CC 50 -29.28 -80.66 -30.22
N LYS CC 51 -29.39 -81.71 -29.39
CA LYS CC 51 -28.51 -81.96 -28.25
C LYS CC 51 -28.56 -80.80 -27.26
N LYS CC 52 -29.74 -80.63 -26.68
CA LYS CC 52 -30.00 -79.57 -25.73
C LYS CC 52 -29.25 -79.83 -24.43
N GLY CC 53 -28.96 -78.74 -23.70
CA GLY CC 53 -28.13 -78.79 -22.52
C GLY CC 53 -28.76 -79.52 -21.35
N PRO CC 54 -27.95 -79.85 -20.35
CA PRO CC 54 -28.45 -80.67 -19.23
C PRO CC 54 -29.45 -79.97 -18.34
N ASN CC 55 -29.55 -78.64 -18.40
CA ASN CC 55 -30.49 -77.88 -17.60
C ASN CC 55 -31.55 -77.22 -18.48
N ALA CC 56 -32.09 -77.98 -19.42
CA ALA CC 56 -33.09 -77.45 -20.34
C ALA CC 56 -34.32 -76.96 -19.59
N ASN CC 57 -34.73 -75.74 -19.89
CA ASN CC 57 -35.93 -75.17 -19.30
C ASN CC 57 -37.09 -75.28 -20.31
N SER CC 58 -37.46 -76.53 -20.56
CA SER CC 58 -38.55 -76.83 -21.48
C SER CC 58 -39.89 -76.64 -20.79
P A2M DC 27 0.87 -69.81 7.55
OP1 A2M DC 27 1.23 -70.32 8.91
O5' A2M DC 27 -0.44 -68.58 7.49
C5' A2M DC 27 -0.18 -67.41 8.11
C4' A2M DC 27 -1.16 -66.35 7.63
O4' A2M DC 27 -0.96 -66.14 6.25
C3' A2M DC 27 -2.59 -66.76 7.83
O3' A2M DC 27 -2.87 -66.64 9.18
C2' A2M DC 27 -3.29 -65.86 6.83
O2' A2M DC 27 -3.33 -64.52 7.25
C1' A2M DC 27 -2.26 -66.01 5.71
CM' A2M DC 27 -3.73 -63.70 6.21
N9 A2M DC 27 -2.48 -67.08 4.77
C8 A2M DC 27 -1.85 -68.30 4.56
N7 A2M DC 27 -2.39 -69.01 3.56
C5 A2M DC 27 -3.40 -68.17 3.11
C6 A2M DC 27 -4.34 -68.28 2.10
N6 A2M DC 27 -4.42 -69.38 1.28
N1 A2M DC 27 -5.25 -67.30 1.85
C2 A2M DC 27 -5.18 -66.22 2.65
N3 A2M DC 27 -4.35 -65.95 3.66
C4 A2M DC 27 -3.47 -66.98 3.84
OP2 A2M DC 27 0.14 -70.73 6.62
N1 PSU DC 93 29.09 -77.66 24.26
C2 PSU DC 93 27.99 -78.26 24.82
N3 PSU DC 93 27.69 -79.57 24.54
C4 PSU DC 93 28.50 -80.30 23.70
C5 PSU DC 93 29.63 -79.69 23.13
C6 PSU DC 93 29.89 -78.37 23.43
O2 PSU DC 93 27.26 -77.62 25.56
O4 PSU DC 93 28.23 -81.47 23.47
C1' PSU DC 93 30.53 -80.46 22.20
C2' PSU DC 93 29.77 -80.67 20.89
O2' PSU DC 93 30.25 -81.87 20.29
C3' PSU DC 93 30.23 -79.46 20.08
C4' PSU DC 93 31.69 -79.34 20.50
O3' PSU DC 93 30.06 -79.61 18.69
O4' PSU DC 93 31.68 -79.69 21.92
C5' PSU DC 93 32.28 -77.96 20.34
O5' PSU DC 93 31.57 -77.01 21.11
P PSU DC 93 32.00 -75.48 21.10
OP1 PSU DC 93 32.30 -75.15 19.69
OP2 PSU DC 93 30.98 -74.69 21.80
P A2M DC 99 18.52 -61.33 9.90
OP1 A2M DC 99 17.09 -61.55 9.53
O5' A2M DC 99 18.79 -60.54 11.49
C5' A2M DC 99 18.57 -59.22 11.56
C4' A2M DC 99 19.65 -58.57 12.41
O4' A2M DC 99 20.02 -59.45 13.43
C3' A2M DC 99 20.89 -58.25 11.61
O3' A2M DC 99 20.62 -57.15 10.84
C2' A2M DC 99 21.93 -58.18 12.71
O2' A2M DC 99 21.82 -57.04 13.52
C1' A2M DC 99 21.43 -59.40 13.49
CM' A2M DC 99 22.98 -56.87 14.28
N9 A2M DC 99 21.96 -60.66 13.07
C8 A2M DC 99 21.42 -61.74 12.37
N7 A2M DC 99 22.29 -62.73 12.19
C5 A2M DC 99 23.44 -62.28 12.81
C6 A2M DC 99 24.70 -62.80 13.00
N6 A2M DC 99 25.04 -64.05 12.52
N1 A2M DC 99 25.68 -62.14 13.65
C2 A2M DC 99 25.33 -60.91 14.12
N3 A2M DC 99 24.18 -60.26 14.02
C4 A2M DC 99 23.26 -60.99 13.37
OP2 A2M DC 99 19.32 -60.31 9.15
N1 PSU DC 105 32.77 -64.69 1.24
C2 PSU DC 105 31.77 -65.16 0.41
N3 PSU DC 105 30.65 -65.74 0.94
C4 PSU DC 105 30.52 -65.86 2.29
C5 PSU DC 105 31.53 -65.39 3.13
C6 PSU DC 105 32.65 -64.80 2.57
O2 PSU DC 105 31.88 -65.06 -0.81
O4 PSU DC 105 29.51 -66.38 2.75
C1' PSU DC 105 31.41 -65.49 4.62
C2' PSU DC 105 31.53 -66.92 5.11
O2' PSU DC 105 30.73 -67.07 6.27
C3' PSU DC 105 33.00 -67.01 5.45
C4' PSU DC 105 33.28 -65.64 6.02
O3' PSU DC 105 33.31 -68.06 6.34
O4' PSU DC 105 32.45 -64.74 5.23
C5' PSU DC 105 34.71 -65.18 5.93
O5' PSU DC 105 35.20 -65.26 4.61
P PSU DC 105 36.58 -64.59 4.20
OP1 PSU DC 105 37.61 -65.07 5.14
OP2 PSU DC 105 36.76 -64.80 2.75
N1 PSU DC 109 39.42 -76.04 -2.55
C2 PSU DC 109 40.08 -74.95 -2.03
N3 PSU DC 109 41.10 -74.37 -2.73
C4 PSU DC 109 41.47 -74.89 -3.94
C5 PSU DC 109 40.81 -75.98 -4.46
C6 PSU DC 109 39.78 -76.56 -3.73
O2 PSU DC 109 39.74 -74.50 -0.94
O4 PSU DC 109 42.39 -74.37 -4.57
C1' PSU DC 109 41.20 -76.55 -5.80
C2' PSU DC 109 42.41 -77.46 -5.74
O2' PSU DC 109 43.14 -77.32 -6.94
C3' PSU DC 109 41.76 -78.84 -5.67
C4' PSU DC 109 40.53 -78.66 -6.55
O3' PSU DC 109 42.60 -79.88 -6.11
O4' PSU DC 109 40.12 -77.29 -6.32
C5' PSU DC 109 39.39 -79.58 -6.26
O5' PSU DC 109 39.00 -79.51 -4.89
P PSU DC 109 37.83 -80.40 -4.32
OP1 PSU DC 109 38.01 -81.76 -4.84
OP2 PSU DC 109 37.74 -80.17 -2.86
N1 OMU DC 116 49.86 -76.13 15.90
C2 OMU DC 116 48.55 -76.73 15.45
N3 OMU DC 116 48.51 -77.58 14.23
C4 OMU DC 116 49.73 -77.85 13.48
C5 OMU DC 116 51.01 -77.25 13.94
C6 OMU DC 116 51.04 -76.40 15.15
O2 OMU DC 116 47.52 -76.50 16.07
O4 OMU DC 116 49.71 -78.50 12.56
C1' OMU DC 116 49.92 -75.26 17.09
C2' OMU DC 116 49.93 -76.05 18.40
O2' OMU DC 116 49.26 -75.29 19.38
CM2 OMU DC 116 47.89 -75.18 19.19
C3' OMU DC 116 51.42 -76.13 18.70
C4' OMU DC 116 51.92 -74.78 18.20
O3' OMU DC 116 51.71 -76.35 20.06
O4' OMU DC 116 51.11 -74.51 17.03
C5' OMU DC 116 53.38 -74.72 17.81
O5' OMU DC 116 53.67 -75.64 16.77
P OMU DC 116 54.95 -75.45 15.83
OP1 OMU DC 116 56.13 -75.19 16.73
OP2 OMU DC 116 54.99 -76.58 14.85
N1 OMU DC 121 47.82 -94.24 19.55
C2 OMU DC 121 48.94 -93.49 18.88
N3 OMU DC 121 49.58 -92.33 19.55
C4 OMU DC 121 49.12 -91.93 20.88
C5 OMU DC 121 48.02 -92.67 21.55
C6 OMU DC 121 47.38 -93.82 20.86
O2 OMU DC 121 49.31 -93.83 17.78
O4 OMU DC 121 49.61 -91.05 21.40
C1' OMU DC 121 47.17 -95.39 18.88
C2' OMU DC 121 48.05 -96.63 18.92
O2' OMU DC 121 47.74 -97.43 17.79
CM2 OMU DC 121 48.64 -97.26 16.73
C3' OMU DC 121 47.52 -97.31 20.18
C4' OMU DC 121 46.03 -97.04 20.09
O3' OMU DC 121 47.83 -98.69 20.27
O4' OMU DC 121 45.97 -95.69 19.55
C5' OMU DC 121 45.28 -97.10 21.39
O5' OMU DC 121 45.94 -96.38 22.40
P OMU DC 121 45.19 -95.98 23.75
OP1 OMU DC 121 44.69 -97.24 24.39
OP2 OMU DC 121 46.09 -95.04 24.51
P A2M DC 159 19.69 -62.82 56.97
OP1 A2M DC 159 19.19 -64.22 57.08
O5' A2M DC 159 19.71 -62.89 55.13
C5' A2M DC 159 18.57 -63.28 54.53
C4' A2M DC 159 18.58 -62.82 53.08
O4' A2M DC 159 18.70 -61.41 53.04
C3' A2M DC 159 19.75 -63.42 52.30
O3' A2M DC 159 19.36 -64.69 51.93
C2' A2M DC 159 20.03 -62.36 51.24
O2' A2M DC 159 19.16 -62.41 50.14
C1' A2M DC 159 19.70 -61.11 52.09
CM' A2M DC 159 19.28 -61.25 49.37
N9 A2M DC 159 20.82 -60.50 52.77
C8 A2M DC 159 21.38 -60.67 54.04
N7 A2M DC 159 22.44 -59.89 54.25
C5 A2M DC 159 22.57 -59.18 53.07
C6 A2M DC 159 23.44 -58.22 52.62
N6 A2M DC 159 24.47 -57.75 53.41
N1 A2M DC 159 23.36 -57.67 51.38
C2 A2M DC 159 22.34 -58.13 50.61
N3 A2M DC 159 21.41 -59.05 50.88
C4 A2M DC 159 21.57 -59.54 52.12
OP2 A2M DC 159 20.97 -62.44 57.62
P A2M DC 166 42.86 -68.20 62.72
OP1 A2M DC 166 44.27 -67.92 63.15
O5' A2M DC 166 42.60 -69.42 64.03
C5' A2M DC 166 42.53 -68.94 65.28
C4' A2M DC 166 41.92 -69.97 66.20
O4' A2M DC 166 40.51 -69.93 66.08
C3' A2M DC 166 42.38 -71.36 65.84
O3' A2M DC 166 43.68 -71.47 66.27
C2' A2M DC 166 41.28 -72.21 66.46
O2' A2M DC 166 41.38 -72.31 67.85
C1' A2M DC 166 40.10 -71.28 66.08
CM' A2M DC 166 40.23 -72.91 68.39
N9 A2M DC 166 39.47 -71.58 64.83
C8 A2M DC 166 39.42 -70.90 63.61
N7 A2M DC 166 38.71 -71.57 62.68
C5 A2M DC 166 38.28 -72.71 63.35
C6 A2M DC 166 37.52 -73.80 63.00
N6 A2M DC 166 36.98 -73.93 61.73
N1 A2M DC 166 37.23 -74.80 63.86
C2 A2M DC 166 37.75 -74.67 65.10
N3 A2M DC 166 38.51 -73.69 65.61
C4 A2M DC 166 38.74 -72.74 64.69
OP2 A2M DC 166 42.60 -68.69 61.33
N1 OMU DC 172 48.12 -90.60 41.03
C2 OMU DC 172 46.92 -90.51 40.13
N3 OMU DC 172 46.24 -91.76 39.68
C4 OMU DC 172 46.74 -93.05 40.10
C5 OMU DC 172 47.94 -93.12 41.00
C6 OMU DC 172 48.62 -91.88 41.45
O2 OMU DC 172 46.50 -89.42 39.77
O4 OMU DC 172 46.24 -94.01 39.76
C1' OMU DC 172 48.78 -89.36 41.46
C2' OMU DC 172 48.12 -88.65 42.62
O2' OMU DC 172 46.98 -87.93 42.22
CM2 OMU DC 172 46.34 -87.27 43.27
C3' OMU DC 172 49.26 -87.78 43.11
C4' OMU DC 172 50.47 -88.71 42.94
O3' OMU DC 172 49.42 -86.68 42.22
O4' OMU DC 172 50.08 -89.68 41.92
C5' OMU DC 172 50.89 -89.44 44.19
O5' OMU DC 172 49.95 -90.42 44.59
P OMU DC 172 49.72 -90.76 46.12
OP1 OMU DC 172 48.81 -91.97 46.22
OP2 OMU DC 172 51.06 -90.79 46.78
N1 OMC DC 174 51.89 -80.06 46.63
C2 OMC DC 174 52.58 -80.43 47.81
N3 OMC DC 174 52.94 -81.72 47.95
C4 OMC DC 174 52.67 -82.62 47.03
C5 OMC DC 174 51.98 -82.28 45.83
C6 OMC DC 174 51.62 -81.00 45.69
O2 OMC DC 174 52.82 -79.59 48.65
N4 OMC DC 174 53.06 -83.87 47.24
C1' OMC DC 174 51.46 -78.67 46.38
C2' OMC DC 174 52.58 -77.78 45.88
O2' OMC DC 174 52.44 -76.50 46.47
CM2 OMC DC 174 53.31 -76.30 47.57
C3' OMC DC 174 52.29 -77.72 44.38
C4' OMC DC 174 50.78 -77.78 44.33
O4' OMC DC 174 50.44 -78.69 45.41
O3' OMC DC 174 52.81 -76.56 43.75
C5' OMC DC 174 50.20 -78.29 43.04
O5' OMC DC 174 50.74 -79.56 42.70
P OMC DC 174 50.15 -80.41 41.50
OP1 OMC DC 174 50.09 -79.51 40.27
OP2 OMC DC 174 50.90 -81.73 41.44
N1 OMU DC 293 38.62 -68.76 -8.39
C2 OMU DC 293 37.67 -69.41 -7.42
N3 OMU DC 293 37.78 -69.15 -5.97
C4 OMU DC 293 38.82 -68.26 -5.48
C5 OMU DC 293 39.76 -67.61 -6.44
C6 OMU DC 293 39.64 -67.88 -7.89
O2 OMU DC 293 36.81 -70.16 -7.84
O4 OMU DC 293 38.92 -68.05 -4.36
C1' OMU DC 293 38.46 -69.04 -9.83
C2' OMU DC 293 37.42 -68.12 -10.46
O2' OMU DC 293 36.84 -68.80 -11.55
CM2 OMU DC 293 35.95 -69.82 -11.19
C3' OMU DC 293 38.29 -66.98 -10.94
C4' OMU DC 293 39.50 -67.73 -11.46
O3' OMU DC 293 37.67 -66.15 -11.90
O4' OMU DC 293 39.70 -68.78 -10.48
C5' OMU DC 293 40.77 -66.92 -11.61
O5' OMU DC 293 41.11 -66.27 -10.40
P OMU DC 293 42.55 -65.66 -10.19
OP1 OMU DC 293 42.92 -64.87 -11.41
OP2 OMU DC 293 42.60 -65.04 -8.83
N1 PSU DC 345 23.20 -53.91 1.51
C2 PSU DC 345 24.06 -54.90 1.10
N3 PSU DC 345 23.60 -55.97 0.37
C4 PSU DC 345 22.27 -56.05 0.06
C5 PSU DC 345 21.40 -55.06 0.47
C6 PSU DC 345 21.89 -53.99 1.22
O2 PSU DC 345 25.25 -54.82 1.38
O4 PSU DC 345 21.86 -57.00 -0.60
C1' PSU DC 345 19.95 -55.13 0.14
C2' PSU DC 345 19.22 -56.10 1.07
O2' PSU DC 345 18.18 -56.73 0.33
C3' PSU DC 345 18.64 -55.15 2.10
C4' PSU DC 345 18.27 -53.96 1.25
O3' PSU DC 345 17.53 -55.68 2.81
O4' PSU DC 345 19.33 -53.87 0.28
C5' PSU DC 345 18.14 -52.64 1.99
O5' PSU DC 345 19.29 -52.39 2.78
P PSU DC 345 19.56 -50.93 3.35
OP1 PSU DC 345 18.38 -50.53 4.13
OP2 PSU DC 345 20.91 -50.87 3.96
N1 OMU DC 367 15.68 -79.66 10.05
C2 OMU DC 367 14.49 -80.04 10.87
N3 OMU DC 367 13.12 -79.80 10.37
C4 OMU DC 367 12.93 -79.18 9.06
C5 OMU DC 367 14.12 -78.80 8.24
C6 OMU DC 367 15.49 -79.05 8.75
O2 OMU DC 367 14.66 -80.55 11.96
O4 OMU DC 367 11.89 -79.00 8.66
C1' OMU DC 367 17.04 -79.91 10.54
C2' OMU DC 367 18.06 -80.19 9.45
O2' OMU DC 367 17.98 -81.52 9.01
CM2 OMU DC 367 18.81 -81.79 7.92
C3' OMU DC 367 19.36 -79.82 10.14
C4' OMU DC 367 18.95 -78.66 11.05
O3' OMU DC 367 19.78 -80.91 10.95
O4' OMU DC 367 17.51 -78.73 11.17
C5' OMU DC 367 19.33 -77.28 10.57
O5' OMU DC 367 19.36 -77.20 9.15
P OMU DC 367 19.05 -75.84 8.40
OP1 OMU DC 367 20.10 -74.85 8.78
OP2 OMU DC 367 18.78 -76.16 6.95
P OMG DC 375 22.65 -61.93 25.99
OP1 OMG DC 375 23.84 -61.15 26.54
OP2 OMG DC 375 21.97 -63.00 26.82
O5' OMG DC 375 21.55 -60.84 25.60
C5' OMG DC 375 21.17 -60.65 24.25
C4' OMG DC 375 20.76 -59.22 23.99
O4' OMG DC 375 20.26 -58.62 25.21
C3' OMG DC 375 21.87 -58.28 23.56
O3' OMG DC 375 22.21 -58.41 22.20
C2' OMG DC 375 21.29 -56.93 23.92
O2' OMG DC 375 20.28 -56.57 22.99
CM2 OMG DC 375 19.70 -55.30 23.22
C1' OMG DC 375 20.62 -57.25 25.25
N9 OMG DC 375 21.53 -57.04 26.39
C8 OMG DC 375 21.97 -58.00 27.26
N7 OMG DC 375 22.78 -57.52 28.16
C5 OMG DC 375 22.88 -56.18 27.86
C6 OMG DC 375 23.62 -55.16 28.50
O6 OMG DC 375 24.34 -55.22 29.47
N1 OMG DC 375 23.42 -53.94 27.86
C2 OMG DC 375 22.64 -53.72 26.76
N2 OMG DC 375 22.58 -52.47 26.29
N3 OMG DC 375 21.96 -54.67 26.19
C4 OMG DC 375 22.11 -55.87 26.76
N1 OMC DC 401 15.94 -56.66 45.68
C2 OMC DC 401 17.11 -56.06 46.17
N3 OMC DC 401 17.59 -54.97 45.52
C4 OMC DC 401 16.99 -54.48 44.47
C5 OMC DC 401 15.80 -55.07 43.94
C6 OMC DC 401 15.34 -56.15 44.59
O2 OMC DC 401 17.66 -56.51 47.15
N4 OMC DC 401 17.51 -53.42 43.87
C1' OMC DC 401 15.33 -57.86 46.30
C2' OMC DC 401 14.62 -57.54 47.63
O2' OMC DC 401 14.76 -58.66 48.49
CM2 OMC DC 401 16.07 -58.90 48.92
C3' OMC DC 401 13.18 -57.41 47.16
C4' OMC DC 401 13.09 -58.46 46.06
O4' OMC DC 401 14.38 -58.40 45.42
O3' OMC DC 401 12.23 -57.61 48.19
C5' OMC DC 401 12.00 -58.26 45.04
O5' OMC DC 401 12.06 -56.96 44.48
P OMC DC 401 11.19 -56.59 43.21
OP1 OMC DC 401 9.73 -56.91 43.52
OP2 OMC DC 401 11.58 -55.18 42.77
P A2M DC 407 27.81 -55.44 47.55
OP1 A2M DC 407 28.89 -56.46 47.73
O5' A2M DC 407 26.57 -56.69 47.13
C5' A2M DC 407 26.50 -57.75 47.95
C4' A2M DC 407 25.23 -58.53 47.66
O4' A2M DC 407 24.12 -57.70 47.92
C3' A2M DC 407 25.14 -58.96 46.22
O3' A2M DC 407 26.02 -60.03 46.04
C2' A2M DC 407 23.65 -59.19 46.07
O2' A2M DC 407 23.21 -60.35 46.72
C1' A2M DC 407 23.22 -57.95 46.86
CM' A2M DC 407 21.81 -60.39 46.74
N9 A2M DC 407 23.06 -56.76 46.10
C8 A2M DC 407 23.80 -55.58 46.01
N7 A2M DC 407 23.28 -54.69 45.14
C5 A2M DC 407 22.15 -55.35 44.66
C6 A2M DC 407 21.16 -55.03 43.74
N6 A2M DC 407 21.17 -53.82 43.10
N1 A2M DC 407 20.14 -55.87 43.44
C2 A2M DC 407 20.15 -57.06 44.09
N3 A2M DC 407 21.01 -57.54 44.99
C4 A2M DC 407 21.99 -56.63 45.24
OP2 A2M DC 407 27.99 -54.36 46.55
P A2M DC 423 -2.19 -62.04 13.49
OP1 A2M DC 423 -2.99 -62.91 14.40
O5' A2M DC 423 -1.08 -63.39 13.02
C5' A2M DC 423 -1.66 -64.55 12.69
C4' A2M DC 423 -0.66 -65.42 11.95
O4' A2M DC 423 -0.22 -64.72 10.81
C3' A2M DC 423 0.53 -65.75 12.82
O3' A2M DC 423 0.20 -66.91 13.53
C2' A2M DC 423 1.69 -65.81 11.82
O2' A2M DC 423 1.84 -67.07 11.22
C1' A2M DC 423 1.17 -64.81 10.77
CM' A2M DC 423 3.01 -67.10 10.44
N9 A2M DC 423 1.72 -63.47 10.83
C8 A2M DC 423 1.34 -62.31 11.51
N7 A2M DC 423 2.16 -61.27 11.28
C5 A2M DC 423 3.12 -61.80 10.43
C6 A2M DC 423 4.23 -61.28 9.82
N6 A2M DC 423 4.61 -59.96 10.01
N1 A2M DC 423 5.03 -62.02 9.01
C2 A2M DC 423 4.65 -63.30 8.83
N3 A2M DC 423 3.61 -63.97 9.33
C4 A2M DC 423 2.87 -63.16 10.14
OP2 A2M DC 423 -1.55 -60.81 14.02
P OMG DC 448 17.62 -81.81 19.59
OP1 OMG DC 448 17.74 -81.28 18.18
OP2 OMG DC 448 16.68 -81.10 20.56
O5' OMG DC 448 17.18 -83.34 19.52
C5' OMG DC 448 17.82 -84.24 18.64
C4' OMG DC 448 17.85 -85.64 19.20
O4' OMG DC 448 18.33 -85.61 20.56
C3' OMG DC 448 16.49 -86.32 19.32
O3' OMG DC 448 16.05 -86.88 18.10
C2' OMG DC 448 16.75 -87.36 20.40
O2' OMG DC 448 17.49 -88.44 19.87
CM2 OMG DC 448 17.62 -89.50 20.77
C1' OMG DC 448 17.66 -86.58 21.34
N9 OMG DC 448 16.90 -85.89 22.40
C8 OMG DC 448 16.76 -84.54 22.56
N7 OMG DC 448 16.04 -84.23 23.60
C5 OMG DC 448 15.69 -85.44 24.14
C6 OMG DC 448 14.89 -85.73 25.28
O6 OMG DC 448 14.34 -84.97 26.04
N1 OMG DC 448 14.79 -87.11 25.47
C2 OMG DC 448 15.35 -88.07 24.67
N2 OMG DC 448 15.13 -89.34 25.03
N3 OMG DC 448 16.08 -87.79 23.63
C4 OMG DC 448 16.22 -86.48 23.41
N1 OMC DC 456 2.17 -77.56 6.82
C2 OMC DC 456 3.28 -78.23 6.28
N3 OMC DC 456 3.55 -79.48 6.71
C4 OMC DC 456 2.80 -80.07 7.61
C5 OMC DC 456 1.66 -79.43 8.17
C6 OMC DC 456 1.40 -78.19 7.75
O2 OMC DC 456 3.97 -77.67 5.44
N4 OMC DC 456 3.13 -81.30 7.99
C1' OMC DC 456 1.80 -76.20 6.41
C2' OMC DC 456 1.12 -76.15 5.03
O2' OMC DC 456 1.48 -74.94 4.39
CM2 OMC DC 456 2.46 -75.11 3.40
C3' OMC DC 456 -0.35 -76.14 5.42
C4' OMC DC 456 -0.34 -75.27 6.68
O4' OMC DC 456 0.89 -75.66 7.34
O3' OMC DC 456 -1.20 -75.64 4.41
C5' OMC DC 456 -1.51 -75.45 7.60
O5' OMC DC 456 -2.16 -76.68 7.38
P OMC DC 456 -2.88 -77.44 8.57
OP1 OMC DC 456 -1.98 -78.57 9.03
OP2 OMC DC 456 -3.36 -76.40 9.57
P A2M DC 515 2.31 -100.37 29.83
OP1 A2M DC 515 0.91 -100.08 30.29
O5' A2M DC 515 2.23 -99.11 28.52
C5' A2M DC 515 1.04 -98.90 27.94
C4' A2M DC 515 0.54 -97.51 28.29
O4' A2M DC 515 1.65 -96.68 28.56
C3' A2M DC 515 -0.22 -96.91 27.13
O3' A2M DC 515 -1.53 -97.40 27.22
C2' A2M DC 515 0.06 -95.42 27.28
O2' A2M DC 515 -0.68 -94.78 28.28
C1' A2M DC 515 1.53 -95.56 27.72
CM' A2M DC 515 -0.33 -93.43 28.35
N9 A2M DC 515 2.47 -95.70 26.64
C8 A2M DC 515 3.37 -96.71 26.31
N7 A2M DC 515 4.06 -96.44 25.19
C5 A2M DC 515 3.55 -95.21 24.79
C6 A2M DC 515 3.82 -94.37 23.73
N6 A2M DC 515 4.76 -94.69 22.78
N1 A2M DC 515 3.17 -93.20 23.56
C2 A2M DC 515 2.25 -92.89 24.50
N3 A2M DC 515 1.87 -93.58 25.58
C4 A2M DC 515 2.57 -94.74 25.68
OP2 A2M DC 515 2.66 -101.75 29.37
P OMG DC 540 -22.34 -68.46 -20.65
OP1 OMG DC 540 -22.53 -69.74 -21.42
OP2 OMG DC 540 -21.99 -68.49 -19.16
O5' OMG DC 540 -21.23 -67.60 -21.39
C5' OMG DC 540 -21.29 -67.39 -22.80
C4' OMG DC 540 -20.20 -66.46 -23.24
O4' OMG DC 540 -20.33 -65.20 -22.54
C3' OMG DC 540 -18.78 -66.92 -22.92
O3' OMG DC 540 -18.29 -67.81 -23.89
C2' OMG DC 540 -18.00 -65.62 -22.85
O2' OMG DC 540 -17.61 -65.21 -24.14
CM2 OMG DC 540 -17.06 -63.91 -24.22
C1' OMG DC 540 -19.06 -64.63 -22.33
N9 OMG DC 540 -18.93 -64.31 -20.90
C8 OMG DC 540 -19.77 -64.72 -19.89
N7 OMG DC 540 -19.41 -64.24 -18.74
C5 OMG DC 540 -18.32 -63.46 -18.99
C6 OMG DC 540 -17.52 -62.69 -18.12
O6 OMG DC 540 -17.62 -62.52 -16.92
N1 OMG DC 540 -16.49 -62.05 -18.82
C2 OMG DC 540 -16.26 -62.15 -20.16
N2 OMG DC 540 -15.21 -61.46 -20.64
N3 OMG DC 540 -17.00 -62.86 -20.95
C4 OMG DC 540 -18.00 -63.49 -20.34
N1 OMU DC 566 -41.05 -51.19 -12.22
C2 OMU DC 566 -41.90 -51.70 -11.10
N3 OMU DC 566 -42.09 -50.86 -9.87
C4 OMU DC 566 -41.44 -49.56 -9.78
C5 OMU DC 566 -40.59 -49.07 -10.91
C6 OMU DC 566 -40.41 -49.90 -12.13
O2 OMU DC 566 -42.44 -52.79 -11.18
O4 OMU DC 566 -41.57 -48.93 -8.85
C1' OMU DC 566 -40.86 -51.99 -13.44
C2' OMU DC 566 -41.01 -51.20 -14.73
O2' OMU DC 566 -42.35 -51.14 -15.15
CM2 OMU DC 566 -42.60 -50.09 -16.04
C3' OMU DC 566 -40.09 -51.98 -15.66
C4' OMU DC 566 -38.94 -52.35 -14.74
O3' OMU DC 566 -40.75 -53.18 -16.06
O4' OMU DC 566 -39.52 -52.49 -13.43
C5' OMU DC 566 -37.83 -51.32 -14.67
O5' OMU DC 566 -37.48 -50.83 -15.97
P OMU DC 566 -37.36 -49.27 -16.22
OP1 OMU DC 566 -36.50 -49.06 -17.45
OP2 OMU DC 566 -38.73 -48.68 -16.17
P OMG DC 583 -8.50 -83.97 0.92
OP1 OMG DC 583 -8.42 -85.16 -0.02
OP2 OMG DC 583 -7.39 -83.78 1.95
O5' OMG DC 583 -8.56 -82.64 0.05
C5' OMG DC 583 -9.22 -82.62 -1.21
C4' OMG DC 583 -10.52 -81.85 -1.16
O4' OMG DC 583 -10.92 -81.62 0.21
C3' OMG DC 583 -10.50 -80.46 -1.75
O3' OMG DC 583 -10.55 -80.47 -3.16
C2' OMG DC 583 -11.72 -79.82 -1.11
O2' OMG DC 583 -12.91 -80.20 -1.78
CM2 OMG DC 583 -14.09 -79.70 -1.20
C1' OMG DC 583 -11.73 -80.47 0.28
N9 OMG DC 583 -11.19 -79.58 1.33
C8 OMG DC 583 -9.96 -79.68 1.94
N7 OMG DC 583 -9.80 -78.75 2.83
C5 OMG DC 583 -10.95 -78.04 2.83
C6 OMG DC 583 -11.34 -76.90 3.60
O6 OMG DC 583 -10.71 -76.33 4.47
N1 OMG DC 583 -12.61 -76.48 3.27
C2 OMG DC 583 -13.42 -77.05 2.32
N2 OMG DC 583 -14.62 -76.49 2.15
N3 OMG DC 583 -13.06 -78.09 1.62
C4 OMG DC 583 -11.83 -78.54 1.90
N1 PSU DC 588 -2.52 -63.81 -3.66
C2 PSU DC 588 -1.92 -65.02 -3.43
N3 PSU DC 588 -0.87 -65.11 -2.55
C4 PSU DC 588 -0.43 -63.98 -1.89
C5 PSU DC 588 -1.05 -62.77 -2.13
C6 PSU DC 588 -2.10 -62.70 -3.02
O2 PSU DC 588 -2.31 -66.01 -4.01
O4 PSU DC 588 0.50 -64.06 -1.10
C1' PSU DC 588 -0.56 -61.55 -1.42
C2' PSU DC 588 0.65 -60.98 -2.15
O2' PSU DC 588 1.50 -60.36 -1.19
C3' PSU DC 588 0.00 -59.94 -3.03
C4' PSU DC 588 -1.09 -59.38 -2.13
O3' PSU DC 588 0.89 -58.95 -3.50
O4' PSU DC 588 -1.56 -60.55 -1.41
C5' PSU DC 588 -2.25 -58.72 -2.82
O5' PSU DC 588 -2.89 -59.63 -3.71
P PSU DC 588 -4.32 -59.29 -4.34
OP1 PSU DC 588 -4.31 -57.90 -4.81
OP2 PSU DC 588 -4.66 -60.40 -5.25
N1 PSU DC 590 3.35 -64.13 -7.70
C2 PSU DC 590 2.56 -65.19 -8.05
N3 PSU DC 590 3.08 -66.47 -8.09
C4 PSU DC 590 4.41 -66.66 -7.81
C5 PSU DC 590 5.21 -65.58 -7.47
C6 PSU DC 590 4.66 -64.32 -7.43
O2 PSU DC 590 1.37 -65.02 -8.31
O4 PSU DC 590 4.87 -67.79 -7.85
C1' PSU DC 590 6.66 -65.78 -7.16
C2' PSU DC 590 7.45 -65.97 -8.44
O2' PSU DC 590 8.56 -66.82 -8.18
C3' PSU DC 590 7.93 -64.54 -8.69
C4' PSU DC 590 8.22 -64.05 -7.29
O3' PSU DC 590 9.04 -64.46 -9.56
O4' PSU DC 590 7.18 -64.66 -6.49
C5' PSU DC 590 8.20 -62.56 -7.09
O5' PSU DC 590 6.94 -62.01 -7.47
P PSU DC 590 6.51 -60.56 -6.98
OP1 PSU DC 590 7.60 -59.64 -7.33
OP2 PSU DC 590 5.14 -60.28 -7.45
P A2M DC 607 3.74 -42.96 -35.87
OP1 A2M DC 607 3.53 -41.58 -35.32
O5' A2M DC 607 2.78 -44.24 -35.07
C5' A2M DC 607 3.22 -45.49 -35.19
C4' A2M DC 607 2.37 -46.37 -34.32
O4' A2M DC 607 2.28 -47.61 -34.92
C3' A2M DC 607 2.99 -46.55 -32.96
O3' A2M DC 607 2.65 -45.40 -32.25
C2' A2M DC 607 2.44 -47.90 -32.50
O2' A2M DC 607 1.27 -47.78 -31.74
C1' A2M DC 607 2.10 -48.52 -33.88
CM' A2M DC 607 1.02 -48.96 -31.03
N9 A2M DC 607 2.76 -49.74 -34.26
C8 A2M DC 607 4.07 -50.19 -34.12
N7 A2M DC 607 4.25 -51.42 -34.65
C5 A2M DC 607 3.00 -51.74 -35.14
C6 A2M DC 607 2.48 -52.84 -35.78
N6 A2M DC 607 3.24 -53.93 -36.08
N1 A2M DC 607 1.19 -52.91 -36.15
C2 A2M DC 607 0.44 -51.84 -35.86
N3 A2M DC 607 0.77 -50.69 -35.25
C4 A2M DC 607 2.07 -50.71 -34.90
OP2 A2M DC 607 5.04 -43.66 -35.60
N1 PSU DC 620 36.82 -54.42 -29.79
C2 PSU DC 620 36.87 -54.00 -31.09
N3 PSU DC 620 35.84 -54.29 -31.95
C4 PSU DC 620 34.76 -55.02 -31.51
C5 PSU DC 620 34.71 -55.44 -30.19
C6 PSU DC 620 35.77 -55.14 -29.35
O2 PSU DC 620 37.83 -53.35 -31.49
O4 PSU DC 620 33.85 -55.27 -32.29
C1' PSU DC 620 33.55 -56.23 -29.68
C2' PSU DC 620 33.52 -57.65 -30.24
O2' PSU DC 620 32.17 -58.05 -30.34
C3' PSU DC 620 34.22 -58.42 -29.14
C4' PSU DC 620 33.68 -57.74 -27.90
O3' PSU DC 620 33.97 -59.81 -29.17
O4' PSU DC 620 33.60 -56.35 -28.27
C5' PSU DC 620 34.51 -57.90 -26.65
O5' PSU DC 620 35.89 -57.66 -26.93
P PSU DC 620 36.89 -57.29 -25.76
OP1 PSU DC 620 37.01 -58.46 -24.88
OP2 PSU DC 620 38.09 -56.72 -26.40
P OMG DC 622 35.87 -63.05 -35.14
OP1 OMG DC 622 35.27 -64.45 -35.13
OP2 OMG DC 622 36.98 -62.68 -34.16
O5' OMG DC 622 36.40 -62.75 -36.61
C5' OMG DC 622 37.62 -62.05 -36.80
C4' OMG DC 622 37.62 -61.27 -38.08
O4' OMG DC 622 37.44 -59.86 -37.78
C3' OMG DC 622 38.91 -61.35 -38.89
O3' OMG DC 622 38.89 -62.39 -39.84
C2' OMG DC 622 39.04 -59.97 -39.50
O2' OMG DC 622 38.22 -59.84 -40.65
CM2 OMG DC 622 38.59 -58.75 -41.45
C1' OMG DC 622 38.45 -59.11 -38.39
N9 OMG DC 622 39.45 -58.75 -37.37
C8 OMG DC 622 39.48 -59.17 -36.05
N7 OMG DC 622 40.49 -58.68 -35.41
C5 OMG DC 622 41.15 -57.92 -36.32
C6 OMG DC 622 42.34 -57.15 -36.18
O6 OMG DC 622 43.03 -56.99 -35.18
N1 OMG DC 622 42.66 -56.52 -37.38
C2 OMG DC 622 41.97 -56.62 -38.55
N2 OMG DC 622 42.45 -55.93 -39.60
N3 OMG DC 622 40.88 -57.33 -38.66
C4 OMG DC 622 40.53 -57.95 -37.54
N1 PSU DC 625 46.09 -67.52 -44.46
C2 PSU DC 625 47.19 -66.99 -43.85
N3 PSU DC 625 48.44 -67.10 -44.42
C4 PSU DC 625 48.57 -67.75 -45.62
C5 PSU DC 625 47.45 -68.30 -46.24
C6 PSU DC 625 46.21 -68.16 -45.64
O2 PSU DC 625 47.07 -66.41 -42.77
O4 PSU DC 625 49.67 -67.86 -46.13
C1' PSU DC 625 47.57 -69.01 -47.56
C2' PSU DC 625 48.15 -70.42 -47.39
O2' PSU DC 625 48.95 -70.71 -48.52
C3' PSU DC 625 46.89 -71.27 -47.39
C4' PSU DC 625 46.01 -70.55 -48.38
O3' PSU DC 625 47.12 -72.62 -47.75
O4' PSU DC 625 46.30 -69.14 -48.15
C5' PSU DC 625 44.53 -70.80 -48.24
O5' PSU DC 625 44.08 -70.48 -46.94
P PSU DC 625 42.52 -70.40 -46.62
OP1 PSU DC 625 41.91 -71.69 -46.98
OP2 PSU DC 625 42.37 -69.85 -45.26
N1 OMU DC 670 55.18 -72.38 -30.23
C2 OMU DC 670 54.35 -71.14 -30.02
N3 OMU DC 670 53.16 -70.88 -30.89
C4 OMU DC 670 52.81 -71.83 -31.93
C5 OMU DC 670 53.64 -73.05 -32.13
C6 OMU DC 670 54.82 -73.30 -31.27
O2 OMU DC 670 54.63 -70.34 -29.15
O4 OMU DC 670 51.91 -71.64 -32.59
C1' OMU DC 670 56.38 -72.66 -29.40
C2' OMU DC 670 56.04 -72.93 -27.93
O2' OMU DC 670 57.06 -72.37 -27.13
CM2 OMU DC 670 57.03 -70.98 -27.07
C3' OMU DC 670 56.09 -74.45 -27.89
C4' OMU DC 670 57.18 -74.79 -28.90
O3' OMU DC 670 56.38 -74.96 -26.59
O4' OMU DC 670 57.03 -73.78 -29.92
C5' OMU DC 670 57.08 -76.16 -29.52
O5' OMU DC 670 57.52 -76.15 -30.87
P OMU DC 670 57.08 -77.30 -31.88
OP1 OMU DC 670 57.19 -78.62 -31.16
OP2 OMU DC 670 55.77 -76.89 -32.51
N1 PSU DC 672 48.06 -74.16 -27.96
C2 PSU DC 672 47.14 -73.94 -28.95
N3 PSU DC 672 46.25 -72.89 -28.86
C4 PSU DC 672 46.29 -72.06 -27.76
C5 PSU DC 672 47.22 -72.30 -26.75
C6 PSU DC 672 48.10 -73.36 -26.89
O2 PSU DC 672 47.11 -74.67 -29.93
O4 PSU DC 672 45.49 -71.14 -27.70
C1' PSU DC 672 47.30 -71.43 -25.53
C2' PSU DC 672 46.05 -71.60 -24.67
O2' PSU DC 672 45.87 -70.41 -23.90
C3' PSU DC 672 46.49 -72.74 -23.77
C4' PSU DC 672 47.94 -72.40 -23.50
O3' PSU DC 672 45.73 -72.86 -22.58
O4' PSU DC 672 48.40 -71.84 -24.76
C5' PSU DC 672 48.83 -73.54 -23.10
O5' PSU DC 672 49.84 -73.12 -22.21
P PSU DC 672 51.22 -73.91 -22.10
OP1 PSU DC 672 51.48 -74.19 -20.68
OP2 PSU DC 672 51.17 -75.02 -23.08
N1 PSU DC 685 20.76 -86.70 -2.93
C2 PSU DC 685 21.37 -86.03 -3.97
N3 PSU DC 685 20.88 -84.82 -4.38
C4 PSU DC 685 19.79 -84.27 -3.75
C5 PSU DC 685 19.18 -84.95 -2.70
C6 PSU DC 685 19.70 -86.17 -2.30
O2 PSU DC 685 22.35 -86.52 -4.54
O4 PSU DC 685 19.36 -83.18 -4.12
C1' PSU DC 685 17.99 -84.37 -1.98
C2' PSU DC 685 16.74 -84.41 -2.86
O2' PSU DC 685 15.93 -83.31 -2.52
C3' PSU DC 685 16.11 -85.71 -2.39
C4' PSU DC 685 16.40 -85.69 -0.90
O3' PSU DC 685 14.72 -85.79 -2.67
O4' PSU DC 685 17.73 -85.10 -0.81
C5' PSU DC 685 16.38 -87.03 -0.21
O5' PSU DC 685 17.36 -87.90 -0.74
P PSU DC 685 17.74 -89.25 0.01
OP1 PSU DC 685 16.50 -89.97 0.32
OP2 PSU DC 685 18.80 -89.92 -0.78
N1 PSU DC 734 42.31 -75.86 -35.44
C2 PSU DC 734 42.44 -75.66 -34.09
N3 PSU DC 734 41.44 -75.03 -33.39
C4 PSU DC 734 40.30 -74.62 -34.04
C5 PSU DC 734 40.18 -74.83 -35.41
C6 PSU DC 734 41.20 -75.46 -36.09
O2 PSU DC 734 43.45 -76.02 -33.50
O4 PSU DC 734 39.40 -74.06 -33.41
C1' PSU DC 734 38.94 -74.39 -36.13
C2' PSU DC 734 38.94 -72.88 -36.39
O2' PSU DC 734 37.60 -72.43 -36.36
C3' PSU DC 734 39.49 -72.82 -37.80
C4' PSU DC 734 38.90 -74.06 -38.45
O3' PSU DC 734 39.16 -71.63 -38.50
O4' PSU DC 734 38.89 -75.04 -37.38
C5' PSU DC 734 39.67 -74.60 -39.62
O5' PSU DC 734 41.04 -74.79 -39.29
P PSU DC 734 42.05 -75.50 -40.30
OP1 PSU DC 734 41.86 -74.86 -41.62
OP2 PSU DC 734 43.38 -75.55 -39.67
N1 PSU DC 737 48.94 -68.02 -33.96
C2 PSU DC 737 49.58 -69.24 -33.97
N3 PSU DC 737 50.42 -69.59 -32.94
C4 PSU DC 737 50.61 -68.72 -31.89
C5 PSU DC 737 49.96 -67.49 -31.90
C6 PSU DC 737 49.12 -67.15 -32.95
O2 PSU DC 737 49.41 -70.02 -34.90
O4 PSU DC 737 51.35 -69.03 -30.97
C1' PSU DC 737 50.16 -66.53 -30.77
C2' PSU DC 737 51.50 -65.80 -30.88
O2' PSU DC 737 52.03 -65.62 -29.57
C3' PSU DC 737 51.09 -64.47 -31.48
C4' PSU DC 737 49.72 -64.23 -30.85
O3' PSU DC 737 52.00 -63.43 -31.21
O4' PSU DC 737 49.15 -65.55 -30.77
C5' PSU DC 737 48.80 -63.31 -31.60
O5' PSU DC 737 48.47 -63.83 -32.88
P PSU DC 737 47.28 -63.21 -33.73
OP1 PSU DC 737 47.40 -61.74 -33.82
OP2 PSU DC 737 47.17 -64.00 -34.98
P OMG DC 738 52.36 -62.35 -32.34
OP1 OMG DC 738 52.16 -60.95 -31.75
OP2 OMG DC 738 51.67 -62.76 -33.62
O5' OMG DC 738 53.93 -62.55 -32.56
C5' OMG DC 738 54.42 -63.67 -33.28
C4' OMG DC 738 55.49 -64.40 -32.52
O4' OMG DC 738 54.88 -65.51 -31.81
C3' OMG DC 738 56.60 -65.01 -33.38
O3' OMG DC 738 57.74 -64.17 -33.47
C2' OMG DC 738 56.89 -66.36 -32.72
O2' OMG DC 738 57.81 -66.21 -31.65
CM2 OMG DC 738 58.02 -67.38 -30.91
C1' OMG DC 738 55.54 -66.71 -32.13
N9 OMG DC 738 54.66 -67.49 -33.03
C8 OMG DC 738 53.48 -67.07 -33.59
N7 OMG DC 738 52.91 -67.99 -34.31
C5 OMG DC 738 53.74 -69.08 -34.20
C6 OMG DC 738 53.62 -70.37 -34.77
O6 OMG DC 738 52.75 -70.81 -35.49
N1 OMG DC 738 54.71 -71.16 -34.40
C2 OMG DC 738 55.75 -70.78 -33.60
N2 OMG DC 738 56.70 -71.71 -33.36
N3 OMG DC 738 55.85 -69.59 -33.07
C4 OMG DC 738 54.83 -68.78 -33.40
N1 PSU DC 837 -5.18 7.64 -45.90
C2 PSU DC 837 -5.16 7.67 -47.27
N3 PSU DC 837 -3.97 7.55 -47.94
C4 PSU DC 837 -2.80 7.38 -47.25
C5 PSU DC 837 -2.82 7.37 -45.85
C6 PSU DC 837 -4.05 7.48 -45.20
O2 PSU DC 837 -6.21 7.80 -47.90
O4 PSU DC 837 -1.75 7.28 -47.87
C1' PSU DC 837 -1.58 7.18 -45.04
C2' PSU DC 837 -0.60 8.37 -45.16
O2' PSU DC 837 0.72 7.86 -45.13
C3' PSU DC 837 -0.91 9.15 -43.89
C4' PSU DC 837 -1.25 8.06 -42.89
O3' PSU DC 837 0.17 9.95 -43.46
O4' PSU DC 837 -1.93 7.05 -43.68
C5' PSU DC 837 -2.12 8.47 -41.74
O5' PSU DC 837 -3.40 8.92 -42.17
P PSU DC 837 -4.48 9.44 -41.13
OP1 PSU DC 837 -3.72 10.21 -40.14
OP2 PSU DC 837 -5.59 10.08 -41.88
N1 PSU DC 875 35.16 -15.16 -60.18
C2 PSU DC 875 35.57 -14.74 -58.93
N3 PSU DC 875 36.62 -13.86 -58.81
C4 PSU DC 875 37.26 -13.40 -59.94
C5 PSU DC 875 36.84 -13.82 -61.19
C6 PSU DC 875 35.78 -14.72 -61.29
O2 PSU DC 875 35.00 -15.15 -57.93
O4 PSU DC 875 38.19 -12.61 -59.83
C1' PSU DC 875 37.53 -13.33 -62.43
C2' PSU DC 875 38.83 -14.11 -62.64
O2' PSU DC 875 39.77 -13.24 -63.25
C3' PSU DC 875 38.38 -15.17 -63.62
C4' PSU DC 875 37.38 -14.42 -64.49
O3' PSU DC 875 39.44 -15.75 -64.36
O4' PSU DC 875 36.72 -13.53 -63.56
C5' PSU DC 875 36.36 -15.27 -65.20
O5' PSU DC 875 35.65 -16.10 -64.28
P PSU DC 875 34.29 -16.80 -64.70
OP1 PSU DC 875 34.55 -17.53 -65.96
OP2 PSU DC 875 33.76 -17.52 -63.53
P A2M DC 902 35.68 -29.46 -29.70
OP1 A2M DC 902 36.09 -28.11 -29.17
O5' A2M DC 902 35.54 -29.57 -31.48
C5' A2M DC 902 36.61 -29.19 -32.18
C4' A2M DC 902 36.37 -29.44 -33.66
O4' A2M DC 902 36.18 -30.82 -33.83
C3' A2M DC 902 35.12 -28.76 -34.15
O3' A2M DC 902 35.40 -27.40 -34.28
C2' A2M DC 902 34.80 -29.59 -35.37
O2' A2M DC 902 35.70 -29.39 -36.43
C1' A2M DC 902 35.10 -30.94 -34.72
CM' A2M DC 902 35.24 -30.04 -37.58
N9 A2M DC 902 34.00 -31.58 -34.04
C8 A2M DC 902 33.72 -31.80 -32.69
N7 A2M DC 902 32.56 -32.45 -32.51
C5 A2M DC 902 32.09 -32.65 -33.80
C6 A2M DC 902 30.98 -33.25 -34.32
N6 A2M DC 902 30.02 -33.82 -33.52
N1 A2M DC 902 30.75 -33.33 -35.65
C2 A2M DC 902 31.69 -32.77 -36.43
N3 A2M DC 902 32.83 -32.15 -36.10
C4 A2M DC 902 32.98 -32.12 -34.76
OP2 A2M DC 902 34.28 -29.92 -29.49
N1 PSU DC 916 19.04 -2.34 -45.25
C2 PSU DC 916 18.88 -3.67 -45.55
N3 PSU DC 916 18.38 -4.05 -46.77
C4 PSU DC 916 18.03 -3.07 -47.68
C5 PSU DC 916 18.19 -1.74 -47.37
C6 PSU DC 916 18.70 -1.38 -46.14
O2 PSU DC 916 19.20 -4.52 -44.74
O4 PSU DC 916 17.58 -3.42 -48.78
C1' PSU DC 916 17.82 -0.68 -48.37
C2' PSU DC 916 16.31 -0.53 -48.48
O2' PSU DC 916 15.99 -0.21 -49.82
C3' PSU DC 916 16.05 0.67 -47.57
C4' PSU DC 916 17.26 1.53 -47.85
O3' PSU DC 916 14.82 1.31 -47.84
O4' PSU DC 916 18.33 0.58 -47.98
C5' PSU DC 916 17.59 2.55 -46.79
O5' PSU DC 916 17.17 2.14 -45.51
P PSU DC 916 18.06 2.45 -44.23
OP1 PSU DC 916 19.14 3.37 -44.64
OP2 PSU DC 916 17.16 2.80 -43.11
N1 PSU DC 917 15.44 -2.80 -44.80
C2 PSU DC 917 15.76 -3.96 -44.15
N3 PSU DC 917 15.45 -5.18 -44.70
C4 PSU DC 917 14.84 -5.23 -45.94
C5 PSU DC 917 14.52 -4.05 -46.60
C6 PSU DC 917 14.85 -2.84 -46.01
O2 PSU DC 917 16.30 -3.91 -43.05
O4 PSU DC 917 14.58 -6.31 -46.44
C1' PSU DC 917 13.87 -4.08 -47.95
C2' PSU DC 917 12.39 -4.44 -47.90
O2' PSU DC 917 12.06 -5.20 -49.05
C3' PSU DC 917 11.73 -3.08 -47.97
C4' PSU DC 917 12.68 -2.28 -48.86
O3' PSU DC 917 10.42 -3.11 -48.49
O4' PSU DC 917 13.99 -2.82 -48.55
C5' PSU DC 917 12.69 -0.80 -48.63
O5' PSU DC 917 13.12 -0.47 -47.33
P PSU DC 917 13.53 1.01 -46.95
OP1 PSU DC 917 12.39 1.81 -47.44
OP2 PSU DC 917 13.91 1.05 -45.52
N1 PSU DC 927 -12.87 -4.34 -37.36
C2 PSU DC 927 -12.46 -5.07 -36.27
N3 PSU DC 927 -12.45 -6.45 -36.34
C4 PSU DC 927 -12.83 -7.07 -37.50
C5 PSU DC 927 -13.25 -6.31 -38.58
C6 PSU DC 927 -13.25 -4.94 -38.50
O2 PSU DC 927 -12.11 -4.51 -35.24
O4 PSU DC 927 -12.82 -8.29 -37.57
C1' PSU DC 927 -13.65 -6.98 -39.86
C2' PSU DC 927 -15.03 -7.65 -39.80
O2' PSU DC 927 -14.99 -8.81 -40.61
C3' PSU DC 927 -15.91 -6.59 -40.45
C4' PSU DC 927 -15.00 -5.99 -41.50
O3' PSU DC 927 -17.11 -7.10 -40.99
O4' PSU DC 927 -13.69 -6.02 -40.89
C5' PSU DC 927 -15.33 -4.59 -41.92
O5' PSU DC 927 -15.58 -3.77 -40.79
P PSU DC 927 -15.67 -2.20 -40.93
OP1 PSU DC 927 -16.75 -1.91 -41.89
OP2 PSU DC 927 -15.71 -1.59 -39.58
N1 PSU DC 952 21.55 -27.34 -32.96
C2 PSU DC 952 21.18 -26.69 -34.12
N3 PSU DC 952 19.93 -26.13 -34.24
C4 PSU DC 952 19.05 -26.25 -33.19
C5 PSU DC 952 19.41 -26.92 -32.04
C6 PSU DC 952 20.69 -27.45 -31.94
O2 PSU DC 952 21.98 -26.60 -35.04
O4 PSU DC 952 17.94 -25.75 -33.31
C1' PSU DC 952 18.48 -27.04 -30.86
C2' PSU DC 952 17.20 -27.85 -31.12
O2' PSU DC 952 16.10 -27.08 -30.69
C3' PSU DC 952 17.40 -29.06 -30.22
C4' PSU DC 952 18.24 -28.52 -29.09
O3' PSU DC 952 16.17 -29.61 -29.74
O4' PSU DC 952 19.12 -27.57 -29.73
C5' PSU DC 952 19.04 -29.55 -28.32
O5' PSU DC 952 19.88 -30.30 -29.17
P PSU DC 952 21.45 -30.34 -28.91
OP1 PSU DC 952 21.68 -30.69 -27.50
OP2 PSU DC 952 22.07 -31.15 -29.98
N1 PSU DC 1045 14.66 -32.11 -11.08
C2 PSU DC 1045 15.42 -33.06 -11.71
N3 PSU DC 1045 16.02 -34.06 -10.99
C4 PSU DC 1045 15.85 -34.10 -9.62
C5 PSU DC 1045 15.08 -33.14 -8.99
C6 PSU DC 1045 14.49 -32.14 -9.75
O2 PSU DC 1045 15.56 -33.00 -12.92
O4 PSU DC 1045 16.38 -34.99 -8.98
C1' PSU DC 1045 14.89 -33.19 -7.50
C2' PSU DC 1045 16.09 -32.58 -6.79
O2' PSU DC 1045 16.24 -33.23 -5.53
C3' PSU DC 1045 15.62 -31.15 -6.60
C4' PSU DC 1045 14.16 -31.32 -6.29
O3' PSU DC 1045 16.32 -30.44 -5.59
O4' PSU DC 1045 13.75 -32.42 -7.14
C5' PSU DC 1045 13.28 -30.13 -6.58
O5' PSU DC 1045 13.50 -29.65 -7.90
P PSU DC 1045 12.47 -28.67 -8.59
OP1 PSU DC 1045 12.27 -27.46 -7.78
OP2 PSU DC 1045 12.87 -28.55 -10.01
N1 PSU DC 1048 24.15 -28.78 -13.04
C2 PSU DC 1048 23.23 -28.47 -14.00
N3 PSU DC 1048 23.40 -28.88 -15.30
C4 PSU DC 1048 24.52 -29.61 -15.63
C5 PSU DC 1048 25.46 -29.91 -14.67
C6 PSU DC 1048 25.25 -29.48 -13.36
O2 PSU DC 1048 22.23 -27.83 -13.71
O4 PSU DC 1048 24.68 -29.98 -16.79
C1' PSU DC 1048 26.68 -30.70 -15.04
C2' PSU DC 1048 27.73 -29.77 -15.65
O2' PSU DC 1048 28.47 -30.53 -16.60
C3' PSU DC 1048 28.60 -29.46 -14.45
C4' PSU DC 1048 28.60 -30.77 -13.69
O3' PSU DC 1048 29.89 -28.99 -14.77
O4' PSU DC 1048 27.26 -31.29 -13.88
C5' PSU DC 1048 28.91 -30.69 -12.22
O5' PSU DC 1048 28.05 -29.77 -11.56
P PSU DC 1048 27.88 -29.79 -9.99
OP1 PSU DC 1048 29.22 -29.64 -9.39
OP2 PSU DC 1048 26.79 -28.85 -9.63
N1 PSU DC 1103 -60.60 -19.07 -35.47
C2 PSU DC 1103 -59.26 -18.77 -35.57
N3 PSU DC 1103 -58.41 -19.59 -36.27
C4 PSU DC 1103 -58.90 -20.72 -36.87
C5 PSU DC 1103 -60.25 -21.03 -36.76
C6 PSU DC 1103 -61.09 -20.18 -36.05
O2 PSU DC 1103 -58.82 -17.76 -35.03
O4 PSU DC 1103 -58.15 -21.46 -37.49
C1' PSU DC 1103 -60.81 -22.26 -37.41
C2' PSU DC 1103 -60.51 -23.49 -36.55
O2' PSU DC 1103 -60.36 -24.61 -37.40
C3' PSU DC 1103 -61.81 -23.60 -35.75
C4' PSU DC 1103 -62.85 -23.21 -36.77
O3' PSU DC 1103 -62.03 -24.89 -35.21
O4' PSU DC 1103 -62.21 -22.16 -37.55
C5' PSU DC 1103 -64.16 -22.69 -36.22
O5' PSU DC 1103 -63.95 -21.59 -35.36
P PSU DC 1103 -65.16 -20.65 -34.93
OP1 PSU DC 1103 -66.22 -21.58 -34.52
OP2 PSU DC 1103 -64.66 -19.59 -34.03
N1 PSU DC 1115 -57.54 -32.35 -26.04
C2 PSU DC 1115 -57.79 -32.37 -27.39
N3 PSU DC 1115 -57.61 -33.53 -28.10
C4 PSU DC 1115 -57.21 -34.68 -27.46
C5 PSU DC 1115 -56.96 -34.65 -26.09
C6 PSU DC 1115 -57.15 -33.46 -25.39
O2 PSU DC 1115 -58.15 -31.35 -27.96
O4 PSU DC 1115 -57.06 -35.72 -28.09
C1' PSU DC 1115 -56.52 -35.89 -25.37
C2' PSU DC 1115 -55.03 -36.14 -25.61
O2' PSU DC 1115 -54.82 -37.54 -25.61
C3' PSU DC 1115 -54.41 -35.51 -24.38
C4' PSU DC 1115 -55.42 -35.82 -23.30
O3' PSU DC 1115 -53.12 -35.99 -24.08
O4' PSU DC 1115 -56.70 -35.72 -23.98
C5' PSU DC 1115 -55.41 -34.91 -22.10
O5' PSU DC 1115 -55.85 -33.60 -22.44
P PSU DC 1115 -56.18 -32.53 -21.31
OP1 PSU DC 1115 -55.12 -32.58 -20.29
OP2 PSU DC 1115 -56.50 -31.25 -21.98
O5' B8N DC 1119 -40.37 -29.26 -35.40
C5' B8N DC 1119 -41.53 -28.77 -36.06
C4' B8N DC 1119 -41.18 -28.19 -37.41
O4' B8N DC 1119 -39.76 -27.96 -37.47
C3' B8N DC 1119 -41.46 -29.10 -38.60
O3' B8N DC 1119 -42.79 -28.99 -39.06
C2' B8N DC 1119 -40.43 -28.66 -39.64
O2' B8N DC 1119 -40.93 -27.55 -40.38
C1' B8N DC 1119 -39.27 -28.17 -38.77
C5 B8N DC 1119 -38.03 -29.14 -38.68
C6 B8N DC 1119 -37.96 -30.00 -37.55
N1 B8N DC 1119 -36.70 -30.89 -37.52
C2 B8N DC 1119 -35.63 -30.78 -38.66
N3 B8N DC 1119 -35.80 -29.87 -39.72
C4 B8N DC 1119 -36.82 -29.14 -39.77
C34 B8N DC 1119 -32.36 -30.73 -41.61
CN1 B8N DC 1119 -36.50 -31.86 -36.42
N34 B8N DC 1119 -31.17 -28.87 -40.60
O2 B8N DC 1119 -34.67 -31.47 -38.63
O4 B8N DC 1119 -36.89 -28.40 -40.70
OP1 B8N DC 1119 -40.77 -31.70 -35.05
OP2 B8N DC 1119 -39.27 -30.33 -33.43
P B8N DC 1119 -40.48 -30.42 -34.33
C31 B8N DC 1119 -34.78 -29.78 -40.79
C32 B8N DC 1119 -33.58 -28.98 -40.33
C33 B8N DC 1119 -32.40 -29.25 -41.27
O36 B8N DC 1119 -32.00 -31.57 -40.73
O35 B8N DC 1119 -32.67 -31.12 -42.76
N1 OMC DC 1143 -76.56 -49.88 -11.91
C2 OMC DC 1143 -75.39 -50.00 -12.68
N3 OMC DC 1143 -74.24 -49.50 -12.17
C4 OMC DC 1143 -74.20 -48.93 -10.99
C5 OMC DC 1143 -75.36 -48.78 -10.19
C6 OMC DC 1143 -76.50 -49.28 -10.70
O2 OMC DC 1143 -75.41 -50.54 -13.77
N4 OMC DC 1143 -73.04 -48.46 -10.56
C1' OMC DC 1143 -77.89 -50.37 -12.35
C2' OMC DC 1143 -77.93 -51.90 -12.47
O2' OMC DC 1143 -78.77 -52.23 -13.58
CM2 OMC DC 1143 -78.15 -52.06 -14.83
C3' OMC DC 1143 -78.59 -52.31 -11.17
C4' OMC DC 1143 -79.57 -51.17 -10.93
O4' OMC DC 1143 -78.85 -50.01 -11.37
O3' OMC DC 1143 -79.23 -53.57 -11.22
C5' OMC DC 1143 -80.02 -51.00 -9.50
O5' OMC DC 1143 -80.12 -49.62 -9.16
P OMC DC 1143 -79.45 -49.06 -7.84
OP1 OMC DC 1143 -80.27 -49.55 -6.65
OP2 OMC DC 1143 -77.95 -49.35 -7.89
N1 OMU DC 1159 -85.94 -63.35 -3.23
C2 OMU DC 1159 -87.26 -63.24 -3.96
N3 OMU DC 1159 -88.53 -63.17 -3.19
C4 OMU DC 1159 -88.51 -63.22 -1.74
C5 OMU DC 1159 -87.20 -63.34 -1.02
C6 OMU DC 1159 -85.94 -63.40 -1.78
O2 OMU DC 1159 -87.30 -63.20 -5.17
O4 OMU DC 1159 -89.48 -63.17 -1.15
C1' OMU DC 1159 -84.65 -63.43 -3.94
C2' OMU DC 1159 -84.33 -62.15 -4.73
O2' OMU DC 1159 -83.69 -62.52 -5.94
CM2 OMU DC 1159 -84.49 -63.21 -6.84
C3' OMU DC 1159 -83.35 -61.45 -3.79
C4' OMU DC 1159 -82.61 -62.62 -3.17
O3' OMU DC 1159 -82.50 -60.53 -4.45
O4' OMU DC 1159 -83.62 -63.63 -3.00
C5' OMU DC 1159 -81.92 -62.33 -1.85
O5' OMU DC 1159 -82.49 -63.09 -0.80
P OMU DC 1159 -81.56 -63.77 0.32
OP1 OMU DC 1159 -80.28 -62.98 0.38
OP2 OMU DC 1159 -82.39 -63.95 1.56
N1 OMU DC 1197 -62.08 -43.90 -27.27
C2 OMU DC 1197 -62.25 -42.59 -28.00
N3 OMU DC 1197 -62.67 -42.59 -29.43
C4 OMU DC 1197 -62.90 -43.86 -30.10
C5 OMU DC 1197 -62.72 -45.15 -29.37
C6 OMU DC 1197 -62.30 -45.15 -27.95
O2 OMU DC 1197 -62.05 -41.54 -27.42
O4 OMU DC 1197 -63.22 -43.87 -31.19
C1' OMU DC 1197 -61.65 -43.91 -25.86
C2' OMU DC 1197 -62.71 -44.40 -24.89
O2' OMU DC 1197 -63.61 -43.38 -24.53
CM2 OMU DC 1197 -64.63 -43.81 -23.69
C3' OMU DC 1197 -61.83 -44.89 -23.73
C4' OMU DC 1197 -60.61 -45.45 -24.45
O3' OMU DC 1197 -61.43 -43.78 -22.94
O4' OMU DC 1197 -60.56 -44.81 -25.75
C5' OMU DC 1197 -60.59 -46.95 -24.65
O5' OMU DC 1197 -61.76 -47.42 -25.30
P OMU DC 1197 -62.50 -48.73 -24.80
OP1 OMU DC 1197 -63.89 -48.72 -25.37
OP2 OMU DC 1197 -61.60 -49.90 -25.06
P OMG DC 1199 -54.96 -43.55 -21.67
OP1 OMG DC 1199 -54.73 -42.07 -21.94
OP2 OMG DC 1199 -55.36 -44.49 -22.82
O5' OMG DC 1199 -53.66 -44.13 -20.98
C5' OMG DC 1199 -53.12 -43.54 -19.81
C4' OMG DC 1199 -51.89 -44.26 -19.34
O4' OMG DC 1199 -52.26 -45.55 -18.83
C3' OMG DC 1199 -50.86 -44.56 -20.42
O3' OMG DC 1199 -50.01 -43.46 -20.69
C2' OMG DC 1199 -50.13 -45.77 -19.86
O2' OMG DC 1199 -49.16 -45.36 -18.91
CM2 OMG DC 1199 -48.50 -46.42 -18.25
C1' OMG DC 1199 -51.25 -46.50 -19.12
N9 OMG DC 1199 -51.85 -47.59 -19.90
C8 OMG DC 1199 -53.06 -47.60 -20.56
N7 OMG DC 1199 -53.30 -48.73 -21.13
C5 OMG DC 1199 -52.23 -49.52 -20.83
C6 OMG DC 1199 -51.93 -50.86 -21.18
O6 OMG DC 1199 -52.60 -51.64 -21.84
N1 OMG DC 1199 -50.70 -51.26 -20.65
C2 OMG DC 1199 -49.87 -50.49 -19.90
N2 OMG DC 1199 -48.73 -51.06 -19.48
N3 OMG DC 1199 -50.14 -49.26 -19.58
C4 OMG DC 1199 -51.31 -48.82 -20.06
P 4AC DC 1208 -50.97 -48.45 -46.51
OP1 4AC DC 1208 -51.68 -48.26 -47.84
OP2 4AC DC 1208 -49.71 -49.28 -46.46
O5' 4AC DC 1208 -50.62 -47.01 -45.92
C5' 4AC DC 1208 -51.63 -46.05 -45.68
C4' 4AC DC 1208 -51.14 -44.95 -44.77
O4' 4AC DC 1208 -50.80 -45.53 -43.47
C3' 4AC DC 1208 -49.86 -44.27 -45.21
O3' 4AC DC 1208 -50.08 -43.25 -46.17
C2' 4AC DC 1208 -49.29 -43.76 -43.90
O2' 4AC DC 1208 -49.97 -42.59 -43.47
C1' 4AC DC 1208 -49.65 -44.89 -42.94
N1 4AC DC 1208 -48.58 -45.91 -42.85
C2 4AC DC 1208 -47.53 -45.72 -41.95
O2 4AC DC 1208 -47.52 -44.68 -41.26
N3 4AC DC 1208 -46.55 -46.65 -41.87
C4 4AC DC 1208 -46.60 -47.73 -42.63
N4 4AC DC 1208 -45.56 -48.68 -42.53
C5 4AC DC 1208 -47.64 -47.95 -43.56
C6 4AC DC 1208 -48.61 -47.03 -43.62
C7 4AC DC 1208 -44.44 -48.65 -41.76
O7 4AC DC 1208 -44.15 -47.72 -41.03
CM7 4AC DC 1208 -43.58 -49.86 -41.90
N1 PSU DC 1238 -24.37 -39.80 -71.47
C2 PSU DC 1238 -24.85 -40.69 -70.53
N3 PSU DC 1238 -25.93 -41.49 -70.82
C4 PSU DC 1238 -26.54 -41.40 -72.05
C5 PSU DC 1238 -26.05 -40.50 -72.99
C6 PSU DC 1238 -24.96 -39.71 -72.68
O2 PSU DC 1238 -24.31 -40.76 -69.43
O4 PSU DC 1238 -27.49 -42.11 -72.32
C1' PSU DC 1238 -26.69 -40.38 -74.35
C2' PSU DC 1238 -28.00 -39.61 -74.28
O2' PSU DC 1238 -28.86 -40.11 -75.29
C3' PSU DC 1238 -27.52 -38.21 -74.64
C4' PSU DC 1238 -26.46 -38.47 -75.68
O3' PSU DC 1238 -28.56 -37.36 -75.09
O4' PSU DC 1238 -25.82 -39.70 -75.22
C5' PSU DC 1238 -25.42 -37.39 -75.86
O5' PSU DC 1238 -24.80 -37.07 -74.63
P PSU DC 1238 -23.54 -36.11 -74.59
OP1 PSU DC 1238 -23.87 -34.90 -75.37
OP2 PSU DC 1238 -23.08 -35.97 -73.19
P A2M DC 1254 -33.88 -61.70 -65.41
OP1 A2M DC 1254 -35.05 -62.24 -66.16
O5' A2M DC 1254 -34.19 -61.17 -63.72
C5' A2M DC 1254 -34.41 -62.13 -62.83
C4' A2M DC 1254 -34.55 -61.56 -61.43
O4' A2M DC 1254 -33.28 -61.46 -60.82
C3' A2M DC 1254 -35.14 -60.16 -61.44
O3' A2M DC 1254 -36.48 -60.27 -61.77
C2' A2M DC 1254 -34.73 -59.71 -60.05
O2' A2M DC 1254 -35.37 -60.40 -59.03
C1' A2M DC 1254 -33.28 -60.21 -60.19
CM' A2M DC 1254 -34.68 -60.25 -57.81
N9 A2M DC 1254 -32.39 -59.33 -60.89
C8 A2M DC 1254 -31.81 -59.38 -62.16
N7 A2M DC 1254 -31.03 -58.32 -62.40
C5 A2M DC 1254 -31.11 -57.56 -61.24
C6 A2M DC 1254 -30.56 -56.37 -60.84
N6 A2M DC 1254 -29.71 -55.66 -61.65
N1 A2M DC 1254 -30.80 -55.83 -59.62
C2 A2M DC 1254 -31.64 -56.55 -58.83
N3 A2M DC 1254 -32.26 -57.71 -59.05
C4 A2M DC 1254 -31.95 -58.17 -60.29
OP2 A2M DC 1254 -33.30 -60.38 -65.80
N1 OMC DC 1262 -55.98 -45.46 -66.29
C2 OMC DC 1262 -55.30 -44.25 -66.06
N3 OMC DC 1262 -54.21 -43.98 -66.80
C4 OMC DC 1262 -53.77 -44.83 -67.71
C5 OMC DC 1262 -54.43 -46.06 -67.97
C6 OMC DC 1262 -55.52 -46.32 -67.23
O2 OMC DC 1262 -55.71 -43.48 -65.22
N4 OMC DC 1262 -52.68 -44.50 -68.40
C1' OMC DC 1262 -57.19 -45.84 -65.53
C2' OMC DC 1262 -58.44 -45.09 -66.00
O2' OMC DC 1262 -59.27 -44.88 -64.87
CM2 OMC DC 1262 -59.00 -43.68 -64.18
C3' OMC DC 1262 -59.07 -46.10 -66.94
C4' OMC DC 1262 -58.77 -47.42 -66.24
O4' OMC DC 1262 -57.44 -47.22 -65.71
O3' OMC DC 1262 -60.45 -45.89 -67.16
C5' OMC DC 1262 -58.81 -48.65 -67.10
O5' OMC DC 1262 -57.87 -48.59 -68.15
P OMC DC 1262 -57.38 -49.91 -68.89
OP1 OMC DC 1262 -58.62 -50.69 -69.33
OP2 OMC DC 1262 -56.32 -49.53 -69.90
N1 OMU DC 1313 -74.96 -36.93 -87.05
C2 OMU DC 1313 -76.03 -35.95 -86.65
N3 OMU DC 1313 -77.45 -36.41 -86.52
C4 OMU DC 1313 -77.79 -37.81 -86.80
C5 OMU DC 1313 -76.71 -38.76 -87.20
C6 OMU DC 1313 -75.32 -38.30 -87.32
O2 OMU DC 1313 -75.75 -34.79 -86.42
O4 OMU DC 1313 -78.86 -38.16 -86.72
C1' OMU DC 1313 -73.56 -36.48 -87.19
C2' OMU DC 1313 -72.85 -36.31 -85.84
O2' OMU DC 1313 -71.94 -35.24 -85.96
CM2 OMU DC 1313 -72.56 -33.99 -86.00
C3' OMU DC 1313 -72.10 -37.63 -85.72
C4' OMU DC 1313 -71.76 -37.99 -87.16
O3' OMU DC 1313 -70.95 -37.55 -84.90
O4' OMU DC 1313 -72.87 -37.45 -87.93
C5' OMU DC 1313 -71.63 -39.46 -87.44
O5' OMU DC 1313 -71.63 -40.21 -86.23
P OMU DC 1313 -72.06 -41.75 -86.24
OP1 OMU DC 1313 -71.61 -42.34 -87.54
OP2 OMU DC 1313 -71.59 -42.34 -84.92
P OMG DC 1361 -40.30 -43.65 -33.34
OP1 OMG DC 1361 -40.65 -42.85 -32.09
OP2 OMG DC 1361 -41.36 -44.49 -34.03
O5' OMG DC 1361 -39.67 -42.65 -34.40
C5' OMG DC 1361 -39.54 -41.26 -34.11
C4' OMG DC 1361 -40.48 -40.45 -34.98
O4' OMG DC 1361 -40.32 -40.83 -36.37
C3' OMG DC 1361 -41.96 -40.65 -34.69
O3' OMG DC 1361 -42.42 -39.81 -33.65
C2' OMG DC 1361 -42.61 -40.34 -36.04
O2' OMG DC 1361 -42.72 -38.94 -36.23
CM2 OMG DC 1361 -43.56 -38.60 -37.31
C1' OMG DC 1361 -41.57 -40.88 -37.01
N9 OMG DC 1361 -41.83 -42.27 -37.39
C8 OMG DC 1361 -41.04 -43.35 -37.07
N7 OMG DC 1361 -41.51 -44.46 -37.54
C5 OMG DC 1361 -42.65 -44.11 -38.18
C6 OMG DC 1361 -43.57 -44.91 -38.89
O6 OMG DC 1361 -43.53 -46.11 -39.04
N1 OMG DC 1361 -44.63 -44.15 -39.40
C2 OMG DC 1361 -44.75 -42.80 -39.26
N2 OMG DC 1361 -45.83 -42.25 -39.84
N3 OMG DC 1361 -43.90 -42.06 -38.62
C4 OMG DC 1361 -42.88 -42.75 -38.11
P G7M DC 1510 -44.87 -4.63 -46.83
OP1 G7M DC 1510 -44.80 -3.68 -47.99
OP2 G7M DC 1510 -44.95 -6.10 -47.08
O5' G7M DC 1510 -43.55 -4.38 -45.96
C5' G7M DC 1510 -43.22 -3.08 -45.50
C4' G7M DC 1510 -42.24 -3.17 -44.35
O4' G7M DC 1510 -42.97 -3.33 -43.12
C3' G7M DC 1510 -41.32 -4.36 -44.38
O3' G7M DC 1510 -40.19 -4.16 -45.22
C2' G7M DC 1510 -40.94 -4.55 -42.92
O2' G7M DC 1510 -39.82 -3.77 -42.58
C1' G7M DC 1510 -42.16 -3.99 -42.18
N9 G7M DC 1510 -42.96 -5.01 -41.48
C8 G7M DC 1510 -43.98 -5.21 -42.31
N7 G7M DC 1510 -44.79 -6.12 -41.74
CN7 G7M DC 1510 -46.02 -6.57 -42.39
C5 G7M DC 1510 -44.27 -6.48 -40.58
C6 G7M DC 1510 -44.72 -7.46 -39.49
O6 G7M DC 1510 -45.72 -8.07 -39.62
N1 G7M DC 1510 -43.92 -7.64 -38.32
C2 G7M DC 1510 -42.71 -6.90 -38.15
N2 G7M DC 1510 -41.89 -7.06 -36.97
N3 G7M DC 1510 -42.28 -5.97 -39.19
C4 G7M DC 1510 -43.11 -5.77 -40.41
N1 OMC DC 1574 -16.64 -33.22 -32.10
C2 OMC DC 1574 -15.90 -32.07 -32.39
N3 OMC DC 1574 -16.44 -30.87 -32.14
C4 OMC DC 1574 -17.65 -30.76 -31.65
C5 OMC DC 1574 -18.44 -31.90 -31.34
C6 OMC DC 1574 -17.89 -33.10 -31.58
O2 OMC DC 1574 -14.78 -32.18 -32.85
N4 OMC DC 1574 -18.13 -29.55 -31.43
C1' OMC DC 1574 -16.10 -34.57 -32.35
C2' OMC DC 1574 -15.03 -34.97 -31.34
O2' OMC DC 1574 -14.08 -35.80 -32.00
CM2 OMC DC 1574 -13.05 -35.08 -32.63
C3' OMC DC 1574 -15.83 -35.76 -30.33
C4' OMC DC 1574 -16.84 -36.49 -31.20
O4' OMC DC 1574 -17.16 -35.51 -32.23
O3' OMC DC 1574 -15.03 -36.65 -29.56
C5' OMC DC 1574 -18.11 -36.92 -30.52
O5' OMC DC 1574 -18.98 -35.82 -30.31
P OMC DC 1574 -20.54 -36.03 -30.08
OP1 OMC DC 1574 -20.71 -37.21 -29.13
OP2 OMC DC 1574 -21.15 -34.68 -29.75
C2 6MZ DC 1703 -11.42 -31.29 -32.92
C4 6MZ DC 1703 -10.12 -29.41 -33.30
C5 6MZ DC 1703 -11.19 -28.63 -33.09
O1P 6MZ DC 1703 -7.57 -25.08 -37.63
O2P 6MZ DC 1703 -9.19 -24.19 -35.77
N9 6MZ DC 1703 -9.09 -28.61 -33.58
N3 6MZ DC 1703 -10.24 -30.73 -33.22
N1 6MZ DC 1703 -12.50 -30.51 -32.70
C6 6MZ DC 1703 -12.40 -29.21 -32.79
N6 6MZ DC 1703 -13.65 -28.45 -32.52
C9 6MZ DC 1703 -14.01 -27.23 -33.23
N7 6MZ DC 1703 -10.79 -27.36 -33.23
C8 6MZ DC 1703 -9.48 -27.36 -33.53
O5' 6MZ DC 1703 -7.20 -25.57 -35.21
C5' 6MZ DC 1703 -6.01 -26.29 -35.47
C4' 6MZ DC 1703 -6.18 -27.75 -35.11
O4' 6MZ DC 1703 -6.89 -27.86 -33.86
C1' 6MZ DC 1703 -7.70 -29.02 -33.87
C2' 6MZ DC 1703 -7.53 -29.70 -35.21
O2' 6MZ DC 1703 -6.54 -30.70 -35.08
C3' 6MZ DC 1703 -7.02 -28.55 -36.08
O3' 6MZ DC 1703 -6.28 -28.98 -37.21
P 6MZ DC 1703 -7.76 -24.52 -36.26
O3P 6MZ DC 1703 -6.92 -23.24 -36.18
P 4AC DC 1713 3.99 -28.84 -33.03
OP1 4AC DC 1713 3.96 -29.41 -31.63
OP2 4AC DC 1713 3.58 -27.42 -33.27
O5' 4AC DC 1713 5.46 -29.02 -33.61
C5' 4AC DC 1713 6.13 -30.27 -33.56
C4' 4AC DC 1713 7.53 -30.15 -34.09
O4' 4AC DC 1713 7.50 -29.73 -35.48
C3' 4AC DC 1713 8.39 -29.10 -33.41
O3' 4AC DC 1713 8.97 -29.56 -32.20
C2' 4AC DC 1713 9.42 -28.77 -34.48
O2' 4AC DC 1713 10.42 -29.76 -34.54
C1' 4AC DC 1713 8.58 -28.86 -35.75
N1 4AC DC 1713 8.03 -27.55 -36.15
C2 4AC DC 1713 8.85 -26.65 -36.83
O2 4AC DC 1713 10.04 -26.97 -37.03
N3 4AC DC 1713 8.35 -25.46 -37.21
C4 4AC DC 1713 7.09 -25.15 -36.96
N4 4AC DC 1713 6.72 -23.87 -37.43
C5 4AC DC 1713 6.22 -26.05 -36.30
C6 4AC DC 1713 6.72 -27.23 -35.91
C7 4AC DC 1713 5.54 -23.22 -37.33
O7 4AC DC 1713 4.55 -23.68 -36.77
CM7 4AC DC 1713 5.51 -21.87 -37.97
C2 MA6 DC 1721 -11.19 -18.01 -25.60
C4 MA6 DC 1721 -9.25 -17.52 -24.41
C5 MA6 DC 1721 -9.06 -16.43 -25.16
P MA6 DC 1721 -3.99 -15.41 -22.10
OP1 MA6 DC 1721 -2.60 -15.66 -21.55
OP2 MA6 DC 1721 -4.17 -14.69 -23.42
O5' MA6 DC 1721 -4.75 -16.79 -22.21
C5' MA6 DC 1721 -4.88 -17.66 -21.09
C4' MA6 DC 1721 -5.97 -18.68 -21.34
O4' MA6 DC 1721 -7.23 -17.98 -21.46
C1' MA6 DC 1721 -8.02 -18.57 -22.48
N9 MA6 DC 1721 -8.24 -17.57 -23.54
N3 MA6 DC 1721 -10.32 -18.32 -24.62
N1 MA6 DC 1721 -11.00 -16.90 -26.37
C6 MA6 DC 1721 -9.97 -16.12 -26.16
N6 MA6 DC 1721 -10.14 -15.09 -27.16
C9 MA6 DC 1721 -11.23 -15.16 -28.14
C10 MA6 DC 1721 -9.23 -13.91 -27.17
N7 MA6 DC 1721 -7.93 -15.81 -24.74
C8 MA6 DC 1721 -7.42 -16.52 -23.72
C2' MA6 DC 1721 -7.29 -19.81 -22.97
O2' MA6 DC 1721 -7.71 -20.90 -22.18
C3' MA6 DC 1721 -5.84 -19.45 -22.64
O3' MA6 DC 1721 -5.00 -20.58 -22.52
C2 MA6 DC 1722 -10.59 -20.21 -28.90
C4 MA6 DC 1722 -8.62 -20.28 -27.66
C5 MA6 DC 1722 -8.22 -19.11 -28.19
P MA6 DC 1722 -3.62 -20.66 -23.33
OP1 MA6 DC 1722 -2.49 -20.75 -22.33
OP2 MA6 DC 1722 -3.63 -19.55 -24.36
O5' MA6 DC 1722 -3.69 -22.06 -24.10
C5' MA6 DC 1722 -4.11 -22.13 -25.45
C4' MA6 DC 1722 -5.47 -22.75 -25.57
O4' MA6 DC 1722 -6.48 -21.80 -25.16
C1' MA6 DC 1722 -7.60 -21.89 -26.00
N9 MA6 DC 1722 -7.66 -20.65 -26.82
N3 MA6 DC 1722 -9.79 -20.84 -28.01
N1 MA6 DC 1722 -10.20 -19.03 -29.44
C6 MA6 DC 1722 -9.05 -18.47 -29.11
N6 MA6 DC 1722 -9.04 -17.28 -29.91
C9 MA6 DC 1722 -8.02 -16.25 -29.67
C10 MA6 DC 1722 -10.04 -17.07 -31.00
N7 MA6 DC 1722 -7.02 -18.79 -27.67
C8 MA6 DC 1722 -6.66 -19.75 -26.81
C2' MA6 DC 1722 -7.41 -23.11 -26.88
O2' MA6 DC 1722 -7.91 -24.24 -26.18
C3' MA6 DC 1722 -5.90 -23.16 -26.98
O3' MA6 DC 1722 -5.38 -24.41 -27.37
N ASN EC 1 -8.27 -66.46 57.22
CA ASN EC 1 -7.00 -67.04 56.79
C ASN EC 1 -7.23 -68.42 56.20
N PHE EC 2 -8.50 -68.80 56.04
CA PHE EC 2 -8.87 -70.13 55.62
C PHE EC 2 -8.70 -70.29 54.10
N THR EC 3 -9.13 -71.44 53.59
CA THR EC 3 -8.88 -71.84 52.22
C THR EC 3 -10.17 -72.09 51.46
N VAL EC 4 -10.04 -72.12 50.13
CA VAL EC 4 -11.19 -72.24 49.24
C VAL EC 4 -11.94 -73.54 49.40
N ASP EC 5 -11.31 -74.60 49.93
CA ASP EC 5 -12.02 -75.83 50.20
C ASP EC 5 -13.12 -75.61 51.24
N GLN EC 6 -12.77 -75.04 52.40
CA GLN EC 6 -13.77 -74.73 53.40
C GLN EC 6 -14.66 -73.58 52.96
N ILE EC 7 -14.17 -72.70 52.07
CA ILE EC 7 -15.03 -71.68 51.47
C ILE EC 7 -16.18 -72.32 50.71
N ARG EC 8 -15.87 -73.30 49.85
CA ARG EC 8 -16.91 -74.02 49.14
C ARG EC 8 -17.79 -74.83 50.10
N ALA EC 9 -17.17 -75.40 51.14
CA ALA EC 9 -17.92 -76.19 52.11
C ALA EC 9 -18.99 -75.35 52.81
N ILE EC 10 -18.66 -74.11 53.19
CA ILE EC 10 -19.65 -73.22 53.77
C ILE EC 10 -20.49 -72.52 52.73
N MET EC 11 -20.05 -72.49 51.47
CA MET EC 11 -20.82 -71.85 50.40
C MET EC 11 -22.00 -72.70 49.99
N ASP EC 12 -21.83 -74.03 49.98
CA ASP EC 12 -22.94 -74.89 49.58
C ASP EC 12 -24.09 -74.84 50.58
N LYS EC 13 -23.84 -74.35 51.79
CA LYS EC 13 -24.89 -74.21 52.80
C LYS EC 13 -25.56 -72.86 52.62
N LYS EC 14 -26.80 -72.87 52.11
CA LYS EC 14 -27.50 -71.63 51.81
C LYS EC 14 -28.10 -70.98 53.05
N ALA EC 15 -28.33 -71.74 54.12
CA ALA EC 15 -28.89 -71.20 55.34
C ALA EC 15 -27.88 -70.42 56.17
N ASN EC 16 -26.61 -70.42 55.76
CA ASN EC 16 -25.57 -69.70 56.48
C ASN EC 16 -24.97 -68.57 55.66
N ILE EC 17 -25.47 -68.34 54.45
CA ILE EC 17 -25.05 -67.20 53.65
C ILE EC 17 -25.95 -66.01 53.96
N ARG EC 18 -25.34 -64.85 54.18
CA ARG EC 18 -26.09 -63.64 54.50
C ARG EC 18 -25.66 -62.54 53.53
N ASN EC 19 -26.45 -62.35 52.48
CA ASN EC 19 -26.17 -61.31 51.50
C ASN EC 19 -26.72 -59.99 52.00
N MET EC 20 -25.83 -59.01 52.24
CA MET EC 20 -26.28 -57.75 52.77
C MET EC 20 -25.38 -56.64 52.25
N SER EC 21 -25.92 -55.42 52.28
CA SER EC 21 -25.16 -54.24 51.90
C SER EC 21 -25.32 -53.18 52.96
N VAL EC 22 -24.28 -52.36 53.13
CA VAL EC 22 -24.32 -51.24 54.04
C VAL EC 22 -24.70 -49.98 53.26
N ILE EC 23 -25.68 -49.25 53.78
CA ILE EC 23 -26.20 -48.06 53.13
C ILE EC 23 -26.29 -46.94 54.16
N ALA EC 24 -25.89 -45.74 53.76
CA ALA EC 24 -25.86 -44.58 54.64
C ALA EC 24 -25.71 -43.32 53.79
N HIS EC 25 -25.44 -42.21 54.45
CA HIS EC 25 -25.14 -40.94 53.80
C HIS EC 25 -23.62 -40.77 53.72
N VAL EC 26 -23.20 -39.78 52.93
CA VAL EC 26 -21.78 -39.49 52.80
C VAL EC 26 -21.21 -39.05 54.15
N ASP EC 27 -19.94 -39.39 54.37
CA ASP EC 27 -19.18 -39.02 55.56
C ASP EC 27 -19.74 -39.63 56.84
N HIS EC 28 -20.46 -40.74 56.73
CA HIS EC 28 -21.07 -41.40 57.88
C HIS EC 28 -20.21 -42.51 58.45
N GLY EC 29 -19.04 -42.78 57.88
CA GLY EC 29 -18.17 -43.82 58.38
C GLY EC 29 -18.48 -45.22 57.92
N LYS EC 30 -19.14 -45.37 56.76
CA LYS EC 30 -19.36 -46.69 56.19
C LYS EC 30 -18.04 -47.40 55.91
N SER EC 31 -17.07 -46.68 55.36
CA SER EC 31 -15.77 -47.25 55.09
C SER EC 31 -15.09 -47.69 56.39
N THR EC 32 -15.23 -46.91 57.46
CA THR EC 32 -14.63 -47.29 58.73
C THR EC 32 -15.32 -48.52 59.33
N LEU EC 33 -16.65 -48.62 59.17
CA LEU EC 33 -17.37 -49.79 59.64
C LEU EC 33 -16.93 -51.03 58.88
N THR EC 34 -16.81 -50.94 57.56
CA THR EC 34 -16.29 -52.06 56.79
C THR EC 34 -14.85 -52.39 57.18
N ASP EC 35 -14.06 -51.37 57.51
CA ASP EC 35 -12.69 -51.60 57.97
C ASP EC 35 -12.68 -52.42 59.26
N SER EC 36 -13.50 -52.03 60.23
CA SER EC 36 -13.55 -52.76 61.49
C SER EC 36 -14.08 -54.18 61.29
N LEU EC 37 -15.07 -54.35 60.42
CA LEU EC 37 -15.61 -55.69 60.18
C LEU EC 37 -14.62 -56.59 59.44
N VAL EC 38 -13.83 -56.04 58.52
CA VAL EC 38 -12.78 -56.83 57.88
C VAL EC 38 -11.64 -57.10 58.86
N CYS EC 39 -11.39 -56.18 59.79
CA CYS EC 39 -10.40 -56.43 60.83
C CYS EC 39 -10.84 -57.56 61.74
N LYS EC 40 -12.12 -57.63 62.07
CA LYS EC 40 -12.61 -58.67 62.99
C LYS EC 40 -12.80 -60.00 62.27
N ALA EC 41 -13.73 -60.03 61.31
CA ALA EC 41 -14.08 -61.26 60.60
C ALA EC 41 -13.45 -61.27 59.23
N GLY EC 42 -13.80 -62.27 58.42
CA GLY EC 42 -13.27 -62.38 57.08
C GLY EC 42 -12.92 -63.80 56.67
N ILE EC 43 -13.03 -64.08 55.38
CA ILE EC 43 -12.67 -65.41 54.87
C ILE EC 43 -11.15 -65.60 54.91
N ILE EC 44 -10.40 -64.58 54.49
CA ILE EC 44 -8.95 -64.58 54.56
C ILE EC 44 -8.53 -63.24 55.17
N ALA EC 45 -9.52 -62.38 55.40
CA ALA EC 45 -9.26 -61.04 55.90
C ALA EC 45 -8.75 -61.08 57.34
N SER EC 46 -7.75 -60.27 57.63
CA SER EC 46 -7.12 -60.19 58.93
C SER EC 46 -7.39 -58.82 59.56
N ALA EC 47 -6.75 -58.56 60.70
CA ALA EC 47 -6.95 -57.35 61.48
C ALA EC 47 -5.93 -56.27 61.16
N ARG EC 48 -5.54 -56.16 59.88
CA ARG EC 48 -4.58 -55.14 59.48
C ARG EC 48 -5.15 -53.74 59.73
N ALA EC 49 -4.31 -52.87 60.29
CA ALA EC 49 -4.70 -51.51 60.63
C ALA EC 49 -4.14 -50.49 59.65
N GLY EC 50 -4.11 -50.83 58.36
CA GLY EC 50 -3.62 -49.92 57.34
C GLY EC 50 -4.70 -48.99 56.81
N GLU EC 51 -5.54 -48.48 57.72
CA GLU EC 51 -6.67 -47.60 57.41
C GLU EC 51 -7.62 -48.35 56.46
N THR EC 52 -7.92 -47.83 55.28
CA THR EC 52 -8.97 -48.41 54.45
C THR EC 52 -8.53 -49.74 53.86
N ARG EC 53 -9.46 -50.70 53.82
CA ARG EC 53 -9.22 -52.04 53.29
C ARG EC 53 -9.51 -52.04 51.79
N PHE EC 54 -9.64 -53.24 51.20
CA PHE EC 54 -9.87 -53.43 49.77
C PHE EC 54 -11.22 -52.90 49.28
N THR EC 55 -12.05 -52.33 50.16
CA THR EC 55 -13.30 -51.73 49.70
C THR EC 55 -13.07 -50.55 48.76
N ASP EC 56 -11.88 -49.94 48.80
CA ASP EC 56 -11.48 -48.89 47.87
C ASP EC 56 -10.26 -49.38 47.11
N THR EC 57 -10.50 -50.14 46.03
CA THR EC 57 -9.41 -50.68 45.25
C THR EC 57 -8.77 -49.64 44.33
N ARG EC 58 -9.55 -48.69 43.82
CA ARG EC 58 -9.00 -47.65 42.97
C ARG EC 58 -8.18 -46.66 43.79
N LYS EC 59 -7.09 -46.18 43.19
CA LYS EC 59 -6.20 -45.26 43.88
C LYS EC 59 -6.78 -43.85 43.96
N ASP EC 60 -7.54 -43.42 42.94
CA ASP EC 60 -8.17 -42.11 43.01
C ASP EC 60 -9.26 -42.06 44.07
N GLU EC 61 -9.73 -43.21 44.55
CA GLU EC 61 -10.56 -43.25 45.75
C GLU EC 61 -9.71 -43.00 46.99
N GLN EC 62 -8.53 -43.62 47.06
CA GLN EC 62 -7.65 -43.44 48.21
C GLN EC 62 -7.11 -42.02 48.30
N GLU EC 63 -7.01 -41.33 47.16
CA GLU EC 63 -6.50 -39.96 47.17
C GLU EC 63 -7.44 -39.01 47.88
N ARG EC 64 -8.74 -39.08 47.58
CA ARG EC 64 -9.70 -38.09 48.03
C ARG EC 64 -10.59 -38.56 49.17
N CYS EC 65 -10.64 -39.87 49.45
CA CYS EC 65 -11.47 -40.46 50.50
C CYS EC 65 -12.96 -40.28 50.25
N ILE EC 66 -13.36 -40.27 48.98
CA ILE EC 66 -14.77 -40.36 48.59
C ILE EC 66 -15.00 -41.72 47.96
N THR EC 67 -16.03 -42.43 48.44
CA THR EC 67 -16.36 -43.76 47.91
C THR EC 67 -17.03 -43.59 46.56
N ILE EC 68 -16.54 -44.30 45.54
CA ILE EC 68 -17.02 -44.19 44.18
C ILE EC 68 -17.64 -45.50 43.69
N LYS EC 69 -16.91 -46.61 43.83
CA LYS EC 69 -17.31 -47.90 43.31
C LYS EC 69 -17.71 -48.83 44.46
N SER EC 70 -18.74 -49.63 44.25
CA SER EC 70 -19.15 -50.61 45.24
C SER EC 70 -18.17 -51.78 45.29
N THR EC 71 -18.12 -52.45 46.45
CA THR EC 71 -17.20 -53.57 46.63
C THR EC 71 -17.81 -54.62 47.53
N ALA EC 72 -17.76 -55.88 47.09
CA ALA EC 72 -18.31 -57.00 47.83
C ALA EC 72 -17.18 -57.82 48.45
N ILE EC 73 -17.25 -58.04 49.76
CA ILE EC 73 -16.27 -58.81 50.50
C ILE EC 73 -16.99 -59.89 51.31
N SER EC 74 -16.38 -61.06 51.36
CA SER EC 74 -16.94 -62.21 52.07
C SER EC 74 -16.30 -62.32 53.45
N LEU EC 75 -17.11 -62.66 54.44
CA LEU EC 75 -16.65 -62.79 55.82
C LEU EC 75 -17.11 -64.13 56.39
N PHE EC 76 -16.16 -64.98 56.76
CA PHE EC 76 -16.47 -66.27 57.36
C PHE EC 76 -16.09 -66.25 58.84
N TYR EC 77 -16.97 -66.79 59.67
CA TYR EC 77 -16.68 -66.93 61.10
C TYR EC 77 -17.65 -67.94 61.69
N GLU EC 78 -17.69 -67.97 63.02
CA GLU EC 78 -18.56 -68.87 63.77
C GLU EC 78 -19.25 -68.09 64.90
N LEU EC 79 -20.09 -68.80 65.65
CA LEU EC 79 -20.72 -68.22 66.82
C LEU EC 79 -21.06 -69.35 67.78
N SER EC 80 -21.30 -68.98 69.04
CA SER EC 80 -21.64 -69.96 70.06
C SER EC 80 -23.05 -70.51 69.84
N GLU EC 81 -23.33 -71.63 70.49
CA GLU EC 81 -24.62 -72.28 70.34
C GLU EC 81 -25.75 -71.41 70.90
N ASN EC 82 -25.52 -70.78 72.06
CA ASN EC 82 -26.55 -69.90 72.60
C ASN EC 82 -26.75 -68.67 71.72
N ASP EC 83 -25.72 -68.25 70.98
CA ASP EC 83 -25.88 -67.16 70.03
C ASP EC 83 -26.68 -67.62 68.81
N LEU EC 84 -26.45 -68.86 68.37
CA LEU EC 84 -27.26 -69.44 67.30
C LEU EC 84 -28.70 -69.65 67.71
N ASN EC 85 -28.95 -69.82 69.02
CA ASN EC 85 -30.31 -70.05 69.52
C ASN EC 85 -31.25 -68.91 69.15
N PHE EC 86 -30.73 -67.69 68.97
CA PHE EC 86 -31.57 -66.54 68.66
C PHE EC 86 -32.10 -66.54 67.25
N ILE EC 87 -31.49 -67.30 66.34
CA ILE EC 87 -31.90 -67.28 64.93
C ILE EC 87 -33.18 -68.10 64.79
N LYS EC 88 -34.26 -67.44 64.38
CA LYS EC 88 -35.55 -68.10 64.21
C LYS EC 88 -35.76 -68.66 62.82
N GLN EC 89 -34.95 -68.26 61.85
CA GLN EC 89 -35.12 -68.70 60.47
C GLN EC 89 -34.50 -70.09 60.32
N SER EC 90 -34.37 -70.54 59.07
CA SER EC 90 -33.67 -71.79 58.80
C SER EC 90 -32.19 -71.62 59.04
N LYS EC 91 -31.61 -72.55 59.80
CA LYS EC 91 -30.18 -72.52 60.12
C LYS EC 91 -29.63 -73.93 60.06
N ASP EC 92 -28.34 -74.03 59.73
CA ASP EC 92 -27.68 -75.33 59.61
C ASP EC 92 -26.19 -75.14 59.86
N GLY EC 93 -25.76 -75.44 61.07
CA GLY EC 93 -24.35 -75.34 61.43
C GLY EC 93 -24.00 -74.01 62.08
N ALA EC 94 -22.76 -73.96 62.60
CA ALA EC 94 -22.27 -72.78 63.29
C ALA EC 94 -21.49 -71.83 62.38
N GLY EC 95 -20.82 -72.34 61.36
CA GLY EC 95 -20.10 -71.47 60.46
C GLY EC 95 -21.03 -70.62 59.62
N PHE EC 96 -20.70 -69.33 59.52
CA PHE EC 96 -21.51 -68.36 58.81
C PHE EC 96 -20.64 -67.60 57.82
N LEU EC 97 -21.17 -67.37 56.63
CA LEU EC 97 -20.56 -66.52 55.64
C LEU EC 97 -21.47 -65.34 55.36
N ILE EC 98 -20.92 -64.14 55.38
CA ILE EC 98 -21.66 -62.91 55.15
C ILE EC 98 -21.07 -62.27 53.91
N ASN EC 99 -21.88 -62.10 52.88
CA ASN EC 99 -21.49 -61.37 51.68
C ASN EC 99 -21.85 -59.91 51.93
N LEU EC 100 -20.89 -59.17 52.48
CA LEU EC 100 -21.11 -57.75 52.73
C LEU EC 100 -20.80 -56.96 51.47
N ILE EC 101 -21.59 -55.94 51.21
CA ILE EC 101 -21.38 -55.05 50.08
C ILE EC 101 -21.31 -53.62 50.59
N ASP EC 102 -20.16 -52.98 50.41
CA ASP EC 102 -20.02 -51.56 50.67
C ASP EC 102 -20.43 -50.79 49.42
N SER EC 103 -21.36 -49.86 49.60
CA SER EC 103 -21.96 -49.10 48.52
C SER EC 103 -21.77 -47.61 48.79
N PRO EC 104 -21.56 -46.82 47.74
CA PRO EC 104 -21.33 -45.38 47.93
C PRO EC 104 -22.59 -44.65 48.36
N GLY EC 105 -22.39 -43.49 48.97
CA GLY EC 105 -23.46 -42.72 49.57
C GLY EC 105 -23.91 -41.48 48.85
N HIS EC 106 -23.40 -41.19 47.67
CA HIS EC 106 -23.84 -40.03 46.91
C HIS EC 106 -25.09 -40.37 46.11
N VAL EC 107 -25.91 -39.33 45.86
CA VAL EC 107 -27.09 -39.49 45.02
C VAL EC 107 -26.69 -39.85 43.59
N ASP EC 108 -25.50 -39.39 43.16
CA ASP EC 108 -25.00 -39.69 41.83
C ASP EC 108 -24.66 -41.16 41.63
N PHE EC 109 -24.61 -41.95 42.71
CA PHE EC 109 -24.40 -43.38 42.62
C PHE EC 109 -25.59 -44.16 43.16
N SER EC 110 -26.78 -43.54 43.08
CA SER EC 110 -28.01 -44.25 43.41
C SER EC 110 -28.24 -45.46 42.52
N SER EC 111 -27.72 -45.43 41.29
CA SER EC 111 -27.76 -46.61 40.43
C SER EC 111 -26.94 -47.76 41.02
N GLU EC 112 -25.75 -47.44 41.52
CA GLU EC 112 -24.93 -48.49 42.15
C GLU EC 112 -25.57 -48.99 43.42
N VAL EC 113 -26.21 -48.10 44.18
CA VAL EC 113 -26.95 -48.53 45.36
C VAL EC 113 -28.11 -49.44 44.98
N THR EC 114 -28.82 -49.11 43.90
CA THR EC 114 -29.91 -49.95 43.42
C THR EC 114 -29.39 -51.32 42.99
N ALA EC 115 -28.24 -51.35 42.32
CA ALA EC 115 -27.63 -52.62 41.92
C ALA EC 115 -27.26 -53.45 43.13
N ALA EC 116 -26.66 -52.83 44.15
CA ALA EC 116 -26.33 -53.54 45.37
C ALA EC 116 -27.56 -54.10 46.05
N LEU EC 117 -28.64 -53.32 46.10
CA LEU EC 117 -29.88 -53.79 46.69
C LEU EC 117 -30.45 -54.97 45.93
N ARG EC 118 -30.44 -54.89 44.59
CA ARG EC 118 -30.91 -56.00 43.77
C ARG EC 118 -30.09 -57.25 44.02
N VAL EC 119 -28.80 -57.09 44.26
CA VAL EC 119 -27.94 -58.23 44.56
C VAL EC 119 -28.26 -58.82 45.93
N THR EC 120 -28.47 -57.96 46.92
CA THR EC 120 -28.49 -58.38 48.32
C THR EC 120 -29.89 -58.76 48.79
N ASP EC 121 -29.95 -59.18 50.06
CA ASP EC 121 -31.20 -59.45 50.76
C ASP EC 121 -31.39 -58.60 52.01
N GLY EC 122 -30.31 -58.18 52.67
CA GLY EC 122 -30.41 -57.37 53.86
C GLY EC 122 -29.68 -56.05 53.70
N ALA EC 123 -30.13 -55.05 54.45
CA ALA EC 123 -29.51 -53.73 54.43
C ALA EC 123 -29.18 -53.32 55.85
N LEU EC 124 -27.93 -52.89 56.06
CA LEU EC 124 -27.52 -52.25 57.29
C LEU EC 124 -27.50 -50.75 57.03
N VAL EC 125 -28.49 -50.05 57.56
CA VAL EC 125 -28.55 -48.60 57.46
C VAL EC 125 -27.70 -48.01 58.58
N VAL EC 126 -26.80 -47.11 58.22
CA VAL EC 126 -25.94 -46.41 59.17
C VAL EC 126 -26.41 -44.97 59.24
N VAL EC 127 -26.63 -44.49 60.46
CA VAL EC 127 -27.03 -43.10 60.66
C VAL EC 127 -26.10 -42.49 61.69
N ASP EC 128 -25.41 -41.42 61.28
CA ASP EC 128 -24.59 -40.65 62.21
C ASP EC 128 -25.48 -40.01 63.27
N CYS EC 129 -25.18 -40.29 64.54
CA CYS EC 129 -26.03 -39.82 65.64
C CYS EC 129 -25.95 -38.32 65.85
N VAL EC 130 -25.01 -37.63 65.19
CA VAL EC 130 -24.95 -36.19 65.28
C VAL EC 130 -25.94 -35.54 64.33
N SER EC 131 -25.85 -35.87 63.04
CA SER EC 131 -26.74 -35.28 62.05
C SER EC 131 -28.14 -35.88 62.11
N GLY EC 132 -28.23 -37.19 62.25
CA GLY EC 132 -29.52 -37.86 62.19
C GLY EC 132 -29.82 -38.40 60.80
N VAL EC 133 -31.10 -38.52 60.51
CA VAL EC 133 -31.53 -39.01 59.20
C VAL EC 133 -31.35 -37.92 58.16
N CYS EC 134 -30.62 -38.25 57.09
CA CYS EC 134 -30.27 -37.32 56.05
C CYS EC 134 -30.98 -37.69 54.74
N VAL EC 135 -30.76 -36.86 53.72
CA VAL EC 135 -31.46 -37.02 52.45
C VAL EC 135 -31.11 -38.36 51.81
N GLN EC 136 -29.81 -38.70 51.77
CA GLN EC 136 -29.42 -39.92 51.09
C GLN EC 136 -29.73 -41.17 51.89
N THR EC 137 -29.67 -41.11 53.22
CA THR EC 137 -30.12 -42.24 54.01
C THR EC 137 -31.60 -42.51 53.76
N GLU EC 138 -32.40 -41.44 53.74
CA GLU EC 138 -33.82 -41.61 53.44
C GLU EC 138 -34.04 -42.13 52.02
N THR EC 139 -33.22 -41.68 51.06
CA THR EC 139 -33.39 -42.11 49.67
C THR EC 139 -33.04 -43.60 49.51
N VAL EC 140 -31.92 -44.02 50.07
CA VAL EC 140 -31.57 -45.44 50.00
C VAL EC 140 -32.54 -46.29 50.83
N LEU EC 141 -33.13 -45.72 51.88
CA LEU EC 141 -34.18 -46.43 52.59
C LEU EC 141 -35.41 -46.61 51.71
N ARG EC 142 -35.78 -45.57 50.96
CA ARG EC 142 -36.88 -45.69 50.01
C ARG EC 142 -36.59 -46.75 48.97
N GLN EC 143 -35.37 -46.76 48.44
CA GLN EC 143 -34.98 -47.76 47.46
C GLN EC 143 -35.01 -49.17 48.06
N ALA EC 144 -34.55 -49.31 49.30
CA ALA EC 144 -34.54 -50.62 49.95
C ALA EC 144 -35.95 -51.14 50.20
N ILE EC 145 -36.86 -50.28 50.67
CA ILE EC 145 -38.21 -50.76 50.93
C ILE EC 145 -38.99 -50.94 49.64
N ALA EC 146 -38.61 -50.24 48.57
CA ALA EC 146 -39.19 -50.54 47.27
C ALA EC 146 -38.64 -51.82 46.68
N GLU EC 147 -37.42 -52.21 47.05
CA GLU EC 147 -36.79 -53.41 46.53
C GLU EC 147 -36.87 -54.57 47.52
N ARG EC 148 -37.69 -54.42 48.58
CA ARG EC 148 -38.02 -55.50 49.51
C ARG EC 148 -36.77 -56.02 50.22
N ILE EC 149 -36.14 -55.13 50.98
CA ILE EC 149 -34.92 -55.45 51.72
C ILE EC 149 -35.16 -55.17 53.20
N LYS EC 150 -34.76 -56.13 54.04
CA LYS EC 150 -34.93 -55.97 55.47
C LYS EC 150 -33.87 -55.01 56.02
N PRO EC 151 -34.27 -53.90 56.65
CA PRO EC 151 -33.28 -52.95 57.18
C PRO EC 151 -32.97 -53.15 58.66
N VAL EC 152 -31.73 -52.86 59.04
CA VAL EC 152 -31.32 -52.85 60.44
C VAL EC 152 -30.51 -51.58 60.69
N LEU EC 153 -30.85 -50.84 61.73
CA LEU EC 153 -30.28 -49.52 61.96
C LEU EC 153 -29.07 -49.57 62.88
N MET EC 154 -28.10 -48.71 62.61
CA MET EC 154 -26.92 -48.59 63.46
C MET EC 154 -26.54 -47.12 63.58
N MET EC 155 -26.48 -46.62 64.81
CA MET EC 155 -26.04 -45.24 65.06
C MET EC 155 -24.52 -45.22 65.19
N ASN EC 156 -23.88 -44.36 64.41
CA ASN EC 156 -22.43 -44.26 64.36
C ASN EC 156 -21.93 -42.95 64.96
N LYS EC 157 -20.61 -42.90 65.18
CA LYS EC 157 -19.93 -41.72 65.72
C LYS EC 157 -20.50 -41.30 67.08
N MET EC 158 -20.68 -42.27 67.96
CA MET EC 158 -21.15 -41.96 69.32
C MET EC 158 -20.14 -41.16 70.11
N ASP EC 159 -18.84 -41.31 69.83
CA ASP EC 159 -17.83 -40.53 70.50
C ASP EC 159 -17.98 -39.04 70.17
N ARG EC 160 -18.33 -38.72 68.92
CA ARG EC 160 -18.55 -37.32 68.56
C ARG EC 160 -19.69 -36.71 69.36
N ALA EC 161 -20.78 -37.46 69.51
CA ALA EC 161 -21.93 -36.95 70.25
C ALA EC 161 -21.61 -36.82 71.74
N LEU EC 162 -20.89 -37.79 72.30
CA LEU EC 162 -20.68 -37.82 73.74
C LEU EC 162 -19.44 -37.06 74.19
N LEU EC 163 -18.60 -36.60 73.26
CA LEU EC 163 -17.43 -35.79 73.62
C LEU EC 163 -17.51 -34.40 73.01
N GLU EC 164 -17.69 -34.30 71.69
CA GLU EC 164 -17.73 -32.99 71.05
C GLU EC 164 -19.03 -32.26 71.38
N LEU EC 165 -20.15 -32.98 71.39
CA LEU EC 165 -21.44 -32.38 71.69
C LEU EC 165 -21.81 -32.44 73.17
N GLN EC 166 -21.10 -33.24 73.96
CA GLN EC 166 -21.30 -33.34 75.41
C GLN EC 166 -22.75 -33.67 75.77
N LEU EC 167 -23.32 -34.65 75.07
CA LEU EC 167 -24.74 -34.96 75.26
C LEU EC 167 -25.01 -35.57 76.62
N GLU EC 168 -26.17 -35.24 77.18
CA GLU EC 168 -26.66 -35.81 78.42
C GLU EC 168 -27.32 -37.16 78.13
N PRO EC 169 -27.47 -38.03 79.15
CA PRO EC 169 -28.09 -39.35 78.89
C PRO EC 169 -29.50 -39.25 78.31
N GLU EC 170 -30.31 -38.34 78.84
CA GLU EC 170 -31.70 -38.25 78.42
C GLU EC 170 -31.80 -37.78 76.98
N GLU EC 171 -31.05 -36.74 76.61
CA GLU EC 171 -31.09 -36.29 75.23
C GLU EC 171 -30.37 -37.24 74.28
N LEU EC 172 -29.43 -38.04 74.77
CA LEU EC 172 -28.88 -39.11 73.95
C LEU EC 172 -29.96 -40.15 73.62
N TYR EC 173 -30.71 -40.56 74.63
CA TYR EC 173 -31.85 -41.44 74.39
C TYR EC 173 -32.87 -40.79 73.46
N GLN EC 174 -33.08 -39.48 73.63
CA GLN EC 174 -34.02 -38.77 72.78
C GLN EC 174 -33.56 -38.74 71.33
N THR EC 175 -32.26 -38.53 71.10
CA THR EC 175 -31.73 -38.57 69.74
C THR EC 175 -31.90 -39.96 69.13
N PHE EC 176 -31.62 -41.00 69.93
CA PHE EC 176 -31.82 -42.36 69.44
C PHE EC 176 -33.28 -42.61 69.09
N GLN EC 177 -34.19 -42.12 69.93
CA GLN EC 177 -35.62 -42.27 69.65
C GLN EC 177 -36.02 -41.47 68.41
N ARG EC 178 -35.45 -40.28 68.21
CA ARG EC 178 -35.75 -39.51 67.01
C ARG EC 178 -35.34 -40.28 65.77
N ILE EC 179 -34.15 -40.87 65.78
CA ILE EC 179 -33.68 -41.61 64.62
C ILE EC 179 -34.53 -42.86 64.39
N VAL EC 180 -34.86 -43.58 65.47
CA VAL EC 180 -35.67 -44.80 65.32
C VAL EC 180 -37.06 -44.47 64.80
N GLU EC 181 -37.66 -43.40 65.33
CA GLU EC 181 -38.96 -42.96 64.86
C GLU EC 181 -38.90 -42.54 63.40
N ASN EC 182 -37.85 -41.83 63.01
CA ASN EC 182 -37.70 -41.42 61.63
C ASN EC 182 -37.61 -42.62 60.71
N VAL EC 183 -36.81 -43.62 61.09
CA VAL EC 183 -36.69 -44.83 60.28
C VAL EC 183 -38.05 -45.51 60.15
N ASN EC 184 -38.76 -45.67 61.27
CA ASN EC 184 -40.04 -46.35 61.25
C ASN EC 184 -41.06 -45.63 60.39
N VAL EC 185 -41.16 -44.30 60.55
CA VAL EC 185 -42.16 -43.55 59.79
C VAL EC 185 -41.80 -43.53 58.31
N ILE EC 186 -40.52 -43.44 57.98
CA ILE EC 186 -40.12 -43.40 56.57
C ILE EC 186 -40.47 -44.72 55.89
N ILE EC 187 -40.12 -45.84 56.53
CA ILE EC 187 -40.42 -47.12 55.89
C ILE EC 187 -41.91 -47.36 55.84
N SER EC 188 -42.65 -46.96 56.90
CA SER EC 188 -44.09 -47.17 56.91
C SER EC 188 -44.78 -46.37 55.82
N THR EC 189 -44.40 -45.10 55.65
CA THR EC 189 -45.04 -44.27 54.63
C THR EC 189 -44.66 -44.72 53.23
N TYR EC 190 -43.37 -44.93 52.98
CA TYR EC 190 -42.90 -45.12 51.61
C TYR EC 190 -42.83 -46.58 51.19
N GLY EC 191 -43.21 -47.52 52.05
CA GLY EC 191 -43.22 -48.91 51.66
C GLY EC 191 -44.49 -49.63 52.01
N GLU EC 192 -44.49 -50.95 51.87
CA GLU EC 192 -45.63 -51.77 52.22
C GLU EC 192 -45.79 -51.82 53.74
N GLY EC 193 -46.96 -52.25 54.19
CA GLY EC 193 -47.29 -52.32 55.59
C GLY EC 193 -46.97 -53.66 56.21
N GLU EC 194 -47.41 -53.81 57.47
CA GLU EC 194 -47.25 -55.09 58.16
C GLU EC 194 -48.14 -56.16 57.55
N SER EC 195 -49.26 -55.77 56.95
CA SER EC 195 -50.11 -56.72 56.24
C SER EC 195 -49.45 -57.29 55.00
N GLY EC 196 -48.35 -56.70 54.53
CA GLY EC 196 -47.61 -57.22 53.41
C GLY EC 196 -46.87 -58.50 53.78
N PRO EC 197 -46.33 -59.18 52.76
CA PRO EC 197 -45.64 -60.45 53.02
C PRO EC 197 -44.46 -60.35 53.97
N MET EC 198 -43.71 -59.25 53.93
CA MET EC 198 -42.57 -59.10 54.82
C MET EC 198 -42.99 -58.94 56.28
N GLY EC 199 -44.24 -58.53 56.52
CA GLY EC 199 -44.74 -58.46 57.88
C GLY EC 199 -44.24 -57.22 58.60
N ASN EC 200 -44.08 -57.37 59.92
CA ASN EC 200 -43.62 -56.27 60.76
C ASN EC 200 -42.17 -55.95 60.43
N ILE EC 201 -41.95 -54.83 59.75
CA ILE EC 201 -40.60 -54.43 59.35
C ILE EC 201 -40.07 -53.25 60.16
N MET EC 202 -40.94 -52.53 60.87
CA MET EC 202 -40.49 -51.38 61.65
C MET EC 202 -39.58 -51.84 62.78
N ILE EC 203 -38.42 -51.19 62.89
CA ILE EC 203 -37.36 -51.63 63.80
C ILE EC 203 -37.75 -51.37 65.24
N ASP EC 204 -37.07 -52.05 66.16
CA ASP EC 204 -37.28 -51.98 67.60
C ASP EC 204 -35.95 -52.26 68.28
N PRO EC 205 -35.47 -51.35 69.14
CA PRO EC 205 -34.33 -51.70 70.00
C PRO EC 205 -34.65 -52.84 70.95
N VAL EC 206 -35.92 -52.98 71.35
CA VAL EC 206 -36.32 -54.10 72.20
C VAL EC 206 -36.19 -55.42 71.45
N LEU EC 207 -36.38 -55.41 70.13
CA LEU EC 207 -36.23 -56.64 69.36
C LEU EC 207 -34.77 -56.91 69.01
N GLY EC 208 -34.02 -55.87 68.68
CA GLY EC 208 -32.61 -56.03 68.39
C GLY EC 208 -32.20 -55.63 66.99
N THR EC 209 -33.01 -54.80 66.33
CA THR EC 209 -32.69 -54.29 65.01
C THR EC 209 -32.04 -52.92 65.06
N VAL EC 210 -31.61 -52.48 66.24
CA VAL EC 210 -31.02 -51.17 66.45
C VAL EC 210 -29.69 -51.37 67.17
N GLY EC 211 -28.63 -50.76 66.64
CA GLY EC 211 -27.31 -50.88 67.23
C GLY EC 211 -26.67 -49.55 67.54
N PHE EC 212 -25.74 -49.54 68.49
CA PHE EC 212 -25.10 -48.31 68.95
C PHE EC 212 -23.59 -48.49 68.90
N GLY EC 213 -22.88 -47.42 69.21
CA GLY EC 213 -21.44 -47.41 69.24
C GLY EC 213 -20.87 -46.54 68.15
N SER EC 214 -19.58 -46.74 67.88
CA SER EC 214 -18.89 -46.02 66.83
C SER EC 214 -17.87 -46.92 66.18
N GLY EC 215 -17.92 -47.02 64.86
CA GLY EC 215 -16.94 -47.79 64.12
C GLY EC 215 -15.58 -47.13 63.99
N LEU EC 216 -15.49 -45.85 64.36
CA LEU EC 216 -14.18 -45.17 64.35
C LEU EC 216 -13.25 -45.78 65.39
N HIS EC 217 -13.74 -46.00 66.60
CA HIS EC 217 -12.96 -46.62 67.66
C HIS EC 217 -13.20 -48.11 67.76
N GLY EC 218 -13.96 -48.69 66.84
CA GLY EC 218 -14.14 -50.13 66.78
C GLY EC 218 -14.84 -50.74 67.97
N TRP EC 219 -15.88 -50.08 68.48
CA TRP EC 219 -16.68 -50.64 69.55
C TRP EC 219 -18.16 -50.44 69.23
N ALA EC 220 -18.94 -51.50 69.38
CA ALA EC 220 -20.36 -51.45 69.09
C ALA EC 220 -21.09 -52.41 70.01
N PHE EC 221 -22.36 -52.11 70.28
CA PHE EC 221 -23.16 -52.92 71.18
C PHE EC 221 -24.63 -52.76 70.85
N THR EC 222 -25.41 -53.74 71.26
CA THR EC 222 -26.87 -53.72 71.17
C THR EC 222 -27.45 -53.93 72.55
N LEU EC 223 -28.79 -53.86 72.63
CA LEU EC 223 -29.46 -54.19 73.88
C LEU EC 223 -29.23 -55.64 74.27
N LYS EC 224 -29.01 -56.50 73.27
CA LYS EC 224 -28.85 -57.94 73.51
C LYS EC 224 -27.68 -58.23 74.43
N GLN EC 225 -26.54 -57.58 74.18
CA GLN EC 225 -25.32 -57.90 74.93
C GLN EC 225 -25.43 -57.47 76.38
N PHE EC 226 -25.93 -56.27 76.64
CA PHE EC 226 -26.10 -55.81 78.01
C PHE EC 226 -27.19 -56.58 78.73
N ALA EC 227 -28.26 -56.96 78.03
CA ALA EC 227 -29.27 -57.81 78.64
C ALA EC 227 -28.69 -59.17 79.00
N GLU EC 228 -27.85 -59.73 78.12
CA GLU EC 228 -27.21 -61.01 78.41
C GLU EC 228 -26.30 -60.91 79.61
N MET EC 229 -25.48 -59.87 79.69
CA MET EC 229 -24.58 -59.71 80.82
C MET EC 229 -25.32 -59.41 82.12
N TYR EC 230 -26.47 -58.73 82.06
CA TYR EC 230 -27.27 -58.50 83.26
C TYR EC 230 -28.02 -59.75 83.71
N VAL EC 231 -28.48 -60.58 82.78
CA VAL EC 231 -29.03 -61.88 83.15
C VAL EC 231 -27.95 -62.75 83.77
N ALA EC 232 -26.73 -62.69 83.21
CA ALA EC 232 -25.63 -63.44 83.77
C ALA EC 232 -25.29 -62.97 85.19
N LYS EC 233 -25.35 -61.65 85.42
CA LYS EC 233 -25.20 -61.13 86.77
C LYS EC 233 -26.32 -61.63 87.68
N PHE EC 234 -27.56 -61.63 87.19
CA PHE EC 234 -28.71 -62.09 87.94
C PHE EC 234 -28.95 -63.58 87.71
N ALA EC 245 -31.81 -71.48 74.67
CA ALA EC 245 -32.81 -72.14 75.51
C ALA EC 245 -33.30 -71.21 76.61
N GLU EC 246 -32.95 -71.54 77.86
CA GLU EC 246 -33.36 -70.72 78.99
C GLU EC 246 -32.75 -69.32 78.92
N ARG EC 247 -31.47 -69.24 78.58
CA ARG EC 247 -30.79 -67.94 78.49
C ARG EC 247 -31.39 -67.08 77.38
N ALA EC 248 -31.66 -67.69 76.22
CA ALA EC 248 -32.27 -66.96 75.12
C ALA EC 248 -33.67 -66.48 75.47
N LYS EC 249 -34.46 -67.35 76.12
CA LYS EC 249 -35.81 -66.96 76.52
C LYS EC 249 -35.77 -65.84 77.55
N LYS EC 250 -34.79 -65.87 78.46
CA LYS EC 250 -34.65 -64.81 79.44
C LYS EC 250 -34.33 -63.49 78.76
N VAL EC 251 -33.31 -63.47 77.90
CA VAL EC 251 -32.90 -62.19 77.31
C VAL EC 251 -33.95 -61.66 76.33
N GLU EC 252 -34.74 -62.54 75.71
CA GLU EC 252 -35.73 -62.11 74.74
C GLU EC 252 -36.74 -61.14 75.37
N ASP EC 253 -37.31 -61.52 76.51
CA ASP EC 253 -38.21 -60.61 77.21
C ASP EC 253 -37.49 -59.73 78.22
N MET EC 254 -36.18 -59.91 78.41
CA MET EC 254 -35.42 -58.93 79.18
C MET EC 254 -35.18 -57.66 78.39
N MET EC 255 -34.95 -57.79 77.08
CA MET EC 255 -34.73 -56.61 76.25
C MET EC 255 -35.95 -55.69 76.22
N LYS EC 256 -37.15 -56.27 76.31
CA LYS EC 256 -38.39 -55.51 76.35
C LYS EC 256 -38.43 -54.55 77.53
N LYS EC 257 -37.76 -54.89 78.64
CA LYS EC 257 -37.57 -53.95 79.74
C LYS EC 257 -36.31 -53.13 79.59
N LEU EC 258 -35.29 -53.67 78.92
CA LEU EC 258 -34.05 -52.93 78.68
C LEU EC 258 -34.31 -51.62 77.94
N TRP EC 259 -35.16 -51.66 76.91
CA TRP EC 259 -35.50 -50.46 76.18
C TRP EC 259 -37.00 -50.18 76.32
N GLY EC 260 -37.36 -48.89 76.23
CA GLY EC 260 -38.73 -48.43 76.26
C GLY EC 260 -38.85 -47.23 77.17
N ASP EC 261 -40.10 -46.78 77.36
CA ASP EC 261 -40.37 -45.69 78.30
C ASP EC 261 -40.60 -46.22 79.72
N ARG EC 262 -39.67 -47.05 80.18
CA ARG EC 262 -39.70 -47.65 81.49
C ARG EC 262 -38.62 -47.04 82.37
N TYR EC 263 -38.84 -47.06 83.68
CA TYR EC 263 -37.99 -46.36 84.62
C TYR EC 263 -37.48 -47.31 85.69
N PHE EC 264 -36.18 -47.34 85.90
CA PHE EC 264 -35.55 -48.15 86.94
C PHE EC 264 -35.01 -47.24 88.03
N ASP EC 265 -35.35 -47.55 89.27
CA ASP EC 265 -34.86 -46.78 90.41
C ASP EC 265 -33.63 -47.46 90.98
N PRO EC 266 -32.45 -46.83 90.93
CA PRO EC 266 -31.27 -47.44 91.55
C PRO EC 266 -31.40 -47.67 93.04
N ALA EC 267 -32.17 -46.82 93.74
CA ALA EC 267 -32.39 -47.02 95.16
C ALA EC 267 -33.29 -48.23 95.42
N ASN EC 268 -34.39 -48.34 94.66
CA ASN EC 268 -35.31 -49.46 94.84
C ASN EC 268 -34.65 -50.77 94.45
N GLY EC 269 -33.89 -50.78 93.36
CA GLY EC 269 -33.30 -52.00 92.85
C GLY EC 269 -34.20 -52.83 91.95
N LYS EC 270 -35.41 -52.36 91.67
CA LYS EC 270 -36.36 -53.08 90.82
C LYS EC 270 -36.96 -52.10 89.81
N PHE EC 271 -37.55 -52.66 88.76
CA PHE EC 271 -38.11 -51.86 87.69
C PHE EC 271 -39.45 -51.26 88.10
N SER EC 272 -39.88 -50.25 87.35
CA SER EC 272 -41.15 -49.58 87.59
C SER EC 272 -41.65 -49.00 86.28
N LYS EC 273 -42.98 -48.97 86.12
CA LYS EC 273 -43.61 -48.40 84.94
C LYS EC 273 -44.20 -47.02 85.19
N SER EC 274 -43.90 -46.40 86.34
CA SER EC 274 -44.49 -45.13 86.73
C SER EC 274 -43.41 -44.05 86.77
N ALA EC 275 -43.70 -42.90 86.17
CA ALA EC 275 -42.76 -41.80 86.15
C ALA EC 275 -42.53 -41.17 87.51
N THR EC 276 -43.47 -41.33 88.44
CA THR EC 276 -43.37 -40.77 89.77
C THR EC 276 -43.18 -41.89 90.79
N SER EC 277 -42.15 -41.77 91.60
CA SER EC 277 -41.86 -42.78 92.63
C SER EC 277 -42.80 -42.59 93.81
N PRO EC 278 -42.96 -43.61 94.66
CA PRO EC 278 -43.79 -43.44 95.86
C PRO EC 278 -43.31 -42.32 96.76
N GLU EC 279 -42.00 -42.12 96.88
CA GLU EC 279 -41.49 -41.02 97.70
C GLU EC 279 -41.68 -39.68 96.99
N GLY EC 280 -41.38 -39.62 95.70
CA GLY EC 280 -41.55 -38.38 94.95
C GLY EC 280 -40.38 -38.07 94.04
N LYS EC 281 -39.26 -38.76 94.23
CA LYS EC 281 -38.09 -38.53 93.39
C LYS EC 281 -38.35 -38.98 91.96
N LYS EC 282 -37.91 -38.16 91.01
CA LYS EC 282 -38.02 -38.53 89.60
C LYS EC 282 -37.07 -39.67 89.27
N LEU EC 283 -37.58 -40.68 88.60
CA LEU EC 283 -36.81 -41.89 88.33
C LEU EC 283 -36.12 -41.76 86.98
N PRO EC 284 -34.85 -42.16 86.87
CA PRO EC 284 -34.25 -42.27 85.54
C PRO EC 284 -34.84 -43.43 84.77
N ARG EC 285 -34.81 -43.32 83.45
CA ARG EC 285 -35.31 -44.43 82.65
C ARG EC 285 -34.34 -45.60 82.70
N THR EC 286 -34.88 -46.80 82.45
CA THR EC 286 -34.10 -48.02 82.52
C THR EC 286 -32.94 -47.99 81.53
N PHE EC 287 -33.20 -47.57 80.29
CA PHE EC 287 -32.19 -47.56 79.24
C PHE EC 287 -30.97 -46.74 79.67
N CYS EC 288 -31.21 -45.47 80.04
CA CYS EC 288 -30.10 -44.63 80.50
C CYS EC 288 -29.47 -45.19 81.76
N GLN EC 289 -30.28 -45.46 82.79
CA GLN EC 289 -29.77 -45.75 84.12
C GLN EC 289 -28.90 -47.01 84.15
N LEU EC 290 -29.26 -48.04 83.38
CA LEU EC 290 -28.47 -49.26 83.41
C LEU EC 290 -27.87 -49.62 82.06
N ILE EC 291 -27.71 -48.66 81.15
CA ILE EC 291 -26.77 -48.88 80.06
C ILE EC 291 -25.81 -47.70 79.99
N LEU EC 292 -26.36 -46.51 79.82
CA LEU EC 292 -25.53 -45.33 79.56
C LEU EC 292 -24.80 -44.86 80.80
N ASP EC 293 -25.22 -45.29 81.98
CA ASP EC 293 -24.64 -44.75 83.20
C ASP EC 293 -23.29 -45.37 83.53
N PRO EC 294 -23.10 -46.70 83.48
CA PRO EC 294 -21.73 -47.22 83.61
C PRO EC 294 -20.81 -46.73 82.51
N ILE EC 295 -21.35 -46.60 81.30
CA ILE EC 295 -20.56 -46.09 80.18
C ILE EC 295 -20.17 -44.64 80.42
N PHE EC 296 -21.08 -43.85 80.98
CA PHE EC 296 -20.72 -42.47 81.29
C PHE EC 296 -19.76 -42.39 82.47
N LYS EC 297 -19.85 -43.33 83.41
CA LYS EC 297 -18.85 -43.40 84.47
C LYS EC 297 -17.46 -43.67 83.90
N VAL EC 298 -17.35 -44.64 83.00
CA VAL EC 298 -16.03 -44.92 82.45
C VAL EC 298 -15.57 -43.79 81.54
N PHE EC 299 -16.50 -43.13 80.84
CA PHE EC 299 -16.15 -41.96 80.04
C PHE EC 299 -15.57 -40.84 80.90
N ASP EC 300 -16.29 -40.45 81.95
CA ASP EC 300 -15.82 -39.39 82.83
C ASP EC 300 -14.51 -39.77 83.49
N ALA EC 301 -14.39 -41.01 83.96
CA ALA EC 301 -13.17 -41.46 84.59
C ALA EC 301 -11.98 -41.38 83.64
N ILE EC 302 -12.15 -41.87 82.41
CA ILE EC 302 -11.02 -41.95 81.51
C ILE EC 302 -10.72 -40.62 80.83
N MET EC 303 -11.67 -39.68 80.86
CA MET EC 303 -11.40 -38.35 80.32
C MET EC 303 -10.78 -37.45 81.37
N ASN EC 304 -11.20 -37.59 82.62
CA ASN EC 304 -10.65 -36.81 83.72
C ASN EC 304 -9.44 -37.48 84.36
N PHE EC 305 -9.03 -38.64 83.84
CA PHE EC 305 -7.81 -39.33 84.28
C PHE EC 305 -7.92 -39.77 85.74
N LYS EC 306 -9.09 -40.32 86.09
CA LYS EC 306 -9.31 -40.93 87.40
C LYS EC 306 -8.86 -42.39 87.32
N LYS EC 307 -7.62 -42.65 87.70
CA LYS EC 307 -7.05 -43.99 87.59
C LYS EC 307 -7.79 -44.98 88.48
N GLU EC 308 -8.12 -44.57 89.71
CA GLU EC 308 -8.85 -45.46 90.61
C GLU EC 308 -10.22 -45.80 90.06
N GLU EC 309 -10.92 -44.81 89.50
CA GLU EC 309 -12.22 -45.07 88.91
C GLU EC 309 -12.12 -46.00 87.71
N THR EC 310 -11.14 -45.76 86.83
CA THR EC 310 -11.00 -46.62 85.65
C THR EC 310 -10.67 -48.05 86.06
N ALA EC 311 -9.74 -48.23 87.00
CA ALA EC 311 -9.37 -49.57 87.43
C ALA EC 311 -10.52 -50.28 88.12
N LYS EC 312 -11.24 -49.57 89.00
CA LYS EC 312 -12.37 -50.19 89.69
C LYS EC 312 -13.51 -50.51 88.73
N LEU EC 313 -13.74 -49.67 87.72
CA LEU EC 313 -14.74 -49.99 86.72
C LEU EC 313 -14.32 -51.18 85.88
N ILE EC 314 -13.03 -51.30 85.57
CA ILE EC 314 -12.52 -52.47 84.86
C ILE EC 314 -12.78 -53.73 85.67
N GLU EC 315 -12.53 -53.67 86.98
CA GLU EC 315 -12.75 -54.84 87.82
C GLU EC 315 -14.24 -55.14 87.98
N LYS EC 316 -15.07 -54.11 88.05
CA LYS EC 316 -16.51 -54.32 88.20
C LYS EC 316 -17.15 -54.82 86.91
N LEU EC 317 -16.54 -54.55 85.76
CA LEU EC 317 -17.07 -55.01 84.48
C LEU EC 317 -16.20 -56.08 83.83
N ASP EC 318 -15.27 -56.69 84.59
CA ASP EC 318 -14.33 -57.72 84.16
C ASP EC 318 -13.74 -57.46 82.77
N ILE EC 319 -13.37 -56.20 82.50
CA ILE EC 319 -12.82 -55.84 81.20
C ILE EC 319 -11.43 -56.43 81.06
N LYS EC 320 -11.24 -57.28 80.06
CA LYS EC 320 -9.97 -57.93 79.83
C LYS EC 320 -9.07 -57.03 78.98
N LEU EC 321 -7.83 -56.86 79.42
CA LEU EC 321 -6.86 -56.03 78.72
C LEU EC 321 -5.52 -56.75 78.67
N ASP EC 322 -4.72 -56.42 77.66
CA ASP EC 322 -3.42 -57.03 77.47
C ASP EC 322 -2.32 -55.98 77.63
N SER EC 323 -1.09 -56.41 77.39
CA SER EC 323 0.04 -55.49 77.44
C SER EC 323 -0.02 -54.54 76.24
N GLU EC 324 0.63 -53.38 76.41
CA GLU EC 324 0.68 -52.27 75.46
C GLU EC 324 -0.69 -51.57 75.40
N ASP EC 325 -1.68 -52.14 76.07
CA ASP EC 325 -2.98 -51.50 76.25
C ASP EC 325 -3.26 -51.11 77.69
N LYS EC 326 -2.57 -51.72 78.65
CA LYS EC 326 -2.70 -51.39 80.06
C LYS EC 326 -1.82 -50.22 80.48
N ASP EC 327 -1.08 -49.64 79.54
CA ASP EC 327 -0.15 -48.56 79.85
C ASP EC 327 -0.73 -47.17 79.59
N LYS EC 328 -1.60 -47.04 78.61
CA LYS EC 328 -2.07 -45.73 78.16
C LYS EC 328 -3.17 -45.21 79.08
N GLU EC 329 -3.50 -43.92 78.93
CA GLU EC 329 -4.56 -43.29 79.69
C GLU EC 329 -5.05 -42.06 78.93
N GLY EC 330 -6.37 -41.93 78.80
CA GLY EC 330 -6.98 -40.83 78.07
C GLY EC 330 -7.87 -41.36 76.96
N LYS EC 331 -7.95 -40.59 75.87
CA LYS EC 331 -8.70 -41.06 74.71
C LYS EC 331 -8.16 -42.35 74.06
N PRO EC 332 -6.84 -42.59 73.92
CA PRO EC 332 -6.44 -43.89 73.39
C PRO EC 332 -6.83 -45.04 74.30
N LEU EC 333 -6.72 -44.85 75.62
CA LEU EC 333 -7.18 -45.88 76.54
C LEU EC 333 -8.69 -46.05 76.47
N LEU EC 334 -9.41 -44.96 76.18
CA LEU EC 334 -10.85 -45.08 75.97
C LEU EC 334 -11.16 -45.96 74.76
N LYS EC 335 -10.44 -45.74 73.66
CA LYS EC 335 -10.61 -46.57 72.48
C LYS EC 335 -10.27 -48.03 72.78
N ALA EC 336 -9.16 -48.25 73.49
CA ALA EC 336 -8.73 -49.62 73.79
C ALA EC 336 -9.71 -50.34 74.70
N VAL EC 337 -10.17 -49.65 75.75
CA VAL EC 337 -11.11 -50.25 76.69
C VAL EC 337 -12.45 -50.52 76.00
N MET EC 338 -12.89 -49.59 75.15
CA MET EC 338 -14.14 -49.81 74.43
C MET EC 338 -14.01 -51.00 73.48
N ARG EC 339 -12.88 -51.12 72.80
CA ARG EC 339 -12.66 -52.27 71.92
C ARG EC 339 -12.66 -53.59 72.69
N ARG EC 340 -11.96 -53.63 73.83
CA ARG EC 340 -11.81 -54.89 74.54
C ARG EC 340 -13.09 -55.28 75.30
N TRP EC 341 -13.74 -54.32 75.95
CA TRP EC 341 -14.96 -54.64 76.69
C TRP EC 341 -16.11 -54.88 75.73
N LEU EC 342 -16.28 -54.04 74.73
CA LEU EC 342 -17.42 -54.11 73.81
C LEU EC 342 -16.88 -54.16 72.38
N PRO EC 343 -16.45 -55.33 71.91
CA PRO EC 343 -16.00 -55.44 70.52
C PRO EC 343 -17.12 -55.12 69.54
N ALA EC 344 -16.77 -54.40 68.47
CA ALA EC 344 -17.76 -54.05 67.46
C ALA EC 344 -18.09 -55.24 66.57
N GLY EC 345 -17.14 -56.15 66.37
CA GLY EC 345 -17.41 -57.31 65.52
C GLY EC 345 -18.44 -58.24 66.12
N ASP EC 346 -18.31 -58.52 67.41
CA ASP EC 346 -19.27 -59.40 68.08
C ASP EC 346 -20.67 -58.80 68.11
N ALA EC 347 -20.79 -57.49 67.94
CA ALA EC 347 -22.09 -56.85 67.82
C ALA EC 347 -22.62 -56.94 66.40
N LEU EC 348 -21.85 -56.43 65.44
CA LEU EC 348 -22.32 -56.34 64.07
C LEU EC 348 -22.59 -57.73 63.49
N LEU EC 349 -21.62 -58.64 63.63
CA LEU EC 349 -21.73 -59.98 63.07
C LEU EC 349 -22.95 -60.70 63.63
N GLN EC 350 -23.09 -60.69 64.96
CA GLN EC 350 -24.18 -61.42 65.59
C GLN EC 350 -25.54 -60.80 65.31
N MET EC 351 -25.64 -59.47 65.32
CA MET EC 351 -26.90 -58.83 64.97
C MET EC 351 -27.30 -59.15 63.54
N ILE EC 352 -26.34 -59.12 62.61
CA ILE EC 352 -26.62 -59.46 61.23
C ILE EC 352 -27.09 -60.90 61.10
N THR EC 353 -26.43 -61.83 61.79
CA THR EC 353 -26.78 -63.23 61.64
C THR EC 353 -28.13 -63.55 62.29
N ILE EC 354 -28.44 -62.89 63.40
CA ILE EC 354 -29.73 -63.14 64.04
C ILE EC 354 -30.86 -62.56 63.20
N HIS EC 355 -30.70 -61.33 62.71
CA HIS EC 355 -31.83 -60.60 62.16
C HIS EC 355 -31.92 -60.63 60.64
N LEU EC 356 -30.81 -60.42 59.94
CA LEU EC 356 -30.86 -60.37 58.48
C LEU EC 356 -31.21 -61.74 57.92
N PRO EC 357 -31.99 -61.80 56.83
CA PRO EC 357 -32.53 -63.08 56.38
C PRO EC 357 -31.67 -63.81 55.37
N SER EC 358 -31.78 -65.13 55.41
CA SER EC 358 -31.10 -65.98 54.44
C SER EC 358 -31.78 -65.85 53.07
N PRO EC 359 -31.03 -66.13 51.99
CA PRO EC 359 -31.64 -66.08 50.65
C PRO EC 359 -32.83 -67.02 50.48
N VAL EC 360 -32.77 -68.21 51.07
CA VAL EC 360 -33.80 -69.22 50.85
C VAL EC 360 -35.14 -68.77 51.41
N THR EC 361 -35.13 -67.94 52.45
CA THR EC 361 -36.36 -67.39 52.97
C THR EC 361 -36.69 -66.01 52.43
N ALA EC 362 -35.68 -65.25 51.98
CA ALA EC 362 -35.96 -63.93 51.44
C ALA EC 362 -36.59 -64.02 50.05
N GLN EC 363 -36.09 -64.95 49.21
CA GLN EC 363 -36.58 -65.07 47.84
C GLN EC 363 -38.05 -65.47 47.78
N LYS EC 364 -38.55 -66.15 48.81
CA LYS EC 364 -39.94 -66.62 48.77
C LYS EC 364 -40.93 -65.48 48.71
N TYR EC 365 -40.54 -64.29 49.19
CA TYR EC 365 -41.36 -63.10 49.03
C TYR EC 365 -40.76 -62.07 48.10
N ARG EC 366 -39.45 -62.10 47.88
CA ARG EC 366 -38.84 -61.13 46.99
C ARG EC 366 -38.97 -61.49 45.51
N CYS EC 367 -39.22 -62.77 45.20
CA CYS EC 367 -39.18 -63.22 43.82
C CYS EC 367 -40.33 -62.68 42.97
N GLU EC 368 -41.34 -62.07 43.59
CA GLU EC 368 -42.34 -61.35 42.81
C GLU EC 368 -41.73 -60.18 42.05
N LEU EC 369 -40.80 -59.46 42.69
CA LEU EC 369 -40.17 -58.29 42.09
C LEU EC 369 -38.92 -58.63 41.29
N LEU EC 370 -38.48 -59.89 41.28
CA LEU EC 370 -37.28 -60.30 40.57
C LEU EC 370 -37.59 -60.95 39.23
N TYR EC 371 -38.50 -61.91 39.18
CA TYR EC 371 -38.79 -62.63 37.94
C TYR EC 371 -39.97 -61.96 37.25
N GLU EC 372 -39.77 -61.55 35.99
CA GLU EC 372 -40.85 -60.95 35.24
C GLU EC 372 -41.96 -61.94 34.96
N GLY EC 373 -41.62 -63.22 34.83
CA GLY EC 373 -42.58 -64.25 34.54
C GLY EC 373 -43.50 -64.52 35.70
N PRO EC 374 -44.61 -65.21 35.43
CA PRO EC 374 -45.58 -65.51 36.47
C PRO EC 374 -45.02 -66.52 37.46
N PRO EC 375 -45.56 -66.55 38.69
CA PRO EC 375 -45.09 -67.55 39.67
C PRO EC 375 -45.37 -68.98 39.25
N ASP EC 376 -46.27 -69.19 38.29
CA ASP EC 376 -46.60 -70.53 37.83
C ASP EC 376 -45.44 -71.19 37.08
N ASP EC 377 -44.44 -70.41 36.68
CA ASP EC 377 -43.34 -70.97 35.91
C ASP EC 377 -42.46 -71.86 36.78
N GLU EC 378 -41.94 -72.92 36.16
CA GLU EC 378 -41.00 -73.79 36.84
C GLU EC 378 -39.74 -73.04 37.24
N ALA EC 379 -39.37 -72.01 36.47
CA ALA EC 379 -38.26 -71.14 36.87
C ALA EC 379 -38.59 -70.36 38.13
N ALA EC 380 -39.84 -69.90 38.27
CA ALA EC 380 -40.24 -69.24 39.51
C ALA EC 380 -40.22 -70.21 40.69
N MET EC 381 -40.71 -71.43 40.49
CA MET EC 381 -40.67 -72.41 41.57
C MET EC 381 -39.23 -72.78 41.92
N GLY EC 382 -38.34 -72.78 40.93
CA GLY EC 382 -36.93 -73.01 41.22
C GLY EC 382 -36.29 -71.87 41.99
N ILE EC 383 -36.59 -70.62 41.61
CA ILE EC 383 -35.97 -69.49 42.28
C ILE EC 383 -36.60 -69.18 43.63
N LYS EC 384 -37.75 -69.77 43.93
CA LYS EC 384 -38.39 -69.53 45.23
C LYS EC 384 -37.52 -70.03 46.38
N SER EC 385 -36.94 -71.21 46.25
CA SER EC 385 -36.11 -71.77 47.32
C SER EC 385 -34.73 -72.19 46.82
N CYS EC 386 -34.67 -72.65 45.58
CA CYS EC 386 -33.44 -72.91 44.82
C CYS EC 386 -32.52 -73.91 45.54
N ASP EC 387 -33.02 -75.14 45.65
CA ASP EC 387 -32.13 -76.25 45.94
C ASP EC 387 -31.12 -76.39 44.80
N PRO EC 388 -29.89 -76.82 45.09
CA PRO EC 388 -28.86 -76.84 44.04
C PRO EC 388 -29.18 -77.77 42.88
N LYS EC 389 -30.11 -78.71 43.04
CA LYS EC 389 -30.50 -79.60 41.97
C LYS EC 389 -31.71 -79.08 41.19
N GLY EC 390 -32.04 -77.80 41.33
CA GLY EC 390 -33.10 -77.19 40.56
C GLY EC 390 -32.58 -76.52 39.30
N PRO EC 391 -33.47 -75.85 38.56
CA PRO EC 391 -33.04 -75.15 37.35
C PRO EC 391 -32.13 -73.99 37.66
N LEU EC 392 -31.28 -73.64 36.70
CA LEU EC 392 -30.24 -72.64 36.90
C LEU EC 392 -30.67 -71.31 36.31
N MET EC 393 -30.54 -70.24 37.10
CA MET EC 393 -30.80 -68.90 36.60
C MET EC 393 -30.14 -67.89 37.53
N MET EC 394 -29.48 -66.89 36.95
CA MET EC 394 -28.77 -65.87 37.70
C MET EC 394 -28.92 -64.53 37.01
N TYR EC 395 -28.77 -63.46 37.79
CA TYR EC 395 -28.94 -62.09 37.34
C TYR EC 395 -27.62 -61.36 37.46
N ILE EC 396 -27.13 -60.79 36.35
CA ILE EC 396 -25.94 -59.96 36.37
C ILE EC 396 -26.36 -58.53 36.66
N SER EC 397 -25.82 -57.96 37.74
CA SER EC 397 -26.07 -56.58 38.09
C SER EC 397 -24.92 -55.66 37.72
N LYS EC 398 -23.70 -56.18 37.57
CA LYS EC 398 -22.58 -55.30 37.28
C LYS EC 398 -21.61 -55.98 36.33
N MET EC 399 -20.84 -55.18 35.61
CA MET EC 399 -19.69 -55.64 34.83
C MET EC 399 -18.52 -54.74 35.20
N VAL EC 400 -17.75 -55.15 36.21
CA VAL EC 400 -16.68 -54.29 36.72
C VAL EC 400 -15.39 -54.62 35.95
N PRO EC 401 -14.71 -53.62 35.40
CA PRO EC 401 -13.49 -53.91 34.63
C PRO EC 401 -12.39 -54.46 35.52
N THR EC 402 -11.56 -55.31 34.93
CA THR EC 402 -10.45 -55.94 35.63
C THR EC 402 -9.15 -55.20 35.30
N SER EC 403 -8.03 -55.77 35.74
CA SER EC 403 -6.77 -55.03 35.80
C SER EC 403 -6.26 -54.63 34.41
N ASP EC 404 -6.68 -55.30 33.36
CA ASP EC 404 -6.30 -54.89 32.01
C ASP EC 404 -7.48 -54.21 31.31
N LYS EC 405 -7.16 -53.30 30.41
CA LYS EC 405 -8.19 -52.53 29.71
C LYS EC 405 -8.91 -53.40 28.68
N GLY EC 406 -10.21 -53.22 28.57
CA GLY EC 406 -11.03 -53.95 27.64
C GLY EC 406 -11.62 -55.24 28.17
N ARG EC 407 -11.25 -55.65 29.38
CA ARG EC 407 -11.79 -56.87 29.97
C ARG EC 407 -12.54 -56.52 31.24
N PHE EC 408 -13.77 -57.02 31.34
CA PHE EC 408 -14.64 -56.80 32.49
C PHE EC 408 -15.06 -58.14 33.07
N TYR EC 409 -15.05 -58.24 34.39
CA TYR EC 409 -15.60 -59.39 35.08
C TYR EC 409 -17.05 -59.10 35.39
N ALA EC 410 -17.94 -59.99 34.97
CA ALA EC 410 -19.38 -59.76 35.13
C ALA EC 410 -19.79 -60.26 36.51
N PHE EC 411 -20.03 -59.31 37.41
CA PHE EC 411 -20.44 -59.66 38.76
C PHE EC 411 -21.95 -59.76 38.83
N GLY EC 412 -22.43 -60.88 39.38
CA GLY EC 412 -23.83 -61.06 39.66
C GLY EC 412 -23.98 -62.03 40.80
N ARG EC 413 -25.21 -62.50 41.00
CA ARG EC 413 -25.49 -63.49 42.03
C ARG EC 413 -26.35 -64.58 41.43
N VAL EC 414 -26.07 -65.83 41.82
CA VAL EC 414 -26.89 -66.96 41.39
C VAL EC 414 -28.15 -67.01 42.25
N PHE EC 415 -29.30 -67.02 41.59
CA PHE EC 415 -30.58 -67.03 42.29
C PHE EC 415 -31.35 -68.33 42.12
N SER EC 416 -30.82 -69.28 41.36
CA SER EC 416 -31.41 -70.61 41.28
C SER EC 416 -30.38 -71.54 40.64
N GLY EC 417 -30.42 -72.81 41.06
CA GLY EC 417 -29.54 -73.82 40.47
C GLY EC 417 -28.09 -73.65 40.86
N LEU EC 418 -27.20 -74.08 39.96
CA LEU EC 418 -25.78 -74.06 40.22
C LEU EC 418 -25.02 -73.70 38.95
N VAL EC 419 -23.99 -72.87 39.10
CA VAL EC 419 -23.07 -72.54 38.02
C VAL EC 419 -21.74 -73.20 38.32
N SER EC 420 -21.24 -73.99 37.37
CA SER EC 420 -19.89 -74.50 37.39
C SER EC 420 -19.19 -74.11 36.10
N THR EC 421 -17.86 -74.16 36.13
CA THR EC 421 -17.07 -73.70 34.99
C THR EC 421 -17.33 -74.57 33.76
N GLY EC 422 -17.30 -73.92 32.59
CA GLY EC 422 -17.42 -74.61 31.32
C GLY EC 422 -18.75 -75.28 31.05
N LEU EC 423 -19.86 -74.62 31.39
CA LEU EC 423 -21.19 -75.14 31.13
C LEU EC 423 -21.95 -74.19 30.22
N LYS EC 424 -22.47 -74.72 29.11
CA LYS EC 424 -23.22 -73.91 28.16
C LYS EC 424 -24.53 -73.44 28.78
N VAL EC 425 -24.77 -72.13 28.71
CA VAL EC 425 -25.97 -71.51 29.24
C VAL EC 425 -26.54 -70.60 28.17
N ARG EC 426 -27.62 -69.88 28.52
CA ARG EC 426 -28.29 -68.96 27.62
C ARG EC 426 -28.27 -67.58 28.23
N ILE EC 427 -27.63 -66.64 27.54
CA ILE EC 427 -27.41 -65.28 28.04
C ILE EC 427 -28.38 -64.35 27.31
N MET EC 428 -29.07 -63.50 28.08
CA MET EC 428 -30.05 -62.59 27.51
C MET EC 428 -29.91 -61.19 28.12
N GLY EC 429 -30.23 -60.19 27.30
CA GLY EC 429 -30.20 -58.82 27.72
C GLY EC 429 -31.58 -58.27 28.04
N PRO EC 430 -31.66 -56.98 28.35
CA PRO EC 430 -32.95 -56.39 28.75
C PRO EC 430 -34.00 -56.40 27.67
N ASN EC 431 -33.61 -56.52 26.40
CA ASN EC 431 -34.54 -56.52 25.29
C ASN EC 431 -34.97 -57.92 24.88
N TYR EC 432 -34.59 -58.93 25.65
CA TYR EC 432 -34.96 -60.30 25.32
C TYR EC 432 -36.44 -60.53 25.52
N THR EC 433 -37.03 -61.34 24.64
CA THR EC 433 -38.42 -61.76 24.70
C THR EC 433 -38.49 -63.28 24.74
N PRO EC 434 -39.49 -63.84 25.43
CA PRO EC 434 -39.55 -65.31 25.57
C PRO EC 434 -39.63 -66.05 24.24
N GLY EC 435 -40.31 -65.50 23.24
CA GLY EC 435 -40.42 -66.17 21.95
C GLY EC 435 -39.20 -66.04 21.06
N LYS EC 436 -38.89 -64.82 20.63
CA LYS EC 436 -37.78 -64.58 19.72
C LYS EC 436 -36.45 -64.66 20.47
N LYS EC 437 -35.40 -65.05 19.75
CA LYS EC 437 -34.07 -65.23 20.30
C LYS EC 437 -33.24 -63.95 20.28
N GLU EC 438 -33.88 -62.78 20.29
CA GLU EC 438 -33.15 -61.53 20.31
C GLU EC 438 -32.40 -61.37 21.63
N ASP EC 439 -31.14 -60.91 21.53
CA ASP EC 439 -30.22 -60.76 22.65
C ASP EC 439 -29.92 -62.09 23.35
N LEU EC 440 -30.28 -63.21 22.73
CA LEU EC 440 -30.15 -64.52 23.33
C LEU EC 440 -28.98 -65.26 22.71
N TYR EC 441 -28.07 -65.74 23.55
CA TYR EC 441 -26.84 -66.39 23.09
C TYR EC 441 -26.65 -67.72 23.81
N LEU EC 442 -26.28 -68.75 23.05
CA LEU EC 442 -26.03 -70.08 23.59
C LEU EC 442 -24.54 -70.23 23.85
N LYS EC 443 -24.11 -69.77 25.02
CA LYS EC 443 -22.67 -69.71 25.27
C LYS EC 443 -22.33 -70.21 26.66
N PRO EC 444 -21.15 -70.83 26.82
CA PRO EC 444 -20.72 -71.26 28.15
C PRO EC 444 -19.91 -70.21 28.90
N ILE EC 445 -19.52 -70.51 30.13
CA ILE EC 445 -18.74 -69.60 30.95
C ILE EC 445 -17.30 -70.08 30.95
N GLN EC 446 -16.36 -69.15 30.75
CA GLN EC 446 -14.94 -69.49 30.87
C GLN EC 446 -14.61 -69.89 32.31
N ARG EC 447 -14.77 -68.95 33.25
CA ARG EC 447 -14.38 -69.21 34.62
C ARG EC 447 -15.22 -68.36 35.57
N THR EC 448 -15.31 -68.84 36.80
CA THR EC 448 -16.00 -68.19 37.90
C THR EC 448 -14.99 -67.79 38.97
N ILE EC 449 -15.12 -66.57 39.47
CA ILE EC 449 -14.12 -66.00 40.37
C ILE EC 449 -14.86 -65.32 41.53
N LEU EC 450 -14.26 -65.38 42.71
CA LEU EC 450 -14.74 -64.63 43.87
C LEU EC 450 -13.79 -63.49 44.15
N MET EC 451 -14.34 -62.29 44.32
CA MET EC 451 -13.58 -61.06 44.37
C MET EC 451 -13.51 -60.56 45.80
N MET EC 452 -12.29 -60.35 46.29
CA MET EC 452 -12.08 -59.71 47.60
C MET EC 452 -11.63 -58.27 47.46
N GLY EC 453 -11.55 -57.75 46.24
CA GLY EC 453 -11.05 -56.41 46.01
C GLY EC 453 -9.77 -56.39 45.21
N ARG EC 454 -8.66 -56.02 45.85
CA ARG EC 454 -7.37 -55.99 45.16
C ARG EC 454 -6.90 -57.38 44.77
N TYR EC 455 -7.18 -58.39 45.60
CA TYR EC 455 -6.87 -59.77 45.28
C TYR EC 455 -8.16 -60.54 45.04
N VAL EC 456 -8.11 -61.46 44.08
CA VAL EC 456 -9.26 -62.25 43.66
C VAL EC 456 -8.83 -63.71 43.58
N GLU EC 457 -9.82 -64.62 43.61
CA GLU EC 457 -9.51 -66.05 43.62
C GLU EC 457 -10.42 -66.81 42.66
N PRO EC 458 -9.85 -67.66 41.80
CA PRO EC 458 -10.69 -68.49 40.93
C PRO EC 458 -11.28 -69.66 41.69
N ILE EC 459 -12.52 -70.00 41.37
CA ILE EC 459 -13.20 -71.15 41.94
C ILE EC 459 -13.88 -71.90 40.80
N GLU EC 460 -14.28 -73.14 41.08
CA GLU EC 460 -14.83 -73.99 40.03
C GLU EC 460 -16.35 -73.93 39.94
N ASP EC 461 -17.05 -73.81 41.07
CA ASP EC 461 -18.50 -73.74 41.04
C ASP EC 461 -19.01 -72.90 42.20
N VAL EC 462 -20.18 -72.30 42.01
CA VAL EC 462 -20.82 -71.47 43.02
C VAL EC 462 -22.30 -71.84 43.10
N PRO EC 463 -22.83 -72.16 44.28
CA PRO EC 463 -24.23 -72.56 44.38
C PRO EC 463 -25.18 -71.39 44.55
N CYS EC 464 -26.47 -71.68 44.76
CA CYS EC 464 -27.48 -70.63 44.85
C CYS EC 464 -27.26 -69.75 46.07
N GLY EC 465 -27.71 -68.50 45.95
CA GLY EC 465 -27.62 -67.55 47.04
C GLY EC 465 -26.27 -66.93 47.23
N ASN EC 466 -25.38 -67.01 46.24
CA ASN EC 466 -24.03 -66.50 46.36
C ASN EC 466 -23.67 -65.67 45.14
N ILE EC 467 -22.81 -64.69 45.37
CA ILE EC 467 -22.31 -63.81 44.32
C ILE EC 467 -21.11 -64.46 43.63
N VAL EC 468 -20.91 -64.11 42.37
CA VAL EC 468 -19.80 -64.64 41.59
C VAL EC 468 -19.54 -63.70 40.42
N GLY EC 469 -18.28 -63.67 39.98
CA GLY EC 469 -17.93 -62.99 38.75
C GLY EC 469 -17.62 -63.98 37.66
N LEU EC 470 -18.33 -63.88 36.54
CA LEU EC 470 -18.07 -64.68 35.37
C LEU EC 470 -17.10 -63.96 34.44
N VAL EC 471 -16.26 -64.73 33.77
CA VAL EC 471 -15.34 -64.18 32.77
C VAL EC 471 -15.67 -64.77 31.41
N GLY EC 472 -15.57 -63.94 30.37
CA GLY EC 472 -15.91 -64.34 29.02
C GLY EC 472 -17.34 -64.05 28.61
N VAL EC 473 -18.26 -63.97 29.57
CA VAL EC 473 -19.64 -63.59 29.26
C VAL EC 473 -19.73 -62.11 28.94
N ASP EC 474 -18.74 -61.33 29.39
CA ASP EC 474 -18.81 -59.87 29.28
C ASP EC 474 -18.84 -59.40 27.83
N GLN EC 475 -18.16 -60.12 26.93
CA GLN EC 475 -18.10 -59.69 25.54
C GLN EC 475 -19.38 -59.97 24.77
N PHE EC 476 -20.26 -60.83 25.29
CA PHE EC 476 -21.48 -61.17 24.57
C PHE EC 476 -22.51 -60.05 24.64
N LEU EC 477 -22.66 -59.43 25.81
CA LEU EC 477 -23.73 -58.45 26.04
C LEU EC 477 -23.16 -57.22 26.74
N VAL EC 478 -24.06 -56.29 27.06
CA VAL EC 478 -23.70 -55.02 27.66
C VAL EC 478 -24.49 -54.82 28.95
N LYS EC 479 -23.78 -54.38 30.01
CA LYS EC 479 -24.37 -53.86 31.24
C LYS EC 479 -25.19 -54.88 32.01
N THR EC 480 -26.50 -54.93 31.75
CA THR EC 480 -27.43 -55.68 32.56
C THR EC 480 -28.05 -56.81 31.76
N GLY EC 481 -28.26 -57.95 32.42
CA GLY EC 481 -28.89 -59.09 31.78
C GLY EC 481 -28.98 -60.25 32.74
N THR EC 482 -29.44 -61.38 32.20
CA THR EC 482 -29.53 -62.60 32.98
C THR EC 482 -28.92 -63.77 32.21
N ILE EC 483 -28.65 -64.83 32.96
CA ILE EC 483 -28.08 -66.07 32.44
C ILE EC 483 -28.94 -67.22 32.96
N THR EC 484 -29.44 -68.05 32.05
CA THR EC 484 -30.36 -69.11 32.44
C THR EC 484 -29.95 -70.44 31.82
N THR EC 485 -30.59 -71.49 32.31
CA THR EC 485 -30.49 -72.83 31.75
C THR EC 485 -31.78 -73.31 31.11
N PHE EC 486 -32.93 -72.96 31.71
CA PHE EC 486 -34.21 -73.31 31.13
C PHE EC 486 -34.39 -72.65 29.77
N GLU EC 487 -34.87 -73.43 28.81
CA GLU EC 487 -35.00 -72.93 27.44
C GLU EC 487 -36.03 -71.82 27.36
N HIS EC 488 -37.13 -71.94 28.12
CA HIS EC 488 -38.22 -70.98 28.05
C HIS EC 488 -38.29 -70.06 29.26
N ALA EC 489 -37.16 -69.81 29.91
CA ALA EC 489 -37.15 -68.89 31.04
C ALA EC 489 -37.38 -67.46 30.57
N HIS EC 490 -38.09 -66.70 31.39
CA HIS EC 490 -38.40 -65.31 31.08
C HIS EC 490 -37.29 -64.38 31.59
N ASN EC 491 -37.36 -63.13 31.16
CA ASN EC 491 -36.42 -62.12 31.62
C ASN EC 491 -36.69 -61.78 33.09
N MET EC 492 -35.74 -61.08 33.69
CA MET EC 492 -35.92 -60.60 35.05
C MET EC 492 -36.21 -59.12 35.07
N ARG EC 493 -36.80 -58.66 36.17
CA ARG EC 493 -37.13 -57.26 36.33
C ARG EC 493 -35.86 -56.43 36.41
N VAL EC 494 -35.86 -55.30 35.69
CA VAL EC 494 -34.69 -54.43 35.62
C VAL EC 494 -34.59 -53.61 36.90
N MET EC 495 -33.44 -52.97 37.09
CA MET EC 495 -33.18 -52.21 38.31
C MET EC 495 -33.88 -50.86 38.24
N LYS EC 496 -34.66 -50.55 39.27
CA LYS EC 496 -35.45 -49.32 39.31
C LYS EC 496 -34.56 -48.22 39.86
N PHE EC 497 -33.90 -47.50 38.96
CA PHE EC 497 -32.96 -46.46 39.38
C PHE EC 497 -33.71 -45.25 39.92
N SER EC 498 -33.27 -44.75 41.07
CA SER EC 498 -33.83 -43.51 41.59
C SER EC 498 -33.48 -42.33 40.69
N VAL EC 499 -32.26 -42.29 40.18
CA VAL EC 499 -31.82 -41.23 39.30
C VAL EC 499 -31.84 -41.73 37.87
N SER EC 500 -31.74 -40.80 36.93
CA SER EC 500 -31.73 -41.07 35.51
C SER EC 500 -30.60 -40.28 34.88
N PRO EC 501 -30.14 -40.67 33.68
CA PRO EC 501 -29.07 -39.91 33.03
C PRO EC 501 -29.53 -38.57 32.48
N VAL EC 502 -29.55 -37.54 33.33
CA VAL EC 502 -30.05 -36.23 32.96
C VAL EC 502 -28.94 -35.30 32.48
N VAL EC 503 -27.87 -35.17 33.27
CA VAL EC 503 -26.83 -34.20 32.93
C VAL EC 503 -26.04 -34.72 31.75
N ARG EC 504 -26.04 -33.96 30.66
CA ARG EC 504 -25.42 -34.36 29.40
C ARG EC 504 -24.29 -33.40 29.07
N VAL EC 505 -23.15 -33.96 28.67
CA VAL EC 505 -21.99 -33.18 28.24
C VAL EC 505 -21.51 -33.73 26.90
N ALA EC 506 -21.19 -32.83 25.96
CA ALA EC 506 -20.64 -33.23 24.69
C ALA EC 506 -19.12 -33.12 24.74
N VAL EC 507 -18.44 -34.24 24.50
CA VAL EC 507 -16.99 -34.26 24.61
C VAL EC 507 -16.39 -34.48 23.22
N GLU EC 508 -15.09 -34.18 23.11
CA GLU EC 508 -14.36 -34.42 21.89
C GLU EC 508 -12.89 -34.58 22.22
N ALA EC 509 -12.14 -35.15 21.27
CA ALA EC 509 -10.72 -35.35 21.45
C ALA EC 509 -9.96 -34.07 21.16
N LYS EC 510 -8.91 -33.80 21.95
CA LYS EC 510 -8.05 -32.66 21.67
C LYS EC 510 -7.29 -32.85 20.37
N ASN EC 511 -6.64 -34.00 20.21
CA ASN EC 511 -6.05 -34.36 18.93
C ASN EC 511 -7.05 -35.18 18.15
N PRO EC 512 -7.43 -34.78 16.93
CA PRO EC 512 -8.48 -35.50 16.19
C PRO EC 512 -8.12 -36.93 15.85
N ALA EC 513 -6.83 -37.27 15.82
CA ALA EC 513 -6.45 -38.65 15.55
C ALA EC 513 -6.83 -39.59 16.68
N ASP EC 514 -7.02 -39.07 17.89
CA ASP EC 514 -7.28 -39.88 19.06
C ASP EC 514 -8.76 -40.14 19.30
N LEU EC 515 -9.60 -39.94 18.28
CA LEU EC 515 -11.02 -40.29 18.44
C LEU EC 515 -11.28 -41.77 18.69
N PRO EC 516 -10.62 -42.74 18.03
CA PRO EC 516 -10.86 -44.14 18.44
C PRO EC 516 -10.40 -44.42 19.86
N LYS EC 517 -9.29 -43.83 20.28
CA LYS EC 517 -8.85 -43.99 21.66
C LYS EC 517 -9.85 -43.37 22.63
N LEU EC 518 -10.52 -42.30 22.21
CA LEU EC 518 -11.59 -41.74 23.01
C LEU EC 518 -12.76 -42.69 23.13
N VAL EC 519 -13.24 -43.20 21.99
CA VAL EC 519 -14.47 -43.99 22.00
C VAL EC 519 -14.27 -45.36 22.63
N GLU EC 520 -13.05 -45.90 22.63
CA GLU EC 520 -12.85 -47.16 23.36
C GLU EC 520 -12.98 -46.95 24.86
N GLY EC 521 -12.49 -45.83 25.38
CA GLY EC 521 -12.75 -45.49 26.76
C GLY EC 521 -14.22 -45.18 27.02
N LEU EC 522 -14.89 -44.59 26.03
CA LEU EC 522 -16.34 -44.40 26.14
C LEU EC 522 -17.06 -45.73 26.31
N LYS EC 523 -16.72 -46.72 25.47
CA LYS EC 523 -17.33 -48.04 25.58
C LYS EC 523 -16.98 -48.69 26.90
N ARG EC 524 -15.73 -48.56 27.35
CA ARG EC 524 -15.31 -49.12 28.63
C ARG EC 524 -16.13 -48.54 29.79
N LEU EC 525 -16.28 -47.22 29.82
CA LEU EC 525 -17.03 -46.59 30.89
C LEU EC 525 -18.51 -46.96 30.82
N ALA EC 526 -19.07 -47.03 29.61
CA ALA EC 526 -20.47 -47.41 29.46
C ALA EC 526 -20.72 -48.83 29.96
N LYS EC 527 -19.80 -49.75 29.64
CA LYS EC 527 -19.94 -51.12 30.12
C LYS EC 527 -19.71 -51.20 31.63
N SER EC 528 -18.85 -50.34 32.18
CA SER EC 528 -18.53 -50.41 33.60
C SER EC 528 -19.66 -49.84 34.44
N ASP EC 529 -20.32 -48.80 33.97
CA ASP EC 529 -21.33 -48.18 34.81
C ASP EC 529 -22.73 -48.56 34.34
N PRO EC 530 -23.64 -48.88 35.26
CA PRO EC 530 -24.98 -49.36 34.86
C PRO EC 530 -26.01 -48.28 34.57
N MET EC 531 -25.65 -46.99 34.62
CA MET EC 531 -26.65 -45.95 34.44
C MET EC 531 -26.23 -44.93 33.38
N VAL EC 532 -24.92 -44.70 33.25
CA VAL EC 532 -24.44 -43.67 32.33
C VAL EC 532 -24.77 -44.07 30.90
N GLN EC 533 -25.07 -43.06 30.08
CA GLN EC 533 -25.43 -43.29 28.68
C GLN EC 533 -24.43 -42.54 27.80
N CYS EC 534 -23.61 -43.29 27.08
CA CYS EC 534 -22.71 -42.73 26.08
C CYS EC 534 -23.35 -42.91 24.71
N ILE EC 535 -23.78 -41.80 24.11
CA ILE EC 535 -24.57 -41.84 22.89
C ILE EC 535 -23.98 -40.87 21.89
N ILE EC 536 -24.41 -41.01 20.64
CA ILE EC 536 -24.13 -40.03 19.59
C ILE EC 536 -25.39 -39.22 19.37
N GLU EC 537 -25.27 -37.90 19.51
CA GLU EC 537 -26.41 -37.01 19.35
C GLU EC 537 -26.80 -36.91 17.87
N GLU EC 538 -27.89 -36.19 17.62
CA GLU EC 538 -28.27 -35.88 16.24
C GLU EC 538 -27.23 -35.03 15.54
N SER EC 539 -26.39 -34.32 16.30
CA SER EC 539 -25.30 -33.53 15.75
C SER EC 539 -24.05 -34.36 15.49
N GLY EC 540 -24.08 -35.66 15.78
CA GLY EC 540 -22.90 -36.49 15.66
C GLY EC 540 -21.93 -36.36 16.79
N GLU EC 541 -22.25 -35.57 17.81
CA GLU EC 541 -21.37 -35.37 18.95
C GLU EC 541 -21.49 -36.53 19.94
N HIS EC 542 -20.46 -36.70 20.74
CA HIS EC 542 -20.43 -37.74 21.76
C HIS EC 542 -20.96 -37.18 23.06
N ILE EC 543 -22.18 -37.60 23.43
CA ILE EC 543 -22.89 -37.13 24.60
C ILE EC 543 -22.73 -38.17 25.71
N ILE EC 544 -22.27 -37.73 26.87
CA ILE EC 544 -22.27 -38.55 28.08
C ILE EC 544 -23.35 -38.00 28.98
N ALA EC 545 -24.29 -38.87 29.37
CA ALA EC 545 -25.41 -38.51 30.22
C ALA EC 545 -25.30 -39.29 31.52
N GLY EC 546 -25.19 -38.56 32.63
CA GLY EC 546 -25.13 -39.15 33.95
C GLY EC 546 -26.11 -38.49 34.90
N ALA EC 547 -26.04 -38.93 36.16
CA ALA EC 547 -26.99 -38.48 37.16
C ALA EC 547 -26.78 -37.00 37.50
N GLY EC 548 -25.54 -36.61 37.79
CA GLY EC 548 -25.27 -35.28 38.27
C GLY EC 548 -23.86 -34.85 37.93
N GLU EC 549 -23.55 -33.61 38.32
CA GLU EC 549 -22.28 -33.01 37.95
C GLU EC 549 -21.10 -33.78 38.52
N LEU EC 550 -21.21 -34.22 39.77
CA LEU EC 550 -20.13 -34.99 40.37
C LEU EC 550 -19.95 -36.34 39.68
N HIS EC 551 -21.05 -36.97 39.29
CA HIS EC 551 -20.94 -38.22 38.53
C HIS EC 551 -20.27 -37.99 37.20
N LEU EC 552 -20.62 -36.91 36.50
CA LEU EC 552 -19.95 -36.59 35.25
C LEU EC 552 -18.47 -36.32 35.46
N GLU EC 553 -18.13 -35.60 36.53
CA GLU EC 553 -16.72 -35.33 36.81
C GLU EC 553 -15.95 -36.61 37.06
N ILE EC 554 -16.50 -37.51 37.87
CA ILE EC 554 -15.81 -38.76 38.18
C ILE EC 554 -15.69 -39.62 36.92
N CYS EC 555 -16.77 -39.73 36.16
CA CYS EC 555 -16.76 -40.56 34.95
C CYS EC 555 -15.77 -40.01 33.93
N LEU EC 556 -15.73 -38.70 33.74
CA LEU EC 556 -14.82 -38.12 32.78
C LEU EC 556 -13.38 -38.13 33.26
N LYS EC 557 -13.14 -38.04 34.57
CA LYS EC 557 -11.78 -38.25 35.07
C LYS EC 557 -11.31 -39.66 34.79
N ASP EC 558 -12.17 -40.66 35.05
CA ASP EC 558 -11.82 -42.03 34.72
C ASP EC 558 -11.59 -42.19 33.23
N LEU EC 559 -12.43 -41.55 32.42
CA LEU EC 559 -12.31 -41.67 30.97
C LEU EC 559 -11.04 -41.01 30.45
N GLU EC 560 -10.64 -39.88 31.02
CA GLU EC 560 -9.45 -39.16 30.60
C GLU EC 560 -8.17 -39.70 31.21
N GLU EC 561 -8.25 -40.56 32.23
CA GLU EC 561 -7.05 -41.13 32.82
C GLU EC 561 -6.87 -42.61 32.49
N ASP EC 562 -7.85 -43.45 32.81
CA ASP EC 562 -7.72 -44.89 32.74
C ASP EC 562 -8.41 -45.50 31.53
N HIS EC 563 -9.62 -45.03 31.19
CA HIS EC 563 -10.39 -45.65 30.13
C HIS EC 563 -9.83 -45.34 28.74
N ALA EC 564 -9.42 -44.09 28.52
CA ALA EC 564 -9.00 -43.69 27.18
C ALA EC 564 -7.56 -43.19 27.16
N CYS EC 565 -7.12 -42.57 28.26
CA CYS EC 565 -5.74 -42.17 28.50
C CYS EC 565 -5.23 -41.09 27.56
N ILE EC 566 -6.12 -40.30 26.96
CA ILE EC 566 -5.72 -39.12 26.19
C ILE EC 566 -6.56 -37.92 26.64
N PRO EC 567 -5.95 -36.76 26.86
CA PRO EC 567 -6.73 -35.58 27.29
C PRO EC 567 -7.75 -35.17 26.24
N ILE EC 568 -8.89 -34.65 26.73
CA ILE EC 568 -10.05 -34.36 25.92
C ILE EC 568 -10.52 -32.93 26.19
N LYS EC 569 -11.59 -32.53 25.51
CA LYS EC 569 -12.24 -31.25 25.73
C LYS EC 569 -13.73 -31.49 25.91
N LYS EC 570 -14.34 -30.76 26.86
CA LYS EC 570 -15.75 -30.89 27.18
C LYS EC 570 -16.49 -29.61 26.83
N SER EC 571 -17.78 -29.74 26.56
CA SER EC 571 -18.61 -28.59 26.20
C SER EC 571 -20.07 -28.96 26.42
N ASP EC 572 -20.92 -27.95 26.32
CA ASP EC 572 -22.36 -28.17 26.39
C ASP EC 572 -22.83 -28.90 25.13
N PRO EC 573 -23.85 -29.75 25.25
CA PRO EC 573 -24.42 -30.41 24.07
C PRO EC 573 -24.97 -29.40 23.08
N VAL EC 574 -24.79 -29.70 21.80
CA VAL EC 574 -25.26 -28.81 20.73
C VAL EC 574 -26.76 -28.98 20.56
N VAL EC 575 -27.48 -27.87 20.62
CA VAL EC 575 -28.93 -27.87 20.49
C VAL EC 575 -29.31 -27.87 19.02
N SER EC 576 -30.20 -28.80 18.64
CA SER EC 576 -30.68 -28.91 17.27
C SER EC 576 -32.05 -28.24 17.18
N TYR EC 577 -32.19 -27.29 16.26
CA TYR EC 577 -33.42 -26.56 16.05
C TYR EC 577 -33.98 -26.91 14.67
N ARG EC 578 -35.14 -26.33 14.36
CA ARG EC 578 -35.73 -26.44 13.04
C ARG EC 578 -36.16 -25.05 12.56
N GLU EC 579 -36.40 -24.93 11.26
CA GLU EC 579 -36.91 -23.71 10.66
C GLU EC 579 -38.38 -23.92 10.28
N THR EC 580 -39.17 -22.85 10.36
CA THR EC 580 -40.58 -22.93 10.06
C THR EC 580 -41.06 -21.61 9.47
N VAL EC 581 -42.30 -21.59 9.00
CA VAL EC 581 -42.95 -20.39 8.50
C VAL EC 581 -44.16 -20.10 9.38
N SER EC 582 -44.40 -18.81 9.65
CA SER EC 582 -45.48 -18.42 10.55
C SER EC 582 -46.75 -18.05 9.80
N GLU EC 583 -46.67 -17.71 8.51
CA GLU EC 583 -47.84 -17.45 7.69
C GLU EC 583 -47.50 -17.78 6.24
N GLU EC 584 -48.49 -17.63 5.37
CA GLU EC 584 -48.30 -17.84 3.94
C GLU EC 584 -47.34 -16.78 3.37
N SER EC 585 -46.72 -17.13 2.25
CA SER EC 585 -45.86 -16.20 1.55
C SER EC 585 -46.66 -14.98 1.10
N ASN EC 586 -46.05 -13.80 1.21
CA ASN EC 586 -46.74 -12.58 0.82
C ASN EC 586 -46.79 -12.40 -0.69
N VAL EC 587 -45.80 -12.90 -1.43
CA VAL EC 587 -45.74 -12.72 -2.87
C VAL EC 587 -45.51 -14.07 -3.52
N LEU EC 588 -45.95 -14.18 -4.77
CA LEU EC 588 -45.77 -15.39 -5.56
C LEU EC 588 -44.30 -15.46 -6.00
N CYS EC 589 -43.54 -16.35 -5.38
CA CYS EC 589 -42.10 -16.39 -5.57
C CYS EC 589 -41.77 -16.91 -6.95
N LEU EC 590 -41.17 -16.06 -7.77
CA LEU EC 590 -40.69 -16.41 -9.10
C LEU EC 590 -39.19 -16.64 -9.05
N SER EC 591 -38.78 -17.86 -9.36
CA SER EC 591 -37.37 -18.25 -9.39
C SER EC 591 -37.01 -18.66 -10.80
N LYS EC 592 -35.94 -18.07 -11.33
CA LYS EC 592 -35.47 -18.40 -12.67
C LYS EC 592 -34.41 -19.49 -12.61
N SER EC 593 -34.31 -20.25 -13.70
CA SER EC 593 -33.27 -21.25 -13.82
C SER EC 593 -31.90 -20.57 -13.86
N PRO EC 594 -30.86 -21.22 -13.37
CA PRO EC 594 -29.52 -20.60 -13.42
C PRO EC 594 -29.05 -20.29 -14.84
N ASN EC 595 -29.51 -21.03 -15.84
CA ASN EC 595 -29.17 -20.74 -17.24
C ASN EC 595 -30.20 -19.82 -17.90
N LYS EC 596 -31.18 -19.33 -17.15
CA LYS EC 596 -32.19 -18.39 -17.64
C LYS EC 596 -32.98 -18.98 -18.81
N HIS EC 597 -33.61 -20.12 -18.57
CA HIS EC 597 -34.46 -20.76 -19.55
C HIS EC 597 -35.85 -21.11 -19.02
N ASN EC 598 -35.98 -21.47 -17.75
CA ASN EC 598 -37.25 -21.88 -17.16
C ASN EC 598 -37.55 -21.01 -15.96
N ARG EC 599 -38.83 -20.96 -15.58
CA ARG EC 599 -39.27 -20.15 -14.45
C ARG EC 599 -40.24 -20.93 -13.59
N LEU EC 600 -40.21 -20.65 -12.29
CA LEU EC 600 -41.02 -21.34 -11.30
C LEU EC 600 -41.77 -20.34 -10.44
N TYR EC 601 -43.02 -20.65 -10.13
CA TYR EC 601 -43.86 -19.83 -9.27
C TYR EC 601 -44.32 -20.70 -8.11
N MET EC 602 -43.99 -20.29 -6.88
CA MET EC 602 -44.33 -21.09 -5.71
C MET EC 602 -44.71 -20.18 -4.55
N LYS EC 603 -45.37 -20.78 -3.55
CA LYS EC 603 -45.67 -20.10 -2.29
C LYS EC 603 -45.67 -21.12 -1.16
N ALA EC 604 -45.22 -20.73 0.03
CA ALA EC 604 -45.16 -21.62 1.17
C ALA EC 604 -46.18 -21.20 2.23
N ARG EC 605 -46.62 -22.17 3.03
CA ARG EC 605 -47.59 -21.93 4.09
C ARG EC 605 -47.23 -22.77 5.31
N PRO EC 606 -47.68 -22.36 6.49
CA PRO EC 606 -47.46 -23.18 7.69
C PRO EC 606 -48.45 -24.33 7.78
N PHE EC 607 -48.11 -25.29 8.63
CA PHE EC 607 -48.94 -26.47 8.83
C PHE EC 607 -50.17 -26.14 9.67
N PRO EC 608 -51.23 -26.94 9.53
CA PRO EC 608 -52.18 -27.08 10.64
C PRO EC 608 -51.50 -27.74 11.82
N ASP EC 609 -51.94 -27.38 13.03
CA ASP EC 609 -51.27 -27.83 14.24
C ASP EC 609 -51.44 -29.34 14.42
N GLY EC 610 -50.33 -30.03 14.67
CA GLY EC 610 -50.34 -31.46 14.88
C GLY EC 610 -49.99 -32.30 13.68
N LEU EC 611 -49.96 -31.71 12.47
CA LEU EC 611 -49.61 -32.48 11.28
C LEU EC 611 -48.16 -32.95 11.33
N ALA EC 612 -47.26 -32.08 11.79
CA ALA EC 612 -45.86 -32.46 11.91
C ALA EC 612 -45.70 -33.61 12.91
N GLU EC 613 -46.42 -33.56 14.03
CA GLU EC 613 -46.35 -34.66 14.99
C GLU EC 613 -46.97 -35.93 14.43
N ASP EC 614 -48.03 -35.80 13.62
CA ASP EC 614 -48.59 -36.99 12.96
C ASP EC 614 -47.57 -37.64 12.06
N ILE EC 615 -46.87 -36.84 11.26
CA ILE EC 615 -45.83 -37.39 10.39
C ILE EC 615 -44.69 -37.97 11.22
N ASP EC 616 -44.38 -37.34 12.35
CA ASP EC 616 -43.31 -37.83 13.21
C ASP EC 616 -43.65 -39.21 13.79
N LYS EC 617 -44.86 -39.37 14.28
CA LYS EC 617 -45.26 -40.66 14.84
C LYS EC 617 -45.60 -41.69 13.77
N GLY EC 618 -45.81 -41.27 12.52
CA GLY EC 618 -46.02 -42.20 11.44
C GLY EC 618 -47.44 -42.36 10.96
N GLU EC 619 -48.38 -41.54 11.44
CA GLU EC 619 -49.73 -41.60 10.90
C GLU EC 619 -49.76 -41.18 9.44
N VAL EC 620 -49.04 -40.13 9.08
CA VAL EC 620 -48.99 -39.64 7.71
C VAL EC 620 -47.56 -39.78 7.22
N SER EC 621 -47.39 -40.48 6.12
CA SER EC 621 -46.07 -40.75 5.56
C SER EC 621 -46.23 -41.03 4.07
N ALA EC 622 -45.10 -40.98 3.36
CA ALA EC 622 -45.12 -41.25 1.93
C ALA EC 622 -45.50 -42.68 1.61
N ARG EC 623 -45.33 -43.61 2.57
CA ARG EC 623 -45.78 -44.98 2.36
C ARG EC 623 -47.30 -45.09 2.42
N GLN EC 624 -47.95 -44.16 3.11
CA GLN EC 624 -49.41 -44.09 3.07
C GLN EC 624 -49.84 -43.60 1.69
N GLU EC 625 -50.62 -44.43 0.99
CA GLU EC 625 -50.95 -44.17 -0.40
C GLU EC 625 -51.85 -42.94 -0.53
N LEU EC 626 -51.91 -42.41 -1.76
CA LEU EC 626 -52.41 -41.06 -1.97
C LEU EC 626 -53.89 -40.90 -1.65
N LYS EC 627 -54.71 -41.92 -1.94
CA LYS EC 627 -56.15 -41.81 -1.64
C LYS EC 627 -56.39 -41.74 -0.13
N GLN EC 628 -55.76 -42.66 0.62
CA GLN EC 628 -55.90 -42.67 2.07
C GLN EC 628 -55.33 -41.40 2.67
N ARG EC 629 -54.19 -40.94 2.16
CA ARG EC 629 -53.60 -39.69 2.63
C ARG EC 629 -54.53 -38.51 2.39
N ALA EC 630 -55.12 -38.44 1.18
CA ALA EC 630 -56.02 -37.34 0.86
C ALA EC 630 -57.23 -37.33 1.77
N ARG EC 631 -57.89 -38.49 1.94
CA ARG EC 631 -59.09 -38.50 2.77
C ARG EC 631 -58.77 -38.26 4.24
N TYR EC 632 -57.66 -38.82 4.76
CA TYR EC 632 -57.30 -38.59 6.15
C TYR EC 632 -56.94 -37.14 6.41
N LEU EC 633 -56.14 -36.53 5.52
CA LEU EC 633 -55.75 -35.15 5.71
C LEU EC 633 -56.92 -34.20 5.54
N ALA EC 634 -57.83 -34.50 4.61
CA ALA EC 634 -59.03 -33.68 4.47
C ALA EC 634 -59.93 -33.80 5.68
N GLU EC 635 -60.08 -34.99 6.23
CA GLU EC 635 -60.99 -35.20 7.36
C GLU EC 635 -60.41 -34.75 8.70
N LYS EC 636 -59.08 -34.61 8.79
CA LYS EC 636 -58.46 -34.22 10.05
C LYS EC 636 -57.91 -32.80 10.07
N TYR EC 637 -57.41 -32.30 8.94
CA TYR EC 637 -56.73 -31.00 8.92
C TYR EC 637 -57.25 -30.08 7.82
N GLU EC 638 -58.46 -30.36 7.30
CA GLU EC 638 -59.13 -29.50 6.32
C GLU EC 638 -58.27 -29.29 5.08
N TRP EC 639 -58.01 -30.38 4.37
CA TRP EC 639 -57.14 -30.38 3.21
C TRP EC 639 -57.95 -30.42 1.92
N ASP EC 640 -57.58 -29.56 0.97
CA ASP EC 640 -58.18 -29.60 -0.35
C ASP EC 640 -57.77 -30.90 -1.04
N VAL EC 641 -58.76 -31.70 -1.43
CA VAL EC 641 -58.49 -33.04 -1.95
C VAL EC 641 -57.76 -32.97 -3.29
N ALA EC 642 -58.02 -31.92 -4.08
CA ALA EC 642 -57.32 -31.76 -5.35
C ALA EC 642 -55.82 -31.62 -5.16
N GLU EC 643 -55.42 -30.85 -4.14
CA GLU EC 643 -54.01 -30.71 -3.80
C GLU EC 643 -53.47 -31.93 -3.05
N ALA EC 644 -54.33 -32.59 -2.27
CA ALA EC 644 -53.89 -33.75 -1.50
C ALA EC 644 -53.57 -34.93 -2.42
N ARG EC 645 -54.35 -35.10 -3.49
CA ARG EC 645 -53.99 -36.07 -4.51
C ARG EC 645 -52.79 -35.63 -5.35
N LYS EC 646 -52.40 -34.35 -5.23
CA LYS EC 646 -51.21 -33.83 -5.89
C LYS EC 646 -50.04 -33.66 -4.91
N ILE EC 647 -50.17 -34.21 -3.70
CA ILE EC 647 -49.04 -34.27 -2.78
C ILE EC 647 -47.87 -35.00 -3.44
N TRP EC 648 -46.66 -34.43 -3.32
CA TRP EC 648 -45.50 -34.97 -4.01
C TRP EC 648 -44.51 -35.69 -3.08
N CYS EC 649 -44.01 -35.01 -2.05
CA CYS EC 649 -43.02 -35.64 -1.18
C CYS EC 649 -43.02 -34.99 0.20
N PHE EC 650 -42.34 -35.68 1.13
CA PHE EC 650 -42.42 -35.42 2.57
C PHE EC 650 -41.02 -35.17 3.14
N GLY EC 651 -40.68 -33.89 3.33
CA GLY EC 651 -39.59 -33.48 4.18
C GLY EC 651 -38.23 -34.07 3.87
N PRO EC 652 -37.29 -33.88 4.79
CA PRO EC 652 -35.97 -34.52 4.65
C PRO EC 652 -36.08 -36.03 4.78
N ASP EC 653 -35.18 -36.72 4.07
CA ASP EC 653 -35.04 -38.18 4.11
C ASP EC 653 -36.30 -38.90 3.63
N GLY EC 654 -37.18 -38.21 2.93
CA GLY EC 654 -38.36 -38.82 2.35
C GLY EC 654 -39.53 -39.02 3.30
N THR EC 655 -39.33 -38.87 4.60
CA THR EC 655 -40.40 -39.01 5.58
C THR EC 655 -40.39 -37.87 6.59
N GLY EC 656 -39.72 -36.77 6.28
CA GLY EC 656 -39.69 -35.62 7.16
C GLY EC 656 -41.04 -34.94 7.24
N PRO EC 657 -41.26 -34.18 8.30
CA PRO EC 657 -42.56 -33.49 8.49
C PRO EC 657 -42.63 -32.16 7.74
N ASN EC 658 -42.50 -32.24 6.41
CA ASN EC 658 -42.68 -31.10 5.53
C ASN EC 658 -43.44 -31.58 4.30
N ILE EC 659 -44.32 -30.74 3.79
CA ILE EC 659 -45.22 -31.11 2.71
C ILE EC 659 -44.77 -30.42 1.43
N LEU EC 660 -44.74 -31.15 0.32
CA LEU EC 660 -44.68 -30.54 -1.00
C LEU EC 660 -45.96 -30.90 -1.76
N THR EC 661 -46.54 -29.90 -2.44
CA THR EC 661 -47.64 -30.16 -3.36
C THR EC 661 -47.53 -29.20 -4.52
N ASP EC 662 -48.16 -29.56 -5.63
CA ASP EC 662 -48.24 -28.72 -6.80
C ASP EC 662 -49.70 -28.47 -7.14
N ILE EC 663 -50.02 -27.22 -7.45
CA ILE EC 663 -51.37 -26.85 -7.84
C ILE EC 663 -51.41 -26.42 -9.31
N THR EC 664 -50.48 -26.93 -10.11
CA THR EC 664 -50.40 -26.57 -11.52
C THR EC 664 -51.39 -27.39 -12.34
N LYS EC 665 -52.02 -26.72 -13.30
CA LYS EC 665 -52.93 -27.37 -14.23
C LYS EC 665 -52.75 -26.75 -15.60
N GLY EC 666 -52.81 -27.58 -16.63
CA GLY EC 666 -52.58 -27.15 -17.99
C GLY EC 666 -51.16 -27.31 -18.47
N VAL EC 667 -50.19 -27.42 -17.57
CA VAL EC 667 -48.80 -27.63 -17.96
C VAL EC 667 -48.60 -29.08 -18.37
N GLN EC 668 -47.65 -29.30 -19.27
CA GLN EC 668 -47.41 -30.61 -19.86
C GLN EC 668 -46.08 -31.23 -19.46
N TYR EC 669 -45.00 -30.46 -19.55
CA TYR EC 669 -43.65 -30.99 -19.33
C TYR EC 669 -43.26 -31.04 -17.86
N LEU EC 670 -44.23 -30.98 -16.95
CA LEU EC 670 -43.93 -31.06 -15.53
C LEU EC 670 -43.44 -32.45 -15.12
N ASN EC 671 -43.85 -33.50 -15.82
CA ASN EC 671 -43.41 -34.85 -15.49
C ASN EC 671 -41.92 -35.04 -15.75
N GLU EC 672 -41.36 -34.31 -16.71
CA GLU EC 672 -39.95 -34.46 -17.03
C GLU EC 672 -39.06 -33.95 -15.90
N ILE EC 673 -39.53 -32.95 -15.16
CA ILE EC 673 -38.75 -32.34 -14.10
C ILE EC 673 -39.34 -32.61 -12.73
N LYS EC 674 -40.36 -33.48 -12.64
CA LYS EC 674 -40.92 -33.83 -11.34
C LYS EC 674 -39.84 -34.37 -10.38
N ASP EC 675 -39.06 -35.35 -10.83
CA ASP EC 675 -38.06 -35.94 -9.95
C ASP EC 675 -36.93 -34.95 -9.66
N SER EC 676 -36.59 -34.11 -10.64
CA SER EC 676 -35.59 -33.08 -10.40
C SER EC 676 -36.04 -32.10 -9.33
N VAL EC 677 -37.34 -31.76 -9.34
CA VAL EC 677 -37.86 -30.88 -8.30
C VAL EC 677 -37.89 -31.58 -6.95
N VAL EC 678 -38.22 -32.88 -6.93
CA VAL EC 678 -38.29 -33.61 -5.67
C VAL EC 678 -36.90 -33.69 -5.02
N ALA EC 679 -35.88 -33.95 -5.82
CA ALA EC 679 -34.52 -33.98 -5.28
C ALA EC 679 -34.11 -32.61 -4.71
N GLY EC 680 -34.46 -31.54 -5.42
CA GLY EC 680 -34.21 -30.21 -4.90
C GLY EC 680 -34.98 -29.92 -3.63
N PHE EC 681 -36.19 -30.45 -3.51
CA PHE EC 681 -36.95 -30.28 -2.27
C PHE EC 681 -36.25 -30.97 -1.11
N GLN EC 682 -35.75 -32.19 -1.34
CA GLN EC 682 -34.97 -32.86 -0.31
C GLN EC 682 -33.73 -32.04 0.07
N TRP EC 683 -33.05 -31.48 -0.93
CA TRP EC 683 -31.88 -30.65 -0.65
C TRP EC 683 -32.24 -29.41 0.17
N ALA EC 684 -33.35 -28.77 -0.17
CA ALA EC 684 -33.73 -27.53 0.52
C ALA EC 684 -34.23 -27.80 1.93
N THR EC 685 -34.94 -28.93 2.13
CA THR EC 685 -35.32 -29.29 3.48
C THR EC 685 -34.12 -29.73 4.30
N LYS EC 686 -33.06 -30.22 3.65
CA LYS EC 686 -31.84 -30.53 4.37
C LYS EC 686 -31.07 -29.27 4.76
N GLU EC 687 -31.03 -28.27 3.88
CA GLU EC 687 -30.31 -27.03 4.13
C GLU EC 687 -31.30 -25.88 4.24
N GLY EC 688 -31.52 -25.41 5.46
CA GLY EC 688 -32.44 -24.30 5.67
C GLY EC 688 -31.86 -22.98 5.22
N ALA EC 689 -32.77 -22.02 5.01
CA ALA EC 689 -32.40 -20.72 4.48
C ALA EC 689 -32.04 -19.70 5.56
N LEU EC 690 -32.21 -20.04 6.84
CA LEU EC 690 -31.82 -19.17 7.94
C LEU EC 690 -30.48 -19.58 8.54
N CYS EC 691 -30.39 -20.82 9.01
CA CYS EC 691 -29.20 -21.30 9.70
C CYS EC 691 -28.76 -22.67 9.20
N GLU EC 692 -29.15 -23.03 7.97
CA GLU EC 692 -28.74 -24.28 7.33
C GLU EC 692 -29.12 -25.50 8.17
N GLU EC 693 -30.35 -25.52 8.66
CA GLU EC 693 -30.85 -26.61 9.48
C GLU EC 693 -32.11 -27.21 8.84
N ASN EC 694 -32.60 -28.28 9.46
CA ASN EC 694 -33.73 -29.01 8.89
C ASN EC 694 -35.02 -28.23 9.06
N MET EC 695 -35.89 -28.33 8.05
CA MET EC 695 -37.14 -27.60 8.05
C MET EC 695 -38.24 -28.40 8.77
N ARG EC 696 -39.31 -27.70 9.12
CA ARG EC 696 -40.42 -28.29 9.84
C ARG EC 696 -41.62 -27.34 9.74
N GLY EC 697 -42.82 -27.91 9.72
CA GLY EC 697 -44.02 -27.11 9.68
C GLY EC 697 -44.17 -26.26 8.44
N VAL EC 698 -43.70 -26.73 7.31
CA VAL EC 698 -43.70 -25.98 6.05
C VAL EC 698 -44.35 -26.83 4.98
N ARG EC 699 -45.33 -26.25 4.28
CA ARG EC 699 -45.97 -26.89 3.15
C ARG EC 699 -45.81 -25.98 1.94
N PHE EC 700 -45.19 -26.51 0.89
CA PHE EC 700 -44.96 -25.75 -0.34
C PHE EC 700 -46.07 -26.04 -1.34
N ASP EC 701 -46.47 -24.99 -2.06
CA ASP EC 701 -47.44 -25.08 -3.14
C ASP EC 701 -46.76 -24.55 -4.39
N VAL EC 702 -46.53 -25.44 -5.36
CA VAL EC 702 -46.01 -25.07 -6.67
C VAL EC 702 -47.18 -24.49 -7.46
N HIS EC 703 -47.26 -23.15 -7.50
CA HIS EC 703 -48.32 -22.51 -8.27
C HIS EC 703 -48.21 -22.84 -9.75
N ASP EC 704 -47.02 -22.63 -10.33
CA ASP EC 704 -46.90 -22.84 -11.77
C ASP EC 704 -45.45 -23.06 -12.16
N VAL EC 705 -45.26 -23.62 -13.35
CA VAL EC 705 -43.95 -23.80 -13.94
C VAL EC 705 -44.01 -23.47 -15.42
N THR EC 706 -43.00 -22.74 -15.91
CA THR EC 706 -42.83 -22.49 -17.33
C THR EC 706 -41.49 -23.08 -17.75
N LEU EC 707 -41.50 -23.86 -18.81
CA LEU EC 707 -40.32 -24.64 -19.19
C LEU EC 707 -39.98 -24.41 -20.66
N HIS EC 708 -38.67 -24.32 -20.93
CA HIS EC 708 -38.19 -24.29 -22.30
C HIS EC 708 -38.50 -25.61 -22.98
N ALA EC 709 -38.67 -25.56 -24.30
CA ALA EC 709 -39.07 -26.74 -25.06
C ALA EC 709 -37.98 -27.80 -25.11
N ASP EC 710 -36.76 -27.48 -24.70
CA ASP EC 710 -35.63 -28.39 -24.84
C ASP EC 710 -35.38 -29.13 -23.53
N ALA EC 711 -35.46 -30.46 -23.57
CA ALA EC 711 -35.12 -31.27 -22.40
C ALA EC 711 -33.66 -31.09 -22.01
N ILE EC 712 -32.79 -30.80 -22.98
CA ILE EC 712 -31.41 -30.51 -22.68
C ILE EC 712 -31.28 -29.25 -21.85
N HIS EC 713 -32.14 -28.26 -22.11
CA HIS EC 713 -32.15 -27.03 -21.35
C HIS EC 713 -32.97 -27.13 -20.06
N ARG EC 714 -33.78 -28.17 -19.88
CA ARG EC 714 -34.53 -28.36 -18.65
C ARG EC 714 -34.16 -29.66 -17.96
N GLY EC 715 -32.94 -30.14 -18.15
CA GLY EC 715 -32.45 -31.30 -17.43
C GLY EC 715 -32.30 -31.01 -15.93
N GLY EC 716 -31.95 -32.07 -15.20
CA GLY EC 716 -31.99 -32.00 -13.74
C GLY EC 716 -31.05 -30.95 -13.16
N GLY EC 717 -29.89 -30.76 -13.78
CA GLY EC 717 -28.97 -29.73 -13.32
C GLY EC 717 -29.50 -28.32 -13.49
N GLN EC 718 -30.48 -28.13 -14.37
CA GLN EC 718 -31.14 -26.85 -14.54
C GLN EC 718 -32.32 -26.67 -13.62
N ILE EC 719 -32.73 -27.72 -12.91
CA ILE EC 719 -33.98 -27.71 -12.15
C ILE EC 719 -33.73 -27.78 -10.64
N ILE EC 720 -32.77 -28.59 -10.20
CA ILE EC 720 -32.53 -28.74 -8.77
C ILE EC 720 -32.10 -27.45 -8.09
N PRO EC 721 -31.08 -26.70 -8.58
CA PRO EC 721 -30.68 -25.49 -7.86
C PRO EC 721 -31.75 -24.40 -7.84
N THR EC 722 -32.43 -24.20 -8.97
CA THR EC 722 -33.51 -23.21 -8.99
C THR EC 722 -34.70 -23.66 -8.15
N ALA EC 723 -34.93 -24.96 -8.01
CA ALA EC 723 -35.97 -25.41 -7.09
C ALA EC 723 -35.59 -25.11 -5.65
N ARG EC 724 -34.33 -25.36 -5.28
CA ARG EC 724 -33.89 -25.00 -3.94
C ARG EC 724 -34.01 -23.50 -3.71
N ARG EC 725 -33.66 -22.71 -4.71
CA ARG EC 725 -33.77 -21.25 -4.58
C ARG EC 725 -35.23 -20.82 -4.49
N CYS EC 726 -36.13 -21.50 -5.19
CA CYS EC 726 -37.55 -21.17 -5.12
C CYS EC 726 -38.13 -21.49 -3.75
N LEU EC 727 -37.72 -22.63 -3.17
CA LEU EC 727 -38.15 -22.93 -1.81
C LEU EC 727 -37.56 -21.95 -0.81
N TYR EC 728 -36.32 -21.51 -1.04
CA TYR EC 728 -35.74 -20.45 -0.23
C TYR EC 728 -36.56 -19.17 -0.34
N ALA EC 729 -36.96 -18.81 -1.57
CA ALA EC 729 -37.74 -17.61 -1.77
C ALA EC 729 -39.09 -17.70 -1.07
N SER EC 730 -39.74 -18.86 -1.13
CA SER EC 730 -41.03 -19.01 -0.48
C SER EC 730 -40.92 -18.93 1.03
N VAL EC 731 -39.94 -19.62 1.62
CA VAL EC 731 -39.79 -19.57 3.07
C VAL EC 731 -39.23 -18.22 3.54
N LEU EC 732 -38.64 -17.43 2.64
CA LEU EC 732 -38.20 -16.09 3.03
C LEU EC 732 -39.34 -15.09 2.94
N THR EC 733 -40.15 -15.17 1.88
CA THR EC 733 -41.30 -14.28 1.76
C THR EC 733 -42.33 -14.56 2.84
N ALA EC 734 -42.57 -15.83 3.15
CA ALA EC 734 -43.25 -16.16 4.38
C ALA EC 734 -42.35 -15.79 5.55
N GLN EC 735 -42.96 -15.34 6.65
CA GLN EC 735 -42.16 -14.94 7.79
C GLN EC 735 -41.48 -16.15 8.40
N PRO EC 736 -40.15 -16.21 8.45
CA PRO EC 736 -39.47 -17.39 8.98
C PRO EC 736 -39.30 -17.31 10.49
N ARG EC 737 -39.38 -18.47 11.12
CA ARG EC 737 -39.27 -18.60 12.57
C ARG EC 737 -38.45 -19.84 12.89
N LEU EC 738 -38.01 -19.92 14.15
CA LEU EC 738 -37.24 -21.06 14.63
C LEU EC 738 -38.10 -21.90 15.56
N MET EC 739 -37.81 -23.20 15.57
CA MET EC 739 -38.51 -24.16 16.43
C MET EC 739 -37.47 -24.84 17.31
N GLU EC 740 -37.55 -24.60 18.60
CA GLU EC 740 -36.65 -25.17 19.58
C GLU EC 740 -37.19 -26.50 20.09
N PRO EC 741 -36.32 -27.37 20.59
CA PRO EC 741 -36.78 -28.65 21.13
C PRO EC 741 -37.29 -28.57 22.57
N ILE EC 742 -38.57 -28.22 22.74
CA ILE EC 742 -39.20 -28.24 24.06
C ILE EC 742 -39.53 -29.68 24.40
N TYR EC 743 -38.92 -30.19 25.48
CA TYR EC 743 -39.03 -31.60 25.81
C TYR EC 743 -39.53 -31.75 27.25
N LEU EC 744 -40.12 -32.91 27.52
CA LEU EC 744 -40.82 -33.14 28.77
C LEU EC 744 -39.84 -33.51 29.88
N VAL EC 745 -40.07 -32.93 31.06
CA VAL EC 745 -39.36 -33.28 32.28
C VAL EC 745 -40.39 -33.63 33.35
N GLU EC 746 -40.10 -34.68 34.12
CA GLU EC 746 -40.97 -35.10 35.20
C GLU EC 746 -40.12 -35.19 36.46
N ILE EC 747 -40.40 -34.33 37.44
CA ILE EC 747 -39.59 -34.23 38.64
C ILE EC 747 -40.35 -34.83 39.82
N GLN EC 748 -39.68 -35.71 40.56
CA GLN EC 748 -40.21 -36.33 41.76
C GLN EC 748 -39.53 -35.70 42.96
N CYS EC 749 -40.33 -35.11 43.85
CA CYS EC 749 -39.79 -34.32 44.95
C CYS EC 749 -40.84 -34.16 46.03
N PRO EC 750 -40.50 -34.35 47.30
CA PRO EC 750 -41.51 -34.27 48.37
C PRO EC 750 -42.09 -32.88 48.52
N GLU EC 751 -43.21 -32.82 49.25
CA GLU EC 751 -44.00 -31.60 49.34
C GLU EC 751 -43.39 -30.53 50.23
N GLN EC 752 -42.46 -30.90 51.12
CA GLN EC 752 -41.82 -29.89 51.96
C GLN EC 752 -40.83 -29.05 51.17
N VAL EC 753 -40.36 -29.54 50.03
CA VAL EC 753 -39.42 -28.80 49.19
C VAL EC 753 -39.95 -28.78 47.77
N VAL EC 754 -41.27 -28.91 47.61
CA VAL EC 754 -41.87 -28.85 46.29
C VAL EC 754 -41.96 -27.42 45.76
N GLY EC 755 -41.84 -26.42 46.63
CA GLY EC 755 -41.87 -25.05 46.17
C GLY EC 755 -40.60 -24.57 45.51
N GLY EC 756 -39.47 -25.25 45.77
CA GLY EC 756 -38.22 -24.88 45.13
C GLY EC 756 -38.18 -25.21 43.64
N ILE EC 757 -39.01 -26.16 43.20
CA ILE EC 757 -39.07 -26.49 41.79
C ILE EC 757 -39.65 -25.33 40.99
N TYR EC 758 -40.61 -24.62 41.56
CA TYR EC 758 -41.38 -23.64 40.80
C TYR EC 758 -40.53 -22.43 40.40
N GLY EC 759 -39.77 -21.87 41.35
CA GLY EC 759 -38.91 -20.74 41.02
C GLY EC 759 -37.81 -21.15 40.05
N VAL EC 760 -37.29 -22.36 40.21
CA VAL EC 760 -36.29 -22.88 39.29
C VAL EC 760 -36.86 -22.93 37.87
N LEU EC 761 -38.07 -23.47 37.72
CA LEU EC 761 -38.67 -23.57 36.40
C LEU EC 761 -38.97 -22.18 35.82
N ASN EC 762 -39.42 -21.26 36.67
CA ASN EC 762 -39.69 -19.91 36.21
C ASN EC 762 -38.42 -19.25 35.69
N ARG EC 763 -37.29 -19.48 36.35
CA ARG EC 763 -36.03 -18.96 35.85
C ARG EC 763 -35.55 -19.74 34.62
N LYS EC 764 -35.90 -21.01 34.52
CA LYS EC 764 -35.50 -21.85 33.39
C LYS EC 764 -36.39 -21.68 32.18
N ARG EC 765 -37.43 -20.84 32.28
CA ARG EC 765 -38.39 -20.61 31.19
C ARG EC 765 -39.16 -21.88 30.87
N GLY EC 766 -39.32 -22.74 31.85
CA GLY EC 766 -40.04 -23.98 31.69
C GLY EC 766 -41.48 -23.85 32.16
N HIS EC 767 -42.39 -24.43 31.39
CA HIS EC 767 -43.83 -24.29 31.60
C HIS EC 767 -44.34 -25.59 32.22
N VAL EC 768 -44.71 -25.54 33.50
CA VAL EC 768 -45.22 -26.73 34.18
C VAL EC 768 -46.72 -26.84 33.93
N PHE EC 769 -47.17 -28.03 33.59
CA PHE EC 769 -48.57 -28.28 33.31
C PHE EC 769 -49.21 -29.33 34.20
N GLU EC 770 -48.45 -30.02 35.04
CA GLU EC 770 -49.09 -30.98 35.94
C GLU EC 770 -48.35 -31.01 37.28
N GLU EC 771 -49.11 -31.25 38.35
CA GLU EC 771 -48.54 -31.39 39.69
C GLU EC 771 -49.49 -32.24 40.52
N SER EC 772 -48.99 -33.33 41.09
CA SER EC 772 -49.85 -34.25 41.82
C SER EC 772 -49.06 -35.02 42.86
N GLN EC 773 -49.69 -35.28 44.01
CA GLN EC 773 -49.11 -36.14 45.01
C GLN EC 773 -49.18 -37.60 44.58
N VAL EC 774 -48.21 -38.39 45.01
CA VAL EC 774 -48.11 -39.80 44.59
C VAL EC 774 -48.88 -40.62 45.62
N ALA EC 775 -50.21 -40.65 45.45
CA ALA EC 775 -51.12 -41.56 46.16
C ALA EC 775 -50.95 -41.40 47.66
N GLY EC 776 -50.60 -42.45 48.40
CA GLY EC 776 -50.43 -42.41 49.84
C GLY EC 776 -49.04 -42.04 50.32
N THR EC 777 -48.15 -41.65 49.42
CA THR EC 777 -46.84 -41.14 49.78
C THR EC 777 -46.79 -39.63 49.53
N PRO EC 778 -46.08 -38.88 50.37
CA PRO EC 778 -46.06 -37.41 50.21
C PRO EC 778 -45.22 -36.93 49.04
N MET EC 779 -44.67 -37.82 48.23
CA MET EC 779 -43.89 -37.41 47.07
C MET EC 779 -44.78 -36.66 46.09
N PHE EC 780 -44.21 -35.64 45.45
CA PHE EC 780 -44.92 -34.81 44.48
C PHE EC 780 -44.27 -35.02 43.11
N VAL EC 781 -45.07 -35.44 42.15
CA VAL EC 781 -44.65 -35.55 40.76
C VAL EC 781 -45.15 -34.32 40.01
N VAL EC 782 -44.24 -33.64 39.34
CA VAL EC 782 -44.59 -32.47 38.55
C VAL EC 782 -44.12 -32.69 37.11
N LYS EC 783 -45.03 -32.42 36.17
CA LYS EC 783 -44.76 -32.55 34.74
C LYS EC 783 -44.62 -31.15 34.16
N ALA EC 784 -43.48 -30.89 33.53
CA ALA EC 784 -43.17 -29.59 32.95
C ALA EC 784 -42.56 -29.78 31.57
N TYR EC 785 -42.56 -28.70 30.79
CA TYR EC 785 -41.94 -28.64 29.48
C TYR EC 785 -40.77 -27.68 29.55
N LEU EC 786 -39.59 -28.16 29.17
CA LEU EC 786 -38.38 -27.36 29.31
C LEU EC 786 -37.64 -27.27 27.98
N PRO EC 787 -37.01 -26.14 27.69
CA PRO EC 787 -36.18 -26.05 26.48
C PRO EC 787 -34.83 -26.72 26.69
N VAL EC 788 -34.30 -27.28 25.61
CA VAL EC 788 -32.97 -27.89 25.68
C VAL EC 788 -31.91 -26.83 25.95
N ASN EC 789 -31.98 -25.70 25.25
CA ASN EC 789 -31.02 -24.62 25.46
C ASN EC 789 -31.15 -23.97 26.83
N GLU EC 790 -32.26 -24.20 27.52
CA GLU EC 790 -32.45 -23.70 28.88
C GLU EC 790 -32.31 -24.79 29.94
N SER EC 791 -32.06 -26.03 29.53
CA SER EC 791 -32.02 -27.17 30.45
C SER EC 791 -30.62 -27.47 30.97
N PHE EC 792 -29.63 -26.65 30.64
CA PHE EC 792 -28.25 -26.94 31.03
C PHE EC 792 -28.00 -26.51 32.47
N GLY EC 793 -27.36 -27.38 33.25
CA GLY EC 793 -27.15 -27.13 34.66
C GLY EC 793 -28.41 -27.22 35.49
N PHE EC 794 -29.53 -27.62 34.87
CA PHE EC 794 -30.82 -27.59 35.55
C PHE EC 794 -30.87 -28.54 36.72
N THR EC 795 -30.25 -29.72 36.60
CA THR EC 795 -30.24 -30.67 37.70
C THR EC 795 -29.54 -30.08 38.92
N ALA EC 796 -28.37 -29.50 38.72
CA ALA EC 796 -27.62 -28.91 39.83
C ALA EC 796 -28.37 -27.73 40.45
N ASP EC 797 -28.94 -26.87 39.61
CA ASP EC 797 -29.68 -25.72 40.14
C ASP EC 797 -30.90 -26.17 40.93
N LEU EC 798 -31.63 -27.15 40.40
CA LEU EC 798 -32.80 -27.67 41.09
C LEU EC 798 -32.42 -28.29 42.41
N ARG EC 799 -31.31 -29.04 42.45
CA ARG EC 799 -30.85 -29.61 43.70
C ARG EC 799 -30.46 -28.53 44.69
N SER EC 800 -29.80 -27.47 44.23
CA SER EC 800 -29.42 -26.39 45.13
C SER EC 800 -30.65 -25.72 45.74
N ASN EC 801 -31.68 -25.52 44.93
CA ASN EC 801 -32.87 -24.83 45.43
C ASN EC 801 -33.74 -25.72 46.31
N THR EC 802 -33.82 -27.02 46.02
CA THR EC 802 -34.71 -27.92 46.74
C THR EC 802 -34.00 -28.78 47.77
N GLY EC 803 -32.72 -28.55 48.02
CA GLY EC 803 -32.00 -29.36 48.99
C GLY EC 803 -31.54 -30.70 48.48
N GLY EC 804 -31.59 -30.93 47.17
CA GLY EC 804 -31.15 -32.18 46.61
C GLY EC 804 -32.16 -33.29 46.67
N GLN EC 805 -33.43 -32.97 46.96
CA GLN EC 805 -34.48 -33.97 47.11
C GLN EC 805 -35.35 -34.09 45.87
N ALA EC 806 -34.93 -33.51 44.75
CA ALA EC 806 -35.69 -33.54 43.51
C ALA EC 806 -34.95 -34.40 42.49
N PHE EC 807 -35.69 -35.32 41.87
CA PHE EC 807 -35.15 -36.22 40.85
C PHE EC 807 -35.90 -36.00 39.55
N PRO EC 808 -35.26 -35.37 38.56
CA PRO EC 808 -35.92 -35.19 37.27
C PRO EC 808 -35.63 -36.33 36.30
N GLN EC 809 -36.64 -36.66 35.51
CA GLN EC 809 -36.52 -37.63 34.42
C GLN EC 809 -36.87 -36.92 33.13
N CYS EC 810 -35.99 -37.01 32.14
CA CYS EC 810 -36.10 -36.24 30.92
C CYS EC 810 -36.48 -37.14 29.76
N VAL EC 811 -37.29 -36.60 28.84
CA VAL EC 811 -37.62 -37.30 27.60
C VAL EC 811 -37.98 -36.26 26.56
N PHE EC 812 -37.71 -36.58 25.30
CA PHE EC 812 -38.05 -35.65 24.23
C PHE EC 812 -39.56 -35.67 23.99
N ASP EC 813 -40.15 -34.49 23.88
CA ASP EC 813 -41.60 -34.38 23.74
C ASP EC 813 -42.02 -33.80 22.40
N HIS EC 814 -41.56 -32.59 22.06
CA HIS EC 814 -42.13 -31.85 20.94
C HIS EC 814 -41.20 -30.69 20.60
N TRP EC 815 -41.70 -29.78 19.77
CA TRP EC 815 -41.01 -28.56 19.41
C TRP EC 815 -41.94 -27.38 19.58
N GLN EC 816 -41.36 -26.19 19.70
CA GLN EC 816 -42.16 -24.98 19.89
C GLN EC 816 -41.42 -23.79 19.28
N ILE EC 817 -42.18 -22.87 18.70
CA ILE EC 817 -41.60 -21.73 18.02
C ILE EC 817 -41.06 -20.72 19.03
N LEU EC 818 -39.85 -20.24 18.78
CA LEU EC 818 -39.34 -19.09 19.52
C LEU EC 818 -40.13 -17.85 19.12
N PRO EC 819 -40.72 -17.12 20.07
CA PRO EC 819 -41.66 -16.05 19.70
C PRO EC 819 -41.04 -14.89 18.93
N GLY EC 820 -39.73 -14.70 19.04
CA GLY EC 820 -39.11 -13.55 18.42
C GLY EC 820 -39.02 -13.65 16.91
N ASP EC 821 -38.67 -12.52 16.30
CA ASP EC 821 -38.46 -12.46 14.86
C ASP EC 821 -36.98 -12.54 14.57
N PRO EC 822 -36.51 -13.56 13.83
CA PRO EC 822 -35.07 -13.65 13.55
C PRO EC 822 -34.53 -12.50 12.73
N PHE EC 823 -35.39 -11.77 11.99
CA PHE EC 823 -34.92 -10.60 11.26
C PHE EC 823 -34.53 -9.48 12.22
N ASP EC 824 -35.24 -9.36 13.34
CA ASP EC 824 -34.84 -8.43 14.39
C ASP EC 824 -33.62 -8.99 15.09
N ASN EC 825 -32.46 -8.35 14.89
CA ASN EC 825 -31.20 -8.89 15.38
C ASN EC 825 -31.05 -8.77 16.90
N SER EC 826 -31.97 -8.10 17.57
CA SER EC 826 -31.96 -7.97 19.03
C SER EC 826 -32.85 -9.02 19.69
N SER EC 827 -32.94 -10.21 19.11
CA SER EC 827 -33.84 -11.24 19.61
C SER EC 827 -33.08 -12.55 19.78
N ARG EC 828 -33.62 -13.39 20.66
CA ARG EC 828 -33.06 -14.72 20.88
C ARG EC 828 -33.00 -15.57 19.62
N PRO EC 829 -34.05 -15.66 18.79
CA PRO EC 829 -33.90 -16.43 17.55
C PRO EC 829 -32.84 -15.88 16.61
N SER EC 830 -32.69 -14.57 16.52
CA SER EC 830 -31.63 -14.01 15.68
C SER EC 830 -30.26 -14.35 16.22
N GLN EC 831 -30.09 -14.29 17.55
CA GLN EC 831 -28.83 -14.70 18.15
C GLN EC 831 -28.55 -16.17 17.87
N VAL EC 832 -29.58 -17.02 17.95
CA VAL EC 832 -29.40 -18.44 17.69
C VAL EC 832 -29.00 -18.69 16.25
N VAL EC 833 -29.65 -17.98 15.31
CA VAL EC 833 -29.33 -18.12 13.89
C VAL EC 833 -27.89 -17.68 13.63
N ALA EC 834 -27.48 -16.55 14.22
CA ALA EC 834 -26.11 -16.08 14.03
C ALA EC 834 -25.10 -17.07 14.61
N GLU EC 835 -25.40 -17.62 15.79
CA GLU EC 835 -24.51 -18.60 16.39
C GLU EC 835 -24.38 -19.84 15.52
N THR EC 836 -25.50 -20.32 14.96
CA THR EC 836 -25.44 -21.50 14.10
C THR EC 836 -24.66 -21.21 12.83
N ARG EC 837 -24.85 -20.04 12.23
CA ARG EC 837 -24.10 -19.70 11.02
C ARG EC 837 -22.61 -19.65 11.29
N LYS EC 838 -22.20 -18.98 12.37
CA LYS EC 838 -20.78 -18.87 12.68
C LYS EC 838 -20.20 -20.22 13.07
N ARG EC 839 -20.97 -21.04 13.81
CA ARG EC 839 -20.49 -22.35 14.21
C ARG EC 839 -20.29 -23.27 13.02
N LYS EC 840 -21.23 -23.25 12.07
CA LYS EC 840 -21.10 -24.11 10.90
C LYS EC 840 -20.16 -23.54 9.84
N GLY EC 841 -19.79 -22.27 9.94
CA GLY EC 841 -18.81 -21.72 9.02
C GLY EC 841 -19.38 -21.30 7.68
N LEU EC 842 -20.31 -20.35 7.70
CA LEU EC 842 -20.93 -19.79 6.51
C LEU EC 842 -20.66 -18.30 6.44
N LYS EC 843 -21.34 -17.63 5.51
CA LYS EC 843 -21.28 -16.18 5.44
C LYS EC 843 -21.78 -15.56 6.73
N GLU EC 844 -21.27 -14.36 7.05
CA GLU EC 844 -21.61 -13.70 8.31
C GLU EC 844 -23.11 -13.43 8.42
N GLY EC 845 -23.68 -12.80 7.40
CA GLY EC 845 -25.09 -12.46 7.41
C GLY EC 845 -25.93 -13.45 6.65
N ILE EC 846 -27.22 -13.43 6.93
CA ILE EC 846 -28.18 -14.26 6.18
C ILE EC 846 -28.22 -13.77 4.74
N PRO EC 847 -28.22 -14.66 3.75
CA PRO EC 847 -28.19 -14.22 2.35
C PRO EC 847 -29.40 -13.38 1.98
N ALA EC 848 -29.18 -12.47 1.04
CA ALA EC 848 -30.20 -11.51 0.62
C ALA EC 848 -31.34 -12.22 -0.12
N LEU EC 849 -32.43 -11.48 -0.31
CA LEU EC 849 -33.64 -12.04 -0.89
C LEU EC 849 -33.54 -12.22 -2.40
N ASP EC 850 -32.84 -11.32 -3.09
CA ASP EC 850 -32.76 -11.40 -4.55
C ASP EC 850 -31.89 -12.56 -5.02
N ASN EC 851 -31.06 -13.13 -4.14
CA ASN EC 851 -30.22 -14.24 -4.54
C ASN EC 851 -31.04 -15.46 -4.90
N PHE EC 852 -32.19 -15.65 -4.24
CA PHE EC 852 -33.08 -16.76 -4.53
C PHE EC 852 -34.39 -16.33 -5.17
N LEU EC 853 -34.73 -15.05 -5.11
CA LEU EC 853 -35.91 -14.52 -5.79
C LEU EC 853 -35.45 -13.67 -6.97
N ASP EC 854 -35.90 -14.05 -8.16
CA ASP EC 854 -35.58 -13.31 -9.39
C ASP EC 854 -36.79 -12.50 -9.81
N LYS EC 855 -36.55 -11.22 -10.11
CA LYS EC 855 -37.61 -10.26 -10.39
C LYS EC 855 -37.80 -10.17 -11.90
N LEU EC 856 -39.02 -10.43 -12.35
CA LEU EC 856 -39.36 -10.36 -13.77
C LEU EC 856 -39.32 -8.92 -14.25
N ASN GC 1 -23.74 -14.02 -32.65
CA ASN GC 1 -24.88 -13.69 -33.50
C ASN GC 1 -26.12 -13.38 -32.66
N THR GC 2 -26.33 -14.15 -31.60
CA THR GC 2 -27.40 -13.82 -30.67
C THR GC 2 -27.15 -12.45 -30.04
N LYS GC 3 -25.90 -12.19 -29.65
CA LYS GC 3 -25.53 -10.88 -29.16
C LYS GC 3 -25.68 -9.82 -30.22
N SER GC 4 -25.29 -10.11 -31.47
CA SER GC 4 -25.43 -9.11 -32.53
C SER GC 4 -26.88 -8.72 -32.72
N ALA GC 5 -27.77 -9.72 -32.82
CA ALA GC 5 -29.18 -9.44 -33.07
C ALA GC 5 -29.80 -8.70 -31.90
N ALA GC 6 -29.62 -9.21 -30.68
CA ALA GC 6 -30.21 -8.56 -29.51
C ALA GC 6 -29.69 -7.15 -29.34
N ALA GC 7 -28.37 -6.98 -29.43
CA ALA GC 7 -27.76 -5.67 -29.24
C ALA GC 7 -28.21 -4.69 -30.30
N ARG GC 8 -28.24 -5.11 -31.57
CA ARG GC 8 -28.62 -4.18 -32.63
C ARG GC 8 -30.09 -3.78 -32.52
N ALA GC 9 -30.98 -4.76 -32.29
CA ALA GC 9 -32.39 -4.44 -32.19
C ALA GC 9 -32.68 -3.54 -30.99
N ARG GC 10 -32.23 -3.96 -29.80
CA ARG GC 10 -32.49 -3.16 -28.62
C ARG GC 10 -31.69 -1.87 -28.63
N ARG GC 11 -30.64 -1.75 -29.44
CA ARG GC 11 -29.90 -0.50 -29.51
C ARG GC 11 -30.54 0.49 -30.46
N ALA GC 12 -31.18 0.01 -31.53
CA ALA GC 12 -32.09 0.87 -32.26
C ALA GC 12 -33.21 1.35 -31.36
N GLU GC 13 -33.75 0.43 -30.56
CA GLU GC 13 -34.76 0.80 -29.57
C GLU GC 13 -34.21 1.83 -28.58
N ALA GC 14 -32.97 1.65 -28.13
CA ALA GC 14 -32.39 2.49 -27.11
C ALA GC 14 -31.98 3.86 -27.63
N LYS GC 15 -31.50 3.95 -28.87
CA LYS GC 15 -31.27 5.26 -29.46
C LYS GC 15 -32.58 5.98 -29.69
N ALA GC 16 -33.64 5.26 -30.09
CA ALA GC 16 -34.96 5.88 -30.18
C ALA GC 16 -35.45 6.35 -28.81
N ALA GC 17 -35.22 5.55 -27.78
CA ALA GC 17 -35.61 5.92 -26.43
C ALA GC 17 -34.83 7.13 -25.95
N ALA GC 18 -33.54 7.18 -26.27
CA ALA GC 18 -32.72 8.34 -25.90
C ALA GC 18 -33.20 9.59 -26.63
N ASP GC 19 -33.57 9.45 -27.90
CA ASP GC 19 -34.12 10.58 -28.63
C ASP GC 19 -35.41 11.08 -27.99
N ALA GC 20 -36.31 10.14 -27.67
CA ALA GC 20 -37.56 10.51 -27.03
C ALA GC 20 -37.32 11.19 -25.68
N LYS GC 21 -36.40 10.63 -24.89
CA LYS GC 21 -36.13 11.18 -23.57
C LYS GC 21 -35.54 12.58 -23.67
N LYS GC 22 -34.53 12.76 -24.51
CA LYS GC 22 -33.92 14.07 -24.63
C LYS GC 22 -34.88 15.09 -25.21
N GLN GC 23 -35.74 14.66 -26.15
CA GLN GC 23 -36.67 15.62 -26.74
C GLN GC 23 -37.78 15.98 -25.76
N LYS GC 24 -38.24 15.03 -24.95
CA LYS GC 24 -39.24 15.39 -23.95
C LYS GC 24 -38.64 16.26 -22.86
N GLU GC 25 -37.39 16.00 -22.47
CA GLU GC 25 -36.71 16.88 -21.54
C GLU GC 25 -36.47 18.25 -22.13
N LEU GC 26 -36.38 18.34 -23.45
CA LEU GC 26 -36.33 19.64 -24.12
C LEU GC 26 -37.70 20.33 -24.12
N GLU GC 27 -38.77 19.59 -24.44
CA GLU GC 27 -40.06 20.22 -24.66
C GLU GC 27 -40.76 20.62 -23.36
N ASP GC 28 -40.55 19.87 -22.28
CA ASP GC 28 -41.22 20.24 -21.02
C ASP GC 28 -40.67 21.55 -20.46
N ALA GC 29 -39.53 22.03 -20.96
CA ALA GC 29 -39.06 23.37 -20.68
C ALA GC 29 -39.25 24.30 -21.87
N TYR GC 30 -39.42 23.76 -23.07
CA TYR GC 30 -39.76 24.54 -24.26
C TYR GC 30 -41.14 25.18 -24.19
N TRP GC 31 -42.14 24.46 -23.69
CA TRP GC 31 -43.46 25.04 -23.49
C TRP GC 31 -43.62 25.69 -22.12
N LYS GC 32 -42.54 25.73 -21.34
CA LYS GC 32 -42.61 26.24 -19.98
C LYS GC 32 -42.98 27.73 -19.97
N ASP GC 33 -43.73 28.14 -18.96
CA ASP GC 33 -44.11 29.54 -18.79
C ASP GC 33 -43.11 30.25 -17.88
N ASP GC 34 -43.05 31.57 -18.01
CA ASP GC 34 -42.08 32.39 -17.28
C ASP GC 34 -42.74 33.68 -16.77
N ASP GC 35 -43.93 33.58 -16.20
CA ASP GC 35 -44.65 34.75 -15.70
C ASP GC 35 -44.67 34.74 -14.18
N LYS GC 36 -44.19 35.83 -13.59
CA LYS GC 36 -44.10 35.94 -12.14
C LYS GC 36 -45.46 35.84 -11.48
N HIS GC 37 -46.52 36.29 -12.16
CA HIS GC 37 -47.83 36.26 -11.55
C HIS GC 37 -48.34 34.83 -11.39
N VAL GC 38 -48.27 34.03 -12.46
CA VAL GC 38 -48.70 32.64 -12.33
C VAL GC 38 -47.76 31.89 -11.41
N MET GC 39 -46.47 32.28 -11.39
CA MET GC 39 -45.55 31.65 -10.45
C MET GC 39 -45.94 31.98 -9.02
N ARG GC 40 -46.37 33.21 -8.76
CA ARG GC 40 -46.84 33.60 -7.44
C ARG GC 40 -48.08 32.81 -7.06
N LYS GC 41 -48.99 32.62 -8.00
CA LYS GC 41 -50.15 31.79 -7.74
C LYS GC 41 -49.75 30.35 -7.40
N GLU GC 42 -48.77 29.82 -8.13
CA GLU GC 42 -48.26 28.48 -7.84
C GLU GC 42 -47.65 28.41 -6.44
N GLN GC 43 -46.87 29.43 -6.07
CA GLN GC 43 -46.26 29.45 -4.76
C GLN GC 43 -47.31 29.52 -3.66
N ARG GC 44 -48.36 30.32 -3.88
CA ARG GC 44 -49.45 30.38 -2.94
C ARG GC 44 -50.12 29.01 -2.79
N LYS GC 45 -50.35 28.32 -3.91
CA LYS GC 45 -50.96 27.01 -3.87
C LYS GC 45 -50.12 26.02 -3.10
N GLU GC 46 -48.82 25.98 -3.40
CA GLU GC 46 -47.95 25.00 -2.76
C GLU GC 46 -47.80 25.29 -1.27
N GLU GC 47 -47.71 26.57 -0.89
CA GLU GC 47 -47.59 26.85 0.53
C GLU GC 47 -48.89 26.60 1.27
N LYS GC 48 -50.03 26.73 0.61
CA LYS GC 48 -51.30 26.31 1.20
C LYS GC 48 -51.26 24.82 1.50
N GLU GC 49 -51.10 24.00 0.44
CA GLU GC 49 -51.12 22.57 0.64
C GLU GC 49 -50.01 22.11 1.57
N LYS GC 50 -48.94 22.90 1.70
CA LYS GC 50 -48.01 22.70 2.80
C LYS GC 50 -48.71 22.94 4.13
N ARG GC 51 -49.09 24.19 4.38
CA ARG GC 51 -49.44 24.68 5.70
C ARG GC 51 -50.69 24.06 6.28
N ARG GC 52 -51.84 24.20 5.61
CA ARG GC 52 -53.04 23.71 6.30
C ARG GC 52 -53.17 22.20 6.25
N LEU GC 53 -52.71 21.54 5.19
CA LEU GC 53 -52.65 20.08 5.22
C LEU GC 53 -51.77 19.60 6.37
N ASP GC 54 -50.58 20.19 6.53
CA ASP GC 54 -49.71 19.78 7.63
C ASP GC 54 -50.35 20.09 8.97
N GLN GC 55 -51.11 21.18 9.05
CA GLN GC 55 -51.79 21.50 10.29
C GLN GC 55 -52.81 20.43 10.67
N LEU GC 56 -53.54 19.90 9.69
CA LEU GC 56 -54.49 18.82 9.97
C LEU GC 56 -53.76 17.52 10.32
N GLU GC 57 -52.73 17.19 9.54
CA GLU GC 57 -52.01 15.95 9.79
C GLU GC 57 -51.30 15.97 11.14
N ARG GC 58 -50.97 17.15 11.65
CA ARG GC 58 -50.35 17.23 12.97
C ARG GC 58 -51.29 16.72 14.05
N LYS GC 59 -52.53 17.22 14.06
CA LYS GC 59 -53.51 16.72 15.02
C LYS GC 59 -53.75 15.23 14.82
N LYS GC 60 -53.86 14.80 13.56
CA LYS GC 60 -54.14 13.39 13.30
C LYS GC 60 -53.01 12.50 13.81
N GLU GC 61 -51.76 12.86 13.51
CA GLU GC 61 -50.64 12.03 13.95
C GLU GC 61 -50.44 12.11 15.45
N THR GC 62 -50.72 13.26 16.06
CA THR GC 62 -50.60 13.35 17.51
C THR GC 62 -51.60 12.43 18.19
N GLN GC 63 -52.83 12.41 17.65
CA GLN GC 63 -53.82 11.44 18.14
C GLN GC 63 -53.32 10.02 17.95
N ARG GC 64 -52.72 9.75 16.79
CA ARG GC 64 -52.25 8.39 16.53
C ARG GC 64 -51.14 7.99 17.49
N LEU GC 65 -50.18 8.89 17.71
CA LEU GC 65 -49.12 8.62 18.67
C LEU GC 65 -49.67 8.40 20.06
N LEU GC 66 -50.65 9.22 20.46
CA LEU GC 66 -51.23 9.06 21.78
C LEU GC 66 -51.92 7.71 21.92
N GLU GC 67 -52.71 7.31 20.92
CA GLU GC 67 -53.45 6.06 21.04
C GLU GC 67 -52.52 4.87 20.97
N GLU GC 68 -51.51 4.90 20.10
CA GLU GC 68 -50.56 3.80 20.09
C GLU GC 68 -49.72 3.80 21.36
N GLU GC 69 -49.49 4.97 21.94
CA GLU GC 69 -48.74 5.06 23.19
C GLU GC 69 -49.50 4.41 24.33
N ASP GC 70 -50.80 4.70 24.44
CA ASP GC 70 -51.57 4.07 25.50
C ASP GC 70 -51.88 2.61 25.18
N SER GC 71 -51.88 2.22 23.91
CA SER GC 71 -52.00 0.80 23.57
C SER GC 71 -50.75 0.04 24.00
N LYS GC 72 -49.58 0.65 23.83
CA LYS GC 72 -48.37 0.13 24.44
C LYS GC 72 -48.44 0.17 25.96
N LEU GC 73 -49.18 1.13 26.52
CA LEU GC 73 -49.37 1.22 27.96
C LEU GC 73 -50.59 0.40 28.38
MG MG HC . 21.11 22.66 1.63
MG MG IC . 16.31 60.55 35.01
MG MG JC . 21.34 19.91 30.72
MG MG KC . -8.34 52.47 19.59
MG MG LC . 73.49 63.40 -27.85
MG MG MC . 13.24 50.62 1.14
MG MG NC . 16.52 21.63 38.04
MG MG OC . -0.94 39.51 27.02
MG MG PC . -6.82 71.86 39.48
MG MG QC . 50.73 90.56 -39.46
MG MG RC . 19.11 68.86 -10.59
MG MG SC . 9.41 88.25 -4.13
MG MG TC . 13.89 41.05 21.10
MG MG UC . 4.72 38.44 39.92
MG MG VC . 8.26 50.59 38.75
MG MG WC . 37.06 65.89 20.92
MG MG XC . 50.90 65.80 45.85
MG MG YC . 17.34 17.83 9.29
MG MG ZC . 21.71 61.19 15.32
MG MG AD . 18.03 31.25 32.33
MG MG BD . 15.49 27.88 35.93
MG MG CD . 51.53 65.85 -13.65
MG MG DD . 43.82 82.18 -18.95
MG MG ED . 43.42 64.88 24.26
MG MG FD . 23.38 19.14 -1.68
MG MG GD . 1.22 54.64 37.45
MG MG HD . 10.54 55.46 5.64
MG MG ID . 63.60 101.13 29.45
MG MG JD . 54.88 89.90 35.90
MG MG KD . 0.30 54.66 20.55
MG MG LD . 17.81 39.26 18.16
MG MG MD . 36.16 63.47 -6.63
MG MG ND . 0.85 43.91 29.33
MG MG OD . -1.55 72.15 42.49
MG MG PD . 5.13 67.25 34.42
MG MG QD . 18.36 48.57 -2.76
MG MG RD . 15.94 38.22 -9.62
MG MG SD . 16.30 56.94 -10.10
MG MG TD . 12.05 101.79 -8.26
MG MG UD . 6.63 80.69 -32.44
MG MG VD . 24.30 54.54 12.13
MG MG WD . 40.30 81.87 -23.68
MG MG XD . 49.87 37.76 15.83
MG MG YD . 7.51 18.90 33.67
MG MG ZD . 13.42 37.38 32.27
MG MG AE . -0.82 55.90 30.59
MG MG BE . 5.53 50.37 22.47
MG MG CE . -9.32 63.80 36.38
MG MG DE . 11.39 55.64 0.23
MG MG EE . 55.19 95.02 33.61
MG MG FE . 63.39 2.60 29.83
MG MG GE . 12.24 45.52 26.70
MG MG HE . -22.89 23.45 55.93
MG MG IE . 42.61 26.33 47.35
MG MG JE . 32.08 18.55 11.35
MG MG KE . 45.22 31.64 22.39
MG MG LE . 37.33 24.32 48.24
MG MG ME . -18.47 57.25 46.80
MG MG NE . 50.96 86.49 -46.40
MG MG OE . -37.20 50.22 17.05
MG MG PE . 41.99 -14.20 45.70
MG MG QE . 70.92 22.73 -6.18
MG MG RE . 27.79 9.83 13.54
MG MG SE . -32.69 55.35 23.62
MG MG TE . 32.27 13.75 12.93
MG MG UE . 1.51 49.60 8.15
MG MG VE . 67.80 34.17 -13.34
MG MG WE . -7.16 52.15 53.53
MG MG XE . -42.51 42.13 25.57
MG MG YE . 45.03 -1.65 -0.11
MG MG ZE . 21.50 43.45 35.15
MG MG AF . 52.34 73.66 52.57
MG MG BF . -18.45 63.24 72.02
MG MG CF . 68.18 35.31 -8.90
MG MG DF . 56.50 34.02 19.53
MG MG EF . 79.35 25.86 16.58
MG MG FF . 43.86 -2.34 5.02
MG MG GF . -10.55 53.97 1.19
MG MG HF . 66.44 1.51 34.50
MG MG IF . 30.05 3.12 -0.27
MG MG JF . 29.03 12.55 -12.16
MG MG KF . 27.39 12.08 28.99
MG MG LF . 6.73 16.68 -10.44
MG MG MF . 57.65 33.77 40.90
MG MG NF . 31.75 -1.49 22.07
MG MG OF . 25.72 69.90 27.03
MG MG PF . 38.31 30.28 8.02
MG MG QF . 28.78 65.89 35.61
MG MG RF . -7.87 67.48 63.61
MG MG SF . 76.34 27.07 12.54
MG MG TF . 57.95 3.25 29.02
MG MG UF . 72.92 31.56 27.34
MG MG VF . 54.15 12.96 38.06
MG MG WF . -33.11 55.54 18.72
MG MG XF . -11.34 40.91 53.29
MG MG YF . 59.06 18.89 40.21
MG MG ZF . 68.74 41.44 27.20
MG MG AG . 82.55 35.92 3.17
MG MG BG . 15.20 74.93 57.24
MG MG CG . 26.92 59.65 37.09
MG MG DG . 30.31 -11.86 38.64
MG MG EG . 24.09 -0.93 -14.79
MG MG FG . -0.74 90.43 69.25
MG MG GG . 1.65 76.99 13.23
MG MG HG . 31.68 14.56 25.16
MG MG IG . -13.12 8.24 52.38
MG MG JG . -23.00 101.95 13.44
MG MG KG . -10.95 46.16 63.60
MG MG LG . -8.42 49.07 73.79
MG MG MG . -58.19 100.58 73.12
MG MG NG . 49.99 27.89 -0.62
MG MG OG . 14.33 -7.31 21.24
MG MG PG . -52.40 36.47 16.16
MG MG QG . 19.62 29.81 -11.61
MG MG RG . 45.82 21.57 42.38
MG MG SG . 7.92 13.73 71.43
MG MG TG . 2.28 -1.90 -0.57
MG MG UG . 4.42 36.42 -17.28
MG MG VG . -59.87 64.36 -13.73
MG MG WG . 1.75 -13.79 -5.50
MG MG XG . 21.75 -8.80 55.27
MG MG YG . -8.72 42.01 25.57
MG MG ZG . 62.31 43.75 47.12
MG MG AH . -38.98 61.10 -7.48
MG MG BH . 0.62 5.43 44.21
MG MG CH . 32.62 101.22 -11.62
MG MG DH . 10.79 4.64 -20.00
MG MG EH . -14.47 2.81 76.87
MG MG FH . 60.33 101.13 16.89
MG MG GH . -40.28 -6.02 38.32
MG MG HH . -23.73 93.97 1.79
MG MG IH . 66.30 16.05 16.95
MG MG JH . -38.54 75.65 -14.46
MG MG KH . 15.28 -5.79 27.83
MG MG LH . 7.69 35.95 -41.08
MG MG MH . 1.17 -3.73 -10.76
MG MG NH . 7.79 -8.03 5.46
MG MG OH . 5.93 7.19 58.40
MG MG PH . 13.22 -2.77 31.49
MG MG QH . 6.04 31.85 50.52
MG MG RH . -20.12 16.50 32.28
MG MG SH . 33.72 30.18 50.55
MG MG TH . -22.36 5.25 69.80
MG MG UH . -42.40 70.40 83.20
MG MG VH . 57.19 24.28 29.67
MG MG WH . -18.23 -15.85 54.00
MG MG XH . 30.88 -16.42 37.74
MG MG YH . 31.16 -15.38 7.23
MG MG ZH . -55.62 58.67 -13.06
MG MG AI . 18.25 11.87 18.35
MG MG BI . 14.81 42.95 -1.60
MG MG CI . 54.19 23.75 22.76
MG MG DI . -4.64 54.88 -0.77
MG MG EI . -8.76 58.76 45.15
MG MG FI . 8.60 0.96 7.49
MG MG GI . 96.21 4.29 4.06
MG MG HI . -9.43 72.71 50.16
N1 SPM II . -47.54 49.36 11.23
C2 SPM II . -46.71 49.54 12.41
C3 SPM II . -47.24 50.73 13.20
C4 SPM II . -46.39 50.91 14.46
N5 SPM II . -46.60 49.78 15.35
C6 SPM II . -45.30 49.32 15.80
C7 SPM II . -45.45 48.24 16.87
C8 SPM II . -44.10 47.59 17.09
C9 SPM II . -43.91 47.27 18.57
N10 SPM II . -42.63 46.64 18.76
C11 SPM II . -42.55 46.14 20.12
C12 SPM II . -41.27 45.35 20.30
C13 SPM II . -41.51 43.89 19.94
N14 SPM II . -40.22 43.28 19.69
MG MG JI . -14.87 44.06 28.55
N1 SPD KI . 3.36 56.66 -2.54
C2 SPD KI . 2.69 56.70 -3.82
C3 SPD KI . 2.18 58.11 -4.06
C4 SPD KI . 1.60 58.26 -5.46
C5 SPD KI . 1.17 59.70 -5.65
N6 SPD KI . 0.66 59.91 -6.99
C7 SPD KI . 0.61 61.34 -7.23
C8 SPD KI . -0.05 61.62 -8.57
C9 SPD KI . -0.25 63.12 -8.70
N10 SPD KI . -1.06 63.40 -9.87
MG MG LI . 57.90 -9.58 67.24
N1 SPM MI . -5.15 54.40 14.86
C2 SPM MI . -5.32 53.23 14.03
C3 SPM MI . -6.67 53.27 13.34
C4 SPM MI . -6.79 52.11 12.36
N5 SPM MI . -8.06 52.18 11.66
C6 SPM MI . -9.02 51.30 12.30
C7 SPM MI . -10.12 50.94 11.31
C8 SPM MI . -11.16 50.04 11.98
C9 SPM MI . -10.87 48.58 11.66
N10 SPM MI . -11.81 47.72 12.35
C11 SPM MI . -11.46 46.33 12.10
C12 SPM MI . -12.42 45.43 12.89
C13 SPM MI . -13.85 45.94 12.76
N14 SPM MI . -14.32 45.74 11.41
N1 SPM NI . 12.33 68.20 -20.04
C2 SPM NI . 12.14 66.77 -19.96
C3 SPM NI . 12.13 66.35 -18.49
C4 SPM NI . 13.57 66.16 -18.03
N5 SPM NI . 13.58 65.27 -16.89
C6 SPM NI . 14.95 65.09 -16.46
C7 SPM NI . 15.13 63.64 -16.00
C8 SPM NI . 16.24 63.59 -14.95
C9 SPM NI . 17.58 63.95 -15.58
N10 SPM NI . 18.52 64.29 -14.54
C11 SPM NI . 18.90 63.10 -13.81
C12 SPM NI . 20.25 63.35 -13.13
C13 SPM NI . 20.31 64.77 -12.60
N14 SPM NI . 21.62 65.00 -12.02
MG MG OI . 89.93 4.31 2.46
MG MG PI . 29.25 9.25 -16.20
N1 SPM QI . 31.95 46.32 -9.51
C2 SPM QI . 30.84 46.52 -8.60
C3 SPM QI . 30.45 45.19 -8.00
C4 SPM QI . 29.30 45.38 -7.02
N5 SPM QI . 28.56 44.13 -6.95
C6 SPM QI . 27.77 44.08 -5.75
C7 SPM QI . 26.89 42.84 -5.81
C8 SPM QI . 25.65 43.04 -4.95
C9 SPM QI . 24.43 42.43 -5.63
N10 SPM QI . 23.52 42.02 -4.58
C11 SPM QI . 22.18 41.87 -5.09
C12 SPM QI . 22.07 40.60 -5.94
C13 SPM QI . 20.65 40.06 -5.79
N14 SPM QI . 20.58 38.69 -6.23
MG MG RI . 38.55 16.25 5.22
MG MG SI . 67.81 37.47 -35.76
MG MG TI . 63.08 -13.01 34.27
MG MG UI . 58.07 -30.90 25.79
MG MG VI . 10.76 49.81 29.63
MG MG WI . -38.37 0.41 80.06
MG MG XI . 26.45 50.61 33.99
MG MG YI . 7.88 7.92 -29.52
MG MG ZI . 69.40 -16.24 39.99
MG MG AJ . 29.91 100.55 8.51
MG MG BJ . 80.28 -17.76 -26.17
MG MG CJ . 24.92 -2.10 -8.11
MG MG DJ . 102.42 7.67 16.89
MG MG EJ . 34.41 90.03 -33.82
N1 SPD FJ . 40.07 19.02 8.52
C2 SPD FJ . 40.94 18.74 9.66
C3 SPD FJ . 40.09 18.35 10.86
C4 SPD FJ . 40.93 17.64 11.91
C5 SPD FJ . 40.07 16.65 12.68
N6 SPD FJ . 40.68 16.37 13.97
C7 SPD FJ . 39.84 15.42 14.69
C8 SPD FJ . 40.64 14.82 15.85
C9 SPD FJ . 39.71 13.94 16.68
N10 SPD FJ . 40.51 13.09 17.54
N1 SPD GJ . 36.11 83.40 -35.88
C2 SPD GJ . 35.59 84.44 -35.02
C3 SPD GJ . 35.62 83.99 -33.56
C4 SPD GJ . 37.07 83.77 -33.15
C5 SPD GJ . 37.09 82.90 -31.89
N6 SPD GJ . 37.30 83.73 -30.72
C7 SPD GJ . 37.48 82.88 -29.55
C8 SPD GJ . 38.73 82.02 -29.69
C9 SPD GJ . 38.68 80.89 -28.66
N10 SPD GJ . 39.11 81.37 -27.37
N1 SPD HJ . 48.29 4.91 11.96
C2 SPD HJ . 47.72 3.71 12.55
C3 SPD HJ . 46.40 4.07 13.21
C4 SPD HJ . 45.82 2.84 13.89
C5 SPD HJ . 44.44 2.55 13.32
N6 SPD HJ . 44.35 1.16 12.94
C7 SPD HJ . 43.28 0.53 13.70
C8 SPD HJ . 43.50 -0.97 13.76
C9 SPD HJ . 43.28 -1.45 15.20
N10 SPD HJ . 43.04 -2.87 15.22
N1 SPD IJ . -9.59 40.41 40.80
C2 SPD IJ . -10.38 39.48 41.58
C3 SPD IJ . -9.48 38.33 42.02
C4 SPD IJ . -10.12 37.58 43.19
C5 SPD IJ . -9.30 36.33 43.49
N6 SPD IJ . -7.89 36.68 43.61
C7 SPD IJ . -7.11 35.47 43.72
C8 SPD IJ . -5.62 35.80 43.69
C9 SPD IJ . -4.82 34.59 44.17
N10 SPD IJ . -3.41 34.85 44.06
N1 SPD JJ . 23.58 57.55 59.52
C2 SPD JJ . 22.20 58.02 59.57
C3 SPD JJ . 21.51 57.41 60.79
C4 SPD JJ . 21.59 55.89 60.72
C5 SPD JJ . 20.70 55.30 61.81
N6 SPD JJ . 20.52 53.88 61.58
C7 SPD JJ . 19.51 53.37 62.49
C8 SPD JJ . 20.19 52.71 63.69
C9 SPD JJ . 20.66 51.32 63.31
N10 SPD JJ . 21.33 50.69 64.44
N1 SPM KJ . 5.75 9.90 59.48
C2 SPM KJ . 4.81 9.66 60.56
C3 SPM KJ . 5.22 10.46 61.80
C4 SPM KJ . 4.39 11.74 61.88
N5 SPM KJ . 4.43 12.40 60.60
C6 SPM KJ . 3.36 13.38 60.51
C7 SPM KJ . 2.81 13.37 59.09
C8 SPM KJ . 2.18 12.00 58.82
C9 SPM KJ . 1.75 11.91 57.36
N10 SPM KJ . 0.84 13.00 57.06
C11 SPM KJ . -0.20 12.51 56.16
C12 SPM KJ . -1.57 12.81 56.76
C13 SPM KJ . -2.64 12.05 55.99
N14 SPM KJ . -3.97 12.44 56.44
N1 SPD LJ . 0.12 -1.48 64.34
C2 SPD LJ . 0.37 -0.62 65.48
C3 SPD LJ . 0.82 0.76 64.99
C4 SPD LJ . 2.27 0.70 64.52
C5 SPD LJ . 2.48 1.72 63.40
N6 SPD LJ . 2.30 3.06 63.92
C7 SPD LJ . 2.18 3.99 62.82
C8 SPD LJ . 2.32 5.41 63.33
C9 SPD LJ . 2.68 6.35 62.18
N10 SPD LJ . 2.97 7.67 62.69
N1 SPD MJ . 30.81 56.54 9.53
C2 SPD MJ . 32.04 56.08 8.91
C3 SPD MJ . 32.91 57.27 8.53
C4 SPD MJ . 33.75 57.66 9.74
C5 SPD MJ . 34.86 58.61 9.31
N6 SPD MJ . 34.31 59.65 8.48
C7 SPD MJ . 35.28 59.99 7.45
C8 SPD MJ . 35.86 61.37 7.71
C9 SPD MJ . 35.02 62.43 7.01
N10 SPD MJ . 33.77 62.60 7.73
N1 SPM NJ . 13.55 -8.85 1.18
C2 SPM NJ . 12.91 -9.64 0.14
C3 SPM NJ . 13.15 -8.97 -1.21
C4 SPM NJ . 12.69 -7.51 -1.17
N5 SPM NJ . 12.94 -6.88 -2.44
C6 SPM NJ . 12.53 -5.49 -2.40
C7 SPM NJ . 13.64 -4.66 -1.75
C8 SPM NJ . 14.68 -4.29 -2.80
C9 SPM NJ . 14.06 -3.35 -3.83
N10 SPM NJ . 14.71 -2.05 -3.77
C11 SPM NJ . 15.95 -2.10 -4.52
C12 SPM NJ . 16.55 -0.70 -4.62
C13 SPM NJ . 15.46 0.36 -4.48
N14 SPM NJ . 15.92 1.62 -5.05
N1 SPM OJ . 15.08 31.47 60.57
C2 SPM OJ . 15.46 32.80 60.14
C3 SPM OJ . 14.25 33.73 60.26
C4 SPM OJ . 14.69 35.17 59.99
N5 SPM OJ . 13.51 36.03 60.00
C6 SPM OJ . 12.89 35.99 61.31
C7 SPM OJ . 11.37 36.06 61.18
C8 SPM OJ . 10.92 37.48 60.86
C9 SPM OJ . 9.63 37.78 61.63
N10 SPM OJ . 9.19 39.13 61.34
C11 SPM OJ . 9.18 39.91 62.57
C12 SPM OJ . 8.84 41.36 62.26
C13 SPM OJ . 9.13 42.23 63.49
N14 SPM OJ . 8.38 43.46 63.39
MG MG PJ . 37.67 55.55 59.22
MG MG QJ . -27.09 36.50 25.04
MG MG RJ . -23.34 54.52 46.67
MG MG SJ . -73.38 47.26 19.44
MG MG TJ . -41.89 52.02 42.90
MG MG UJ . 42.80 67.99 35.79
N1 SPD VJ . 60.27 55.34 -31.85
C2 SPD VJ . 61.56 54.80 -32.25
C3 SPD VJ . 62.65 55.80 -31.87
C4 SPD VJ . 64.01 55.11 -31.95
C5 SPD VJ . 64.19 54.21 -30.73
N6 SPD VJ . 65.24 54.74 -29.89
C7 SPD VJ . 65.78 53.68 -29.07
C8 SPD VJ . 67.24 54.00 -28.75
C9 SPD VJ . 67.97 52.70 -28.40
N10 SPD VJ . 69.39 52.98 -28.23
MG MG WJ . 42.46 60.16 52.67
MG MG XJ . 36.81 79.61 38.47
MG MG YJ . 64.00 54.90 -57.28
MG MG ZJ . 80.91 79.91 10.11
MG MG AK . 16.59 20.90 -9.41
MG MG BK . 39.70 -13.18 61.41
N1 SPD CK . 30.18 47.31 -29.41
C2 SPD CK . 30.72 48.51 -28.82
C3 SPD CK . 31.55 49.26 -29.85
C4 SPD CK . 32.13 50.54 -29.23
C5 SPD CK . 32.86 51.32 -30.31
N6 SPD CK . 33.42 52.53 -29.75
C7 SPD CK . 34.86 52.43 -29.75
C8 SPD CK . 35.46 53.83 -29.67
C9 SPD CK . 34.99 54.51 -28.40
N10 SPD CK . 35.53 53.82 -27.24
MG MG DK . 45.17 29.25 32.15
MG MG EK . 13.41 -0.83 36.81
MG MG FK . 23.52 60.30 49.33
ZN ZN GK . 75.12 1.58 -33.71
MG MG HK . 51.59 33.12 -2.42
ZN ZN IK . 55.94 50.69 -1.86
ZN ZN JK . -28.83 5.78 58.29
ZN ZN KK . -29.80 73.74 -33.52
ZN ZN LK . 62.79 -7.79 -34.75
MG MG MK . -76.19 0.06 -50.44
MG MG NK . 50.22 -94.10 49.17
ZN ZN OK . 0.24 -18.89 -52.55
MG MG PK . -3.57 -37.11 -44.00
MG MG QK . 7.02 -56.61 -28.44
MG MG RK . -29.23 -67.60 -9.37
MG MG SK . 38.58 -48.73 -30.84
MG MG TK . 41.14 -66.36 -40.93
MG MG UK . 27.19 -55.17 -37.21
MG MG VK . 20.31 -59.63 7.42
MG MG WK . 31.00 -66.48 20.22
MG MG XK . 43.78 -80.48 30.35
MG MG YK . -5.29 6.43 -49.10
MG MG ZK . 6.38 -43.30 -33.84
MG MG AL . 5.38 -46.44 -21.21
MG MG BL . -44.23 -47.53 -63.58
MG MG CL . -7.94 -20.39 -47.74
MG MG DL . -7.06 -22.95 -38.97
MG MG EL . 24.49 -6.73 -32.44
MG MG FL . -7.01 -23.96 -39.21
MG MG GL . 20.85 -70.98 4.69
MG MG HL . -4.85 -22.41 -36.37
MG MG IL . 31.37 -62.44 25.67
MG MG JL . 6.43 -2.22 -43.94
MG MG KL . 4.66 -65.97 -14.69
MG MG LL . 22.60 -19.43 -36.98
MG MG ML . 16.85 -30.11 -43.88
MG MG NL . 24.42 -74.59 11.31
MG MG OL . -21.01 -87.45 6.30
#